data_9NMO
#
_entry.id   9NMO
#
_cell.length_a   1.00
_cell.length_b   1.00
_cell.length_c   1.00
_cell.angle_alpha   90.00
_cell.angle_beta   90.00
_cell.angle_gamma   90.00
#
_symmetry.space_group_name_H-M   'P 1'
#
loop_
_entity.id
_entity.type
_entity.pdbx_description
1 polymer 'Ryanodine receptor 1'
2 polymer 'Peptidyl-prolyl cis-trans isomerase FKBP1A'
3 non-polymer 'ZINC ION'
4 non-polymer CAFFEINE
5 non-polymer "ADENOSINE-5'-TRIPHOSPHATE"
6 non-polymer 'CALCIUM ION'
7 non-polymer 1,2-DIOLEOYL-SN-GLYCERO-3-PHOSPHOCHOLINE
#
loop_
_entity_poly.entity_id
_entity_poly.type
_entity_poly.pdbx_seq_one_letter_code
_entity_poly.pdbx_strand_id
1 'polypeptide(L)'
;MGDGGGEGEDEVQFLRTDDEVVLQCSATVLKEQLKLCLAAEGFGNRLCFLEPTSNAQNVPPDLAICCFILEQSLSVRALQ
EMLANTVEAGVESSQGGGHRTLLYGHAILLRHAHSRMYLSCLTTSRSMTDKLAFDVGLQEDATGEACWWTMHPASKQRSE
GEKVRVGDDLILVSVSSERYLHLSTASGELQVDASFMQTLWNMNPICSGCEEGFVTGGHVLRLFHGHMDECLTISPSDSD
DQRRLVYYEGGPVCTHARSLWRLEPLRISWSGSHLRWGQPLRIRHVTTGRYLGLTEDQGLVVVDASKAHTKATSFCFRIS
KEKLDVAPKRDVEGMGPPEIKYGESLCFVQHVASGLWLTYAAPDPKALRLGVLKKKAMLHQEGHMDDALSLTRCQQEESQ
AARMIYSTAGLYNQFIKGLDSFSGKPRGSGPPAGSALPIEGVILSLQDLIGYFEPPSEELQHEEKQTKLRSLRNRQSLFQ
EEGMLSLVLNCIDRLNVYTTAAHFAEFAGEEAAESWKEIVNLLYELLASLIRGNRTNCALFSTNLDWLVSKLDRLEASSG
ILEVLYCVLIESPEVLNIIQENHIKSIISLLDKHGRNHKVLDVLCSLCVCNGVAVRSNQDLITENLLPGRELLLQTNLIN
YVTSIRPNIFVGRAEGSTQYGKWYFEVMVDEVAPFLTAQATHLRVGWALSEGYSPYPGGGEGWGGNGVGDDLYSYGFDGL
HLWTGHVARPVTSPGQHLLAPEDVVSCCLDLSVPSISFRINGCPVQGVFESFNLDGLFFPVVSFSAGIKVRFLLGGRHGE
FKFLPPPGYAPCHEAVLPRERLHLQPIKEYRREGPRGPHLVGPSRCLSHLDFVPCPVDTIQIVLPPHLERIREKLAENIH
ELWALTRIEQGWTYGPVRDDNKRLHPCLVNFHSLPEPERNYNLQMSGETLKTLLALGCHVGMADEKAEDNLKKTKLPKTY
MMSNGYKPAPLDLSHVRLTPAQTTLVDRLAENGHNVWARDRVAQGWSYSAVQDIPARRNPRLVPYRLLDEATKRSNRDSL
CQAVRTLLGYGYNIEPPDQEPSQVDSQSRGDRARIFRAEKSYAVQSGRWYFEFEAVTTGEMRVGWARPELRPDVELGADD
LAYVFNGHRGQRWHLGSEPFGRPWQSGDVVGCMIDLTENTIIFTLNGEVLMSDSGSETAFRDIEIGDGFLPVCSLGPGQV
GHLNLGQDVSSLRFFAICGLQEGFEPFAINMQRPVTTWFSKSLPQFEPVPLEHPHYEVARMDGTVDTPPCLRLTHRTWGS
QNSLVEMLFLRLSLPVQFHQHFRCTAGATPLASPGLQPPAEDEARAAEPDTDYENLRRSAGGWGEAEGGKDGTAKEGTPG
GTAQAGVEAQPARAENEKDATTEKNKKRGFLFKAKKVAMMTQPPSTPALPRLPRDVVPADNRDDPEIILNTTTYYYSVRV
FAGQEPSCVWVGWVTPDYHQHDMSFDLSKVRAVTVTMGDEQGNVHSSLKCSNCYMVWGGDFVSPGQQGRISHTDLVIGCL
VDLATGLMTFTANGKESNTFFQVEPNTKLFPAVFVLPTHQNVVQFELGKQKNIMPLSAAMFLSERKNPAPQCPPRLEVQM
LMPVSWSRMPNHFLQVDTRRAGERLGWAVQCQEPLMMMALHIPEENRCMDILELSERLDLQRFHSHTLSLYRSVCALGNN
RVAHALCSHVDQAQLLHALEDARLPGPLRAGYYDLLISIHLESACRSRRSMLSEYIVPLTPETRAITLFPPGRSAEDGPR
RHGLPGVGVTTSLRPPHHFSPPCFVVALPAAGATEAPARLSPAIPLEALRDKALRMLGEAVRDGGQHARDPVGGSVEFQF
VPVLKLVSTLLVMGVFSDEDVKQILKMIEPEVFREEEEVEEEGEEEEEDEEEKEEDEEEEAHEKEDEEKEEAEDAAEEEK
EELEEGLLQMKLPESVKLQMCHLLEYFCDQELQHRVESLAAFAECYVDKMQGNQRGRYGLLMKAFTMSAAETARRTREFR
SPPQEQINMLLHFKNGADEEECPLPEEIRQELVNFHQDLLAHCGIQLEGEEEEPEEESTLGSRLMSLLEKVKLVKKTEEK
PEEEPAPEEHKPQSLQELVSHTVVRWAQEDFVQSPELVRAMFSLLHRQYDGLGELLRALPRAYTISVSSVEDTMSLLECL
GQIRSLLIVQMGPQEENLMIQSIGNIMNNKVFYQHPNLMRALGMHETVMEVMVNVLGGGESKEIRFPKMVTSCCRFLCYF
CRISRQNQRSMFDHLSYLLENSGIGLGMQGSTPLDVAAASVIDNNELALALQEQDLEKVVSYLAGCGLQSCPMLLAKGYP
DIGWNPCGGERYLDFLRFAVFVNGESVEENANVVVRLLIRKPECFGPALRGEGGSGLLAAIEEAIRISEDPARDGPGVRR
DRRREHFGEEPPEENRVHLGHAIMSFYAALIDLLGRCAPETHLIQAGKGEALRIRAILRSLVPLDDLVGIISLPLQIPTL
GKDGALVQPKMSASFVPDHKASMVLFLDRVYGIENQDFLLHVLDVGFLPDMRAAASLDTATFSTTEMALALNRYLCLAVL
PLITKCAPLFAGTEHRAIMVDSMLHTVYRLSRGRSLTKAQRDVIEDCLMALCRYIRPSMLQHLLRRLVFDVPILNEFAKM
PLKLLTNHYERCWKYYCLPTGWANFGVTSEEELHLTRKLFWGIFDSLAHKKYDQELYRIAMPCLCAIAGALPPDYVDASY
SSKTEKKATVDAEGNFDPRPVETLNVIIPEKLDSFINKFAEYTHEKWAFDKIQNNWSYGENIDEELKTHPMLRPYKTFSE
KDKEIYRWPIKESLKAMIAWEWTVEKAREGEEEKTEKKKTRKISQTAQTYDPREGYNPQPPDLSVVTLSRELQAMAEQLA
ENYHNTWGRKKKQELEAKGGGSHPLLVPYDTLTAKEKARDREKAQELLKFLQMNGYAVTRGLKDMELDTSSIEKRFAFGF
LQQLLRWMDISQEFIAHLEAVVSSGRVEKSPHEQEIKFFAKILLPLINQYFTNHCLYFLSTPAKVLGSGGHASNKEKEMI
TSLFCKLAALVRHRVSLFGTDAPAVVNCLHILARSLDARTVMKSGPEIVKAGLRSFFESASEDIEKMVENLRLGKVSQAR
TQVKGVGQNLTYTTVALLPVLTTLFQHIAQHQFGDDVILDDVQVSCYRTLCSIYSLGTTRNPYVEKLRPALGECLARLAA
AMPVAFLEPELNEYNACSVYTTKSPRERAILGLPNSVEEMCPDIPVLERLMAEIGGLAESGARYTEMPHVIEITLPMLCS
YLPRWWERGPEAPPPALPAGAPPPCTAVTSDHLNSLLGNILRIIVNNLGIDEASWMKRLAVFAQPIVSRARPELLRSHFI
PTIGRLRKRAGKVVAEEEQLRLEAKAEAEEGELLVRDEFSVLCRDLYALYPLLIRYVDNNRAHWLTEPNPNAEELFRMVG
EIFIYWSKSHNFKREEQNFVVQNEINNMSFLTADNKSKMAKAGDVQSGGSDQERTKKKRRGDRYSVQTSLIVATLKKMLP
IGLNMCAPTDQDLIVLAKARYALKDTDEEVREFLQNNLNLQGKVEGSPSLRWQMALYRGVPGREEDADDPEKIVRRVQEV
SAVLYHLDQTEHPYKSKKAVWHKLLSKQRRRAVVACFRMTPLYNLPTHRACNMFLESYKASWILTEDHSFEDRMIDDLSK
AGEQEEEEEEVEEKKPDPLHQLVLHFSRTALTEKSKLDEDYLYMAYADIMAKSCHLEEGGENGEEGGEEEEVEVSFEEKE
MEKQRLLYQQSRLHNRGAAEMVLQMISACKGETGAMVSSTLKLGISILNGGNAEVQQKMLDYLKDKKEVGFFQSIQALMQ
TCSVLDLNAFERQNKAEGLGMVNEDGTVINRQNGEKVMADDEFTQDLFRFLQLLCEGHNNDFQNYLRTQTGNTTTINIII
CTVDYLLRLQESISDFYWYYSGKDVIEEQGKRNFSKAMSVAKQVFNSLTEYIQGPCTGNQQSLAHSRLWDAVVGFLHVFA
HMMMKLAQDSSQIELLKELLDLQKDMVVMLLSLLEGNVVNGMIARQMVDMLVESSSNVEMILKFFDMFLKLKDIVGSEAF
QDYVTDPRGLISKKDFQKAMDSQKQFTGPEIQFLLSCSEADENEMINCEEFANRFQEPARDIGFNVAVLLTNLSEHVPHD
PRLRNFLELAESILEYFRPYLGRIEIMGASRRIERIYFEISETNRAQWEMPQVKESKRQFIFDVVNEGGESEKMEMFVSF
CEDTIFEMQIAAQISEPEGEPEEDEDEGAEEAEEGAAGSDGSGSAAAAGVWVWLAATAGRTLRGLSYRSLRRRVRRLRRL
TAREAATAVAALLWALVTRAGGAGAGAAAGALRLLWGSLFGGGLVDSAKKVTVTELLAGMPDPTGDEVHGQQPSGAGSDA
EGEGEGEGEGDAADGAGDEEAAADQAGTGGADGAVAVADGSPFRPEGAGGLGDMGDTTPVEPPTPEGSPILKRKLGVDGE
EEEPPPEPEPEPEPEPEKADTENGEKEVPEPPPEPPKKTPPPPPPKKEEAGGAGLEEFWGELEVQRVKFLNYLSRNFYTL
RFLALFLAFAINFILLFYKVSDSPPGEDDIEGSGAGDMSGAGSGDGSGWGSRAGEEVEGDEDENMVYYFLEESTGYMEPA
LRCLSLLHTLVAFLCIIGYNCLKVPLVIFKREKELARKLEFDGLYITEQPEDDDVKGQWDRLVLNTPSFPSNYWDKFVKR
KVLDKHGDIFGRERIAELLGMDLASLEITAHNERKPDPPPGLLTWIMSIDVKYQIWKFGVIFTDNSFLYLGWYMVMSLLG
HYNNFFFAAHLLDIAMGVKTLRTILSSVTHNGKQLVMTVGLLAVVVYLYTVVAFNFFRKFYNKSEDEDEPDMKCDDMMTC
YLFHMYVGVRAGGGIGDEIEDPAGDEYELYRVVFDITFFFFVIVILLAIIQGLIIDAFGELRDQQEQVKEDMETKCFICG
IGSDYFDTTPHGFETHTLEEHNLANYMFFLMYLINKDETEHTGQESYVWKMYQERCWDFFPAGDCFRKQYEDQLS
;
A,B,C,D
2 'polypeptide(L)'
;MGVQVETISPGDGRTFPKRGQTCVVHYTGMLEDGKKFDSSRDRNKPFKFTLGKQEVIRGWEEGVAQMSVGQRAKLIISSD
YAYGATGHPGIIPPHATLVFDVELLKLE
;
E,F,G,H
#
loop_
_chem_comp.id
_chem_comp.type
_chem_comp.name
_chem_comp.formula
ATP non-polymer ADENOSINE-5'-TRIPHOSPHATE 'C10 H16 N5 O13 P3'
CA non-polymer 'CALCIUM ION' 'Ca 2'
CFF non-polymer CAFFEINE 'C8 H10 N4 O2'
PCW non-polymer 1,2-DIOLEOYL-SN-GLYCERO-3-PHOSPHOCHOLINE 'C44 H85 N O8 P 1'
ZN non-polymer 'ZINC ION' 'Zn 2'
#
# COMPACT_ATOMS: atom_id res chain seq x y z
N GLU A 11 2.43 27.27 2.71
CA GLU A 11 2.89 28.65 2.84
C GLU A 11 1.70 29.59 2.90
N VAL A 12 1.87 30.74 3.56
CA VAL A 12 0.79 31.71 3.66
C VAL A 12 0.62 32.39 2.31
N GLN A 13 -0.61 32.44 1.83
CA GLN A 13 -0.90 33.04 0.53
C GLN A 13 -0.64 34.53 0.58
N PHE A 14 -0.03 35.05 -0.49
CA PHE A 14 0.32 36.45 -0.59
C PHE A 14 -0.42 37.08 -1.76
N LEU A 15 -0.88 38.31 -1.56
CA LEU A 15 -1.50 39.07 -2.65
C LEU A 15 -0.44 39.58 -3.61
N ARG A 16 -0.74 39.50 -4.90
CA ARG A 16 0.17 39.94 -5.95
C ARG A 16 -0.60 40.81 -6.94
N THR A 17 0.15 41.59 -7.72
CA THR A 17 -0.48 42.44 -8.71
C THR A 17 -1.20 41.60 -9.75
N ASP A 18 -2.28 42.16 -10.30
CA ASP A 18 -3.18 41.53 -11.26
C ASP A 18 -4.15 40.57 -10.58
N ASP A 19 -4.13 40.46 -9.26
CA ASP A 19 -5.10 39.67 -8.53
C ASP A 19 -6.37 40.48 -8.35
N GLU A 20 -7.51 39.79 -8.32
CA GLU A 20 -8.80 40.42 -8.09
C GLU A 20 -9.16 40.31 -6.62
N VAL A 21 -9.54 41.43 -6.01
CA VAL A 21 -9.81 41.50 -4.58
C VAL A 21 -11.07 42.31 -4.32
N VAL A 22 -11.58 42.18 -3.10
CA VAL A 22 -12.68 42.99 -2.60
C VAL A 22 -12.23 43.62 -1.30
N LEU A 23 -12.47 44.92 -1.15
CA LEU A 23 -12.11 45.63 0.07
C LEU A 23 -13.24 45.48 1.07
N GLN A 24 -13.00 44.74 2.15
CA GLN A 24 -14.04 44.38 3.10
C GLN A 24 -13.79 45.05 4.45
N CYS A 25 -14.86 45.50 5.09
CA CYS A 25 -14.82 46.05 6.43
C CYS A 25 -15.95 45.45 7.24
N SER A 26 -15.90 45.65 8.55
CA SER A 26 -16.88 45.11 9.48
C SER A 26 -17.50 46.24 10.29
N ALA A 27 -18.78 46.09 10.63
CA ALA A 27 -19.49 47.08 11.42
C ALA A 27 -20.43 46.38 12.38
N THR A 28 -20.54 46.90 13.60
CA THR A 28 -21.45 46.35 14.58
C THR A 28 -22.78 47.09 14.49
N VAL A 29 -23.83 46.38 14.04
CA VAL A 29 -25.16 46.94 13.88
C VAL A 29 -26.13 46.06 14.65
N LEU A 30 -26.84 46.66 15.61
CA LEU A 30 -27.74 45.92 16.49
C LEU A 30 -27.05 44.70 17.09
N LYS A 31 -25.83 44.91 17.58
CA LYS A 31 -25.03 43.87 18.24
C LYS A 31 -24.73 42.71 17.30
N GLU A 32 -24.78 42.94 16.00
CA GLU A 32 -24.48 41.91 15.00
C GLU A 32 -23.34 42.39 14.12
N GLN A 33 -22.39 41.51 13.85
CA GLN A 33 -21.25 41.85 13.00
C GLN A 33 -21.65 41.72 11.54
N LEU A 34 -21.61 42.83 10.81
CA LEU A 34 -22.00 42.88 9.41
C LEU A 34 -20.78 43.21 8.55
N LYS A 35 -20.55 42.40 7.53
CA LYS A 35 -19.45 42.60 6.61
C LYS A 35 -19.93 43.39 5.40
N LEU A 36 -19.16 44.38 4.99
CA LEU A 36 -19.52 45.24 3.86
C LEU A 36 -18.34 45.36 2.92
N CYS A 37 -18.61 45.27 1.63
CA CYS A 37 -17.60 45.39 0.59
C CYS A 37 -17.70 46.74 -0.09
N LEU A 38 -16.56 47.32 -0.43
CA LEU A 38 -16.54 48.57 -1.16
C LEU A 38 -17.04 48.33 -2.59
N ALA A 39 -18.00 49.12 -3.02
CA ALA A 39 -18.64 48.92 -4.32
C ALA A 39 -18.81 50.26 -5.01
N ALA A 40 -18.93 50.20 -6.33
CA ALA A 40 -19.17 51.39 -7.14
C ALA A 40 -19.62 50.96 -8.52
N GLU A 41 -20.53 51.75 -9.11
CA GLU A 41 -21.02 51.44 -10.45
C GLU A 41 -20.11 51.99 -11.53
N GLY A 42 -19.54 53.16 -11.33
CA GLY A 42 -18.67 53.77 -12.32
C GLY A 42 -19.45 54.60 -13.32
N PHE A 43 -20.19 53.95 -14.21
CA PHE A 43 -20.98 54.65 -15.21
C PHE A 43 -22.26 55.17 -14.55
N GLY A 44 -22.44 56.49 -14.60
CA GLY A 44 -23.61 57.13 -14.06
C GLY A 44 -23.50 57.52 -12.60
N ASN A 45 -22.55 56.93 -11.87
CA ASN A 45 -22.34 57.27 -10.47
C ASN A 45 -20.91 56.87 -10.10
N ARG A 46 -20.04 57.85 -9.93
CA ARG A 46 -18.66 57.58 -9.57
C ARG A 46 -18.47 57.34 -8.07
N LEU A 47 -19.44 57.71 -7.25
CA LEU A 47 -19.28 57.61 -5.81
C LEU A 47 -19.32 56.16 -5.35
N CYS A 48 -18.46 55.84 -4.38
CA CYS A 48 -18.41 54.51 -3.80
C CYS A 48 -19.41 54.40 -2.65
N PHE A 49 -19.92 53.18 -2.47
CA PHE A 49 -20.81 52.86 -1.37
C PHE A 49 -20.41 51.50 -0.81
N LEU A 50 -21.20 51.00 0.13
CA LEU A 50 -20.92 49.75 0.81
C LEU A 50 -22.03 48.75 0.53
N GLU A 51 -21.65 47.58 0.06
CA GLU A 51 -22.59 46.51 -0.23
C GLU A 51 -22.50 45.46 0.86
N PRO A 52 -23.53 45.23 1.66
CA PRO A 52 -23.45 44.19 2.70
C PRO A 52 -23.31 42.81 2.04
N THR A 53 -22.60 41.92 2.74
CA THR A 53 -22.33 40.59 2.22
C THR A 53 -22.52 39.51 3.28
N SER A 54 -23.00 39.87 4.47
CA SER A 54 -23.22 38.90 5.54
C SER A 54 -24.46 38.06 5.34
N ASN A 55 -25.50 38.61 4.71
CA ASN A 55 -26.75 37.90 4.46
C ASN A 55 -26.76 37.19 3.11
N ALA A 56 -25.59 36.78 2.62
CA ALA A 56 -25.52 36.20 1.27
C ALA A 56 -26.39 34.96 1.14
N GLN A 57 -26.57 34.22 2.24
CA GLN A 57 -27.39 33.01 2.16
C GLN A 57 -28.84 33.32 1.85
N ASN A 58 -29.33 34.48 2.27
CA ASN A 58 -30.72 34.88 2.02
C ASN A 58 -30.85 35.81 0.83
N VAL A 59 -29.93 36.76 0.68
CA VAL A 59 -29.97 37.72 -0.42
C VAL A 59 -28.57 37.81 -1.03
N PRO A 60 -28.35 37.33 -2.25
CA PRO A 60 -27.01 37.39 -2.83
C PRO A 60 -26.55 38.84 -2.97
N PRO A 61 -25.27 39.10 -2.72
CA PRO A 61 -24.76 40.47 -2.93
C PRO A 61 -24.42 40.73 -4.39
N ASP A 62 -24.19 42.01 -4.68
CA ASP A 62 -23.87 42.47 -6.03
C ASP A 62 -22.35 42.62 -6.13
N LEU A 63 -21.67 41.48 -6.32
CA LEU A 63 -20.21 41.44 -6.25
C LEU A 63 -19.53 41.95 -7.52
N ALA A 64 -20.24 41.93 -8.66
CA ALA A 64 -19.62 42.33 -9.91
C ALA A 64 -19.07 43.75 -9.85
N ILE A 65 -19.75 44.64 -9.13
CA ILE A 65 -19.31 46.02 -8.96
C ILE A 65 -18.45 46.19 -7.72
N CYS A 66 -18.23 45.11 -6.96
CA CYS A 66 -17.31 45.13 -5.82
C CYS A 66 -15.92 44.64 -6.19
N CYS A 67 -15.77 43.85 -7.25
CA CYS A 67 -14.47 43.31 -7.60
C CYS A 67 -13.52 44.43 -8.04
N PHE A 68 -12.28 44.37 -7.56
CA PHE A 68 -11.21 45.30 -7.91
C PHE A 68 -9.97 44.53 -8.31
N ILE A 69 -9.15 45.12 -9.17
CA ILE A 69 -7.91 44.50 -9.64
C ILE A 69 -6.74 45.33 -9.13
N LEU A 70 -5.74 44.67 -8.55
CA LEU A 70 -4.51 45.33 -8.14
C LEU A 70 -3.61 45.54 -9.34
N GLU A 71 -3.69 46.70 -9.98
CA GLU A 71 -2.96 46.93 -11.21
C GLU A 71 -1.47 47.12 -10.96
N GLN A 72 -1.11 47.88 -9.93
CA GLN A 72 0.29 48.21 -9.70
C GLN A 72 0.55 48.32 -8.20
N SER A 73 1.82 48.14 -7.83
CA SER A 73 2.26 48.27 -6.45
C SER A 73 3.70 48.77 -6.47
N LEU A 74 3.91 49.97 -5.91
CA LEU A 74 5.21 50.62 -5.95
C LEU A 74 5.56 51.15 -4.57
N SER A 75 6.85 51.30 -4.32
CA SER A 75 7.30 52.06 -3.16
C SER A 75 7.00 53.54 -3.37
N VAL A 76 7.05 54.30 -2.28
CA VAL A 76 6.68 55.71 -2.35
C VAL A 76 7.63 56.47 -3.26
N ARG A 77 8.92 56.20 -3.16
CA ARG A 77 9.89 56.89 -4.02
C ARG A 77 9.69 56.52 -5.48
N ALA A 78 9.41 55.24 -5.75
CA ALA A 78 9.14 54.83 -7.12
C ALA A 78 7.90 55.54 -7.65
N LEU A 79 6.86 55.66 -6.83
CA LEU A 79 5.66 56.37 -7.23
C LEU A 79 5.96 57.83 -7.53
N GLN A 80 6.78 58.47 -6.69
CA GLN A 80 7.14 59.86 -6.93
C GLN A 80 7.87 60.00 -8.26
N GLU A 81 8.82 59.10 -8.54
CA GLU A 81 9.53 59.16 -9.81
C GLU A 81 8.57 58.97 -10.99
N MET A 82 7.67 57.99 -10.87
CA MET A 82 6.74 57.72 -11.97
C MET A 82 5.84 58.93 -12.20
N LEU A 83 5.35 59.56 -11.13
CA LEU A 83 4.52 60.74 -11.28
C LEU A 83 5.30 61.89 -11.90
N ALA A 84 6.56 62.08 -11.49
CA ALA A 84 7.37 63.14 -12.07
C ALA A 84 7.59 62.91 -13.57
N ASN A 85 7.86 61.68 -13.96
CA ASN A 85 8.05 61.36 -15.37
C ASN A 85 6.71 61.13 -16.05
N HIS A 99 3.88 40.03 -11.86
CA HIS A 99 3.12 39.80 -10.64
C HIS A 99 4.00 40.01 -9.42
N ARG A 100 4.03 41.24 -8.92
CA ARG A 100 4.82 41.57 -7.73
C ARG A 100 3.98 41.38 -6.48
N THR A 101 4.61 40.79 -5.46
CA THR A 101 3.94 40.66 -4.17
C THR A 101 3.81 42.02 -3.50
N LEU A 102 2.65 42.25 -2.89
CA LEU A 102 2.42 43.50 -2.18
C LEU A 102 3.17 43.50 -0.86
N LEU A 103 3.78 44.64 -0.53
CA LEU A 103 4.53 44.81 0.70
C LEU A 103 3.97 46.01 1.45
N TYR A 104 3.85 45.88 2.77
CA TYR A 104 3.34 46.97 3.59
C TYR A 104 4.21 48.21 3.40
N GLY A 105 3.54 49.35 3.21
CA GLY A 105 4.20 50.61 2.93
C GLY A 105 4.20 50.97 1.46
N HIS A 106 3.93 50.02 0.57
CA HIS A 106 3.84 50.30 -0.85
C HIS A 106 2.52 50.99 -1.17
N ALA A 107 2.50 51.67 -2.31
CA ALA A 107 1.30 52.32 -2.82
C ALA A 107 0.71 51.47 -3.94
N ILE A 108 -0.59 51.20 -3.86
CA ILE A 108 -1.27 50.32 -4.80
C ILE A 108 -2.24 51.12 -5.64
N LEU A 109 -2.45 50.66 -6.86
CA LEU A 109 -3.44 51.20 -7.78
C LEU A 109 -4.52 50.15 -7.97
N LEU A 110 -5.77 50.54 -7.74
CA LEU A 110 -6.90 49.61 -7.81
C LEU A 110 -7.81 50.01 -8.97
N ARG A 111 -7.98 49.11 -9.92
CA ARG A 111 -8.84 49.34 -11.07
C ARG A 111 -10.17 48.62 -10.87
N HIS A 112 -11.26 49.34 -11.07
CA HIS A 112 -12.58 48.73 -10.98
C HIS A 112 -12.76 47.74 -12.12
N ALA A 113 -13.08 46.50 -11.77
CA ALA A 113 -13.14 45.44 -12.77
C ALA A 113 -14.18 45.73 -13.84
N HIS A 114 -15.36 46.21 -13.43
CA HIS A 114 -16.44 46.44 -14.38
C HIS A 114 -16.19 47.69 -15.22
N SER A 115 -16.12 48.85 -14.56
CA SER A 115 -16.02 50.11 -15.28
C SER A 115 -14.60 50.42 -15.75
N ARG A 116 -13.61 49.70 -15.26
CA ARG A 116 -12.21 49.93 -15.60
C ARG A 116 -11.72 51.30 -15.14
N MET A 117 -12.44 51.92 -14.20
CA MET A 117 -11.99 53.14 -13.57
C MET A 117 -11.13 52.78 -12.35
N TYR A 118 -10.59 53.79 -11.69
CA TYR A 118 -9.62 53.60 -10.62
C TYR A 118 -10.16 54.18 -9.33
N LEU A 119 -10.07 53.40 -8.26
CA LEU A 119 -10.46 53.89 -6.94
C LEU A 119 -9.57 55.07 -6.57
N SER A 120 -10.19 56.18 -6.16
CA SER A 120 -9.48 57.41 -5.91
C SER A 120 -10.17 58.19 -4.80
N CYS A 121 -9.41 59.09 -4.18
CA CYS A 121 -9.94 60.01 -3.19
C CYS A 121 -10.34 61.30 -3.91
N LEU A 122 -11.63 61.59 -3.92
CA LEU A 122 -12.13 62.75 -4.63
C LEU A 122 -11.94 64.02 -3.81
N THR A 123 -11.93 65.16 -4.50
CA THR A 123 -11.77 66.45 -3.86
C THR A 123 -13.09 67.03 -3.35
N THR A 124 -14.22 66.42 -3.73
CA THR A 124 -15.52 66.86 -3.23
C THR A 124 -15.86 66.12 -1.95
N SER A 125 -16.84 66.64 -1.23
CA SER A 125 -17.28 66.04 0.03
C SER A 125 -18.76 66.34 0.22
N ARG A 126 -19.57 65.28 0.24
CA ARG A 126 -20.99 65.41 0.52
C ARG A 126 -21.33 65.00 1.95
N SER A 127 -20.33 64.75 2.79
CA SER A 127 -20.59 64.33 4.16
C SER A 127 -21.13 65.51 4.96
N MET A 128 -22.20 65.28 5.72
CA MET A 128 -22.78 66.29 6.57
C MET A 128 -22.25 66.23 8.00
N THR A 129 -21.58 65.13 8.38
CA THR A 129 -21.08 64.99 9.73
C THR A 129 -19.61 65.44 9.82
N ASP A 130 -18.75 64.80 9.03
CA ASP A 130 -17.33 65.13 9.06
C ASP A 130 -17.03 66.27 8.11
N LYS A 131 -16.44 67.35 8.64
CA LYS A 131 -16.09 68.52 7.84
C LYS A 131 -14.72 68.39 7.19
N LEU A 132 -13.92 67.41 7.59
CA LEU A 132 -12.59 67.20 7.01
C LEU A 132 -12.51 65.95 6.15
N ALA A 133 -13.63 65.27 5.93
CA ALA A 133 -13.64 64.04 5.14
C ALA A 133 -13.81 64.36 3.67
N PHE A 134 -13.37 63.42 2.83
CA PHE A 134 -13.48 63.53 1.39
C PHE A 134 -14.22 62.33 0.84
N ASP A 135 -14.93 62.53 -0.27
CA ASP A 135 -15.65 61.44 -0.91
C ASP A 135 -14.66 60.49 -1.59
N VAL A 136 -14.99 59.21 -1.57
CA VAL A 136 -14.21 58.17 -2.24
C VAL A 136 -15.03 57.67 -3.41
N GLY A 137 -14.42 57.65 -4.59
CA GLY A 137 -15.11 57.23 -5.78
C GLY A 137 -14.15 56.72 -6.82
N LEU A 138 -14.63 56.68 -8.06
CA LEU A 138 -13.86 56.16 -9.19
C LEU A 138 -13.46 57.31 -10.09
N GLN A 139 -12.28 57.18 -10.71
CA GLN A 139 -11.72 58.20 -11.57
C GLN A 139 -11.40 57.56 -12.92
N GLU A 140 -11.66 58.31 -13.99
CA GLU A 140 -11.58 57.74 -15.34
C GLU A 140 -10.16 57.27 -15.66
N ASP A 141 -9.16 58.06 -15.30
CA ASP A 141 -7.77 57.77 -15.65
C ASP A 141 -6.96 57.53 -14.39
N ALA A 142 -5.74 57.01 -14.58
CA ALA A 142 -4.83 56.70 -13.50
C ALA A 142 -3.76 57.78 -13.33
N THR A 143 -4.06 59.00 -13.76
CA THR A 143 -3.12 60.10 -13.64
C THR A 143 -3.26 60.77 -12.27
N GLY A 144 -2.15 61.33 -11.80
CA GLY A 144 -2.11 62.01 -10.52
C GLY A 144 -1.92 61.03 -9.37
N GLU A 145 -2.00 61.57 -8.15
CA GLU A 145 -1.84 60.79 -6.95
C GLU A 145 -3.16 60.48 -6.27
N ALA A 146 -4.29 60.96 -6.80
CA ALA A 146 -5.57 60.72 -6.16
C ALA A 146 -5.97 59.25 -6.22
N CYS A 147 -5.41 58.50 -7.17
CA CYS A 147 -5.79 57.11 -7.37
C CYS A 147 -4.80 56.13 -6.73
N TRP A 148 -3.89 56.62 -5.89
CA TRP A 148 -2.87 55.78 -5.27
C TRP A 148 -3.11 55.71 -3.77
N TRP A 149 -3.07 54.51 -3.22
CA TRP A 149 -3.30 54.27 -1.81
C TRP A 149 -2.14 53.47 -1.24
N THR A 150 -1.69 53.86 -0.05
CA THR A 150 -0.59 53.20 0.64
C THR A 150 -1.16 52.25 1.69
N MET A 151 -0.60 51.05 1.75
CA MET A 151 -1.03 50.01 2.67
C MET A 151 -0.15 50.05 3.91
N HIS A 152 -0.77 49.99 5.09
CA HIS A 152 -0.05 49.96 6.35
C HIS A 152 -0.59 48.85 7.24
N PRO A 153 0.26 48.24 8.08
CA PRO A 153 -0.22 47.18 8.95
C PRO A 153 -1.22 47.70 9.97
N ALA A 154 -2.16 46.83 10.34
CA ALA A 154 -3.17 47.17 11.34
C ALA A 154 -2.73 46.84 12.76
N SER A 155 -1.79 45.91 12.91
CA SER A 155 -1.29 45.51 14.21
C SER A 155 0.21 45.34 14.15
N LYS A 156 0.83 45.19 15.34
CA LYS A 156 2.27 44.98 15.41
C LYS A 156 2.67 43.64 14.84
N GLN A 157 1.71 42.75 14.59
CA GLN A 157 2.03 41.44 14.00
C GLN A 157 2.80 41.60 12.69
N ARG A 158 2.46 42.62 11.90
CA ARG A 158 3.13 42.90 10.65
C ARG A 158 3.78 44.29 10.71
N SER A 159 4.82 44.46 9.90
CA SER A 159 5.59 45.70 9.90
C SER A 159 5.90 46.10 8.47
N GLU A 160 6.31 47.35 8.30
CA GLU A 160 6.61 47.86 6.97
C GLU A 160 7.68 47.02 6.30
N GLY A 161 7.46 46.70 5.02
CA GLY A 161 8.34 45.86 4.27
C GLY A 161 7.93 44.40 4.23
N GLU A 162 7.07 43.99 5.15
CA GLU A 162 6.57 42.61 5.14
C GLU A 162 5.57 42.42 4.01
N LYS A 163 5.49 41.19 3.51
CA LYS A 163 4.52 40.88 2.47
C LYS A 163 3.11 40.89 3.05
N VAL A 164 2.17 41.42 2.27
CA VAL A 164 0.77 41.43 2.69
C VAL A 164 0.18 40.05 2.46
N ARG A 165 -0.32 39.44 3.51
CA ARG A 165 -0.89 38.09 3.44
C ARG A 165 -2.40 38.16 3.29
N VAL A 166 -2.94 37.19 2.57
CA VAL A 166 -4.39 37.09 2.42
C VAL A 166 -5.02 36.98 3.80
N GLY A 167 -6.07 37.75 4.03
CA GLY A 167 -6.75 37.77 5.31
C GLY A 167 -6.18 38.75 6.32
N ASP A 168 -5.17 39.52 5.95
CA ASP A 168 -4.59 40.51 6.84
C ASP A 168 -5.45 41.76 6.91
N ASP A 169 -5.58 42.32 8.11
CA ASP A 169 -6.24 43.60 8.27
C ASP A 169 -5.23 44.72 8.04
N LEU A 170 -5.57 45.65 7.15
CA LEU A 170 -4.64 46.71 6.77
C LEU A 170 -5.37 48.04 6.73
N ILE A 171 -4.60 49.12 6.78
CA ILE A 171 -5.10 50.48 6.70
C ILE A 171 -4.65 51.07 5.37
N LEU A 172 -5.56 51.76 4.69
CA LEU A 172 -5.28 52.35 3.39
C LEU A 172 -5.29 53.87 3.55
N VAL A 173 -4.20 54.51 3.15
CA VAL A 173 -4.03 55.96 3.28
C VAL A 173 -3.92 56.55 1.88
N SER A 174 -4.73 57.56 1.61
CA SER A 174 -4.66 58.24 0.32
C SER A 174 -3.33 58.96 0.19
N VAL A 175 -2.70 58.80 -0.97
CA VAL A 175 -1.42 59.48 -1.22
C VAL A 175 -1.64 60.98 -1.35
N SER A 176 -2.69 61.38 -2.08
CA SER A 176 -2.90 62.80 -2.35
C SER A 176 -3.41 63.55 -1.13
N SER A 177 -4.35 62.97 -0.38
CA SER A 177 -5.03 63.67 0.69
C SER A 177 -4.52 63.33 2.08
N GLU A 178 -3.68 62.30 2.22
CA GLU A 178 -3.17 61.88 3.52
C GLU A 178 -4.28 61.46 4.47
N ARG A 179 -5.38 60.93 3.93
CA ARG A 179 -6.52 60.51 4.71
C ARG A 179 -6.70 59.00 4.62
N TYR A 180 -7.35 58.45 5.64
CA TYR A 180 -7.62 57.02 5.70
C TYR A 180 -8.90 56.68 4.95
N LEU A 181 -8.89 55.55 4.26
CA LEU A 181 -10.13 54.98 3.77
C LEU A 181 -10.97 54.55 4.96
N HIS A 182 -12.06 55.28 5.21
CA HIS A 182 -12.76 55.23 6.48
C HIS A 182 -14.22 54.82 6.29
N LEU A 183 -14.69 54.01 7.23
CA LEU A 183 -16.10 53.64 7.30
C LEU A 183 -16.80 54.62 8.23
N SER A 184 -17.72 55.41 7.70
CA SER A 184 -18.40 56.45 8.45
C SER A 184 -19.78 55.95 8.88
N THR A 185 -19.95 55.76 10.18
CA THR A 185 -21.24 55.39 10.75
C THR A 185 -21.91 56.55 11.47
N ALA A 186 -21.38 57.77 11.34
CA ALA A 186 -21.92 58.91 12.06
C ALA A 186 -23.42 59.05 11.82
N SER A 187 -23.83 59.17 10.57
CA SER A 187 -25.24 59.21 10.24
C SER A 187 -25.86 57.83 10.43
N GLY A 188 -27.17 57.76 10.16
CA GLY A 188 -27.87 56.49 10.29
C GLY A 188 -27.37 55.42 9.34
N GLU A 189 -26.87 55.81 8.17
CA GLU A 189 -26.43 54.88 7.15
C GLU A 189 -24.92 54.68 7.23
N LEU A 190 -24.47 53.50 6.78
CA LEU A 190 -23.05 53.20 6.72
C LEU A 190 -22.47 53.75 5.42
N GLN A 191 -21.47 54.61 5.55
CA GLN A 191 -20.86 55.27 4.41
C GLN A 191 -19.35 55.04 4.41
N VAL A 192 -18.76 55.24 3.24
CA VAL A 192 -17.31 55.14 3.06
C VAL A 192 -16.81 56.50 2.59
N ASP A 193 -15.71 56.96 3.18
CA ASP A 193 -15.14 58.26 2.84
C ASP A 193 -13.67 58.26 3.25
N ALA A 194 -12.98 59.32 2.84
CA ALA A 194 -11.57 59.52 3.19
C ALA A 194 -11.52 60.55 4.31
N SER A 195 -11.23 60.09 5.52
CA SER A 195 -11.19 60.93 6.71
C SER A 195 -9.88 60.72 7.45
N PHE A 196 -9.76 61.37 8.60
CA PHE A 196 -8.58 61.24 9.44
C PHE A 196 -8.73 60.16 10.51
N MET A 197 -9.88 59.50 10.57
CA MET A 197 -10.06 58.35 11.44
C MET A 197 -9.86 57.07 10.65
N GLN A 198 -9.04 56.17 11.17
CA GLN A 198 -8.65 54.97 10.45
C GLN A 198 -9.73 53.90 10.55
N THR A 199 -9.78 53.06 9.52
CA THR A 199 -10.65 51.89 9.49
C THR A 199 -9.85 50.71 8.99
N LEU A 200 -10.10 49.53 9.56
CA LEU A 200 -9.40 48.31 9.17
C LEU A 200 -10.12 47.65 8.02
N TRP A 201 -9.38 47.36 6.95
CA TRP A 201 -9.94 46.75 5.75
C TRP A 201 -9.28 45.42 5.48
N ASN A 202 -10.04 44.51 4.87
CA ASN A 202 -9.53 43.21 4.43
C ASN A 202 -9.59 43.17 2.92
N MET A 203 -8.46 42.82 2.29
CA MET A 203 -8.42 42.63 0.84
C MET A 203 -8.56 41.15 0.56
N ASN A 204 -9.80 40.67 0.64
CA ASN A 204 -10.06 39.26 0.39
C ASN A 204 -9.85 38.96 -1.10
N PRO A 205 -9.16 37.88 -1.44
CA PRO A 205 -8.90 37.58 -2.85
C PRO A 205 -10.12 36.96 -3.52
N ILE A 206 -10.39 37.41 -4.74
CA ILE A 206 -11.43 36.82 -5.58
C ILE A 206 -10.84 35.82 -6.56
N CYS A 207 -9.77 36.19 -7.25
CA CYS A 207 -9.08 35.30 -8.17
C CYS A 207 -7.64 35.77 -8.31
N SER A 208 -6.76 34.83 -8.62
CA SER A 208 -5.35 35.13 -8.80
C SER A 208 -4.91 34.93 -10.24
N GLY A 209 -5.11 33.72 -10.76
CA GLY A 209 -4.77 33.43 -12.14
C GLY A 209 -5.49 32.19 -12.63
N CYS A 210 -6.16 32.31 -13.77
CA CYS A 210 -7.01 31.24 -14.28
C CYS A 210 -6.30 30.46 -15.38
N GLU A 211 -6.32 29.14 -15.25
CA GLU A 211 -5.77 28.27 -16.29
C GLU A 211 -6.51 28.52 -17.60
N GLU A 212 -5.76 28.59 -18.70
CA GLU A 212 -6.34 28.93 -19.99
C GLU A 212 -7.43 27.94 -20.35
N GLY A 213 -8.59 28.46 -20.76
CA GLY A 213 -9.67 27.66 -21.26
C GLY A 213 -10.59 27.06 -20.21
N PHE A 214 -10.36 27.35 -18.92
CA PHE A 214 -11.16 26.77 -17.86
C PHE A 214 -12.11 27.82 -17.29
N VAL A 215 -13.26 27.35 -16.83
CA VAL A 215 -14.31 28.23 -16.33
C VAL A 215 -14.05 28.54 -14.86
N THR A 216 -14.29 29.79 -14.48
CA THR A 216 -14.15 30.23 -13.10
C THR A 216 -15.40 31.00 -12.70
N GLY A 217 -15.65 31.05 -11.39
CA GLY A 217 -16.81 31.74 -10.89
C GLY A 217 -16.74 33.24 -11.15
N GLY A 218 -17.91 33.87 -11.11
CA GLY A 218 -17.99 35.29 -11.35
C GLY A 218 -17.80 35.72 -12.78
N HIS A 219 -17.88 34.79 -13.73
CA HIS A 219 -17.70 35.09 -15.14
C HIS A 219 -19.05 35.14 -15.84
N VAL A 220 -19.19 36.07 -16.77
CA VAL A 220 -20.38 36.15 -17.60
C VAL A 220 -20.18 35.25 -18.81
N LEU A 221 -21.16 34.39 -19.09
CA LEU A 221 -21.04 33.41 -20.15
C LEU A 221 -22.43 33.07 -20.68
N ARG A 222 -22.46 32.21 -21.69
CA ARG A 222 -23.70 31.71 -22.26
C ARG A 222 -23.77 30.20 -22.06
N LEU A 223 -24.98 29.68 -21.88
CA LEU A 223 -25.20 28.26 -21.67
C LEU A 223 -25.92 27.70 -22.90
N PHE A 224 -25.17 27.07 -23.79
CA PHE A 224 -25.71 26.53 -25.02
C PHE A 224 -26.18 25.10 -24.80
N HIS A 225 -27.26 24.72 -25.48
CA HIS A 225 -27.77 23.36 -25.41
C HIS A 225 -26.83 22.45 -26.16
N GLY A 226 -25.96 21.76 -25.44
CA GLY A 226 -24.95 20.92 -26.07
C GLY A 226 -24.13 21.72 -27.06
N HIS A 227 -24.29 21.41 -28.35
CA HIS A 227 -23.67 22.15 -29.44
C HIS A 227 -24.69 22.43 -30.52
N MET A 228 -25.95 22.66 -30.12
CA MET A 228 -27.05 22.81 -31.05
C MET A 228 -27.35 24.26 -31.41
N ASP A 229 -26.52 25.20 -30.96
CA ASP A 229 -26.74 26.62 -31.21
C ASP A 229 -28.02 27.13 -30.55
N GLU A 230 -28.42 26.50 -29.45
CA GLU A 230 -29.54 26.96 -28.64
C GLU A 230 -29.01 27.34 -27.27
N CYS A 231 -29.35 28.55 -26.81
CA CYS A 231 -28.82 29.06 -25.56
C CYS A 231 -29.94 29.33 -24.58
N LEU A 232 -29.62 29.17 -23.29
CA LEU A 232 -30.57 29.50 -22.23
C LEU A 232 -30.76 31.01 -22.18
N THR A 233 -32.00 31.45 -22.06
CA THR A 233 -32.31 32.87 -22.09
C THR A 233 -33.68 33.11 -21.47
N ILE A 234 -34.03 34.38 -21.37
CA ILE A 234 -35.37 34.79 -20.95
C ILE A 234 -36.03 35.52 -22.10
N SER A 235 -37.33 35.78 -21.95
CA SER A 235 -38.09 36.37 -23.04
C SER A 235 -37.59 37.78 -23.34
N PRO A 236 -37.82 38.28 -24.55
CA PRO A 236 -37.36 39.62 -24.90
C PRO A 236 -37.98 40.68 -24.00
N SER A 237 -37.40 41.87 -24.05
CA SER A 237 -37.92 42.98 -23.26
C SER A 237 -39.35 43.30 -23.67
N ASP A 238 -40.16 43.69 -22.68
CA ASP A 238 -41.57 44.02 -22.89
C ASP A 238 -42.34 42.79 -23.37
N SER A 239 -42.21 41.69 -22.65
CA SER A 239 -42.95 40.47 -22.92
C SER A 239 -44.05 40.28 -21.89
N ASP A 240 -45.06 39.48 -22.27
CA ASP A 240 -46.20 39.26 -21.40
C ASP A 240 -45.89 38.42 -20.18
N ASP A 241 -44.83 37.62 -20.23
CA ASP A 241 -44.45 36.78 -19.10
C ASP A 241 -43.65 37.52 -18.05
N GLN A 242 -43.45 38.83 -18.21
CA GLN A 242 -42.69 39.65 -17.27
C GLN A 242 -41.23 39.24 -17.21
N ARG A 243 -40.75 38.55 -18.24
CA ARG A 243 -39.35 38.11 -18.29
C ARG A 243 -39.01 37.25 -17.09
N ARG A 244 -39.95 36.41 -16.67
CA ARG A 244 -39.77 35.53 -15.53
C ARG A 244 -39.55 34.07 -15.91
N LEU A 245 -39.73 33.71 -17.18
CA LEU A 245 -39.61 32.34 -17.63
C LEU A 245 -38.31 32.16 -18.42
N VAL A 246 -37.80 30.93 -18.38
CA VAL A 246 -36.52 30.59 -19.02
C VAL A 246 -36.81 29.72 -20.23
N TYR A 247 -36.05 29.96 -21.30
CA TYR A 247 -36.27 29.25 -22.56
C TYR A 247 -34.94 28.83 -23.16
N TYR A 248 -35.01 27.81 -24.00
CA TYR A 248 -33.95 27.44 -24.93
C TYR A 248 -34.32 28.06 -26.27
N GLU A 249 -33.49 28.97 -26.76
CA GLU A 249 -33.74 29.68 -28.01
C GLU A 249 -32.43 29.78 -28.78
N GLY A 250 -32.51 29.65 -30.09
CA GLY A 250 -31.32 29.56 -30.91
C GLY A 250 -31.31 30.42 -32.15
N GLY A 251 -32.02 31.55 -32.10
CA GLY A 251 -32.01 32.49 -33.20
C GLY A 251 -30.84 33.45 -33.09
N PRO A 252 -31.05 34.72 -33.42
CA PRO A 252 -30.00 35.72 -33.17
C PRO A 252 -29.83 36.06 -31.70
N VAL A 253 -30.63 35.46 -30.81
CA VAL A 253 -30.49 35.72 -29.39
C VAL A 253 -29.11 35.29 -28.89
N CYS A 254 -28.48 34.36 -29.59
CA CYS A 254 -27.15 33.89 -29.20
C CYS A 254 -26.10 34.98 -29.26
N THR A 255 -26.43 36.17 -29.77
CA THR A 255 -25.52 37.31 -29.77
C THR A 255 -26.08 38.50 -29.02
N HIS A 256 -27.22 38.35 -28.36
CA HIS A 256 -27.83 39.43 -27.59
C HIS A 256 -27.47 39.31 -26.12
N ALA A 257 -27.85 40.33 -25.36
CA ALA A 257 -27.49 40.41 -23.94
C ALA A 257 -28.44 39.63 -23.05
N ARG A 258 -29.63 39.29 -23.53
CA ARG A 258 -30.59 38.56 -22.69
C ARG A 258 -30.20 37.11 -22.48
N SER A 259 -29.21 36.60 -23.21
CA SER A 259 -28.73 35.23 -23.05
C SER A 259 -27.47 35.15 -22.20
N LEU A 260 -27.08 36.23 -21.55
CA LEU A 260 -25.85 36.29 -20.77
C LEU A 260 -26.15 36.03 -19.30
N TRP A 261 -25.39 35.11 -18.71
CA TRP A 261 -25.55 34.73 -17.31
C TRP A 261 -24.22 34.81 -16.59
N ARG A 262 -24.28 35.07 -15.29
CA ARG A 262 -23.11 35.15 -14.43
C ARG A 262 -23.19 34.05 -13.39
N LEU A 263 -22.10 33.32 -13.23
CA LEU A 263 -22.03 32.24 -12.25
C LEU A 263 -21.45 32.78 -10.96
N GLU A 264 -22.19 32.64 -9.86
CA GLU A 264 -21.82 33.20 -8.57
C GLU A 264 -21.69 32.10 -7.53
N PRO A 265 -20.48 31.66 -7.19
CA PRO A 265 -20.35 30.65 -6.14
C PRO A 265 -20.85 31.17 -4.80
N LEU A 266 -21.28 30.23 -3.95
CA LEU A 266 -21.83 30.59 -2.64
C LEU A 266 -20.72 30.92 -1.66
N ARG A 267 -19.89 31.90 -2.00
CA ARG A 267 -18.82 32.36 -1.12
C ARG A 267 -18.24 33.62 -1.72
N ILE A 268 -17.72 34.49 -0.85
CA ILE A 268 -17.13 35.74 -1.32
C ILE A 268 -15.65 35.53 -1.64
N SER A 269 -14.90 34.96 -0.69
CA SER A 269 -13.49 34.74 -0.90
C SER A 269 -13.27 33.65 -1.94
N TRP A 270 -12.38 33.90 -2.89
CA TRP A 270 -12.04 32.93 -3.93
C TRP A 270 -13.26 32.54 -4.76
N SER A 271 -14.23 33.46 -4.88
CA SER A 271 -15.36 33.20 -5.77
C SER A 271 -14.95 33.13 -7.23
N GLY A 272 -13.77 33.67 -7.57
CA GLY A 272 -13.29 33.63 -8.93
C GLY A 272 -12.40 32.43 -9.19
N SER A 273 -12.42 31.46 -8.27
CA SER A 273 -11.63 30.26 -8.44
C SER A 273 -12.23 29.37 -9.53
N HIS A 274 -11.47 28.36 -9.94
CA HIS A 274 -11.94 27.42 -10.95
C HIS A 274 -13.23 26.75 -10.49
N LEU A 275 -14.19 26.66 -11.40
CA LEU A 275 -15.43 25.97 -11.10
C LEU A 275 -15.19 24.47 -11.03
N ARG A 276 -15.89 23.80 -10.12
CA ARG A 276 -15.73 22.38 -9.89
C ARG A 276 -17.08 21.68 -10.01
N TRP A 277 -17.05 20.43 -10.45
CA TRP A 277 -18.26 19.64 -10.54
C TRP A 277 -18.89 19.49 -9.16
N GLY A 278 -20.19 19.73 -9.07
CA GLY A 278 -20.92 19.61 -7.83
C GLY A 278 -20.83 20.81 -6.92
N GLN A 279 -20.08 21.83 -7.30
CA GLN A 279 -19.94 23.02 -6.46
C GLN A 279 -21.23 23.83 -6.52
N PRO A 280 -21.91 24.09 -5.40
CA PRO A 280 -23.13 24.89 -5.45
C PRO A 280 -22.84 26.31 -5.89
N LEU A 281 -23.76 26.87 -6.67
CA LEU A 281 -23.60 28.23 -7.16
C LEU A 281 -24.96 28.76 -7.59
N ARG A 282 -25.04 30.09 -7.69
CA ARG A 282 -26.20 30.78 -8.22
C ARG A 282 -25.93 31.18 -9.67
N ILE A 283 -27.02 31.29 -10.44
CA ILE A 283 -26.94 31.75 -11.83
C ILE A 283 -27.76 33.02 -11.93
N ARG A 284 -27.09 34.13 -12.27
CA ARG A 284 -27.70 35.44 -12.29
C ARG A 284 -27.88 35.90 -13.72
N HIS A 285 -29.05 36.47 -14.02
CA HIS A 285 -29.26 37.09 -15.33
C HIS A 285 -28.70 38.51 -15.29
N VAL A 286 -27.75 38.79 -16.17
CA VAL A 286 -26.98 40.02 -16.06
C VAL A 286 -27.85 41.25 -16.31
N THR A 287 -28.63 41.23 -17.39
CA THR A 287 -29.35 42.45 -17.78
C THR A 287 -30.54 42.74 -16.88
N THR A 288 -31.10 41.73 -16.22
CA THR A 288 -32.24 41.94 -15.33
C THR A 288 -31.88 41.82 -13.86
N GLY A 289 -30.73 41.23 -13.52
CA GLY A 289 -30.35 41.09 -12.14
C GLY A 289 -31.13 40.04 -11.39
N ARG A 290 -31.84 39.17 -12.09
CA ARG A 290 -32.63 38.12 -11.47
C ARG A 290 -31.86 36.80 -11.48
N TYR A 291 -32.22 35.92 -10.56
CA TYR A 291 -31.49 34.69 -10.31
C TYR A 291 -32.33 33.49 -10.70
N LEU A 292 -31.73 32.57 -11.44
CA LEU A 292 -32.37 31.30 -11.74
C LEU A 292 -32.74 30.59 -10.45
N GLY A 293 -33.97 30.10 -10.37
CA GLY A 293 -34.41 29.45 -9.15
C GLY A 293 -35.65 28.61 -9.38
N LEU A 294 -36.00 27.83 -8.36
CA LEU A 294 -37.17 26.97 -8.38
C LEU A 294 -38.18 27.50 -7.38
N THR A 295 -39.39 27.77 -7.87
CA THR A 295 -40.49 28.21 -7.03
C THR A 295 -41.55 27.13 -6.97
N GLU A 296 -42.14 26.94 -5.78
CA GLU A 296 -43.10 25.86 -5.60
C GLU A 296 -44.32 26.04 -6.49
N ASP A 297 -44.68 27.28 -6.81
CA ASP A 297 -45.91 27.55 -7.55
C ASP A 297 -45.69 27.62 -9.06
N GLN A 298 -44.51 28.03 -9.52
CA GLN A 298 -44.24 28.19 -10.94
C GLN A 298 -43.13 27.30 -11.48
N GLY A 299 -42.34 26.67 -10.62
CA GLY A 299 -41.23 25.86 -11.09
C GLY A 299 -40.01 26.70 -11.41
N LEU A 300 -39.31 26.36 -12.49
CA LEU A 300 -38.10 27.07 -12.86
C LEU A 300 -38.44 28.47 -13.35
N VAL A 301 -37.93 29.48 -12.67
CA VAL A 301 -38.12 30.88 -13.05
C VAL A 301 -36.88 31.66 -12.66
N VAL A 302 -36.87 32.95 -12.98
CA VAL A 302 -35.84 33.87 -12.49
C VAL A 302 -36.50 34.76 -11.44
N VAL A 303 -35.94 34.78 -10.24
CA VAL A 303 -36.53 35.48 -9.12
C VAL A 303 -35.68 36.69 -8.77
N ASP A 304 -36.24 37.56 -7.93
CA ASP A 304 -35.50 38.74 -7.49
C ASP A 304 -34.44 38.36 -6.46
N ALA A 305 -33.43 39.21 -6.36
CA ALA A 305 -32.36 38.97 -5.39
C ALA A 305 -32.92 38.90 -3.97
N SER A 306 -34.00 39.64 -3.70
CA SER A 306 -34.58 39.62 -2.36
C SER A 306 -35.14 38.24 -2.02
N LYS A 307 -35.65 37.51 -3.00
CA LYS A 307 -36.20 36.19 -2.79
C LYS A 307 -35.24 35.08 -3.21
N ALA A 308 -34.02 35.44 -3.61
CA ALA A 308 -33.05 34.45 -4.07
C ALA A 308 -32.26 33.86 -2.91
N HIS A 309 -32.93 33.07 -2.08
CA HIS A 309 -32.23 32.34 -1.03
C HIS A 309 -31.63 31.05 -1.60
N THR A 310 -30.71 30.46 -0.84
CA THR A 310 -29.88 29.39 -1.39
C THR A 310 -30.72 28.20 -1.85
N LYS A 311 -31.69 27.79 -1.04
CA LYS A 311 -32.47 26.61 -1.37
C LYS A 311 -33.15 26.78 -2.73
N ALA A 312 -33.67 27.98 -3.00
CA ALA A 312 -34.38 28.21 -4.26
C ALA A 312 -33.43 28.39 -5.44
N THR A 313 -32.26 29.00 -5.22
CA THR A 313 -31.43 29.48 -6.32
C THR A 313 -30.06 28.83 -6.39
N SER A 314 -29.86 27.70 -5.70
CA SER A 314 -28.56 27.03 -5.70
C SER A 314 -28.57 25.89 -6.71
N PHE A 315 -27.62 25.92 -7.64
CA PHE A 315 -27.47 24.92 -8.67
C PHE A 315 -26.03 24.41 -8.68
N CYS A 316 -25.81 23.31 -9.40
CA CYS A 316 -24.47 22.77 -9.56
C CYS A 316 -24.34 22.16 -10.94
N PHE A 317 -23.10 22.05 -11.40
CA PHE A 317 -22.76 21.40 -12.66
C PHE A 317 -22.26 20.00 -12.37
N ARG A 318 -22.79 19.01 -13.09
CA ARG A 318 -22.45 17.61 -12.88
C ARG A 318 -21.98 17.01 -14.19
N ILE A 319 -20.93 16.18 -14.11
CA ILE A 319 -20.40 15.53 -15.30
C ILE A 319 -21.40 14.52 -15.85
N SER A 320 -22.15 13.85 -14.97
CA SER A 320 -23.12 12.85 -15.38
C SER A 320 -24.29 12.87 -14.41
N LYS A 321 -25.35 12.17 -14.79
CA LYS A 321 -26.58 12.13 -14.00
C LYS A 321 -26.58 11.02 -12.96
N GLU A 322 -25.50 10.27 -12.83
CA GLU A 322 -25.44 9.21 -11.84
C GLU A 322 -25.52 9.79 -10.43
N LYS A 323 -26.08 9.00 -9.52
CA LYS A 323 -26.32 9.43 -8.14
C LYS A 323 -25.04 9.28 -7.30
N LEU A 324 -24.09 10.17 -7.55
CA LEU A 324 -22.83 10.20 -6.82
C LEU A 324 -22.72 11.39 -5.88
N ASP A 325 -23.74 12.26 -5.84
CA ASP A 325 -23.66 13.46 -5.00
C ASP A 325 -23.40 13.14 -3.54
N VAL A 326 -23.56 11.88 -3.14
CA VAL A 326 -23.26 11.44 -1.78
C VAL A 326 -21.86 11.90 -1.41
N ALA A 327 -20.95 11.91 -2.38
CA ALA A 327 -19.60 12.36 -2.11
C ALA A 327 -19.61 13.85 -1.74
N PRO A 328 -19.07 14.24 -0.58
CA PRO A 328 -19.05 15.65 -0.21
C PRO A 328 -17.86 16.39 -0.82
N LYS A 329 -17.76 17.69 -0.56
CA LYS A 329 -16.67 18.50 -1.08
C LYS A 329 -16.31 19.57 -0.05
N ARG A 330 -15.04 19.94 -0.02
CA ARG A 330 -14.52 20.90 0.93
C ARG A 330 -13.98 22.13 0.21
N ASP A 331 -14.22 23.30 0.79
CA ASP A 331 -13.74 24.55 0.24
C ASP A 331 -12.22 24.60 0.27
N VAL A 332 -11.64 25.25 -0.74
CA VAL A 332 -10.19 25.37 -0.89
C VAL A 332 -9.85 26.85 -0.99
N GLU A 333 -8.82 27.27 -0.25
CA GLU A 333 -8.39 28.66 -0.23
C GLU A 333 -7.38 28.91 -1.35
N GLY A 334 -7.90 28.94 -2.56
CA GLY A 334 -7.07 29.18 -3.73
C GLY A 334 -7.86 28.97 -5.00
N MET A 335 -7.15 29.07 -6.12
CA MET A 335 -7.79 28.91 -7.41
C MET A 335 -8.36 27.50 -7.59
N GLY A 336 -7.76 26.51 -6.96
CA GLY A 336 -8.27 25.17 -6.97
C GLY A 336 -7.94 24.43 -8.25
N PRO A 337 -8.41 23.18 -8.35
CA PRO A 337 -8.12 22.38 -9.55
C PRO A 337 -8.98 22.81 -10.72
N PRO A 338 -8.39 22.98 -11.91
CA PRO A 338 -9.22 23.27 -13.09
C PRO A 338 -10.00 22.03 -13.52
N GLU A 339 -11.32 22.16 -13.56
CA GLU A 339 -12.17 21.00 -13.86
C GLU A 339 -13.02 21.21 -15.10
N ILE A 340 -13.70 22.34 -15.20
CA ILE A 340 -14.67 22.58 -16.28
C ILE A 340 -14.04 23.50 -17.31
N LYS A 341 -14.21 23.15 -18.59
CA LYS A 341 -13.59 23.87 -19.70
C LYS A 341 -14.65 24.54 -20.56
N TYR A 342 -14.32 25.72 -21.08
CA TYR A 342 -15.21 26.40 -22.00
C TYR A 342 -15.33 25.63 -23.30
N GLY A 343 -16.55 25.43 -23.77
CA GLY A 343 -16.77 24.79 -25.05
C GLY A 343 -16.74 23.28 -24.99
N GLU A 344 -15.68 22.71 -24.43
CA GLU A 344 -15.50 21.27 -24.45
C GLU A 344 -16.39 20.56 -23.43
N SER A 345 -16.28 20.95 -22.16
CA SER A 345 -16.99 20.24 -21.11
C SER A 345 -18.50 20.31 -21.32
N LEU A 346 -19.15 19.17 -21.18
CA LEU A 346 -20.60 19.07 -21.22
C LEU A 346 -21.10 18.86 -19.80
N CYS A 347 -21.95 19.77 -19.33
CA CYS A 347 -22.36 19.81 -17.93
C CYS A 347 -23.87 19.71 -17.82
N PHE A 348 -24.34 18.93 -16.85
CA PHE A 348 -25.75 18.87 -16.50
C PHE A 348 -26.00 19.81 -15.33
N VAL A 349 -27.00 20.65 -15.44
CA VAL A 349 -27.34 21.59 -14.38
C VAL A 349 -28.36 20.92 -13.46
N GLN A 350 -28.03 20.85 -12.17
CA GLN A 350 -28.88 20.20 -11.19
C GLN A 350 -29.21 21.19 -10.09
N HIS A 351 -30.49 21.29 -9.74
CA HIS A 351 -30.91 22.05 -8.58
C HIS A 351 -30.50 21.30 -7.32
N VAL A 352 -29.68 21.94 -6.48
CA VAL A 352 -29.06 21.24 -5.37
C VAL A 352 -30.11 20.77 -4.37
N ALA A 353 -31.02 21.65 -3.98
CA ALA A 353 -31.96 21.31 -2.91
C ALA A 353 -32.86 20.16 -3.30
N SER A 354 -33.38 20.17 -4.53
CA SER A 354 -34.34 19.15 -4.95
C SER A 354 -33.71 18.02 -5.74
N GLY A 355 -32.56 18.26 -6.39
CA GLY A 355 -31.95 17.28 -7.24
C GLY A 355 -32.52 17.22 -8.64
N LEU A 356 -33.51 18.06 -8.95
CA LEU A 356 -34.10 18.07 -10.28
C LEU A 356 -33.07 18.52 -11.31
N TRP A 357 -33.22 18.03 -12.53
CA TRP A 357 -32.30 18.32 -13.62
C TRP A 357 -32.91 19.38 -14.54
N LEU A 358 -32.08 20.32 -14.96
CA LEU A 358 -32.52 21.34 -15.91
C LEU A 358 -32.72 20.69 -17.28
N THR A 359 -33.90 20.86 -17.84
CA THR A 359 -34.24 20.25 -19.12
C THR A 359 -35.29 21.11 -19.81
N TYR A 360 -35.64 20.71 -21.03
CA TYR A 360 -36.63 21.42 -21.82
C TYR A 360 -38.00 20.78 -21.62
N ALA A 361 -39.02 21.64 -21.54
CA ALA A 361 -40.38 21.14 -21.38
C ALA A 361 -40.81 20.39 -22.64
N ALA A 362 -41.74 19.45 -22.45
CA ALA A 362 -42.24 18.67 -23.56
C ALA A 362 -42.84 19.60 -24.61
N PRO A 363 -42.42 19.49 -25.89
CA PRO A 363 -42.94 20.42 -26.91
C PRO A 363 -44.46 20.52 -26.89
N ASP A 364 -44.97 21.69 -26.51
CA ASP A 364 -46.41 21.87 -26.45
C ASP A 364 -47.00 21.85 -27.86
N PRO A 365 -48.22 21.36 -28.02
CA PRO A 365 -48.82 21.34 -29.37
C PRO A 365 -49.08 22.75 -29.87
N LYS A 366 -49.12 22.87 -31.20
CA LYS A 366 -49.38 24.08 -31.97
C LYS A 366 -48.29 25.13 -31.81
N ALA A 367 -47.24 24.87 -31.02
CA ALA A 367 -46.12 25.81 -30.95
C ALA A 367 -45.42 25.89 -32.30
N LEU A 368 -45.21 24.75 -32.95
CA LEU A 368 -44.62 24.75 -34.28
C LEU A 368 -45.45 25.58 -35.25
N ARG A 369 -46.78 25.44 -35.18
CA ARG A 369 -47.63 26.23 -36.06
C ARG A 369 -47.52 27.72 -35.74
N LEU A 370 -47.52 28.07 -34.46
CA LEU A 370 -47.35 29.46 -34.06
C LEU A 370 -45.98 30.00 -34.44
N GLY A 371 -45.03 29.12 -34.76
CA GLY A 371 -43.69 29.56 -35.09
C GLY A 371 -42.78 29.68 -33.89
N VAL A 372 -43.14 29.06 -32.77
CA VAL A 372 -42.38 29.17 -31.53
C VAL A 372 -41.17 28.26 -31.65
N LEU A 373 -40.02 28.83 -32.00
CA LEU A 373 -38.76 28.08 -32.04
C LEU A 373 -38.11 27.96 -30.68
N LYS A 374 -38.70 28.57 -29.64
CA LYS A 374 -38.15 28.53 -28.31
C LYS A 374 -38.89 27.50 -27.46
N LYS A 375 -38.13 26.72 -26.69
CA LYS A 375 -38.67 25.66 -25.85
C LYS A 375 -38.54 26.05 -24.39
N LYS A 376 -39.66 26.08 -23.68
CA LYS A 376 -39.61 26.44 -22.26
C LYS A 376 -38.72 25.45 -21.50
N ALA A 377 -37.92 25.98 -20.58
CA ALA A 377 -37.04 25.17 -19.77
C ALA A 377 -37.70 24.88 -18.43
N MET A 378 -37.48 23.67 -17.92
CA MET A 378 -38.10 23.23 -16.68
C MET A 378 -37.11 22.38 -15.90
N LEU A 379 -37.45 22.11 -14.64
CA LEU A 379 -36.70 21.22 -13.79
C LEU A 379 -37.49 19.93 -13.64
N HIS A 380 -36.89 18.82 -14.05
CA HIS A 380 -37.56 17.53 -14.09
C HIS A 380 -36.71 16.50 -13.35
N GLN A 381 -37.39 15.50 -12.80
CA GLN A 381 -36.70 14.49 -12.00
C GLN A 381 -35.72 13.68 -12.85
N GLU A 382 -36.11 13.31 -14.07
CA GLU A 382 -35.29 12.50 -14.95
C GLU A 382 -34.61 13.29 -16.05
N GLY A 383 -35.33 14.22 -16.68
CA GLY A 383 -34.75 14.95 -17.79
C GLY A 383 -34.63 14.10 -19.03
N HIS A 384 -33.72 14.51 -19.92
CA HIS A 384 -33.45 13.81 -21.16
C HIS A 384 -31.95 13.58 -21.28
N MET A 385 -31.56 12.80 -22.29
CA MET A 385 -30.16 12.48 -22.49
C MET A 385 -29.36 13.64 -23.06
N ASP A 386 -30.02 14.56 -23.78
CA ASP A 386 -29.36 15.72 -24.37
C ASP A 386 -29.48 16.96 -23.49
N ASP A 387 -29.57 16.78 -22.18
CA ASP A 387 -29.70 17.90 -21.25
C ASP A 387 -28.39 18.62 -21.01
N ALA A 388 -27.25 18.03 -21.36
CA ALA A 388 -25.97 18.63 -21.05
C ALA A 388 -25.82 19.98 -21.73
N LEU A 389 -25.19 20.92 -21.04
CA LEU A 389 -24.99 22.27 -21.53
C LEU A 389 -23.51 22.55 -21.71
N SER A 390 -23.21 23.39 -22.70
CA SER A 390 -21.85 23.84 -22.97
C SER A 390 -21.73 25.30 -22.57
N LEU A 391 -20.68 25.63 -21.82
CA LEU A 391 -20.46 26.99 -21.36
C LEU A 391 -19.58 27.71 -22.36
N THR A 392 -20.07 28.82 -22.91
CA THR A 392 -19.37 29.58 -23.94
C THR A 392 -19.00 30.94 -23.38
N ARG A 393 -17.73 31.29 -23.52
CA ARG A 393 -17.24 32.57 -23.03
C ARG A 393 -17.81 33.71 -23.86
N CYS A 394 -18.09 34.83 -23.19
CA CYS A 394 -18.55 36.04 -23.84
C CYS A 394 -17.46 37.10 -23.78
N GLN A 395 -17.51 38.03 -24.72
CA GLN A 395 -16.50 39.08 -24.78
C GLN A 395 -16.68 40.08 -23.64
N GLN A 396 -15.57 40.67 -23.22
CA GLN A 396 -15.61 41.69 -22.18
C GLN A 396 -16.54 42.83 -22.59
N GLU A 397 -16.56 43.16 -23.89
CA GLU A 397 -17.46 44.20 -24.37
C GLU A 397 -18.92 43.84 -24.11
N GLU A 398 -19.31 42.61 -24.44
CA GLU A 398 -20.68 42.19 -24.21
C GLU A 398 -21.01 42.17 -22.72
N SER A 399 -20.10 41.67 -21.88
CA SER A 399 -20.37 41.61 -20.45
C SER A 399 -20.55 43.01 -19.87
N GLN A 400 -19.66 43.93 -20.21
CA GLN A 400 -19.76 45.30 -19.73
C GLN A 400 -21.04 45.96 -20.24
N ALA A 401 -21.39 45.73 -21.51
CA ALA A 401 -22.62 46.29 -22.05
C ALA A 401 -23.84 45.76 -21.31
N ALA A 402 -23.85 44.47 -20.99
CA ALA A 402 -24.98 43.90 -20.26
C ALA A 402 -25.12 44.52 -18.88
N ARG A 403 -24.01 44.66 -18.16
CA ARG A 403 -24.09 45.29 -16.84
C ARG A 403 -24.54 46.74 -16.95
N MET A 404 -24.02 47.46 -17.95
CA MET A 404 -24.43 48.84 -18.15
C MET A 404 -25.91 48.93 -18.47
N ILE A 405 -26.42 47.99 -19.27
CA ILE A 405 -27.85 47.97 -19.59
C ILE A 405 -28.66 47.78 -18.32
N TYR A 406 -28.25 46.83 -17.46
CA TYR A 406 -28.97 46.61 -16.21
C TYR A 406 -29.04 47.90 -15.39
N SER A 407 -27.87 48.52 -15.15
CA SER A 407 -27.84 49.70 -14.29
C SER A 407 -28.62 50.87 -14.92
N THR A 408 -28.43 51.09 -16.22
CA THR A 408 -29.09 52.20 -16.89
C THR A 408 -30.60 52.00 -16.92
N ALA A 409 -31.05 50.77 -17.18
CA ALA A 409 -32.48 50.50 -17.16
C ALA A 409 -33.06 50.80 -15.79
N GLY A 410 -32.38 50.36 -14.73
CA GLY A 410 -32.85 50.69 -13.39
C GLY A 410 -32.96 52.19 -13.18
N LEU A 411 -31.90 52.93 -13.54
CA LEU A 411 -31.90 54.36 -13.30
C LEU A 411 -32.99 55.07 -14.08
N TYR A 412 -33.15 54.74 -15.36
CA TYR A 412 -34.12 55.45 -16.18
C TYR A 412 -35.54 55.06 -15.82
N ASN A 413 -35.77 53.81 -15.41
CA ASN A 413 -37.09 53.46 -14.91
C ASN A 413 -37.42 54.22 -13.63
N GLN A 414 -36.43 54.39 -12.76
CA GLN A 414 -36.66 55.21 -11.57
C GLN A 414 -36.98 56.65 -11.95
N PHE A 415 -36.28 57.19 -12.95
CA PHE A 415 -36.56 58.55 -13.41
C PHE A 415 -37.97 58.67 -13.95
N ILE A 416 -38.40 57.70 -14.76
CA ILE A 416 -39.74 57.73 -15.32
C ILE A 416 -40.79 57.63 -14.22
N LYS A 417 -40.56 56.77 -13.23
CA LYS A 417 -41.47 56.68 -12.11
C LYS A 417 -41.55 58.00 -11.36
N GLY A 418 -40.41 58.66 -11.15
CA GLY A 418 -40.42 59.95 -10.49
C GLY A 418 -41.24 60.98 -11.25
N LEU A 419 -41.07 61.03 -12.57
CA LEU A 419 -41.87 61.97 -13.38
C LEU A 419 -43.36 61.64 -13.29
N ASP A 420 -43.70 60.36 -13.41
CA ASP A 420 -45.10 59.96 -13.33
C ASP A 420 -45.69 60.25 -11.95
N SER A 421 -44.85 60.35 -10.92
CA SER A 421 -45.36 60.63 -9.58
C SER A 421 -46.09 61.96 -9.53
N PHE A 422 -45.55 62.99 -10.18
CA PHE A 422 -46.18 64.31 -10.20
C PHE A 422 -46.68 64.71 -11.59
N SER A 423 -46.82 63.74 -12.50
CA SER A 423 -47.28 64.01 -13.85
C SER A 423 -48.37 65.07 -13.91
N GLY A 424 -49.45 64.88 -13.15
CA GLY A 424 -50.58 65.80 -13.21
C GLY A 424 -50.98 66.40 -11.88
N LYS A 425 -50.00 66.73 -11.04
CA LYS A 425 -50.23 67.27 -9.70
C LYS A 425 -49.51 68.60 -9.55
N PRO A 426 -50.16 69.71 -9.88
CA PRO A 426 -49.50 71.01 -9.70
C PRO A 426 -49.11 71.24 -8.25
N ARG A 427 -47.94 71.85 -8.05
CA ARG A 427 -47.43 72.10 -6.71
C ARG A 427 -47.89 73.43 -6.14
N GLY A 428 -48.55 74.26 -6.93
CA GLY A 428 -48.92 75.59 -6.45
C GLY A 428 -47.69 76.34 -6.01
N SER A 429 -47.59 76.61 -4.71
CA SER A 429 -46.41 77.21 -4.12
C SER A 429 -45.76 76.32 -3.06
N GLY A 430 -46.19 75.06 -2.97
CA GLY A 430 -45.68 74.15 -1.98
C GLY A 430 -44.59 73.24 -2.54
N PRO A 431 -44.34 72.12 -1.87
CA PRO A 431 -43.31 71.20 -2.34
C PRO A 431 -43.71 70.52 -3.63
N PRO A 432 -42.73 69.96 -4.37
CA PRO A 432 -43.05 69.34 -5.67
C PRO A 432 -44.17 68.30 -5.60
N ALA A 433 -44.46 67.77 -4.41
CA ALA A 433 -45.52 66.79 -4.26
C ALA A 433 -45.26 65.55 -5.10
N GLY A 434 -44.18 64.84 -4.80
CA GLY A 434 -43.84 63.61 -5.49
C GLY A 434 -42.56 63.04 -4.93
N SER A 435 -42.01 62.07 -5.65
CA SER A 435 -40.73 61.47 -5.28
C SER A 435 -39.58 62.26 -5.90
N ALA A 436 -38.47 62.33 -5.17
CA ALA A 436 -37.33 63.08 -5.65
C ALA A 436 -36.79 62.47 -6.93
N LEU A 437 -36.32 63.33 -7.82
CA LEU A 437 -35.82 62.87 -9.12
C LEU A 437 -34.31 62.65 -9.07
N PRO A 438 -33.80 61.55 -9.62
CA PRO A 438 -32.34 61.35 -9.67
C PRO A 438 -31.69 62.17 -10.78
N ILE A 439 -31.73 63.50 -10.62
CA ILE A 439 -31.29 64.39 -11.69
C ILE A 439 -29.80 64.23 -11.94
N GLU A 440 -29.00 64.25 -10.88
CA GLU A 440 -27.55 64.16 -11.04
C GLU A 440 -27.16 62.82 -11.67
N GLY A 441 -27.75 61.73 -11.17
CA GLY A 441 -27.44 60.43 -11.73
C GLY A 441 -27.85 60.32 -13.19
N VAL A 442 -29.02 60.85 -13.53
CA VAL A 442 -29.49 60.80 -14.91
C VAL A 442 -28.54 61.57 -15.83
N ILE A 443 -28.14 62.77 -15.40
CA ILE A 443 -27.25 63.58 -16.23
C ILE A 443 -25.92 62.88 -16.43
N LEU A 444 -25.34 62.35 -15.35
CA LEU A 444 -24.05 61.69 -15.47
C LEU A 444 -24.16 60.44 -16.33
N SER A 445 -25.24 59.67 -16.18
CA SER A 445 -25.42 58.48 -16.99
C SER A 445 -25.56 58.83 -18.46
N LEU A 446 -26.31 59.88 -18.76
CA LEU A 446 -26.49 60.28 -20.15
C LEU A 446 -25.17 60.71 -20.77
N GLN A 447 -24.38 61.50 -20.04
CA GLN A 447 -23.08 61.92 -20.55
C GLN A 447 -22.16 60.72 -20.76
N ASP A 448 -22.14 59.80 -19.80
CA ASP A 448 -21.29 58.61 -19.93
C ASP A 448 -21.70 57.78 -21.12
N LEU A 449 -23.00 57.62 -21.35
CA LEU A 449 -23.45 56.81 -22.48
C LEU A 449 -23.17 57.51 -23.81
N ILE A 450 -23.27 58.84 -23.85
CA ILE A 450 -22.91 59.56 -25.07
C ILE A 450 -21.44 59.33 -25.39
N GLY A 451 -20.58 59.46 -24.39
CA GLY A 451 -19.17 59.15 -24.60
C GLY A 451 -18.94 57.71 -24.99
N TYR A 452 -19.74 56.79 -24.42
CA TYR A 452 -19.64 55.37 -24.73
C TYR A 452 -19.97 55.11 -26.20
N PHE A 453 -20.98 55.79 -26.73
CA PHE A 453 -21.44 55.59 -28.10
C PHE A 453 -20.81 56.58 -29.08
N GLU A 454 -19.84 57.36 -28.62
CA GLU A 454 -19.16 58.31 -29.51
C GLU A 454 -18.56 57.57 -30.71
N PRO A 455 -18.79 58.05 -31.93
CA PRO A 455 -18.24 57.36 -33.09
C PRO A 455 -16.73 57.51 -33.15
N PRO A 456 -16.03 56.60 -33.83
CA PRO A 456 -14.56 56.69 -33.88
C PRO A 456 -14.10 57.92 -34.64
N SER A 457 -12.93 58.43 -34.24
CA SER A 457 -12.38 59.61 -34.87
C SER A 457 -11.97 59.32 -36.31
N GLU A 458 -12.25 60.26 -37.20
CA GLU A 458 -11.91 60.07 -38.62
C GLU A 458 -10.40 60.05 -38.84
N GLU A 459 -9.62 60.59 -37.90
CA GLU A 459 -8.16 60.57 -38.00
C GLU A 459 -7.61 59.27 -37.41
N LEU A 460 -8.00 58.16 -38.02
CA LEU A 460 -7.58 56.83 -37.60
C LEU A 460 -7.24 56.00 -38.82
N GLN A 461 -6.40 54.99 -38.59
CA GLN A 461 -6.10 54.03 -39.64
C GLN A 461 -7.36 53.27 -40.02
N HIS A 462 -7.42 52.78 -41.26
CA HIS A 462 -8.62 52.13 -41.75
C HIS A 462 -8.97 50.91 -40.91
N GLU A 463 -7.97 50.09 -40.59
CA GLU A 463 -8.23 48.86 -39.84
C GLU A 463 -8.80 49.17 -38.46
N GLU A 464 -8.16 50.09 -37.74
CA GLU A 464 -8.63 50.44 -36.40
C GLU A 464 -10.03 51.05 -36.47
N LYS A 465 -10.26 51.91 -37.47
CA LYS A 465 -11.58 52.52 -37.61
C LYS A 465 -12.65 51.47 -37.89
N GLN A 466 -12.33 50.48 -38.72
CA GLN A 466 -13.30 49.42 -39.00
C GLN A 466 -13.59 48.61 -37.75
N THR A 467 -12.57 48.28 -36.96
CA THR A 467 -12.81 47.54 -35.73
C THR A 467 -13.68 48.34 -34.77
N LYS A 468 -13.39 49.64 -34.63
CA LYS A 468 -14.19 50.47 -33.74
C LYS A 468 -15.63 50.60 -34.23
N LEU A 469 -15.82 50.72 -35.55
CA LEU A 469 -17.17 50.79 -36.08
C LEU A 469 -17.93 49.48 -35.81
N ARG A 470 -17.25 48.34 -35.98
CA ARG A 470 -17.90 47.07 -35.68
C ARG A 470 -18.32 47.00 -34.22
N SER A 471 -17.43 47.40 -33.32
CA SER A 471 -17.77 47.40 -31.90
C SER A 471 -18.94 48.33 -31.60
N LEU A 472 -18.93 49.52 -32.20
CA LEU A 472 -19.99 50.49 -31.96
C LEU A 472 -21.33 49.95 -32.45
N ARG A 473 -21.36 49.35 -33.64
CA ARG A 473 -22.60 48.77 -34.15
C ARG A 473 -23.09 47.66 -33.24
N ASN A 474 -22.18 46.80 -32.78
CA ASN A 474 -22.59 45.72 -31.90
C ASN A 474 -23.18 46.26 -30.61
N ARG A 475 -22.56 47.28 -30.03
CA ARG A 475 -23.07 47.82 -28.76
C ARG A 475 -24.40 48.53 -28.95
N GLN A 476 -24.56 49.26 -30.06
CA GLN A 476 -25.84 49.87 -30.38
C GLN A 476 -26.93 48.81 -30.50
N SER A 477 -26.63 47.71 -31.20
CA SER A 477 -27.59 46.64 -31.35
C SER A 477 -27.93 46.01 -30.02
N LEU A 478 -26.93 45.81 -29.15
CA LEU A 478 -27.20 45.24 -27.83
C LEU A 478 -28.16 46.13 -27.05
N PHE A 479 -27.89 47.43 -27.00
CA PHE A 479 -28.76 48.33 -26.24
C PHE A 479 -30.17 48.35 -26.84
N GLN A 480 -30.27 48.43 -28.17
CA GLN A 480 -31.59 48.46 -28.79
C GLN A 480 -32.36 47.18 -28.51
N GLU A 481 -31.70 46.03 -28.63
CA GLU A 481 -32.37 44.75 -28.39
C GLU A 481 -32.80 44.61 -26.93
N GLU A 482 -32.05 45.17 -25.99
CA GLU A 482 -32.47 45.17 -24.60
C GLU A 482 -33.47 46.27 -24.30
N GLY A 483 -33.74 47.15 -25.25
CA GLY A 483 -34.83 48.09 -25.13
C GLY A 483 -34.47 49.43 -24.53
N MET A 484 -33.20 49.83 -24.59
CA MET A 484 -32.81 51.14 -24.06
C MET A 484 -33.33 52.26 -24.94
N LEU A 485 -33.48 52.01 -26.25
CA LEU A 485 -34.04 53.03 -27.13
C LEU A 485 -35.47 53.37 -26.73
N SER A 486 -36.28 52.36 -26.42
CA SER A 486 -37.64 52.62 -25.98
C SER A 486 -37.65 53.38 -24.67
N LEU A 487 -36.74 53.05 -23.76
CA LEU A 487 -36.66 53.76 -22.49
C LEU A 487 -36.31 55.22 -22.70
N VAL A 488 -35.36 55.50 -23.59
CA VAL A 488 -34.99 56.88 -23.89
C VAL A 488 -36.18 57.61 -24.49
N LEU A 489 -36.91 56.96 -25.39
CA LEU A 489 -38.09 57.58 -25.97
C LEU A 489 -39.14 57.88 -24.92
N ASN A 490 -39.34 56.97 -23.97
CA ASN A 490 -40.30 57.21 -22.90
C ASN A 490 -39.89 58.39 -22.04
N CYS A 491 -38.61 58.47 -21.67
CA CYS A 491 -38.14 59.62 -20.91
C CYS A 491 -38.37 60.92 -21.69
N ILE A 492 -38.08 60.89 -22.99
CA ILE A 492 -38.28 62.07 -23.81
C ILE A 492 -39.75 62.46 -23.82
N ASP A 493 -40.66 61.48 -23.90
CA ASP A 493 -42.09 61.78 -23.88
C ASP A 493 -42.50 62.43 -22.57
N ARG A 494 -42.06 61.85 -21.45
CA ARG A 494 -42.43 62.41 -20.15
C ARG A 494 -41.95 63.84 -20.02
N LEU A 495 -40.72 64.12 -20.46
CA LEU A 495 -40.20 65.48 -20.36
C LEU A 495 -40.81 66.42 -21.41
N ASN A 496 -41.23 65.90 -22.56
CA ASN A 496 -41.85 66.71 -23.59
C ASN A 496 -43.27 67.12 -23.24
N VAL A 497 -43.92 66.37 -22.36
CA VAL A 497 -45.24 66.80 -21.87
C VAL A 497 -45.19 68.26 -21.43
N TYR A 498 -44.02 68.75 -21.00
CA TYR A 498 -43.86 70.13 -20.57
C TYR A 498 -43.21 70.95 -21.66
N THR A 499 -43.69 72.18 -21.83
CA THR A 499 -43.24 73.03 -22.93
C THR A 499 -42.01 73.85 -22.61
N THR A 500 -41.73 74.12 -21.33
CA THR A 500 -40.58 74.94 -20.96
C THR A 500 -40.14 74.61 -19.55
N ALA A 501 -39.00 75.18 -19.16
CA ALA A 501 -38.47 74.92 -17.83
C ALA A 501 -39.40 75.43 -16.74
N ALA A 502 -40.01 76.60 -16.94
CA ALA A 502 -40.95 77.12 -15.95
C ALA A 502 -42.18 76.21 -15.84
N HIS A 503 -42.69 75.74 -16.97
CA HIS A 503 -43.81 74.81 -16.93
C HIS A 503 -43.45 73.54 -16.17
N PHE A 504 -42.24 73.03 -16.40
CA PHE A 504 -41.77 71.88 -15.65
C PHE A 504 -41.68 72.20 -14.16
N ALA A 505 -41.15 73.38 -13.82
CA ALA A 505 -41.02 73.77 -12.43
C ALA A 505 -42.37 73.83 -11.74
N GLU A 506 -43.43 74.16 -12.49
CA GLU A 506 -44.76 74.20 -11.88
C GLU A 506 -45.19 72.86 -11.33
N PHE A 507 -44.55 71.76 -11.73
CA PHE A 507 -44.87 70.43 -11.22
C PHE A 507 -43.73 69.75 -10.49
N ALA A 508 -42.47 70.07 -10.79
CA ALA A 508 -41.33 69.37 -10.23
C ALA A 508 -40.50 70.22 -9.27
N GLY A 509 -40.68 71.53 -9.28
CA GLY A 509 -39.89 72.42 -8.44
C GLY A 509 -38.78 73.10 -9.22
N GLU A 510 -38.36 74.26 -8.69
CA GLU A 510 -37.36 75.06 -9.39
C GLU A 510 -36.03 74.34 -9.47
N GLU A 511 -35.62 73.66 -8.40
CA GLU A 511 -34.34 72.96 -8.40
C GLU A 511 -34.30 71.90 -9.49
N ALA A 512 -35.37 71.10 -9.59
CA ALA A 512 -35.43 70.09 -10.64
C ALA A 512 -35.49 70.73 -12.01
N ALA A 513 -36.27 71.81 -12.16
CA ALA A 513 -36.41 72.47 -13.45
C ALA A 513 -35.12 73.12 -13.91
N GLU A 514 -34.18 73.38 -13.00
CA GLU A 514 -32.90 73.92 -13.41
C GLU A 514 -32.14 73.00 -14.36
N SER A 515 -32.49 71.72 -14.41
CA SER A 515 -31.81 70.75 -15.26
C SER A 515 -32.69 70.22 -16.40
N TRP A 516 -33.88 70.78 -16.59
CA TRP A 516 -34.82 70.25 -17.57
C TRP A 516 -34.23 70.33 -18.98
N LYS A 517 -33.75 71.51 -19.36
CA LYS A 517 -33.21 71.68 -20.71
C LYS A 517 -31.99 70.80 -20.93
N GLU A 518 -31.10 70.73 -19.93
CA GLU A 518 -29.90 69.91 -20.05
C GLU A 518 -30.27 68.45 -20.25
N ILE A 519 -31.22 67.95 -19.47
CA ILE A 519 -31.60 66.55 -19.58
C ILE A 519 -32.26 66.27 -20.92
N VAL A 520 -33.11 67.18 -21.40
CA VAL A 520 -33.78 66.97 -22.69
C VAL A 520 -32.74 66.92 -23.81
N ASN A 521 -31.80 67.88 -23.80
CA ASN A 521 -30.77 67.90 -24.83
C ASN A 521 -29.91 66.66 -24.77
N LEU A 522 -29.55 66.22 -23.56
CA LEU A 522 -28.72 65.03 -23.42
C LEU A 522 -29.47 63.79 -23.92
N LEU A 523 -30.78 63.72 -23.66
CA LEU A 523 -31.57 62.58 -24.13
C LEU A 523 -31.60 62.55 -25.65
N TYR A 524 -31.80 63.70 -26.30
CA TYR A 524 -31.78 63.72 -27.75
C TYR A 524 -30.41 63.36 -28.29
N GLU A 525 -29.35 63.84 -27.65
CA GLU A 525 -28.00 63.50 -28.07
C GLU A 525 -27.76 62.00 -27.95
N LEU A 526 -28.22 61.38 -26.86
CA LEU A 526 -28.05 59.95 -26.68
C LEU A 526 -28.84 59.17 -27.73
N LEU A 527 -30.06 59.63 -28.05
CA LEU A 527 -30.83 58.97 -29.10
C LEU A 527 -30.09 59.03 -30.43
N ALA A 528 -29.55 60.19 -30.77
CA ALA A 528 -28.80 60.33 -32.00
C ALA A 528 -27.58 59.41 -32.00
N SER A 529 -26.87 59.33 -30.88
CA SER A 529 -25.71 58.44 -30.81
C SER A 529 -26.12 56.98 -30.94
N LEU A 530 -27.27 56.61 -30.36
CA LEU A 530 -27.74 55.23 -30.38
C LEU A 530 -28.16 54.80 -31.78
N ILE A 531 -28.71 55.70 -32.59
CA ILE A 531 -29.16 55.32 -33.93
C ILE A 531 -28.16 55.69 -35.01
N ARG A 532 -27.14 56.49 -34.74
CA ARG A 532 -26.27 56.98 -35.81
C ARG A 532 -25.57 55.82 -36.51
N GLY A 533 -25.73 55.75 -37.83
CA GLY A 533 -25.06 54.77 -38.64
C GLY A 533 -25.61 53.37 -38.53
N ASN A 534 -26.73 53.18 -37.86
CA ASN A 534 -27.31 51.86 -37.61
C ASN A 534 -28.63 51.77 -38.36
N ARG A 535 -28.64 51.01 -39.44
CA ARG A 535 -29.85 50.89 -40.26
C ARG A 535 -30.98 50.27 -39.46
N THR A 536 -30.68 49.23 -38.67
CA THR A 536 -31.73 48.56 -37.90
C THR A 536 -32.38 49.52 -36.91
N ASN A 537 -31.56 50.29 -36.18
CA ASN A 537 -32.11 51.22 -35.21
C ASN A 537 -32.86 52.35 -35.89
N CYS A 538 -32.35 52.83 -37.02
CA CYS A 538 -33.01 53.94 -37.72
C CYS A 538 -34.34 53.50 -38.31
N ALA A 539 -34.45 52.25 -38.76
CA ALA A 539 -35.69 51.79 -39.36
C ALA A 539 -36.84 51.73 -38.37
N LEU A 540 -36.55 51.75 -37.07
CA LEU A 540 -37.61 51.71 -36.07
C LEU A 540 -38.52 52.93 -36.19
N PHE A 541 -38.00 54.05 -36.68
CA PHE A 541 -38.77 55.28 -36.78
C PHE A 541 -39.72 55.28 -37.96
N SER A 542 -39.66 54.28 -38.83
CA SER A 542 -40.60 54.21 -39.94
C SER A 542 -42.04 54.08 -39.45
N THR A 543 -42.22 53.62 -38.21
CA THR A 543 -43.55 53.43 -37.65
C THR A 543 -44.03 54.65 -36.85
N ASN A 544 -43.11 55.40 -36.26
CA ASN A 544 -43.46 56.56 -35.44
C ASN A 544 -42.65 57.78 -35.89
N LEU A 545 -42.64 58.00 -37.20
CA LEU A 545 -41.97 59.18 -37.74
C LEU A 545 -42.63 60.46 -37.25
N ASP A 546 -43.96 60.49 -37.17
CA ASP A 546 -44.65 61.68 -36.68
C ASP A 546 -44.17 62.06 -35.29
N TRP A 547 -43.86 61.07 -34.45
CA TRP A 547 -43.32 61.35 -33.13
C TRP A 547 -42.10 62.25 -33.22
N LEU A 548 -41.24 62.01 -34.21
CA LEU A 548 -40.02 62.79 -34.35
C LEU A 548 -40.28 64.12 -35.07
N VAL A 549 -41.08 64.09 -36.13
CA VAL A 549 -41.28 65.29 -36.94
C VAL A 549 -42.05 66.34 -36.15
N SER A 550 -43.03 65.92 -35.35
CA SER A 550 -43.84 66.88 -34.59
C SER A 550 -43.02 67.68 -33.60
N LYS A 551 -41.82 67.19 -33.23
CA LYS A 551 -40.98 67.87 -32.26
C LYS A 551 -39.94 68.79 -32.88
N LEU A 552 -39.94 68.92 -34.21
CA LEU A 552 -38.91 69.73 -34.86
C LEU A 552 -38.98 71.19 -34.44
N ASP A 553 -40.16 71.68 -34.10
CA ASP A 553 -40.33 73.09 -33.75
C ASP A 553 -40.08 73.38 -32.28
N ARG A 554 -39.86 72.37 -31.46
CA ARG A 554 -39.51 72.61 -30.06
C ARG A 554 -38.22 73.41 -29.98
N LEU A 555 -38.22 74.45 -29.16
CA LEU A 555 -37.12 75.40 -29.12
C LEU A 555 -36.04 75.02 -28.11
N GLU A 556 -36.27 74.03 -27.26
CA GLU A 556 -35.27 73.69 -26.24
C GLU A 556 -34.15 72.83 -26.81
N ALA A 557 -34.47 71.96 -27.77
CA ALA A 557 -33.50 71.01 -28.32
C ALA A 557 -33.66 70.93 -29.84
N SER A 558 -33.78 72.09 -30.48
CA SER A 558 -34.01 72.11 -31.92
C SER A 558 -32.89 71.41 -32.68
N SER A 559 -31.64 71.75 -32.37
CA SER A 559 -30.52 71.17 -33.11
C SER A 559 -30.41 69.68 -32.87
N GLY A 560 -30.63 69.24 -31.62
CA GLY A 560 -30.57 67.82 -31.33
C GLY A 560 -31.64 67.02 -32.05
N ILE A 561 -32.87 67.55 -32.06
CA ILE A 561 -33.96 66.86 -32.76
C ILE A 561 -33.67 66.81 -34.25
N LEU A 562 -33.16 67.91 -34.81
CA LEU A 562 -32.80 67.92 -36.23
C LEU A 562 -31.71 66.91 -36.52
N GLU A 563 -30.74 66.77 -35.62
CA GLU A 563 -29.67 65.78 -35.81
C GLU A 563 -30.23 64.37 -35.79
N VAL A 564 -31.16 64.08 -34.88
CA VAL A 564 -31.79 62.77 -34.84
C VAL A 564 -32.49 62.49 -36.16
N LEU A 565 -33.26 63.46 -36.65
CA LEU A 565 -33.97 63.28 -37.91
C LEU A 565 -32.98 63.07 -39.05
N TYR A 566 -31.88 63.82 -39.05
CA TYR A 566 -30.88 63.67 -40.10
C TYR A 566 -30.29 62.27 -40.11
N CYS A 567 -29.96 61.74 -38.93
CA CYS A 567 -29.43 60.38 -38.86
C CYS A 567 -30.44 59.39 -39.40
N VAL A 568 -31.70 59.51 -38.97
CA VAL A 568 -32.72 58.55 -39.40
C VAL A 568 -32.88 58.58 -40.91
N LEU A 569 -32.97 59.77 -41.49
CA LEU A 569 -33.18 59.88 -42.93
C LEU A 569 -31.96 59.43 -43.70
N ILE A 570 -30.75 59.72 -43.19
CA ILE A 570 -29.55 59.32 -43.88
C ILE A 570 -29.44 57.80 -43.93
N GLU A 571 -29.86 57.11 -42.88
CA GLU A 571 -29.65 55.67 -42.80
C GLU A 571 -30.80 54.81 -43.29
N SER A 572 -32.05 55.28 -43.20
CA SER A 572 -33.19 54.39 -43.42
C SER A 572 -33.95 54.75 -44.70
N PRO A 573 -33.88 53.94 -45.76
CA PRO A 573 -34.81 54.13 -46.88
C PRO A 573 -36.26 53.88 -46.51
N GLU A 574 -36.52 53.05 -45.50
CA GLU A 574 -37.90 52.76 -45.11
C GLU A 574 -38.62 54.03 -44.67
N VAL A 575 -37.94 54.89 -43.91
CA VAL A 575 -38.54 56.16 -43.53
C VAL A 575 -38.76 57.04 -44.75
N LEU A 576 -37.81 57.05 -45.68
CA LEU A 576 -37.98 57.79 -46.91
C LEU A 576 -39.23 57.36 -47.67
N ASN A 577 -39.57 56.08 -47.63
CA ASN A 577 -40.71 55.58 -48.37
C ASN A 577 -42.05 55.88 -47.69
N ILE A 578 -42.05 56.31 -46.43
CA ILE A 578 -43.26 56.67 -45.73
C ILE A 578 -43.33 58.16 -45.43
N ILE A 579 -42.30 58.92 -45.80
CA ILE A 579 -42.38 60.37 -45.68
C ILE A 579 -43.61 60.89 -46.43
N GLN A 580 -44.19 61.97 -45.92
CA GLN A 580 -45.43 62.52 -46.45
C GLN A 580 -45.33 64.03 -46.60
N GLU A 581 -46.36 64.59 -47.26
CA GLU A 581 -46.38 66.01 -47.56
C GLU A 581 -46.37 66.85 -46.30
N ASN A 582 -47.10 66.42 -45.27
CA ASN A 582 -47.11 67.18 -44.02
C ASN A 582 -45.72 67.17 -43.37
N HIS A 583 -45.01 66.04 -43.43
CA HIS A 583 -43.66 66.00 -42.91
C HIS A 583 -42.75 66.96 -43.67
N ILE A 584 -42.85 66.96 -45.00
CA ILE A 584 -42.01 67.84 -45.80
C ILE A 584 -42.34 69.30 -45.49
N LYS A 585 -43.63 69.61 -45.33
CA LYS A 585 -44.03 70.98 -45.00
C LYS A 585 -43.50 71.38 -43.63
N SER A 586 -43.49 70.47 -42.66
CA SER A 586 -42.92 70.80 -41.35
C SER A 586 -41.42 71.07 -41.47
N ILE A 587 -40.71 70.27 -42.26
CA ILE A 587 -39.28 70.49 -42.43
C ILE A 587 -39.02 71.84 -43.10
N ILE A 588 -39.86 72.21 -44.06
CA ILE A 588 -39.70 73.52 -44.71
C ILE A 588 -40.05 74.64 -43.75
N SER A 589 -41.07 74.42 -42.91
CA SER A 589 -41.40 75.39 -41.88
C SER A 589 -40.24 75.60 -40.92
N LEU A 590 -39.40 74.57 -40.74
CA LEU A 590 -38.18 74.76 -39.96
C LEU A 590 -37.31 75.83 -40.58
N LEU A 591 -37.11 75.79 -41.90
CA LEU A 591 -36.38 76.86 -42.58
C LEU A 591 -37.08 78.19 -42.39
N ASP A 592 -38.41 78.20 -42.51
CA ASP A 592 -39.15 79.46 -42.41
C ASP A 592 -38.99 80.10 -41.04
N LYS A 593 -39.02 79.30 -39.97
CA LYS A 593 -39.13 79.83 -38.62
C LYS A 593 -37.80 79.91 -37.88
N HIS A 594 -36.78 79.14 -38.28
CA HIS A 594 -35.51 79.13 -37.57
C HIS A 594 -34.38 79.82 -38.30
N GLY A 595 -34.54 80.10 -39.58
CA GLY A 595 -33.53 80.81 -40.35
C GLY A 595 -32.94 79.93 -41.43
N ARG A 596 -31.91 80.47 -42.08
CA ARG A 596 -31.26 79.78 -43.20
C ARG A 596 -30.16 78.88 -42.65
N ASN A 597 -30.56 77.66 -42.29
CA ASN A 597 -29.65 76.66 -41.73
C ASN A 597 -29.40 75.60 -42.79
N HIS A 598 -28.13 75.40 -43.14
CA HIS A 598 -27.80 74.45 -44.20
C HIS A 598 -28.09 73.02 -43.80
N LYS A 599 -28.22 72.74 -42.49
CA LYS A 599 -28.54 71.39 -42.06
C LYS A 599 -29.95 71.00 -42.47
N VAL A 600 -30.88 71.95 -42.49
CA VAL A 600 -32.22 71.66 -42.97
C VAL A 600 -32.19 71.33 -44.46
N LEU A 601 -31.36 72.05 -45.23
CA LEU A 601 -31.19 71.72 -46.63
C LEU A 601 -30.58 70.34 -46.79
N ASP A 602 -29.66 69.96 -45.92
CA ASP A 602 -29.10 68.62 -45.96
C ASP A 602 -30.17 67.56 -45.70
N VAL A 603 -31.05 67.83 -44.73
CA VAL A 603 -32.15 66.90 -44.46
C VAL A 603 -33.04 66.77 -45.70
N LEU A 604 -33.37 67.89 -46.33
CA LEU A 604 -34.19 67.84 -47.53
C LEU A 604 -33.49 67.08 -48.64
N CYS A 605 -32.18 67.29 -48.80
CA CYS A 605 -31.42 66.53 -49.80
C CYS A 605 -31.49 65.04 -49.52
N SER A 606 -31.29 64.64 -48.27
CA SER A 606 -31.34 63.23 -47.91
C SER A 606 -32.73 62.64 -48.12
N LEU A 607 -33.77 63.47 -48.07
CA LEU A 607 -35.11 62.98 -48.37
C LEU A 607 -35.27 62.56 -49.83
N CYS A 608 -34.42 63.04 -50.73
CA CYS A 608 -34.62 62.80 -52.16
C CYS A 608 -34.03 61.48 -52.60
N VAL A 609 -32.78 61.20 -52.23
CA VAL A 609 -32.07 60.02 -52.71
C VAL A 609 -31.40 59.33 -51.53
N CYS A 610 -31.54 58.01 -51.45
CA CYS A 610 -30.88 57.21 -50.44
C CYS A 610 -30.30 55.96 -51.10
N ASN A 611 -29.00 55.76 -50.94
CA ASN A 611 -28.31 54.59 -51.48
C ASN A 611 -28.53 54.47 -52.99
N GLY A 612 -28.47 55.60 -53.69
CA GLY A 612 -28.54 55.59 -55.13
C GLY A 612 -29.91 55.37 -55.73
N VAL A 613 -30.97 55.43 -54.91
CA VAL A 613 -32.34 55.29 -55.39
C VAL A 613 -33.10 56.57 -55.02
N ALA A 614 -33.79 57.13 -55.99
CA ALA A 614 -34.51 58.39 -55.82
C ALA A 614 -35.97 58.13 -55.50
N VAL A 615 -36.53 58.99 -54.65
CA VAL A 615 -37.95 58.93 -54.30
C VAL A 615 -38.63 60.08 -55.04
N ARG A 616 -39.35 59.75 -56.10
CA ARG A 616 -39.96 60.77 -56.94
C ARG A 616 -41.00 61.57 -56.17
N SER A 617 -41.77 60.91 -55.30
CA SER A 617 -42.77 61.63 -54.53
C SER A 617 -42.13 62.68 -53.64
N ASN A 618 -41.04 62.31 -52.96
CA ASN A 618 -40.35 63.27 -52.10
C ASN A 618 -39.76 64.41 -52.93
N GLN A 619 -39.13 64.08 -54.06
CA GLN A 619 -38.57 65.12 -54.91
C GLN A 619 -39.64 66.11 -55.36
N ASP A 620 -40.77 65.59 -55.83
CA ASP A 620 -41.85 66.44 -56.31
C ASP A 620 -42.43 67.28 -55.19
N LEU A 621 -42.62 66.69 -54.01
CA LEU A 621 -43.20 67.44 -52.90
C LEU A 621 -42.28 68.57 -52.47
N ILE A 622 -40.97 68.31 -52.37
CA ILE A 622 -40.04 69.37 -52.02
C ILE A 622 -40.07 70.47 -53.08
N THR A 623 -40.04 70.07 -54.36
CA THR A 623 -40.04 71.06 -55.43
C THR A 623 -41.30 71.92 -55.39
N GLU A 624 -42.44 71.30 -55.14
CA GLU A 624 -43.71 72.02 -55.15
C GLU A 624 -43.91 72.89 -53.92
N ASN A 625 -43.35 72.52 -52.77
CA ASN A 625 -43.59 73.26 -51.55
C ASN A 625 -42.47 74.20 -51.16
N LEU A 626 -41.33 74.16 -51.84
CA LEU A 626 -40.20 75.02 -51.48
C LEU A 626 -39.82 76.03 -52.56
N LEU A 627 -39.84 75.65 -53.84
CA LEU A 627 -39.32 76.49 -54.89
C LEU A 627 -40.27 77.61 -55.32
N PRO A 628 -41.54 77.31 -55.62
CA PRO A 628 -42.39 78.34 -56.26
C PRO A 628 -42.53 79.61 -55.45
N GLY A 629 -42.50 79.53 -54.12
CA GLY A 629 -42.65 80.73 -53.31
C GLY A 629 -41.55 81.75 -53.57
N ARG A 630 -40.32 81.27 -53.76
CA ARG A 630 -39.18 82.14 -54.02
C ARG A 630 -38.98 83.15 -52.89
N GLU A 631 -39.29 82.73 -51.66
CA GLU A 631 -39.16 83.59 -50.50
C GLU A 631 -38.19 83.07 -49.45
N LEU A 632 -37.77 81.80 -49.54
CA LEU A 632 -36.88 81.20 -48.56
C LEU A 632 -35.46 81.02 -49.09
N LEU A 633 -35.31 80.40 -50.26
CA LEU A 633 -34.00 80.26 -50.86
C LEU A 633 -33.54 81.57 -51.48
N LEU A 634 -32.23 81.76 -51.52
CA LEU A 634 -31.69 82.95 -52.16
C LEU A 634 -31.87 82.86 -53.67
N GLN A 635 -32.24 83.97 -54.29
CA GLN A 635 -32.55 84.02 -55.70
C GLN A 635 -31.40 84.65 -56.47
N THR A 636 -31.15 84.13 -57.68
CA THR A 636 -30.08 84.62 -58.53
C THR A 636 -30.64 85.00 -59.89
N ASN A 637 -29.95 85.92 -60.56
CA ASN A 637 -30.34 86.39 -61.87
C ASN A 637 -29.26 87.32 -62.41
N LEU A 638 -29.19 87.41 -63.74
CA LEU A 638 -28.27 88.34 -64.38
C LEU A 638 -28.97 89.67 -64.61
N ILE A 639 -28.34 90.75 -64.18
CA ILE A 639 -28.91 92.09 -64.28
C ILE A 639 -27.89 93.02 -64.91
N ASN A 640 -28.38 94.11 -65.49
CA ASN A 640 -27.52 95.11 -66.10
C ASN A 640 -26.97 96.04 -65.04
N TYR A 641 -25.76 96.54 -65.29
CA TYR A 641 -25.24 97.65 -64.50
C TYR A 641 -25.93 98.94 -64.95
N VAL A 642 -26.25 99.78 -63.97
CA VAL A 642 -26.93 101.05 -64.22
C VAL A 642 -26.15 102.15 -63.54
N THR A 643 -25.98 103.26 -64.25
CA THR A 643 -25.23 104.41 -63.74
C THR A 643 -26.02 105.68 -63.99
N SER A 644 -25.64 106.74 -63.27
CA SER A 644 -26.33 108.02 -63.33
C SER A 644 -25.35 109.12 -63.70
N ILE A 645 -25.82 110.11 -64.43
CA ILE A 645 -25.02 111.26 -64.84
C ILE A 645 -25.85 112.51 -64.59
N ARG A 646 -25.19 113.56 -64.08
CA ARG A 646 -25.85 114.81 -63.77
C ARG A 646 -24.98 115.97 -64.23
N PRO A 647 -25.58 117.10 -64.58
CA PRO A 647 -24.81 118.35 -64.65
C PRO A 647 -24.62 118.91 -63.25
N ASN A 648 -23.54 119.68 -63.09
CA ASN A 648 -23.27 120.26 -61.78
C ASN A 648 -24.20 121.44 -61.55
N ILE A 649 -25.50 121.18 -61.51
CA ILE A 649 -26.53 122.17 -61.27
C ILE A 649 -27.30 121.76 -60.03
N PHE A 650 -27.27 122.60 -59.01
CA PHE A 650 -27.87 122.29 -57.71
C PHE A 650 -28.78 123.43 -57.30
N VAL A 651 -30.06 123.11 -57.09
CA VAL A 651 -31.07 124.09 -56.72
C VAL A 651 -31.84 123.58 -55.52
N GLY A 652 -32.31 124.51 -54.69
CA GLY A 652 -33.05 124.14 -53.50
C GLY A 652 -33.80 125.33 -52.95
N ARG A 653 -34.52 125.09 -51.86
CA ARG A 653 -35.30 126.12 -51.19
C ARG A 653 -34.94 126.17 -49.71
N ALA A 654 -34.83 127.38 -49.18
CA ALA A 654 -34.63 127.59 -47.75
C ALA A 654 -35.04 129.01 -47.42
N GLU A 655 -35.39 129.23 -46.16
CA GLU A 655 -35.83 130.54 -45.72
C GLU A 655 -34.67 131.52 -45.84
N GLY A 656 -34.86 132.57 -46.64
CA GLY A 656 -33.82 133.55 -46.88
C GLY A 656 -32.81 133.16 -47.93
N SER A 657 -33.00 132.03 -48.60
CA SER A 657 -32.05 131.59 -49.61
C SER A 657 -32.04 132.53 -50.81
N THR A 658 -30.91 132.56 -51.50
CA THR A 658 -30.72 133.42 -52.66
C THR A 658 -31.01 132.70 -53.97
N GLN A 659 -31.69 131.56 -53.92
CA GLN A 659 -31.86 130.70 -55.08
C GLN A 659 -33.28 130.80 -55.61
N TYR A 660 -33.40 130.83 -56.94
CA TYR A 660 -34.70 130.83 -57.58
C TYR A 660 -35.39 129.49 -57.38
N GLY A 661 -36.71 129.49 -57.46
CA GLY A 661 -37.50 128.34 -57.08
C GLY A 661 -38.01 127.48 -58.21
N LYS A 662 -38.06 128.00 -59.43
CA LYS A 662 -38.62 127.29 -60.58
C LYS A 662 -37.51 127.05 -61.59
N TRP A 663 -37.36 125.79 -62.01
CA TRP A 663 -36.28 125.39 -62.90
C TRP A 663 -36.81 124.43 -63.96
N TYR A 664 -36.11 124.38 -65.10
CA TYR A 664 -36.57 123.65 -66.26
C TYR A 664 -35.38 123.14 -67.05
N PHE A 665 -35.48 121.91 -67.56
CA PHE A 665 -34.45 121.39 -68.45
C PHE A 665 -35.05 120.33 -69.36
N GLU A 666 -34.26 119.87 -70.32
CA GLU A 666 -34.72 118.88 -71.28
C GLU A 666 -33.66 117.82 -71.52
N VAL A 667 -34.11 116.66 -71.99
CA VAL A 667 -33.23 115.57 -72.40
C VAL A 667 -33.73 115.05 -73.74
N MET A 668 -32.84 114.99 -74.72
CA MET A 668 -33.16 114.46 -76.04
C MET A 668 -32.50 113.10 -76.20
N VAL A 669 -33.28 112.11 -76.65
CA VAL A 669 -32.79 110.75 -76.80
C VAL A 669 -32.42 110.54 -78.27
N ASP A 670 -31.15 110.23 -78.53
CA ASP A 670 -30.67 110.02 -79.90
C ASP A 670 -30.66 108.55 -80.28
N GLU A 671 -30.11 107.68 -79.44
CA GLU A 671 -30.05 106.26 -79.73
C GLU A 671 -30.42 105.47 -78.47
N VAL A 672 -31.25 104.45 -78.63
CA VAL A 672 -31.58 103.53 -77.54
C VAL A 672 -31.66 102.13 -78.13
N ALA A 673 -30.83 101.22 -77.62
CA ALA A 673 -30.93 99.81 -77.96
C ALA A 673 -31.81 99.14 -76.92
N PRO A 674 -33.07 98.85 -77.23
CA PRO A 674 -33.99 98.38 -76.18
C PRO A 674 -33.50 97.15 -75.43
N PHE A 675 -32.85 96.22 -76.12
CA PHE A 675 -32.48 94.93 -75.55
C PHE A 675 -31.02 94.59 -75.93
N LEU A 676 -30.12 95.54 -75.68
CA LEU A 676 -28.70 95.28 -75.92
C LEU A 676 -28.27 93.99 -75.22
N THR A 677 -28.80 93.72 -74.05
CA THR A 677 -28.63 92.45 -73.36
C THR A 677 -30.00 91.83 -73.12
N ALA A 678 -30.02 90.70 -72.40
CA ALA A 678 -31.27 89.99 -72.17
C ALA A 678 -32.24 90.80 -71.30
N GLN A 679 -31.75 91.75 -70.52
CA GLN A 679 -32.59 92.60 -69.70
C GLN A 679 -32.86 93.92 -70.40
N ALA A 680 -34.10 94.37 -70.33
CA ALA A 680 -34.49 95.58 -71.05
C ALA A 680 -33.62 96.75 -70.66
N THR A 681 -33.21 97.54 -71.65
CA THR A 681 -32.36 98.69 -71.39
C THR A 681 -33.06 99.68 -70.47
N HIS A 682 -32.31 100.20 -69.51
CA HIS A 682 -32.81 101.15 -68.52
C HIS A 682 -32.46 102.56 -68.98
N LEU A 683 -33.46 103.45 -68.96
CA LEU A 683 -33.24 104.85 -69.30
C LEU A 683 -34.32 105.67 -68.60
N ARG A 684 -33.91 106.53 -67.67
CA ARG A 684 -34.82 107.34 -66.88
C ARG A 684 -34.27 108.75 -66.72
N VAL A 685 -35.16 109.73 -66.68
CA VAL A 685 -34.81 111.13 -66.56
C VAL A 685 -35.59 111.72 -65.40
N GLY A 686 -34.97 112.64 -64.66
CA GLY A 686 -35.71 113.30 -63.60
C GLY A 686 -34.83 114.15 -62.71
N TRP A 687 -35.27 114.31 -61.46
CA TRP A 687 -34.56 115.07 -60.45
C TRP A 687 -34.19 114.16 -59.29
N ALA A 688 -33.15 114.55 -58.57
CA ALA A 688 -32.71 113.81 -57.40
C ALA A 688 -32.18 114.78 -56.36
N LEU A 689 -32.28 114.38 -55.09
CA LEU A 689 -31.83 115.22 -53.99
C LEU A 689 -30.36 114.96 -53.72
N SER A 690 -29.61 116.04 -53.47
CA SER A 690 -28.16 115.93 -53.35
C SER A 690 -27.76 114.97 -52.25
N GLU A 691 -28.29 115.16 -51.05
CA GLU A 691 -27.96 114.32 -49.90
C GLU A 691 -28.97 113.20 -49.82
N GLY A 692 -28.56 112.02 -50.26
CA GLY A 692 -29.40 110.83 -50.16
C GLY A 692 -29.42 109.99 -51.41
N TYR A 693 -29.28 110.62 -52.58
CA TYR A 693 -29.24 109.88 -53.84
C TYR A 693 -27.81 109.45 -54.09
N SER A 694 -27.52 108.17 -53.84
CA SER A 694 -26.19 107.61 -54.02
C SER A 694 -26.32 106.17 -54.48
N PRO A 695 -26.73 105.96 -55.72
CA PRO A 695 -26.84 104.59 -56.25
C PRO A 695 -25.46 104.05 -56.62
N TYR A 696 -24.98 103.11 -55.83
CA TYR A 696 -23.65 102.57 -56.10
C TYR A 696 -23.73 101.48 -57.16
N PRO A 697 -22.67 101.28 -57.96
CA PRO A 697 -22.73 100.26 -59.00
C PRO A 697 -22.97 98.87 -58.41
N GLY A 698 -23.75 98.07 -59.12
CA GLY A 698 -23.95 96.68 -58.74
C GLY A 698 -25.27 96.43 -58.04
N GLY A 699 -25.21 95.84 -56.85
CA GLY A 699 -26.41 95.52 -56.12
C GLY A 699 -27.01 96.72 -55.42
N GLY A 700 -28.23 96.52 -54.93
CA GLY A 700 -28.93 97.57 -54.23
C GLY A 700 -30.34 97.16 -53.84
N GLU A 701 -31.27 98.11 -53.89
CA GLU A 701 -32.66 97.81 -53.56
C GLU A 701 -33.29 96.94 -54.63
N GLY A 702 -34.22 96.09 -54.21
CA GLY A 702 -34.90 95.22 -55.15
C GLY A 702 -33.92 94.29 -55.83
N TRP A 703 -33.92 94.31 -57.16
CA TRP A 703 -33.04 93.47 -57.96
C TRP A 703 -31.88 94.26 -58.55
N GLY A 704 -31.44 95.31 -57.87
CA GLY A 704 -30.31 96.08 -58.33
C GLY A 704 -30.66 96.96 -59.51
N GLY A 705 -29.62 97.43 -60.20
CA GLY A 705 -29.81 98.34 -61.32
C GLY A 705 -30.56 99.58 -60.91
N ASN A 706 -30.16 100.17 -59.78
CA ASN A 706 -30.88 101.30 -59.21
C ASN A 706 -30.55 102.58 -59.97
N GLY A 707 -31.57 103.33 -60.33
CA GLY A 707 -31.40 104.59 -61.01
C GLY A 707 -32.32 105.66 -60.46
N VAL A 708 -32.75 106.58 -61.32
CA VAL A 708 -33.65 107.64 -60.87
C VAL A 708 -35.00 107.02 -60.52
N GLY A 709 -35.50 107.34 -59.32
CA GLY A 709 -36.77 106.85 -58.86
C GLY A 709 -36.73 105.52 -58.16
N ASP A 710 -35.55 104.95 -57.93
CA ASP A 710 -35.42 103.69 -57.22
C ASP A 710 -35.25 103.89 -55.71
N ASP A 711 -35.31 105.14 -55.25
CA ASP A 711 -35.36 105.43 -53.82
C ASP A 711 -36.28 106.64 -53.65
N LEU A 712 -36.45 107.07 -52.40
CA LEU A 712 -37.28 108.23 -52.09
C LEU A 712 -36.50 109.53 -52.15
N TYR A 713 -35.34 109.54 -52.79
CA TYR A 713 -34.54 110.75 -52.98
C TYR A 713 -34.52 111.19 -54.43
N SER A 714 -35.21 110.48 -55.32
CA SER A 714 -35.18 110.78 -56.74
C SER A 714 -36.55 110.49 -57.34
N TYR A 715 -36.83 111.15 -58.46
CA TYR A 715 -38.14 111.09 -59.10
C TYR A 715 -37.93 111.10 -60.60
N GLY A 716 -38.23 109.97 -61.25
CA GLY A 716 -37.86 109.76 -62.63
C GLY A 716 -39.05 109.46 -63.52
N PHE A 717 -38.80 109.57 -64.82
CA PHE A 717 -39.78 109.30 -65.86
C PHE A 717 -39.11 108.48 -66.96
N ASP A 718 -39.77 107.41 -67.40
CA ASP A 718 -39.20 106.52 -68.40
C ASP A 718 -40.03 106.44 -69.66
N GLY A 719 -41.01 107.32 -69.85
CA GLY A 719 -41.89 107.32 -71.00
C GLY A 719 -43.27 106.76 -70.71
N LEU A 720 -43.34 105.75 -69.84
CA LEU A 720 -44.61 105.12 -69.49
C LEU A 720 -44.95 105.19 -68.02
N HIS A 721 -43.96 105.33 -67.13
CA HIS A 721 -44.21 105.25 -65.70
C HIS A 721 -43.53 106.42 -65.00
N LEU A 722 -44.06 106.77 -63.84
CA LEU A 722 -43.41 107.69 -62.91
C LEU A 722 -42.76 106.86 -61.81
N TRP A 723 -41.45 107.01 -61.65
CA TRP A 723 -40.66 106.17 -60.77
C TRP A 723 -40.31 106.93 -59.50
N THR A 724 -40.59 106.33 -58.35
CA THR A 724 -40.15 106.86 -57.07
C THR A 724 -40.32 105.77 -56.02
N GLY A 725 -39.35 105.66 -55.13
CA GLY A 725 -39.39 104.62 -54.12
C GLY A 725 -39.36 103.22 -54.70
N HIS A 726 -38.72 103.04 -55.85
CA HIS A 726 -38.60 101.73 -56.48
C HIS A 726 -39.97 101.17 -56.88
N VAL A 727 -40.93 102.05 -57.19
CA VAL A 727 -42.25 101.64 -57.62
C VAL A 727 -42.57 102.35 -58.93
N ALA A 728 -43.02 101.59 -59.92
CA ALA A 728 -43.40 102.14 -61.21
C ALA A 728 -44.92 102.35 -61.22
N ARG A 729 -45.34 103.59 -61.43
CA ARG A 729 -46.75 103.92 -61.50
C ARG A 729 -47.08 104.41 -62.91
N PRO A 730 -47.92 103.71 -63.66
CA PRO A 730 -48.20 104.14 -65.04
C PRO A 730 -48.77 105.55 -65.08
N VAL A 731 -48.34 106.31 -66.07
CA VAL A 731 -48.78 107.68 -66.28
C VAL A 731 -49.19 107.84 -67.74
N THR A 732 -50.33 108.48 -67.95
CA THR A 732 -50.89 108.61 -69.30
C THR A 732 -50.33 109.83 -70.01
N SER A 733 -49.94 109.63 -71.26
CA SER A 733 -49.50 110.71 -72.13
C SER A 733 -49.90 110.34 -73.55
N PRO A 734 -50.14 111.32 -74.42
CA PRO A 734 -50.47 110.99 -75.81
C PRO A 734 -49.35 110.18 -76.46
N GLY A 735 -49.74 109.12 -77.17
CA GLY A 735 -48.77 108.29 -77.83
C GLY A 735 -47.80 107.62 -76.87
N GLN A 736 -48.32 107.03 -75.81
CA GLN A 736 -47.48 106.40 -74.80
C GLN A 736 -46.48 105.45 -75.44
N HIS A 737 -45.23 105.54 -74.99
CA HIS A 737 -44.20 104.60 -75.41
C HIS A 737 -42.96 104.83 -74.58
N LEU A 738 -42.21 103.74 -74.35
CA LEU A 738 -40.94 103.85 -73.66
C LEU A 738 -40.01 104.76 -74.43
N LEU A 739 -39.22 105.56 -73.70
CA LEU A 739 -38.32 106.52 -74.32
C LEU A 739 -37.59 105.92 -75.50
N ALA A 740 -37.72 106.56 -76.65
CA ALA A 740 -37.18 106.09 -77.92
C ALA A 740 -36.39 107.20 -78.58
N PRO A 741 -35.65 106.90 -79.64
CA PRO A 741 -34.89 107.95 -80.33
C PRO A 741 -35.79 109.08 -80.81
N GLU A 742 -35.27 110.30 -80.73
CA GLU A 742 -35.92 111.54 -81.12
C GLU A 742 -36.92 112.01 -80.08
N ASP A 743 -37.01 111.36 -78.93
CA ASP A 743 -37.90 111.80 -77.86
C ASP A 743 -37.26 112.95 -77.10
N VAL A 744 -38.07 113.92 -76.71
CA VAL A 744 -37.63 115.06 -75.92
C VAL A 744 -38.45 115.07 -74.64
N VAL A 745 -37.77 114.90 -73.51
CA VAL A 745 -38.40 114.92 -72.20
C VAL A 745 -38.09 116.25 -71.55
N SER A 746 -39.12 117.00 -71.20
CA SER A 746 -38.99 118.28 -70.53
C SER A 746 -39.37 118.10 -69.06
N CYS A 747 -38.46 118.45 -68.16
CA CYS A 747 -38.70 118.32 -66.73
C CYS A 747 -38.72 119.71 -66.10
N CYS A 748 -39.76 119.97 -65.33
CA CYS A 748 -39.94 121.24 -64.62
C CYS A 748 -40.05 120.96 -63.13
N LEU A 749 -39.31 121.73 -62.34
CA LEU A 749 -39.31 121.62 -60.89
C LEU A 749 -39.74 122.96 -60.31
N ASP A 750 -40.85 122.95 -59.57
CA ASP A 750 -41.35 124.14 -58.89
C ASP A 750 -41.19 123.88 -57.39
N LEU A 751 -40.17 124.48 -56.79
CA LEU A 751 -39.88 124.22 -55.39
C LEU A 751 -40.86 124.88 -54.43
N SER A 752 -41.74 125.76 -54.93
CA SER A 752 -42.67 126.44 -54.03
C SER A 752 -43.81 125.55 -53.59
N VAL A 753 -44.23 124.60 -54.43
CA VAL A 753 -45.39 123.77 -54.14
C VAL A 753 -45.06 122.78 -53.03
N PRO A 754 -44.04 121.92 -53.16
CA PRO A 754 -43.17 121.64 -54.30
C PRO A 754 -43.74 120.58 -55.24
N SER A 755 -43.32 120.62 -56.50
CA SER A 755 -43.84 119.70 -57.50
C SER A 755 -42.82 119.48 -58.60
N ILE A 756 -42.89 118.31 -59.23
CA ILE A 756 -42.08 117.97 -60.40
C ILE A 756 -43.04 117.51 -61.48
N SER A 757 -42.93 118.11 -62.67
CA SER A 757 -43.80 117.80 -63.79
C SER A 757 -42.98 117.47 -65.02
N PHE A 758 -43.58 116.70 -65.92
CA PHE A 758 -42.91 116.21 -67.11
C PHE A 758 -43.76 116.52 -68.34
N ARG A 759 -43.08 116.64 -69.47
CA ARG A 759 -43.70 116.78 -70.78
C ARG A 759 -42.92 115.90 -71.74
N ILE A 760 -43.63 115.22 -72.64
CA ILE A 760 -43.00 114.33 -73.61
C ILE A 760 -43.34 114.85 -75.00
N ASN A 761 -42.30 115.24 -75.74
CA ASN A 761 -42.46 115.80 -77.08
C ASN A 761 -43.46 116.95 -77.06
N GLY A 762 -43.42 117.76 -75.99
CA GLY A 762 -44.30 118.88 -75.84
C GLY A 762 -45.66 118.56 -75.28
N CYS A 763 -46.02 117.29 -75.17
CA CYS A 763 -47.33 116.93 -74.64
C CYS A 763 -47.26 116.74 -73.12
N PRO A 764 -48.23 117.22 -72.36
CA PRO A 764 -48.17 117.05 -70.91
C PRO A 764 -48.20 115.58 -70.51
N VAL A 765 -47.45 115.26 -69.46
CA VAL A 765 -47.50 113.94 -68.85
C VAL A 765 -48.47 114.02 -67.68
N GLN A 766 -49.56 113.27 -67.76
CA GLN A 766 -50.64 113.40 -66.79
C GLN A 766 -50.27 112.77 -65.46
N GLY A 767 -49.29 113.35 -64.77
CA GLY A 767 -48.85 112.87 -63.48
C GLY A 767 -47.79 113.77 -62.89
N VAL A 768 -47.77 113.92 -61.56
CA VAL A 768 -46.84 114.82 -60.91
C VAL A 768 -46.38 114.22 -59.58
N PHE A 769 -45.13 114.52 -59.22
CA PHE A 769 -44.63 114.32 -57.88
C PHE A 769 -44.83 115.61 -57.10
N GLU A 770 -45.19 115.50 -55.82
CA GLU A 770 -45.38 116.68 -55.00
C GLU A 770 -45.20 116.33 -53.53
N SER A 771 -45.16 117.37 -52.71
CA SER A 771 -45.07 117.24 -51.25
C SER A 771 -43.93 116.31 -50.86
N PHE A 772 -42.78 116.51 -51.49
CA PHE A 772 -41.58 115.73 -51.17
C PHE A 772 -40.65 116.56 -50.30
N ASN A 773 -39.70 115.87 -49.67
CA ASN A 773 -38.79 116.52 -48.75
C ASN A 773 -37.94 117.55 -49.49
N LEU A 774 -37.61 118.65 -48.79
CA LEU A 774 -36.89 119.76 -49.37
C LEU A 774 -35.61 120.06 -48.58
N ASP A 775 -35.07 119.06 -47.89
CA ASP A 775 -33.86 119.25 -47.07
C ASP A 775 -32.63 118.83 -47.89
N GLY A 776 -32.34 119.63 -48.90
CA GLY A 776 -31.19 119.38 -49.75
C GLY A 776 -31.32 120.15 -51.05
N LEU A 777 -30.38 119.85 -51.95
CA LEU A 777 -30.31 120.48 -53.25
C LEU A 777 -30.71 119.48 -54.33
N PHE A 778 -31.54 119.92 -55.26
CA PHE A 778 -31.97 119.08 -56.38
C PHE A 778 -31.09 119.32 -57.60
N PHE A 779 -30.82 118.26 -58.34
CA PHE A 779 -30.06 118.37 -59.57
C PHE A 779 -30.73 117.54 -60.67
N PRO A 780 -30.62 117.97 -61.93
CA PRO A 780 -31.08 117.10 -63.02
C PRO A 780 -30.25 115.83 -63.06
N VAL A 781 -30.90 114.73 -63.42
CA VAL A 781 -30.22 113.44 -63.43
C VAL A 781 -30.84 112.55 -64.50
N VAL A 782 -30.00 111.74 -65.12
CA VAL A 782 -30.42 110.69 -66.03
C VAL A 782 -29.71 109.42 -65.63
N SER A 783 -30.47 108.35 -65.45
CA SER A 783 -29.92 107.03 -65.14
C SER A 783 -30.11 106.13 -66.36
N PHE A 784 -29.15 105.23 -66.57
CA PHE A 784 -29.19 104.44 -67.78
C PHE A 784 -28.34 103.19 -67.62
N SER A 785 -28.64 102.20 -68.44
CA SER A 785 -27.77 101.06 -68.65
C SER A 785 -27.04 101.25 -69.98
N ALA A 786 -26.21 100.28 -70.34
CA ALA A 786 -25.49 100.36 -71.60
C ALA A 786 -26.45 100.32 -72.78
N GLY A 787 -26.05 100.99 -73.86
CA GLY A 787 -26.85 101.04 -75.06
C GLY A 787 -27.68 102.30 -75.21
N ILE A 788 -27.18 103.44 -74.75
CA ILE A 788 -27.94 104.68 -74.78
C ILE A 788 -27.06 105.82 -75.27
N LYS A 789 -27.72 106.83 -75.81
CA LYS A 789 -27.07 108.08 -76.24
C LYS A 789 -28.12 109.18 -76.05
N VAL A 790 -27.85 110.10 -75.13
CA VAL A 790 -28.79 111.17 -74.81
C VAL A 790 -28.03 112.48 -74.75
N ARG A 791 -28.79 113.57 -74.68
CA ARG A 791 -28.22 114.91 -74.62
C ARG A 791 -29.02 115.77 -73.67
N PHE A 792 -28.34 116.33 -72.68
CA PHE A 792 -28.92 117.33 -71.78
C PHE A 792 -29.02 118.66 -72.52
N LEU A 793 -30.21 119.24 -72.55
CA LEU A 793 -30.43 120.58 -73.04
C LEU A 793 -30.77 121.46 -71.85
N LEU A 794 -29.88 122.41 -71.53
CA LEU A 794 -30.01 123.23 -70.35
C LEU A 794 -30.25 124.70 -70.68
N GLY A 795 -30.45 125.04 -71.95
CA GLY A 795 -30.72 126.40 -72.35
C GLY A 795 -29.45 127.19 -72.59
N GLY A 796 -29.64 128.42 -73.06
CA GLY A 796 -28.50 129.28 -73.34
C GLY A 796 -27.56 128.64 -74.34
N ARG A 797 -26.26 128.67 -74.02
CA ARG A 797 -25.25 128.07 -74.86
C ARG A 797 -24.97 126.61 -74.48
N HIS A 798 -25.84 126.01 -73.67
CA HIS A 798 -25.64 124.65 -73.20
C HIS A 798 -26.79 123.75 -73.63
N GLY A 799 -27.27 123.91 -74.86
CA GLY A 799 -28.35 123.11 -75.37
C GLY A 799 -29.62 123.91 -75.56
N GLU A 800 -29.97 124.20 -76.80
CA GLU A 800 -31.17 124.96 -77.10
C GLU A 800 -32.41 124.12 -76.83
N PHE A 801 -33.35 124.68 -76.09
CA PHE A 801 -34.59 123.96 -75.79
C PHE A 801 -35.40 123.75 -77.06
N LYS A 802 -35.99 122.56 -77.19
CA LYS A 802 -36.90 122.28 -78.29
C LYS A 802 -38.31 122.77 -78.02
N PHE A 803 -38.64 123.06 -76.75
CA PHE A 803 -39.94 123.57 -76.38
C PHE A 803 -39.76 124.70 -75.38
N LEU A 804 -40.67 125.67 -75.43
CA LEU A 804 -40.58 126.82 -74.56
C LEU A 804 -40.77 126.40 -73.10
N PRO A 805 -39.94 126.84 -72.18
CA PRO A 805 -40.18 126.56 -70.77
C PRO A 805 -41.51 127.14 -70.32
N PRO A 806 -42.23 126.47 -69.43
CA PRO A 806 -43.49 127.03 -68.93
C PRO A 806 -43.26 128.36 -68.23
N PRO A 807 -44.24 129.25 -68.24
CA PRO A 807 -44.01 130.61 -67.71
C PRO A 807 -43.47 130.58 -66.29
N GLY A 808 -42.45 131.39 -66.03
CA GLY A 808 -41.86 131.53 -64.73
C GLY A 808 -40.69 130.62 -64.45
N TYR A 809 -40.53 129.56 -65.24
CA TYR A 809 -39.45 128.61 -65.02
C TYR A 809 -38.16 129.10 -65.65
N ALA A 810 -37.04 128.82 -64.98
CA ALA A 810 -35.76 129.32 -65.41
C ALA A 810 -34.96 128.21 -66.09
N PRO A 811 -34.21 128.52 -67.15
CA PRO A 811 -33.31 127.51 -67.73
C PRO A 811 -32.30 127.04 -66.70
N CYS A 812 -32.00 125.74 -66.72
CA CYS A 812 -31.14 125.16 -65.70
C CYS A 812 -29.71 125.69 -65.78
N HIS A 813 -29.28 126.14 -66.97
CA HIS A 813 -27.91 126.61 -67.11
C HIS A 813 -27.64 127.81 -66.22
N GLU A 814 -28.67 128.54 -65.83
CA GLU A 814 -28.52 129.71 -64.97
C GLU A 814 -28.16 129.35 -63.55
N ALA A 815 -28.20 128.07 -63.17
CA ALA A 815 -27.95 127.66 -61.80
C ALA A 815 -26.50 127.30 -61.53
N VAL A 816 -25.63 127.39 -62.54
CA VAL A 816 -24.22 127.07 -62.33
C VAL A 816 -23.61 128.14 -61.43
N LEU A 817 -22.86 127.68 -60.41
CA LEU A 817 -22.37 128.58 -59.39
C LEU A 817 -21.22 129.43 -59.91
N PRO A 818 -20.94 130.57 -59.27
CA PRO A 818 -19.94 131.49 -59.81
C PRO A 818 -18.56 130.89 -60.01
N ARG A 819 -18.13 130.03 -59.10
CA ARG A 819 -16.79 129.44 -59.15
C ARG A 819 -16.81 128.02 -59.71
N GLU A 820 -17.73 127.78 -60.64
CA GLU A 820 -17.86 126.47 -61.26
C GLU A 820 -18.09 126.64 -62.75
N ARG A 821 -17.76 125.60 -63.50
CA ARG A 821 -17.97 125.55 -64.95
C ARG A 821 -18.89 124.38 -65.26
N LEU A 822 -19.92 124.64 -66.07
CA LEU A 822 -20.92 123.62 -66.33
C LEU A 822 -20.31 122.41 -67.03
N HIS A 823 -20.65 121.22 -66.53
CA HIS A 823 -20.19 119.98 -67.14
C HIS A 823 -20.97 118.84 -66.51
N LEU A 824 -20.87 117.67 -67.13
CA LEU A 824 -21.53 116.47 -66.64
C LEU A 824 -20.57 115.65 -65.79
N GLN A 825 -21.10 115.04 -64.74
CA GLN A 825 -20.29 114.31 -63.78
C GLN A 825 -21.09 113.13 -63.26
N PRO A 826 -20.43 112.10 -62.76
CA PRO A 826 -21.13 111.04 -62.02
C PRO A 826 -21.48 111.50 -60.62
N ILE A 827 -22.25 110.66 -59.92
CA ILE A 827 -22.73 110.96 -58.58
C ILE A 827 -22.11 109.97 -57.61
N LYS A 828 -21.47 110.50 -56.57
CA LYS A 828 -20.92 109.70 -55.47
C LYS A 828 -20.10 108.53 -56.00
N GLU A 829 -19.02 108.88 -56.69
CA GLU A 829 -18.12 107.88 -57.25
C GLU A 829 -16.96 107.63 -56.29
N TYR A 830 -16.68 106.35 -56.05
CA TYR A 830 -15.52 105.96 -55.25
C TYR A 830 -14.35 105.55 -56.13
N ARG A 831 -14.44 105.76 -57.44
CA ARG A 831 -13.43 105.24 -58.36
C ARG A 831 -13.52 106.03 -59.66
N ARG A 832 -12.38 106.18 -60.32
CA ARG A 832 -12.29 106.90 -61.58
C ARG A 832 -11.16 106.30 -62.40
N GLU A 833 -11.10 106.69 -63.67
CA GLU A 833 -9.96 106.35 -64.50
C GLU A 833 -8.90 107.43 -64.39
N GLY A 834 -7.64 107.06 -64.60
CA GLY A 834 -6.56 108.02 -64.57
C GLY A 834 -5.39 107.56 -65.41
N PRO A 835 -4.42 108.45 -65.62
CA PRO A 835 -3.40 108.20 -66.65
C PRO A 835 -2.71 106.85 -66.52
N ARG A 836 -2.42 106.41 -65.30
CA ARG A 836 -1.69 105.17 -65.08
C ARG A 836 -2.57 104.07 -64.49
N GLY A 837 -3.88 104.27 -64.40
CA GLY A 837 -4.75 103.25 -63.87
C GLY A 837 -5.94 103.80 -63.11
N PRO A 838 -6.64 102.94 -62.39
CA PRO A 838 -7.79 103.41 -61.61
C PRO A 838 -7.34 104.26 -60.42
N HIS A 839 -8.07 105.35 -60.20
CA HIS A 839 -7.89 106.22 -59.06
C HIS A 839 -9.01 105.97 -58.07
N LEU A 840 -8.65 105.75 -56.81
CA LEU A 840 -9.64 105.68 -55.74
C LEU A 840 -9.96 107.08 -55.25
N VAL A 841 -11.25 107.33 -55.01
CA VAL A 841 -11.76 108.65 -54.68
C VAL A 841 -12.51 108.57 -53.36
N GLY A 842 -12.22 109.51 -52.46
CA GLY A 842 -12.93 109.59 -51.21
C GLY A 842 -14.26 110.31 -51.37
N PRO A 843 -14.94 110.51 -50.26
CA PRO A 843 -16.25 111.18 -50.31
C PRO A 843 -16.13 112.57 -50.89
N SER A 844 -17.19 112.99 -51.58
CA SER A 844 -17.25 114.33 -52.15
C SER A 844 -17.88 115.29 -51.17
N ARG A 845 -17.32 116.50 -51.11
CA ARG A 845 -17.88 117.54 -50.26
C ARG A 845 -19.05 118.20 -50.97
N CYS A 846 -20.25 118.00 -50.43
CA CYS A 846 -21.48 118.48 -51.07
C CYS A 846 -21.98 119.73 -50.37
N LEU A 847 -22.52 120.65 -51.16
CA LEU A 847 -23.16 121.84 -50.61
C LEU A 847 -24.54 121.47 -50.06
N SER A 848 -25.04 122.35 -49.20
CA SER A 848 -26.36 122.18 -48.60
C SER A 848 -27.25 123.36 -48.99
N HIS A 849 -28.57 123.10 -48.99
CA HIS A 849 -29.51 124.16 -49.33
C HIS A 849 -29.39 125.34 -48.39
N LEU A 850 -28.88 125.11 -47.17
CA LEU A 850 -28.66 126.18 -46.21
C LEU A 850 -27.37 126.95 -46.47
N ASP A 851 -26.53 126.48 -47.38
CA ASP A 851 -25.33 127.21 -47.75
C ASP A 851 -25.62 128.41 -48.65
N PHE A 852 -26.85 128.56 -49.11
CA PHE A 852 -27.26 129.68 -49.94
C PHE A 852 -28.04 130.72 -49.15
N VAL A 853 -28.07 130.61 -47.83
CA VAL A 853 -28.74 131.57 -46.96
C VAL A 853 -27.67 132.50 -46.40
N PRO A 854 -27.63 133.78 -46.78
CA PRO A 854 -26.63 134.68 -46.21
C PRO A 854 -26.95 135.00 -44.76
N CYS A 855 -25.95 134.83 -43.88
CA CYS A 855 -26.13 134.98 -42.44
C CYS A 855 -25.13 136.02 -41.94
N PRO A 856 -25.42 137.30 -42.11
CA PRO A 856 -24.52 138.34 -41.59
C PRO A 856 -24.60 138.44 -40.08
N VAL A 857 -23.55 138.99 -39.50
CA VAL A 857 -23.51 139.17 -38.05
C VAL A 857 -24.52 140.23 -37.64
N ASP A 858 -25.21 139.98 -36.54
CA ASP A 858 -26.29 140.86 -36.09
C ASP A 858 -25.69 142.15 -35.54
N THR A 859 -25.91 143.26 -36.25
CA THR A 859 -25.48 144.58 -35.80
C THR A 859 -26.66 145.54 -35.92
N ILE A 860 -27.52 145.55 -34.91
CA ILE A 860 -28.55 146.58 -34.78
C ILE A 860 -28.38 147.25 -33.42
N GLN A 861 -28.09 146.45 -32.39
CA GLN A 861 -27.92 146.98 -31.05
C GLN A 861 -26.56 147.64 -30.85
N ILE A 862 -25.69 147.60 -31.84
CA ILE A 862 -24.36 148.20 -31.72
C ILE A 862 -24.49 149.70 -31.92
N VAL A 863 -24.69 150.44 -30.84
CA VAL A 863 -24.76 151.90 -30.91
C VAL A 863 -23.35 152.44 -31.07
N LEU A 864 -23.16 153.31 -32.06
CA LEU A 864 -21.84 153.85 -32.33
C LEU A 864 -21.39 154.72 -31.16
N PRO A 865 -20.21 154.49 -30.58
CA PRO A 865 -19.66 155.47 -29.66
C PRO A 865 -19.39 156.77 -30.39
N PRO A 866 -19.25 157.87 -29.65
CA PRO A 866 -19.20 159.19 -30.30
C PRO A 866 -18.21 159.28 -31.46
N HIS A 867 -17.03 158.69 -31.29
CA HIS A 867 -16.00 158.80 -32.32
C HIS A 867 -16.44 158.08 -33.61
N LEU A 868 -16.93 156.85 -33.48
CA LEU A 868 -17.38 156.11 -34.67
C LEU A 868 -18.59 156.79 -35.29
N GLU A 869 -19.51 157.28 -34.47
CA GLU A 869 -20.65 158.02 -35.00
C GLU A 869 -20.19 159.24 -35.80
N ARG A 870 -19.17 159.94 -35.31
CA ARG A 870 -18.63 161.08 -36.05
C ARG A 870 -18.05 160.64 -37.38
N ILE A 871 -17.23 159.59 -37.38
CA ILE A 871 -16.60 159.12 -38.62
C ILE A 871 -17.60 158.46 -39.57
N ARG A 872 -18.81 158.18 -39.11
CA ARG A 872 -19.81 157.53 -39.96
C ARG A 872 -20.03 158.28 -41.27
N GLU A 873 -20.31 159.58 -41.21
CA GLU A 873 -20.57 160.34 -42.43
C GLU A 873 -19.33 160.43 -43.31
N LYS A 874 -18.17 160.66 -42.70
CA LYS A 874 -16.94 160.75 -43.49
C LYS A 874 -16.69 159.46 -44.25
N LEU A 875 -16.91 158.32 -43.59
CA LEU A 875 -16.81 157.04 -44.29
C LEU A 875 -17.85 156.95 -45.40
N ALA A 876 -19.07 157.40 -45.13
CA ALA A 876 -20.11 157.34 -46.16
C ALA A 876 -19.68 158.06 -47.42
N GLU A 877 -19.08 159.23 -47.28
CA GLU A 877 -18.62 159.95 -48.47
C GLU A 877 -17.37 159.31 -49.09
N ASN A 878 -16.41 158.90 -48.24
CA ASN A 878 -15.13 158.44 -48.76
C ASN A 878 -15.27 157.11 -49.50
N ILE A 879 -16.17 156.25 -49.05
CA ILE A 879 -16.41 154.99 -49.76
C ILE A 879 -16.88 155.26 -51.18
N HIS A 880 -17.84 156.20 -51.32
CA HIS A 880 -18.31 156.56 -52.66
C HIS A 880 -17.19 157.19 -53.47
N GLU A 881 -16.34 158.01 -52.84
CA GLU A 881 -15.23 158.61 -53.55
C GLU A 881 -14.33 157.52 -54.14
N LEU A 882 -13.91 156.56 -53.32
CA LEU A 882 -13.05 155.49 -53.79
C LEU A 882 -13.73 154.68 -54.89
N TRP A 883 -15.02 154.38 -54.69
CA TRP A 883 -15.75 153.58 -55.66
C TRP A 883 -15.85 154.30 -57.00
N ALA A 884 -16.10 155.62 -56.98
CA ALA A 884 -16.20 156.38 -58.22
C ALA A 884 -14.84 156.48 -58.90
N LEU A 885 -13.76 156.64 -58.12
CA LEU A 885 -12.43 156.63 -58.71
C LEU A 885 -12.18 155.31 -59.44
N THR A 886 -12.51 154.19 -58.79
CA THR A 886 -12.34 152.88 -59.43
C THR A 886 -13.22 152.78 -60.67
N ARG A 887 -14.44 153.30 -60.60
CA ARG A 887 -15.36 153.24 -61.73
C ARG A 887 -14.77 153.96 -62.94
N ILE A 888 -14.28 155.18 -62.73
CA ILE A 888 -13.73 155.94 -63.85
C ILE A 888 -12.45 155.30 -64.37
N GLU A 889 -11.64 154.75 -63.46
CA GLU A 889 -10.43 154.07 -63.89
C GLU A 889 -10.75 152.86 -64.77
N GLN A 890 -11.77 152.10 -64.40
CA GLN A 890 -12.14 150.92 -65.18
C GLN A 890 -12.98 151.25 -66.41
N GLY A 891 -13.52 152.48 -66.50
CA GLY A 891 -14.17 152.95 -67.71
C GLY A 891 -15.46 153.71 -67.46
N TRP A 892 -16.21 153.33 -66.43
CA TRP A 892 -17.48 153.97 -66.12
C TRP A 892 -17.38 155.48 -66.25
N THR A 893 -18.25 156.07 -67.05
CA THR A 893 -18.36 157.51 -67.18
C THR A 893 -19.81 157.93 -66.93
N TYR A 894 -19.99 159.18 -66.50
CA TYR A 894 -21.32 159.65 -66.13
C TYR A 894 -22.25 159.64 -67.33
N GLY A 895 -23.53 159.36 -67.07
CA GLY A 895 -24.55 159.38 -68.10
C GLY A 895 -25.94 159.47 -67.53
N PRO A 896 -26.96 159.43 -68.40
CA PRO A 896 -28.34 159.52 -67.90
C PRO A 896 -28.82 158.25 -67.22
N VAL A 897 -28.47 157.09 -67.75
CA VAL A 897 -28.94 155.80 -67.23
C VAL A 897 -27.76 154.84 -67.16
N ARG A 898 -28.00 153.69 -66.53
CA ARG A 898 -26.98 152.67 -66.38
C ARG A 898 -26.76 151.93 -67.70
N ASP A 899 -26.19 152.62 -68.69
CA ASP A 899 -25.93 152.02 -70.00
C ASP A 899 -24.52 151.45 -70.00
N ASP A 900 -24.41 150.15 -69.73
CA ASP A 900 -23.11 149.50 -69.74
C ASP A 900 -22.50 149.51 -71.13
N ASN A 901 -23.34 149.43 -72.17
CA ASN A 901 -22.83 149.40 -73.53
C ASN A 901 -22.08 150.68 -73.87
N LYS A 902 -22.63 151.84 -73.50
CA LYS A 902 -21.98 153.12 -73.71
C LYS A 902 -21.18 153.55 -72.50
N ARG A 903 -21.12 152.71 -71.46
CA ARG A 903 -20.27 152.95 -70.29
C ARG A 903 -20.81 154.11 -69.45
N LEU A 904 -22.13 154.17 -69.31
CA LEU A 904 -22.80 155.32 -68.70
C LEU A 904 -23.30 154.96 -67.31
N HIS A 905 -22.96 155.79 -66.32
CA HIS A 905 -23.39 155.60 -64.94
C HIS A 905 -24.09 156.86 -64.45
N PRO A 906 -25.35 156.78 -63.98
CA PRO A 906 -26.01 157.99 -63.50
C PRO A 906 -25.66 158.38 -62.08
N CYS A 907 -25.10 157.45 -61.29
CA CYS A 907 -24.81 157.68 -59.89
C CYS A 907 -23.40 158.20 -59.65
N LEU A 908 -22.60 158.38 -60.70
CA LEU A 908 -21.22 158.84 -60.57
C LEU A 908 -21.21 160.37 -60.44
N VAL A 909 -21.62 160.83 -59.26
CA VAL A 909 -21.69 162.24 -58.94
C VAL A 909 -21.22 162.42 -57.50
N ASN A 910 -21.19 163.68 -57.06
CA ASN A 910 -20.84 163.96 -55.67
C ASN A 910 -21.82 163.28 -54.73
N PHE A 911 -21.30 162.77 -53.60
CA PHE A 911 -22.13 161.98 -52.71
C PHE A 911 -23.32 162.79 -52.20
N HIS A 912 -23.08 164.06 -51.82
CA HIS A 912 -24.18 164.90 -51.35
C HIS A 912 -25.23 165.15 -52.42
N SER A 913 -24.90 164.91 -53.69
CA SER A 913 -25.85 165.00 -54.78
C SER A 913 -26.27 163.63 -55.31
N LEU A 914 -25.83 162.55 -54.68
CA LEU A 914 -26.19 161.21 -55.15
C LEU A 914 -27.69 160.99 -54.97
N PRO A 915 -28.33 160.19 -55.84
CA PRO A 915 -29.77 159.93 -55.67
C PRO A 915 -30.11 159.42 -54.28
N GLU A 916 -31.22 159.89 -53.73
CA GLU A 916 -31.56 159.67 -52.31
C GLU A 916 -31.49 158.21 -51.91
N PRO A 917 -32.08 157.27 -52.66
CA PRO A 917 -32.05 155.87 -52.24
C PRO A 917 -30.63 155.32 -52.10
N GLU A 918 -29.83 155.51 -53.14
CA GLU A 918 -28.46 155.00 -53.12
C GLU A 918 -27.64 155.71 -52.05
N ARG A 919 -27.88 157.01 -51.85
CA ARG A 919 -27.16 157.73 -50.81
C ARG A 919 -27.49 157.17 -49.44
N ASN A 920 -28.77 156.90 -49.18
CA ASN A 920 -29.16 156.32 -47.90
C ASN A 920 -28.55 154.94 -47.71
N TYR A 921 -28.54 154.13 -48.76
CA TYR A 921 -27.94 152.80 -48.66
C TYR A 921 -26.44 152.92 -48.39
N ASN A 922 -25.76 153.84 -49.06
CA ASN A 922 -24.34 154.04 -48.82
C ASN A 922 -24.09 154.50 -47.39
N LEU A 923 -24.92 155.41 -46.88
CA LEU A 923 -24.75 155.89 -45.52
C LEU A 923 -24.93 154.76 -44.52
N GLN A 924 -25.97 153.95 -44.69
CA GLN A 924 -26.23 152.86 -43.76
C GLN A 924 -25.12 151.82 -43.83
N MET A 925 -24.62 151.54 -45.03
CA MET A 925 -23.49 150.61 -45.15
C MET A 925 -22.24 151.17 -44.47
N SER A 926 -21.99 152.47 -44.65
CA SER A 926 -20.81 153.09 -44.02
C SER A 926 -20.88 152.97 -42.52
N GLY A 927 -22.05 153.27 -41.93
CA GLY A 927 -22.21 153.05 -40.49
C GLY A 927 -22.10 151.58 -40.13
N GLU A 928 -22.62 150.71 -40.98
CA GLU A 928 -22.59 149.28 -40.70
C GLU A 928 -21.17 148.75 -40.66
N THR A 929 -20.25 149.40 -41.37
CA THR A 929 -18.85 148.95 -41.32
C THR A 929 -18.30 149.07 -39.91
N LEU A 930 -18.46 150.25 -39.28
CA LEU A 930 -18.03 150.41 -37.90
C LEU A 930 -18.82 149.50 -36.98
N LYS A 931 -20.12 149.36 -37.25
CA LYS A 931 -20.95 148.52 -36.39
C LYS A 931 -20.46 147.08 -36.39
N THR A 932 -20.16 146.52 -37.57
CA THR A 932 -19.64 145.16 -37.61
C THR A 932 -18.23 145.09 -37.05
N LEU A 933 -17.44 146.15 -37.23
CA LEU A 933 -16.14 146.20 -36.58
C LEU A 933 -16.29 145.96 -35.08
N LEU A 934 -17.21 146.68 -34.45
CA LEU A 934 -17.45 146.49 -33.02
C LEU A 934 -18.03 145.11 -32.72
N ALA A 935 -19.02 144.68 -33.52
CA ALA A 935 -19.74 143.44 -33.22
C ALA A 935 -18.81 142.24 -33.28
N LEU A 936 -17.90 142.21 -34.27
CA LEU A 936 -16.98 141.10 -34.39
C LEU A 936 -16.08 140.96 -33.18
N GLY A 937 -15.94 142.01 -32.37
CA GLY A 937 -15.15 141.97 -31.16
C GLY A 937 -13.98 142.93 -31.14
N CYS A 938 -13.90 143.86 -32.09
CA CYS A 938 -12.78 144.79 -32.12
C CYS A 938 -12.94 145.88 -31.08
N HIS A 939 -11.80 146.35 -30.57
CA HIS A 939 -11.74 147.45 -29.62
C HIS A 939 -11.07 148.63 -30.31
N VAL A 940 -11.86 149.66 -30.61
CA VAL A 940 -11.39 150.77 -31.42
C VAL A 940 -11.92 152.08 -30.84
N GLY A 941 -11.06 153.10 -30.86
CA GLY A 941 -11.44 154.42 -30.41
C GLY A 941 -10.46 155.46 -30.91
N MET A 942 -10.82 156.73 -30.69
CA MET A 942 -9.93 157.82 -31.09
C MET A 942 -8.56 157.68 -30.44
N ALA A 943 -7.51 157.89 -31.23
CA ALA A 943 -6.16 158.02 -30.73
C ALA A 943 -5.38 159.10 -31.47
N ASP A 944 -6.06 159.95 -32.24
CA ASP A 944 -5.41 160.99 -33.01
C ASP A 944 -6.45 161.94 -33.58
N GLU A 945 -6.12 163.24 -33.58
CA GLU A 945 -6.93 164.24 -34.26
C GLU A 945 -6.04 165.01 -35.24
N LYS A 946 -4.77 165.17 -34.86
CA LYS A 946 -3.79 165.80 -35.75
C LYS A 946 -3.73 165.06 -37.08
N ALA A 947 -3.65 163.73 -37.03
CA ALA A 947 -3.70 162.95 -38.26
C ALA A 947 -5.03 163.16 -38.97
N GLU A 948 -6.13 163.26 -38.22
CA GLU A 948 -7.44 163.47 -38.83
C GLU A 948 -7.45 164.72 -39.70
N ASP A 949 -6.90 165.82 -39.20
CA ASP A 949 -6.84 167.05 -40.00
C ASP A 949 -5.67 167.05 -40.98
N ASN A 950 -4.72 166.13 -40.82
CA ASN A 950 -3.57 166.04 -41.70
C ASN A 950 -3.81 165.21 -42.96
N LEU A 951 -4.75 164.27 -42.92
CA LEU A 951 -5.00 163.45 -44.11
C LEU A 951 -5.27 164.33 -45.31
N LYS A 952 -4.65 164.01 -46.44
CA LYS A 952 -4.71 164.80 -47.65
C LYS A 952 -5.44 164.03 -48.72
N LYS A 953 -6.23 164.73 -49.52
CA LYS A 953 -7.04 164.11 -50.56
C LYS A 953 -6.34 164.12 -51.91
N THR A 954 -6.58 163.07 -52.68
CA THR A 954 -5.99 162.94 -54.01
C THR A 954 -6.69 163.88 -54.98
N LYS A 955 -5.91 164.61 -55.76
CA LYS A 955 -6.45 165.47 -56.80
C LYS A 955 -6.52 164.67 -58.11
N LEU A 956 -7.74 164.36 -58.55
CA LEU A 956 -7.89 163.55 -59.75
C LEU A 956 -7.94 164.45 -60.99
N PRO A 957 -7.29 164.05 -62.09
CA PRO A 957 -7.22 164.91 -63.27
C PRO A 957 -8.50 164.82 -64.11
N LYS A 958 -8.47 165.51 -65.26
CA LYS A 958 -9.61 165.48 -66.17
C LYS A 958 -9.89 164.07 -66.67
N THR A 959 -8.86 163.21 -66.72
CA THR A 959 -9.09 161.84 -67.16
C THR A 959 -10.00 161.09 -66.20
N TYR A 960 -9.77 161.26 -64.89
CA TYR A 960 -10.64 160.69 -63.87
C TYR A 960 -11.87 161.55 -63.62
N MET A 961 -11.94 162.72 -64.25
CA MET A 961 -13.13 163.56 -64.17
C MET A 961 -14.30 162.85 -64.85
N MET A 962 -15.51 163.12 -64.37
CA MET A 962 -16.70 162.50 -64.95
C MET A 962 -17.14 163.28 -66.20
N SER A 963 -18.14 162.74 -66.90
CA SER A 963 -18.70 163.46 -68.04
C SER A 963 -19.40 164.74 -67.58
N ASN A 964 -19.98 164.71 -66.38
CA ASN A 964 -20.63 165.88 -65.81
C ASN A 964 -19.67 166.78 -65.05
N GLY A 965 -18.39 166.42 -64.97
CA GLY A 965 -17.43 167.18 -64.20
C GLY A 965 -17.21 166.71 -62.77
N TYR A 966 -17.93 165.68 -62.32
CA TYR A 966 -17.72 165.19 -60.96
C TYR A 966 -16.32 164.60 -60.83
N LYS A 967 -15.68 164.85 -59.69
CA LYS A 967 -14.34 164.32 -59.43
C LYS A 967 -14.33 163.58 -58.09
N PRO A 968 -14.00 162.29 -58.06
CA PRO A 968 -13.92 161.59 -56.78
C PRO A 968 -12.82 162.15 -55.89
N ALA A 969 -13.03 162.03 -54.58
CA ALA A 969 -12.14 162.57 -53.55
C ALA A 969 -11.76 161.49 -52.55
N PRO A 970 -10.98 160.48 -52.95
CA PRO A 970 -10.50 159.51 -51.98
C PRO A 970 -9.28 160.03 -51.24
N LEU A 971 -9.39 160.11 -49.92
CA LEU A 971 -8.31 160.67 -49.11
C LEU A 971 -7.05 159.83 -49.24
N ASP A 972 -5.91 160.50 -49.42
CA ASP A 972 -4.63 159.82 -49.56
C ASP A 972 -3.99 159.58 -48.20
N LEU A 973 -3.69 158.31 -47.92
CA LEU A 973 -3.14 157.89 -46.64
C LEU A 973 -2.00 156.89 -46.86
N SER A 974 -1.07 157.22 -47.75
CA SER A 974 0.00 156.29 -48.09
C SER A 974 0.90 155.94 -46.91
N HIS A 975 0.67 156.50 -45.72
CA HIS A 975 1.48 156.22 -44.55
C HIS A 975 0.90 155.13 -43.67
N VAL A 976 -0.21 154.49 -44.06
CA VAL A 976 -0.89 153.53 -43.23
C VAL A 976 -0.46 152.12 -43.63
N ARG A 977 0.14 151.39 -42.70
CA ARG A 977 0.56 150.01 -42.90
C ARG A 977 -0.51 149.07 -42.36
N LEU A 978 -0.24 147.76 -42.51
CA LEU A 978 -1.22 146.72 -42.19
C LEU A 978 -0.53 145.56 -41.49
N THR A 979 -1.35 144.71 -40.84
CA THR A 979 -0.90 143.53 -40.10
C THR A 979 -1.67 142.29 -40.54
N PRO A 980 -1.11 141.09 -40.35
CA PRO A 980 -1.78 139.88 -40.85
C PRO A 980 -3.15 139.64 -40.22
N ALA A 981 -3.26 139.76 -38.90
CA ALA A 981 -4.56 139.63 -38.25
C ALA A 981 -5.53 140.67 -38.80
N GLN A 982 -5.01 141.85 -39.14
CA GLN A 982 -5.87 142.89 -39.70
C GLN A 982 -6.34 142.51 -41.09
N THR A 983 -5.51 141.82 -41.88
CA THR A 983 -5.96 141.33 -43.17
C THR A 983 -7.05 140.27 -43.00
N THR A 984 -6.87 139.39 -42.02
CA THR A 984 -7.92 138.40 -41.75
C THR A 984 -9.22 139.08 -41.36
N LEU A 985 -9.13 140.12 -40.52
CA LEU A 985 -10.32 140.87 -40.13
C LEU A 985 -10.93 141.58 -41.33
N VAL A 986 -10.09 142.03 -42.27
CA VAL A 986 -10.59 142.66 -43.48
C VAL A 986 -11.39 141.65 -44.29
N ASP A 987 -10.88 140.42 -44.39
CA ASP A 987 -11.62 139.37 -45.08
C ASP A 987 -12.97 139.13 -44.40
N ARG A 988 -12.97 139.06 -43.07
CA ARG A 988 -14.22 138.87 -42.35
C ARG A 988 -15.19 140.03 -42.59
N LEU A 989 -14.68 141.26 -42.61
CA LEU A 989 -15.54 142.42 -42.84
C LEU A 989 -16.13 142.38 -44.24
N ALA A 990 -15.33 142.02 -45.24
CA ALA A 990 -15.86 141.90 -46.60
C ALA A 990 -16.95 140.83 -46.66
N GLU A 991 -16.72 139.70 -45.99
CA GLU A 991 -17.73 138.65 -45.95
C GLU A 991 -19.03 139.19 -45.34
N ASN A 992 -18.92 139.87 -44.20
CA ASN A 992 -20.11 140.36 -43.53
C ASN A 992 -20.84 141.39 -44.39
N GLY A 993 -20.11 142.28 -45.03
CA GLY A 993 -20.75 143.28 -45.88
C GLY A 993 -21.48 142.66 -47.04
N HIS A 994 -20.83 141.73 -47.73
CA HIS A 994 -21.48 141.07 -48.85
C HIS A 994 -22.71 140.31 -48.40
N ASN A 995 -22.62 139.63 -47.25
CA ASN A 995 -23.77 138.89 -46.76
C ASN A 995 -24.92 139.81 -46.38
N VAL A 996 -24.62 140.97 -45.79
CA VAL A 996 -25.68 141.93 -45.48
C VAL A 996 -26.35 142.41 -46.76
N TRP A 997 -25.55 142.73 -47.78
CA TRP A 997 -26.12 143.16 -49.04
C TRP A 997 -26.99 142.07 -49.65
N ALA A 998 -26.52 140.82 -49.60
CA ALA A 998 -27.27 139.71 -50.18
C ALA A 998 -28.58 139.50 -49.43
N ARG A 999 -28.54 139.60 -48.11
CA ARG A 999 -29.77 139.47 -47.33
C ARG A 999 -30.77 140.56 -47.68
N ASP A 1000 -30.28 141.80 -47.83
CA ASP A 1000 -31.17 142.89 -48.21
C ASP A 1000 -31.79 142.64 -49.57
N ARG A 1001 -30.98 142.18 -50.54
CA ARG A 1001 -31.52 141.95 -51.88
C ARG A 1001 -32.51 140.79 -51.88
N VAL A 1002 -32.24 139.74 -51.12
CA VAL A 1002 -33.18 138.63 -51.02
C VAL A 1002 -34.49 139.12 -50.42
N ALA A 1003 -34.41 139.97 -49.39
CA ALA A 1003 -35.62 140.54 -48.82
C ALA A 1003 -36.39 141.36 -49.86
N GLN A 1004 -35.67 142.14 -50.67
CA GLN A 1004 -36.31 142.88 -51.75
C GLN A 1004 -36.88 141.99 -52.83
N GLY A 1005 -36.43 140.74 -52.91
CA GLY A 1005 -36.97 139.79 -53.85
C GLY A 1005 -36.04 139.34 -54.97
N TRP A 1006 -34.74 139.62 -54.86
CA TRP A 1006 -33.79 139.22 -55.88
C TRP A 1006 -33.39 137.76 -55.69
N SER A 1007 -32.77 137.20 -56.72
CA SER A 1007 -32.29 135.83 -56.66
C SER A 1007 -31.04 135.70 -57.51
N TYR A 1008 -30.41 134.53 -57.45
CA TYR A 1008 -29.18 134.28 -58.17
C TYR A 1008 -29.46 133.79 -59.59
N SER A 1009 -28.54 134.12 -60.50
CA SER A 1009 -28.62 133.65 -61.88
C SER A 1009 -27.26 133.84 -62.52
N ALA A 1010 -26.79 132.83 -63.24
CA ALA A 1010 -25.48 132.93 -63.88
C ALA A 1010 -25.44 134.08 -64.88
N VAL A 1011 -26.60 134.46 -65.42
CA VAL A 1011 -26.72 135.59 -66.35
C VAL A 1011 -27.54 136.66 -65.67
N GLN A 1012 -27.01 137.88 -65.65
CA GLN A 1012 -27.69 138.99 -64.99
C GLN A 1012 -28.97 139.35 -65.73
N ASP A 1013 -30.05 139.58 -64.96
CA ASP A 1013 -31.32 140.03 -65.52
C ASP A 1013 -31.91 141.03 -64.51
N ILE A 1014 -31.60 142.31 -64.72
CA ILE A 1014 -32.05 143.34 -63.79
C ILE A 1014 -33.58 143.44 -63.77
N PRO A 1015 -34.28 143.47 -64.91
CA PRO A 1015 -35.75 143.49 -64.84
C PRO A 1015 -36.34 142.33 -64.06
N ALA A 1016 -35.73 141.16 -64.13
CA ALA A 1016 -36.21 139.98 -63.43
C ALA A 1016 -35.63 139.84 -62.03
N ARG A 1017 -34.82 140.81 -61.59
CA ARG A 1017 -34.20 140.76 -60.26
C ARG A 1017 -33.40 139.49 -60.08
N ARG A 1018 -32.56 139.19 -61.08
CA ARG A 1018 -31.64 138.07 -61.03
C ARG A 1018 -30.23 138.62 -61.18
N ASN A 1019 -29.35 138.24 -60.25
CA ASN A 1019 -28.00 138.79 -60.22
C ASN A 1019 -26.97 137.66 -60.24
N PRO A 1020 -25.80 137.86 -60.85
CA PRO A 1020 -24.75 136.84 -60.79
C PRO A 1020 -23.96 136.84 -59.49
N ARG A 1021 -24.11 137.85 -58.66
CA ARG A 1021 -23.37 137.94 -57.41
C ARG A 1021 -24.23 137.69 -56.18
N LEU A 1022 -25.53 137.46 -56.34
CA LEU A 1022 -26.43 137.27 -55.21
C LEU A 1022 -26.25 135.85 -54.67
N VAL A 1023 -25.07 135.61 -54.11
CA VAL A 1023 -24.76 134.35 -53.44
C VAL A 1023 -23.93 134.64 -52.22
N PRO A 1024 -24.03 133.79 -51.18
CA PRO A 1024 -23.24 134.03 -49.98
C PRO A 1024 -21.75 134.13 -50.30
N TYR A 1025 -21.05 134.95 -49.52
CA TYR A 1025 -19.67 135.32 -49.81
C TYR A 1025 -18.79 134.10 -50.06
N ARG A 1026 -18.98 133.04 -49.27
CA ARG A 1026 -18.13 131.87 -49.39
C ARG A 1026 -18.18 131.27 -50.79
N LEU A 1027 -19.31 131.38 -51.47
CA LEU A 1027 -19.48 130.82 -52.81
C LEU A 1027 -19.16 131.82 -53.91
N LEU A 1028 -18.71 133.02 -53.55
CA LEU A 1028 -18.45 134.05 -54.54
C LEU A 1028 -17.19 133.73 -55.34
N ASP A 1029 -17.10 134.33 -56.53
CA ASP A 1029 -15.93 134.15 -57.38
C ASP A 1029 -14.73 134.85 -56.76
N GLU A 1030 -13.53 134.40 -57.15
CA GLU A 1030 -12.32 134.92 -56.55
C GLU A 1030 -12.14 136.41 -56.86
N ALA A 1031 -12.44 136.82 -58.08
CA ALA A 1031 -12.25 138.23 -58.45
C ALA A 1031 -13.14 139.14 -57.62
N THR A 1032 -14.41 138.78 -57.44
CA THR A 1032 -15.32 139.58 -56.64
C THR A 1032 -14.85 139.64 -55.19
N LYS A 1033 -14.40 138.49 -54.66
CA LYS A 1033 -13.85 138.47 -53.31
C LYS A 1033 -12.68 139.43 -53.20
N ARG A 1034 -11.79 139.41 -54.18
CA ARG A 1034 -10.61 140.28 -54.14
C ARG A 1034 -11.02 141.75 -54.17
N SER A 1035 -11.99 142.10 -55.02
CA SER A 1035 -12.45 143.48 -55.09
C SER A 1035 -13.04 143.95 -53.76
N ASN A 1036 -13.92 143.13 -53.19
CA ASN A 1036 -14.53 143.48 -51.91
C ASN A 1036 -13.48 143.62 -50.82
N ARG A 1037 -12.53 142.69 -50.79
CA ARG A 1037 -11.48 142.74 -49.78
C ARG A 1037 -10.62 143.97 -49.96
N ASP A 1038 -10.35 144.36 -51.20
CA ASP A 1038 -9.57 145.58 -51.44
C ASP A 1038 -10.32 146.80 -50.91
N SER A 1039 -11.61 146.88 -51.18
CA SER A 1039 -12.39 148.02 -50.68
C SER A 1039 -12.37 148.07 -49.16
N LEU A 1040 -12.58 146.92 -48.52
CA LEU A 1040 -12.62 146.90 -47.05
C LEU A 1040 -11.25 147.19 -46.47
N CYS A 1041 -10.18 146.72 -47.11
CA CYS A 1041 -8.84 147.04 -46.65
C CYS A 1041 -8.57 148.53 -46.77
N GLN A 1042 -9.06 149.16 -47.84
CA GLN A 1042 -8.93 150.61 -47.96
C GLN A 1042 -9.67 151.30 -46.83
N ALA A 1043 -10.86 150.82 -46.48
CA ALA A 1043 -11.60 151.41 -45.36
C ALA A 1043 -10.82 151.28 -44.05
N VAL A 1044 -10.27 150.09 -43.80
CA VAL A 1044 -9.49 149.88 -42.58
C VAL A 1044 -8.28 150.80 -42.56
N ARG A 1045 -7.64 150.96 -43.73
CA ARG A 1045 -6.50 151.87 -43.83
C ARG A 1045 -6.93 153.31 -43.54
N THR A 1046 -8.11 153.71 -44.02
CA THR A 1046 -8.58 155.08 -43.76
C THR A 1046 -8.76 155.29 -42.27
N LEU A 1047 -9.35 154.31 -41.58
CA LEU A 1047 -9.50 154.44 -40.13
C LEU A 1047 -8.15 154.51 -39.45
N LEU A 1048 -7.21 153.65 -39.85
CA LEU A 1048 -5.89 153.67 -39.23
C LEU A 1048 -5.19 155.01 -39.46
N GLY A 1049 -5.35 155.60 -40.65
CA GLY A 1049 -4.80 156.90 -40.95
C GLY A 1049 -5.43 157.98 -40.11
N TYR A 1050 -6.75 157.89 -39.91
CA TYR A 1050 -7.41 158.74 -38.93
C TYR A 1050 -6.80 158.57 -37.56
N GLY A 1051 -6.23 157.40 -37.28
CA GLY A 1051 -5.48 157.17 -36.06
C GLY A 1051 -6.14 156.23 -35.09
N TYR A 1052 -7.34 155.74 -35.40
CA TYR A 1052 -8.03 154.85 -34.48
C TYR A 1052 -7.23 153.57 -34.25
N ASN A 1053 -7.37 153.02 -33.05
CA ASN A 1053 -6.60 151.84 -32.65
C ASN A 1053 -7.48 150.61 -32.86
N ILE A 1054 -7.52 150.14 -34.11
CA ILE A 1054 -8.27 148.95 -34.47
C ILE A 1054 -7.52 147.72 -33.97
N GLU A 1055 -8.03 147.12 -32.89
CA GLU A 1055 -7.37 145.99 -32.27
C GLU A 1055 -8.14 144.71 -32.61
N PRO A 1056 -7.57 143.79 -33.38
CA PRO A 1056 -8.30 142.57 -33.74
C PRO A 1056 -8.66 141.76 -32.50
N PRO A 1057 -9.86 141.20 -32.43
CA PRO A 1057 -10.21 140.34 -31.31
C PRO A 1057 -9.36 139.07 -31.29
N ASP A 1058 -9.32 138.44 -30.10
CA ASP A 1058 -8.66 137.16 -29.97
C ASP A 1058 -9.41 136.10 -30.77
N GLN A 1059 -8.68 135.06 -31.17
CA GLN A 1059 -9.25 133.97 -31.95
C GLN A 1059 -9.90 132.95 -31.01
N GLU A 1060 -11.16 132.63 -31.27
CA GLU A 1060 -11.88 131.65 -30.47
C GLU A 1060 -11.95 130.34 -31.25
N PRO A 1061 -11.24 129.30 -30.83
CA PRO A 1061 -11.25 128.05 -31.61
C PRO A 1061 -12.63 127.41 -31.61
N SER A 1062 -12.92 126.69 -32.69
CA SER A 1062 -14.18 125.98 -32.84
C SER A 1062 -13.97 124.75 -33.71
N GLN A 1063 -14.87 123.79 -33.58
CA GLN A 1063 -14.84 122.56 -34.34
C GLN A 1063 -16.07 122.48 -35.25
N VAL A 1064 -15.90 121.79 -36.38
CA VAL A 1064 -16.98 121.65 -37.35
C VAL A 1064 -17.41 120.19 -37.44
N ASP A 1065 -16.46 119.29 -37.69
CA ASP A 1065 -16.73 117.86 -37.83
C ASP A 1065 -18.05 117.63 -38.56
N SER A 1066 -18.11 118.10 -39.80
CA SER A 1066 -19.34 118.07 -40.61
C SER A 1066 -20.10 116.77 -40.43
N GLN A 1067 -19.39 115.65 -40.35
CA GLN A 1067 -19.98 114.34 -40.12
C GLN A 1067 -19.12 113.57 -39.14
N SER A 1068 -19.42 112.27 -39.02
CA SER A 1068 -18.64 111.41 -38.15
C SER A 1068 -17.36 110.98 -38.86
N ARG A 1069 -16.22 111.27 -38.23
CA ARG A 1069 -14.93 110.92 -38.83
C ARG A 1069 -14.79 109.41 -39.01
N GLY A 1070 -15.23 108.64 -38.02
CA GLY A 1070 -15.11 107.19 -38.11
C GLY A 1070 -15.81 106.61 -39.32
N ASP A 1071 -16.84 107.30 -39.82
CA ASP A 1071 -17.62 106.84 -40.96
C ASP A 1071 -17.45 107.71 -42.20
N ARG A 1072 -16.61 108.75 -42.12
CA ARG A 1072 -16.46 109.68 -43.25
C ARG A 1072 -15.48 109.13 -44.29
N ALA A 1073 -14.23 108.95 -43.89
CA ALA A 1073 -13.21 108.50 -44.83
C ALA A 1073 -13.59 107.13 -45.39
N ARG A 1074 -13.47 106.99 -46.71
CA ARG A 1074 -13.73 105.72 -47.37
C ARG A 1074 -12.49 104.85 -47.27
N ILE A 1075 -12.65 103.63 -46.79
CA ILE A 1075 -11.56 102.68 -46.65
C ILE A 1075 -11.66 101.68 -47.81
N PHE A 1076 -10.55 101.49 -48.51
CA PHE A 1076 -10.44 100.48 -49.56
C PHE A 1076 -9.40 99.46 -49.13
N ARG A 1077 -9.78 98.18 -49.12
CA ARG A 1077 -8.88 97.11 -48.72
C ARG A 1077 -8.92 96.00 -49.76
N ALA A 1078 -7.86 95.20 -49.78
CA ALA A 1078 -7.87 93.99 -50.59
C ALA A 1078 -8.85 92.98 -50.00
N GLU A 1079 -9.34 92.08 -50.85
CA GLU A 1079 -10.27 91.05 -50.40
C GLU A 1079 -9.60 90.15 -49.37
N LYS A 1080 -10.39 89.66 -48.41
CA LYS A 1080 -9.84 88.90 -47.30
C LYS A 1080 -9.04 87.68 -47.76
N SER A 1081 -9.37 87.10 -48.90
CA SER A 1081 -8.68 85.89 -49.35
C SER A 1081 -7.25 86.16 -49.78
N TYR A 1082 -6.86 87.42 -49.97
CA TYR A 1082 -5.52 87.78 -50.38
C TYR A 1082 -4.58 88.00 -49.19
N ALA A 1083 -5.05 87.80 -47.96
CA ALA A 1083 -4.22 88.05 -46.79
C ALA A 1083 -2.95 87.22 -46.86
N VAL A 1084 -1.81 87.86 -46.59
CA VAL A 1084 -0.51 87.22 -46.62
C VAL A 1084 -0.09 86.93 -45.18
N GLN A 1085 0.29 85.68 -44.93
CA GLN A 1085 0.73 85.26 -43.60
C GLN A 1085 2.23 85.00 -43.54
N SER A 1086 2.96 85.26 -44.62
CA SER A 1086 4.40 85.06 -44.64
C SER A 1086 4.96 85.76 -45.86
N GLY A 1087 6.27 86.01 -45.82
CA GLY A 1087 6.98 86.59 -46.94
C GLY A 1087 7.24 88.07 -46.76
N ARG A 1088 7.79 88.66 -47.82
CA ARG A 1088 8.15 90.07 -47.85
C ARG A 1088 7.42 90.71 -49.02
N TRP A 1089 6.46 91.58 -48.72
CA TRP A 1089 5.52 92.09 -49.71
C TRP A 1089 5.61 93.62 -49.80
N TYR A 1090 5.39 94.12 -51.01
CA TYR A 1090 5.56 95.53 -51.33
C TYR A 1090 4.40 96.00 -52.20
N PHE A 1091 3.97 97.25 -51.98
CA PHE A 1091 3.03 97.88 -52.88
C PHE A 1091 3.19 99.40 -52.77
N GLU A 1092 2.53 100.12 -53.67
CA GLU A 1092 2.71 101.56 -53.78
C GLU A 1092 1.37 102.28 -53.72
N PHE A 1093 1.39 103.51 -53.22
CA PHE A 1093 0.20 104.36 -53.14
C PHE A 1093 0.60 105.78 -53.50
N GLU A 1094 0.14 106.26 -54.65
CA GLU A 1094 0.41 107.63 -55.06
C GLU A 1094 -0.70 108.54 -54.54
N ALA A 1095 -0.31 109.64 -53.91
CA ALA A 1095 -1.28 110.58 -53.36
C ALA A 1095 -1.53 111.67 -54.41
N VAL A 1096 -2.63 111.54 -55.16
CA VAL A 1096 -2.93 112.55 -56.16
C VAL A 1096 -3.21 113.89 -55.51
N THR A 1097 -3.98 113.88 -54.42
CA THR A 1097 -4.15 115.05 -53.57
C THR A 1097 -3.13 114.98 -52.44
N THR A 1098 -3.24 115.92 -51.50
CA THR A 1098 -2.31 115.99 -50.37
C THR A 1098 -3.04 116.14 -49.05
N GLY A 1099 -4.29 115.71 -48.97
CA GLY A 1099 -5.11 115.86 -47.78
C GLY A 1099 -5.04 114.63 -46.90
N GLU A 1100 -6.17 114.33 -46.26
CA GLU A 1100 -6.25 113.24 -45.29
C GLU A 1100 -6.30 111.91 -46.03
N MET A 1101 -5.19 111.19 -46.02
CA MET A 1101 -5.14 109.84 -46.57
C MET A 1101 -4.20 108.99 -45.75
N ARG A 1102 -4.57 107.73 -45.56
CA ARG A 1102 -3.77 106.77 -44.83
C ARG A 1102 -3.54 105.55 -45.72
N VAL A 1103 -2.40 104.90 -45.55
CA VAL A 1103 -2.08 103.73 -46.36
C VAL A 1103 -1.22 102.76 -45.55
N GLY A 1104 -1.49 101.47 -45.70
CA GLY A 1104 -0.71 100.47 -45.01
C GLY A 1104 -1.31 99.09 -45.07
N TRP A 1105 -1.25 98.36 -43.95
CA TRP A 1105 -1.66 96.97 -43.89
C TRP A 1105 -2.75 96.82 -42.84
N ALA A 1106 -3.70 95.93 -43.10
CA ALA A 1106 -4.82 95.71 -42.21
C ALA A 1106 -5.06 94.22 -42.03
N ARG A 1107 -5.64 93.87 -40.90
CA ARG A 1107 -6.03 92.49 -40.68
C ARG A 1107 -7.35 92.20 -41.38
N PRO A 1108 -7.63 90.94 -41.73
CA PRO A 1108 -8.83 90.64 -42.52
C PRO A 1108 -10.12 91.10 -41.85
N GLU A 1109 -10.15 91.11 -40.51
CA GLU A 1109 -11.35 91.46 -39.76
C GLU A 1109 -11.42 92.97 -39.48
N LEU A 1110 -10.79 93.78 -40.32
CA LEU A 1110 -10.85 95.22 -40.15
C LEU A 1110 -12.30 95.70 -40.16
N ARG A 1111 -12.63 96.57 -39.22
CA ARG A 1111 -13.99 97.10 -39.17
C ARG A 1111 -14.15 98.24 -40.17
N PRO A 1112 -15.36 98.43 -40.71
CA PRO A 1112 -15.56 99.51 -41.70
C PRO A 1112 -15.90 100.86 -41.09
N ASP A 1113 -16.28 100.91 -39.81
CA ASP A 1113 -16.73 102.14 -39.17
C ASP A 1113 -15.70 102.73 -38.22
N VAL A 1114 -14.47 102.21 -38.23
CA VAL A 1114 -13.41 102.69 -37.36
C VAL A 1114 -12.33 103.32 -38.23
N GLU A 1115 -11.79 104.45 -37.76
CA GLU A 1115 -10.70 105.09 -38.47
C GLU A 1115 -9.52 104.14 -38.60
N LEU A 1116 -8.86 104.18 -39.76
CA LEU A 1116 -7.73 103.28 -40.00
C LEU A 1116 -6.64 103.54 -38.98
N GLY A 1117 -6.28 102.49 -38.23
CA GLY A 1117 -5.24 102.59 -37.22
C GLY A 1117 -5.71 103.09 -35.87
N ALA A 1118 -6.98 103.46 -35.74
CA ALA A 1118 -7.49 103.84 -34.43
C ALA A 1118 -7.47 102.65 -33.47
N ASP A 1119 -7.81 101.46 -33.96
CA ASP A 1119 -7.76 100.23 -33.20
C ASP A 1119 -6.49 99.46 -33.60
N ASP A 1120 -6.38 98.22 -33.13
CA ASP A 1120 -5.20 97.40 -33.37
C ASP A 1120 -5.29 96.58 -34.66
N LEU A 1121 -6.29 96.85 -35.49
CA LEU A 1121 -6.52 96.05 -36.69
C LEU A 1121 -5.83 96.59 -37.92
N ALA A 1122 -5.05 97.66 -37.83
CA ALA A 1122 -4.38 98.21 -38.98
C ALA A 1122 -3.13 98.97 -38.56
N TYR A 1123 -2.07 98.81 -39.33
CA TYR A 1123 -0.83 99.58 -39.20
C TYR A 1123 -0.74 100.43 -40.46
N VAL A 1124 -0.89 101.74 -40.34
CA VAL A 1124 -0.94 102.62 -41.51
C VAL A 1124 -0.07 103.84 -41.28
N PHE A 1125 0.19 104.54 -42.37
CA PHE A 1125 0.91 105.80 -42.38
C PHE A 1125 0.00 106.87 -42.95
N ASN A 1126 -0.11 108.00 -42.26
CA ASN A 1126 -0.87 109.15 -42.70
C ASN A 1126 0.10 110.25 -43.07
N GLY A 1127 0.13 110.62 -44.34
CA GLY A 1127 1.09 111.57 -44.86
C GLY A 1127 0.63 113.01 -44.96
N HIS A 1128 -0.57 113.33 -44.49
CA HIS A 1128 -1.00 114.73 -44.47
C HIS A 1128 -0.07 115.56 -43.60
N ARG A 1129 0.21 115.09 -42.39
CA ARG A 1129 1.16 115.73 -41.50
C ARG A 1129 2.38 114.85 -41.22
N GLY A 1130 2.26 113.54 -41.39
CA GLY A 1130 3.33 112.60 -41.09
C GLY A 1130 3.06 111.94 -39.75
N GLN A 1131 2.47 110.75 -39.79
CA GLN A 1131 2.15 110.00 -38.58
C GLN A 1131 2.06 108.53 -38.91
N ARG A 1132 2.32 107.71 -37.89
CA ARG A 1132 2.10 106.28 -37.98
C ARG A 1132 0.96 105.91 -37.04
N TRP A 1133 -0.04 105.21 -37.58
CA TRP A 1133 -1.27 104.92 -36.87
C TRP A 1133 -1.35 103.43 -36.59
N HIS A 1134 -1.41 103.09 -35.30
CA HIS A 1134 -1.78 101.75 -34.84
C HIS A 1134 -2.15 101.88 -33.38
N LEU A 1135 -3.42 101.64 -33.04
CA LEU A 1135 -3.90 101.84 -31.68
C LEU A 1135 -3.64 103.27 -31.21
N GLY A 1136 -3.71 104.21 -32.15
CA GLY A 1136 -3.42 105.60 -31.88
C GLY A 1136 -2.46 106.17 -32.88
N SER A 1137 -2.05 107.41 -32.64
CA SER A 1137 -1.21 108.16 -33.54
C SER A 1137 0.13 108.49 -32.88
N GLU A 1138 1.17 108.57 -33.71
CA GLU A 1138 2.50 108.99 -33.28
C GLU A 1138 3.15 109.72 -34.45
N PRO A 1139 3.97 110.73 -34.18
CA PRO A 1139 4.70 111.39 -35.27
C PRO A 1139 5.61 110.40 -35.97
N PHE A 1140 5.69 110.53 -37.30
CA PHE A 1140 6.53 109.65 -38.09
C PHE A 1140 6.65 110.15 -39.53
N GLY A 1141 7.85 110.10 -40.09
CA GLY A 1141 8.02 110.50 -41.47
C GLY A 1141 7.82 111.99 -41.66
N ARG A 1142 7.55 112.35 -42.91
CA ARG A 1142 7.32 113.73 -43.33
C ARG A 1142 6.07 113.80 -44.18
N PRO A 1143 5.42 114.97 -44.24
CA PRO A 1143 4.23 115.09 -45.08
C PRO A 1143 4.56 114.95 -46.56
N TRP A 1144 3.59 114.44 -47.31
CA TRP A 1144 3.76 114.22 -48.74
C TRP A 1144 3.28 115.42 -49.53
N GLN A 1145 3.70 115.47 -50.79
CA GLN A 1145 3.25 116.45 -51.76
C GLN A 1145 2.43 115.74 -52.82
N SER A 1146 1.74 116.53 -53.64
CA SER A 1146 0.95 115.97 -54.72
C SER A 1146 1.85 115.15 -55.64
N GLY A 1147 1.42 113.93 -55.97
CA GLY A 1147 2.18 113.05 -56.82
C GLY A 1147 3.20 112.21 -56.09
N ASP A 1148 3.34 112.34 -54.77
CA ASP A 1148 4.29 111.54 -54.02
C ASP A 1148 3.79 110.11 -53.90
N VAL A 1149 4.71 109.16 -54.00
CA VAL A 1149 4.40 107.74 -53.94
C VAL A 1149 4.93 107.18 -52.62
N VAL A 1150 4.04 106.56 -51.85
CA VAL A 1150 4.39 105.89 -50.61
C VAL A 1150 4.54 104.41 -50.90
N GLY A 1151 5.73 103.89 -50.66
CA GLY A 1151 5.98 102.46 -50.77
C GLY A 1151 5.79 101.78 -49.44
N CYS A 1152 4.82 100.87 -49.37
CA CYS A 1152 4.50 100.14 -48.15
C CYS A 1152 5.07 98.74 -48.26
N MET A 1153 5.87 98.35 -47.27
CA MET A 1153 6.51 97.04 -47.23
C MET A 1153 6.16 96.36 -45.92
N ILE A 1154 5.87 95.05 -45.99
CA ILE A 1154 5.66 94.24 -44.81
C ILE A 1154 6.58 93.02 -44.89
N ASP A 1155 7.37 92.82 -43.85
CA ASP A 1155 8.29 91.69 -43.75
C ASP A 1155 7.77 90.80 -42.63
N LEU A 1156 7.22 89.65 -42.99
CA LEU A 1156 6.64 88.74 -42.01
C LEU A 1156 7.64 87.73 -41.48
N THR A 1157 8.89 87.78 -41.92
CA THR A 1157 9.98 87.04 -41.29
C THR A 1157 10.59 87.80 -40.14
N GLU A 1158 10.77 89.11 -40.28
CA GLU A 1158 11.20 89.98 -39.20
C GLU A 1158 10.03 90.59 -38.44
N ASN A 1159 8.81 90.41 -38.92
CA ASN A 1159 7.62 90.97 -38.27
C ASN A 1159 7.73 92.48 -38.18
N THR A 1160 7.98 93.12 -39.31
CA THR A 1160 8.17 94.57 -39.38
C THR A 1160 7.39 95.16 -40.54
N ILE A 1161 7.15 96.46 -40.46
CA ILE A 1161 6.50 97.22 -41.51
C ILE A 1161 7.36 98.45 -41.80
N ILE A 1162 7.60 98.72 -43.08
CA ILE A 1162 8.46 99.83 -43.51
C ILE A 1162 7.67 100.70 -44.47
N PHE A 1163 7.89 102.02 -44.37
CA PHE A 1163 7.29 102.99 -45.27
C PHE A 1163 8.40 103.79 -45.92
N THR A 1164 8.29 103.99 -47.23
CA THR A 1164 9.21 104.84 -47.98
C THR A 1164 8.41 105.91 -48.70
N LEU A 1165 9.04 107.06 -48.92
CA LEU A 1165 8.43 108.17 -49.64
C LEU A 1165 9.34 108.54 -50.81
N ASN A 1166 8.86 108.31 -52.03
CA ASN A 1166 9.63 108.56 -53.23
C ASN A 1166 10.96 107.80 -53.19
N GLY A 1167 10.91 106.57 -52.66
CA GLY A 1167 12.06 105.69 -52.64
C GLY A 1167 12.94 105.81 -51.42
N GLU A 1168 12.75 106.83 -50.59
CA GLU A 1168 13.54 107.02 -49.39
C GLU A 1168 12.77 106.50 -48.19
N VAL A 1169 13.43 105.69 -47.36
CA VAL A 1169 12.77 105.09 -46.21
C VAL A 1169 12.40 106.20 -45.23
N LEU A 1170 11.15 106.19 -44.77
CA LEU A 1170 10.73 107.14 -43.75
C LEU A 1170 11.17 106.66 -42.38
N MET A 1171 11.64 107.58 -41.55
CA MET A 1171 12.23 107.27 -40.27
C MET A 1171 11.44 107.94 -39.15
N SER A 1172 11.39 107.27 -38.01
CA SER A 1172 10.76 107.83 -36.83
C SER A 1172 11.66 108.89 -36.21
N ASP A 1173 11.13 109.58 -35.20
CA ASP A 1173 11.92 110.58 -34.50
C ASP A 1173 13.15 109.96 -33.85
N SER A 1174 12.99 108.78 -33.26
CA SER A 1174 14.13 108.10 -32.65
C SER A 1174 15.18 107.73 -33.68
N GLY A 1175 14.82 107.70 -34.96
CA GLY A 1175 15.73 107.33 -36.03
C GLY A 1175 15.55 105.93 -36.54
N SER A 1176 14.66 105.12 -35.97
CA SER A 1176 14.46 103.77 -36.47
C SER A 1176 13.89 103.79 -37.87
N GLU A 1177 14.32 102.82 -38.69
CA GLU A 1177 13.88 102.74 -40.08
C GLU A 1177 12.66 101.84 -40.28
N THR A 1178 12.14 101.25 -39.20
CA THR A 1178 10.93 100.46 -39.27
C THR A 1178 9.79 101.22 -38.60
N ALA A 1179 8.67 101.36 -39.31
CA ALA A 1179 7.52 102.04 -38.74
C ALA A 1179 6.93 101.25 -37.58
N PHE A 1180 6.85 99.93 -37.72
CA PHE A 1180 6.32 99.05 -36.69
C PHE A 1180 7.16 97.79 -36.62
N ARG A 1181 7.15 97.16 -35.45
CA ARG A 1181 7.92 95.95 -35.21
C ARG A 1181 7.15 95.06 -34.25
N ASP A 1182 7.63 93.83 -34.08
CA ASP A 1182 7.00 92.84 -33.21
C ASP A 1182 5.54 92.65 -33.58
N ILE A 1183 5.26 92.61 -34.87
CA ILE A 1183 3.90 92.45 -35.38
C ILE A 1183 3.54 90.97 -35.34
N GLU A 1184 2.43 90.65 -34.70
CA GLU A 1184 1.94 89.28 -34.65
C GLU A 1184 1.21 88.96 -35.95
N ILE A 1185 1.61 87.88 -36.61
CA ILE A 1185 1.07 87.58 -37.94
C ILE A 1185 -0.43 87.35 -37.86
N GLY A 1186 -0.87 86.54 -36.89
CA GLY A 1186 -2.30 86.30 -36.75
C GLY A 1186 -2.89 85.71 -38.01
N ASP A 1187 -3.94 86.35 -38.51
CA ASP A 1187 -4.67 85.86 -39.68
C ASP A 1187 -4.11 86.35 -41.00
N GLY A 1188 -3.09 87.20 -40.98
CA GLY A 1188 -2.49 87.74 -42.19
C GLY A 1188 -2.74 89.23 -42.32
N PHE A 1189 -2.26 89.77 -43.44
CA PHE A 1189 -2.33 91.21 -43.68
C PHE A 1189 -2.75 91.47 -45.12
N LEU A 1190 -3.46 92.58 -45.30
CA LEU A 1190 -4.02 92.99 -46.58
C LEU A 1190 -3.64 94.43 -46.86
N PRO A 1191 -3.35 94.80 -48.11
CA PRO A 1191 -3.19 96.22 -48.43
C PRO A 1191 -4.47 96.98 -48.14
N VAL A 1192 -4.31 98.17 -47.58
CA VAL A 1192 -5.45 99.00 -47.18
C VAL A 1192 -5.07 100.47 -47.35
N CYS A 1193 -6.08 101.28 -47.66
CA CYS A 1193 -5.92 102.72 -47.71
C CYS A 1193 -7.23 103.36 -47.28
N SER A 1194 -7.13 104.62 -46.86
CA SER A 1194 -8.29 105.41 -46.43
C SER A 1194 -8.17 106.79 -47.05
N LEU A 1195 -9.24 107.25 -47.68
CA LEU A 1195 -9.29 108.54 -48.34
C LEU A 1195 -10.38 109.38 -47.67
N GLY A 1196 -10.01 110.57 -47.19
CA GLY A 1196 -10.98 111.47 -46.63
C GLY A 1196 -11.74 112.20 -47.71
N PRO A 1197 -12.67 113.06 -47.28
CA PRO A 1197 -13.49 113.78 -48.26
C PRO A 1197 -12.62 114.63 -49.18
N GLY A 1198 -12.85 114.48 -50.48
CA GLY A 1198 -12.14 115.26 -51.48
C GLY A 1198 -10.76 114.76 -51.83
N GLN A 1199 -10.40 113.55 -51.43
CA GLN A 1199 -9.06 113.02 -51.62
C GLN A 1199 -9.03 112.00 -52.76
N VAL A 1200 -7.88 111.90 -53.42
CA VAL A 1200 -7.69 110.97 -54.53
C VAL A 1200 -6.36 110.25 -54.36
N GLY A 1201 -6.40 108.93 -54.47
CA GLY A 1201 -5.20 108.12 -54.41
C GLY A 1201 -5.14 107.15 -55.57
N HIS A 1202 -3.98 106.55 -55.74
CA HIS A 1202 -3.76 105.53 -56.75
C HIS A 1202 -3.03 104.37 -56.11
N LEU A 1203 -3.72 103.24 -55.97
CA LEU A 1203 -3.16 102.04 -55.36
C LEU A 1203 -2.58 101.15 -56.44
N ASN A 1204 -1.27 100.90 -56.37
CA ASN A 1204 -0.57 100.02 -57.31
C ASN A 1204 -0.07 98.82 -56.52
N LEU A 1205 -0.75 97.69 -56.69
CA LEU A 1205 -0.38 96.47 -55.99
C LEU A 1205 0.70 95.68 -56.72
N GLY A 1206 1.15 96.17 -57.88
CA GLY A 1206 2.29 95.58 -58.54
C GLY A 1206 1.99 94.40 -59.44
N GLN A 1207 0.78 94.31 -59.99
CA GLN A 1207 0.51 93.26 -60.96
C GLN A 1207 1.41 93.40 -62.17
N ASP A 1208 1.63 94.63 -62.63
CA ASP A 1208 2.60 94.94 -63.67
C ASP A 1208 3.81 95.54 -62.95
N VAL A 1209 4.85 94.73 -62.76
CA VAL A 1209 6.00 95.16 -61.98
C VAL A 1209 6.63 96.40 -62.60
N SER A 1210 6.60 96.52 -63.92
CA SER A 1210 7.18 97.68 -64.57
C SER A 1210 6.44 98.97 -64.25
N SER A 1211 5.18 98.87 -63.79
CA SER A 1211 4.42 100.08 -63.47
C SER A 1211 4.87 100.69 -62.15
N LEU A 1212 5.45 99.89 -61.26
CA LEU A 1212 5.94 100.42 -59.99
C LEU A 1212 7.06 101.43 -60.26
N ARG A 1213 7.03 102.54 -59.52
CA ARG A 1213 7.92 103.66 -59.80
C ARG A 1213 9.12 103.72 -58.88
N PHE A 1214 9.07 103.09 -57.70
CA PHE A 1214 10.19 103.12 -56.76
C PHE A 1214 10.52 101.74 -56.21
N PHE A 1215 9.98 100.67 -56.79
CA PHE A 1215 10.30 99.33 -56.31
C PHE A 1215 11.78 99.02 -56.48
N ALA A 1216 12.35 99.38 -57.64
CA ALA A 1216 13.77 99.11 -57.87
C ALA A 1216 14.65 99.89 -56.91
N ILE A 1217 14.30 101.15 -56.63
CA ILE A 1217 15.13 101.99 -55.77
C ILE A 1217 15.16 101.44 -54.35
N CYS A 1218 14.01 100.97 -53.86
CA CYS A 1218 13.93 100.43 -52.51
C CYS A 1218 12.93 99.28 -52.48
N GLY A 1219 13.43 98.08 -52.23
CA GLY A 1219 12.59 96.91 -52.00
C GLY A 1219 12.98 95.73 -52.86
N LEU A 1220 13.34 96.01 -54.12
CA LEU A 1220 13.74 94.93 -55.01
C LEU A 1220 15.01 94.25 -54.50
N GLN A 1221 16.05 95.03 -54.21
CA GLN A 1221 17.29 94.47 -53.70
C GLN A 1221 17.14 94.01 -52.25
N GLU A 1222 16.25 94.63 -51.49
CA GLU A 1222 15.94 94.17 -50.14
C GLU A 1222 15.17 92.87 -50.12
N GLY A 1223 14.65 92.43 -51.27
CA GLY A 1223 14.02 91.13 -51.35
C GLY A 1223 12.52 91.14 -51.19
N PHE A 1224 11.88 92.30 -51.24
CA PHE A 1224 10.43 92.38 -51.15
C PHE A 1224 9.81 92.09 -52.51
N GLU A 1225 8.62 91.52 -52.48
CA GLU A 1225 7.92 91.11 -53.68
C GLU A 1225 6.65 91.93 -53.86
N PRO A 1226 6.32 92.36 -55.08
CA PRO A 1226 5.06 93.07 -55.29
C PRO A 1226 3.88 92.21 -54.85
N PHE A 1227 2.88 92.85 -54.26
CA PHE A 1227 1.80 92.11 -53.61
C PHE A 1227 1.08 91.19 -54.60
N ALA A 1228 0.84 91.67 -55.82
CA ALA A 1228 0.09 90.93 -56.83
C ALA A 1228 0.99 90.56 -58.02
N ILE A 1229 2.23 90.16 -57.74
CA ILE A 1229 3.21 90.02 -58.81
C ILE A 1229 2.78 88.92 -59.79
N ASN A 1230 2.34 87.78 -59.27
CA ASN A 1230 2.03 86.64 -60.13
C ASN A 1230 0.55 86.29 -60.09
N MET A 1231 -0.31 87.31 -60.13
CA MET A 1231 -1.74 87.12 -60.23
C MET A 1231 -2.17 87.36 -61.66
N GLN A 1232 -2.96 86.43 -62.21
CA GLN A 1232 -3.41 86.57 -63.59
C GLN A 1232 -4.53 87.59 -63.72
N ARG A 1233 -5.16 87.97 -62.61
CA ARG A 1233 -6.24 88.94 -62.62
C ARG A 1233 -5.99 90.03 -61.59
N PRO A 1234 -6.52 91.23 -61.80
CA PRO A 1234 -6.36 92.28 -60.79
C PRO A 1234 -6.97 91.88 -59.47
N VAL A 1235 -6.35 92.34 -58.39
CA VAL A 1235 -6.81 91.98 -57.05
C VAL A 1235 -8.15 92.64 -56.77
N THR A 1236 -9.12 91.84 -56.33
CA THR A 1236 -10.43 92.36 -55.97
C THR A 1236 -10.32 93.20 -54.71
N THR A 1237 -11.08 94.30 -54.67
CA THR A 1237 -11.06 95.22 -53.54
C THR A 1237 -12.46 95.42 -52.99
N TRP A 1238 -12.52 95.75 -51.70
CA TRP A 1238 -13.75 96.11 -51.03
C TRP A 1238 -13.60 97.50 -50.44
N PHE A 1239 -14.71 98.21 -50.31
CA PHE A 1239 -14.71 99.55 -49.77
C PHE A 1239 -15.78 99.69 -48.70
N SER A 1240 -15.58 100.65 -47.82
CA SER A 1240 -16.50 100.93 -46.72
C SER A 1240 -17.63 101.79 -47.25
N LYS A 1241 -18.72 101.13 -47.65
CA LYS A 1241 -19.90 101.83 -48.17
C LYS A 1241 -20.66 102.45 -47.00
N SER A 1242 -20.92 103.76 -47.11
CA SER A 1242 -21.66 104.49 -46.09
C SER A 1242 -23.16 104.53 -46.36
N LEU A 1243 -23.76 103.37 -46.59
CA LEU A 1243 -25.20 103.26 -46.71
C LEU A 1243 -25.72 102.51 -45.49
N PRO A 1244 -26.42 103.17 -44.57
CA PRO A 1244 -26.85 102.46 -43.35
C PRO A 1244 -27.69 101.23 -43.68
N GLN A 1245 -27.41 100.14 -42.99
CA GLN A 1245 -28.10 98.87 -43.21
C GLN A 1245 -28.43 98.22 -41.88
N PHE A 1246 -29.51 97.46 -41.85
CA PHE A 1246 -29.96 96.81 -40.62
C PHE A 1246 -29.25 95.47 -40.47
N GLU A 1247 -28.59 95.28 -39.34
CA GLU A 1247 -27.89 94.04 -39.04
C GLU A 1247 -28.23 93.57 -37.64
N PRO A 1248 -28.18 92.27 -37.38
CA PRO A 1248 -28.54 91.77 -36.04
C PRO A 1248 -27.67 92.41 -34.96
N VAL A 1249 -28.28 92.69 -33.82
CA VAL A 1249 -27.56 93.29 -32.70
C VAL A 1249 -26.46 92.32 -32.29
N PRO A 1250 -25.19 92.73 -32.27
CA PRO A 1250 -24.13 91.78 -31.90
C PRO A 1250 -24.34 91.24 -30.50
N LEU A 1251 -24.03 89.95 -30.34
CA LEU A 1251 -24.18 89.31 -29.03
C LEU A 1251 -23.21 89.88 -28.01
N GLU A 1252 -22.16 90.56 -28.45
CA GLU A 1252 -21.16 91.13 -27.56
C GLU A 1252 -21.10 92.65 -27.65
N HIS A 1253 -22.19 93.29 -28.02
CA HIS A 1253 -22.18 94.73 -28.17
C HIS A 1253 -21.88 95.39 -26.83
N PRO A 1254 -20.94 96.35 -26.77
CA PRO A 1254 -20.56 96.91 -25.47
C PRO A 1254 -21.65 97.72 -24.79
N HIS A 1255 -22.69 98.15 -25.49
CA HIS A 1255 -23.66 99.07 -24.91
C HIS A 1255 -25.08 98.52 -24.91
N TYR A 1256 -25.45 97.75 -25.93
CA TYR A 1256 -26.82 97.31 -26.13
C TYR A 1256 -26.94 95.81 -25.96
N GLU A 1257 -27.94 95.38 -25.20
CA GLU A 1257 -28.23 93.97 -24.97
C GLU A 1257 -29.70 93.73 -25.23
N VAL A 1258 -30.01 92.62 -25.89
CA VAL A 1258 -31.38 92.22 -26.20
C VAL A 1258 -31.65 90.91 -25.50
N ALA A 1259 -32.73 90.85 -24.73
CA ALA A 1259 -33.13 89.67 -23.98
C ALA A 1259 -34.42 89.11 -24.56
N ARG A 1260 -34.42 87.82 -24.90
CA ARG A 1260 -35.60 87.15 -25.41
C ARG A 1260 -36.36 86.58 -24.21
N MET A 1261 -37.52 87.17 -23.91
CA MET A 1261 -38.33 86.76 -22.77
C MET A 1261 -39.45 85.85 -23.26
N ASP A 1262 -39.57 84.68 -22.65
CA ASP A 1262 -40.63 83.76 -23.01
C ASP A 1262 -41.97 84.25 -22.49
N GLY A 1263 -43.03 83.84 -23.16
CA GLY A 1263 -44.36 84.26 -22.75
C GLY A 1263 -44.83 83.52 -21.52
N THR A 1264 -45.31 84.28 -20.54
CA THR A 1264 -45.86 83.73 -19.32
C THR A 1264 -47.39 83.64 -19.45
N VAL A 1265 -48.07 83.34 -18.35
CA VAL A 1265 -49.53 83.25 -18.40
C VAL A 1265 -50.16 84.60 -18.69
N ASP A 1266 -49.56 85.69 -18.17
CA ASP A 1266 -50.11 87.03 -18.32
C ASP A 1266 -49.26 87.91 -19.22
N THR A 1267 -48.24 87.36 -19.87
CA THR A 1267 -47.33 88.15 -20.70
C THR A 1267 -47.06 87.40 -21.99
N PRO A 1268 -46.97 88.10 -23.12
CA PRO A 1268 -46.64 87.45 -24.38
C PRO A 1268 -45.13 87.36 -24.56
N PRO A 1269 -44.67 86.71 -25.62
CA PRO A 1269 -43.23 86.74 -25.92
C PRO A 1269 -42.75 88.17 -26.13
N CYS A 1270 -41.52 88.43 -25.69
CA CYS A 1270 -40.99 89.78 -25.70
C CYS A 1270 -39.51 89.76 -26.06
N LEU A 1271 -39.07 90.87 -26.67
CA LEU A 1271 -37.66 91.14 -26.95
C LEU A 1271 -37.33 92.48 -26.32
N ARG A 1272 -36.58 92.46 -25.22
CA ARG A 1272 -36.34 93.64 -24.41
C ARG A 1272 -34.94 94.17 -24.66
N LEU A 1273 -34.83 95.48 -24.87
CA LEU A 1273 -33.55 96.15 -25.05
C LEU A 1273 -33.14 96.82 -23.74
N THR A 1274 -31.89 96.61 -23.35
CA THR A 1274 -31.34 97.24 -22.16
C THR A 1274 -30.01 97.89 -22.51
N HIS A 1275 -29.72 99.02 -21.87
CA HIS A 1275 -28.47 99.74 -22.06
C HIS A 1275 -27.49 99.28 -20.99
N ARG A 1276 -26.46 98.54 -21.40
CA ARG A 1276 -25.57 97.92 -20.43
C ARG A 1276 -24.78 98.95 -19.64
N THR A 1277 -24.27 99.98 -20.32
CA THR A 1277 -23.34 100.93 -19.72
C THR A 1277 -24.02 102.22 -19.29
N TRP A 1278 -25.34 102.21 -19.09
CA TRP A 1278 -26.04 103.43 -18.74
C TRP A 1278 -25.56 103.97 -17.40
N GLY A 1279 -25.49 105.29 -17.29
CA GLY A 1279 -25.11 105.94 -16.05
C GLY A 1279 -23.70 105.62 -15.61
N SER A 1280 -22.75 105.68 -16.53
CA SER A 1280 -21.37 105.39 -16.21
C SER A 1280 -20.46 106.05 -17.23
N GLN A 1281 -19.18 106.14 -16.88
CA GLN A 1281 -18.20 106.73 -17.79
C GLN A 1281 -17.84 105.76 -18.92
N ASN A 1282 -17.92 106.29 -20.14
CA ASN A 1282 -17.83 105.69 -21.49
C ASN A 1282 -19.21 105.34 -22.03
N SER A 1283 -20.29 105.64 -21.30
CA SER A 1283 -21.61 105.31 -21.78
C SER A 1283 -21.88 105.99 -23.12
N LEU A 1284 -22.44 105.24 -24.05
CA LEU A 1284 -22.77 105.75 -25.38
C LEU A 1284 -24.27 106.01 -25.42
N VAL A 1285 -24.64 107.27 -25.63
CA VAL A 1285 -26.04 107.69 -25.70
C VAL A 1285 -26.22 108.38 -27.05
N GLU A 1286 -26.93 107.71 -27.95
CA GLU A 1286 -27.18 108.25 -29.28
C GLU A 1286 -28.44 107.58 -29.82
N MET A 1287 -28.98 108.18 -30.89
CA MET A 1287 -30.18 107.65 -31.50
C MET A 1287 -29.93 106.21 -31.96
N LEU A 1288 -30.90 105.35 -31.70
CA LEU A 1288 -30.83 103.93 -32.01
C LEU A 1288 -32.04 103.56 -32.85
N PHE A 1289 -31.79 102.92 -34.00
CA PHE A 1289 -32.83 102.53 -34.94
C PHE A 1289 -32.89 101.01 -34.95
N LEU A 1290 -33.99 100.45 -34.44
CA LEU A 1290 -34.16 99.02 -34.32
C LEU A 1290 -35.34 98.57 -35.17
N ARG A 1291 -35.23 97.36 -35.72
CA ARG A 1291 -36.32 96.75 -36.44
C ARG A 1291 -36.31 95.26 -36.15
N LEU A 1292 -37.41 94.59 -36.50
CA LEU A 1292 -37.46 93.14 -36.40
C LEU A 1292 -37.00 92.53 -37.72
N SER A 1293 -36.41 91.33 -37.62
CA SER A 1293 -35.75 90.75 -38.77
C SER A 1293 -36.73 90.44 -39.90
N LEU A 1294 -37.96 90.02 -39.55
CA LEU A 1294 -38.88 89.58 -40.59
C LEU A 1294 -39.96 90.64 -40.86
N PRO A 1295 -40.41 90.77 -42.11
CA PRO A 1295 -41.51 91.70 -42.40
C PRO A 1295 -42.88 91.05 -42.41
N VAL A 1296 -43.92 91.87 -42.37
CA VAL A 1296 -45.27 91.46 -42.70
C VAL A 1296 -45.59 92.00 -44.10
N GLN A 1297 -46.21 91.17 -44.92
CA GLN A 1297 -46.51 91.52 -46.30
C GLN A 1297 -48.01 91.68 -46.48
N PHE A 1298 -48.42 92.81 -47.03
CA PHE A 1298 -49.81 93.05 -47.32
C PHE A 1298 -50.26 92.22 -48.52
N HIS A 1299 -51.55 91.91 -48.56
CA HIS A 1299 -52.07 91.00 -49.56
C HIS A 1299 -51.93 91.61 -50.96
N GLN A 1300 -51.89 90.73 -51.95
CA GLN A 1300 -51.77 91.17 -53.34
C GLN A 1300 -53.01 91.94 -53.78
N HIS A 1301 -54.18 91.55 -53.30
CA HIS A 1301 -55.44 92.22 -53.63
C HIS A 1301 -56.14 92.62 -52.34
N PHE A 1302 -56.57 93.87 -52.27
CA PHE A 1302 -57.27 94.39 -51.10
C PHE A 1302 -58.77 94.14 -51.22
N ARG A 1303 -59.42 93.99 -50.08
CA ARG A 1303 -60.86 93.79 -50.06
C ARG A 1303 -61.56 94.96 -50.74
N CYS A 1304 -62.57 94.64 -51.55
CA CYS A 1304 -63.32 95.68 -52.23
C CYS A 1304 -64.14 96.48 -51.23
N THR A 1305 -63.91 97.79 -51.19
CA THR A 1305 -64.61 98.67 -50.27
C THR A 1305 -64.46 98.19 -48.83
N ASP A 1420 -64.27 88.39 -19.69
CA ASP A 1420 -64.35 87.50 -20.85
C ASP A 1420 -63.06 87.59 -21.67
N ASN A 1421 -63.05 88.50 -22.65
CA ASN A 1421 -61.87 88.72 -23.48
C ASN A 1421 -61.38 87.42 -24.13
N ARG A 1422 -62.31 86.58 -24.57
CA ARG A 1422 -61.99 85.35 -25.27
C ARG A 1422 -62.33 85.51 -26.74
N ASP A 1423 -61.38 85.18 -27.61
CA ASP A 1423 -61.58 85.35 -29.04
C ASP A 1423 -62.76 84.50 -29.53
N ASP A 1424 -63.56 85.09 -30.41
CA ASP A 1424 -64.60 84.33 -31.08
C ASP A 1424 -63.96 83.53 -32.21
N PRO A 1425 -64.06 82.19 -32.21
CA PRO A 1425 -63.28 81.41 -33.18
C PRO A 1425 -63.47 81.83 -34.62
N GLU A 1426 -64.71 82.09 -35.05
CA GLU A 1426 -64.91 82.47 -36.44
C GLU A 1426 -64.19 83.77 -36.76
N ILE A 1427 -64.30 84.77 -35.88
CA ILE A 1427 -63.66 86.05 -36.14
C ILE A 1427 -62.14 85.90 -36.14
N ILE A 1428 -61.60 85.17 -35.17
CA ILE A 1428 -60.14 85.07 -35.05
C ILE A 1428 -59.54 84.26 -36.19
N LEU A 1429 -60.25 83.24 -36.70
CA LEU A 1429 -59.76 82.49 -37.85
C LEU A 1429 -60.09 83.15 -39.19
N ASN A 1430 -60.95 84.16 -39.22
CA ASN A 1430 -61.24 84.86 -40.46
C ASN A 1430 -60.66 86.28 -40.52
N THR A 1431 -59.99 86.74 -39.48
CA THR A 1431 -59.49 88.10 -39.45
C THR A 1431 -58.21 88.24 -40.27
N THR A 1432 -57.98 89.46 -40.78
CA THR A 1432 -56.75 89.80 -41.47
C THR A 1432 -56.00 90.93 -40.76
N THR A 1433 -56.33 91.21 -39.51
CA THR A 1433 -55.69 92.26 -38.73
C THR A 1433 -54.68 91.64 -37.79
N TYR A 1434 -53.48 92.22 -37.74
CA TYR A 1434 -52.41 91.73 -36.90
C TYR A 1434 -51.90 92.87 -36.02
N TYR A 1435 -51.34 92.50 -34.87
CA TYR A 1435 -51.06 93.44 -33.80
C TYR A 1435 -49.68 93.18 -33.21
N TYR A 1436 -49.04 94.25 -32.74
CA TYR A 1436 -47.82 94.11 -31.96
C TYR A 1436 -47.62 95.37 -31.14
N SER A 1437 -47.09 95.23 -29.93
CA SER A 1437 -46.98 96.37 -29.04
C SER A 1437 -45.51 96.64 -28.71
N VAL A 1438 -45.25 97.86 -28.24
CA VAL A 1438 -43.95 98.27 -27.75
C VAL A 1438 -44.17 98.89 -26.38
N ARG A 1439 -43.46 98.37 -25.38
CA ARG A 1439 -43.52 98.90 -24.03
C ARG A 1439 -42.31 99.78 -23.80
N VAL A 1440 -42.56 101.03 -23.42
CA VAL A 1440 -41.52 101.97 -23.06
C VAL A 1440 -41.51 102.03 -21.53
N PHE A 1441 -40.43 101.55 -20.93
CA PHE A 1441 -40.37 101.42 -19.49
C PHE A 1441 -40.29 102.79 -18.82
N ALA A 1442 -40.81 102.85 -17.59
CA ALA A 1442 -40.72 104.09 -16.82
C ALA A 1442 -39.27 104.50 -16.68
N GLY A 1443 -39.01 105.80 -16.88
CA GLY A 1443 -37.67 106.34 -16.92
C GLY A 1443 -37.15 106.57 -18.32
N GLN A 1444 -37.72 105.88 -19.31
CA GLN A 1444 -37.41 106.12 -20.72
C GLN A 1444 -38.41 107.16 -21.22
N GLU A 1445 -37.89 108.34 -21.58
CA GLU A 1445 -38.76 109.44 -21.96
C GLU A 1445 -39.56 109.06 -23.21
N PRO A 1446 -40.90 109.11 -23.18
CA PRO A 1446 -41.66 108.86 -24.40
C PRO A 1446 -41.36 109.85 -25.50
N SER A 1447 -40.93 111.06 -25.17
CA SER A 1447 -40.58 112.05 -26.20
C SER A 1447 -39.38 111.62 -27.02
N CYS A 1448 -38.62 110.62 -26.56
CA CYS A 1448 -37.44 110.13 -27.26
C CYS A 1448 -37.67 108.76 -27.89
N VAL A 1449 -38.92 108.40 -28.19
CA VAL A 1449 -39.25 107.10 -28.76
C VAL A 1449 -40.19 107.30 -29.93
N TRP A 1450 -39.93 106.59 -31.03
CA TRP A 1450 -40.81 106.53 -32.18
C TRP A 1450 -41.10 105.06 -32.46
N VAL A 1451 -42.38 104.73 -32.60
CA VAL A 1451 -42.83 103.34 -32.75
C VAL A 1451 -43.67 103.23 -34.01
N GLY A 1452 -43.43 102.16 -34.76
CA GLY A 1452 -44.19 101.93 -35.98
C GLY A 1452 -43.58 100.89 -36.90
N TRP A 1453 -43.46 101.23 -38.18
CA TRP A 1453 -43.00 100.29 -39.19
C TRP A 1453 -42.03 100.99 -40.13
N VAL A 1454 -41.18 100.21 -40.78
CA VAL A 1454 -40.31 100.68 -41.84
C VAL A 1454 -40.42 99.72 -43.01
N THR A 1455 -40.17 100.25 -44.20
CA THR A 1455 -40.08 99.44 -45.40
C THR A 1455 -38.65 98.96 -45.60
N PRO A 1456 -38.43 98.04 -46.54
CA PRO A 1456 -37.06 97.55 -46.76
C PRO A 1456 -36.08 98.64 -47.17
N ASP A 1457 -36.60 99.80 -47.57
CA ASP A 1457 -35.81 100.85 -48.19
C ASP A 1457 -35.27 101.87 -47.17
N TYR A 1458 -35.62 101.75 -45.90
CA TYR A 1458 -35.18 102.74 -44.92
C TYR A 1458 -33.68 102.65 -44.69
N HIS A 1459 -32.98 103.78 -44.87
CA HIS A 1459 -31.53 103.80 -44.69
C HIS A 1459 -31.02 105.08 -44.03
N GLN A 1460 -31.84 105.74 -43.21
CA GLN A 1460 -31.50 107.02 -42.63
C GLN A 1460 -30.95 106.81 -41.21
N HIS A 1461 -29.66 107.08 -41.04
CA HIS A 1461 -29.01 107.03 -39.73
C HIS A 1461 -28.92 108.45 -39.16
N ASP A 1462 -30.08 109.03 -38.90
CA ASP A 1462 -30.18 110.43 -38.50
C ASP A 1462 -30.01 110.53 -36.98
N MET A 1463 -28.92 111.15 -36.54
CA MET A 1463 -28.66 111.32 -35.12
C MET A 1463 -29.57 112.37 -34.48
N SER A 1464 -30.33 113.11 -35.27
CA SER A 1464 -31.29 114.08 -34.75
C SER A 1464 -32.67 113.76 -35.33
N PHE A 1465 -33.04 112.49 -35.31
CA PHE A 1465 -34.26 112.05 -35.98
C PHE A 1465 -35.50 112.69 -35.37
N ASP A 1466 -36.46 112.99 -36.24
CA ASP A 1466 -37.81 113.34 -35.83
C ASP A 1466 -38.72 113.08 -37.01
N LEU A 1467 -40.03 113.00 -36.75
CA LEU A 1467 -40.97 112.54 -37.76
C LEU A 1467 -40.98 113.44 -38.99
N SER A 1468 -40.47 114.66 -38.86
CA SER A 1468 -40.38 115.57 -39.99
C SER A 1468 -39.28 115.20 -40.96
N LYS A 1469 -38.33 114.36 -40.56
CA LYS A 1469 -37.25 113.91 -41.42
C LYS A 1469 -37.62 112.69 -42.25
N VAL A 1470 -38.82 112.15 -42.08
CA VAL A 1470 -39.22 110.93 -42.79
C VAL A 1470 -39.41 111.24 -44.26
N ARG A 1471 -38.82 110.41 -45.12
CA ARG A 1471 -39.01 110.54 -46.55
C ARG A 1471 -40.48 110.35 -46.90
N ALA A 1472 -41.01 111.23 -47.74
CA ALA A 1472 -42.39 111.13 -48.17
C ALA A 1472 -42.54 111.83 -49.51
N VAL A 1473 -43.47 111.34 -50.33
CA VAL A 1473 -43.76 111.97 -51.61
C VAL A 1473 -45.13 111.51 -52.07
N THR A 1474 -45.88 112.41 -52.68
CA THR A 1474 -47.20 112.11 -53.23
C THR A 1474 -47.12 112.07 -54.75
N VAL A 1475 -47.61 110.98 -55.32
CA VAL A 1475 -47.72 110.84 -56.77
C VAL A 1475 -49.18 111.05 -57.12
N THR A 1476 -49.46 112.06 -57.93
CA THR A 1476 -50.83 112.43 -58.29
C THR A 1476 -51.01 112.22 -59.78
N MET A 1477 -52.02 111.43 -60.15
CA MET A 1477 -52.37 111.16 -61.53
C MET A 1477 -53.78 111.67 -61.80
N GLY A 1478 -53.95 112.32 -62.96
CA GLY A 1478 -55.22 112.87 -63.36
C GLY A 1478 -55.46 112.83 -64.85
N ASP A 1479 -56.48 113.55 -65.32
CA ASP A 1479 -56.84 113.58 -66.72
C ASP A 1479 -56.02 114.63 -67.48
N GLU A 1480 -56.23 114.67 -68.79
CA GLU A 1480 -55.64 115.72 -69.61
C GLU A 1480 -56.17 117.09 -69.25
N GLN A 1481 -57.32 117.15 -68.58
CA GLN A 1481 -57.93 118.40 -68.13
C GLN A 1481 -57.94 118.50 -66.61
N GLY A 1482 -56.86 118.05 -65.97
CA GLY A 1482 -56.82 117.99 -64.52
C GLY A 1482 -57.63 116.84 -63.98
N ASN A 1483 -58.58 117.13 -63.09
CA ASN A 1483 -59.47 116.10 -62.58
C ASN A 1483 -58.68 114.93 -62.01
N VAL A 1484 -57.95 115.18 -60.93
CA VAL A 1484 -57.09 114.16 -60.32
C VAL A 1484 -57.85 112.84 -60.20
N HIS A 1485 -57.22 111.77 -60.68
CA HIS A 1485 -57.69 110.41 -60.46
C HIS A 1485 -57.25 109.86 -59.12
N SER A 1486 -55.95 109.86 -58.86
CA SER A 1486 -55.42 109.24 -57.66
C SER A 1486 -54.31 110.11 -57.09
N SER A 1487 -54.11 110.01 -55.78
CA SER A 1487 -53.05 110.72 -55.06
C SER A 1487 -52.48 109.73 -54.04
N LEU A 1488 -51.44 109.02 -54.45
CA LEU A 1488 -50.84 108.00 -53.59
C LEU A 1488 -49.67 108.57 -52.81
N LYS A 1489 -49.68 108.35 -51.50
CA LYS A 1489 -48.59 108.77 -50.63
C LYS A 1489 -47.62 107.62 -50.45
N CYS A 1490 -46.33 107.90 -50.65
CA CYS A 1490 -45.27 106.91 -50.53
C CYS A 1490 -44.27 107.37 -49.50
N SER A 1491 -43.84 106.44 -48.66
CA SER A 1491 -42.87 106.71 -47.61
C SER A 1491 -42.17 105.40 -47.25
N ASN A 1492 -41.18 105.50 -46.38
CA ASN A 1492 -40.46 104.33 -45.90
C ASN A 1492 -40.48 104.19 -44.38
N CYS A 1493 -41.18 105.07 -43.67
CA CYS A 1493 -41.23 105.04 -42.21
C CYS A 1493 -42.63 105.47 -41.78
N TYR A 1494 -43.39 104.54 -41.22
CA TYR A 1494 -44.73 104.80 -40.71
C TYR A 1494 -44.69 104.64 -39.20
N MET A 1495 -44.61 105.74 -38.47
CA MET A 1495 -44.42 105.70 -37.03
C MET A 1495 -45.24 106.78 -36.36
N VAL A 1496 -45.45 106.59 -35.06
CA VAL A 1496 -46.04 107.60 -34.18
C VAL A 1496 -44.98 108.01 -33.18
N TRP A 1497 -45.09 109.24 -32.70
CA TRP A 1497 -44.14 109.80 -31.75
C TRP A 1497 -44.66 109.57 -30.33
N GLY A 1498 -43.80 109.03 -29.47
CA GLY A 1498 -44.19 108.80 -28.10
C GLY A 1498 -44.60 110.06 -27.38
N GLY A 1499 -44.14 111.22 -27.85
CA GLY A 1499 -44.52 112.47 -27.25
C GLY A 1499 -45.97 112.84 -27.48
N ASP A 1500 -46.62 112.24 -28.48
CA ASP A 1500 -48.03 112.49 -28.72
C ASP A 1500 -48.92 111.87 -27.65
N PHE A 1501 -48.39 110.98 -26.82
CA PHE A 1501 -49.18 110.30 -25.80
C PHE A 1501 -48.79 110.71 -24.39
N VAL A 1502 -48.05 111.80 -24.23
CA VAL A 1502 -47.69 112.33 -22.93
C VAL A 1502 -48.67 113.45 -22.59
N SER A 1503 -49.43 113.27 -21.51
CA SER A 1503 -50.42 114.26 -21.14
C SER A 1503 -49.72 115.57 -20.75
N PRO A 1504 -50.33 116.73 -21.01
CA PRO A 1504 -49.69 117.99 -20.62
C PRO A 1504 -49.40 118.07 -19.13
N GLY A 1505 -50.26 117.49 -18.30
CA GLY A 1505 -49.97 117.46 -16.87
C GLY A 1505 -48.71 116.67 -16.56
N GLN A 1506 -48.54 115.54 -17.23
CA GLN A 1506 -47.35 114.72 -17.01
C GLN A 1506 -46.13 115.32 -17.70
N GLN A 1507 -46.32 116.21 -18.67
CA GLN A 1507 -45.20 116.82 -19.37
C GLN A 1507 -44.30 117.56 -18.39
N GLY A 1508 -42.99 117.37 -18.56
CA GLY A 1508 -42.00 117.96 -17.68
C GLY A 1508 -41.70 117.17 -16.43
N ARG A 1509 -42.38 116.04 -16.22
CA ARG A 1509 -42.17 115.19 -15.06
C ARG A 1509 -41.91 113.76 -15.53
N ILE A 1510 -40.93 113.11 -14.90
CA ILE A 1510 -40.62 111.73 -15.24
C ILE A 1510 -41.69 110.82 -14.67
N SER A 1511 -42.46 110.19 -15.56
CA SER A 1511 -43.53 109.30 -15.13
C SER A 1511 -42.96 108.00 -14.57
N HIS A 1512 -43.74 107.38 -13.68
CA HIS A 1512 -43.39 106.09 -13.10
C HIS A 1512 -44.18 104.94 -13.71
N THR A 1513 -44.89 105.18 -14.81
CA THR A 1513 -45.69 104.16 -15.48
C THR A 1513 -45.16 103.92 -16.89
N ASP A 1514 -45.21 102.66 -17.31
CA ASP A 1514 -44.79 102.28 -18.64
C ASP A 1514 -45.83 102.73 -19.66
N LEU A 1515 -45.36 103.05 -20.86
CA LEU A 1515 -46.23 103.44 -21.96
C LEU A 1515 -46.25 102.35 -23.01
N VAL A 1516 -47.43 101.80 -23.28
CA VAL A 1516 -47.58 100.70 -24.22
C VAL A 1516 -48.24 101.25 -25.48
N ILE A 1517 -47.53 101.18 -26.60
CA ILE A 1517 -48.02 101.63 -27.89
C ILE A 1517 -48.26 100.40 -28.75
N GLY A 1518 -49.51 100.19 -29.15
CA GLY A 1518 -49.87 99.06 -29.99
C GLY A 1518 -50.05 99.51 -31.44
N CYS A 1519 -49.62 98.64 -32.35
CA CYS A 1519 -49.70 98.88 -33.78
C CYS A 1519 -50.54 97.76 -34.40
N LEU A 1520 -51.55 98.16 -35.17
CA LEU A 1520 -52.43 97.24 -35.87
C LEU A 1520 -52.30 97.47 -37.37
N VAL A 1521 -52.22 96.37 -38.13
CA VAL A 1521 -52.15 96.43 -39.58
C VAL A 1521 -53.17 95.46 -40.14
N ASP A 1522 -54.02 95.93 -41.05
CA ASP A 1522 -54.97 95.08 -41.75
C ASP A 1522 -54.36 94.71 -43.09
N LEU A 1523 -53.90 93.47 -43.21
CA LEU A 1523 -53.17 93.07 -44.41
C LEU A 1523 -54.07 92.95 -45.64
N ALA A 1524 -55.40 93.00 -45.46
CA ALA A 1524 -56.33 92.89 -46.58
C ALA A 1524 -56.89 94.23 -47.02
N THR A 1525 -56.63 95.31 -46.28
CA THR A 1525 -57.09 96.64 -46.65
C THR A 1525 -56.00 97.68 -46.75
N GLY A 1526 -54.80 97.41 -46.24
CA GLY A 1526 -53.73 98.38 -46.29
C GLY A 1526 -53.76 99.43 -45.21
N LEU A 1527 -54.61 99.28 -44.21
CA LEU A 1527 -54.78 100.29 -43.17
C LEU A 1527 -53.93 99.96 -41.95
N MET A 1528 -53.26 100.99 -41.43
CA MET A 1528 -52.40 100.86 -40.25
C MET A 1528 -52.86 101.87 -39.21
N THR A 1529 -53.13 101.39 -38.00
CA THR A 1529 -53.59 102.23 -36.91
C THR A 1529 -52.77 101.97 -35.66
N PHE A 1530 -52.90 102.88 -34.68
CA PHE A 1530 -52.12 102.83 -33.46
C PHE A 1530 -53.01 103.09 -32.24
N THR A 1531 -52.58 102.54 -31.11
CA THR A 1531 -53.23 102.75 -29.83
C THR A 1531 -52.18 103.09 -28.79
N ALA A 1532 -52.55 103.89 -27.80
CA ALA A 1532 -51.67 104.28 -26.71
C ALA A 1532 -52.34 103.96 -25.39
N ASN A 1533 -51.77 103.03 -24.64
CA ASN A 1533 -52.34 102.61 -23.35
C ASN A 1533 -53.79 102.19 -23.51
N GLY A 1534 -54.09 101.51 -24.61
CA GLY A 1534 -55.41 101.04 -24.91
C GLY A 1534 -56.32 102.04 -25.59
N LYS A 1535 -55.92 103.31 -25.64
CA LYS A 1535 -56.72 104.35 -26.28
C LYS A 1535 -56.28 104.53 -27.72
N GLU A 1536 -57.25 104.54 -28.63
CA GLU A 1536 -56.94 104.70 -30.05
C GLU A 1536 -56.39 106.09 -30.32
N SER A 1537 -55.37 106.15 -31.16
CA SER A 1537 -54.77 107.41 -31.57
C SER A 1537 -55.35 107.87 -32.90
N ASN A 1538 -55.11 109.14 -33.23
CA ASN A 1538 -55.61 109.72 -34.45
C ASN A 1538 -54.72 109.42 -35.66
N THR A 1539 -53.51 108.94 -35.44
CA THR A 1539 -52.61 108.66 -36.54
C THR A 1539 -53.03 107.38 -37.26
N PHE A 1540 -53.11 107.45 -38.58
CA PHE A 1540 -53.42 106.29 -39.41
C PHE A 1540 -52.67 106.42 -40.73
N PHE A 1541 -52.35 105.26 -41.31
CA PHE A 1541 -51.60 105.21 -42.56
C PHE A 1541 -52.28 104.25 -43.52
N GLN A 1542 -52.08 104.50 -44.81
CA GLN A 1542 -52.62 103.66 -45.88
C GLN A 1542 -51.47 103.29 -46.81
N VAL A 1543 -51.27 101.99 -47.00
CA VAL A 1543 -50.22 101.48 -47.88
C VAL A 1543 -50.84 100.67 -49.00
N GLU A 1544 -50.07 100.50 -50.07
CA GLU A 1544 -50.53 99.78 -51.24
C GLU A 1544 -50.35 98.28 -51.07
N PRO A 1545 -51.04 97.47 -51.87
CA PRO A 1545 -50.90 96.02 -51.74
C PRO A 1545 -49.48 95.56 -52.04
N ASN A 1546 -49.10 94.44 -51.44
CA ASN A 1546 -47.79 93.79 -51.57
C ASN A 1546 -46.72 94.54 -50.80
N THR A 1547 -47.08 95.56 -50.03
CA THR A 1547 -46.09 96.30 -49.26
C THR A 1547 -45.51 95.43 -48.15
N LYS A 1548 -44.21 95.58 -47.90
CA LYS A 1548 -43.52 94.86 -46.84
C LYS A 1548 -43.17 95.86 -45.74
N LEU A 1549 -43.56 95.54 -44.51
CA LEU A 1549 -43.36 96.42 -43.36
C LEU A 1549 -42.65 95.66 -42.26
N PHE A 1550 -41.54 96.21 -41.77
CA PHE A 1550 -40.85 95.65 -40.61
C PHE A 1550 -41.27 96.40 -39.35
N PRO A 1551 -41.65 95.72 -38.27
CA PRO A 1551 -41.83 96.43 -37.01
C PRO A 1551 -40.55 97.15 -36.64
N ALA A 1552 -40.68 98.40 -36.17
CA ALA A 1552 -39.52 99.25 -35.95
C ALA A 1552 -39.73 100.15 -34.74
N VAL A 1553 -38.63 100.50 -34.11
CA VAL A 1553 -38.61 101.41 -32.97
C VAL A 1553 -37.35 102.26 -33.05
N PHE A 1554 -37.52 103.58 -33.05
CA PHE A 1554 -36.40 104.50 -32.97
C PHE A 1554 -36.43 105.16 -31.61
N VAL A 1555 -35.30 105.15 -30.92
CA VAL A 1555 -35.27 105.56 -29.52
C VAL A 1555 -33.93 106.21 -29.20
N LEU A 1556 -33.96 107.25 -28.38
CA LEU A 1556 -32.75 107.82 -27.80
C LEU A 1556 -32.72 107.40 -26.34
N PRO A 1557 -31.88 106.44 -25.95
CA PRO A 1557 -31.98 105.90 -24.58
C PRO A 1557 -31.82 106.97 -23.52
N THR A 1558 -32.65 106.87 -22.48
CA THR A 1558 -32.55 107.74 -21.31
C THR A 1558 -32.65 106.93 -20.02
N HIS A 1559 -32.50 105.61 -20.10
CA HIS A 1559 -32.66 104.73 -18.96
C HIS A 1559 -31.99 103.41 -19.30
N GLN A 1560 -31.72 102.62 -18.25
CA GLN A 1560 -31.11 101.31 -18.48
C GLN A 1560 -32.08 100.37 -19.18
N ASN A 1561 -33.37 100.46 -18.87
CA ASN A 1561 -34.40 99.70 -19.56
C ASN A 1561 -35.06 100.62 -20.57
N VAL A 1562 -34.86 100.34 -21.86
CA VAL A 1562 -35.25 101.28 -22.91
C VAL A 1562 -36.62 100.94 -23.46
N VAL A 1563 -36.76 99.78 -24.09
CA VAL A 1563 -38.00 99.41 -24.77
C VAL A 1563 -38.12 97.89 -24.81
N GLN A 1564 -39.31 97.43 -25.17
CA GLN A 1564 -39.62 96.01 -25.24
C GLN A 1564 -40.60 95.76 -26.37
N PHE A 1565 -40.18 94.98 -27.36
CA PHE A 1565 -41.09 94.49 -28.40
C PHE A 1565 -41.95 93.39 -27.78
N GLU A 1566 -43.25 93.62 -27.65
CA GLU A 1566 -44.17 92.62 -27.16
C GLU A 1566 -44.95 92.05 -28.34
N LEU A 1567 -44.71 90.78 -28.64
CA LEU A 1567 -45.34 90.12 -29.78
C LEU A 1567 -46.60 89.38 -29.34
N GLY A 1568 -47.49 90.12 -28.70
CA GLY A 1568 -48.74 89.59 -28.19
C GLY A 1568 -49.87 89.74 -29.19
N LYS A 1569 -51.09 89.68 -28.68
CA LYS A 1569 -52.29 89.81 -29.50
C LYS A 1569 -53.33 90.61 -28.75
N GLN A 1570 -54.48 90.80 -29.40
CA GLN A 1570 -55.63 91.43 -28.78
C GLN A 1570 -56.86 90.59 -29.12
N LYS A 1571 -57.99 90.96 -28.55
CA LYS A 1571 -59.23 90.24 -28.80
C LYS A 1571 -59.55 90.24 -30.29
N ASN A 1572 -59.72 89.05 -30.86
CA ASN A 1572 -60.08 88.86 -32.26
C ASN A 1572 -59.04 89.44 -33.21
N ILE A 1573 -57.80 89.61 -32.75
CA ILE A 1573 -56.71 90.10 -33.58
C ILE A 1573 -55.53 89.15 -33.44
N MET A 1574 -54.93 88.78 -34.57
CA MET A 1574 -53.89 87.78 -34.59
C MET A 1574 -52.53 88.38 -34.21
N PRO A 1575 -51.62 87.56 -33.70
CA PRO A 1575 -50.26 88.05 -33.40
C PRO A 1575 -49.43 88.16 -34.67
N LEU A 1576 -48.23 88.73 -34.50
CA LEU A 1576 -47.36 88.96 -35.65
C LEU A 1576 -46.83 87.67 -36.24
N SER A 1577 -46.72 86.63 -35.42
CA SER A 1577 -46.22 85.35 -35.92
C SER A 1577 -47.14 84.78 -36.99
N ALA A 1578 -48.45 84.93 -36.80
CA ALA A 1578 -49.41 84.41 -37.77
C ALA A 1578 -49.25 85.08 -39.13
N ALA A 1579 -48.82 86.34 -39.16
CA ALA A 1579 -48.58 87.02 -40.43
C ALA A 1579 -47.19 86.72 -40.97
N MET A 1580 -46.21 86.53 -40.09
CA MET A 1580 -44.83 86.37 -40.51
C MET A 1580 -44.56 84.98 -41.08
N PHE A 1581 -45.17 83.95 -40.50
CA PHE A 1581 -44.85 82.56 -40.83
C PHE A 1581 -46.08 81.87 -41.40
N LEU A 1582 -45.90 81.23 -42.56
CA LEU A 1582 -47.02 80.58 -43.22
C LEU A 1582 -47.59 79.44 -42.39
N SER A 1583 -46.72 78.64 -41.77
CA SER A 1583 -47.20 77.51 -40.97
C SER A 1583 -48.03 77.95 -39.78
N GLU A 1584 -47.88 79.20 -39.34
CA GLU A 1584 -48.63 79.74 -38.22
C GLU A 1584 -49.77 80.64 -38.67
N ARG A 1585 -50.12 80.59 -39.95
CA ARG A 1585 -51.09 81.54 -40.49
C ARG A 1585 -52.41 81.48 -39.72
N LYS A 1586 -52.82 80.29 -39.28
CA LYS A 1586 -54.08 80.11 -38.56
C LYS A 1586 -53.86 79.77 -37.10
N ASN A 1587 -52.68 80.07 -36.54
CA ASN A 1587 -52.39 79.78 -35.15
C ASN A 1587 -52.50 81.07 -34.34
N PRO A 1588 -53.48 81.21 -33.45
CA PRO A 1588 -53.62 82.45 -32.69
C PRO A 1588 -52.68 82.56 -31.49
N ALA A 1589 -51.94 81.52 -31.16
CA ALA A 1589 -51.02 81.58 -30.02
C ALA A 1589 -49.81 82.43 -30.40
N PRO A 1590 -49.51 83.51 -29.66
CA PRO A 1590 -48.33 84.31 -30.00
C PRO A 1590 -47.05 83.48 -29.92
N GLN A 1591 -46.13 83.76 -30.84
CA GLN A 1591 -44.86 83.05 -30.91
C GLN A 1591 -43.75 84.02 -31.31
N CYS A 1592 -42.53 83.67 -30.92
CA CYS A 1592 -41.33 84.43 -31.28
C CYS A 1592 -40.25 83.42 -31.68
N PRO A 1593 -40.32 82.87 -32.89
CA PRO A 1593 -39.36 81.84 -33.30
C PRO A 1593 -37.95 82.40 -33.36
N PRO A 1594 -36.94 81.54 -33.40
CA PRO A 1594 -35.55 82.02 -33.39
C PRO A 1594 -35.21 82.97 -34.52
N ARG A 1595 -35.85 82.83 -35.68
CA ARG A 1595 -35.54 83.70 -36.80
C ARG A 1595 -35.87 85.15 -36.47
N LEU A 1596 -36.98 85.39 -35.78
CA LEU A 1596 -37.37 86.73 -35.39
C LEU A 1596 -36.39 87.26 -34.36
N GLU A 1597 -35.70 88.33 -34.69
CA GLU A 1597 -34.71 88.93 -33.80
C GLU A 1597 -34.64 90.43 -34.05
N VAL A 1598 -33.94 91.12 -33.15
CA VAL A 1598 -33.82 92.57 -33.22
C VAL A 1598 -32.56 92.93 -34.00
N GLN A 1599 -32.70 93.81 -34.98
CA GLN A 1599 -31.59 94.32 -35.76
C GLN A 1599 -31.48 95.82 -35.55
N MET A 1600 -30.26 96.33 -35.56
CA MET A 1600 -29.99 97.74 -35.40
C MET A 1600 -29.39 98.28 -36.69
N LEU A 1601 -29.56 99.58 -36.90
CA LEU A 1601 -29.02 100.23 -38.08
C LEU A 1601 -27.54 100.53 -37.89
N MET A 1602 -26.70 100.01 -38.78
CA MET A 1602 -25.26 100.20 -38.79
C MET A 1602 -24.90 101.17 -39.90
N PRO A 1603 -24.13 102.23 -39.62
CA PRO A 1603 -23.92 103.27 -40.65
C PRO A 1603 -23.09 102.82 -41.83
N VAL A 1604 -22.13 101.92 -41.64
CA VAL A 1604 -21.17 101.56 -42.68
C VAL A 1604 -21.11 100.06 -42.81
N SER A 1605 -20.82 99.59 -44.03
CA SER A 1605 -20.71 98.17 -44.30
C SER A 1605 -19.70 97.94 -45.41
N TRP A 1606 -19.05 96.78 -45.40
CA TRP A 1606 -18.12 96.43 -46.45
C TRP A 1606 -18.89 96.05 -47.72
N SER A 1607 -18.41 96.54 -48.86
CA SER A 1607 -19.03 96.24 -50.14
C SER A 1607 -17.97 96.00 -51.19
N ARG A 1608 -18.19 94.99 -52.03
CA ARG A 1608 -17.20 94.58 -53.02
C ARG A 1608 -17.26 95.50 -54.24
N MET A 1609 -16.10 96.06 -54.62
CA MET A 1609 -16.05 96.91 -55.80
C MET A 1609 -16.10 96.04 -57.06
N PRO A 1610 -16.93 96.36 -58.04
CA PRO A 1610 -16.94 95.58 -59.27
C PRO A 1610 -15.58 95.59 -59.94
N ASN A 1611 -15.24 94.47 -60.58
CA ASN A 1611 -13.97 94.38 -61.29
C ASN A 1611 -13.98 95.23 -62.55
N HIS A 1612 -15.14 95.44 -63.15
CA HIS A 1612 -15.28 96.26 -64.36
C HIS A 1612 -16.41 97.25 -64.16
N PHE A 1613 -16.31 98.39 -64.83
CA PHE A 1613 -17.24 99.49 -64.67
C PHE A 1613 -17.74 99.95 -66.03
N LEU A 1614 -18.96 100.47 -66.05
CA LEU A 1614 -19.53 100.98 -67.28
C LEU A 1614 -18.69 102.13 -67.82
N GLN A 1615 -18.41 102.09 -69.11
CA GLN A 1615 -17.64 103.15 -69.79
C GLN A 1615 -18.62 104.18 -70.31
N VAL A 1616 -18.69 105.33 -69.63
CA VAL A 1616 -19.61 106.42 -69.98
C VAL A 1616 -18.78 107.56 -70.55
N ASP A 1617 -19.20 108.07 -71.70
CA ASP A 1617 -18.52 109.19 -72.35
C ASP A 1617 -19.43 110.42 -72.30
N THR A 1618 -18.92 111.52 -71.76
CA THR A 1618 -19.65 112.77 -71.66
C THR A 1618 -18.87 113.86 -72.36
N ARG A 1619 -19.57 114.66 -73.17
CA ARG A 1619 -18.89 115.75 -73.87
C ARG A 1619 -19.90 116.80 -74.30
N ARG A 1620 -19.43 118.03 -74.45
CA ARG A 1620 -20.28 119.10 -74.95
C ARG A 1620 -20.42 118.94 -76.46
N ALA A 1621 -21.61 118.55 -76.92
CA ALA A 1621 -21.80 118.33 -78.35
C ALA A 1621 -21.75 119.64 -79.12
N GLY A 1622 -22.22 120.72 -78.50
CA GLY A 1622 -22.21 122.01 -79.16
C GLY A 1622 -23.04 123.00 -78.37
N GLU A 1623 -23.06 124.23 -78.87
CA GLU A 1623 -23.84 125.27 -78.21
C GLU A 1623 -25.33 125.06 -78.39
N ARG A 1624 -25.74 124.37 -79.45
CA ARG A 1624 -27.14 124.07 -79.69
C ARG A 1624 -27.52 122.64 -79.36
N LEU A 1625 -26.58 121.70 -79.48
CA LEU A 1625 -26.89 120.30 -79.24
C LEU A 1625 -26.94 119.96 -77.75
N GLY A 1626 -26.14 120.64 -76.94
CA GLY A 1626 -26.15 120.42 -75.50
C GLY A 1626 -24.99 119.56 -75.02
N TRP A 1627 -25.24 118.72 -74.02
CA TRP A 1627 -24.21 117.89 -73.42
C TRP A 1627 -24.58 116.42 -73.60
N ALA A 1628 -23.78 115.72 -74.39
CA ALA A 1628 -24.07 114.34 -74.79
C ALA A 1628 -23.46 113.36 -73.80
N VAL A 1629 -24.28 112.36 -73.43
CA VAL A 1629 -23.87 111.21 -72.63
C VAL A 1629 -24.08 109.97 -73.48
N GLN A 1630 -23.06 109.10 -73.52
CA GLN A 1630 -23.11 107.90 -74.35
C GLN A 1630 -22.58 106.72 -73.55
N CYS A 1631 -23.25 105.57 -73.69
CA CYS A 1631 -22.79 104.33 -73.09
C CYS A 1631 -23.21 103.18 -74.00
N GLN A 1632 -22.25 102.46 -74.55
CA GLN A 1632 -22.51 101.47 -75.59
C GLN A 1632 -22.15 100.04 -75.21
N GLU A 1633 -21.15 99.84 -74.35
CA GLU A 1633 -20.66 98.49 -74.08
C GLU A 1633 -21.48 97.85 -72.96
N PRO A 1634 -22.11 96.70 -73.18
CA PRO A 1634 -22.93 96.09 -72.12
C PRO A 1634 -22.07 95.58 -70.98
N LEU A 1635 -22.68 95.51 -69.80
CA LEU A 1635 -22.02 95.01 -68.59
C LEU A 1635 -23.08 94.45 -67.66
N MET A 1636 -22.94 93.18 -67.29
CA MET A 1636 -23.92 92.49 -66.47
C MET A 1636 -23.22 91.86 -65.27
N MET A 1637 -24.01 91.61 -64.23
CA MET A 1637 -23.53 90.90 -63.05
C MET A 1637 -24.59 89.90 -62.62
N MET A 1638 -24.16 88.82 -61.97
CA MET A 1638 -25.08 87.87 -61.38
C MET A 1638 -25.44 88.36 -59.99
N ALA A 1639 -26.71 88.69 -59.79
CA ALA A 1639 -27.18 89.26 -58.53
C ALA A 1639 -27.81 88.19 -57.66
N LEU A 1640 -27.43 88.18 -56.39
CA LEU A 1640 -28.02 87.31 -55.39
C LEU A 1640 -28.99 88.14 -54.56
N HIS A 1641 -30.25 87.70 -54.51
CA HIS A 1641 -31.34 88.48 -53.96
C HIS A 1641 -31.88 87.81 -52.70
N ILE A 1642 -31.94 88.57 -51.61
CA ILE A 1642 -32.54 88.11 -50.36
C ILE A 1642 -34.02 88.46 -50.40
N PRO A 1643 -34.94 87.50 -50.48
CA PRO A 1643 -36.35 87.84 -50.69
C PRO A 1643 -36.95 88.70 -49.59
N GLU A 1644 -36.74 88.33 -48.32
CA GLU A 1644 -37.44 89.01 -47.23
C GLU A 1644 -37.01 90.46 -47.10
N GLU A 1645 -35.77 90.78 -47.43
CA GLU A 1645 -35.25 92.14 -47.31
C GLU A 1645 -35.37 92.94 -48.60
N ASN A 1646 -35.87 92.34 -49.67
CA ASN A 1646 -36.01 93.03 -50.96
C ASN A 1646 -34.72 93.73 -51.33
N ARG A 1647 -33.62 93.00 -51.19
CA ARG A 1647 -32.28 93.54 -51.41
C ARG A 1647 -31.50 92.54 -52.26
N CYS A 1648 -30.48 93.04 -52.93
CA CYS A 1648 -29.62 92.20 -53.74
C CYS A 1648 -28.17 92.65 -53.61
N MET A 1649 -27.26 91.72 -53.86
CA MET A 1649 -25.84 91.99 -53.86
C MET A 1649 -25.21 91.26 -55.03
N ASP A 1650 -23.93 91.52 -55.28
CA ASP A 1650 -23.19 90.71 -56.22
C ASP A 1650 -22.91 89.34 -55.61
N ILE A 1651 -23.21 88.29 -56.38
CA ILE A 1651 -22.98 86.94 -55.88
C ILE A 1651 -21.53 86.74 -55.50
N LEU A 1652 -20.62 87.51 -56.11
CA LEU A 1652 -19.20 87.40 -55.78
C LEU A 1652 -18.88 87.86 -54.37
N GLU A 1653 -19.82 88.55 -53.70
CA GLU A 1653 -19.64 88.89 -52.30
C GLU A 1653 -19.65 87.67 -51.39
N LEU A 1654 -20.11 86.53 -51.90
CA LEU A 1654 -20.11 85.31 -51.10
C LEU A 1654 -18.70 84.78 -50.86
N SER A 1655 -17.70 85.32 -51.55
CA SER A 1655 -16.32 84.98 -51.22
C SER A 1655 -15.97 85.40 -49.80
N GLU A 1656 -16.58 86.48 -49.30
CA GLU A 1656 -16.38 86.93 -47.94
C GLU A 1656 -17.55 86.66 -47.03
N ARG A 1657 -18.77 86.62 -47.55
CA ARG A 1657 -19.95 86.29 -46.75
C ARG A 1657 -20.12 84.78 -46.73
N LEU A 1658 -19.44 84.15 -45.76
CA LEU A 1658 -19.27 82.71 -45.78
C LEU A 1658 -20.54 81.95 -45.42
N ASP A 1659 -21.35 82.49 -44.50
CA ASP A 1659 -22.60 81.80 -44.16
C ASP A 1659 -23.53 81.74 -45.35
N LEU A 1660 -23.69 82.85 -46.06
CA LEU A 1660 -24.50 82.84 -47.27
C LEU A 1660 -23.89 81.93 -48.32
N GLN A 1661 -22.56 81.91 -48.42
CA GLN A 1661 -21.91 81.01 -49.36
C GLN A 1661 -22.26 79.56 -49.08
N ARG A 1662 -22.16 79.15 -47.81
CA ARG A 1662 -22.47 77.77 -47.45
C ARG A 1662 -23.93 77.46 -47.73
N PHE A 1663 -24.83 78.37 -47.35
CA PHE A 1663 -26.25 78.12 -47.57
C PHE A 1663 -26.57 78.00 -49.05
N HIS A 1664 -25.96 78.86 -49.88
CA HIS A 1664 -26.26 78.82 -51.31
C HIS A 1664 -25.66 77.59 -51.97
N SER A 1665 -24.47 77.17 -51.55
CA SER A 1665 -23.91 75.94 -52.09
C SER A 1665 -24.79 74.76 -51.73
N HIS A 1666 -25.30 74.71 -50.51
CA HIS A 1666 -26.21 73.64 -50.14
C HIS A 1666 -27.55 73.76 -50.87
N THR A 1667 -27.97 74.98 -51.23
CA THR A 1667 -29.16 75.14 -52.05
C THR A 1667 -28.95 74.55 -53.45
N LEU A 1668 -27.77 74.77 -54.03
CA LEU A 1668 -27.46 74.14 -55.31
C LEU A 1668 -27.46 72.62 -55.17
N SER A 1669 -26.90 72.12 -54.06
CA SER A 1669 -26.96 70.69 -53.80
C SER A 1669 -28.40 70.21 -53.74
N LEU A 1670 -29.29 70.99 -53.12
CA LEU A 1670 -30.70 70.61 -53.06
C LEU A 1670 -31.34 70.58 -54.44
N TYR A 1671 -31.01 71.55 -55.28
CA TYR A 1671 -31.50 71.52 -56.66
C TYR A 1671 -31.08 70.23 -57.35
N ARG A 1672 -29.80 69.87 -57.23
CA ARG A 1672 -29.31 68.65 -57.83
C ARG A 1672 -30.03 67.43 -57.27
N SER A 1673 -30.26 67.42 -55.95
CA SER A 1673 -30.95 66.29 -55.33
C SER A 1673 -32.37 66.15 -55.84
N VAL A 1674 -33.10 67.26 -55.95
CA VAL A 1674 -34.50 67.19 -56.36
C VAL A 1674 -34.64 66.83 -57.83
N CYS A 1675 -33.65 67.14 -58.67
CA CYS A 1675 -33.70 66.69 -60.06
C CYS A 1675 -32.83 65.46 -60.31
N ALA A 1676 -32.34 64.81 -59.26
CA ALA A 1676 -31.40 63.71 -59.41
C ALA A 1676 -32.08 62.45 -59.97
N LEU A 1677 -31.31 61.70 -60.75
CA LEU A 1677 -31.67 60.35 -61.18
C LEU A 1677 -32.93 60.34 -62.04
N GLY A 1678 -33.00 61.25 -63.00
CA GLY A 1678 -33.98 61.17 -64.06
C GLY A 1678 -35.27 61.92 -63.84
N ASN A 1679 -35.32 62.85 -62.87
CA ASN A 1679 -36.52 63.65 -62.64
C ASN A 1679 -36.49 64.84 -63.60
N ASN A 1680 -36.82 64.56 -64.87
CA ASN A 1680 -36.79 65.58 -65.90
C ASN A 1680 -37.85 66.66 -65.70
N ARG A 1681 -38.99 66.31 -65.09
CA ARG A 1681 -39.98 67.32 -64.77
C ARG A 1681 -39.40 68.35 -63.80
N VAL A 1682 -38.74 67.89 -62.75
CA VAL A 1682 -38.14 68.81 -61.80
C VAL A 1682 -36.97 69.56 -62.43
N ALA A 1683 -36.27 68.91 -63.36
CA ALA A 1683 -35.21 69.63 -64.08
C ALA A 1683 -35.79 70.79 -64.89
N HIS A 1684 -36.92 70.54 -65.57
CA HIS A 1684 -37.59 71.62 -66.30
C HIS A 1684 -38.03 72.72 -65.35
N ALA A 1685 -38.54 72.35 -64.18
CA ALA A 1685 -38.91 73.37 -63.20
C ALA A 1685 -37.69 74.18 -62.76
N LEU A 1686 -36.57 73.50 -62.51
CA LEU A 1686 -35.37 74.21 -62.07
C LEU A 1686 -34.83 75.14 -63.14
N CYS A 1687 -35.11 74.83 -64.41
CA CYS A 1687 -34.70 75.74 -65.48
C CYS A 1687 -35.32 77.12 -65.31
N SER A 1688 -36.44 77.23 -64.60
CA SER A 1688 -37.05 78.52 -64.34
C SER A 1688 -36.34 79.29 -63.22
N HIS A 1689 -35.63 78.59 -62.33
CA HIS A 1689 -34.97 79.22 -61.20
C HIS A 1689 -33.51 79.51 -61.46
N VAL A 1690 -32.82 78.65 -62.21
CA VAL A 1690 -31.45 78.89 -62.64
C VAL A 1690 -31.45 78.72 -64.15
N ASP A 1691 -31.53 79.83 -64.87
CA ASP A 1691 -31.74 79.78 -66.31
C ASP A 1691 -30.43 79.52 -67.04
N GLN A 1692 -30.57 79.30 -68.36
CA GLN A 1692 -29.43 78.95 -69.19
C GLN A 1692 -28.38 80.05 -69.18
N ALA A 1693 -28.81 81.30 -69.23
CA ALA A 1693 -27.86 82.41 -69.20
C ALA A 1693 -27.07 82.40 -67.89
N GLN A 1694 -27.76 82.20 -66.77
CA GLN A 1694 -27.07 82.15 -65.49
C GLN A 1694 -26.06 81.02 -65.44
N LEU A 1695 -26.45 79.84 -65.91
CA LEU A 1695 -25.53 78.70 -65.87
C LEU A 1695 -24.31 78.95 -66.74
N LEU A 1696 -24.52 79.46 -67.96
CA LEU A 1696 -23.40 79.70 -68.86
C LEU A 1696 -22.49 80.79 -68.32
N HIS A 1697 -23.05 81.82 -67.69
CA HIS A 1697 -22.23 82.85 -67.06
C HIS A 1697 -21.41 82.26 -65.92
N ALA A 1698 -22.03 81.43 -65.09
CA ALA A 1698 -21.32 80.83 -63.96
C ALA A 1698 -20.19 79.95 -64.43
N LEU A 1699 -20.36 79.28 -65.58
CA LEU A 1699 -19.30 78.44 -66.10
C LEU A 1699 -18.01 79.23 -66.33
N GLU A 1700 -18.13 80.44 -66.86
CA GLU A 1700 -16.97 81.25 -67.21
C GLU A 1700 -16.58 82.24 -66.13
N ASP A 1701 -17.37 82.40 -65.08
CA ASP A 1701 -17.06 83.36 -64.03
C ASP A 1701 -15.79 82.92 -63.31
N ALA A 1702 -14.70 83.65 -63.53
CA ALA A 1702 -13.41 83.29 -62.94
C ALA A 1702 -13.25 83.75 -61.50
N ARG A 1703 -14.10 84.66 -61.02
CA ARG A 1703 -14.02 85.15 -59.65
C ARG A 1703 -14.95 84.41 -58.71
N LEU A 1704 -15.71 83.46 -59.21
CA LEU A 1704 -16.68 82.76 -58.37
C LEU A 1704 -15.96 81.93 -57.32
N PRO A 1705 -16.44 81.90 -56.07
CA PRO A 1705 -15.82 81.02 -55.08
C PRO A 1705 -15.89 79.57 -55.52
N GLY A 1706 -14.89 78.79 -55.10
CA GLY A 1706 -14.74 77.42 -55.56
C GLY A 1706 -15.97 76.57 -55.33
N PRO A 1707 -16.54 76.60 -54.12
CA PRO A 1707 -17.76 75.82 -53.88
C PRO A 1707 -18.90 76.18 -54.82
N LEU A 1708 -19.10 77.47 -55.10
CA LEU A 1708 -20.18 77.87 -55.99
C LEU A 1708 -19.87 77.50 -57.44
N ARG A 1709 -18.61 77.61 -57.84
CA ARG A 1709 -18.22 77.20 -59.19
C ARG A 1709 -18.51 75.72 -59.39
N ALA A 1710 -18.07 74.88 -58.46
CA ALA A 1710 -18.33 73.45 -58.56
C ALA A 1710 -19.83 73.17 -58.50
N GLY A 1711 -20.55 73.85 -57.63
CA GLY A 1711 -21.98 73.63 -57.52
C GLY A 1711 -22.72 73.97 -58.81
N TYR A 1712 -22.32 75.06 -59.47
CA TYR A 1712 -23.01 75.46 -60.70
C TYR A 1712 -22.65 74.55 -61.86
N TYR A 1713 -21.39 74.11 -61.94
CA TYR A 1713 -21.04 73.11 -62.95
C TYR A 1713 -21.87 71.84 -62.75
N ASP A 1714 -21.94 71.35 -61.51
CA ASP A 1714 -22.72 70.16 -61.22
C ASP A 1714 -24.20 70.38 -61.48
N LEU A 1715 -24.71 71.58 -61.20
CA LEU A 1715 -26.12 71.86 -61.47
C LEU A 1715 -26.41 71.84 -62.95
N LEU A 1716 -25.53 72.41 -63.77
CA LEU A 1716 -25.71 72.33 -65.21
C LEU A 1716 -25.74 70.88 -65.66
N ILE A 1717 -24.78 70.08 -65.19
CA ILE A 1717 -24.73 68.68 -65.58
C ILE A 1717 -26.01 67.95 -65.15
N SER A 1718 -26.46 68.20 -63.92
CA SER A 1718 -27.64 67.51 -63.40
C SER A 1718 -28.89 67.89 -64.17
N ILE A 1719 -29.07 69.17 -64.45
CA ILE A 1719 -30.29 69.61 -65.12
C ILE A 1719 -30.31 69.14 -66.56
N HIS A 1720 -29.20 69.28 -67.28
CA HIS A 1720 -29.23 69.14 -68.74
C HIS A 1720 -28.57 67.89 -69.28
N LEU A 1721 -27.60 67.31 -68.58
CA LEU A 1721 -26.77 66.25 -69.15
C LEU A 1721 -26.82 64.94 -68.40
N GLU A 1722 -27.24 64.93 -67.13
CA GLU A 1722 -27.09 63.72 -66.31
C GLU A 1722 -27.90 62.57 -66.87
N SER A 1723 -29.17 62.81 -67.22
CA SER A 1723 -30.02 61.73 -67.70
C SER A 1723 -29.51 61.15 -69.02
N ALA A 1724 -29.17 62.02 -69.96
CA ALA A 1724 -28.67 61.54 -71.25
C ALA A 1724 -27.35 60.79 -71.08
N CYS A 1725 -26.47 61.31 -70.24
CA CYS A 1725 -25.19 60.64 -70.02
C CYS A 1725 -25.39 59.27 -69.40
N ARG A 1726 -26.28 59.16 -68.42
CA ARG A 1726 -26.54 57.85 -67.79
C ARG A 1726 -27.13 56.87 -68.80
N SER A 1727 -28.11 57.33 -69.59
CA SER A 1727 -28.72 56.44 -70.57
C SER A 1727 -27.70 55.96 -71.60
N ARG A 1728 -26.85 56.87 -72.08
CA ARG A 1728 -25.84 56.47 -73.05
C ARG A 1728 -24.81 55.54 -72.42
N ARG A 1729 -24.42 55.80 -71.17
CA ARG A 1729 -23.44 54.93 -70.51
C ARG A 1729 -23.99 53.53 -70.35
N SER A 1730 -25.28 53.40 -70.03
CA SER A 1730 -25.86 52.07 -69.88
C SER A 1730 -25.74 51.26 -71.17
N MET A 1731 -25.78 51.92 -72.32
CA MET A 1731 -25.72 51.25 -73.62
C MET A 1731 -24.29 51.11 -74.15
N LEU A 1732 -23.36 51.90 -73.64
CA LEU A 1732 -22.01 51.92 -74.19
C LEU A 1732 -21.26 50.60 -74.00
N SER A 1733 -21.75 49.69 -73.15
CA SER A 1733 -21.06 48.43 -72.90
C SER A 1733 -21.49 47.32 -73.85
N GLU A 1734 -22.39 47.60 -74.79
CA GLU A 1734 -22.85 46.62 -75.76
C GLU A 1734 -22.52 47.11 -77.16
N TYR A 1735 -22.30 46.15 -78.08
CA TYR A 1735 -21.87 46.45 -79.44
C TYR A 1735 -22.79 45.70 -80.42
N ILE A 1736 -23.89 46.35 -80.79
CA ILE A 1736 -24.79 45.83 -81.82
C ILE A 1736 -24.36 46.46 -83.13
N VAL A 1737 -23.68 45.69 -83.97
CA VAL A 1737 -23.05 46.20 -85.19
C VAL A 1737 -23.96 45.89 -86.36
N PRO A 1738 -24.54 46.89 -87.02
CA PRO A 1738 -25.30 46.62 -88.24
C PRO A 1738 -24.37 46.37 -89.42
N LEU A 1739 -24.72 45.39 -90.25
CA LEU A 1739 -23.90 45.00 -91.39
C LEU A 1739 -24.19 45.93 -92.56
N THR A 1740 -23.63 47.13 -92.48
CA THR A 1740 -23.76 48.18 -93.48
C THR A 1740 -22.42 48.43 -94.15
N PRO A 1741 -22.41 49.17 -95.27
CA PRO A 1741 -21.13 49.51 -95.90
C PRO A 1741 -20.18 50.25 -94.97
N GLU A 1742 -20.72 51.11 -94.10
CA GLU A 1742 -19.88 51.79 -93.12
C GLU A 1742 -19.17 50.77 -92.24
N THR A 1743 -19.89 49.75 -91.79
CA THR A 1743 -19.27 48.69 -91.01
C THR A 1743 -18.23 47.94 -91.83
N ARG A 1744 -18.56 47.63 -93.10
CA ARG A 1744 -17.60 46.90 -93.94
C ARG A 1744 -16.31 47.67 -94.12
N ALA A 1745 -16.39 49.00 -94.12
CA ALA A 1745 -15.20 49.83 -94.33
C ALA A 1745 -14.30 49.92 -93.10
N ILE A 1746 -14.72 49.40 -91.96
CA ILE A 1746 -13.94 49.54 -90.72
C ILE A 1746 -12.76 48.58 -90.76
N THR A 1747 -11.59 49.07 -90.37
CA THR A 1747 -10.37 48.27 -90.31
C THR A 1747 -9.67 48.51 -88.99
N LEU A 1748 -8.92 47.50 -88.54
CA LEU A 1748 -8.23 47.59 -87.25
C LEU A 1748 -7.26 48.77 -87.23
N PHE A 1749 -6.44 48.89 -88.27
CA PHE A 1749 -5.45 49.94 -88.36
C PHE A 1749 -5.80 50.91 -89.49
N PRO A 1750 -5.51 52.20 -89.32
CA PRO A 1750 -5.83 53.16 -90.37
C PRO A 1750 -5.02 52.87 -91.62
N PRO A 1751 -5.58 53.07 -92.81
CA PRO A 1751 -4.78 52.94 -94.04
C PRO A 1751 -3.67 53.98 -94.07
N GLY A 1752 -2.44 53.50 -94.14
CA GLY A 1752 -1.29 54.39 -94.12
C GLY A 1752 -0.18 53.89 -95.03
N ARG A 1753 0.72 54.80 -95.36
CA ARG A 1753 1.82 54.47 -96.26
C ARG A 1753 2.72 53.39 -95.67
N SER A 1754 3.00 53.48 -94.36
CA SER A 1754 3.85 52.47 -93.73
C SER A 1754 3.22 51.09 -93.85
N ALA A 1755 1.93 50.98 -93.57
CA ALA A 1755 1.19 49.75 -93.78
C ALA A 1755 -0.31 50.01 -93.66
N GLU A 1756 -1.09 49.56 -94.63
CA GLU A 1756 -2.53 49.78 -94.56
C GLU A 1756 -3.13 49.07 -93.34
N ASP A 1757 -2.70 47.85 -93.08
CA ASP A 1757 -3.08 47.14 -91.87
C ASP A 1757 -1.84 46.49 -91.27
N GLY A 1758 -1.73 46.59 -89.94
CA GLY A 1758 -0.58 46.08 -89.23
C GLY A 1758 0.45 47.09 -88.76
N PRO A 1759 0.37 48.36 -89.17
CA PRO A 1759 1.44 49.29 -88.81
C PRO A 1759 1.50 49.53 -87.31
N ARG A 1760 2.68 49.97 -86.86
CA ARG A 1760 2.88 50.25 -85.45
C ARG A 1760 2.04 51.44 -84.96
N ARG A 1761 1.47 52.22 -85.86
CA ARG A 1761 0.77 53.45 -85.49
C ARG A 1761 -0.74 53.18 -85.49
N HIS A 1762 -1.34 53.24 -84.32
CA HIS A 1762 -2.78 53.17 -84.19
C HIS A 1762 -3.42 54.47 -84.70
N GLY A 1763 -4.72 54.39 -84.97
CA GLY A 1763 -5.49 55.60 -85.16
C GLY A 1763 -5.77 56.28 -83.84
N LEU A 1764 -6.13 57.55 -83.91
CA LEU A 1764 -6.40 58.30 -82.70
C LEU A 1764 -7.64 57.71 -82.02
N PRO A 1765 -7.58 57.38 -80.73
CA PRO A 1765 -8.73 56.76 -80.08
C PRO A 1765 -9.93 57.70 -80.09
N GLY A 1766 -11.12 57.12 -80.26
CA GLY A 1766 -12.34 57.89 -80.28
C GLY A 1766 -12.53 58.71 -81.53
N VAL A 1767 -11.71 58.52 -82.55
CA VAL A 1767 -11.77 59.29 -83.79
C VAL A 1767 -11.94 58.30 -84.94
N GLY A 1768 -12.96 58.52 -85.77
CA GLY A 1768 -13.21 57.67 -86.90
C GLY A 1768 -14.67 57.28 -86.96
N VAL A 1769 -14.94 56.21 -87.69
CA VAL A 1769 -16.29 55.74 -87.92
C VAL A 1769 -16.62 54.65 -86.91
N THR A 1770 -17.74 54.83 -86.20
CA THR A 1770 -18.27 53.82 -85.29
C THR A 1770 -19.71 53.53 -85.69
N THR A 1771 -20.05 52.25 -85.76
CA THR A 1771 -21.36 51.84 -86.25
C THR A 1771 -22.23 51.17 -85.19
N SER A 1772 -21.69 50.89 -84.00
CA SER A 1772 -22.48 50.29 -82.95
C SER A 1772 -23.71 51.14 -82.66
N LEU A 1773 -24.85 50.48 -82.51
CA LEU A 1773 -26.11 51.20 -82.34
C LEU A 1773 -26.17 51.81 -80.94
N ARG A 1774 -26.48 53.12 -80.89
CA ARG A 1774 -26.71 53.82 -79.64
C ARG A 1774 -27.91 54.73 -79.86
N PRO A 1775 -28.98 54.61 -79.07
CA PRO A 1775 -30.16 55.43 -79.30
C PRO A 1775 -29.83 56.91 -79.16
N PRO A 1776 -30.47 57.78 -79.92
CA PRO A 1776 -30.14 59.20 -79.86
C PRO A 1776 -30.61 59.84 -78.56
N HIS A 1777 -30.09 61.04 -78.30
CA HIS A 1777 -30.52 61.83 -77.16
C HIS A 1777 -31.80 62.58 -77.49
N HIS A 1778 -32.71 62.64 -76.53
CA HIS A 1778 -33.98 63.34 -76.68
C HIS A 1778 -34.07 64.43 -75.63
N PHE A 1779 -34.33 65.66 -76.08
CA PHE A 1779 -34.48 66.81 -75.21
C PHE A 1779 -35.73 67.57 -75.61
N SER A 1780 -36.24 68.38 -74.68
CA SER A 1780 -37.36 69.25 -74.97
C SER A 1780 -37.03 70.67 -74.56
N PRO A 1781 -37.56 71.68 -75.26
CA PRO A 1781 -37.22 73.06 -74.93
C PRO A 1781 -37.78 73.47 -73.59
N PRO A 1782 -37.02 74.21 -72.78
CA PRO A 1782 -37.60 74.82 -71.57
C PRO A 1782 -38.51 75.98 -71.94
N CYS A 1783 -39.78 75.89 -71.59
CA CYS A 1783 -40.74 76.92 -71.91
C CYS A 1783 -41.91 76.82 -70.93
N PHE A 1784 -42.25 77.96 -70.31
CA PHE A 1784 -43.28 78.00 -69.28
C PHE A 1784 -44.44 78.89 -69.68
N VAL A 1785 -44.72 78.97 -70.98
CA VAL A 1785 -45.92 79.59 -71.50
C VAL A 1785 -46.74 78.63 -72.35
N VAL A 1786 -46.26 77.40 -72.55
CA VAL A 1786 -47.00 76.43 -73.34
C VAL A 1786 -48.22 75.97 -72.58
N ALA A 1787 -49.28 75.63 -73.32
CA ALA A 1787 -50.48 75.11 -72.71
C ALA A 1787 -50.18 73.78 -72.01
N LEU A 1788 -50.59 73.68 -70.75
CA LEU A 1788 -50.33 72.48 -69.98
C LEU A 1788 -51.18 71.34 -70.53
N PRO A 1789 -50.65 70.12 -70.61
CA PRO A 1789 -51.46 69.03 -71.18
C PRO A 1789 -52.55 68.56 -70.23
N ALA A 1790 -53.80 68.65 -70.65
CA ALA A 1790 -54.92 68.22 -69.82
C ALA A 1790 -54.93 66.71 -69.61
N ALA A 1791 -54.13 65.95 -70.38
CA ALA A 1791 -54.07 64.51 -70.22
C ALA A 1791 -53.85 64.13 -68.76
N GLY A 1792 -54.52 63.06 -68.34
CA GLY A 1792 -54.44 62.61 -66.96
C GLY A 1792 -53.04 62.25 -66.52
N ALA A 1793 -52.76 62.43 -65.24
CA ALA A 1793 -51.43 62.13 -64.72
C ALA A 1793 -51.17 60.62 -64.78
N THR A 1794 -49.89 60.27 -64.77
CA THR A 1794 -49.47 58.87 -64.84
C THR A 1794 -49.83 58.24 -66.18
N GLU A 1795 -50.16 59.09 -67.16
CA GLU A 1795 -50.49 58.62 -68.50
C GLU A 1795 -49.76 59.44 -69.56
N ALA A 1796 -49.37 60.66 -69.21
CA ALA A 1796 -48.68 61.52 -70.17
C ALA A 1796 -47.27 60.99 -70.41
N PRO A 1797 -46.69 61.21 -71.60
CA PRO A 1797 -45.31 60.79 -71.83
C PRO A 1797 -44.35 61.42 -70.82
N ALA A 1798 -43.37 60.64 -70.39
CA ALA A 1798 -42.38 61.14 -69.44
C ALA A 1798 -41.66 62.35 -70.02
N ARG A 1799 -41.46 63.36 -69.18
CA ARG A 1799 -40.78 64.57 -69.63
C ARG A 1799 -39.37 64.26 -70.10
N LEU A 1800 -38.96 64.94 -71.16
CA LEU A 1800 -37.59 64.87 -71.64
C LEU A 1800 -36.72 65.86 -70.88
N SER A 1801 -35.42 65.61 -70.89
CA SER A 1801 -34.50 66.51 -70.22
C SER A 1801 -34.53 67.88 -70.90
N PRO A 1802 -34.48 68.98 -70.14
CA PRO A 1802 -34.47 70.30 -70.77
C PRO A 1802 -33.27 70.47 -71.68
N ALA A 1803 -33.47 71.16 -72.79
CA ALA A 1803 -32.44 71.33 -73.80
C ALA A 1803 -31.53 72.51 -73.47
N ILE A 1804 -30.29 72.41 -73.91
CA ILE A 1804 -29.32 73.50 -73.81
C ILE A 1804 -28.43 73.39 -75.06
N PRO A 1805 -28.10 74.50 -75.74
CA PRO A 1805 -27.36 74.38 -77.00
C PRO A 1805 -26.05 73.61 -76.86
N LEU A 1806 -26.02 72.42 -77.45
CA LEU A 1806 -24.90 71.51 -77.21
C LEU A 1806 -23.65 71.95 -77.97
N GLU A 1807 -23.81 72.49 -79.18
CA GLU A 1807 -22.64 72.97 -79.92
C GLU A 1807 -21.94 74.08 -79.17
N ALA A 1808 -22.70 75.09 -78.73
CA ALA A 1808 -22.11 76.18 -77.96
C ALA A 1808 -21.53 75.67 -76.65
N LEU A 1809 -22.23 74.76 -75.98
CA LEU A 1809 -21.74 74.22 -74.72
C LEU A 1809 -20.41 73.51 -74.91
N ARG A 1810 -20.29 72.70 -75.97
CA ARG A 1810 -19.05 71.95 -76.19
C ARG A 1810 -17.92 72.89 -76.58
N ASP A 1811 -18.20 73.91 -77.39
CA ASP A 1811 -17.17 74.88 -77.71
C ASP A 1811 -16.68 75.59 -76.45
N LYS A 1812 -17.61 76.00 -75.58
CA LYS A 1812 -17.23 76.66 -74.34
C LYS A 1812 -16.41 75.73 -73.46
N ALA A 1813 -16.80 74.46 -73.39
CA ALA A 1813 -16.07 73.51 -72.56
C ALA A 1813 -14.65 73.33 -73.06
N LEU A 1814 -14.47 73.21 -74.38
CA LEU A 1814 -13.12 73.06 -74.92
C LEU A 1814 -12.29 74.31 -74.66
N ARG A 1815 -12.87 75.49 -74.86
CA ARG A 1815 -12.13 76.72 -74.60
C ARG A 1815 -11.74 76.82 -73.13
N MET A 1816 -12.64 76.46 -72.23
CA MET A 1816 -12.36 76.53 -70.81
C MET A 1816 -11.27 75.54 -70.41
N LEU A 1817 -11.30 74.33 -70.97
CA LEU A 1817 -10.25 73.37 -70.66
C LEU A 1817 -8.89 73.87 -71.17
N GLY A 1818 -8.86 74.44 -72.37
CA GLY A 1818 -7.61 75.00 -72.86
C GLY A 1818 -7.09 76.12 -71.98
N GLU A 1819 -7.99 77.01 -71.55
CA GLU A 1819 -7.57 78.10 -70.67
C GLU A 1819 -7.06 77.56 -69.34
N ALA A 1820 -7.71 76.54 -68.80
CA ALA A 1820 -7.25 75.95 -67.54
C ALA A 1820 -5.86 75.34 -67.70
N VAL A 1821 -5.63 74.65 -68.81
CA VAL A 1821 -4.31 74.06 -69.06
C VAL A 1821 -3.25 75.16 -69.13
N ARG A 1822 -3.55 76.23 -69.87
CA ARG A 1822 -2.60 77.32 -70.00
C ARG A 1822 -2.30 77.97 -68.65
N ASP A 1823 -3.34 78.22 -67.85
CA ASP A 1823 -3.13 78.86 -66.56
C ASP A 1823 -2.34 77.96 -65.62
N GLY A 1824 -2.64 76.66 -65.63
CA GLY A 1824 -1.84 75.73 -64.85
C GLY A 1824 -0.39 75.73 -65.27
N GLY A 1825 -0.14 75.86 -66.57
CA GLY A 1825 1.24 76.03 -67.03
C GLY A 1825 1.88 77.27 -66.47
N GLN A 1826 1.15 78.39 -66.45
CA GLN A 1826 1.72 79.64 -65.94
C GLN A 1826 1.93 79.63 -64.42
N HIS A 1827 1.16 78.84 -63.68
CA HIS A 1827 1.29 78.76 -62.22
C HIS A 1827 1.09 80.12 -61.56
N ALA A 1828 -0.14 80.62 -61.70
CA ALA A 1828 -0.51 81.87 -61.05
C ALA A 1828 -0.84 81.62 -59.57
N ARG A 1829 -0.90 82.71 -58.81
CA ARG A 1829 -1.21 82.64 -57.38
C ARG A 1829 -2.68 82.87 -57.07
N ASP A 1830 -3.53 83.05 -58.08
CA ASP A 1830 -4.97 83.23 -57.91
C ASP A 1830 -5.69 82.29 -58.87
N PRO A 1831 -5.64 80.98 -58.61
CA PRO A 1831 -6.31 80.04 -59.51
C PRO A 1831 -7.82 80.26 -59.52
N VAL A 1832 -8.43 80.01 -60.68
CA VAL A 1832 -9.88 80.13 -60.81
C VAL A 1832 -10.54 79.19 -59.81
N GLY A 1833 -11.41 79.73 -58.97
CA GLY A 1833 -12.09 78.96 -57.95
C GLY A 1833 -11.34 78.86 -56.64
N GLY A 1834 -10.12 79.36 -56.57
CA GLY A 1834 -9.34 79.37 -55.36
C GLY A 1834 -8.28 78.29 -55.27
N SER A 1835 -8.31 77.30 -56.14
CA SER A 1835 -7.31 76.23 -56.10
C SER A 1835 -7.28 75.53 -57.45
N VAL A 1836 -6.21 74.76 -57.65
CA VAL A 1836 -6.07 73.98 -58.88
C VAL A 1836 -7.21 72.98 -59.01
N GLU A 1837 -7.60 72.36 -57.90
CA GLU A 1837 -8.72 71.42 -57.93
C GLU A 1837 -9.99 72.12 -58.37
N PHE A 1838 -10.33 73.23 -57.74
CA PHE A 1838 -11.55 73.95 -58.11
C PHE A 1838 -11.47 74.53 -59.51
N GLN A 1839 -10.29 74.70 -60.06
CA GLN A 1839 -10.16 75.16 -61.44
C GLN A 1839 -10.36 74.03 -62.45
N PHE A 1840 -9.80 72.85 -62.17
CA PHE A 1840 -9.77 71.77 -63.15
C PHE A 1840 -10.93 70.79 -63.02
N VAL A 1841 -11.29 70.38 -61.80
CA VAL A 1841 -12.26 69.29 -61.64
C VAL A 1841 -13.59 69.61 -62.32
N PRO A 1842 -14.19 70.80 -62.16
CA PRO A 1842 -15.48 71.05 -62.82
C PRO A 1842 -15.40 71.00 -64.33
N VAL A 1843 -14.37 71.63 -64.92
CA VAL A 1843 -14.23 71.63 -66.37
C VAL A 1843 -14.02 70.20 -66.88
N LEU A 1844 -13.17 69.43 -66.18
CA LEU A 1844 -12.94 68.06 -66.60
C LEU A 1844 -14.21 67.21 -66.47
N LYS A 1845 -15.00 67.44 -65.42
CA LYS A 1845 -16.27 66.73 -65.30
C LYS A 1845 -17.19 67.04 -66.47
N LEU A 1846 -17.29 68.32 -66.83
CA LEU A 1846 -18.14 68.68 -67.97
C LEU A 1846 -17.64 68.04 -69.25
N VAL A 1847 -16.32 68.07 -69.48
CA VAL A 1847 -15.76 67.50 -70.70
C VAL A 1847 -16.00 65.99 -70.74
N SER A 1848 -15.81 65.31 -69.62
CA SER A 1848 -16.04 63.87 -69.57
C SER A 1848 -17.51 63.55 -69.83
N THR A 1849 -18.42 64.34 -69.25
CA THR A 1849 -19.83 64.11 -69.47
C THR A 1849 -20.18 64.25 -70.95
N LEU A 1850 -19.69 65.32 -71.58
CA LEU A 1850 -19.97 65.50 -73.00
C LEU A 1850 -19.35 64.40 -73.85
N LEU A 1851 -18.13 63.98 -73.50
CA LEU A 1851 -17.48 62.91 -74.24
C LEU A 1851 -18.30 61.63 -74.17
N VAL A 1852 -18.72 61.24 -72.96
CA VAL A 1852 -19.52 60.02 -72.82
C VAL A 1852 -20.83 60.17 -73.57
N MET A 1853 -21.44 61.35 -73.52
CA MET A 1853 -22.64 61.60 -74.31
C MET A 1853 -22.38 61.52 -75.79
N GLY A 1854 -21.13 61.65 -76.23
CA GLY A 1854 -20.81 61.49 -77.63
C GLY A 1854 -21.14 62.68 -78.50
N VAL A 1855 -21.19 63.87 -77.92
CA VAL A 1855 -21.54 65.07 -78.66
C VAL A 1855 -20.32 65.74 -79.30
N PHE A 1856 -19.11 65.40 -78.89
CA PHE A 1856 -17.92 66.01 -79.46
C PHE A 1856 -17.68 65.47 -80.87
N SER A 1857 -17.27 66.37 -81.76
CA SER A 1857 -16.93 65.99 -83.12
C SER A 1857 -15.51 65.43 -83.16
N ASP A 1858 -15.09 64.98 -84.35
CA ASP A 1858 -13.75 64.44 -84.50
C ASP A 1858 -12.69 65.48 -84.20
N GLU A 1859 -12.87 66.71 -84.68
CA GLU A 1859 -11.92 67.77 -84.40
C GLU A 1859 -11.85 68.06 -82.91
N ASP A 1860 -13.01 68.08 -82.24
CA ASP A 1860 -13.03 68.32 -80.80
C ASP A 1860 -12.29 67.22 -80.05
N VAL A 1861 -12.51 65.96 -80.46
CA VAL A 1861 -11.83 64.85 -79.81
C VAL A 1861 -10.32 64.96 -80.03
N LYS A 1862 -9.91 65.38 -81.24
CA LYS A 1862 -8.49 65.56 -81.50
C LYS A 1862 -7.90 66.67 -80.62
N GLN A 1863 -8.65 67.76 -80.43
CA GLN A 1863 -8.19 68.81 -79.54
C GLN A 1863 -8.05 68.29 -78.11
N ILE A 1864 -9.03 67.51 -77.64
CA ILE A 1864 -8.97 66.96 -76.29
C ILE A 1864 -7.76 66.05 -76.15
N LEU A 1865 -7.51 65.21 -77.14
CA LEU A 1865 -6.37 64.30 -77.08
C LEU A 1865 -5.05 65.08 -77.08
N LYS A 1866 -4.96 66.14 -77.87
CA LYS A 1866 -3.76 66.95 -77.87
C LYS A 1866 -3.56 67.67 -76.54
N MET A 1867 -4.65 68.10 -75.91
CA MET A 1867 -4.54 68.66 -74.56
C MET A 1867 -4.05 67.60 -73.57
N ILE A 1868 -4.53 66.37 -73.69
CA ILE A 1868 -4.10 65.31 -72.78
C ILE A 1868 -2.62 65.02 -72.97
N GLU A 1869 -2.17 64.87 -74.21
CA GLU A 1869 -0.79 64.53 -74.52
C GLU A 1869 -0.41 65.01 -75.90
N PRO A 1870 0.28 66.15 -76.02
CA PRO A 1870 0.57 66.69 -77.36
C PRO A 1870 1.39 65.75 -78.23
N GLU A 1871 2.32 64.99 -77.67
CA GLU A 1871 3.24 64.19 -78.46
C GLU A 1871 2.63 62.85 -78.88
N VAL A 1872 2.02 62.13 -77.94
CA VAL A 1872 1.47 60.82 -78.24
C VAL A 1872 0.35 60.94 -79.27
N PHE A 1873 -0.46 61.99 -79.17
CA PHE A 1873 -1.64 62.16 -80.00
C PHE A 1873 -1.45 63.26 -81.04
N ARG A 1874 -0.20 63.56 -81.39
CA ARG A 1874 0.06 64.50 -82.48
C ARG A 1874 -0.46 63.94 -83.79
N GLU A 1875 -0.95 64.83 -84.64
CA GLU A 1875 -1.48 64.45 -85.93
C GLU A 1875 -0.35 64.39 -86.96
N GLU A 1876 -0.24 63.25 -87.63
CA GLU A 1876 0.80 63.06 -88.64
C GLU A 1876 0.63 64.06 -89.78
N LEU A 1923 0.01 73.97 -74.83
CA LEU A 1923 1.45 74.15 -74.88
C LEU A 1923 2.09 72.76 -74.86
N GLU A 1924 3.40 72.69 -75.07
CA GLU A 1924 4.06 71.41 -75.31
C GLU A 1924 3.98 70.44 -74.13
N GLU A 1925 3.24 70.77 -73.08
CA GLU A 1925 3.03 69.91 -71.92
C GLU A 1925 1.53 69.65 -71.77
N GLY A 1926 1.15 68.38 -71.75
CA GLY A 1926 -0.24 68.00 -71.64
C GLY A 1926 -0.69 67.92 -70.18
N LEU A 1927 -1.97 67.56 -70.02
CA LEU A 1927 -2.52 67.45 -68.67
C LEU A 1927 -1.83 66.36 -67.88
N LEU A 1928 -1.50 65.23 -68.54
CA LEU A 1928 -1.00 64.07 -67.81
C LEU A 1928 0.31 64.36 -67.10
N GLN A 1929 1.05 65.39 -67.51
CA GLN A 1929 2.25 65.82 -66.81
C GLN A 1929 2.07 67.28 -66.39
N MET A 1930 1.41 67.49 -65.24
CA MET A 1930 1.22 68.85 -64.75
C MET A 1930 1.28 68.92 -63.23
N LYS A 1931 1.69 67.85 -62.56
CA LYS A 1931 1.73 67.87 -61.10
C LYS A 1931 0.36 68.26 -60.56
N LEU A 1932 -0.64 67.41 -60.78
CA LEU A 1932 -2.02 67.73 -60.48
C LEU A 1932 -2.49 67.02 -59.20
N PRO A 1933 -3.51 67.57 -58.52
CA PRO A 1933 -4.03 66.89 -57.33
C PRO A 1933 -4.71 65.57 -57.67
N GLU A 1934 -5.11 64.86 -56.62
CA GLU A 1934 -5.65 63.52 -56.80
C GLU A 1934 -7.04 63.53 -57.44
N SER A 1935 -7.86 64.54 -57.12
CA SER A 1935 -9.17 64.63 -57.75
C SER A 1935 -9.03 64.90 -59.25
N VAL A 1936 -8.09 65.77 -59.63
CA VAL A 1936 -7.84 66.01 -61.04
C VAL A 1936 -7.30 64.75 -61.70
N LYS A 1937 -6.46 64.00 -60.98
CA LYS A 1937 -5.99 62.73 -61.51
C LYS A 1937 -7.15 61.76 -61.74
N LEU A 1938 -8.11 61.76 -60.83
CA LEU A 1938 -9.29 60.90 -61.01
C LEU A 1938 -10.07 61.30 -62.25
N GLN A 1939 -10.25 62.59 -62.48
CA GLN A 1939 -10.94 63.03 -63.69
C GLN A 1939 -10.16 62.64 -64.94
N MET A 1940 -8.83 62.77 -64.90
CA MET A 1940 -8.01 62.31 -66.01
C MET A 1940 -8.17 60.82 -66.23
N CYS A 1941 -8.29 60.05 -65.15
CA CYS A 1941 -8.54 58.62 -65.26
C CYS A 1941 -9.87 58.35 -65.96
N HIS A 1942 -10.88 59.15 -65.65
CA HIS A 1942 -12.17 58.99 -66.34
C HIS A 1942 -12.02 59.24 -67.83
N LEU A 1943 -11.28 60.29 -68.20
CA LEU A 1943 -11.07 60.56 -69.63
C LEU A 1943 -10.33 59.41 -70.30
N LEU A 1944 -9.28 58.90 -69.66
CA LEU A 1944 -8.54 57.77 -70.22
C LEU A 1944 -9.41 56.53 -70.30
N GLU A 1945 -10.32 56.34 -69.34
CA GLU A 1945 -11.25 55.24 -69.40
C GLU A 1945 -12.14 55.34 -70.62
N TYR A 1946 -12.64 56.56 -70.91
CA TYR A 1946 -13.46 56.73 -72.10
C TYR A 1946 -12.68 56.37 -73.35
N PHE A 1947 -11.43 56.83 -73.45
CA PHE A 1947 -10.68 56.57 -74.67
C PHE A 1947 -10.30 55.09 -74.81
N CYS A 1948 -10.00 54.42 -73.70
CA CYS A 1948 -9.76 52.98 -73.76
C CYS A 1948 -11.02 52.23 -74.16
N ASP A 1949 -12.19 52.66 -73.67
CA ASP A 1949 -13.45 52.06 -74.10
C ASP A 1949 -13.66 52.24 -75.59
N GLN A 1950 -13.34 53.42 -76.12
CA GLN A 1950 -13.44 53.64 -77.56
C GLN A 1950 -12.50 52.73 -78.33
N GLU A 1951 -11.28 52.53 -77.84
CA GLU A 1951 -10.37 51.58 -78.51
C GLU A 1951 -10.94 50.17 -78.53
N LEU A 1952 -11.50 49.73 -77.41
CA LEU A 1952 -12.11 48.41 -77.35
C LEU A 1952 -13.26 48.30 -78.32
N GLN A 1953 -14.11 49.33 -78.39
CA GLN A 1953 -15.22 49.32 -79.34
C GLN A 1953 -14.72 49.24 -80.77
N HIS A 1954 -13.65 49.98 -81.09
CA HIS A 1954 -13.08 49.91 -82.43
C HIS A 1954 -12.59 48.51 -82.75
N ARG A 1955 -11.94 47.86 -81.78
CA ARG A 1955 -11.51 46.47 -82.00
C ARG A 1955 -12.70 45.57 -82.29
N VAL A 1956 -13.77 45.71 -81.50
CA VAL A 1956 -14.94 44.85 -81.69
C VAL A 1956 -15.54 45.08 -83.07
N GLU A 1957 -15.66 46.34 -83.48
CA GLU A 1957 -16.27 46.64 -84.78
C GLU A 1957 -15.41 46.16 -85.94
N SER A 1958 -14.08 46.29 -85.81
CA SER A 1958 -13.21 45.75 -86.85
C SER A 1958 -13.34 44.24 -86.95
N LEU A 1959 -13.44 43.57 -85.81
CA LEU A 1959 -13.67 42.14 -85.80
C LEU A 1959 -14.99 41.79 -86.48
N ALA A 1960 -16.03 42.58 -86.22
CA ALA A 1960 -17.33 42.33 -86.85
C ALA A 1960 -17.25 42.48 -88.38
N ALA A 1961 -16.58 43.52 -88.85
CA ALA A 1961 -16.46 43.73 -90.29
C ALA A 1961 -15.68 42.58 -90.95
N PHE A 1962 -14.56 42.20 -90.34
CA PHE A 1962 -13.80 41.09 -90.88
C PHE A 1962 -14.64 39.81 -90.85
N ALA A 1963 -15.43 39.63 -89.81
CA ALA A 1963 -16.31 38.47 -89.74
C ALA A 1963 -17.28 38.46 -90.89
N GLU A 1964 -17.87 39.62 -91.21
CA GLU A 1964 -18.78 39.69 -92.35
C GLU A 1964 -18.09 39.23 -93.63
N CYS A 1965 -16.93 39.84 -93.95
CA CYS A 1965 -16.28 39.49 -95.20
C CYS A 1965 -15.84 38.03 -95.23
N TYR A 1966 -15.23 37.56 -94.14
CA TYR A 1966 -14.72 36.19 -94.10
C TYR A 1966 -15.86 35.18 -94.18
N VAL A 1967 -16.98 35.47 -93.52
CA VAL A 1967 -18.12 34.56 -93.56
C VAL A 1967 -18.70 34.51 -94.96
N ASP A 1968 -18.76 35.65 -95.65
CA ASP A 1968 -19.19 35.63 -97.03
C ASP A 1968 -18.30 34.71 -97.85
N LYS A 1969 -16.98 34.84 -97.70
CA LYS A 1969 -16.07 34.01 -98.48
C LYS A 1969 -16.22 32.53 -98.12
N MET A 1970 -16.37 32.22 -96.84
CA MET A 1970 -16.54 30.83 -96.41
C MET A 1970 -17.81 30.24 -97.01
N GLN A 1971 -18.90 31.00 -96.98
CA GLN A 1971 -20.16 30.50 -97.53
C GLN A 1971 -20.03 30.26 -99.03
N GLY A 1972 -19.39 31.18 -99.74
CA GLY A 1972 -19.18 30.98 -101.17
C GLY A 1972 -18.35 29.74 -101.44
N ASN A 1973 -17.29 29.53 -100.67
CA ASN A 1973 -16.46 28.35 -100.85
C ASN A 1973 -17.25 27.08 -100.59
N GLN A 1974 -18.07 27.06 -99.54
CA GLN A 1974 -18.87 25.88 -99.25
C GLN A 1974 -19.87 25.60 -100.38
N ARG A 1975 -20.49 26.65 -100.91
CA ARG A 1975 -21.40 26.46 -102.02
C ARG A 1975 -20.69 25.86 -103.23
N GLY A 1976 -19.50 26.39 -103.55
CA GLY A 1976 -18.75 25.83 -104.66
C GLY A 1976 -18.36 24.39 -104.43
N ARG A 1977 -17.95 24.05 -103.22
CA ARG A 1977 -17.55 22.69 -102.92
C ARG A 1977 -18.74 21.74 -103.00
N TYR A 1978 -19.91 22.18 -102.54
CA TYR A 1978 -21.11 21.35 -102.68
C TYR A 1978 -21.43 21.14 -104.15
N GLY A 1979 -21.31 22.20 -104.96
CA GLY A 1979 -21.54 22.04 -106.38
C GLY A 1979 -20.61 21.00 -106.99
N LEU A 1980 -19.33 21.08 -106.65
CA LEU A 1980 -18.36 20.11 -107.17
C LEU A 1980 -18.71 18.69 -106.71
N LEU A 1981 -19.05 18.53 -105.43
CA LEU A 1981 -19.37 17.21 -104.90
C LEU A 1981 -20.58 16.62 -105.60
N MET A 1982 -21.63 17.42 -105.80
CA MET A 1982 -22.83 16.93 -106.46
C MET A 1982 -22.55 16.60 -107.91
N LYS A 1983 -21.78 17.44 -108.60
CA LYS A 1983 -21.47 17.18 -110.00
C LYS A 1983 -20.46 16.06 -110.19
N ALA A 1984 -19.79 15.61 -109.13
CA ALA A 1984 -18.85 14.52 -109.25
C ALA A 1984 -19.60 13.20 -109.48
N PHE A 1985 -18.90 12.27 -110.13
CA PHE A 1985 -19.48 10.95 -110.38
C PHE A 1985 -19.75 10.17 -109.11
N THR A 1986 -19.16 10.58 -107.98
CA THR A 1986 -19.34 9.87 -106.71
C THR A 1986 -18.93 8.41 -106.86
N MET A 1987 -17.72 8.19 -107.37
CA MET A 1987 -17.23 6.83 -107.59
C MET A 1987 -17.28 6.00 -106.31
N SER A 1988 -16.83 6.60 -105.20
CA SER A 1988 -16.80 5.92 -103.92
C SER A 1988 -17.95 6.45 -103.06
N ALA A 1989 -18.93 5.57 -102.78
CA ALA A 1989 -20.04 5.97 -101.93
C ALA A 1989 -19.55 6.35 -100.54
N ALA A 1990 -18.53 5.67 -100.04
CA ALA A 1990 -17.96 6.03 -98.75
C ALA A 1990 -17.37 7.44 -98.80
N GLU A 1991 -16.67 7.76 -99.89
CA GLU A 1991 -16.11 9.10 -100.03
C GLU A 1991 -17.22 10.14 -100.08
N THR A 1992 -18.30 9.86 -100.81
CA THR A 1992 -19.40 10.81 -100.90
C THR A 1992 -20.04 11.01 -99.52
N ALA A 1993 -20.24 9.93 -98.77
CA ALA A 1993 -20.82 10.05 -97.44
C ALA A 1993 -19.91 10.84 -96.51
N ARG A 1994 -18.60 10.60 -96.58
CA ARG A 1994 -17.68 11.34 -95.74
C ARG A 1994 -17.69 12.82 -96.08
N ARG A 1995 -17.74 13.15 -97.37
CA ARG A 1995 -17.81 14.55 -97.77
C ARG A 1995 -19.12 15.19 -97.30
N THR A 1996 -20.23 14.46 -97.39
CA THR A 1996 -21.52 15.01 -96.98
C THR A 1996 -21.72 15.05 -95.48
N ARG A 1997 -20.85 14.38 -94.70
CA ARG A 1997 -20.89 14.55 -93.26
C ARG A 1997 -20.87 16.02 -92.87
N GLU A 1998 -19.93 16.78 -93.43
CA GLU A 1998 -19.84 18.20 -93.11
C GLU A 1998 -21.15 18.91 -93.39
N PHE A 1999 -21.71 18.71 -94.59
CA PHE A 1999 -22.87 19.49 -94.98
C PHE A 1999 -24.14 19.01 -94.30
N ARG A 2000 -24.11 17.83 -93.69
CA ARG A 2000 -25.18 17.38 -92.80
C ARG A 2000 -24.95 17.77 -91.35
N SER A 2001 -23.76 18.27 -91.01
CA SER A 2001 -23.50 18.74 -89.66
C SER A 2001 -24.22 20.07 -89.42
N PRO A 2002 -24.48 20.42 -88.16
CA PRO A 2002 -25.11 21.71 -87.85
C PRO A 2002 -24.22 22.86 -88.28
N PRO A 2003 -24.80 24.02 -88.62
CA PRO A 2003 -23.97 25.13 -89.11
C PRO A 2003 -22.87 25.56 -88.15
N GLN A 2004 -23.14 25.56 -86.84
CA GLN A 2004 -22.10 25.95 -85.89
C GLN A 2004 -20.94 24.99 -85.93
N GLU A 2005 -21.23 23.69 -86.01
CA GLU A 2005 -20.17 22.70 -86.11
C GLU A 2005 -19.43 22.83 -87.44
N GLN A 2006 -20.15 23.17 -88.51
CA GLN A 2006 -19.49 23.42 -89.78
C GLN A 2006 -18.50 24.56 -89.67
N ILE A 2007 -18.91 25.65 -89.01
CA ILE A 2007 -18.02 26.79 -88.84
C ILE A 2007 -16.80 26.40 -88.01
N ASN A 2008 -17.04 25.66 -86.92
CA ASN A 2008 -15.92 25.23 -86.07
C ASN A 2008 -14.94 24.39 -86.87
N MET A 2009 -15.44 23.43 -87.64
CA MET A 2009 -14.55 22.58 -88.43
C MET A 2009 -13.80 23.40 -89.48
N LEU A 2010 -14.48 24.32 -90.15
CA LEU A 2010 -13.85 25.13 -91.18
C LEU A 2010 -12.84 26.12 -90.63
N LEU A 2011 -12.94 26.47 -89.34
CA LEU A 2011 -11.98 27.36 -88.71
C LEU A 2011 -10.88 26.62 -87.97
N HIS A 2012 -11.05 25.32 -87.70
CA HIS A 2012 -10.05 24.56 -86.95
C HIS A 2012 -8.83 24.26 -87.83
N PHE A 2013 -8.05 25.32 -88.09
CA PHE A 2013 -6.78 25.18 -88.77
C PHE A 2013 -5.71 26.09 -88.19
N LYS A 2014 -5.84 26.53 -86.94
CA LYS A 2014 -4.86 27.44 -86.36
C LYS A 2014 -3.48 26.82 -86.31
N ASN A 2015 -3.40 25.57 -85.85
CA ASN A 2015 -2.14 24.85 -85.75
C ASN A 2015 -1.85 24.00 -86.98
N GLY A 2016 -2.44 24.35 -88.11
CA GLY A 2016 -2.24 23.58 -89.33
C GLY A 2016 -3.28 22.48 -89.49
N ALA A 2017 -3.57 22.16 -90.74
CA ALA A 2017 -4.55 21.12 -91.04
C ALA A 2017 -4.46 20.79 -92.53
N ASP A 2018 -4.88 19.57 -92.85
CA ASP A 2018 -4.89 19.12 -94.23
C ASP A 2018 -6.20 19.50 -94.91
N GLU A 2019 -6.30 19.19 -96.20
CA GLU A 2019 -7.49 19.52 -96.97
C GLU A 2019 -8.60 18.51 -96.74
N GLU A 2020 -8.43 17.64 -95.74
CA GLU A 2020 -9.46 16.68 -95.35
C GLU A 2020 -10.07 16.99 -94.00
N GLU A 2021 -9.26 17.33 -92.99
CA GLU A 2021 -9.80 17.75 -91.72
C GLU A 2021 -10.44 19.13 -91.80
N CYS A 2022 -10.02 19.94 -92.76
CA CYS A 2022 -10.58 21.27 -92.97
C CYS A 2022 -10.45 21.65 -94.44
N PRO A 2023 -11.53 21.57 -95.23
CA PRO A 2023 -11.41 21.82 -96.67
C PRO A 2023 -11.26 23.28 -97.05
N LEU A 2024 -11.11 24.19 -96.09
CA LEU A 2024 -11.01 25.59 -96.42
C LEU A 2024 -9.74 25.84 -97.24
N PRO A 2025 -9.81 26.59 -98.34
CA PRO A 2025 -8.62 26.81 -99.16
C PRO A 2025 -7.52 27.57 -98.43
N GLU A 2026 -6.30 27.40 -98.93
CA GLU A 2026 -5.14 28.02 -98.30
C GLU A 2026 -5.22 29.53 -98.35
N GLU A 2027 -5.81 30.09 -99.41
CA GLU A 2027 -5.92 31.54 -99.52
C GLU A 2027 -6.78 32.10 -98.39
N ILE A 2028 -7.94 31.48 -98.16
CA ILE A 2028 -8.83 31.95 -97.11
C ILE A 2028 -8.20 31.72 -95.74
N ARG A 2029 -7.52 30.59 -95.56
CA ARG A 2029 -6.79 30.37 -94.31
C ARG A 2029 -5.77 31.47 -94.08
N GLN A 2030 -5.03 31.85 -95.12
CA GLN A 2030 -4.02 32.89 -94.99
C GLN A 2030 -4.66 34.22 -94.65
N GLU A 2031 -5.81 34.52 -95.23
CA GLU A 2031 -6.51 35.75 -94.88
C GLU A 2031 -6.85 35.78 -93.40
N LEU A 2032 -7.37 34.68 -92.87
CA LEU A 2032 -7.69 34.64 -91.44
C LEU A 2032 -6.43 34.80 -90.61
N VAL A 2033 -5.34 34.14 -91.02
CA VAL A 2033 -4.08 34.23 -90.27
C VAL A 2033 -3.58 35.67 -90.25
N ASN A 2034 -3.65 36.36 -91.39
CA ASN A 2034 -3.23 37.74 -91.45
C ASN A 2034 -4.07 38.61 -90.54
N PHE A 2035 -5.39 38.42 -90.54
CA PHE A 2035 -6.23 39.23 -89.66
C PHE A 2035 -5.92 38.94 -88.20
N HIS A 2036 -5.65 37.68 -87.86
CA HIS A 2036 -5.32 37.35 -86.48
C HIS A 2036 -4.03 38.03 -86.06
N GLN A 2037 -3.02 38.03 -86.94
CA GLN A 2037 -1.78 38.74 -86.64
C GLN A 2037 -2.03 40.22 -86.44
N ASP A 2038 -2.87 40.81 -87.29
CA ASP A 2038 -3.20 42.23 -87.14
C ASP A 2038 -3.89 42.49 -85.81
N LEU A 2039 -4.81 41.63 -85.41
CA LEU A 2039 -5.52 41.81 -84.15
C LEU A 2039 -4.55 41.71 -82.97
N LEU A 2040 -3.64 40.74 -83.00
CA LEU A 2040 -2.66 40.63 -81.93
C LEU A 2040 -1.77 41.87 -81.88
N ALA A 2041 -1.34 42.36 -83.04
CA ALA A 2041 -0.52 43.57 -83.05
C ALA A 2041 -1.28 44.75 -82.49
N HIS A 2042 -2.55 44.90 -82.85
CA HIS A 2042 -3.36 46.00 -82.33
C HIS A 2042 -3.51 45.91 -80.82
N CYS A 2043 -3.74 44.71 -80.29
CA CYS A 2043 -3.82 44.51 -78.86
C CYS A 2043 -2.45 44.60 -78.19
N GLY A 2044 -1.37 44.67 -78.97
CA GLY A 2044 -0.03 44.70 -78.43
C GLY A 2044 0.54 43.34 -78.12
N ILE A 2045 -0.24 42.28 -78.30
CA ILE A 2045 0.23 40.93 -77.99
C ILE A 2045 1.39 40.56 -78.88
N GLN A 2046 1.29 40.88 -80.18
CA GLN A 2046 2.35 40.57 -81.13
C GLN A 2046 3.64 41.23 -80.69
N LEU A 2047 4.72 40.45 -80.61
CA LEU A 2047 6.00 40.96 -80.17
C LEU A 2047 7.14 40.23 -80.88
N GLU A 2089 10.62 52.60 -75.44
CA GLU A 2089 11.03 53.95 -75.79
C GLU A 2089 10.62 54.92 -74.69
N HIS A 2090 11.48 55.91 -74.42
CA HIS A 2090 11.22 56.85 -73.33
C HIS A 2090 9.91 57.61 -73.53
N LYS A 2091 9.45 57.74 -74.78
CA LYS A 2091 8.13 58.31 -75.04
C LYS A 2091 7.14 57.19 -75.34
N PRO A 2092 5.90 57.25 -74.86
CA PRO A 2092 4.97 56.13 -75.07
C PRO A 2092 4.72 55.80 -76.54
N GLN A 2093 4.26 56.77 -77.31
CA GLN A 2093 3.93 56.61 -78.72
C GLN A 2093 2.64 55.84 -78.96
N SER A 2094 1.89 55.49 -77.92
CA SER A 2094 0.63 54.80 -78.09
C SER A 2094 -0.22 55.02 -76.84
N LEU A 2095 -1.53 54.83 -77.00
CA LEU A 2095 -2.42 55.00 -75.86
C LEU A 2095 -2.12 53.99 -74.76
N GLN A 2096 -1.87 52.74 -75.12
CA GLN A 2096 -1.57 51.71 -74.12
C GLN A 2096 -0.32 52.06 -73.34
N GLU A 2097 0.76 52.37 -74.05
CA GLU A 2097 2.01 52.73 -73.37
C GLU A 2097 1.83 53.98 -72.53
N LEU A 2098 1.10 54.97 -73.05
CA LEU A 2098 0.89 56.21 -72.31
C LEU A 2098 0.16 55.94 -71.00
N VAL A 2099 -0.93 55.18 -71.06
CA VAL A 2099 -1.69 54.89 -69.85
C VAL A 2099 -0.85 54.10 -68.86
N SER A 2100 -0.13 53.08 -69.34
CA SER A 2100 0.70 52.28 -68.45
C SER A 2100 1.74 53.14 -67.75
N HIS A 2101 2.49 53.93 -68.53
CA HIS A 2101 3.54 54.75 -67.96
C HIS A 2101 2.98 55.79 -67.01
N THR A 2102 1.84 56.40 -67.35
CA THR A 2102 1.26 57.41 -66.49
C THR A 2102 0.83 56.83 -65.15
N VAL A 2103 0.13 55.69 -65.18
CA VAL A 2103 -0.33 55.08 -63.95
C VAL A 2103 0.85 54.67 -63.08
N VAL A 2104 1.85 54.04 -63.69
CA VAL A 2104 3.00 53.59 -62.92
C VAL A 2104 3.75 54.79 -62.35
N ARG A 2105 3.90 55.86 -63.13
CA ARG A 2105 4.60 57.04 -62.64
C ARG A 2105 3.86 57.67 -61.48
N TRP A 2106 2.53 57.77 -61.56
CA TRP A 2106 1.77 58.32 -60.45
C TRP A 2106 1.98 57.50 -59.19
N ALA A 2107 1.84 56.17 -59.31
CA ALA A 2107 2.02 55.31 -58.15
C ALA A 2107 3.44 55.40 -57.59
N GLN A 2108 4.43 55.57 -58.46
CA GLN A 2108 5.80 55.69 -58.00
C GLN A 2108 6.06 57.03 -57.32
N GLU A 2109 5.42 58.09 -57.80
CA GLU A 2109 5.64 59.43 -57.29
C GLU A 2109 4.94 59.68 -55.96
N ASP A 2110 3.76 59.10 -55.75
CA ASP A 2110 3.04 59.37 -54.52
C ASP A 2110 2.41 58.09 -53.99
N PHE A 2111 2.25 58.06 -52.67
CA PHE A 2111 1.43 57.05 -52.00
C PHE A 2111 -0.01 57.52 -52.10
N VAL A 2112 -0.71 57.06 -53.14
CA VAL A 2112 -2.03 57.59 -53.45
C VAL A 2112 -2.97 57.36 -52.28
N GLN A 2113 -3.67 58.40 -51.87
CA GLN A 2113 -4.55 58.34 -50.71
C GLN A 2113 -6.01 58.08 -51.07
N SER A 2114 -6.42 58.38 -52.29
CA SER A 2114 -7.81 58.20 -52.68
C SER A 2114 -8.05 56.76 -53.14
N PRO A 2115 -8.84 55.96 -52.42
CA PRO A 2115 -9.10 54.60 -52.91
C PRO A 2115 -9.78 54.57 -54.26
N GLU A 2116 -10.65 55.53 -54.56
CA GLU A 2116 -11.27 55.59 -55.88
C GLU A 2116 -10.22 55.81 -56.96
N LEU A 2117 -9.28 56.73 -56.72
CA LEU A 2117 -8.22 56.96 -57.67
C LEU A 2117 -7.37 55.71 -57.85
N VAL A 2118 -7.04 55.04 -56.75
CA VAL A 2118 -6.21 53.83 -56.84
C VAL A 2118 -6.92 52.78 -57.68
N ARG A 2119 -8.20 52.54 -57.40
CA ARG A 2119 -8.95 51.55 -58.15
C ARG A 2119 -9.00 51.91 -59.62
N ALA A 2120 -9.25 53.19 -59.93
CA ALA A 2120 -9.35 53.60 -61.33
C ALA A 2120 -8.05 53.38 -62.06
N MET A 2121 -6.93 53.79 -61.46
CA MET A 2121 -5.66 53.69 -62.18
C MET A 2121 -5.22 52.23 -62.32
N PHE A 2122 -5.50 51.39 -61.33
CA PHE A 2122 -5.13 49.98 -61.48
C PHE A 2122 -6.05 49.25 -62.45
N SER A 2123 -7.33 49.64 -62.55
CA SER A 2123 -8.19 49.10 -63.59
C SER A 2123 -7.66 49.49 -64.96
N LEU A 2124 -7.26 50.75 -65.13
CA LEU A 2124 -6.70 51.17 -66.42
C LEU A 2124 -5.44 50.38 -66.73
N LEU A 2125 -4.57 50.19 -65.74
CA LEU A 2125 -3.34 49.43 -65.97
C LEU A 2125 -3.64 48.00 -66.38
N HIS A 2126 -4.61 47.36 -65.72
CA HIS A 2126 -4.95 46.00 -66.10
C HIS A 2126 -5.48 45.95 -67.52
N ARG A 2127 -6.32 46.91 -67.91
CA ARG A 2127 -6.81 46.93 -69.29
C ARG A 2127 -5.67 47.09 -70.27
N GLN A 2128 -4.70 47.95 -69.97
CA GLN A 2128 -3.56 48.11 -70.86
C GLN A 2128 -2.73 46.84 -70.97
N TYR A 2129 -2.50 46.15 -69.86
CA TYR A 2129 -1.65 44.97 -69.89
C TYR A 2129 -2.33 43.75 -70.51
N ASP A 2130 -3.63 43.62 -70.36
CA ASP A 2130 -4.38 42.50 -70.93
C ASP A 2130 -5.38 43.06 -71.94
N GLY A 2131 -4.92 43.26 -73.17
CA GLY A 2131 -5.81 43.78 -74.20
C GLY A 2131 -6.62 42.69 -74.86
N LEU A 2132 -6.00 41.53 -75.09
CA LEU A 2132 -6.74 40.41 -75.68
C LEU A 2132 -7.80 39.88 -74.72
N GLY A 2133 -7.49 39.85 -73.43
CA GLY A 2133 -8.49 39.42 -72.47
C GLY A 2133 -9.68 40.36 -72.41
N GLU A 2134 -9.42 41.67 -72.53
CA GLU A 2134 -10.52 42.63 -72.54
C GLU A 2134 -11.44 42.40 -73.73
N LEU A 2135 -10.87 42.19 -74.92
CA LEU A 2135 -11.68 41.90 -76.10
C LEU A 2135 -12.44 40.59 -75.92
N LEU A 2136 -11.78 39.58 -75.35
CA LEU A 2136 -12.44 38.30 -75.12
C LEU A 2136 -13.64 38.46 -74.21
N ARG A 2137 -13.49 39.22 -73.13
CA ARG A 2137 -14.60 39.43 -72.21
C ARG A 2137 -15.66 40.38 -72.75
N ALA A 2138 -15.33 41.21 -73.73
CA ALA A 2138 -16.31 42.10 -74.33
C ALA A 2138 -17.11 41.44 -75.45
N LEU A 2139 -16.53 40.45 -76.13
CA LEU A 2139 -17.20 39.83 -77.26
C LEU A 2139 -18.56 39.24 -76.92
N PRO A 2140 -18.78 38.59 -75.77
CA PRO A 2140 -20.10 38.03 -75.48
C PRO A 2140 -21.24 39.04 -75.61
N ARG A 2141 -20.91 40.33 -75.54
CA ARG A 2141 -21.88 41.40 -75.66
C ARG A 2141 -21.90 42.02 -77.05
N ALA A 2142 -21.18 41.45 -78.01
CA ALA A 2142 -21.22 41.88 -79.40
C ALA A 2142 -22.26 41.09 -80.17
N TYR A 2143 -22.86 41.73 -81.17
CA TYR A 2143 -23.92 41.10 -81.93
C TYR A 2143 -24.09 41.83 -83.25
N THR A 2144 -24.06 41.08 -84.36
CA THR A 2144 -24.26 41.66 -85.68
C THR A 2144 -25.70 41.43 -86.13
N ILE A 2145 -26.28 42.46 -86.74
CA ILE A 2145 -27.64 42.42 -87.24
C ILE A 2145 -27.65 42.94 -88.68
N SER A 2146 -28.69 42.58 -89.41
CA SER A 2146 -28.87 43.06 -90.77
C SER A 2146 -29.46 44.47 -90.75
N VAL A 2147 -29.36 45.14 -91.91
CA VAL A 2147 -29.81 46.52 -92.00
C VAL A 2147 -31.31 46.62 -91.72
N SER A 2148 -32.07 45.63 -92.19
CA SER A 2148 -33.53 45.69 -92.06
C SER A 2148 -33.99 45.69 -90.61
N SER A 2149 -33.14 45.26 -89.68
CA SER A 2149 -33.51 45.18 -88.27
C SER A 2149 -33.10 46.42 -87.47
N VAL A 2150 -32.50 47.41 -88.11
CA VAL A 2150 -31.89 48.52 -87.37
C VAL A 2150 -32.96 49.34 -86.66
N GLU A 2151 -34.06 49.66 -87.36
CA GLU A 2151 -35.10 50.50 -86.77
C GLU A 2151 -35.74 49.82 -85.56
N ASP A 2152 -36.11 48.56 -85.71
CA ASP A 2152 -36.71 47.84 -84.60
C ASP A 2152 -35.72 47.65 -83.46
N THR A 2153 -34.45 47.44 -83.76
CA THR A 2153 -33.45 47.34 -82.70
C THR A 2153 -33.32 48.66 -81.96
N MET A 2154 -33.38 49.78 -82.67
CA MET A 2154 -33.33 51.08 -82.01
C MET A 2154 -34.53 51.30 -81.10
N SER A 2155 -35.72 50.94 -81.56
CA SER A 2155 -36.89 51.05 -80.70
C SER A 2155 -36.76 50.17 -79.47
N LEU A 2156 -36.28 48.94 -79.65
CA LEU A 2156 -36.08 48.04 -78.52
C LEU A 2156 -35.05 48.61 -77.54
N LEU A 2157 -33.99 49.21 -78.07
CA LEU A 2157 -32.98 49.80 -77.20
C LEU A 2157 -33.53 50.98 -76.43
N GLU A 2158 -34.40 51.78 -77.04
CA GLU A 2158 -35.05 52.87 -76.32
C GLU A 2158 -35.90 52.33 -75.17
N CYS A 2159 -36.71 51.30 -75.45
CA CYS A 2159 -37.53 50.72 -74.40
C CYS A 2159 -36.67 50.13 -73.28
N LEU A 2160 -35.59 49.44 -73.64
CA LEU A 2160 -34.70 48.87 -72.64
C LEU A 2160 -34.01 49.96 -71.84
N GLY A 2161 -33.68 51.08 -72.48
CA GLY A 2161 -33.12 52.20 -71.74
C GLY A 2161 -34.08 52.75 -70.71
N GLN A 2162 -35.36 52.87 -71.08
CA GLN A 2162 -36.35 53.31 -70.10
C GLN A 2162 -36.45 52.33 -68.95
N ILE A 2163 -36.50 51.02 -69.26
CA ILE A 2163 -36.60 50.02 -68.20
C ILE A 2163 -35.39 50.08 -67.28
N ARG A 2164 -34.19 50.21 -67.86
CA ARG A 2164 -32.98 50.31 -67.04
C ARG A 2164 -33.00 51.57 -66.18
N SER A 2165 -33.43 52.70 -66.74
CA SER A 2165 -33.53 53.92 -65.96
C SER A 2165 -34.51 53.79 -64.80
N LEU A 2166 -35.51 52.94 -64.93
CA LEU A 2166 -36.44 52.69 -63.83
C LEU A 2166 -35.86 51.79 -62.74
N LEU A 2167 -34.57 51.45 -62.79
CA LEU A 2167 -33.93 50.65 -61.75
C LEU A 2167 -33.36 51.49 -60.62
N ILE A 2168 -33.31 52.81 -60.77
CA ILE A 2168 -32.71 53.70 -59.77
C ILE A 2168 -33.75 54.60 -59.12
N VAL A 2169 -35.03 54.27 -59.25
CA VAL A 2169 -36.11 55.07 -58.71
C VAL A 2169 -37.12 54.16 -58.04
N GLN A 2170 -37.63 54.59 -56.90
CA GLN A 2170 -38.67 53.84 -56.22
C GLN A 2170 -39.92 53.76 -57.08
N MET A 2171 -40.55 52.59 -57.10
CA MET A 2171 -41.71 52.38 -57.94
C MET A 2171 -42.88 53.25 -57.48
N GLY A 2172 -43.56 53.86 -58.44
CA GLY A 2172 -44.77 54.61 -58.19
C GLY A 2172 -45.74 54.39 -59.32
N PRO A 2173 -46.86 55.11 -59.33
CA PRO A 2173 -47.80 54.94 -60.45
C PRO A 2173 -47.20 55.29 -61.80
N GLN A 2174 -46.48 56.40 -61.91
CA GLN A 2174 -45.89 56.80 -63.18
C GLN A 2174 -44.84 55.78 -63.63
N GLU A 2175 -43.97 55.34 -62.71
CA GLU A 2175 -42.96 54.36 -63.07
C GLU A 2175 -43.60 53.05 -63.48
N GLU A 2176 -44.68 52.65 -62.79
CA GLU A 2176 -45.40 51.43 -63.15
C GLU A 2176 -45.95 51.53 -64.57
N ASN A 2177 -46.57 52.68 -64.89
CA ASN A 2177 -47.11 52.86 -66.22
C ASN A 2177 -46.01 52.80 -67.27
N LEU A 2178 -44.89 53.46 -67.00
CA LEU A 2178 -43.78 53.44 -67.96
C LEU A 2178 -43.24 52.03 -68.14
N MET A 2179 -43.10 51.29 -67.05
CA MET A 2179 -42.61 49.91 -67.14
C MET A 2179 -43.54 49.07 -67.98
N ILE A 2180 -44.85 49.17 -67.72
CA ILE A 2180 -45.82 48.36 -68.47
C ILE A 2180 -45.78 48.72 -69.94
N GLN A 2181 -45.72 50.02 -70.26
CA GLN A 2181 -45.67 50.44 -71.65
C GLN A 2181 -44.42 49.94 -72.34
N SER A 2182 -43.27 50.04 -71.67
CA SER A 2182 -42.02 49.59 -72.27
C SER A 2182 -42.04 48.09 -72.50
N ILE A 2183 -42.56 47.33 -71.54
CA ILE A 2183 -42.64 45.88 -71.70
C ILE A 2183 -43.56 45.53 -72.86
N GLY A 2184 -44.69 46.22 -72.98
CA GLY A 2184 -45.58 45.97 -74.10
C GLY A 2184 -44.92 46.26 -75.44
N ASN A 2185 -44.20 47.37 -75.53
CA ASN A 2185 -43.51 47.70 -76.78
C ASN A 2185 -42.46 46.65 -77.10
N ILE A 2186 -41.70 46.21 -76.10
CA ILE A 2186 -40.67 45.20 -76.32
C ILE A 2186 -41.32 43.91 -76.83
N MET A 2187 -42.42 43.49 -76.20
CA MET A 2187 -43.08 42.26 -76.59
C MET A 2187 -43.75 42.36 -77.96
N ASN A 2188 -44.12 43.56 -78.40
CA ASN A 2188 -44.68 43.73 -79.74
C ASN A 2188 -43.58 43.94 -80.78
N ASN A 2189 -42.35 44.17 -80.35
CA ASN A 2189 -41.22 44.35 -81.26
C ASN A 2189 -40.79 43.00 -81.82
N LYS A 2190 -40.59 42.94 -83.14
CA LYS A 2190 -40.19 41.69 -83.78
C LYS A 2190 -38.79 41.25 -83.34
N VAL A 2191 -37.87 42.19 -83.17
CA VAL A 2191 -36.50 41.83 -82.82
C VAL A 2191 -36.46 41.03 -81.53
N PHE A 2192 -37.46 41.22 -80.66
CA PHE A 2192 -37.49 40.48 -79.41
C PHE A 2192 -37.60 38.98 -79.66
N TYR A 2193 -38.42 38.58 -80.64
CA TYR A 2193 -38.63 37.17 -80.93
C TYR A 2193 -37.56 36.59 -81.83
N GLN A 2194 -36.99 37.39 -82.73
CA GLN A 2194 -36.06 36.87 -83.72
C GLN A 2194 -34.62 36.84 -83.24
N HIS A 2195 -34.29 37.53 -82.15
CA HIS A 2195 -32.91 37.62 -81.65
C HIS A 2195 -32.91 37.37 -80.14
N PRO A 2196 -33.37 36.19 -79.72
CA PRO A 2196 -33.31 35.86 -78.28
C PRO A 2196 -31.90 35.88 -77.73
N ASN A 2197 -30.91 35.51 -78.54
CA ASN A 2197 -29.52 35.61 -78.09
C ASN A 2197 -29.16 37.07 -77.82
N LEU A 2198 -29.62 37.98 -78.68
CA LEU A 2198 -29.37 39.40 -78.44
C LEU A 2198 -30.04 39.87 -77.15
N MET A 2199 -31.28 39.43 -76.91
CA MET A 2199 -31.94 39.82 -75.66
C MET A 2199 -31.18 39.29 -74.45
N ARG A 2200 -30.74 38.03 -74.51
CA ARG A 2200 -29.99 37.46 -73.39
C ARG A 2200 -28.68 38.23 -73.18
N ALA A 2201 -27.98 38.58 -74.26
CA ALA A 2201 -26.76 39.34 -74.13
C ALA A 2201 -27.01 40.70 -73.50
N LEU A 2202 -28.09 41.37 -73.92
CA LEU A 2202 -28.49 42.63 -73.30
C LEU A 2202 -28.96 42.46 -71.86
N GLY A 2203 -29.26 41.24 -71.44
CA GLY A 2203 -29.71 41.01 -70.08
C GLY A 2203 -31.05 41.61 -69.77
N MET A 2204 -31.97 41.58 -70.74
CA MET A 2204 -33.29 42.17 -70.54
C MET A 2204 -34.05 41.43 -69.44
N HIS A 2205 -33.97 40.10 -69.44
CA HIS A 2205 -34.67 39.31 -68.42
C HIS A 2205 -34.17 39.65 -67.03
N GLU A 2206 -32.86 39.80 -66.86
CA GLU A 2206 -32.32 40.13 -65.54
C GLU A 2206 -32.82 41.48 -65.07
N THR A 2207 -32.87 42.48 -65.96
CA THR A 2207 -33.37 43.79 -65.56
C THR A 2207 -34.83 43.73 -65.15
N VAL A 2208 -35.65 43.03 -65.93
CA VAL A 2208 -37.07 42.94 -65.60
C VAL A 2208 -37.25 42.20 -64.27
N MET A 2209 -36.49 41.13 -64.07
CA MET A 2209 -36.57 40.41 -62.80
C MET A 2209 -36.13 41.30 -61.64
N GLU A 2210 -35.11 42.12 -61.86
CA GLU A 2210 -34.65 43.01 -60.79
C GLU A 2210 -35.74 44.00 -60.41
N VAL A 2211 -36.42 44.58 -61.40
CA VAL A 2211 -37.53 45.48 -61.09
C VAL A 2211 -38.61 44.75 -60.32
N MET A 2212 -38.98 43.56 -60.79
CA MET A 2212 -40.05 42.79 -60.16
C MET A 2212 -39.70 42.49 -58.71
N VAL A 2213 -38.48 42.03 -58.46
CA VAL A 2213 -38.09 41.63 -57.12
C VAL A 2213 -37.93 42.86 -56.23
N ASN A 2214 -37.54 44.00 -56.80
CA ASN A 2214 -37.55 45.23 -56.02
C ASN A 2214 -38.94 45.51 -55.48
N VAL A 2215 -39.95 45.52 -56.35
CA VAL A 2215 -41.29 45.83 -55.88
C VAL A 2215 -41.80 44.75 -54.92
N LEU A 2216 -41.47 43.49 -55.19
CA LEU A 2216 -41.95 42.43 -54.32
C LEU A 2216 -41.33 42.53 -52.93
N GLY A 2217 -40.02 42.76 -52.86
CA GLY A 2217 -39.38 42.93 -51.57
C GLY A 2217 -39.88 44.14 -50.83
N GLY A 2218 -40.21 45.21 -51.55
CA GLY A 2218 -40.78 46.38 -50.91
C GLY A 2218 -42.01 46.01 -50.09
N GLY A 2219 -41.88 46.05 -48.77
CA GLY A 2219 -42.96 45.63 -47.91
C GLY A 2219 -43.43 44.21 -48.20
N GLU A 2220 -42.52 43.24 -48.06
CA GLU A 2220 -42.85 41.86 -48.43
C GLU A 2220 -44.03 41.33 -47.62
N SER A 2221 -44.01 41.56 -46.30
CA SER A 2221 -45.13 41.10 -45.46
C SER A 2221 -46.41 41.85 -45.83
N LYS A 2222 -46.31 43.17 -46.02
CA LYS A 2222 -47.46 43.95 -46.44
C LYS A 2222 -47.87 43.58 -47.85
N GLU A 2223 -49.18 43.67 -48.11
CA GLU A 2223 -49.71 43.37 -49.43
C GLU A 2223 -48.93 44.13 -50.50
N ILE A 2224 -48.30 43.40 -51.41
CA ILE A 2224 -47.45 44.01 -52.43
C ILE A 2224 -48.30 44.93 -53.30
N ARG A 2225 -47.73 46.09 -53.64
CA ARG A 2225 -48.40 47.01 -54.54
C ARG A 2225 -47.99 46.71 -55.99
N PHE A 2226 -48.57 47.45 -56.92
CA PHE A 2226 -48.27 47.31 -58.34
C PHE A 2226 -48.47 45.88 -58.85
N PRO A 2227 -49.59 45.23 -58.49
CA PRO A 2227 -49.82 43.88 -59.01
C PRO A 2227 -49.91 43.85 -60.52
N LYS A 2228 -50.40 44.92 -61.14
CA LYS A 2228 -50.44 44.96 -62.59
C LYS A 2228 -49.03 44.89 -63.17
N MET A 2229 -48.08 45.60 -62.58
CA MET A 2229 -46.72 45.56 -63.10
C MET A 2229 -46.08 44.21 -62.84
N VAL A 2230 -46.42 43.56 -61.73
CA VAL A 2230 -45.89 42.21 -61.50
C VAL A 2230 -46.48 41.22 -62.52
N THR A 2231 -47.76 41.38 -62.83
CA THR A 2231 -48.38 40.55 -63.84
C THR A 2231 -47.69 40.74 -65.19
N SER A 2232 -47.36 41.99 -65.53
CA SER A 2232 -46.55 42.23 -66.72
C SER A 2232 -45.16 41.63 -66.57
N CYS A 2233 -44.65 41.54 -65.33
CA CYS A 2233 -43.32 41.02 -65.10
C CYS A 2233 -43.22 39.56 -65.52
N CYS A 2234 -44.21 38.72 -65.15
CA CYS A 2234 -44.37 37.59 -66.05
C CYS A 2234 -44.53 38.00 -67.49
N ARG A 2235 -45.66 38.57 -67.87
CA ARG A 2235 -46.06 38.41 -69.26
C ARG A 2235 -44.79 38.47 -70.10
N PHE A 2236 -43.92 39.44 -69.78
CA PHE A 2236 -42.60 39.50 -70.41
C PHE A 2236 -41.73 38.29 -70.10
N LEU A 2237 -41.26 38.12 -68.85
CA LEU A 2237 -40.28 37.06 -68.56
C LEU A 2237 -40.85 35.68 -68.87
N CYS A 2238 -42.16 35.60 -68.87
CA CYS A 2238 -42.91 34.39 -68.64
C CYS A 2238 -43.42 33.93 -70.02
N TYR A 2239 -43.30 34.83 -71.02
CA TYR A 2239 -43.17 34.48 -72.44
C TYR A 2239 -41.71 34.25 -72.83
N PHE A 2240 -40.80 34.99 -72.19
CA PHE A 2240 -39.38 34.93 -72.53
C PHE A 2240 -38.83 33.53 -72.36
N CYS A 2241 -39.24 32.85 -71.29
CA CYS A 2241 -38.88 31.45 -71.12
C CYS A 2241 -39.29 30.64 -72.35
N ARG A 2242 -40.48 30.91 -72.89
CA ARG A 2242 -40.99 30.13 -74.01
C ARG A 2242 -40.31 30.43 -75.34
N ILE A 2243 -39.81 31.65 -75.52
CA ILE A 2243 -39.32 32.04 -76.84
C ILE A 2243 -38.25 31.07 -77.34
N SER A 2244 -37.30 30.71 -76.49
CA SER A 2244 -36.23 29.82 -76.91
C SER A 2244 -35.78 28.96 -75.73
N ARG A 2245 -35.13 27.84 -76.04
CA ARG A 2245 -34.68 26.93 -75.00
C ARG A 2245 -33.54 27.53 -74.17
N GLN A 2246 -32.65 28.31 -74.81
CA GLN A 2246 -31.59 28.96 -74.06
C GLN A 2246 -32.16 30.02 -73.11
N ASN A 2247 -33.20 30.74 -73.55
CA ASN A 2247 -33.88 31.67 -72.65
C ASN A 2247 -34.44 30.93 -71.46
N GLN A 2248 -35.03 29.76 -71.69
CA GLN A 2248 -35.58 28.97 -70.59
C GLN A 2248 -34.50 28.56 -69.62
N ARG A 2249 -33.34 28.14 -70.13
CA ARG A 2249 -32.24 27.77 -69.24
C ARG A 2249 -31.74 28.97 -68.44
N SER A 2250 -31.62 30.13 -69.10
CA SER A 2250 -31.15 31.33 -68.40
C SER A 2250 -32.11 31.70 -67.27
N MET A 2251 -33.42 31.61 -67.52
CA MET A 2251 -34.37 31.90 -66.46
C MET A 2251 -34.38 30.82 -65.40
N PHE A 2252 -34.17 29.56 -65.79
CA PHE A 2252 -34.05 28.47 -64.83
C PHE A 2252 -32.90 28.69 -63.87
N ASP A 2253 -31.84 29.35 -64.35
CA ASP A 2253 -30.71 29.64 -63.47
C ASP A 2253 -31.10 30.49 -62.28
N HIS A 2254 -32.25 31.17 -62.34
CA HIS A 2254 -32.73 31.99 -61.24
C HIS A 2254 -33.95 31.39 -60.55
N LEU A 2255 -34.11 30.06 -60.61
CA LEU A 2255 -35.31 29.45 -60.06
C LEU A 2255 -35.41 29.65 -58.56
N SER A 2256 -34.30 29.49 -57.84
CA SER A 2256 -34.34 29.66 -56.39
C SER A 2256 -34.78 31.07 -56.01
N TYR A 2257 -34.25 32.07 -56.70
CA TYR A 2257 -34.65 33.45 -56.44
C TYR A 2257 -36.15 33.63 -56.67
N LEU A 2258 -36.66 33.09 -57.79
CA LEU A 2258 -38.08 33.14 -58.06
C LEU A 2258 -38.88 32.39 -56.99
N LEU A 2259 -38.41 31.21 -56.61
CA LEU A 2259 -39.10 30.48 -55.55
C LEU A 2259 -38.97 31.19 -54.21
N GLU A 2260 -37.87 31.91 -53.98
CA GLU A 2260 -37.74 32.70 -52.78
C GLU A 2260 -38.81 33.78 -52.72
N ASN A 2261 -39.04 34.47 -53.85
CA ASN A 2261 -40.00 35.57 -53.90
C ASN A 2261 -41.42 35.11 -54.18
N SER A 2262 -41.62 33.80 -54.43
CA SER A 2262 -42.94 33.27 -54.71
C SER A 2262 -43.66 32.77 -53.47
N GLY A 2263 -43.31 33.26 -52.29
CA GLY A 2263 -44.02 32.88 -51.08
C GLY A 2263 -45.34 33.59 -50.94
N ILE A 2264 -45.68 34.42 -51.93
CA ILE A 2264 -46.92 35.18 -51.93
C ILE A 2264 -47.56 35.08 -53.31
N GLY A 2265 -48.67 35.79 -53.51
CA GLY A 2265 -49.34 35.81 -54.80
C GLY A 2265 -50.80 35.46 -54.71
N LEU A 2266 -51.26 34.53 -55.53
CA LEU A 2266 -52.65 34.08 -55.50
C LEU A 2266 -53.59 35.25 -55.73
N GLY A 2267 -53.73 36.13 -54.73
CA GLY A 2267 -54.62 37.27 -54.84
C GLY A 2267 -54.30 38.18 -56.01
N MET A 2268 -53.13 38.01 -56.61
CA MET A 2268 -52.77 38.80 -57.78
C MET A 2268 -53.83 38.69 -58.87
N GLN A 2269 -54.46 37.52 -58.98
CA GLN A 2269 -55.39 37.24 -60.08
C GLN A 2269 -54.72 37.36 -61.44
N GLY A 2270 -53.41 37.16 -61.47
CA GLY A 2270 -52.64 37.24 -62.70
C GLY A 2270 -51.38 36.41 -62.57
N SER A 2271 -50.53 36.52 -63.59
CA SER A 2271 -49.31 35.74 -63.61
C SER A 2271 -48.37 36.18 -62.49
N THR A 2272 -47.58 35.24 -61.99
CA THR A 2272 -46.80 35.40 -60.77
C THR A 2272 -45.40 34.84 -60.94
N PRO A 2273 -44.48 35.18 -60.02
CA PRO A 2273 -43.15 34.55 -60.08
C PRO A 2273 -43.19 33.03 -60.00
N LEU A 2274 -44.20 32.45 -59.35
CA LEU A 2274 -44.37 31.01 -59.43
C LEU A 2274 -44.68 30.57 -60.85
N ASP A 2275 -45.44 31.39 -61.60
CA ASP A 2275 -45.66 31.09 -63.01
C ASP A 2275 -44.35 31.19 -63.79
N VAL A 2276 -43.50 32.16 -63.45
CA VAL A 2276 -42.19 32.22 -64.09
C VAL A 2276 -41.40 30.95 -63.81
N ALA A 2277 -41.43 30.50 -62.56
CA ALA A 2277 -40.71 29.27 -62.20
C ALA A 2277 -41.22 28.09 -63.00
N ALA A 2278 -42.54 27.96 -63.12
CA ALA A 2278 -43.11 26.86 -63.90
C ALA A 2278 -42.70 26.95 -65.37
N ALA A 2279 -42.77 28.15 -65.95
CA ALA A 2279 -42.41 28.33 -67.35
C ALA A 2279 -40.93 28.07 -67.59
N SER A 2280 -40.08 28.25 -66.58
CA SER A 2280 -38.65 28.02 -66.75
C SER A 2280 -38.28 26.55 -66.78
N VAL A 2281 -39.22 25.64 -66.51
CA VAL A 2281 -38.92 24.22 -66.44
C VAL A 2281 -39.90 23.40 -67.27
N ILE A 2282 -40.97 24.04 -67.75
CA ILE A 2282 -42.03 23.29 -68.42
C ILE A 2282 -41.48 22.59 -69.65
N ASP A 2283 -41.78 21.29 -69.77
CA ASP A 2283 -41.53 20.51 -70.99
C ASP A 2283 -40.06 20.56 -71.42
N ASN A 2284 -39.15 20.68 -70.46
CA ASN A 2284 -37.72 20.63 -70.71
C ASN A 2284 -37.15 19.50 -69.86
N ASN A 2285 -36.86 18.37 -70.50
CA ASN A 2285 -36.36 17.22 -69.75
C ASN A 2285 -35.03 17.53 -69.10
N GLU A 2286 -34.14 18.23 -69.81
CA GLU A 2286 -32.83 18.54 -69.25
C GLU A 2286 -32.95 19.39 -67.99
N LEU A 2287 -33.75 20.44 -68.04
CA LEU A 2287 -33.92 21.30 -66.87
C LEU A 2287 -34.67 20.59 -65.75
N ALA A 2288 -35.67 19.76 -66.09
CA ALA A 2288 -36.36 19.00 -65.06
C ALA A 2288 -35.42 18.07 -64.34
N LEU A 2289 -34.51 17.42 -65.07
CA LEU A 2289 -33.49 16.60 -64.43
C LEU A 2289 -32.50 17.43 -63.63
N ALA A 2290 -32.20 18.65 -64.09
CA ALA A 2290 -31.32 19.55 -63.35
C ALA A 2290 -31.98 20.15 -62.12
N LEU A 2291 -33.29 20.00 -61.96
CA LEU A 2291 -33.99 20.53 -60.80
C LEU A 2291 -33.32 20.08 -59.51
N GLN A 2292 -33.47 20.87 -58.46
CA GLN A 2292 -32.80 20.61 -57.20
C GLN A 2292 -33.78 20.22 -56.10
N GLU A 2293 -33.35 19.25 -55.29
CA GLU A 2293 -34.18 18.80 -54.18
C GLU A 2293 -34.43 19.93 -53.20
N GLN A 2294 -33.50 20.88 -53.09
CA GLN A 2294 -33.71 22.03 -52.21
C GLN A 2294 -34.89 22.87 -52.69
N ASP A 2295 -34.96 23.12 -54.00
CA ASP A 2295 -36.09 23.88 -54.55
C ASP A 2295 -37.39 23.11 -54.37
N LEU A 2296 -37.37 21.80 -54.62
CA LEU A 2296 -38.58 21.02 -54.40
C LEU A 2296 -39.00 21.06 -52.94
N GLU A 2297 -38.04 21.01 -52.02
CA GLU A 2297 -38.35 21.09 -50.60
C GLU A 2297 -38.96 22.44 -50.24
N LYS A 2298 -38.43 23.51 -50.83
CA LYS A 2298 -39.00 24.83 -50.56
C LYS A 2298 -40.44 24.91 -51.03
N VAL A 2299 -40.74 24.39 -52.22
CA VAL A 2299 -42.10 24.40 -52.71
C VAL A 2299 -43.00 23.55 -51.81
N VAL A 2300 -42.50 22.39 -51.37
CA VAL A 2300 -43.30 21.53 -50.52
C VAL A 2300 -43.55 22.18 -49.16
N SER A 2301 -42.57 22.94 -48.66
CA SER A 2301 -42.77 23.66 -47.40
C SER A 2301 -43.82 24.75 -47.55
N TYR A 2302 -43.80 25.47 -48.68
CA TYR A 2302 -44.88 26.40 -48.95
C TYR A 2302 -46.23 25.70 -48.96
N LEU A 2303 -46.29 24.53 -49.60
CA LEU A 2303 -47.55 23.79 -49.65
C LEU A 2303 -48.00 23.34 -48.27
N ALA A 2304 -47.07 22.92 -47.42
CA ALA A 2304 -47.41 22.54 -46.05
C ALA A 2304 -47.96 23.73 -45.28
N GLY A 2305 -47.32 24.89 -45.42
CA GLY A 2305 -47.86 26.09 -44.79
C GLY A 2305 -49.26 26.41 -45.27
N CYS A 2306 -49.50 26.28 -46.57
CA CYS A 2306 -50.83 26.51 -47.12
C CYS A 2306 -51.85 25.53 -46.61
N GLY A 2307 -51.47 24.27 -46.42
CA GLY A 2307 -52.35 23.27 -45.88
C GLY A 2307 -52.57 23.37 -44.40
N LEU A 2308 -51.73 24.10 -43.68
CA LEU A 2308 -51.90 24.29 -42.24
C LEU A 2308 -52.54 25.62 -41.84
N GLN A 2309 -52.44 26.68 -42.65
CA GLN A 2309 -52.97 27.98 -42.26
C GLN A 2309 -53.89 28.54 -43.33
N SER A 2310 -54.91 29.28 -42.89
CA SER A 2310 -55.82 29.95 -43.79
C SER A 2310 -55.17 31.18 -44.40
N CYS A 2311 -55.72 31.65 -45.50
CA CYS A 2311 -55.17 32.81 -46.19
C CYS A 2311 -55.54 34.09 -45.45
N PRO A 2312 -54.56 34.85 -44.95
CA PRO A 2312 -54.90 36.11 -44.26
C PRO A 2312 -55.65 37.09 -45.15
N MET A 2313 -55.35 37.10 -46.45
CA MET A 2313 -56.06 38.00 -47.36
C MET A 2313 -57.53 37.65 -47.42
N LEU A 2314 -57.85 36.36 -47.53
CA LEU A 2314 -59.25 35.95 -47.52
C LEU A 2314 -59.91 36.26 -46.19
N LEU A 2315 -59.21 36.02 -45.08
CA LEU A 2315 -59.78 36.33 -43.78
C LEU A 2315 -60.09 37.82 -43.65
N ALA A 2316 -59.20 38.67 -44.15
CA ALA A 2316 -59.46 40.11 -44.15
C ALA A 2316 -60.65 40.44 -45.02
N LYS A 2317 -60.73 39.84 -46.21
CA LYS A 2317 -61.89 40.05 -47.06
C LYS A 2317 -63.19 39.58 -46.42
N GLY A 2318 -63.11 38.69 -45.44
CA GLY A 2318 -64.29 38.25 -44.71
C GLY A 2318 -64.72 36.83 -44.96
N TYR A 2319 -63.90 36.02 -45.63
CA TYR A 2319 -64.27 34.65 -45.89
C TYR A 2319 -64.28 33.86 -44.59
N PRO A 2320 -65.08 32.78 -44.52
CA PRO A 2320 -65.01 31.92 -43.33
C PRO A 2320 -63.65 31.28 -43.19
N ASP A 2321 -63.27 31.02 -41.94
CA ASP A 2321 -61.99 30.41 -41.64
C ASP A 2321 -62.15 28.89 -41.68
N ILE A 2322 -61.62 28.26 -42.72
CA ILE A 2322 -61.69 26.80 -42.85
C ILE A 2322 -60.45 26.12 -42.31
N GLY A 2323 -59.39 26.86 -42.01
CA GLY A 2323 -58.20 26.31 -41.39
C GLY A 2323 -57.03 26.09 -42.31
N TRP A 2324 -57.20 26.24 -43.62
CA TRP A 2324 -56.10 26.02 -44.56
C TRP A 2324 -56.33 26.88 -45.79
N ASN A 2325 -55.40 26.76 -46.75
CA ASN A 2325 -55.34 27.64 -47.92
C ASN A 2325 -55.36 26.81 -49.20
N PRO A 2326 -56.52 26.30 -49.62
CA PRO A 2326 -56.55 25.50 -50.85
C PRO A 2326 -56.08 26.27 -52.07
N CYS A 2327 -56.34 27.58 -52.12
CA CYS A 2327 -56.00 28.35 -53.31
C CYS A 2327 -54.50 28.39 -53.54
N GLY A 2328 -53.72 28.69 -52.51
CA GLY A 2328 -52.27 28.65 -52.64
C GLY A 2328 -51.75 27.23 -52.80
N GLY A 2329 -52.37 26.28 -52.10
CA GLY A 2329 -51.96 24.90 -52.26
C GLY A 2329 -52.06 24.45 -53.70
N GLU A 2330 -53.11 24.88 -54.40
CA GLU A 2330 -53.28 24.51 -55.80
C GLU A 2330 -52.15 25.06 -56.67
N ARG A 2331 -51.74 26.31 -56.42
CA ARG A 2331 -50.64 26.87 -57.20
C ARG A 2331 -49.36 26.09 -56.99
N TYR A 2332 -49.03 25.78 -55.74
CA TYR A 2332 -47.82 25.02 -55.48
C TYR A 2332 -47.89 23.61 -56.08
N LEU A 2333 -49.07 22.99 -56.00
CA LEU A 2333 -49.26 21.68 -56.62
C LEU A 2333 -49.09 21.75 -58.14
N ASP A 2334 -49.56 22.84 -58.75
CA ASP A 2334 -49.37 23.00 -60.20
C ASP A 2334 -47.89 23.09 -60.55
N PHE A 2335 -47.13 23.86 -59.77
CA PHE A 2335 -45.69 23.91 -60.04
C PHE A 2335 -45.05 22.54 -59.91
N LEU A 2336 -45.42 21.81 -58.85
CA LEU A 2336 -44.85 20.47 -58.68
C LEU A 2336 -45.25 19.54 -59.82
N ARG A 2337 -46.48 19.69 -60.33
CA ARG A 2337 -46.91 18.89 -61.48
C ARG A 2337 -46.03 19.17 -62.69
N PHE A 2338 -45.80 20.44 -62.99
CA PHE A 2338 -44.90 20.76 -64.10
C PHE A 2338 -43.47 20.30 -63.85
N ALA A 2339 -43.05 20.21 -62.59
CA ALA A 2339 -41.72 19.70 -62.28
C ALA A 2339 -41.60 18.19 -62.46
N VAL A 2340 -42.66 17.43 -62.17
CA VAL A 2340 -42.57 15.97 -62.18
C VAL A 2340 -43.03 15.35 -63.50
N PHE A 2341 -43.80 16.07 -64.33
CA PHE A 2341 -44.29 15.52 -65.58
C PHE A 2341 -43.74 16.35 -66.73
N VAL A 2342 -43.09 15.70 -67.69
CA VAL A 2342 -42.47 16.36 -68.83
C VAL A 2342 -42.81 15.59 -70.09
N ASN A 2343 -43.36 16.28 -71.08
CA ASN A 2343 -43.59 15.71 -72.41
C ASN A 2343 -44.39 14.41 -72.34
N GLY A 2344 -45.43 14.40 -71.52
CA GLY A 2344 -46.32 13.26 -71.45
C GLY A 2344 -45.78 12.08 -70.68
N GLU A 2345 -44.61 12.21 -70.04
CA GLU A 2345 -44.01 11.11 -69.29
C GLU A 2345 -43.55 11.63 -67.94
N SER A 2346 -43.50 10.73 -66.97
CA SER A 2346 -43.10 11.08 -65.60
C SER A 2346 -41.59 11.04 -65.48
N VAL A 2347 -41.03 12.08 -64.87
CA VAL A 2347 -39.60 12.13 -64.54
C VAL A 2347 -39.45 11.40 -63.21
N GLU A 2348 -38.81 10.22 -63.24
CA GLU A 2348 -38.82 9.34 -62.07
C GLU A 2348 -38.13 9.99 -60.87
N GLU A 2349 -36.99 10.65 -61.09
CA GLU A 2349 -36.25 11.23 -59.98
C GLU A 2349 -37.10 12.27 -59.25
N ASN A 2350 -37.64 13.23 -60.00
CA ASN A 2350 -38.46 14.27 -59.40
C ASN A 2350 -39.72 13.69 -58.78
N ALA A 2351 -40.32 12.70 -59.43
CA ALA A 2351 -41.54 12.10 -58.89
C ALA A 2351 -41.27 11.46 -57.54
N ASN A 2352 -40.19 10.67 -57.44
CA ASN A 2352 -39.87 10.03 -56.17
C ASN A 2352 -39.54 11.05 -55.09
N VAL A 2353 -38.75 12.08 -55.44
CA VAL A 2353 -38.41 13.09 -54.46
C VAL A 2353 -39.68 13.79 -53.96
N VAL A 2354 -40.58 14.13 -54.88
CA VAL A 2354 -41.79 14.84 -54.51
C VAL A 2354 -42.66 13.98 -53.61
N VAL A 2355 -42.80 12.70 -53.95
CA VAL A 2355 -43.62 11.81 -53.14
C VAL A 2355 -43.03 11.69 -51.73
N ARG A 2356 -41.71 11.54 -51.63
CA ARG A 2356 -41.09 11.42 -50.32
C ARG A 2356 -41.31 12.70 -49.50
N LEU A 2357 -41.14 13.86 -50.12
CA LEU A 2357 -41.35 15.11 -49.40
C LEU A 2357 -42.81 15.25 -48.95
N LEU A 2358 -43.74 14.90 -49.85
CA LEU A 2358 -45.15 15.03 -49.50
C LEU A 2358 -45.52 14.13 -48.33
N ILE A 2359 -45.04 12.89 -48.32
CA ILE A 2359 -45.34 12.02 -47.18
C ILE A 2359 -44.61 12.46 -45.92
N ARG A 2360 -43.41 13.02 -46.03
CA ARG A 2360 -42.72 13.54 -44.84
C ARG A 2360 -43.40 14.77 -44.27
N LYS A 2361 -44.19 15.49 -45.08
CA LYS A 2361 -45.03 16.59 -44.60
C LYS A 2361 -46.48 16.30 -44.97
N PRO A 2362 -47.17 15.45 -44.18
CA PRO A 2362 -48.50 14.98 -44.58
C PRO A 2362 -49.53 16.09 -44.67
N GLU A 2363 -49.28 17.24 -44.05
CA GLU A 2363 -50.23 18.34 -44.12
C GLU A 2363 -50.42 18.84 -45.55
N CYS A 2364 -49.46 18.56 -46.43
CA CYS A 2364 -49.59 18.97 -47.83
C CYS A 2364 -50.74 18.26 -48.53
N PHE A 2365 -51.26 17.17 -47.97
CA PHE A 2365 -52.35 16.43 -48.58
C PHE A 2365 -53.71 17.02 -48.27
N GLY A 2366 -53.76 18.07 -47.45
CA GLY A 2366 -55.02 18.67 -47.07
C GLY A 2366 -55.62 17.95 -45.88
N PRO A 2367 -56.57 18.61 -45.20
CA PRO A 2367 -57.19 17.97 -44.03
C PRO A 2367 -57.90 16.66 -44.34
N ALA A 2368 -58.44 16.51 -45.56
CA ALA A 2368 -59.20 15.32 -45.88
C ALA A 2368 -58.35 14.06 -45.80
N LEU A 2369 -57.13 14.11 -46.33
CA LEU A 2369 -56.26 12.95 -46.35
C LEU A 2369 -55.42 12.83 -45.08
N ARG A 2370 -55.77 13.56 -44.03
CA ARG A 2370 -55.12 13.40 -42.74
C ARG A 2370 -55.35 11.99 -42.22
N GLY A 2371 -54.30 11.37 -41.69
CA GLY A 2371 -54.40 9.97 -41.30
C GLY A 2371 -55.41 9.74 -40.20
N GLU A 2372 -55.36 10.54 -39.14
CA GLU A 2372 -56.16 10.26 -37.96
C GLU A 2372 -57.62 10.65 -38.16
N GLY A 2373 -57.88 11.93 -38.38
CA GLY A 2373 -59.23 12.43 -38.50
C GLY A 2373 -59.72 12.71 -39.90
N GLY A 2374 -58.94 12.36 -40.93
CA GLY A 2374 -59.36 12.64 -42.29
C GLY A 2374 -60.65 11.92 -42.65
N SER A 2375 -61.50 12.63 -43.40
CA SER A 2375 -62.78 12.08 -43.83
C SER A 2375 -62.68 11.31 -45.15
N GLY A 2376 -61.56 11.44 -45.85
CA GLY A 2376 -61.38 10.80 -47.13
C GLY A 2376 -61.69 11.75 -48.28
N LEU A 2377 -61.17 11.40 -49.45
CA LEU A 2377 -61.30 12.28 -50.61
C LEU A 2377 -62.76 12.43 -51.02
N LEU A 2378 -63.50 11.33 -51.06
CA LEU A 2378 -64.90 11.38 -51.48
C LEU A 2378 -65.73 12.25 -50.53
N ALA A 2379 -65.56 12.02 -49.22
CA ALA A 2379 -66.29 12.82 -48.24
C ALA A 2379 -65.91 14.29 -48.34
N ALA A 2380 -64.62 14.57 -48.58
CA ALA A 2380 -64.17 15.94 -48.71
C ALA A 2380 -64.82 16.62 -49.90
N ILE A 2381 -64.88 15.94 -51.04
CA ILE A 2381 -65.50 16.52 -52.22
C ILE A 2381 -66.99 16.75 -51.99
N GLU A 2382 -67.67 15.80 -51.35
CA GLU A 2382 -69.09 15.98 -51.07
C GLU A 2382 -69.32 17.16 -50.15
N GLU A 2383 -68.49 17.29 -49.10
CA GLU A 2383 -68.60 18.43 -48.20
C GLU A 2383 -68.34 19.74 -48.95
N ALA A 2384 -67.37 19.72 -49.86
CA ALA A 2384 -67.11 20.92 -50.65
C ALA A 2384 -68.30 21.29 -51.53
N ILE A 2385 -68.98 20.29 -52.09
CA ILE A 2385 -70.17 20.56 -52.89
C ILE A 2385 -71.25 21.18 -52.00
N ARG A 2386 -71.44 20.64 -50.80
CA ARG A 2386 -72.40 21.25 -49.88
C ARG A 2386 -72.03 22.69 -49.55
N ILE A 2387 -70.73 22.93 -49.31
CA ILE A 2387 -70.27 24.29 -49.02
C ILE A 2387 -70.59 25.21 -50.18
N SER A 2388 -70.34 24.76 -51.41
CA SER A 2388 -70.62 25.58 -52.57
C SER A 2388 -72.11 25.90 -52.67
N GLU A 2389 -72.95 24.90 -52.40
CA GLU A 2389 -74.39 25.13 -52.43
C GLU A 2389 -74.86 26.05 -51.30
N ASP A 2390 -74.13 26.13 -50.19
CA ASP A 2390 -74.55 26.94 -49.05
C ASP A 2390 -73.78 28.25 -49.00
N PRO A 2391 -74.43 29.40 -49.25
CA PRO A 2391 -73.75 30.68 -49.02
C PRO A 2391 -73.53 30.93 -47.54
N ALA A 2392 -72.63 31.87 -47.25
CA ALA A 2392 -72.11 32.21 -45.94
C ALA A 2392 -71.12 31.15 -45.46
N ARG A 2393 -70.97 30.03 -46.17
CA ARG A 2393 -69.88 29.10 -45.97
C ARG A 2393 -68.96 29.01 -47.18
N ASP A 2394 -69.38 29.53 -48.33
CA ASP A 2394 -68.58 29.51 -49.55
C ASP A 2394 -67.89 30.83 -49.83
N GLY A 2395 -68.34 31.92 -49.19
CA GLY A 2395 -67.75 33.22 -49.41
C GLY A 2395 -68.05 34.16 -48.25
N PRO A 2396 -67.66 35.43 -48.39
CA PRO A 2396 -67.92 36.39 -47.31
C PRO A 2396 -69.40 36.54 -46.99
N GLY A 2397 -70.26 36.50 -48.00
CA GLY A 2397 -71.69 36.59 -47.80
C GLY A 2397 -72.12 37.88 -47.13
N VAL A 2398 -71.55 39.00 -47.55
CA VAL A 2398 -71.91 40.30 -46.99
C VAL A 2398 -72.91 40.99 -47.91
N PRO A 2411 -66.21 41.63 -55.67
CA PRO A 2411 -66.40 40.56 -56.66
C PRO A 2411 -65.86 40.90 -58.04
N PRO A 2412 -64.57 41.27 -58.13
CA PRO A 2412 -64.01 41.59 -59.45
C PRO A 2412 -64.14 40.45 -60.44
N GLU A 2413 -63.98 39.21 -59.99
CA GLU A 2413 -64.16 38.02 -60.84
C GLU A 2413 -64.85 36.94 -60.01
N GLU A 2414 -66.11 36.67 -60.35
CA GLU A 2414 -66.90 35.63 -59.72
C GLU A 2414 -66.74 35.62 -58.20
N ASN A 2415 -67.08 36.74 -57.54
CA ASN A 2415 -66.98 36.82 -56.09
C ASN A 2415 -65.58 36.45 -55.65
N ARG A 2416 -64.57 36.91 -56.39
CA ARG A 2416 -63.19 36.52 -56.14
C ARG A 2416 -63.07 35.00 -56.14
N VAL A 2417 -63.09 34.39 -54.96
CA VAL A 2417 -62.91 32.94 -54.83
C VAL A 2417 -64.14 32.36 -54.14
N HIS A 2418 -64.44 31.12 -54.49
CA HIS A 2418 -65.49 30.34 -53.84
C HIS A 2418 -64.82 29.17 -53.12
N LEU A 2419 -65.12 29.03 -51.82
CA LEU A 2419 -64.35 28.09 -51.00
C LEU A 2419 -64.58 26.65 -51.43
N GLY A 2420 -65.81 26.29 -51.78
CA GLY A 2420 -66.09 24.93 -52.20
C GLY A 2420 -65.32 24.57 -53.45
N HIS A 2421 -65.37 25.46 -54.45
CA HIS A 2421 -64.61 25.23 -55.68
C HIS A 2421 -63.12 25.21 -55.40
N ALA A 2422 -62.65 26.05 -54.49
CA ALA A 2422 -61.23 26.05 -54.15
C ALA A 2422 -60.82 24.71 -53.54
N ILE A 2423 -61.64 24.16 -52.67
CA ILE A 2423 -61.32 22.86 -52.06
C ILE A 2423 -61.30 21.77 -53.13
N MET A 2424 -62.33 21.75 -53.98
CA MET A 2424 -62.35 20.74 -55.04
C MET A 2424 -61.13 20.87 -55.94
N SER A 2425 -60.78 22.11 -56.30
CA SER A 2425 -59.63 22.33 -57.18
C SER A 2425 -58.34 21.89 -56.52
N PHE A 2426 -58.16 22.18 -55.23
CA PHE A 2426 -56.96 21.75 -54.53
C PHE A 2426 -56.85 20.23 -54.57
N TYR A 2427 -57.94 19.53 -54.25
CA TYR A 2427 -57.86 18.07 -54.22
C TYR A 2427 -57.67 17.49 -55.61
N ALA A 2428 -58.29 18.10 -56.63
CA ALA A 2428 -58.06 17.64 -57.99
C ALA A 2428 -56.62 17.83 -58.40
N ALA A 2429 -56.02 18.97 -58.05
CA ALA A 2429 -54.62 19.21 -58.37
C ALA A 2429 -53.70 18.24 -57.64
N LEU A 2430 -54.02 17.94 -56.38
CA LEU A 2430 -53.20 16.97 -55.63
C LEU A 2430 -53.28 15.60 -56.28
N ILE A 2431 -54.48 15.16 -56.66
CA ILE A 2431 -54.62 13.86 -57.29
C ILE A 2431 -53.90 13.85 -58.64
N ASP A 2432 -53.97 14.95 -59.39
CA ASP A 2432 -53.25 15.03 -60.65
C ASP A 2432 -51.75 14.90 -60.44
N LEU A 2433 -51.23 15.60 -59.43
CA LEU A 2433 -49.80 15.54 -59.16
C LEU A 2433 -49.38 14.13 -58.77
N LEU A 2434 -50.16 13.47 -57.93
CA LEU A 2434 -49.81 12.10 -57.53
C LEU A 2434 -49.89 11.13 -58.72
N GLY A 2435 -50.94 11.27 -59.53
CA GLY A 2435 -51.04 10.42 -60.71
C GLY A 2435 -49.88 10.62 -61.67
N ARG A 2436 -49.40 11.86 -61.79
CA ARG A 2436 -48.24 12.14 -62.63
C ARG A 2436 -46.93 11.67 -62.01
N CYS A 2437 -46.85 11.63 -60.69
CA CYS A 2437 -45.73 11.01 -60.00
C CYS A 2437 -45.74 9.50 -60.09
N ALA A 2438 -46.89 8.91 -60.43
CA ALA A 2438 -46.97 7.46 -60.55
C ALA A 2438 -45.94 6.95 -61.55
N PRO A 2439 -45.34 5.78 -61.32
CA PRO A 2439 -44.29 5.30 -62.23
C PRO A 2439 -44.84 4.91 -63.60
N GLU A 2440 -43.93 4.71 -64.54
CA GLU A 2440 -44.30 4.33 -65.89
C GLU A 2440 -44.50 2.82 -66.01
N THR A 2441 -45.30 2.45 -67.01
CA THR A 2441 -45.65 1.05 -67.20
C THR A 2441 -44.43 0.20 -67.54
N HIS A 2442 -43.51 0.74 -68.33
CA HIS A 2442 -42.32 -0.05 -68.68
C HIS A 2442 -41.47 -0.33 -67.44
N LEU A 2443 -41.32 0.67 -66.57
CA LEU A 2443 -40.63 0.43 -65.31
C LEU A 2443 -41.36 -0.60 -64.46
N ILE A 2444 -42.68 -0.53 -64.40
CA ILE A 2444 -43.43 -1.50 -63.61
C ILE A 2444 -43.23 -2.91 -64.15
N GLN A 2445 -43.28 -3.06 -65.48
CA GLN A 2445 -43.05 -4.38 -66.08
C GLN A 2445 -41.64 -4.86 -65.79
N ALA A 2446 -40.64 -3.98 -65.91
CA ALA A 2446 -39.29 -4.35 -65.54
C ALA A 2446 -39.19 -4.71 -64.06
N GLY A 2447 -40.16 -4.29 -63.25
CA GLY A 2447 -40.20 -4.67 -61.86
C GLY A 2447 -39.26 -3.93 -60.95
N LYS A 2448 -38.91 -2.69 -61.29
CA LYS A 2448 -38.00 -1.92 -60.46
C LYS A 2448 -38.59 -1.75 -59.06
N GLY A 2449 -37.76 -2.00 -58.06
CA GLY A 2449 -38.24 -1.92 -56.69
C GLY A 2449 -38.73 -0.53 -56.32
N GLU A 2450 -38.01 0.50 -56.76
CA GLU A 2450 -38.43 1.86 -56.47
C GLU A 2450 -39.79 2.15 -57.09
N ALA A 2451 -40.00 1.74 -58.35
CA ALA A 2451 -41.28 1.98 -59.00
C ALA A 2451 -42.41 1.25 -58.26
N LEU A 2452 -42.18 -0.01 -57.89
CA LEU A 2452 -43.22 -0.75 -57.19
C LEU A 2452 -43.52 -0.10 -55.84
N ARG A 2453 -42.48 0.33 -55.12
CA ARG A 2453 -42.69 0.97 -53.83
C ARG A 2453 -43.48 2.26 -53.96
N ILE A 2454 -43.15 3.08 -54.96
CA ILE A 2454 -43.84 4.35 -55.15
C ILE A 2454 -45.30 4.10 -55.50
N ARG A 2455 -45.56 3.14 -56.39
CA ARG A 2455 -46.94 2.82 -56.73
C ARG A 2455 -47.72 2.32 -55.51
N ALA A 2456 -47.08 1.50 -54.67
CA ALA A 2456 -47.74 1.04 -53.46
C ALA A 2456 -48.07 2.20 -52.53
N ILE A 2457 -47.14 3.15 -52.39
CA ILE A 2457 -47.39 4.31 -51.54
C ILE A 2457 -48.58 5.10 -52.07
N LEU A 2458 -48.61 5.33 -53.40
CA LEU A 2458 -49.70 6.11 -53.98
C LEU A 2458 -51.03 5.39 -53.80
N ARG A 2459 -51.06 4.07 -53.99
CA ARG A 2459 -52.29 3.32 -53.80
C ARG A 2459 -52.75 3.37 -52.35
N SER A 2460 -51.82 3.28 -51.40
CA SER A 2460 -52.20 3.42 -50.00
C SER A 2460 -52.76 4.81 -49.71
N LEU A 2461 -52.19 5.85 -50.34
CA LEU A 2461 -52.68 7.20 -50.11
C LEU A 2461 -54.09 7.38 -50.64
N VAL A 2462 -54.35 6.97 -51.88
CA VAL A 2462 -55.65 7.21 -52.51
C VAL A 2462 -56.37 5.89 -52.76
N PRO A 2463 -57.48 5.63 -52.08
CA PRO A 2463 -58.25 4.41 -52.37
C PRO A 2463 -58.91 4.47 -53.74
N LEU A 2464 -59.12 3.28 -54.32
CA LEU A 2464 -59.78 3.20 -55.62
C LEU A 2464 -61.26 3.55 -55.51
N ASP A 2465 -61.90 3.14 -54.42
CA ASP A 2465 -63.33 3.42 -54.25
C ASP A 2465 -63.59 4.90 -54.19
N ASP A 2466 -62.71 5.69 -53.56
CA ASP A 2466 -62.88 7.13 -53.53
C ASP A 2466 -62.81 7.72 -54.94
N LEU A 2467 -61.86 7.25 -55.74
CA LEU A 2467 -61.76 7.74 -57.11
C LEU A 2467 -63.03 7.41 -57.90
N VAL A 2468 -63.52 6.19 -57.76
CA VAL A 2468 -64.73 5.80 -58.49
C VAL A 2468 -65.92 6.63 -58.02
N GLY A 2469 -66.03 6.86 -56.72
CA GLY A 2469 -67.12 7.67 -56.21
C GLY A 2469 -67.09 9.10 -56.73
N ILE A 2470 -65.91 9.71 -56.72
CA ILE A 2470 -65.80 11.08 -57.25
C ILE A 2470 -66.13 11.10 -58.73
N ILE A 2471 -65.64 10.12 -59.48
CA ILE A 2471 -65.96 10.06 -60.91
C ILE A 2471 -67.46 9.87 -61.11
N SER A 2472 -68.13 9.19 -60.18
CA SER A 2472 -69.56 8.94 -60.28
C SER A 2472 -70.41 10.09 -59.75
N LEU A 2473 -69.81 11.05 -59.07
CA LEU A 2473 -70.60 12.18 -58.57
C LEU A 2473 -71.27 12.90 -59.74
N PRO A 2474 -72.52 13.33 -59.58
CA PRO A 2474 -73.23 13.94 -60.70
C PRO A 2474 -72.81 15.39 -60.92
N LEU A 2475 -72.80 15.80 -62.18
CA LEU A 2475 -72.51 17.18 -62.57
C LEU A 2475 -73.81 17.91 -62.85
N GLN A 2476 -73.78 19.22 -62.67
CA GLN A 2476 -74.94 20.07 -62.94
C GLN A 2476 -74.88 20.51 -64.40
N ILE A 2477 -75.87 20.10 -65.18
CA ILE A 2477 -75.88 20.39 -66.62
C ILE A 2477 -76.77 21.60 -66.90
N PRO A 2478 -76.53 22.34 -67.96
CA PRO A 2478 -77.43 23.46 -68.30
C PRO A 2478 -78.84 22.97 -68.58
N THR A 2479 -79.82 23.78 -68.19
CA THR A 2479 -81.22 23.46 -68.43
C THR A 2479 -81.97 24.70 -68.90
N LEU A 2480 -83.20 24.49 -69.34
CA LEU A 2480 -84.09 25.59 -69.74
C LEU A 2480 -85.20 25.71 -68.71
N GLY A 2481 -85.34 26.92 -68.15
CA GLY A 2481 -86.34 27.17 -67.13
C GLY A 2481 -87.10 28.46 -67.41
N LYS A 2482 -88.12 28.68 -66.59
CA LYS A 2482 -88.98 29.86 -66.73
C LYS A 2482 -89.53 29.88 -68.15
N ASP A 2483 -89.01 30.76 -69.01
CA ASP A 2483 -89.37 30.82 -70.41
C ASP A 2483 -88.10 31.16 -71.18
N GLY A 2484 -87.40 30.13 -71.65
CA GLY A 2484 -86.17 30.34 -72.38
C GLY A 2484 -85.02 30.83 -71.54
N ALA A 2485 -85.08 30.69 -70.22
CA ALA A 2485 -83.99 31.09 -69.35
C ALA A 2485 -82.98 29.95 -69.27
N LEU A 2486 -81.74 30.24 -69.64
CA LEU A 2486 -80.67 29.25 -69.64
C LEU A 2486 -80.12 29.16 -68.22
N VAL A 2487 -80.62 28.19 -67.44
CA VAL A 2487 -80.10 27.96 -66.10
C VAL A 2487 -78.81 27.16 -66.25
N GLN A 2488 -77.67 27.84 -66.11
CA GLN A 2488 -76.36 27.24 -66.22
C GLN A 2488 -75.64 27.23 -64.87
N PRO A 2489 -74.78 26.26 -64.62
CA PRO A 2489 -73.98 26.29 -63.39
C PRO A 2489 -72.88 27.33 -63.48
N LYS A 2490 -72.47 27.82 -62.32
CA LYS A 2490 -71.33 28.74 -62.23
C LYS A 2490 -70.06 27.89 -62.21
N MET A 2491 -69.32 27.89 -63.33
CA MET A 2491 -68.16 27.02 -63.44
C MET A 2491 -67.10 27.36 -62.41
N SER A 2492 -67.03 28.61 -61.98
CA SER A 2492 -66.03 29.04 -61.00
C SER A 2492 -66.44 28.75 -59.57
N ALA A 2493 -67.63 28.17 -59.35
CA ALA A 2493 -68.11 27.93 -57.99
C ALA A 2493 -68.74 26.55 -57.83
N SER A 2494 -68.51 25.61 -58.74
CA SER A 2494 -69.20 24.34 -58.70
C SER A 2494 -68.24 23.22 -59.08
N PHE A 2495 -68.69 21.99 -58.82
CA PHE A 2495 -67.96 20.80 -59.21
C PHE A 2495 -67.98 20.67 -60.73
N VAL A 2496 -66.81 20.63 -61.36
CA VAL A 2496 -66.69 20.69 -62.81
C VAL A 2496 -65.99 19.44 -63.34
N PRO A 2497 -66.10 19.15 -64.64
CA PRO A 2497 -65.45 17.95 -65.19
C PRO A 2497 -63.94 17.96 -65.06
N ASP A 2498 -63.32 19.14 -64.93
CA ASP A 2498 -61.88 19.18 -64.73
C ASP A 2498 -61.47 18.52 -63.42
N HIS A 2499 -62.38 18.51 -62.44
CA HIS A 2499 -62.09 17.80 -61.20
C HIS A 2499 -62.12 16.29 -61.40
N LYS A 2500 -63.01 15.80 -62.27
CA LYS A 2500 -63.05 14.38 -62.58
C LYS A 2500 -61.88 13.95 -63.47
N ALA A 2501 -61.36 14.88 -64.26
CA ALA A 2501 -60.24 14.54 -65.15
C ALA A 2501 -59.02 14.10 -64.35
N SER A 2502 -58.73 14.79 -63.25
CA SER A 2502 -57.60 14.39 -62.41
C SER A 2502 -57.81 13.01 -61.80
N MET A 2503 -59.03 12.72 -61.35
CA MET A 2503 -59.32 11.40 -60.81
C MET A 2503 -59.14 10.33 -61.87
N VAL A 2504 -59.59 10.59 -63.09
CA VAL A 2504 -59.42 9.61 -64.16
C VAL A 2504 -57.94 9.40 -64.45
N LEU A 2505 -57.15 10.47 -64.48
CA LEU A 2505 -55.72 10.33 -64.72
C LEU A 2505 -55.06 9.49 -63.63
N PHE A 2506 -55.40 9.77 -62.38
CA PHE A 2506 -54.83 8.99 -61.27
C PHE A 2506 -55.24 7.52 -61.39
N LEU A 2507 -56.52 7.27 -61.68
CA LEU A 2507 -56.99 5.90 -61.81
C LEU A 2507 -56.23 5.16 -62.91
N ASP A 2508 -56.02 5.83 -64.04
CA ASP A 2508 -55.37 5.18 -65.17
C ASP A 2508 -53.89 4.93 -64.89
N ARG A 2509 -53.21 5.87 -64.24
CA ARG A 2509 -51.76 5.76 -64.09
C ARG A 2509 -51.34 4.96 -62.87
N VAL A 2510 -52.13 4.96 -61.79
CA VAL A 2510 -51.77 4.29 -60.55
C VAL A 2510 -52.41 2.91 -60.45
N TYR A 2511 -53.73 2.84 -60.61
CA TYR A 2511 -54.46 1.59 -60.52
C TYR A 2511 -54.62 0.91 -61.88
N GLY A 2512 -54.96 1.68 -62.91
CA GLY A 2512 -55.18 1.12 -64.22
C GLY A 2512 -56.42 0.24 -64.26
N ILE A 2513 -56.96 0.06 -65.47
CA ILE A 2513 -58.09 -0.80 -65.71
C ILE A 2513 -57.56 -2.03 -66.45
N GLU A 2514 -57.68 -3.19 -65.82
CA GLU A 2514 -57.19 -4.44 -66.37
C GLU A 2514 -58.20 -5.58 -66.35
N ASN A 2515 -59.29 -5.43 -65.60
CA ASN A 2515 -60.30 -6.46 -65.47
C ASN A 2515 -61.60 -5.99 -66.09
N GLN A 2516 -62.22 -6.86 -66.88
CA GLN A 2516 -63.42 -6.46 -67.62
C GLN A 2516 -64.55 -6.08 -66.67
N ASP A 2517 -64.68 -6.78 -65.55
CA ASP A 2517 -65.74 -6.45 -64.61
C ASP A 2517 -65.56 -5.03 -64.06
N PHE A 2518 -64.32 -4.67 -63.69
CA PHE A 2518 -64.08 -3.31 -63.22
C PHE A 2518 -64.32 -2.29 -64.31
N LEU A 2519 -63.90 -2.60 -65.54
CA LEU A 2519 -64.15 -1.69 -66.65
C LEU A 2519 -65.64 -1.41 -66.80
N LEU A 2520 -66.44 -2.47 -66.82
CA LEU A 2520 -67.89 -2.30 -66.97
C LEU A 2520 -68.50 -1.58 -65.77
N HIS A 2521 -68.00 -1.85 -64.56
CA HIS A 2521 -68.54 -1.16 -63.39
C HIS A 2521 -68.29 0.33 -63.46
N VAL A 2522 -67.03 0.73 -63.73
CA VAL A 2522 -66.72 2.15 -63.79
C VAL A 2522 -67.44 2.80 -64.96
N LEU A 2523 -67.57 2.10 -66.09
CA LEU A 2523 -68.32 2.63 -67.21
C LEU A 2523 -69.78 2.87 -66.84
N ASP A 2524 -70.39 1.90 -66.16
CA ASP A 2524 -71.80 2.01 -65.82
C ASP A 2524 -72.06 3.12 -64.82
N VAL A 2525 -71.19 3.27 -63.83
CA VAL A 2525 -71.48 4.22 -62.76
C VAL A 2525 -70.99 5.64 -63.10
N GLY A 2526 -69.78 5.78 -63.60
CA GLY A 2526 -69.20 7.10 -63.76
C GLY A 2526 -69.12 7.65 -65.17
N PHE A 2527 -68.71 6.83 -66.13
CA PHE A 2527 -68.39 7.36 -67.46
C PHE A 2527 -69.64 7.52 -68.31
N LEU A 2528 -70.45 6.48 -68.40
CA LEU A 2528 -71.62 6.52 -69.28
C LEU A 2528 -72.58 7.65 -68.95
N PRO A 2529 -72.90 7.93 -67.69
CA PRO A 2529 -73.77 9.08 -67.40
C PRO A 2529 -73.21 10.38 -67.95
N ASP A 2530 -71.90 10.59 -67.82
CA ASP A 2530 -71.29 11.81 -68.32
C ASP A 2530 -71.30 11.85 -69.85
N MET A 2531 -71.03 10.72 -70.49
CA MET A 2531 -71.09 10.67 -71.95
C MET A 2531 -72.50 10.96 -72.45
N ARG A 2532 -73.51 10.40 -71.77
CA ARG A 2532 -74.89 10.68 -72.15
C ARG A 2532 -75.24 12.14 -71.93
N ALA A 2533 -74.78 12.74 -70.84
CA ALA A 2533 -75.04 14.16 -70.63
C ALA A 2533 -74.39 15.01 -71.72
N ALA A 2534 -73.15 14.68 -72.09
CA ALA A 2534 -72.49 15.42 -73.16
C ALA A 2534 -73.24 15.26 -74.48
N ALA A 2535 -73.70 14.05 -74.78
CA ALA A 2535 -74.46 13.84 -76.00
C ALA A 2535 -75.76 14.64 -75.99
N SER A 2536 -76.46 14.64 -74.84
CA SER A 2536 -77.71 15.37 -74.72
C SER A 2536 -77.52 16.87 -74.80
N LEU A 2537 -76.37 17.39 -74.40
CA LEU A 2537 -76.09 18.82 -74.51
C LEU A 2537 -75.63 19.22 -75.90
N ASP A 2538 -75.85 18.36 -76.91
CA ASP A 2538 -75.44 18.66 -78.27
C ASP A 2538 -76.48 19.48 -79.04
N THR A 2539 -77.60 19.82 -78.41
CA THR A 2539 -78.61 20.63 -79.09
C THR A 2539 -78.07 22.03 -79.36
N ALA A 2540 -78.74 22.72 -80.27
CA ALA A 2540 -78.27 24.04 -80.69
C ALA A 2540 -78.20 25.02 -79.52
N THR A 2541 -79.10 24.89 -78.55
CA THR A 2541 -79.11 25.84 -77.43
C THR A 2541 -77.97 25.58 -76.46
N PHE A 2542 -77.70 24.30 -76.14
CA PHE A 2542 -76.70 23.95 -75.15
C PHE A 2542 -75.33 23.62 -75.74
N SER A 2543 -75.17 23.69 -77.06
CA SER A 2543 -73.95 23.18 -77.68
C SER A 2543 -72.72 23.90 -77.17
N THR A 2544 -72.76 25.24 -77.09
CA THR A 2544 -71.59 26.03 -76.77
C THR A 2544 -71.57 26.50 -75.32
N THR A 2545 -72.43 25.93 -74.48
CA THR A 2545 -72.43 26.30 -73.07
C THR A 2545 -71.09 25.92 -72.43
N GLU A 2546 -70.75 26.62 -71.35
CA GLU A 2546 -69.49 26.34 -70.67
C GLU A 2546 -69.43 24.91 -70.19
N MET A 2547 -70.52 24.42 -69.59
CA MET A 2547 -70.53 23.05 -69.10
C MET A 2547 -70.43 22.06 -70.25
N ALA A 2548 -71.09 22.35 -71.37
CA ALA A 2548 -71.01 21.44 -72.52
C ALA A 2548 -69.57 21.36 -73.03
N LEU A 2549 -68.91 22.50 -73.18
CA LEU A 2549 -67.52 22.48 -73.65
C LEU A 2549 -66.59 21.81 -72.65
N ALA A 2550 -66.82 22.04 -71.35
CA ALA A 2550 -66.00 21.38 -70.34
C ALA A 2550 -66.20 19.87 -70.38
N LEU A 2551 -67.44 19.41 -70.56
CA LEU A 2551 -67.70 17.98 -70.68
C LEU A 2551 -67.04 17.40 -71.91
N ASN A 2552 -67.09 18.13 -73.03
CA ASN A 2552 -66.42 17.64 -74.23
C ASN A 2552 -64.91 17.50 -74.00
N ARG A 2553 -64.30 18.50 -73.38
CA ARG A 2553 -62.87 18.43 -73.09
C ARG A 2553 -62.57 17.26 -72.17
N TYR A 2554 -63.37 17.08 -71.12
CA TYR A 2554 -63.17 15.98 -70.19
C TYR A 2554 -63.25 14.64 -70.91
N LEU A 2555 -64.29 14.43 -71.71
CA LEU A 2555 -64.45 13.17 -72.40
C LEU A 2555 -63.31 12.92 -73.39
N CYS A 2556 -62.91 13.95 -74.13
CA CYS A 2556 -61.92 13.76 -75.18
C CYS A 2556 -60.49 13.73 -74.66
N LEU A 2557 -60.25 14.14 -73.41
CA LEU A 2557 -58.90 14.13 -72.85
C LEU A 2557 -58.67 13.07 -71.79
N ALA A 2558 -59.70 12.63 -71.07
CA ALA A 2558 -59.49 11.66 -70.00
C ALA A 2558 -60.26 10.36 -70.26
N VAL A 2559 -61.56 10.47 -70.51
CA VAL A 2559 -62.44 9.30 -70.51
C VAL A 2559 -62.25 8.48 -71.77
N LEU A 2560 -62.55 9.06 -72.92
CA LEU A 2560 -62.55 8.28 -74.17
C LEU A 2560 -61.20 7.66 -74.46
N PRO A 2561 -60.07 8.35 -74.33
CA PRO A 2561 -58.78 7.67 -74.55
C PRO A 2561 -58.60 6.44 -73.68
N LEU A 2562 -59.06 6.50 -72.43
CA LEU A 2562 -58.99 5.33 -71.56
C LEU A 2562 -59.84 4.19 -72.11
N ILE A 2563 -61.03 4.49 -72.61
CA ILE A 2563 -61.88 3.46 -73.18
C ILE A 2563 -61.24 2.85 -74.42
N THR A 2564 -60.60 3.68 -75.25
CA THR A 2564 -59.90 3.15 -76.41
C THR A 2564 -58.77 2.23 -75.98
N LYS A 2565 -58.02 2.62 -74.95
CA LYS A 2565 -56.95 1.78 -74.45
C LYS A 2565 -57.47 0.46 -73.91
N CYS A 2566 -58.63 0.48 -73.25
CA CYS A 2566 -59.22 -0.71 -72.67
C CYS A 2566 -60.18 -1.42 -73.62
N ALA A 2567 -60.21 -1.02 -74.89
CA ALA A 2567 -61.13 -1.65 -75.83
C ALA A 2567 -61.00 -3.17 -75.89
N PRO A 2568 -59.79 -3.75 -75.90
CA PRO A 2568 -59.70 -5.22 -75.98
C PRO A 2568 -60.48 -5.94 -74.90
N LEU A 2569 -60.72 -5.30 -73.76
CA LEU A 2569 -61.46 -5.92 -72.68
C LEU A 2569 -62.95 -6.04 -72.97
N PHE A 2570 -63.44 -5.46 -74.06
CA PHE A 2570 -64.85 -5.51 -74.40
C PHE A 2570 -65.24 -6.78 -75.15
N ALA A 2571 -64.27 -7.62 -75.50
CA ALA A 2571 -64.57 -8.90 -76.12
C ALA A 2571 -65.15 -9.85 -75.08
N GLY A 2572 -66.27 -10.49 -75.41
CA GLY A 2572 -66.91 -11.40 -74.48
C GLY A 2572 -67.83 -10.73 -73.49
N THR A 2573 -68.45 -9.61 -73.86
CA THR A 2573 -69.36 -8.87 -72.97
C THR A 2573 -70.82 -9.09 -73.36
N GLU A 2574 -71.17 -10.31 -73.78
CA GLU A 2574 -72.55 -10.57 -74.18
C GLU A 2574 -73.51 -10.38 -73.01
N HIS A 2575 -73.04 -10.60 -71.79
CA HIS A 2575 -73.93 -10.44 -70.63
C HIS A 2575 -74.42 -9.01 -70.49
N ARG A 2576 -73.51 -8.03 -70.61
CA ARG A 2576 -73.90 -6.63 -70.55
C ARG A 2576 -74.13 -6.07 -71.95
N ALA A 2577 -74.93 -6.79 -72.74
CA ALA A 2577 -75.18 -6.37 -74.12
C ALA A 2577 -75.93 -5.04 -74.16
N ILE A 2578 -76.89 -4.85 -73.27
CA ILE A 2578 -77.67 -3.61 -73.28
C ILE A 2578 -76.76 -2.42 -73.01
N MET A 2579 -75.90 -2.53 -72.00
CA MET A 2579 -75.02 -1.42 -71.65
C MET A 2579 -74.00 -1.17 -72.75
N VAL A 2580 -73.47 -2.24 -73.35
CA VAL A 2580 -72.52 -2.06 -74.45
C VAL A 2580 -73.19 -1.36 -75.62
N ASP A 2581 -74.41 -1.75 -75.95
CA ASP A 2581 -75.14 -1.09 -77.03
C ASP A 2581 -75.38 0.37 -76.71
N SER A 2582 -75.76 0.68 -75.48
CA SER A 2582 -75.96 2.06 -75.09
C SER A 2582 -74.68 2.87 -75.21
N MET A 2583 -73.55 2.28 -74.81
CA MET A 2583 -72.26 2.97 -74.95
C MET A 2583 -71.96 3.25 -76.41
N LEU A 2584 -72.17 2.27 -77.28
CA LEU A 2584 -71.90 2.47 -78.69
C LEU A 2584 -72.77 3.57 -79.27
N HIS A 2585 -74.06 3.56 -78.93
CA HIS A 2585 -74.96 4.60 -79.42
C HIS A 2585 -74.54 5.97 -78.93
N THR A 2586 -74.16 6.08 -77.65
CA THR A 2586 -73.74 7.36 -77.10
C THR A 2586 -72.48 7.87 -77.79
N VAL A 2587 -71.51 6.97 -78.02
CA VAL A 2587 -70.28 7.40 -78.68
C VAL A 2587 -70.56 7.84 -80.11
N TYR A 2588 -71.46 7.14 -80.80
CA TYR A 2588 -71.82 7.55 -82.15
C TYR A 2588 -72.48 8.93 -82.15
N ARG A 2589 -73.39 9.17 -81.19
CA ARG A 2589 -74.03 10.48 -81.10
C ARG A 2589 -73.00 11.56 -80.81
N LEU A 2590 -72.04 11.29 -79.93
CA LEU A 2590 -71.00 12.25 -79.66
C LEU A 2590 -70.17 12.54 -80.90
N SER A 2591 -69.85 11.50 -81.68
CA SER A 2591 -69.10 11.71 -82.91
C SER A 2591 -69.88 12.60 -83.86
N ARG A 2592 -71.19 12.39 -83.97
CA ARG A 2592 -72.05 13.30 -84.74
C ARG A 2592 -72.43 14.53 -83.92
N GLY A 2593 -71.43 15.26 -83.44
CA GLY A 2593 -71.65 16.39 -82.55
C GLY A 2593 -71.17 17.69 -83.17
N ARG A 2594 -71.95 18.75 -82.98
CA ARG A 2594 -71.54 20.08 -83.38
C ARG A 2594 -70.69 20.72 -82.29
N SER A 2595 -70.06 21.84 -82.61
CA SER A 2595 -69.22 22.56 -81.66
C SER A 2595 -68.13 21.64 -81.09
N LEU A 2596 -67.58 20.79 -81.94
CA LEU A 2596 -66.51 19.88 -81.58
C LEU A 2596 -65.28 20.19 -82.42
N THR A 2597 -64.12 20.28 -81.78
CA THR A 2597 -62.90 20.55 -82.51
C THR A 2597 -62.46 19.31 -83.28
N LYS A 2598 -61.54 19.52 -84.22
CA LYS A 2598 -61.10 18.42 -85.07
C LYS A 2598 -60.42 17.34 -84.25
N ALA A 2599 -59.57 17.73 -83.30
CA ALA A 2599 -58.91 16.74 -82.46
C ALA A 2599 -59.90 15.97 -81.62
N GLN A 2600 -60.90 16.65 -81.07
CA GLN A 2600 -61.93 15.98 -80.29
C GLN A 2600 -62.68 14.97 -81.15
N ARG A 2601 -63.07 15.37 -82.36
CA ARG A 2601 -63.77 14.46 -83.25
C ARG A 2601 -62.89 13.26 -83.58
N ASP A 2602 -61.60 13.49 -83.81
CA ASP A 2602 -60.69 12.37 -84.10
C ASP A 2602 -60.63 11.41 -82.92
N VAL A 2603 -60.58 11.94 -81.70
CA VAL A 2603 -60.53 11.07 -80.53
C VAL A 2603 -61.80 10.24 -80.43
N ILE A 2604 -62.96 10.88 -80.62
CA ILE A 2604 -64.22 10.15 -80.52
C ILE A 2604 -64.29 9.06 -81.59
N GLU A 2605 -63.88 9.39 -82.81
CA GLU A 2605 -63.92 8.40 -83.89
C GLU A 2605 -62.97 7.25 -83.61
N ASP A 2606 -61.78 7.54 -83.07
CA ASP A 2606 -60.86 6.48 -82.69
C ASP A 2606 -61.47 5.58 -81.64
N CYS A 2607 -62.16 6.16 -80.66
CA CYS A 2607 -62.82 5.34 -79.64
C CYS A 2607 -63.86 4.43 -80.27
N LEU A 2608 -64.68 4.97 -81.16
CA LEU A 2608 -65.72 4.15 -81.79
C LEU A 2608 -65.10 3.01 -82.60
N MET A 2609 -64.06 3.31 -83.39
CA MET A 2609 -63.43 2.29 -84.20
C MET A 2609 -62.79 1.21 -83.33
N ALA A 2610 -62.13 1.62 -82.25
CA ALA A 2610 -61.52 0.65 -81.34
C ALA A 2610 -62.57 -0.25 -80.71
N LEU A 2611 -63.69 0.33 -80.28
CA LEU A 2611 -64.74 -0.47 -79.68
C LEU A 2611 -65.30 -1.48 -80.68
N CYS A 2612 -65.58 -1.03 -81.90
CA CYS A 2612 -66.14 -1.92 -82.90
C CYS A 2612 -65.14 -2.96 -83.38
N ARG A 2613 -63.84 -2.70 -83.23
CA ARG A 2613 -62.82 -3.67 -83.61
C ARG A 2613 -62.77 -4.88 -82.70
N TYR A 2614 -63.35 -4.79 -81.50
CA TYR A 2614 -63.30 -5.89 -80.54
C TYR A 2614 -64.67 -6.39 -80.10
N ILE A 2615 -65.74 -5.60 -80.26
CA ILE A 2615 -67.06 -6.09 -79.88
C ILE A 2615 -67.51 -7.16 -80.85
N ARG A 2616 -68.24 -8.15 -80.34
CA ARG A 2616 -68.68 -9.26 -81.17
C ARG A 2616 -69.65 -8.76 -82.24
N PRO A 2617 -69.63 -9.33 -83.44
CA PRO A 2617 -70.49 -8.80 -84.51
C PRO A 2617 -71.97 -8.83 -84.19
N SER A 2618 -72.42 -9.77 -83.35
CA SER A 2618 -73.83 -9.83 -83.01
C SER A 2618 -74.29 -8.60 -82.23
N MET A 2619 -73.39 -8.01 -81.44
CA MET A 2619 -73.74 -6.88 -80.60
C MET A 2619 -73.76 -5.56 -81.35
N LEU A 2620 -73.23 -5.50 -82.56
CA LEU A 2620 -73.19 -4.26 -83.34
C LEU A 2620 -74.41 -4.09 -84.22
N GLN A 2621 -75.46 -4.88 -84.01
CA GLN A 2621 -76.62 -4.86 -84.89
C GLN A 2621 -77.36 -3.53 -84.81
N HIS A 2622 -77.53 -2.96 -83.60
CA HIS A 2622 -78.24 -1.69 -83.48
C HIS A 2622 -77.44 -0.55 -84.08
N LEU A 2623 -76.12 -0.55 -83.87
CA LEU A 2623 -75.29 0.45 -84.52
C LEU A 2623 -75.37 0.32 -86.03
N LEU A 2624 -75.41 -0.92 -86.54
CA LEU A 2624 -75.61 -1.12 -87.97
C LEU A 2624 -76.95 -0.56 -88.42
N ARG A 2625 -77.98 -0.73 -87.59
CA ARG A 2625 -79.30 -0.18 -87.92
C ARG A 2625 -79.24 1.34 -88.04
N ARG A 2626 -78.56 2.00 -87.10
CA ARG A 2626 -78.45 3.46 -87.18
C ARG A 2626 -77.64 3.88 -88.41
N LEU A 2627 -76.56 3.15 -88.70
CA LEU A 2627 -75.73 3.50 -89.84
C LEU A 2627 -76.47 3.29 -91.15
N VAL A 2628 -77.36 2.29 -91.20
CA VAL A 2628 -78.14 2.04 -92.40
C VAL A 2628 -78.99 3.27 -92.75
N PHE A 2629 -79.40 4.03 -91.74
CA PHE A 2629 -80.18 5.24 -91.96
C PHE A 2629 -79.33 6.49 -92.14
N ASP A 2630 -78.14 6.54 -91.54
CA ASP A 2630 -77.31 7.73 -91.62
C ASP A 2630 -76.37 7.75 -92.82
N VAL A 2631 -75.70 6.64 -93.11
CA VAL A 2631 -74.64 6.59 -94.12
C VAL A 2631 -75.15 6.91 -95.52
N PRO A 2632 -76.27 6.31 -95.97
CA PRO A 2632 -76.67 6.48 -97.38
C PRO A 2632 -76.73 7.92 -97.84
N ILE A 2633 -76.90 8.86 -96.91
CA ILE A 2633 -76.94 10.27 -97.29
C ILE A 2633 -75.62 10.70 -97.92
N LEU A 2634 -74.52 10.11 -97.48
CA LEU A 2634 -73.20 10.39 -98.05
C LEU A 2634 -72.86 11.88 -97.95
N ASN A 2635 -73.19 12.47 -96.81
CA ASN A 2635 -72.78 13.84 -96.51
C ASN A 2635 -71.36 13.81 -95.96
N GLU A 2636 -70.88 14.93 -95.43
CA GLU A 2636 -69.53 14.98 -94.88
C GLU A 2636 -69.39 14.21 -93.58
N PHE A 2637 -70.48 13.95 -92.87
CA PHE A 2637 -70.46 13.17 -91.64
C PHE A 2637 -70.46 11.67 -91.90
N ALA A 2638 -70.57 11.25 -93.17
CA ALA A 2638 -70.59 9.83 -93.51
C ALA A 2638 -69.22 9.27 -93.81
N LYS A 2639 -68.17 10.09 -93.75
CA LYS A 2639 -66.82 9.60 -94.05
C LYS A 2639 -66.35 8.59 -93.02
N MET A 2640 -66.63 8.84 -91.74
CA MET A 2640 -66.16 7.94 -90.68
C MET A 2640 -67.04 6.70 -90.61
N PRO A 2641 -68.37 6.82 -90.69
CA PRO A 2641 -69.19 5.61 -90.75
C PRO A 2641 -68.79 4.67 -91.88
N LEU A 2642 -68.39 5.21 -93.03
CA LEU A 2642 -67.99 4.36 -94.15
C LEU A 2642 -66.76 3.55 -93.78
N LYS A 2643 -65.76 4.18 -93.18
CA LYS A 2643 -64.57 3.44 -92.76
C LYS A 2643 -64.90 2.42 -91.68
N LEU A 2644 -65.78 2.79 -90.75
CA LEU A 2644 -66.17 1.87 -89.70
C LEU A 2644 -66.82 0.63 -90.28
N LEU A 2645 -67.76 0.81 -91.22
CA LEU A 2645 -68.41 -0.31 -91.86
C LEU A 2645 -67.42 -1.14 -92.67
N THR A 2646 -66.50 -0.47 -93.37
CA THR A 2646 -65.47 -1.18 -94.13
C THR A 2646 -64.70 -2.13 -93.22
N ASN A 2647 -64.18 -1.61 -92.11
CA ASN A 2647 -63.42 -2.44 -91.18
C ASN A 2647 -64.29 -3.54 -90.59
N HIS A 2648 -65.52 -3.20 -90.20
CA HIS A 2648 -66.40 -4.19 -89.57
C HIS A 2648 -66.63 -5.38 -90.49
N TYR A 2649 -67.01 -5.10 -91.75
CA TYR A 2649 -67.30 -6.18 -92.68
C TYR A 2649 -66.04 -6.91 -93.13
N GLU A 2650 -64.93 -6.20 -93.33
CA GLU A 2650 -63.69 -6.88 -93.66
C GLU A 2650 -63.25 -7.83 -92.55
N ARG A 2651 -63.57 -7.51 -91.30
CA ARG A 2651 -63.18 -8.36 -90.19
C ARG A 2651 -64.17 -9.51 -89.98
N CYS A 2652 -65.47 -9.25 -90.13
CA CYS A 2652 -66.51 -10.22 -89.81
C CYS A 2652 -67.23 -10.74 -91.05
N TRP A 2653 -66.54 -10.81 -92.19
CA TRP A 2653 -67.20 -11.29 -93.41
C TRP A 2653 -67.68 -12.72 -93.25
N LYS A 2654 -66.93 -13.55 -92.54
CA LYS A 2654 -67.37 -14.93 -92.32
C LYS A 2654 -68.67 -14.98 -91.54
N TYR A 2655 -68.84 -14.09 -90.56
CA TYR A 2655 -70.04 -14.10 -89.74
C TYR A 2655 -71.31 -13.94 -90.59
N TYR A 2656 -71.18 -13.30 -91.76
CA TYR A 2656 -72.32 -13.05 -92.63
C TYR A 2656 -72.37 -13.98 -93.83
N CYS A 2657 -71.21 -14.36 -94.39
CA CYS A 2657 -71.17 -15.12 -95.64
C CYS A 2657 -71.31 -16.62 -95.40
N LEU A 2658 -70.43 -17.19 -94.60
CA LEU A 2658 -70.39 -18.64 -94.45
C LEU A 2658 -71.69 -19.14 -93.82
N PRO A 2659 -72.28 -20.23 -94.34
CA PRO A 2659 -73.49 -20.75 -93.68
C PRO A 2659 -73.27 -21.17 -92.24
N THR A 2660 -72.08 -21.70 -91.93
CA THR A 2660 -71.80 -22.10 -90.56
C THR A 2660 -71.61 -20.90 -89.66
N GLY A 2661 -71.11 -19.80 -90.21
CA GLY A 2661 -70.84 -18.59 -89.45
C GLY A 2661 -69.37 -18.49 -89.11
N TRP A 2662 -69.08 -17.60 -88.15
CA TRP A 2662 -67.74 -17.38 -87.67
C TRP A 2662 -67.53 -18.13 -86.37
N ALA A 2663 -66.35 -18.72 -86.21
CA ALA A 2663 -66.08 -19.58 -85.07
C ALA A 2663 -66.25 -18.82 -83.75
N ASN A 2664 -67.08 -19.39 -82.87
CA ASN A 2664 -67.28 -18.85 -81.53
C ASN A 2664 -68.08 -17.56 -81.53
N PHE A 2665 -68.40 -17.03 -82.71
CA PHE A 2665 -69.19 -15.81 -82.79
C PHE A 2665 -70.62 -16.09 -83.23
N GLY A 2666 -70.86 -17.26 -83.81
CA GLY A 2666 -72.16 -17.61 -84.30
C GLY A 2666 -72.32 -17.34 -85.78
N VAL A 2667 -73.57 -17.23 -86.20
CA VAL A 2667 -73.91 -16.96 -87.59
C VAL A 2667 -74.89 -15.79 -87.63
N THR A 2668 -74.82 -15.03 -88.72
CA THR A 2668 -75.66 -13.85 -88.84
C THR A 2668 -77.13 -14.24 -88.77
N SER A 2669 -77.98 -13.23 -88.64
CA SER A 2669 -79.42 -13.40 -88.64
C SER A 2669 -80.01 -12.80 -89.90
N GLU A 2670 -81.24 -13.19 -90.21
CA GLU A 2670 -81.91 -12.67 -91.39
C GLU A 2670 -82.01 -11.16 -91.33
N GLU A 2671 -82.27 -10.61 -90.15
CA GLU A 2671 -82.38 -9.16 -90.02
C GLU A 2671 -81.04 -8.48 -90.27
N GLU A 2672 -79.94 -9.06 -89.77
CA GLU A 2672 -78.62 -8.49 -90.01
C GLU A 2672 -78.28 -8.52 -91.49
N LEU A 2673 -78.59 -9.64 -92.17
CA LEU A 2673 -78.34 -9.71 -93.60
C LEU A 2673 -79.20 -8.71 -94.38
N HIS A 2674 -80.46 -8.53 -93.96
CA HIS A 2674 -81.31 -7.54 -94.60
C HIS A 2674 -80.74 -6.13 -94.43
N LEU A 2675 -80.26 -5.81 -93.23
CA LEU A 2675 -79.64 -4.52 -93.00
C LEU A 2675 -78.39 -4.35 -93.86
N THR A 2676 -77.59 -5.41 -93.99
CA THR A 2676 -76.41 -5.34 -94.83
C THR A 2676 -76.76 -5.07 -96.28
N ARG A 2677 -77.78 -5.76 -96.80
CA ARG A 2677 -78.19 -5.53 -98.18
C ARG A 2677 -78.73 -4.12 -98.38
N LYS A 2678 -79.54 -3.65 -97.43
CA LYS A 2678 -80.04 -2.28 -97.52
C LYS A 2678 -78.91 -1.28 -97.51
N LEU A 2679 -77.93 -1.48 -96.64
CA LEU A 2679 -76.77 -0.59 -96.59
C LEU A 2679 -76.05 -0.57 -97.93
N PHE A 2680 -75.78 -1.76 -98.48
CA PHE A 2680 -75.07 -1.83 -99.75
C PHE A 2680 -75.82 -1.06 -100.83
N TRP A 2681 -77.12 -1.33 -100.96
CA TRP A 2681 -77.85 -0.73 -102.08
C TRP A 2681 -78.06 0.77 -101.87
N GLY A 2682 -78.26 1.21 -100.63
CA GLY A 2682 -78.35 2.63 -100.39
C GLY A 2682 -77.07 3.36 -100.74
N ILE A 2683 -75.94 2.82 -100.30
CA ILE A 2683 -74.66 3.44 -100.63
C ILE A 2683 -74.45 3.44 -102.14
N PHE A 2684 -74.76 2.33 -102.79
CA PHE A 2684 -74.55 2.22 -104.24
C PHE A 2684 -75.39 3.26 -104.98
N ASP A 2685 -76.66 3.38 -104.63
CA ASP A 2685 -77.53 4.34 -105.30
C ASP A 2685 -77.07 5.77 -105.05
N SER A 2686 -76.74 6.09 -103.80
CA SER A 2686 -76.29 7.45 -103.51
C SER A 2686 -75.03 7.80 -104.26
N LEU A 2687 -74.07 6.86 -104.30
CA LEU A 2687 -72.83 7.11 -105.02
C LEU A 2687 -73.06 7.24 -106.51
N ALA A 2688 -73.97 6.42 -107.06
CA ALA A 2688 -74.26 6.51 -108.50
C ALA A 2688 -74.86 7.86 -108.85
N HIS A 2689 -75.76 8.37 -108.00
CA HIS A 2689 -76.40 9.65 -108.28
C HIS A 2689 -75.56 10.84 -107.84
N LYS A 2690 -74.49 10.63 -107.10
CA LYS A 2690 -73.67 11.74 -106.62
C LYS A 2690 -72.66 12.18 -107.68
N LYS A 2691 -72.26 13.45 -107.58
CA LYS A 2691 -71.19 13.95 -108.42
C LYS A 2691 -69.84 13.40 -107.96
N TYR A 2692 -68.89 13.36 -108.89
CA TYR A 2692 -67.58 12.81 -108.57
C TYR A 2692 -66.91 13.61 -107.46
N ASP A 2693 -66.37 12.89 -106.48
CA ASP A 2693 -65.62 13.49 -105.38
C ASP A 2693 -64.53 12.49 -104.99
N GLN A 2694 -63.28 12.83 -105.28
CA GLN A 2694 -62.19 11.86 -105.15
C GLN A 2694 -62.16 11.22 -103.77
N GLU A 2695 -62.22 12.04 -102.72
CA GLU A 2695 -62.16 11.49 -101.37
C GLU A 2695 -63.36 10.60 -101.08
N LEU A 2696 -64.56 11.04 -101.47
CA LEU A 2696 -65.76 10.26 -101.19
C LEU A 2696 -65.71 8.92 -101.92
N TYR A 2697 -65.30 8.93 -103.19
CA TYR A 2697 -65.20 7.68 -103.94
C TYR A 2697 -64.14 6.77 -103.33
N ARG A 2698 -62.99 7.34 -102.96
CA ARG A 2698 -61.91 6.55 -102.37
C ARG A 2698 -62.33 5.92 -101.05
N ILE A 2699 -63.22 6.57 -100.30
CA ILE A 2699 -63.69 6.03 -99.03
C ILE A 2699 -64.84 5.06 -99.24
N ALA A 2700 -65.63 5.25 -100.30
CA ALA A 2700 -66.85 4.47 -100.45
C ALA A 2700 -66.60 3.16 -101.18
N MET A 2701 -65.68 3.15 -102.15
CA MET A 2701 -65.44 1.93 -102.90
C MET A 2701 -65.02 0.78 -102.01
N PRO A 2702 -64.06 0.94 -101.09
CA PRO A 2702 -63.75 -0.18 -100.17
C PRO A 2702 -64.94 -0.63 -99.35
N CYS A 2703 -65.80 0.30 -98.93
CA CYS A 2703 -66.97 -0.08 -98.15
C CYS A 2703 -67.92 -0.95 -98.97
N LEU A 2704 -68.17 -0.55 -100.21
CA LEU A 2704 -69.03 -1.35 -101.07
C LEU A 2704 -68.42 -2.72 -101.31
N CYS A 2705 -67.11 -2.77 -101.55
CA CYS A 2705 -66.46 -4.06 -101.76
C CYS A 2705 -66.60 -4.95 -100.53
N ALA A 2706 -66.38 -4.39 -99.35
CA ALA A 2706 -66.47 -5.18 -98.12
C ALA A 2706 -67.88 -5.71 -97.90
N ILE A 2707 -68.88 -4.84 -98.11
CA ILE A 2707 -70.26 -5.26 -97.88
C ILE A 2707 -70.65 -6.35 -98.88
N ALA A 2708 -70.27 -6.17 -100.15
CA ALA A 2708 -70.57 -7.19 -101.15
C ALA A 2708 -69.89 -8.51 -100.83
N GLY A 2709 -68.63 -8.46 -100.40
CA GLY A 2709 -67.94 -9.67 -100.01
C GLY A 2709 -68.52 -10.36 -98.80
N ALA A 2710 -69.10 -9.59 -97.87
CA ALA A 2710 -69.77 -10.17 -96.71
C ALA A 2710 -71.12 -10.77 -97.04
N LEU A 2711 -71.86 -10.18 -97.97
CA LEU A 2711 -73.18 -10.69 -98.30
C LEU A 2711 -73.07 -12.04 -99.00
N PRO A 2712 -73.86 -13.04 -98.61
CA PRO A 2712 -73.89 -14.29 -99.37
C PRO A 2712 -74.38 -14.05 -100.78
N PRO A 2713 -73.79 -14.71 -101.78
CA PRO A 2713 -74.23 -14.45 -103.17
C PRO A 2713 -75.69 -14.78 -103.43
N ASP A 2714 -76.24 -15.80 -102.77
CA ASP A 2714 -77.60 -16.27 -103.03
C ASP A 2714 -78.58 -15.81 -101.97
N TYR A 2715 -78.20 -14.89 -101.09
CA TYR A 2715 -79.11 -14.42 -100.07
C TYR A 2715 -80.37 -13.86 -100.69
N VAL A 2716 -81.52 -14.31 -100.22
CA VAL A 2716 -82.82 -13.86 -100.69
C VAL A 2716 -83.49 -13.08 -99.56
N ASP A 2717 -83.84 -11.84 -99.83
CA ASP A 2717 -84.43 -10.99 -98.81
C ASP A 2717 -85.87 -11.41 -98.57
N ALA A 2718 -86.16 -11.87 -97.34
CA ALA A 2718 -87.52 -12.29 -97.01
C ALA A 2718 -88.50 -11.13 -97.16
N SER A 2719 -88.10 -9.94 -96.73
CA SER A 2719 -88.94 -8.75 -96.82
C SER A 2719 -88.75 -8.01 -98.14
N TYR A 2720 -88.30 -8.70 -99.19
CA TYR A 2720 -88.09 -8.07 -100.50
C TYR A 2720 -89.31 -7.25 -100.89
N SER A 2721 -89.09 -5.96 -101.08
CA SER A 2721 -90.16 -5.01 -101.40
C SER A 2721 -89.78 -4.29 -102.70
N SER A 2722 -90.42 -4.68 -103.81
CA SER A 2722 -90.18 -3.98 -105.06
C SER A 2722 -90.57 -2.52 -104.97
N LYS A 2723 -91.55 -2.19 -104.12
CA LYS A 2723 -91.92 -0.80 -103.91
C LYS A 2723 -90.77 -0.02 -103.30
N THR A 2724 -90.10 -0.59 -102.30
CA THR A 2724 -88.98 0.03 -101.59
C THR A 2724 -89.17 1.52 -101.43
N GLU A 2725 -90.29 1.92 -100.82
CA GLU A 2725 -90.56 3.33 -100.60
C GLU A 2725 -89.65 3.89 -99.51
N LYS A 2726 -89.34 5.18 -99.62
CA LYS A 2726 -88.46 5.86 -98.67
C LYS A 2726 -87.13 5.11 -98.59
N ASN A 2735 -84.36 13.29 -92.07
CA ASN A 2735 -85.15 12.90 -90.91
C ASN A 2735 -86.14 11.78 -91.25
N PHE A 2736 -86.52 11.01 -90.24
CA PHE A 2736 -87.51 9.97 -90.45
C PHE A 2736 -88.89 10.56 -90.66
N ASP A 2737 -89.72 9.87 -91.44
CA ASP A 2737 -91.07 10.31 -91.78
C ASP A 2737 -92.09 9.44 -91.06
N PRO A 2738 -92.43 9.74 -89.80
CA PRO A 2738 -93.51 9.01 -89.13
C PRO A 2738 -94.90 9.36 -89.65
N ARG A 2739 -95.00 10.32 -90.56
CA ARG A 2739 -96.29 10.73 -91.11
C ARG A 2739 -97.06 9.52 -91.62
N PRO A 2740 -98.19 9.15 -90.99
CA PRO A 2740 -98.99 8.05 -91.53
C PRO A 2740 -100.01 8.52 -92.56
N VAL A 2741 -100.81 7.61 -93.08
CA VAL A 2741 -101.86 7.98 -94.03
C VAL A 2741 -103.00 8.69 -93.29
N GLU A 2742 -103.89 9.32 -94.04
CA GLU A 2742 -104.91 10.21 -93.49
C GLU A 2742 -106.19 9.42 -93.20
N THR A 2743 -106.08 8.57 -92.16
CA THR A 2743 -107.21 7.73 -91.77
C THR A 2743 -108.42 8.56 -91.41
N LEU A 2744 -108.21 9.63 -90.63
CA LEU A 2744 -109.34 10.41 -90.15
C LEU A 2744 -110.06 11.13 -91.28
N ASN A 2745 -109.32 11.65 -92.26
CA ASN A 2745 -109.97 12.36 -93.35
C ASN A 2745 -110.67 11.40 -94.30
N VAL A 2746 -110.06 10.24 -94.57
CA VAL A 2746 -110.69 9.29 -95.49
C VAL A 2746 -111.95 8.72 -94.85
N ILE A 2747 -112.90 8.33 -95.69
CA ILE A 2747 -114.21 7.86 -95.24
C ILE A 2747 -114.11 6.41 -94.80
N ILE A 2748 -115.17 5.92 -94.15
CA ILE A 2748 -115.21 4.55 -93.63
C ILE A 2748 -116.53 3.93 -94.07
N PRO A 2749 -116.53 2.84 -94.85
CA PRO A 2749 -117.80 2.22 -95.24
C PRO A 2749 -118.58 1.70 -94.05
N GLU A 2750 -119.91 1.65 -94.20
CA GLU A 2750 -120.75 1.14 -93.12
C GLU A 2750 -120.51 -0.34 -92.88
N LYS A 2751 -120.19 -1.09 -93.94
CA LYS A 2751 -119.81 -2.48 -93.77
C LYS A 2751 -118.52 -2.62 -92.97
N LEU A 2752 -117.54 -1.73 -93.23
CA LEU A 2752 -116.33 -1.73 -92.41
C LEU A 2752 -116.65 -1.29 -90.98
N ASP A 2753 -117.67 -0.45 -90.80
CA ASP A 2753 -118.07 -0.05 -89.45
C ASP A 2753 -118.72 -1.22 -88.71
N SER A 2754 -119.50 -2.03 -89.42
CA SER A 2754 -120.04 -3.24 -88.81
C SER A 2754 -118.91 -4.16 -88.37
N PHE A 2755 -117.91 -4.35 -89.23
CA PHE A 2755 -116.75 -5.12 -88.80
C PHE A 2755 -116.06 -4.45 -87.62
N ILE A 2756 -116.06 -3.11 -87.58
CA ILE A 2756 -115.40 -2.40 -86.49
C ILE A 2756 -116.06 -2.75 -85.17
N ASN A 2757 -117.40 -2.72 -85.14
CA ASN A 2757 -118.13 -3.06 -83.92
C ASN A 2757 -117.88 -4.52 -83.54
N LYS A 2758 -117.96 -5.42 -84.52
CA LYS A 2758 -117.82 -6.84 -84.21
C LYS A 2758 -116.41 -7.15 -83.73
N PHE A 2759 -115.40 -6.51 -84.34
CA PHE A 2759 -114.02 -6.73 -83.93
C PHE A 2759 -113.69 -6.03 -82.63
N ALA A 2760 -114.41 -4.95 -82.29
CA ALA A 2760 -114.26 -4.38 -80.96
C ALA A 2760 -114.75 -5.36 -79.90
N GLU A 2761 -115.92 -5.97 -80.15
CA GLU A 2761 -116.39 -7.04 -79.28
C GLU A 2761 -115.36 -8.17 -79.20
N TYR A 2762 -114.81 -8.55 -80.35
CA TYR A 2762 -113.84 -9.64 -80.40
C TYR A 2762 -112.58 -9.30 -79.61
N THR A 2763 -112.08 -8.07 -79.74
CA THR A 2763 -110.85 -7.70 -79.06
C THR A 2763 -111.08 -7.56 -77.56
N HIS A 2764 -112.27 -7.12 -77.15
CA HIS A 2764 -112.59 -7.17 -75.73
C HIS A 2764 -112.61 -8.61 -75.21
N GLU A 2765 -113.20 -9.53 -75.98
CA GLU A 2765 -113.17 -10.93 -75.55
C GLU A 2765 -111.76 -11.48 -75.50
N LYS A 2766 -110.91 -11.09 -76.46
CA LYS A 2766 -109.52 -11.53 -76.45
C LYS A 2766 -108.79 -10.99 -75.23
N TRP A 2767 -109.03 -9.72 -74.88
CA TRP A 2767 -108.38 -9.16 -73.70
C TRP A 2767 -108.91 -9.81 -72.43
N ALA A 2768 -110.19 -10.20 -72.43
CA ALA A 2768 -110.74 -10.94 -71.31
C ALA A 2768 -110.07 -12.31 -71.18
N PHE A 2769 -109.82 -12.97 -72.31
CA PHE A 2769 -109.10 -14.24 -72.29
C PHE A 2769 -107.68 -14.04 -71.78
N ASP A 2770 -107.03 -12.96 -72.18
CA ASP A 2770 -105.70 -12.64 -71.66
C ASP A 2770 -105.75 -12.42 -70.16
N LYS A 2771 -106.79 -11.75 -69.68
CA LYS A 2771 -106.97 -11.55 -68.25
C LYS A 2771 -107.17 -12.88 -67.55
N ILE A 2772 -107.88 -13.81 -68.19
CA ILE A 2772 -108.03 -15.15 -67.62
C ILE A 2772 -106.66 -15.83 -67.52
N GLN A 2773 -105.85 -15.70 -68.56
CA GLN A 2773 -104.48 -16.22 -68.50
C GLN A 2773 -103.71 -15.62 -67.33
N ASN A 2774 -103.89 -14.32 -67.11
CA ASN A 2774 -103.23 -13.62 -65.99
C ASN A 2774 -103.94 -13.84 -64.66
N ASN A 2775 -105.05 -14.58 -64.65
CA ASN A 2775 -105.84 -14.80 -63.44
C ASN A 2775 -106.51 -13.50 -62.97
N TRP A 2776 -107.11 -12.77 -63.90
CA TRP A 2776 -107.76 -11.49 -63.62
C TRP A 2776 -109.26 -11.62 -63.90
N SER A 2777 -110.06 -11.55 -62.83
CA SER A 2777 -111.51 -11.67 -62.95
C SER A 2777 -112.19 -10.31 -63.05
N TYR A 2778 -113.51 -10.29 -62.91
CA TYR A 2778 -114.29 -9.07 -62.92
C TYR A 2778 -114.24 -8.43 -61.53
N GLY A 2779 -114.05 -7.10 -61.50
CA GLY A 2779 -113.95 -6.39 -60.24
C GLY A 2779 -114.34 -4.93 -60.36
N GLU A 2780 -113.78 -4.09 -59.50
CA GLU A 2780 -114.05 -2.65 -59.53
C GLU A 2780 -112.87 -1.83 -60.04
N ASN A 2781 -111.69 -2.43 -60.17
CA ASN A 2781 -110.53 -1.71 -60.70
C ASN A 2781 -109.54 -2.74 -61.22
N ILE A 2782 -108.56 -2.24 -61.98
CA ILE A 2782 -107.60 -3.12 -62.65
C ILE A 2782 -106.30 -3.15 -61.87
N ASP A 2783 -106.37 -2.83 -60.57
CA ASP A 2783 -105.17 -2.88 -59.74
C ASP A 2783 -104.62 -4.30 -59.73
N GLU A 2784 -103.28 -4.41 -59.78
CA GLU A 2784 -102.65 -5.70 -59.95
C GLU A 2784 -102.95 -6.64 -58.77
N GLU A 2785 -102.89 -6.11 -57.54
CA GLU A 2785 -103.03 -6.97 -56.38
C GLU A 2785 -104.41 -7.64 -56.33
N LEU A 2786 -105.48 -6.90 -56.66
CA LEU A 2786 -106.80 -7.50 -56.65
C LEU A 2786 -106.94 -8.56 -57.76
N LYS A 2787 -106.16 -8.45 -58.82
CA LYS A 2787 -106.23 -9.37 -59.95
C LYS A 2787 -107.65 -9.44 -60.48
N THR A 2788 -108.14 -8.30 -60.96
CA THR A 2788 -109.48 -8.19 -61.51
C THR A 2788 -109.46 -7.25 -62.71
N HIS A 2789 -110.64 -7.04 -63.29
CA HIS A 2789 -110.78 -6.12 -64.41
C HIS A 2789 -112.14 -5.42 -64.32
N PRO A 2790 -112.19 -4.11 -64.11
CA PRO A 2790 -113.50 -3.47 -63.92
C PRO A 2790 -114.38 -3.55 -65.14
N MET A 2791 -113.79 -3.68 -66.33
CA MET A 2791 -114.54 -3.68 -67.57
C MET A 2791 -114.75 -5.08 -68.16
N LEU A 2792 -114.73 -6.11 -67.33
CA LEU A 2792 -114.97 -7.46 -67.81
C LEU A 2792 -116.44 -7.83 -67.76
N ARG A 2793 -117.24 -7.42 -68.74
CA ARG A 2793 -118.61 -7.89 -68.83
C ARG A 2793 -118.95 -8.11 -70.30
N PRO A 2794 -120.07 -8.76 -70.60
CA PRO A 2794 -120.38 -9.04 -72.01
C PRO A 2794 -120.51 -7.76 -72.82
N TYR A 2795 -120.47 -7.91 -74.14
CA TYR A 2795 -120.48 -6.74 -75.02
C TYR A 2795 -121.74 -5.90 -74.83
N LYS A 2796 -122.87 -6.56 -74.58
CA LYS A 2796 -124.14 -5.83 -74.45
C LYS A 2796 -124.05 -4.83 -73.31
N THR A 2797 -123.55 -5.26 -72.14
CA THR A 2797 -123.38 -4.33 -71.03
C THR A 2797 -122.12 -3.48 -71.19
N PHE A 2798 -121.26 -3.83 -72.14
CA PHE A 2798 -120.07 -3.03 -72.40
C PHE A 2798 -120.46 -1.58 -72.68
N SER A 2799 -119.78 -0.65 -72.02
CA SER A 2799 -120.17 0.75 -72.09
C SER A 2799 -119.86 1.32 -73.47
N GLU A 2800 -120.75 2.17 -73.96
CA GLU A 2800 -120.59 2.76 -75.30
C GLU A 2800 -119.27 3.51 -75.39
N LYS A 2801 -118.84 4.12 -74.28
CA LYS A 2801 -117.56 4.83 -74.29
C LYS A 2801 -116.41 3.84 -74.47
N ASP A 2802 -116.45 2.71 -73.76
CA ASP A 2802 -115.37 1.74 -73.87
C ASP A 2802 -115.51 0.91 -75.15
N LYS A 2803 -116.75 0.66 -75.59
CA LYS A 2803 -116.95 0.08 -76.91
C LYS A 2803 -116.34 0.97 -77.98
N GLU A 2804 -116.55 2.28 -77.88
CA GLU A 2804 -115.96 3.21 -78.84
C GLU A 2804 -114.44 3.23 -78.72
N ILE A 2805 -113.93 3.12 -77.49
CA ILE A 2805 -112.48 3.08 -77.30
C ILE A 2805 -111.89 1.88 -78.02
N TYR A 2806 -112.54 0.72 -77.88
CA TYR A 2806 -112.08 -0.48 -78.57
C TYR A 2806 -112.22 -0.35 -80.08
N ARG A 2807 -113.28 0.29 -80.54
CA ARG A 2807 -113.53 0.41 -81.98
C ARG A 2807 -112.53 1.37 -82.64
N TRP A 2808 -112.14 2.43 -81.93
CA TRP A 2808 -111.41 3.53 -82.54
C TRP A 2808 -110.11 3.06 -83.20
N PRO A 2809 -109.30 2.22 -82.54
CA PRO A 2809 -108.14 1.66 -83.25
C PRO A 2809 -108.54 0.90 -84.50
N ILE A 2810 -109.65 0.16 -84.44
CA ILE A 2810 -110.13 -0.56 -85.62
C ILE A 2810 -110.55 0.42 -86.71
N LYS A 2811 -111.26 1.48 -86.31
CA LYS A 2811 -111.63 2.51 -87.28
C LYS A 2811 -110.40 3.09 -87.95
N GLU A 2812 -109.37 3.43 -87.17
CA GLU A 2812 -108.17 4.02 -87.75
C GLU A 2812 -107.47 3.05 -88.69
N SER A 2813 -107.40 1.76 -88.31
CA SER A 2813 -106.76 0.77 -89.17
C SER A 2813 -107.48 0.65 -90.50
N LEU A 2814 -108.81 0.47 -90.45
CA LEU A 2814 -109.57 0.30 -91.68
C LEU A 2814 -109.53 1.57 -92.52
N LYS A 2815 -109.57 2.74 -91.88
CA LYS A 2815 -109.47 3.98 -92.62
C LYS A 2815 -108.11 4.14 -93.28
N ALA A 2816 -107.04 3.69 -92.62
CA ALA A 2816 -105.75 3.63 -93.30
C ALA A 2816 -105.82 2.75 -94.53
N MET A 2817 -106.45 1.59 -94.39
CA MET A 2817 -106.57 0.68 -95.54
C MET A 2817 -107.32 1.37 -96.68
N ILE A 2818 -108.40 2.09 -96.37
CA ILE A 2818 -109.14 2.80 -97.40
C ILE A 2818 -108.27 3.89 -98.03
N ALA A 2819 -107.55 4.64 -97.20
CA ALA A 2819 -106.69 5.71 -97.71
C ALA A 2819 -105.62 5.17 -98.65
N TRP A 2820 -105.14 3.96 -98.40
CA TRP A 2820 -104.18 3.34 -99.32
C TRP A 2820 -104.83 2.90 -100.61
N GLU A 2821 -106.14 3.11 -100.77
CA GLU A 2821 -106.92 2.59 -101.89
C GLU A 2821 -107.00 1.06 -101.85
N TRP A 2822 -107.04 0.51 -100.65
CA TRP A 2822 -107.21 -0.93 -100.46
C TRP A 2822 -108.71 -1.20 -100.34
N THR A 2823 -109.25 -1.93 -101.32
CA THR A 2823 -110.70 -2.14 -101.37
C THR A 2823 -111.07 -3.40 -100.60
N VAL A 2824 -112.02 -3.26 -99.67
CA VAL A 2824 -112.46 -4.37 -98.82
C VAL A 2824 -113.85 -4.80 -99.27
N GLU A 2825 -114.02 -6.09 -99.52
CA GLU A 2825 -115.28 -6.66 -100.01
C GLU A 2825 -115.80 -7.63 -98.95
N LYS A 2826 -117.05 -7.43 -98.53
CA LYS A 2826 -117.70 -8.26 -97.52
C LYS A 2826 -118.56 -9.31 -98.20
N ALA A 2827 -117.93 -10.43 -98.55
CA ALA A 2827 -118.64 -11.53 -99.18
C ALA A 2827 -119.63 -12.17 -98.22
N ARG A 2828 -119.25 -12.35 -96.97
CA ARG A 2828 -120.04 -13.06 -95.96
C ARG A 2828 -120.25 -12.16 -94.75
N GLU A 2829 -120.91 -12.71 -93.73
CA GLU A 2829 -121.24 -11.98 -92.52
C GLU A 2829 -120.41 -12.49 -91.35
N GLY A 2830 -120.09 -11.58 -90.43
CA GLY A 2830 -119.30 -11.92 -89.25
C GLY A 2830 -119.96 -12.98 -88.40
N GLU A 2831 -119.15 -13.84 -87.79
CA GLU A 2831 -119.65 -14.90 -86.94
C GLU A 2831 -119.03 -14.83 -85.55
N TYR A 2856 -117.48 -11.45 -66.81
CA TYR A 2856 -118.13 -12.44 -67.66
C TYR A 2856 -117.11 -13.44 -68.21
N ASN A 2857 -117.62 -14.47 -68.88
CA ASN A 2857 -116.76 -15.49 -69.47
C ASN A 2857 -116.34 -15.08 -70.86
N PRO A 2858 -115.04 -14.97 -71.16
CA PRO A 2858 -114.64 -14.61 -72.52
C PRO A 2858 -115.11 -15.66 -73.52
N GLN A 2859 -115.52 -15.17 -74.70
CA GLN A 2859 -115.98 -16.04 -75.78
C GLN A 2859 -115.40 -15.55 -77.11
N PRO A 2860 -114.10 -15.31 -77.17
CA PRO A 2860 -113.49 -14.85 -78.41
C PRO A 2860 -113.34 -15.99 -79.41
N PRO A 2861 -113.95 -15.88 -80.60
CA PRO A 2861 -113.70 -16.90 -81.63
C PRO A 2861 -112.22 -17.05 -81.94
N ASP A 2862 -111.79 -18.27 -82.25
CA ASP A 2862 -110.39 -18.51 -82.58
C ASP A 2862 -110.04 -17.87 -83.92
N LEU A 2863 -108.87 -17.23 -83.97
CA LEU A 2863 -108.32 -16.70 -85.21
C LEU A 2863 -107.26 -17.61 -85.83
N SER A 2864 -106.76 -18.60 -85.08
CA SER A 2864 -105.77 -19.52 -85.63
C SER A 2864 -106.33 -20.33 -86.78
N VAL A 2865 -107.66 -20.45 -86.87
CA VAL A 2865 -108.26 -21.24 -87.93
C VAL A 2865 -107.85 -20.70 -89.30
N VAL A 2866 -107.81 -19.37 -89.44
CA VAL A 2866 -107.48 -18.75 -90.72
C VAL A 2866 -105.98 -18.50 -90.77
N THR A 2867 -105.37 -18.83 -91.91
CA THR A 2867 -103.96 -18.57 -92.16
C THR A 2867 -103.85 -17.47 -93.21
N LEU A 2868 -103.07 -16.44 -92.91
CA LEU A 2868 -102.88 -15.33 -93.84
C LEU A 2868 -102.09 -15.83 -95.05
N SER A 2869 -102.58 -15.52 -96.25
CA SER A 2869 -101.84 -15.80 -97.46
C SER A 2869 -100.65 -14.85 -97.56
N ARG A 2870 -99.94 -14.93 -98.69
CA ARG A 2870 -98.84 -13.99 -98.90
C ARG A 2870 -99.38 -12.56 -99.04
N GLU A 2871 -100.47 -12.40 -99.79
CA GLU A 2871 -101.07 -11.09 -99.95
C GLU A 2871 -101.62 -10.56 -98.62
N LEU A 2872 -102.23 -11.44 -97.82
CA LEU A 2872 -102.73 -11.02 -96.51
C LEU A 2872 -101.58 -10.71 -95.57
N GLN A 2873 -100.47 -11.42 -95.70
CA GLN A 2873 -99.29 -11.11 -94.90
C GLN A 2873 -98.75 -9.73 -95.27
N ALA A 2874 -98.75 -9.39 -96.56
CA ALA A 2874 -98.33 -8.04 -96.96
C ALA A 2874 -99.33 -6.99 -96.47
N MET A 2875 -100.62 -7.29 -96.56
CA MET A 2875 -101.63 -6.45 -95.92
C MET A 2875 -101.22 -6.11 -94.50
N ALA A 2876 -100.96 -7.15 -93.70
CA ALA A 2876 -100.59 -6.96 -92.31
C ALA A 2876 -99.25 -6.24 -92.18
N GLU A 2877 -98.32 -6.50 -93.10
CA GLU A 2877 -97.02 -5.83 -93.03
C GLU A 2877 -97.19 -4.32 -93.11
N GLN A 2878 -97.91 -3.85 -94.13
CA GLN A 2878 -98.08 -2.42 -94.29
C GLN A 2878 -98.99 -1.84 -93.21
N LEU A 2879 -99.97 -2.61 -92.75
CA LEU A 2879 -100.86 -2.11 -91.70
C LEU A 2879 -100.12 -1.94 -90.38
N ALA A 2880 -99.25 -2.90 -90.04
CA ALA A 2880 -98.44 -2.77 -88.84
C ALA A 2880 -97.38 -1.69 -89.00
N GLU A 2881 -96.86 -1.52 -90.22
CA GLU A 2881 -95.95 -0.41 -90.48
C GLU A 2881 -96.64 0.92 -90.22
N ASN A 2882 -97.91 1.02 -90.60
CA ASN A 2882 -98.67 2.25 -90.32
C ASN A 2882 -98.95 2.42 -88.85
N TYR A 2883 -99.25 1.31 -88.14
CA TYR A 2883 -99.34 1.40 -86.69
C TYR A 2883 -98.06 2.00 -86.11
N HIS A 2884 -96.92 1.50 -86.59
CA HIS A 2884 -95.63 2.01 -86.12
C HIS A 2884 -95.44 3.47 -86.51
N ASN A 2885 -95.94 3.86 -87.69
CA ASN A 2885 -95.79 5.25 -88.13
C ASN A 2885 -96.63 6.20 -87.29
N THR A 2886 -97.88 5.82 -87.00
CA THR A 2886 -98.70 6.61 -86.10
C THR A 2886 -98.07 6.69 -84.72
N TRP A 2887 -97.65 5.55 -84.19
CA TRP A 2887 -96.96 5.50 -82.90
C TRP A 2887 -95.74 6.43 -82.91
N GLY A 2888 -95.04 6.45 -84.04
CA GLY A 2888 -93.91 7.35 -84.22
C GLY A 2888 -94.33 8.81 -84.20
N ARG A 2889 -95.44 9.14 -84.85
CA ARG A 2889 -95.94 10.50 -84.80
C ARG A 2889 -96.24 10.91 -83.36
N LYS A 2890 -96.83 9.98 -82.58
CA LYS A 2890 -97.04 10.29 -81.17
C LYS A 2890 -95.69 10.59 -80.49
N LYS A 2891 -94.77 9.62 -80.47
CA LYS A 2891 -93.54 9.87 -79.72
C LYS A 2891 -92.83 11.11 -80.24
N LYS A 2892 -93.03 11.45 -81.52
CA LYS A 2892 -92.51 12.70 -82.04
C LYS A 2892 -93.18 13.87 -81.35
N GLN A 2893 -94.48 13.75 -81.06
CA GLN A 2893 -95.15 14.81 -80.29
C GLN A 2893 -94.54 14.98 -78.90
N GLU A 2894 -94.30 13.88 -78.17
CA GLU A 2894 -93.63 14.07 -76.87
C GLU A 2894 -92.18 14.52 -77.02
N LEU A 2895 -91.48 14.13 -78.10
CA LEU A 2895 -90.13 14.67 -78.30
C LEU A 2895 -90.17 16.18 -78.49
N GLU A 2896 -91.12 16.67 -79.28
CA GLU A 2896 -91.26 18.11 -79.45
C GLU A 2896 -91.63 18.77 -78.12
N ALA A 2897 -92.51 18.14 -77.35
CA ALA A 2897 -92.88 18.69 -76.05
C ALA A 2897 -91.67 18.75 -75.11
N LYS A 2898 -90.85 17.70 -75.08
CA LYS A 2898 -89.65 17.65 -74.27
C LYS A 2898 -88.57 18.59 -74.77
N GLY A 2899 -88.61 19.00 -76.03
CA GLY A 2899 -87.61 19.88 -76.59
C GLY A 2899 -86.36 19.13 -77.04
N GLY A 2900 -86.42 17.81 -77.02
CA GLY A 2900 -85.29 17.02 -77.46
C GLY A 2900 -85.57 15.54 -77.28
N GLY A 2901 -84.51 14.75 -77.44
CA GLY A 2901 -84.62 13.31 -77.29
C GLY A 2901 -85.00 12.63 -78.59
N SER A 2902 -84.65 11.35 -78.69
CA SER A 2902 -84.95 10.53 -79.84
C SER A 2902 -85.57 9.21 -79.37
N HIS A 2903 -86.59 8.76 -80.09
CA HIS A 2903 -87.27 7.53 -79.72
C HIS A 2903 -86.42 6.32 -80.14
N PRO A 2904 -86.09 5.41 -79.22
CA PRO A 2904 -85.23 4.28 -79.62
C PRO A 2904 -85.78 3.44 -80.73
N LEU A 2905 -87.09 3.18 -80.76
CA LEU A 2905 -87.71 2.32 -81.75
C LEU A 2905 -88.28 3.09 -82.93
N LEU A 2906 -87.74 4.29 -83.20
CA LEU A 2906 -88.22 5.10 -84.31
C LEU A 2906 -87.87 4.51 -85.67
N VAL A 2907 -86.95 3.55 -85.72
CA VAL A 2907 -86.47 3.04 -87.01
C VAL A 2907 -87.61 2.35 -87.73
N PRO A 2908 -87.71 2.45 -89.07
CA PRO A 2908 -88.78 1.76 -89.79
C PRO A 2908 -88.92 0.29 -89.42
N TYR A 2909 -90.04 -0.29 -89.81
CA TYR A 2909 -90.34 -1.68 -89.50
C TYR A 2909 -89.32 -2.64 -90.10
N ASP A 2910 -88.97 -2.46 -91.38
CA ASP A 2910 -88.04 -3.37 -92.02
C ASP A 2910 -86.70 -3.37 -91.29
N THR A 2911 -86.23 -2.18 -90.89
CA THR A 2911 -85.01 -2.10 -90.09
C THR A 2911 -85.21 -2.77 -88.74
N LEU A 2912 -86.37 -2.60 -88.14
CA LEU A 2912 -86.64 -3.17 -86.82
C LEU A 2912 -86.45 -4.69 -86.83
N THR A 2913 -85.85 -5.20 -85.76
CA THR A 2913 -85.67 -6.64 -85.62
C THR A 2913 -87.03 -7.34 -85.55
N ALA A 2914 -87.09 -8.56 -86.07
CA ALA A 2914 -88.36 -9.28 -86.15
C ALA A 2914 -88.97 -9.48 -84.78
N LYS A 2915 -88.15 -9.75 -83.76
CA LYS A 2915 -88.68 -9.95 -82.42
C LYS A 2915 -89.45 -8.72 -81.94
N GLU A 2916 -88.92 -7.53 -82.23
CA GLU A 2916 -89.65 -6.31 -81.91
C GLU A 2916 -90.89 -6.17 -82.79
N LYS A 2917 -90.79 -6.56 -84.06
CA LYS A 2917 -91.94 -6.51 -84.94
C LYS A 2917 -93.09 -7.35 -84.38
N ALA A 2918 -92.77 -8.52 -83.81
CA ALA A 2918 -93.79 -9.50 -83.47
C ALA A 2918 -94.90 -8.93 -82.61
N ARG A 2919 -94.58 -7.99 -81.72
CA ARG A 2919 -95.58 -7.43 -80.83
C ARG A 2919 -96.76 -6.87 -81.60
N ASP A 2920 -96.53 -5.83 -82.41
CA ASP A 2920 -97.57 -5.29 -83.27
C ASP A 2920 -97.96 -6.26 -84.38
N ARG A 2921 -97.07 -7.19 -84.71
CA ARG A 2921 -97.38 -8.22 -85.69
C ARG A 2921 -98.63 -8.99 -85.31
N GLU A 2922 -98.68 -9.46 -84.07
CA GLU A 2922 -99.81 -10.27 -83.63
C GLU A 2922 -101.12 -9.52 -83.81
N LYS A 2923 -101.16 -8.27 -83.36
CA LYS A 2923 -102.41 -7.51 -83.38
C LYS A 2923 -102.82 -7.16 -84.82
N ALA A 2924 -101.85 -6.75 -85.65
CA ALA A 2924 -102.18 -6.45 -87.04
C ALA A 2924 -102.73 -7.67 -87.76
N GLN A 2925 -102.06 -8.82 -87.60
CA GLN A 2925 -102.54 -10.03 -88.25
C GLN A 2925 -103.88 -10.47 -87.67
N GLU A 2926 -104.12 -10.20 -86.39
CA GLU A 2926 -105.41 -10.52 -85.81
C GLU A 2926 -106.51 -9.72 -86.51
N LEU A 2927 -106.29 -8.42 -86.67
CA LEU A 2927 -107.27 -7.58 -87.36
C LEU A 2927 -107.52 -8.09 -88.77
N LEU A 2928 -106.46 -8.35 -89.53
CA LEU A 2928 -106.64 -8.77 -90.91
C LEU A 2928 -107.36 -10.11 -91.00
N LYS A 2929 -106.96 -11.07 -90.16
CA LYS A 2929 -107.60 -12.39 -90.16
C LYS A 2929 -109.06 -12.29 -89.77
N PHE A 2930 -109.39 -11.41 -88.82
CA PHE A 2930 -110.79 -11.25 -88.44
C PHE A 2930 -111.59 -10.62 -89.56
N LEU A 2931 -110.98 -9.70 -90.31
CA LEU A 2931 -111.62 -9.23 -91.54
C LEU A 2931 -111.94 -10.42 -92.44
N GLN A 2932 -110.95 -11.31 -92.62
CA GLN A 2932 -111.13 -12.45 -93.50
C GLN A 2932 -112.32 -13.30 -93.07
N MET A 2933 -112.37 -13.74 -91.81
CA MET A 2933 -113.49 -14.62 -91.44
C MET A 2933 -114.77 -13.85 -91.16
N ASN A 2934 -114.72 -12.52 -91.12
CA ASN A 2934 -115.93 -11.72 -91.19
C ASN A 2934 -116.38 -11.51 -92.62
N GLY A 2935 -115.60 -11.97 -93.60
CA GLY A 2935 -115.96 -11.87 -94.99
C GLY A 2935 -115.26 -10.75 -95.72
N TYR A 2936 -114.44 -9.98 -95.02
CA TYR A 2936 -113.78 -8.82 -95.59
C TYR A 2936 -112.45 -9.21 -96.22
N ALA A 2937 -112.44 -9.25 -97.54
CA ALA A 2937 -111.23 -9.53 -98.32
C ALA A 2937 -110.74 -8.19 -98.85
N VAL A 2938 -109.50 -7.84 -98.50
CA VAL A 2938 -108.94 -6.55 -98.89
C VAL A 2938 -107.94 -6.76 -100.02
N THR A 2939 -108.05 -5.92 -101.05
CA THR A 2939 -107.22 -6.02 -102.24
C THR A 2939 -106.51 -4.70 -102.51
N ARG A 2940 -105.24 -4.80 -102.93
CA ARG A 2940 -104.42 -3.64 -103.24
C ARG A 2940 -103.88 -3.60 -104.65
N GLY A 2941 -103.57 -4.75 -105.25
CA GLY A 2941 -102.78 -4.78 -106.46
C GLY A 2941 -101.30 -4.69 -106.15
N LEU A 2942 -100.79 -5.67 -105.41
CA LEU A 2942 -99.40 -5.62 -104.94
C LEU A 2942 -98.44 -5.48 -106.11
N LYS A 2943 -97.43 -4.63 -105.93
CA LYS A 2943 -96.39 -4.48 -106.95
C LYS A 2943 -95.45 -5.68 -106.99
N ASP A 2944 -95.42 -6.49 -105.93
CA ASP A 2944 -94.61 -7.69 -105.89
C ASP A 2944 -95.33 -8.91 -106.44
N MET A 2945 -96.63 -8.80 -106.73
CA MET A 2945 -97.37 -9.94 -107.28
C MET A 2945 -96.80 -10.35 -108.63
N GLU A 2946 -96.44 -9.38 -109.46
CA GLU A 2946 -95.85 -9.70 -110.76
C GLU A 2946 -94.58 -10.51 -110.58
N LEU A 2947 -93.80 -10.22 -109.54
CA LEU A 2947 -92.59 -10.98 -109.23
C LEU A 2947 -92.89 -12.24 -108.45
N ASP A 2948 -94.14 -12.44 -108.01
CA ASP A 2948 -94.54 -13.60 -107.21
C ASP A 2948 -93.45 -13.97 -106.21
N THR A 2949 -92.74 -15.07 -106.43
CA THR A 2949 -91.66 -15.49 -105.55
C THR A 2949 -90.30 -15.32 -106.21
N SER A 2950 -90.09 -15.94 -107.38
CA SER A 2950 -88.89 -15.77 -108.18
C SER A 2950 -87.65 -15.61 -107.30
N SER A 2951 -87.38 -16.64 -106.50
CA SER A 2951 -86.24 -16.61 -105.59
C SER A 2951 -84.95 -16.31 -106.34
N ILE A 2952 -84.81 -16.87 -107.55
CA ILE A 2952 -83.60 -16.63 -108.33
C ILE A 2952 -83.45 -15.15 -108.61
N GLU A 2953 -84.53 -14.50 -109.05
CA GLU A 2953 -84.48 -13.06 -109.29
C GLU A 2953 -84.35 -12.26 -108.00
N LYS A 2954 -84.64 -12.87 -106.85
CA LYS A 2954 -84.51 -12.19 -105.57
C LYS A 2954 -83.15 -12.39 -104.93
N ARG A 2955 -82.31 -13.27 -105.47
CA ARG A 2955 -80.96 -13.44 -104.94
C ARG A 2955 -80.17 -12.14 -105.09
N PHE A 2956 -79.27 -11.90 -104.14
CA PHE A 2956 -78.48 -10.67 -104.16
C PHE A 2956 -77.61 -10.59 -105.40
N ALA A 2957 -76.93 -11.68 -105.74
CA ALA A 2957 -76.06 -11.68 -106.91
C ALA A 2957 -76.86 -11.37 -108.17
N PHE A 2958 -78.11 -11.82 -108.24
CA PHE A 2958 -78.94 -11.54 -109.39
C PHE A 2958 -79.14 -10.04 -109.58
N GLY A 2959 -79.53 -9.34 -108.52
CA GLY A 2959 -79.71 -7.90 -108.62
C GLY A 2959 -78.42 -7.17 -108.88
N PHE A 2960 -77.32 -7.63 -108.27
CA PHE A 2960 -76.04 -7.00 -108.51
C PHE A 2960 -75.64 -7.11 -109.98
N LEU A 2961 -75.82 -8.30 -110.57
CA LEU A 2961 -75.49 -8.49 -111.97
C LEU A 2961 -76.42 -7.70 -112.87
N GLN A 2962 -77.70 -7.59 -112.50
CA GLN A 2962 -78.64 -6.78 -113.27
C GLN A 2962 -78.18 -5.32 -113.30
N GLN A 2963 -77.79 -4.78 -112.16
CA GLN A 2963 -77.30 -3.41 -112.12
C GLN A 2963 -76.02 -3.26 -112.93
N LEU A 2964 -75.12 -4.25 -112.85
CA LEU A 2964 -73.89 -4.18 -113.61
C LEU A 2964 -74.17 -4.17 -115.11
N LEU A 2965 -75.17 -4.95 -115.55
CA LEU A 2965 -75.52 -4.96 -116.97
C LEU A 2965 -76.17 -3.65 -117.40
N ARG A 2966 -77.03 -3.08 -116.57
CA ARG A 2966 -77.60 -1.77 -116.90
C ARG A 2966 -76.48 -0.74 -117.03
N TRP A 2967 -75.51 -0.77 -116.13
CA TRP A 2967 -74.39 0.15 -116.24
C TRP A 2967 -73.48 -0.18 -117.42
N MET A 2968 -73.46 -1.44 -117.85
CA MET A 2968 -72.79 -1.78 -119.11
C MET A 2968 -73.44 -1.06 -120.28
N ASP A 2969 -74.77 -1.05 -120.32
CA ASP A 2969 -75.47 -0.32 -121.37
C ASP A 2969 -75.17 1.17 -121.29
N ILE A 2970 -75.22 1.74 -120.09
CA ILE A 2970 -74.91 3.16 -119.92
C ILE A 2970 -73.49 3.44 -120.40
N SER A 2971 -72.56 2.53 -120.09
CA SER A 2971 -71.18 2.69 -120.52
C SER A 2971 -71.06 2.65 -122.03
N GLN A 2972 -71.81 1.75 -122.68
CA GLN A 2972 -71.83 1.74 -124.14
C GLN A 2972 -72.27 3.09 -124.67
N GLU A 2973 -73.32 3.66 -124.07
CA GLU A 2973 -73.82 4.95 -124.53
C GLU A 2973 -72.75 6.03 -124.40
N PHE A 2974 -72.14 6.16 -123.22
CA PHE A 2974 -71.19 7.27 -123.05
C PHE A 2974 -69.92 7.03 -123.83
N ILE A 2975 -69.54 5.76 -124.07
CA ILE A 2975 -68.36 5.48 -124.87
C ILE A 2975 -68.63 5.86 -126.32
N ALA A 2976 -69.83 5.57 -126.83
CA ALA A 2976 -70.18 5.99 -128.18
C ALA A 2976 -70.14 7.51 -128.28
N HIS A 2977 -70.67 8.20 -127.27
CA HIS A 2977 -70.64 9.66 -127.28
C HIS A 2977 -69.21 10.18 -127.28
N LEU A 2978 -68.35 9.59 -126.45
CA LEU A 2978 -66.95 10.01 -126.38
C LEU A 2978 -66.26 9.81 -127.72
N GLU A 2979 -66.51 8.67 -128.37
CA GLU A 2979 -65.92 8.41 -129.68
C GLU A 2979 -66.41 9.43 -130.69
N ALA A 2980 -67.71 9.74 -130.66
CA ALA A 2980 -68.26 10.71 -131.61
C ALA A 2980 -67.61 12.08 -131.42
N VAL A 2981 -67.45 12.52 -130.17
CA VAL A 2981 -66.90 13.84 -129.93
C VAL A 2981 -65.41 13.89 -130.26
N VAL A 2982 -64.69 12.80 -130.00
CA VAL A 2982 -63.26 12.79 -130.32
C VAL A 2982 -63.06 12.58 -131.81
N SER A 2983 -64.13 12.22 -132.53
CA SER A 2983 -64.04 12.14 -133.98
C SER A 2983 -64.35 13.49 -134.63
N SER A 2984 -65.49 14.08 -134.31
CA SER A 2984 -65.93 15.33 -134.94
C SER A 2984 -66.44 16.29 -133.88
N GLY A 2985 -65.75 17.41 -133.73
CA GLY A 2985 -66.17 18.44 -132.78
C GLY A 2985 -65.52 18.29 -131.43
N ARG A 2986 -64.63 19.22 -131.09
CA ARG A 2986 -63.94 19.18 -129.79
C ARG A 2986 -64.89 19.75 -128.75
N VAL A 2987 -65.77 18.89 -128.25
CA VAL A 2987 -66.82 19.27 -127.30
C VAL A 2987 -66.43 18.68 -125.95
N GLU A 2988 -66.10 19.54 -125.00
CA GLU A 2988 -65.63 19.12 -123.67
C GLU A 2988 -66.71 19.19 -122.60
N LYS A 2989 -67.99 19.41 -122.90
CA LYS A 2989 -69.01 19.48 -121.86
C LYS A 2989 -69.01 18.19 -121.05
N SER A 2990 -68.79 17.05 -121.72
CA SER A 2990 -68.77 15.76 -121.06
C SER A 2990 -70.05 15.58 -120.26
N PRO A 2991 -71.20 15.39 -120.92
CA PRO A 2991 -72.45 15.23 -120.17
C PRO A 2991 -72.50 13.98 -119.32
N HIS A 2992 -71.63 13.00 -119.57
CA HIS A 2992 -71.56 11.77 -118.80
C HIS A 2992 -70.27 11.65 -118.02
N GLU A 2993 -69.70 12.77 -117.57
CA GLU A 2993 -68.45 12.72 -116.81
C GLU A 2993 -68.65 11.96 -115.50
N GLN A 2994 -69.77 12.23 -114.82
CA GLN A 2994 -70.05 11.53 -113.56
C GLN A 2994 -70.22 10.04 -113.81
N GLU A 2995 -70.91 9.68 -114.90
CA GLU A 2995 -71.07 8.26 -115.22
C GLU A 2995 -69.73 7.61 -115.52
N ILE A 2996 -68.86 8.32 -116.24
CA ILE A 2996 -67.53 7.78 -116.53
C ILE A 2996 -66.77 7.53 -115.24
N LYS A 2997 -66.77 8.52 -114.34
CA LYS A 2997 -66.03 8.38 -113.09
C LYS A 2997 -66.58 7.23 -112.26
N PHE A 2998 -67.92 7.13 -112.17
CA PHE A 2998 -68.51 6.01 -111.44
C PHE A 2998 -68.06 4.68 -112.04
N PHE A 2999 -68.24 4.52 -113.34
CA PHE A 2999 -67.92 3.26 -113.99
C PHE A 2999 -66.45 2.89 -113.78
N ALA A 3000 -65.56 3.86 -113.85
CA ALA A 3000 -64.14 3.58 -113.80
C ALA A 3000 -63.59 3.46 -112.38
N LYS A 3001 -64.24 4.06 -111.39
CA LYS A 3001 -63.69 4.13 -110.04
C LYS A 3001 -64.44 3.26 -109.04
N ILE A 3002 -65.67 2.83 -109.34
CA ILE A 3002 -66.45 2.04 -108.39
C ILE A 3002 -66.75 0.69 -108.99
N LEU A 3003 -67.39 0.69 -110.17
CA LEU A 3003 -67.83 -0.58 -110.75
C LEU A 3003 -66.67 -1.51 -111.03
N LEU A 3004 -65.61 -0.99 -111.67
CA LEU A 3004 -64.50 -1.85 -112.05
C LEU A 3004 -63.81 -2.47 -110.84
N PRO A 3005 -63.39 -1.71 -109.82
CA PRO A 3005 -62.86 -2.38 -108.62
C PRO A 3005 -63.87 -3.29 -107.94
N LEU A 3006 -65.15 -2.89 -107.94
CA LEU A 3006 -66.17 -3.71 -107.31
C LEU A 3006 -66.30 -5.05 -108.02
N ILE A 3007 -66.34 -5.03 -109.36
CA ILE A 3007 -66.37 -6.28 -110.12
C ILE A 3007 -65.12 -7.09 -109.83
N ASN A 3008 -63.95 -6.44 -109.88
CA ASN A 3008 -62.69 -7.14 -109.67
C ASN A 3008 -62.70 -7.91 -108.36
N GLN A 3009 -63.10 -7.26 -107.27
CA GLN A 3009 -63.08 -7.93 -105.98
C GLN A 3009 -64.21 -8.95 -105.84
N TYR A 3010 -65.42 -8.60 -106.28
CA TYR A 3010 -66.56 -9.47 -106.05
C TYR A 3010 -66.42 -10.79 -106.80
N PHE A 3011 -66.09 -10.73 -108.09
CA PHE A 3011 -65.99 -11.96 -108.86
C PHE A 3011 -64.67 -12.67 -108.64
N THR A 3012 -63.71 -12.04 -107.97
CA THR A 3012 -62.57 -12.76 -107.43
C THR A 3012 -62.96 -13.57 -106.21
N ASN A 3013 -63.74 -12.98 -105.31
CA ASN A 3013 -64.12 -13.66 -104.08
C ASN A 3013 -65.12 -14.79 -104.33
N HIS A 3014 -66.10 -14.56 -105.20
CA HIS A 3014 -67.20 -15.49 -105.42
C HIS A 3014 -67.05 -16.25 -106.73
N CYS A 3015 -65.82 -16.58 -107.10
CA CYS A 3015 -65.60 -17.32 -108.34
C CYS A 3015 -66.22 -18.71 -108.29
N LEU A 3016 -66.07 -19.40 -107.15
CA LEU A 3016 -66.55 -20.78 -107.06
C LEU A 3016 -68.07 -20.84 -107.10
N TYR A 3017 -68.75 -19.84 -106.53
CA TYR A 3017 -70.21 -19.85 -106.53
C TYR A 3017 -70.75 -19.82 -107.94
N PHE A 3018 -70.13 -19.04 -108.83
CA PHE A 3018 -70.59 -18.93 -110.20
C PHE A 3018 -70.16 -20.09 -111.08
N LEU A 3019 -69.21 -20.90 -110.63
CA LEU A 3019 -68.75 -22.06 -111.39
C LEU A 3019 -69.35 -23.37 -110.89
N SER A 3020 -69.89 -23.41 -109.67
CA SER A 3020 -70.47 -24.63 -109.15
C SER A 3020 -71.77 -24.96 -109.88
N THR A 3021 -72.07 -26.25 -109.97
CA THR A 3021 -73.29 -26.76 -110.57
C THR A 3021 -73.97 -27.72 -109.59
N PRO A 3022 -75.25 -28.01 -109.79
CA PRO A 3022 -75.95 -28.90 -108.86
C PRO A 3022 -75.23 -30.24 -108.70
N ALA A 3023 -74.66 -30.75 -109.80
CA ALA A 3023 -73.95 -32.01 -109.73
C ALA A 3023 -72.69 -31.89 -108.88
N LYS A 3024 -71.88 -30.86 -109.13
CA LYS A 3024 -70.61 -30.67 -108.43
C LYS A 3024 -70.62 -29.28 -107.80
N VAL A 3025 -70.46 -29.24 -106.47
CA VAL A 3025 -70.47 -27.98 -105.72
C VAL A 3025 -69.01 -27.66 -105.40
N LEU A 3026 -68.40 -26.82 -106.25
CA LEU A 3026 -67.00 -26.45 -106.04
C LEU A 3026 -66.83 -25.62 -104.77
N GLY A 3027 -67.74 -24.68 -104.51
CA GLY A 3027 -67.61 -23.79 -103.38
C GLY A 3027 -68.09 -24.42 -102.08
N SER A 3028 -68.09 -23.61 -101.03
CA SER A 3028 -68.54 -24.06 -99.72
C SER A 3028 -70.00 -24.50 -99.78
N GLY A 3029 -70.88 -23.57 -100.14
CA GLY A 3029 -72.29 -23.88 -100.26
C GLY A 3029 -73.01 -22.95 -101.20
N GLY A 3030 -73.97 -23.48 -101.96
CA GLY A 3030 -74.71 -22.67 -102.91
C GLY A 3030 -74.04 -22.60 -104.26
N HIS A 3031 -74.84 -22.65 -105.32
CA HIS A 3031 -74.35 -22.56 -106.69
C HIS A 3031 -75.19 -21.56 -107.46
N ALA A 3032 -74.54 -20.84 -108.37
CA ALA A 3032 -75.25 -19.84 -109.16
C ALA A 3032 -76.30 -20.49 -110.05
N SER A 3033 -77.39 -19.77 -110.26
CA SER A 3033 -78.42 -20.26 -111.17
C SER A 3033 -78.00 -20.06 -112.62
N ASN A 3034 -78.70 -20.76 -113.51
CA ASN A 3034 -78.42 -20.60 -114.93
C ASN A 3034 -78.59 -19.16 -115.37
N LYS A 3035 -79.57 -18.46 -114.80
CA LYS A 3035 -79.76 -17.06 -115.14
C LYS A 3035 -78.56 -16.22 -114.70
N GLU A 3036 -78.03 -16.50 -113.51
CA GLU A 3036 -76.85 -15.77 -113.05
C GLU A 3036 -75.64 -16.06 -113.92
N LYS A 3037 -75.46 -17.32 -114.32
CA LYS A 3037 -74.35 -17.65 -115.21
C LYS A 3037 -74.48 -16.94 -116.55
N GLU A 3038 -75.71 -16.90 -117.09
CA GLU A 3038 -75.94 -16.19 -118.34
C GLU A 3038 -75.66 -14.70 -118.18
N MET A 3039 -76.05 -14.12 -117.05
CA MET A 3039 -75.82 -12.69 -116.82
C MET A 3039 -74.33 -12.39 -116.72
N ILE A 3040 -73.56 -13.25 -116.04
CA ILE A 3040 -72.13 -12.99 -115.94
C ILE A 3040 -71.46 -13.17 -117.30
N THR A 3041 -71.91 -14.15 -118.10
CA THR A 3041 -71.39 -14.27 -119.46
C THR A 3041 -71.69 -13.02 -120.28
N SER A 3042 -72.92 -12.51 -120.17
CA SER A 3042 -73.27 -11.28 -120.89
C SER A 3042 -72.41 -10.12 -120.42
N LEU A 3043 -72.14 -10.05 -119.12
CA LEU A 3043 -71.28 -8.99 -118.59
C LEU A 3043 -69.89 -9.07 -119.21
N PHE A 3044 -69.31 -10.27 -119.25
CA PHE A 3044 -68.00 -10.43 -119.83
C PHE A 3044 -67.99 -10.01 -121.30
N CYS A 3045 -68.97 -10.49 -122.06
CA CYS A 3045 -69.00 -10.18 -123.49
C CYS A 3045 -69.19 -8.68 -123.72
N LYS A 3046 -70.06 -8.05 -122.93
CA LYS A 3046 -70.31 -6.62 -123.10
C LYS A 3046 -69.08 -5.80 -122.74
N LEU A 3047 -68.38 -6.18 -121.67
CA LEU A 3047 -67.16 -5.45 -121.31
C LEU A 3047 -66.09 -5.62 -122.38
N ALA A 3048 -65.95 -6.83 -122.92
CA ALA A 3048 -64.98 -7.06 -123.99
C ALA A 3048 -65.30 -6.21 -125.21
N ALA A 3049 -66.58 -6.20 -125.61
CA ALA A 3049 -66.98 -5.37 -126.74
C ALA A 3049 -66.75 -3.89 -126.47
N LEU A 3050 -66.99 -3.46 -125.24
CA LEU A 3050 -66.74 -2.07 -124.87
C LEU A 3050 -65.27 -1.72 -125.05
N VAL A 3051 -64.36 -2.57 -124.57
CA VAL A 3051 -62.94 -2.24 -124.65
C VAL A 3051 -62.38 -2.48 -126.04
N ARG A 3052 -63.08 -3.22 -126.89
CA ARG A 3052 -62.58 -3.51 -128.23
C ARG A 3052 -62.15 -2.25 -128.97
N HIS A 3053 -60.87 -2.19 -129.35
CA HIS A 3053 -60.32 -1.08 -130.13
C HIS A 3053 -60.54 0.27 -129.46
N ARG A 3054 -60.66 0.29 -128.12
CA ARG A 3054 -60.92 1.52 -127.40
C ARG A 3054 -60.11 1.58 -126.11
N VAL A 3055 -58.93 0.97 -126.11
CA VAL A 3055 -58.06 1.01 -124.93
C VAL A 3055 -57.63 2.44 -124.63
N SER A 3056 -57.29 3.20 -125.67
CA SER A 3056 -56.84 4.58 -125.46
C SER A 3056 -57.95 5.42 -124.83
N LEU A 3057 -59.20 5.18 -125.22
CA LEU A 3057 -60.31 5.95 -124.66
C LEU A 3057 -60.35 5.82 -123.14
N PHE A 3058 -60.17 4.61 -122.63
CA PHE A 3058 -60.12 4.42 -121.18
C PHE A 3058 -58.81 4.90 -120.59
N GLY A 3059 -57.73 4.88 -121.35
CA GLY A 3059 -56.48 5.43 -120.86
C GLY A 3059 -55.98 4.68 -119.63
N THR A 3060 -55.83 5.38 -118.53
CA THR A 3060 -55.25 4.81 -117.31
C THR A 3060 -56.14 3.77 -116.67
N ASP A 3061 -57.41 3.67 -117.05
CA ASP A 3061 -58.30 2.64 -116.54
C ASP A 3061 -58.29 1.38 -117.40
N ALA A 3062 -57.59 1.39 -118.52
CA ALA A 3062 -57.51 0.19 -119.35
C ALA A 3062 -56.94 -1.00 -118.59
N PRO A 3063 -55.91 -0.85 -117.77
CA PRO A 3063 -55.48 -2.00 -116.95
C PRO A 3063 -56.59 -2.53 -116.06
N ALA A 3064 -57.40 -1.65 -115.48
CA ALA A 3064 -58.52 -2.11 -114.66
C ALA A 3064 -59.54 -2.88 -115.49
N VAL A 3065 -59.85 -2.39 -116.68
CA VAL A 3065 -60.79 -3.11 -117.55
C VAL A 3065 -60.25 -4.48 -117.91
N VAL A 3066 -58.96 -4.55 -118.24
CA VAL A 3066 -58.36 -5.82 -118.63
C VAL A 3066 -58.37 -6.79 -117.45
N ASN A 3067 -58.06 -6.30 -116.25
CA ASN A 3067 -58.09 -7.16 -115.07
C ASN A 3067 -59.51 -7.68 -114.81
N CYS A 3068 -60.51 -6.81 -114.94
CA CYS A 3068 -61.88 -7.26 -114.76
C CYS A 3068 -62.26 -8.31 -115.80
N LEU A 3069 -61.78 -8.14 -117.03
CA LEU A 3069 -62.04 -9.15 -118.07
C LEU A 3069 -61.39 -10.47 -117.70
N HIS A 3070 -60.15 -10.44 -117.20
CA HIS A 3070 -59.50 -11.65 -116.74
C HIS A 3070 -60.36 -12.35 -115.68
N ILE A 3071 -60.82 -11.59 -114.70
CA ILE A 3071 -61.57 -12.18 -113.58
C ILE A 3071 -62.89 -12.78 -114.07
N LEU A 3072 -63.60 -12.05 -114.92
CA LEU A 3072 -64.87 -12.56 -115.44
C LEU A 3072 -64.64 -13.81 -116.28
N ALA A 3073 -63.59 -13.82 -117.11
CA ALA A 3073 -63.30 -15.00 -117.90
C ALA A 3073 -63.00 -16.20 -117.01
N ARG A 3074 -62.25 -16.00 -115.94
CA ARG A 3074 -61.98 -17.08 -115.00
C ARG A 3074 -63.22 -17.48 -114.20
N SER A 3075 -64.25 -16.62 -114.16
CA SER A 3075 -65.49 -16.94 -113.46
C SER A 3075 -66.61 -17.37 -114.42
N LEU A 3076 -66.31 -17.55 -115.70
CA LEU A 3076 -67.31 -17.86 -116.72
C LEU A 3076 -67.64 -19.35 -116.70
N ASP A 3077 -68.94 -19.68 -116.69
CA ASP A 3077 -69.40 -21.08 -116.81
C ASP A 3077 -69.88 -21.32 -118.24
N ALA A 3078 -68.91 -21.43 -119.14
CA ALA A 3078 -69.21 -21.53 -120.57
C ALA A 3078 -69.97 -22.81 -120.90
N ARG A 3079 -69.65 -23.93 -120.24
CA ARG A 3079 -70.34 -25.18 -120.53
C ARG A 3079 -71.85 -25.02 -120.40
N THR A 3080 -72.30 -24.65 -119.19
CA THR A 3080 -73.73 -24.51 -118.96
C THR A 3080 -74.32 -23.42 -119.83
N VAL A 3081 -73.63 -22.29 -119.96
CA VAL A 3081 -74.18 -21.18 -120.72
C VAL A 3081 -74.43 -21.60 -122.16
N MET A 3082 -73.49 -22.35 -122.75
CA MET A 3082 -73.64 -22.77 -124.14
C MET A 3082 -74.64 -23.91 -124.29
N LYS A 3083 -74.73 -24.80 -123.30
CA LYS A 3083 -75.67 -25.91 -123.39
C LYS A 3083 -77.10 -25.42 -123.26
N SER A 3084 -77.43 -24.79 -122.14
CA SER A 3084 -78.80 -24.32 -121.87
C SER A 3084 -78.72 -22.83 -121.56
N GLY A 3085 -78.82 -22.00 -122.60
CA GLY A 3085 -78.78 -20.58 -122.44
C GLY A 3085 -79.50 -19.86 -123.56
N PRO A 3086 -79.93 -18.62 -123.33
CA PRO A 3086 -80.60 -17.86 -124.38
C PRO A 3086 -79.71 -17.66 -125.60
N GLU A 3087 -80.36 -17.67 -126.77
CA GLU A 3087 -79.63 -17.46 -128.02
C GLU A 3087 -78.92 -16.12 -128.00
N ILE A 3088 -79.42 -15.13 -127.25
CA ILE A 3088 -78.78 -13.82 -127.23
C ILE A 3088 -77.41 -13.91 -126.58
N VAL A 3089 -77.33 -14.55 -125.41
CA VAL A 3089 -76.05 -14.67 -124.72
C VAL A 3089 -75.13 -15.61 -125.48
N LYS A 3090 -75.67 -16.68 -126.05
CA LYS A 3090 -74.84 -17.57 -126.85
C LYS A 3090 -74.23 -16.82 -128.04
N ALA A 3091 -75.04 -16.01 -128.72
CA ALA A 3091 -74.52 -15.22 -129.83
C ALA A 3091 -73.52 -14.19 -129.35
N GLY A 3092 -73.70 -13.67 -128.14
CA GLY A 3092 -72.71 -12.75 -127.60
C GLY A 3092 -71.35 -13.40 -127.43
N LEU A 3093 -71.33 -14.61 -126.86
CA LEU A 3093 -70.07 -15.32 -126.70
C LEU A 3093 -69.46 -15.66 -128.05
N ARG A 3094 -70.29 -16.13 -128.99
CA ARG A 3094 -69.80 -16.44 -130.33
C ARG A 3094 -69.23 -15.21 -131.00
N SER A 3095 -69.87 -14.06 -130.82
CA SER A 3095 -69.37 -12.82 -131.40
C SER A 3095 -68.05 -12.42 -130.77
N PHE A 3096 -67.90 -12.62 -129.46
CA PHE A 3096 -66.61 -12.36 -128.84
C PHE A 3096 -65.52 -13.18 -129.50
N PHE A 3097 -65.76 -14.49 -129.67
CA PHE A 3097 -64.74 -15.33 -130.29
C PHE A 3097 -64.47 -14.91 -131.73
N GLU A 3098 -65.52 -14.60 -132.49
CA GLU A 3098 -65.34 -14.21 -133.88
C GLU A 3098 -64.54 -12.92 -133.99
N SER A 3099 -64.86 -11.93 -133.16
CA SER A 3099 -64.12 -10.67 -133.17
C SER A 3099 -62.67 -10.88 -132.76
N ALA A 3100 -62.43 -11.76 -131.78
CA ALA A 3100 -61.07 -12.07 -131.39
C ALA A 3100 -60.30 -12.65 -132.56
N SER A 3101 -60.91 -13.59 -133.28
CA SER A 3101 -60.23 -14.19 -134.43
C SER A 3101 -59.94 -13.15 -135.50
N GLU A 3102 -60.90 -12.27 -135.77
CA GLU A 3102 -60.70 -11.23 -136.80
C GLU A 3102 -59.57 -10.30 -136.41
N ASP A 3103 -59.55 -9.86 -135.15
CA ASP A 3103 -58.49 -8.96 -134.69
C ASP A 3103 -57.13 -9.64 -134.74
N ILE A 3104 -57.08 -10.93 -134.37
CA ILE A 3104 -55.81 -11.65 -134.44
C ILE A 3104 -55.33 -11.74 -135.88
N GLU A 3105 -56.25 -12.02 -136.82
CA GLU A 3105 -55.86 -12.09 -138.21
C GLU A 3105 -55.32 -10.75 -138.71
N LYS A 3106 -56.00 -9.66 -138.37
CA LYS A 3106 -55.53 -8.35 -138.81
C LYS A 3106 -54.17 -8.03 -138.21
N MET A 3107 -53.99 -8.34 -136.92
CA MET A 3107 -52.70 -8.10 -136.30
C MET A 3107 -51.61 -8.93 -136.96
N VAL A 3108 -51.90 -10.18 -137.30
CA VAL A 3108 -50.89 -11.04 -137.90
C VAL A 3108 -50.49 -10.52 -139.28
N GLU A 3109 -51.48 -10.17 -140.11
CA GLU A 3109 -51.16 -9.69 -141.45
C GLU A 3109 -50.43 -8.36 -141.38
N ASN A 3110 -50.81 -7.47 -140.47
CA ASN A 3110 -50.07 -6.21 -140.30
C ASN A 3110 -48.64 -6.48 -139.84
N LEU A 3111 -48.47 -7.43 -138.91
CA LEU A 3111 -47.15 -7.73 -138.38
C LEU A 3111 -46.23 -8.27 -139.47
N ARG A 3112 -46.76 -9.15 -140.32
CA ARG A 3112 -45.97 -9.66 -141.44
C ARG A 3112 -45.87 -8.64 -142.58
N LEU A 3113 -46.66 -7.57 -142.55
CA LEU A 3113 -46.57 -6.52 -143.55
C LEU A 3113 -46.75 -7.07 -144.95
N LYS A 3124 -54.15 4.75 -138.71
CA LYS A 3124 -54.33 4.66 -137.27
C LYS A 3124 -54.86 3.27 -136.89
N GLY A 3125 -55.49 2.60 -137.86
CA GLY A 3125 -56.00 1.26 -137.60
C GLY A 3125 -54.92 0.29 -137.19
N VAL A 3126 -53.74 0.41 -137.80
CA VAL A 3126 -52.64 -0.47 -137.45
C VAL A 3126 -52.29 -0.31 -135.97
N GLY A 3127 -52.12 0.93 -135.53
CA GLY A 3127 -51.80 1.16 -134.13
C GLY A 3127 -52.89 0.70 -133.20
N GLN A 3128 -54.14 1.01 -133.54
CA GLN A 3128 -55.26 0.59 -132.72
C GLN A 3128 -55.27 -0.93 -132.54
N ASN A 3129 -55.21 -1.67 -133.65
CA ASN A 3129 -55.27 -3.12 -133.56
C ASN A 3129 -54.07 -3.67 -132.82
N LEU A 3130 -52.87 -3.14 -133.08
CA LEU A 3130 -51.68 -3.67 -132.42
C LEU A 3130 -51.78 -3.47 -130.91
N THR A 3131 -52.04 -2.24 -130.47
CA THR A 3131 -52.10 -1.98 -129.04
C THR A 3131 -53.22 -2.77 -128.38
N TYR A 3132 -54.40 -2.82 -129.02
CA TYR A 3132 -55.51 -3.57 -128.43
C TYR A 3132 -55.18 -5.04 -128.31
N THR A 3133 -54.73 -5.66 -129.40
CA THR A 3133 -54.45 -7.09 -129.36
C THR A 3133 -53.34 -7.41 -128.36
N THR A 3134 -52.35 -6.53 -128.24
CA THR A 3134 -51.24 -6.81 -127.33
C THR A 3134 -51.62 -6.60 -125.88
N VAL A 3135 -52.51 -5.65 -125.59
CA VAL A 3135 -52.78 -5.30 -124.20
C VAL A 3135 -54.01 -5.99 -123.63
N ALA A 3136 -55.10 -6.10 -124.41
CA ALA A 3136 -56.36 -6.61 -123.90
C ALA A 3136 -56.70 -7.98 -124.49
N LEU A 3137 -56.71 -8.12 -125.80
CA LEU A 3137 -57.21 -9.35 -126.43
C LEU A 3137 -56.37 -10.56 -126.07
N LEU A 3138 -55.10 -10.55 -126.45
CA LEU A 3138 -54.26 -11.74 -126.25
C LEU A 3138 -54.21 -12.19 -124.81
N PRO A 3139 -53.97 -11.33 -123.82
CA PRO A 3139 -54.05 -11.80 -122.42
C PRO A 3139 -55.42 -12.36 -122.06
N VAL A 3140 -56.49 -11.66 -122.42
CA VAL A 3140 -57.83 -12.13 -122.08
C VAL A 3140 -58.16 -13.42 -122.81
N LEU A 3141 -57.79 -13.51 -124.09
CA LEU A 3141 -58.03 -14.74 -124.83
C LEU A 3141 -57.26 -15.91 -124.23
N THR A 3142 -56.01 -15.67 -123.84
CA THR A 3142 -55.21 -16.72 -123.20
C THR A 3142 -55.87 -17.16 -121.89
N THR A 3143 -56.33 -16.21 -121.09
CA THR A 3143 -56.99 -16.55 -119.83
C THR A 3143 -58.25 -17.38 -120.09
N LEU A 3144 -59.05 -16.99 -121.08
CA LEU A 3144 -60.28 -17.72 -121.38
C LEU A 3144 -59.97 -19.13 -121.84
N PHE A 3145 -58.98 -19.29 -122.73
CA PHE A 3145 -58.63 -20.62 -123.20
C PHE A 3145 -58.10 -21.48 -122.06
N GLN A 3146 -57.28 -20.89 -121.18
CA GLN A 3146 -56.77 -21.65 -120.04
C GLN A 3146 -57.91 -22.09 -119.12
N HIS A 3147 -58.87 -21.19 -118.88
CA HIS A 3147 -60.01 -21.55 -118.04
C HIS A 3147 -60.80 -22.69 -118.67
N ILE A 3148 -61.06 -22.60 -119.97
CA ILE A 3148 -61.81 -23.66 -120.66
C ILE A 3148 -61.07 -24.98 -120.56
N ALA A 3149 -59.77 -24.97 -120.83
CA ALA A 3149 -58.99 -26.20 -120.78
C ALA A 3149 -58.96 -26.79 -119.37
N GLN A 3150 -58.79 -25.94 -118.36
CA GLN A 3150 -58.71 -26.43 -116.99
C GLN A 3150 -60.03 -27.03 -116.53
N HIS A 3151 -61.16 -26.44 -116.93
CA HIS A 3151 -62.46 -26.93 -116.52
C HIS A 3151 -63.07 -27.92 -117.51
N GLN A 3152 -62.34 -28.29 -118.56
CA GLN A 3152 -62.80 -29.30 -119.51
C GLN A 3152 -64.05 -28.85 -120.25
N PHE A 3153 -64.15 -27.54 -120.50
CA PHE A 3153 -65.26 -26.96 -121.23
C PHE A 3153 -65.04 -27.00 -122.74
N GLY A 3154 -63.89 -27.52 -123.20
CA GLY A 3154 -63.59 -27.46 -124.62
C GLY A 3154 -64.58 -28.23 -125.48
N ASP A 3155 -64.95 -29.43 -125.05
CA ASP A 3155 -65.84 -30.27 -125.85
C ASP A 3155 -67.26 -29.73 -125.89
N ASP A 3156 -67.62 -28.81 -125.00
CA ASP A 3156 -68.96 -28.25 -124.96
C ASP A 3156 -69.04 -26.81 -125.43
N VAL A 3157 -67.94 -26.07 -125.42
CA VAL A 3157 -67.93 -24.66 -125.78
C VAL A 3157 -67.43 -24.45 -127.21
N ILE A 3158 -66.30 -25.07 -127.55
CA ILE A 3158 -65.67 -24.83 -128.84
C ILE A 3158 -66.25 -25.78 -129.87
N LEU A 3159 -67.39 -25.40 -130.45
CA LEU A 3159 -68.07 -26.18 -131.47
C LEU A 3159 -68.68 -25.24 -132.50
N ASP A 3160 -68.86 -25.77 -133.71
CA ASP A 3160 -69.50 -25.01 -134.78
C ASP A 3160 -68.80 -23.67 -135.00
N ASP A 3161 -69.52 -22.56 -134.85
CA ASP A 3161 -68.95 -21.25 -135.17
C ASP A 3161 -67.76 -20.93 -134.28
N VAL A 3162 -67.85 -21.27 -133.00
CA VAL A 3162 -66.73 -21.06 -132.09
C VAL A 3162 -65.54 -21.89 -132.55
N GLN A 3163 -65.79 -23.12 -133.01
CA GLN A 3163 -64.71 -23.95 -133.52
C GLN A 3163 -64.05 -23.31 -134.74
N VAL A 3164 -64.85 -22.75 -135.65
CA VAL A 3164 -64.29 -22.09 -136.83
C VAL A 3164 -63.45 -20.89 -136.42
N SER A 3165 -63.94 -20.09 -135.49
CA SER A 3165 -63.19 -18.92 -135.05
C SER A 3165 -61.88 -19.32 -134.40
N CYS A 3166 -61.91 -20.36 -133.56
CA CYS A 3166 -60.68 -20.84 -132.93
C CYS A 3166 -59.73 -21.43 -133.96
N TYR A 3167 -60.26 -22.12 -134.96
CA TYR A 3167 -59.44 -22.59 -136.07
C TYR A 3167 -58.71 -21.43 -136.72
N ARG A 3168 -59.43 -20.35 -137.02
CA ARG A 3168 -58.80 -19.20 -137.65
C ARG A 3168 -57.72 -18.59 -136.76
N THR A 3169 -58.03 -18.42 -135.48
CA THR A 3169 -57.04 -17.85 -134.56
C THR A 3169 -55.78 -18.71 -134.51
N LEU A 3170 -55.94 -20.01 -134.32
CA LEU A 3170 -54.78 -20.91 -134.26
C LEU A 3170 -54.00 -20.88 -135.56
N CYS A 3171 -54.70 -20.93 -136.69
CA CYS A 3171 -54.07 -21.11 -137.98
C CYS A 3171 -53.42 -19.82 -138.47
N SER A 3172 -53.77 -18.68 -137.87
CA SER A 3172 -53.07 -17.43 -138.11
C SER A 3172 -51.88 -17.24 -137.17
N ILE A 3173 -52.05 -17.57 -135.89
CA ILE A 3173 -50.93 -17.48 -134.97
C ILE A 3173 -49.79 -18.37 -135.43
N TYR A 3174 -50.11 -19.60 -135.86
CA TYR A 3174 -49.07 -20.46 -136.40
C TYR A 3174 -48.50 -19.91 -137.70
N SER A 3175 -49.36 -19.39 -138.59
CA SER A 3175 -48.87 -18.84 -139.83
C SER A 3175 -47.88 -17.71 -139.59
N LEU A 3176 -47.98 -17.05 -138.44
CA LEU A 3176 -46.99 -16.04 -138.07
C LEU A 3176 -45.70 -16.71 -137.63
N GLY A 3177 -45.07 -17.46 -138.53
CA GLY A 3177 -43.85 -18.16 -138.22
C GLY A 3177 -42.84 -18.15 -139.36
N THR A 3178 -43.19 -17.47 -140.45
CA THR A 3178 -42.31 -17.37 -141.62
C THR A 3178 -41.71 -15.98 -141.75
N THR A 3179 -41.75 -15.18 -140.69
CA THR A 3179 -41.25 -13.81 -140.71
C THR A 3179 -40.18 -13.63 -139.63
N ARG A 3180 -39.50 -12.49 -139.70
CA ARG A 3180 -38.41 -12.21 -138.76
C ARG A 3180 -38.41 -10.76 -138.29
N ASN A 3181 -39.56 -10.08 -138.30
CA ASN A 3181 -39.59 -8.68 -137.91
C ASN A 3181 -39.24 -8.54 -136.43
N PRO A 3182 -38.63 -7.43 -136.02
CA PRO A 3182 -38.38 -7.23 -134.59
C PRO A 3182 -39.67 -7.22 -133.78
N TYR A 3183 -40.74 -6.72 -134.38
CA TYR A 3183 -42.04 -6.74 -133.71
C TYR A 3183 -42.48 -8.17 -133.44
N VAL A 3184 -42.33 -9.05 -134.43
CA VAL A 3184 -42.66 -10.45 -134.25
C VAL A 3184 -41.77 -11.06 -133.17
N GLU A 3185 -40.49 -10.68 -133.17
CA GLU A 3185 -39.58 -11.21 -132.17
C GLU A 3185 -40.05 -10.86 -130.76
N LYS A 3186 -40.53 -9.63 -130.56
CA LYS A 3186 -41.01 -9.19 -129.26
C LYS A 3186 -42.36 -9.79 -128.89
N LEU A 3187 -43.23 -10.05 -129.87
CA LEU A 3187 -44.57 -10.57 -129.59
C LEU A 3187 -44.66 -12.08 -129.59
N ARG A 3188 -43.59 -12.79 -129.95
CA ARG A 3188 -43.67 -14.25 -130.02
C ARG A 3188 -44.07 -14.90 -128.71
N PRO A 3189 -43.56 -14.50 -127.54
CA PRO A 3189 -43.93 -15.20 -126.30
C PRO A 3189 -45.43 -15.20 -126.02
N ALA A 3190 -46.10 -14.05 -126.18
CA ALA A 3190 -47.53 -13.98 -125.94
C ALA A 3190 -48.31 -14.84 -126.92
N LEU A 3191 -47.93 -14.80 -128.19
CA LEU A 3191 -48.57 -15.65 -129.18
C LEU A 3191 -48.38 -17.13 -128.84
N GLY A 3192 -47.19 -17.50 -128.39
CA GLY A 3192 -46.95 -18.88 -128.01
C GLY A 3192 -47.80 -19.32 -126.84
N GLU A 3193 -47.92 -18.47 -125.81
CA GLU A 3193 -48.77 -18.81 -124.69
C GLU A 3193 -50.22 -18.95 -125.11
N CYS A 3194 -50.71 -18.03 -125.94
CA CYS A 3194 -52.08 -18.11 -126.43
C CYS A 3194 -52.30 -19.39 -127.22
N LEU A 3195 -51.34 -19.74 -128.08
CA LEU A 3195 -51.48 -20.96 -128.89
C LEU A 3195 -51.44 -22.20 -128.01
N ALA A 3196 -50.61 -22.20 -126.96
CA ALA A 3196 -50.58 -23.33 -126.06
C ALA A 3196 -51.92 -23.52 -125.36
N ARG A 3197 -52.50 -22.43 -124.86
CA ARG A 3197 -53.81 -22.54 -124.22
C ARG A 3197 -54.88 -22.98 -125.22
N LEU A 3198 -54.84 -22.46 -126.44
CA LEU A 3198 -55.80 -22.85 -127.45
C LEU A 3198 -55.66 -24.32 -127.80
N ALA A 3199 -54.43 -24.82 -127.90
CA ALA A 3199 -54.23 -26.24 -128.19
C ALA A 3199 -54.72 -27.10 -127.04
N ALA A 3200 -54.54 -26.64 -125.80
CA ALA A 3200 -55.09 -27.36 -124.67
C ALA A 3200 -56.60 -27.42 -124.72
N ALA A 3201 -57.25 -26.32 -125.10
CA ALA A 3201 -58.71 -26.24 -125.05
C ALA A 3201 -59.41 -26.82 -126.26
N MET A 3202 -58.74 -26.90 -127.41
CA MET A 3202 -59.37 -27.33 -128.64
C MET A 3202 -59.88 -28.77 -128.52
N PRO A 3203 -61.14 -29.04 -128.88
CA PRO A 3203 -61.66 -30.42 -128.85
C PRO A 3203 -61.42 -31.23 -130.11
N VAL A 3204 -60.68 -30.71 -131.09
CA VAL A 3204 -60.40 -31.42 -132.33
C VAL A 3204 -58.89 -31.54 -132.49
N ALA A 3205 -58.44 -32.75 -132.86
CA ALA A 3205 -57.02 -32.99 -133.09
C ALA A 3205 -56.60 -32.36 -134.41
N PHE A 3206 -56.31 -31.06 -134.39
CA PHE A 3206 -55.99 -30.35 -135.62
C PHE A 3206 -54.66 -30.78 -136.23
N LEU A 3207 -53.83 -31.50 -135.49
CA LEU A 3207 -52.58 -32.02 -136.03
C LEU A 3207 -52.73 -33.43 -136.60
N GLU A 3208 -53.91 -34.04 -136.47
CA GLU A 3208 -54.17 -35.38 -136.97
C GLU A 3208 -55.48 -35.39 -137.73
N PRO A 3209 -55.55 -34.63 -138.84
CA PRO A 3209 -56.81 -34.60 -139.60
C PRO A 3209 -57.22 -35.95 -140.15
N GLU A 3210 -56.28 -36.86 -140.38
CA GLU A 3210 -56.61 -38.15 -140.98
C GLU A 3210 -57.62 -38.92 -140.14
N LEU A 3211 -57.58 -38.75 -138.82
CA LEU A 3211 -58.46 -39.46 -137.90
C LEU A 3211 -59.65 -38.62 -137.45
N ASN A 3212 -59.90 -37.48 -138.11
CA ASN A 3212 -60.96 -36.59 -137.67
C ASN A 3212 -62.33 -37.25 -137.77
N GLU A 3213 -62.46 -38.29 -138.59
CA GLU A 3213 -63.77 -38.92 -138.78
C GLU A 3213 -64.29 -39.54 -137.49
N TYR A 3214 -63.40 -39.89 -136.56
CA TYR A 3214 -63.79 -40.52 -135.31
C TYR A 3214 -64.03 -39.51 -134.19
N ASN A 3215 -64.20 -38.23 -134.53
CA ASN A 3215 -64.38 -37.17 -133.54
C ASN A 3215 -65.81 -36.68 -133.58
N ALA A 3216 -66.49 -36.75 -132.44
CA ALA A 3216 -67.87 -36.28 -132.33
C ALA A 3216 -67.98 -34.78 -132.11
N CYS A 3217 -66.87 -34.11 -131.78
CA CYS A 3217 -66.87 -32.68 -131.57
C CYS A 3217 -66.50 -31.89 -132.82
N SER A 3218 -65.89 -32.53 -133.81
CA SER A 3218 -65.48 -31.82 -135.02
C SER A 3218 -66.70 -31.24 -135.72
N VAL A 3219 -66.52 -30.05 -136.31
CA VAL A 3219 -67.61 -29.42 -137.03
C VAL A 3219 -68.03 -30.27 -138.23
N TYR A 3220 -67.07 -30.94 -138.86
CA TYR A 3220 -67.39 -31.77 -140.01
C TYR A 3220 -68.27 -32.95 -139.65
N THR A 3221 -68.39 -33.27 -138.37
CA THR A 3221 -69.33 -34.29 -137.89
C THR A 3221 -70.59 -33.69 -137.31
N THR A 3222 -70.47 -32.58 -136.57
CA THR A 3222 -71.63 -31.94 -135.97
C THR A 3222 -72.57 -31.39 -137.04
N LYS A 3223 -72.01 -30.79 -138.09
CA LYS A 3223 -72.80 -30.16 -139.14
C LYS A 3223 -72.83 -31.05 -140.37
N SER A 3224 -74.01 -31.19 -140.96
CA SER A 3224 -74.18 -32.03 -142.13
C SER A 3224 -73.50 -31.39 -143.35
N PRO A 3225 -73.19 -32.19 -144.37
CA PRO A 3225 -72.58 -31.61 -145.58
C PRO A 3225 -73.44 -30.55 -146.22
N ARG A 3226 -74.77 -30.63 -146.08
CA ARG A 3226 -75.61 -29.55 -146.58
C ARG A 3226 -75.27 -28.24 -145.88
N GLU A 3227 -75.04 -28.31 -144.56
CA GLU A 3227 -74.41 -27.21 -143.86
C GLU A 3227 -72.92 -27.26 -144.15
N ARG A 3228 -72.16 -26.26 -143.68
CA ARG A 3228 -70.74 -26.14 -143.96
C ARG A 3228 -70.51 -25.69 -145.40
N ALA A 3229 -71.58 -25.65 -146.19
CA ALA A 3229 -71.53 -24.97 -147.49
C ALA A 3229 -72.29 -23.66 -147.43
N ILE A 3230 -73.29 -23.58 -146.54
CA ILE A 3230 -73.90 -22.29 -146.22
C ILE A 3230 -72.83 -21.35 -145.67
N LEU A 3231 -71.94 -21.88 -144.84
CA LEU A 3231 -70.75 -21.14 -144.42
C LEU A 3231 -69.65 -21.31 -145.47
N GLY A 3232 -68.45 -20.86 -145.15
CA GLY A 3232 -67.34 -20.95 -146.08
C GLY A 3232 -66.42 -22.11 -145.79
N LEU A 3233 -66.90 -23.09 -145.05
CA LEU A 3233 -66.05 -24.17 -144.59
C LEU A 3233 -65.50 -24.95 -145.78
N PRO A 3234 -64.20 -25.23 -145.83
CA PRO A 3234 -63.66 -26.05 -146.92
C PRO A 3234 -64.33 -27.42 -146.95
N ASN A 3235 -63.99 -28.19 -147.99
CA ASN A 3235 -64.60 -29.50 -148.15
C ASN A 3235 -64.08 -30.48 -147.11
N SER A 3236 -62.85 -30.30 -146.64
CA SER A 3236 -62.21 -31.26 -145.75
C SER A 3236 -61.49 -30.57 -144.59
N VAL A 3237 -61.46 -31.29 -143.46
CA VAL A 3237 -60.71 -30.80 -142.30
C VAL A 3237 -59.25 -30.65 -142.65
N GLU A 3238 -58.75 -31.43 -143.60
CA GLU A 3238 -57.39 -31.23 -144.07
C GLU A 3238 -57.21 -29.84 -144.66
N GLU A 3239 -58.19 -29.36 -145.43
CA GLU A 3239 -58.13 -28.02 -146.01
C GLU A 3239 -58.61 -26.95 -145.04
N MET A 3240 -59.09 -27.32 -143.86
CA MET A 3240 -59.40 -26.32 -142.82
C MET A 3240 -58.32 -25.24 -142.81
N CYS A 3241 -57.07 -25.64 -142.61
CA CYS A 3241 -55.94 -24.82 -143.03
C CYS A 3241 -54.73 -25.74 -143.17
N PRO A 3242 -54.05 -25.76 -144.32
CA PRO A 3242 -52.99 -26.76 -144.52
C PRO A 3242 -51.61 -26.29 -144.14
N ASP A 3243 -51.51 -25.11 -143.52
CA ASP A 3243 -50.21 -24.52 -143.20
C ASP A 3243 -49.63 -25.03 -141.89
N ILE A 3244 -50.34 -25.86 -141.16
CA ILE A 3244 -49.84 -26.47 -139.93
C ILE A 3244 -49.44 -27.91 -140.26
N PRO A 3245 -48.17 -28.27 -140.16
CA PRO A 3245 -47.78 -29.66 -140.48
C PRO A 3245 -48.43 -30.65 -139.54
N VAL A 3246 -48.66 -31.86 -140.06
CA VAL A 3246 -49.26 -32.92 -139.24
C VAL A 3246 -48.32 -33.28 -138.10
N LEU A 3247 -48.86 -34.04 -137.15
CA LEU A 3247 -48.10 -34.37 -135.94
C LEU A 3247 -46.80 -35.08 -136.27
N GLU A 3248 -46.85 -36.05 -137.19
CA GLU A 3248 -45.65 -36.78 -137.55
C GLU A 3248 -44.58 -35.86 -138.12
N ARG A 3249 -44.99 -34.97 -139.03
CA ARG A 3249 -44.03 -34.05 -139.64
C ARG A 3249 -43.44 -33.11 -138.59
N LEU A 3250 -44.28 -32.60 -137.69
CA LEU A 3250 -43.78 -31.69 -136.66
C LEU A 3250 -42.79 -32.39 -135.74
N MET A 3251 -43.11 -33.60 -135.31
CA MET A 3251 -42.20 -34.34 -134.45
C MET A 3251 -40.89 -34.64 -135.17
N ALA A 3252 -40.97 -35.02 -136.45
CA ALA A 3252 -39.76 -35.29 -137.21
C ALA A 3252 -38.90 -34.03 -137.32
N GLU A 3253 -39.53 -32.89 -137.60
CA GLU A 3253 -38.76 -31.64 -137.72
C GLU A 3253 -38.10 -31.28 -136.40
N ILE A 3254 -38.83 -31.39 -135.30
CA ILE A 3254 -38.27 -31.02 -134.00
C ILE A 3254 -37.10 -31.96 -133.66
N GLY A 3255 -37.27 -33.25 -133.87
CA GLY A 3255 -36.19 -34.18 -133.61
C GLY A 3255 -34.98 -33.91 -134.47
N GLY A 3256 -35.21 -33.66 -135.77
CA GLY A 3256 -34.09 -33.36 -136.65
C GLY A 3256 -33.32 -32.13 -136.22
N LEU A 3257 -34.05 -31.07 -135.84
CA LEU A 3257 -33.39 -29.86 -135.37
C LEU A 3257 -32.60 -30.13 -134.10
N ALA A 3258 -33.20 -30.87 -133.15
CA ALA A 3258 -32.52 -31.13 -131.89
C ALA A 3258 -31.23 -31.91 -132.12
N GLU A 3259 -31.28 -32.93 -132.97
CA GLU A 3259 -30.08 -33.69 -133.30
C GLU A 3259 -29.06 -32.81 -134.02
N SER A 3260 -29.52 -31.95 -134.93
CA SER A 3260 -28.59 -31.07 -135.64
C SER A 3260 -27.91 -30.10 -134.70
N GLY A 3261 -28.55 -29.76 -133.59
CA GLY A 3261 -27.93 -28.86 -132.63
C GLY A 3261 -28.10 -27.39 -132.93
N ALA A 3262 -29.14 -27.02 -133.67
CA ALA A 3262 -29.35 -25.62 -134.02
C ALA A 3262 -29.53 -24.78 -132.75
N ARG A 3263 -29.52 -23.47 -132.94
CA ARG A 3263 -29.63 -22.50 -131.85
C ARG A 3263 -30.94 -21.74 -131.94
N TYR A 3264 -31.29 -21.08 -130.83
CA TYR A 3264 -32.53 -20.32 -130.79
C TYR A 3264 -32.59 -19.31 -131.93
N THR A 3265 -31.45 -18.74 -132.32
CA THR A 3265 -31.44 -17.81 -133.45
C THR A 3265 -31.87 -18.51 -134.72
N GLU A 3266 -31.60 -19.80 -134.85
CA GLU A 3266 -32.02 -20.57 -136.02
C GLU A 3266 -33.44 -21.11 -135.88
N MET A 3267 -33.95 -21.23 -134.65
CA MET A 3267 -35.30 -21.77 -134.41
C MET A 3267 -36.06 -20.86 -133.46
N PRO A 3268 -36.33 -19.61 -133.87
CA PRO A 3268 -37.15 -18.74 -133.00
C PRO A 3268 -38.59 -19.18 -132.92
N HIS A 3269 -39.18 -19.57 -134.05
CA HIS A 3269 -40.59 -19.93 -134.07
C HIS A 3269 -40.83 -21.26 -133.37
N VAL A 3270 -39.96 -22.24 -133.61
CA VAL A 3270 -40.19 -23.58 -133.07
C VAL A 3270 -40.12 -23.56 -131.55
N ILE A 3271 -39.21 -22.76 -131.00
CA ILE A 3271 -39.03 -22.76 -129.54
C ILE A 3271 -40.13 -21.98 -128.85
N GLU A 3272 -40.68 -20.94 -129.48
CA GLU A 3272 -41.61 -20.06 -128.81
C GLU A 3272 -43.06 -20.34 -129.14
N ILE A 3273 -43.36 -21.04 -130.24
CA ILE A 3273 -44.73 -21.26 -130.67
C ILE A 3273 -45.00 -22.75 -130.79
N THR A 3274 -44.24 -23.43 -131.64
CA THR A 3274 -44.52 -24.83 -131.94
C THR A 3274 -44.38 -25.70 -130.69
N LEU A 3275 -43.24 -25.60 -130.01
CA LEU A 3275 -43.03 -26.45 -128.84
C LEU A 3275 -44.03 -26.18 -127.73
N PRO A 3276 -44.30 -24.93 -127.35
CA PRO A 3276 -45.37 -24.70 -126.36
C PRO A 3276 -46.71 -25.26 -126.79
N MET A 3277 -47.05 -25.16 -128.09
CA MET A 3277 -48.31 -25.71 -128.56
C MET A 3277 -48.34 -27.22 -128.45
N LEU A 3278 -47.22 -27.88 -128.79
CA LEU A 3278 -47.17 -29.33 -128.69
C LEU A 3278 -47.21 -29.81 -127.24
N CYS A 3279 -46.56 -29.09 -126.34
CA CYS A 3279 -46.56 -29.44 -124.93
C CYS A 3279 -47.94 -29.41 -124.31
N SER A 3280 -48.89 -28.72 -124.92
CA SER A 3280 -50.28 -28.75 -124.50
C SER A 3280 -51.15 -29.66 -125.34
N TYR A 3281 -50.82 -29.84 -126.62
CA TYR A 3281 -51.58 -30.72 -127.49
C TYR A 3281 -51.39 -32.18 -127.09
N LEU A 3282 -50.14 -32.61 -126.89
CA LEU A 3282 -49.89 -34.03 -126.62
C LEU A 3282 -50.52 -34.49 -125.32
N PRO A 3283 -50.36 -33.79 -124.20
CA PRO A 3283 -51.02 -34.27 -122.96
C PRO A 3283 -52.52 -34.39 -123.08
N ARG A 3284 -53.17 -33.46 -123.79
CA ARG A 3284 -54.62 -33.52 -123.90
C ARG A 3284 -55.08 -34.74 -124.66
N TRP A 3285 -54.42 -35.08 -125.76
CA TRP A 3285 -54.84 -36.17 -126.62
C TRP A 3285 -54.27 -37.51 -126.19
N TRP A 3286 -53.29 -37.53 -125.29
CA TRP A 3286 -52.87 -38.80 -124.73
C TRP A 3286 -53.97 -39.41 -123.87
N GLU A 3287 -54.75 -38.57 -123.18
CA GLU A 3287 -55.83 -39.05 -122.34
C GLU A 3287 -57.01 -39.57 -123.16
N ARG A 3288 -57.11 -39.19 -124.43
CA ARG A 3288 -58.24 -39.56 -125.27
C ARG A 3288 -57.84 -40.45 -126.44
N GLY A 3289 -56.56 -40.79 -126.57
CA GLY A 3289 -56.10 -41.66 -127.62
C GLY A 3289 -55.85 -43.06 -127.13
N PRO A 3290 -55.15 -43.86 -127.92
CA PRO A 3290 -54.79 -45.21 -127.46
C PRO A 3290 -53.83 -45.14 -126.29
N GLU A 3291 -53.79 -46.22 -125.52
CA GLU A 3291 -52.95 -46.33 -124.34
C GLU A 3291 -53.48 -45.50 -123.17
N ALA A 3292 -54.69 -44.96 -123.29
CA ALA A 3292 -55.28 -44.20 -122.21
C ALA A 3292 -56.07 -45.12 -121.29
N PRO A 3293 -56.23 -44.76 -120.01
CA PRO A 3293 -57.08 -45.55 -119.12
C PRO A 3293 -58.43 -45.81 -119.76
N PRO A 3294 -58.77 -47.06 -120.04
CA PRO A 3294 -60.08 -47.36 -120.65
C PRO A 3294 -61.13 -47.76 -119.61
N PRO A 3295 -61.68 -46.82 -118.83
CA PRO A 3295 -62.88 -47.18 -118.06
C PRO A 3295 -64.15 -47.12 -118.88
N ALA A 3296 -64.22 -46.22 -119.87
CA ALA A 3296 -65.37 -46.10 -120.75
C ALA A 3296 -65.22 -46.89 -122.04
N LEU A 3297 -64.07 -47.49 -122.28
CA LEU A 3297 -63.88 -48.28 -123.50
C LEU A 3297 -64.90 -49.38 -123.63
N PRO A 3298 -65.27 -50.13 -122.58
CA PRO A 3298 -66.28 -51.18 -122.76
C PRO A 3298 -67.57 -50.66 -123.38
N ALA A 3299 -68.00 -49.46 -123.00
CA ALA A 3299 -69.13 -48.84 -123.67
C ALA A 3299 -68.79 -48.61 -125.14
N GLY A 3300 -69.74 -48.93 -126.01
CA GLY A 3300 -69.51 -48.81 -127.45
C GLY A 3300 -68.98 -47.45 -127.83
N ALA A 3301 -67.72 -47.40 -128.28
CA ALA A 3301 -67.08 -46.16 -128.68
C ALA A 3301 -66.28 -46.40 -129.95
N PRO A 3302 -66.11 -45.38 -130.78
CA PRO A 3302 -65.31 -45.54 -132.00
C PRO A 3302 -63.83 -45.56 -131.67
N PRO A 3303 -62.97 -45.87 -132.64
CA PRO A 3303 -61.53 -45.79 -132.40
C PRO A 3303 -61.11 -44.36 -132.10
N PRO A 3304 -60.08 -44.17 -131.28
CA PRO A 3304 -59.69 -42.79 -130.91
C PRO A 3304 -59.33 -41.96 -132.14
N CYS A 3305 -59.66 -40.68 -132.07
CA CYS A 3305 -59.38 -39.75 -133.15
C CYS A 3305 -57.94 -39.27 -133.15
N THR A 3306 -57.09 -39.82 -132.28
CA THR A 3306 -55.69 -39.42 -132.19
C THR A 3306 -54.82 -40.66 -132.03
N ALA A 3307 -53.55 -40.51 -132.39
CA ALA A 3307 -52.57 -41.57 -132.28
C ALA A 3307 -51.52 -41.28 -131.21
N VAL A 3308 -51.78 -40.32 -130.32
CA VAL A 3308 -50.79 -39.93 -129.33
C VAL A 3308 -50.63 -41.05 -128.31
N THR A 3309 -49.38 -41.41 -128.03
CA THR A 3309 -49.03 -42.38 -127.01
C THR A 3309 -47.92 -41.80 -126.14
N SER A 3310 -47.58 -42.54 -125.08
CA SER A 3310 -46.50 -42.11 -124.20
C SER A 3310 -45.20 -41.93 -124.97
N ASP A 3311 -45.03 -42.65 -126.08
CA ASP A 3311 -43.81 -42.50 -126.88
C ASP A 3311 -43.68 -41.09 -127.42
N HIS A 3312 -44.79 -40.50 -127.87
CA HIS A 3312 -44.75 -39.13 -128.39
C HIS A 3312 -44.29 -38.16 -127.33
N LEU A 3313 -44.87 -38.26 -126.12
CA LEU A 3313 -44.50 -37.35 -125.05
C LEU A 3313 -43.04 -37.56 -124.64
N ASN A 3314 -42.59 -38.81 -124.57
CA ASN A 3314 -41.20 -39.07 -124.23
C ASN A 3314 -40.26 -38.47 -125.27
N SER A 3315 -40.59 -38.63 -126.55
CA SER A 3315 -39.74 -38.07 -127.60
C SER A 3315 -39.71 -36.55 -127.51
N LEU A 3316 -40.86 -35.93 -127.27
CA LEU A 3316 -40.90 -34.47 -127.17
C LEU A 3316 -40.06 -33.99 -125.99
N LEU A 3317 -40.17 -34.67 -124.85
CA LEU A 3317 -39.37 -34.28 -123.69
C LEU A 3317 -37.88 -34.43 -123.97
N GLY A 3318 -37.51 -35.54 -124.61
CA GLY A 3318 -36.11 -35.72 -124.96
C GLY A 3318 -35.60 -34.64 -125.90
N ASN A 3319 -36.43 -34.28 -126.88
CA ASN A 3319 -36.04 -33.23 -127.81
C ASN A 3319 -35.88 -31.89 -127.11
N ILE A 3320 -36.80 -31.58 -126.19
CA ILE A 3320 -36.70 -30.32 -125.45
C ILE A 3320 -35.42 -30.30 -124.63
N LEU A 3321 -35.11 -31.40 -123.95
CA LEU A 3321 -33.89 -31.48 -123.18
C LEU A 3321 -32.67 -31.29 -124.07
N ARG A 3322 -32.67 -31.93 -125.24
CA ARG A 3322 -31.55 -31.79 -126.16
C ARG A 3322 -31.41 -30.36 -126.64
N ILE A 3323 -32.52 -29.67 -126.90
CA ILE A 3323 -32.46 -28.29 -127.35
C ILE A 3323 -31.86 -27.40 -126.26
N ILE A 3324 -32.31 -27.59 -125.01
CA ILE A 3324 -31.75 -26.82 -123.91
C ILE A 3324 -30.26 -27.11 -123.78
N VAL A 3325 -29.87 -28.37 -123.93
CA VAL A 3325 -28.45 -28.73 -123.84
C VAL A 3325 -27.67 -28.02 -124.95
N ASN A 3326 -28.20 -28.03 -126.17
CA ASN A 3326 -27.53 -27.37 -127.28
C ASN A 3326 -27.37 -25.88 -127.04
N ASN A 3327 -28.34 -25.25 -126.38
CA ASN A 3327 -28.28 -23.82 -126.12
C ASN A 3327 -27.70 -23.50 -124.75
N LEU A 3328 -27.15 -24.50 -124.06
CA LEU A 3328 -26.47 -24.28 -122.80
C LEU A 3328 -25.28 -23.35 -123.00
N GLY A 3329 -25.08 -22.43 -122.05
CA GLY A 3329 -23.93 -21.56 -122.04
C GLY A 3329 -24.10 -20.27 -122.81
N ILE A 3330 -25.20 -20.10 -123.53
CA ILE A 3330 -25.40 -18.86 -124.29
C ILE A 3330 -25.55 -17.70 -123.31
N ASP A 3331 -25.01 -16.55 -123.69
CA ASP A 3331 -25.01 -15.40 -122.79
C ASP A 3331 -26.44 -14.97 -122.46
N GLU A 3332 -27.30 -14.90 -123.46
CA GLU A 3332 -28.67 -14.42 -123.30
C GLU A 3332 -29.64 -15.46 -123.84
N ALA A 3333 -30.42 -16.07 -122.94
CA ALA A 3333 -31.50 -16.94 -123.35
C ALA A 3333 -32.64 -16.89 -122.33
N SER A 3334 -33.62 -16.01 -122.56
CA SER A 3334 -34.77 -15.93 -121.67
C SER A 3334 -35.86 -16.94 -122.03
N TRP A 3335 -35.78 -17.54 -123.22
CA TRP A 3335 -36.77 -18.53 -123.62
C TRP A 3335 -36.64 -19.84 -122.85
N MET A 3336 -35.51 -20.05 -122.17
CA MET A 3336 -35.30 -21.32 -121.47
C MET A 3336 -36.32 -21.52 -120.37
N LYS A 3337 -36.58 -20.49 -119.57
CA LYS A 3337 -37.54 -20.62 -118.48
C LYS A 3337 -38.94 -20.88 -119.00
N ARG A 3338 -39.34 -20.17 -120.07
CA ARG A 3338 -40.66 -20.40 -120.65
C ARG A 3338 -40.78 -21.81 -121.18
N LEU A 3339 -39.74 -22.30 -121.87
CA LEU A 3339 -39.78 -23.66 -122.40
C LEU A 3339 -39.87 -24.68 -121.28
N ALA A 3340 -39.12 -24.48 -120.20
CA ALA A 3340 -39.18 -25.41 -119.08
C ALA A 3340 -40.57 -25.42 -118.45
N VAL A 3341 -41.17 -24.24 -118.27
CA VAL A 3341 -42.50 -24.16 -117.70
C VAL A 3341 -43.51 -24.85 -118.60
N PHE A 3342 -43.38 -24.68 -119.92
CA PHE A 3342 -44.31 -25.32 -120.84
C PHE A 3342 -44.11 -26.83 -120.88
N ALA A 3343 -42.88 -27.30 -120.71
CA ALA A 3343 -42.60 -28.73 -120.79
C ALA A 3343 -42.86 -29.46 -119.48
N GLN A 3344 -43.00 -28.74 -118.37
CA GLN A 3344 -43.26 -29.41 -117.09
C GLN A 3344 -44.41 -30.40 -117.15
N PRO A 3345 -45.58 -30.07 -117.71
CA PRO A 3345 -46.71 -31.01 -117.67
C PRO A 3345 -46.45 -32.35 -118.36
N ILE A 3346 -45.61 -32.38 -119.41
CA ILE A 3346 -45.43 -33.61 -120.18
C ILE A 3346 -44.40 -34.54 -119.55
N VAL A 3347 -43.83 -34.18 -118.40
CA VAL A 3347 -42.81 -35.00 -117.77
C VAL A 3347 -43.39 -36.19 -117.03
N SER A 3348 -44.68 -36.16 -116.69
CA SER A 3348 -45.27 -37.26 -115.94
C SER A 3348 -45.33 -38.54 -116.75
N ARG A 3349 -45.20 -38.47 -118.07
CA ARG A 3349 -45.25 -39.64 -118.93
C ARG A 3349 -43.86 -40.05 -119.44
N ALA A 3350 -42.80 -39.47 -118.88
CA ALA A 3350 -41.45 -39.82 -119.32
C ALA A 3350 -41.14 -41.28 -119.01
N ARG A 3351 -40.39 -41.91 -119.91
CA ARG A 3351 -40.03 -43.30 -119.74
C ARG A 3351 -38.79 -43.44 -118.86
N PRO A 3352 -38.57 -44.60 -118.24
CA PRO A 3352 -37.38 -44.78 -117.41
C PRO A 3352 -36.07 -44.57 -118.17
N GLU A 3353 -36.08 -44.89 -119.47
CA GLU A 3353 -34.86 -44.73 -120.27
C GLU A 3353 -34.41 -43.29 -120.36
N LEU A 3354 -35.31 -42.33 -120.13
CA LEU A 3354 -34.93 -40.93 -120.21
C LEU A 3354 -33.80 -40.59 -119.26
N LEU A 3355 -33.79 -41.18 -118.06
CA LEU A 3355 -32.73 -40.89 -117.11
C LEU A 3355 -31.37 -40.98 -117.77
N ARG A 3356 -30.98 -42.21 -118.15
CA ARG A 3356 -29.67 -42.42 -118.75
C ARG A 3356 -29.55 -41.71 -120.10
N SER A 3357 -30.60 -41.72 -120.91
CA SER A 3357 -30.48 -41.16 -122.25
C SER A 3357 -30.18 -39.67 -122.24
N HIS A 3358 -30.88 -38.90 -121.41
CA HIS A 3358 -30.79 -37.45 -121.47
C HIS A 3358 -30.33 -36.82 -120.16
N PHE A 3359 -30.92 -37.22 -119.03
CA PHE A 3359 -30.74 -36.47 -117.80
C PHE A 3359 -29.31 -36.58 -117.29
N ILE A 3360 -28.76 -37.79 -117.31
CA ILE A 3360 -27.43 -38.02 -116.77
C ILE A 3360 -26.42 -37.18 -117.54
N PRO A 3361 -26.39 -37.23 -118.88
CA PRO A 3361 -25.46 -36.35 -119.61
C PRO A 3361 -25.66 -34.87 -119.33
N THR A 3362 -26.90 -34.42 -119.24
CA THR A 3362 -27.16 -32.99 -119.06
C THR A 3362 -26.66 -32.52 -117.69
N ILE A 3363 -27.03 -33.24 -116.63
CA ILE A 3363 -26.59 -32.85 -115.30
C ILE A 3363 -25.08 -33.02 -115.19
N GLY A 3364 -24.50 -33.99 -115.89
CA GLY A 3364 -23.05 -34.09 -115.91
C GLY A 3364 -22.39 -32.88 -116.53
N ARG A 3365 -22.94 -32.40 -117.65
CA ARG A 3365 -22.42 -31.17 -118.27
C ARG A 3365 -22.53 -30.00 -117.30
N LEU A 3366 -23.68 -29.87 -116.64
CA LEU A 3366 -23.85 -28.77 -115.70
C LEU A 3366 -22.88 -28.86 -114.54
N ARG A 3367 -22.65 -30.07 -114.01
CA ARG A 3367 -21.70 -30.25 -112.93
C ARG A 3367 -20.29 -29.90 -113.37
N LYS A 3368 -19.90 -30.31 -114.58
CA LYS A 3368 -18.58 -29.98 -115.09
C LYS A 3368 -18.41 -28.48 -115.22
N ARG A 3369 -19.44 -27.79 -115.73
CA ARG A 3369 -19.36 -26.33 -115.85
C ARG A 3369 -19.22 -25.68 -114.48
N ALA A 3370 -20.00 -26.16 -113.51
CA ALA A 3370 -19.91 -25.61 -112.15
C ALA A 3370 -18.51 -25.81 -111.58
N GLY A 3371 -17.93 -26.99 -111.80
CA GLY A 3371 -16.58 -27.23 -111.32
C GLY A 3371 -15.57 -26.28 -111.95
N LYS A 3372 -15.69 -26.07 -113.26
CA LYS A 3372 -14.79 -25.15 -113.94
C LYS A 3372 -14.92 -23.73 -113.35
N VAL A 3373 -16.15 -23.28 -113.16
CA VAL A 3373 -16.36 -21.92 -112.65
C VAL A 3373 -15.80 -21.79 -111.24
N VAL A 3374 -15.98 -22.83 -110.41
CA VAL A 3374 -15.45 -22.76 -109.05
C VAL A 3374 -13.93 -22.75 -109.07
N ALA A 3375 -13.32 -23.50 -110.00
CA ALA A 3375 -11.87 -23.45 -110.14
C ALA A 3375 -11.40 -22.04 -110.52
N GLU A 3376 -12.10 -21.39 -111.45
CA GLU A 3376 -11.77 -20.01 -111.78
C GLU A 3376 -11.92 -19.12 -110.56
N GLU A 3377 -12.95 -19.36 -109.74
CA GLU A 3377 -13.13 -18.58 -108.52
C GLU A 3377 -11.94 -18.74 -107.58
N GLU A 3378 -11.44 -19.97 -107.40
CA GLU A 3378 -10.29 -20.19 -106.54
C GLU A 3378 -9.05 -19.51 -107.09
N GLN A 3379 -8.82 -19.59 -108.40
CA GLN A 3379 -7.71 -18.88 -108.99
C GLN A 3379 -7.86 -17.37 -108.79
N LEU A 3380 -9.09 -16.88 -108.75
CA LEU A 3380 -9.32 -15.48 -108.43
C LEU A 3380 -8.83 -15.13 -107.03
N ARG A 3381 -9.13 -16.00 -106.05
CA ARG A 3381 -8.61 -15.78 -104.71
C ARG A 3381 -7.08 -15.78 -104.73
N LEU A 3382 -6.47 -16.68 -105.48
CA LEU A 3382 -5.03 -16.64 -105.64
C LEU A 3382 -4.54 -15.34 -106.26
N GLU A 3383 -5.32 -14.72 -107.12
CA GLU A 3383 -4.95 -13.45 -107.74
C GLU A 3383 -4.98 -12.34 -106.69
N ALA A 3384 -4.68 -11.11 -107.11
CA ALA A 3384 -4.58 -9.99 -106.19
C ALA A 3384 -5.14 -8.71 -106.81
N LYS A 3385 -5.86 -7.94 -105.98
CA LYS A 3385 -6.39 -6.64 -106.35
C LYS A 3385 -6.88 -6.57 -107.79
N ALA A 3386 -6.22 -5.77 -108.63
CA ALA A 3386 -6.72 -5.55 -109.99
C ALA A 3386 -6.94 -6.86 -110.72
N GLU A 3387 -6.04 -7.83 -110.51
CA GLU A 3387 -6.26 -9.17 -111.03
C GLU A 3387 -7.46 -9.82 -110.37
N ALA A 3388 -7.62 -9.59 -109.06
CA ALA A 3388 -8.77 -10.14 -108.34
C ALA A 3388 -10.06 -9.41 -108.67
N GLU A 3389 -10.03 -8.07 -108.70
CA GLU A 3389 -11.24 -7.31 -108.98
C GLU A 3389 -11.78 -7.64 -110.36
N GLU A 3390 -10.93 -7.54 -111.37
CA GLU A 3390 -11.29 -8.06 -112.69
C GLU A 3390 -11.26 -9.58 -112.67
N GLY A 3391 -12.06 -10.18 -113.55
CA GLY A 3391 -12.25 -11.61 -113.48
C GLY A 3391 -13.32 -11.99 -112.48
N GLU A 3392 -13.44 -11.24 -111.39
CA GLU A 3392 -14.54 -11.46 -110.46
C GLU A 3392 -15.88 -11.25 -111.16
N LEU A 3393 -15.99 -10.19 -111.98
CA LEU A 3393 -17.21 -9.98 -112.73
C LEU A 3393 -17.42 -11.06 -113.79
N LEU A 3394 -16.32 -11.54 -114.37
CA LEU A 3394 -16.42 -12.61 -115.36
C LEU A 3394 -16.98 -13.89 -114.73
N VAL A 3395 -16.45 -14.28 -113.57
CA VAL A 3395 -16.96 -15.46 -112.90
C VAL A 3395 -18.36 -15.21 -112.38
N ARG A 3396 -18.68 -13.97 -112.02
CA ARG A 3396 -20.05 -13.61 -111.69
C ARG A 3396 -21.00 -13.90 -112.84
N ASP A 3397 -20.63 -13.48 -114.05
CA ASP A 3397 -21.47 -13.72 -115.21
C ASP A 3397 -21.56 -15.21 -115.54
N GLU A 3398 -20.44 -15.93 -115.39
CA GLU A 3398 -20.46 -17.37 -115.62
C GLU A 3398 -21.40 -18.06 -114.64
N PHE A 3399 -21.35 -17.68 -113.37
CA PHE A 3399 -22.28 -18.23 -112.39
C PHE A 3399 -23.71 -17.85 -112.71
N SER A 3400 -23.92 -16.64 -113.23
CA SER A 3400 -25.28 -16.22 -113.59
C SER A 3400 -25.85 -17.09 -114.71
N VAL A 3401 -25.05 -17.34 -115.75
CA VAL A 3401 -25.54 -18.18 -116.85
C VAL A 3401 -25.72 -19.62 -116.38
N LEU A 3402 -24.83 -20.10 -115.51
CA LEU A 3402 -24.99 -21.44 -114.97
C LEU A 3402 -26.26 -21.54 -114.14
N CYS A 3403 -26.57 -20.51 -113.35
CA CYS A 3403 -27.79 -20.51 -112.56
C CYS A 3403 -29.02 -20.47 -113.47
N ARG A 3404 -28.94 -19.72 -114.57
CA ARG A 3404 -30.04 -19.72 -115.54
C ARG A 3404 -30.27 -21.12 -116.09
N ASP A 3405 -29.19 -21.77 -116.52
CA ASP A 3405 -29.31 -23.12 -117.06
C ASP A 3405 -29.87 -24.09 -116.02
N LEU A 3406 -29.40 -23.98 -114.78
CA LEU A 3406 -29.90 -24.85 -113.72
C LEU A 3406 -31.38 -24.59 -113.45
N TYR A 3407 -31.77 -23.34 -113.36
CA TYR A 3407 -33.18 -23.07 -113.11
C TYR A 3407 -34.06 -23.40 -114.29
N ALA A 3408 -33.46 -23.60 -115.46
CA ALA A 3408 -34.18 -24.10 -116.62
C ALA A 3408 -34.31 -25.62 -116.63
N LEU A 3409 -33.28 -26.35 -116.21
CA LEU A 3409 -33.30 -27.81 -116.29
C LEU A 3409 -33.78 -28.50 -115.02
N TYR A 3410 -33.34 -28.03 -113.85
CA TYR A 3410 -33.69 -28.68 -112.59
C TYR A 3410 -35.19 -28.83 -112.40
N PRO A 3411 -36.04 -27.84 -112.70
CA PRO A 3411 -37.48 -28.05 -112.47
C PRO A 3411 -38.03 -29.25 -113.24
N LEU A 3412 -37.53 -29.50 -114.45
CA LEU A 3412 -37.93 -30.70 -115.18
C LEU A 3412 -37.44 -31.96 -114.48
N LEU A 3413 -36.22 -31.92 -113.96
CA LEU A 3413 -35.66 -33.09 -113.28
C LEU A 3413 -36.44 -33.42 -112.01
N ILE A 3414 -36.87 -32.39 -111.28
CA ILE A 3414 -37.56 -32.63 -110.01
C ILE A 3414 -38.84 -33.40 -110.25
N ARG A 3415 -39.60 -33.02 -111.27
CA ARG A 3415 -40.81 -33.76 -111.60
C ARG A 3415 -40.48 -35.19 -112.01
N TYR A 3416 -39.43 -35.37 -112.81
CA TYR A 3416 -39.03 -36.70 -113.21
C TYR A 3416 -38.62 -37.54 -112.01
N VAL A 3417 -37.91 -36.93 -111.06
CA VAL A 3417 -37.50 -37.66 -109.86
C VAL A 3417 -38.71 -38.08 -109.05
N ASP A 3418 -39.67 -37.16 -108.88
CA ASP A 3418 -40.84 -37.47 -108.07
C ASP A 3418 -41.64 -38.64 -108.63
N ASN A 3419 -41.63 -38.81 -109.96
CA ASN A 3419 -42.37 -39.88 -110.60
C ASN A 3419 -41.59 -41.18 -110.69
N ASN A 3420 -40.32 -41.18 -110.33
CA ASN A 3420 -39.49 -42.38 -110.39
C ASN A 3420 -38.74 -42.67 -109.11
N ARG A 3421 -38.86 -41.81 -108.09
CA ARG A 3421 -38.17 -42.05 -106.84
C ARG A 3421 -38.64 -43.33 -106.18
N ALA A 3422 -39.94 -43.61 -106.26
CA ALA A 3422 -40.48 -44.84 -105.68
C ALA A 3422 -39.80 -46.06 -106.30
N HIS A 3423 -39.74 -46.10 -107.63
CA HIS A 3423 -39.11 -47.22 -108.31
C HIS A 3423 -37.62 -47.31 -107.96
N TRP A 3424 -36.94 -46.15 -107.94
CA TRP A 3424 -35.51 -46.16 -107.64
C TRP A 3424 -35.25 -46.71 -106.25
N LEU A 3425 -36.06 -46.30 -105.27
CA LEU A 3425 -35.86 -46.78 -103.90
C LEU A 3425 -36.21 -48.25 -103.77
N THR A 3426 -37.30 -48.68 -104.42
CA THR A 3426 -37.69 -50.09 -104.34
C THR A 3426 -36.62 -50.99 -104.96
N GLU A 3427 -36.09 -50.59 -106.10
CA GLU A 3427 -35.04 -51.35 -106.79
C GLU A 3427 -33.84 -50.45 -107.00
N PRO A 3428 -32.72 -50.65 -106.29
CA PRO A 3428 -31.59 -49.73 -106.44
C PRO A 3428 -31.13 -49.62 -107.89
N ASN A 3429 -30.85 -48.39 -108.31
CA ASN A 3429 -30.51 -48.09 -109.69
C ASN A 3429 -29.17 -47.38 -109.76
N PRO A 3430 -28.15 -47.96 -110.38
CA PRO A 3430 -26.85 -47.26 -110.47
C PRO A 3430 -26.96 -45.92 -111.18
N ASN A 3431 -27.83 -45.81 -112.18
CA ASN A 3431 -28.01 -44.52 -112.85
C ASN A 3431 -28.59 -43.48 -111.89
N ALA A 3432 -29.56 -43.89 -111.06
CA ALA A 3432 -30.11 -42.98 -110.07
C ALA A 3432 -29.04 -42.57 -109.06
N GLU A 3433 -28.19 -43.51 -108.66
CA GLU A 3433 -27.10 -43.18 -107.75
C GLU A 3433 -26.13 -42.19 -108.37
N GLU A 3434 -25.80 -42.39 -109.65
CA GLU A 3434 -24.93 -41.45 -110.34
C GLU A 3434 -25.56 -40.06 -110.43
N LEU A 3435 -26.87 -40.01 -110.69
CA LEU A 3435 -27.57 -38.73 -110.70
C LEU A 3435 -27.49 -38.07 -109.32
N PHE A 3436 -27.65 -38.87 -108.26
CA PHE A 3436 -27.51 -38.32 -106.92
C PHE A 3436 -26.11 -37.74 -106.71
N ARG A 3437 -25.10 -38.46 -107.17
CA ARG A 3437 -23.73 -37.98 -107.02
C ARG A 3437 -23.54 -36.65 -107.74
N MET A 3438 -24.06 -36.54 -108.96
CA MET A 3438 -23.93 -35.30 -109.72
C MET A 3438 -24.64 -34.15 -109.01
N VAL A 3439 -25.87 -34.38 -108.56
CA VAL A 3439 -26.63 -33.31 -107.91
C VAL A 3439 -25.97 -32.92 -106.61
N GLY A 3440 -25.43 -33.90 -105.87
CA GLY A 3440 -24.74 -33.59 -104.64
C GLY A 3440 -23.47 -32.80 -104.87
N GLU A 3441 -22.74 -33.13 -105.94
CA GLU A 3441 -21.55 -32.36 -106.27
C GLU A 3441 -21.91 -30.91 -106.61
N ILE A 3442 -22.99 -30.72 -107.38
CA ILE A 3442 -23.41 -29.36 -107.69
C ILE A 3442 -23.81 -28.62 -106.42
N PHE A 3443 -24.53 -29.30 -105.52
CA PHE A 3443 -24.93 -28.67 -104.27
C PHE A 3443 -23.72 -28.33 -103.41
N ILE A 3444 -22.71 -29.19 -103.42
CA ILE A 3444 -21.49 -28.93 -102.66
C ILE A 3444 -20.77 -27.71 -103.21
N TYR A 3445 -20.70 -27.60 -104.54
CA TYR A 3445 -20.13 -26.40 -105.15
C TYR A 3445 -20.91 -25.16 -104.72
N TRP A 3446 -22.24 -25.26 -104.74
CA TRP A 3446 -23.08 -24.14 -104.32
C TRP A 3446 -22.78 -23.74 -102.89
N SER A 3447 -22.65 -24.72 -102.00
CA SER A 3447 -22.40 -24.42 -100.59
C SER A 3447 -21.03 -23.79 -100.41
N LYS A 3448 -20.00 -24.37 -101.02
CA LYS A 3448 -18.64 -23.85 -100.89
C LYS A 3448 -18.54 -22.44 -101.45
N SER A 3449 -18.76 -22.28 -102.76
CA SER A 3449 -18.62 -20.97 -103.38
C SER A 3449 -19.67 -20.01 -102.85
N HIS A 3450 -19.30 -18.74 -102.77
CA HIS A 3450 -20.22 -17.70 -102.31
C HIS A 3450 -20.81 -16.88 -103.44
N ASN A 3451 -20.11 -16.76 -104.57
CA ASN A 3451 -20.69 -16.11 -105.74
C ASN A 3451 -21.84 -16.94 -106.30
N PHE A 3452 -21.77 -18.26 -106.14
CA PHE A 3452 -22.84 -19.11 -106.63
C PHE A 3452 -24.17 -18.76 -105.98
N LYS A 3453 -24.19 -18.67 -104.64
CA LYS A 3453 -25.42 -18.35 -103.94
C LYS A 3453 -25.92 -16.96 -104.32
N ARG A 3454 -25.01 -15.99 -104.39
CA ARG A 3454 -25.41 -14.62 -104.69
C ARG A 3454 -26.02 -14.54 -106.09
N GLU A 3455 -25.40 -15.20 -107.06
CA GLU A 3455 -25.91 -15.15 -108.43
C GLU A 3455 -27.23 -15.89 -108.54
N GLU A 3456 -27.39 -16.98 -107.79
CA GLU A 3456 -28.68 -17.66 -107.75
C GLU A 3456 -29.77 -16.73 -107.23
N GLN A 3457 -29.47 -16.01 -106.15
CA GLN A 3457 -30.43 -15.07 -105.59
C GLN A 3457 -30.77 -13.97 -106.59
N ASN A 3458 -29.75 -13.41 -107.24
CA ASN A 3458 -30.00 -12.36 -108.22
C ASN A 3458 -30.86 -12.89 -109.38
N PHE A 3459 -30.55 -14.08 -109.88
CA PHE A 3459 -31.33 -14.64 -110.97
C PHE A 3459 -32.78 -14.82 -110.56
N VAL A 3460 -33.02 -15.42 -109.40
CA VAL A 3460 -34.40 -15.67 -108.99
C VAL A 3460 -35.14 -14.35 -108.81
N VAL A 3461 -34.50 -13.38 -108.17
CA VAL A 3461 -35.16 -12.09 -107.92
C VAL A 3461 -35.49 -11.39 -109.23
N GLN A 3462 -34.52 -11.32 -110.15
CA GLN A 3462 -34.75 -10.63 -111.42
C GLN A 3462 -35.81 -11.34 -112.25
N ASN A 3463 -35.59 -12.62 -112.57
CA ASN A 3463 -36.50 -13.34 -113.43
C ASN A 3463 -37.86 -13.60 -112.79
N GLU A 3464 -38.00 -13.38 -111.48
CA GLU A 3464 -39.27 -13.58 -110.81
C GLU A 3464 -39.77 -15.02 -111.00
N ILE A 3465 -38.83 -15.96 -110.97
CA ILE A 3465 -39.16 -17.36 -111.12
C ILE A 3465 -39.96 -17.82 -109.90
N ASN A 3466 -41.00 -18.61 -110.13
CA ASN A 3466 -41.86 -19.10 -109.06
C ASN A 3466 -41.37 -20.48 -108.64
N ASN A 3467 -40.46 -20.49 -107.66
CA ASN A 3467 -39.89 -21.74 -107.19
C ASN A 3467 -40.96 -22.65 -106.59
N MET A 3468 -42.00 -22.06 -105.99
CA MET A 3468 -43.09 -22.86 -105.46
C MET A 3468 -43.79 -23.62 -106.57
N SER A 3469 -44.07 -22.94 -107.69
CA SER A 3469 -44.68 -23.63 -108.83
C SER A 3469 -43.75 -24.69 -109.38
N PHE A 3470 -42.45 -24.39 -109.46
CA PHE A 3470 -41.50 -25.38 -109.96
C PHE A 3470 -41.53 -26.64 -109.08
N LEU A 3471 -41.52 -26.45 -107.76
CA LEU A 3471 -41.53 -27.58 -106.85
C LEU A 3471 -42.84 -28.37 -106.97
N THR A 3472 -43.96 -27.66 -107.06
CA THR A 3472 -45.27 -28.31 -107.17
C THR A 3472 -45.44 -28.93 -108.55
N TYR A 3504 -35.37 -15.98 -103.42
CA TYR A 3504 -35.90 -15.23 -102.29
C TYR A 3504 -35.55 -15.95 -100.99
N SER A 3505 -36.01 -17.19 -100.87
CA SER A 3505 -35.76 -17.99 -99.67
C SER A 3505 -34.76 -19.10 -99.99
N VAL A 3506 -33.74 -19.23 -99.15
CA VAL A 3506 -32.76 -20.29 -99.34
C VAL A 3506 -33.43 -21.66 -99.26
N GLN A 3507 -34.56 -21.74 -98.54
CA GLN A 3507 -35.31 -22.99 -98.52
C GLN A 3507 -35.87 -23.32 -99.91
N THR A 3508 -36.33 -22.30 -100.63
CA THR A 3508 -36.87 -22.48 -101.96
C THR A 3508 -35.80 -22.57 -103.03
N SER A 3509 -34.53 -22.38 -102.68
CA SER A 3509 -33.45 -22.49 -103.66
C SER A 3509 -33.52 -23.84 -104.36
N LEU A 3510 -33.68 -23.82 -105.68
CA LEU A 3510 -33.80 -25.07 -106.42
C LEU A 3510 -32.57 -25.94 -106.25
N ILE A 3511 -31.40 -25.32 -106.08
CA ILE A 3511 -30.17 -26.09 -105.95
C ILE A 3511 -30.24 -27.02 -104.75
N VAL A 3512 -30.71 -26.51 -103.61
CA VAL A 3512 -30.81 -27.34 -102.42
C VAL A 3512 -32.07 -28.20 -102.46
N ALA A 3513 -33.14 -27.71 -103.09
CA ALA A 3513 -34.37 -28.49 -103.16
C ALA A 3513 -34.17 -29.78 -103.94
N THR A 3514 -33.48 -29.70 -105.08
CA THR A 3514 -33.24 -30.90 -105.89
C THR A 3514 -32.39 -31.89 -105.12
N LEU A 3515 -31.36 -31.40 -104.41
CA LEU A 3515 -30.52 -32.29 -103.61
C LEU A 3515 -31.34 -32.94 -102.50
N LYS A 3516 -32.22 -32.19 -101.85
CA LYS A 3516 -33.05 -32.77 -100.81
C LYS A 3516 -33.98 -33.84 -101.37
N LYS A 3517 -34.54 -33.60 -102.56
CA LYS A 3517 -35.38 -34.60 -103.21
C LYS A 3517 -34.60 -35.85 -103.59
N MET A 3518 -33.35 -35.71 -104.04
CA MET A 3518 -32.54 -36.85 -104.43
C MET A 3518 -31.83 -37.53 -103.26
N LEU A 3519 -31.83 -36.90 -102.08
CA LEU A 3519 -31.08 -37.45 -100.95
C LEU A 3519 -31.49 -38.87 -100.59
N PRO A 3520 -32.77 -39.22 -100.55
CA PRO A 3520 -33.13 -40.61 -100.22
C PRO A 3520 -32.43 -41.64 -101.08
N ILE A 3521 -32.22 -41.34 -102.37
CA ILE A 3521 -31.48 -42.28 -103.22
C ILE A 3521 -30.06 -42.44 -102.70
N GLY A 3522 -29.41 -41.34 -102.34
CA GLY A 3522 -28.05 -41.44 -101.81
C GLY A 3522 -27.99 -42.22 -100.51
N LEU A 3523 -28.95 -41.99 -99.62
CA LEU A 3523 -28.98 -42.73 -98.37
C LEU A 3523 -29.22 -44.21 -98.61
N ASN A 3524 -30.05 -44.54 -99.62
CA ASN A 3524 -30.36 -45.93 -99.90
C ASN A 3524 -29.13 -46.73 -100.30
N MET A 3525 -28.06 -46.07 -100.73
CA MET A 3525 -26.84 -46.82 -101.07
C MET A 3525 -26.13 -47.31 -99.82
N CYS A 3526 -26.13 -46.50 -98.76
CA CYS A 3526 -25.43 -46.85 -97.54
C CYS A 3526 -26.25 -47.85 -96.73
N ALA A 3527 -25.57 -48.88 -96.23
CA ALA A 3527 -26.21 -49.84 -95.36
C ALA A 3527 -26.40 -49.24 -93.97
N PRO A 3528 -27.31 -49.80 -93.17
CA PRO A 3528 -27.49 -49.28 -91.80
C PRO A 3528 -26.23 -49.31 -90.98
N THR A 3529 -25.36 -50.30 -91.18
CA THR A 3529 -24.13 -50.39 -90.41
C THR A 3529 -23.23 -49.19 -90.64
N ASP A 3530 -23.27 -48.62 -91.84
CA ASP A 3530 -22.37 -47.52 -92.19
C ASP A 3530 -22.76 -46.20 -91.52
N GLN A 3531 -23.75 -46.18 -90.63
CA GLN A 3531 -24.17 -44.94 -90.01
C GLN A 3531 -23.06 -44.32 -89.18
N ASP A 3532 -22.35 -45.14 -88.40
CA ASP A 3532 -21.26 -44.61 -87.57
C ASP A 3532 -20.15 -44.05 -88.45
N LEU A 3533 -19.80 -44.76 -89.52
CA LEU A 3533 -18.79 -44.22 -90.45
C LEU A 3533 -19.27 -42.91 -91.05
N ILE A 3534 -20.57 -42.79 -91.32
CA ILE A 3534 -21.10 -41.53 -91.81
C ILE A 3534 -20.91 -40.43 -90.79
N VAL A 3535 -21.14 -40.74 -89.51
CA VAL A 3535 -20.98 -39.73 -88.47
C VAL A 3535 -19.52 -39.29 -88.37
N LEU A 3536 -18.59 -40.25 -88.43
CA LEU A 3536 -17.17 -39.92 -88.36
C LEU A 3536 -16.76 -39.07 -89.56
N ALA A 3537 -17.24 -39.41 -90.75
CA ALA A 3537 -16.91 -38.63 -91.93
C ALA A 3537 -17.48 -37.22 -91.83
N LYS A 3538 -18.70 -37.09 -91.30
CA LYS A 3538 -19.26 -35.77 -91.07
C LYS A 3538 -18.41 -34.96 -90.09
N ALA A 3539 -17.92 -35.62 -89.04
CA ALA A 3539 -17.04 -34.95 -88.08
C ALA A 3539 -15.77 -34.46 -88.76
N ARG A 3540 -15.16 -35.29 -89.60
CA ARG A 3540 -13.98 -34.84 -90.33
C ARG A 3540 -14.28 -33.65 -91.22
N TYR A 3541 -15.33 -33.77 -92.05
CA TYR A 3541 -15.68 -32.67 -92.93
C TYR A 3541 -15.95 -31.39 -92.15
N ALA A 3542 -16.49 -31.53 -90.94
CA ALA A 3542 -16.59 -30.38 -90.04
C ALA A 3542 -15.22 -29.87 -89.62
N LEU A 3543 -14.27 -30.76 -89.37
CA LEU A 3543 -12.88 -30.39 -89.13
C LEU A 3543 -12.19 -29.89 -90.40
N LYS A 3544 -12.92 -29.82 -91.51
CA LYS A 3544 -12.42 -29.22 -92.75
C LYS A 3544 -11.39 -30.10 -93.44
N ASP A 3545 -11.49 -31.42 -93.24
CA ASP A 3545 -10.65 -32.33 -93.99
C ASP A 3545 -11.09 -32.40 -95.44
N THR A 3546 -10.15 -32.76 -96.31
CA THR A 3546 -10.42 -32.88 -97.73
C THR A 3546 -10.98 -34.26 -98.05
N ASP A 3547 -11.44 -34.41 -99.29
CA ASP A 3547 -12.11 -35.65 -99.69
C ASP A 3547 -11.17 -36.85 -99.57
N GLU A 3548 -9.92 -36.70 -100.01
CA GLU A 3548 -8.97 -37.79 -99.89
C GLU A 3548 -8.67 -38.08 -98.42
N GLU A 3549 -8.59 -37.04 -97.59
CA GLU A 3549 -8.37 -37.25 -96.17
C GLU A 3549 -9.48 -38.09 -95.55
N VAL A 3550 -10.73 -37.78 -95.90
CA VAL A 3550 -11.85 -38.55 -95.38
C VAL A 3550 -11.82 -39.97 -95.93
N ARG A 3551 -11.51 -40.11 -97.22
CA ARG A 3551 -11.47 -41.43 -97.84
C ARG A 3551 -10.40 -42.31 -97.21
N GLU A 3552 -9.32 -41.72 -96.70
CA GLU A 3552 -8.30 -42.47 -95.98
C GLU A 3552 -8.69 -42.73 -94.53
N PHE A 3553 -9.34 -41.76 -93.87
CA PHE A 3553 -9.83 -41.99 -92.52
C PHE A 3553 -10.73 -43.21 -92.50
N LEU A 3554 -11.71 -43.25 -93.40
CA LEU A 3554 -12.62 -44.40 -93.43
C LEU A 3554 -11.87 -45.67 -93.79
N GLN A 3555 -10.93 -45.57 -94.75
CA GLN A 3555 -10.17 -46.75 -95.14
C GLN A 3555 -9.40 -47.35 -93.97
N ASN A 3556 -8.96 -46.52 -93.04
CA ASN A 3556 -8.11 -46.99 -91.95
C ASN A 3556 -8.85 -47.21 -90.62
N ASN A 3557 -10.04 -46.66 -90.44
CA ASN A 3557 -10.95 -47.06 -89.36
C ASN A 3557 -12.28 -47.62 -89.87
N LEU A 3558 -12.23 -48.47 -90.89
CA LEU A 3558 -13.42 -49.26 -91.22
C LEU A 3558 -13.89 -50.10 -90.03
N ASN A 3559 -13.00 -50.42 -89.10
CA ASN A 3559 -13.36 -51.28 -87.98
C ASN A 3559 -14.41 -50.65 -87.07
N LEU A 3560 -14.58 -49.32 -87.14
CA LEU A 3560 -15.62 -48.64 -86.37
C LEU A 3560 -17.00 -48.77 -86.99
N GLN A 3561 -17.17 -49.69 -87.94
CA GLN A 3561 -18.49 -49.93 -88.51
C GLN A 3561 -19.42 -50.51 -87.45
N GLY A 3562 -20.69 -50.14 -87.53
CA GLY A 3562 -21.65 -50.58 -86.53
C GLY A 3562 -21.87 -52.08 -86.56
N LYS A 3563 -22.30 -52.62 -85.43
CA LYS A 3563 -22.60 -54.04 -85.28
C LYS A 3563 -24.08 -54.19 -84.97
N VAL A 3564 -24.74 -55.12 -85.67
CA VAL A 3564 -26.19 -55.25 -85.57
C VAL A 3564 -26.59 -55.62 -84.15
N GLU A 3565 -25.85 -56.53 -83.53
CA GLU A 3565 -26.17 -57.00 -82.19
C GLU A 3565 -26.21 -55.84 -81.19
N GLY A 3566 -25.47 -54.77 -81.48
CA GLY A 3566 -25.37 -53.68 -80.53
C GLY A 3566 -26.71 -53.02 -80.23
N SER A 3567 -27.51 -52.77 -81.27
CA SER A 3567 -28.76 -52.06 -81.11
C SER A 3567 -29.90 -52.86 -81.73
N PRO A 3568 -31.08 -52.87 -81.10
CA PRO A 3568 -32.24 -53.53 -81.73
C PRO A 3568 -32.70 -52.83 -83.00
N SER A 3569 -32.55 -51.50 -83.08
CA SER A 3569 -32.95 -50.80 -84.30
C SER A 3569 -32.14 -51.29 -85.49
N LEU A 3570 -30.83 -51.46 -85.31
CA LEU A 3570 -30.01 -51.98 -86.40
C LEU A 3570 -30.52 -53.33 -86.87
N ARG A 3571 -31.10 -54.13 -85.99
CA ARG A 3571 -31.57 -55.44 -86.39
C ARG A 3571 -32.60 -55.34 -87.52
N TRP A 3572 -33.67 -54.57 -87.31
CA TRP A 3572 -34.70 -54.48 -88.34
C TRP A 3572 -34.26 -53.61 -89.51
N GLN A 3573 -33.44 -52.59 -89.25
CA GLN A 3573 -32.91 -51.79 -90.36
C GLN A 3573 -32.12 -52.68 -91.33
N MET A 3574 -31.20 -53.47 -90.79
CA MET A 3574 -30.40 -54.36 -91.62
C MET A 3574 -31.26 -55.49 -92.21
N ALA A 3575 -32.31 -55.89 -91.50
CA ALA A 3575 -33.23 -56.87 -92.06
C ALA A 3575 -33.85 -56.34 -93.35
N LEU A 3576 -34.37 -55.11 -93.30
CA LEU A 3576 -34.91 -54.49 -94.50
C LEU A 3576 -33.83 -54.35 -95.58
N TYR A 3577 -32.63 -53.94 -95.17
CA TYR A 3577 -31.55 -53.73 -96.15
C TYR A 3577 -31.22 -55.03 -96.88
N ARG A 3578 -31.08 -56.13 -96.13
CA ARG A 3578 -30.81 -57.41 -96.79
C ARG A 3578 -32.00 -57.88 -97.60
N GLY A 3579 -33.22 -57.61 -97.13
CA GLY A 3579 -34.39 -57.98 -97.91
C GLY A 3579 -34.40 -57.32 -99.27
N VAL A 3580 -33.95 -56.06 -99.34
CA VAL A 3580 -33.87 -55.37 -100.63
C VAL A 3580 -32.88 -56.12 -101.51
N PRO A 3581 -33.30 -56.61 -102.69
CA PRO A 3581 -32.35 -57.33 -103.54
C PRO A 3581 -31.22 -56.42 -104.03
N GLY A 3582 -30.07 -57.03 -104.26
CA GLY A 3582 -28.90 -56.30 -104.75
C GLY A 3582 -28.13 -55.56 -103.67
N ARG A 3583 -28.85 -54.90 -102.76
CA ARG A 3583 -28.19 -54.21 -101.66
C ARG A 3583 -27.41 -55.18 -100.80
N GLU A 3584 -27.98 -56.36 -100.54
CA GLU A 3584 -27.24 -57.39 -99.80
C GLU A 3584 -26.11 -57.97 -100.63
N GLU A 3585 -26.28 -58.05 -101.95
CA GLU A 3585 -25.23 -58.58 -102.81
C GLU A 3585 -24.00 -57.67 -102.78
N ASP A 3586 -24.21 -56.37 -102.81
CA ASP A 3586 -23.12 -55.40 -102.80
C ASP A 3586 -22.77 -55.06 -101.35
N ALA A 3587 -21.97 -54.02 -101.15
CA ALA A 3587 -21.55 -53.56 -99.82
C ALA A 3587 -20.57 -54.52 -99.16
N ASP A 3588 -20.03 -55.47 -99.92
CA ASP A 3588 -18.98 -56.35 -99.43
C ASP A 3588 -17.58 -55.86 -99.78
N ASP A 3589 -17.46 -54.67 -100.37
CA ASP A 3589 -16.18 -54.15 -100.83
C ASP A 3589 -15.77 -52.93 -100.02
N PRO A 3590 -14.59 -52.93 -99.40
CA PRO A 3590 -14.18 -51.74 -98.64
C PRO A 3590 -14.13 -50.47 -99.48
N GLU A 3591 -13.70 -50.56 -100.74
CA GLU A 3591 -13.65 -49.37 -101.58
C GLU A 3591 -15.04 -48.81 -101.81
N LYS A 3592 -16.01 -49.69 -102.10
CA LYS A 3592 -17.38 -49.23 -102.26
C LYS A 3592 -17.89 -48.60 -100.96
N ILE A 3593 -17.61 -49.23 -99.83
CA ILE A 3593 -18.09 -48.70 -98.56
C ILE A 3593 -17.54 -47.31 -98.30
N VAL A 3594 -16.23 -47.14 -98.48
CA VAL A 3594 -15.61 -45.84 -98.22
C VAL A 3594 -16.14 -44.79 -99.18
N ARG A 3595 -16.29 -45.14 -100.46
CA ARG A 3595 -16.81 -44.17 -101.42
C ARG A 3595 -18.22 -43.72 -101.05
N ARG A 3596 -19.10 -44.69 -100.75
CA ARG A 3596 -20.46 -44.35 -100.37
C ARG A 3596 -20.48 -43.45 -99.14
N VAL A 3597 -19.77 -43.85 -98.09
CA VAL A 3597 -19.80 -43.09 -96.85
C VAL A 3597 -19.26 -41.69 -97.08
N GLN A 3598 -18.15 -41.58 -97.82
CA GLN A 3598 -17.55 -40.27 -98.07
C GLN A 3598 -18.54 -39.35 -98.79
N GLU A 3599 -19.13 -39.83 -99.88
CA GLU A 3599 -20.04 -38.96 -100.65
C GLU A 3599 -21.24 -38.55 -99.81
N VAL A 3600 -21.91 -39.52 -99.19
CA VAL A 3600 -23.12 -39.21 -98.44
C VAL A 3600 -22.81 -38.32 -97.26
N SER A 3601 -21.67 -38.55 -96.59
CA SER A 3601 -21.30 -37.73 -95.46
C SER A 3601 -21.01 -36.30 -95.88
N ALA A 3602 -20.33 -36.11 -97.01
CA ALA A 3602 -20.09 -34.76 -97.50
C ALA A 3602 -21.40 -34.04 -97.77
N VAL A 3603 -22.33 -34.73 -98.45
CA VAL A 3603 -23.62 -34.13 -98.76
C VAL A 3603 -24.35 -33.75 -97.48
N LEU A 3604 -24.36 -34.67 -96.51
CA LEU A 3604 -25.08 -34.41 -95.26
C LEU A 3604 -24.44 -33.27 -94.48
N TYR A 3605 -23.10 -33.21 -94.45
CA TYR A 3605 -22.43 -32.10 -93.79
C TYR A 3605 -22.86 -30.77 -94.38
N HIS A 3606 -22.79 -30.66 -95.71
CA HIS A 3606 -23.10 -29.38 -96.34
C HIS A 3606 -24.58 -29.06 -96.20
N LEU A 3607 -25.43 -30.08 -96.14
CA LEU A 3607 -26.84 -29.83 -95.83
C LEU A 3607 -27.00 -29.26 -94.42
N ASP A 3608 -26.22 -29.78 -93.46
CA ASP A 3608 -26.26 -29.24 -92.12
C ASP A 3608 -25.84 -27.78 -92.10
N GLN A 3609 -24.77 -27.46 -92.82
CA GLN A 3609 -24.35 -26.06 -92.92
C GLN A 3609 -25.43 -25.20 -93.55
N THR A 3610 -26.08 -25.69 -94.60
CA THR A 3610 -27.13 -24.92 -95.26
C THR A 3610 -28.29 -24.66 -94.31
N GLU A 3611 -28.77 -25.69 -93.63
CA GLU A 3611 -29.91 -25.52 -92.74
C GLU A 3611 -29.56 -24.63 -91.56
N HIS A 3612 -28.35 -24.77 -91.01
CA HIS A 3612 -27.95 -23.88 -89.93
C HIS A 3612 -27.87 -22.45 -90.44
N PRO A 3613 -28.35 -21.45 -89.67
CA PRO A 3613 -28.33 -20.07 -90.14
C PRO A 3613 -26.92 -19.46 -90.11
N ALA A 3635 -30.94 14.39 -91.54
CA ALA A 3635 -29.82 13.75 -92.20
C ALA A 3635 -29.74 14.20 -93.66
N CYS A 3636 -29.71 13.26 -94.60
CA CYS A 3636 -29.66 13.62 -96.02
C CYS A 3636 -30.86 14.47 -96.41
N PHE A 3637 -32.04 14.11 -95.91
CA PHE A 3637 -33.22 14.93 -96.15
C PHE A 3637 -33.04 16.32 -95.55
N ARG A 3638 -32.47 16.40 -94.35
CA ARG A 3638 -32.29 17.70 -93.70
C ARG A 3638 -31.24 18.54 -94.43
N MET A 3639 -30.00 18.08 -94.46
CA MET A 3639 -28.93 18.72 -95.20
C MET A 3639 -28.93 20.23 -94.95
N THR A 3640 -28.64 20.61 -93.70
CA THR A 3640 -28.57 22.01 -93.32
C THR A 3640 -27.22 22.61 -93.67
N PRO A 3641 -27.12 23.39 -94.76
CA PRO A 3641 -25.80 23.90 -95.16
C PRO A 3641 -25.50 25.26 -94.56
N LEU A 3642 -24.22 25.54 -94.30
CA LEU A 3642 -23.84 26.83 -93.74
C LEU A 3642 -24.00 27.95 -94.77
N TYR A 3643 -23.89 27.63 -96.06
CA TYR A 3643 -23.95 28.67 -97.09
C TYR A 3643 -25.37 29.19 -97.31
N ASN A 3644 -26.38 28.55 -96.74
CA ASN A 3644 -27.75 29.03 -96.84
C ASN A 3644 -28.18 29.89 -95.67
N LEU A 3645 -27.33 30.02 -94.65
CA LEU A 3645 -27.70 30.79 -93.48
C LEU A 3645 -27.70 32.28 -93.81
N PRO A 3646 -28.53 33.07 -93.14
CA PRO A 3646 -28.46 34.53 -93.34
C PRO A 3646 -27.10 35.06 -92.89
N THR A 3647 -26.68 36.15 -93.53
CA THR A 3647 -25.33 36.65 -93.31
C THR A 3647 -25.07 36.97 -91.84
N HIS A 3648 -26.02 37.65 -91.19
CA HIS A 3648 -25.80 38.08 -89.82
C HIS A 3648 -25.72 36.89 -88.86
N ARG A 3649 -26.54 35.87 -89.08
CA ARG A 3649 -26.45 34.67 -88.24
C ARG A 3649 -25.09 34.00 -88.41
N ALA A 3650 -24.62 33.88 -89.64
CA ALA A 3650 -23.31 33.29 -89.89
C ALA A 3650 -22.21 34.13 -89.26
N CYS A 3651 -22.35 35.46 -89.30
CA CYS A 3651 -21.37 36.32 -88.65
C CYS A 3651 -21.33 36.09 -87.15
N ASN A 3652 -22.49 35.98 -86.52
CA ASN A 3652 -22.51 35.73 -85.08
C ASN A 3652 -21.88 34.39 -84.74
N MET A 3653 -22.20 33.35 -85.53
CA MET A 3653 -21.60 32.04 -85.30
C MET A 3653 -20.09 32.10 -85.50
N PHE A 3654 -19.63 32.82 -86.53
CA PHE A 3654 -18.20 32.94 -86.77
C PHE A 3654 -17.53 33.67 -85.61
N LEU A 3655 -18.16 34.72 -85.09
CA LEU A 3655 -17.57 35.42 -83.95
C LEU A 3655 -17.43 34.48 -82.76
N GLU A 3656 -18.48 33.71 -82.47
CA GLU A 3656 -18.40 32.75 -81.37
C GLU A 3656 -17.27 31.76 -81.58
N SER A 3657 -17.21 31.16 -82.77
CA SER A 3657 -16.21 30.13 -83.04
C SER A 3657 -14.80 30.72 -83.00
N TYR A 3658 -14.61 31.90 -83.58
CA TYR A 3658 -13.30 32.53 -83.58
C TYR A 3658 -12.84 32.86 -82.17
N LYS A 3659 -13.74 33.40 -81.35
CA LYS A 3659 -13.40 33.66 -79.96
C LYS A 3659 -13.01 32.37 -79.26
N ALA A 3660 -13.78 31.29 -79.48
CA ALA A 3660 -13.53 30.03 -78.80
C ALA A 3660 -12.21 29.38 -79.21
N SER A 3661 -11.88 29.40 -80.50
CA SER A 3661 -10.77 28.59 -80.99
C SER A 3661 -9.48 29.37 -81.25
N TRP A 3662 -9.58 30.64 -81.64
CA TRP A 3662 -8.41 31.44 -81.99
C TRP A 3662 -7.98 32.43 -80.92
N ILE A 3663 -8.93 33.12 -80.30
CA ILE A 3663 -8.59 34.10 -79.27
C ILE A 3663 -8.36 33.43 -77.93
N LEU A 3664 -9.30 32.60 -77.50
CA LEU A 3664 -9.16 31.94 -76.20
C LEU A 3664 -7.94 31.02 -76.17
N THR A 3665 -7.60 30.41 -77.29
CA THR A 3665 -6.45 29.50 -77.32
C THR A 3665 -5.13 30.25 -77.32
N GLU A 3666 -5.14 31.53 -77.69
CA GLU A 3666 -3.91 32.31 -77.71
C GLU A 3666 -3.29 32.36 -76.33
N ASP A 3667 -1.99 32.11 -76.26
CA ASP A 3667 -1.24 32.13 -75.01
C ASP A 3667 -0.43 33.42 -74.96
N HIS A 3668 -0.70 34.24 -73.94
CA HIS A 3668 -0.02 35.51 -73.76
C HIS A 3668 0.28 35.68 -72.27
N SER A 3669 1.56 35.59 -71.92
CA SER A 3669 2.01 35.70 -70.54
C SER A 3669 2.48 37.13 -70.29
N PHE A 3670 1.73 37.86 -69.47
CA PHE A 3670 2.10 39.20 -69.06
C PHE A 3670 2.25 39.35 -67.56
N GLU A 3671 1.98 38.30 -66.78
CA GLU A 3671 1.92 38.44 -65.32
C GLU A 3671 3.29 38.77 -64.75
N ASP A 3672 4.33 38.07 -65.21
CA ASP A 3672 5.67 38.34 -64.69
C ASP A 3672 6.13 39.75 -65.02
N ARG A 3673 5.91 40.18 -66.27
CA ARG A 3673 6.29 41.53 -66.65
C ARG A 3673 5.53 42.57 -65.84
N MET A 3674 4.23 42.36 -65.65
CA MET A 3674 3.42 43.30 -64.89
C MET A 3674 3.91 43.39 -63.45
N ILE A 3675 4.20 42.24 -62.83
CA ILE A 3675 4.63 42.25 -61.44
C ILE A 3675 5.99 42.89 -61.31
N ASP A 3676 6.89 42.64 -62.26
CA ASP A 3676 8.20 43.29 -62.22
C ASP A 3676 8.06 44.80 -62.35
N ASP A 3677 7.23 45.24 -63.29
CA ASP A 3677 7.05 46.68 -63.50
C ASP A 3677 6.44 47.34 -62.27
N LEU A 3678 5.47 46.69 -61.64
CA LEU A 3678 4.83 47.24 -60.45
C LEU A 3678 5.76 47.20 -59.24
N SER A 3679 6.63 46.21 -59.15
CA SER A 3679 7.58 46.12 -58.04
C SER A 3679 8.72 47.11 -58.17
N LYS A 3680 9.09 47.50 -59.39
CA LYS A 3680 10.16 48.47 -59.58
C LYS A 3680 9.71 49.83 -59.06
N ALA A 3681 10.48 50.39 -58.13
CA ALA A 3681 10.28 51.78 -57.73
C ALA A 3681 11.10 52.70 -58.64
N GLY A 3682 10.74 53.97 -58.63
CA GLY A 3682 11.35 54.93 -59.53
C GLY A 3682 11.76 56.21 -58.83
N GLU A 3683 12.96 56.66 -59.16
CA GLU A 3683 13.46 57.98 -58.75
C GLU A 3683 13.28 58.20 -57.25
N GLN A 3684 13.61 57.17 -56.48
CA GLN A 3684 13.64 57.33 -55.03
C GLN A 3684 14.64 58.41 -54.63
N GLU A 3685 15.70 58.59 -55.42
CA GLU A 3685 16.63 59.69 -55.15
C GLU A 3685 15.94 61.03 -55.27
N GLU A 3686 15.14 61.22 -56.31
CA GLU A 3686 14.39 62.46 -56.46
C GLU A 3686 13.40 62.63 -55.31
N GLU A 3687 12.70 61.55 -54.95
CA GLU A 3687 11.79 61.64 -53.80
C GLU A 3687 12.53 61.94 -52.51
N GLU A 3688 13.83 61.63 -52.43
CA GLU A 3688 14.64 61.90 -51.26
C GLU A 3688 13.97 61.36 -49.99
N GLU A 3689 13.51 60.12 -50.08
CA GLU A 3689 12.82 59.46 -48.96
C GLU A 3689 13.83 58.86 -48.00
N GLU A 3690 14.58 59.74 -47.34
CA GLU A 3690 15.57 59.29 -46.37
C GLU A 3690 14.90 58.83 -45.08
N VAL A 3691 13.67 59.26 -44.83
CA VAL A 3691 12.93 58.81 -43.66
C VAL A 3691 12.78 57.30 -43.71
N GLU A 3692 12.81 56.65 -42.54
CA GLU A 3692 12.77 55.20 -42.50
C GLU A 3692 11.54 54.65 -43.21
N GLU A 3693 10.40 55.33 -43.06
CA GLU A 3693 9.15 54.89 -43.68
C GLU A 3693 9.19 55.23 -45.16
N LYS A 3694 9.60 54.26 -45.97
CA LYS A 3694 9.55 54.41 -47.42
C LYS A 3694 8.12 54.35 -47.90
N LYS A 3695 7.79 55.21 -48.86
CA LYS A 3695 6.48 55.16 -49.46
C LYS A 3695 6.31 53.84 -50.21
N PRO A 3696 5.16 53.18 -50.09
CA PRO A 3696 4.99 51.90 -50.78
C PRO A 3696 5.10 52.07 -52.29
N ASP A 3697 5.69 51.08 -52.94
CA ASP A 3697 5.76 51.04 -54.40
C ASP A 3697 4.41 50.64 -54.96
N PRO A 3698 4.23 50.71 -56.29
CA PRO A 3698 2.90 50.45 -56.86
C PRO A 3698 2.29 49.11 -56.49
N LEU A 3699 3.08 48.03 -56.50
CA LEU A 3699 2.56 46.72 -56.12
C LEU A 3699 2.13 46.72 -54.66
N HIS A 3700 2.94 47.33 -53.80
CA HIS A 3700 2.58 47.44 -52.39
C HIS A 3700 1.28 48.20 -52.22
N GLN A 3701 1.10 49.29 -52.98
CA GLN A 3701 -0.12 50.07 -52.90
C GLN A 3701 -1.33 49.28 -53.37
N LEU A 3702 -1.17 48.47 -54.42
CA LEU A 3702 -2.26 47.62 -54.88
C LEU A 3702 -2.66 46.61 -53.79
N VAL A 3703 -1.67 45.96 -53.19
CA VAL A 3703 -1.97 45.00 -52.14
C VAL A 3703 -2.63 45.71 -50.96
N LEU A 3704 -2.18 46.91 -50.63
CA LEU A 3704 -2.80 47.67 -49.55
C LEU A 3704 -4.24 48.04 -49.87
N HIS A 3705 -4.52 48.40 -51.12
CA HIS A 3705 -5.89 48.70 -51.51
C HIS A 3705 -6.79 47.49 -51.33
N PHE A 3706 -6.32 46.32 -51.76
CA PHE A 3706 -7.15 45.12 -51.59
C PHE A 3706 -7.29 44.75 -50.12
N SER A 3707 -6.25 44.97 -49.32
CA SER A 3707 -6.36 44.75 -47.88
C SER A 3707 -7.41 45.66 -47.26
N ARG A 3708 -7.42 46.93 -47.66
CA ARG A 3708 -8.44 47.85 -47.16
C ARG A 3708 -9.83 47.38 -47.55
N THR A 3709 -10.00 46.96 -48.80
CA THR A 3709 -11.31 46.47 -49.24
C THR A 3709 -11.74 45.27 -48.41
N ALA A 3710 -10.81 44.35 -48.13
CA ALA A 3710 -11.14 43.19 -47.32
C ALA A 3710 -11.49 43.58 -45.89
N LEU A 3711 -10.78 44.57 -45.33
CA LEU A 3711 -11.00 44.96 -43.94
C LEU A 3711 -12.23 45.84 -43.76
N THR A 3712 -12.78 46.40 -44.83
CA THR A 3712 -14.00 47.19 -44.69
C THR A 3712 -15.11 46.35 -44.07
N GLU A 3713 -15.85 46.95 -43.15
CA GLU A 3713 -16.92 46.25 -42.44
C GLU A 3713 -18.15 46.19 -43.34
N LYS A 3714 -18.53 44.99 -43.75
CA LYS A 3714 -19.69 44.79 -44.61
C LYS A 3714 -20.35 43.47 -44.26
N SER A 3715 -21.61 43.34 -44.68
CA SER A 3715 -22.34 42.09 -44.46
C SER A 3715 -21.75 40.96 -45.30
N LYS A 3716 -21.40 41.23 -46.56
CA LYS A 3716 -20.88 40.22 -47.46
C LYS A 3716 -19.76 40.81 -48.29
N LEU A 3717 -18.90 39.93 -48.81
CA LEU A 3717 -17.80 40.33 -49.67
C LEU A 3717 -18.29 40.37 -51.11
N ASP A 3718 -18.40 41.57 -51.68
CA ASP A 3718 -18.88 41.70 -53.05
C ASP A 3718 -17.86 41.15 -54.03
N GLU A 3719 -18.36 40.55 -55.10
CA GLU A 3719 -17.49 40.00 -56.15
C GLU A 3719 -16.77 41.15 -56.84
N ASP A 3720 -15.43 41.12 -56.81
CA ASP A 3720 -14.59 42.18 -57.36
C ASP A 3720 -13.76 41.58 -58.48
N TYR A 3721 -14.13 41.91 -59.72
CA TYR A 3721 -13.40 41.38 -60.88
C TYR A 3721 -11.96 41.87 -60.87
N LEU A 3722 -11.73 43.12 -60.46
CA LEU A 3722 -10.37 43.64 -60.41
C LEU A 3722 -9.52 42.86 -59.42
N TYR A 3723 -10.07 42.59 -58.23
CA TYR A 3723 -9.33 41.81 -57.25
C TYR A 3723 -9.05 40.41 -57.78
N MET A 3724 -10.04 39.78 -58.41
CA MET A 3724 -9.83 38.43 -58.92
C MET A 3724 -8.74 38.43 -59.98
N ALA A 3725 -8.75 39.39 -60.90
CA ALA A 3725 -7.75 39.45 -61.94
C ALA A 3725 -6.35 39.66 -61.36
N TYR A 3726 -6.23 40.58 -60.42
CA TYR A 3726 -4.91 40.87 -59.88
C TYR A 3726 -4.41 39.74 -58.98
N ALA A 3727 -5.32 39.06 -58.29
CA ALA A 3727 -4.94 37.88 -57.52
C ALA A 3727 -4.44 36.78 -58.45
N ASP A 3728 -5.10 36.58 -59.59
CA ASP A 3728 -4.62 35.61 -60.57
C ASP A 3728 -3.24 36.00 -61.08
N ILE A 3729 -3.03 37.29 -61.36
CA ILE A 3729 -1.73 37.74 -61.83
C ILE A 3729 -0.64 37.45 -60.80
N MET A 3730 -0.92 37.80 -59.54
CA MET A 3730 0.08 37.57 -58.49
C MET A 3730 0.35 36.08 -58.31
N ALA A 3731 -0.70 35.26 -58.36
CA ALA A 3731 -0.51 33.82 -58.21
C ALA A 3731 0.34 33.27 -59.35
N LYS A 3732 0.07 33.69 -60.58
CA LYS A 3732 0.86 33.23 -61.72
C LYS A 3732 2.29 33.75 -61.68
N SER A 3733 2.53 34.87 -60.99
CA SER A 3733 3.89 35.39 -60.92
C SER A 3733 4.81 34.46 -60.14
N CYS A 3734 4.27 33.58 -59.30
CA CYS A 3734 5.06 32.58 -58.58
C CYS A 3734 4.87 31.25 -59.33
N HIS A 3735 5.83 30.94 -60.20
CA HIS A 3735 5.61 29.89 -61.19
C HIS A 3735 5.49 28.51 -60.55
N LEU A 3736 6.45 28.15 -59.71
CA LEU A 3736 6.59 26.78 -59.21
C LEU A 3736 6.75 25.82 -60.39
N GLU A 3737 7.83 26.02 -61.14
CA GLU A 3737 8.14 25.20 -62.30
C GLU A 3737 8.53 23.78 -61.86
N VAL A 3752 13.43 13.26 -66.70
CA VAL A 3752 14.79 13.77 -66.62
C VAL A 3752 15.19 13.94 -65.15
N GLU A 3753 16.50 14.07 -64.92
CA GLU A 3753 17.05 14.26 -63.59
C GLU A 3753 17.72 15.63 -63.52
N VAL A 3754 17.37 16.41 -62.51
CA VAL A 3754 17.93 17.75 -62.31
C VAL A 3754 18.96 17.66 -61.19
N SER A 3755 20.06 18.40 -61.34
CA SER A 3755 21.13 18.36 -60.38
C SER A 3755 20.72 19.02 -59.08
N PHE A 3756 21.50 18.74 -58.02
CA PHE A 3756 21.25 19.37 -56.72
C PHE A 3756 21.33 20.88 -56.82
N GLU A 3757 22.33 21.38 -57.56
CA GLU A 3757 22.45 22.83 -57.76
C GLU A 3757 21.23 23.39 -58.47
N GLU A 3758 20.74 22.68 -59.50
CA GLU A 3758 19.58 23.16 -60.24
C GLU A 3758 18.35 23.19 -59.35
N LYS A 3759 18.16 22.15 -58.52
CA LYS A 3759 17.03 22.14 -57.59
C LYS A 3759 17.11 23.31 -56.62
N GLU A 3760 18.30 23.56 -56.06
CA GLU A 3760 18.45 24.67 -55.13
C GLU A 3760 18.18 26.00 -55.82
N MET A 3761 18.65 26.17 -57.05
CA MET A 3761 18.41 27.41 -57.77
C MET A 3761 16.92 27.61 -58.04
N GLU A 3762 16.21 26.53 -58.40
CA GLU A 3762 14.77 26.65 -58.60
C GLU A 3762 14.07 27.03 -57.30
N LYS A 3763 14.47 26.43 -56.19
CA LYS A 3763 13.87 26.77 -54.91
C LYS A 3763 14.11 28.23 -54.56
N GLN A 3764 15.33 28.73 -54.80
CA GLN A 3764 15.64 30.12 -54.50
C GLN A 3764 14.86 31.07 -55.41
N ARG A 3765 14.71 30.70 -56.68
CA ARG A 3765 13.91 31.52 -57.59
C ARG A 3765 12.47 31.62 -57.11
N LEU A 3766 11.88 30.49 -56.73
CA LEU A 3766 10.52 30.51 -56.22
C LEU A 3766 10.42 31.32 -54.94
N LEU A 3767 11.42 31.20 -54.07
CA LEU A 3767 11.41 31.98 -52.83
C LEU A 3767 11.45 33.48 -53.12
N TYR A 3768 12.27 33.90 -54.08
CA TYR A 3768 12.33 35.31 -54.43
C TYR A 3768 11.00 35.78 -55.00
N GLN A 3769 10.39 34.98 -55.88
CA GLN A 3769 9.11 35.38 -56.45
C GLN A 3769 8.05 35.50 -55.37
N GLN A 3770 8.04 34.58 -54.40
CA GLN A 3770 7.07 34.65 -53.33
C GLN A 3770 7.35 35.83 -52.40
N SER A 3771 8.63 36.16 -52.20
CA SER A 3771 8.97 37.29 -51.34
C SER A 3771 8.55 38.59 -51.98
N ARG A 3772 8.58 38.67 -53.31
CA ARG A 3772 8.09 39.87 -53.98
C ARG A 3772 6.69 40.23 -53.52
N LEU A 3773 5.86 39.22 -53.25
CA LEU A 3773 4.49 39.45 -52.80
C LEU A 3773 4.39 39.55 -51.27
N HIS A 3774 5.02 38.63 -50.54
CA HIS A 3774 4.78 38.60 -49.10
C HIS A 3774 5.53 39.71 -48.38
N ASN A 3775 6.48 40.35 -49.05
CA ASN A 3775 7.07 41.58 -48.50
C ASN A 3775 6.16 42.79 -48.70
N ARG A 3776 5.07 42.64 -49.45
CA ARG A 3776 4.12 43.71 -49.68
C ARG A 3776 2.79 43.49 -48.98
N GLY A 3777 2.72 42.53 -48.06
CA GLY A 3777 1.50 42.28 -47.32
C GLY A 3777 0.53 41.30 -47.96
N ALA A 3778 0.97 40.55 -48.96
CA ALA A 3778 0.07 39.63 -49.64
C ALA A 3778 -0.47 38.55 -48.71
N ALA A 3779 0.34 38.09 -47.76
CA ALA A 3779 -0.11 37.05 -46.85
C ALA A 3779 -1.25 37.55 -45.97
N GLU A 3780 -1.07 38.74 -45.37
CA GLU A 3780 -2.13 39.31 -44.57
C GLU A 3780 -3.37 39.60 -45.42
N MET A 3781 -3.16 40.04 -46.67
CA MET A 3781 -4.30 40.26 -47.56
C MET A 3781 -5.06 38.97 -47.81
N VAL A 3782 -4.35 37.87 -48.01
CA VAL A 3782 -5.00 36.58 -48.23
C VAL A 3782 -5.82 36.18 -47.01
N LEU A 3783 -5.22 36.30 -45.83
CA LEU A 3783 -5.97 35.94 -44.61
C LEU A 3783 -7.19 36.83 -44.43
N GLN A 3784 -7.04 38.14 -44.68
CA GLN A 3784 -8.15 39.06 -44.52
C GLN A 3784 -9.28 38.74 -45.50
N MET A 3785 -8.94 38.40 -46.74
CA MET A 3785 -9.96 38.07 -47.71
C MET A 3785 -10.66 36.77 -47.37
N ILE A 3786 -9.93 35.78 -46.87
CA ILE A 3786 -10.57 34.55 -46.42
C ILE A 3786 -11.55 34.85 -45.30
N SER A 3787 -11.13 35.68 -44.33
CA SER A 3787 -12.04 36.04 -43.25
C SER A 3787 -13.26 36.80 -43.77
N ALA A 3788 -13.05 37.70 -44.73
CA ALA A 3788 -14.14 38.54 -45.23
C ALA A 3788 -15.14 37.73 -46.04
N CYS A 3789 -14.70 36.63 -46.66
CA CYS A 3789 -15.64 35.81 -47.42
C CYS A 3789 -16.74 35.25 -46.53
N LYS A 3790 -16.49 35.16 -45.21
CA LYS A 3790 -17.50 34.73 -44.25
C LYS A 3790 -18.09 33.37 -44.62
N GLY A 3791 -17.23 32.46 -45.07
CA GLY A 3791 -17.65 31.10 -45.32
C GLY A 3791 -18.45 30.87 -46.58
N GLU A 3792 -18.56 31.88 -47.45
CA GLU A 3792 -19.32 31.76 -48.68
C GLU A 3792 -18.38 31.37 -49.82
N THR A 3793 -18.70 30.29 -50.51
CA THR A 3793 -17.90 29.86 -51.65
C THR A 3793 -18.13 30.79 -52.83
N GLY A 3794 -17.15 30.84 -53.71
CA GLY A 3794 -17.27 31.67 -54.90
C GLY A 3794 -15.91 31.97 -55.51
N ALA A 3795 -15.97 32.78 -56.57
CA ALA A 3795 -14.75 33.14 -57.29
C ALA A 3795 -13.78 33.91 -56.40
N MET A 3796 -14.29 34.78 -55.53
CA MET A 3796 -13.40 35.55 -54.67
C MET A 3796 -12.56 34.64 -53.78
N VAL A 3797 -13.21 33.73 -53.06
CA VAL A 3797 -12.47 32.85 -52.16
C VAL A 3797 -11.61 31.87 -52.95
N SER A 3798 -12.08 31.44 -54.13
CA SER A 3798 -11.25 30.57 -54.95
C SER A 3798 -9.95 31.25 -55.35
N SER A 3799 -10.03 32.50 -55.81
CA SER A 3799 -8.83 33.24 -56.18
C SER A 3799 -7.95 33.48 -54.96
N THR A 3800 -8.55 33.80 -53.81
CA THR A 3800 -7.77 34.03 -52.61
C THR A 3800 -7.00 32.77 -52.21
N LEU A 3801 -7.66 31.61 -52.27
CA LEU A 3801 -6.99 30.36 -51.92
C LEU A 3801 -5.88 30.04 -52.91
N LYS A 3802 -6.11 30.29 -54.20
CA LYS A 3802 -5.07 30.04 -55.18
C LYS A 3802 -3.86 30.94 -54.94
N LEU A 3803 -4.09 32.22 -54.62
CA LEU A 3803 -2.97 33.11 -54.31
C LEU A 3803 -2.23 32.66 -53.07
N GLY A 3804 -2.96 32.25 -52.03
CA GLY A 3804 -2.31 31.75 -50.83
C GLY A 3804 -1.46 30.53 -51.10
N ILE A 3805 -1.97 29.60 -51.91
CA ILE A 3805 -1.19 28.44 -52.31
C ILE A 3805 0.05 28.87 -53.07
N SER A 3806 -0.09 29.83 -53.98
CA SER A 3806 1.05 30.26 -54.77
C SER A 3806 2.15 30.83 -53.88
N ILE A 3807 1.79 31.64 -52.88
CA ILE A 3807 2.81 32.21 -52.01
C ILE A 3807 3.30 31.25 -50.95
N LEU A 3808 2.56 30.17 -50.67
CA LEU A 3808 3.00 29.19 -49.68
C LEU A 3808 3.66 27.96 -50.27
N ASN A 3809 3.69 27.82 -51.59
CA ASN A 3809 4.20 26.61 -52.22
C ASN A 3809 5.63 26.32 -51.76
N GLY A 3810 5.92 25.04 -51.54
CA GLY A 3810 7.20 24.62 -51.04
C GLY A 3810 7.37 24.73 -49.54
N GLY A 3811 6.33 25.14 -48.82
CA GLY A 3811 6.42 25.31 -47.39
C GLY A 3811 7.20 26.55 -47.01
N ASN A 3812 6.76 27.71 -47.52
CA ASN A 3812 7.47 28.95 -47.25
C ASN A 3812 7.39 29.30 -45.77
N ALA A 3813 8.50 29.14 -45.07
CA ALA A 3813 8.50 29.38 -43.63
C ALA A 3813 8.25 30.84 -43.29
N GLU A 3814 8.79 31.76 -44.08
CA GLU A 3814 8.56 33.18 -43.82
C GLU A 3814 7.09 33.55 -43.97
N VAL A 3815 6.43 33.04 -45.02
CA VAL A 3815 5.01 33.30 -45.19
C VAL A 3815 4.21 32.66 -44.07
N GLN A 3816 4.57 31.44 -43.68
CA GLN A 3816 3.89 30.80 -42.56
C GLN A 3816 4.01 31.64 -41.29
N GLN A 3817 5.22 32.14 -41.03
CA GLN A 3817 5.43 32.96 -39.84
C GLN A 3817 4.61 34.23 -39.89
N LYS A 3818 4.57 34.90 -41.05
CA LYS A 3818 3.79 36.12 -41.16
C LYS A 3818 2.30 35.84 -40.94
N MET A 3819 1.79 34.78 -41.55
CA MET A 3819 0.38 34.45 -41.38
C MET A 3819 0.06 34.13 -39.92
N LEU A 3820 0.89 33.32 -39.28
CA LEU A 3820 0.63 32.96 -37.89
C LEU A 3820 0.70 34.18 -36.98
N ASP A 3821 1.69 35.05 -37.20
CA ASP A 3821 1.79 36.26 -36.39
C ASP A 3821 0.58 37.15 -36.58
N TYR A 3822 0.12 37.32 -37.81
CA TYR A 3822 -1.06 38.13 -38.05
C TYR A 3822 -2.29 37.55 -37.36
N LEU A 3823 -2.48 36.23 -37.49
CA LEU A 3823 -3.66 35.62 -36.88
C LEU A 3823 -3.61 35.75 -35.36
N LYS A 3824 -2.45 35.50 -34.75
CA LYS A 3824 -2.35 35.56 -33.30
C LYS A 3824 -2.39 36.99 -32.77
N ASP A 3825 -2.02 37.97 -33.59
CA ASP A 3825 -2.12 39.36 -33.19
C ASP A 3825 -3.56 39.86 -33.27
N LYS A 3826 -4.28 39.50 -34.33
CA LYS A 3826 -5.66 39.96 -34.47
C LYS A 3826 -6.60 39.21 -33.54
N LYS A 3827 -6.32 37.94 -33.26
CA LYS A 3827 -7.16 37.15 -32.36
C LYS A 3827 -8.62 37.17 -32.82
N GLU A 3828 -8.82 37.02 -34.12
CA GLU A 3828 -10.16 37.08 -34.71
C GLU A 3828 -10.64 35.67 -35.03
N VAL A 3829 -11.87 35.37 -34.61
CA VAL A 3829 -12.46 34.05 -34.85
C VAL A 3829 -13.02 33.92 -36.25
N GLY A 3830 -13.17 35.02 -36.98
CA GLY A 3830 -13.79 34.97 -38.29
C GLY A 3830 -13.02 34.13 -39.29
N PHE A 3831 -11.69 34.14 -39.22
CA PHE A 3831 -10.89 33.38 -40.18
C PHE A 3831 -11.20 31.90 -40.11
N PHE A 3832 -11.13 31.32 -38.92
CA PHE A 3832 -11.38 29.89 -38.79
C PHE A 3832 -12.87 29.57 -38.90
N GLN A 3833 -13.75 30.51 -38.53
CA GLN A 3833 -15.16 30.29 -38.80
C GLN A 3833 -15.42 30.17 -40.30
N SER A 3834 -14.80 31.04 -41.10
CA SER A 3834 -14.93 30.96 -42.54
C SER A 3834 -14.33 29.67 -43.09
N ILE A 3835 -13.19 29.27 -42.55
CA ILE A 3835 -12.56 28.02 -43.00
C ILE A 3835 -13.49 26.84 -42.74
N GLN A 3836 -14.06 26.79 -41.54
CA GLN A 3836 -14.97 25.70 -41.20
C GLN A 3836 -16.20 25.70 -42.08
N ALA A 3837 -16.76 26.89 -42.34
CA ALA A 3837 -17.94 26.97 -43.20
C ALA A 3837 -17.64 26.49 -44.61
N LEU A 3838 -16.49 26.90 -45.17
CA LEU A 3838 -16.12 26.44 -46.50
C LEU A 3838 -15.93 24.92 -46.51
N MET A 3839 -15.26 24.38 -45.49
CA MET A 3839 -15.05 22.95 -45.42
C MET A 3839 -16.37 22.20 -45.38
N GLN A 3840 -17.34 22.72 -44.62
CA GLN A 3840 -18.65 22.10 -44.57
C GLN A 3840 -19.40 22.21 -45.89
N THR A 3841 -19.18 23.28 -46.65
CA THR A 3841 -19.81 23.41 -47.95
C THR A 3841 -19.16 22.51 -49.00
N CYS A 3842 -17.93 22.07 -48.78
CA CYS A 3842 -17.28 21.17 -49.74
C CYS A 3842 -18.13 19.91 -49.93
N SER A 3843 -18.29 19.50 -51.19
CA SER A 3843 -19.21 18.43 -51.54
C SER A 3843 -18.47 17.10 -51.73
N VAL A 3844 -19.25 16.03 -51.82
CA VAL A 3844 -18.76 14.68 -52.01
C VAL A 3844 -19.52 14.05 -53.17
N LEU A 3845 -19.25 12.77 -53.43
CA LEU A 3845 -19.93 12.04 -54.50
C LEU A 3845 -21.42 11.96 -54.20
N ASP A 3846 -22.24 12.26 -55.20
CA ASP A 3846 -23.69 12.27 -55.07
C ASP A 3846 -24.29 11.33 -56.11
N LEU A 3847 -24.86 10.21 -55.65
CA LEU A 3847 -25.37 9.21 -56.57
C LEU A 3847 -26.64 9.68 -57.27
N ASN A 3848 -27.49 10.44 -56.58
CA ASN A 3848 -28.68 10.98 -57.25
C ASN A 3848 -28.28 11.93 -58.37
N ALA A 3849 -27.31 12.81 -58.11
CA ALA A 3849 -26.83 13.69 -59.16
C ALA A 3849 -26.21 12.89 -60.29
N PHE A 3850 -25.50 11.81 -59.96
CA PHE A 3850 -24.92 10.95 -60.99
C PHE A 3850 -26.00 10.36 -61.89
N GLU A 3851 -27.08 9.86 -61.28
CA GLU A 3851 -28.15 9.27 -62.08
C GLU A 3851 -28.84 10.32 -62.93
N ARG A 3852 -29.07 11.51 -62.38
CA ARG A 3852 -29.68 12.58 -63.17
C ARG A 3852 -28.79 12.95 -64.35
N GLN A 3853 -27.48 13.04 -64.12
CA GLN A 3853 -26.55 13.34 -65.21
C GLN A 3853 -26.56 12.24 -66.27
N ASN A 3854 -26.63 10.98 -65.84
CA ASN A 3854 -26.71 9.89 -66.80
C ASN A 3854 -27.95 10.00 -67.67
N LYS A 3855 -29.09 10.30 -67.05
CA LYS A 3855 -30.32 10.48 -67.84
C LYS A 3855 -30.18 11.66 -68.80
N ALA A 3856 -29.61 12.77 -68.33
CA ALA A 3856 -29.46 13.94 -69.18
C ALA A 3856 -28.59 13.64 -70.38
N GLU A 3857 -27.47 12.93 -70.16
CA GLU A 3857 -26.62 12.52 -71.26
C GLU A 3857 -27.36 11.56 -72.20
N GLY A 3858 -28.17 10.66 -71.63
CA GLY A 3858 -28.94 9.76 -72.47
C GLY A 3858 -29.85 10.52 -73.42
N LEU A 3859 -30.46 11.60 -72.94
CA LEU A 3859 -31.27 12.44 -73.83
C LEU A 3859 -30.43 12.87 -75.03
N GLY A 3860 -31.00 12.68 -76.23
CA GLY A 3860 -30.30 12.95 -77.46
C GLY A 3860 -30.79 14.22 -78.15
N MET A 3861 -30.06 14.59 -79.20
CA MET A 3861 -30.36 15.77 -80.00
C MET A 3861 -31.30 15.38 -81.12
N VAL A 3862 -32.13 16.33 -81.56
CA VAL A 3862 -32.92 16.18 -82.76
C VAL A 3862 -32.84 17.39 -83.66
N ASN A 3863 -32.22 18.48 -83.22
CA ASN A 3863 -32.10 19.71 -83.98
C ASN A 3863 -30.63 20.14 -84.02
N GLU A 3864 -30.40 21.36 -84.50
CA GLU A 3864 -29.04 21.87 -84.61
C GLU A 3864 -28.37 21.92 -83.25
N ASP A 3865 -27.05 21.72 -83.25
CA ASP A 3865 -26.29 21.76 -82.00
C ASP A 3865 -26.42 23.11 -81.32
N GLY A 3866 -26.45 24.19 -82.10
CA GLY A 3866 -26.64 25.50 -81.51
C GLY A 3866 -27.99 25.64 -80.84
N THR A 3867 -29.05 25.13 -81.48
CA THR A 3867 -30.38 25.20 -80.89
C THR A 3867 -30.46 24.38 -79.61
N VAL A 3868 -29.86 23.18 -79.62
CA VAL A 3868 -29.88 22.32 -78.44
C VAL A 3868 -28.74 22.73 -77.51
N ILE A 3869 -28.83 22.31 -76.24
CA ILE A 3869 -27.78 22.64 -75.27
C ILE A 3869 -26.61 21.67 -75.34
N ASN A 3870 -26.78 20.51 -75.99
CA ASN A 3870 -25.77 19.47 -76.12
C ASN A 3870 -25.48 18.77 -74.80
N ARG A 3871 -26.31 18.99 -73.77
CA ARG A 3871 -26.14 18.34 -72.47
C ARG A 3871 -24.73 18.53 -71.94
N GLN A 3872 -24.09 19.64 -72.31
CA GLN A 3872 -22.77 20.00 -71.81
C GLN A 3872 -22.84 20.76 -70.48
N ASN A 3873 -23.95 20.64 -69.76
CA ASN A 3873 -24.08 21.30 -68.46
C ASN A 3873 -22.93 20.91 -67.55
N GLY A 3874 -22.43 21.89 -66.81
CA GLY A 3874 -21.34 21.66 -65.87
C GLY A 3874 -21.57 20.41 -65.05
N GLU A 3875 -20.48 19.74 -64.65
CA GLU A 3875 -20.60 18.49 -63.93
C GLU A 3875 -21.43 18.68 -62.67
N LYS A 3876 -22.32 17.72 -62.41
CA LYS A 3876 -23.15 17.76 -61.20
C LYS A 3876 -22.56 16.97 -60.05
N VAL A 3877 -21.60 16.09 -60.30
CA VAL A 3877 -20.98 15.26 -59.28
C VAL A 3877 -19.64 15.87 -58.92
N MET A 3878 -19.49 16.27 -57.66
CA MET A 3878 -18.26 16.89 -57.17
C MET A 3878 -17.83 18.01 -58.12
N ALA A 3879 -18.76 18.95 -58.35
CA ALA A 3879 -18.49 20.07 -59.24
C ALA A 3879 -17.45 21.03 -58.67
N ASP A 3880 -17.27 21.04 -57.35
CA ASP A 3880 -16.32 21.92 -56.68
C ASP A 3880 -15.08 21.17 -56.20
N ASP A 3881 -14.71 20.09 -56.89
CA ASP A 3881 -13.56 19.31 -56.47
C ASP A 3881 -12.29 20.13 -56.52
N GLU A 3882 -12.16 21.02 -57.50
CA GLU A 3882 -10.99 21.88 -57.57
C GLU A 3882 -10.92 22.79 -56.36
N PHE A 3883 -12.04 23.38 -55.96
CA PHE A 3883 -12.05 24.24 -54.78
C PHE A 3883 -11.71 23.44 -53.52
N THR A 3884 -12.26 22.23 -53.41
CA THR A 3884 -11.96 21.40 -52.24
C THR A 3884 -10.47 21.09 -52.16
N GLN A 3885 -9.88 20.72 -53.30
CA GLN A 3885 -8.46 20.44 -53.33
C GLN A 3885 -7.66 21.69 -52.97
N ASP A 3886 -8.07 22.85 -53.46
CA ASP A 3886 -7.37 24.08 -53.13
C ASP A 3886 -7.45 24.39 -51.64
N LEU A 3887 -8.63 24.22 -51.04
CA LEU A 3887 -8.80 24.50 -49.62
C LEU A 3887 -7.90 23.60 -48.78
N PHE A 3888 -7.92 22.30 -49.07
CA PHE A 3888 -7.10 21.40 -48.26
C PHE A 3888 -5.62 21.53 -48.58
N ARG A 3889 -5.27 21.92 -49.80
CA ARG A 3889 -3.88 22.22 -50.13
C ARG A 3889 -3.39 23.43 -49.36
N PHE A 3890 -4.22 24.46 -49.23
CA PHE A 3890 -3.85 25.63 -48.45
C PHE A 3890 -3.65 25.26 -46.99
N LEU A 3891 -4.58 24.47 -46.44
CA LEU A 3891 -4.43 24.04 -45.05
C LEU A 3891 -3.18 23.20 -44.85
N GLN A 3892 -2.86 22.33 -45.81
CA GLN A 3892 -1.63 21.55 -45.74
C GLN A 3892 -0.41 22.44 -45.78
N LEU A 3893 -0.37 23.39 -46.73
CA LEU A 3893 0.78 24.26 -46.89
C LEU A 3893 0.99 25.14 -45.68
N LEU A 3894 -0.06 25.43 -44.91
CA LEU A 3894 0.14 26.15 -43.66
C LEU A 3894 1.06 25.38 -42.71
N CYS A 3895 1.00 24.04 -42.74
CA CYS A 3895 1.80 23.21 -41.85
C CYS A 3895 3.01 22.59 -42.53
N GLU A 3896 3.16 22.76 -43.85
CA GLU A 3896 4.26 22.11 -44.56
C GLU A 3896 5.59 22.48 -43.93
N GLY A 3897 6.48 21.49 -43.87
CA GLY A 3897 7.76 21.66 -43.19
C GLY A 3897 7.73 21.33 -41.72
N HIS A 3898 6.64 20.76 -41.22
CA HIS A 3898 6.50 20.42 -39.80
C HIS A 3898 6.54 21.67 -38.93
N ASN A 3899 5.74 22.66 -39.32
CA ASN A 3899 5.60 23.89 -38.55
C ASN A 3899 4.79 23.57 -37.30
N ASN A 3900 5.47 23.34 -36.18
CA ASN A 3900 4.79 22.91 -34.96
C ASN A 3900 3.82 23.97 -34.47
N ASP A 3901 4.22 25.24 -34.53
CA ASP A 3901 3.35 26.30 -34.03
C ASP A 3901 2.04 26.36 -34.80
N PHE A 3902 2.12 26.28 -36.14
CA PHE A 3902 0.90 26.38 -36.92
C PHE A 3902 0.09 25.09 -36.85
N GLN A 3903 0.77 23.95 -36.69
CA GLN A 3903 0.05 22.70 -36.48
C GLN A 3903 -0.77 22.75 -35.20
N ASN A 3904 -0.17 23.27 -34.11
CA ASN A 3904 -0.92 23.43 -32.87
C ASN A 3904 -2.03 24.45 -33.02
N TYR A 3905 -1.77 25.55 -33.72
CA TYR A 3905 -2.77 26.59 -33.88
C TYR A 3905 -3.98 26.09 -34.64
N LEU A 3906 -3.77 25.27 -35.67
CA LEU A 3906 -4.90 24.71 -36.41
C LEU A 3906 -5.80 23.89 -35.50
N ARG A 3907 -5.25 23.27 -34.45
CA ARG A 3907 -6.07 22.49 -33.54
C ARG A 3907 -6.75 23.38 -32.50
N THR A 3908 -6.01 24.30 -31.89
CA THR A 3908 -6.55 25.14 -30.83
C THR A 3908 -5.96 26.53 -30.95
N GLN A 3909 -6.82 27.54 -30.96
CA GLN A 3909 -6.41 28.95 -30.96
C GLN A 3909 -6.57 29.45 -29.54
N THR A 3910 -5.48 29.43 -28.78
CA THR A 3910 -5.55 29.68 -27.34
C THR A 3910 -6.06 31.09 -27.05
N GLY A 3911 -5.57 32.08 -27.78
CA GLY A 3911 -5.89 33.46 -27.46
C GLY A 3911 -7.30 33.88 -27.84
N ASN A 3912 -7.93 33.17 -28.77
CA ASN A 3912 -9.26 33.55 -29.23
C ASN A 3912 -10.31 33.21 -28.18
N THR A 3913 -11.44 33.92 -28.25
CA THR A 3913 -12.53 33.65 -27.33
C THR A 3913 -13.13 32.26 -27.57
N THR A 3914 -13.22 31.86 -28.83
CA THR A 3914 -13.67 30.53 -29.20
C THR A 3914 -12.66 29.91 -30.16
N THR A 3915 -12.56 28.59 -30.13
CA THR A 3915 -11.62 27.86 -30.94
C THR A 3915 -12.35 26.86 -31.82
N ILE A 3916 -11.76 26.55 -32.97
CA ILE A 3916 -12.28 25.57 -33.91
C ILE A 3916 -11.16 24.58 -34.22
N ASN A 3917 -11.47 23.29 -34.12
CA ASN A 3917 -10.49 22.24 -34.36
C ASN A 3917 -10.50 21.89 -35.84
N ILE A 3918 -9.63 22.53 -36.61
CA ILE A 3918 -9.57 22.28 -38.05
C ILE A 3918 -9.15 20.85 -38.35
N ILE A 3919 -8.39 20.22 -37.45
CA ILE A 3919 -8.02 18.82 -37.65
C ILE A 3919 -9.27 17.95 -37.65
N ILE A 3920 -10.14 18.14 -36.66
CA ILE A 3920 -11.37 17.37 -36.60
C ILE A 3920 -12.31 17.75 -37.74
N CYS A 3921 -12.30 19.01 -38.18
CA CYS A 3921 -13.11 19.37 -39.34
C CYS A 3921 -12.64 18.60 -40.58
N THR A 3922 -11.32 18.50 -40.77
CA THR A 3922 -10.78 17.72 -41.88
C THR A 3922 -11.18 16.26 -41.76
N VAL A 3923 -11.13 15.71 -40.54
CA VAL A 3923 -11.52 14.32 -40.34
C VAL A 3923 -12.99 14.13 -40.69
N ASP A 3924 -13.83 15.09 -40.31
CA ASP A 3924 -15.26 14.99 -40.62
C ASP A 3924 -15.50 15.00 -42.13
N TYR A 3925 -14.82 15.89 -42.85
CA TYR A 3925 -14.96 15.87 -44.31
C TYR A 3925 -14.48 14.56 -44.89
N LEU A 3926 -13.36 14.03 -44.37
CA LEU A 3926 -12.86 12.76 -44.87
C LEU A 3926 -13.87 11.65 -44.65
N LEU A 3927 -14.54 11.65 -43.48
CA LEU A 3927 -15.57 10.64 -43.23
C LEU A 3927 -16.73 10.77 -44.20
N ARG A 3928 -17.16 12.00 -44.48
CA ARG A 3928 -18.24 12.19 -45.44
C ARG A 3928 -17.83 11.67 -46.82
N LEU A 3929 -16.62 12.00 -47.25
CA LEU A 3929 -16.13 11.55 -48.55
C LEU A 3929 -16.01 10.03 -48.60
N GLN A 3930 -15.54 9.42 -47.51
CA GLN A 3930 -15.43 7.97 -47.46
C GLN A 3930 -16.81 7.31 -47.60
N GLU A 3931 -17.80 7.86 -46.90
CA GLU A 3931 -19.15 7.30 -47.01
C GLU A 3931 -19.69 7.44 -48.43
N SER A 3932 -19.43 8.59 -49.07
CA SER A 3932 -19.86 8.76 -50.45
C SER A 3932 -19.17 7.75 -51.37
N ILE A 3933 -17.88 7.51 -51.17
CA ILE A 3933 -17.15 6.56 -52.00
C ILE A 3933 -17.66 5.15 -51.78
N SER A 3934 -17.99 4.81 -50.54
CA SER A 3934 -18.57 3.49 -50.28
C SER A 3934 -19.92 3.34 -50.97
N ASP A 3935 -20.73 4.39 -50.95
CA ASP A 3935 -22.00 4.35 -51.66
C ASP A 3935 -21.78 4.13 -53.16
N PHE A 3936 -20.79 4.82 -53.72
CA PHE A 3936 -20.49 4.65 -55.14
C PHE A 3936 -20.05 3.22 -55.43
N TYR A 3937 -19.22 2.65 -54.57
CA TYR A 3937 -18.78 1.27 -54.77
C TYR A 3937 -19.97 0.32 -54.72
N TRP A 3938 -20.88 0.52 -53.77
CA TRP A 3938 -22.05 -0.34 -53.70
C TRP A 3938 -22.92 -0.18 -54.94
N TYR A 3939 -23.02 1.04 -55.46
CA TYR A 3939 -23.77 1.25 -56.69
C TYR A 3939 -23.16 0.44 -57.84
N TYR A 3940 -21.84 0.41 -57.93
CA TYR A 3940 -21.17 -0.26 -59.04
C TYR A 3940 -20.80 -1.71 -58.76
N SER A 3941 -21.13 -2.24 -57.58
CA SER A 3941 -20.65 -3.57 -57.22
C SER A 3941 -21.24 -4.64 -58.13
N GLY A 3942 -22.53 -4.55 -58.44
CA GLY A 3942 -23.18 -5.55 -59.27
C GLY A 3942 -22.70 -5.53 -60.70
N LYS A 3943 -22.42 -4.33 -61.22
CA LYS A 3943 -22.06 -4.20 -62.63
C LYS A 3943 -20.71 -4.85 -62.89
N ASP A 3944 -20.59 -5.50 -64.06
CA ASP A 3944 -19.35 -6.18 -64.40
C ASP A 3944 -18.20 -5.21 -64.61
N VAL A 3945 -18.46 -4.09 -65.30
CA VAL A 3945 -17.44 -3.12 -65.62
C VAL A 3945 -17.97 -1.72 -65.34
N ILE A 3946 -17.10 -0.85 -64.83
CA ILE A 3946 -17.46 0.54 -64.54
C ILE A 3946 -17.34 1.35 -65.82
N GLU A 3947 -18.39 2.08 -66.17
CA GLU A 3947 -18.37 2.89 -67.38
C GLU A 3947 -17.43 4.08 -67.22
N GLU A 3948 -17.25 4.82 -68.31
CA GLU A 3948 -16.28 5.91 -68.32
C GLU A 3948 -16.68 7.03 -67.37
N GLN A 3949 -17.97 7.36 -67.33
CA GLN A 3949 -18.44 8.43 -66.44
C GLN A 3949 -18.22 8.07 -64.99
N GLY A 3950 -18.59 6.84 -64.61
CA GLY A 3950 -18.34 6.39 -63.25
C GLY A 3950 -16.86 6.36 -62.92
N LYS A 3951 -16.03 5.96 -63.89
CA LYS A 3951 -14.59 5.96 -63.67
C LYS A 3951 -14.07 7.37 -63.42
N ARG A 3952 -14.56 8.34 -64.19
CA ARG A 3952 -14.11 9.71 -64.01
C ARG A 3952 -14.54 10.26 -62.65
N ASN A 3953 -15.77 9.95 -62.22
CA ASN A 3953 -16.21 10.39 -60.91
C ASN A 3953 -15.38 9.74 -59.80
N PHE A 3954 -15.10 8.44 -59.93
CA PHE A 3954 -14.23 7.77 -58.98
C PHE A 3954 -12.87 8.44 -58.92
N SER A 3955 -12.32 8.80 -60.08
CA SER A 3955 -11.00 9.42 -60.11
C SER A 3955 -11.01 10.78 -59.42
N LYS A 3956 -12.06 11.58 -59.66
CA LYS A 3956 -12.16 12.87 -58.98
C LYS A 3956 -12.22 12.69 -57.47
N ALA A 3957 -13.07 11.77 -57.01
CA ALA A 3957 -13.17 11.52 -55.58
C ALA A 3957 -11.84 11.04 -55.00
N MET A 3958 -11.12 10.18 -55.73
CA MET A 3958 -9.84 9.69 -55.24
C MET A 3958 -8.80 10.80 -55.18
N SER A 3959 -8.80 11.72 -56.14
CA SER A 3959 -7.87 12.85 -56.07
C SER A 3959 -8.17 13.72 -54.85
N VAL A 3960 -9.44 13.99 -54.59
CA VAL A 3960 -9.79 14.78 -53.41
C VAL A 3960 -9.35 14.05 -52.14
N ALA A 3961 -9.60 12.74 -52.07
CA ALA A 3961 -9.21 11.97 -50.89
C ALA A 3961 -7.70 11.97 -50.72
N LYS A 3962 -6.96 11.90 -51.82
CA LYS A 3962 -5.50 11.98 -51.74
C LYS A 3962 -5.07 13.31 -51.13
N GLN A 3963 -5.67 14.40 -51.58
CA GLN A 3963 -5.32 15.70 -51.00
C GLN A 3963 -5.64 15.74 -49.52
N VAL A 3964 -6.78 15.18 -49.11
CA VAL A 3964 -7.16 15.22 -47.70
C VAL A 3964 -6.19 14.39 -46.86
N PHE A 3965 -5.81 13.21 -47.36
CA PHE A 3965 -4.83 12.40 -46.65
C PHE A 3965 -3.51 13.12 -46.50
N ASN A 3966 -3.07 13.80 -47.56
CA ASN A 3966 -1.84 14.59 -47.46
C ASN A 3966 -1.97 15.69 -46.41
N SER A 3967 -3.14 16.33 -46.35
CA SER A 3967 -3.36 17.37 -45.36
C SER A 3967 -3.25 16.81 -43.94
N LEU A 3968 -3.88 15.68 -43.69
CA LEU A 3968 -3.80 15.08 -42.35
C LEU A 3968 -2.36 14.69 -42.02
N THR A 3969 -1.65 14.13 -43.00
CA THR A 3969 -0.26 13.77 -42.78
C THR A 3969 0.56 15.00 -42.41
N GLU A 3970 0.35 16.12 -43.09
CA GLU A 3970 1.07 17.33 -42.74
C GLU A 3970 0.65 17.86 -41.38
N TYR A 3971 -0.62 17.67 -41.00
CA TYR A 3971 -1.04 18.06 -39.67
C TYR A 3971 -0.26 17.34 -38.58
N ILE A 3972 -0.03 16.02 -38.74
CA ILE A 3972 0.52 15.23 -37.65
C ILE A 3972 2.02 15.04 -37.74
N GLN A 3973 2.63 15.20 -38.91
CA GLN A 3973 4.06 14.88 -39.04
C GLN A 3973 4.93 15.87 -38.29
N GLY A 3974 6.05 15.38 -37.78
CA GLY A 3974 7.03 16.21 -37.12
C GLY A 3974 7.61 15.62 -35.85
N PRO A 3975 6.81 14.93 -35.03
CA PRO A 3975 5.35 14.83 -34.95
C PRO A 3975 4.75 15.96 -34.11
N CYS A 3976 3.49 16.30 -34.39
CA CYS A 3976 2.71 17.15 -33.50
C CYS A 3976 1.91 16.23 -32.60
N THR A 3977 2.36 16.07 -31.35
CA THR A 3977 1.75 15.09 -30.46
C THR A 3977 0.30 15.42 -30.18
N GLY A 3978 -0.02 16.70 -30.01
CA GLY A 3978 -1.41 17.08 -29.79
C GLY A 3978 -2.31 16.70 -30.95
N ASN A 3979 -1.85 16.95 -32.17
CA ASN A 3979 -2.63 16.56 -33.34
C ASN A 3979 -2.75 15.05 -33.44
N GLN A 3980 -1.68 14.34 -33.11
CA GLN A 3980 -1.75 12.88 -33.10
C GLN A 3980 -2.82 12.39 -32.13
N GLN A 3981 -2.85 12.95 -30.92
CA GLN A 3981 -3.84 12.55 -29.94
C GLN A 3981 -5.25 12.89 -30.40
N SER A 3982 -5.44 14.09 -30.96
CA SER A 3982 -6.77 14.48 -31.43
C SER A 3982 -7.24 13.54 -32.54
N LEU A 3983 -6.37 13.21 -33.48
CA LEU A 3983 -6.75 12.27 -34.53
C LEU A 3983 -7.04 10.89 -33.95
N ALA A 3984 -6.23 10.44 -33.00
CA ALA A 3984 -6.44 9.13 -32.41
C ALA A 3984 -7.80 9.04 -31.73
N HIS A 3985 -8.27 10.13 -31.13
CA HIS A 3985 -9.56 10.14 -30.46
C HIS A 3985 -10.70 10.58 -31.38
N SER A 3986 -10.40 10.98 -32.61
CA SER A 3986 -11.42 11.38 -33.55
C SER A 3986 -12.08 10.16 -34.20
N ARG A 3987 -12.90 10.40 -35.22
CA ARG A 3987 -13.53 9.35 -36.01
C ARG A 3987 -12.67 8.91 -37.18
N LEU A 3988 -11.36 9.16 -37.12
CA LEU A 3988 -10.48 8.79 -38.23
C LEU A 3988 -10.45 7.29 -38.43
N TRP A 3989 -10.52 6.52 -37.35
CA TRP A 3989 -10.44 5.07 -37.46
C TRP A 3989 -11.60 4.51 -38.26
N ASP A 3990 -12.81 5.05 -38.07
CA ASP A 3990 -13.96 4.61 -38.84
C ASP A 3990 -13.76 4.89 -40.33
N ALA A 3991 -13.25 6.08 -40.66
CA ALA A 3991 -12.97 6.40 -42.04
C ALA A 3991 -11.95 5.44 -42.63
N VAL A 3992 -10.92 5.11 -41.86
CA VAL A 3992 -9.90 4.19 -42.36
C VAL A 3992 -10.48 2.80 -42.56
N VAL A 3993 -11.39 2.37 -41.67
CA VAL A 3993 -12.02 1.07 -41.83
C VAL A 3993 -12.84 1.03 -43.12
N GLY A 3994 -13.64 2.08 -43.35
CA GLY A 3994 -14.43 2.13 -44.57
C GLY A 3994 -13.55 2.17 -45.81
N PHE A 3995 -12.47 2.95 -45.76
CA PHE A 3995 -11.55 3.02 -46.88
C PHE A 3995 -10.90 1.67 -47.14
N LEU A 3996 -10.55 0.94 -46.08
CA LEU A 3996 -9.97 -0.39 -46.27
C LEU A 3996 -10.96 -1.33 -46.92
N HIS A 3997 -12.22 -1.29 -46.51
CA HIS A 3997 -13.23 -2.12 -47.17
C HIS A 3997 -13.32 -1.78 -48.66
N VAL A 3998 -13.41 -0.49 -48.97
CA VAL A 3998 -13.56 -0.07 -50.37
C VAL A 3998 -12.33 -0.47 -51.17
N PHE A 3999 -11.13 -0.25 -50.61
CA PHE A 3999 -9.90 -0.60 -51.29
C PHE A 3999 -9.85 -2.09 -51.58
N ALA A 4000 -10.13 -2.91 -50.56
CA ALA A 4000 -10.05 -4.35 -50.72
C ALA A 4000 -10.98 -4.83 -51.82
N HIS A 4001 -12.22 -4.32 -51.84
CA HIS A 4001 -13.15 -4.84 -52.84
C HIS A 4001 -12.90 -4.27 -54.22
N MET A 4002 -12.53 -2.98 -54.32
CA MET A 4002 -12.31 -2.38 -55.62
C MET A 4002 -11.04 -2.92 -56.27
N MET A 4003 -10.02 -3.28 -55.47
CA MET A 4003 -8.84 -3.89 -56.05
C MET A 4003 -9.21 -5.14 -56.83
N MET A 4004 -9.95 -6.05 -56.20
CA MET A 4004 -10.33 -7.29 -56.86
C MET A 4004 -11.28 -7.03 -58.02
N LYS A 4005 -12.21 -6.09 -57.87
CA LYS A 4005 -13.13 -5.81 -58.96
C LYS A 4005 -12.39 -5.28 -60.19
N LEU A 4006 -11.48 -4.33 -59.99
CA LEU A 4006 -10.79 -3.70 -61.11
C LEU A 4006 -9.71 -4.58 -61.71
N ALA A 4007 -9.14 -5.50 -60.93
CA ALA A 4007 -8.13 -6.39 -61.48
C ALA A 4007 -8.67 -7.30 -62.56
N GLN A 4008 -10.00 -7.45 -62.65
CA GLN A 4008 -10.61 -8.40 -63.58
C GLN A 4008 -10.87 -7.81 -64.95
N ASP A 4009 -10.54 -6.54 -65.19
CA ASP A 4009 -10.69 -5.94 -66.51
C ASP A 4009 -9.54 -4.96 -66.71
N SER A 4010 -8.69 -5.23 -67.71
CA SER A 4010 -7.52 -4.39 -67.96
C SER A 4010 -7.91 -3.00 -68.46
N SER A 4011 -9.17 -2.79 -68.84
CA SER A 4011 -9.60 -1.46 -69.26
C SER A 4011 -9.65 -0.46 -68.10
N GLN A 4012 -9.52 -0.94 -66.86
CA GLN A 4012 -9.56 -0.09 -65.68
C GLN A 4012 -8.21 -0.08 -64.96
N ILE A 4013 -7.14 -0.32 -65.70
CA ILE A 4013 -5.81 -0.40 -65.09
C ILE A 4013 -5.39 0.95 -64.54
N GLU A 4014 -5.73 2.04 -65.23
CA GLU A 4014 -5.39 3.36 -64.72
C GLU A 4014 -6.10 3.66 -63.41
N LEU A 4015 -7.39 3.32 -63.34
CA LEU A 4015 -8.12 3.50 -62.09
C LEU A 4015 -7.55 2.64 -60.98
N LEU A 4016 -7.14 1.41 -61.30
CA LEU A 4016 -6.52 0.56 -60.29
C LEU A 4016 -5.21 1.16 -59.79
N LYS A 4017 -4.41 1.72 -60.70
CA LYS A 4017 -3.15 2.36 -60.29
C LYS A 4017 -3.43 3.53 -59.36
N GLU A 4018 -4.41 4.36 -59.72
CA GLU A 4018 -4.75 5.50 -58.87
C GLU A 4018 -5.23 5.04 -57.50
N LEU A 4019 -6.06 3.98 -57.47
CA LEU A 4019 -6.54 3.47 -56.20
C LEU A 4019 -5.40 2.97 -55.33
N LEU A 4020 -4.45 2.25 -55.93
CA LEU A 4020 -3.31 1.74 -55.17
C LEU A 4020 -2.46 2.89 -54.63
N ASP A 4021 -2.26 3.94 -55.43
CA ASP A 4021 -1.52 5.10 -54.93
C ASP A 4021 -2.26 5.77 -53.78
N LEU A 4022 -3.58 5.83 -53.85
CA LEU A 4022 -4.35 6.38 -52.74
C LEU A 4022 -4.19 5.54 -51.49
N GLN A 4023 -4.19 4.22 -51.63
CA GLN A 4023 -3.91 3.36 -50.48
C GLN A 4023 -2.54 3.69 -49.89
N LYS A 4024 -1.56 3.90 -50.75
CA LYS A 4024 -0.22 4.25 -50.27
C LYS A 4024 -0.26 5.54 -49.46
N ASP A 4025 -1.02 6.54 -49.93
CA ASP A 4025 -1.13 7.79 -49.19
C ASP A 4025 -1.78 7.57 -47.83
N MET A 4026 -2.83 6.75 -47.77
CA MET A 4026 -3.47 6.47 -46.48
C MET A 4026 -2.51 5.77 -45.53
N VAL A 4027 -1.73 4.81 -46.04
CA VAL A 4027 -0.77 4.13 -45.19
C VAL A 4027 0.31 5.08 -44.71
N VAL A 4028 0.70 6.05 -45.56
CA VAL A 4028 1.65 7.07 -45.14
C VAL A 4028 1.07 7.88 -43.99
N MET A 4029 -0.23 8.20 -44.07
CA MET A 4029 -0.86 8.91 -42.96
C MET A 4029 -0.82 8.07 -41.68
N LEU A 4030 -1.08 6.77 -41.80
CA LEU A 4030 -1.02 5.91 -40.62
C LEU A 4030 0.39 5.87 -40.02
N LEU A 4031 1.41 5.78 -40.86
CA LEU A 4031 2.78 5.79 -40.36
C LEU A 4031 3.10 7.12 -39.68
N SER A 4032 2.62 8.23 -40.25
CA SER A 4032 2.78 9.52 -39.58
C SER A 4032 2.12 9.51 -38.20
N LEU A 4033 0.93 8.93 -38.10
CA LEU A 4033 0.31 8.75 -36.79
C LEU A 4033 1.20 7.94 -35.85
N LEU A 4034 1.95 6.97 -36.38
CA LEU A 4034 2.85 6.17 -35.56
C LEU A 4034 4.15 6.87 -35.23
N GLU A 4035 4.47 7.99 -35.88
CA GLU A 4035 5.70 8.71 -35.56
C GLU A 4035 5.78 8.99 -34.06
N GLY A 4036 6.95 8.69 -33.47
CA GLY A 4036 7.18 8.94 -32.06
C GLY A 4036 6.56 7.91 -31.13
N ASN A 4037 5.95 6.86 -31.68
CA ASN A 4037 5.27 5.87 -30.85
C ASN A 4037 6.27 5.10 -30.00
N VAL A 4038 5.87 4.77 -28.78
CA VAL A 4038 6.68 3.96 -27.89
C VAL A 4038 6.14 2.54 -27.92
N VAL A 4039 6.93 1.60 -27.37
CA VAL A 4039 6.49 0.21 -27.31
C VAL A 4039 5.20 0.13 -26.51
N ASN A 4040 4.24 -0.62 -27.03
CA ASN A 4040 2.90 -0.74 -26.43
C ASN A 4040 2.21 0.62 -26.33
N GLY A 4041 2.46 1.50 -27.28
CA GLY A 4041 1.85 2.81 -27.27
C GLY A 4041 0.37 2.75 -27.53
N MET A 4042 -0.33 3.78 -27.03
CA MET A 4042 -1.78 3.83 -27.16
C MET A 4042 -2.20 3.89 -28.62
N ILE A 4043 -1.50 4.70 -29.44
CA ILE A 4043 -1.87 4.83 -30.84
C ILE A 4043 -1.59 3.53 -31.58
N ALA A 4044 -0.49 2.87 -31.27
CA ALA A 4044 -0.21 1.58 -31.89
C ALA A 4044 -1.27 0.55 -31.55
N ARG A 4045 -1.68 0.49 -30.28
CA ARG A 4045 -2.73 -0.45 -29.90
C ARG A 4045 -4.06 -0.11 -30.56
N GLN A 4046 -4.38 1.18 -30.69
CA GLN A 4046 -5.59 1.56 -31.41
C GLN A 4046 -5.52 1.16 -32.87
N MET A 4047 -4.34 1.30 -33.50
CA MET A 4047 -4.18 0.89 -34.89
C MET A 4047 -4.35 -0.62 -35.04
N VAL A 4048 -3.83 -1.38 -34.09
CA VAL A 4048 -4.03 -2.82 -34.13
C VAL A 4048 -5.51 -3.15 -33.99
N ASP A 4049 -6.21 -2.45 -33.11
CA ASP A 4049 -7.65 -2.66 -32.97
C ASP A 4049 -8.38 -2.33 -34.26
N MET A 4050 -7.99 -1.25 -34.93
CA MET A 4050 -8.59 -0.88 -36.20
C MET A 4050 -8.36 -1.95 -37.26
N LEU A 4051 -7.14 -2.48 -37.34
CA LEU A 4051 -6.86 -3.53 -38.30
C LEU A 4051 -7.66 -4.79 -37.98
N VAL A 4052 -7.77 -5.14 -36.71
CA VAL A 4052 -8.57 -6.31 -36.32
C VAL A 4052 -10.03 -6.10 -36.69
N GLU A 4053 -10.52 -4.87 -36.54
CA GLU A 4053 -11.89 -4.57 -36.95
C GLU A 4053 -12.06 -4.69 -38.45
N SER A 4054 -11.03 -4.35 -39.22
CA SER A 4054 -11.05 -4.50 -40.67
C SER A 4054 -10.41 -5.81 -41.13
N SER A 4055 -10.35 -6.81 -40.25
CA SER A 4055 -9.64 -8.06 -40.52
C SER A 4055 -9.87 -8.59 -41.94
N SER A 4056 -11.13 -8.79 -42.32
CA SER A 4056 -11.41 -9.47 -43.58
C SER A 4056 -10.87 -8.67 -44.77
N ASN A 4057 -11.01 -7.34 -44.73
CA ASN A 4057 -10.53 -6.53 -45.83
C ASN A 4057 -9.01 -6.46 -45.86
N VAL A 4058 -8.38 -6.38 -44.69
CA VAL A 4058 -6.93 -6.44 -44.63
C VAL A 4058 -6.44 -7.78 -45.18
N GLU A 4059 -7.11 -8.86 -44.82
CA GLU A 4059 -6.77 -10.17 -45.36
C GLU A 4059 -6.92 -10.19 -46.87
N MET A 4060 -7.97 -9.55 -47.38
CA MET A 4060 -8.20 -9.54 -48.82
C MET A 4060 -7.11 -8.77 -49.55
N ILE A 4061 -6.69 -7.63 -49.00
CA ILE A 4061 -5.60 -6.87 -49.62
C ILE A 4061 -4.30 -7.68 -49.60
N LEU A 4062 -3.97 -8.26 -48.45
CA LEU A 4062 -2.77 -9.07 -48.36
C LEU A 4062 -2.82 -10.25 -49.32
N LYS A 4063 -4.00 -10.85 -49.49
CA LYS A 4063 -4.14 -11.96 -50.41
C LYS A 4063 -3.95 -11.51 -51.84
N PHE A 4064 -4.45 -10.32 -52.19
CA PHE A 4064 -4.18 -9.77 -53.52
C PHE A 4064 -2.68 -9.70 -53.78
N PHE A 4065 -1.95 -9.06 -52.86
CA PHE A 4065 -0.50 -8.93 -53.06
C PHE A 4065 0.18 -10.28 -53.15
N ASP A 4066 -0.16 -11.19 -52.22
CA ASP A 4066 0.48 -12.49 -52.18
C ASP A 4066 0.17 -13.30 -53.44
N MET A 4067 -1.10 -13.25 -53.89
CA MET A 4067 -1.48 -13.98 -55.09
C MET A 4067 -0.69 -13.53 -56.29
N PHE A 4068 -0.53 -12.23 -56.47
CA PHE A 4068 0.14 -11.80 -57.69
C PHE A 4068 1.66 -11.97 -57.59
N LEU A 4069 2.25 -11.83 -56.40
CA LEU A 4069 3.67 -12.18 -56.27
C LEU A 4069 3.90 -13.66 -56.57
N LYS A 4070 3.02 -14.54 -56.05
CA LYS A 4070 3.16 -15.96 -56.34
C LYS A 4070 2.91 -16.27 -57.81
N LEU A 4071 2.02 -15.51 -58.45
CA LEU A 4071 1.80 -15.71 -59.88
C LEU A 4071 3.08 -15.38 -60.66
N LYS A 4072 3.72 -14.26 -60.33
CA LYS A 4072 4.97 -13.94 -61.01
C LYS A 4072 6.01 -15.03 -60.76
N ASP A 4073 6.09 -15.54 -59.54
CA ASP A 4073 7.06 -16.60 -59.25
C ASP A 4073 6.75 -17.86 -60.06
N ILE A 4074 5.47 -18.23 -60.16
CA ILE A 4074 5.10 -19.48 -60.81
C ILE A 4074 5.31 -19.39 -62.32
N VAL A 4075 4.93 -18.27 -62.93
CA VAL A 4075 4.95 -18.18 -64.38
C VAL A 4075 6.36 -18.43 -64.91
N GLY A 4076 7.37 -18.06 -64.13
CA GLY A 4076 8.74 -18.32 -64.52
C GLY A 4076 9.24 -19.72 -64.19
N SER A 4077 8.41 -20.52 -63.52
CA SER A 4077 8.86 -21.87 -63.09
C SER A 4077 8.97 -22.81 -64.29
N GLU A 4078 9.88 -23.78 -64.24
CA GLU A 4078 10.04 -24.76 -65.34
C GLU A 4078 8.76 -25.58 -65.48
N ALA A 4079 8.16 -25.97 -64.36
CA ALA A 4079 6.95 -26.82 -64.40
C ALA A 4079 5.84 -26.10 -65.17
N PHE A 4080 5.63 -24.82 -64.89
CA PHE A 4080 4.56 -24.05 -65.57
C PHE A 4080 4.92 -23.95 -67.04
N GLN A 4081 6.17 -23.63 -67.32
CA GLN A 4081 6.60 -23.43 -68.73
C GLN A 4081 6.46 -24.76 -69.49
N ASP A 4082 6.42 -25.88 -68.77
CA ASP A 4082 6.19 -27.19 -69.44
C ASP A 4082 4.78 -27.19 -70.01
N TYR A 4083 3.84 -26.63 -69.25
CA TYR A 4083 2.43 -26.56 -69.73
C TYR A 4083 2.36 -25.52 -70.82
N VAL A 4084 3.32 -24.59 -70.87
CA VAL A 4084 3.26 -23.68 -72.01
C VAL A 4084 3.92 -24.36 -73.20
N THR A 4085 3.21 -24.44 -74.32
CA THR A 4085 3.71 -25.12 -75.51
C THR A 4085 3.55 -24.33 -76.80
N ASP A 4086 2.61 -23.38 -76.85
CA ASP A 4086 2.35 -22.67 -78.10
C ASP A 4086 3.59 -21.91 -78.54
N PRO A 4087 3.90 -21.89 -79.85
CA PRO A 4087 5.11 -21.17 -80.29
C PRO A 4087 5.13 -19.71 -79.90
N ARG A 4088 3.97 -19.03 -79.93
CA ARG A 4088 3.94 -17.62 -79.59
C ARG A 4088 4.23 -17.37 -78.11
N GLY A 4089 4.15 -18.41 -77.27
CA GLY A 4089 4.32 -18.26 -75.85
C GLY A 4089 3.04 -18.02 -75.09
N LEU A 4090 1.88 -18.17 -75.72
CA LEU A 4090 0.60 -18.01 -75.06
C LEU A 4090 0.10 -19.35 -74.57
N ILE A 4091 -0.50 -19.34 -73.38
CA ILE A 4091 -1.06 -20.54 -72.77
C ILE A 4091 -2.57 -20.39 -72.75
N SER A 4092 -3.27 -21.45 -73.18
CA SER A 4092 -4.72 -21.43 -73.14
C SER A 4092 -5.21 -21.41 -71.70
N LYS A 4093 -6.46 -21.00 -71.52
CA LYS A 4093 -7.04 -20.98 -70.17
C LYS A 4093 -7.02 -22.36 -69.54
N LYS A 4094 -7.22 -23.41 -70.34
CA LYS A 4094 -7.28 -24.76 -69.79
C LYS A 4094 -5.90 -25.25 -69.37
N ASP A 4095 -4.88 -25.00 -70.21
CA ASP A 4095 -3.52 -25.33 -69.81
C ASP A 4095 -3.09 -24.53 -68.59
N PHE A 4096 -3.53 -23.28 -68.50
CA PHE A 4096 -3.24 -22.46 -67.32
C PHE A 4096 -3.86 -23.08 -66.08
N GLN A 4097 -5.11 -23.52 -66.18
CA GLN A 4097 -5.76 -24.20 -65.06
C GLN A 4097 -4.99 -25.44 -64.66
N LYS A 4098 -4.59 -26.25 -65.65
CA LYS A 4098 -3.86 -27.48 -65.34
C LYS A 4098 -2.52 -27.18 -64.67
N ALA A 4099 -1.81 -26.18 -65.20
CA ALA A 4099 -0.50 -25.81 -64.64
C ALA A 4099 -0.67 -25.34 -63.19
N MET A 4100 -1.62 -24.45 -62.95
CA MET A 4100 -1.84 -23.88 -61.60
C MET A 4100 -2.18 -25.02 -60.62
N ASP A 4101 -3.03 -25.95 -61.05
CA ASP A 4101 -3.42 -27.09 -60.17
C ASP A 4101 -2.16 -27.87 -59.79
N SER A 4102 -1.27 -28.11 -60.75
CA SER A 4102 -0.04 -28.89 -60.48
C SER A 4102 0.82 -28.20 -59.42
N GLN A 4103 1.00 -26.87 -59.54
CA GLN A 4103 1.85 -26.14 -58.57
C GLN A 4103 1.25 -26.26 -57.17
N LYS A 4104 -0.08 -26.44 -57.09
CA LYS A 4104 -0.75 -26.66 -55.78
C LYS A 4104 -0.40 -25.53 -54.80
N GLN A 4105 -0.41 -24.28 -55.26
CA GLN A 4105 -0.15 -23.12 -54.37
C GLN A 4105 -1.42 -22.26 -54.30
N PHE A 4106 -2.30 -22.38 -55.30
CA PHE A 4106 -3.54 -21.58 -55.33
C PHE A 4106 -4.73 -22.50 -55.15
N THR A 4107 -5.85 -21.99 -54.62
CA THR A 4107 -7.08 -22.81 -54.46
C THR A 4107 -7.93 -22.66 -55.71
N GLY A 4108 -8.99 -23.45 -55.83
CA GLY A 4108 -9.82 -23.42 -57.01
C GLY A 4108 -10.41 -22.04 -57.27
N PRO A 4109 -11.00 -21.44 -56.24
CA PRO A 4109 -11.50 -20.06 -56.41
C PRO A 4109 -10.41 -19.08 -56.78
N GLU A 4110 -9.21 -19.23 -56.22
CA GLU A 4110 -8.11 -18.34 -56.56
C GLU A 4110 -7.71 -18.51 -58.02
N ILE A 4111 -7.68 -19.74 -58.51
CA ILE A 4111 -7.34 -19.97 -59.91
C ILE A 4111 -8.42 -19.40 -60.82
N GLN A 4112 -9.68 -19.52 -60.39
CA GLN A 4112 -10.77 -18.91 -61.18
C GLN A 4112 -10.62 -17.40 -61.24
N PHE A 4113 -10.28 -16.77 -60.11
CA PHE A 4113 -10.06 -15.33 -60.11
C PHE A 4113 -8.89 -14.95 -61.00
N LEU A 4114 -7.81 -15.73 -60.96
CA LEU A 4114 -6.67 -15.46 -61.83
C LEU A 4114 -7.05 -15.59 -63.29
N LEU A 4115 -7.84 -16.60 -63.63
CA LEU A 4115 -8.32 -16.74 -65.00
C LEU A 4115 -9.17 -15.56 -65.41
N SER A 4116 -10.02 -15.06 -64.51
CA SER A 4116 -10.83 -13.89 -64.81
C SER A 4116 -9.97 -12.66 -65.05
N CYS A 4117 -8.87 -12.51 -64.32
CA CYS A 4117 -7.95 -11.40 -64.51
C CYS A 4117 -6.98 -11.60 -65.67
N SER A 4118 -6.88 -12.82 -66.20
CA SER A 4118 -5.86 -13.13 -67.20
C SER A 4118 -6.01 -12.33 -68.49
N GLU A 4119 -7.20 -11.83 -68.80
CA GLU A 4119 -7.44 -11.11 -70.05
C GLU A 4119 -7.17 -12.00 -71.26
N ALA A 4120 -7.76 -13.19 -71.26
CA ALA A 4120 -7.60 -14.11 -72.38
C ALA A 4120 -8.23 -13.51 -73.64
N ASP A 4121 -7.63 -13.86 -74.78
CA ASP A 4121 -8.07 -13.32 -76.06
C ASP A 4121 -9.30 -14.08 -76.55
N GLU A 4122 -9.72 -13.81 -77.79
CA GLU A 4122 -10.89 -14.46 -78.35
C GLU A 4122 -10.73 -15.97 -78.51
N ASN A 4123 -9.49 -16.47 -78.52
CA ASN A 4123 -9.23 -17.91 -78.59
C ASN A 4123 -8.88 -18.50 -77.23
N GLU A 4124 -9.15 -17.76 -76.15
CA GLU A 4124 -8.89 -18.24 -74.80
C GLU A 4124 -7.40 -18.46 -74.56
N MET A 4125 -6.57 -17.59 -75.15
CA MET A 4125 -5.12 -17.66 -75.00
C MET A 4125 -4.65 -16.50 -74.12
N ILE A 4126 -3.79 -16.83 -73.15
CA ILE A 4126 -3.30 -15.87 -72.18
C ILE A 4126 -1.83 -15.59 -72.46
N ASN A 4127 -1.45 -14.31 -72.40
CA ASN A 4127 -0.05 -13.92 -72.48
C ASN A 4127 0.49 -13.90 -71.05
N CYS A 4128 1.14 -15.01 -70.68
CA CYS A 4128 1.52 -15.20 -69.28
C CYS A 4128 2.50 -14.15 -68.80
N GLU A 4129 3.44 -13.72 -69.66
CA GLU A 4129 4.41 -12.72 -69.24
C GLU A 4129 3.71 -11.41 -68.88
N GLU A 4130 2.85 -10.92 -69.77
CA GLU A 4130 2.11 -9.69 -69.48
C GLU A 4130 1.23 -9.85 -68.26
N PHE A 4131 0.55 -11.00 -68.14
CA PHE A 4131 -0.32 -11.21 -67.00
C PHE A 4131 0.47 -11.17 -65.69
N ALA A 4132 1.64 -11.81 -65.66
CA ALA A 4132 2.44 -11.86 -64.45
C ALA A 4132 3.10 -10.52 -64.12
N ASN A 4133 3.38 -9.68 -65.12
CA ASN A 4133 4.02 -8.40 -64.87
C ASN A 4133 3.05 -7.23 -64.81
N ARG A 4134 1.75 -7.44 -65.04
CA ARG A 4134 0.81 -6.33 -65.10
C ARG A 4134 0.75 -5.56 -63.78
N PHE A 4135 0.58 -6.26 -62.66
CA PHE A 4135 0.29 -5.63 -61.38
C PHE A 4135 1.53 -5.44 -60.51
N GLN A 4136 2.72 -5.74 -61.03
CA GLN A 4136 3.91 -5.69 -60.19
C GLN A 4136 4.28 -4.24 -59.86
N GLU A 4137 4.60 -3.45 -60.88
CA GLU A 4137 4.99 -2.07 -60.63
C GLU A 4137 3.87 -1.26 -59.98
N PRO A 4138 2.61 -1.33 -60.45
CA PRO A 4138 1.56 -0.54 -59.81
C PRO A 4138 1.40 -0.79 -58.32
N ALA A 4139 1.60 -2.03 -57.88
CA ALA A 4139 1.33 -2.40 -56.49
C ALA A 4139 2.57 -2.40 -55.62
N ARG A 4140 3.72 -1.96 -56.13
CA ARG A 4140 4.96 -2.07 -55.37
C ARG A 4140 4.99 -1.07 -54.22
N ASP A 4141 4.56 0.17 -54.47
CA ASP A 4141 4.64 1.20 -53.45
C ASP A 4141 3.73 0.86 -52.27
N ILE A 4142 2.47 0.54 -52.55
CA ILE A 4142 1.54 0.21 -51.47
C ILE A 4142 1.97 -1.08 -50.79
N GLY A 4143 2.52 -2.03 -51.55
CA GLY A 4143 3.01 -3.25 -50.94
C GLY A 4143 4.14 -3.00 -49.96
N PHE A 4144 5.11 -2.17 -50.38
CA PHE A 4144 6.21 -1.84 -49.48
C PHE A 4144 5.71 -1.10 -48.24
N ASN A 4145 4.77 -0.17 -48.43
CA ASN A 4145 4.28 0.59 -47.30
C ASN A 4145 3.48 -0.29 -46.34
N VAL A 4146 2.74 -1.26 -46.86
CA VAL A 4146 2.04 -2.22 -46.01
C VAL A 4146 3.04 -3.05 -45.23
N ALA A 4147 4.11 -3.50 -45.90
CA ALA A 4147 5.14 -4.24 -45.19
C ALA A 4147 5.75 -3.40 -44.07
N VAL A 4148 6.01 -2.12 -44.36
CA VAL A 4148 6.59 -1.23 -43.35
C VAL A 4148 5.64 -1.04 -42.19
N LEU A 4149 4.35 -0.84 -42.48
CA LEU A 4149 3.38 -0.66 -41.42
C LEU A 4149 3.29 -1.89 -40.53
N LEU A 4150 3.24 -3.07 -41.15
CA LEU A 4150 3.15 -4.29 -40.36
C LEU A 4150 4.41 -4.50 -39.53
N THR A 4151 5.58 -4.24 -40.11
CA THR A 4151 6.82 -4.38 -39.34
C THR A 4151 6.86 -3.42 -38.16
N ASN A 4152 6.49 -2.17 -38.40
CA ASN A 4152 6.47 -1.17 -37.33
C ASN A 4152 5.54 -1.58 -36.21
N LEU A 4153 4.30 -1.95 -36.55
CA LEU A 4153 3.35 -2.35 -35.53
C LEU A 4153 3.81 -3.60 -34.81
N SER A 4154 4.37 -4.57 -35.53
CA SER A 4154 4.83 -5.80 -34.90
C SER A 4154 5.95 -5.54 -33.91
N GLU A 4155 6.88 -4.64 -34.27
CA GLU A 4155 8.00 -4.35 -33.39
C GLU A 4155 7.61 -3.45 -32.21
N HIS A 4156 6.55 -2.66 -32.34
CA HIS A 4156 6.15 -1.79 -31.24
C HIS A 4156 4.97 -2.32 -30.43
N VAL A 4157 4.37 -3.43 -30.83
CA VAL A 4157 3.37 -4.14 -30.04
C VAL A 4157 3.77 -5.61 -30.02
N PRO A 4158 4.83 -5.98 -29.31
CA PRO A 4158 5.38 -7.34 -29.48
C PRO A 4158 4.42 -8.45 -29.13
N HIS A 4159 3.77 -8.39 -27.98
CA HIS A 4159 2.94 -9.50 -27.51
C HIS A 4159 1.47 -9.28 -27.86
N ASP A 4160 1.15 -9.23 -29.14
CA ASP A 4160 -0.24 -9.11 -29.61
C ASP A 4160 -0.54 -10.28 -30.51
N PRO A 4161 -1.25 -11.32 -30.04
CA PRO A 4161 -1.52 -12.47 -30.94
C PRO A 4161 -2.35 -12.10 -32.16
N ARG A 4162 -3.12 -11.02 -32.10
CA ARG A 4162 -3.95 -10.65 -33.24
C ARG A 4162 -3.09 -10.18 -34.41
N LEU A 4163 -1.96 -9.52 -34.12
CA LEU A 4163 -1.08 -9.07 -35.19
C LEU A 4163 -0.30 -10.22 -35.81
N ARG A 4164 -0.14 -11.32 -35.06
CA ARG A 4164 0.62 -12.45 -35.58
C ARG A 4164 -0.06 -13.05 -36.80
N ASN A 4165 -1.40 -13.11 -36.80
CA ASN A 4165 -2.11 -13.65 -37.95
C ASN A 4165 -1.87 -12.79 -39.18
N PHE A 4166 -1.92 -11.47 -39.02
CA PHE A 4166 -1.66 -10.59 -40.16
C PHE A 4166 -0.23 -10.75 -40.65
N LEU A 4167 0.73 -10.88 -39.74
CA LEU A 4167 2.12 -11.09 -40.16
C LEU A 4167 2.28 -12.40 -40.92
N GLU A 4168 1.64 -13.46 -40.44
CA GLU A 4168 1.72 -14.75 -41.14
C GLU A 4168 1.11 -14.64 -42.52
N LEU A 4169 -0.02 -13.95 -42.65
CA LEU A 4169 -0.64 -13.75 -43.96
C LEU A 4169 0.19 -12.87 -44.87
N ALA A 4170 1.01 -11.97 -44.30
CA ALA A 4170 1.88 -11.10 -45.09
C ALA A 4170 3.29 -11.65 -45.22
N GLU A 4171 3.53 -12.89 -44.79
CA GLU A 4171 4.87 -13.47 -44.86
C GLU A 4171 5.49 -13.29 -46.23
N SER A 4172 4.74 -13.60 -47.30
CA SER A 4172 5.30 -13.51 -48.64
C SER A 4172 5.70 -12.08 -48.99
N ILE A 4173 4.84 -11.11 -48.64
CA ILE A 4173 5.16 -9.71 -48.90
C ILE A 4173 6.39 -9.28 -48.10
N LEU A 4174 6.43 -9.69 -46.83
CA LEU A 4174 7.56 -9.32 -45.99
C LEU A 4174 8.86 -9.93 -46.50
N GLU A 4175 8.81 -11.20 -46.93
CA GLU A 4175 10.00 -11.82 -47.49
C GLU A 4175 10.43 -11.14 -48.78
N TYR A 4176 9.46 -10.78 -49.63
CA TYR A 4176 9.80 -10.12 -50.89
C TYR A 4176 10.45 -8.76 -50.66
N PHE A 4177 9.94 -7.99 -49.70
CA PHE A 4177 10.44 -6.65 -49.44
C PHE A 4177 11.53 -6.61 -48.38
N ARG A 4178 11.96 -7.77 -47.88
CA ARG A 4178 13.03 -7.78 -46.88
C ARG A 4178 14.29 -7.07 -47.35
N PRO A 4179 14.82 -7.34 -48.55
CA PRO A 4179 16.06 -6.65 -48.96
C PRO A 4179 15.92 -5.16 -49.11
N TYR A 4180 14.69 -4.64 -49.21
CA TYR A 4180 14.46 -3.21 -49.41
C TYR A 4180 13.96 -2.50 -48.17
N LEU A 4181 13.60 -3.21 -47.11
CA LEU A 4181 13.10 -2.58 -45.89
C LEU A 4181 14.28 -2.21 -45.01
N GLY A 4182 14.86 -1.04 -45.25
CA GLY A 4182 15.97 -0.58 -44.43
C GLY A 4182 15.48 -0.12 -43.07
N ARG A 4183 16.28 -0.40 -42.04
CA ARG A 4183 15.93 -0.14 -40.66
C ARG A 4183 17.14 0.44 -39.95
N ILE A 4184 16.96 1.55 -39.25
CA ILE A 4184 18.01 2.13 -38.43
C ILE A 4184 17.41 2.60 -37.11
N GLU A 4185 18.28 2.98 -36.19
CA GLU A 4185 17.88 3.55 -34.91
C GLU A 4185 18.59 4.87 -34.70
N ILE A 4186 17.88 5.85 -34.17
CA ILE A 4186 18.43 7.18 -33.94
C ILE A 4186 18.02 7.67 -32.56
N MET A 4187 18.75 8.66 -32.06
CA MET A 4187 18.34 9.40 -30.87
C MET A 4187 17.51 10.59 -31.33
N GLY A 4188 16.20 10.47 -31.20
CA GLY A 4188 15.29 11.45 -31.76
C GLY A 4188 15.17 12.71 -30.93
N ALA A 4189 14.31 13.61 -31.41
CA ALA A 4189 14.09 14.86 -30.71
C ALA A 4189 13.44 14.65 -29.35
N SER A 4190 12.74 13.53 -29.17
CA SER A 4190 12.07 13.24 -27.90
C SER A 4190 13.04 12.73 -26.84
N ARG A 4191 14.34 12.70 -27.13
CA ARG A 4191 15.36 12.20 -26.21
C ARG A 4191 15.27 10.69 -26.02
N ARG A 4192 14.49 10.01 -26.86
CA ARG A 4192 14.34 8.56 -26.83
C ARG A 4192 14.94 7.96 -28.09
N ILE A 4193 15.34 6.69 -28.00
CA ILE A 4193 15.76 5.96 -29.17
C ILE A 4193 14.54 5.59 -29.99
N GLU A 4194 14.57 5.90 -31.28
CA GLU A 4194 13.49 5.63 -32.20
C GLU A 4194 13.98 4.78 -33.34
N ARG A 4195 13.13 3.86 -33.79
CA ARG A 4195 13.42 3.03 -34.96
C ARG A 4195 12.81 3.67 -36.19
N ILE A 4196 13.60 3.75 -37.26
CA ILE A 4196 13.19 4.38 -38.51
C ILE A 4196 13.23 3.32 -39.60
N TYR A 4197 12.13 3.24 -40.36
CA TYR A 4197 12.00 2.31 -41.48
C TYR A 4197 11.95 3.12 -42.77
N PHE A 4198 12.69 2.68 -43.78
CA PHE A 4198 12.76 3.38 -45.04
C PHE A 4198 13.01 2.39 -46.15
N GLU A 4199 13.06 2.90 -47.38
CA GLU A 4199 13.22 2.06 -48.57
C GLU A 4199 14.65 2.15 -49.09
N ILE A 4200 15.27 1.00 -49.26
CA ILE A 4200 16.59 0.89 -49.89
C ILE A 4200 16.36 0.52 -51.35
N SER A 4201 16.90 1.34 -52.25
CA SER A 4201 16.74 1.06 -53.67
C SER A 4201 17.63 -0.10 -54.10
N GLU A 4202 17.15 -0.84 -55.11
CA GLU A 4202 17.91 -1.97 -55.61
C GLU A 4202 19.26 -1.53 -56.16
N THR A 4203 19.29 -0.41 -56.88
CA THR A 4203 20.55 0.09 -57.40
C THR A 4203 21.49 0.46 -56.27
N ASN A 4204 20.98 1.09 -55.21
CA ASN A 4204 21.82 1.43 -54.07
C ASN A 4204 22.41 0.18 -53.45
N ARG A 4205 21.59 -0.85 -53.24
CA ARG A 4205 22.12 -2.07 -52.64
C ARG A 4205 23.17 -2.72 -53.53
N ALA A 4206 22.93 -2.77 -54.84
CA ALA A 4206 23.90 -3.37 -55.74
C ALA A 4206 25.22 -2.61 -55.72
N GLN A 4207 25.14 -1.27 -55.78
CA GLN A 4207 26.35 -0.46 -55.74
C GLN A 4207 27.10 -0.67 -54.44
N TRP A 4208 26.38 -0.79 -53.32
CA TRP A 4208 27.04 -1.08 -52.06
C TRP A 4208 27.72 -2.45 -52.09
N GLU A 4209 27.09 -3.44 -52.72
CA GLU A 4209 27.64 -4.78 -52.77
C GLU A 4209 28.75 -4.93 -53.79
N MET A 4210 28.99 -3.94 -54.64
CA MET A 4210 30.11 -4.03 -55.58
C MET A 4210 31.41 -4.26 -54.81
N PRO A 4211 32.28 -5.16 -55.29
CA PRO A 4211 33.45 -5.54 -54.45
C PRO A 4211 34.38 -4.39 -54.12
N GLN A 4212 34.53 -3.40 -55.00
CA GLN A 4212 35.39 -2.27 -54.69
C GLN A 4212 34.90 -1.52 -53.47
N VAL A 4213 33.57 -1.33 -53.37
CA VAL A 4213 33.01 -0.68 -52.20
C VAL A 4213 33.26 -1.51 -50.96
N LYS A 4214 33.19 -2.84 -51.09
CA LYS A 4214 33.46 -3.70 -49.95
C LYS A 4214 34.91 -3.55 -49.48
N GLU A 4215 35.85 -3.49 -50.42
CA GLU A 4215 37.25 -3.26 -50.04
C GLU A 4215 37.42 -1.92 -49.35
N SER A 4216 36.78 -0.87 -49.88
CA SER A 4216 36.85 0.43 -49.23
C SER A 4216 36.29 0.38 -47.83
N LYS A 4217 35.17 -0.33 -47.64
CA LYS A 4217 34.58 -0.45 -46.31
C LYS A 4217 35.52 -1.17 -45.36
N ARG A 4218 36.15 -2.25 -45.82
CA ARG A 4218 37.09 -2.96 -44.96
C ARG A 4218 38.25 -2.07 -44.57
N GLN A 4219 38.80 -1.31 -45.52
CA GLN A 4219 39.90 -0.42 -45.20
C GLN A 4219 39.48 0.63 -44.20
N PHE A 4220 38.28 1.22 -44.39
CA PHE A 4220 37.80 2.24 -43.48
C PHE A 4220 37.61 1.69 -42.08
N ILE A 4221 37.03 0.49 -41.98
CA ILE A 4221 36.81 -0.12 -40.68
C ILE A 4221 38.13 -0.39 -39.99
N PHE A 4222 39.11 -0.92 -40.72
CA PHE A 4222 40.43 -1.13 -40.15
C PHE A 4222 40.99 0.18 -39.61
N ASP A 4223 40.92 1.24 -40.42
CA ASP A 4223 41.48 2.52 -40.00
C ASP A 4223 40.82 3.01 -38.73
N VAL A 4224 39.48 3.06 -38.70
CA VAL A 4224 38.80 3.60 -37.54
C VAL A 4224 39.09 2.77 -36.30
N VAL A 4225 39.05 1.43 -36.42
CA VAL A 4225 39.24 0.60 -35.24
C VAL A 4225 40.68 0.67 -34.75
N ASN A 4226 41.65 0.88 -35.65
CA ASN A 4226 43.05 0.85 -35.25
C ASN A 4226 43.55 2.20 -34.77
N GLU A 4227 43.49 3.23 -35.62
CA GLU A 4227 44.09 4.52 -35.29
C GLU A 4227 43.08 5.59 -34.92
N GLY A 4228 41.82 5.45 -35.34
CA GLY A 4228 40.83 6.47 -35.03
C GLY A 4228 40.45 6.49 -33.56
N GLY A 4229 39.95 7.64 -33.13
CA GLY A 4229 39.47 7.81 -31.78
C GLY A 4229 37.95 7.71 -31.69
N GLU A 4230 37.46 7.49 -30.47
CA GLU A 4230 36.03 7.32 -30.28
C GLU A 4230 35.27 8.62 -30.52
N SER A 4231 35.88 9.76 -30.17
CA SER A 4231 35.18 11.04 -30.29
C SER A 4231 34.84 11.36 -31.73
N GLU A 4232 35.72 11.02 -32.67
CA GLU A 4232 35.54 11.37 -34.08
C GLU A 4232 35.07 10.19 -34.91
N LYS A 4233 34.63 9.10 -34.27
CA LYS A 4233 34.25 7.91 -35.03
C LYS A 4233 33.10 8.20 -35.97
N MET A 4234 32.07 8.88 -35.48
CA MET A 4234 30.89 9.13 -36.33
C MET A 4234 31.20 10.14 -37.41
N GLU A 4235 32.03 11.13 -37.12
CA GLU A 4235 32.44 12.07 -38.17
C GLU A 4235 33.20 11.34 -39.27
N MET A 4236 34.12 10.45 -38.89
CA MET A 4236 34.86 9.68 -39.89
C MET A 4236 33.92 8.77 -40.67
N PHE A 4237 32.94 8.17 -39.99
CA PHE A 4237 31.97 7.33 -40.69
C PHE A 4237 31.18 8.12 -41.72
N VAL A 4238 30.73 9.32 -41.35
CA VAL A 4238 29.96 10.14 -42.29
C VAL A 4238 30.85 10.56 -43.46
N SER A 4239 32.11 10.87 -43.19
CA SER A 4239 33.03 11.21 -44.26
C SER A 4239 33.21 10.03 -45.21
N PHE A 4240 33.32 8.82 -44.66
CA PHE A 4240 33.42 7.63 -45.48
C PHE A 4240 32.17 7.43 -46.31
N CYS A 4241 31.00 7.72 -45.73
CA CYS A 4241 29.75 7.61 -46.49
C CYS A 4241 29.73 8.59 -47.66
N GLU A 4242 30.18 9.82 -47.42
CA GLU A 4242 30.25 10.81 -48.51
C GLU A 4242 31.18 10.34 -49.61
N ASP A 4243 32.37 9.87 -49.24
CA ASP A 4243 33.33 9.38 -50.23
C ASP A 4243 32.76 8.20 -51.00
N THR A 4244 32.06 7.29 -50.30
CA THR A 4244 31.47 6.14 -50.96
C THR A 4244 30.39 6.56 -51.94
N ILE A 4245 29.59 7.56 -51.59
CA ILE A 4245 28.58 8.05 -52.52
C ILE A 4245 29.24 8.61 -53.77
N PHE A 4246 30.30 9.40 -53.59
CA PHE A 4246 30.98 9.95 -54.76
C PHE A 4246 31.58 8.84 -55.62
N GLU A 4247 32.18 7.83 -54.99
CA GLU A 4247 32.77 6.73 -55.75
C GLU A 4247 31.71 5.92 -56.47
N MET A 4248 30.53 5.76 -55.86
CA MET A 4248 29.41 5.10 -56.53
C MET A 4248 29.00 5.89 -57.76
N GLN A 4249 28.95 7.22 -57.64
CA GLN A 4249 28.63 8.03 -58.82
C GLN A 4249 29.67 7.83 -59.92
N ILE A 4250 30.95 7.79 -59.55
CA ILE A 4250 32.00 7.58 -60.54
C ILE A 4250 31.83 6.23 -61.22
N ALA A 4251 31.57 5.18 -60.44
CA ALA A 4251 31.40 3.85 -60.99
C ALA A 4251 30.21 3.79 -61.93
N ALA A 4252 29.10 4.41 -61.54
CA ALA A 4252 27.93 4.46 -62.41
C ALA A 4252 28.25 5.19 -63.71
N GLN A 4253 28.99 6.29 -63.63
CA GLN A 4253 29.36 7.02 -64.84
C GLN A 4253 30.21 6.16 -65.77
N ILE A 4254 31.18 5.41 -65.23
CA ILE A 4254 32.06 4.62 -66.10
C ILE A 4254 31.47 3.27 -66.45
N SER A 4255 30.32 2.90 -65.90
CA SER A 4255 29.73 1.60 -66.22
C SER A 4255 29.37 1.52 -67.70
N GLU A 4256 29.49 0.33 -68.26
CA GLU A 4256 29.19 0.14 -69.68
C GLU A 4256 27.72 0.44 -69.94
N PRO A 4257 27.39 1.11 -71.06
CA PRO A 4257 25.98 1.41 -71.35
C PRO A 4257 25.15 0.17 -71.64
N PHE A 4538 31.80 16.44 -86.66
CA PHE A 4538 32.81 15.47 -86.24
C PHE A 4538 33.04 15.55 -84.73
N TRP A 4539 32.77 16.72 -84.15
CA TRP A 4539 33.02 16.91 -82.73
C TRP A 4539 32.18 15.97 -81.88
N GLY A 4540 30.92 15.78 -82.24
CA GLY A 4540 30.06 14.91 -81.45
C GLY A 4540 30.56 13.47 -81.43
N GLU A 4541 30.86 12.93 -82.61
CA GLU A 4541 31.35 11.55 -82.68
C GLU A 4541 32.71 11.41 -81.99
N LEU A 4542 33.58 12.39 -82.17
CA LEU A 4542 34.89 12.34 -81.51
C LEU A 4542 34.73 12.35 -79.99
N GLU A 4543 33.82 13.18 -79.49
CA GLU A 4543 33.58 13.23 -78.05
C GLU A 4543 33.00 11.91 -77.55
N VAL A 4544 32.08 11.32 -78.32
CA VAL A 4544 31.50 10.04 -77.92
C VAL A 4544 32.59 8.97 -77.83
N GLN A 4545 33.46 8.92 -78.85
CA GLN A 4545 34.53 7.93 -78.85
C GLN A 4545 35.50 8.18 -77.71
N ARG A 4546 35.83 9.45 -77.44
CA ARG A 4546 36.73 9.77 -76.34
C ARG A 4546 36.16 9.32 -75.02
N VAL A 4547 34.87 9.59 -74.78
CA VAL A 4547 34.25 9.20 -73.53
C VAL A 4547 34.23 7.68 -73.41
N LYS A 4548 33.90 6.98 -74.50
CA LYS A 4548 33.89 5.53 -74.46
C LYS A 4548 35.27 4.97 -74.13
N PHE A 4549 36.31 5.52 -74.75
CA PHE A 4549 37.67 5.04 -74.52
C PHE A 4549 38.09 5.29 -73.07
N LEU A 4550 37.81 6.49 -72.55
CA LEU A 4550 38.19 6.80 -71.17
C LEU A 4550 37.43 5.92 -70.19
N ASN A 4551 36.14 5.67 -70.47
CA ASN A 4551 35.37 4.78 -69.60
C ASN A 4551 35.94 3.38 -69.63
N TYR A 4552 36.34 2.90 -70.81
CA TYR A 4552 36.95 1.57 -70.89
C TYR A 4552 38.24 1.51 -70.08
N LEU A 4553 39.08 2.54 -70.19
CA LEU A 4553 40.31 2.57 -69.42
C LEU A 4553 40.04 2.57 -67.93
N SER A 4554 39.08 3.40 -67.49
CA SER A 4554 38.75 3.44 -66.07
C SER A 4554 38.21 2.09 -65.59
N ARG A 4555 37.37 1.46 -66.40
CA ARG A 4555 36.82 0.16 -66.03
C ARG A 4555 37.89 -0.91 -65.92
N ASN A 4556 38.90 -0.90 -66.80
CA ASN A 4556 39.92 -1.93 -66.83
C ASN A 4556 41.27 -1.42 -66.33
N PHE A 4557 41.25 -0.44 -65.42
CA PHE A 4557 42.49 0.10 -64.87
C PHE A 4557 43.33 -1.01 -64.23
N TYR A 4558 42.75 -1.80 -63.35
CA TYR A 4558 43.52 -2.81 -62.64
C TYR A 4558 44.01 -3.91 -63.57
N THR A 4559 43.17 -4.30 -64.54
CA THR A 4559 43.62 -5.26 -65.53
C THR A 4559 44.81 -4.73 -66.31
N LEU A 4560 44.80 -3.43 -66.61
CA LEU A 4560 45.94 -2.83 -67.30
C LEU A 4560 47.20 -2.88 -66.45
N ARG A 4561 47.06 -2.65 -65.14
CA ARG A 4561 48.22 -2.74 -64.25
C ARG A 4561 48.78 -4.16 -64.23
N PHE A 4562 47.90 -5.16 -64.15
CA PHE A 4562 48.36 -6.54 -64.19
C PHE A 4562 49.04 -6.85 -65.51
N LEU A 4563 48.49 -6.33 -66.61
CA LEU A 4563 49.12 -6.52 -67.91
C LEU A 4563 50.50 -5.89 -67.95
N ALA A 4564 50.65 -4.71 -67.35
CA ALA A 4564 51.96 -4.07 -67.29
C ALA A 4564 52.94 -4.94 -66.52
N LEU A 4565 52.51 -5.50 -65.40
CA LEU A 4565 53.37 -6.39 -64.63
C LEU A 4565 53.79 -7.60 -65.47
N PHE A 4566 52.84 -8.20 -66.17
CA PHE A 4566 53.14 -9.37 -66.99
C PHE A 4566 54.13 -9.01 -68.10
N LEU A 4567 53.94 -7.86 -68.73
CA LEU A 4567 54.84 -7.43 -69.80
C LEU A 4567 56.24 -7.18 -69.26
N ALA A 4568 56.34 -6.59 -68.06
CA ALA A 4568 57.64 -6.38 -67.46
C ALA A 4568 58.34 -7.72 -67.20
N PHE A 4569 57.59 -8.69 -66.68
CA PHE A 4569 58.18 -10.00 -66.44
C PHE A 4569 58.65 -10.65 -67.73
N ALA A 4570 57.86 -10.55 -68.79
CA ALA A 4570 58.25 -11.12 -70.08
C ALA A 4570 59.51 -10.43 -70.61
N ILE A 4571 59.55 -9.10 -70.51
CA ILE A 4571 60.71 -8.36 -71.00
C ILE A 4571 61.97 -8.78 -70.25
N ASN A 4572 61.87 -8.93 -68.92
CA ASN A 4572 63.04 -9.32 -68.15
C ASN A 4572 63.43 -10.77 -68.40
N PHE A 4573 62.46 -11.64 -68.64
CA PHE A 4573 62.79 -13.01 -69.03
C PHE A 4573 63.58 -13.02 -70.32
N ILE A 4574 63.19 -12.19 -71.29
CA ILE A 4574 63.96 -12.07 -72.52
C ILE A 4574 65.35 -11.49 -72.23
N LEU A 4575 65.42 -10.47 -71.38
CA LEU A 4575 66.70 -9.86 -71.04
C LEU A 4575 67.65 -10.85 -70.39
N LEU A 4576 67.12 -11.90 -69.77
CA LEU A 4576 67.98 -12.92 -69.16
C LEU A 4576 68.87 -13.60 -70.19
N PHE A 4577 68.57 -13.50 -71.48
CA PHE A 4577 69.35 -14.12 -72.54
C PHE A 4577 70.37 -13.17 -73.15
N TYR A 4578 70.60 -12.01 -72.56
CA TYR A 4578 71.56 -11.06 -73.08
C TYR A 4578 72.98 -11.58 -72.90
N LYS A 4579 73.89 -11.07 -73.72
CA LYS A 4579 75.27 -11.50 -73.73
C LYS A 4579 76.14 -10.33 -74.16
N VAL A 4580 77.41 -10.37 -73.75
CA VAL A 4580 78.37 -9.33 -74.07
C VAL A 4580 79.55 -9.96 -74.79
N SER A 4581 80.07 -9.24 -75.78
CA SER A 4581 81.18 -9.76 -76.57
C SER A 4581 82.06 -8.62 -77.03
N ASP A 4582 83.27 -8.95 -77.46
CA ASP A 4582 84.20 -7.96 -77.98
C ASP A 4582 84.07 -7.79 -79.49
N SER A 4583 83.43 -8.74 -80.18
CA SER A 4583 83.18 -8.64 -81.61
C SER A 4583 81.70 -8.41 -81.87
N PRO A 4584 81.34 -7.75 -82.97
CA PRO A 4584 79.93 -7.53 -83.24
C PRO A 4584 79.21 -8.84 -83.47
N PRO A 4585 77.90 -8.89 -83.18
CA PRO A 4585 77.12 -10.13 -83.33
C PRO A 4585 77.29 -10.78 -84.71
N ASN A 4624 87.94 -1.16 -79.00
CA ASN A 4624 87.80 -2.11 -77.90
C ASN A 4624 86.40 -2.03 -77.29
N MET A 4625 85.46 -1.48 -78.05
CA MET A 4625 84.09 -1.37 -77.57
C MET A 4625 83.46 -2.75 -77.43
N VAL A 4626 82.50 -2.85 -76.52
CA VAL A 4626 81.81 -4.10 -76.22
C VAL A 4626 80.41 -4.04 -76.80
N TYR A 4627 79.94 -5.17 -77.31
CA TYR A 4627 78.62 -5.28 -77.93
C TYR A 4627 77.73 -6.13 -77.04
N TYR A 4628 76.53 -5.62 -76.75
CA TYR A 4628 75.51 -6.35 -76.03
C TYR A 4628 74.47 -6.82 -77.02
N PHE A 4629 74.15 -8.12 -76.99
CA PHE A 4629 73.16 -8.68 -77.91
C PHE A 4629 72.56 -9.94 -77.31
N LEU A 4630 71.38 -10.29 -77.80
CA LEU A 4630 70.69 -11.49 -77.36
C LEU A 4630 71.28 -12.71 -78.05
N GLU A 4631 71.44 -13.79 -77.29
CA GLU A 4631 71.94 -15.06 -77.79
C GLU A 4631 70.84 -16.10 -77.62
N GLU A 4632 70.03 -16.27 -78.66
CA GLU A 4632 68.94 -17.23 -78.66
C GLU A 4632 68.90 -17.95 -80.01
N SER A 4633 68.55 -19.23 -79.97
CA SER A 4633 68.55 -20.03 -81.19
C SER A 4633 67.35 -19.72 -82.07
N THR A 4634 66.18 -19.46 -81.46
CA THR A 4634 64.97 -19.26 -82.23
C THR A 4634 65.08 -18.06 -83.15
N GLY A 4635 65.64 -16.96 -82.66
CA GLY A 4635 65.72 -15.74 -83.42
C GLY A 4635 64.48 -14.88 -83.37
N TYR A 4636 63.43 -15.31 -82.65
CA TYR A 4636 62.21 -14.53 -82.50
C TYR A 4636 62.20 -13.65 -81.26
N MET A 4637 63.21 -13.77 -80.40
CA MET A 4637 63.20 -13.04 -79.13
C MET A 4637 63.40 -11.55 -79.35
N GLU A 4638 64.34 -11.19 -80.21
CA GLU A 4638 64.65 -9.76 -80.39
C GLU A 4638 63.46 -8.98 -80.93
N PRO A 4639 62.80 -9.41 -82.02
CA PRO A 4639 61.55 -8.73 -82.40
C PRO A 4639 60.51 -8.78 -81.31
N ALA A 4640 60.43 -9.91 -80.59
CA ALA A 4640 59.53 -10.01 -79.47
C ALA A 4640 59.89 -8.99 -78.40
N LEU A 4641 61.18 -8.79 -78.16
CA LEU A 4641 61.60 -7.77 -77.19
C LEU A 4641 61.15 -6.39 -77.62
N ARG A 4642 61.34 -6.05 -78.90
CA ARG A 4642 60.90 -4.74 -79.37
C ARG A 4642 59.40 -4.57 -79.19
N CYS A 4643 58.62 -5.56 -79.61
CA CYS A 4643 57.17 -5.46 -79.52
C CYS A 4643 56.72 -5.34 -78.08
N LEU A 4644 57.30 -6.15 -77.19
CA LEU A 4644 56.92 -6.11 -75.79
C LEU A 4644 57.28 -4.78 -75.15
N SER A 4645 58.43 -4.21 -75.53
CA SER A 4645 58.80 -2.90 -74.98
C SER A 4645 57.81 -1.82 -75.40
N LEU A 4646 57.45 -1.81 -76.69
CA LEU A 4646 56.47 -0.83 -77.15
C LEU A 4646 55.14 -1.02 -76.45
N LEU A 4647 54.69 -2.27 -76.31
CA LEU A 4647 53.43 -2.55 -75.65
C LEU A 4647 53.48 -2.12 -74.20
N HIS A 4648 54.61 -2.34 -73.52
CA HIS A 4648 54.74 -1.95 -72.13
C HIS A 4648 54.63 -0.44 -71.97
N THR A 4649 55.31 0.32 -72.84
CA THR A 4649 55.21 1.77 -72.77
C THR A 4649 53.77 2.22 -73.01
N LEU A 4650 53.11 1.64 -74.00
CA LEU A 4650 51.72 1.99 -74.27
C LEU A 4650 50.84 1.70 -73.07
N VAL A 4651 51.02 0.54 -72.45
CA VAL A 4651 50.19 0.14 -71.33
C VAL A 4651 50.45 1.05 -70.13
N ALA A 4652 51.69 1.47 -69.93
CA ALA A 4652 51.99 2.40 -68.85
C ALA A 4652 51.27 3.73 -69.06
N PHE A 4653 51.30 4.24 -70.29
CA PHE A 4653 50.57 5.47 -70.57
C PHE A 4653 49.08 5.29 -70.34
N LEU A 4654 48.53 4.16 -70.78
CA LEU A 4654 47.11 3.91 -70.58
C LEU A 4654 46.77 3.78 -69.10
N CYS A 4655 47.68 3.21 -68.31
CA CYS A 4655 47.46 3.13 -66.87
C CYS A 4655 47.44 4.52 -66.25
N ILE A 4656 48.32 5.41 -66.69
CA ILE A 4656 48.28 6.78 -66.18
C ILE A 4656 46.94 7.43 -66.50
N ILE A 4657 46.48 7.26 -67.74
CA ILE A 4657 45.20 7.88 -68.13
C ILE A 4657 44.06 7.28 -67.31
N GLY A 4658 44.07 5.96 -67.14
CA GLY A 4658 43.01 5.32 -66.36
C GLY A 4658 42.99 5.77 -64.92
N TYR A 4659 44.17 5.91 -64.31
CA TYR A 4659 44.22 6.46 -62.96
C TYR A 4659 43.66 7.86 -62.93
N ASN A 4660 44.06 8.70 -63.87
CA ASN A 4660 43.56 10.07 -63.89
C ASN A 4660 42.04 10.11 -64.01
N CYS A 4661 41.47 9.17 -64.76
CA CYS A 4661 40.02 9.16 -64.97
C CYS A 4661 39.25 8.43 -63.88
N LEU A 4662 39.91 7.63 -63.05
CA LEU A 4662 39.21 6.82 -62.05
C LEU A 4662 39.46 7.28 -60.63
N LYS A 4663 40.71 7.48 -60.23
CA LYS A 4663 41.05 7.75 -58.84
C LYS A 4663 41.24 9.22 -58.52
N VAL A 4664 41.73 10.01 -59.49
CA VAL A 4664 41.94 11.43 -59.25
C VAL A 4664 40.65 12.13 -58.82
N PRO A 4665 39.49 11.83 -59.40
CA PRO A 4665 38.27 12.53 -58.97
C PRO A 4665 38.02 12.45 -57.49
N LEU A 4666 38.27 11.29 -56.87
CA LEU A 4666 38.05 11.17 -55.43
C LEU A 4666 39.08 11.99 -54.65
N VAL A 4667 40.32 12.06 -55.15
CA VAL A 4667 41.33 12.88 -54.48
C VAL A 4667 40.89 14.34 -54.49
N ILE A 4668 40.43 14.83 -55.64
CA ILE A 4668 39.98 16.22 -55.73
C ILE A 4668 38.74 16.41 -54.87
N PHE A 4669 37.84 15.43 -54.85
CA PHE A 4669 36.64 15.53 -54.03
C PHE A 4669 37.00 15.69 -52.56
N LYS A 4670 37.92 14.86 -52.06
CA LYS A 4670 38.32 14.94 -50.67
C LYS A 4670 38.99 16.28 -50.37
N ARG A 4671 39.88 16.73 -51.27
CA ARG A 4671 40.56 18.00 -51.03
C ARG A 4671 39.56 19.15 -50.96
N GLU A 4672 38.63 19.20 -51.92
CA GLU A 4672 37.63 20.27 -51.94
C GLU A 4672 36.72 20.19 -50.72
N LYS A 4673 36.32 18.98 -50.34
CA LYS A 4673 35.46 18.81 -49.16
C LYS A 4673 36.14 19.34 -47.91
N GLU A 4674 37.40 18.95 -47.70
CA GLU A 4674 38.12 19.42 -46.53
C GLU A 4674 38.30 20.92 -46.55
N LEU A 4675 38.62 21.49 -47.72
CA LEU A 4675 38.78 22.93 -47.82
C LEU A 4675 37.48 23.64 -47.48
N ALA A 4676 36.35 23.14 -48.00
CA ALA A 4676 35.06 23.77 -47.73
C ALA A 4676 34.73 23.71 -46.24
N ARG A 4677 34.94 22.56 -45.62
CA ARG A 4677 34.63 22.42 -44.20
C ARG A 4677 35.50 23.34 -43.36
N LYS A 4678 36.80 23.44 -43.69
CA LYS A 4678 37.68 24.32 -42.93
C LYS A 4678 37.32 25.78 -43.16
N LEU A 4679 36.89 26.14 -44.37
CA LEU A 4679 36.46 27.51 -44.62
C LEU A 4679 35.22 27.86 -43.80
N GLU A 4680 34.23 26.97 -43.78
CA GLU A 4680 32.95 27.32 -43.16
C GLU A 4680 32.99 27.17 -41.65
N PHE A 4681 33.37 26.02 -41.14
CA PHE A 4681 33.27 25.73 -39.71
C PHE A 4681 34.54 26.08 -38.93
N ASP A 4682 35.61 26.50 -39.61
CA ASP A 4682 36.83 26.91 -38.92
C ASP A 4682 37.32 28.30 -39.29
N GLY A 4683 36.85 28.89 -40.39
CA GLY A 4683 37.37 30.18 -40.81
C GLY A 4683 38.86 30.12 -41.05
N LEU A 4684 39.29 29.11 -41.79
CA LEU A 4684 40.73 28.85 -41.93
C LEU A 4684 41.44 30.05 -42.57
N TYR A 4685 40.86 30.62 -43.61
CA TYR A 4685 41.43 31.78 -44.28
C TYR A 4685 40.74 33.08 -43.91
N ILE A 4686 39.87 33.05 -42.90
CA ILE A 4686 39.11 34.23 -42.48
C ILE A 4686 39.52 34.62 -41.06
N THR A 4687 39.28 33.72 -40.11
CA THR A 4687 39.62 34.02 -38.72
C THR A 4687 41.06 33.60 -38.42
N GLU A 4688 41.53 32.52 -39.04
CA GLU A 4688 42.87 32.01 -38.81
C GLU A 4688 43.66 32.07 -40.12
N GLN A 4689 44.86 31.50 -40.12
CA GLN A 4689 45.69 31.41 -41.31
C GLN A 4689 46.45 30.10 -41.26
N PRO A 4690 46.87 29.57 -42.42
CA PRO A 4690 47.72 28.38 -42.39
C PRO A 4690 49.04 28.66 -41.67
N GLU A 4691 49.58 27.61 -41.06
CA GLU A 4691 50.74 27.74 -40.18
C GLU A 4691 52.03 28.10 -40.92
N ASP A 4692 51.97 28.33 -42.23
CA ASP A 4692 53.15 28.71 -43.02
C ASP A 4692 54.08 27.54 -43.24
N ASP A 4693 53.80 26.40 -42.59
CA ASP A 4693 54.46 25.15 -42.94
C ASP A 4693 53.47 24.16 -43.55
N ASP A 4694 52.18 24.44 -43.45
CA ASP A 4694 51.13 23.62 -44.05
C ASP A 4694 51.11 23.93 -45.54
N VAL A 4695 51.92 23.18 -46.29
CA VAL A 4695 51.97 23.37 -47.73
C VAL A 4695 50.59 23.14 -48.34
N LYS A 4696 49.80 22.25 -47.74
CA LYS A 4696 48.46 22.01 -48.25
C LYS A 4696 47.62 23.29 -48.18
N GLY A 4697 47.64 23.97 -47.04
CA GLY A 4697 46.89 25.21 -46.93
C GLY A 4697 47.44 26.31 -47.81
N GLN A 4698 48.77 26.45 -47.86
CA GLN A 4698 49.36 27.45 -48.73
C GLN A 4698 48.95 27.24 -50.17
N TRP A 4699 48.91 25.99 -50.63
CA TRP A 4699 48.51 25.71 -52.00
C TRP A 4699 47.01 25.90 -52.19
N ASP A 4700 46.21 25.48 -51.22
CA ASP A 4700 44.77 25.63 -51.32
C ASP A 4700 44.35 27.08 -51.35
N ARG A 4701 45.20 28.00 -50.89
CA ARG A 4701 44.90 29.42 -51.05
C ARG A 4701 44.71 29.79 -52.51
N LEU A 4702 45.16 28.94 -53.44
CA LEU A 4702 45.10 29.28 -54.88
C LEU A 4702 43.71 29.02 -55.48
N VAL A 4703 42.87 28.20 -54.85
CA VAL A 4703 41.57 27.83 -55.47
C VAL A 4703 40.41 28.63 -54.87
N LEU A 4704 40.64 29.35 -53.78
CA LEU A 4704 39.51 30.03 -53.09
C LEU A 4704 38.76 30.98 -54.03
N ASN A 4705 39.45 31.78 -54.84
CA ASN A 4705 38.77 32.79 -55.69
C ASN A 4705 38.40 32.20 -57.05
N THR A 4706 38.79 30.95 -57.32
CA THR A 4706 38.57 30.35 -58.64
C THR A 4706 37.08 30.15 -58.87
N PRO A 4707 36.56 30.46 -60.08
CA PRO A 4707 35.15 30.29 -60.38
C PRO A 4707 34.60 28.88 -60.21
N SER A 4708 35.47 27.87 -60.24
CA SER A 4708 35.03 26.46 -60.18
C SER A 4708 35.50 25.78 -58.89
N PHE A 4709 35.63 26.51 -57.79
CA PHE A 4709 36.21 25.91 -56.55
C PHE A 4709 35.51 24.58 -56.28
N PRO A 4710 34.18 24.50 -56.06
CA PRO A 4710 33.58 23.20 -55.85
C PRO A 4710 33.23 22.55 -57.18
N SER A 4711 34.19 21.83 -57.78
CA SER A 4711 33.91 21.11 -59.02
C SER A 4711 33.46 19.68 -58.77
N ASN A 4712 34.14 18.96 -57.89
CA ASN A 4712 33.78 17.59 -57.54
C ASN A 4712 32.94 17.51 -56.28
N TYR A 4713 33.27 18.30 -55.26
CA TYR A 4713 32.47 18.33 -54.05
C TYR A 4713 31.05 18.78 -54.37
N TRP A 4714 30.08 18.13 -53.73
CA TRP A 4714 28.68 18.32 -54.12
C TRP A 4714 28.17 19.70 -53.75
N ASP A 4715 28.63 20.25 -52.62
CA ASP A 4715 28.10 21.51 -52.11
C ASP A 4715 28.57 22.66 -52.99
N LYS A 4716 27.69 23.15 -53.87
CA LYS A 4716 28.00 24.25 -54.77
C LYS A 4716 27.73 25.61 -54.15
N PHE A 4717 27.27 25.66 -52.90
CA PHE A 4717 26.96 26.91 -52.23
C PHE A 4717 27.86 27.14 -51.02
N VAL A 4718 29.03 26.51 -51.02
CA VAL A 4718 30.00 26.70 -49.91
C VAL A 4718 30.33 28.19 -49.81
N LYS A 4719 30.56 28.86 -50.94
CA LYS A 4719 30.98 30.29 -50.91
C LYS A 4719 29.87 31.12 -50.26
N ARG A 4720 28.62 30.92 -50.68
CA ARG A 4720 27.49 31.65 -50.05
C ARG A 4720 27.48 31.35 -48.55
N LYS A 4721 27.56 30.07 -48.15
CA LYS A 4721 27.51 29.78 -46.72
C LYS A 4721 28.62 30.50 -45.96
N VAL A 4722 29.84 30.40 -46.50
CA VAL A 4722 31.01 31.01 -45.79
C VAL A 4722 30.73 32.52 -45.69
N LEU A 4723 30.31 33.13 -46.79
CA LEU A 4723 30.14 34.60 -46.74
C LEU A 4723 29.08 34.93 -45.69
N ASP A 4724 27.97 34.19 -45.67
CA ASP A 4724 26.95 34.62 -44.69
C ASP A 4724 27.42 34.48 -43.25
N LYS A 4725 28.02 33.35 -42.84
CA LYS A 4725 28.47 33.30 -41.43
C LYS A 4725 29.67 34.22 -41.14
N HIS A 4726 30.68 34.17 -41.98
CA HIS A 4726 31.94 34.97 -41.83
C HIS A 4726 31.79 36.47 -42.09
N GLY A 4727 30.95 36.86 -43.05
CA GLY A 4727 30.97 38.25 -43.55
C GLY A 4727 30.69 39.37 -42.58
N ASP A 4728 29.72 39.25 -41.67
CA ASP A 4728 29.48 40.46 -40.83
C ASP A 4728 30.72 40.80 -40.01
N ILE A 4729 31.41 39.80 -39.46
CA ILE A 4729 32.58 40.08 -38.58
C ILE A 4729 33.83 40.37 -39.41
N PHE A 4730 33.94 39.83 -40.62
CA PHE A 4730 35.20 39.99 -41.41
C PHE A 4730 35.00 41.01 -42.53
N GLY A 4731 33.76 41.29 -42.90
CA GLY A 4731 33.49 42.22 -44.01
C GLY A 4731 33.02 41.47 -45.24
N ARG A 4732 31.82 41.77 -45.72
CA ARG A 4732 31.25 41.03 -46.88
C ARG A 4732 32.15 41.21 -48.11
N GLU A 4733 32.61 42.44 -48.36
CA GLU A 4733 33.44 42.72 -49.57
C GLU A 4733 34.80 41.99 -49.43
N ARG A 4734 35.35 41.95 -48.21
CA ARG A 4734 36.63 41.22 -48.00
C ARG A 4734 36.41 39.74 -48.31
N ILE A 4735 35.32 39.15 -47.80
CA ILE A 4735 35.04 37.71 -48.05
C ILE A 4735 34.79 37.51 -49.55
N ALA A 4736 34.03 38.40 -50.18
CA ALA A 4736 33.71 38.25 -51.62
C ALA A 4736 35.01 38.29 -52.43
N GLU A 4737 35.97 39.10 -52.01
CA GLU A 4737 37.27 39.20 -52.73
C GLU A 4737 38.07 37.91 -52.50
N LEU A 4738 38.06 37.38 -51.28
CA LEU A 4738 38.80 36.14 -50.96
C LEU A 4738 38.20 34.97 -51.75
N LEU A 4739 36.87 34.96 -51.93
CA LEU A 4739 36.21 33.81 -52.60
C LEU A 4739 35.83 34.15 -54.05
N GLY A 4740 36.28 35.29 -54.57
CA GLY A 4740 36.01 35.58 -55.96
C GLY A 4740 34.54 35.62 -56.31
N MET A 4741 33.73 36.23 -55.45
CA MET A 4741 32.29 36.31 -55.65
C MET A 4741 31.92 37.71 -56.14
N ASP A 4742 30.93 37.77 -57.03
CA ASP A 4742 30.40 39.04 -57.53
C ASP A 4742 29.10 39.31 -56.79
N LEU A 4743 29.17 40.16 -55.77
CA LEU A 4743 28.00 40.42 -54.94
C LEU A 4743 26.85 40.98 -55.76
N ALA A 4744 27.15 41.80 -56.76
CA ALA A 4744 26.10 42.41 -57.56
C ALA A 4744 25.28 41.35 -58.30
N SER A 4745 25.96 40.47 -59.04
CA SER A 4745 25.26 39.39 -59.73
C SER A 4745 24.72 38.34 -58.77
N LEU A 4746 25.17 38.36 -57.52
CA LEU A 4746 24.73 37.35 -56.55
C LEU A 4746 23.21 37.40 -56.37
N GLU A 4747 22.65 38.60 -56.27
CA GLU A 4747 21.20 38.72 -56.09
C GLU A 4747 20.46 38.48 -57.40
N ILE A 4748 21.06 38.91 -58.52
CA ILE A 4748 20.40 38.80 -59.82
C ILE A 4748 20.19 37.33 -60.18
N THR A 4749 21.21 36.50 -59.90
CA THR A 4749 21.07 35.08 -60.21
C THR A 4749 19.83 34.48 -59.56
N ALA A 4750 19.57 34.82 -58.29
CA ALA A 4750 18.36 34.35 -57.64
C ALA A 4750 17.13 35.04 -58.20
N HIS A 4751 17.24 36.33 -58.54
CA HIS A 4751 16.11 37.08 -59.05
C HIS A 4751 15.51 36.44 -60.29
N ASN A 4752 16.34 36.14 -61.28
CA ASN A 4752 15.82 35.51 -62.49
C ASN A 4752 16.75 34.40 -62.98
N GLU A 4753 16.44 33.82 -64.15
CA GLU A 4753 17.14 32.65 -64.65
C GLU A 4753 17.81 32.99 -65.96
N ARG A 4754 19.07 32.57 -66.08
CA ARG A 4754 19.84 32.75 -67.32
C ARG A 4754 20.24 31.38 -67.83
N LYS A 4755 20.06 31.15 -69.13
CA LYS A 4755 20.36 29.87 -69.75
C LYS A 4755 21.18 30.10 -71.01
N PRO A 4756 22.51 29.93 -70.97
CA PRO A 4756 23.30 30.08 -72.19
C PRO A 4756 23.33 28.81 -73.02
N ASP A 4757 23.96 28.87 -74.19
CA ASP A 4757 24.06 27.71 -75.09
C ASP A 4757 25.27 27.89 -76.00
N PRO A 4758 26.47 27.80 -75.43
CA PRO A 4758 27.68 28.00 -76.23
C PRO A 4758 27.94 26.81 -77.14
N PRO A 4759 28.53 27.03 -78.31
CA PRO A 4759 28.89 25.90 -79.18
C PRO A 4759 29.99 25.07 -78.55
N PRO A 4760 30.11 23.80 -78.94
CA PRO A 4760 31.21 22.96 -78.45
C PRO A 4760 32.56 23.21 -79.14
N GLY A 4761 32.68 24.31 -79.88
CA GLY A 4761 33.91 24.55 -80.61
C GLY A 4761 35.11 24.67 -79.68
N LEU A 4762 36.27 24.27 -80.19
CA LEU A 4762 37.49 24.32 -79.38
C LEU A 4762 37.79 25.74 -78.93
N LEU A 4763 37.39 26.74 -79.73
CA LEU A 4763 37.57 28.13 -79.30
C LEU A 4763 36.80 28.41 -78.03
N THR A 4764 35.52 28.04 -78.00
CA THR A 4764 34.71 28.25 -76.81
C THR A 4764 35.24 27.43 -75.65
N TRP A 4765 35.65 26.20 -75.90
CA TRP A 4765 36.20 25.37 -74.84
C TRP A 4765 37.44 26.00 -74.23
N ILE A 4766 38.35 26.50 -75.08
CA ILE A 4766 39.57 27.14 -74.60
C ILE A 4766 39.23 28.38 -73.79
N MET A 4767 38.27 29.18 -74.27
CA MET A 4767 37.87 30.37 -73.51
C MET A 4767 37.32 29.98 -72.15
N SER A 4768 36.57 28.88 -72.08
CA SER A 4768 35.97 28.42 -70.82
C SER A 4768 36.90 27.44 -70.11
N ILE A 4769 38.10 27.91 -69.76
CA ILE A 4769 39.05 27.05 -68.99
C ILE A 4769 39.55 27.87 -67.78
N ASP A 4770 39.31 27.37 -66.57
CA ASP A 4770 39.79 28.07 -65.34
C ASP A 4770 41.25 27.69 -65.11
N VAL A 4771 42.17 28.49 -65.65
CA VAL A 4771 43.63 28.15 -65.56
C VAL A 4771 44.03 28.04 -64.08
N LYS A 4772 43.60 28.98 -63.24
CA LYS A 4772 44.04 28.98 -61.83
C LYS A 4772 43.57 27.67 -61.15
N TYR A 4773 42.32 27.25 -61.43
CA TYR A 4773 41.82 25.97 -60.84
C TYR A 4773 42.64 24.82 -61.38
N GLN A 4774 42.88 24.81 -62.69
CA GLN A 4774 43.62 23.69 -63.32
C GLN A 4774 45.04 23.64 -62.73
N ILE A 4775 45.65 24.79 -62.48
CA ILE A 4775 46.99 24.78 -61.87
C ILE A 4775 46.91 24.18 -60.47
N TRP A 4776 45.92 24.59 -59.68
CA TRP A 4776 45.77 24.03 -58.35
C TRP A 4776 45.51 22.52 -58.41
N LYS A 4777 44.65 22.10 -59.33
CA LYS A 4777 44.33 20.68 -59.47
C LYS A 4777 45.56 19.87 -59.85
N PHE A 4778 46.37 20.40 -60.78
CA PHE A 4778 47.56 19.68 -61.19
C PHE A 4778 48.58 19.64 -60.07
N GLY A 4779 48.67 20.69 -59.25
CA GLY A 4779 49.52 20.61 -58.07
C GLY A 4779 49.09 19.50 -57.14
N VAL A 4780 47.78 19.39 -56.89
CA VAL A 4780 47.29 18.32 -56.04
C VAL A 4780 47.62 16.96 -56.65
N ILE A 4781 47.37 16.80 -57.96
CA ILE A 4781 47.59 15.52 -58.61
C ILE A 4781 49.07 15.13 -58.54
N PHE A 4782 49.96 16.07 -58.86
CA PHE A 4782 51.39 15.79 -58.86
C PHE A 4782 51.94 15.65 -57.47
N THR A 4783 51.24 16.08 -56.42
CA THR A 4783 51.62 15.73 -55.06
C THR A 4783 50.96 14.47 -54.57
N ASP A 4784 50.02 13.89 -55.32
CA ASP A 4784 49.45 12.60 -54.96
C ASP A 4784 50.48 11.50 -55.18
N ASN A 4785 50.54 10.55 -54.24
CA ASN A 4785 51.62 9.56 -54.25
C ASN A 4785 51.44 8.53 -55.37
N SER A 4786 50.22 8.01 -55.53
CA SER A 4786 49.99 6.98 -56.54
C SER A 4786 50.23 7.52 -57.95
N PHE A 4787 49.79 8.75 -58.21
CA PHE A 4787 50.05 9.35 -59.51
C PHE A 4787 51.54 9.49 -59.75
N LEU A 4788 52.29 9.89 -58.72
CA LEU A 4788 53.75 9.99 -58.87
C LEU A 4788 54.37 8.63 -59.16
N TYR A 4789 53.88 7.58 -58.50
CA TYR A 4789 54.38 6.24 -58.78
C TYR A 4789 54.13 5.85 -60.23
N LEU A 4790 52.91 6.11 -60.72
CA LEU A 4790 52.60 5.78 -62.11
C LEU A 4790 53.43 6.60 -63.08
N GLY A 4791 53.67 7.87 -62.76
CA GLY A 4791 54.53 8.69 -63.61
C GLY A 4791 55.96 8.17 -63.66
N TRP A 4792 56.48 7.75 -62.50
CA TRP A 4792 57.82 7.15 -62.49
C TRP A 4792 57.84 5.86 -63.29
N TYR A 4793 56.77 5.07 -63.19
CA TYR A 4793 56.66 3.86 -64.00
C TYR A 4793 56.75 4.20 -65.49
N MET A 4794 56.01 5.22 -65.92
CA MET A 4794 56.05 5.62 -67.33
C MET A 4794 57.42 6.12 -67.73
N VAL A 4795 58.07 6.89 -66.85
CA VAL A 4795 59.39 7.42 -67.17
C VAL A 4795 60.40 6.29 -67.33
N MET A 4796 60.35 5.31 -66.43
CA MET A 4796 61.24 4.15 -66.55
C MET A 4796 60.92 3.35 -67.81
N SER A 4797 59.64 3.23 -68.17
CA SER A 4797 59.30 2.54 -69.41
C SER A 4797 59.90 3.26 -70.61
N LEU A 4798 59.83 4.59 -70.62
CA LEU A 4798 60.44 5.35 -71.71
C LEU A 4798 61.95 5.15 -71.74
N LEU A 4799 62.59 5.18 -70.58
CA LEU A 4799 64.03 4.96 -70.52
C LEU A 4799 64.39 3.56 -71.00
N GLY A 4800 63.47 2.61 -70.85
CA GLY A 4800 63.70 1.26 -71.34
C GLY A 4800 63.95 1.19 -72.83
N HIS A 4801 63.49 2.18 -73.60
CA HIS A 4801 63.79 2.24 -75.02
C HIS A 4801 65.17 2.83 -75.30
N TYR A 4802 65.66 3.69 -74.41
CA TYR A 4802 67.06 4.12 -74.50
C TYR A 4802 68.00 2.98 -74.15
N ASN A 4803 67.67 2.21 -73.12
CA ASN A 4803 68.42 1.01 -72.75
C ASN A 4803 67.45 -0.01 -72.18
N ASN A 4804 67.38 -1.18 -72.81
CA ASN A 4804 66.39 -2.17 -72.43
C ASN A 4804 66.49 -2.59 -70.97
N PHE A 4805 67.68 -2.52 -70.38
CA PHE A 4805 67.84 -2.99 -69.01
C PHE A 4805 67.16 -2.09 -68.00
N PHE A 4806 66.71 -0.90 -68.40
CA PHE A 4806 65.90 -0.08 -67.51
C PHE A 4806 64.54 -0.69 -67.23
N PHE A 4807 64.11 -1.66 -68.04
CA PHE A 4807 62.86 -2.35 -67.78
C PHE A 4807 62.92 -3.24 -66.54
N ALA A 4808 64.12 -3.48 -66.00
CA ALA A 4808 64.23 -4.27 -64.77
C ALA A 4808 63.65 -3.49 -63.59
N ALA A 4809 63.63 -2.17 -63.66
CA ALA A 4809 63.07 -1.38 -62.57
C ALA A 4809 61.59 -1.68 -62.36
N HIS A 4810 60.89 -2.11 -63.42
CA HIS A 4810 59.47 -2.40 -63.30
C HIS A 4810 59.20 -3.70 -62.57
N LEU A 4811 60.20 -4.56 -62.42
CA LEU A 4811 60.02 -5.75 -61.60
C LEU A 4811 59.76 -5.42 -60.15
N LEU A 4812 60.16 -4.23 -59.70
CA LEU A 4812 59.84 -3.76 -58.36
C LEU A 4812 58.35 -3.51 -58.18
N ASP A 4813 57.57 -3.52 -59.27
CA ASP A 4813 56.14 -3.31 -59.17
C ASP A 4813 55.44 -4.46 -58.46
N ILE A 4814 56.14 -5.58 -58.24
CA ILE A 4814 55.51 -6.71 -57.55
C ILE A 4814 55.15 -6.32 -56.13
N ALA A 4815 55.97 -5.48 -55.50
CA ALA A 4815 55.68 -5.05 -54.14
C ALA A 4815 54.34 -4.34 -54.05
N MET A 4816 54.06 -3.47 -55.03
CA MET A 4816 52.79 -2.75 -55.03
C MET A 4816 51.64 -3.64 -55.51
N GLY A 4817 51.94 -4.56 -56.43
CA GLY A 4817 50.91 -5.40 -56.99
C GLY A 4817 50.42 -6.49 -56.06
N VAL A 4818 51.31 -7.41 -55.67
CA VAL A 4818 50.91 -8.52 -54.84
C VAL A 4818 50.66 -8.03 -53.42
N LYS A 4819 49.46 -8.34 -52.90
CA LYS A 4819 49.11 -7.89 -51.56
C LYS A 4819 49.96 -8.60 -50.51
N THR A 4820 50.25 -9.89 -50.73
CA THR A 4820 51.08 -10.63 -49.77
C THR A 4820 52.45 -10.00 -49.65
N LEU A 4821 53.06 -9.64 -50.78
CA LEU A 4821 54.37 -9.00 -50.74
C LEU A 4821 54.29 -7.64 -50.05
N ARG A 4822 53.20 -6.90 -50.29
CA ARG A 4822 53.04 -5.61 -49.61
C ARG A 4822 52.98 -5.81 -48.10
N THR A 4823 52.22 -6.80 -47.63
CA THR A 4823 52.15 -7.05 -46.20
C THR A 4823 53.49 -7.49 -45.64
N ILE A 4824 54.23 -8.31 -46.39
CA ILE A 4824 55.55 -8.75 -45.94
C ILE A 4824 56.48 -7.56 -45.81
N LEU A 4825 56.50 -6.67 -46.81
CA LEU A 4825 57.37 -5.51 -46.76
C LEU A 4825 56.91 -4.52 -45.70
N SER A 4826 55.63 -4.57 -45.31
CA SER A 4826 55.18 -3.75 -44.20
C SER A 4826 55.90 -4.13 -42.91
N SER A 4827 56.35 -5.37 -42.79
CA SER A 4827 57.14 -5.75 -41.63
C SER A 4827 58.47 -5.02 -41.60
N VAL A 4828 59.10 -4.85 -42.76
CA VAL A 4828 60.36 -4.11 -42.80
C VAL A 4828 60.11 -2.61 -42.60
N THR A 4829 59.07 -2.06 -43.20
CA THR A 4829 58.84 -0.62 -43.17
C THR A 4829 58.16 -0.15 -41.90
N HIS A 4830 57.61 -1.06 -41.08
CA HIS A 4830 56.93 -0.65 -39.87
C HIS A 4830 57.89 0.03 -38.91
N ASN A 4831 59.08 -0.52 -38.75
CA ASN A 4831 60.13 0.04 -37.92
C ASN A 4831 61.29 0.55 -38.78
N GLY A 4832 60.98 1.17 -39.91
CA GLY A 4832 62.02 1.65 -40.80
C GLY A 4832 62.88 2.72 -40.17
N LYS A 4833 62.27 3.63 -39.42
CA LYS A 4833 63.04 4.68 -38.74
C LYS A 4833 64.00 4.07 -37.74
N GLN A 4834 63.53 3.08 -36.96
CA GLN A 4834 64.40 2.42 -35.99
C GLN A 4834 65.52 1.66 -36.70
N LEU A 4835 65.22 1.04 -37.85
CA LEU A 4835 66.26 0.35 -38.60
C LEU A 4835 67.33 1.31 -39.07
N VAL A 4836 66.91 2.48 -39.59
CA VAL A 4836 67.88 3.47 -40.04
C VAL A 4836 68.71 3.98 -38.87
N MET A 4837 68.08 4.22 -37.73
CA MET A 4837 68.82 4.68 -36.56
C MET A 4837 69.80 3.61 -36.09
N THR A 4838 69.42 2.33 -36.18
CA THR A 4838 70.32 1.26 -35.81
C THR A 4838 71.52 1.20 -36.75
N VAL A 4839 71.29 1.43 -38.04
CA VAL A 4839 72.41 1.46 -38.98
C VAL A 4839 73.34 2.63 -38.65
N GLY A 4840 72.77 3.78 -38.29
CA GLY A 4840 73.61 4.90 -37.89
C GLY A 4840 74.42 4.60 -36.64
N LEU A 4841 73.80 3.93 -35.67
CA LEU A 4841 74.52 3.54 -34.46
C LEU A 4841 75.64 2.56 -34.79
N LEU A 4842 75.39 1.63 -35.70
CA LEU A 4842 76.44 0.72 -36.15
C LEU A 4842 77.59 1.51 -36.77
N ALA A 4843 77.26 2.50 -37.59
CA ALA A 4843 78.30 3.32 -38.21
C ALA A 4843 79.14 4.02 -37.15
N VAL A 4844 78.48 4.58 -36.12
CA VAL A 4844 79.21 5.29 -35.07
C VAL A 4844 80.12 4.33 -34.29
N VAL A 4845 79.60 3.16 -33.93
CA VAL A 4845 80.40 2.19 -33.19
C VAL A 4845 81.60 1.74 -34.00
N VAL A 4846 81.39 1.48 -35.30
CA VAL A 4846 82.49 1.08 -36.15
C VAL A 4846 83.49 2.21 -36.28
N TYR A 4847 83.03 3.46 -36.28
CA TYR A 4847 83.96 4.59 -36.31
C TYR A 4847 84.81 4.63 -35.06
N LEU A 4848 84.21 4.36 -33.90
CA LEU A 4848 84.99 4.32 -32.66
C LEU A 4848 86.05 3.22 -32.73
N TYR A 4849 85.66 2.04 -33.21
CA TYR A 4849 86.64 0.96 -33.38
C TYR A 4849 87.73 1.36 -34.35
N THR A 4850 87.36 2.08 -35.41
CA THR A 4850 88.35 2.57 -36.37
C THR A 4850 89.34 3.51 -35.71
N VAL A 4851 88.85 4.40 -34.85
CA VAL A 4851 89.74 5.33 -34.15
C VAL A 4851 90.72 4.55 -33.29
N VAL A 4852 90.22 3.57 -32.54
CA VAL A 4852 91.11 2.78 -31.69
C VAL A 4852 92.15 2.05 -32.53
N ALA A 4853 91.73 1.43 -33.62
CA ALA A 4853 92.67 0.68 -34.46
C ALA A 4853 93.71 1.61 -35.08
N PHE A 4854 93.28 2.77 -35.58
CA PHE A 4854 94.19 3.73 -36.17
C PHE A 4854 95.20 4.25 -35.16
N ASN A 4855 94.81 4.37 -33.89
CA ASN A 4855 95.73 4.88 -32.89
C ASN A 4855 96.64 3.81 -32.29
N PHE A 4856 96.25 2.53 -32.30
CA PHE A 4856 97.00 1.52 -31.58
C PHE A 4856 97.34 0.26 -32.38
N PHE A 4857 96.60 -0.09 -33.42
CA PHE A 4857 96.73 -1.39 -34.06
C PHE A 4857 97.01 -1.28 -35.55
N ARG A 4858 97.75 -0.25 -35.97
CA ARG A 4858 98.00 -0.05 -37.39
C ARG A 4858 98.83 -1.19 -37.98
N LYS A 4859 99.75 -1.75 -37.20
CA LYS A 4859 100.66 -2.75 -37.73
C LYS A 4859 99.94 -3.97 -38.26
N PHE A 4860 98.74 -4.26 -37.74
CA PHE A 4860 98.02 -5.47 -38.06
C PHE A 4860 97.17 -5.35 -39.32
N TYR A 4861 97.16 -4.19 -39.97
CA TYR A 4861 96.26 -3.93 -41.10
C TYR A 4861 97.00 -3.94 -42.43
N ASN A 4862 98.00 -4.81 -42.58
CA ASN A 4862 98.69 -4.98 -43.85
C ASN A 4862 98.02 -6.11 -44.61
N LYS A 4863 97.32 -5.78 -45.69
CA LYS A 4863 96.55 -6.75 -46.47
C LYS A 4863 97.24 -7.11 -47.77
N SER A 4864 98.58 -7.16 -47.77
CA SER A 4864 99.35 -7.54 -48.95
C SER A 4864 100.29 -8.68 -48.58
N GLU A 4865 100.36 -9.67 -49.48
CA GLU A 4865 101.26 -10.80 -49.30
C GLU A 4865 102.65 -10.55 -49.89
N ASP A 4866 102.84 -9.44 -50.60
CA ASP A 4866 104.13 -9.09 -51.17
C ASP A 4866 104.86 -8.16 -50.20
N GLU A 4867 106.02 -8.61 -49.71
CA GLU A 4867 106.74 -7.82 -48.73
C GLU A 4867 107.27 -6.53 -49.33
N ASP A 4868 107.53 -6.52 -50.64
CA ASP A 4868 108.06 -5.31 -51.27
C ASP A 4868 107.02 -4.19 -51.30
N GLU A 4869 105.75 -4.54 -51.49
CA GLU A 4869 104.66 -3.58 -51.66
C GLU A 4869 103.62 -3.80 -50.58
N PRO A 4870 103.82 -3.27 -49.38
CA PRO A 4870 102.79 -3.39 -48.34
C PRO A 4870 101.55 -2.60 -48.71
N ASP A 4871 100.40 -3.09 -48.26
CA ASP A 4871 99.10 -2.45 -48.50
C ASP A 4871 98.44 -2.22 -47.15
N MET A 4872 98.74 -1.09 -46.53
CA MET A 4872 98.22 -0.79 -45.21
C MET A 4872 96.83 -0.18 -45.33
N LYS A 4873 95.86 -0.78 -44.63
CA LYS A 4873 94.49 -0.32 -44.67
C LYS A 4873 94.14 0.62 -43.52
N CYS A 4874 95.10 0.91 -42.62
CA CYS A 4874 94.84 1.79 -41.50
C CYS A 4874 95.95 2.81 -41.32
N ASP A 4875 96.58 3.23 -42.42
CA ASP A 4875 97.54 4.32 -42.37
C ASP A 4875 96.89 5.69 -42.53
N ASP A 4876 95.59 5.73 -42.83
CA ASP A 4876 94.82 6.96 -42.84
C ASP A 4876 93.41 6.64 -42.35
N MET A 4877 92.80 7.60 -41.66
CA MET A 4877 91.54 7.33 -40.99
C MET A 4877 90.44 6.99 -41.98
N MET A 4878 90.39 7.68 -43.13
CA MET A 4878 89.35 7.39 -44.10
C MET A 4878 89.45 5.96 -44.62
N THR A 4879 90.66 5.53 -44.97
CA THR A 4879 90.85 4.17 -45.46
C THR A 4879 90.54 3.16 -44.36
N CYS A 4880 90.96 3.44 -43.12
CA CYS A 4880 90.67 2.49 -42.04
C CYS A 4880 89.18 2.38 -41.78
N TYR A 4881 88.46 3.50 -41.81
CA TYR A 4881 87.02 3.45 -41.60
C TYR A 4881 86.33 2.70 -42.72
N LEU A 4882 86.74 2.94 -43.97
CA LEU A 4882 86.16 2.19 -45.08
C LEU A 4882 86.44 0.70 -44.91
N PHE A 4883 87.68 0.34 -44.57
CA PHE A 4883 88.02 -1.06 -44.38
C PHE A 4883 87.15 -1.68 -43.29
N HIS A 4884 87.02 -1.02 -42.15
CA HIS A 4884 86.18 -1.56 -41.10
C HIS A 4884 84.75 -1.74 -41.58
N MET A 4885 84.08 -0.66 -41.97
CA MET A 4885 82.68 -0.73 -42.33
C MET A 4885 82.42 -1.71 -43.47
N TYR A 4886 83.41 -1.95 -44.34
CA TYR A 4886 83.19 -2.78 -45.51
C TYR A 4886 83.51 -4.25 -45.25
N VAL A 4887 84.61 -4.54 -44.57
CA VAL A 4887 85.06 -5.91 -44.39
C VAL A 4887 84.67 -6.45 -43.02
N GLY A 4888 84.90 -5.70 -41.95
CA GLY A 4888 84.67 -6.24 -40.63
C GLY A 4888 83.20 -6.51 -40.35
N VAL A 4889 82.32 -5.62 -40.82
CA VAL A 4889 80.90 -5.81 -40.60
C VAL A 4889 80.39 -7.03 -41.33
N ARG A 4890 80.89 -7.27 -42.54
CA ARG A 4890 80.46 -8.42 -43.33
C ARG A 4890 81.18 -9.70 -42.95
N ALA A 4891 82.27 -9.62 -42.20
CA ALA A 4891 82.98 -10.82 -41.77
C ALA A 4891 82.15 -11.58 -40.75
N GLY A 4892 82.22 -12.92 -40.83
CA GLY A 4892 81.47 -13.74 -39.90
C GLY A 4892 81.88 -13.54 -38.46
N GLY A 4893 83.17 -13.44 -38.20
CA GLY A 4893 83.69 -13.22 -36.87
C GLY A 4893 84.20 -11.83 -36.57
N GLY A 4894 83.88 -10.85 -37.41
CA GLY A 4894 84.32 -9.48 -37.18
C GLY A 4894 85.65 -9.17 -37.85
N ILE A 4895 86.23 -8.05 -37.39
CA ILE A 4895 87.46 -7.55 -38.00
C ILE A 4895 88.61 -8.52 -37.77
N GLY A 4896 88.62 -9.18 -36.61
CA GLY A 4896 89.70 -10.11 -36.32
C GLY A 4896 89.84 -11.20 -37.36
N ASP A 4897 88.73 -11.57 -38.01
CA ASP A 4897 88.81 -12.52 -39.11
C ASP A 4897 89.67 -12.01 -40.25
N GLU A 4898 89.78 -10.70 -40.41
CA GLU A 4898 90.37 -10.10 -41.61
C GLU A 4898 91.69 -9.39 -41.34
N ILE A 4899 92.05 -9.15 -40.09
CA ILE A 4899 93.33 -8.51 -39.77
C ILE A 4899 94.30 -9.55 -39.25
N GLU A 4900 95.56 -9.14 -39.10
CA GLU A 4900 96.64 -10.06 -38.80
C GLU A 4900 96.46 -10.71 -37.44
N ASP A 4901 96.90 -11.95 -37.33
CA ASP A 4901 96.81 -12.69 -36.08
C ASP A 4901 97.73 -12.05 -35.04
N PRO A 4902 97.24 -11.79 -33.83
CA PRO A 4902 98.04 -11.06 -32.83
C PRO A 4902 98.85 -11.92 -31.87
N ALA A 4903 98.85 -13.25 -32.02
CA ALA A 4903 99.56 -14.10 -31.08
C ALA A 4903 101.03 -13.72 -31.01
N GLY A 4904 101.55 -13.58 -29.80
CA GLY A 4904 102.93 -13.24 -29.58
C GLY A 4904 103.24 -11.76 -29.52
N ASP A 4905 102.27 -10.91 -29.77
CA ASP A 4905 102.48 -9.46 -29.75
C ASP A 4905 102.34 -8.93 -28.33
N GLU A 4906 102.98 -7.78 -28.08
CA GLU A 4906 102.87 -7.15 -26.77
C GLU A 4906 101.44 -6.70 -26.48
N TYR A 4907 100.69 -6.32 -27.52
CA TYR A 4907 99.30 -5.91 -27.38
C TYR A 4907 98.33 -7.06 -27.65
N GLU A 4908 98.75 -8.29 -27.37
CA GLU A 4908 97.91 -9.44 -27.72
C GLU A 4908 96.58 -9.39 -26.99
N LEU A 4909 96.60 -9.13 -25.69
CA LEU A 4909 95.35 -9.14 -24.92
C LEU A 4909 94.46 -7.96 -25.30
N TYR A 4910 95.06 -6.77 -25.44
CA TYR A 4910 94.28 -5.62 -25.89
C TYR A 4910 93.61 -5.91 -27.22
N ARG A 4911 94.33 -6.55 -28.13
CA ARG A 4911 93.81 -6.78 -29.48
C ARG A 4911 92.78 -7.89 -29.50
N VAL A 4912 92.93 -8.93 -28.67
CA VAL A 4912 91.88 -9.95 -28.61
C VAL A 4912 90.62 -9.37 -27.98
N VAL A 4913 90.77 -8.50 -26.98
CA VAL A 4913 89.59 -7.82 -26.44
C VAL A 4913 88.94 -6.95 -27.52
N PHE A 4914 89.77 -6.24 -28.28
CA PHE A 4914 89.26 -5.46 -29.41
C PHE A 4914 88.41 -6.32 -30.34
N ASP A 4915 88.96 -7.45 -30.78
CA ASP A 4915 88.25 -8.31 -31.73
C ASP A 4915 86.99 -8.89 -31.12
N ILE A 4916 87.05 -9.35 -29.88
CA ILE A 4916 85.91 -10.00 -29.27
C ILE A 4916 84.79 -9.00 -29.03
N THR A 4917 85.11 -7.80 -28.56
CA THR A 4917 84.09 -6.79 -28.36
C THR A 4917 83.49 -6.35 -29.68
N PHE A 4918 84.32 -6.22 -30.73
CA PHE A 4918 83.77 -5.93 -32.05
C PHE A 4918 82.77 -7.01 -32.46
N PHE A 4919 83.15 -8.28 -32.29
CA PHE A 4919 82.27 -9.37 -32.69
C PHE A 4919 80.96 -9.34 -31.91
N PHE A 4920 81.03 -9.09 -30.62
CA PHE A 4920 79.82 -9.18 -29.79
C PHE A 4920 78.92 -7.97 -29.98
N PHE A 4921 79.48 -6.77 -30.17
CA PHE A 4921 78.65 -5.59 -30.30
C PHE A 4921 78.14 -5.42 -31.73
N VAL A 4922 79.02 -5.50 -32.71
CA VAL A 4922 78.64 -5.23 -34.10
C VAL A 4922 77.96 -6.42 -34.74
N ILE A 4923 78.56 -7.61 -34.62
CA ILE A 4923 78.04 -8.77 -35.34
C ILE A 4923 76.86 -9.39 -34.60
N VAL A 4924 76.97 -9.53 -33.29
CA VAL A 4924 75.97 -10.31 -32.54
C VAL A 4924 74.80 -9.44 -32.11
N ILE A 4925 75.05 -8.27 -31.54
CA ILE A 4925 73.98 -7.51 -30.91
C ILE A 4925 73.25 -6.64 -31.92
N LEU A 4926 73.98 -5.79 -32.65
CA LEU A 4926 73.34 -4.83 -33.54
C LEU A 4926 72.55 -5.53 -34.64
N LEU A 4927 73.15 -6.55 -35.27
CA LEU A 4927 72.40 -7.33 -36.25
C LEU A 4927 71.21 -8.03 -35.60
N ALA A 4928 71.38 -8.51 -34.37
CA ALA A 4928 70.26 -9.04 -33.62
C ALA A 4928 69.21 -7.98 -33.39
N ILE A 4929 69.62 -6.73 -33.19
CA ILE A 4929 68.65 -5.64 -33.02
C ILE A 4929 67.83 -5.49 -34.30
N ILE A 4930 68.49 -5.53 -35.46
CA ILE A 4930 67.77 -5.39 -36.72
C ILE A 4930 66.77 -6.53 -36.89
N GLN A 4931 67.22 -7.76 -36.66
CA GLN A 4931 66.34 -8.92 -36.83
C GLN A 4931 65.17 -8.85 -35.86
N GLY A 4932 65.42 -8.43 -34.62
CA GLY A 4932 64.35 -8.31 -33.65
C GLY A 4932 63.38 -7.21 -34.02
N LEU A 4933 63.86 -6.13 -34.62
CA LEU A 4933 62.95 -5.10 -35.10
C LEU A 4933 62.01 -5.67 -36.14
N ILE A 4934 62.53 -6.46 -37.08
CA ILE A 4934 61.68 -7.06 -38.10
C ILE A 4934 60.66 -8.01 -37.47
N ILE A 4935 61.12 -8.85 -36.53
CA ILE A 4935 60.21 -9.80 -35.90
C ILE A 4935 59.12 -9.08 -35.11
N ASP A 4936 59.49 -8.03 -34.38
CA ASP A 4936 58.51 -7.27 -33.63
C ASP A 4936 57.52 -6.59 -34.56
N ALA A 4937 57.97 -6.14 -35.74
CA ALA A 4937 57.03 -5.59 -36.71
C ALA A 4937 56.02 -6.63 -37.14
N PHE A 4938 56.48 -7.85 -37.43
CA PHE A 4938 55.54 -8.94 -37.74
C PHE A 4938 54.51 -9.09 -36.64
N GLY A 4939 54.98 -9.20 -35.40
CA GLY A 4939 54.07 -9.41 -34.29
C GLY A 4939 53.08 -8.28 -34.12
N GLU A 4940 53.55 -7.03 -34.26
CA GLU A 4940 52.69 -5.88 -34.08
C GLU A 4940 51.60 -5.84 -35.15
N LEU A 4941 51.96 -6.13 -36.40
CA LEU A 4941 50.95 -6.13 -37.45
C LEU A 4941 49.91 -7.21 -37.21
N ARG A 4942 50.35 -8.41 -36.82
CA ARG A 4942 49.38 -9.46 -36.50
C ARG A 4942 48.47 -9.04 -35.36
N ASP A 4943 49.05 -8.38 -34.34
CA ASP A 4943 48.25 -7.92 -33.21
C ASP A 4943 47.21 -6.89 -33.66
N GLN A 4944 47.60 -5.99 -34.56
CA GLN A 4944 46.64 -5.01 -35.05
C GLN A 4944 45.47 -5.68 -35.76
N GLN A 4945 45.77 -6.64 -36.64
CA GLN A 4945 44.69 -7.34 -37.34
C GLN A 4945 43.77 -8.06 -36.35
N GLU A 4946 44.37 -8.76 -35.39
CA GLU A 4946 43.55 -9.50 -34.41
C GLU A 4946 42.72 -8.55 -33.58
N GLN A 4947 43.28 -7.40 -33.20
CA GLN A 4947 42.53 -6.43 -32.42
C GLN A 4947 41.33 -5.90 -33.21
N VAL A 4948 41.52 -5.60 -34.48
CA VAL A 4948 40.41 -5.13 -35.29
C VAL A 4948 39.32 -6.19 -35.35
N LYS A 4949 39.71 -7.44 -35.59
CA LYS A 4949 38.73 -8.52 -35.68
C LYS A 4949 37.96 -8.66 -34.36
N GLU A 4950 38.68 -8.65 -33.24
CA GLU A 4950 38.04 -8.81 -31.94
C GLU A 4950 37.09 -7.65 -31.65
N ASP A 4951 37.52 -6.43 -31.95
CA ASP A 4951 36.66 -5.28 -31.71
C ASP A 4951 35.39 -5.37 -32.52
N MET A 4952 35.50 -5.76 -33.80
CA MET A 4952 34.30 -5.87 -34.61
C MET A 4952 33.40 -6.99 -34.13
N GLU A 4953 33.96 -8.09 -33.64
CA GLU A 4953 33.16 -9.24 -33.25
C GLU A 4953 32.62 -9.16 -31.83
N THR A 4954 33.08 -8.21 -31.02
CA THR A 4954 32.66 -8.13 -29.62
C THR A 4954 31.92 -6.85 -29.26
N LYS A 4955 31.81 -5.88 -30.17
CA LYS A 4955 31.20 -4.61 -29.84
C LYS A 4955 30.55 -4.02 -31.09
N CYS A 4956 29.42 -3.36 -30.89
CA CYS A 4956 28.70 -2.74 -31.99
C CYS A 4956 29.46 -1.51 -32.50
N PHE A 4957 29.59 -1.41 -33.82
CA PHE A 4957 30.34 -0.31 -34.40
C PHE A 4957 29.68 1.03 -34.15
N ILE A 4958 28.34 1.05 -34.08
CA ILE A 4958 27.60 2.31 -33.99
C ILE A 4958 27.46 2.75 -32.54
N CYS A 4959 26.76 1.95 -31.73
CA CYS A 4959 26.45 2.36 -30.37
C CYS A 4959 27.54 1.99 -29.37
N GLY A 4960 28.45 1.09 -29.71
CA GLY A 4960 29.54 0.73 -28.84
C GLY A 4960 29.18 -0.22 -27.72
N ILE A 4961 27.93 -0.67 -27.63
CA ILE A 4961 27.55 -1.64 -26.61
C ILE A 4961 28.16 -3.00 -26.97
N GLY A 4962 28.65 -3.70 -25.95
CA GLY A 4962 29.31 -4.96 -26.19
C GLY A 4962 28.35 -6.08 -26.53
N SER A 4963 28.88 -7.14 -27.12
CA SER A 4963 28.06 -8.28 -27.49
C SER A 4963 27.41 -8.90 -26.27
N ASP A 4964 28.17 -9.05 -25.18
CA ASP A 4964 27.66 -9.69 -23.97
C ASP A 4964 26.24 -9.25 -23.63
N TYR A 4965 25.96 -7.95 -23.76
CA TYR A 4965 24.62 -7.46 -23.44
C TYR A 4965 23.58 -8.00 -24.42
N PHE A 4966 23.85 -7.89 -25.72
CA PHE A 4966 22.86 -8.31 -26.71
C PHE A 4966 22.63 -9.81 -26.66
N ASP A 4967 23.69 -10.58 -26.43
CA ASP A 4967 23.60 -12.04 -26.44
C ASP A 4967 22.74 -12.58 -25.30
N THR A 4968 22.20 -11.72 -24.42
CA THR A 4968 21.22 -12.20 -23.46
C THR A 4968 20.00 -12.78 -24.16
N THR A 4969 19.76 -12.37 -25.39
CA THR A 4969 18.78 -12.94 -26.29
C THR A 4969 19.48 -13.85 -27.30
N PRO A 4970 18.86 -14.95 -27.74
CA PRO A 4970 19.53 -15.82 -28.71
C PRO A 4970 19.95 -15.09 -29.97
N HIS A 4971 21.24 -15.17 -30.31
CA HIS A 4971 21.78 -14.49 -31.48
C HIS A 4971 21.50 -12.99 -31.42
N GLY A 4972 21.50 -12.46 -30.19
CA GLY A 4972 21.14 -11.06 -30.01
C GLY A 4972 22.10 -10.11 -30.70
N PHE A 4973 23.41 -10.36 -30.56
CA PHE A 4973 24.38 -9.48 -31.19
C PHE A 4973 24.27 -9.54 -32.72
N GLU A 4974 24.08 -10.75 -33.25
CA GLU A 4974 23.95 -10.89 -34.70
C GLU A 4974 22.73 -10.11 -35.20
N THR A 4975 21.59 -10.28 -34.53
CA THR A 4975 20.40 -9.54 -34.94
C THR A 4975 20.60 -8.04 -34.81
N HIS A 4976 21.25 -7.60 -33.73
CA HIS A 4976 21.47 -6.17 -33.52
C HIS A 4976 22.34 -5.58 -34.62
N THR A 4977 23.41 -6.28 -34.99
CA THR A 4977 24.35 -5.74 -35.97
C THR A 4977 23.90 -5.95 -37.41
N LEU A 4978 22.91 -6.81 -37.66
CA LEU A 4978 22.40 -7.00 -39.01
C LEU A 4978 21.07 -6.32 -39.27
N GLU A 4979 20.30 -5.97 -38.25
CA GLU A 4979 18.97 -5.42 -38.45
C GLU A 4979 18.77 -4.09 -37.73
N GLU A 4980 19.38 -3.94 -36.56
CA GLU A 4980 19.08 -2.78 -35.73
C GLU A 4980 20.07 -1.63 -35.96
N HIS A 4981 21.37 -1.93 -35.93
CA HIS A 4981 22.40 -0.90 -36.02
C HIS A 4981 23.37 -1.20 -37.16
N ASN A 4982 22.85 -1.76 -38.26
CA ASN A 4982 23.70 -2.02 -39.41
C ASN A 4982 24.20 -0.71 -40.00
N LEU A 4983 25.52 -0.61 -40.20
CA LEU A 4983 26.09 0.63 -40.72
C LEU A 4983 25.78 0.82 -42.20
N ALA A 4984 25.68 -0.29 -42.94
CA ALA A 4984 25.22 -0.20 -44.32
C ALA A 4984 23.85 0.46 -44.38
N ASN A 4985 23.01 0.20 -43.37
CA ASN A 4985 21.69 0.82 -43.34
C ASN A 4985 21.78 2.32 -43.10
N TYR A 4986 22.74 2.78 -42.31
CA TYR A 4986 22.91 4.22 -42.13
C TYR A 4986 23.40 4.86 -43.42
N MET A 4987 24.31 4.20 -44.14
CA MET A 4987 24.69 4.70 -45.45
C MET A 4987 23.48 4.79 -46.38
N PHE A 4988 22.68 3.73 -46.42
CA PHE A 4988 21.50 3.72 -47.28
C PHE A 4988 20.52 4.81 -46.88
N PHE A 4989 20.38 5.06 -45.58
CA PHE A 4989 19.50 6.12 -45.12
C PHE A 4989 19.99 7.49 -45.57
N LEU A 4990 21.31 7.71 -45.54
CA LEU A 4990 21.84 8.96 -46.04
C LEU A 4990 21.52 9.13 -47.52
N MET A 4991 21.73 8.08 -48.31
CA MET A 4991 21.41 8.17 -49.74
C MET A 4991 19.92 8.41 -49.96
N TYR A 4992 19.09 7.72 -49.17
CA TYR A 4992 17.64 7.87 -49.30
C TYR A 4992 17.19 9.28 -48.96
N LEU A 4993 17.76 9.87 -47.91
CA LEU A 4993 17.45 11.24 -47.55
C LEU A 4993 17.88 12.20 -48.64
N ILE A 4994 19.06 11.97 -49.23
CA ILE A 4994 19.52 12.84 -50.30
C ILE A 4994 18.57 12.77 -51.48
N ASN A 4995 18.12 11.57 -51.84
CA ASN A 4995 17.28 11.41 -53.02
C ASN A 4995 15.85 11.86 -52.80
N LYS A 4996 15.34 11.76 -51.57
CA LYS A 4996 13.95 12.10 -51.32
C LYS A 4996 13.73 13.60 -51.30
N ASP A 4997 12.57 14.03 -51.81
CA ASP A 4997 12.23 15.44 -51.79
C ASP A 4997 12.05 15.93 -50.36
N GLU A 4998 12.52 17.15 -50.10
CA GLU A 4998 12.47 17.68 -48.74
C GLU A 4998 11.03 17.86 -48.27
N THR A 4999 10.12 18.28 -49.16
CA THR A 4999 8.73 18.44 -48.76
C THR A 4999 8.05 17.11 -48.47
N GLU A 5000 8.65 15.99 -48.85
CA GLU A 5000 8.11 14.67 -48.53
C GLU A 5000 8.77 14.04 -47.32
N HIS A 5001 9.76 14.70 -46.72
CA HIS A 5001 10.42 14.14 -45.55
C HIS A 5001 9.43 14.00 -44.40
N THR A 5002 9.49 12.86 -43.72
CA THR A 5002 8.73 12.68 -42.49
C THR A 5002 9.38 13.50 -41.38
N GLY A 5003 8.79 13.43 -40.17
CA GLY A 5003 9.35 14.17 -39.06
C GLY A 5003 10.76 13.73 -38.72
N GLN A 5004 10.97 12.42 -38.58
CA GLN A 5004 12.30 11.90 -38.26
C GLN A 5004 13.27 12.10 -39.41
N GLU A 5005 12.80 11.93 -40.65
CA GLU A 5005 13.67 12.16 -41.80
C GLU A 5005 14.13 13.61 -41.86
N SER A 5006 13.22 14.56 -41.61
CA SER A 5006 13.59 15.96 -41.58
C SER A 5006 14.56 16.25 -40.43
N TYR A 5007 14.31 15.65 -39.26
CA TYR A 5007 15.20 15.85 -38.13
C TYR A 5007 16.62 15.40 -38.45
N VAL A 5008 16.75 14.18 -38.99
CA VAL A 5008 18.07 13.66 -39.32
C VAL A 5008 18.70 14.44 -40.47
N TRP A 5009 17.90 14.89 -41.43
CA TRP A 5009 18.42 15.69 -42.53
C TRP A 5009 18.98 17.00 -42.03
N LYS A 5010 18.27 17.65 -41.11
CA LYS A 5010 18.77 18.90 -40.54
C LYS A 5010 20.07 18.67 -39.77
N MET A 5011 20.14 17.57 -39.00
CA MET A 5011 21.41 17.27 -38.34
C MET A 5011 22.53 17.00 -39.34
N TYR A 5012 22.25 16.31 -40.44
CA TYR A 5012 23.27 16.09 -41.45
C TYR A 5012 23.76 17.41 -42.04
N GLN A 5013 22.83 18.32 -42.33
CA GLN A 5013 23.21 19.60 -42.91
C GLN A 5013 24.01 20.45 -41.92
N GLU A 5014 23.68 20.38 -40.64
CA GLU A 5014 24.40 21.11 -39.61
C GLU A 5014 25.65 20.39 -39.11
N ARG A 5015 25.91 19.17 -39.60
CA ARG A 5015 27.08 18.41 -39.19
C ARG A 5015 27.03 18.08 -37.70
N CYS A 5016 25.84 17.77 -37.20
CA CYS A 5016 25.65 17.30 -35.84
C CYS A 5016 25.38 15.80 -35.86
N TRP A 5017 26.20 15.04 -35.14
CA TRP A 5017 26.13 13.58 -35.17
C TRP A 5017 25.48 13.03 -33.90
N ASP A 5018 24.64 13.83 -33.25
CA ASP A 5018 23.97 13.39 -32.04
C ASP A 5018 22.86 12.38 -32.31
N PHE A 5019 22.33 12.32 -33.54
CA PHE A 5019 21.27 11.38 -33.83
C PHE A 5019 21.76 9.95 -33.86
N PHE A 5020 23.05 9.73 -34.03
CA PHE A 5020 23.60 8.38 -33.98
C PHE A 5020 23.47 7.84 -32.56
N PRO A 5021 22.89 6.67 -32.36
CA PRO A 5021 22.81 6.11 -31.00
C PRO A 5021 24.21 5.85 -30.46
N ALA A 5022 24.44 6.28 -29.22
CA ALA A 5022 25.74 6.13 -28.57
C ALA A 5022 25.51 5.60 -27.17
N GLY A 5023 25.91 4.35 -26.93
CA GLY A 5023 25.69 3.74 -25.64
C GLY A 5023 24.23 3.48 -25.33
N ASP A 5024 23.37 3.46 -26.35
CA ASP A 5024 21.94 3.26 -26.16
C ASP A 5024 21.39 2.54 -27.37
N CYS A 5025 20.23 1.91 -27.19
CA CYS A 5025 19.60 1.15 -28.25
C CYS A 5025 18.12 1.01 -27.93
N PHE A 5026 17.38 0.49 -28.91
CA PHE A 5026 15.95 0.25 -28.72
C PHE A 5026 15.71 -0.75 -27.59
N ARG A 5027 16.50 -1.82 -27.54
CA ARG A 5027 16.33 -2.82 -26.50
C ARG A 5027 16.58 -2.23 -25.12
N LYS A 5028 17.64 -1.43 -24.97
CA LYS A 5028 17.89 -0.80 -23.68
C LYS A 5028 16.79 0.19 -23.33
N GLN A 5029 16.31 0.93 -24.33
CA GLN A 5029 15.25 1.91 -24.08
C GLN A 5029 13.98 1.24 -23.57
N TYR A 5030 13.60 0.11 -24.17
CA TYR A 5030 12.36 -0.57 -23.84
C TYR A 5030 12.63 -1.94 -23.24
N GLU A 5031 13.62 -2.03 -22.36
CA GLU A 5031 13.99 -3.31 -21.76
C GLU A 5031 12.81 -3.95 -21.04
N ASP A 5032 12.18 -3.21 -20.13
CA ASP A 5032 11.09 -3.79 -19.34
C ASP A 5032 9.91 -4.15 -20.22
N GLN A 5033 9.50 -3.25 -21.12
CA GLN A 5033 8.36 -3.54 -21.98
C GLN A 5033 8.64 -4.70 -22.91
N LEU A 5034 9.84 -4.73 -23.51
CA LEU A 5034 10.16 -5.78 -24.47
C LEU A 5034 10.36 -7.13 -23.80
N SER A 5035 10.57 -7.15 -22.49
CA SER A 5035 10.78 -8.40 -21.78
C SER A 5035 9.44 -9.09 -21.50
CA GLY B 2 -59.11 87.79 -69.52
C GLY B 2 -57.66 88.23 -69.57
N VAL B 3 -57.28 88.86 -70.67
CA VAL B 3 -55.93 89.35 -70.88
C VAL B 3 -55.99 90.82 -71.24
N GLN B 4 -55.17 91.64 -70.57
CA GLN B 4 -55.06 93.06 -70.87
C GLN B 4 -53.74 93.33 -71.57
N VAL B 5 -53.78 94.08 -72.66
CA VAL B 5 -52.61 94.39 -73.47
C VAL B 5 -52.33 95.88 -73.30
N GLU B 6 -51.14 96.22 -72.84
CA GLU B 6 -50.72 97.60 -72.68
C GLU B 6 -49.44 97.83 -73.47
N THR B 7 -49.51 98.71 -74.46
CA THR B 7 -48.38 98.92 -75.35
C THR B 7 -47.18 99.50 -74.59
N ILE B 8 -45.99 99.04 -74.94
CA ILE B 8 -44.74 99.60 -74.45
C ILE B 8 -44.01 100.36 -75.54
N SER B 9 -43.90 99.76 -76.73
CA SER B 9 -43.34 100.40 -77.90
C SER B 9 -44.28 100.10 -79.07
N PRO B 10 -44.55 101.08 -79.92
CA PRO B 10 -45.51 100.85 -81.01
C PRO B 10 -44.96 99.89 -82.06
N GLY B 11 -45.87 99.20 -82.72
CA GLY B 11 -45.57 98.38 -83.87
C GLY B 11 -45.85 99.11 -85.17
N ASP B 12 -46.04 98.34 -86.24
CA ASP B 12 -46.41 98.95 -87.51
C ASP B 12 -47.87 99.37 -87.54
N GLY B 13 -48.70 98.76 -86.71
CA GLY B 13 -50.10 99.11 -86.63
C GLY B 13 -50.98 98.53 -87.72
N ARG B 14 -50.43 97.72 -88.62
CA ARG B 14 -51.19 97.19 -89.74
C ARG B 14 -51.21 95.66 -89.72
N THR B 15 -50.04 95.04 -89.57
CA THR B 15 -49.91 93.59 -89.68
C THR B 15 -50.22 92.96 -88.33
N PHE B 16 -51.38 92.31 -88.24
CA PHE B 16 -51.77 91.58 -87.05
C PHE B 16 -51.77 90.08 -87.32
N PRO B 17 -51.43 89.26 -86.33
CA PRO B 17 -51.40 87.80 -86.56
C PRO B 17 -52.78 87.28 -86.95
N LYS B 18 -52.77 86.29 -87.85
CA LYS B 18 -53.98 85.61 -88.28
C LYS B 18 -53.85 84.12 -87.98
N ARG B 19 -55.00 83.46 -87.83
CA ARG B 19 -54.99 82.05 -87.47
C ARG B 19 -54.18 81.24 -88.46
N GLY B 20 -53.31 80.37 -87.94
CA GLY B 20 -52.44 79.55 -88.76
C GLY B 20 -51.06 80.13 -88.97
N GLN B 21 -50.89 81.43 -88.76
CA GLN B 21 -49.59 82.05 -88.90
C GLN B 21 -48.73 81.75 -87.67
N THR B 22 -47.43 81.59 -87.90
CA THR B 22 -46.48 81.33 -86.82
C THR B 22 -45.93 82.66 -86.32
N CYS B 23 -46.25 83.00 -85.07
CA CYS B 23 -45.73 84.21 -84.44
C CYS B 23 -44.38 83.89 -83.83
N VAL B 24 -43.37 84.69 -84.17
CA VAL B 24 -42.05 84.62 -83.57
C VAL B 24 -41.90 85.82 -82.66
N VAL B 25 -41.71 85.57 -81.36
CA VAL B 25 -41.76 86.58 -80.33
C VAL B 25 -40.56 86.45 -79.40
N HIS B 26 -40.31 87.50 -78.62
CA HIS B 26 -39.38 87.47 -77.50
C HIS B 26 -40.13 87.95 -76.28
N TYR B 27 -40.06 87.20 -75.18
CA TYR B 27 -40.90 87.47 -74.03
C TYR B 27 -40.10 87.31 -72.74
N THR B 28 -40.59 87.97 -71.69
CA THR B 28 -40.13 87.76 -70.32
C THR B 28 -41.35 87.67 -69.45
N GLY B 29 -41.43 86.62 -68.63
CA GLY B 29 -42.61 86.35 -67.81
C GLY B 29 -42.31 86.58 -66.34
N MET B 30 -43.23 87.28 -65.68
CA MET B 30 -43.14 87.54 -64.25
C MET B 30 -44.47 87.24 -63.60
N LEU B 31 -44.42 86.94 -62.30
CA LEU B 31 -45.64 86.84 -61.51
C LEU B 31 -46.15 88.24 -61.16
N GLU B 32 -47.38 88.29 -60.66
CA GLU B 32 -47.99 89.57 -60.35
C GLU B 32 -47.14 90.38 -59.38
N ASP B 33 -46.51 89.69 -58.41
CA ASP B 33 -45.66 90.38 -57.44
C ASP B 33 -44.32 90.78 -58.04
N GLY B 34 -44.02 90.37 -59.27
CA GLY B 34 -42.85 90.83 -59.96
C GLY B 34 -41.67 89.88 -60.02
N LYS B 35 -41.85 88.62 -59.64
CA LYS B 35 -40.78 87.63 -59.68
C LYS B 35 -40.72 87.02 -61.08
N LYS B 36 -39.58 87.20 -61.75
CA LYS B 36 -39.38 86.60 -63.06
C LYS B 36 -39.33 85.08 -62.95
N PHE B 37 -39.97 84.40 -63.90
CA PHE B 37 -39.96 82.95 -63.94
C PHE B 37 -39.60 82.38 -65.31
N ASP B 38 -39.61 83.19 -66.37
CA ASP B 38 -39.29 82.70 -67.70
C ASP B 38 -38.83 83.85 -68.56
N SER B 39 -37.99 83.53 -69.55
CA SER B 39 -37.55 84.52 -70.52
C SER B 39 -36.90 83.84 -71.72
N SER B 40 -37.37 84.14 -72.92
CA SER B 40 -36.70 83.64 -74.12
C SER B 40 -35.40 84.37 -74.39
N ARG B 41 -35.26 85.61 -73.90
CA ARG B 41 -34.01 86.34 -74.09
C ARG B 41 -32.88 85.71 -73.28
N ASP B 42 -33.20 85.05 -72.17
CA ASP B 42 -32.19 84.32 -71.43
C ASP B 42 -31.60 83.17 -72.24
N ARG B 43 -32.43 82.49 -73.03
CA ARG B 43 -31.97 81.44 -73.92
C ARG B 43 -31.49 81.98 -75.26
N ASN B 44 -31.70 83.26 -75.53
CA ASN B 44 -31.16 83.90 -76.73
C ASN B 44 -31.72 83.26 -77.99
N LYS B 45 -32.99 82.87 -77.93
CA LYS B 45 -33.66 82.25 -79.06
C LYS B 45 -35.13 82.63 -79.06
N PRO B 46 -35.64 83.27 -80.12
CA PRO B 46 -37.06 83.63 -80.15
C PRO B 46 -37.96 82.42 -80.03
N PHE B 47 -39.12 82.63 -79.41
CA PHE B 47 -40.11 81.58 -79.24
C PHE B 47 -41.12 81.67 -80.37
N LYS B 48 -41.39 80.54 -81.02
CA LYS B 48 -42.30 80.47 -82.15
C LYS B 48 -43.51 79.64 -81.78
N PHE B 49 -44.71 80.14 -82.09
CA PHE B 49 -45.92 79.38 -81.84
C PHE B 49 -46.96 79.71 -82.90
N THR B 50 -47.77 78.72 -83.25
CA THR B 50 -48.77 78.86 -84.29
C THR B 50 -50.11 79.22 -83.65
N LEU B 51 -50.75 80.26 -84.19
CA LEU B 51 -52.01 80.73 -83.64
C LEU B 51 -53.13 79.72 -83.94
N GLY B 52 -53.98 79.49 -82.95
CA GLY B 52 -55.13 78.63 -83.12
C GLY B 52 -54.88 77.17 -82.87
N LYS B 53 -53.63 76.78 -82.61
CA LYS B 53 -53.29 75.38 -82.37
C LYS B 53 -53.27 75.03 -80.89
N GLN B 54 -53.65 75.96 -80.02
CA GLN B 54 -53.71 75.71 -78.57
C GLN B 54 -52.35 75.25 -78.05
N GLU B 55 -51.28 75.81 -78.61
CA GLU B 55 -49.94 75.49 -78.15
C GLU B 55 -49.55 76.26 -76.90
N VAL B 56 -50.06 77.48 -76.72
CA VAL B 56 -49.74 78.33 -75.59
C VAL B 56 -51.01 78.59 -74.81
N ILE B 57 -50.87 79.32 -73.70
CA ILE B 57 -52.02 79.59 -72.85
C ILE B 57 -52.98 80.53 -73.56
N ARG B 58 -54.24 80.54 -73.11
CA ARG B 58 -55.27 81.34 -73.75
C ARG B 58 -54.94 82.82 -73.71
N GLY B 59 -54.42 83.29 -72.58
CA GLY B 59 -54.02 84.68 -72.48
C GLY B 59 -53.00 85.04 -73.54
N TRP B 60 -51.99 84.19 -73.73
CA TRP B 60 -51.02 84.45 -74.78
C TRP B 60 -51.68 84.45 -76.15
N GLU B 61 -52.54 83.47 -76.44
CA GLU B 61 -53.18 83.43 -77.74
C GLU B 61 -53.88 84.74 -78.04
N GLU B 62 -54.75 85.18 -77.12
CA GLU B 62 -55.53 86.39 -77.38
C GLU B 62 -54.65 87.64 -77.41
N GLY B 63 -53.74 87.78 -76.45
CA GLY B 63 -52.92 88.98 -76.40
C GLY B 63 -52.04 89.13 -77.63
N VAL B 64 -51.37 88.04 -78.03
CA VAL B 64 -50.54 88.12 -79.23
C VAL B 64 -51.41 88.31 -80.46
N ALA B 65 -52.66 87.81 -80.43
CA ALA B 65 -53.57 88.11 -81.54
C ALA B 65 -53.84 89.60 -81.66
N GLN B 66 -54.08 90.28 -80.53
CA GLN B 66 -54.28 91.73 -80.55
C GLN B 66 -53.01 92.50 -80.87
N MET B 67 -51.84 91.94 -80.58
CA MET B 67 -50.58 92.59 -80.83
C MET B 67 -50.33 92.72 -82.33
N SER B 68 -49.42 93.63 -82.68
CA SER B 68 -49.06 93.89 -84.06
C SER B 68 -47.57 93.66 -84.27
N VAL B 69 -47.19 93.45 -85.53
CA VAL B 69 -45.82 93.09 -85.84
C VAL B 69 -44.88 94.21 -85.43
N GLY B 70 -43.79 93.86 -84.76
CA GLY B 70 -42.83 94.82 -84.27
C GLY B 70 -43.21 95.50 -82.98
N GLN B 71 -44.38 95.19 -82.42
CA GLN B 71 -44.84 95.85 -81.22
C GLN B 71 -44.30 95.16 -79.98
N ARG B 72 -43.99 95.96 -78.97
CA ARG B 72 -43.69 95.49 -77.63
C ARG B 72 -44.88 95.83 -76.75
N ALA B 73 -45.31 94.88 -75.93
CA ALA B 73 -46.49 95.10 -75.10
C ALA B 73 -46.42 94.25 -73.85
N LYS B 74 -47.10 94.71 -72.82
CA LYS B 74 -47.24 94.00 -71.56
C LYS B 74 -48.61 93.31 -71.55
N LEU B 75 -48.60 92.00 -71.40
CA LEU B 75 -49.81 91.21 -71.28
C LEU B 75 -50.01 90.86 -69.82
N ILE B 76 -51.16 91.23 -69.27
CA ILE B 76 -51.57 90.86 -67.92
C ILE B 76 -52.64 89.80 -68.08
N ILE B 77 -52.35 88.58 -67.65
CA ILE B 77 -53.20 87.42 -67.88
C ILE B 77 -53.67 86.90 -66.54
N SER B 78 -54.99 86.75 -66.39
CA SER B 78 -55.57 86.26 -65.16
C SER B 78 -55.36 84.74 -65.05
N SER B 79 -55.69 84.21 -63.87
CA SER B 79 -55.48 82.79 -63.62
C SER B 79 -56.27 81.93 -64.60
N ASP B 80 -57.52 82.29 -64.86
CA ASP B 80 -58.35 81.48 -65.75
C ASP B 80 -57.77 81.42 -67.16
N TYR B 81 -57.16 82.51 -67.62
CA TYR B 81 -56.47 82.54 -68.90
C TYR B 81 -55.03 82.08 -68.79
N ALA B 82 -54.60 81.67 -67.60
CA ALA B 82 -53.24 81.17 -67.37
C ALA B 82 -53.42 79.78 -66.75
N TYR B 83 -52.37 79.22 -66.17
CA TYR B 83 -52.39 77.84 -65.69
C TYR B 83 -53.42 77.59 -64.60
N GLY B 84 -54.17 78.61 -64.19
CA GLY B 84 -55.34 78.38 -63.38
C GLY B 84 -55.03 77.78 -62.03
N ALA B 85 -55.94 76.92 -61.55
CA ALA B 85 -55.82 76.36 -60.22
C ALA B 85 -54.69 75.36 -60.11
N THR B 86 -54.45 74.58 -61.16
CA THR B 86 -53.36 73.60 -61.13
C THR B 86 -52.02 74.30 -61.05
N GLY B 87 -51.86 75.38 -61.81
CA GLY B 87 -50.58 76.06 -61.87
C GLY B 87 -49.55 75.23 -62.61
N HIS B 88 -48.29 75.61 -62.43
CA HIS B 88 -47.17 74.86 -62.97
C HIS B 88 -46.30 74.37 -61.83
N PRO B 89 -46.47 73.12 -61.38
CA PRO B 89 -45.78 72.67 -60.15
C PRO B 89 -44.30 73.00 -60.13
N GLY B 90 -43.90 73.81 -59.14
CA GLY B 90 -42.52 74.19 -58.96
C GLY B 90 -42.14 75.50 -59.62
N ILE B 91 -43.00 76.05 -60.47
CA ILE B 91 -42.68 77.28 -61.20
C ILE B 91 -43.70 78.36 -60.86
N ILE B 92 -44.96 78.09 -61.14
CA ILE B 92 -46.05 79.06 -61.00
C ILE B 92 -46.98 78.58 -59.90
N PRO B 93 -47.22 79.37 -58.85
CA PRO B 93 -48.13 78.93 -57.78
C PRO B 93 -49.56 78.83 -58.28
N PRO B 94 -50.40 78.07 -57.58
CA PRO B 94 -51.82 78.01 -57.97
C PRO B 94 -52.47 79.38 -57.92
N HIS B 95 -53.38 79.62 -58.86
CA HIS B 95 -54.15 80.86 -58.92
C HIS B 95 -53.22 82.08 -58.95
N ALA B 96 -52.42 82.13 -60.00
CA ALA B 96 -51.41 83.16 -60.17
C ALA B 96 -51.71 83.97 -61.42
N THR B 97 -51.71 85.29 -61.27
CA THR B 97 -51.79 86.19 -62.42
C THR B 97 -50.40 86.38 -63.01
N LEU B 98 -50.28 86.28 -64.33
CA LEU B 98 -49.00 86.34 -65.01
C LEU B 98 -48.86 87.68 -65.73
N VAL B 99 -47.65 88.21 -65.76
CA VAL B 99 -47.34 89.42 -66.50
C VAL B 99 -46.20 89.10 -67.46
N PHE B 100 -46.39 89.41 -68.73
CA PHE B 100 -45.43 89.09 -69.77
C PHE B 100 -45.05 90.37 -70.51
N ASP B 101 -43.78 90.48 -70.87
CA ASP B 101 -43.28 91.59 -71.69
C ASP B 101 -42.94 90.98 -73.05
N VAL B 102 -43.90 91.01 -73.98
CA VAL B 102 -43.81 90.27 -75.23
C VAL B 102 -43.52 91.26 -76.36
N GLU B 103 -42.53 90.92 -77.17
CA GLU B 103 -42.23 91.65 -78.40
C GLU B 103 -42.52 90.74 -79.58
N LEU B 104 -43.39 91.18 -80.48
CA LEU B 104 -43.75 90.37 -81.66
C LEU B 104 -42.71 90.63 -82.74
N LEU B 105 -41.71 89.75 -82.81
CA LEU B 105 -40.61 89.96 -83.75
C LEU B 105 -41.09 89.82 -85.19
N LYS B 106 -41.84 88.77 -85.49
CA LYS B 106 -42.25 88.59 -86.88
C LYS B 106 -43.37 87.56 -87.00
N LEU B 107 -43.90 87.46 -88.21
CA LEU B 107 -44.89 86.46 -88.57
C LEU B 107 -44.36 85.63 -89.73
N GLU B 108 -44.58 84.32 -89.68
CA GLU B 108 -44.10 83.42 -90.71
C GLU B 108 -44.95 82.17 -90.79
CA GLY C 2 -85.05 -80.36 -48.39
C GLY C 2 -84.22 -79.97 -49.60
N VAL C 3 -84.11 -80.90 -50.56
CA VAL C 3 -83.34 -80.68 -51.77
C VAL C 3 -84.23 -80.99 -52.96
N GLN C 4 -84.25 -80.10 -53.94
CA GLN C 4 -84.99 -80.30 -55.18
C GLN C 4 -84.01 -80.57 -56.31
N VAL C 5 -84.30 -81.61 -57.10
CA VAL C 5 -83.43 -82.02 -58.20
C VAL C 5 -84.19 -81.74 -59.49
N GLU C 6 -83.59 -80.92 -60.36
CA GLU C 6 -84.15 -80.60 -61.66
C GLU C 6 -83.18 -80.99 -62.75
N THR C 7 -83.58 -81.92 -63.60
CA THR C 7 -82.66 -82.44 -64.63
C THR C 7 -82.28 -81.34 -65.61
N ILE C 8 -81.01 -81.35 -66.03
CA ILE C 8 -80.52 -80.50 -67.09
C ILE C 8 -80.22 -81.31 -68.35
N SER C 9 -79.51 -82.42 -68.20
CA SER C 9 -79.25 -83.37 -69.26
C SER C 9 -79.54 -84.77 -68.72
N PRO C 10 -80.18 -85.63 -69.50
CA PRO C 10 -80.53 -86.96 -68.99
C PRO C 10 -79.31 -87.84 -68.78
N GLY C 11 -79.44 -88.76 -67.84
CA GLY C 11 -78.46 -89.80 -67.61
C GLY C 11 -78.86 -91.09 -68.29
N ASP C 12 -78.31 -92.20 -67.79
CA ASP C 12 -78.71 -93.50 -68.31
C ASP C 12 -80.07 -93.93 -67.79
N GLY C 13 -80.48 -93.41 -66.64
CA GLY C 13 -81.78 -93.73 -66.08
C GLY C 13 -81.86 -95.03 -65.34
N ARG C 14 -80.75 -95.77 -65.22
CA ARG C 14 -80.76 -97.08 -64.58
C ARG C 14 -79.84 -97.11 -63.38
N THR C 15 -78.60 -96.66 -63.55
CA THR C 15 -77.58 -96.78 -62.51
C THR C 15 -77.70 -95.61 -61.55
N PHE C 16 -78.19 -95.87 -60.35
CA PHE C 16 -78.27 -94.87 -59.30
C PHE C 16 -77.28 -95.18 -58.18
N PRO C 17 -76.72 -94.17 -57.54
CA PRO C 17 -75.76 -94.44 -56.46
C PRO C 17 -76.38 -95.23 -55.32
N LYS C 18 -75.58 -96.12 -54.74
CA LYS C 18 -75.98 -96.91 -53.59
C LYS C 18 -75.03 -96.63 -52.43
N ARG C 19 -75.51 -96.85 -51.22
CA ARG C 19 -74.70 -96.55 -50.04
C ARG C 19 -73.38 -97.31 -50.09
N GLY C 20 -72.29 -96.59 -49.82
CA GLY C 20 -70.96 -97.14 -49.85
C GLY C 20 -70.23 -96.93 -51.16
N GLN C 21 -70.96 -96.63 -52.24
CA GLN C 21 -70.32 -96.36 -53.51
C GLN C 21 -69.73 -94.96 -53.53
N THR C 22 -68.61 -94.79 -54.21
CA THR C 22 -67.96 -93.51 -54.34
C THR C 22 -68.47 -92.82 -55.61
N CYS C 23 -69.17 -91.70 -55.42
CA CYS C 23 -69.66 -90.91 -56.54
C CYS C 23 -68.56 -89.93 -56.95
N VAL C 24 -68.23 -89.95 -58.25
CA VAL C 24 -67.31 -89.00 -58.85
C VAL C 24 -68.13 -88.03 -59.68
N VAL C 25 -68.09 -86.74 -59.33
CA VAL C 25 -68.98 -85.74 -59.88
C VAL C 25 -68.17 -84.51 -60.29
N HIS C 26 -68.79 -83.66 -61.10
CA HIS C 26 -68.30 -82.31 -61.38
C HIS C 26 -69.42 -81.35 -61.07
N TYR C 27 -69.12 -80.30 -60.30
CA TYR C 27 -70.17 -79.43 -59.78
C TYR C 27 -69.72 -77.97 -59.85
N THR C 28 -70.71 -77.09 -59.87
CA THR C 28 -70.51 -75.66 -59.69
C THR C 28 -71.57 -75.17 -58.71
N GLY C 29 -71.14 -74.46 -57.68
CA GLY C 29 -72.02 -74.02 -56.61
C GLY C 29 -72.25 -72.52 -56.66
N MET C 30 -73.51 -72.12 -56.53
CA MET C 30 -73.89 -70.72 -56.49
C MET C 30 -74.85 -70.49 -55.33
N LEU C 31 -74.90 -69.25 -54.86
CA LEU C 31 -75.91 -68.85 -53.91
C LEU C 31 -77.23 -68.60 -54.63
N GLU C 32 -78.31 -68.48 -53.84
CA GLU C 32 -79.63 -68.32 -54.43
C GLU C 32 -79.67 -67.11 -55.35
N ASP C 33 -78.99 -66.03 -54.98
CA ASP C 33 -78.97 -64.83 -55.82
C ASP C 33 -78.07 -64.99 -57.04
N GLY C 34 -77.34 -66.10 -57.15
CA GLY C 34 -76.60 -66.42 -58.35
C GLY C 34 -75.11 -66.16 -58.30
N LYS C 35 -74.54 -65.90 -57.13
CA LYS C 35 -73.11 -65.67 -56.99
C LYS C 35 -72.39 -67.00 -56.85
N LYS C 36 -71.51 -67.30 -57.79
CA LYS C 36 -70.72 -68.54 -57.72
C LYS C 36 -69.75 -68.46 -56.55
N PHE C 37 -69.62 -69.58 -55.83
CA PHE C 37 -68.70 -69.68 -54.70
C PHE C 37 -67.80 -70.90 -54.74
N ASP C 38 -68.10 -71.88 -55.59
CA ASP C 38 -67.27 -73.08 -55.67
C ASP C 38 -67.46 -73.73 -57.03
N SER C 39 -66.44 -74.45 -57.47
CA SER C 39 -66.51 -75.21 -58.71
C SER C 39 -65.35 -76.19 -58.81
N SER C 40 -65.64 -77.48 -59.01
CA SER C 40 -64.59 -78.45 -59.26
C SER C 40 -64.01 -78.30 -60.65
N ARG C 41 -64.77 -77.75 -61.60
CA ARG C 41 -64.24 -77.54 -62.94
C ARG C 41 -63.16 -76.47 -62.95
N ASP C 42 -63.21 -75.53 -62.02
CA ASP C 42 -62.15 -74.55 -61.88
C ASP C 42 -60.83 -75.19 -61.49
N ARG C 43 -60.86 -76.22 -60.65
CA ARG C 43 -59.68 -76.97 -60.28
C ARG C 43 -59.38 -78.09 -61.26
N ASN C 44 -60.27 -78.36 -62.20
CA ASN C 44 -60.03 -79.34 -63.26
C ASN C 44 -59.79 -80.72 -62.68
N LYS C 45 -60.53 -81.04 -61.62
CA LYS C 45 -60.41 -82.35 -60.98
C LYS C 45 -61.77 -82.76 -60.42
N PRO C 46 -62.33 -83.90 -60.83
CA PRO C 46 -63.62 -84.31 -60.29
C PRO C 46 -63.57 -84.50 -58.79
N PHE C 47 -64.70 -84.24 -58.15
CA PHE C 47 -64.83 -84.41 -56.71
C PHE C 47 -65.43 -85.78 -56.42
N LYS C 48 -64.80 -86.52 -55.51
CA LYS C 48 -65.21 -87.87 -55.16
C LYS C 48 -65.68 -87.89 -53.72
N PHE C 49 -66.83 -88.51 -53.48
CA PHE C 49 -67.33 -88.65 -52.12
C PHE C 49 -68.11 -89.95 -51.98
N THR C 50 -68.03 -90.56 -50.81
CA THR C 50 -68.66 -91.84 -50.53
C THR C 50 -70.03 -91.60 -49.90
N LEU C 51 -71.05 -92.25 -50.46
CA LEU C 51 -72.41 -92.09 -49.97
C LEU C 51 -72.57 -92.73 -48.59
N GLY C 52 -73.27 -92.03 -47.70
CA GLY C 52 -73.58 -92.55 -46.38
C GLY C 52 -72.52 -92.30 -45.33
N LYS C 53 -71.39 -91.70 -45.71
CA LYS C 53 -70.30 -91.42 -44.77
C LYS C 53 -70.39 -90.01 -44.20
N GLN C 54 -71.42 -89.26 -44.52
CA GLN C 54 -71.61 -87.91 -43.99
C GLN C 54 -70.40 -87.03 -44.32
N GLU C 55 -69.82 -87.23 -45.50
CA GLU C 55 -68.71 -86.42 -45.95
C GLU C 55 -69.15 -85.07 -46.53
N VAL C 56 -70.33 -85.03 -47.14
CA VAL C 56 -70.84 -83.81 -47.76
C VAL C 56 -72.13 -83.43 -47.05
N ILE C 57 -72.70 -82.29 -47.47
CA ILE C 57 -73.91 -81.80 -46.83
C ILE C 57 -75.09 -82.73 -47.17
N ARG C 58 -76.13 -82.65 -46.33
CA ARG C 58 -77.27 -83.54 -46.48
C ARG C 58 -77.95 -83.35 -47.83
N GLY C 59 -78.08 -82.10 -48.26
CA GLY C 59 -78.66 -81.84 -49.56
C GLY C 59 -77.90 -82.54 -50.66
N TRP C 60 -76.57 -82.46 -50.64
CA TRP C 60 -75.78 -83.19 -51.63
C TRP C 60 -76.01 -84.69 -51.52
N GLU C 61 -75.98 -85.24 -50.31
CA GLU C 61 -76.18 -86.67 -50.16
C GLU C 61 -77.46 -87.11 -50.84
N GLU C 62 -78.57 -86.47 -50.50
CA GLU C 62 -79.86 -86.91 -51.04
C GLU C 62 -79.97 -86.63 -52.53
N GLY C 63 -79.56 -85.44 -52.98
CA GLY C 63 -79.70 -85.11 -54.39
C GLY C 63 -78.89 -86.03 -55.27
N VAL C 64 -77.62 -86.27 -54.91
CA VAL C 64 -76.80 -87.17 -55.70
C VAL C 64 -77.31 -88.59 -55.59
N ALA C 65 -77.96 -88.94 -54.46
CA ALA C 65 -78.60 -90.24 -54.39
C ALA C 65 -79.71 -90.39 -55.41
N GLN C 66 -80.54 -89.36 -55.58
CA GLN C 66 -81.59 -89.38 -56.60
C GLN C 66 -81.05 -89.28 -58.02
N MET C 67 -79.88 -88.69 -58.20
CA MET C 67 -79.28 -88.55 -59.51
C MET C 67 -78.86 -89.90 -60.06
N SER C 68 -78.67 -89.94 -61.38
CA SER C 68 -78.28 -91.16 -62.08
C SER C 68 -76.96 -90.93 -62.82
N VAL C 69 -76.28 -92.03 -63.14
CA VAL C 69 -74.96 -91.95 -63.73
C VAL C 69 -75.03 -91.24 -65.07
N GLY C 70 -74.12 -90.29 -65.30
CA GLY C 70 -74.10 -89.52 -66.51
C GLY C 70 -75.07 -88.37 -66.55
N GLN C 71 -75.88 -88.19 -65.51
CA GLN C 71 -76.88 -87.14 -65.50
C GLN C 71 -76.30 -85.82 -65.02
N ARG C 72 -76.76 -84.74 -65.63
CA ARG C 72 -76.51 -83.38 -65.16
C ARG C 72 -77.81 -82.88 -64.54
N ALA C 73 -77.72 -82.25 -63.38
CA ALA C 73 -78.91 -81.80 -62.69
C ALA C 73 -78.59 -80.60 -61.80
N LYS C 74 -79.61 -79.80 -61.56
CA LYS C 74 -79.52 -78.66 -60.65
C LYS C 74 -80.12 -79.08 -59.31
N LEU C 75 -79.33 -78.97 -58.26
CA LEU C 75 -79.78 -79.23 -56.90
C LEU C 75 -80.02 -77.91 -56.20
N ILE C 76 -81.23 -77.70 -55.70
CA ILE C 76 -81.58 -76.55 -54.90
C ILE C 76 -81.71 -77.05 -53.47
N ILE C 77 -80.81 -76.59 -52.60
CA ILE C 77 -80.69 -77.11 -51.24
C ILE C 77 -80.99 -75.97 -50.27
N SER C 78 -81.93 -76.21 -49.36
CA SER C 78 -82.31 -75.23 -48.37
C SER C 78 -81.24 -75.11 -47.29
N SER C 79 -81.40 -74.10 -46.43
CA SER C 79 -80.41 -73.85 -45.39
C SER C 79 -80.26 -75.05 -44.47
N ASP C 80 -81.39 -75.64 -44.05
CA ASP C 80 -81.32 -76.77 -43.12
C ASP C 80 -80.56 -77.95 -43.71
N TYR C 81 -80.68 -78.17 -45.02
CA TYR C 81 -79.92 -79.20 -45.71
C TYR C 81 -78.56 -78.70 -46.18
N ALA C 82 -78.22 -77.45 -45.87
CA ALA C 82 -76.94 -76.85 -46.21
C ALA C 82 -76.34 -76.36 -44.91
N TYR C 83 -75.30 -75.53 -44.96
CA TYR C 83 -74.56 -75.13 -43.78
C TYR C 83 -75.41 -74.39 -42.74
N GLY C 84 -76.70 -74.17 -43.01
CA GLY C 84 -77.62 -73.75 -41.97
C GLY C 84 -77.28 -72.38 -41.40
N ALA C 85 -77.53 -72.22 -40.10
CA ALA C 85 -77.37 -70.93 -39.46
C ALA C 85 -75.90 -70.54 -39.32
N THR C 86 -75.02 -71.50 -39.06
CA THR C 86 -73.61 -71.19 -38.93
C THR C 86 -73.03 -70.70 -40.26
N GLY C 87 -73.42 -71.34 -41.35
CA GLY C 87 -72.86 -71.01 -42.64
C GLY C 87 -71.43 -71.44 -42.74
N HIS C 88 -70.75 -70.90 -43.75
CA HIS C 88 -69.32 -71.13 -43.94
C HIS C 88 -68.61 -69.79 -43.83
N PRO C 89 -68.04 -69.45 -42.66
CA PRO C 89 -67.49 -68.11 -42.45
C PRO C 89 -66.58 -67.64 -43.58
N GLY C 90 -66.97 -66.55 -44.24
CA GLY C 90 -66.21 -65.96 -45.32
C GLY C 90 -66.60 -66.43 -46.70
N ILE C 91 -67.42 -67.48 -46.80
CA ILE C 91 -67.79 -68.04 -48.10
C ILE C 91 -69.30 -67.97 -48.27
N ILE C 92 -70.05 -68.62 -47.38
CA ILE C 92 -71.49 -68.76 -47.47
C ILE C 92 -72.13 -67.99 -46.32
N PRO C 93 -73.01 -67.03 -46.59
CA PRO C 93 -73.64 -66.29 -45.49
C PRO C 93 -74.55 -67.18 -44.67
N PRO C 94 -74.87 -66.78 -43.43
CA PRO C 94 -75.82 -67.56 -42.64
C PRO C 94 -77.18 -67.66 -43.31
N HIS C 95 -77.82 -68.80 -43.17
CA HIS C 95 -79.16 -69.05 -43.69
C HIS C 95 -79.21 -68.76 -45.19
N ALA C 96 -78.42 -69.53 -45.92
CA ALA C 96 -78.26 -69.36 -47.36
C ALA C 96 -78.74 -70.62 -48.08
N THR C 97 -79.59 -70.43 -49.09
CA THR C 97 -79.97 -71.52 -49.97
C THR C 97 -78.92 -71.66 -51.07
N LEU C 98 -78.51 -72.90 -51.33
CA LEU C 98 -77.43 -73.18 -52.28
C LEU C 98 -78.01 -73.79 -53.54
N VAL C 99 -77.41 -73.44 -54.68
CA VAL C 99 -77.78 -74.01 -55.97
C VAL C 99 -76.53 -74.60 -56.59
N PHE C 100 -76.61 -75.88 -56.97
CA PHE C 100 -75.46 -76.61 -57.50
C PHE C 100 -75.82 -77.16 -58.87
N ASP C 101 -74.85 -77.13 -59.79
CA ASP C 101 -74.99 -77.74 -61.12
C ASP C 101 -74.08 -78.96 -61.13
N VAL C 102 -74.64 -80.11 -60.77
CA VAL C 102 -73.86 -81.33 -60.51
C VAL C 102 -74.02 -82.27 -61.68
N GLU C 103 -72.90 -82.79 -62.17
CA GLU C 103 -72.87 -83.85 -63.17
C GLU C 103 -72.28 -85.09 -62.53
N LEU C 104 -73.03 -86.19 -62.55
CA LEU C 104 -72.56 -87.44 -61.95
C LEU C 104 -71.71 -88.16 -62.99
N LEU C 105 -70.40 -87.99 -62.90
CA LEU C 105 -69.50 -88.56 -63.90
C LEU C 105 -69.48 -90.07 -63.82
N LYS C 106 -69.34 -90.62 -62.61
CA LYS C 106 -69.26 -92.08 -62.52
C LYS C 106 -69.43 -92.54 -61.08
N LEU C 107 -69.52 -93.86 -60.93
CA LEU C 107 -69.58 -94.53 -59.65
C LEU C 107 -68.43 -95.52 -59.56
N GLU C 108 -67.79 -95.58 -58.40
CA GLU C 108 -66.65 -96.47 -58.19
C GLU C 108 -66.50 -96.83 -56.71
CA GLY D 2 -4.44 -73.78 102.78
C GLY D 2 -3.80 -74.69 101.75
N VAL D 3 -2.96 -75.60 102.21
CA VAL D 3 -2.26 -76.54 101.33
C VAL D 3 -2.49 -77.94 101.86
N GLN D 4 -2.87 -78.86 100.96
CA GLN D 4 -3.06 -80.26 101.30
C GLN D 4 -1.91 -81.07 100.69
N VAL D 5 -1.31 -81.94 101.51
CA VAL D 5 -0.19 -82.77 101.11
C VAL D 5 -0.66 -84.21 101.05
N GLU D 6 -0.53 -84.84 99.89
CA GLU D 6 -0.90 -86.23 99.70
C GLU D 6 0.30 -87.01 99.19
N THR D 7 0.76 -87.98 99.98
CA THR D 7 1.97 -88.70 99.64
C THR D 7 1.79 -89.51 98.36
N ILE D 8 2.83 -89.53 97.53
CA ILE D 8 2.90 -90.38 96.36
C ILE D 8 3.88 -91.52 96.56
N SER D 9 5.08 -91.21 97.05
CA SER D 9 6.07 -92.19 97.41
C SER D 9 6.61 -91.80 98.78
N PRO D 10 6.83 -92.77 99.68
CA PRO D 10 7.28 -92.43 101.03
C PRO D 10 8.70 -91.91 101.04
N GLY D 11 9.00 -91.08 102.03
CA GLY D 11 10.34 -90.62 102.32
C GLY D 11 10.98 -91.43 103.42
N ASP D 12 11.99 -90.84 104.07
CA ASP D 12 12.60 -91.50 105.22
C ASP D 12 11.73 -91.41 106.47
N GLY D 13 10.85 -90.42 106.53
CA GLY D 13 9.95 -90.27 107.65
C GLY D 13 10.56 -89.62 108.88
N ARG D 14 11.83 -89.22 108.83
CA ARG D 14 12.50 -88.67 109.99
C ARG D 14 12.98 -87.24 109.73
N THR D 15 13.66 -87.03 108.62
CA THR D 15 14.31 -85.74 108.32
C THR D 15 13.29 -84.81 107.67
N PHE D 16 12.84 -83.82 108.42
CA PHE D 16 11.94 -82.81 107.90
C PHE D 16 12.65 -81.46 107.79
N PRO D 17 12.31 -80.64 106.80
CA PRO D 17 12.99 -79.34 106.67
C PRO D 17 12.78 -78.46 107.89
N LYS D 18 13.81 -77.71 108.24
CA LYS D 18 13.77 -76.75 109.33
C LYS D 18 14.08 -75.36 108.80
N ARG D 19 13.60 -74.34 109.50
CA ARG D 19 13.78 -72.97 109.03
C ARG D 19 15.26 -72.66 108.84
N GLY D 20 15.59 -72.07 107.70
CA GLY D 20 16.95 -71.73 107.34
C GLY D 20 17.62 -72.76 106.48
N GLN D 21 17.12 -73.99 106.44
CA GLN D 21 17.69 -75.02 105.60
C GLN D 21 17.25 -74.81 104.15
N THR D 22 18.16 -75.14 103.22
CA THR D 22 17.87 -75.03 101.80
C THR D 22 17.32 -76.36 101.30
N CYS D 23 16.05 -76.35 100.88
CA CYS D 23 15.42 -77.53 100.32
C CYS D 23 15.73 -77.58 98.82
N VAL D 24 16.25 -78.71 98.36
CA VAL D 24 16.48 -78.98 96.95
C VAL D 24 15.43 -79.99 96.51
N VAL D 25 14.59 -79.59 95.56
CA VAL D 25 13.41 -80.34 95.17
C VAL D 25 13.34 -80.45 93.65
N HIS D 26 12.50 -81.37 93.19
CA HIS D 26 12.09 -81.45 91.79
C HIS D 26 10.57 -81.44 91.75
N TYR D 27 10.00 -80.58 90.92
CA TYR D 27 8.56 -80.35 90.95
C TYR D 27 8.01 -80.24 89.54
N THR D 28 6.71 -80.51 89.43
CA THR D 28 5.93 -80.23 88.23
C THR D 28 4.64 -79.58 88.67
N GLY D 29 4.30 -78.44 88.07
CA GLY D 29 3.14 -77.66 88.47
C GLY D 29 2.05 -77.71 87.42
N MET D 30 0.82 -77.94 87.88
CA MET D 30 -0.34 -77.96 87.02
C MET D 30 -1.44 -77.12 87.64
N LEU D 31 -2.35 -76.64 86.79
CA LEU D 31 -3.57 -76.01 87.27
C LEU D 31 -4.57 -77.07 87.71
N GLU D 32 -5.61 -76.61 88.40
CA GLU D 32 -6.60 -77.55 88.93
C GLU D 32 -7.20 -78.41 87.82
N ASP D 33 -7.42 -77.82 86.64
CA ASP D 33 -7.98 -78.57 85.52
C ASP D 33 -6.95 -79.49 84.88
N GLY D 34 -5.68 -79.42 85.29
CA GLY D 34 -4.69 -80.36 84.85
C GLY D 34 -3.73 -79.88 83.78
N LYS D 35 -3.70 -78.58 83.49
CA LYS D 35 -2.78 -78.04 82.50
C LYS D 35 -1.44 -77.74 83.15
N LYS D 36 -0.39 -78.39 82.67
CA LYS D 36 0.94 -78.14 83.18
C LYS D 36 1.40 -76.73 82.81
N PHE D 37 2.04 -76.05 83.76
CA PHE D 37 2.58 -74.72 83.52
C PHE D 37 4.02 -74.54 83.94
N ASP D 38 4.58 -75.47 84.71
CA ASP D 38 5.97 -75.35 85.15
C ASP D 38 6.51 -76.73 85.48
N SER D 39 7.82 -76.89 85.35
CA SER D 39 8.48 -78.12 85.73
C SER D 39 10.00 -77.91 85.80
N SER D 40 10.60 -78.24 86.93
CA SER D 40 12.06 -78.21 87.02
C SER D 40 12.70 -79.37 86.28
N ARG D 41 11.97 -80.47 86.09
CA ARG D 41 12.52 -81.60 85.35
C ARG D 41 12.67 -81.26 83.87
N ASP D 42 11.84 -80.34 83.36
CA ASP D 42 12.01 -79.87 81.99
C ASP D 42 13.34 -79.14 81.80
N ARG D 43 13.78 -78.39 82.80
CA ARG D 43 15.06 -77.71 82.78
C ARG D 43 16.19 -78.60 83.28
N ASN D 44 15.87 -79.78 83.82
CA ASN D 44 16.88 -80.75 84.21
C ASN D 44 17.81 -80.18 85.28
N LYS D 45 17.23 -79.39 86.18
CA LYS D 45 17.99 -78.79 87.27
C LYS D 45 17.12 -78.66 88.50
N PRO D 46 17.48 -79.26 89.63
CA PRO D 46 16.65 -79.14 90.83
C PRO D 46 16.50 -77.69 91.26
N PHE D 47 15.35 -77.39 91.86
CA PHE D 47 15.05 -76.05 92.37
C PHE D 47 15.40 -76.00 93.84
N LYS D 48 16.15 -74.97 94.23
CA LYS D 48 16.61 -74.80 95.60
C LYS D 48 15.97 -73.57 96.19
N PHE D 49 15.43 -73.69 97.41
CA PHE D 49 14.87 -72.54 98.10
C PHE D 49 15.07 -72.68 99.60
N THR D 50 15.26 -71.56 100.27
CA THR D 50 15.52 -71.53 101.70
C THR D 50 14.21 -71.31 102.45
N LEU D 51 13.96 -72.16 103.45
CA LEU D 51 12.72 -72.08 104.21
C LEU D 51 12.73 -70.83 105.10
N GLY D 52 11.58 -70.15 105.15
CA GLY D 52 11.41 -69.00 106.01
C GLY D 52 11.83 -67.69 105.41
N LYS D 53 12.39 -67.69 104.20
CA LYS D 53 12.85 -66.47 103.54
C LYS D 53 11.79 -65.90 102.60
N GLN D 54 10.60 -66.48 102.55
CA GLN D 54 9.51 -65.98 101.71
C GLN D 54 9.95 -65.91 100.25
N GLU D 55 10.75 -66.88 99.82
CA GLU D 55 11.18 -66.96 98.44
C GLU D 55 10.13 -67.58 97.53
N VAL D 56 9.34 -68.51 98.04
CA VAL D 56 8.32 -69.21 97.28
C VAL D 56 6.96 -68.88 97.87
N ILE D 57 5.91 -69.41 97.24
CA ILE D 57 4.56 -69.14 97.70
C ILE D 57 4.32 -69.82 99.04
N ARG D 58 3.31 -69.33 99.77
CA ARG D 58 3.03 -69.83 101.11
C ARG D 58 2.67 -71.31 101.07
N GLY D 59 1.88 -71.71 100.09
CA GLY D 59 1.55 -73.12 99.95
C GLY D 59 2.79 -73.98 99.83
N TRP D 60 3.74 -73.57 98.99
CA TRP D 60 4.98 -74.31 98.88
C TRP D 60 5.73 -74.33 100.21
N GLU D 61 5.84 -73.19 100.88
CA GLU D 61 6.55 -73.16 102.15
C GLU D 61 6.00 -74.20 103.11
N GLU D 62 4.68 -74.16 103.33
CA GLU D 62 4.08 -75.06 104.31
C GLU D 62 4.14 -76.51 103.85
N GLY D 63 3.80 -76.78 102.59
CA GLY D 63 3.79 -78.15 102.12
C GLY D 63 5.15 -78.80 102.18
N VAL D 64 6.18 -78.09 101.69
CA VAL D 64 7.53 -78.65 101.75
C VAL D 64 7.99 -78.74 103.20
N ALA D 65 7.49 -77.87 104.08
CA ALA D 65 7.81 -78.03 105.49
C ALA D 65 7.26 -79.34 106.05
N GLN D 66 6.03 -79.69 105.69
CA GLN D 66 5.45 -80.96 106.12
C GLN D 66 6.11 -82.16 105.43
N MET D 67 6.65 -81.99 104.24
CA MET D 67 7.29 -83.06 103.49
C MET D 67 8.56 -83.52 104.20
N SER D 68 8.99 -84.72 103.85
CA SER D 68 10.19 -85.33 104.41
C SER D 68 11.19 -85.65 103.31
N VAL D 69 12.46 -85.79 103.71
CA VAL D 69 13.53 -85.97 102.74
C VAL D 69 13.30 -87.25 101.96
N GLY D 70 13.45 -87.17 100.64
CA GLY D 70 13.25 -88.30 99.77
C GLY D 70 11.79 -88.58 99.43
N GLN D 71 10.86 -87.80 99.97
CA GLN D 71 9.44 -88.05 99.75
C GLN D 71 8.97 -87.37 98.48
N ARG D 72 8.07 -88.05 97.77
CA ARG D 72 7.32 -87.47 96.67
C ARG D 72 5.90 -87.24 97.15
N ALA D 73 5.33 -86.08 96.86
CA ALA D 73 4.01 -85.74 97.34
C ALA D 73 3.34 -84.76 96.41
N LYS D 74 2.01 -84.78 96.42
CA LYS D 74 1.19 -83.86 95.67
C LYS D 74 0.71 -82.76 96.63
N LEU D 75 1.04 -81.52 96.31
CA LEU D 75 0.58 -80.37 97.05
C LEU D 75 -0.56 -79.72 96.30
N ILE D 76 -1.72 -79.59 96.96
CA ILE D 76 -2.87 -78.87 96.42
C ILE D 76 -2.94 -77.56 97.18
N ILE D 77 -2.71 -76.45 96.48
CA ILE D 77 -2.59 -75.14 97.09
C ILE D 77 -3.72 -74.26 96.59
N SER D 78 -4.46 -73.67 97.51
CA SER D 78 -5.57 -72.79 97.16
C SER D 78 -5.05 -71.44 96.67
N SER D 79 -5.97 -70.64 96.15
CA SER D 79 -5.59 -69.34 95.58
C SER D 79 -4.92 -68.45 96.64
N ASP D 80 -5.49 -68.41 97.85
CA ASP D 80 -4.94 -67.55 98.88
C ASP D 80 -3.51 -67.93 99.23
N TYR D 81 -3.18 -69.22 99.21
CA TYR D 81 -1.83 -69.69 99.43
C TYR D 81 -1.02 -69.74 98.14
N ALA D 82 -1.61 -69.30 97.03
CA ALA D 82 -0.93 -69.24 95.74
C ALA D 82 -1.05 -67.79 95.26
N TYR D 83 -0.78 -67.52 93.99
CA TYR D 83 -0.70 -66.14 93.49
C TYR D 83 -2.02 -65.38 93.63
N GLY D 84 -3.07 -66.01 94.16
CA GLY D 84 -4.24 -65.26 94.57
C GLY D 84 -4.96 -64.57 93.42
N ALA D 85 -5.51 -63.40 93.72
CA ALA D 85 -6.32 -62.68 92.74
C ALA D 85 -5.48 -62.11 91.61
N THR D 86 -4.27 -61.64 91.91
CA THR D 86 -3.42 -61.10 90.86
C THR D 86 -3.02 -62.18 89.86
N GLY D 87 -2.70 -63.37 90.36
CA GLY D 87 -2.23 -64.43 89.51
C GLY D 87 -0.83 -64.13 88.98
N HIS D 88 -0.45 -64.87 87.95
CA HIS D 88 0.81 -64.65 87.25
C HIS D 88 0.49 -64.28 85.80
N PRO D 89 0.48 -62.99 85.46
CA PRO D 89 0.00 -62.59 84.12
C PRO D 89 0.64 -63.38 82.99
N GLY D 90 -0.20 -64.10 82.23
CA GLY D 90 0.23 -64.88 81.10
C GLY D 90 0.51 -66.34 81.41
N ILE D 91 0.57 -66.71 82.69
CA ILE D 91 0.89 -68.08 83.07
C ILE D 91 -0.27 -68.68 83.88
N ILE D 92 -0.61 -68.06 84.99
CA ILE D 92 -1.59 -68.57 85.94
C ILE D 92 -2.78 -67.62 85.95
N PRO D 93 -4.00 -68.09 85.67
CA PRO D 93 -5.15 -67.20 85.67
C PRO D 93 -5.46 -66.71 87.08
N PRO D 94 -6.20 -65.61 87.21
CA PRO D 94 -6.59 -65.15 88.54
C PRO D 94 -7.43 -66.19 89.28
N HIS D 95 -7.22 -66.28 90.59
CA HIS D 95 -7.99 -67.17 91.46
C HIS D 95 -7.89 -68.62 90.95
N ALA D 96 -6.66 -69.12 90.94
CA ALA D 96 -6.35 -70.44 90.41
C ALA D 96 -5.79 -71.31 91.53
N THR D 97 -6.35 -72.51 91.67
CA THR D 97 -5.78 -73.51 92.56
C THR D 97 -4.67 -74.26 91.83
N LEU D 98 -3.53 -74.43 92.49
CA LEU D 98 -2.35 -75.03 91.88
C LEU D 98 -2.15 -76.44 92.44
N VAL D 99 -1.69 -77.35 91.59
CA VAL D 99 -1.35 -78.70 91.98
C VAL D 99 0.11 -78.95 91.59
N PHE D 100 0.91 -79.39 92.54
CA PHE D 100 2.33 -79.60 92.34
C PHE D 100 2.68 -81.03 92.69
N ASP D 101 3.59 -81.63 91.92
CA ASP D 101 4.13 -82.95 92.19
C ASP D 101 5.58 -82.75 92.61
N VAL D 102 5.81 -82.62 93.92
CA VAL D 102 7.09 -82.19 94.46
C VAL D 102 7.80 -83.39 95.06
N GLU D 103 9.07 -83.55 94.69
CA GLU D 103 9.95 -84.54 95.30
C GLU D 103 11.04 -83.80 96.06
N LEU D 104 11.16 -84.08 97.36
CA LEU D 104 12.18 -83.42 98.18
C LEU D 104 13.48 -84.19 98.04
N LEU D 105 14.35 -83.72 97.13
CA LEU D 105 15.58 -84.44 96.87
C LEU D 105 16.52 -84.41 98.06
N LYS D 106 16.72 -83.23 98.65
CA LYS D 106 17.67 -83.18 99.76
C LYS D 106 17.54 -81.87 100.52
N LEU D 107 18.26 -81.81 101.63
CA LEU D 107 18.37 -80.62 102.46
C LEU D 107 19.84 -80.23 102.57
N GLU D 108 20.12 -78.93 102.48
CA GLU D 108 21.49 -78.45 102.56
C GLU D 108 21.52 -77.01 103.05
CA GLY E 2 21.49 94.35 81.68
C GLY E 2 22.74 93.51 81.80
N VAL E 3 23.87 94.16 82.11
CA VAL E 3 25.15 93.49 82.24
C VAL E 3 25.74 93.87 83.59
N GLN E 4 26.20 92.88 84.34
CA GLN E 4 26.87 93.09 85.62
C GLN E 4 28.36 92.82 85.45
N VAL E 5 29.18 93.74 85.96
CA VAL E 5 30.63 93.64 85.85
C VAL E 5 31.18 93.41 87.25
N GLU E 6 31.90 92.30 87.44
CA GLU E 6 32.53 91.96 88.70
C GLU E 6 34.03 91.81 88.49
N THR E 7 34.81 92.65 89.14
CA THR E 7 36.25 92.65 88.93
C THR E 7 36.87 91.34 89.40
N ILE E 8 37.85 90.85 88.63
CA ILE E 8 38.66 89.71 89.02
C ILE E 8 40.08 90.15 89.37
N SER E 9 40.69 90.97 88.53
CA SER E 9 41.98 91.58 88.78
C SER E 9 41.87 93.06 88.45
N PRO E 10 42.45 93.94 89.27
CA PRO E 10 42.29 95.37 89.01
C PRO E 10 43.05 95.81 87.77
N GLY E 11 42.55 96.88 87.16
CA GLY E 11 43.21 97.56 86.07
C GLY E 11 43.98 98.78 86.56
N ASP E 12 44.24 99.70 85.63
CA ASP E 12 44.88 100.95 86.03
C ASP E 12 43.92 101.90 86.73
N GLY E 13 42.62 101.74 86.48
CA GLY E 13 41.62 102.57 87.13
C GLY E 13 41.42 103.93 86.52
N ARG E 14 42.14 104.27 85.45
CA ARG E 14 42.07 105.60 84.85
C ARG E 14 41.60 105.54 83.41
N THR E 15 42.22 104.67 82.61
CA THR E 15 41.96 104.63 81.17
C THR E 15 40.75 103.75 80.91
N PHE E 16 39.63 104.36 80.54
CA PHE E 16 38.43 103.64 80.17
C PHE E 16 38.15 103.80 78.68
N PRO E 17 37.59 102.78 78.03
CA PRO E 17 37.32 102.90 76.59
C PRO E 17 36.37 104.04 76.29
N LYS E 18 36.61 104.70 75.16
CA LYS E 18 35.76 105.76 74.66
C LYS E 18 35.24 105.39 73.28
N ARG E 19 34.10 105.97 72.90
CA ARG E 19 33.48 105.63 71.63
C ARG E 19 34.44 105.88 70.48
N GLY E 20 34.55 104.90 69.59
CA GLY E 20 35.44 104.96 68.46
C GLY E 20 36.78 104.30 68.68
N GLN E 21 37.17 104.07 69.94
CA GLN E 21 38.41 103.39 70.23
C GLN E 21 38.25 101.89 70.02
N THR E 22 39.32 101.25 69.55
CA THR E 22 39.33 99.81 69.34
C THR E 22 39.83 99.12 70.59
N CYS E 23 38.97 98.36 71.25
CA CYS E 23 39.33 97.59 72.42
C CYS E 23 39.90 96.25 71.97
N VAL E 24 41.10 95.93 72.46
CA VAL E 24 41.73 94.63 72.25
C VAL E 24 41.65 93.86 73.56
N VAL E 25 40.96 92.72 73.54
CA VAL E 25 40.61 91.99 74.74
C VAL E 25 40.94 90.51 74.56
N HIS E 26 40.98 89.78 75.67
CA HIS E 26 41.00 88.33 75.68
C HIS E 26 39.86 87.86 76.56
N TYR E 27 39.05 86.93 76.05
CA TYR E 27 37.82 86.55 76.72
C TYR E 27 37.62 85.04 76.67
N THR E 28 36.84 84.55 77.62
CA THR E 28 36.32 83.19 77.60
C THR E 28 34.84 83.25 77.95
N GLY E 29 34.00 82.64 77.13
CA GLY E 29 32.55 82.71 77.28
C GLY E 29 31.98 81.39 77.75
N MET E 30 31.10 81.46 78.74
CA MET E 30 30.40 80.29 79.27
C MET E 30 28.92 80.60 79.39
N LEU E 31 28.12 79.55 79.37
CA LEU E 31 26.71 79.68 79.68
C LEU E 31 26.52 79.77 81.19
N GLU E 32 25.30 80.15 81.60
CA GLU E 32 25.04 80.33 83.02
C GLU E 32 25.34 79.07 83.81
N ASP E 33 25.04 77.90 83.23
CA ASP E 33 25.32 76.64 83.92
C ASP E 33 26.80 76.28 83.90
N GLY E 34 27.63 77.05 83.19
CA GLY E 34 29.07 76.88 83.24
C GLY E 34 29.70 76.15 82.08
N LYS E 35 28.98 75.94 80.99
CA LYS E 35 29.53 75.27 79.82
C LYS E 35 30.22 76.29 78.93
N LYS E 36 31.52 76.11 78.73
CA LYS E 36 32.27 77.00 77.85
C LYS E 36 31.82 76.82 76.40
N PHE E 37 31.68 77.93 75.70
CA PHE E 37 31.31 77.91 74.29
C PHE E 37 32.20 78.74 73.39
N ASP E 38 33.05 79.60 73.95
CA ASP E 38 33.93 80.42 73.13
C ASP E 38 35.13 80.85 73.96
N SER E 39 36.25 81.10 73.29
CA SER E 39 37.45 81.61 73.94
C SER E 39 38.44 82.12 72.90
N SER E 40 38.87 83.38 73.04
CA SER E 40 39.93 83.88 72.18
C SER E 40 41.29 83.31 72.55
N ARG E 41 41.47 82.88 73.81
CA ARG E 41 42.73 82.28 74.22
C ARG E 41 42.94 80.92 73.55
N ASP E 42 41.84 80.23 73.21
CA ASP E 42 41.97 78.98 72.45
C ASP E 42 42.55 79.22 71.07
N ARG E 43 42.20 80.33 70.43
CA ARG E 43 42.77 80.70 69.15
C ARG E 43 44.07 81.47 69.28
N ASN E 44 44.45 81.85 70.49
CA ASN E 44 45.74 82.49 70.75
C ASN E 44 45.86 83.80 69.98
N LYS E 45 44.75 84.52 69.89
CA LYS E 45 44.74 85.80 69.19
C LYS E 45 43.73 86.73 69.87
N PRO E 46 44.15 87.90 70.35
CA PRO E 46 43.20 88.81 70.99
C PRO E 46 42.10 89.23 70.04
N PHE E 47 40.93 89.48 70.60
CA PHE E 47 39.77 89.93 69.84
C PHE E 47 39.69 91.45 69.89
N LYS E 48 39.55 92.08 68.74
CA LYS E 48 39.51 93.53 68.62
C LYS E 48 38.13 93.96 68.16
N PHE E 49 37.55 94.95 68.81
CA PHE E 49 36.27 95.49 68.39
C PHE E 49 36.20 96.97 68.70
N THR E 50 35.51 97.72 67.84
CA THR E 50 35.39 99.17 67.96
C THR E 50 34.12 99.51 68.72
N LEU E 51 34.25 100.36 69.73
CA LEU E 51 33.11 100.74 70.55
C LEU E 51 32.15 101.63 69.76
N GLY E 52 30.86 101.38 69.91
CA GLY E 52 29.83 102.19 69.30
C GLY E 52 29.46 101.78 67.89
N LYS E 53 30.14 100.79 67.31
CA LYS E 53 29.85 100.33 65.95
C LYS E 53 28.89 99.15 65.93
N GLN E 54 28.36 98.74 67.08
CA GLN E 54 27.40 97.64 67.15
C GLN E 54 27.99 96.37 66.53
N GLU E 55 29.28 96.16 66.74
CA GLU E 55 29.94 94.95 66.25
C GLU E 55 29.72 93.76 67.17
N VAL E 56 29.60 93.99 68.48
CA VAL E 56 29.41 92.93 69.46
C VAL E 56 28.05 93.12 70.13
N ILE E 57 27.73 92.19 71.02
CA ILE E 57 26.44 92.25 71.70
C ILE E 57 26.41 93.45 72.66
N ARG E 58 25.19 93.87 73.01
CA ARG E 58 25.01 95.04 73.85
C ARG E 58 25.67 94.86 75.21
N GLY E 59 25.53 93.66 75.79
CA GLY E 59 26.18 93.39 77.05
C GLY E 59 27.68 93.59 76.98
N TRP E 60 28.30 93.09 75.92
CA TRP E 60 29.73 93.33 75.74
C TRP E 60 30.04 94.81 75.60
N GLU E 61 29.27 95.52 74.77
CA GLU E 61 29.54 96.94 74.59
C GLU E 61 29.57 97.66 75.93
N GLU E 62 28.50 97.49 76.72
CA GLU E 62 28.41 98.23 77.98
C GLU E 62 29.45 97.75 78.99
N GLY E 63 29.62 96.43 79.14
CA GLY E 63 30.56 95.93 80.13
C GLY E 63 31.98 96.35 79.84
N VAL E 64 32.42 96.21 78.59
CA VAL E 64 33.77 96.64 78.23
C VAL E 64 33.88 98.15 78.34
N ALA E 65 32.78 98.89 78.13
CA ALA E 65 32.83 100.32 78.36
C ALA E 65 33.12 100.64 79.82
N GLN E 66 32.48 99.94 80.75
CA GLN E 66 32.76 100.13 82.18
C GLN E 66 34.13 99.61 82.59
N MET E 67 34.68 98.64 81.87
CA MET E 67 35.97 98.08 82.19
C MET E 67 37.07 99.10 81.95
N SER E 68 38.23 98.85 82.56
CA SER E 68 39.39 99.71 82.45
C SER E 68 40.58 98.94 81.88
N VAL E 69 41.54 99.68 81.34
CA VAL E 69 42.66 99.06 80.65
C VAL E 69 43.45 98.20 81.62
N GLY E 70 43.77 96.97 81.19
CA GLY E 70 44.50 96.04 82.02
C GLY E 70 43.64 95.29 83.02
N GLN E 71 42.35 95.57 83.07
CA GLN E 71 41.48 94.93 84.05
C GLN E 71 40.96 93.61 83.53
N ARG E 72 40.83 92.65 84.45
CA ARG E 72 40.14 91.39 84.21
C ARG E 72 38.82 91.46 84.97
N ALA E 73 37.74 91.05 84.32
CA ALA E 73 36.43 91.15 84.94
C ALA E 73 35.50 90.09 84.37
N LYS E 74 34.51 89.72 85.18
CA LYS E 74 33.46 88.80 84.77
C LYS E 74 32.23 89.62 84.39
N LEU E 75 31.77 89.45 83.17
CA LEU E 75 30.54 90.07 82.69
C LEU E 75 29.43 89.04 82.69
N ILE E 76 28.35 89.35 83.40
CA ILE E 76 27.15 88.53 83.42
C ILE E 76 26.11 89.28 82.58
N ILE E 77 25.74 88.72 81.45
CA ILE E 77 24.90 89.39 80.46
C ILE E 77 23.59 88.61 80.33
N SER E 78 22.47 89.30 80.50
CA SER E 78 21.17 88.69 80.40
C SER E 78 20.82 88.41 78.93
N SER E 79 19.73 87.67 78.73
CA SER E 79 19.33 87.30 77.38
C SER E 79 19.07 88.52 76.52
N ASP E 80 18.36 89.52 77.06
CA ASP E 80 18.03 90.70 76.27
C ASP E 80 19.28 91.44 75.81
N TYR E 81 20.33 91.45 76.63
CA TYR E 81 21.61 92.04 76.25
C TYR E 81 22.51 91.04 75.54
N ALA E 82 22.01 89.82 75.31
CA ALA E 82 22.75 88.78 74.59
C ALA E 82 21.87 88.35 73.44
N TYR E 83 22.16 87.23 72.79
CA TYR E 83 21.46 86.81 71.59
C TYR E 83 19.97 86.59 71.78
N GLY E 84 19.45 86.78 72.99
CA GLY E 84 18.01 86.86 73.18
C GLY E 84 17.28 85.59 72.83
N ALA E 85 16.07 85.75 72.29
CA ALA E 85 15.22 84.61 72.02
C ALA E 85 15.72 83.79 70.84
N THR E 86 16.29 84.43 69.82
CA THR E 86 16.81 83.69 68.68
C THR E 86 17.98 82.82 69.09
N GLY E 87 18.87 83.35 69.92
CA GLY E 87 20.06 82.63 70.30
C GLY E 87 21.03 82.54 69.14
N HIS E 88 21.99 81.63 69.29
CA HIS E 88 22.95 81.34 68.23
C HIS E 88 22.78 79.88 67.82
N PRO E 89 22.03 79.59 66.75
CA PRO E 89 21.70 78.19 66.44
C PRO E 89 22.90 77.25 66.46
N GLY E 90 22.87 76.26 67.34
CA GLY E 90 23.92 75.28 67.47
C GLY E 90 24.97 75.60 68.51
N ILE E 91 24.98 76.83 69.03
CA ILE E 91 25.99 77.24 70.00
C ILE E 91 25.33 77.65 71.30
N ILE E 92 24.46 78.65 71.25
CA ILE E 92 23.85 79.25 72.42
C ILE E 92 22.35 78.95 72.39
N PRO E 93 21.79 78.31 73.41
CA PRO E 93 20.35 78.02 73.40
C PRO E 93 19.53 79.29 73.48
N PRO E 94 18.26 79.24 73.08
CA PRO E 94 17.40 80.43 73.23
C PRO E 94 17.27 80.84 74.69
N HIS E 95 17.21 82.16 74.91
CA HIS E 95 17.01 82.73 76.24
C HIS E 95 18.08 82.22 77.20
N ALA E 96 19.33 82.54 76.87
CA ALA E 96 20.49 82.08 77.61
C ALA E 96 21.23 83.28 78.20
N THR E 97 21.54 83.21 79.50
CA THR E 97 22.40 84.19 80.13
C THR E 97 23.85 83.79 79.91
N LEU E 98 24.68 84.75 79.52
CA LEU E 98 26.07 84.49 79.16
C LEU E 98 26.99 85.02 80.26
N VAL E 99 28.07 84.30 80.52
CA VAL E 99 29.10 84.72 81.47
C VAL E 99 30.43 84.76 80.73
N PHE E 100 31.11 85.89 80.79
CA PHE E 100 32.36 86.11 80.08
C PHE E 100 33.45 86.49 81.06
N ASP E 101 34.66 85.98 80.84
CA ASP E 101 35.83 86.35 81.62
C ASP E 101 36.72 87.19 80.70
N VAL E 102 36.54 88.50 80.72
CA VAL E 102 37.13 89.41 79.75
C VAL E 102 38.30 90.14 80.39
N GLU E 103 39.44 90.16 79.70
CA GLU E 103 40.58 90.96 80.09
C GLU E 103 40.79 92.02 79.02
N LEU E 104 40.79 93.29 79.44
CA LEU E 104 40.98 94.39 78.50
C LEU E 104 42.47 94.60 78.31
N LEU E 105 43.02 94.01 77.24
CA LEU E 105 44.46 94.08 77.02
C LEU E 105 44.90 95.49 76.69
N LYS E 106 44.21 96.16 75.78
CA LYS E 106 44.67 97.49 75.40
C LYS E 106 43.59 98.24 74.62
N LEU E 107 43.87 99.51 74.37
CA LEU E 107 43.04 100.38 73.55
C LEU E 107 43.89 100.92 72.41
N GLU E 108 43.32 100.97 71.22
CA GLU E 108 44.03 101.45 70.04
C GLU E 108 43.06 102.00 69.00
N GLU F 11 -15.68 4.29 -22.19
CA GLU F 11 -16.21 4.60 -23.51
C GLU F 11 -17.72 4.34 -23.53
N VAL F 12 -18.43 5.07 -24.40
CA VAL F 12 -19.87 4.88 -24.50
C VAL F 12 -20.15 3.57 -25.21
N GLN F 13 -21.02 2.76 -24.62
CA GLN F 13 -21.33 1.46 -25.20
C GLN F 13 -22.07 1.63 -26.51
N PHE F 14 -21.72 0.81 -27.49
CA PHE F 14 -22.30 0.86 -28.83
C PHE F 14 -23.02 -0.45 -29.13
N LEU F 15 -24.17 -0.35 -29.78
CA LEU F 15 -24.88 -1.54 -30.22
C LEU F 15 -24.20 -2.14 -31.44
N ARG F 16 -24.12 -3.46 -31.47
CA ARG F 16 -23.48 -4.19 -32.57
C ARG F 16 -24.40 -5.31 -33.01
N THR F 17 -24.17 -5.82 -34.21
CA THR F 17 -24.96 -6.92 -34.73
C THR F 17 -24.77 -8.16 -33.86
N ASP F 18 -25.82 -8.96 -33.78
CA ASP F 18 -25.91 -10.18 -32.95
C ASP F 18 -26.20 -9.84 -31.50
N ASP F 19 -26.38 -8.56 -31.16
CA ASP F 19 -26.78 -8.19 -29.81
C ASP F 19 -28.28 -8.35 -29.66
N GLU F 20 -28.72 -8.67 -28.44
CA GLU F 20 -30.12 -8.80 -28.13
C GLU F 20 -30.63 -7.49 -27.53
N VAL F 21 -31.74 -6.99 -28.05
CA VAL F 21 -32.27 -5.70 -27.66
C VAL F 21 -33.78 -5.80 -27.49
N VAL F 22 -34.34 -4.78 -26.83
CA VAL F 22 -35.79 -4.59 -26.72
C VAL F 22 -36.10 -3.18 -27.21
N LEU F 23 -37.13 -3.06 -28.06
CA LEU F 23 -37.54 -1.76 -28.57
C LEU F 23 -38.51 -1.13 -27.59
N GLN F 24 -38.09 -0.07 -26.91
CA GLN F 24 -38.85 0.53 -25.83
C GLN F 24 -39.34 1.91 -26.22
N CYS F 25 -40.57 2.23 -25.81
CA CYS F 25 -41.15 3.55 -25.99
C CYS F 25 -41.81 3.98 -24.69
N SER F 26 -42.15 5.26 -24.61
CA SER F 26 -42.75 5.84 -23.41
C SER F 26 -44.09 6.47 -23.77
N ALA F 27 -45.03 6.42 -22.83
CA ALA F 27 -46.35 7.01 -23.02
C ALA F 27 -46.81 7.63 -21.71
N THR F 28 -47.47 8.78 -21.80
CA THR F 28 -48.02 9.44 -20.63
C THR F 28 -49.47 8.99 -20.46
N VAL F 29 -49.73 8.24 -19.39
CA VAL F 29 -51.05 7.72 -19.08
C VAL F 29 -51.40 8.14 -17.66
N LEU F 30 -52.50 8.88 -17.50
CA LEU F 30 -52.90 9.42 -16.21
C LEU F 30 -51.75 10.16 -15.54
N LYS F 31 -51.05 10.99 -16.32
CA LYS F 31 -49.95 11.81 -15.83
C LYS F 31 -48.80 10.96 -15.30
N GLU F 32 -48.71 9.71 -15.72
CA GLU F 32 -47.64 8.80 -15.30
C GLU F 32 -46.90 8.31 -16.54
N GLN F 33 -45.57 8.29 -16.45
CA GLN F 33 -44.75 7.82 -17.57
C GLN F 33 -44.68 6.29 -17.53
N LEU F 34 -45.18 5.65 -18.58
CA LEU F 34 -45.23 4.20 -18.68
C LEU F 34 -44.34 3.76 -19.83
N LYS F 35 -43.45 2.80 -19.54
CA LYS F 35 -42.54 2.26 -20.54
C LYS F 35 -43.16 0.98 -21.11
N LEU F 36 -43.11 0.85 -22.44
CA LEU F 36 -43.68 -0.29 -23.13
C LEU F 36 -42.66 -0.85 -24.12
N CYS F 37 -42.55 -2.18 -24.14
CA CYS F 37 -41.64 -2.87 -25.06
C CYS F 37 -42.43 -3.49 -26.19
N LEU F 38 -41.85 -3.46 -27.39
CA LEU F 38 -42.46 -4.12 -28.53
C LEU F 38 -42.40 -5.63 -28.34
N ALA F 39 -43.54 -6.31 -28.49
CA ALA F 39 -43.63 -7.72 -28.23
C ALA F 39 -44.44 -8.40 -29.32
N ALA F 40 -44.23 -9.69 -29.48
CA ALA F 40 -44.99 -10.49 -30.44
C ALA F 40 -44.78 -11.95 -30.11
N GLU F 41 -45.83 -12.75 -30.33
CA GLU F 41 -45.75 -14.18 -30.08
C GLU F 41 -45.17 -14.94 -31.26
N GLY F 42 -45.50 -14.54 -32.47
CA GLY F 42 -45.02 -15.21 -33.66
C GLY F 42 -45.92 -16.37 -34.06
N PHE F 43 -45.89 -17.46 -33.30
CA PHE F 43 -46.72 -18.61 -33.59
C PHE F 43 -48.15 -18.34 -33.12
N GLY F 44 -49.10 -18.38 -34.05
CA GLY F 44 -50.50 -18.18 -33.76
C GLY F 44 -50.95 -16.74 -33.81
N ASN F 45 -50.01 -15.79 -33.76
CA ASN F 45 -50.35 -14.38 -33.87
C ASN F 45 -49.10 -13.63 -34.31
N ARG F 46 -49.09 -13.17 -35.56
CA ARG F 46 -47.94 -12.44 -36.08
C ARG F 46 -47.96 -10.96 -35.70
N LEU F 47 -49.10 -10.45 -35.23
CA LEU F 47 -49.20 -9.03 -34.96
C LEU F 47 -48.42 -8.65 -33.71
N CYS F 48 -47.78 -7.49 -33.76
CA CYS F 48 -47.03 -6.96 -32.63
C CYS F 48 -47.95 -6.16 -31.72
N PHE F 49 -47.62 -6.18 -30.43
CA PHE F 49 -48.32 -5.40 -29.42
C PHE F 49 -47.28 -4.79 -28.48
N LEU F 50 -47.77 -4.15 -27.43
CA LEU F 50 -46.91 -3.45 -26.48
C LEU F 50 -47.07 -4.08 -25.10
N GLU F 51 -45.96 -4.46 -24.50
CA GLU F 51 -45.95 -5.05 -23.16
C GLU F 51 -45.45 -4.01 -22.18
N PRO F 52 -46.26 -3.56 -21.23
CA PRO F 52 -45.75 -2.59 -20.24
C PRO F 52 -44.67 -3.22 -19.38
N THR F 53 -43.71 -2.38 -18.96
CA THR F 53 -42.57 -2.85 -18.17
C THR F 53 -42.26 -1.93 -17.00
N SER F 54 -43.10 -0.93 -16.75
CA SER F 54 -42.88 0.00 -15.65
C SER F 54 -43.26 -0.58 -14.30
N ASN F 55 -44.26 -1.46 -14.26
CA ASN F 55 -44.71 -2.08 -13.02
C ASN F 55 -44.00 -3.40 -12.74
N ALA F 56 -42.75 -3.56 -13.21
CA ALA F 56 -42.07 -4.84 -13.07
C ALA F 56 -41.93 -5.26 -11.62
N GLN F 57 -41.83 -4.29 -10.70
CA GLN F 57 -41.68 -4.64 -9.29
C GLN F 57 -42.91 -5.36 -8.75
N ASN F 58 -44.09 -5.06 -9.28
CA ASN F 58 -45.33 -5.68 -8.82
C ASN F 58 -45.77 -6.83 -9.74
N VAL F 59 -45.63 -6.66 -11.04
CA VAL F 59 -46.03 -7.69 -12.00
C VAL F 59 -44.91 -7.86 -13.02
N PRO F 60 -44.20 -8.99 -13.02
CA PRO F 60 -43.10 -9.15 -13.98
C PRO F 60 -43.61 -9.11 -15.41
N PRO F 61 -42.87 -8.49 -16.32
CA PRO F 61 -43.28 -8.48 -17.73
C PRO F 61 -42.89 -9.78 -18.44
N ASP F 62 -43.46 -9.95 -19.63
CA ASP F 62 -43.21 -11.12 -20.47
C ASP F 62 -42.14 -10.76 -21.49
N LEU F 63 -40.88 -10.80 -21.05
CA LEU F 63 -39.77 -10.32 -21.85
C LEU F 63 -39.32 -11.31 -22.91
N ALA F 64 -39.60 -12.61 -22.72
CA ALA F 64 -39.13 -13.61 -23.66
C ALA F 64 -39.62 -13.33 -25.07
N ILE F 65 -40.83 -12.81 -25.22
CA ILE F 65 -41.37 -12.47 -26.53
C ILE F 65 -41.08 -11.03 -26.91
N CYS F 66 -40.41 -10.27 -26.03
CA CYS F 66 -39.96 -8.93 -26.35
C CYS F 66 -38.53 -8.89 -26.86
N CYS F 67 -37.71 -9.88 -26.54
CA CYS F 67 -36.31 -9.88 -26.97
C CYS F 67 -36.20 -9.97 -28.49
N PHE F 68 -35.33 -9.15 -29.07
CA PHE F 68 -35.03 -9.16 -30.50
C PHE F 68 -33.52 -9.19 -30.70
N ILE F 69 -33.09 -9.77 -31.82
CA ILE F 69 -31.68 -9.87 -32.17
C ILE F 69 -31.41 -9.02 -33.41
N LEU F 70 -30.36 -8.21 -33.34
CA LEU F 70 -29.92 -7.43 -34.49
C LEU F 70 -29.12 -8.32 -35.44
N GLU F 71 -29.79 -8.91 -36.43
CA GLU F 71 -29.11 -9.86 -37.31
C GLU F 71 -28.16 -9.18 -38.27
N GLN F 72 -28.57 -8.07 -38.87
CA GLN F 72 -27.76 -7.42 -39.90
C GLN F 72 -27.94 -5.92 -39.83
N SER F 73 -26.96 -5.20 -40.35
CA SER F 73 -26.98 -3.74 -40.42
C SER F 73 -26.21 -3.32 -41.67
N LEU F 74 -26.88 -2.69 -42.61
CA LEU F 74 -26.30 -2.33 -43.89
C LEU F 74 -26.67 -0.89 -44.23
N SER F 75 -25.82 -0.27 -45.05
CA SER F 75 -26.20 1.00 -45.67
C SER F 75 -27.30 0.77 -46.68
N VAL F 76 -27.96 1.85 -47.09
CA VAL F 76 -29.11 1.73 -47.99
C VAL F 76 -28.67 1.15 -49.33
N ARG F 77 -27.54 1.62 -49.87
CA ARG F 77 -27.07 1.10 -51.14
C ARG F 77 -26.68 -0.36 -51.05
N ALA F 78 -26.05 -0.76 -49.94
CA ALA F 78 -25.73 -2.16 -49.74
C ALA F 78 -26.99 -3.00 -49.66
N LEU F 79 -28.02 -2.50 -48.99
CA LEU F 79 -29.28 -3.21 -48.92
C LEU F 79 -29.91 -3.36 -50.30
N GLN F 80 -29.84 -2.29 -51.11
CA GLN F 80 -30.38 -2.37 -52.45
C GLN F 80 -29.65 -3.43 -53.28
N GLU F 81 -28.32 -3.46 -53.18
CA GLU F 81 -27.56 -4.47 -53.91
C GLU F 81 -27.92 -5.86 -53.44
N MET F 82 -28.02 -6.06 -52.13
CA MET F 82 -28.34 -7.38 -51.60
C MET F 82 -29.72 -7.83 -52.06
N LEU F 83 -30.70 -6.92 -52.05
CA LEU F 83 -32.03 -7.25 -52.52
C LEU F 83 -32.03 -7.58 -54.00
N ALA F 84 -31.28 -6.82 -54.80
CA ALA F 84 -31.20 -7.10 -56.23
C ALA F 84 -30.60 -8.48 -56.49
N ASN F 85 -29.54 -8.81 -55.76
CA ASN F 85 -28.90 -10.12 -55.91
C ASN F 85 -29.64 -11.17 -55.08
N HIS F 99 -19.52 -8.77 -36.05
CA HIS F 99 -20.21 -7.82 -35.18
C HIS F 99 -19.93 -6.38 -35.59
N ARG F 100 -20.77 -5.85 -36.47
CA ARG F 100 -20.62 -4.49 -36.95
C ARG F 100 -21.39 -3.52 -36.05
N THR F 101 -20.76 -2.39 -35.75
CA THR F 101 -21.44 -1.36 -34.98
C THR F 101 -22.53 -0.70 -35.82
N LEU F 102 -23.68 -0.45 -35.21
CA LEU F 102 -24.77 0.21 -35.90
C LEU F 102 -24.46 1.69 -36.07
N LEU F 103 -24.79 2.22 -37.25
CA LEU F 103 -24.58 3.62 -37.56
C LEU F 103 -25.90 4.23 -38.02
N TYR F 104 -26.18 5.45 -37.57
CA TYR F 104 -27.41 6.12 -37.96
C TYR F 104 -27.49 6.24 -39.47
N GLY F 105 -28.66 5.91 -40.01
CA GLY F 105 -28.88 5.87 -41.44
C GLY F 105 -28.81 4.48 -42.03
N HIS F 106 -28.24 3.51 -41.31
CA HIS F 106 -28.20 2.14 -41.77
C HIS F 106 -29.56 1.47 -41.61
N ALA F 107 -29.77 0.40 -42.37
CA ALA F 107 -30.97 -0.42 -42.27
C ALA F 107 -30.65 -1.68 -41.49
N ILE F 108 -31.49 -1.98 -40.50
CA ILE F 108 -31.26 -3.11 -39.61
C ILE F 108 -32.33 -4.17 -39.85
N LEU F 109 -31.94 -5.42 -39.61
CA LEU F 109 -32.85 -6.56 -39.65
C LEU F 109 -32.97 -7.09 -38.23
N LEU F 110 -34.20 -7.23 -37.76
CA LEU F 110 -34.47 -7.65 -36.38
C LEU F 110 -35.15 -9.00 -36.40
N ARG F 111 -34.54 -10.00 -35.79
CA ARG F 111 -35.09 -11.34 -35.71
C ARG F 111 -35.69 -11.56 -34.33
N HIS F 112 -36.92 -12.04 -34.29
CA HIS F 112 -37.56 -12.36 -33.02
C HIS F 112 -36.85 -13.54 -32.37
N ALA F 113 -36.40 -13.34 -31.14
CA ALA F 113 -35.57 -14.35 -30.48
C ALA F 113 -36.33 -15.66 -30.32
N HIS F 114 -37.60 -15.60 -29.92
CA HIS F 114 -38.36 -16.82 -29.67
C HIS F 114 -38.78 -17.49 -30.96
N SER F 115 -39.58 -16.81 -31.78
CA SER F 115 -40.14 -17.42 -32.98
C SER F 115 -39.16 -17.45 -34.14
N ARG F 116 -38.06 -16.71 -34.06
CA ARG F 116 -37.09 -16.63 -35.13
C ARG F 116 -37.66 -15.99 -36.40
N MET F 117 -38.78 -15.28 -36.27
CA MET F 117 -39.32 -14.49 -37.35
C MET F 117 -38.71 -13.10 -37.32
N TYR F 118 -39.05 -12.28 -38.30
CA TYR F 118 -38.43 -10.97 -38.48
C TYR F 118 -39.45 -9.87 -38.36
N LEU F 119 -39.13 -8.85 -37.57
CA LEU F 119 -39.99 -7.69 -37.47
C LEU F 119 -40.13 -7.02 -38.83
N SER F 120 -41.37 -6.78 -39.24
CA SER F 120 -41.65 -6.29 -40.57
C SER F 120 -42.88 -5.40 -40.55
N CYS F 121 -43.00 -4.56 -41.57
CA CYS F 121 -44.18 -3.73 -41.78
C CYS F 121 -45.13 -4.48 -42.70
N LEU F 122 -46.28 -4.85 -42.16
CA LEU F 122 -47.24 -5.64 -42.93
C LEU F 122 -48.04 -4.74 -43.87
N THR F 123 -48.61 -5.37 -44.91
CA THR F 123 -49.43 -4.66 -45.87
C THR F 123 -50.88 -4.54 -45.45
N THR F 124 -51.29 -5.24 -44.39
CA THR F 124 -52.63 -5.13 -43.87
C THR F 124 -52.69 -4.02 -42.82
N SER F 125 -53.92 -3.60 -42.50
CA SER F 125 -54.12 -2.55 -41.51
C SER F 125 -55.46 -2.77 -40.84
N ARG F 126 -55.43 -3.03 -39.53
CA ARG F 126 -56.65 -3.18 -38.74
C ARG F 126 -56.93 -1.92 -37.93
N SER F 127 -56.19 -0.84 -38.14
CA SER F 127 -56.41 0.38 -37.39
C SER F 127 -57.71 1.04 -37.83
N MET F 128 -58.53 1.43 -36.86
CA MET F 128 -59.78 2.13 -37.12
C MET F 128 -59.63 3.64 -37.10
N THR F 129 -58.53 4.16 -36.55
CA THR F 129 -58.33 5.60 -36.45
C THR F 129 -57.52 6.11 -37.64
N ASP F 130 -56.32 5.59 -37.82
CA ASP F 130 -55.45 6.04 -38.90
C ASP F 130 -55.74 5.26 -40.17
N LYS F 131 -56.07 5.98 -41.25
CA LYS F 131 -56.36 5.36 -42.53
C LYS F 131 -55.12 5.13 -43.38
N LEU F 132 -53.98 5.71 -43.00
CA LEU F 132 -52.73 5.54 -43.73
C LEU F 132 -51.72 4.68 -42.98
N ALA F 133 -52.10 4.12 -41.83
CA ALA F 133 -51.18 3.32 -41.03
C ALA F 133 -51.21 1.87 -41.47
N PHE F 134 -50.11 1.16 -41.19
CA PHE F 134 -49.97 -0.24 -41.50
C PHE F 134 -49.67 -1.03 -40.24
N ASP F 135 -50.10 -2.28 -40.21
CA ASP F 135 -49.83 -3.14 -39.07
C ASP F 135 -48.37 -3.55 -39.05
N VAL F 136 -47.81 -3.66 -37.85
CA VAL F 136 -46.45 -4.12 -37.64
C VAL F 136 -46.51 -5.50 -37.00
N GLY F 137 -45.80 -6.45 -37.59
CA GLY F 137 -45.82 -7.80 -37.10
C GLY F 137 -44.56 -8.54 -37.48
N LEU F 138 -44.64 -9.86 -37.43
CA LEU F 138 -43.51 -10.74 -37.71
C LEU F 138 -43.74 -11.45 -39.03
N GLN F 139 -42.64 -11.69 -39.75
CA GLN F 139 -42.67 -12.33 -41.06
C GLN F 139 -41.76 -13.54 -41.03
N GLU F 140 -42.20 -14.62 -41.69
CA GLU F 140 -41.51 -15.90 -41.55
C GLU F 140 -40.08 -15.83 -42.09
N ASP F 141 -39.89 -15.17 -43.22
CA ASP F 141 -38.58 -15.10 -43.88
C ASP F 141 -38.07 -13.66 -43.91
N ALA F 142 -36.80 -13.53 -44.26
CA ALA F 142 -36.14 -12.23 -44.32
C ALA F 142 -36.04 -11.71 -45.76
N THR F 143 -36.93 -12.17 -46.63
CA THR F 143 -36.93 -11.74 -48.02
C THR F 143 -37.73 -10.46 -48.18
N GLY F 144 -37.34 -9.66 -49.17
CA GLY F 144 -38.00 -8.39 -49.45
C GLY F 144 -37.47 -7.28 -48.56
N GLU F 145 -38.11 -6.12 -48.69
CA GLU F 145 -37.76 -4.94 -47.92
C GLU F 145 -38.70 -4.69 -46.75
N ALA F 146 -39.74 -5.51 -46.59
CA ALA F 146 -40.69 -5.28 -45.52
C ALA F 146 -40.07 -5.50 -44.15
N CYS F 147 -39.00 -6.28 -44.08
CA CYS F 147 -38.37 -6.63 -42.81
C CYS F 147 -37.15 -5.77 -42.49
N TRP F 148 -36.93 -4.69 -43.23
CA TRP F 148 -35.77 -3.83 -43.04
C TRP F 148 -36.22 -2.46 -42.54
N TRP F 149 -35.54 -1.97 -41.50
CA TRP F 149 -35.86 -0.69 -40.89
C TRP F 149 -34.61 0.15 -40.83
N THR F 150 -34.76 1.44 -41.15
CA THR F 150 -33.65 2.39 -41.13
C THR F 150 -33.71 3.19 -39.84
N MET F 151 -32.55 3.37 -39.21
CA MET F 151 -32.42 4.10 -37.96
C MET F 151 -32.03 5.54 -38.26
N HIS F 152 -32.70 6.48 -37.59
CA HIS F 152 -32.40 7.89 -37.74
C HIS F 152 -32.30 8.54 -36.37
N PRO F 153 -31.46 9.57 -36.22
CA PRO F 153 -31.33 10.22 -34.91
C PRO F 153 -32.62 10.93 -34.52
N ALA F 154 -32.86 10.99 -33.22
CA ALA F 154 -34.05 11.66 -32.69
C ALA F 154 -33.80 13.12 -32.39
N SER F 155 -32.54 13.52 -32.18
CA SER F 155 -32.19 14.89 -31.88
C SER F 155 -30.92 15.27 -32.65
N LYS F 156 -30.62 16.57 -32.65
CA LYS F 156 -29.41 17.04 -33.31
C LYS F 156 -28.15 16.56 -32.61
N GLN F 157 -28.27 16.01 -31.41
CA GLN F 157 -27.09 15.49 -30.70
C GLN F 157 -26.35 14.47 -31.55
N ARG F 158 -27.08 13.66 -32.31
CA ARG F 158 -26.50 12.66 -33.18
C ARG F 158 -26.87 12.96 -34.64
N SER F 159 -26.02 12.50 -35.55
CA SER F 159 -26.21 12.77 -36.97
C SER F 159 -25.93 11.50 -37.76
N GLU F 160 -26.36 11.50 -39.01
CA GLU F 160 -26.19 10.33 -39.87
C GLU F 160 -24.71 9.97 -39.98
N GLY F 161 -24.42 8.68 -39.88
CA GLY F 161 -23.08 8.16 -39.88
C GLY F 161 -22.48 7.97 -38.51
N GLU F 162 -23.05 8.58 -37.48
CA GLU F 162 -22.58 8.38 -36.12
C GLU F 162 -22.99 7.00 -35.62
N LYS F 163 -22.17 6.46 -34.71
CA LYS F 163 -22.50 5.17 -34.11
C LYS F 163 -23.69 5.31 -33.18
N VAL F 164 -24.58 4.32 -33.20
CA VAL F 164 -25.73 4.31 -32.30
C VAL F 164 -25.27 3.86 -30.92
N ARG F 165 -25.48 4.72 -29.92
CA ARG F 165 -25.06 4.42 -28.57
C ARG F 165 -26.21 3.84 -27.75
N VAL F 166 -25.87 2.96 -26.82
CA VAL F 166 -26.87 2.40 -25.93
C VAL F 166 -27.57 3.53 -25.18
N GLY F 167 -28.90 3.49 -25.13
CA GLY F 167 -29.68 4.51 -24.48
C GLY F 167 -30.06 5.67 -25.36
N ASP F 168 -29.70 5.64 -26.64
CA ASP F 168 -30.06 6.70 -27.58
C ASP F 168 -31.51 6.56 -28.02
N ASP F 169 -32.19 7.69 -28.14
CA ASP F 169 -33.52 7.70 -28.73
C ASP F 169 -33.40 7.81 -30.24
N LEU F 170 -34.06 6.91 -30.96
CA LEU F 170 -33.94 6.85 -32.40
C LEU F 170 -35.31 6.64 -33.03
N ILE F 171 -35.40 6.95 -34.31
CA ILE F 171 -36.61 6.78 -35.10
C ILE F 171 -36.36 5.66 -36.10
N LEU F 172 -37.34 4.78 -36.25
CA LEU F 172 -37.24 3.64 -37.15
C LEU F 172 -38.21 3.84 -38.30
N VAL F 173 -37.70 3.79 -39.52
CA VAL F 173 -38.51 4.02 -40.72
C VAL F 173 -38.51 2.75 -41.55
N SER F 174 -39.69 2.28 -41.92
CA SER F 174 -39.80 1.10 -42.76
C SER F 174 -39.21 1.38 -44.14
N VAL F 175 -38.39 0.45 -44.62
CA VAL F 175 -37.81 0.61 -45.94
C VAL F 175 -38.87 0.47 -47.02
N SER F 176 -39.77 -0.51 -46.87
CA SER F 176 -40.75 -0.78 -47.91
C SER F 176 -41.85 0.27 -47.95
N SER F 177 -42.35 0.68 -46.79
CA SER F 177 -43.52 1.55 -46.72
C SER F 177 -43.20 3.01 -46.45
N GLU F 178 -41.97 3.35 -46.10
CA GLU F 178 -41.58 4.73 -45.82
C GLU F 178 -42.36 5.30 -44.64
N ARG F 179 -42.76 4.44 -43.70
CA ARG F 179 -43.52 4.84 -42.53
C ARG F 179 -42.69 4.64 -41.26
N TYR F 180 -43.04 5.40 -40.24
CA TYR F 180 -42.38 5.35 -38.95
C TYR F 180 -42.98 4.24 -38.09
N LEU F 181 -42.12 3.54 -37.35
CA LEU F 181 -42.60 2.68 -36.28
C LEU F 181 -43.22 3.57 -35.20
N HIS F 182 -44.54 3.51 -35.08
CA HIS F 182 -45.31 4.53 -34.38
C HIS F 182 -46.12 3.92 -33.24
N LEU F 183 -46.16 4.64 -32.12
CA LEU F 183 -47.02 4.29 -31.00
C LEU F 183 -48.35 5.02 -31.16
N SER F 184 -49.42 4.26 -31.34
CA SER F 184 -50.74 4.83 -31.61
C SER F 184 -51.56 4.82 -30.33
N THR F 185 -51.84 6.01 -29.80
CA THR F 185 -52.70 6.16 -28.63
C THR F 185 -54.07 6.71 -29.00
N ALA F 186 -54.40 6.78 -30.28
CA ALA F 186 -55.67 7.35 -30.72
C ALA F 186 -56.84 6.70 -30.00
N SER F 187 -56.96 5.38 -30.11
CA SER F 187 -58.00 4.67 -29.38
C SER F 187 -57.65 4.61 -27.89
N GLY F 188 -58.53 3.98 -27.12
CA GLY F 188 -58.29 3.85 -25.70
C GLY F 188 -57.06 3.04 -25.36
N GLU F 189 -56.70 2.08 -26.19
CA GLU F 189 -55.57 1.21 -25.93
C GLU F 189 -54.31 1.70 -26.65
N LEU F 190 -53.16 1.37 -26.08
CA LEU F 190 -51.88 1.71 -26.68
C LEU F 190 -51.52 0.66 -27.73
N GLN F 191 -51.32 1.09 -28.97
CA GLN F 191 -51.04 0.20 -30.08
C GLN F 191 -49.76 0.63 -30.78
N VAL F 192 -49.18 -0.31 -31.53
CA VAL F 192 -48.00 -0.06 -32.34
C VAL F 192 -48.36 -0.32 -33.80
N ASP F 193 -47.93 0.59 -34.69
CA ASP F 193 -48.24 0.48 -36.10
C ASP F 193 -47.22 1.29 -36.88
N ALA F 194 -47.26 1.14 -38.20
CA ALA F 194 -46.41 1.88 -39.10
C ALA F 194 -47.23 3.02 -39.72
N SER F 195 -46.98 4.24 -39.27
CA SER F 195 -47.72 5.41 -39.71
C SER F 195 -46.75 6.49 -40.15
N PHE F 196 -47.30 7.66 -40.50
CA PHE F 196 -46.49 8.80 -40.91
C PHE F 196 -46.15 9.73 -39.75
N MET F 197 -46.62 9.43 -38.55
CA MET F 197 -46.23 10.18 -37.36
C MET F 197 -45.12 9.42 -36.64
N GLN F 198 -44.05 10.13 -36.32
CA GLN F 198 -42.85 9.52 -35.76
C GLN F 198 -43.01 9.25 -34.26
N THR F 199 -42.32 8.22 -33.78
CA THR F 199 -42.26 7.90 -32.37
C THR F 199 -40.81 7.60 -32.02
N LEU F 200 -40.39 8.04 -30.83
CA LEU F 200 -39.03 7.83 -30.38
C LEU F 200 -38.91 6.49 -29.67
N TRP F 201 -37.96 5.67 -30.09
CA TRP F 201 -37.76 4.34 -29.55
C TRP F 201 -36.37 4.22 -28.94
N ASN F 202 -36.25 3.39 -27.92
CA ASN F 202 -34.98 3.07 -27.29
C ASN F 202 -34.69 1.60 -27.54
N MET F 203 -33.49 1.31 -28.06
CA MET F 203 -33.05 -0.07 -28.23
C MET F 203 -32.17 -0.43 -27.05
N ASN F 204 -32.83 -0.73 -25.93
CA ASN F 204 -32.10 -1.11 -24.73
C ASN F 204 -31.45 -2.47 -24.91
N PRO F 205 -30.18 -2.64 -24.54
CA PRO F 205 -29.52 -3.92 -24.76
C PRO F 205 -29.91 -4.94 -23.70
N ILE F 206 -30.15 -6.18 -24.14
CA ILE F 206 -30.40 -7.29 -23.25
C ILE F 206 -29.13 -8.10 -23.01
N CYS F 207 -28.41 -8.43 -24.08
CA CYS F 207 -27.15 -9.15 -23.98
C CYS F 207 -26.32 -8.85 -25.22
N SER F 208 -25.00 -8.93 -25.06
CA SER F 208 -24.09 -8.68 -26.17
C SER F 208 -23.34 -9.95 -26.56
N GLY F 209 -22.63 -10.53 -25.61
CA GLY F 209 -21.90 -11.77 -25.86
C GLY F 209 -21.59 -12.50 -24.57
N CYS F 210 -21.94 -13.78 -24.51
CA CYS F 210 -21.81 -14.54 -23.28
C CYS F 210 -20.56 -15.42 -23.31
N GLU F 211 -19.78 -15.36 -22.24
CA GLU F 211 -18.62 -16.22 -22.10
C GLU F 211 -19.06 -17.68 -22.13
N GLU F 212 -18.31 -18.51 -22.86
CA GLU F 212 -18.69 -19.90 -23.05
C GLU F 212 -18.83 -20.60 -21.72
N GLY F 213 -19.94 -21.30 -21.53
CA GLY F 213 -20.16 -22.12 -20.36
C GLY F 213 -20.69 -21.40 -19.15
N PHE F 214 -20.96 -20.11 -19.23
CA PHE F 214 -21.43 -19.33 -18.09
C PHE F 214 -22.92 -19.02 -18.24
N VAL F 215 -23.60 -18.93 -17.10
CA VAL F 215 -25.04 -18.72 -17.06
C VAL F 215 -25.33 -17.24 -17.15
N THR F 216 -26.37 -16.89 -17.92
CA THR F 216 -26.82 -15.52 -18.06
C THR F 216 -28.33 -15.46 -17.84
N GLY F 217 -28.81 -14.28 -17.47
CA GLY F 217 -30.22 -14.12 -17.22
C GLY F 217 -31.05 -14.29 -18.49
N GLY F 218 -32.32 -14.58 -18.29
CA GLY F 218 -33.24 -14.77 -19.40
C GLY F 218 -33.06 -16.07 -20.14
N HIS F 219 -32.35 -17.04 -19.57
CA HIS F 219 -32.10 -18.32 -20.21
C HIS F 219 -33.00 -19.38 -19.59
N VAL F 220 -33.50 -20.28 -20.43
CA VAL F 220 -34.28 -21.41 -19.96
C VAL F 220 -33.33 -22.55 -19.63
N LEU F 221 -33.48 -23.13 -18.45
CA LEU F 221 -32.56 -24.14 -17.97
C LEU F 221 -33.29 -25.06 -17.01
N ARG F 222 -32.58 -26.07 -16.51
CA ARG F 222 -33.08 -26.99 -15.51
C ARG F 222 -32.25 -26.87 -14.25
N LEU F 223 -32.87 -27.07 -13.09
CA LEU F 223 -32.19 -26.99 -11.80
C LEU F 223 -32.15 -28.39 -11.20
N PHE F 224 -31.00 -29.05 -11.34
CA PHE F 224 -30.82 -30.40 -10.85
C PHE F 224 -30.33 -30.38 -9.41
N HIS F 225 -30.77 -31.35 -8.63
CA HIS F 225 -30.34 -31.48 -7.24
C HIS F 225 -28.90 -31.98 -7.23
N GLY F 226 -27.95 -31.06 -7.05
CA GLY F 226 -26.54 -31.40 -7.12
C GLY F 226 -26.22 -32.08 -8.43
N HIS F 227 -25.88 -33.36 -8.36
CA HIS F 227 -25.65 -34.20 -9.54
C HIS F 227 -26.38 -35.52 -9.39
N MET F 228 -27.55 -35.50 -8.75
CA MET F 228 -28.29 -36.69 -8.39
C MET F 228 -29.34 -37.07 -9.44
N ASP F 229 -29.39 -36.37 -10.57
CA ASP F 229 -30.38 -36.62 -11.61
C ASP F 229 -31.81 -36.34 -11.12
N GLU F 230 -31.95 -35.43 -10.16
CA GLU F 230 -33.24 -34.97 -9.70
C GLU F 230 -33.36 -33.48 -10.02
N CYS F 231 -34.45 -33.10 -10.66
CA CYS F 231 -34.63 -31.72 -11.12
C CYS F 231 -35.85 -31.10 -10.46
N LEU F 232 -35.77 -29.78 -10.27
CA LEU F 232 -36.91 -29.03 -9.75
C LEU F 232 -38.01 -28.98 -10.81
N THR F 233 -39.24 -29.21 -10.39
CA THR F 233 -40.35 -29.27 -11.34
C THR F 233 -41.66 -29.08 -10.58
N ILE F 234 -42.75 -29.03 -11.35
CA ILE F 234 -44.09 -29.00 -10.80
C ILE F 234 -44.81 -30.28 -11.23
N SER F 235 -45.99 -30.50 -10.64
CA SER F 235 -46.71 -31.73 -10.87
C SER F 235 -47.15 -31.82 -12.34
N PRO F 236 -47.37 -33.03 -12.83
CA PRO F 236 -47.79 -33.18 -14.24
C PRO F 236 -49.10 -32.45 -14.51
N SER F 237 -49.40 -32.29 -15.80
CA SER F 237 -50.64 -31.65 -16.20
C SER F 237 -51.83 -32.44 -15.69
N ASP F 238 -52.88 -31.71 -15.32
CA ASP F 238 -54.11 -32.31 -14.80
C ASP F 238 -53.83 -33.04 -13.48
N SER F 239 -53.21 -32.35 -12.54
CA SER F 239 -52.95 -32.87 -11.21
C SER F 239 -53.87 -32.20 -10.20
N ASP F 240 -54.06 -32.89 -9.06
CA ASP F 240 -54.97 -32.41 -8.04
C ASP F 240 -54.45 -31.17 -7.32
N ASP F 241 -53.14 -30.94 -7.31
CA ASP F 241 -52.57 -29.78 -6.64
C ASP F 241 -52.64 -28.52 -7.48
N GLN F 242 -53.28 -28.57 -8.65
CA GLN F 242 -53.40 -27.43 -9.55
C GLN F 242 -52.05 -26.95 -10.07
N ARG F 243 -51.05 -27.82 -10.02
CA ARG F 243 -49.71 -27.48 -10.52
C ARG F 243 -49.15 -26.27 -9.78
N ARG F 244 -49.45 -26.18 -8.49
CA ARG F 244 -48.99 -25.06 -7.67
C ARG F 244 -47.84 -25.41 -6.75
N LEU F 245 -47.49 -26.69 -6.62
CA LEU F 245 -46.45 -27.13 -5.70
C LEU F 245 -45.19 -27.52 -6.48
N VAL F 246 -44.05 -27.38 -5.83
CA VAL F 246 -42.76 -27.63 -6.43
C VAL F 246 -42.18 -28.91 -5.85
N TYR F 247 -41.53 -29.72 -6.70
CA TYR F 247 -41.00 -31.01 -6.28
C TYR F 247 -39.61 -31.21 -6.85
N TYR F 248 -38.86 -32.08 -6.19
CA TYR F 248 -37.64 -32.66 -6.72
C TYR F 248 -38.03 -34.04 -7.26
N GLU F 249 -37.87 -34.23 -8.56
CA GLU F 249 -38.24 -35.46 -9.23
C GLU F 249 -37.15 -35.82 -10.24
N GLY F 250 -36.86 -37.11 -10.35
CA GLY F 250 -35.74 -37.55 -11.15
C GLY F 250 -36.02 -38.71 -12.09
N GLY F 251 -37.26 -38.82 -12.54
CA GLY F 251 -37.61 -39.83 -13.51
C GLY F 251 -37.34 -39.35 -14.93
N PRO F 252 -38.23 -39.69 -15.87
CA PRO F 252 -38.10 -39.10 -17.22
C PRO F 252 -38.49 -37.64 -17.28
N VAL F 253 -38.91 -37.04 -16.16
CA VAL F 253 -39.25 -35.63 -16.14
C VAL F 253 -38.04 -34.77 -16.51
N CYS F 254 -36.84 -35.29 -16.30
CA CYS F 254 -35.62 -34.55 -16.64
C CYS F 254 -35.50 -34.26 -18.12
N THR F 255 -36.37 -34.81 -18.96
CA THR F 255 -36.40 -34.50 -20.38
C THR F 255 -37.72 -33.90 -20.83
N HIS F 256 -38.62 -33.60 -19.91
CA HIS F 256 -39.92 -33.01 -20.23
C HIS F 256 -39.87 -31.49 -20.05
N ALA F 257 -40.95 -30.84 -20.47
CA ALA F 257 -41.01 -29.38 -20.44
C ALA F 257 -41.44 -28.82 -19.10
N ARG F 258 -42.02 -29.64 -18.22
CA ARG F 258 -42.46 -29.14 -16.92
C ARG F 258 -41.31 -28.88 -15.97
N SER F 259 -40.10 -29.31 -16.31
CA SER F 259 -38.92 -29.07 -15.48
C SER F 259 -38.08 -27.89 -15.98
N LEU F 260 -38.60 -27.11 -16.92
CA LEU F 260 -37.86 -26.02 -17.53
C LEU F 260 -38.22 -24.71 -16.84
N TRP F 261 -37.20 -23.95 -16.45
CA TRP F 261 -37.38 -22.68 -15.75
C TRP F 261 -36.57 -21.60 -16.46
N ARG F 262 -37.04 -20.37 -16.35
CA ARG F 262 -36.39 -19.20 -16.92
C ARG F 262 -35.97 -18.27 -15.80
N LEU F 263 -34.71 -17.84 -15.84
CA LEU F 263 -34.19 -16.92 -14.83
C LEU F 263 -34.36 -15.48 -15.32
N GLU F 264 -35.05 -14.66 -14.55
CA GLU F 264 -35.39 -13.30 -14.95
C GLU F 264 -34.82 -12.30 -13.94
N PRO F 265 -33.71 -11.64 -14.23
CA PRO F 265 -33.19 -10.64 -13.30
C PRO F 265 -34.17 -9.49 -13.13
N LEU F 266 -34.09 -8.83 -11.97
CA LEU F 266 -34.98 -7.73 -11.65
C LEU F 266 -34.55 -6.46 -12.36
N ARG F 267 -34.47 -6.50 -13.69
CA ARG F 267 -34.12 -5.34 -14.49
C ARG F 267 -34.35 -5.70 -15.95
N ILE F 268 -34.68 -4.69 -16.75
CA ILE F 268 -34.91 -4.91 -18.17
C ILE F 268 -33.60 -4.79 -18.95
N SER F 269 -32.87 -3.70 -18.74
CA SER F 269 -31.62 -3.49 -19.44
C SER F 269 -30.56 -4.46 -18.93
N TRP F 270 -29.85 -5.10 -19.85
CA TRP F 270 -28.79 -6.05 -19.51
C TRP F 270 -29.29 -7.19 -18.66
N SER F 271 -30.56 -7.57 -18.84
CA SER F 271 -31.08 -8.74 -18.15
C SER F 271 -30.42 -10.02 -18.64
N GLY F 272 -29.80 -9.99 -19.81
CA GLY F 272 -29.13 -11.15 -20.36
C GLY F 272 -27.66 -11.19 -19.99
N SER F 273 -27.27 -10.36 -19.03
CA SER F 273 -25.88 -10.34 -18.59
C SER F 273 -25.56 -11.59 -17.77
N HIS F 274 -24.28 -11.79 -17.51
CA HIS F 274 -23.84 -12.92 -16.71
C HIS F 274 -24.49 -12.88 -15.33
N LEU F 275 -24.98 -14.03 -14.89
CA LEU F 275 -25.55 -14.12 -13.55
C LEU F 275 -24.44 -14.05 -12.51
N ARG F 276 -24.75 -13.41 -11.39
CA ARG F 276 -23.79 -13.20 -10.32
C ARG F 276 -24.35 -13.72 -9.00
N TRP F 277 -23.46 -14.18 -8.14
CA TRP F 277 -23.87 -14.65 -6.83
C TRP F 277 -24.54 -13.52 -6.05
N GLY F 278 -25.69 -13.80 -5.45
CA GLY F 278 -26.41 -12.83 -4.67
C GLY F 278 -27.28 -11.90 -5.47
N GLN F 279 -27.27 -11.99 -6.80
CA GLN F 279 -28.07 -11.12 -7.63
C GLN F 279 -29.54 -11.51 -7.53
N PRO F 280 -30.44 -10.63 -7.09
CA PRO F 280 -31.86 -11.00 -7.02
C PRO F 280 -32.43 -11.28 -8.39
N LEU F 281 -33.32 -12.28 -8.45
CA LEU F 281 -33.94 -12.65 -9.71
C LEU F 281 -35.22 -13.44 -9.42
N ARG F 282 -36.08 -13.50 -10.43
CA ARG F 282 -37.27 -14.32 -10.40
C ARG F 282 -37.02 -15.62 -11.17
N ILE F 283 -37.75 -16.66 -10.79
CA ILE F 283 -37.70 -17.95 -11.47
C ILE F 283 -39.08 -18.24 -12.01
N ARG F 284 -39.19 -18.32 -13.33
CA ARG F 284 -40.48 -18.47 -14.01
C ARG F 284 -40.60 -19.88 -14.56
N HIS F 285 -41.77 -20.49 -14.38
CA HIS F 285 -42.06 -21.77 -15.01
C HIS F 285 -42.51 -21.53 -16.45
N VAL F 286 -41.79 -22.08 -17.41
CA VAL F 286 -42.00 -21.70 -18.81
C VAL F 286 -43.36 -22.15 -19.30
N THR F 287 -43.72 -23.41 -19.07
CA THR F 287 -44.94 -23.94 -19.66
C THR F 287 -46.21 -23.42 -19.01
N THR F 288 -46.15 -22.99 -17.76
CA THR F 288 -47.31 -22.46 -17.07
C THR F 288 -47.27 -20.95 -16.88
N GLY F 289 -46.10 -20.32 -17.02
CA GLY F 289 -46.01 -18.89 -16.85
C GLY F 289 -46.10 -18.44 -15.41
N ARG F 290 -45.96 -19.34 -14.46
CA ARG F 290 -46.03 -19.02 -13.04
C ARG F 290 -44.63 -18.85 -12.47
N TYR F 291 -44.55 -18.11 -11.37
CA TYR F 291 -43.27 -17.71 -10.80
C TYR F 291 -43.08 -18.37 -9.44
N LEU F 292 -41.90 -18.93 -9.22
CA LEU F 292 -41.55 -19.46 -7.91
C LEU F 292 -41.65 -18.34 -6.88
N GLY F 293 -42.27 -18.64 -5.75
CA GLY F 293 -42.46 -17.63 -4.73
C GLY F 293 -42.84 -18.24 -3.40
N LEU F 294 -42.82 -17.40 -2.37
CA LEU F 294 -43.16 -17.79 -1.02
C LEU F 294 -44.46 -17.11 -0.63
N THR F 295 -45.45 -17.91 -0.24
CA THR F 295 -46.73 -17.41 0.24
C THR F 295 -46.87 -17.70 1.73
N GLU F 296 -47.43 -16.74 2.46
CA GLU F 296 -47.53 -16.88 3.91
C GLU F 296 -48.39 -18.08 4.30
N ASP F 297 -49.36 -18.44 3.47
CA ASP F 297 -50.30 -19.50 3.84
C ASP F 297 -49.88 -20.88 3.34
N GLN F 298 -49.14 -20.96 2.23
CA GLN F 298 -48.75 -22.24 1.66
C GLN F 298 -47.25 -22.46 1.59
N GLY F 299 -46.43 -21.43 1.79
CA GLY F 299 -45.00 -21.59 1.68
C GLY F 299 -44.53 -21.52 0.24
N LEU F 300 -43.56 -22.36 -0.13
CA LEU F 300 -43.02 -22.33 -1.48
C LEU F 300 -44.04 -22.86 -2.47
N VAL F 301 -44.42 -22.01 -3.43
CA VAL F 301 -45.36 -22.39 -4.49
C VAL F 301 -44.99 -21.62 -5.75
N VAL F 302 -45.72 -21.87 -6.82
CA VAL F 302 -45.62 -21.08 -8.04
C VAL F 302 -46.88 -20.24 -8.14
N VAL F 303 -46.71 -18.93 -8.24
CA VAL F 303 -47.83 -17.99 -8.20
C VAL F 303 -48.00 -17.37 -9.58
N ASP F 304 -49.13 -16.70 -9.77
CA ASP F 304 -49.40 -16.02 -11.02
C ASP F 304 -48.57 -14.74 -11.13
N ALA F 305 -48.37 -14.32 -12.38
CA ALA F 305 -47.61 -13.08 -12.61
C ALA F 305 -48.27 -11.90 -11.93
N SER F 306 -49.61 -11.92 -11.82
CA SER F 306 -50.30 -10.81 -11.18
C SER F 306 -49.94 -10.69 -9.72
N LYS F 307 -49.68 -11.81 -9.04
CA LYS F 307 -49.31 -11.82 -7.63
C LYS F 307 -47.81 -11.98 -7.42
N ALA F 308 -47.03 -11.99 -8.50
CA ALA F 308 -45.58 -12.19 -8.39
C ALA F 308 -44.85 -10.87 -8.16
N HIS F 309 -45.04 -10.30 -6.97
CA HIS F 309 -44.27 -9.13 -6.59
C HIS F 309 -42.90 -9.54 -6.05
N THR F 310 -41.99 -8.58 -5.97
CA THR F 310 -40.59 -8.89 -5.74
C THR F 310 -40.39 -9.62 -4.41
N LYS F 311 -41.04 -9.14 -3.35
CA LYS F 311 -40.83 -9.74 -2.03
C LYS F 311 -41.16 -11.22 -2.05
N ALA F 312 -42.25 -11.59 -2.74
CA ALA F 312 -42.67 -12.98 -2.77
C ALA F 312 -41.82 -13.83 -3.71
N THR F 313 -41.37 -13.28 -4.83
CA THR F 313 -40.81 -14.06 -5.92
C THR F 313 -39.35 -13.75 -6.23
N SER F 314 -38.64 -13.08 -5.32
CA SER F 314 -37.25 -12.73 -5.56
C SER F 314 -36.33 -13.74 -4.87
N PHE F 315 -35.44 -14.35 -5.65
CA PHE F 315 -34.49 -15.33 -5.16
C PHE F 315 -33.09 -14.94 -5.61
N CYS F 316 -32.09 -15.60 -5.03
CA CYS F 316 -30.71 -15.40 -5.42
C CYS F 316 -29.94 -16.71 -5.31
N PHE F 317 -28.84 -16.79 -6.05
CA PHE F 317 -27.93 -17.92 -6.00
C PHE F 317 -26.74 -17.54 -5.14
N ARG F 318 -26.38 -18.42 -4.20
CA ARG F 318 -25.30 -18.18 -3.26
C ARG F 318 -24.30 -19.32 -3.34
N ILE F 319 -23.01 -18.97 -3.29
CA ILE F 319 -21.96 -19.98 -3.34
C ILE F 319 -21.98 -20.82 -2.07
N SER F 320 -22.31 -20.22 -0.93
CA SER F 320 -22.33 -20.94 0.34
C SER F 320 -23.43 -20.35 1.20
N LYS F 321 -23.73 -21.04 2.30
CA LYS F 321 -24.79 -20.64 3.22
C LYS F 321 -24.31 -19.70 4.31
N GLU F 322 -23.05 -19.29 4.28
CA GLU F 322 -22.55 -18.36 5.28
C GLU F 322 -23.26 -17.02 5.17
N LYS F 323 -23.37 -16.33 6.30
CA LYS F 323 -24.11 -15.06 6.39
C LYS F 323 -23.22 -13.91 5.94
N LEU F 324 -23.00 -13.83 4.63
CA LEU F 324 -22.23 -12.76 4.01
C LEU F 324 -23.07 -11.79 3.21
N ASP F 325 -24.39 -12.00 3.14
CA ASP F 325 -25.25 -11.14 2.32
C ASP F 325 -25.15 -9.68 2.74
N VAL F 326 -24.57 -9.40 3.90
CA VAL F 326 -24.34 -8.02 4.35
C VAL F 326 -23.65 -7.24 3.23
N ALA F 327 -22.77 -7.90 2.50
CA ALA F 327 -22.08 -7.24 1.40
C ALA F 327 -23.09 -6.84 0.33
N PRO F 328 -23.16 -5.56 -0.05
CA PRO F 328 -24.11 -5.16 -1.10
C PRO F 328 -23.53 -5.36 -2.49
N LYS F 329 -24.32 -5.03 -3.52
CA LYS F 329 -23.89 -5.18 -4.90
C LYS F 329 -24.50 -4.06 -5.74
N ARG F 330 -23.77 -3.64 -6.76
CA ARG F 330 -24.18 -2.55 -7.63
C ARG F 330 -24.38 -3.04 -9.05
N ASP F 331 -25.40 -2.50 -9.70
CA ASP F 331 -25.71 -2.86 -11.09
C ASP F 331 -24.59 -2.39 -12.01
N VAL F 332 -24.36 -3.16 -13.06
CA VAL F 332 -23.32 -2.87 -14.04
C VAL F 332 -23.95 -2.82 -15.42
N GLU F 333 -23.57 -1.79 -16.20
CA GLU F 333 -24.12 -1.60 -17.53
C GLU F 333 -23.28 -2.37 -18.55
N GLY F 334 -23.45 -3.69 -18.52
CA GLY F 334 -22.73 -4.55 -19.44
C GLY F 334 -22.94 -6.00 -19.08
N MET F 335 -22.24 -6.86 -19.81
CA MET F 335 -22.36 -8.30 -19.57
C MET F 335 -21.87 -8.67 -18.18
N GLY F 336 -20.93 -7.93 -17.62
CA GLY F 336 -20.49 -8.15 -16.27
C GLY F 336 -19.51 -9.30 -16.14
N PRO F 337 -19.07 -9.58 -14.93
CA PRO F 337 -18.10 -10.67 -14.71
C PRO F 337 -18.79 -12.03 -14.78
N PRO F 338 -18.21 -12.99 -15.52
CA PRO F 338 -18.76 -14.34 -15.50
C PRO F 338 -18.49 -15.01 -14.16
N GLU F 339 -19.56 -15.44 -13.49
CA GLU F 339 -19.43 -16.01 -12.15
C GLU F 339 -19.95 -17.44 -12.07
N ILE F 340 -21.15 -17.69 -12.58
CA ILE F 340 -21.81 -18.99 -12.42
C ILE F 340 -21.70 -19.77 -13.73
N LYS F 341 -21.34 -21.04 -13.62
CA LYS F 341 -21.09 -21.90 -14.78
C LYS F 341 -22.12 -23.01 -14.86
N TYR F 342 -22.51 -23.36 -16.08
CA TYR F 342 -23.42 -24.47 -16.28
C TYR F 342 -22.76 -25.79 -15.89
N GLY F 343 -23.47 -26.60 -15.11
CA GLY F 343 -22.97 -27.91 -14.74
C GLY F 343 -22.02 -27.91 -13.57
N GLU F 344 -20.98 -27.07 -13.62
CA GLU F 344 -19.95 -27.10 -12.60
C GLU F 344 -20.39 -26.41 -11.32
N SER F 345 -20.80 -25.15 -11.42
CA SER F 345 -21.12 -24.37 -10.23
C SER F 345 -22.25 -25.00 -9.46
N LEU F 346 -22.07 -25.11 -8.14
CA LEU F 346 -23.10 -25.57 -7.23
C LEU F 346 -23.63 -24.36 -6.47
N CYS F 347 -24.94 -24.12 -6.58
CA CYS F 347 -25.56 -22.90 -6.09
C CYS F 347 -26.67 -23.23 -5.10
N PHE F 348 -26.73 -22.47 -4.01
CA PHE F 348 -27.83 -22.55 -3.07
C PHE F 348 -28.84 -21.46 -3.41
N VAL F 349 -30.11 -21.84 -3.50
CA VAL F 349 -31.17 -20.87 -3.81
C VAL F 349 -31.70 -20.32 -2.50
N GLN F 350 -31.67 -19.00 -2.38
CA GLN F 350 -32.12 -18.32 -1.17
C GLN F 350 -33.21 -17.32 -1.52
N HIS F 351 -34.31 -17.37 -0.77
CA HIS F 351 -35.34 -16.35 -0.88
C HIS F 351 -34.82 -15.05 -0.27
N VAL F 352 -34.76 -13.99 -1.08
CA VAL F 352 -34.08 -12.77 -0.66
C VAL F 352 -34.79 -12.14 0.53
N ALA F 353 -36.11 -12.00 0.45
CA ALA F 353 -36.83 -11.26 1.49
C ALA F 353 -36.71 -11.94 2.85
N SER F 354 -36.86 -13.26 2.89
CA SER F 354 -36.86 -13.98 4.16
C SER F 354 -35.52 -14.58 4.50
N GLY F 355 -34.68 -14.86 3.51
CA GLY F 355 -33.42 -15.55 3.74
C GLY F 355 -33.54 -17.05 3.84
N LEU F 356 -34.74 -17.60 3.69
CA LEU F 356 -34.92 -19.04 3.76
C LEU F 356 -34.23 -19.71 2.58
N TRP F 357 -33.77 -20.94 2.81
CA TRP F 357 -33.04 -21.71 1.81
C TRP F 357 -33.96 -22.72 1.15
N LEU F 358 -33.83 -22.85 -0.17
CA LEU F 358 -34.60 -23.85 -0.90
C LEU F 358 -34.07 -25.23 -0.56
N THR F 359 -34.96 -26.12 -0.12
CA THR F 359 -34.58 -27.45 0.30
C THR F 359 -35.76 -28.39 0.09
N TYR F 360 -35.52 -29.67 0.36
CA TYR F 360 -36.55 -30.69 0.22
C TYR F 360 -37.23 -30.93 1.56
N ALA F 361 -38.55 -31.10 1.52
CA ALA F 361 -39.31 -31.37 2.72
C ALA F 361 -38.91 -32.71 3.31
N ALA F 362 -39.07 -32.84 4.62
CA ALA F 362 -38.73 -34.08 5.31
C ALA F 362 -39.55 -35.22 4.70
N PRO F 363 -38.91 -36.33 4.29
CA PRO F 363 -39.68 -37.41 3.65
C PRO F 363 -40.88 -37.83 4.46
N ASP F 364 -42.07 -37.58 3.93
CA ASP F 364 -43.28 -37.93 4.64
C ASP F 364 -43.43 -39.45 4.71
N PRO F 365 -44.01 -39.99 5.79
CA PRO F 365 -44.18 -41.44 5.87
C PRO F 365 -45.15 -41.94 4.82
N LYS F 366 -44.98 -43.22 4.47
CA LYS F 366 -45.78 -43.99 3.52
C LYS F 366 -45.63 -43.48 2.08
N ALA F 367 -44.84 -42.43 1.83
CA ALA F 367 -44.59 -42.01 0.46
C ALA F 367 -43.84 -43.09 -0.30
N LEU F 368 -42.83 -43.69 0.34
CA LEU F 368 -42.11 -44.79 -0.28
C LEU F 368 -43.06 -45.93 -0.64
N ARG F 369 -43.99 -46.26 0.25
CA ARG F 369 -44.95 -47.31 -0.04
C ARG F 369 -45.86 -46.93 -1.20
N LEU F 370 -46.34 -45.67 -1.21
CA LEU F 370 -47.16 -45.21 -2.32
C LEU F 370 -46.37 -45.15 -3.62
N GLY F 371 -45.05 -45.22 -3.56
CA GLY F 371 -44.23 -45.12 -4.76
C GLY F 371 -43.88 -43.71 -5.14
N VAL F 372 -43.99 -42.77 -4.21
CA VAL F 372 -43.73 -41.36 -4.48
C VAL F 372 -42.22 -41.16 -4.51
N LEU F 373 -41.65 -41.13 -5.71
CA LEU F 373 -40.22 -40.84 -5.87
C LEU F 373 -39.93 -39.35 -5.87
N LYS F 374 -40.97 -38.51 -5.78
CA LYS F 374 -40.79 -37.07 -5.80
C LYS F 374 -40.88 -36.51 -4.37
N LYS F 375 -39.99 -35.59 -4.06
CA LYS F 375 -39.91 -34.98 -2.74
C LYS F 375 -40.36 -33.53 -2.82
N LYS F 376 -41.36 -33.16 -2.03
CA LYS F 376 -41.83 -31.79 -2.05
C LYS F 376 -40.71 -30.85 -1.65
N ALA F 377 -40.63 -29.71 -2.34
CA ALA F 377 -39.62 -28.70 -2.05
C ALA F 377 -40.22 -27.62 -1.15
N MET F 378 -39.40 -27.12 -0.24
CA MET F 378 -39.84 -26.14 0.74
C MET F 378 -38.74 -25.13 0.98
N LEU F 379 -39.09 -24.04 1.66
CA LEU F 379 -38.13 -23.03 2.09
C LEU F 379 -37.95 -23.17 3.59
N HIS F 380 -36.72 -23.43 4.02
CA HIS F 380 -36.43 -23.71 5.42
C HIS F 380 -35.30 -22.80 5.88
N GLN F 381 -35.30 -22.50 7.18
CA GLN F 381 -34.31 -21.58 7.73
C GLN F 381 -32.90 -22.13 7.60
N GLU F 382 -32.72 -23.43 7.87
CA GLU F 382 -31.41 -24.06 7.85
C GLU F 382 -31.16 -24.89 6.60
N GLY F 383 -32.15 -25.67 6.16
CA GLY F 383 -31.95 -26.52 5.02
C GLY F 383 -31.07 -27.72 5.36
N HIS F 384 -30.46 -28.29 4.33
CA HIS F 384 -29.56 -29.42 4.46
C HIS F 384 -28.25 -29.11 3.73
N MET F 385 -27.27 -30.00 3.90
CA MET F 385 -25.96 -29.79 3.28
C MET F 385 -25.98 -30.06 1.78
N ASP F 386 -26.90 -30.89 1.30
CA ASP F 386 -26.99 -31.24 -0.11
C ASP F 386 -28.03 -30.38 -0.84
N ASP F 387 -28.26 -29.16 -0.36
CA ASP F 387 -29.24 -28.27 -0.98
C ASP F 387 -28.75 -27.64 -2.26
N ALA F 388 -27.45 -27.66 -2.53
CA ALA F 388 -26.91 -26.97 -3.69
C ALA F 388 -27.50 -27.53 -4.98
N LEU F 389 -27.76 -26.65 -5.93
CA LEU F 389 -28.35 -27.02 -7.21
C LEU F 389 -27.36 -26.74 -8.34
N SER F 390 -27.46 -27.57 -9.38
CA SER F 390 -26.65 -27.42 -10.58
C SER F 390 -27.55 -26.96 -11.72
N LEU F 391 -27.11 -25.92 -12.43
CA LEU F 391 -27.89 -25.37 -13.53
C LEU F 391 -27.46 -26.04 -14.82
N THR F 392 -28.41 -26.68 -15.52
CA THR F 392 -28.14 -27.43 -16.73
C THR F 392 -28.82 -26.73 -17.91
N ARG F 393 -28.05 -26.48 -18.95
CA ARG F 393 -28.58 -25.82 -20.14
C ARG F 393 -29.54 -26.74 -20.87
N CYS F 394 -30.58 -26.14 -21.43
CA CYS F 394 -31.56 -26.85 -22.25
C CYS F 394 -31.40 -26.44 -23.71
N GLN F 395 -31.84 -27.33 -24.61
CA GLN F 395 -31.70 -27.04 -26.03
C GLN F 395 -32.69 -25.97 -26.46
N GLN F 396 -32.30 -25.23 -27.49
CA GLN F 396 -33.19 -24.21 -28.05
C GLN F 396 -34.51 -24.82 -28.48
N GLU F 397 -34.47 -26.06 -29.00
CA GLU F 397 -35.69 -26.74 -29.39
C GLU F 397 -36.62 -26.93 -28.19
N GLU F 398 -36.08 -27.40 -27.06
CA GLU F 398 -36.91 -27.59 -25.88
C GLU F 398 -37.45 -26.26 -25.37
N SER F 399 -36.62 -25.22 -25.34
CA SER F 399 -37.09 -23.93 -24.85
C SER F 399 -38.22 -23.37 -25.71
N GLN F 400 -38.04 -23.42 -27.03
CA GLN F 400 -39.07 -22.93 -27.93
C GLN F 400 -40.34 -23.76 -27.80
N ALA F 401 -40.20 -25.09 -27.68
CA ALA F 401 -41.37 -25.93 -27.52
C ALA F 401 -42.12 -25.61 -26.23
N ALA F 402 -41.39 -25.34 -25.15
CA ALA F 402 -42.04 -25.00 -23.89
C ALA F 402 -42.81 -23.69 -24.01
N ARG F 403 -42.20 -22.67 -24.62
CA ARG F 403 -42.92 -21.41 -24.79
C ARG F 403 -44.15 -21.60 -25.68
N MET F 404 -43.99 -22.38 -26.75
CA MET F 404 -45.12 -22.65 -27.63
C MET F 404 -46.23 -23.37 -26.90
N ILE F 405 -45.87 -24.32 -26.03
CA ILE F 405 -46.87 -25.03 -25.25
C ILE F 405 -47.63 -24.06 -24.36
N TYR F 406 -46.91 -23.16 -23.69
CA TYR F 406 -47.57 -22.18 -22.84
C TYR F 406 -48.59 -21.36 -23.63
N SER F 407 -48.14 -20.77 -24.74
CA SER F 407 -49.03 -19.90 -25.50
C SER F 407 -50.21 -20.68 -26.09
N THR F 408 -49.94 -21.87 -26.64
CA THR F 408 -50.99 -22.66 -27.27
C THR F 408 -52.01 -23.14 -26.24
N ALA F 409 -51.53 -23.55 -25.06
CA ALA F 409 -52.45 -23.96 -24.00
C ALA F 409 -53.35 -22.81 -23.62
N GLY F 410 -52.78 -21.61 -23.46
CA GLY F 410 -53.61 -20.46 -23.15
C GLY F 410 -54.67 -20.22 -24.21
N LEU F 411 -54.26 -20.24 -25.49
CA LEU F 411 -55.19 -19.95 -26.57
C LEU F 411 -56.30 -20.99 -26.65
N TYR F 412 -55.96 -22.28 -26.56
CA TYR F 412 -56.96 -23.32 -26.71
C TYR F 412 -57.87 -23.40 -25.50
N ASN F 413 -57.35 -23.12 -24.31
CA ASN F 413 -58.23 -23.04 -23.15
C ASN F 413 -59.21 -21.88 -23.29
N GLN F 414 -58.75 -20.75 -23.82
CA GLN F 414 -59.68 -19.65 -24.08
C GLN F 414 -60.74 -20.06 -25.10
N PHE F 415 -60.34 -20.78 -26.14
CA PHE F 415 -61.30 -21.26 -27.14
C PHE F 415 -62.33 -22.18 -26.50
N ILE F 416 -61.88 -23.12 -25.66
CA ILE F 416 -62.80 -24.04 -25.02
C ILE F 416 -63.76 -23.29 -24.10
N LYS F 417 -63.25 -22.31 -23.36
CA LYS F 417 -64.12 -21.50 -22.51
C LYS F 417 -65.16 -20.76 -23.35
N GLY F 418 -64.74 -20.21 -24.49
CA GLY F 418 -65.69 -19.53 -25.35
C GLY F 418 -66.79 -20.46 -25.83
N LEU F 419 -66.43 -21.67 -26.26
CA LEU F 419 -67.45 -22.63 -26.68
C LEU F 419 -68.38 -23.00 -25.54
N ASP F 420 -67.83 -23.26 -24.36
CA ASP F 420 -68.66 -23.59 -23.20
C ASP F 420 -69.56 -22.44 -22.80
N SER F 421 -69.19 -21.20 -23.16
CA SER F 421 -70.03 -20.06 -22.80
C SER F 421 -71.42 -20.18 -23.39
N PHE F 422 -71.52 -20.60 -24.66
CA PHE F 422 -72.81 -20.76 -25.34
C PHE F 422 -73.15 -22.20 -25.63
N SER F 423 -72.47 -23.16 -24.98
CA SER F 423 -72.71 -24.58 -25.21
C SER F 423 -74.18 -24.91 -25.40
N GLY F 424 -75.04 -24.50 -24.48
CA GLY F 424 -76.44 -24.85 -24.54
C GLY F 424 -77.39 -23.67 -24.50
N LYS F 425 -77.03 -22.58 -25.16
CA LYS F 425 -77.82 -21.34 -25.16
C LYS F 425 -78.13 -20.94 -26.60
N PRO F 426 -79.24 -21.40 -27.16
CA PRO F 426 -79.59 -20.99 -28.52
C PRO F 426 -79.74 -19.49 -28.63
N ARG F 427 -79.27 -18.93 -29.75
CA ARG F 427 -79.31 -17.50 -29.97
C ARG F 427 -80.61 -17.03 -30.62
N GLY F 428 -81.46 -17.95 -31.06
CA GLY F 428 -82.66 -17.55 -31.76
C GLY F 428 -82.28 -16.74 -32.99
N SER F 429 -82.64 -15.45 -32.98
CA SER F 429 -82.24 -14.53 -34.03
C SER F 429 -81.42 -13.37 -33.49
N GLY F 430 -80.98 -13.44 -32.23
CA GLY F 430 -80.23 -12.38 -31.62
C GLY F 430 -78.73 -12.64 -31.66
N PRO F 431 -77.98 -11.98 -30.79
CA PRO F 431 -76.53 -12.14 -30.77
C PRO F 431 -76.14 -13.53 -30.28
N PRO F 432 -74.91 -13.98 -30.55
CA PRO F 432 -74.50 -15.33 -30.15
C PRO F 432 -74.72 -15.63 -28.68
N ALA F 433 -74.84 -14.60 -27.85
CA ALA F 433 -75.07 -14.80 -26.43
C ALA F 433 -73.93 -15.57 -25.78
N GLY F 434 -72.74 -15.00 -25.80
CA GLY F 434 -71.57 -15.60 -25.17
C GLY F 434 -70.37 -14.71 -25.37
N SER F 435 -69.20 -15.28 -25.08
CA SER F 435 -67.93 -14.58 -25.28
C SER F 435 -67.43 -14.81 -26.70
N ALA F 436 -66.78 -13.80 -27.26
CA ALA F 436 -66.29 -13.89 -28.62
C ALA F 436 -65.23 -14.98 -28.72
N LEU F 437 -65.23 -15.67 -29.86
CA LEU F 437 -64.31 -16.78 -30.06
C LEU F 437 -63.04 -16.29 -30.76
N PRO F 438 -61.85 -16.72 -30.31
CA PRO F 438 -60.61 -16.36 -31.03
C PRO F 438 -60.41 -17.20 -32.27
N ILE F 439 -61.29 -17.01 -33.25
CA ILE F 439 -61.30 -17.86 -34.44
C ILE F 439 -60.02 -17.68 -35.24
N GLU F 440 -59.63 -16.44 -35.51
CA GLU F 440 -58.45 -16.18 -36.32
C GLU F 440 -57.20 -16.71 -35.63
N GLY F 441 -57.08 -16.45 -34.33
CA GLY F 441 -55.92 -16.95 -33.60
C GLY F 441 -55.85 -18.46 -33.59
N VAL F 442 -57.00 -19.10 -33.38
CA VAL F 442 -57.03 -20.56 -33.35
C VAL F 442 -56.62 -21.13 -34.70
N ILE F 443 -57.15 -20.56 -35.79
CA ILE F 443 -56.80 -21.08 -37.11
C ILE F 443 -55.32 -20.91 -37.38
N LEU F 444 -54.78 -19.72 -37.10
CA LEU F 444 -53.37 -19.49 -37.35
C LEU F 444 -52.50 -20.39 -36.50
N SER F 445 -52.87 -20.58 -35.23
CA SER F 445 -52.09 -21.46 -34.35
C SER F 445 -52.12 -22.89 -34.86
N LEU F 446 -53.28 -23.36 -35.29
CA LEU F 446 -53.37 -24.73 -35.79
C LEU F 446 -52.51 -24.92 -37.04
N GLN F 447 -52.57 -23.96 -37.96
CA GLN F 447 -51.73 -24.06 -39.16
C GLN F 447 -50.26 -24.04 -38.81
N ASP F 448 -49.86 -23.15 -37.89
CA ASP F 448 -48.46 -23.07 -37.50
C ASP F 448 -48.00 -24.36 -36.85
N LEU F 449 -48.84 -24.97 -36.00
CA LEU F 449 -48.45 -26.20 -35.35
C LEU F 449 -48.41 -27.37 -36.33
N ILE F 450 -49.30 -27.39 -37.32
CA ILE F 450 -49.21 -28.43 -38.36
C ILE F 450 -47.90 -28.32 -39.10
N GLY F 451 -47.53 -27.09 -39.50
CA GLY F 451 -46.23 -26.91 -40.13
C GLY F 451 -45.08 -27.27 -39.21
N TYR F 452 -45.23 -26.99 -37.92
CA TYR F 452 -44.21 -27.31 -36.93
C TYR F 452 -43.99 -28.82 -36.83
N PHE F 453 -45.08 -29.59 -36.89
CA PHE F 453 -45.02 -31.04 -36.74
C PHE F 453 -44.96 -31.76 -38.09
N GLU F 454 -44.80 -31.01 -39.18
CA GLU F 454 -44.69 -31.63 -40.49
C GLU F 454 -43.54 -32.64 -40.52
N PRO F 455 -43.75 -33.86 -41.02
CA PRO F 455 -42.67 -34.83 -41.05
C PRO F 455 -41.62 -34.44 -42.06
N PRO F 456 -40.38 -34.91 -41.89
CA PRO F 456 -39.32 -34.54 -42.83
C PRO F 456 -39.57 -35.09 -44.23
N SER F 457 -39.09 -34.35 -45.22
CA SER F 457 -39.29 -34.75 -46.61
C SER F 457 -38.48 -36.01 -46.92
N GLU F 458 -39.10 -36.93 -47.67
CA GLU F 458 -38.44 -38.17 -48.02
C GLU F 458 -37.24 -37.95 -48.94
N GLU F 459 -37.18 -36.81 -49.62
CA GLU F 459 -36.04 -36.48 -50.49
C GLU F 459 -34.94 -35.81 -49.67
N LEU F 460 -34.43 -36.55 -48.70
CA LEU F 460 -33.37 -36.07 -47.82
C LEU F 460 -32.33 -37.17 -47.62
N GLN F 461 -31.12 -36.75 -47.28
CA GLN F 461 -30.09 -37.71 -46.93
C GLN F 461 -30.50 -38.46 -45.66
N HIS F 462 -29.97 -39.67 -45.51
CA HIS F 462 -30.38 -40.52 -44.40
C HIS F 462 -30.05 -39.88 -43.05
N GLU F 463 -28.86 -39.29 -42.94
CA GLU F 463 -28.45 -38.71 -41.67
C GLU F 463 -29.34 -37.53 -41.28
N GLU F 464 -29.58 -36.62 -42.22
CA GLU F 464 -30.44 -35.47 -41.95
C GLU F 464 -31.85 -35.92 -41.63
N LYS F 465 -32.36 -36.90 -42.36
CA LYS F 465 -33.71 -37.39 -42.10
C LYS F 465 -33.81 -38.01 -40.70
N GLN F 466 -32.78 -38.75 -40.29
CA GLN F 466 -32.79 -39.34 -38.95
C GLN F 466 -32.77 -38.25 -37.88
N THR F 467 -31.95 -37.23 -38.07
CA THR F 467 -31.93 -36.14 -37.09
C THR F 467 -33.28 -35.44 -37.01
N LYS F 468 -33.90 -35.18 -38.16
CA LYS F 468 -35.20 -34.53 -38.16
C LYS F 468 -36.26 -35.40 -37.52
N LEU F 469 -36.22 -36.72 -37.77
CA LEU F 469 -37.17 -37.62 -37.14
C LEU F 469 -36.99 -37.63 -35.62
N ARG F 470 -35.74 -37.63 -35.16
CA ARG F 470 -35.50 -37.58 -33.73
C ARG F 470 -36.07 -36.31 -33.12
N SER F 471 -35.83 -35.17 -33.77
CA SER F 471 -36.37 -33.91 -33.27
C SER F 471 -37.90 -33.94 -33.25
N LEU F 472 -38.50 -34.47 -34.31
CA LEU F 472 -39.96 -34.51 -34.39
C LEU F 472 -40.54 -35.38 -33.29
N ARG F 473 -39.94 -36.55 -33.05
CA ARG F 473 -40.42 -37.41 -31.98
C ARG F 473 -40.28 -36.73 -30.64
N ASN F 474 -39.16 -36.06 -30.40
CA ASN F 474 -38.98 -35.37 -29.13
C ASN F 474 -40.03 -34.29 -28.93
N ARG F 475 -40.31 -33.52 -29.98
CA ARG F 475 -41.28 -32.43 -29.85
C ARG F 475 -42.69 -32.98 -29.66
N GLN F 476 -43.04 -34.06 -30.37
CA GLN F 476 -44.33 -34.70 -30.15
C GLN F 476 -44.46 -35.17 -28.71
N SER F 477 -43.41 -35.80 -28.17
CA SER F 477 -43.45 -36.27 -26.79
C SER F 477 -43.58 -35.10 -25.83
N LEU F 478 -42.87 -34.00 -26.08
CA LEU F 478 -43.00 -32.84 -25.21
C LEU F 478 -44.44 -32.33 -25.17
N PHE F 479 -45.05 -32.15 -26.34
CA PHE F 479 -46.42 -31.66 -26.37
C PHE F 479 -47.37 -32.63 -25.70
N GLN F 480 -47.23 -33.93 -25.97
CA GLN F 480 -48.12 -34.90 -25.35
C GLN F 480 -47.97 -34.90 -23.84
N GLU F 481 -46.73 -34.87 -23.35
CA GLU F 481 -46.49 -34.88 -21.91
C GLU F 481 -47.02 -33.62 -21.24
N GLU F 482 -46.99 -32.47 -21.93
CA GLU F 482 -47.60 -31.27 -21.38
C GLU F 482 -49.11 -31.23 -21.60
N GLY F 483 -49.65 -32.19 -22.33
CA GLY F 483 -51.09 -32.35 -22.40
C GLY F 483 -51.77 -31.62 -23.53
N MET F 484 -51.05 -31.30 -24.60
CA MET F 484 -51.68 -30.63 -25.74
C MET F 484 -52.58 -31.59 -26.50
N LEU F 485 -52.28 -32.89 -26.48
CA LEU F 485 -53.15 -33.85 -27.14
C LEU F 485 -54.52 -33.87 -26.49
N SER F 486 -54.57 -33.86 -25.16
CA SER F 486 -55.86 -33.81 -24.47
C SER F 486 -56.61 -32.53 -24.78
N LEU F 487 -55.89 -31.41 -24.87
CA LEU F 487 -56.54 -30.14 -25.21
C LEU F 487 -57.14 -30.19 -26.61
N VAL F 488 -56.40 -30.76 -27.56
CA VAL F 488 -56.93 -30.89 -28.92
C VAL F 488 -58.17 -31.78 -28.92
N LEU F 489 -58.13 -32.88 -28.17
CA LEU F 489 -59.28 -33.76 -28.09
C LEU F 489 -60.48 -33.04 -27.48
N ASN F 490 -60.26 -32.21 -26.46
CA ASN F 490 -61.36 -31.46 -25.86
C ASN F 490 -61.95 -30.47 -26.84
N CYS F 491 -61.12 -29.76 -27.58
CA CYS F 491 -61.63 -28.84 -28.60
C CYS F 491 -62.45 -29.61 -29.64
N ILE F 492 -61.94 -30.77 -30.06
CA ILE F 492 -62.66 -31.58 -31.04
C ILE F 492 -64.02 -31.99 -30.48
N ASP F 493 -64.07 -32.36 -29.20
CA ASP F 493 -65.34 -32.74 -28.59
C ASP F 493 -66.33 -31.59 -28.59
N ARG F 494 -65.87 -30.41 -28.16
CA ARG F 494 -66.76 -29.26 -28.11
C ARG F 494 -67.31 -28.94 -29.49
N LEU F 495 -66.47 -28.99 -30.52
CA LEU F 495 -66.94 -28.71 -31.87
C LEU F 495 -67.77 -29.84 -32.45
N ASN F 496 -67.52 -31.08 -32.04
CA ASN F 496 -68.29 -32.23 -32.53
C ASN F 496 -69.68 -32.28 -31.95
N VAL F 497 -69.90 -31.65 -30.78
CA VAL F 497 -71.26 -31.55 -30.26
C VAL F 497 -72.23 -31.07 -31.34
N TYR F 498 -71.72 -30.30 -32.31
CA TYR F 498 -72.55 -29.78 -33.39
C TYR F 498 -72.34 -30.62 -34.65
N THR F 499 -73.44 -30.88 -35.36
CA THR F 499 -73.40 -31.76 -36.53
C THR F 499 -73.04 -31.06 -37.82
N THR F 500 -73.26 -29.76 -37.93
CA THR F 500 -72.99 -29.04 -39.16
C THR F 500 -72.73 -27.57 -38.87
N ALA F 501 -72.31 -26.85 -39.90
CA ALA F 501 -72.01 -25.43 -39.75
C ALA F 501 -73.25 -24.64 -39.37
N ALA F 502 -74.40 -24.97 -39.96
CA ALA F 502 -75.64 -24.27 -39.61
C ALA F 502 -76.03 -24.55 -38.16
N HIS F 503 -75.89 -25.80 -37.72
CA HIS F 503 -76.18 -26.12 -36.33
C HIS F 503 -75.25 -25.35 -35.40
N PHE F 504 -73.98 -25.23 -35.76
CA PHE F 504 -73.06 -24.41 -34.97
C PHE F 504 -73.51 -22.96 -34.96
N ALA F 505 -73.89 -22.43 -36.13
CA ALA F 505 -74.33 -21.04 -36.22
C ALA F 505 -75.54 -20.78 -35.34
N GLU F 506 -76.38 -21.78 -35.13
CA GLU F 506 -77.54 -21.60 -34.26
C GLU F 506 -77.14 -21.23 -32.83
N PHE F 507 -75.89 -21.47 -32.43
CA PHE F 507 -75.42 -21.13 -31.10
C PHE F 507 -74.27 -20.13 -31.08
N ALA F 508 -73.47 -20.04 -32.13
CA ALA F 508 -72.29 -19.19 -32.14
C ALA F 508 -72.38 -18.00 -33.10
N GLY F 509 -73.32 -18.02 -34.02
CA GLY F 509 -73.46 -16.95 -35.00
C GLY F 509 -72.89 -17.36 -36.35
N GLU F 510 -73.39 -16.69 -37.38
CA GLU F 510 -72.99 -17.03 -38.74
C GLU F 510 -71.51 -16.75 -38.98
N GLU F 511 -71.01 -15.64 -38.46
CA GLU F 511 -69.61 -15.29 -38.67
C GLU F 511 -68.69 -16.36 -38.09
N ALA F 512 -68.97 -16.80 -36.86
CA ALA F 512 -68.18 -17.85 -36.24
C ALA F 512 -68.35 -19.16 -37.00
N ALA F 513 -69.58 -19.48 -37.42
CA ALA F 513 -69.83 -20.73 -38.12
C ALA F 513 -69.16 -20.79 -39.49
N GLU F 514 -68.80 -19.63 -40.05
CA GLU F 514 -68.08 -19.64 -41.32
C GLU F 514 -66.74 -20.35 -41.23
N SER F 515 -66.19 -20.55 -40.03
CA SER F 515 -64.91 -21.20 -39.86
C SER F 515 -65.02 -22.56 -39.16
N TRP F 516 -66.23 -23.07 -38.93
CA TRP F 516 -66.39 -24.30 -38.18
C TRP F 516 -65.72 -25.47 -38.88
N LYS F 517 -66.01 -25.66 -40.17
CA LYS F 517 -65.43 -26.78 -40.89
C LYS F 517 -63.91 -26.67 -40.96
N GLU F 518 -63.40 -25.46 -41.22
CA GLU F 518 -61.97 -25.27 -41.31
C GLU F 518 -61.30 -25.61 -39.99
N ILE F 519 -61.87 -25.16 -38.88
CA ILE F 519 -61.26 -25.42 -37.59
C ILE F 519 -61.30 -26.91 -37.26
N VAL F 520 -62.42 -27.58 -37.57
CA VAL F 520 -62.52 -29.01 -37.28
C VAL F 520 -61.49 -29.79 -38.08
N ASN F 521 -61.38 -29.47 -39.38
CA ASN F 521 -60.40 -30.16 -40.22
C ASN F 521 -58.98 -29.90 -39.74
N LEU F 522 -58.68 -28.66 -39.36
CA LEU F 522 -57.34 -28.33 -38.88
C LEU F 522 -57.05 -29.06 -37.57
N LEU F 523 -58.05 -29.19 -36.70
CA LEU F 523 -57.83 -29.92 -35.45
C LEU F 523 -57.52 -31.38 -35.72
N TYR F 524 -58.27 -32.01 -36.64
CA TYR F 524 -57.97 -33.41 -36.96
C TYR F 524 -56.59 -33.54 -37.60
N GLU F 525 -56.22 -32.59 -38.46
CA GLU F 525 -54.89 -32.62 -39.07
C GLU F 525 -53.80 -32.49 -38.01
N LEU F 526 -54.00 -31.61 -37.04
CA LEU F 526 -53.01 -31.44 -35.98
C LEU F 526 -52.92 -32.70 -35.12
N LEU F 527 -54.05 -33.34 -34.84
CA LEU F 527 -54.01 -34.59 -34.08
C LEU F 527 -53.22 -35.65 -34.83
N ALA F 528 -53.47 -35.77 -36.13
CA ALA F 528 -52.73 -36.73 -36.94
C ALA F 528 -51.24 -36.42 -36.93
N SER F 529 -50.87 -35.13 -37.06
CA SER F 529 -49.47 -34.76 -37.02
C SER F 529 -48.85 -35.06 -35.66
N LEU F 530 -49.60 -34.85 -34.59
CA LEU F 530 -49.09 -35.06 -33.25
C LEU F 530 -48.85 -36.53 -32.94
N ILE F 531 -49.66 -37.43 -33.49
CA ILE F 531 -49.49 -38.85 -33.21
C ILE F 531 -48.75 -39.61 -34.31
N ARG F 532 -48.53 -39.02 -35.48
CA ARG F 532 -47.95 -39.77 -36.59
C ARG F 532 -46.56 -40.28 -36.24
N GLY F 533 -46.37 -41.59 -36.37
CA GLY F 533 -45.08 -42.21 -36.16
C GLY F 533 -44.65 -42.31 -34.72
N ASN F 534 -45.52 -42.00 -33.77
CA ASN F 534 -45.18 -41.97 -32.35
C ASN F 534 -45.99 -43.07 -31.66
N ARG F 535 -45.29 -44.15 -31.29
CA ARG F 535 -45.96 -45.28 -30.64
C ARG F 535 -46.60 -44.86 -29.33
N THR F 536 -45.89 -44.06 -28.53
CA THR F 536 -46.42 -43.66 -27.24
C THR F 536 -47.71 -42.86 -27.41
N ASN F 537 -47.72 -41.90 -28.33
CA ASN F 537 -48.92 -41.09 -28.52
C ASN F 537 -50.05 -41.91 -29.13
N CYS F 538 -49.73 -42.83 -30.04
CA CYS F 538 -50.77 -43.65 -30.65
C CYS F 538 -51.38 -44.62 -29.66
N ALA F 539 -50.60 -45.13 -28.71
CA ALA F 539 -51.13 -46.09 -27.74
C ALA F 539 -52.16 -45.47 -26.82
N LEU F 540 -52.22 -44.13 -26.73
CA LEU F 540 -53.20 -43.49 -25.87
C LEU F 540 -54.62 -43.82 -26.31
N PHE F 541 -54.82 -44.09 -27.60
CA PHE F 541 -56.15 -44.36 -28.13
C PHE F 541 -56.63 -45.78 -27.82
N SER F 542 -55.79 -46.63 -27.25
CA SER F 542 -56.23 -47.97 -26.88
C SER F 542 -57.33 -47.90 -25.83
N THR F 543 -57.43 -46.79 -25.10
CA THR F 543 -58.45 -46.65 -24.06
C THR F 543 -59.72 -45.98 -24.56
N ASN F 544 -59.63 -45.12 -25.57
CA ASN F 544 -60.76 -44.38 -26.10
C ASN F 544 -60.84 -44.55 -27.62
N LEU F 545 -60.68 -45.79 -28.08
CA LEU F 545 -60.80 -46.07 -29.50
C LEU F 545 -62.19 -45.75 -30.02
N ASP F 546 -63.24 -46.06 -29.24
CA ASP F 546 -64.60 -45.74 -29.67
C ASP F 546 -64.76 -44.26 -29.96
N TRP F 547 -64.07 -43.41 -29.18
CA TRP F 547 -64.11 -41.97 -29.45
C TRP F 547 -63.73 -41.67 -30.88
N LEU F 548 -62.74 -42.38 -31.41
CA LEU F 548 -62.27 -42.13 -32.78
C LEU F 548 -63.12 -42.84 -33.80
N VAL F 549 -63.51 -44.10 -33.53
CA VAL F 549 -64.24 -44.87 -34.53
C VAL F 549 -65.64 -44.31 -34.74
N SER F 550 -66.28 -43.84 -33.66
CA SER F 550 -67.63 -43.33 -33.78
C SER F 550 -67.72 -42.09 -34.68
N LYS F 551 -66.60 -41.42 -34.93
CA LYS F 551 -66.57 -40.22 -35.74
C LYS F 551 -66.23 -40.48 -37.20
N LEU F 552 -66.05 -41.74 -37.59
CA LEU F 552 -65.63 -42.04 -38.95
C LEU F 552 -66.68 -41.61 -39.97
N ASP F 553 -67.95 -41.60 -39.59
CA ASP F 553 -69.02 -41.27 -40.53
C ASP F 553 -69.32 -39.78 -40.60
N ARG F 554 -68.69 -38.96 -39.75
CA ARG F 554 -68.86 -37.51 -39.86
C ARG F 554 -68.39 -37.04 -41.23
N LEU F 555 -69.21 -36.21 -41.87
CA LEU F 555 -68.98 -35.82 -43.25
C LEU F 555 -68.14 -34.56 -43.39
N GLU F 556 -67.87 -33.84 -42.30
CA GLU F 556 -67.11 -32.60 -42.41
C GLU F 556 -65.62 -32.85 -42.50
N ALA F 557 -65.12 -33.89 -41.83
CA ALA F 557 -63.68 -34.17 -41.78
C ALA F 557 -63.44 -35.67 -41.94
N SER F 558 -64.11 -36.29 -42.91
CA SER F 558 -64.01 -37.73 -43.08
C SER F 558 -62.57 -38.15 -43.35
N SER F 559 -61.91 -37.49 -44.29
CA SER F 559 -60.55 -37.89 -44.65
C SER F 559 -59.58 -37.67 -43.49
N GLY F 560 -59.73 -36.56 -42.76
CA GLY F 560 -58.86 -36.32 -41.62
C GLY F 560 -59.03 -37.35 -40.53
N ILE F 561 -60.28 -37.70 -40.21
CA ILE F 561 -60.53 -38.70 -39.19
C ILE F 561 -59.98 -40.05 -39.62
N LEU F 562 -60.16 -40.40 -40.90
CA LEU F 562 -59.61 -41.65 -41.40
C LEU F 562 -58.09 -41.65 -41.31
N GLU F 563 -57.46 -40.52 -41.60
CA GLU F 563 -56.00 -40.43 -41.48
C GLU F 563 -55.54 -40.62 -40.05
N VAL F 564 -56.26 -40.02 -39.10
CA VAL F 564 -55.92 -40.22 -37.68
C VAL F 564 -56.01 -41.69 -37.32
N LEU F 565 -57.09 -42.35 -37.73
CA LEU F 565 -57.25 -43.77 -37.45
C LEU F 565 -56.15 -44.58 -38.09
N TYR F 566 -55.78 -44.24 -39.32
CA TYR F 566 -54.72 -44.96 -40.02
C TYR F 566 -53.41 -44.84 -39.27
N CYS F 567 -53.07 -43.63 -38.81
CA CYS F 567 -51.84 -43.48 -38.03
C CYS F 567 -51.87 -44.33 -36.78
N VAL F 568 -52.98 -44.27 -36.04
CA VAL F 568 -53.08 -45.00 -34.78
C VAL F 568 -52.90 -46.49 -35.02
N LEU F 569 -53.60 -47.03 -36.03
CA LEU F 569 -53.53 -48.47 -36.29
C LEU F 569 -52.16 -48.87 -36.82
N ILE F 570 -51.54 -48.02 -37.63
CA ILE F 570 -50.23 -48.35 -38.18
C ILE F 570 -49.20 -48.41 -37.07
N GLU F 571 -49.31 -47.56 -36.05
CA GLU F 571 -48.26 -47.48 -35.04
C GLU F 571 -48.51 -48.31 -33.79
N SER F 572 -49.75 -48.57 -33.40
CA SER F 572 -50.02 -49.15 -32.09
C SER F 572 -50.56 -50.57 -32.19
N PRO F 573 -49.78 -51.59 -31.82
CA PRO F 573 -50.38 -52.93 -31.64
C PRO F 573 -51.40 -53.01 -30.53
N GLU F 574 -51.28 -52.14 -29.52
CA GLU F 574 -52.23 -52.19 -28.40
C GLU F 574 -53.65 -51.93 -28.88
N VAL F 575 -53.82 -50.97 -29.78
CA VAL F 575 -55.14 -50.72 -30.36
C VAL F 575 -55.61 -51.93 -31.16
N LEU F 576 -54.70 -52.54 -31.92
CA LEU F 576 -55.05 -53.74 -32.66
C LEU F 576 -55.57 -54.84 -31.75
N ASN F 577 -55.03 -54.95 -30.54
CA ASN F 577 -55.44 -56.01 -29.62
C ASN F 577 -56.78 -55.73 -28.94
N ILE F 578 -57.30 -54.51 -29.02
CA ILE F 578 -58.58 -54.17 -28.43
C ILE F 578 -59.63 -53.86 -29.50
N ILE F 579 -59.24 -53.89 -30.78
CA ILE F 579 -60.22 -53.75 -31.85
C ILE F 579 -61.33 -54.78 -31.68
N GLN F 580 -62.54 -54.44 -32.09
CA GLN F 580 -63.70 -55.28 -31.90
C GLN F 580 -64.55 -55.34 -33.17
N GLU F 581 -65.53 -56.25 -33.14
CA GLU F 581 -66.36 -56.50 -34.30
C GLU F 581 -67.15 -55.25 -34.69
N ASN F 582 -67.64 -54.48 -33.72
CA ASN F 582 -68.37 -53.27 -34.05
C ASN F 582 -67.46 -52.25 -34.73
N HIS F 583 -66.21 -52.15 -34.27
CA HIS F 583 -65.26 -51.25 -34.92
C HIS F 583 -65.01 -51.69 -36.37
N ILE F 584 -64.81 -52.99 -36.58
CA ILE F 584 -64.57 -53.47 -37.93
C ILE F 584 -65.78 -53.22 -38.82
N LYS F 585 -66.98 -53.44 -38.27
CA LYS F 585 -68.19 -53.17 -39.04
C LYS F 585 -68.33 -51.70 -39.38
N SER F 586 -67.96 -50.80 -38.47
CA SER F 586 -67.99 -49.37 -38.79
C SER F 586 -67.01 -49.04 -39.91
N ILE F 587 -65.81 -49.63 -39.86
CA ILE F 587 -64.84 -49.36 -40.91
C ILE F 587 -65.34 -49.87 -42.25
N ILE F 588 -66.00 -51.03 -42.26
CA ILE F 588 -66.57 -51.55 -43.51
C ILE F 588 -67.73 -50.69 -43.98
N SER F 589 -68.53 -50.19 -43.04
CA SER F 589 -69.60 -49.27 -43.39
C SER F 589 -69.04 -48.01 -44.02
N LEU F 590 -67.81 -47.63 -43.67
CA LEU F 590 -67.17 -46.52 -44.37
C LEU F 590 -67.04 -46.83 -45.87
N LEU F 591 -66.60 -48.03 -46.22
CA LEU F 591 -66.57 -48.43 -47.62
C LEU F 591 -67.97 -48.40 -48.22
N ASP F 592 -68.95 -48.90 -47.48
CA ASP F 592 -70.31 -48.98 -48.00
C ASP F 592 -70.87 -47.60 -48.31
N LYS F 593 -70.61 -46.61 -47.45
CA LYS F 593 -71.30 -45.32 -47.51
C LYS F 593 -70.49 -44.23 -48.19
N HIS F 594 -69.17 -44.35 -48.29
CA HIS F 594 -68.35 -43.30 -48.86
C HIS F 594 -67.77 -43.65 -50.23
N GLY F 595 -67.81 -44.91 -50.62
CA GLY F 595 -67.33 -45.33 -51.93
C GLY F 595 -66.11 -46.23 -51.81
N ARG F 596 -65.53 -46.53 -52.97
CA ARG F 596 -64.39 -47.44 -53.05
C ARG F 596 -63.11 -46.63 -52.87
N ASN F 597 -62.72 -46.44 -51.62
CA ASN F 597 -61.54 -45.68 -51.24
C ASN F 597 -60.47 -46.67 -50.78
N HIS F 598 -59.30 -46.63 -51.43
CA HIS F 598 -58.25 -47.59 -51.11
C HIS F 598 -57.66 -47.34 -49.73
N LYS F 599 -57.84 -46.13 -49.18
CA LYS F 599 -57.35 -45.87 -47.83
C LYS F 599 -58.08 -46.68 -46.78
N VAL F 600 -59.38 -46.93 -46.98
CA VAL F 600 -60.11 -47.80 -46.07
C VAL F 600 -59.57 -49.22 -46.14
N LEU F 601 -59.25 -49.69 -47.36
CA LEU F 601 -58.62 -51.00 -47.50
C LEU F 601 -57.27 -51.03 -46.80
N ASP F 602 -56.51 -49.93 -46.87
CA ASP F 602 -55.25 -49.85 -46.15
C ASP F 602 -55.45 -49.96 -44.65
N VAL F 603 -56.48 -49.28 -44.12
CA VAL F 603 -56.79 -49.38 -42.71
C VAL F 603 -57.13 -50.82 -42.33
N LEU F 604 -57.96 -51.47 -43.15
CA LEU F 604 -58.29 -52.87 -42.88
C LEU F 604 -57.06 -53.75 -42.93
N CYS F 605 -56.16 -53.51 -43.88
CA CYS F 605 -54.92 -54.28 -43.95
C CYS F 605 -54.10 -54.09 -42.69
N SER F 606 -53.97 -52.85 -42.23
CA SER F 606 -53.19 -52.58 -41.03
C SER F 606 -53.83 -53.20 -39.80
N LEU F 607 -55.14 -53.42 -39.82
CA LEU F 607 -55.80 -54.11 -38.71
C LEU F 607 -55.36 -55.57 -38.59
N CYS F 608 -54.83 -56.17 -39.66
CA CYS F 608 -54.55 -57.60 -39.64
C CYS F 608 -53.18 -57.90 -39.04
N VAL F 609 -52.14 -57.20 -39.47
CA VAL F 609 -50.77 -57.50 -39.08
C VAL F 609 -50.08 -56.20 -38.69
N CYS F 610 -49.39 -56.21 -37.56
CA CYS F 610 -48.59 -55.08 -37.10
C CYS F 610 -47.25 -55.59 -36.61
N ASN F 611 -46.16 -55.07 -37.19
CA ASN F 611 -44.81 -55.43 -36.78
C ASN F 611 -44.58 -56.94 -36.87
N GLY F 612 -45.10 -57.56 -37.93
CA GLY F 612 -44.85 -58.95 -38.19
C GLY F 612 -45.64 -59.92 -37.33
N VAL F 613 -46.64 -59.45 -36.59
CA VAL F 613 -47.49 -60.30 -35.78
C VAL F 613 -48.92 -60.13 -36.25
N ALA F 614 -49.61 -61.24 -36.49
CA ALA F 614 -50.96 -61.23 -37.02
C ALA F 614 -51.97 -61.36 -35.89
N VAL F 615 -53.10 -60.68 -36.06
CA VAL F 615 -54.21 -60.76 -35.11
C VAL F 615 -55.29 -61.61 -35.76
N ARG F 616 -55.42 -62.86 -35.30
CA ARG F 616 -56.34 -63.80 -35.91
C ARG F 616 -57.77 -63.33 -35.78
N SER F 617 -58.12 -62.75 -34.63
CA SER F 617 -59.50 -62.28 -34.44
C SER F 617 -59.84 -61.20 -35.45
N ASN F 618 -58.93 -60.25 -35.66
CA ASN F 618 -59.18 -59.19 -36.64
C ASN F 618 -59.27 -59.77 -38.05
N GLN F 619 -58.36 -60.67 -38.39
CA GLN F 619 -58.41 -61.29 -39.71
C GLN F 619 -59.74 -61.99 -39.94
N ASP F 620 -60.17 -62.79 -38.98
CA ASP F 620 -61.42 -63.54 -39.12
C ASP F 620 -62.62 -62.60 -39.20
N LEU F 621 -62.63 -61.54 -38.37
CA LEU F 621 -63.76 -60.62 -38.40
C LEU F 621 -63.85 -59.90 -39.73
N ILE F 622 -62.72 -59.44 -40.27
CA ILE F 622 -62.74 -58.80 -41.58
C ILE F 622 -63.23 -59.78 -42.64
N THR F 623 -62.70 -61.01 -42.61
CA THR F 623 -63.10 -62.00 -43.62
C THR F 623 -64.60 -62.29 -43.54
N GLU F 624 -65.13 -62.41 -42.32
CA GLU F 624 -66.53 -62.76 -42.14
C GLU F 624 -67.48 -61.61 -42.45
N ASN F 625 -67.06 -60.36 -42.26
CA ASN F 625 -67.95 -59.23 -42.44
C ASN F 625 -67.76 -58.49 -43.76
N LEU F 626 -66.73 -58.82 -44.53
CA LEU F 626 -66.50 -58.12 -45.80
C LEU F 626 -66.61 -59.01 -47.02
N LEU F 627 -66.13 -60.24 -46.98
CA LEU F 627 -66.04 -61.08 -48.17
C LEU F 627 -67.36 -61.72 -48.57
N PRO F 628 -68.08 -62.38 -47.65
CA PRO F 628 -69.22 -63.20 -48.10
C PRO F 628 -70.30 -62.42 -48.85
N GLY F 629 -70.49 -61.14 -48.52
CA GLY F 629 -71.52 -60.37 -49.20
C GLY F 629 -71.26 -60.25 -50.69
N ARG F 630 -69.99 -60.10 -51.08
CA ARG F 630 -69.62 -59.99 -52.49
C ARG F 630 -70.33 -58.82 -53.16
N GLU F 631 -70.56 -57.75 -52.39
CA GLU F 631 -71.23 -56.57 -52.91
C GLU F 631 -70.38 -55.30 -52.85
N LEU F 632 -69.27 -55.31 -52.12
CA LEU F 632 -68.42 -54.14 -51.97
C LEU F 632 -67.13 -54.24 -52.77
N LEU F 633 -66.40 -55.32 -52.62
CA LEU F 633 -65.18 -55.54 -53.40
C LEU F 633 -65.53 -55.96 -54.82
N LEU F 634 -64.66 -55.60 -55.76
CA LEU F 634 -64.84 -56.01 -57.13
C LEU F 634 -64.61 -57.51 -57.27
N GLN F 635 -65.46 -58.17 -58.05
CA GLN F 635 -65.43 -59.62 -58.20
C GLN F 635 -64.80 -59.99 -59.54
N THR F 636 -64.04 -61.08 -59.52
CA THR F 636 -63.36 -61.58 -60.70
C THR F 636 -63.74 -63.03 -60.96
N ASN F 637 -63.66 -63.43 -62.22
CA ASN F 637 -63.96 -64.79 -62.63
C ASN F 637 -63.62 -64.96 -64.10
N LEU F 638 -63.36 -66.19 -64.50
CA LEU F 638 -63.10 -66.52 -65.89
C LEU F 638 -64.42 -66.89 -66.56
N ILE F 639 -64.69 -66.25 -67.71
CA ILE F 639 -65.93 -66.47 -68.43
C ILE F 639 -65.62 -66.73 -69.89
N ASN F 640 -66.55 -67.40 -70.57
CA ASN F 640 -66.39 -67.69 -71.98
C ASN F 640 -66.78 -66.48 -72.83
N TYR F 641 -66.12 -66.35 -73.97
CA TYR F 641 -66.57 -65.42 -74.99
C TYR F 641 -67.80 -65.98 -75.69
N VAL F 642 -68.78 -65.12 -75.94
CA VAL F 642 -70.02 -65.51 -76.59
C VAL F 642 -70.25 -64.59 -77.78
N THR F 643 -70.67 -65.17 -78.90
CA THR F 643 -70.92 -64.44 -80.12
C THR F 643 -72.26 -64.86 -80.71
N SER F 644 -72.79 -64.02 -81.60
CA SER F 644 -74.09 -64.22 -82.22
C SER F 644 -73.94 -64.25 -83.73
N ILE F 645 -74.77 -65.06 -84.39
CA ILE F 645 -74.79 -65.17 -85.83
C ILE F 645 -76.25 -65.13 -86.28
N ARG F 646 -76.51 -64.41 -87.37
CA ARG F 646 -77.85 -64.25 -87.91
C ARG F 646 -77.82 -64.40 -89.42
N PRO F 647 -78.90 -64.87 -90.02
CA PRO F 647 -79.09 -64.66 -91.46
C PRO F 647 -79.58 -63.25 -91.73
N ASN F 648 -79.27 -62.76 -92.93
CA ASN F 648 -79.69 -61.41 -93.28
C ASN F 648 -81.18 -61.41 -93.60
N ILE F 649 -82.00 -61.76 -92.62
CA ILE F 649 -83.45 -61.79 -92.75
C ILE F 649 -84.03 -60.84 -91.72
N PHE F 650 -84.75 -59.82 -92.18
CA PHE F 650 -85.26 -58.77 -91.32
C PHE F 650 -86.75 -58.60 -91.58
N VAL F 651 -87.56 -58.77 -90.54
CA VAL F 651 -89.01 -58.69 -90.64
C VAL F 651 -89.52 -57.77 -89.54
N GLY F 652 -90.63 -57.09 -89.81
CA GLY F 652 -91.20 -56.17 -88.85
C GLY F 652 -92.61 -55.82 -89.22
N ARG F 653 -93.23 -54.99 -88.39
CA ARG F 653 -94.59 -54.53 -88.60
C ARG F 653 -94.65 -53.02 -88.54
N ALA F 654 -95.44 -52.44 -89.43
CA ALA F 654 -95.71 -51.01 -89.42
C ALA F 654 -96.97 -50.76 -90.23
N GLU F 655 -97.64 -49.65 -89.92
CA GLU F 655 -98.87 -49.30 -90.61
C GLU F 655 -98.59 -49.03 -92.08
N GLY F 656 -99.21 -49.83 -92.96
CA GLY F 656 -98.99 -49.71 -94.38
C GLY F 656 -97.76 -50.44 -94.90
N SER F 657 -97.06 -51.17 -94.04
CA SER F 657 -95.85 -51.89 -94.45
C SER F 657 -96.20 -52.99 -95.44
N THR F 658 -95.22 -53.33 -96.28
CA THR F 658 -95.38 -54.36 -97.31
C THR F 658 -94.87 -55.72 -96.85
N GLN F 659 -94.69 -55.91 -95.54
CA GLN F 659 -94.05 -57.09 -95.01
C GLN F 659 -95.08 -58.02 -94.36
N TYR F 660 -94.91 -59.32 -94.60
CA TYR F 660 -95.76 -60.31 -93.96
C TYR F 660 -95.49 -60.36 -92.46
N GLY F 661 -96.48 -60.82 -91.71
CA GLY F 661 -96.44 -60.73 -90.26
C GLY F 661 -96.05 -61.99 -89.53
N LYS F 662 -96.17 -63.16 -90.16
CA LYS F 662 -95.92 -64.44 -89.52
C LYS F 662 -94.71 -65.10 -90.19
N TRP F 663 -93.74 -65.50 -89.38
CA TRP F 663 -92.49 -66.06 -89.89
C TRP F 663 -92.08 -67.26 -89.04
N TYR F 664 -91.28 -68.14 -89.64
CA TYR F 664 -90.94 -69.42 -89.05
C TYR F 664 -89.56 -69.84 -89.51
N PHE F 665 -88.77 -70.40 -88.60
CA PHE F 665 -87.48 -70.97 -88.98
C PHE F 665 -87.10 -72.05 -87.99
N GLU F 666 -86.01 -72.77 -88.29
CA GLU F 666 -85.55 -73.86 -87.44
C GLU F 666 -84.04 -73.82 -87.29
N VAL F 667 -83.56 -74.44 -86.21
CA VAL F 667 -82.14 -74.61 -85.96
C VAL F 667 -81.91 -76.05 -85.54
N MET F 668 -81.00 -76.74 -86.21
CA MET F 668 -80.64 -78.12 -85.89
C MET F 668 -79.27 -78.13 -85.24
N VAL F 669 -79.15 -78.82 -84.11
CA VAL F 669 -77.91 -78.88 -83.36
C VAL F 669 -77.19 -80.18 -83.71
N ASP F 670 -75.99 -80.07 -84.27
CA ASP F 670 -75.22 -81.25 -84.68
C ASP F 670 -74.21 -81.68 -83.61
N GLU F 671 -73.43 -80.74 -83.07
CA GLU F 671 -72.44 -81.05 -82.05
C GLU F 671 -72.49 -79.98 -80.97
N VAL F 672 -72.45 -80.41 -79.71
CA VAL F 672 -72.35 -79.51 -78.57
C VAL F 672 -71.42 -80.15 -77.55
N ALA F 673 -70.33 -79.44 -77.22
CA ALA F 673 -69.46 -79.86 -76.13
C ALA F 673 -69.92 -79.13 -74.88
N PRO F 674 -70.63 -79.81 -73.97
CA PRO F 674 -71.25 -79.08 -72.85
C PRO F 674 -70.28 -78.28 -72.01
N PHE F 675 -69.06 -78.78 -71.81
CA PHE F 675 -68.09 -78.18 -70.91
C PHE F 675 -66.72 -78.13 -71.57
N LEU F 676 -66.66 -77.59 -72.79
CA LEU F 676 -65.38 -77.42 -73.47
C LEU F 676 -64.39 -76.68 -72.58
N THR F 677 -64.88 -75.72 -71.80
CA THR F 677 -64.10 -75.05 -70.76
C THR F 677 -64.80 -75.25 -69.42
N ALA F 678 -64.26 -74.60 -68.38
CA ALA F 678 -64.81 -74.77 -67.04
C ALA F 678 -66.22 -74.19 -66.92
N GLN F 679 -66.60 -73.27 -67.80
CA GLN F 679 -67.94 -72.69 -67.79
C GLN F 679 -68.80 -73.40 -68.82
N ALA F 680 -70.05 -73.67 -68.43
CA ALA F 680 -70.95 -74.43 -69.30
C ALA F 680 -71.09 -73.75 -70.65
N THR F 681 -71.07 -74.55 -71.70
CA THR F 681 -71.19 -74.02 -73.06
C THR F 681 -72.53 -73.31 -73.23
N HIS F 682 -72.48 -72.15 -73.87
CA HIS F 682 -73.65 -71.32 -74.12
C HIS F 682 -74.17 -71.61 -75.52
N LEU F 683 -75.48 -71.83 -75.63
CA LEU F 683 -76.12 -72.04 -76.92
C LEU F 683 -77.59 -71.67 -76.79
N ARG F 684 -78.00 -70.63 -77.51
CA ARG F 684 -79.36 -70.11 -77.44
C ARG F 684 -79.84 -69.74 -78.83
N VAL F 685 -81.13 -69.93 -79.07
CA VAL F 685 -81.76 -69.65 -80.35
C VAL F 685 -82.97 -68.74 -80.11
N GLY F 686 -83.22 -67.83 -81.04
CA GLY F 686 -84.41 -67.00 -80.90
C GLY F 686 -84.45 -65.87 -81.90
N TRP F 687 -85.13 -64.80 -81.51
CA TRP F 687 -85.28 -63.59 -82.31
C TRP F 687 -84.67 -62.42 -81.57
N ALA F 688 -84.27 -61.40 -82.34
CA ALA F 688 -83.72 -60.18 -81.76
C ALA F 688 -84.15 -59.00 -82.63
N LEU F 689 -84.21 -57.83 -82.00
CA LEU F 689 -84.63 -56.61 -82.68
C LEU F 689 -83.41 -55.94 -83.30
N SER F 690 -83.56 -55.45 -84.52
CA SER F 690 -82.42 -54.92 -85.27
C SER F 690 -81.75 -53.78 -84.51
N GLU F 691 -82.53 -52.77 -84.11
CA GLU F 691 -81.98 -51.61 -83.41
C GLU F 691 -82.06 -51.87 -81.91
N GLY F 692 -80.93 -52.22 -81.32
CA GLY F 692 -80.86 -52.42 -79.89
C GLY F 692 -80.07 -53.64 -79.48
N TYR F 693 -80.14 -54.70 -80.29
CA TYR F 693 -79.39 -55.92 -80.00
C TYR F 693 -77.98 -55.77 -80.55
N SER F 694 -77.03 -55.49 -79.67
CA SER F 694 -75.62 -55.28 -80.04
C SER F 694 -74.74 -55.82 -78.93
N PRO F 695 -74.66 -57.14 -78.79
CA PRO F 695 -73.78 -57.73 -77.77
C PRO F 695 -72.33 -57.71 -78.23
N TYR F 696 -71.54 -56.84 -77.62
CA TYR F 696 -70.15 -56.74 -78.02
C TYR F 696 -69.31 -57.82 -77.34
N PRO F 697 -68.23 -58.27 -77.97
CA PRO F 697 -67.41 -59.33 -77.35
C PRO F 697 -66.87 -58.88 -76.01
N GLY F 698 -66.81 -59.82 -75.07
CA GLY F 698 -66.18 -59.56 -73.78
C GLY F 698 -67.16 -59.29 -72.67
N GLY F 699 -67.00 -58.15 -72.00
CA GLY F 699 -67.85 -57.81 -70.89
C GLY F 699 -69.19 -57.27 -71.33
N GLY F 700 -70.09 -57.17 -70.36
CA GLY F 700 -71.42 -56.65 -70.62
C GLY F 700 -72.31 -56.71 -69.40
N GLU F 701 -73.59 -56.99 -69.60
CA GLU F 701 -74.52 -57.08 -68.48
C GLU F 701 -74.24 -58.33 -67.65
N GLY F 702 -74.51 -58.22 -66.36
CA GLY F 702 -74.29 -59.35 -65.48
C GLY F 702 -72.83 -59.75 -65.46
N TRP F 703 -72.56 -61.02 -65.76
CA TRP F 703 -71.21 -61.57 -65.78
C TRP F 703 -70.71 -61.77 -67.20
N GLY F 704 -71.16 -60.94 -68.13
CA GLY F 704 -70.69 -61.03 -69.49
C GLY F 704 -71.27 -62.23 -70.24
N GLY F 705 -70.63 -62.58 -71.35
CA GLY F 705 -71.11 -63.67 -72.18
C GLY F 705 -72.54 -63.43 -72.63
N ASN F 706 -72.83 -62.23 -73.09
CA ASN F 706 -74.19 -61.84 -73.43
C ASN F 706 -74.57 -62.42 -74.78
N GLY F 707 -75.74 -63.05 -74.85
CA GLY F 707 -76.26 -63.60 -76.09
C GLY F 707 -77.73 -63.29 -76.26
N VAL F 708 -78.45 -64.20 -76.91
CA VAL F 708 -79.89 -64.01 -77.12
C VAL F 708 -80.59 -64.07 -75.77
N GLY F 709 -81.41 -63.07 -75.48
CA GLY F 709 -82.16 -63.02 -74.25
C GLY F 709 -81.44 -62.38 -73.08
N ASP F 710 -80.24 -61.84 -73.28
CA ASP F 710 -79.52 -61.16 -72.22
C ASP F 710 -79.83 -59.67 -72.17
N ASP F 711 -80.74 -59.20 -73.01
CA ASP F 711 -81.26 -57.84 -72.92
C ASP F 711 -82.74 -57.89 -73.29
N LEU F 712 -83.38 -56.73 -73.27
CA LEU F 712 -84.79 -56.63 -73.61
C LEU F 712 -85.01 -56.40 -75.11
N TYR F 713 -83.99 -56.68 -75.93
CA TYR F 713 -84.11 -56.59 -77.38
C TYR F 713 -84.07 -57.96 -78.05
N SER F 714 -83.96 -59.04 -77.27
CA SER F 714 -83.84 -60.38 -77.82
C SER F 714 -84.57 -61.36 -76.92
N TYR F 715 -84.96 -62.49 -77.50
CA TYR F 715 -85.79 -63.48 -76.82
C TYR F 715 -85.33 -64.85 -77.25
N GLY F 716 -84.72 -65.61 -76.32
CA GLY F 716 -84.03 -66.82 -76.68
C GLY F 716 -84.55 -68.03 -75.92
N PHE F 717 -84.16 -69.20 -76.42
CA PHE F 717 -84.52 -70.48 -75.85
C PHE F 717 -83.29 -71.37 -75.84
N ASP F 718 -83.03 -72.01 -74.70
CA ASP F 718 -81.84 -72.85 -74.54
C ASP F 718 -82.16 -74.30 -74.26
N GLY F 719 -83.41 -74.73 -74.40
CA GLY F 719 -83.84 -76.08 -74.13
C GLY F 719 -84.59 -76.23 -72.82
N LEU F 720 -84.21 -75.45 -71.80
CA LEU F 720 -84.84 -75.52 -70.50
C LEU F 720 -85.45 -74.20 -70.05
N HIS F 721 -84.97 -73.06 -70.54
CA HIS F 721 -85.39 -71.77 -70.05
C HIS F 721 -85.75 -70.86 -71.22
N LEU F 722 -86.61 -69.89 -70.94
CA LEU F 722 -86.87 -68.78 -71.85
C LEU F 722 -86.09 -67.57 -71.35
N TRP F 723 -85.24 -67.03 -72.20
CA TRP F 723 -84.30 -65.98 -71.82
C TRP F 723 -84.76 -64.64 -72.37
N THR F 724 -84.83 -63.65 -71.49
CA THR F 724 -85.10 -62.27 -71.90
C THR F 724 -84.76 -61.36 -70.73
N GLY F 725 -84.15 -60.23 -71.03
CA GLY F 725 -83.73 -59.32 -69.97
C GLY F 725 -82.73 -59.91 -69.02
N HIS F 726 -81.89 -60.83 -69.49
CA HIS F 726 -80.86 -61.46 -68.67
C HIS F 726 -81.46 -62.26 -67.52
N VAL F 727 -82.66 -62.79 -67.70
CA VAL F 727 -83.33 -63.60 -66.69
C VAL F 727 -83.74 -64.91 -67.33
N ALA F 728 -83.41 -66.02 -66.68
CA ALA F 728 -83.78 -67.35 -67.16
C ALA F 728 -85.05 -67.80 -66.44
N ARG F 729 -86.09 -68.07 -67.21
CA ARG F 729 -87.35 -68.54 -66.65
C ARG F 729 -87.62 -69.95 -67.13
N PRO F 730 -87.66 -70.95 -66.24
CA PRO F 730 -87.86 -72.33 -66.70
C PRO F 730 -89.16 -72.48 -67.47
N VAL F 731 -89.11 -73.28 -68.53
CA VAL F 731 -90.25 -73.55 -69.39
C VAL F 731 -90.35 -75.06 -69.57
N THR F 732 -91.58 -75.58 -69.46
CA THR F 732 -91.80 -77.01 -69.50
C THR F 732 -91.99 -77.48 -70.93
N SER F 733 -91.30 -78.57 -71.28
CA SER F 733 -91.47 -79.25 -72.55
C SER F 733 -91.26 -80.73 -72.32
N PRO F 734 -91.87 -81.59 -73.14
CA PRO F 734 -91.63 -83.04 -72.97
C PRO F 734 -90.15 -83.36 -73.13
N GLY F 735 -89.64 -84.18 -72.22
CA GLY F 735 -88.25 -84.58 -72.27
C GLY F 735 -87.30 -83.40 -72.12
N GLN F 736 -87.55 -82.56 -71.12
CA GLN F 736 -86.72 -81.37 -70.91
C GLN F 736 -85.24 -81.73 -70.90
N HIS F 737 -84.45 -80.93 -71.61
CA HIS F 737 -83.00 -81.08 -71.56
C HIS F 737 -82.37 -79.91 -72.29
N LEU F 738 -81.18 -79.51 -71.84
CA LEU F 738 -80.42 -78.48 -72.52
C LEU F 738 -80.13 -78.92 -73.94
N LEU F 739 -80.18 -77.97 -74.88
CA LEU F 739 -79.97 -78.25 -76.29
C LEU F 739 -78.80 -79.20 -76.49
N ALA F 740 -79.06 -80.31 -77.17
CA ALA F 740 -78.11 -81.39 -77.37
C ALA F 740 -78.06 -81.74 -78.85
N PRO F 741 -77.10 -82.57 -79.26
CA PRO F 741 -77.03 -82.96 -80.67
C PRO F 741 -78.32 -83.63 -81.12
N GLU F 742 -78.69 -83.37 -82.37
CA GLU F 742 -79.89 -83.89 -83.04
C GLU F 742 -81.15 -83.16 -82.60
N ASP F 743 -81.04 -82.11 -81.80
CA ASP F 743 -82.20 -81.33 -81.40
C ASP F 743 -82.59 -80.37 -82.52
N VAL F 744 -83.89 -80.21 -82.72
CA VAL F 744 -84.43 -79.28 -83.71
C VAL F 744 -85.31 -78.29 -82.96
N VAL F 745 -84.92 -77.02 -83.00
CA VAL F 745 -85.68 -75.94 -82.37
C VAL F 745 -86.41 -75.18 -83.47
N SER F 746 -87.73 -75.12 -83.38
CA SER F 746 -88.56 -74.39 -84.32
C SER F 746 -89.04 -73.11 -83.65
N CYS F 747 -88.74 -71.97 -84.27
CA CYS F 747 -89.14 -70.68 -83.73
C CYS F 747 -90.14 -70.02 -84.67
N CYS F 748 -91.26 -69.58 -84.10
CA CYS F 748 -92.33 -68.92 -84.84
C CYS F 748 -92.54 -67.53 -84.25
N LEU F 749 -92.62 -66.53 -85.13
CA LEU F 749 -92.85 -65.14 -84.74
C LEU F 749 -94.13 -64.67 -85.41
N ASP F 750 -95.12 -64.28 -84.60
CA ASP F 750 -96.36 -63.72 -85.09
C ASP F 750 -96.39 -62.25 -84.67
N LEU F 751 -96.12 -61.36 -85.62
CA LEU F 751 -96.02 -59.94 -85.30
C LEU F 751 -97.37 -59.30 -85.04
N SER F 752 -98.48 -59.98 -85.31
CA SER F 752 -99.79 -59.38 -85.12
C SER F 752 -100.18 -59.32 -83.65
N VAL F 753 -99.74 -60.28 -82.84
CA VAL F 753 -100.17 -60.37 -81.45
C VAL F 753 -99.53 -59.24 -80.64
N PRO F 754 -98.20 -59.11 -80.59
CA PRO F 754 -97.12 -59.96 -81.12
C PRO F 754 -96.71 -61.06 -80.15
N SER F 755 -96.16 -62.15 -80.68
CA SER F 755 -95.78 -63.29 -79.87
C SER F 755 -94.64 -64.05 -80.52
N ILE F 756 -93.84 -64.72 -79.71
CA ILE F 756 -92.78 -65.61 -80.15
C ILE F 756 -92.99 -66.94 -79.45
N SER F 757 -93.04 -68.02 -80.23
CA SER F 757 -93.28 -69.36 -79.71
C SER F 757 -92.20 -70.30 -80.19
N PHE F 758 -91.99 -71.36 -79.42
CA PHE F 758 -90.94 -72.34 -79.68
C PHE F 758 -91.53 -73.75 -79.68
N ARG F 759 -90.85 -74.62 -80.40
CA ARG F 759 -91.14 -76.05 -80.42
C ARG F 759 -89.81 -76.78 -80.39
N ILE F 760 -89.74 -77.86 -79.63
CA ILE F 760 -88.51 -78.65 -79.50
C ILE F 760 -88.80 -80.06 -80.01
N ASN F 761 -88.11 -80.45 -81.07
CA ASN F 761 -88.31 -81.75 -81.70
C ASN F 761 -89.79 -81.99 -82.01
N GLY F 762 -90.46 -80.92 -82.44
CA GLY F 762 -91.86 -80.99 -82.77
C GLY F 762 -92.81 -80.86 -81.60
N CYS F 763 -92.31 -80.90 -80.36
CA CYS F 763 -93.18 -80.79 -79.21
C CYS F 763 -93.32 -79.32 -78.80
N PRO F 764 -94.52 -78.86 -78.44
CA PRO F 764 -94.66 -77.45 -78.05
C PRO F 764 -93.86 -77.14 -76.80
N VAL F 765 -93.30 -75.93 -76.76
CA VAL F 765 -92.64 -75.41 -75.57
C VAL F 765 -93.67 -74.57 -74.83
N GLN F 766 -94.00 -74.98 -73.61
CA GLN F 766 -95.11 -74.36 -72.88
C GLN F 766 -94.70 -73.00 -72.33
N GLY F 767 -94.46 -72.05 -73.22
CA GLY F 767 -94.10 -70.70 -72.83
C GLY F 767 -93.97 -69.80 -74.04
N VAL F 768 -94.32 -68.52 -73.88
CA VAL F 768 -94.31 -67.59 -75.00
C VAL F 768 -93.86 -66.21 -74.52
N PHE F 769 -93.18 -65.50 -75.42
CA PHE F 769 -92.95 -64.07 -75.28
C PHE F 769 -94.07 -63.34 -76.01
N GLU F 770 -94.53 -62.22 -75.45
CA GLU F 770 -95.58 -61.45 -76.09
C GLU F 770 -95.52 -60.00 -75.61
N SER F 771 -96.31 -59.17 -76.28
CA SER F 771 -96.46 -57.75 -75.92
C SER F 771 -95.10 -57.08 -75.79
N PHE F 772 -94.22 -57.34 -76.75
CA PHE F 772 -92.91 -56.72 -76.78
C PHE F 772 -92.89 -55.58 -77.79
N ASN F 773 -91.87 -54.73 -77.68
CA ASN F 773 -91.77 -53.57 -78.54
C ASN F 773 -91.62 -53.98 -79.99
N LEU F 774 -92.20 -53.19 -80.88
CA LEU F 774 -92.22 -53.48 -82.31
C LEU F 774 -91.61 -52.35 -83.13
N ASP F 775 -90.71 -51.58 -82.53
CA ASP F 775 -90.08 -50.45 -83.21
C ASP F 775 -88.73 -50.87 -83.78
N GLY F 776 -88.81 -51.73 -84.79
CA GLY F 776 -87.60 -52.22 -85.43
C GLY F 776 -87.91 -53.47 -86.22
N LEU F 777 -86.83 -54.07 -86.74
CA LEU F 777 -86.90 -55.28 -87.55
C LEU F 777 -86.35 -56.45 -86.75
N PHE F 778 -87.06 -57.57 -86.80
CA PHE F 778 -86.64 -58.79 -86.12
C PHE F 778 -85.88 -59.70 -87.08
N PHE F 779 -84.86 -60.37 -86.56
CA PHE F 779 -84.11 -61.33 -87.34
C PHE F 779 -83.87 -62.60 -86.54
N PRO F 780 -83.81 -63.75 -87.19
CA PRO F 780 -83.38 -64.97 -86.48
C PRO F 780 -81.97 -64.82 -85.97
N VAL F 781 -81.69 -65.39 -84.81
CA VAL F 781 -80.37 -65.24 -84.19
C VAL F 781 -80.07 -66.47 -83.36
N VAL F 782 -78.80 -66.86 -83.35
CA VAL F 782 -78.28 -67.90 -82.48
C VAL F 782 -77.03 -67.34 -81.81
N SER F 783 -76.97 -67.43 -80.48
CA SER F 783 -75.82 -67.03 -79.71
C SER F 783 -75.14 -68.28 -79.15
N PHE F 784 -73.82 -68.25 -79.06
CA PHE F 784 -73.10 -69.44 -78.65
C PHE F 784 -71.73 -69.08 -78.14
N SER F 785 -71.16 -69.99 -77.36
CA SER F 785 -69.75 -69.99 -77.03
C SER F 785 -69.05 -71.04 -77.89
N ALA F 786 -67.75 -71.19 -77.68
CA ALA F 786 -66.99 -72.17 -78.44
C ALA F 786 -67.45 -73.58 -78.09
N GLY F 787 -67.34 -74.48 -79.06
CA GLY F 787 -67.73 -75.85 -78.89
C GLY F 787 -69.11 -76.20 -79.41
N ILE F 788 -69.55 -75.56 -80.50
CA ILE F 788 -70.88 -75.77 -81.04
C ILE F 788 -70.82 -75.93 -82.55
N LYS F 789 -71.84 -76.61 -83.08
CA LYS F 789 -72.03 -76.78 -84.51
C LYS F 789 -73.55 -76.86 -84.71
N VAL F 790 -74.11 -75.88 -85.41
CA VAL F 790 -75.55 -75.80 -85.62
C VAL F 790 -75.80 -75.47 -87.08
N ARG F 791 -77.07 -75.59 -87.48
CA ARG F 791 -77.48 -75.31 -88.85
C ARG F 791 -78.82 -74.61 -88.85
N PHE F 792 -78.86 -73.43 -89.49
CA PHE F 792 -80.10 -72.72 -89.74
C PHE F 792 -80.84 -73.40 -90.87
N LEU F 793 -82.10 -73.75 -90.63
CA LEU F 793 -83.01 -74.24 -91.66
C LEU F 793 -84.05 -73.16 -91.90
N LEU F 794 -84.03 -72.57 -93.09
CA LEU F 794 -84.89 -71.44 -93.43
C LEU F 794 -85.91 -71.78 -94.50
N GLY F 795 -86.01 -73.03 -94.90
CA GLY F 795 -86.98 -73.45 -95.90
C GLY F 795 -86.47 -73.27 -97.32
N GLY F 796 -87.27 -73.74 -98.26
CA GLY F 796 -86.89 -73.63 -99.66
C GLY F 796 -85.58 -74.35 -99.92
N ARG F 797 -84.68 -73.67 -100.64
CA ARG F 797 -83.36 -74.20 -100.94
C ARG F 797 -82.33 -73.81 -99.89
N HIS F 798 -82.76 -73.31 -98.73
CA HIS F 798 -81.87 -72.85 -97.68
C HIS F 798 -82.10 -73.63 -96.39
N GLY F 799 -82.31 -74.94 -96.50
CA GLY F 799 -82.53 -75.77 -95.34
C GLY F 799 -83.94 -76.28 -95.26
N GLU F 800 -84.13 -77.57 -95.55
CA GLU F 800 -85.45 -78.17 -95.50
C GLU F 800 -85.92 -78.30 -94.05
N PHE F 801 -87.14 -77.84 -93.78
CA PHE F 801 -87.68 -77.95 -92.43
C PHE F 801 -87.90 -79.40 -92.05
N LYS F 802 -87.58 -79.74 -90.81
CA LYS F 802 -87.87 -81.06 -90.29
C LYS F 802 -89.30 -81.19 -89.78
N PHE F 803 -89.98 -80.07 -89.56
CA PHE F 803 -91.37 -80.06 -89.11
C PHE F 803 -92.15 -79.01 -89.89
N LEU F 804 -93.42 -79.29 -90.12
CA LEU F 804 -94.24 -78.39 -90.91
C LEU F 804 -94.43 -77.08 -90.15
N PRO F 805 -94.26 -75.92 -90.81
CA PRO F 805 -94.55 -74.66 -90.15
C PRO F 805 -96.01 -74.59 -89.73
N PRO F 806 -96.32 -73.97 -88.59
CA PRO F 806 -97.72 -73.84 -88.18
C PRO F 806 -98.51 -73.07 -89.22
N PRO F 807 -99.82 -73.31 -89.35
CA PRO F 807 -100.58 -72.70 -90.43
C PRO F 807 -100.47 -71.18 -90.43
N GLY F 808 -100.24 -70.62 -91.61
CA GLY F 808 -100.16 -69.18 -91.80
C GLY F 808 -98.75 -68.63 -91.72
N TYR F 809 -97.81 -69.36 -91.13
CA TYR F 809 -96.45 -68.87 -90.98
C TYR F 809 -95.65 -69.09 -92.25
N ALA F 810 -94.78 -68.14 -92.55
CA ALA F 810 -94.01 -68.15 -93.79
C ALA F 810 -92.59 -68.62 -93.53
N PRO F 811 -92.00 -69.40 -94.43
CA PRO F 811 -90.57 -69.73 -94.29
C PRO F 811 -89.73 -68.47 -94.30
N CYS F 812 -88.69 -68.45 -93.46
CA CYS F 812 -87.89 -67.25 -93.30
C CYS F 812 -87.12 -66.89 -94.57
N HIS F 813 -86.83 -67.89 -95.42
CA HIS F 813 -86.05 -67.60 -96.62
C HIS F 813 -86.78 -66.64 -97.54
N GLU F 814 -88.10 -66.53 -97.42
CA GLU F 814 -88.88 -65.61 -98.24
C GLU F 814 -88.67 -64.17 -97.88
N ALA F 815 -87.99 -63.87 -96.78
CA ALA F 815 -87.83 -62.50 -96.32
C ALA F 815 -86.56 -61.84 -96.83
N VAL F 816 -85.75 -62.55 -97.63
CA VAL F 816 -84.53 -61.95 -98.16
C VAL F 816 -84.91 -60.87 -99.16
N LEU F 817 -84.28 -59.71 -99.04
CA LEU F 817 -84.67 -58.55 -99.81
C LEU F 817 -84.22 -58.69 -101.27
N PRO F 818 -84.86 -57.94 -102.18
CA PRO F 818 -84.57 -58.14 -103.61
C PRO F 818 -83.11 -57.95 -103.98
N ARG F 819 -82.42 -56.99 -103.37
CA ARG F 819 -81.04 -56.67 -103.72
C ARG F 819 -80.06 -57.27 -102.71
N GLU F 820 -80.40 -58.43 -102.17
CA GLU F 820 -79.56 -59.11 -101.20
C GLU F 820 -79.54 -60.60 -101.51
N ARG F 821 -78.49 -61.27 -101.03
CA ARG F 821 -78.32 -62.70 -101.19
C ARG F 821 -78.22 -63.31 -99.79
N LEU F 822 -79.00 -64.37 -99.55
CA LEU F 822 -79.07 -64.95 -98.22
C LEU F 822 -77.72 -65.48 -97.78
N HIS F 823 -77.33 -65.16 -96.55
CA HIS F 823 -76.10 -65.65 -95.97
C HIS F 823 -76.10 -65.31 -94.49
N LEU F 824 -75.17 -65.92 -93.76
CA LEU F 824 -75.03 -65.69 -92.33
C LEU F 824 -73.97 -64.63 -92.08
N GLN F 825 -74.21 -63.80 -91.07
CA GLN F 825 -73.33 -62.68 -90.78
C GLN F 825 -73.31 -62.45 -89.28
N PRO F 826 -72.27 -61.82 -88.75
CA PRO F 826 -72.30 -61.36 -87.37
C PRO F 826 -73.14 -60.10 -87.22
N ILE F 827 -73.34 -59.68 -85.97
CA ILE F 827 -74.17 -58.53 -85.64
C ILE F 827 -73.27 -57.46 -85.04
N LYS F 828 -73.33 -56.26 -85.61
CA LYS F 828 -72.65 -55.08 -85.07
C LYS F 828 -71.19 -55.39 -84.74
N GLU F 829 -70.44 -55.73 -85.80
CA GLU F 829 -69.03 -56.04 -85.66
C GLU F 829 -68.20 -54.80 -85.95
N TYR F 830 -67.24 -54.53 -85.06
CA TYR F 830 -66.28 -53.45 -85.27
C TYR F 830 -64.97 -53.96 -85.83
N ARG F 831 -64.89 -55.23 -86.20
CA ARG F 831 -63.62 -55.84 -86.58
C ARG F 831 -63.91 -57.08 -87.41
N ARG F 832 -63.00 -57.37 -88.33
CA ARG F 832 -63.13 -58.53 -89.21
C ARG F 832 -61.74 -59.01 -89.59
N GLU F 833 -61.67 -60.19 -90.19
CA GLU F 833 -60.42 -60.67 -90.76
C GLU F 833 -60.32 -60.22 -92.21
N GLY F 834 -59.10 -60.07 -92.70
CA GLY F 834 -58.87 -59.69 -94.08
C GLY F 834 -57.54 -60.18 -94.57
N PRO F 835 -57.31 -60.06 -95.89
CA PRO F 835 -56.18 -60.77 -96.50
C PRO F 835 -54.85 -60.49 -95.82
N ARG F 836 -54.61 -59.26 -95.40
CA ARG F 836 -53.33 -58.88 -94.81
C ARG F 836 -53.42 -58.60 -93.31
N GLY F 837 -54.56 -58.89 -92.68
CA GLY F 837 -54.69 -58.68 -91.26
C GLY F 837 -56.08 -58.27 -90.84
N PRO F 838 -56.23 -57.82 -89.60
CA PRO F 838 -57.55 -57.38 -89.13
C PRO F 838 -57.99 -56.09 -89.81
N HIS F 839 -59.26 -56.05 -90.19
CA HIS F 839 -59.90 -54.87 -90.74
C HIS F 839 -60.79 -54.25 -89.68
N LEU F 840 -60.64 -52.96 -89.46
CA LEU F 840 -61.56 -52.23 -88.60
C LEU F 840 -62.78 -51.80 -89.41
N VAL F 841 -63.96 -51.93 -88.79
CA VAL F 841 -65.23 -51.72 -89.47
C VAL F 841 -66.01 -50.67 -88.69
N GLY F 842 -66.56 -49.68 -89.40
CA GLY F 842 -67.41 -48.70 -88.80
C GLY F 842 -68.82 -49.21 -88.62
N PRO F 843 -69.70 -48.33 -88.13
CA PRO F 843 -71.09 -48.73 -87.90
C PRO F 843 -71.75 -49.21 -89.18
N SER F 844 -72.66 -50.16 -89.03
CA SER F 844 -73.41 -50.68 -90.16
C SER F 844 -74.70 -49.87 -90.35
N ARG F 845 -75.05 -49.62 -91.60
CA ARG F 845 -76.29 -48.92 -91.91
C ARG F 845 -77.44 -49.92 -91.88
N CYS F 846 -78.33 -49.76 -90.92
CA CYS F 846 -79.42 -50.69 -90.70
C CYS F 846 -80.73 -50.13 -91.25
N LEU F 847 -81.55 -51.01 -91.81
CA LEU F 847 -82.88 -50.64 -92.24
C LEU F 847 -83.81 -50.51 -91.05
N SER F 848 -84.91 -49.81 -91.25
CA SER F 848 -85.92 -49.62 -90.23
C SER F 848 -87.24 -50.21 -90.70
N HIS F 849 -88.08 -50.60 -89.74
CA HIS F 849 -89.38 -51.16 -90.07
C HIS F 849 -90.21 -50.18 -90.87
N LEU F 850 -89.95 -48.88 -90.74
CA LEU F 850 -90.64 -47.86 -91.50
C LEU F 850 -90.09 -47.69 -92.92
N ASP F 851 -88.98 -48.34 -93.24
CA ASP F 851 -88.44 -48.32 -94.59
C ASP F 851 -89.21 -49.23 -95.54
N PHE F 852 -90.15 -50.02 -95.02
CA PHE F 852 -90.99 -50.88 -95.84
C PHE F 852 -92.39 -50.32 -96.03
N VAL F 853 -92.61 -49.06 -95.66
CA VAL F 853 -93.89 -48.40 -95.84
C VAL F 853 -93.78 -47.51 -97.07
N PRO F 854 -94.47 -47.82 -98.17
CA PRO F 854 -94.38 -46.95 -99.36
C PRO F 854 -95.12 -45.65 -99.10
N CYS F 855 -94.45 -44.53 -99.38
CA CYS F 855 -94.96 -43.19 -99.10
C CYS F 855 -94.95 -42.38 -100.39
N PRO F 856 -95.93 -42.59 -101.27
CA PRO F 856 -96.00 -41.79 -102.49
C PRO F 856 -96.45 -40.36 -102.20
N VAL F 857 -96.10 -39.47 -103.15
CA VAL F 857 -96.48 -38.07 -103.00
C VAL F 857 -97.99 -37.94 -103.16
N ASP F 858 -98.58 -37.09 -102.32
CA ASP F 858 -100.04 -36.94 -102.28
C ASP F 858 -100.49 -36.20 -103.53
N THR F 859 -101.20 -36.90 -104.42
CA THR F 859 -101.79 -36.29 -105.60
C THR F 859 -103.26 -36.71 -105.70
N ILE F 860 -104.13 -36.00 -104.98
CA ILE F 860 -105.56 -36.14 -105.16
C ILE F 860 -106.14 -34.76 -105.49
N GLN F 861 -105.63 -33.73 -104.83
CA GLN F 861 -106.10 -32.37 -105.06
C GLN F 861 -105.53 -31.76 -106.34
N ILE F 862 -104.63 -32.47 -107.03
CA ILE F 862 -104.04 -31.93 -108.25
C ILE F 862 -105.02 -32.12 -109.40
N VAL F 863 -105.87 -31.11 -109.63
CA VAL F 863 -106.80 -31.15 -110.75
C VAL F 863 -106.04 -30.87 -112.04
N LEU F 864 -106.23 -31.72 -113.03
CA LEU F 864 -105.51 -31.58 -114.28
C LEU F 864 -105.96 -30.30 -114.99
N PRO F 865 -105.04 -29.41 -115.37
CA PRO F 865 -105.41 -28.34 -116.28
C PRO F 865 -105.87 -28.90 -117.60
N PRO F 866 -106.61 -28.12 -118.39
CA PRO F 866 -107.26 -28.68 -119.59
C PRO F 866 -106.33 -29.50 -120.48
N HIS F 867 -105.09 -29.02 -120.67
CA HIS F 867 -104.18 -29.71 -121.58
C HIS F 867 -103.79 -31.09 -121.03
N LEU F 868 -103.43 -31.16 -119.76
CA LEU F 868 -103.07 -32.43 -119.16
C LEU F 868 -104.28 -33.37 -119.11
N GLU F 869 -105.46 -32.83 -118.77
CA GLU F 869 -106.66 -33.64 -118.80
C GLU F 869 -106.91 -34.23 -120.19
N ARG F 870 -106.67 -33.43 -121.24
CA ARG F 870 -106.82 -33.94 -122.60
C ARG F 870 -105.84 -35.07 -122.86
N ILE F 871 -104.55 -34.87 -122.52
CA ILE F 871 -103.54 -35.89 -122.79
C ILE F 871 -103.69 -37.11 -121.89
N ARG F 872 -104.54 -37.03 -120.85
CA ARG F 872 -104.71 -38.16 -119.94
C ARG F 872 -105.06 -39.45 -120.67
N GLU F 873 -106.10 -39.42 -121.51
CA GLU F 873 -106.52 -40.64 -122.20
C GLU F 873 -105.46 -41.12 -123.18
N LYS F 874 -104.85 -40.19 -123.92
CA LYS F 874 -103.81 -40.58 -124.88
C LYS F 874 -102.66 -41.28 -124.17
N LEU F 875 -102.26 -40.77 -123.01
CA LEU F 875 -101.24 -41.45 -122.22
C LEU F 875 -101.74 -42.82 -121.76
N ALA F 876 -103.00 -42.89 -121.35
CA ALA F 876 -103.54 -44.17 -120.90
C ALA F 876 -103.41 -45.24 -121.98
N GLU F 877 -103.71 -44.88 -123.22
CA GLU F 877 -103.57 -45.87 -124.30
C GLU F 877 -102.10 -46.11 -124.66
N ASN F 878 -101.29 -45.05 -124.73
CA ASN F 878 -99.92 -45.19 -125.22
C ASN F 878 -99.06 -45.99 -124.26
N ILE F 879 -99.30 -45.85 -122.96
CA ILE F 879 -98.55 -46.64 -121.98
C ILE F 879 -98.79 -48.13 -122.21
N HIS F 880 -100.06 -48.51 -122.42
CA HIS F 880 -100.36 -49.91 -122.70
C HIS F 880 -99.75 -50.34 -124.02
N GLU F 881 -99.74 -49.45 -125.02
CA GLU F 881 -99.11 -49.79 -126.29
C GLU F 881 -97.64 -50.14 -126.10
N LEU F 882 -96.91 -49.27 -125.42
CA LEU F 882 -95.49 -49.51 -125.18
C LEU F 882 -95.29 -50.79 -124.38
N TRP F 883 -96.11 -50.98 -123.35
CA TRP F 883 -95.97 -52.15 -122.49
C TRP F 883 -96.22 -53.44 -123.27
N ALA F 884 -97.23 -53.43 -124.14
CA ALA F 884 -97.52 -54.62 -124.95
C ALA F 884 -96.41 -54.87 -125.97
N LEU F 885 -95.86 -53.81 -126.56
CA LEU F 885 -94.72 -54.00 -127.46
C LEU F 885 -93.57 -54.66 -126.71
N THR F 886 -93.26 -54.18 -125.52
CA THR F 886 -92.19 -54.79 -124.73
C THR F 886 -92.52 -56.24 -124.39
N ARG F 887 -93.79 -56.50 -124.06
CA ARG F 887 -94.22 -57.85 -123.72
C ARG F 887 -93.97 -58.81 -124.87
N ILE F 888 -94.39 -58.42 -126.08
CA ILE F 888 -94.23 -59.32 -127.22
C ILE F 888 -92.76 -59.46 -127.57
N GLU F 889 -91.99 -58.38 -127.43
CA GLU F 889 -90.55 -58.46 -127.71
C GLU F 889 -89.87 -59.43 -126.77
N GLN F 890 -90.25 -59.42 -125.47
CA GLN F 890 -89.63 -60.30 -124.51
C GLN F 890 -90.22 -61.71 -124.52
N GLY F 891 -91.36 -61.92 -125.19
CA GLY F 891 -91.91 -63.25 -125.43
C GLY F 891 -93.41 -63.35 -125.22
N TRP F 892 -93.95 -62.59 -124.26
CA TRP F 892 -95.37 -62.64 -123.95
C TRP F 892 -96.21 -62.67 -125.22
N THR F 893 -97.07 -63.68 -125.34
CA THR F 893 -98.03 -63.77 -126.43
C THR F 893 -99.43 -63.94 -125.85
N TYR F 894 -100.42 -63.54 -126.64
CA TYR F 894 -101.80 -63.55 -126.14
C TYR F 894 -102.26 -64.97 -125.83
N GLY F 895 -103.10 -65.10 -124.81
CA GLY F 895 -103.67 -66.38 -124.45
C GLY F 895 -104.90 -66.23 -123.58
N PRO F 896 -105.47 -67.36 -123.13
CA PRO F 896 -106.67 -67.28 -122.30
C PRO F 896 -106.39 -66.82 -120.88
N VAL F 897 -105.29 -67.27 -120.28
CA VAL F 897 -104.95 -66.94 -118.90
C VAL F 897 -103.47 -66.57 -118.82
N ARG F 898 -103.07 -66.08 -117.65
CA ARG F 898 -101.69 -65.68 -117.41
C ARG F 898 -100.80 -66.91 -117.23
N ASP F 899 -100.59 -67.66 -118.31
CA ASP F 899 -99.76 -68.87 -118.27
C ASP F 899 -98.34 -68.47 -118.66
N ASP F 900 -97.51 -68.23 -117.64
CA ASP F 900 -96.11 -67.89 -117.91
C ASP F 900 -95.37 -69.05 -118.56
N ASN F 901 -95.75 -70.28 -118.22
CA ASN F 901 -95.06 -71.44 -118.78
C ASN F 901 -95.22 -71.50 -120.29
N LYS F 902 -96.43 -71.27 -120.79
CA LYS F 902 -96.69 -71.23 -122.22
C LYS F 902 -96.60 -69.81 -122.79
N ARG F 903 -96.26 -68.84 -121.94
CA ARG F 903 -96.00 -67.47 -122.38
C ARG F 903 -97.30 -66.78 -122.80
N LEU F 904 -98.37 -67.02 -122.03
CA LEU F 904 -99.71 -66.59 -122.43
C LEU F 904 -100.14 -65.42 -121.56
N HIS F 905 -100.60 -64.35 -122.20
CA HIS F 905 -101.10 -63.15 -121.52
C HIS F 905 -102.51 -62.85 -121.98
N PRO F 906 -103.50 -62.77 -121.10
CA PRO F 906 -104.87 -62.45 -121.55
C PRO F 906 -105.12 -60.98 -121.76
N CYS F 907 -104.29 -60.10 -121.20
CA CYS F 907 -104.51 -58.66 -121.27
C CYS F 907 -103.80 -58.00 -122.45
N LEU F 908 -103.10 -58.78 -123.27
CA LEU F 908 -102.37 -58.22 -124.42
C LEU F 908 -103.33 -58.05 -125.59
N VAL F 909 -104.17 -57.03 -125.46
CA VAL F 909 -105.16 -56.68 -126.47
C VAL F 909 -105.22 -55.16 -126.58
N ASN F 910 -106.07 -54.69 -127.48
CA ASN F 910 -106.27 -53.24 -127.63
C ASN F 910 -106.78 -52.65 -126.33
N PHE F 911 -106.30 -51.45 -126.00
CA PHE F 911 -106.62 -50.85 -124.71
C PHE F 911 -108.12 -50.68 -124.54
N HIS F 912 -108.81 -50.21 -125.59
CA HIS F 912 -110.25 -50.05 -125.51
C HIS F 912 -110.98 -51.37 -125.31
N SER F 913 -110.32 -52.50 -125.58
CA SER F 913 -110.88 -53.81 -125.31
C SER F 913 -110.23 -54.49 -124.11
N LEU F 914 -109.37 -53.80 -123.39
CA LEU F 914 -108.70 -54.39 -122.24
C LEU F 914 -109.73 -54.67 -121.14
N PRO F 915 -109.55 -55.71 -120.31
CA PRO F 915 -110.52 -55.98 -119.24
C PRO F 915 -110.73 -54.76 -118.35
N GLU F 916 -111.98 -54.54 -117.95
CA GLU F 916 -112.39 -53.31 -117.29
C GLU F 916 -111.51 -52.94 -116.10
N PRO F 917 -111.23 -53.86 -115.18
CA PRO F 917 -110.42 -53.50 -114.01
C PRO F 917 -109.04 -52.99 -114.38
N GLU F 918 -108.32 -53.74 -115.22
CA GLU F 918 -106.98 -53.34 -115.62
C GLU F 918 -107.01 -52.06 -116.43
N ARG F 919 -108.04 -51.89 -117.27
CA ARG F 919 -108.16 -50.66 -118.04
C ARG F 919 -108.35 -49.46 -117.12
N ASN F 920 -109.20 -49.60 -116.10
CA ASN F 920 -109.40 -48.50 -115.16
C ASN F 920 -108.12 -48.19 -114.40
N TYR F 921 -107.39 -49.23 -113.98
CA TYR F 921 -106.13 -49.00 -113.28
C TYR F 921 -105.12 -48.31 -114.18
N ASN F 922 -105.05 -48.72 -115.45
CA ASN F 922 -104.15 -48.07 -116.40
C ASN F 922 -104.53 -46.61 -116.60
N LEU F 923 -105.83 -46.34 -116.72
CA LEU F 923 -106.29 -44.97 -116.91
C LEU F 923 -105.92 -44.10 -115.71
N GLN F 924 -106.17 -44.61 -114.51
CA GLN F 924 -105.88 -43.82 -113.30
C GLN F 924 -104.38 -43.60 -113.16
N MET F 925 -103.58 -44.62 -113.49
CA MET F 925 -102.12 -44.44 -113.44
C MET F 925 -101.67 -43.41 -114.47
N SER F 926 -102.25 -43.46 -115.68
CA SER F 926 -101.88 -42.50 -116.71
C SER F 926 -102.16 -41.08 -116.27
N GLY F 927 -103.34 -40.84 -115.69
CA GLY F 927 -103.62 -39.54 -115.13
C GLY F 927 -102.70 -39.20 -113.98
N GLU F 928 -102.38 -40.20 -113.16
CA GLU F 928 -101.53 -39.99 -112.00
C GLU F 928 -100.13 -39.54 -112.42
N THR F 929 -99.69 -39.93 -113.61
CA THR F 929 -98.37 -39.50 -114.07
C THR F 929 -98.32 -37.98 -114.19
N LEU F 930 -99.29 -37.39 -114.89
CA LEU F 930 -99.36 -35.93 -114.99
C LEU F 930 -99.57 -35.32 -113.61
N LYS F 931 -100.42 -35.96 -112.80
CA LYS F 931 -100.70 -35.40 -111.47
C LYS F 931 -99.44 -35.31 -110.63
N THR F 932 -98.62 -36.38 -110.62
CA THR F 932 -97.37 -36.33 -109.87
C THR F 932 -96.38 -35.37 -110.52
N LEU F 933 -96.40 -35.27 -111.85
CA LEU F 933 -95.58 -34.28 -112.52
C LEU F 933 -95.84 -32.90 -111.94
N LEU F 934 -97.13 -32.54 -111.82
CA LEU F 934 -97.48 -31.24 -111.24
C LEU F 934 -97.13 -31.18 -109.76
N ALA F 935 -97.44 -32.24 -109.01
CA ALA F 935 -97.27 -32.20 -107.56
C ALA F 935 -95.81 -32.04 -107.17
N LEU F 936 -94.91 -32.72 -107.88
CA LEU F 936 -93.49 -32.62 -107.58
C LEU F 936 -92.97 -31.20 -107.75
N GLY F 937 -93.69 -30.36 -108.48
CA GLY F 937 -93.31 -28.96 -108.67
C GLY F 937 -93.04 -28.58 -110.11
N CYS F 938 -93.36 -29.42 -111.07
CA CYS F 938 -93.07 -29.10 -112.46
C CYS F 938 -94.09 -28.11 -113.01
N HIS F 939 -93.63 -27.27 -113.93
CA HIS F 939 -94.46 -26.31 -114.64
C HIS F 939 -94.54 -26.72 -116.09
N VAL F 940 -95.72 -27.21 -116.51
CA VAL F 940 -95.88 -27.81 -117.82
C VAL F 940 -97.21 -27.36 -118.42
N GLY F 941 -97.20 -27.08 -119.72
CA GLY F 941 -98.40 -26.71 -120.43
C GLY F 941 -98.20 -26.87 -121.92
N MET F 942 -99.30 -26.73 -122.67
CA MET F 942 -99.23 -26.81 -124.12
C MET F 942 -98.24 -25.78 -124.67
N ALA F 943 -97.41 -26.24 -125.62
CA ALA F 943 -96.57 -25.36 -126.42
C ALA F 943 -96.51 -25.80 -127.87
N ASP F 944 -97.39 -26.70 -128.29
CA ASP F 944 -97.38 -27.21 -129.66
C ASP F 944 -98.66 -28.02 -129.90
N GLU F 945 -99.21 -27.88 -131.11
CA GLU F 945 -100.31 -28.74 -131.57
C GLU F 945 -99.91 -29.37 -132.90
N LYS F 946 -99.12 -28.65 -133.68
CA LYS F 946 -98.60 -29.19 -134.93
C LYS F 946 -97.82 -30.47 -134.66
N ALA F 947 -96.93 -30.45 -133.68
CA ALA F 947 -96.25 -31.67 -133.28
C ALA F 947 -97.22 -32.73 -132.81
N GLU F 948 -98.28 -32.32 -132.10
CA GLU F 948 -99.27 -33.28 -131.61
C GLU F 948 -99.87 -34.07 -132.76
N ASP F 949 -100.25 -33.40 -133.85
CA ASP F 949 -100.80 -34.09 -135.01
C ASP F 949 -99.72 -34.69 -135.90
N ASN F 950 -98.46 -34.30 -135.70
CA ASN F 950 -97.35 -34.81 -136.49
C ASN F 950 -96.77 -36.11 -135.96
N LEU F 951 -96.90 -36.39 -134.67
CA LEU F 951 -96.33 -37.62 -134.13
C LEU F 951 -96.84 -38.82 -134.91
N LYS F 952 -95.93 -39.73 -135.25
CA LYS F 952 -96.24 -40.87 -136.09
C LYS F 952 -96.07 -42.15 -135.27
N LYS F 953 -96.95 -43.11 -135.53
CA LYS F 953 -96.97 -44.36 -134.78
C LYS F 953 -96.16 -45.44 -135.48
N THR F 954 -95.53 -46.30 -134.68
CA THR F 954 -94.73 -47.40 -135.19
C THR F 954 -95.65 -48.49 -135.73
N LYS F 955 -95.35 -48.99 -136.92
CA LYS F 955 -96.08 -50.12 -137.48
C LYS F 955 -95.38 -51.41 -137.09
N LEU F 956 -96.01 -52.20 -136.23
CA LEU F 956 -95.38 -53.42 -135.76
C LEU F 956 -95.71 -54.59 -136.69
N PRO F 957 -94.76 -55.46 -136.98
CA PRO F 957 -94.99 -56.55 -137.94
C PRO F 957 -95.74 -57.72 -137.30
N LYS F 958 -95.91 -58.78 -138.09
CA LYS F 958 -96.56 -59.99 -137.59
C LYS F 958 -95.79 -60.60 -136.42
N THR F 959 -94.48 -60.38 -136.36
CA THR F 959 -93.71 -60.92 -135.25
C THR F 959 -94.13 -60.28 -133.93
N TYR F 960 -94.32 -58.97 -133.93
CA TYR F 960 -94.83 -58.27 -132.76
C TYR F 960 -96.35 -58.34 -132.66
N MET F 961 -97.01 -58.92 -133.66
CA MET F 961 -98.44 -59.16 -133.61
C MET F 961 -98.74 -60.18 -132.50
N MET F 962 -99.92 -60.06 -131.91
CA MET F 962 -100.33 -60.98 -130.85
C MET F 962 -100.88 -62.27 -131.45
N SER F 963 -101.15 -63.25 -130.59
CA SER F 963 -101.80 -64.47 -131.06
C SER F 963 -103.21 -64.19 -131.55
N ASN F 964 -103.88 -63.22 -130.94
CA ASN F 964 -105.23 -62.81 -131.35
C ASN F 964 -105.22 -61.77 -132.47
N GLY F 965 -104.03 -61.34 -132.92
CA GLY F 965 -103.93 -60.30 -133.91
C GLY F 965 -103.77 -58.90 -133.38
N TYR F 966 -103.76 -58.69 -132.07
CA TYR F 966 -103.58 -57.36 -131.51
C TYR F 966 -102.18 -56.86 -131.86
N LYS F 967 -102.08 -55.57 -132.18
CA LYS F 967 -100.80 -54.95 -132.51
C LYS F 967 -100.60 -53.70 -131.66
N PRO F 968 -99.56 -53.62 -130.83
CA PRO F 968 -99.33 -52.39 -130.07
C PRO F 968 -99.03 -51.19 -130.97
N ALA F 969 -99.39 -50.01 -130.47
CA ALA F 969 -99.24 -48.75 -131.21
C ALA F 969 -98.50 -47.72 -130.38
N PRO F 970 -97.21 -47.93 -130.13
CA PRO F 970 -96.42 -46.89 -129.44
C PRO F 970 -95.98 -45.81 -130.42
N LEU F 971 -96.38 -44.57 -130.14
CA LEU F 971 -96.08 -43.47 -131.05
C LEU F 971 -94.58 -43.26 -131.15
N ASP F 972 -94.10 -43.07 -132.39
CA ASP F 972 -92.68 -42.87 -132.63
C ASP F 972 -92.32 -41.39 -132.53
N LEU F 973 -91.36 -41.08 -131.66
CA LEU F 973 -90.96 -39.71 -131.39
C LEU F 973 -89.44 -39.63 -131.32
N SER F 974 -88.75 -40.20 -132.31
CA SER F 974 -87.30 -40.25 -132.28
C SER F 974 -86.64 -38.87 -132.29
N HIS F 975 -87.40 -37.79 -132.34
CA HIS F 975 -86.85 -36.44 -132.37
C HIS F 975 -86.79 -35.81 -130.98
N VAL F 976 -87.15 -36.52 -129.93
CA VAL F 976 -87.23 -35.96 -128.59
C VAL F 976 -85.96 -36.27 -127.82
N ARG F 977 -85.24 -35.23 -127.41
CA ARG F 977 -84.02 -35.35 -126.62
C ARG F 977 -84.35 -35.18 -125.14
N LEU F 978 -83.32 -35.29 -124.30
CA LEU F 978 -83.47 -35.31 -122.85
C LEU F 978 -82.37 -34.48 -122.20
N THR F 979 -82.60 -34.13 -120.92
CA THR F 979 -81.68 -33.34 -120.11
C THR F 979 -81.40 -34.03 -118.78
N PRO F 980 -80.27 -33.73 -118.13
CA PRO F 980 -79.92 -34.45 -116.89
C PRO F 980 -80.94 -34.25 -115.76
N ALA F 981 -81.35 -33.01 -115.52
CA ALA F 981 -82.39 -32.78 -114.52
C ALA F 981 -83.66 -33.54 -114.89
N GLN F 982 -83.94 -33.66 -116.18
CA GLN F 982 -85.11 -34.41 -116.61
C GLN F 982 -84.95 -35.90 -116.32
N THR F 983 -83.74 -36.43 -116.43
CA THR F 983 -83.51 -37.82 -116.06
C THR F 983 -83.71 -38.01 -114.56
N THR F 984 -83.23 -37.06 -113.76
CA THR F 984 -83.46 -37.14 -112.32
C THR F 984 -84.95 -37.12 -112.01
N LEU F 985 -85.69 -36.25 -112.70
CA LEU F 985 -87.13 -36.20 -112.50
C LEU F 985 -87.79 -37.49 -112.95
N VAL F 986 -87.24 -38.13 -113.99
CA VAL F 986 -87.76 -39.41 -114.44
C VAL F 986 -87.58 -40.45 -113.35
N ASP F 987 -86.41 -40.45 -112.71
CA ASP F 987 -86.18 -41.35 -111.59
C ASP F 987 -87.19 -41.10 -110.47
N ARG F 988 -87.41 -39.84 -110.15
CA ARG F 988 -88.40 -39.51 -109.12
C ARG F 988 -89.79 -39.98 -109.49
N LEU F 989 -90.18 -39.81 -110.76
CA LEU F 989 -91.49 -40.23 -111.22
C LEU F 989 -91.64 -41.74 -111.13
N ALA F 990 -90.59 -42.48 -111.52
CA ALA F 990 -90.64 -43.94 -111.40
C ALA F 990 -90.80 -44.35 -109.94
N GLU F 991 -90.05 -43.70 -109.05
CA GLU F 991 -90.18 -43.98 -107.63
C GLU F 991 -91.61 -43.76 -107.16
N ASN F 992 -92.19 -42.61 -107.52
CA ASN F 992 -93.54 -42.29 -107.07
C ASN F 992 -94.55 -43.28 -107.61
N GLY F 993 -94.41 -43.65 -108.89
CA GLY F 993 -95.35 -44.61 -109.47
C GLY F 993 -95.28 -45.96 -108.80
N HIS F 994 -94.06 -46.46 -108.59
CA HIS F 994 -93.91 -47.75 -107.92
C HIS F 994 -94.46 -47.71 -106.51
N ASN F 995 -94.21 -46.60 -105.79
CA ASN F 995 -94.72 -46.50 -104.43
C ASN F 995 -96.24 -46.42 -104.40
N VAL F 996 -96.86 -45.73 -105.36
CA VAL F 996 -98.31 -45.70 -105.43
C VAL F 996 -98.86 -47.10 -105.68
N TRP F 997 -98.24 -47.84 -106.60
CA TRP F 997 -98.69 -49.20 -106.88
C TRP F 997 -98.54 -50.08 -105.64
N ALA F 998 -97.42 -49.94 -104.93
CA ALA F 998 -97.18 -50.75 -103.74
C ALA F 998 -98.19 -50.41 -102.65
N ARG F 999 -98.51 -49.13 -102.47
CA ARG F 999 -99.51 -48.75 -101.49
C ARG F 999 -100.86 -49.34 -101.83
N ASP F 1000 -101.23 -49.29 -103.12
CA ASP F 1000 -102.51 -49.88 -103.52
C ASP F 1000 -102.55 -51.37 -103.25
N ARG F 1001 -101.45 -52.08 -103.57
CA ARG F 1001 -101.44 -53.52 -103.35
C ARG F 1001 -101.47 -53.85 -101.86
N VAL F 1002 -100.76 -53.09 -101.04
CA VAL F 1002 -100.81 -53.31 -99.60
C VAL F 1002 -102.22 -53.10 -99.08
N ALA F 1003 -102.90 -52.06 -99.58
CA ALA F 1003 -104.30 -51.83 -99.20
C ALA F 1003 -105.16 -53.01 -99.61
N GLN F 1004 -104.94 -53.56 -100.81
CA GLN F 1004 -105.67 -54.75 -101.24
C GLN F 1004 -105.31 -55.98 -100.44
N GLY F 1005 -104.19 -55.98 -99.74
CA GLY F 1005 -103.80 -57.06 -98.87
C GLY F 1005 -102.61 -57.88 -99.29
N TRP F 1006 -101.82 -57.39 -100.25
CA TRP F 1006 -100.64 -58.11 -100.71
C TRP F 1006 -99.47 -57.86 -99.76
N SER F 1007 -98.44 -58.69 -99.90
CA SER F 1007 -97.23 -58.54 -99.10
C SER F 1007 -96.04 -59.00 -99.91
N TYR F 1008 -94.85 -58.80 -99.35
CA TYR F 1008 -93.61 -59.15 -100.03
C TYR F 1008 -93.23 -60.60 -99.77
N SER F 1009 -92.55 -61.18 -100.75
CA SER F 1009 -92.04 -62.56 -100.63
C SER F 1009 -91.00 -62.76 -101.71
N ALA F 1010 -89.85 -63.35 -101.35
CA ALA F 1010 -88.81 -63.59 -102.33
C ALA F 1010 -89.29 -64.49 -103.45
N VAL F 1011 -90.29 -65.33 -103.18
CA VAL F 1011 -90.88 -66.20 -104.19
C VAL F 1011 -92.32 -65.74 -104.41
N GLN F 1012 -92.68 -65.55 -105.67
CA GLN F 1012 -94.01 -65.06 -106.00
C GLN F 1012 -95.06 -66.12 -105.69
N ASP F 1013 -96.16 -65.69 -105.07
CA ASP F 1013 -97.30 -66.58 -104.79
C ASP F 1013 -98.58 -65.76 -105.02
N ILE F 1014 -99.08 -65.81 -106.25
CA ILE F 1014 -100.26 -65.02 -106.60
C ILE F 1014 -101.48 -65.43 -105.78
N PRO F 1015 -101.79 -66.72 -105.62
CA PRO F 1015 -102.94 -67.08 -104.78
C PRO F 1015 -102.83 -66.55 -103.35
N ALA F 1016 -101.62 -66.49 -102.80
CA ALA F 1016 -101.40 -66.00 -101.45
C ALA F 1016 -101.16 -64.50 -101.39
N ARG F 1017 -101.24 -63.81 -102.53
CA ARG F 1017 -101.02 -62.36 -102.59
C ARG F 1017 -99.64 -62.00 -102.03
N ARG F 1018 -98.63 -62.71 -102.49
CA ARG F 1018 -97.24 -62.45 -102.14
C ARG F 1018 -96.48 -62.17 -103.43
N ASN F 1019 -95.77 -61.04 -103.47
CA ASN F 1019 -95.10 -60.59 -104.67
C ASN F 1019 -93.62 -60.36 -104.39
N PRO F 1020 -92.74 -60.60 -105.37
CA PRO F 1020 -91.32 -60.28 -105.17
C PRO F 1020 -90.98 -58.81 -105.36
N ARG F 1021 -91.90 -58.01 -105.89
CA ARG F 1021 -91.65 -56.60 -106.15
C ARG F 1021 -92.40 -55.68 -105.19
N LEU F 1022 -93.20 -56.22 -104.28
CA LEU F 1022 -93.99 -55.41 -103.36
C LEU F 1022 -93.09 -54.89 -102.25
N VAL F 1023 -92.16 -54.03 -102.64
CA VAL F 1023 -91.28 -53.34 -101.69
C VAL F 1023 -91.08 -51.91 -102.16
N PRO F 1024 -90.84 -50.99 -101.22
CA PRO F 1024 -90.64 -49.60 -101.62
C PRO F 1024 -89.51 -49.48 -102.63
N TYR F 1025 -89.66 -48.50 -103.52
CA TYR F 1025 -88.77 -48.36 -104.68
C TYR F 1025 -87.30 -48.38 -104.30
N ARG F 1026 -86.95 -47.72 -103.18
CA ARG F 1026 -85.55 -47.63 -102.80
C ARG F 1026 -84.93 -49.01 -102.59
N LEU F 1027 -85.72 -49.99 -102.15
CA LEU F 1027 -85.23 -51.34 -101.90
C LEU F 1027 -85.37 -52.25 -103.10
N LEU F 1028 -85.85 -51.74 -104.22
CA LEU F 1028 -86.10 -52.58 -105.39
C LEU F 1028 -84.78 -53.00 -106.04
N ASP F 1029 -84.84 -54.07 -106.81
CA ASP F 1029 -83.68 -54.55 -107.54
C ASP F 1029 -83.33 -53.59 -108.67
N GLU F 1030 -82.06 -53.63 -109.08
CA GLU F 1030 -81.59 -52.69 -110.09
C GLU F 1030 -82.32 -52.88 -111.42
N ALA F 1031 -82.56 -54.12 -111.82
CA ALA F 1031 -83.20 -54.37 -113.11
C ALA F 1031 -84.62 -53.79 -113.13
N THR F 1032 -85.38 -54.01 -112.06
CA THR F 1032 -86.74 -53.47 -112.00
C THR F 1032 -86.71 -51.95 -112.00
N LYS F 1033 -85.77 -51.35 -111.27
CA LYS F 1033 -85.63 -49.91 -111.29
C LYS F 1033 -85.36 -49.41 -112.71
N ARG F 1034 -84.47 -50.10 -113.43
CA ARG F 1034 -84.14 -49.70 -114.79
C ARG F 1034 -85.35 -49.79 -115.69
N SER F 1035 -86.12 -50.86 -115.58
CA SER F 1035 -87.31 -51.02 -116.41
C SER F 1035 -88.32 -49.90 -116.14
N ASN F 1036 -88.59 -49.64 -114.86
CA ASN F 1036 -89.54 -48.58 -114.52
C ASN F 1036 -89.05 -47.23 -115.01
N ARG F 1037 -87.76 -46.96 -114.84
CA ARG F 1037 -87.20 -45.69 -115.29
C ARG F 1037 -87.28 -45.56 -116.80
N ASP F 1038 -87.06 -46.66 -117.53
CA ASP F 1038 -87.19 -46.62 -118.98
C ASP F 1038 -88.61 -46.28 -119.39
N SER F 1039 -89.59 -46.91 -118.74
CA SER F 1039 -90.98 -46.62 -119.08
C SER F 1039 -91.31 -45.15 -118.81
N LEU F 1040 -90.88 -44.64 -117.65
CA LEU F 1040 -91.21 -43.26 -117.31
C LEU F 1040 -90.48 -42.28 -118.22
N CYS F 1041 -89.24 -42.62 -118.61
CA CYS F 1041 -88.51 -41.78 -119.56
C CYS F 1041 -89.22 -41.75 -120.91
N GLN F 1042 -89.76 -42.90 -121.34
CA GLN F 1042 -90.53 -42.91 -122.56
C GLN F 1042 -91.77 -42.02 -122.44
N ALA F 1043 -92.43 -42.04 -121.28
CA ALA F 1043 -93.59 -41.17 -121.09
C ALA F 1043 -93.19 -39.70 -121.17
N VAL F 1044 -92.09 -39.34 -120.51
CA VAL F 1044 -91.61 -37.95 -120.55
C VAL F 1044 -91.27 -37.56 -121.98
N ARG F 1045 -90.64 -38.48 -122.73
CA ARG F 1045 -90.34 -38.22 -124.12
C ARG F 1045 -91.61 -38.00 -124.93
N THR F 1046 -92.65 -38.80 -124.66
CA THR F 1046 -93.90 -38.64 -125.40
C THR F 1046 -94.49 -37.26 -125.14
N LEU F 1047 -94.46 -36.80 -123.89
CA LEU F 1047 -94.96 -35.46 -123.60
C LEU F 1047 -94.11 -34.40 -124.31
N LEU F 1048 -92.78 -34.54 -124.27
CA LEU F 1048 -91.92 -33.58 -124.94
C LEU F 1048 -92.18 -33.55 -126.44
N GLY F 1049 -92.42 -34.71 -127.05
CA GLY F 1049 -92.75 -34.78 -128.46
C GLY F 1049 -94.08 -34.13 -128.76
N TYR F 1050 -95.06 -34.33 -127.87
CA TYR F 1050 -96.29 -33.55 -127.96
C TYR F 1050 -96.01 -32.05 -127.89
N GLY F 1051 -94.90 -31.67 -127.26
CA GLY F 1051 -94.43 -30.30 -127.26
C GLY F 1051 -94.55 -29.59 -125.93
N TYR F 1052 -95.08 -30.26 -124.91
CA TYR F 1052 -95.25 -29.61 -123.62
C TYR F 1052 -93.90 -29.21 -123.04
N ASN F 1053 -93.90 -28.12 -122.28
CA ASN F 1053 -92.68 -27.55 -121.72
C ASN F 1053 -92.53 -28.05 -120.28
N ILE F 1054 -92.01 -29.28 -120.16
CA ILE F 1054 -91.78 -29.88 -118.86
C ILE F 1054 -90.55 -29.24 -118.23
N GLU F 1055 -90.77 -28.37 -117.24
CA GLU F 1055 -89.70 -27.62 -116.61
C GLU F 1055 -89.41 -28.23 -115.24
N PRO F 1056 -88.25 -28.83 -115.01
CA PRO F 1056 -87.98 -29.43 -113.69
C PRO F 1056 -87.99 -28.38 -112.60
N PRO F 1057 -88.57 -28.68 -111.44
CA PRO F 1057 -88.53 -27.74 -110.31
C PRO F 1057 -87.11 -27.52 -109.82
N ASP F 1058 -86.93 -26.41 -109.11
CA ASP F 1058 -85.66 -26.13 -108.47
C ASP F 1058 -85.40 -27.15 -107.35
N GLN F 1059 -84.12 -27.36 -107.05
CA GLN F 1059 -83.71 -28.31 -106.03
C GLN F 1059 -83.77 -27.63 -104.66
N GLU F 1060 -84.47 -28.26 -103.72
CA GLU F 1060 -84.58 -27.75 -102.36
C GLU F 1060 -83.65 -28.55 -101.47
N PRO F 1061 -82.55 -27.99 -100.97
CA PRO F 1061 -81.63 -28.78 -100.16
C PRO F 1061 -82.26 -29.21 -98.84
N SER F 1062 -81.81 -30.35 -98.34
CA SER F 1062 -82.30 -30.87 -97.07
C SER F 1062 -81.20 -31.70 -96.42
N GLN F 1063 -81.31 -31.87 -95.11
CA GLN F 1063 -80.36 -32.64 -94.32
C GLN F 1063 -81.06 -33.86 -93.73
N VAL F 1064 -80.27 -34.92 -93.52
CA VAL F 1064 -80.80 -36.17 -92.97
C VAL F 1064 -80.20 -36.43 -91.61
N ASP F 1065 -78.87 -36.43 -91.51
CA ASP F 1065 -78.16 -36.69 -90.26
C ASP F 1065 -78.86 -37.78 -89.45
N SER F 1066 -78.95 -38.97 -90.04
CA SER F 1066 -79.69 -40.10 -89.47
C SER F 1066 -79.50 -40.19 -87.96
N GLN F 1067 -78.28 -39.95 -87.49
CA GLN F 1067 -77.96 -39.95 -86.07
C GLN F 1067 -77.03 -38.79 -85.77
N SER F 1068 -76.48 -38.82 -84.55
CA SER F 1068 -75.53 -37.79 -84.16
C SER F 1068 -74.14 -38.11 -84.71
N ARG F 1069 -73.59 -37.17 -85.49
CA ARG F 1069 -72.28 -37.39 -86.09
C ARG F 1069 -71.20 -37.57 -85.03
N GLY F 1070 -71.26 -36.78 -83.96
CA GLY F 1070 -70.25 -36.89 -82.92
C GLY F 1070 -70.17 -38.27 -82.30
N ASP F 1071 -71.28 -39.02 -82.35
CA ASP F 1071 -71.34 -40.35 -81.76
C ASP F 1071 -71.50 -41.45 -82.80
N ARG F 1072 -71.53 -41.10 -84.09
CA ARG F 1072 -71.76 -42.10 -85.14
C ARG F 1072 -70.47 -42.83 -85.50
N ALA F 1073 -69.49 -42.09 -86.02
CA ALA F 1073 -68.26 -42.71 -86.45
C ALA F 1073 -67.58 -43.41 -85.27
N ARG F 1074 -67.12 -44.64 -85.51
CA ARG F 1074 -66.39 -45.40 -84.50
C ARG F 1074 -64.93 -44.98 -84.53
N ILE F 1075 -64.40 -44.60 -83.37
CA ILE F 1075 -63.00 -44.20 -83.24
C ILE F 1075 -62.23 -45.37 -82.65
N PHE F 1076 -61.12 -45.73 -83.28
CA PHE F 1076 -60.19 -46.73 -82.78
C PHE F 1076 -58.86 -46.06 -82.50
N ARG F 1077 -58.36 -46.21 -81.28
CA ARG F 1077 -57.09 -45.62 -80.89
C ARG F 1077 -56.22 -46.65 -80.22
N ALA F 1078 -54.92 -46.39 -80.21
CA ALA F 1078 -54.02 -47.21 -79.42
C ALA F 1078 -54.25 -46.97 -77.94
N GLU F 1079 -53.88 -47.96 -77.12
CA GLU F 1079 -54.04 -47.83 -75.68
C GLU F 1079 -53.18 -46.68 -75.16
N LYS F 1080 -53.67 -46.02 -74.11
CA LYS F 1080 -53.01 -44.82 -73.59
C LYS F 1080 -51.56 -45.07 -73.22
N SER F 1081 -51.21 -46.29 -72.80
CA SER F 1081 -49.85 -46.56 -72.35
C SER F 1081 -48.84 -46.55 -73.50
N TYR F 1082 -49.31 -46.58 -74.75
CA TYR F 1082 -48.41 -46.56 -75.90
C TYR F 1082 -48.09 -45.15 -76.38
N ALA F 1083 -48.57 -44.12 -75.69
CA ALA F 1083 -48.34 -42.75 -76.13
C ALA F 1083 -46.85 -42.47 -76.24
N VAL F 1084 -46.45 -41.86 -77.35
CA VAL F 1084 -45.06 -41.54 -77.62
C VAL F 1084 -44.85 -40.05 -77.34
N GLN F 1085 -43.84 -39.74 -76.54
CA GLN F 1085 -43.51 -38.36 -76.18
C GLN F 1085 -42.24 -37.88 -76.85
N SER F 1086 -41.62 -38.69 -77.71
CA SER F 1086 -40.41 -38.30 -78.40
C SER F 1086 -40.15 -39.28 -79.53
N GLY F 1087 -39.33 -38.86 -80.49
CA GLY F 1087 -38.94 -39.71 -81.59
C GLY F 1087 -39.69 -39.40 -82.86
N ARG F 1088 -39.41 -40.23 -83.87
CA ARG F 1088 -40.03 -40.10 -85.19
C ARG F 1088 -40.74 -41.41 -85.50
N TRP F 1089 -42.07 -41.36 -85.56
CA TRP F 1089 -42.89 -42.56 -85.61
C TRP F 1089 -43.75 -42.56 -86.87
N TYR F 1090 -43.98 -43.77 -87.39
CA TYR F 1090 -44.66 -43.98 -88.67
C TYR F 1090 -45.65 -45.13 -88.54
N PHE F 1091 -46.79 -44.99 -89.21
CA PHE F 1091 -47.72 -46.11 -89.35
C PHE F 1091 -48.56 -45.90 -90.60
N GLU F 1092 -49.33 -46.92 -90.97
CA GLU F 1092 -50.07 -46.92 -92.22
C GLU F 1092 -51.54 -47.23 -91.98
N PHE F 1093 -52.39 -46.70 -92.86
CA PHE F 1093 -53.83 -46.94 -92.81
C PHE F 1093 -54.33 -47.11 -94.23
N GLU F 1094 -54.75 -48.32 -94.58
CA GLU F 1094 -55.31 -48.59 -95.89
C GLU F 1094 -56.81 -48.39 -95.84
N ALA F 1095 -57.35 -47.63 -96.80
CA ALA F 1095 -58.78 -47.35 -96.86
C ALA F 1095 -59.41 -48.38 -97.78
N VAL F 1096 -60.02 -49.42 -97.19
CA VAL F 1096 -60.67 -50.44 -98.01
C VAL F 1096 -61.84 -49.84 -98.75
N THR F 1097 -62.65 -49.03 -98.08
CA THR F 1097 -63.67 -48.22 -98.71
C THR F 1097 -63.09 -46.84 -99.02
N THR F 1098 -63.95 -45.93 -99.49
CA THR F 1098 -63.52 -44.58 -99.86
C THR F 1098 -64.44 -43.52 -99.27
N GLY F 1099 -65.14 -43.83 -98.19
CA GLY F 1099 -66.09 -42.91 -97.58
C GLY F 1099 -65.46 -42.10 -96.47
N GLU F 1100 -66.25 -41.82 -95.44
CA GLU F 1100 -65.84 -40.96 -94.34
C GLU F 1100 -64.90 -41.74 -93.42
N MET F 1101 -63.60 -41.43 -93.50
CA MET F 1101 -62.63 -42.00 -92.60
C MET F 1101 -61.56 -40.96 -92.31
N ARG F 1102 -61.09 -40.94 -91.07
CA ARG F 1102 -60.03 -40.04 -90.63
C ARG F 1102 -58.92 -40.87 -90.00
N VAL F 1103 -57.68 -40.41 -90.12
CA VAL F 1103 -56.54 -41.13 -89.56
C VAL F 1103 -55.46 -40.15 -89.14
N GLY F 1104 -54.85 -40.42 -88.00
CA GLY F 1104 -53.77 -39.57 -87.54
C GLY F 1104 -53.34 -39.84 -86.11
N TRP F 1105 -53.08 -38.79 -85.35
CA TRP F 1105 -52.55 -38.90 -84.01
C TRP F 1105 -53.48 -38.22 -83.03
N ALA F 1106 -53.59 -38.77 -81.83
CA ALA F 1106 -54.49 -38.25 -80.81
C ALA F 1106 -53.79 -38.20 -79.47
N ARG F 1107 -54.24 -37.30 -78.62
CA ARG F 1107 -53.72 -37.26 -77.27
C ARG F 1107 -54.40 -38.33 -76.41
N PRO F 1108 -53.75 -38.79 -75.35
CA PRO F 1108 -54.32 -39.89 -74.56
C PRO F 1108 -55.71 -39.62 -74.03
N GLU F 1109 -56.00 -38.34 -73.74
CA GLU F 1109 -57.29 -37.95 -73.16
C GLU F 1109 -58.34 -37.65 -74.23
N LEU F 1110 -58.19 -38.25 -75.41
CA LEU F 1110 -59.17 -38.05 -76.48
C LEU F 1110 -60.56 -38.46 -76.00
N ARG F 1111 -61.55 -37.61 -76.29
CA ARG F 1111 -62.91 -37.94 -75.90
C ARG F 1111 -63.55 -38.91 -76.90
N PRO F 1112 -64.46 -39.77 -76.46
CA PRO F 1112 -65.08 -40.72 -77.38
C PRO F 1112 -66.30 -40.19 -78.11
N ASP F 1113 -66.88 -39.08 -77.66
CA ASP F 1113 -68.12 -38.56 -78.24
C ASP F 1113 -67.90 -37.32 -79.09
N VAL F 1114 -66.64 -37.00 -79.42
CA VAL F 1114 -66.31 -35.84 -80.24
C VAL F 1114 -65.71 -36.33 -81.55
N GLU F 1115 -66.10 -35.69 -82.65
CA GLU F 1115 -65.53 -36.03 -83.94
C GLU F 1115 -64.03 -35.85 -83.91
N LEU F 1116 -63.30 -36.76 -84.56
CA LEU F 1116 -61.85 -36.70 -84.57
C LEU F 1116 -61.40 -35.40 -85.21
N GLY F 1117 -60.63 -34.61 -84.45
CA GLY F 1117 -60.11 -33.35 -84.92
C GLY F 1117 -61.04 -32.18 -84.76
N ALA F 1118 -62.27 -32.40 -84.28
CA ALA F 1118 -63.16 -31.28 -83.99
C ALA F 1118 -62.60 -30.40 -82.88
N ASP F 1119 -62.02 -31.02 -81.85
CA ASP F 1119 -61.36 -30.32 -80.76
C ASP F 1119 -59.85 -30.36 -80.98
N ASP F 1120 -59.08 -29.93 -79.98
CA ASP F 1120 -57.63 -29.84 -80.09
C ASP F 1120 -56.94 -31.13 -79.67
N LEU F 1121 -57.69 -32.21 -79.46
CA LEU F 1121 -57.11 -33.45 -78.94
C LEU F 1121 -56.68 -34.42 -80.03
N ALA F 1122 -56.78 -34.04 -81.30
CA ALA F 1122 -56.37 -34.95 -82.36
C ALA F 1122 -55.99 -34.15 -83.61
N TYR F 1123 -54.92 -34.59 -84.27
CA TYR F 1123 -54.50 -34.08 -85.57
C TYR F 1123 -54.70 -35.23 -86.54
N VAL F 1124 -55.66 -35.10 -87.46
CA VAL F 1124 -56.00 -36.20 -88.35
C VAL F 1124 -56.14 -35.70 -89.77
N PHE F 1125 -56.15 -36.64 -90.70
CA PHE F 1125 -56.40 -36.39 -92.12
C PHE F 1125 -57.64 -37.16 -92.54
N ASN F 1126 -58.55 -36.48 -93.22
CA ASN F 1126 -59.76 -37.08 -93.75
C ASN F 1126 -59.64 -37.11 -95.27
N GLY F 1127 -59.59 -38.31 -95.84
CA GLY F 1127 -59.33 -38.50 -97.25
C GLY F 1127 -60.55 -38.67 -98.12
N HIS F 1128 -61.77 -38.55 -97.57
CA HIS F 1128 -62.96 -38.62 -98.41
C HIS F 1128 -62.95 -37.49 -99.44
N ARG F 1129 -62.70 -36.26 -98.98
CA ARG F 1129 -62.55 -35.11 -99.85
C ARG F 1129 -61.14 -34.52 -99.82
N GLY F 1130 -60.38 -34.76 -98.76
CA GLY F 1130 -59.06 -34.19 -98.59
C GLY F 1130 -59.11 -33.02 -97.64
N GLN F 1131 -58.82 -33.28 -96.37
CA GLN F 1131 -58.85 -32.25 -95.35
C GLN F 1131 -57.92 -32.63 -94.21
N ARG F 1132 -57.43 -31.62 -93.51
CA ARG F 1132 -56.69 -31.81 -92.27
C ARG F 1132 -57.51 -31.26 -91.12
N TRP F 1133 -57.72 -32.09 -90.10
CA TRP F 1133 -58.62 -31.78 -89.00
C TRP F 1133 -57.81 -31.58 -87.73
N HIS F 1134 -57.91 -30.38 -87.16
CA HIS F 1134 -57.46 -30.11 -85.80
C HIS F 1134 -58.12 -28.81 -85.39
N LEU F 1135 -59.00 -28.86 -84.38
CA LEU F 1135 -59.77 -27.69 -83.97
C LEU F 1135 -60.54 -27.12 -85.14
N GLY F 1136 -60.99 -27.99 -86.03
CA GLY F 1136 -61.70 -27.60 -87.24
C GLY F 1136 -61.12 -28.27 -88.46
N SER F 1137 -61.63 -27.86 -89.61
CA SER F 1137 -61.27 -28.45 -90.89
C SER F 1137 -60.61 -27.43 -91.80
N GLU F 1138 -59.70 -27.92 -92.64
CA GLU F 1138 -59.04 -27.10 -93.65
C GLU F 1138 -58.76 -28.00 -94.85
N PRO F 1139 -58.84 -27.48 -96.07
CA PRO F 1139 -58.46 -28.28 -97.23
C PRO F 1139 -57.00 -28.74 -97.14
N PHE F 1140 -56.75 -29.97 -97.57
CA PHE F 1140 -55.41 -30.52 -97.54
C PHE F 1140 -55.33 -31.84 -98.29
N GLY F 1141 -54.28 -32.03 -99.09
CA GLY F 1141 -54.12 -33.29 -99.78
C GLY F 1141 -55.16 -33.47 -100.88
N ARG F 1142 -55.34 -34.73 -101.25
CA ARG F 1142 -56.28 -35.14 -102.28
C ARG F 1142 -57.10 -36.32 -101.78
N PRO F 1143 -58.29 -36.53 -102.32
CA PRO F 1143 -59.10 -37.67 -101.89
C PRO F 1143 -58.46 -38.99 -102.28
N TRP F 1144 -58.74 -40.00 -101.47
CA TRP F 1144 -58.17 -41.33 -101.70
C TRP F 1144 -59.11 -42.19 -102.53
N GLN F 1145 -58.56 -43.27 -103.07
CA GLN F 1145 -59.32 -44.29 -103.77
C GLN F 1145 -59.28 -45.57 -102.96
N SER F 1146 -60.14 -46.53 -103.34
CA SER F 1146 -60.15 -47.81 -102.65
C SER F 1146 -58.77 -48.45 -102.74
N GLY F 1147 -58.28 -48.94 -101.60
CA GLY F 1147 -56.98 -49.56 -101.53
C GLY F 1147 -55.83 -48.60 -101.31
N ASP F 1148 -56.09 -47.30 -101.24
CA ASP F 1148 -55.02 -46.34 -101.01
C ASP F 1148 -54.53 -46.41 -99.56
N VAL F 1149 -53.22 -46.27 -99.38
CA VAL F 1149 -52.59 -46.36 -98.08
C VAL F 1149 -52.12 -44.97 -97.68
N VAL F 1150 -52.57 -44.52 -96.51
CA VAL F 1150 -52.14 -43.24 -95.94
C VAL F 1150 -51.04 -43.54 -94.93
N GLY F 1151 -49.86 -42.99 -95.17
CA GLY F 1151 -48.77 -43.07 -94.22
C GLY F 1151 -48.76 -41.87 -93.29
N CYS F 1152 -48.94 -42.12 -92.01
CA CYS F 1152 -48.98 -41.07 -91.00
C CYS F 1152 -47.64 -41.07 -90.25
N MET F 1153 -47.00 -39.90 -90.21
CA MET F 1153 -45.72 -39.73 -89.54
C MET F 1153 -45.83 -38.60 -88.53
N ILE F 1154 -45.23 -38.80 -87.38
CA ILE F 1154 -45.12 -37.76 -86.36
C ILE F 1154 -43.66 -37.62 -85.97
N ASP F 1155 -43.13 -36.40 -86.05
CA ASP F 1155 -41.75 -36.08 -85.69
C ASP F 1155 -41.83 -35.19 -84.46
N LEU F 1156 -41.45 -35.73 -83.30
CA LEU F 1156 -41.53 -35.00 -82.05
C LEU F 1156 -40.26 -34.24 -81.73
N THR F 1157 -39.25 -34.31 -82.60
CA THR F 1157 -38.10 -33.42 -82.53
C THR F 1157 -38.35 -32.10 -83.25
N GLU F 1158 -39.00 -32.14 -84.41
CA GLU F 1158 -39.43 -30.94 -85.11
C GLU F 1158 -40.84 -30.54 -84.75
N ASN F 1159 -41.56 -31.36 -83.99
CA ASN F 1159 -42.94 -31.07 -83.60
C ASN F 1159 -43.83 -30.89 -84.82
N THR F 1160 -43.80 -31.88 -85.71
CA THR F 1160 -44.54 -31.82 -86.96
C THR F 1160 -45.25 -33.15 -87.21
N ILE F 1161 -46.26 -33.09 -88.08
CA ILE F 1161 -47.01 -34.26 -88.51
C ILE F 1161 -47.07 -34.24 -90.03
N ILE F 1162 -46.80 -35.38 -90.65
CA ILE F 1162 -46.74 -35.51 -92.10
C ILE F 1162 -47.68 -36.62 -92.54
N PHE F 1163 -48.35 -36.41 -93.66
CA PHE F 1163 -49.22 -37.41 -94.26
C PHE F 1163 -48.75 -37.68 -95.68
N THR F 1164 -48.69 -38.96 -96.04
CA THR F 1164 -48.38 -39.38 -97.39
C THR F 1164 -49.49 -40.26 -97.92
N LEU F 1165 -49.68 -40.24 -99.24
CA LEU F 1165 -50.69 -41.07 -99.88
C LEU F 1165 -49.99 -41.91 -100.95
N ASN F 1166 -49.97 -43.22 -100.75
CA ASN F 1166 -49.28 -44.15 -101.65
C ASN F 1166 -47.82 -43.75 -101.82
N GLY F 1167 -47.20 -43.30 -100.73
CA GLY F 1167 -45.79 -42.98 -100.71
C GLY F 1167 -45.45 -41.54 -101.05
N GLU F 1168 -46.40 -40.78 -101.57
CA GLU F 1168 -46.17 -39.38 -101.94
C GLU F 1168 -46.67 -38.48 -100.82
N VAL F 1169 -45.84 -37.54 -100.41
CA VAL F 1169 -46.21 -36.64 -99.31
C VAL F 1169 -47.37 -35.77 -99.77
N LEU F 1170 -48.40 -35.70 -98.93
CA LEU F 1170 -49.52 -34.81 -99.21
C LEU F 1170 -49.16 -33.39 -98.81
N MET F 1171 -49.56 -32.42 -99.64
CA MET F 1171 -49.18 -31.04 -99.47
C MET F 1171 -50.42 -30.17 -99.30
N SER F 1172 -50.28 -29.12 -98.50
CA SER F 1172 -51.35 -28.16 -98.33
C SER F 1172 -51.45 -27.26 -99.56
N ASP F 1173 -52.48 -26.42 -99.58
CA ASP F 1173 -52.66 -25.49 -100.69
C ASP F 1173 -51.46 -24.53 -100.78
N SER F 1174 -50.98 -24.06 -99.63
CA SER F 1174 -49.82 -23.17 -99.65
C SER F 1174 -48.58 -23.87 -100.18
N GLY F 1175 -48.58 -25.20 -100.23
CA GLY F 1175 -47.44 -25.97 -100.69
C GLY F 1175 -46.59 -26.56 -99.60
N SER F 1176 -46.88 -26.31 -98.33
CA SER F 1176 -46.09 -26.88 -97.25
C SER F 1176 -46.24 -28.39 -97.23
N GLU F 1177 -45.16 -29.09 -96.89
CA GLU F 1177 -45.14 -30.55 -96.86
C GLU F 1177 -45.47 -31.11 -95.48
N THR F 1178 -45.72 -30.26 -94.49
CA THR F 1178 -46.13 -30.71 -93.17
C THR F 1178 -47.60 -30.37 -92.96
N ALA F 1179 -48.39 -31.37 -92.56
CA ALA F 1179 -49.81 -31.12 -92.30
C ALA F 1179 -50.00 -30.22 -91.09
N PHE F 1180 -49.21 -30.43 -90.04
CA PHE F 1180 -49.28 -29.63 -88.83
C PHE F 1180 -47.86 -29.36 -88.32
N ARG F 1181 -47.73 -28.27 -87.58
CA ARG F 1181 -46.44 -27.86 -87.04
C ARG F 1181 -46.66 -27.20 -85.68
N ASP F 1182 -45.57 -26.94 -84.97
CA ASP F 1182 -45.61 -26.32 -83.65
C ASP F 1182 -46.53 -27.11 -82.71
N ILE F 1183 -46.44 -28.43 -82.79
CA ILE F 1183 -47.27 -29.32 -81.97
C ILE F 1183 -46.63 -29.43 -80.60
N GLU F 1184 -47.40 -29.15 -79.55
CA GLU F 1184 -46.93 -29.30 -78.19
C GLU F 1184 -47.02 -30.77 -77.78
N ILE F 1185 -45.91 -31.33 -77.31
CA ILE F 1185 -45.86 -32.76 -77.03
C ILE F 1185 -46.87 -33.13 -75.95
N GLY F 1186 -46.89 -32.37 -74.86
CA GLY F 1186 -47.85 -32.65 -73.80
C GLY F 1186 -47.68 -34.05 -73.25
N ASP F 1187 -48.76 -34.82 -73.24
CA ASP F 1187 -48.77 -36.16 -72.67
C ASP F 1187 -48.37 -37.24 -73.66
N GLY F 1188 -48.15 -36.89 -74.92
CA GLY F 1188 -47.78 -37.85 -75.94
C GLY F 1188 -48.86 -37.99 -77.01
N PHE F 1189 -48.62 -38.90 -77.94
CA PHE F 1189 -49.51 -39.11 -79.06
C PHE F 1189 -49.69 -40.59 -79.32
N LEU F 1190 -50.88 -40.94 -79.81
CA LEU F 1190 -51.30 -42.30 -80.07
C LEU F 1190 -51.85 -42.40 -81.49
N PRO F 1191 -51.61 -43.51 -82.19
CA PRO F 1191 -52.30 -43.72 -83.46
C PRO F 1191 -53.80 -43.77 -83.24
N VAL F 1192 -54.54 -43.15 -84.16
CA VAL F 1192 -55.99 -43.07 -84.06
C VAL F 1192 -56.58 -43.06 -85.47
N CYS F 1193 -57.79 -43.61 -85.57
CA CYS F 1193 -58.56 -43.58 -86.81
C CYS F 1193 -60.03 -43.51 -86.46
N SER F 1194 -60.83 -43.05 -87.41
CA SER F 1194 -62.27 -42.94 -87.25
C SER F 1194 -62.92 -43.44 -88.53
N LEU F 1195 -63.88 -44.34 -88.40
CA LEU F 1195 -64.59 -44.94 -89.51
C LEU F 1195 -66.07 -44.57 -89.40
N GLY F 1196 -66.63 -43.97 -90.44
CA GLY F 1196 -68.04 -43.69 -90.46
C GLY F 1196 -68.85 -44.91 -90.81
N PRO F 1197 -70.17 -44.74 -90.84
CA PRO F 1197 -71.04 -45.88 -91.13
C PRO F 1197 -70.72 -46.48 -92.50
N GLY F 1198 -70.54 -47.80 -92.52
CA GLY F 1198 -70.28 -48.51 -93.75
C GLY F 1198 -68.85 -48.47 -94.24
N GLN F 1199 -67.91 -48.02 -93.42
CA GLN F 1199 -66.52 -47.84 -93.83
C GLN F 1199 -65.64 -48.95 -93.28
N VAL F 1200 -64.57 -49.26 -94.02
CA VAL F 1200 -63.62 -50.30 -93.64
C VAL F 1200 -62.21 -49.79 -93.82
N GLY F 1201 -61.39 -49.95 -92.79
CA GLY F 1201 -59.99 -49.57 -92.85
C GLY F 1201 -59.11 -50.70 -92.36
N HIS F 1202 -57.82 -50.55 -92.61
CA HIS F 1202 -56.82 -51.49 -92.15
C HIS F 1202 -55.67 -50.71 -91.53
N LEU F 1203 -55.52 -50.81 -90.22
CA LEU F 1203 -54.48 -50.11 -89.48
C LEU F 1203 -53.26 -51.02 -89.35
N ASN F 1204 -52.13 -50.58 -89.91
CA ASN F 1204 -50.87 -51.31 -89.83
C ASN F 1204 -49.90 -50.46 -89.01
N LEU F 1205 -49.68 -50.85 -87.76
CA LEU F 1205 -48.78 -50.12 -86.88
C LEU F 1205 -47.33 -50.54 -87.05
N GLY F 1206 -47.05 -51.50 -87.94
CA GLY F 1206 -45.69 -51.82 -88.28
C GLY F 1206 -44.99 -52.82 -87.37
N GLN F 1207 -45.75 -53.69 -86.70
CA GLN F 1207 -45.10 -54.74 -85.93
C GLN F 1207 -44.26 -55.63 -86.82
N ASP F 1208 -44.76 -55.97 -87.99
CA ASP F 1208 -44.01 -56.66 -89.03
C ASP F 1208 -43.61 -55.60 -90.06
N VAL F 1209 -42.36 -55.15 -90.00
CA VAL F 1209 -41.92 -54.05 -90.85
C VAL F 1209 -42.09 -54.41 -92.31
N SER F 1210 -41.91 -55.69 -92.66
CA SER F 1210 -42.06 -56.10 -94.05
C SER F 1210 -43.49 -55.96 -94.55
N SER F 1211 -44.47 -55.88 -93.64
CA SER F 1211 -45.86 -55.75 -94.08
C SER F 1211 -46.18 -54.34 -94.55
N LEU F 1212 -45.42 -53.34 -94.07
CA LEU F 1212 -45.64 -51.98 -94.52
C LEU F 1212 -45.37 -51.87 -96.02
N ARG F 1213 -46.23 -51.13 -96.72
CA ARG F 1213 -46.20 -51.09 -98.17
C ARG F 1213 -45.51 -49.86 -98.74
N PHE F 1214 -45.40 -48.78 -97.97
CA PHE F 1214 -44.76 -47.56 -98.45
C PHE F 1214 -43.76 -46.98 -97.45
N PHE F 1215 -43.39 -47.74 -96.42
CA PHE F 1215 -42.42 -47.23 -95.46
C PHE F 1215 -41.07 -46.98 -96.12
N ALA F 1216 -40.63 -47.90 -96.98
CA ALA F 1216 -39.34 -47.73 -97.65
C ALA F 1216 -39.36 -46.52 -98.58
N ILE F 1217 -40.46 -46.32 -99.30
CA ILE F 1217 -40.53 -45.23 -100.26
C ILE F 1217 -40.46 -43.88 -99.55
N CYS F 1218 -41.13 -43.75 -98.41
CA CYS F 1218 -41.13 -42.51 -97.66
C CYS F 1218 -41.18 -42.81 -96.17
N GLY F 1219 -40.11 -42.47 -95.46
CA GLY F 1219 -40.07 -42.54 -94.02
C GLY F 1219 -38.86 -43.29 -93.50
N LEU F 1220 -38.50 -44.38 -94.18
CA LEU F 1220 -37.34 -45.16 -93.76
C LEU F 1220 -36.08 -44.33 -93.87
N GLN F 1221 -35.84 -43.72 -95.03
CA GLN F 1221 -34.65 -42.89 -95.20
C GLN F 1221 -34.77 -41.57 -94.48
N GLU F 1222 -35.99 -41.08 -94.26
CA GLU F 1222 -36.21 -39.89 -93.46
C GLU F 1222 -35.98 -40.14 -91.97
N GLY F 1223 -35.88 -41.40 -91.56
CA GLY F 1223 -35.53 -41.72 -90.19
C GLY F 1223 -36.70 -41.99 -89.28
N PHE F 1224 -37.89 -42.19 -89.83
CA PHE F 1224 -39.06 -42.51 -89.02
C PHE F 1224 -39.07 -44.00 -88.71
N GLU F 1225 -39.63 -44.35 -87.55
CA GLU F 1225 -39.65 -45.71 -87.08
C GLU F 1225 -41.08 -46.23 -87.01
N PRO F 1226 -41.34 -47.46 -87.41
CA PRO F 1226 -42.70 -48.00 -87.27
C PRO F 1226 -43.14 -47.95 -85.81
N PHE F 1227 -44.43 -47.66 -85.61
CA PHE F 1227 -44.90 -47.38 -84.26
C PHE F 1227 -44.68 -48.56 -83.33
N ALA F 1228 -44.92 -49.78 -83.80
CA ALA F 1228 -44.81 -50.99 -83.00
C ALA F 1228 -43.67 -51.87 -83.48
N ILE F 1229 -42.54 -51.28 -83.84
CA ILE F 1229 -41.47 -52.01 -84.52
C ILE F 1229 -40.93 -53.12 -83.62
N ASN F 1230 -40.66 -52.80 -82.35
CA ASN F 1230 -40.01 -53.74 -81.47
C ASN F 1230 -40.91 -54.15 -80.32
N MET F 1231 -42.19 -54.40 -80.62
CA MET F 1231 -43.15 -54.90 -79.65
C MET F 1231 -43.31 -56.40 -79.88
N GLN F 1232 -43.22 -57.19 -78.81
CA GLN F 1232 -43.37 -58.63 -78.93
C GLN F 1232 -44.82 -59.04 -79.11
N ARG F 1233 -45.76 -58.15 -78.80
CA ARG F 1233 -47.18 -58.45 -78.93
C ARG F 1233 -47.89 -57.34 -79.71
N PRO F 1234 -48.98 -57.65 -80.39
CA PRO F 1234 -49.72 -56.60 -81.10
C PRO F 1234 -50.20 -55.52 -80.15
N VAL F 1235 -50.24 -54.29 -80.65
CA VAL F 1235 -50.64 -53.16 -79.82
C VAL F 1235 -52.12 -53.26 -79.49
N THR F 1236 -52.45 -53.15 -78.21
CA THR F 1236 -53.84 -53.17 -77.77
C THR F 1236 -54.54 -51.90 -78.23
N THR F 1237 -55.79 -52.03 -78.63
CA THR F 1237 -56.58 -50.91 -79.13
C THR F 1237 -57.87 -50.78 -78.34
N TRP F 1238 -58.39 -49.56 -78.31
CA TRP F 1238 -59.69 -49.25 -77.72
C TRP F 1238 -60.56 -48.60 -78.78
N PHE F 1239 -61.87 -48.77 -78.65
CA PHE F 1239 -62.81 -48.20 -79.59
C PHE F 1239 -63.92 -47.48 -78.85
N SER F 1240 -64.55 -46.55 -79.54
CA SER F 1240 -65.64 -45.76 -78.98
C SER F 1240 -66.93 -46.56 -79.11
N LYS F 1241 -67.26 -47.28 -78.04
CA LYS F 1241 -68.47 -48.08 -78.00
C LYS F 1241 -69.68 -47.17 -77.80
N SER F 1242 -70.66 -47.30 -78.69
CA SER F 1242 -71.89 -46.51 -78.62
C SER F 1242 -72.99 -47.20 -77.82
N LEU F 1243 -72.68 -47.65 -76.61
CA LEU F 1243 -73.67 -48.18 -75.70
C LEU F 1243 -73.85 -47.19 -74.56
N PRO F 1244 -74.98 -46.48 -74.47
CA PRO F 1244 -75.12 -45.47 -73.41
C PRO F 1244 -74.91 -46.08 -72.03
N GLN F 1245 -74.17 -45.36 -71.19
CA GLN F 1245 -73.85 -45.82 -69.84
C GLN F 1245 -73.97 -44.67 -68.86
N PHE F 1246 -74.32 -44.99 -67.63
CA PHE F 1246 -74.50 -43.97 -66.59
C PHE F 1246 -73.17 -43.67 -65.93
N GLU F 1247 -72.79 -42.40 -65.94
CA GLU F 1247 -71.55 -41.96 -65.32
C GLU F 1247 -71.81 -40.73 -64.46
N PRO F 1248 -71.00 -40.52 -63.41
CA PRO F 1248 -71.25 -39.36 -62.54
C PRO F 1248 -71.20 -38.06 -63.32
N VAL F 1249 -72.08 -37.12 -62.95
CA VAL F 1249 -72.13 -35.82 -63.61
C VAL F 1249 -70.78 -35.15 -63.40
N PRO F 1250 -70.08 -34.75 -64.46
CA PRO F 1250 -68.77 -34.12 -64.28
C PRO F 1250 -68.86 -32.86 -63.44
N LEU F 1251 -67.87 -32.67 -62.57
CA LEU F 1251 -67.86 -31.49 -61.72
C LEU F 1251 -67.68 -30.20 -62.51
N GLU F 1252 -67.23 -30.29 -63.76
CA GLU F 1252 -67.00 -29.12 -64.61
C GLU F 1252 -67.88 -29.15 -65.84
N HIS F 1253 -69.03 -29.80 -65.78
CA HIS F 1253 -69.89 -29.89 -66.95
C HIS F 1253 -70.34 -28.49 -67.36
N PRO F 1254 -70.24 -28.13 -68.65
CA PRO F 1254 -70.56 -26.75 -69.05
C PRO F 1254 -72.03 -26.38 -68.89
N HIS F 1255 -72.95 -27.35 -68.77
CA HIS F 1255 -74.37 -27.03 -68.80
C HIS F 1255 -75.10 -27.46 -67.54
N TYR F 1256 -74.68 -28.57 -66.93
CA TYR F 1256 -75.42 -29.17 -65.82
C TYR F 1256 -74.61 -29.10 -64.54
N GLU F 1257 -75.26 -28.69 -63.46
CA GLU F 1257 -74.65 -28.60 -62.15
C GLU F 1257 -75.56 -29.28 -61.14
N VAL F 1258 -74.96 -30.05 -60.23
CA VAL F 1258 -75.69 -30.75 -59.18
C VAL F 1258 -75.22 -30.20 -57.84
N ALA F 1259 -76.16 -29.79 -57.01
CA ALA F 1259 -75.87 -29.23 -55.69
C ALA F 1259 -76.39 -30.18 -54.62
N ARG F 1260 -75.52 -30.54 -53.69
CA ARG F 1260 -75.89 -31.40 -52.56
C ARG F 1260 -76.35 -30.50 -51.43
N MET F 1261 -77.66 -30.52 -51.14
CA MET F 1261 -78.25 -29.69 -50.11
C MET F 1261 -78.44 -30.51 -48.84
N ASP F 1262 -77.92 -30.00 -47.73
CA ASP F 1262 -78.07 -30.69 -46.46
C ASP F 1262 -79.51 -30.55 -45.96
N GLY F 1263 -79.91 -31.52 -45.15
CA GLY F 1263 -81.27 -31.51 -44.63
C GLY F 1263 -81.41 -30.48 -43.50
N THR F 1264 -82.45 -29.66 -43.62
CA THR F 1264 -82.77 -28.67 -42.61
C THR F 1264 -83.84 -29.24 -41.67
N VAL F 1265 -84.40 -28.40 -40.80
CA VAL F 1265 -85.43 -28.88 -39.88
C VAL F 1265 -86.69 -29.28 -40.64
N ASP F 1266 -87.02 -28.58 -41.73
CA ASP F 1266 -88.24 -28.83 -42.48
C ASP F 1266 -87.96 -29.41 -43.86
N THR F 1267 -86.72 -29.75 -44.18
CA THR F 1267 -86.34 -30.25 -45.48
C THR F 1267 -85.42 -31.44 -45.33
N PRO F 1268 -85.55 -32.46 -46.17
CA PRO F 1268 -84.63 -33.59 -46.11
C PRO F 1268 -83.40 -33.33 -46.97
N PRO F 1269 -82.42 -34.25 -46.95
CA PRO F 1269 -81.30 -34.12 -47.87
C PRO F 1269 -81.78 -34.12 -49.32
N CYS F 1270 -81.10 -33.33 -50.15
CA CYS F 1270 -81.54 -33.14 -51.53
C CYS F 1270 -80.33 -33.06 -52.46
N LEU F 1271 -80.56 -33.46 -53.70
CA LEU F 1271 -79.61 -33.33 -54.79
C LEU F 1271 -80.32 -32.57 -55.91
N ARG F 1272 -79.97 -31.31 -56.10
CA ARG F 1272 -80.69 -30.42 -57.00
C ARG F 1272 -79.90 -30.23 -58.30
N LEU F 1273 -80.60 -30.35 -59.42
CA LEU F 1273 -80.00 -30.13 -60.73
C LEU F 1273 -80.37 -28.74 -61.23
N THR F 1274 -79.39 -28.00 -61.73
CA THR F 1274 -79.60 -26.68 -62.30
C THR F 1274 -78.93 -26.61 -63.65
N HIS F 1275 -79.55 -25.87 -64.57
CA HIS F 1275 -79.01 -25.67 -65.91
C HIS F 1275 -78.20 -24.38 -65.91
N ARG F 1276 -76.87 -24.50 -66.01
CA ARG F 1276 -76.01 -23.33 -65.84
C ARG F 1276 -76.22 -22.32 -66.97
N THR F 1277 -76.33 -22.78 -68.21
CA THR F 1277 -76.34 -21.90 -69.37
C THR F 1277 -77.75 -21.64 -69.90
N TRP F 1278 -78.77 -21.83 -69.07
CA TRP F 1278 -80.15 -21.66 -69.55
C TRP F 1278 -80.39 -20.21 -69.97
N GLY F 1279 -81.18 -20.05 -71.02
CA GLY F 1279 -81.55 -18.73 -71.49
C GLY F 1279 -80.38 -17.91 -71.97
N SER F 1280 -79.51 -18.51 -72.77
CA SER F 1280 -78.33 -17.81 -73.29
C SER F 1280 -77.86 -18.50 -74.56
N GLN F 1281 -77.02 -17.80 -75.30
CA GLN F 1281 -76.46 -18.36 -76.53
C GLN F 1281 -75.35 -19.37 -76.21
N ASN F 1282 -75.49 -20.54 -76.83
CA ASN F 1282 -74.77 -21.82 -76.71
C ASN F 1282 -75.49 -22.75 -75.73
N SER F 1283 -76.64 -22.35 -75.18
CA SER F 1283 -77.34 -23.22 -74.23
C SER F 1283 -77.69 -24.54 -74.89
N LEU F 1284 -77.45 -25.63 -74.18
CA LEU F 1284 -77.76 -26.98 -74.65
C LEU F 1284 -79.05 -27.44 -73.99
N VAL F 1285 -80.07 -27.70 -74.80
CA VAL F 1285 -81.36 -28.16 -74.32
C VAL F 1285 -81.66 -29.47 -75.02
N GLU F 1286 -81.58 -30.57 -74.28
CA GLU F 1286 -81.84 -31.89 -74.82
C GLU F 1286 -82.27 -32.80 -73.68
N MET F 1287 -82.84 -33.95 -74.05
CA MET F 1287 -83.28 -34.91 -73.06
C MET F 1287 -82.11 -35.32 -72.17
N LEU F 1288 -82.35 -35.38 -70.87
CA LEU F 1288 -81.35 -35.72 -69.87
C LEU F 1288 -81.87 -36.89 -69.05
N PHE F 1289 -81.05 -37.93 -68.93
CA PHE F 1289 -81.40 -39.15 -68.21
C PHE F 1289 -80.50 -39.24 -66.99
N LEU F 1290 -81.09 -39.10 -65.80
CA LEU F 1290 -80.36 -39.07 -64.55
C LEU F 1290 -80.79 -40.25 -63.69
N ARG F 1291 -79.84 -40.78 -62.93
CA ARG F 1291 -80.14 -41.81 -61.95
C ARG F 1291 -79.26 -41.59 -60.73
N LEU F 1292 -79.60 -42.26 -59.64
CA LEU F 1292 -78.77 -42.23 -58.45
C LEU F 1292 -77.78 -43.38 -58.51
N SER F 1293 -76.61 -43.16 -57.91
CA SER F 1293 -75.50 -44.10 -58.07
C SER F 1293 -75.82 -45.47 -57.49
N LEU F 1294 -76.56 -45.51 -56.37
CA LEU F 1294 -76.78 -46.79 -55.70
C LEU F 1294 -78.18 -47.30 -55.95
N PRO F 1295 -78.35 -48.64 -56.04
CA PRO F 1295 -79.70 -49.19 -56.19
C PRO F 1295 -80.33 -49.62 -54.89
N VAL F 1296 -81.64 -49.87 -54.91
CA VAL F 1296 -82.34 -50.58 -53.86
C VAL F 1296 -82.63 -51.99 -54.39
N GLN F 1297 -82.43 -52.99 -53.54
CA GLN F 1297 -82.58 -54.39 -53.92
C GLN F 1297 -83.77 -54.98 -53.21
N PHE F 1298 -84.68 -55.59 -53.98
CA PHE F 1298 -85.82 -56.26 -53.40
C PHE F 1298 -85.39 -57.56 -52.74
N HIS F 1299 -86.17 -57.98 -51.74
CA HIS F 1299 -85.80 -59.13 -50.94
C HIS F 1299 -85.77 -60.40 -51.79
N GLN F 1300 -84.98 -61.37 -51.32
CA GLN F 1300 -84.90 -62.65 -52.03
C GLN F 1300 -86.22 -63.40 -52.00
N HIS F 1301 -86.97 -63.29 -50.90
CA HIS F 1301 -88.27 -63.94 -50.75
C HIS F 1301 -89.31 -62.90 -50.39
N PHE F 1302 -90.43 -62.92 -51.10
CA PHE F 1302 -91.51 -61.98 -50.85
C PHE F 1302 -92.46 -62.54 -49.81
N ARG F 1303 -93.10 -61.64 -49.07
CA ARG F 1303 -94.07 -62.04 -48.06
C ARG F 1303 -95.19 -62.85 -48.71
N CYS F 1304 -95.58 -63.93 -48.04
CA CYS F 1304 -96.66 -64.77 -48.54
C CYS F 1304 -97.98 -64.00 -48.49
N THR F 1305 -98.63 -63.87 -49.64
CA THR F 1305 -99.89 -63.15 -49.73
C THR F 1305 -99.78 -61.75 -49.14
N ASP F 1420 -99.52 -34.18 -35.53
CA ASP F 1420 -98.78 -35.34 -35.03
C ASP F 1420 -97.70 -35.75 -36.02
N ASN F 1421 -98.05 -36.66 -36.95
CA ASN F 1421 -97.12 -37.11 -37.98
C ASN F 1421 -95.82 -37.62 -37.39
N ARG F 1422 -95.90 -38.34 -36.28
CA ARG F 1422 -94.74 -38.96 -35.65
C ARG F 1422 -94.80 -40.47 -35.88
N ASP F 1423 -93.71 -41.04 -36.35
CA ASP F 1423 -93.68 -42.46 -36.66
C ASP F 1423 -93.94 -43.29 -35.42
N ASP F 1424 -94.73 -44.34 -35.59
CA ASP F 1424 -94.91 -45.32 -34.52
C ASP F 1424 -93.69 -46.24 -34.50
N PRO F 1425 -92.94 -46.32 -33.41
CA PRO F 1425 -91.66 -47.05 -33.45
C PRO F 1425 -91.77 -48.48 -33.96
N GLU F 1426 -92.78 -49.23 -33.53
CA GLU F 1426 -92.90 -50.60 -34.00
C GLU F 1426 -93.08 -50.65 -35.51
N ILE F 1427 -93.97 -49.81 -36.04
CA ILE F 1427 -94.24 -49.81 -37.47
C ILE F 1427 -93.00 -49.39 -38.25
N ILE F 1428 -92.32 -48.34 -37.79
CA ILE F 1428 -91.19 -47.81 -38.54
C ILE F 1428 -89.98 -48.75 -38.50
N LEU F 1429 -89.79 -49.48 -37.40
CA LEU F 1429 -88.71 -50.46 -37.33
C LEU F 1429 -89.10 -51.82 -37.93
N ASN F 1430 -90.37 -52.05 -38.22
CA ASN F 1430 -90.77 -53.30 -38.86
C ASN F 1430 -91.20 -53.14 -40.32
N THR F 1431 -91.20 -51.93 -40.86
CA THR F 1431 -91.68 -51.71 -42.22
C THR F 1431 -90.62 -52.12 -43.24
N THR F 1432 -91.10 -52.49 -44.43
CA THR F 1432 -90.24 -52.79 -45.57
C THR F 1432 -90.52 -51.86 -46.74
N THR F 1433 -91.20 -50.73 -46.51
CA THR F 1433 -91.53 -49.77 -47.54
C THR F 1433 -90.57 -48.59 -47.45
N TYR F 1434 -90.03 -48.19 -48.60
CA TYR F 1434 -89.09 -47.08 -48.68
C TYR F 1434 -89.59 -46.05 -49.69
N TYR F 1435 -89.18 -44.80 -49.48
CA TYR F 1435 -89.77 -43.67 -50.16
C TYR F 1435 -88.68 -42.72 -50.65
N TYR F 1436 -88.97 -42.04 -51.76
CA TYR F 1436 -88.11 -40.95 -52.21
C TYR F 1436 -88.92 -40.06 -53.14
N SER F 1437 -88.67 -38.75 -53.09
CA SER F 1437 -89.47 -37.83 -53.87
C SER F 1437 -88.60 -37.08 -54.86
N VAL F 1438 -89.27 -36.52 -55.86
CA VAL F 1438 -88.63 -35.65 -56.86
C VAL F 1438 -89.46 -34.38 -56.94
N ARG F 1439 -88.81 -33.24 -56.72
CA ARG F 1439 -89.47 -31.94 -56.83
C ARG F 1439 -89.13 -31.34 -58.18
N VAL F 1440 -90.18 -31.00 -58.93
CA VAL F 1440 -90.05 -30.32 -60.21
C VAL F 1440 -90.40 -28.86 -59.95
N PHE F 1441 -89.40 -27.99 -60.08
CA PHE F 1441 -89.58 -26.59 -59.70
C PHE F 1441 -90.51 -25.89 -60.68
N ALA F 1442 -91.18 -24.85 -60.18
CA ALA F 1442 -92.04 -24.04 -61.04
C ALA F 1442 -91.23 -23.47 -62.19
N GLY F 1443 -91.79 -23.55 -63.39
CA GLY F 1443 -91.12 -23.17 -64.61
C GLY F 1443 -90.58 -24.36 -65.38
N GLN F 1444 -90.38 -25.49 -64.72
CA GLN F 1444 -90.02 -26.74 -65.38
C GLN F 1444 -91.30 -27.48 -65.72
N GLU F 1445 -91.57 -27.62 -67.01
CA GLU F 1445 -92.83 -28.20 -67.45
C GLU F 1445 -92.94 -29.63 -66.94
N PRO F 1446 -93.99 -29.99 -66.19
CA PRO F 1446 -94.17 -31.39 -65.80
C PRO F 1446 -94.33 -32.33 -66.98
N SER F 1447 -94.82 -31.84 -68.11
CA SER F 1447 -94.96 -32.68 -69.30
C SER F 1447 -93.62 -33.13 -69.84
N CYS F 1448 -92.52 -32.52 -69.39
CA CYS F 1448 -91.19 -32.85 -69.85
C CYS F 1448 -90.37 -33.58 -68.78
N VAL F 1449 -91.03 -34.24 -67.84
CA VAL F 1449 -90.36 -34.92 -66.74
C VAL F 1449 -90.96 -36.32 -66.58
N TRP F 1450 -90.09 -37.32 -66.41
CA TRP F 1450 -90.49 -38.67 -66.08
C TRP F 1450 -89.74 -39.07 -64.82
N VAL F 1451 -90.47 -39.60 -63.84
CA VAL F 1451 -89.92 -39.92 -62.53
C VAL F 1451 -90.22 -41.36 -62.20
N GLY F 1452 -89.22 -42.07 -61.66
CA GLY F 1452 -89.40 -43.46 -61.29
C GLY F 1452 -88.11 -44.19 -61.03
N TRP F 1453 -87.97 -45.37 -61.63
CA TRP F 1453 -86.83 -46.23 -61.38
C TRP F 1453 -86.34 -46.83 -62.70
N VAL F 1454 -85.07 -47.23 -62.70
CA VAL F 1454 -84.49 -47.98 -63.81
C VAL F 1454 -83.74 -49.17 -63.23
N THR F 1455 -83.64 -50.22 -64.04
CA THR F 1455 -82.82 -51.38 -63.71
C THR F 1455 -81.40 -51.16 -64.21
N PRO F 1456 -80.47 -52.02 -63.82
CA PRO F 1456 -79.09 -51.86 -64.28
C PRO F 1456 -78.93 -51.94 -65.80
N ASP F 1457 -79.97 -52.42 -66.48
CA ASP F 1457 -79.90 -52.75 -67.90
C ASP F 1457 -80.33 -51.59 -68.80
N TYR F 1458 -80.77 -50.47 -68.25
CA TYR F 1458 -81.26 -49.37 -69.07
C TYR F 1458 -80.12 -48.72 -69.83
N HIS F 1459 -80.25 -48.65 -71.16
CA HIS F 1459 -79.20 -48.06 -72.00
C HIS F 1459 -79.76 -47.23 -73.15
N GLN F 1460 -80.95 -46.66 -73.02
CA GLN F 1460 -81.61 -45.95 -74.11
C GLN F 1460 -81.36 -44.45 -73.97
N HIS F 1461 -80.58 -43.90 -74.89
CA HIS F 1461 -80.34 -42.46 -74.96
C HIS F 1461 -81.26 -41.84 -76.01
N ASP F 1462 -82.55 -41.90 -75.73
CA ASP F 1462 -83.58 -41.50 -76.68
C ASP F 1462 -83.82 -40.00 -76.55
N MET F 1463 -83.47 -39.24 -77.59
CA MET F 1463 -83.68 -37.79 -77.58
C MET F 1463 -85.15 -37.41 -77.73
N SER F 1464 -86.02 -38.36 -78.03
CA SER F 1464 -87.45 -38.10 -78.11
C SER F 1464 -88.18 -39.07 -77.18
N PHE F 1465 -87.68 -39.20 -75.96
CA PHE F 1465 -88.18 -40.21 -75.04
C PHE F 1465 -89.63 -39.97 -74.69
N ASP F 1466 -90.38 -41.06 -74.53
CA ASP F 1466 -91.70 -41.05 -73.94
C ASP F 1466 -91.99 -42.45 -73.43
N LEU F 1467 -92.99 -42.58 -72.57
CA LEU F 1467 -93.20 -43.83 -71.85
C LEU F 1467 -93.51 -44.98 -72.81
N SER F 1468 -93.91 -44.66 -74.03
CA SER F 1468 -94.18 -45.69 -75.03
C SER F 1468 -92.91 -46.31 -75.60
N LYS F 1469 -91.76 -45.68 -75.40
CA LYS F 1469 -90.49 -46.21 -75.87
C LYS F 1469 -89.84 -47.16 -74.87
N VAL F 1470 -90.45 -47.36 -73.71
CA VAL F 1470 -89.84 -48.19 -72.68
C VAL F 1470 -89.88 -49.65 -73.11
N ARG F 1471 -88.73 -50.33 -72.98
CA ARG F 1471 -88.68 -51.75 -73.27
C ARG F 1471 -89.58 -52.52 -72.33
N ALA F 1472 -90.38 -53.43 -72.88
CA ALA F 1472 -91.27 -54.25 -72.07
C ALA F 1472 -91.54 -55.55 -72.81
N VAL F 1473 -91.76 -56.62 -72.06
CA VAL F 1473 -92.11 -57.92 -72.64
C VAL F 1473 -92.78 -58.77 -71.58
N THR F 1474 -93.78 -59.54 -71.97
CA THR F 1474 -94.47 -60.44 -71.08
C THR F 1474 -94.07 -61.88 -71.41
N VAL F 1475 -93.66 -62.62 -70.39
CA VAL F 1475 -93.35 -64.03 -70.51
C VAL F 1475 -94.52 -64.79 -69.89
N THR F 1476 -95.19 -65.60 -70.69
CA THR F 1476 -96.38 -66.33 -70.25
C THR F 1476 -96.08 -67.82 -70.28
N MET F 1477 -96.27 -68.48 -69.15
CA MET F 1477 -96.10 -69.92 -69.02
C MET F 1477 -97.42 -70.57 -68.64
N GLY F 1478 -97.72 -71.69 -69.30
CA GLY F 1478 -98.94 -72.43 -69.07
C GLY F 1478 -98.79 -73.93 -69.20
N ASP F 1479 -99.91 -74.64 -69.27
CA ASP F 1479 -99.91 -76.09 -69.37
C ASP F 1479 -99.80 -76.54 -70.83
N GLU F 1480 -99.70 -77.86 -71.01
CA GLU F 1480 -99.74 -78.43 -72.34
C GLU F 1480 -101.08 -78.19 -73.03
N GLN F 1481 -102.12 -77.87 -72.27
CA GLN F 1481 -103.44 -77.57 -72.80
C GLN F 1481 -103.83 -76.12 -72.54
N GLY F 1482 -102.87 -75.21 -72.70
CA GLY F 1482 -103.10 -73.82 -72.38
C GLY F 1482 -103.10 -73.58 -70.88
N ASN F 1483 -104.18 -72.99 -70.37
CA ASN F 1483 -104.32 -72.79 -68.93
C ASN F 1483 -103.11 -72.06 -68.36
N VAL F 1484 -102.93 -70.80 -68.76
CA VAL F 1484 -101.78 -70.02 -68.35
C VAL F 1484 -101.56 -70.17 -66.85
N HIS F 1485 -100.32 -70.49 -66.48
CA HIS F 1485 -99.88 -70.47 -65.08
C HIS F 1485 -99.48 -69.08 -64.63
N SER F 1486 -98.55 -68.45 -65.35
CA SER F 1486 -98.00 -67.17 -64.93
C SER F 1486 -97.82 -66.28 -66.15
N SER F 1487 -97.87 -64.97 -65.91
CA SER F 1487 -97.66 -63.95 -66.94
C SER F 1487 -96.82 -62.84 -66.29
N LEU F 1488 -95.51 -62.95 -66.43
CA LEU F 1488 -94.60 -62.00 -65.79
C LEU F 1488 -94.24 -60.89 -66.76
N LYS F 1489 -94.37 -59.65 -66.32
CA LYS F 1489 -93.99 -58.48 -67.10
C LYS F 1489 -92.57 -58.07 -66.74
N CYS F 1490 -91.74 -57.88 -67.75
CA CYS F 1490 -90.34 -57.51 -67.57
C CYS F 1490 -90.07 -56.21 -68.32
N SER F 1491 -89.34 -55.31 -67.66
CA SER F 1491 -89.00 -54.01 -68.22
C SER F 1491 -87.73 -53.52 -67.54
N ASN F 1492 -87.22 -52.40 -68.01
CA ASN F 1492 -86.04 -51.77 -67.41
C ASN F 1492 -86.29 -50.34 -66.99
N CYS F 1493 -87.51 -49.82 -67.12
CA CYS F 1493 -87.82 -48.45 -66.75
C CYS F 1493 -89.24 -48.42 -66.18
N TYR F 1494 -89.35 -48.13 -64.89
CA TYR F 1494 -90.64 -48.03 -64.21
C TYR F 1494 -90.81 -46.58 -63.78
N MET F 1495 -91.58 -45.82 -64.55
CA MET F 1495 -91.71 -44.38 -64.33
C MET F 1495 -93.14 -43.94 -64.54
N VAL F 1496 -93.45 -42.77 -64.01
CA VAL F 1496 -94.69 -42.07 -64.27
C VAL F 1496 -94.35 -40.78 -65.01
N TRP F 1497 -95.31 -40.31 -65.81
CA TRP F 1497 -95.12 -39.11 -66.60
C TRP F 1497 -95.66 -37.91 -65.82
N GLY F 1498 -94.85 -36.86 -65.73
CA GLY F 1498 -95.29 -35.66 -65.03
C GLY F 1498 -96.54 -35.05 -65.62
N GLY F 1499 -96.80 -35.32 -66.90
CA GLY F 1499 -98.00 -34.82 -67.54
C GLY F 1499 -99.28 -35.43 -67.02
N ASP F 1500 -99.19 -36.61 -66.38
CA ASP F 1500 -100.37 -37.23 -65.80
C ASP F 1500 -100.87 -36.49 -64.58
N PHE F 1501 -100.09 -35.58 -64.02
CA PHE F 1501 -100.47 -34.86 -62.80
C PHE F 1501 -100.71 -33.37 -63.05
N VAL F 1502 -100.87 -32.96 -64.31
CA VAL F 1502 -101.20 -31.59 -64.66
C VAL F 1502 -102.69 -31.52 -64.89
N SER F 1503 -103.37 -30.72 -64.09
CA SER F 1503 -104.82 -30.61 -64.21
C SER F 1503 -105.19 -29.99 -65.56
N PRO F 1504 -106.31 -30.37 -66.16
CA PRO F 1504 -106.69 -29.76 -67.44
C PRO F 1504 -106.82 -28.25 -67.36
N GLY F 1505 -107.29 -27.73 -66.24
CA GLY F 1505 -107.34 -26.28 -66.08
C GLY F 1505 -105.97 -25.65 -66.14
N GLN F 1506 -104.98 -26.29 -65.49
CA GLN F 1506 -103.62 -25.76 -65.51
C GLN F 1506 -102.93 -26.03 -66.84
N GLN F 1507 -103.43 -26.98 -67.62
CA GLN F 1507 -102.82 -27.30 -68.90
C GLN F 1507 -102.79 -26.08 -69.81
N GLY F 1508 -101.66 -25.87 -70.46
CA GLY F 1508 -101.47 -24.72 -71.32
C GLY F 1508 -100.99 -23.47 -70.62
N ARG F 1509 -100.85 -23.51 -69.30
CA ARG F 1509 -100.39 -22.37 -68.52
C ARG F 1509 -99.21 -22.80 -67.65
N ILE F 1510 -98.21 -21.94 -67.58
CA ILE F 1510 -97.03 -22.22 -66.76
C ILE F 1510 -97.41 -22.03 -65.29
N SER F 1511 -97.41 -23.12 -64.52
CA SER F 1511 -97.76 -23.05 -63.12
C SER F 1511 -96.64 -22.40 -62.32
N HIS F 1512 -97.01 -21.80 -61.18
CA HIS F 1512 -96.07 -21.19 -60.27
C HIS F 1512 -95.83 -22.04 -59.03
N THR F 1513 -96.28 -23.29 -59.03
CA THR F 1513 -96.12 -24.19 -57.90
C THR F 1513 -95.29 -25.39 -58.31
N ASP F 1514 -94.46 -25.85 -57.39
CA ASP F 1514 -93.63 -27.03 -57.61
C ASP F 1514 -94.48 -28.28 -57.57
N LEU F 1515 -94.08 -29.29 -58.34
CA LEU F 1515 -94.77 -30.58 -58.36
C LEU F 1515 -93.88 -31.62 -57.70
N VAL F 1516 -94.39 -32.25 -56.65
CA VAL F 1516 -93.61 -33.24 -55.90
C VAL F 1516 -94.19 -34.61 -56.21
N ILE F 1517 -93.38 -35.47 -56.80
CA ILE F 1517 -93.77 -36.83 -57.13
C ILE F 1517 -93.01 -37.78 -56.21
N GLY F 1518 -93.74 -38.52 -55.39
CA GLY F 1518 -93.15 -39.47 -54.48
C GLY F 1518 -93.26 -40.89 -55.01
N CYS F 1519 -92.21 -41.67 -54.77
CA CYS F 1519 -92.13 -43.06 -55.21
C CYS F 1519 -91.95 -43.93 -53.98
N LEU F 1520 -92.80 -44.95 -53.84
CA LEU F 1520 -92.75 -45.91 -52.75
C LEU F 1520 -92.48 -47.29 -53.33
N VAL F 1521 -91.58 -48.03 -52.68
CA VAL F 1521 -91.27 -49.40 -53.06
C VAL F 1521 -91.33 -50.27 -51.82
N ASP F 1522 -92.07 -51.36 -51.89
CA ASP F 1522 -92.12 -52.34 -50.81
C ASP F 1522 -91.16 -53.46 -51.14
N LEU F 1523 -90.01 -53.49 -50.47
CA LEU F 1523 -88.97 -54.44 -50.83
C LEU F 1523 -89.32 -55.88 -50.47
N ALA F 1524 -90.39 -56.09 -49.70
CA ALA F 1524 -90.80 -57.43 -49.30
C ALA F 1524 -91.96 -57.97 -50.11
N THR F 1525 -92.59 -57.14 -50.95
CA THR F 1525 -93.69 -57.60 -51.80
C THR F 1525 -93.50 -57.33 -53.27
N GLY F 1526 -92.52 -56.50 -53.66
CA GLY F 1526 -92.30 -56.21 -55.06
C GLY F 1526 -93.20 -55.14 -55.64
N LEU F 1527 -93.96 -54.44 -54.81
CA LEU F 1527 -94.93 -53.45 -55.29
C LEU F 1527 -94.34 -52.06 -55.28
N MET F 1528 -94.57 -51.32 -56.36
CA MET F 1528 -94.07 -49.95 -56.52
C MET F 1528 -95.27 -49.05 -56.83
N THR F 1529 -95.41 -47.98 -56.05
CA THR F 1529 -96.51 -47.05 -56.20
C THR F 1529 -95.99 -45.62 -56.23
N PHE F 1530 -96.86 -44.70 -56.64
CA PHE F 1530 -96.48 -43.30 -56.81
C PHE F 1530 -97.55 -42.39 -56.24
N THR F 1531 -97.13 -41.20 -55.84
CA THR F 1531 -98.01 -40.16 -55.35
C THR F 1531 -97.63 -38.84 -56.02
N ALA F 1532 -98.63 -37.98 -56.21
CA ALA F 1532 -98.41 -36.67 -56.82
C ALA F 1532 -99.01 -35.61 -55.89
N ASN F 1533 -98.15 -34.75 -55.34
CA ASN F 1533 -98.58 -33.71 -54.42
C ASN F 1533 -99.38 -34.30 -53.27
N GLY F 1534 -98.95 -35.46 -52.80
CA GLY F 1534 -99.61 -36.14 -51.70
C GLY F 1534 -100.78 -37.01 -52.11
N LYS F 1535 -101.25 -36.91 -53.34
CA LYS F 1535 -102.37 -37.71 -53.82
C LYS F 1535 -101.86 -38.95 -54.51
N GLU F 1536 -102.40 -40.10 -54.14
CA GLU F 1536 -101.98 -41.36 -54.74
C GLU F 1536 -102.37 -41.41 -56.21
N SER F 1537 -101.47 -41.93 -57.03
CA SER F 1537 -101.72 -42.08 -58.46
C SER F 1537 -102.16 -43.52 -58.75
N ASN F 1538 -102.70 -43.71 -59.95
CA ASN F 1538 -103.19 -45.01 -60.38
C ASN F 1538 -102.09 -45.92 -60.90
N THR F 1539 -100.92 -45.37 -61.20
CA THR F 1539 -99.84 -46.18 -61.74
C THR F 1539 -99.22 -47.03 -60.63
N PHE F 1540 -99.05 -48.32 -60.92
CA PHE F 1540 -98.40 -49.24 -60.00
C PHE F 1540 -97.63 -50.28 -60.80
N PHE F 1541 -96.55 -50.79 -60.22
CA PHE F 1541 -95.71 -51.77 -60.88
C PHE F 1541 -95.43 -52.92 -59.93
N GLN F 1542 -95.17 -54.09 -60.51
CA GLN F 1542 -94.83 -55.29 -59.76
C GLN F 1542 -93.54 -55.86 -60.33
N VAL F 1543 -92.54 -56.05 -59.48
CA VAL F 1543 -91.25 -56.59 -59.88
C VAL F 1543 -90.99 -57.88 -59.11
N GLU F 1544 -90.09 -58.69 -59.65
CA GLU F 1544 -89.74 -59.97 -59.06
C GLU F 1544 -88.70 -59.81 -57.96
N PRO F 1545 -88.57 -60.80 -57.08
CA PRO F 1545 -87.58 -60.69 -56.01
C PRO F 1545 -86.17 -60.58 -56.54
N ASN F 1546 -85.30 -59.94 -55.75
CA ASN F 1546 -83.88 -59.71 -56.04
C ASN F 1546 -83.69 -58.64 -57.10
N THR F 1547 -84.75 -57.96 -57.54
CA THR F 1547 -84.62 -56.91 -58.53
C THR F 1547 -83.88 -55.71 -57.95
N LYS F 1548 -83.04 -55.10 -58.79
CA LYS F 1548 -82.28 -53.91 -58.42
C LYS F 1548 -82.86 -52.72 -59.16
N LEU F 1549 -83.22 -51.67 -58.42
CA LEU F 1549 -83.84 -50.48 -59.00
C LEU F 1549 -83.05 -49.24 -58.59
N PHE F 1550 -82.66 -48.43 -59.57
CA PHE F 1550 -82.04 -47.15 -59.29
C PHE F 1550 -83.07 -46.05 -59.37
N PRO F 1551 -83.15 -45.14 -58.40
CA PRO F 1551 -83.99 -43.96 -58.58
C PRO F 1551 -83.55 -43.20 -59.82
N ALA F 1552 -84.52 -42.76 -60.63
CA ALA F 1552 -84.21 -42.18 -61.93
C ALA F 1552 -85.18 -41.05 -62.26
N VAL F 1553 -84.69 -40.10 -63.05
CA VAL F 1553 -85.49 -38.97 -63.53
C VAL F 1553 -85.03 -38.66 -64.96
N PHE F 1554 -85.98 -38.66 -65.89
CA PHE F 1554 -85.73 -38.24 -67.25
C PHE F 1554 -86.44 -36.91 -67.46
N VAL F 1555 -85.72 -35.92 -67.98
CA VAL F 1555 -86.25 -34.56 -68.03
C VAL F 1555 -85.69 -33.84 -69.26
N LEU F 1556 -86.53 -33.03 -69.89
CA LEU F 1556 -86.08 -32.10 -70.92
C LEU F 1556 -86.10 -30.71 -70.31
N PRO F 1557 -84.96 -30.13 -69.96
CA PRO F 1557 -84.96 -28.87 -69.19
C PRO F 1557 -85.74 -27.77 -69.91
N THR F 1558 -86.52 -27.02 -69.12
CA THR F 1558 -87.22 -25.84 -69.62
C THR F 1558 -87.05 -24.67 -68.66
N HIS F 1559 -86.11 -24.76 -67.74
CA HIS F 1559 -85.91 -23.73 -66.72
C HIS F 1559 -84.51 -23.91 -66.14
N GLN F 1560 -84.03 -22.87 -65.46
CA GLN F 1560 -82.70 -22.95 -64.84
C GLN F 1560 -82.72 -23.94 -63.68
N ASN F 1561 -83.81 -24.01 -62.93
CA ASN F 1561 -83.98 -24.99 -61.87
C ASN F 1561 -84.84 -26.12 -62.43
N VAL F 1562 -84.25 -27.31 -62.59
CA VAL F 1562 -84.92 -28.38 -63.32
C VAL F 1562 -85.64 -29.33 -62.37
N VAL F 1563 -84.89 -30.02 -61.51
CA VAL F 1563 -85.45 -31.04 -60.62
C VAL F 1563 -84.60 -31.15 -59.37
N GLN F 1564 -85.13 -31.88 -58.40
CA GLN F 1564 -84.46 -32.07 -57.12
C GLN F 1564 -84.82 -33.44 -56.57
N PHE F 1565 -83.82 -34.31 -56.41
CA PHE F 1565 -83.98 -35.58 -55.70
C PHE F 1565 -84.08 -35.28 -54.22
N GLU F 1566 -85.24 -35.52 -53.62
CA GLU F 1566 -85.41 -35.35 -52.18
C GLU F 1566 -85.41 -36.73 -51.53
N LEU F 1567 -84.37 -36.99 -50.73
CA LEU F 1567 -84.20 -38.29 -50.09
C LEU F 1567 -84.79 -38.27 -48.68
N GLY F 1568 -86.05 -37.88 -48.60
CA GLY F 1568 -86.78 -37.77 -47.35
C GLY F 1568 -87.51 -39.05 -47.01
N LYS F 1569 -88.51 -38.92 -46.14
CA LYS F 1569 -89.32 -40.05 -45.71
C LYS F 1569 -90.77 -39.60 -45.57
N GLN F 1570 -91.62 -40.54 -45.17
CA GLN F 1570 -93.01 -40.27 -44.86
C GLN F 1570 -93.34 -40.98 -43.56
N LYS F 1571 -94.56 -40.74 -43.07
CA LYS F 1571 -94.98 -41.37 -41.82
C LYS F 1571 -94.92 -42.89 -41.95
N ASN F 1572 -94.19 -43.52 -41.03
CA ASN F 1572 -94.07 -44.98 -40.96
C ASN F 1572 -93.43 -45.57 -42.23
N ILE F 1573 -92.70 -44.76 -42.99
CA ILE F 1573 -92.02 -45.21 -44.20
C ILE F 1573 -90.57 -44.78 -44.11
N MET F 1574 -89.65 -45.70 -44.40
CA MET F 1574 -88.23 -45.45 -44.24
C MET F 1574 -87.66 -44.68 -45.42
N PRO F 1575 -86.56 -43.96 -45.22
CA PRO F 1575 -85.91 -43.26 -46.33
C PRO F 1575 -85.08 -44.23 -47.17
N LEU F 1576 -84.56 -43.69 -48.28
CA LEU F 1576 -83.82 -44.53 -49.21
C LEU F 1576 -82.49 -44.99 -48.63
N SER F 1577 -81.92 -44.21 -47.71
CA SER F 1577 -80.65 -44.60 -47.12
C SER F 1577 -80.77 -45.90 -46.34
N ALA F 1578 -81.90 -46.10 -45.65
CA ALA F 1578 -82.09 -47.33 -44.89
C ALA F 1578 -82.11 -48.56 -45.79
N ALA F 1579 -82.57 -48.41 -47.03
CA ALA F 1579 -82.55 -49.52 -47.98
C ALA F 1579 -81.20 -49.65 -48.66
N MET F 1580 -80.53 -48.53 -48.91
CA MET F 1580 -79.29 -48.55 -49.68
C MET F 1580 -78.11 -49.06 -48.86
N PHE F 1581 -78.05 -48.72 -47.58
CA PHE F 1581 -76.87 -49.00 -46.76
C PHE F 1581 -77.26 -49.92 -45.61
N LEU F 1582 -76.49 -51.00 -45.45
CA LEU F 1582 -76.80 -51.99 -44.42
C LEU F 1582 -76.69 -51.39 -43.03
N SER F 1583 -75.67 -50.57 -42.78
CA SER F 1583 -75.48 -50.01 -41.45
C SER F 1583 -76.62 -49.08 -41.07
N GLU F 1584 -77.38 -48.57 -42.04
CA GLU F 1584 -78.51 -47.69 -41.78
C GLU F 1584 -79.85 -48.42 -41.92
N ARG F 1585 -79.82 -49.76 -41.94
CA ARG F 1585 -81.04 -50.52 -42.21
C ARG F 1585 -82.15 -50.17 -41.24
N LYS F 1586 -81.81 -49.90 -39.98
CA LYS F 1586 -82.79 -49.59 -38.95
C LYS F 1586 -82.72 -48.13 -38.50
N ASN F 1587 -82.13 -47.26 -39.32
CA ASN F 1587 -82.01 -45.85 -38.99
C ASN F 1587 -83.06 -45.06 -39.76
N PRO F 1588 -84.07 -44.49 -39.10
CA PRO F 1588 -85.10 -43.75 -39.83
C PRO F 1588 -84.70 -42.34 -40.22
N ALA F 1589 -83.57 -41.84 -39.77
CA ALA F 1589 -83.15 -40.49 -40.12
C ALA F 1589 -82.69 -40.46 -41.58
N PRO F 1590 -83.27 -39.63 -42.43
CA PRO F 1590 -82.81 -39.58 -43.83
C PRO F 1590 -81.34 -39.16 -43.92
N GLN F 1591 -80.64 -39.76 -44.87
CA GLN F 1591 -79.22 -39.49 -45.07
C GLN F 1591 -78.90 -39.52 -46.56
N CYS F 1592 -77.83 -38.80 -46.93
CA CYS F 1592 -77.32 -38.78 -48.29
C CYS F 1592 -75.80 -38.89 -48.22
N PRO F 1593 -75.27 -40.07 -48.00
CA PRO F 1593 -73.81 -40.23 -47.85
C PRO F 1593 -73.09 -39.86 -49.12
N PRO F 1594 -71.77 -39.65 -49.06
CA PRO F 1594 -71.03 -39.20 -50.24
C PRO F 1594 -71.13 -40.16 -51.42
N ARG F 1595 -71.29 -41.46 -51.17
CA ARG F 1595 -71.37 -42.41 -52.28
C ARG F 1595 -72.59 -42.14 -53.14
N LEU F 1596 -73.71 -41.79 -52.53
CA LEU F 1596 -74.93 -41.48 -53.28
C LEU F 1596 -74.72 -40.18 -54.04
N GLU F 1597 -74.79 -40.26 -55.37
CA GLU F 1597 -74.60 -39.10 -56.23
C GLU F 1597 -75.44 -39.26 -57.49
N VAL F 1598 -75.51 -38.19 -58.26
CA VAL F 1598 -76.31 -38.16 -59.48
C VAL F 1598 -75.41 -38.52 -60.65
N GLN F 1599 -75.87 -39.47 -61.46
CA GLN F 1599 -75.19 -39.87 -62.68
C GLN F 1599 -76.09 -39.59 -63.87
N MET F 1600 -75.47 -39.23 -64.99
CA MET F 1600 -76.18 -38.95 -66.22
C MET F 1600 -75.80 -39.99 -67.27
N LEU F 1601 -76.70 -40.19 -68.23
CA LEU F 1601 -76.45 -41.14 -69.30
C LEU F 1601 -75.55 -40.51 -70.36
N MET F 1602 -74.40 -41.15 -70.62
CA MET F 1602 -73.45 -40.73 -71.63
C MET F 1602 -73.55 -41.66 -72.83
N PRO F 1603 -73.69 -41.13 -74.05
CA PRO F 1603 -73.95 -42.00 -75.20
C PRO F 1603 -72.80 -42.91 -75.59
N VAL F 1604 -71.55 -42.48 -75.40
CA VAL F 1604 -70.40 -43.21 -75.91
C VAL F 1604 -69.39 -43.39 -74.79
N SER F 1605 -68.64 -44.49 -74.85
CA SER F 1605 -67.60 -44.76 -73.85
C SER F 1605 -66.47 -45.54 -74.50
N TRP F 1606 -65.26 -45.38 -73.97
CA TRP F 1606 -64.13 -46.13 -74.46
C TRP F 1606 -64.21 -47.57 -73.98
N SER F 1607 -63.92 -48.52 -74.87
CA SER F 1607 -63.95 -49.94 -74.54
C SER F 1607 -62.77 -50.63 -75.19
N ARG F 1608 -62.14 -51.54 -74.44
CA ARG F 1608 -60.94 -52.22 -74.92
C ARG F 1608 -61.30 -53.36 -75.86
N MET F 1609 -60.70 -53.38 -77.04
CA MET F 1609 -60.95 -54.46 -77.99
C MET F 1609 -60.19 -55.70 -77.55
N PRO F 1610 -60.81 -56.88 -77.51
CA PRO F 1610 -60.09 -58.09 -77.14
C PRO F 1610 -58.91 -58.33 -78.10
N ASN F 1611 -57.84 -58.88 -77.54
CA ASN F 1611 -56.67 -59.20 -78.37
C ASN F 1611 -56.95 -60.38 -79.30
N HIS F 1612 -57.85 -61.29 -78.90
CA HIS F 1612 -58.21 -62.44 -79.70
C HIS F 1612 -59.72 -62.55 -79.78
N PHE F 1613 -60.20 -63.12 -80.88
CA PHE F 1613 -61.63 -63.19 -81.15
C PHE F 1613 -62.02 -64.62 -81.51
N LEU F 1614 -63.26 -64.97 -81.20
CA LEU F 1614 -63.77 -66.29 -81.52
C LEU F 1614 -63.73 -66.52 -83.02
N GLN F 1615 -63.23 -67.69 -83.43
CA GLN F 1615 -63.17 -68.06 -84.84
C GLN F 1615 -64.45 -68.81 -85.19
N VAL F 1616 -65.35 -68.14 -85.89
CA VAL F 1616 -66.64 -68.70 -86.29
C VAL F 1616 -66.61 -68.96 -87.79
N ASP F 1617 -67.00 -70.16 -88.19
CA ASP F 1617 -67.07 -70.54 -89.59
C ASP F 1617 -68.51 -70.72 -90.00
N THR F 1618 -68.92 -70.01 -91.06
CA THR F 1618 -70.27 -70.09 -91.58
C THR F 1618 -70.22 -70.50 -93.04
N ARG F 1619 -71.08 -71.44 -93.43
CA ARG F 1619 -71.10 -71.88 -94.82
C ARG F 1619 -72.43 -72.53 -95.14
N ARG F 1620 -72.80 -72.49 -96.41
CA ARG F 1620 -74.01 -73.18 -96.85
C ARG F 1620 -73.71 -74.67 -96.96
N ALA F 1621 -74.26 -75.47 -96.05
CA ALA F 1621 -73.98 -76.90 -96.07
C ALA F 1621 -74.60 -77.57 -97.28
N GLY F 1622 -75.76 -77.08 -97.72
CA GLY F 1622 -76.42 -77.65 -98.87
C GLY F 1622 -77.82 -77.10 -98.99
N GLU F 1623 -78.51 -77.55 -100.05
CA GLU F 1623 -79.88 -77.10 -100.28
C GLU F 1623 -80.83 -77.71 -99.26
N ARG F 1624 -80.49 -78.86 -98.71
CA ARG F 1624 -81.32 -79.52 -97.70
C ARG F 1624 -80.78 -79.37 -96.29
N LEU F 1625 -79.46 -79.24 -96.13
CA LEU F 1625 -78.88 -79.15 -94.79
C LEU F 1625 -79.01 -77.75 -94.20
N GLY F 1626 -79.00 -76.71 -95.03
CA GLY F 1626 -79.16 -75.36 -94.55
C GLY F 1626 -77.86 -74.59 -94.47
N TRP F 1627 -77.72 -73.74 -93.45
CA TRP F 1627 -76.55 -72.90 -93.28
C TRP F 1627 -75.88 -73.23 -91.96
N ALA F 1628 -74.67 -73.78 -92.04
CA ALA F 1628 -73.96 -74.29 -90.88
C ALA F 1628 -73.08 -73.21 -90.25
N VAL F 1629 -73.16 -73.13 -88.92
CA VAL F 1629 -72.31 -72.28 -88.08
C VAL F 1629 -71.51 -73.21 -87.17
N GLN F 1630 -70.19 -72.99 -87.09
CA GLN F 1630 -69.32 -73.83 -86.30
C GLN F 1630 -68.34 -72.96 -85.53
N CYS F 1631 -68.11 -73.33 -84.26
CA CYS F 1631 -67.11 -72.67 -83.42
C CYS F 1631 -66.54 -73.70 -82.47
N GLN F 1632 -65.24 -73.98 -82.60
CA GLN F 1632 -64.62 -75.09 -81.87
C GLN F 1632 -63.54 -74.67 -80.89
N GLU F 1633 -62.82 -73.57 -81.14
CA GLU F 1633 -61.67 -73.21 -80.32
C GLU F 1633 -62.13 -72.40 -79.10
N PRO F 1634 -61.84 -72.84 -77.88
CA PRO F 1634 -62.30 -72.09 -76.71
C PRO F 1634 -61.57 -70.76 -76.56
N LEU F 1635 -62.23 -69.81 -75.91
CA LEU F 1635 -61.66 -68.50 -75.66
C LEU F 1635 -62.30 -67.93 -74.41
N MET F 1636 -61.49 -67.58 -73.42
CA MET F 1636 -61.97 -67.10 -72.14
C MET F 1636 -61.29 -65.78 -71.80
N MET F 1637 -61.94 -65.02 -70.93
CA MET F 1637 -61.38 -63.78 -70.40
C MET F 1637 -61.65 -63.71 -68.91
N MET F 1638 -60.79 -63.00 -68.19
CA MET F 1638 -61.02 -62.73 -66.78
C MET F 1638 -61.88 -61.49 -66.66
N ALA F 1639 -63.08 -61.66 -66.13
CA ALA F 1639 -64.06 -60.57 -66.05
C ALA F 1639 -64.04 -59.96 -64.65
N LEU F 1640 -64.01 -58.63 -64.60
CA LEU F 1640 -64.12 -57.88 -63.37
C LEU F 1640 -65.54 -57.34 -63.27
N HIS F 1641 -66.22 -57.67 -62.18
CA HIS F 1641 -67.65 -57.43 -62.04
C HIS F 1641 -67.89 -56.41 -60.94
N ILE F 1642 -68.64 -55.35 -61.27
CA ILE F 1642 -69.06 -54.34 -60.29
C ILE F 1642 -70.39 -54.80 -59.71
N PRO F 1643 -70.46 -55.18 -58.43
CA PRO F 1643 -71.71 -55.78 -57.93
C PRO F 1643 -72.92 -54.86 -58.00
N GLU F 1644 -72.79 -53.61 -57.58
CA GLU F 1644 -73.97 -52.75 -57.47
C GLU F 1644 -74.57 -52.44 -58.85
N GLU F 1645 -73.76 -52.39 -59.89
CA GLU F 1645 -74.23 -52.07 -61.23
C GLU F 1645 -74.57 -53.30 -62.05
N ASN F 1646 -74.36 -54.50 -61.52
CA ASN F 1646 -74.62 -55.74 -62.23
C ASN F 1646 -74.01 -55.70 -63.62
N ARG F 1647 -72.75 -55.28 -63.67
CA ARG F 1647 -72.03 -55.07 -64.91
C ARG F 1647 -70.65 -55.70 -64.77
N CYS F 1648 -70.04 -56.02 -65.91
CA CYS F 1648 -68.70 -56.58 -65.91
C CYS F 1648 -67.91 -56.03 -67.09
N MET F 1649 -66.60 -56.04 -66.95
CA MET F 1649 -65.69 -55.61 -68.00
C MET F 1649 -64.52 -56.58 -68.03
N ASP F 1650 -63.67 -56.43 -69.05
CA ASP F 1650 -62.41 -57.15 -69.04
C ASP F 1650 -61.47 -56.54 -68.01
N ILE F 1651 -60.88 -57.40 -67.16
CA ILE F 1651 -59.97 -56.91 -66.14
C ILE F 1651 -58.83 -56.13 -66.76
N LEU F 1652 -58.49 -56.41 -68.02
CA LEU F 1652 -57.43 -55.70 -68.70
C LEU F 1652 -57.77 -54.24 -68.95
N GLU F 1653 -59.03 -53.85 -68.80
CA GLU F 1653 -59.39 -52.43 -68.88
C GLU F 1653 -58.83 -51.63 -67.72
N LEU F 1654 -58.37 -52.28 -66.67
CA LEU F 1654 -57.77 -51.56 -65.55
C LEU F 1654 -56.42 -50.95 -65.92
N SER F 1655 -55.86 -51.29 -67.08
CA SER F 1655 -54.68 -50.59 -67.55
C SER F 1655 -54.96 -49.12 -67.79
N GLU F 1656 -56.19 -48.78 -68.17
CA GLU F 1656 -56.61 -47.39 -68.36
C GLU F 1656 -57.51 -46.87 -67.26
N ARG F 1657 -58.30 -47.74 -66.62
CA ARG F 1657 -59.16 -47.32 -65.51
C ARG F 1657 -58.34 -47.40 -64.23
N LEU F 1658 -57.64 -46.30 -63.93
CA LEU F 1658 -56.60 -46.33 -62.90
C LEU F 1658 -57.17 -46.38 -61.50
N ASP F 1659 -58.31 -45.71 -61.25
CA ASP F 1659 -58.90 -45.77 -59.91
C ASP F 1659 -59.31 -47.19 -59.55
N LEU F 1660 -59.99 -47.86 -60.48
CA LEU F 1660 -60.34 -49.26 -60.26
C LEU F 1660 -59.10 -50.12 -60.11
N GLN F 1661 -58.07 -49.83 -60.90
CA GLN F 1661 -56.81 -50.58 -60.78
C GLN F 1661 -56.23 -50.46 -59.38
N ARG F 1662 -56.16 -49.24 -58.85
CA ARG F 1662 -55.62 -49.03 -57.51
C ARG F 1662 -56.48 -49.74 -56.47
N PHE F 1663 -57.80 -49.60 -56.58
CA PHE F 1663 -58.67 -50.22 -55.59
C PHE F 1663 -58.53 -51.74 -55.63
N HIS F 1664 -58.43 -52.33 -56.82
CA HIS F 1664 -58.35 -53.78 -56.91
C HIS F 1664 -57.00 -54.28 -56.44
N SER F 1665 -55.92 -53.56 -56.73
CA SER F 1665 -54.62 -53.95 -56.20
C SER F 1665 -54.62 -53.92 -54.68
N HIS F 1666 -55.23 -52.90 -54.09
CA HIS F 1666 -55.34 -52.85 -52.64
C HIS F 1666 -56.27 -53.93 -52.10
N THR F 1667 -57.27 -54.33 -52.89
CA THR F 1667 -58.10 -55.47 -52.49
C THR F 1667 -57.29 -56.76 -52.43
N LEU F 1668 -56.42 -56.97 -53.42
CA LEU F 1668 -55.53 -58.13 -53.38
C LEU F 1668 -54.61 -58.05 -52.16
N SER F 1669 -54.10 -56.85 -51.87
CA SER F 1669 -53.31 -56.67 -50.65
C SER F 1669 -54.11 -57.05 -49.42
N LEU F 1670 -55.40 -56.69 -49.39
CA LEU F 1670 -56.24 -57.03 -48.24
C LEU F 1670 -56.43 -58.55 -48.13
N TYR F 1671 -56.61 -59.23 -49.26
CA TYR F 1671 -56.68 -60.69 -49.23
C TYR F 1671 -55.41 -61.26 -48.61
N ARG F 1672 -54.25 -60.79 -49.06
CA ARG F 1672 -53.00 -61.28 -48.51
C ARG F 1672 -52.90 -60.99 -47.02
N SER F 1673 -53.34 -59.80 -46.60
CA SER F 1673 -53.28 -59.44 -45.19
C SER F 1673 -54.18 -60.35 -44.35
N VAL F 1674 -55.39 -60.63 -44.81
CA VAL F 1674 -56.31 -61.43 -44.02
C VAL F 1674 -55.89 -62.89 -43.96
N CYS F 1675 -55.16 -63.40 -44.96
CA CYS F 1675 -54.64 -64.76 -44.87
C CYS F 1675 -53.17 -64.79 -44.46
N ALA F 1676 -52.61 -63.66 -44.03
CA ALA F 1676 -51.19 -63.58 -43.75
C ALA F 1676 -50.80 -64.35 -42.48
N LEU F 1677 -49.59 -64.91 -42.51
CA LEU F 1677 -48.95 -65.46 -41.33
C LEU F 1677 -49.72 -66.66 -40.76
N GLY F 1678 -50.12 -67.57 -41.63
CA GLY F 1678 -50.61 -68.86 -41.21
C GLY F 1678 -52.11 -68.99 -41.00
N ASN F 1679 -52.90 -68.05 -41.49
CA ASN F 1679 -54.36 -68.15 -41.37
C ASN F 1679 -54.87 -69.01 -42.53
N ASN F 1680 -54.69 -70.33 -42.37
CA ASN F 1680 -55.09 -71.27 -43.40
C ASN F 1680 -56.60 -71.35 -43.57
N ARG F 1681 -57.37 -71.11 -42.51
CA ARG F 1681 -58.82 -71.05 -42.66
C ARG F 1681 -59.22 -69.91 -43.60
N VAL F 1682 -58.65 -68.74 -43.41
CA VAL F 1682 -58.96 -67.62 -44.29
C VAL F 1682 -58.41 -67.85 -45.68
N ALA F 1683 -57.29 -68.57 -45.79
CA ALA F 1683 -56.80 -68.92 -47.11
C ALA F 1683 -57.78 -69.83 -47.85
N HIS F 1684 -58.34 -70.81 -47.14
CA HIS F 1684 -59.36 -71.67 -47.74
C HIS F 1684 -60.58 -70.84 -48.15
N ALA F 1685 -60.98 -69.89 -47.31
CA ALA F 1685 -62.08 -69.01 -47.68
C ALA F 1685 -61.76 -68.22 -48.94
N LEU F 1686 -60.55 -67.67 -49.03
CA LEU F 1686 -60.16 -66.87 -50.19
C LEU F 1686 -60.12 -67.72 -51.46
N CYS F 1687 -59.88 -69.02 -51.32
CA CYS F 1687 -59.91 -69.89 -52.49
C CYS F 1687 -61.28 -69.86 -53.17
N SER F 1688 -62.34 -69.50 -52.45
CA SER F 1688 -63.65 -69.37 -53.06
C SER F 1688 -63.82 -68.07 -53.83
N HIS F 1689 -63.04 -67.05 -53.52
CA HIS F 1689 -63.16 -65.74 -54.16
C HIS F 1689 -62.18 -65.56 -55.31
N VAL F 1690 -60.97 -66.12 -55.19
CA VAL F 1690 -59.99 -66.12 -56.26
C VAL F 1690 -59.57 -67.57 -56.46
N ASP F 1691 -60.19 -68.25 -57.43
CA ASP F 1691 -60.01 -69.68 -57.55
C ASP F 1691 -58.72 -70.02 -58.27
N GLN F 1692 -58.42 -71.31 -58.30
CA GLN F 1692 -57.16 -71.79 -58.86
C GLN F 1692 -57.05 -71.44 -60.33
N ALA F 1693 -58.15 -71.57 -61.08
CA ALA F 1693 -58.13 -71.22 -62.50
C ALA F 1693 -57.80 -69.75 -62.69
N GLN F 1694 -58.41 -68.88 -61.89
CA GLN F 1694 -58.13 -67.45 -61.99
C GLN F 1694 -56.67 -67.17 -61.69
N LEU F 1695 -56.13 -67.76 -60.62
CA LEU F 1695 -54.73 -67.50 -60.27
C LEU F 1695 -53.79 -67.97 -61.37
N LEU F 1696 -54.02 -69.18 -61.89
CA LEU F 1696 -53.14 -69.71 -62.92
C LEU F 1696 -53.24 -68.89 -64.20
N HIS F 1697 -54.43 -68.41 -64.54
CA HIS F 1697 -54.57 -67.54 -65.70
C HIS F 1697 -53.83 -66.22 -65.49
N ALA F 1698 -53.95 -65.64 -64.30
CA ALA F 1698 -53.27 -64.38 -64.02
C ALA F 1698 -51.77 -64.53 -64.08
N LEU F 1699 -51.25 -65.71 -63.70
CA LEU F 1699 -49.81 -65.93 -63.76
C LEU F 1699 -49.29 -65.75 -65.19
N GLU F 1700 -50.02 -66.25 -66.18
CA GLU F 1700 -49.58 -66.22 -67.57
C GLU F 1700 -50.12 -65.03 -68.35
N ASP F 1701 -51.03 -64.25 -67.79
CA ASP F 1701 -51.61 -63.12 -68.50
C ASP F 1701 -50.52 -62.08 -68.76
N ALA F 1702 -50.10 -61.95 -70.01
CA ALA F 1702 -49.03 -61.03 -70.37
C ALA F 1702 -49.48 -59.58 -70.52
N ARG F 1703 -50.79 -59.34 -70.64
CA ARG F 1703 -51.32 -57.99 -70.78
C ARG F 1703 -51.76 -57.38 -69.46
N LEU F 1704 -51.65 -58.11 -68.37
CA LEU F 1704 -52.11 -57.62 -67.09
C LEU F 1704 -51.26 -56.43 -66.64
N PRO F 1705 -51.85 -55.39 -66.07
CA PRO F 1705 -51.05 -54.29 -65.54
C PRO F 1705 -50.10 -54.78 -64.46
N GLY F 1706 -48.95 -54.13 -64.35
CA GLY F 1706 -47.90 -54.56 -63.46
C GLY F 1706 -48.34 -54.74 -62.02
N PRO F 1707 -49.03 -53.74 -61.47
CA PRO F 1707 -49.53 -53.89 -60.09
C PRO F 1707 -50.42 -55.10 -59.89
N LEU F 1708 -51.32 -55.39 -60.84
CA LEU F 1708 -52.19 -56.54 -60.70
C LEU F 1708 -51.44 -57.85 -60.89
N ARG F 1709 -50.47 -57.86 -61.82
CA ARG F 1709 -49.64 -59.05 -61.99
C ARG F 1709 -48.90 -59.39 -60.71
N ALA F 1710 -48.25 -58.39 -60.12
CA ALA F 1710 -47.53 -58.62 -58.87
C ALA F 1710 -48.49 -59.02 -57.76
N GLY F 1711 -49.65 -58.35 -57.69
CA GLY F 1711 -50.62 -58.69 -56.65
C GLY F 1711 -51.12 -60.10 -56.76
N TYR F 1712 -51.36 -60.58 -57.97
CA TYR F 1712 -51.88 -61.95 -58.13
C TYR F 1712 -50.80 -62.98 -57.87
N TYR F 1713 -49.55 -62.71 -58.29
CA TYR F 1713 -48.47 -63.61 -57.91
C TYR F 1713 -48.35 -63.71 -56.40
N ASP F 1714 -48.35 -62.56 -55.72
CA ASP F 1714 -48.25 -62.56 -54.27
C ASP F 1714 -49.46 -63.22 -53.62
N LEU F 1715 -50.65 -63.07 -54.21
CA LEU F 1715 -51.84 -63.71 -53.67
C LEU F 1715 -51.73 -65.22 -53.78
N LEU F 1716 -51.25 -65.73 -54.91
CA LEU F 1716 -51.05 -67.16 -55.04
C LEU F 1716 -50.07 -67.66 -53.98
N ILE F 1717 -48.95 -66.95 -53.82
CA ILE F 1717 -47.97 -67.37 -52.83
C ILE F 1717 -48.57 -67.35 -51.43
N SER F 1718 -49.31 -66.30 -51.10
CA SER F 1718 -49.88 -66.16 -49.76
C SER F 1718 -50.90 -67.24 -49.48
N ILE F 1719 -51.79 -67.52 -50.44
CA ILE F 1719 -52.84 -68.49 -50.21
C ILE F 1719 -52.27 -69.90 -50.12
N HIS F 1720 -51.37 -70.27 -51.04
CA HIS F 1720 -51.01 -71.66 -51.21
C HIS F 1720 -49.62 -72.03 -50.72
N LEU F 1721 -48.67 -71.11 -50.70
CA LEU F 1721 -47.27 -71.46 -50.48
C LEU F 1721 -46.64 -70.80 -49.26
N GLU F 1722 -47.21 -69.70 -48.75
CA GLU F 1722 -46.52 -68.93 -47.74
C GLU F 1722 -46.30 -69.74 -46.46
N SER F 1723 -47.34 -70.44 -45.98
CA SER F 1723 -47.21 -71.18 -44.73
C SER F 1723 -46.19 -72.30 -44.86
N ALA F 1724 -46.28 -73.09 -45.93
CA ALA F 1724 -45.35 -74.19 -46.12
C ALA F 1724 -43.92 -73.68 -46.27
N CYS F 1725 -43.74 -72.59 -47.02
CA CYS F 1725 -42.40 -72.04 -47.20
C CYS F 1725 -41.83 -71.56 -45.87
N ARG F 1726 -42.65 -70.87 -45.05
CA ARG F 1726 -42.15 -70.41 -43.76
C ARG F 1726 -41.79 -71.57 -42.85
N SER F 1727 -42.64 -72.60 -42.81
CA SER F 1727 -42.36 -73.75 -41.95
C SER F 1727 -41.08 -74.45 -42.38
N ARG F 1728 -40.90 -74.63 -43.70
CA ARG F 1728 -39.69 -75.28 -44.19
C ARG F 1728 -38.45 -74.42 -43.93
N ARG F 1729 -38.58 -73.10 -44.10
CA ARG F 1729 -37.44 -72.22 -43.86
C ARG F 1729 -37.01 -72.26 -42.40
N SER F 1730 -37.97 -72.34 -41.49
CA SER F 1730 -37.62 -72.42 -40.07
C SER F 1730 -36.75 -73.65 -39.77
N MET F 1731 -36.96 -74.74 -40.50
CA MET F 1731 -36.23 -75.98 -40.28
C MET F 1731 -34.97 -76.08 -41.12
N LEU F 1732 -34.85 -75.29 -42.18
CA LEU F 1732 -33.73 -75.43 -43.10
C LEU F 1732 -32.38 -75.08 -42.48
N SER F 1733 -32.36 -74.45 -41.30
CA SER F 1733 -31.12 -74.05 -40.66
C SER F 1733 -30.56 -75.12 -39.73
N GLU F 1734 -31.21 -76.27 -39.63
CA GLU F 1734 -30.74 -77.37 -38.79
C GLU F 1734 -30.52 -78.60 -39.66
N TYR F 1735 -29.58 -79.45 -39.22
CA TYR F 1735 -29.14 -80.62 -39.99
C TYR F 1735 -29.18 -81.83 -39.07
N ILE F 1736 -30.34 -82.49 -39.01
CA ILE F 1736 -30.48 -83.76 -38.29
C ILE F 1736 -30.28 -84.86 -39.31
N VAL F 1737 -29.12 -85.49 -39.28
CA VAL F 1737 -28.71 -86.45 -40.31
C VAL F 1737 -28.96 -87.86 -39.77
N PRO F 1738 -29.90 -88.62 -40.35
CA PRO F 1738 -30.05 -90.02 -39.94
C PRO F 1738 -28.96 -90.89 -40.54
N LEU F 1739 -28.43 -91.81 -39.73
CA LEU F 1739 -27.34 -92.68 -40.15
C LEU F 1739 -27.90 -93.85 -40.95
N THR F 1740 -28.24 -93.56 -42.20
CA THR F 1740 -28.77 -94.52 -43.15
C THR F 1740 -27.79 -94.77 -44.28
N PRO F 1741 -28.02 -95.81 -45.09
CA PRO F 1741 -27.13 -96.03 -46.25
C PRO F 1741 -27.06 -94.85 -47.19
N GLU F 1742 -28.17 -94.13 -47.37
CA GLU F 1742 -28.15 -92.92 -48.19
C GLU F 1742 -27.17 -91.91 -47.61
N THR F 1743 -27.17 -91.73 -46.30
CA THR F 1743 -26.20 -90.85 -45.67
C THR F 1743 -24.79 -91.37 -45.87
N ARG F 1744 -24.57 -92.67 -45.70
CA ARG F 1744 -23.24 -93.24 -45.86
C ARG F 1744 -22.70 -93.00 -47.26
N ALA F 1745 -23.58 -92.97 -48.27
CA ALA F 1745 -23.16 -92.80 -49.65
C ALA F 1745 -22.78 -91.36 -49.99
N ILE F 1746 -23.01 -90.40 -49.10
CA ILE F 1746 -22.76 -89.01 -49.42
C ILE F 1746 -21.26 -88.73 -49.36
N THR F 1747 -20.76 -87.99 -50.36
CA THR F 1747 -19.36 -87.62 -50.43
C THR F 1747 -19.25 -86.14 -50.75
N LEU F 1748 -18.14 -85.53 -50.30
CA LEU F 1748 -17.95 -84.09 -50.51
C LEU F 1748 -17.95 -83.75 -52.00
N PHE F 1749 -17.19 -84.50 -52.79
CA PHE F 1749 -17.07 -84.27 -54.21
C PHE F 1749 -17.71 -85.41 -55.00
N PRO F 1750 -18.34 -85.12 -56.14
CA PRO F 1750 -18.95 -86.18 -56.93
C PRO F 1750 -17.91 -87.15 -57.45
N PRO F 1751 -18.21 -88.45 -57.51
CA PRO F 1751 -17.27 -89.39 -58.13
C PRO F 1751 -17.08 -89.07 -59.61
N GLY F 1752 -15.83 -88.80 -59.97
CA GLY F 1752 -15.52 -88.41 -61.34
C GLY F 1752 -14.18 -88.98 -61.78
N ARG F 1753 -13.99 -88.99 -63.10
CA ARG F 1753 -12.77 -89.56 -63.67
C ARG F 1753 -11.54 -88.76 -63.22
N SER F 1754 -11.66 -87.43 -63.19
CA SER F 1754 -10.52 -86.61 -62.77
C SER F 1754 -10.11 -86.96 -61.35
N ALA F 1755 -11.07 -87.08 -60.44
CA ALA F 1755 -10.82 -87.53 -59.08
C ALA F 1755 -12.14 -87.84 -58.39
N GLU F 1756 -12.25 -89.01 -57.77
CA GLU F 1756 -13.50 -89.35 -57.08
C GLU F 1756 -13.76 -88.40 -55.93
N ASP F 1757 -12.73 -88.06 -55.17
CA ASP F 1757 -12.82 -87.04 -54.14
C ASP F 1757 -11.61 -86.13 -54.24
N GLY F 1758 -11.85 -84.83 -54.11
CA GLY F 1758 -10.81 -83.84 -54.23
C GLY F 1758 -10.77 -83.04 -55.52
N PRO F 1759 -11.53 -83.41 -56.56
CA PRO F 1759 -11.37 -82.73 -57.85
C PRO F 1759 -11.78 -81.27 -57.76
N ARG F 1760 -11.25 -80.48 -58.70
CA ARG F 1760 -11.57 -79.06 -58.74
C ARG F 1760 -13.03 -78.78 -59.08
N ARG F 1761 -13.77 -79.79 -59.54
CA ARG F 1761 -15.14 -79.60 -60.01
C ARG F 1761 -16.11 -80.04 -58.92
N HIS F 1762 -16.85 -79.08 -58.37
CA HIS F 1762 -17.92 -79.39 -57.44
C HIS F 1762 -19.10 -80.01 -58.19
N GLY F 1763 -19.98 -80.65 -57.42
CA GLY F 1763 -21.27 -81.01 -57.96
C GLY F 1763 -22.18 -79.80 -58.05
N LEU F 1764 -23.23 -79.93 -58.85
CA LEU F 1764 -24.15 -78.82 -59.02
C LEU F 1764 -24.86 -78.55 -57.70
N PRO F 1765 -24.87 -77.31 -57.20
CA PRO F 1765 -25.50 -77.04 -55.91
C PRO F 1765 -26.98 -77.37 -55.94
N GLY F 1766 -27.48 -77.90 -54.82
CA GLY F 1766 -28.88 -78.24 -54.71
C GLY F 1766 -29.29 -79.47 -55.51
N VAL F 1767 -28.34 -80.20 -56.06
CA VAL F 1767 -28.60 -81.38 -56.87
C VAL F 1767 -27.88 -82.56 -56.24
N GLY F 1768 -28.62 -83.64 -55.99
CA GLY F 1768 -28.05 -84.83 -55.41
C GLY F 1768 -28.90 -85.32 -54.26
N VAL F 1769 -28.28 -86.14 -53.42
CA VAL F 1769 -28.97 -86.76 -52.30
C VAL F 1769 -28.75 -85.93 -51.05
N THR F 1770 -29.84 -85.57 -50.38
CA THR F 1770 -29.81 -84.89 -49.09
C THR F 1770 -30.63 -85.70 -48.11
N THR F 1771 -30.08 -85.93 -46.91
CA THR F 1771 -30.72 -86.78 -45.92
C THR F 1771 -31.18 -86.03 -44.68
N SER F 1772 -30.84 -84.75 -44.53
CA SER F 1772 -31.28 -84.00 -43.36
C SER F 1772 -32.79 -84.06 -43.26
N LEU F 1773 -33.29 -84.27 -42.04
CA LEU F 1773 -34.71 -84.43 -41.82
C LEU F 1773 -35.43 -83.10 -41.99
N ARG F 1774 -36.48 -83.09 -42.81
CA ARG F 1774 -37.35 -81.93 -42.96
C ARG F 1774 -38.78 -82.45 -43.02
N PRO F 1775 -39.66 -82.01 -42.13
CA PRO F 1775 -41.03 -82.55 -42.14
C PRO F 1775 -41.73 -82.26 -43.46
N PRO F 1776 -42.60 -83.15 -43.92
CA PRO F 1776 -43.24 -82.93 -45.22
C PRO F 1776 -44.26 -81.80 -45.17
N HIS F 1777 -44.67 -81.36 -46.35
CA HIS F 1777 -45.71 -80.37 -46.49
C HIS F 1777 -47.08 -81.03 -46.38
N HIS F 1778 -48.01 -80.36 -45.70
CA HIS F 1778 -49.37 -80.85 -45.53
C HIS F 1778 -50.34 -79.83 -46.11
N PHE F 1779 -51.20 -80.29 -47.01
CA PHE F 1779 -52.20 -79.46 -47.64
C PHE F 1779 -53.55 -80.18 -47.60
N SER F 1780 -54.62 -79.42 -47.73
CA SER F 1780 -55.95 -79.98 -47.81
C SER F 1780 -56.67 -79.44 -49.04
N PRO F 1781 -57.55 -80.21 -49.66
CA PRO F 1781 -58.22 -79.76 -50.88
C PRO F 1781 -59.17 -78.62 -50.59
N PRO F 1782 -59.22 -77.59 -51.45
CA PRO F 1782 -60.28 -76.59 -51.32
C PRO F 1782 -61.61 -77.17 -51.79
N CYS F 1783 -62.59 -77.19 -50.89
CA CYS F 1783 -63.90 -77.75 -51.20
C CYS F 1783 -64.92 -77.15 -50.24
N PHE F 1784 -66.01 -76.61 -50.80
CA PHE F 1784 -67.02 -75.92 -50.01
C PHE F 1784 -68.38 -76.61 -50.10
N VAL F 1785 -68.37 -77.94 -50.29
CA VAL F 1785 -69.56 -78.76 -50.17
C VAL F 1785 -69.40 -79.84 -49.12
N VAL F 1786 -68.25 -79.93 -48.47
CA VAL F 1786 -68.02 -80.95 -47.45
C VAL F 1786 -68.83 -80.58 -46.20
N ALA F 1787 -69.25 -81.62 -45.48
CA ALA F 1787 -69.98 -81.39 -44.23
C ALA F 1787 -69.07 -80.69 -43.23
N LEU F 1788 -69.57 -79.60 -42.65
CA LEU F 1788 -68.79 -78.84 -41.70
C LEU F 1788 -68.61 -79.64 -40.42
N PRO F 1789 -67.44 -79.63 -39.79
CA PRO F 1789 -67.25 -80.44 -38.59
C PRO F 1789 -67.96 -79.86 -37.38
N ALA F 1790 -68.89 -80.63 -36.81
CA ALA F 1790 -69.63 -80.18 -35.64
C ALA F 1790 -68.74 -80.03 -34.40
N ALA F 1791 -67.52 -80.56 -34.44
CA ALA F 1791 -66.61 -80.45 -33.32
C ALA F 1791 -66.51 -79.00 -32.85
N GLY F 1792 -66.43 -78.82 -31.53
CA GLY F 1792 -66.39 -77.50 -30.94
C GLY F 1792 -65.19 -76.69 -31.39
N ALA F 1793 -65.35 -75.37 -31.43
CA ALA F 1793 -64.26 -74.51 -31.86
C ALA F 1793 -63.12 -74.54 -30.85
N THR F 1794 -61.93 -74.18 -31.32
CA THR F 1794 -60.72 -74.17 -30.49
C THR F 1794 -60.34 -75.59 -30.06
N GLU F 1795 -60.91 -76.58 -30.74
CA GLU F 1795 -60.60 -77.98 -30.45
C GLU F 1795 -60.34 -78.74 -31.74
N ALA F 1796 -60.88 -78.26 -32.86
CA ALA F 1796 -60.68 -78.94 -34.12
C ALA F 1796 -59.24 -78.78 -34.59
N PRO F 1797 -58.70 -79.74 -35.35
CA PRO F 1797 -57.34 -79.59 -35.87
C PRO F 1797 -57.22 -78.33 -36.72
N ALA F 1798 -56.08 -77.65 -36.60
CA ALA F 1798 -55.84 -76.45 -37.37
C ALA F 1798 -55.92 -76.75 -38.87
N ARG F 1799 -56.56 -75.84 -39.61
CA ARG F 1799 -56.73 -76.03 -41.04
C ARG F 1799 -55.37 -76.09 -41.72
N LEU F 1800 -55.26 -76.96 -42.72
CA LEU F 1800 -54.07 -77.02 -43.56
C LEU F 1800 -54.19 -76.01 -44.70
N SER F 1801 -53.05 -75.65 -45.27
CA SER F 1801 -53.06 -74.71 -46.37
C SER F 1801 -53.80 -75.32 -47.57
N PRO F 1802 -54.59 -74.53 -48.30
CA PRO F 1802 -55.28 -75.09 -49.46
C PRO F 1802 -54.28 -75.60 -50.49
N ALA F 1803 -54.65 -76.70 -51.15
CA ALA F 1803 -53.76 -77.36 -52.10
C ALA F 1803 -53.88 -76.74 -53.48
N ILE F 1804 -52.78 -76.80 -54.23
CA ILE F 1804 -52.75 -76.40 -55.63
C ILE F 1804 -51.76 -77.32 -56.32
N PRO F 1805 -52.05 -77.84 -57.52
CA PRO F 1805 -51.16 -78.84 -58.12
C PRO F 1805 -49.72 -78.35 -58.26
N LEU F 1806 -48.83 -78.95 -57.48
CA LEU F 1806 -47.47 -78.43 -57.37
C LEU F 1806 -46.63 -78.78 -58.59
N GLU F 1807 -46.86 -79.96 -59.19
CA GLU F 1807 -46.12 -80.32 -60.39
C GLU F 1807 -46.43 -79.36 -61.53
N ALA F 1808 -47.72 -79.12 -61.77
CA ALA F 1808 -48.11 -78.17 -62.82
C ALA F 1808 -47.63 -76.77 -62.48
N LEU F 1809 -47.72 -76.36 -61.21
CA LEU F 1809 -47.28 -75.03 -60.83
C LEU F 1809 -45.78 -74.85 -61.08
N ARG F 1810 -44.98 -75.87 -60.74
CA ARG F 1810 -43.53 -75.75 -60.93
C ARG F 1810 -43.18 -75.76 -62.41
N ASP F 1811 -43.87 -76.58 -63.22
CA ASP F 1811 -43.62 -76.55 -64.65
C ASP F 1811 -43.95 -75.18 -65.22
N LYS F 1812 -45.08 -74.60 -64.81
CA LYS F 1812 -45.46 -73.28 -65.30
C LYS F 1812 -44.44 -72.23 -64.87
N ALA F 1813 -43.96 -72.32 -63.63
CA ALA F 1813 -42.99 -71.36 -63.15
C ALA F 1813 -41.70 -71.43 -63.94
N LEU F 1814 -41.22 -72.64 -64.22
CA LEU F 1814 -40.00 -72.78 -65.02
C LEU F 1814 -40.20 -72.24 -66.43
N ARG F 1815 -41.33 -72.56 -67.05
CA ARG F 1815 -41.59 -72.06 -68.39
C ARG F 1815 -41.65 -70.53 -68.40
N MET F 1816 -42.30 -69.95 -67.40
CA MET F 1816 -42.42 -68.50 -67.33
C MET F 1816 -41.06 -67.84 -67.11
N LEU F 1817 -40.22 -68.42 -66.26
CA LEU F 1817 -38.88 -67.87 -66.06
C LEU F 1817 -38.07 -67.93 -67.35
N GLY F 1818 -38.15 -69.05 -68.07
CA GLY F 1818 -37.46 -69.14 -69.34
C GLY F 1818 -37.94 -68.11 -70.34
N GLU F 1819 -39.26 -67.92 -70.42
CA GLU F 1819 -39.80 -66.92 -71.33
C GLU F 1819 -39.35 -65.52 -70.94
N ALA F 1820 -39.32 -65.22 -69.64
CA ALA F 1820 -38.86 -63.91 -69.19
C ALA F 1820 -37.41 -63.69 -69.56
N VAL F 1821 -36.56 -64.71 -69.39
CA VAL F 1821 -35.16 -64.58 -69.75
C VAL F 1821 -35.02 -64.31 -71.25
N ARG F 1822 -35.76 -65.06 -72.06
CA ARG F 1822 -35.69 -64.87 -73.51
C ARG F 1822 -36.15 -63.47 -73.90
N ASP F 1823 -37.25 -63.00 -73.34
CA ASP F 1823 -37.76 -61.67 -73.68
C ASP F 1823 -36.79 -60.58 -73.25
N GLY F 1824 -36.21 -60.72 -72.05
CA GLY F 1824 -35.18 -59.78 -71.63
C GLY F 1824 -34.00 -59.76 -72.58
N GLY F 1825 -33.64 -60.93 -73.10
CA GLY F 1825 -32.60 -60.97 -74.12
C GLY F 1825 -33.00 -60.20 -75.37
N GLN F 1826 -34.25 -60.35 -75.81
CA GLN F 1826 -34.71 -59.65 -77.01
C GLN F 1826 -34.84 -58.14 -76.81
N HIS F 1827 -35.10 -57.68 -75.58
CA HIS F 1827 -35.23 -56.24 -75.30
C HIS F 1827 -36.37 -55.63 -76.11
N ALA F 1828 -37.58 -56.09 -75.81
CA ALA F 1828 -38.77 -55.53 -76.43
C ALA F 1828 -39.17 -54.23 -75.74
N ARG F 1829 -40.06 -53.47 -76.39
CA ARG F 1829 -40.53 -52.20 -75.86
C ARG F 1829 -41.85 -52.32 -75.12
N ASP F 1830 -42.40 -53.54 -74.97
CA ASP F 1830 -43.62 -53.78 -74.23
C ASP F 1830 -43.41 -54.93 -73.26
N PRO F 1831 -42.59 -54.72 -72.21
CA PRO F 1831 -42.34 -55.81 -71.27
C PRO F 1831 -43.61 -56.25 -70.57
N VAL F 1832 -43.68 -57.54 -70.24
CA VAL F 1832 -44.82 -58.07 -69.53
C VAL F 1832 -44.94 -57.36 -68.19
N GLY F 1833 -46.12 -56.78 -67.93
CA GLY F 1833 -46.36 -56.03 -66.72
C GLY F 1833 -46.00 -54.56 -66.80
N GLY F 1834 -45.39 -54.12 -67.90
CA GLY F 1834 -45.07 -52.73 -68.11
C GLY F 1834 -43.61 -52.38 -67.87
N SER F 1835 -42.83 -53.27 -67.26
CA SER F 1835 -41.43 -52.98 -67.01
C SER F 1835 -40.69 -54.28 -66.74
N VAL F 1836 -39.36 -54.19 -66.81
CA VAL F 1836 -38.52 -55.36 -66.54
C VAL F 1836 -38.73 -55.85 -65.11
N GLU F 1837 -38.88 -54.92 -64.18
CA GLU F 1837 -39.12 -55.30 -62.79
C GLU F 1837 -40.44 -56.08 -62.67
N PHE F 1838 -41.51 -55.53 -63.22
CA PHE F 1838 -42.80 -56.21 -63.15
C PHE F 1838 -42.82 -57.51 -63.92
N GLN F 1839 -41.92 -57.68 -64.88
CA GLN F 1839 -41.82 -58.95 -65.59
C GLN F 1839 -41.06 -60.01 -64.80
N PHE F 1840 -39.96 -59.63 -64.16
CA PHE F 1840 -39.07 -60.59 -63.52
C PHE F 1840 -39.36 -60.84 -62.06
N VAL F 1841 -39.64 -59.80 -61.27
CA VAL F 1841 -39.73 -59.96 -59.81
C VAL F 1841 -40.79 -60.99 -59.43
N PRO F 1842 -42.01 -60.96 -59.97
CA PRO F 1842 -43.01 -61.96 -59.55
C PRO F 1842 -42.60 -63.38 -59.87
N VAL F 1843 -42.11 -63.63 -61.08
CA VAL F 1843 -41.69 -64.98 -61.46
C VAL F 1843 -40.55 -65.45 -60.58
N LEU F 1844 -39.57 -64.57 -60.33
CA LEU F 1844 -38.46 -64.95 -59.47
C LEU F 1844 -38.91 -65.22 -58.05
N LYS F 1845 -39.87 -64.44 -57.54
CA LYS F 1845 -40.41 -64.72 -56.22
C LYS F 1845 -41.06 -66.09 -56.16
N LEU F 1846 -41.86 -66.43 -57.18
CA LEU F 1846 -42.50 -67.74 -57.21
C LEU F 1846 -41.45 -68.85 -57.26
N VAL F 1847 -40.44 -68.68 -58.10
CA VAL F 1847 -39.40 -69.71 -58.24
C VAL F 1847 -38.64 -69.87 -56.94
N SER F 1848 -38.29 -68.77 -56.28
CA SER F 1848 -37.59 -68.85 -55.00
C SER F 1848 -38.45 -69.53 -53.94
N THR F 1849 -39.74 -69.21 -53.91
CA THR F 1849 -40.62 -69.83 -52.94
C THR F 1849 -40.67 -71.35 -53.16
N LEU F 1850 -40.84 -71.77 -54.40
CA LEU F 1850 -40.88 -73.21 -54.69
C LEU F 1850 -39.55 -73.87 -54.37
N LEU F 1851 -38.44 -73.20 -54.68
CA LEU F 1851 -37.12 -73.76 -54.37
C LEU F 1851 -36.96 -73.98 -52.87
N VAL F 1852 -37.28 -72.96 -52.08
CA VAL F 1852 -37.16 -73.10 -50.62
C VAL F 1852 -38.08 -74.19 -50.12
N MET F 1853 -39.30 -74.27 -50.68
CA MET F 1853 -40.20 -75.36 -50.34
C MET F 1853 -39.65 -76.72 -50.73
N GLY F 1854 -38.70 -76.77 -51.66
CA GLY F 1854 -38.05 -78.02 -52.02
C GLY F 1854 -38.87 -78.90 -52.93
N VAL F 1855 -39.78 -78.31 -53.72
CA VAL F 1855 -40.63 -79.09 -54.61
C VAL F 1855 -40.00 -79.33 -55.97
N PHE F 1856 -38.96 -78.59 -56.33
CA PHE F 1856 -38.31 -78.77 -57.62
C PHE F 1856 -37.52 -80.07 -57.64
N SER F 1857 -37.58 -80.77 -58.76
CA SER F 1857 -36.80 -81.98 -58.94
C SER F 1857 -35.37 -81.63 -59.37
N ASP F 1858 -34.54 -82.66 -59.50
CA ASP F 1858 -33.15 -82.44 -59.88
C ASP F 1858 -33.06 -81.81 -61.26
N GLU F 1859 -33.86 -82.28 -62.21
CA GLU F 1859 -33.86 -81.69 -63.54
C GLU F 1859 -34.30 -80.23 -63.51
N ASP F 1860 -35.32 -79.93 -62.71
CA ASP F 1860 -35.77 -78.54 -62.58
C ASP F 1860 -34.69 -77.66 -61.99
N VAL F 1861 -33.99 -78.16 -60.98
CA VAL F 1861 -32.91 -77.39 -60.37
C VAL F 1861 -31.80 -77.16 -61.38
N LYS F 1862 -31.49 -78.17 -62.20
CA LYS F 1862 -30.48 -78.00 -63.24
C LYS F 1862 -30.91 -76.95 -64.26
N GLN F 1863 -32.19 -76.95 -64.64
CA GLN F 1863 -32.68 -75.92 -65.54
C GLN F 1863 -32.55 -74.54 -64.92
N ILE F 1864 -32.89 -74.41 -63.64
CA ILE F 1864 -32.78 -73.11 -62.97
C ILE F 1864 -31.33 -72.65 -62.93
N LEU F 1865 -30.42 -73.58 -62.62
CA LEU F 1865 -29.00 -73.22 -62.58
C LEU F 1865 -28.49 -72.80 -63.95
N LYS F 1866 -28.93 -73.50 -65.00
CA LYS F 1866 -28.51 -73.11 -66.34
C LYS F 1866 -29.08 -71.77 -66.74
N MET F 1867 -30.30 -71.45 -66.31
CA MET F 1867 -30.84 -70.11 -66.53
C MET F 1867 -30.01 -69.06 -65.79
N ILE F 1868 -29.59 -69.37 -64.57
CA ILE F 1868 -28.80 -68.41 -63.81
C ILE F 1868 -27.45 -68.17 -64.48
N GLU F 1869 -26.77 -69.24 -64.88
CA GLU F 1869 -25.45 -69.13 -65.48
C GLU F 1869 -25.19 -70.34 -66.38
N PRO F 1870 -25.34 -70.21 -67.70
CA PRO F 1870 -25.18 -71.39 -68.57
C PRO F 1870 -23.81 -72.02 -68.50
N GLU F 1871 -22.74 -71.23 -68.34
CA GLU F 1871 -21.39 -71.77 -68.41
C GLU F 1871 -20.92 -72.38 -67.09
N VAL F 1872 -21.14 -71.68 -65.98
CA VAL F 1872 -20.67 -72.19 -64.70
C VAL F 1872 -21.38 -73.48 -64.34
N PHE F 1873 -22.67 -73.58 -64.67
CA PHE F 1873 -23.50 -74.71 -64.28
C PHE F 1873 -23.82 -75.62 -65.47
N ARG F 1874 -23.00 -75.58 -66.51
CA ARG F 1874 -23.16 -76.50 -67.62
C ARG F 1874 -22.94 -77.93 -67.15
N GLU F 1875 -23.69 -78.85 -67.74
CA GLU F 1875 -23.59 -80.27 -67.39
C GLU F 1875 -22.49 -80.93 -68.23
N GLU F 1876 -21.56 -81.57 -67.54
CA GLU F 1876 -20.45 -82.25 -68.20
C GLU F 1876 -20.96 -83.34 -69.14
N LEU F 1923 -30.65 -68.86 -73.42
CA LEU F 1923 -29.66 -68.48 -74.41
C LEU F 1923 -28.33 -68.33 -73.69
N GLU F 1924 -27.24 -68.16 -74.45
CA GLU F 1924 -25.90 -68.24 -73.89
C GLU F 1924 -25.60 -67.17 -72.84
N GLU F 1925 -26.58 -66.37 -72.45
CA GLU F 1925 -26.44 -65.35 -71.40
C GLU F 1925 -27.44 -65.65 -70.30
N GLY F 1926 -26.94 -65.79 -69.07
CA GLY F 1926 -27.78 -66.09 -67.93
C GLY F 1926 -28.37 -64.85 -67.30
N LEU F 1927 -29.15 -65.07 -66.24
CA LEU F 1927 -29.77 -63.95 -65.55
C LEU F 1927 -28.73 -63.02 -64.93
N LEU F 1928 -27.66 -63.59 -64.38
CA LEU F 1928 -26.70 -62.80 -63.62
C LEU F 1928 -26.03 -61.73 -64.47
N GLN F 1929 -26.04 -61.87 -65.79
CA GLN F 1929 -25.53 -60.84 -66.70
C GLN F 1929 -26.66 -60.43 -67.63
N MET F 1930 -27.52 -59.52 -67.17
CA MET F 1930 -28.62 -59.06 -68.01
C MET F 1930 -28.93 -57.58 -67.80
N LYS F 1931 -28.08 -56.86 -67.06
CA LYS F 1931 -28.37 -55.45 -66.79
C LYS F 1931 -29.76 -55.32 -66.18
N LEU F 1932 -29.94 -55.85 -64.97
CA LEU F 1932 -31.25 -55.95 -64.35
C LEU F 1932 -31.43 -54.89 -63.27
N PRO F 1933 -32.66 -54.51 -62.95
CA PRO F 1933 -32.88 -53.54 -61.87
C PRO F 1933 -32.52 -54.13 -60.51
N GLU F 1934 -32.59 -53.26 -59.50
CA GLU F 1934 -32.13 -53.64 -58.17
C GLU F 1934 -33.06 -54.64 -57.50
N SER F 1935 -34.36 -54.53 -57.74
CA SER F 1935 -35.28 -55.53 -57.17
C SER F 1935 -35.03 -56.91 -57.78
N VAL F 1936 -34.80 -56.97 -59.08
CA VAL F 1936 -34.47 -58.23 -59.72
C VAL F 1936 -33.14 -58.75 -59.18
N LYS F 1937 -32.18 -57.85 -58.94
CA LYS F 1937 -30.92 -58.27 -58.34
C LYS F 1937 -31.15 -58.86 -56.95
N LEU F 1938 -32.07 -58.27 -56.18
CA LEU F 1938 -32.39 -58.81 -54.86
C LEU F 1938 -32.98 -60.22 -54.96
N GLN F 1939 -33.88 -60.43 -55.93
CA GLN F 1939 -34.42 -61.77 -56.11
C GLN F 1939 -33.32 -62.76 -56.52
N MET F 1940 -32.41 -62.33 -57.39
CA MET F 1940 -31.27 -63.18 -57.76
C MET F 1940 -30.42 -63.49 -56.54
N CYS F 1941 -30.26 -62.51 -55.64
CA CYS F 1941 -29.53 -62.75 -54.40
C CYS F 1941 -30.23 -63.80 -53.55
N HIS F 1942 -31.56 -63.77 -53.51
CA HIS F 1942 -32.29 -64.81 -52.78
C HIS F 1942 -32.04 -66.19 -53.38
N LEU F 1943 -32.05 -66.29 -54.70
CA LEU F 1943 -31.76 -67.58 -55.34
C LEU F 1943 -30.34 -68.06 -55.00
N LEU F 1944 -29.37 -67.16 -55.10
CA LEU F 1944 -28.00 -67.52 -54.77
C LEU F 1944 -27.87 -67.90 -53.30
N GLU F 1945 -28.63 -67.24 -52.42
CA GLU F 1945 -28.64 -67.62 -51.01
C GLU F 1945 -29.13 -69.04 -50.84
N TYR F 1946 -30.19 -69.41 -51.55
CA TYR F 1946 -30.68 -70.78 -51.45
C TYR F 1946 -29.61 -71.77 -51.89
N PHE F 1947 -28.93 -71.48 -53.00
CA PHE F 1947 -27.95 -72.44 -53.49
C PHE F 1947 -26.72 -72.52 -52.59
N CYS F 1948 -26.30 -71.39 -52.01
CA CYS F 1948 -25.22 -71.44 -51.03
C CYS F 1948 -25.63 -72.22 -49.79
N ASP F 1949 -26.87 -72.06 -49.34
CA ASP F 1949 -27.35 -72.86 -48.22
C ASP F 1949 -27.33 -74.35 -48.55
N GLN F 1950 -27.71 -74.72 -49.77
CA GLN F 1950 -27.62 -76.11 -50.18
C GLN F 1950 -26.19 -76.61 -50.18
N GLU F 1951 -25.24 -75.80 -50.64
CA GLU F 1951 -23.84 -76.21 -50.58
C GLU F 1951 -23.39 -76.44 -49.13
N LEU F 1952 -23.77 -75.54 -48.22
CA LEU F 1952 -23.42 -75.71 -46.82
C LEU F 1952 -24.03 -76.99 -46.26
N GLN F 1953 -25.28 -77.26 -46.59
CA GLN F 1953 -25.93 -78.48 -46.13
C GLN F 1953 -25.20 -79.72 -46.66
N HIS F 1954 -24.79 -79.68 -47.92
CA HIS F 1954 -24.04 -80.79 -48.49
C HIS F 1954 -22.73 -81.01 -47.74
N ARG F 1955 -22.04 -79.93 -47.40
CA ARG F 1955 -20.80 -80.06 -46.63
C ARG F 1955 -21.09 -80.72 -45.28
N VAL F 1956 -22.14 -80.27 -44.60
CA VAL F 1956 -22.46 -80.82 -43.29
C VAL F 1956 -22.77 -82.31 -43.39
N GLU F 1957 -23.56 -82.68 -44.40
CA GLU F 1957 -23.94 -84.09 -44.54
C GLU F 1957 -22.75 -84.97 -44.90
N SER F 1958 -21.85 -84.46 -45.76
CA SER F 1958 -20.64 -85.22 -46.07
C SER F 1958 -19.80 -85.41 -44.83
N LEU F 1959 -19.68 -84.36 -44.00
CA LEU F 1959 -18.96 -84.48 -42.75
C LEU F 1959 -19.61 -85.53 -41.85
N ALA F 1960 -20.94 -85.56 -41.80
CA ALA F 1960 -21.64 -86.55 -40.97
C ALA F 1960 -21.36 -87.97 -41.45
N ALA F 1961 -21.41 -88.19 -42.77
CA ALA F 1961 -21.15 -89.53 -43.29
C ALA F 1961 -19.71 -89.98 -43.00
N PHE F 1962 -18.75 -89.09 -43.22
CA PHE F 1962 -17.37 -89.43 -42.91
C PHE F 1962 -17.22 -89.69 -41.42
N ALA F 1963 -17.92 -88.92 -40.58
CA ALA F 1963 -17.87 -89.14 -39.15
C ALA F 1963 -18.37 -90.54 -38.81
N GLU F 1964 -19.47 -90.96 -39.44
CA GLU F 1964 -19.96 -92.31 -39.20
C GLU F 1964 -18.90 -93.35 -39.52
N CYS F 1965 -18.34 -93.30 -40.73
CA CYS F 1965 -17.37 -94.33 -41.11
C CYS F 1965 -16.13 -94.29 -40.23
N TYR F 1966 -15.59 -93.09 -39.98
CA TYR F 1966 -14.37 -92.95 -39.20
C TYR F 1966 -14.59 -93.39 -37.76
N VAL F 1967 -15.74 -93.06 -37.19
CA VAL F 1967 -16.04 -93.46 -35.81
C VAL F 1967 -16.15 -94.97 -35.72
N ASP F 1968 -16.76 -95.61 -36.73
CA ASP F 1968 -16.79 -97.07 -36.75
C ASP F 1968 -15.39 -97.63 -36.72
N LYS F 1969 -14.50 -97.09 -37.57
CA LYS F 1969 -13.14 -97.61 -37.62
C LYS F 1969 -12.40 -97.36 -36.30
N MET F 1970 -12.59 -96.19 -35.70
CA MET F 1970 -11.94 -95.88 -34.43
C MET F 1970 -12.40 -96.84 -33.34
N GLN F 1971 -13.71 -97.10 -33.29
CA GLN F 1971 -14.25 -98.01 -32.28
C GLN F 1971 -13.69 -99.41 -32.48
N GLY F 1972 -13.63 -99.88 -33.73
CA GLY F 1972 -13.05 -101.18 -33.98
C GLY F 1972 -11.60 -101.26 -33.54
N ASN F 1973 -10.83 -100.22 -33.85
CA ASN F 1973 -9.42 -100.20 -33.45
C ASN F 1973 -9.29 -100.23 -31.93
N GLN F 1974 -10.11 -99.46 -31.22
CA GLN F 1974 -10.04 -99.45 -29.76
C GLN F 1974 -10.39 -100.83 -29.21
N ARG F 1975 -11.41 -101.48 -29.77
CA ARG F 1975 -11.75 -102.82 -29.31
C ARG F 1975 -10.59 -103.78 -29.51
N GLY F 1976 -9.95 -103.73 -30.68
CA GLY F 1976 -8.81 -104.60 -30.93
C GLY F 1976 -7.67 -104.32 -29.97
N ARG F 1977 -7.40 -103.05 -29.71
CA ARG F 1977 -6.31 -102.70 -28.81
C ARG F 1977 -6.60 -103.15 -27.38
N TYR F 1978 -7.85 -103.03 -26.94
CA TYR F 1978 -8.22 -103.54 -25.63
C TYR F 1978 -8.03 -105.06 -25.57
N GLY F 1979 -8.43 -105.75 -26.63
CA GLY F 1979 -8.21 -107.19 -26.67
C GLY F 1979 -6.75 -107.54 -26.54
N LEU F 1980 -5.89 -106.84 -27.28
CA LEU F 1980 -4.45 -107.10 -27.19
C LEU F 1980 -3.93 -106.80 -25.79
N LEU F 1981 -4.35 -105.68 -25.20
CA LEU F 1981 -3.88 -105.33 -23.87
C LEU F 1981 -4.28 -106.37 -22.84
N MET F 1982 -5.53 -106.82 -22.90
CA MET F 1982 -6.00 -107.82 -21.94
C MET F 1982 -5.28 -109.15 -22.14
N LYS F 1983 -5.07 -109.55 -23.39
CA LYS F 1983 -4.40 -110.81 -23.66
C LYS F 1983 -2.90 -110.74 -23.43
N ALA F 1984 -2.34 -109.54 -23.25
CA ALA F 1984 -0.92 -109.42 -22.97
C ALA F 1984 -0.62 -109.91 -21.55
N PHE F 1985 0.61 -110.36 -21.35
CA PHE F 1985 1.05 -110.83 -20.04
C PHE F 1985 1.08 -109.71 -19.01
N THR F 1986 1.04 -108.45 -19.43
CA THR F 1986 1.08 -107.32 -18.51
C THR F 1986 2.33 -107.39 -17.64
N MET F 1987 3.49 -107.53 -18.28
CA MET F 1987 4.75 -107.66 -17.56
C MET F 1987 4.95 -106.48 -16.61
N SER F 1988 4.70 -105.27 -17.11
CA SER F 1988 4.88 -104.05 -16.32
C SER F 1988 3.50 -103.54 -15.89
N ALA F 1989 3.26 -103.60 -14.58
CA ALA F 1989 1.99 -103.08 -14.06
C ALA F 1989 1.83 -101.61 -14.36
N ALA F 1990 2.94 -100.86 -14.32
CA ALA F 1990 2.88 -99.44 -14.67
C ALA F 1990 2.46 -99.26 -16.13
N GLU F 1991 3.01 -100.09 -17.02
CA GLU F 1991 2.62 -100.01 -18.42
C GLU F 1991 1.15 -100.34 -18.59
N THR F 1992 0.67 -101.37 -17.89
CA THR F 1992 -0.75 -101.73 -18.00
C THR F 1992 -1.64 -100.61 -17.50
N ALA F 1993 -1.26 -99.98 -16.39
CA ALA F 1993 -2.04 -98.86 -15.86
C ALA F 1993 -2.05 -97.69 -16.83
N ARG F 1994 -0.89 -97.39 -17.42
CA ARG F 1994 -0.82 -96.28 -18.36
C ARG F 1994 -1.69 -96.56 -19.58
N ARG F 1995 -1.67 -97.79 -20.07
CA ARG F 1995 -2.52 -98.15 -21.22
C ARG F 1995 -3.99 -98.05 -20.85
N THR F 1996 -4.36 -98.49 -19.65
CA THR F 1996 -5.76 -98.46 -19.24
C THR F 1996 -6.23 -97.06 -18.84
N ARG F 1997 -5.32 -96.10 -18.66
CA ARG F 1997 -5.76 -94.72 -18.46
C ARG F 1997 -6.74 -94.29 -19.55
N GLU F 1998 -6.39 -94.53 -20.82
CA GLU F 1998 -7.26 -94.14 -21.92
C GLU F 1998 -8.64 -94.76 -21.75
N PHE F 1999 -8.69 -96.07 -21.52
CA PHE F 1999 -9.97 -96.76 -21.52
C PHE F 1999 -10.77 -96.49 -20.26
N ARG F 2000 -10.14 -95.94 -19.23
CA ARG F 2000 -10.86 -95.43 -18.08
C ARG F 2000 -11.21 -93.95 -18.22
N SER F 2001 -10.70 -93.27 -19.23
CA SER F 2001 -11.07 -91.89 -19.48
C SER F 2001 -12.50 -91.80 -20.04
N PRO F 2002 -13.16 -90.66 -19.90
CA PRO F 2002 -14.50 -90.51 -20.48
C PRO F 2002 -14.47 -90.62 -21.99
N PRO F 2003 -15.55 -91.07 -22.62
CA PRO F 2003 -15.51 -91.26 -24.09
C PRO F 2003 -15.15 -90.00 -24.86
N GLN F 2004 -15.61 -88.84 -24.44
CA GLN F 2004 -15.28 -87.61 -25.16
C GLN F 2004 -13.78 -87.35 -25.10
N GLU F 2005 -13.18 -87.54 -23.92
CA GLU F 2005 -11.73 -87.38 -23.79
C GLU F 2005 -10.99 -88.43 -24.61
N GLN F 2006 -11.53 -89.65 -24.67
CA GLN F 2006 -10.92 -90.68 -25.51
C GLN F 2006 -10.90 -90.23 -26.96
N ILE F 2007 -12.02 -89.67 -27.44
CA ILE F 2007 -12.09 -89.22 -28.82
C ILE F 2007 -11.10 -88.08 -29.06
N ASN F 2008 -11.04 -87.13 -28.12
CA ASN F 2008 -10.11 -86.03 -28.26
C ASN F 2008 -8.68 -86.52 -28.34
N MET F 2009 -8.30 -87.45 -27.46
CA MET F 2009 -6.95 -87.98 -27.47
C MET F 2009 -6.67 -88.73 -28.77
N LEU F 2010 -7.63 -89.53 -29.24
CA LEU F 2010 -7.43 -90.31 -30.45
C LEU F 2010 -7.40 -89.45 -31.70
N LEU F 2011 -7.95 -88.24 -31.66
CA LEU F 2011 -7.91 -87.33 -32.79
C LEU F 2011 -6.77 -86.33 -32.70
N HIS F 2012 -6.15 -86.16 -31.53
CA HIS F 2012 -5.07 -85.18 -31.36
C HIS F 2012 -3.79 -85.69 -32.02
N PHE F 2013 -3.81 -85.67 -33.36
CA PHE F 2013 -2.61 -85.96 -34.15
C PHE F 2013 -2.48 -85.06 -35.37
N LYS F 2014 -3.12 -83.88 -35.37
CA LYS F 2014 -3.07 -83.01 -36.54
C LYS F 2014 -1.64 -82.59 -36.85
N ASN F 2015 -0.89 -82.17 -35.82
CA ASN F 2015 0.49 -81.73 -35.99
C ASN F 2015 1.48 -82.86 -35.73
N GLY F 2016 1.06 -84.11 -35.90
CA GLY F 2016 1.94 -85.23 -35.66
C GLY F 2016 1.85 -85.73 -34.23
N ALA F 2017 2.09 -87.02 -34.07
CA ALA F 2017 2.06 -87.64 -32.75
C ALA F 2017 2.64 -89.04 -32.84
N ASP F 2018 3.15 -89.52 -31.72
CA ASP F 2018 3.70 -90.86 -31.64
C ASP F 2018 2.61 -91.87 -31.30
N GLU F 2019 3.00 -93.15 -31.28
CA GLU F 2019 2.05 -94.22 -31.00
C GLU F 2019 1.79 -94.35 -29.50
N GLU F 2020 2.25 -93.38 -28.71
CA GLU F 2020 2.00 -93.34 -27.28
C GLU F 2020 1.05 -92.22 -26.89
N GLU F 2021 1.26 -91.00 -27.42
CA GLU F 2021 0.32 -89.92 -27.17
C GLU F 2021 -1.00 -90.14 -27.89
N CYS F 2022 -0.99 -90.91 -28.97
CA CYS F 2022 -2.19 -91.22 -29.72
C CYS F 2022 -2.03 -92.58 -30.40
N PRO F 2023 -2.64 -93.64 -29.87
CA PRO F 2023 -2.41 -94.98 -30.43
C PRO F 2023 -3.13 -95.24 -31.75
N LEU F 2024 -3.77 -94.25 -32.34
CA LEU F 2024 -4.50 -94.49 -33.57
C LEU F 2024 -3.53 -94.89 -34.68
N PRO F 2025 -3.82 -95.93 -35.46
CA PRO F 2025 -2.88 -96.36 -36.50
C PRO F 2025 -2.68 -95.32 -37.59
N GLU F 2026 -1.55 -95.45 -38.27
CA GLU F 2026 -1.18 -94.49 -39.30
C GLU F 2026 -2.18 -94.52 -40.45
N GLU F 2027 -2.75 -95.68 -40.76
CA GLU F 2027 -3.71 -95.75 -41.86
C GLU F 2027 -4.95 -94.90 -41.56
N ILE F 2028 -5.47 -95.04 -40.34
CA ILE F 2028 -6.67 -94.27 -39.96
C ILE F 2028 -6.33 -92.79 -39.87
N ARG F 2029 -5.15 -92.47 -39.35
CA ARG F 2029 -4.71 -91.08 -39.35
C ARG F 2029 -4.68 -90.51 -40.76
N GLN F 2030 -4.13 -91.29 -41.70
CA GLN F 2030 -4.04 -90.82 -43.08
C GLN F 2030 -5.42 -90.64 -43.69
N GLU F 2031 -6.36 -91.52 -43.36
CA GLU F 2031 -7.72 -91.34 -43.84
C GLU F 2031 -8.31 -90.01 -43.36
N LEU F 2032 -8.13 -89.70 -42.07
CA LEU F 2032 -8.63 -88.43 -41.57
C LEU F 2032 -7.94 -87.25 -42.26
N VAL F 2033 -6.63 -87.37 -42.47
CA VAL F 2033 -5.89 -86.27 -43.12
C VAL F 2033 -6.41 -86.06 -44.53
N ASN F 2034 -6.65 -87.15 -45.27
CA ASN F 2034 -7.18 -87.03 -46.62
C ASN F 2034 -8.55 -86.37 -46.61
N PHE F 2035 -9.42 -86.76 -45.69
CA PHE F 2035 -10.74 -86.13 -45.65
C PHE F 2035 -10.63 -84.65 -45.30
N HIS F 2036 -9.72 -84.30 -44.39
CA HIS F 2036 -9.53 -82.89 -44.05
C HIS F 2036 -9.06 -82.09 -45.25
N GLN F 2037 -8.13 -82.65 -46.02
CA GLN F 2037 -7.69 -81.97 -47.25
C GLN F 2037 -8.85 -81.80 -48.22
N ASP F 2038 -9.67 -82.84 -48.36
CA ASP F 2038 -10.83 -82.74 -49.26
C ASP F 2038 -11.79 -81.65 -48.78
N LEU F 2039 -12.03 -81.57 -47.47
CA LEU F 2039 -12.93 -80.56 -46.94
C LEU F 2039 -12.39 -79.16 -47.18
N LEU F 2040 -11.09 -78.95 -46.96
CA LEU F 2040 -10.50 -77.65 -47.23
C LEU F 2040 -10.61 -77.30 -48.71
N ALA F 2041 -10.34 -78.26 -49.59
CA ALA F 2041 -10.47 -78.00 -51.02
C ALA F 2041 -11.90 -77.63 -51.38
N HIS F 2042 -12.88 -78.35 -50.82
CA HIS F 2042 -14.27 -78.04 -51.11
C HIS F 2042 -14.64 -76.64 -50.64
N CYS F 2043 -14.18 -76.25 -49.45
CA CYS F 2043 -14.41 -74.90 -48.95
C CYS F 2043 -13.58 -73.87 -49.69
N GLY F 2044 -12.64 -74.30 -50.54
CA GLY F 2044 -11.76 -73.39 -51.23
C GLY F 2044 -10.53 -72.99 -50.44
N ILE F 2045 -10.43 -73.42 -49.19
CA ILE F 2045 -9.31 -73.03 -48.34
C ILE F 2045 -8.01 -73.57 -48.93
N GLN F 2046 -8.03 -74.82 -49.39
CA GLN F 2046 -6.83 -75.44 -49.95
C GLN F 2046 -6.36 -74.62 -51.15
N LEU F 2047 -5.07 -74.27 -51.15
CA LEU F 2047 -4.50 -73.45 -52.21
C LEU F 2047 -3.04 -73.82 -52.46
N GLU F 2089 -9.22 -67.16 -63.04
CA GLU F 2089 -9.68 -67.33 -64.41
C GLU F 2089 -10.82 -66.36 -64.70
N HIS F 2090 -10.85 -65.81 -65.93
CA HIS F 2090 -11.84 -64.81 -66.28
C HIS F 2090 -13.26 -65.35 -66.16
N LYS F 2091 -13.44 -66.68 -66.24
CA LYS F 2091 -14.74 -67.28 -65.96
C LYS F 2091 -14.72 -67.91 -64.58
N PRO F 2092 -15.81 -67.79 -63.79
CA PRO F 2092 -15.78 -68.31 -62.41
C PRO F 2092 -15.45 -69.79 -62.31
N GLN F 2093 -16.25 -70.64 -62.95
CA GLN F 2093 -16.10 -72.10 -62.94
C GLN F 2093 -16.54 -72.72 -61.63
N SER F 2094 -17.11 -71.95 -60.70
CA SER F 2094 -17.60 -72.50 -59.45
C SER F 2094 -18.64 -71.55 -58.87
N LEU F 2095 -19.47 -72.08 -57.98
CA LEU F 2095 -20.49 -71.25 -57.34
C LEU F 2095 -19.86 -70.13 -56.52
N GLN F 2096 -18.81 -70.47 -55.75
CA GLN F 2096 -18.15 -69.47 -54.92
C GLN F 2096 -17.59 -68.34 -55.77
N GLU F 2097 -16.82 -68.69 -56.80
CA GLU F 2097 -16.24 -67.67 -57.66
C GLU F 2097 -17.33 -66.87 -58.36
N LEU F 2098 -18.38 -67.54 -58.82
CA LEU F 2098 -19.46 -66.85 -59.50
C LEU F 2098 -20.12 -65.81 -58.60
N VAL F 2099 -20.45 -66.21 -57.38
CA VAL F 2099 -21.10 -65.29 -56.45
C VAL F 2099 -20.18 -64.13 -56.13
N SER F 2100 -18.90 -64.42 -55.84
CA SER F 2100 -17.96 -63.35 -55.51
C SER F 2100 -17.85 -62.36 -56.66
N HIS F 2101 -17.61 -62.86 -57.87
CA HIS F 2101 -17.44 -61.98 -59.02
C HIS F 2101 -18.71 -61.18 -59.30
N THR F 2102 -19.87 -61.83 -59.19
CA THR F 2102 -21.13 -61.13 -59.47
C THR F 2102 -21.36 -60.00 -58.47
N VAL F 2103 -21.18 -60.27 -57.18
CA VAL F 2103 -21.40 -59.24 -56.18
C VAL F 2103 -20.43 -58.09 -56.36
N VAL F 2104 -19.16 -58.41 -56.58
CA VAL F 2104 -18.16 -57.35 -56.75
C VAL F 2104 -18.45 -56.54 -58.00
N ARG F 2105 -18.85 -57.21 -59.09
CA ARG F 2105 -19.15 -56.50 -60.32
C ARG F 2105 -20.34 -55.57 -60.15
N TRP F 2106 -21.39 -56.03 -59.46
CA TRP F 2106 -22.54 -55.17 -59.22
C TRP F 2106 -22.13 -53.93 -58.43
N ALA F 2107 -21.37 -54.15 -57.34
CA ALA F 2107 -20.95 -53.01 -56.53
C ALA F 2107 -20.05 -52.06 -57.31
N GLN F 2108 -19.22 -52.59 -58.21
CA GLN F 2108 -18.35 -51.75 -59.01
C GLN F 2108 -19.14 -50.98 -60.06
N GLU F 2109 -20.18 -51.60 -60.63
CA GLU F 2109 -20.95 -50.98 -61.70
C GLU F 2109 -21.90 -49.91 -61.20
N ASP F 2110 -22.48 -50.07 -60.01
CA ASP F 2110 -23.44 -49.09 -59.55
C ASP F 2110 -23.24 -48.82 -58.07
N PHE F 2111 -23.62 -47.60 -57.67
CA PHE F 2111 -23.73 -47.23 -56.27
C PHE F 2111 -25.09 -47.73 -55.81
N VAL F 2112 -25.13 -48.94 -55.26
CA VAL F 2112 -26.40 -49.60 -54.96
C VAL F 2112 -27.19 -48.76 -53.98
N GLN F 2113 -28.46 -48.54 -54.30
CA GLN F 2113 -29.32 -47.68 -53.49
C GLN F 2113 -30.19 -48.46 -52.52
N SER F 2114 -30.44 -49.73 -52.76
CA SER F 2114 -31.30 -50.51 -51.88
C SER F 2114 -30.49 -51.07 -50.72
N PRO F 2115 -30.74 -50.65 -49.48
CA PRO F 2115 -29.99 -51.23 -48.36
C PRO F 2115 -30.21 -52.72 -48.22
N GLU F 2116 -31.40 -53.23 -48.52
CA GLU F 2116 -31.63 -54.67 -48.47
C GLU F 2116 -30.76 -55.40 -49.48
N LEU F 2117 -30.68 -54.86 -50.71
CA LEU F 2117 -29.81 -55.46 -51.71
C LEU F 2117 -28.36 -55.43 -51.27
N VAL F 2118 -27.91 -54.30 -50.72
CA VAL F 2118 -26.53 -54.19 -50.27
C VAL F 2118 -26.22 -55.23 -49.21
N ARG F 2119 -27.11 -55.35 -48.22
CA ARG F 2119 -26.91 -56.32 -47.15
C ARG F 2119 -26.87 -57.74 -47.71
N ALA F 2120 -27.79 -58.06 -48.63
CA ALA F 2120 -27.84 -59.40 -49.18
C ALA F 2120 -26.56 -59.74 -49.93
N MET F 2121 -26.09 -58.82 -50.78
CA MET F 2121 -24.92 -59.15 -51.58
C MET F 2121 -23.66 -59.21 -50.73
N PHE F 2122 -23.55 -58.38 -49.70
CA PHE F 2122 -22.36 -58.47 -48.86
C PHE F 2122 -22.41 -59.69 -47.94
N SER F 2123 -23.60 -60.12 -47.52
CA SER F 2123 -23.70 -61.39 -46.81
C SER F 2123 -23.25 -62.54 -47.70
N LEU F 2124 -23.70 -62.54 -48.96
CA LEU F 2124 -23.28 -63.59 -49.89
C LEU F 2124 -21.76 -63.56 -50.08
N LEU F 2125 -21.20 -62.37 -50.23
CA LEU F 2125 -19.75 -62.25 -50.41
C LEU F 2125 -19.00 -62.79 -49.20
N HIS F 2126 -19.47 -62.46 -47.99
CA HIS F 2126 -18.81 -62.98 -46.80
C HIS F 2126 -18.88 -64.49 -46.74
N ARG F 2127 -20.04 -65.07 -47.08
CA ARG F 2127 -20.14 -66.52 -47.10
C ARG F 2127 -19.17 -67.13 -48.10
N GLN F 2128 -19.04 -66.53 -49.28
CA GLN F 2128 -18.09 -67.05 -50.26
C GLN F 2128 -16.66 -66.96 -49.77
N TYR F 2129 -16.27 -65.86 -49.14
CA TYR F 2129 -14.89 -65.69 -48.72
C TYR F 2129 -14.53 -66.51 -47.50
N ASP F 2130 -15.46 -66.75 -46.59
CA ASP F 2130 -15.21 -67.56 -45.40
C ASP F 2130 -16.11 -68.79 -45.45
N GLY F 2131 -15.63 -69.83 -46.15
CA GLY F 2131 -16.41 -71.05 -46.25
C GLY F 2131 -16.21 -71.96 -45.05
N LEU F 2132 -14.98 -72.05 -44.55
CA LEU F 2132 -14.72 -72.86 -43.37
C LEU F 2132 -15.40 -72.28 -42.14
N GLY F 2133 -15.40 -70.95 -42.01
CA GLY F 2133 -16.10 -70.32 -40.90
C GLY F 2133 -17.59 -70.58 -40.92
N GLU F 2134 -18.18 -70.58 -42.12
CA GLU F 2134 -19.61 -70.88 -42.23
C GLU F 2134 -19.91 -72.29 -41.76
N LEU F 2135 -19.10 -73.26 -42.18
CA LEU F 2135 -19.29 -74.63 -41.72
C LEU F 2135 -19.10 -74.73 -40.21
N LEU F 2136 -18.09 -74.03 -39.69
CA LEU F 2136 -17.83 -74.06 -38.26
C LEU F 2136 -19.03 -73.52 -37.47
N ARG F 2137 -19.62 -72.42 -37.95
CA ARG F 2137 -20.78 -71.85 -37.27
C ARG F 2137 -22.05 -72.65 -37.49
N ALA F 2138 -22.12 -73.45 -38.55
CA ALA F 2138 -23.29 -74.28 -38.79
C ALA F 2138 -23.25 -75.60 -38.04
N LEU F 2139 -22.05 -76.11 -37.74
CA LEU F 2139 -21.96 -77.42 -37.10
C LEU F 2139 -22.68 -77.52 -35.77
N PRO F 2140 -22.68 -76.49 -34.89
CA PRO F 2140 -23.40 -76.62 -33.62
C PRO F 2140 -24.85 -77.04 -33.78
N ARG F 2141 -25.41 -76.83 -34.96
CA ARG F 2141 -26.80 -77.19 -35.25
C ARG F 2141 -26.92 -78.50 -36.01
N ALA F 2142 -25.82 -79.23 -36.17
CA ALA F 2142 -25.83 -80.54 -36.79
C ALA F 2142 -25.97 -81.62 -35.72
N TYR F 2143 -26.61 -82.73 -36.08
CA TYR F 2143 -26.87 -83.79 -35.12
C TYR F 2143 -27.18 -85.07 -35.88
N THR F 2144 -26.46 -86.15 -35.53
CA THR F 2144 -26.70 -87.45 -36.14
C THR F 2144 -27.56 -88.30 -35.21
N ILE F 2145 -28.51 -89.01 -35.81
CA ILE F 2145 -29.41 -89.90 -35.07
C ILE F 2145 -29.45 -91.25 -35.77
N SER F 2146 -29.86 -92.27 -35.03
CA SER F 2146 -30.02 -93.60 -35.59
C SER F 2146 -31.34 -93.70 -36.34
N VAL F 2147 -31.44 -94.74 -37.17
CA VAL F 2147 -32.63 -94.92 -38.00
C VAL F 2147 -33.87 -95.09 -37.14
N SER F 2148 -33.75 -95.79 -36.02
CA SER F 2148 -34.91 -96.09 -35.19
C SER F 2148 -35.56 -94.82 -34.61
N SER F 2149 -34.84 -93.71 -34.58
CA SER F 2149 -35.36 -92.47 -34.01
C SER F 2149 -35.97 -91.55 -35.04
N VAL F 2150 -36.01 -91.94 -36.31
CA VAL F 2150 -36.39 -91.02 -37.39
C VAL F 2150 -37.86 -90.62 -37.25
N GLU F 2151 -38.73 -91.60 -36.99
CA GLU F 2151 -40.16 -91.30 -36.93
C GLU F 2151 -40.48 -90.35 -35.77
N ASP F 2152 -39.94 -90.65 -34.58
CA ASP F 2152 -40.18 -89.79 -33.44
C ASP F 2152 -39.55 -88.41 -33.64
N THR F 2153 -38.39 -88.35 -34.29
CA THR F 2153 -37.80 -87.05 -34.58
C THR F 2153 -38.68 -86.25 -35.53
N MET F 2154 -39.27 -86.91 -36.52
CA MET F 2154 -40.17 -86.21 -37.43
C MET F 2154 -41.40 -85.68 -36.71
N SER F 2155 -41.97 -86.48 -35.82
CA SER F 2155 -43.11 -86.00 -35.04
C SER F 2155 -42.72 -84.80 -34.18
N LEU F 2156 -41.55 -84.89 -33.53
CA LEU F 2156 -41.07 -83.78 -32.72
C LEU F 2156 -40.85 -82.54 -33.56
N LEU F 2157 -40.31 -82.70 -34.77
CA LEU F 2157 -40.09 -81.56 -35.64
C LEU F 2157 -41.41 -80.93 -36.07
N GLU F 2158 -42.43 -81.74 -36.32
CA GLU F 2158 -43.74 -81.20 -36.64
C GLU F 2158 -44.29 -80.37 -35.48
N CYS F 2159 -44.20 -80.90 -34.26
CA CYS F 2159 -44.68 -80.16 -33.11
C CYS F 2159 -43.89 -78.87 -32.92
N LEU F 2160 -42.57 -78.93 -33.07
CA LEU F 2160 -41.75 -77.74 -32.95
C LEU F 2160 -42.07 -76.72 -34.03
N GLY F 2161 -42.39 -77.20 -35.24
CA GLY F 2161 -42.80 -76.29 -36.29
C GLY F 2161 -44.09 -75.56 -35.95
N GLN F 2162 -45.05 -76.27 -35.37
CA GLN F 2162 -46.28 -75.63 -34.92
C GLN F 2162 -45.98 -74.57 -33.86
N ILE F 2163 -45.15 -74.93 -32.88
CA ILE F 2163 -44.81 -74.00 -31.82
C ILE F 2163 -44.12 -72.76 -32.39
N ARG F 2164 -43.17 -72.95 -33.31
CA ARG F 2164 -42.50 -71.83 -33.92
C ARG F 2164 -43.46 -70.96 -34.72
N SER F 2165 -44.37 -71.58 -35.47
CA SER F 2165 -45.37 -70.82 -36.20
C SER F 2165 -46.26 -69.99 -35.28
N LEU F 2166 -46.47 -70.44 -34.05
CA LEU F 2166 -47.24 -69.66 -33.09
C LEU F 2166 -46.47 -68.49 -32.50
N LEU F 2167 -45.27 -68.19 -33.01
CA LEU F 2167 -44.51 -67.03 -32.53
C LEU F 2167 -44.83 -65.75 -33.29
N ILE F 2168 -45.58 -65.83 -34.39
CA ILE F 2168 -45.87 -64.67 -35.22
C ILE F 2168 -47.35 -64.31 -35.19
N VAL F 2169 -48.09 -64.83 -34.21
CA VAL F 2169 -49.52 -64.58 -34.08
C VAL F 2169 -49.86 -64.28 -32.63
N GLN F 2170 -50.75 -63.31 -32.44
CA GLN F 2170 -51.20 -62.98 -31.09
C GLN F 2170 -51.93 -64.17 -30.48
N MET F 2171 -51.67 -64.42 -29.20
CA MET F 2171 -52.25 -65.57 -28.52
C MET F 2171 -53.76 -65.43 -28.43
N GLY F 2172 -54.46 -66.52 -28.71
CA GLY F 2172 -55.89 -66.61 -28.54
C GLY F 2172 -56.25 -67.98 -28.02
N PRO F 2173 -57.55 -68.29 -27.94
CA PRO F 2173 -57.93 -69.64 -27.47
C PRO F 2173 -57.41 -70.75 -28.38
N GLN F 2174 -57.54 -70.58 -29.70
CA GLN F 2174 -57.07 -71.62 -30.62
C GLN F 2174 -55.56 -71.79 -30.54
N GLU F 2175 -54.82 -70.68 -30.50
CA GLU F 2175 -53.37 -70.76 -30.41
C GLU F 2175 -52.95 -71.39 -29.09
N GLU F 2176 -53.67 -71.06 -28.00
CA GLU F 2176 -53.37 -71.66 -26.71
C GLU F 2176 -53.57 -73.17 -26.74
N ASN F 2177 -54.68 -73.60 -27.35
CA ASN F 2177 -54.93 -75.03 -27.45
C ASN F 2177 -53.85 -75.72 -28.28
N LEU F 2178 -53.46 -75.12 -29.39
CA LEU F 2178 -52.42 -75.71 -30.23
C LEU F 2178 -51.10 -75.79 -29.48
N MET F 2179 -50.75 -74.73 -28.75
CA MET F 2179 -49.51 -74.71 -27.98
C MET F 2179 -49.52 -75.81 -26.93
N ILE F 2180 -50.63 -75.95 -26.20
CA ILE F 2180 -50.70 -76.97 -25.17
C ILE F 2180 -50.59 -78.36 -25.78
N GLN F 2181 -51.29 -78.59 -26.88
CA GLN F 2181 -51.23 -79.91 -27.52
C GLN F 2181 -49.82 -80.22 -28.02
N SER F 2182 -49.15 -79.24 -28.64
CA SER F 2182 -47.81 -79.47 -29.14
C SER F 2182 -46.84 -79.76 -28.00
N ILE F 2183 -46.96 -79.01 -26.90
CA ILE F 2183 -46.08 -79.24 -25.75
C ILE F 2183 -46.32 -80.63 -25.18
N GLY F 2184 -47.58 -81.05 -25.08
CA GLY F 2184 -47.88 -82.38 -24.60
C GLY F 2184 -47.28 -83.46 -25.48
N ASN F 2185 -47.42 -83.30 -26.80
CA ASN F 2185 -46.83 -84.27 -27.72
C ASN F 2185 -45.32 -84.33 -27.58
N ILE F 2186 -44.68 -83.16 -27.48
CA ILE F 2186 -43.23 -83.12 -27.33
C ILE F 2186 -42.82 -83.83 -26.05
N MET F 2187 -43.52 -83.56 -24.95
CA MET F 2187 -43.18 -84.18 -23.68
C MET F 2187 -43.47 -85.67 -23.64
N ASN F 2188 -44.39 -86.16 -24.46
CA ASN F 2188 -44.65 -87.59 -24.55
C ASN F 2188 -43.74 -88.27 -25.57
N ASN F 2189 -43.04 -87.49 -26.39
CA ASN F 2189 -42.11 -88.03 -27.37
C ASN F 2189 -40.82 -88.48 -26.68
N LYS F 2190 -40.36 -89.69 -27.03
CA LYS F 2190 -39.15 -90.23 -26.42
C LYS F 2190 -37.92 -89.43 -26.80
N VAL F 2191 -37.84 -88.97 -28.05
CA VAL F 2191 -36.65 -88.24 -28.50
C VAL F 2191 -36.39 -87.03 -27.63
N PHE F 2192 -37.44 -86.48 -27.01
CA PHE F 2192 -37.26 -85.32 -26.14
C PHE F 2192 -36.36 -85.65 -24.95
N TYR F 2193 -36.53 -86.84 -24.37
CA TYR F 2193 -35.75 -87.23 -23.21
C TYR F 2193 -34.40 -87.81 -23.56
N GLN F 2194 -34.28 -88.47 -24.71
CA GLN F 2194 -33.05 -89.16 -25.06
C GLN F 2194 -32.04 -88.28 -25.78
N HIS F 2195 -32.44 -87.13 -26.30
CA HIS F 2195 -31.56 -86.24 -27.05
C HIS F 2195 -31.71 -84.82 -26.55
N PRO F 2196 -31.40 -84.58 -25.27
CA PRO F 2196 -31.47 -83.20 -24.76
C PRO F 2196 -30.52 -82.26 -25.47
N ASN F 2197 -29.37 -82.76 -25.94
CA ASN F 2197 -28.49 -81.93 -26.74
C ASN F 2197 -29.16 -81.52 -28.04
N LEU F 2198 -29.90 -82.43 -28.66
CA LEU F 2198 -30.65 -82.09 -29.86
C LEU F 2198 -31.70 -81.02 -29.57
N MET F 2199 -32.43 -81.18 -28.45
CA MET F 2199 -33.41 -80.16 -28.11
C MET F 2199 -32.77 -78.80 -27.88
N ARG F 2200 -31.64 -78.77 -27.17
CA ARG F 2200 -30.95 -77.51 -26.95
C ARG F 2200 -30.48 -76.90 -28.26
N ALA F 2201 -29.95 -77.72 -29.17
CA ALA F 2201 -29.51 -77.21 -30.46
C ALA F 2201 -30.68 -76.63 -31.25
N LEU F 2202 -31.83 -77.31 -31.22
CA LEU F 2202 -33.03 -76.79 -31.85
C LEU F 2202 -33.57 -75.56 -31.14
N GLY F 2203 -33.14 -75.29 -29.92
CA GLY F 2203 -33.61 -74.13 -29.20
C GLY F 2203 -35.07 -74.21 -28.81
N MET F 2204 -35.55 -75.40 -28.45
CA MET F 2204 -36.95 -75.55 -28.09
C MET F 2204 -37.29 -74.75 -26.84
N HIS F 2205 -36.39 -74.77 -25.85
CA HIS F 2205 -36.65 -74.05 -24.62
C HIS F 2205 -36.76 -72.55 -24.88
N GLU F 2206 -35.91 -72.00 -25.73
CA GLU F 2206 -35.98 -70.57 -26.03
C GLU F 2206 -37.30 -70.22 -26.70
N THR F 2207 -37.77 -71.04 -27.62
CA THR F 2207 -39.03 -70.77 -28.29
C THR F 2207 -40.19 -70.80 -27.30
N VAL F 2208 -40.22 -71.81 -26.42
CA VAL F 2208 -41.29 -71.90 -25.45
C VAL F 2208 -41.25 -70.71 -24.50
N MET F 2209 -40.05 -70.33 -24.05
CA MET F 2209 -39.92 -69.17 -23.19
C MET F 2209 -40.38 -67.91 -23.89
N GLU F 2210 -40.07 -67.78 -25.19
CA GLU F 2210 -40.49 -66.60 -25.93
C GLU F 2210 -42.01 -66.51 -25.99
N VAL F 2211 -42.69 -67.63 -26.24
CA VAL F 2211 -44.14 -67.62 -26.24
C VAL F 2211 -44.67 -67.23 -24.87
N MET F 2212 -44.11 -67.83 -23.82
CA MET F 2212 -44.58 -67.56 -22.46
C MET F 2212 -44.42 -66.09 -22.12
N VAL F 2213 -43.25 -65.52 -22.44
CA VAL F 2213 -43.00 -64.13 -22.07
C VAL F 2213 -43.82 -63.19 -22.93
N ASN F 2214 -44.12 -63.58 -24.18
CA ASN F 2214 -45.05 -62.80 -24.97
C ASN F 2214 -46.39 -62.67 -24.27
N VAL F 2215 -46.97 -63.80 -23.86
CA VAL F 2215 -48.28 -63.72 -23.22
C VAL F 2215 -48.19 -62.99 -21.88
N LEU F 2216 -47.10 -63.19 -21.15
CA LEU F 2216 -46.98 -62.54 -19.84
C LEU F 2216 -46.85 -61.03 -19.99
N GLY F 2217 -46.03 -60.57 -20.94
CA GLY F 2217 -45.90 -59.15 -21.17
C GLY F 2217 -47.20 -58.54 -21.68
N GLY F 2218 -47.96 -59.29 -22.47
CA GLY F 2218 -49.24 -58.79 -22.91
C GLY F 2218 -50.12 -58.38 -21.74
N GLY F 2219 -50.31 -57.09 -21.56
CA GLY F 2219 -51.04 -56.59 -20.42
C GLY F 2219 -50.46 -57.05 -19.11
N GLU F 2220 -49.20 -56.68 -18.83
CA GLU F 2220 -48.52 -57.19 -17.65
C GLU F 2220 -49.24 -56.77 -16.38
N SER F 2221 -49.64 -55.51 -16.29
CA SER F 2221 -50.37 -55.05 -15.11
C SER F 2221 -51.73 -55.73 -15.02
N LYS F 2222 -52.43 -55.84 -16.15
CA LYS F 2222 -53.70 -56.54 -16.17
C LYS F 2222 -53.50 -58.03 -15.93
N GLU F 2223 -54.49 -58.65 -15.28
CA GLU F 2223 -54.44 -60.08 -15.02
C GLU F 2223 -54.10 -60.85 -16.30
N ILE F 2224 -52.98 -61.55 -16.28
CA ILE F 2224 -52.52 -62.27 -17.46
C ILE F 2224 -53.54 -63.31 -17.87
N ARG F 2225 -53.77 -63.43 -19.17
CA ARG F 2225 -54.66 -64.45 -19.70
C ARG F 2225 -53.86 -65.72 -20.01
N PHE F 2226 -54.58 -66.76 -20.43
CA PHE F 2226 -53.98 -68.04 -20.79
C PHE F 2226 -53.13 -68.63 -19.66
N PRO F 2227 -53.65 -68.63 -18.43
CA PRO F 2227 -52.88 -69.24 -17.33
C PRO F 2227 -52.61 -70.72 -17.57
N LYS F 2228 -53.53 -71.41 -18.25
CA LYS F 2228 -53.27 -72.82 -18.56
C LYS F 2228 -52.05 -72.97 -19.45
N MET F 2229 -51.89 -72.10 -20.44
CA MET F 2229 -50.74 -72.21 -21.32
C MET F 2229 -49.46 -71.82 -20.58
N VAL F 2230 -49.55 -70.88 -19.64
CA VAL F 2230 -48.35 -70.56 -18.85
C VAL F 2230 -47.97 -71.74 -17.94
N THR F 2231 -48.99 -72.40 -17.38
CA THR F 2231 -48.72 -73.59 -16.58
C THR F 2231 -48.04 -74.66 -17.42
N SER F 2232 -48.51 -74.84 -18.65
CA SER F 2232 -47.79 -75.74 -19.56
C SER F 2232 -46.41 -75.21 -19.89
N CYS F 2233 -46.23 -73.89 -19.86
CA CYS F 2233 -44.93 -73.30 -20.19
C CYS F 2233 -43.87 -73.73 -19.18
N CYS F 2234 -44.17 -73.70 -17.87
CA CYS F 2234 -43.40 -74.65 -17.07
C CYS F 2234 -43.48 -76.05 -17.61
N ARG F 2235 -44.61 -76.72 -17.47
CA ARG F 2235 -44.53 -78.17 -17.39
C ARG F 2235 -43.44 -78.60 -18.37
N PHE F 2236 -43.44 -78.01 -19.57
CA PHE F 2236 -42.36 -78.23 -20.52
C PHE F 2236 -41.00 -77.72 -20.01
N LEU F 2237 -40.81 -76.40 -19.89
CA LEU F 2237 -39.47 -75.87 -19.58
C LEU F 2237 -38.97 -76.39 -18.23
N CYS F 2238 -39.92 -76.77 -17.40
CA CYS F 2238 -39.78 -76.83 -15.97
C CYS F 2238 -39.61 -78.30 -15.59
N TYR F 2239 -39.86 -79.19 -16.57
CA TYR F 2239 -39.25 -80.52 -16.67
C TYR F 2239 -37.93 -80.48 -17.44
N PHE F 2240 -37.82 -79.58 -18.41
CA PHE F 2240 -36.65 -79.50 -19.28
C PHE F 2240 -35.40 -79.22 -18.46
N CYS F 2241 -35.50 -78.34 -17.47
CA CYS F 2241 -34.39 -78.13 -16.55
C CYS F 2241 -33.95 -79.46 -15.92
N ARG F 2242 -34.90 -80.31 -15.56
CA ARG F 2242 -34.59 -81.56 -14.87
C ARG F 2242 -33.98 -82.61 -15.78
N ILE F 2243 -34.32 -82.60 -17.07
CA ILE F 2243 -33.93 -83.71 -17.93
C ILE F 2243 -32.41 -83.91 -17.90
N SER F 2244 -31.64 -82.83 -18.01
CA SER F 2244 -30.19 -82.96 -18.03
C SER F 2244 -29.56 -81.73 -17.37
N ARG F 2245 -28.31 -81.88 -16.95
CA ARG F 2245 -27.62 -80.79 -16.28
C ARG F 2245 -27.29 -79.66 -17.24
N GLN F 2246 -26.99 -79.97 -18.51
CA GLN F 2246 -26.74 -78.92 -19.49
C GLN F 2246 -28.02 -78.15 -19.79
N ASN F 2247 -29.16 -78.84 -19.83
CA ASN F 2247 -30.43 -78.14 -19.97
C ASN F 2247 -30.65 -77.18 -18.81
N GLN F 2248 -30.32 -77.62 -17.60
CA GLN F 2248 -30.47 -76.76 -16.43
C GLN F 2248 -29.59 -75.53 -16.54
N ARG F 2249 -28.35 -75.69 -17.00
CA ARG F 2249 -27.46 -74.53 -17.17
C ARG F 2249 -28.00 -73.59 -18.25
N SER F 2250 -28.51 -74.14 -19.35
CA SER F 2250 -29.04 -73.30 -20.42
C SER F 2250 -30.22 -72.48 -19.92
N MET F 2251 -31.10 -73.10 -19.14
CA MET F 2251 -32.23 -72.35 -18.58
C MET F 2251 -31.77 -71.38 -17.50
N PHE F 2252 -30.75 -71.74 -16.72
CA PHE F 2252 -30.18 -70.82 -15.74
C PHE F 2252 -29.64 -69.57 -16.39
N ASP F 2253 -29.16 -69.69 -17.63
CA ASP F 2253 -28.66 -68.52 -18.33
C ASP F 2253 -29.73 -67.46 -18.53
N HIS F 2254 -31.01 -67.82 -18.40
CA HIS F 2254 -32.11 -66.88 -18.53
C HIS F 2254 -32.80 -66.59 -17.20
N LEU F 2255 -32.08 -66.75 -16.08
CA LEU F 2255 -32.72 -66.60 -14.77
C LEU F 2255 -33.23 -65.18 -14.57
N SER F 2256 -32.44 -64.17 -14.94
CA SER F 2256 -32.86 -62.79 -14.74
C SER F 2256 -34.15 -62.50 -15.51
N TYR F 2257 -34.23 -62.97 -16.76
CA TYR F 2257 -35.44 -62.79 -17.54
C TYR F 2257 -36.64 -63.44 -16.85
N LEU F 2258 -36.46 -64.67 -16.37
CA LEU F 2258 -37.52 -65.34 -15.63
C LEU F 2258 -37.87 -64.58 -14.36
N LEU F 2259 -36.86 -64.12 -13.62
CA LEU F 2259 -37.15 -63.33 -12.42
C LEU F 2259 -37.78 -62.00 -12.77
N GLU F 2260 -37.42 -61.43 -13.93
CA GLU F 2260 -38.07 -60.20 -14.38
C GLU F 2260 -39.56 -60.42 -14.60
N ASN F 2261 -39.93 -61.54 -15.23
CA ASN F 2261 -41.33 -61.83 -15.54
C ASN F 2261 -42.06 -62.53 -14.40
N SER F 2262 -41.35 -62.87 -13.32
CA SER F 2262 -41.96 -63.54 -12.18
C SER F 2262 -42.46 -62.58 -11.10
N GLY F 2263 -42.73 -61.33 -11.44
CA GLY F 2263 -43.27 -60.39 -10.48
C GLY F 2263 -44.75 -60.61 -10.24
N ILE F 2264 -45.31 -61.63 -10.89
CA ILE F 2264 -46.72 -61.97 -10.76
C ILE F 2264 -46.86 -63.47 -10.60
N GLY F 2265 -48.10 -63.96 -10.54
CA GLY F 2265 -48.36 -65.37 -10.43
C GLY F 2265 -49.27 -65.72 -9.28
N LEU F 2266 -48.86 -66.69 -8.45
CA LEU F 2266 -49.65 -67.07 -7.28
C LEU F 2266 -51.04 -67.53 -7.70
N GLY F 2267 -51.89 -66.58 -8.09
CA GLY F 2267 -53.25 -66.89 -8.48
C GLY F 2267 -53.34 -67.89 -9.63
N MET F 2268 -52.21 -68.13 -10.30
CA MET F 2268 -52.19 -69.11 -11.38
C MET F 2268 -52.70 -70.47 -10.90
N GLN F 2269 -52.44 -70.81 -9.64
CA GLN F 2269 -52.74 -72.13 -9.09
C GLN F 2269 -52.02 -73.23 -9.87
N GLY F 2270 -50.91 -72.89 -10.50
CA GLY F 2270 -50.13 -73.84 -11.25
C GLY F 2270 -48.69 -73.39 -11.32
N SER F 2271 -47.90 -74.10 -12.11
CA SER F 2271 -46.48 -73.80 -12.22
C SER F 2271 -46.29 -72.45 -12.88
N THR F 2272 -45.20 -71.76 -12.51
CA THR F 2272 -44.96 -70.37 -12.84
C THR F 2272 -43.51 -70.15 -13.26
N PRO F 2273 -43.23 -69.00 -13.87
CA PRO F 2273 -41.81 -68.69 -14.17
C PRO F 2273 -40.92 -68.68 -12.95
N LEU F 2274 -41.46 -68.37 -11.76
CA LEU F 2274 -40.66 -68.55 -10.55
C LEU F 2274 -40.34 -70.02 -10.33
N ASP F 2275 -41.27 -70.92 -10.67
CA ASP F 2275 -40.96 -72.35 -10.60
C ASP F 2275 -39.88 -72.72 -11.61
N VAL F 2276 -39.90 -72.10 -12.80
CA VAL F 2276 -38.81 -72.33 -13.75
C VAL F 2276 -37.49 -71.88 -13.15
N ALA F 2277 -37.48 -70.71 -12.53
CA ALA F 2277 -36.26 -70.20 -11.91
C ALA F 2277 -35.74 -71.16 -10.86
N ALA F 2278 -36.63 -71.66 -10.00
CA ALA F 2278 -36.22 -72.61 -8.97
C ALA F 2278 -35.67 -73.89 -9.59
N ALA F 2279 -36.35 -74.43 -10.61
CA ALA F 2279 -35.89 -75.66 -11.25
C ALA F 2279 -34.57 -75.48 -11.97
N SER F 2280 -34.24 -74.26 -12.39
CA SER F 2280 -32.99 -74.00 -13.09
C SER F 2280 -31.79 -73.98 -12.16
N VAL F 2281 -32.00 -74.04 -10.84
CA VAL F 2281 -30.89 -73.93 -9.89
C VAL F 2281 -30.95 -75.04 -8.85
N ILE F 2282 -32.06 -75.78 -8.81
CA ILE F 2282 -32.26 -76.76 -7.75
C ILE F 2282 -31.17 -77.81 -7.78
N ASP F 2283 -30.55 -78.06 -6.62
CA ASP F 2283 -29.63 -79.17 -6.40
C ASP F 2283 -28.46 -79.15 -7.39
N ASN F 2284 -28.05 -77.97 -7.82
CA ASN F 2284 -26.88 -77.79 -8.68
C ASN F 2284 -25.92 -76.86 -7.95
N ASN F 2285 -24.86 -77.43 -7.37
CA ASN F 2285 -23.93 -76.62 -6.60
C ASN F 2285 -23.25 -75.59 -7.49
N GLU F 2286 -22.87 -75.98 -8.71
CA GLU F 2286 -22.18 -75.07 -9.61
C GLU F 2286 -23.06 -73.87 -9.94
N LEU F 2287 -24.31 -74.11 -10.31
CA LEU F 2287 -25.21 -73.00 -10.63
C LEU F 2287 -25.56 -72.18 -9.40
N ALA F 2288 -25.73 -72.82 -8.24
CA ALA F 2288 -26.01 -72.07 -7.02
C ALA F 2288 -24.85 -71.13 -6.70
N LEU F 2289 -23.62 -71.59 -6.87
CA LEU F 2289 -22.47 -70.71 -6.69
C LEU F 2289 -22.39 -69.64 -7.77
N ALA F 2290 -22.83 -69.94 -8.98
CA ALA F 2290 -22.87 -68.96 -10.05
C ALA F 2290 -24.00 -67.95 -9.88
N LEU F 2291 -24.93 -68.19 -8.96
CA LEU F 2291 -26.03 -67.25 -8.74
C LEU F 2291 -25.50 -65.83 -8.49
N GLN F 2292 -26.33 -64.85 -8.81
CA GLN F 2292 -25.92 -63.45 -8.74
C GLN F 2292 -26.64 -62.70 -7.62
N GLU F 2293 -25.88 -61.84 -6.95
CA GLU F 2293 -26.45 -61.02 -5.89
C GLU F 2293 -27.55 -60.12 -6.42
N GLN F 2294 -27.46 -59.70 -7.69
CA GLN F 2294 -28.51 -58.89 -8.27
C GLN F 2294 -29.83 -59.67 -8.35
N ASP F 2295 -29.77 -60.93 -8.77
CA ASP F 2295 -30.97 -61.75 -8.81
C ASP F 2295 -31.52 -61.98 -7.42
N LEU F 2296 -30.64 -62.26 -6.45
CA LEU F 2296 -31.11 -62.44 -5.08
C LEU F 2296 -31.76 -61.16 -4.56
N GLU F 2297 -31.19 -60.00 -4.90
CA GLU F 2297 -31.75 -58.72 -4.49
C GLU F 2297 -33.12 -58.51 -5.11
N LYS F 2298 -33.29 -58.88 -6.39
CA LYS F 2298 -34.58 -58.74 -7.03
C LYS F 2298 -35.63 -59.60 -6.33
N VAL F 2299 -35.28 -60.84 -6.01
CA VAL F 2299 -36.23 -61.71 -5.31
C VAL F 2299 -36.56 -61.14 -3.94
N VAL F 2300 -35.56 -60.62 -3.23
CA VAL F 2300 -35.80 -60.07 -1.90
C VAL F 2300 -36.67 -58.82 -2.00
N SER F 2301 -36.51 -58.02 -3.06
CA SER F 2301 -37.36 -56.86 -3.24
C SER F 2301 -38.79 -57.26 -3.51
N TYR F 2302 -39.00 -58.31 -4.31
CA TYR F 2302 -40.35 -58.85 -4.47
C TYR F 2302 -40.92 -59.27 -3.12
N LEU F 2303 -40.11 -59.94 -2.30
CA LEU F 2303 -40.58 -60.39 -1.00
C LEU F 2303 -40.94 -59.21 -0.10
N ALA F 2304 -40.14 -58.14 -0.15
CA ALA F 2304 -40.45 -56.95 0.63
C ALA F 2304 -41.76 -56.32 0.19
N GLY F 2305 -41.96 -56.23 -1.12
CA GLY F 2305 -43.25 -55.74 -1.62
C GLY F 2305 -44.41 -56.59 -1.13
N CYS F 2306 -44.23 -57.92 -1.17
CA CYS F 2306 -45.28 -58.81 -0.69
C CYS F 2306 -45.54 -58.66 0.80
N GLY F 2307 -44.51 -58.41 1.59
CA GLY F 2307 -44.67 -58.19 3.01
C GLY F 2307 -45.21 -56.83 3.37
N LEU F 2308 -45.17 -55.87 2.44
CA LEU F 2308 -45.70 -54.54 2.69
C LEU F 2308 -47.09 -54.29 2.11
N GLN F 2309 -47.51 -54.99 1.05
CA GLN F 2309 -48.80 -54.73 0.43
C GLN F 2309 -49.63 -56.00 0.32
N SER F 2310 -50.95 -55.84 0.42
CA SER F 2310 -51.87 -56.95 0.25
C SER F 2310 -52.02 -57.29 -1.23
N CYS F 2311 -52.50 -58.49 -1.50
CA CYS F 2311 -52.67 -58.95 -2.87
C CYS F 2311 -53.89 -58.29 -3.50
N PRO F 2312 -53.73 -57.51 -4.58
CA PRO F 2312 -54.91 -56.90 -5.22
C PRO F 2312 -55.90 -57.93 -5.72
N MET F 2313 -55.42 -59.08 -6.18
CA MET F 2313 -56.32 -60.12 -6.66
C MET F 2313 -57.21 -60.63 -5.53
N LEU F 2314 -56.63 -60.87 -4.36
CA LEU F 2314 -57.43 -61.29 -3.21
C LEU F 2314 -58.39 -60.18 -2.79
N LEU F 2315 -57.94 -58.93 -2.78
CA LEU F 2315 -58.83 -57.84 -2.42
C LEU F 2315 -60.02 -57.76 -3.38
N ALA F 2316 -59.77 -57.94 -4.68
CA ALA F 2316 -60.86 -57.95 -5.64
C ALA F 2316 -61.80 -59.13 -5.39
N LYS F 2317 -61.24 -60.32 -5.11
CA LYS F 2317 -62.07 -61.46 -4.78
C LYS F 2317 -62.89 -61.24 -3.51
N GLY F 2318 -62.48 -60.31 -2.66
CA GLY F 2318 -63.25 -59.96 -1.48
C GLY F 2318 -62.63 -60.38 -0.16
N TYR F 2319 -61.38 -60.83 -0.15
CA TYR F 2319 -60.75 -61.22 1.09
C TYR F 2319 -60.53 -60.00 1.99
N PRO F 2320 -60.48 -60.21 3.31
CA PRO F 2320 -60.14 -59.09 4.19
C PRO F 2320 -58.75 -58.59 3.92
N ASP F 2321 -58.54 -57.30 4.16
CA ASP F 2321 -57.26 -56.65 3.96
C ASP F 2321 -56.43 -56.80 5.23
N ILE F 2322 -55.42 -57.67 5.19
CA ILE F 2322 -54.55 -57.86 6.34
C ILE F 2322 -53.28 -57.01 6.27
N GLY F 2323 -53.01 -56.38 5.13
CA GLY F 2323 -51.90 -55.47 5.00
C GLY F 2323 -50.68 -56.02 4.28
N TRP F 2324 -50.65 -57.31 3.99
CA TRP F 2324 -49.49 -57.90 3.33
C TRP F 2324 -49.94 -59.11 2.52
N ASN F 2325 -48.97 -59.77 1.88
CA ASN F 2325 -49.23 -60.84 0.91
C ASN F 2325 -48.46 -62.10 1.31
N PRO F 2326 -48.93 -62.85 2.30
CA PRO F 2326 -48.22 -64.07 2.69
C PRO F 2326 -48.09 -65.07 1.55
N CYS F 2327 -49.08 -65.15 0.67
CA CYS F 2327 -49.07 -66.16 -0.37
C CYS F 2327 -47.90 -65.95 -1.33
N GLY F 2328 -47.71 -64.72 -1.82
CA GLY F 2328 -46.56 -64.44 -2.66
C GLY F 2328 -45.26 -64.48 -1.89
N GLY F 2329 -45.28 -64.03 -0.64
CA GLY F 2329 -44.08 -64.12 0.17
C GLY F 2329 -43.58 -65.54 0.28
N GLU F 2330 -44.50 -66.50 0.41
CA GLU F 2330 -44.11 -67.89 0.52
C GLU F 2330 -43.42 -68.38 -0.75
N ARG F 2331 -43.93 -67.99 -1.92
CA ARG F 2331 -43.30 -68.38 -3.17
C ARG F 2331 -41.88 -67.85 -3.27
N TYR F 2332 -41.70 -66.56 -2.95
CA TYR F 2332 -40.36 -66.00 -3.02
C TYR F 2332 -39.42 -66.64 -2.00
N LEU F 2333 -39.94 -66.93 -0.80
CA LEU F 2333 -39.15 -67.63 0.20
C LEU F 2333 -38.75 -69.01 -0.27
N ASP F 2334 -39.65 -69.71 -0.97
CA ASP F 2334 -39.31 -71.03 -1.51
C ASP F 2334 -38.18 -70.94 -2.52
N PHE F 2335 -38.24 -69.94 -3.40
CA PHE F 2335 -37.14 -69.78 -4.35
C PHE F 2335 -35.82 -69.51 -3.62
N LEU F 2336 -35.86 -68.64 -2.61
CA LEU F 2336 -34.64 -68.36 -1.87
C LEU F 2336 -34.13 -69.61 -1.15
N ARG F 2337 -35.05 -70.44 -0.65
CA ARG F 2337 -34.64 -71.69 -0.01
C ARG F 2337 -33.90 -72.58 -0.99
N PHE F 2338 -34.45 -72.75 -2.18
CA PHE F 2338 -33.75 -73.54 -3.19
C PHE F 2338 -32.43 -72.92 -3.61
N ALA F 2339 -32.31 -71.60 -3.53
CA ALA F 2339 -31.05 -70.93 -3.84
C ALA F 2339 -29.98 -71.11 -2.78
N VAL F 2340 -30.37 -71.18 -1.50
CA VAL F 2340 -29.40 -71.22 -0.42
C VAL F 2340 -29.09 -72.64 0.07
N PHE F 2341 -29.95 -73.61 -0.21
CA PHE F 2341 -29.72 -74.99 0.25
C PHE F 2341 -29.59 -75.89 -0.97
N VAL F 2342 -28.49 -76.65 -1.03
CA VAL F 2342 -28.20 -77.52 -2.15
C VAL F 2342 -27.72 -78.86 -1.61
N ASN F 2343 -28.37 -79.95 -2.04
CA ASN F 2343 -27.92 -81.31 -1.74
C ASN F 2343 -27.73 -81.51 -0.23
N GLY F 2344 -28.68 -81.04 0.57
CA GLY F 2344 -28.65 -81.26 1.99
C GLY F 2344 -27.67 -80.41 2.76
N GLU F 2345 -27.00 -79.46 2.10
CA GLU F 2345 -26.02 -78.61 2.76
C GLU F 2345 -26.26 -77.17 2.37
N SER F 2346 -25.87 -76.26 3.24
CA SER F 2346 -26.06 -74.83 3.02
C SER F 2346 -24.92 -74.27 2.18
N VAL F 2347 -25.27 -73.49 1.16
CA VAL F 2347 -24.28 -72.76 0.36
C VAL F 2347 -23.98 -71.46 1.12
N GLU F 2348 -22.77 -71.35 1.66
CA GLU F 2348 -22.47 -70.27 2.59
C GLU F 2348 -22.59 -68.90 1.95
N GLU F 2349 -22.11 -68.76 0.71
CA GLU F 2349 -22.13 -67.46 0.05
C GLU F 2349 -23.56 -66.96 -0.12
N ASN F 2350 -24.41 -67.81 -0.70
CA ASN F 2350 -25.81 -67.43 -0.92
C ASN F 2350 -26.51 -67.22 0.41
N ALA F 2351 -26.23 -68.06 1.41
CA ALA F 2351 -26.88 -67.91 2.70
C ALA F 2351 -26.56 -66.57 3.33
N ASN F 2352 -25.28 -66.19 3.32
CA ASN F 2352 -24.90 -64.91 3.91
C ASN F 2352 -25.50 -63.74 3.13
N VAL F 2353 -25.47 -63.81 1.80
CA VAL F 2353 -26.05 -62.73 1.00
C VAL F 2353 -27.54 -62.60 1.30
N VAL F 2354 -28.24 -63.72 1.37
CA VAL F 2354 -29.69 -63.69 1.61
C VAL F 2354 -29.98 -63.12 2.99
N VAL F 2355 -29.22 -63.54 4.00
CA VAL F 2355 -29.46 -63.02 5.35
C VAL F 2355 -29.23 -61.51 5.39
N ARG F 2356 -28.16 -61.04 4.75
CA ARG F 2356 -27.89 -59.61 4.74
C ARG F 2356 -29.01 -58.84 4.05
N LEU F 2357 -29.48 -59.34 2.91
CA LEU F 2357 -30.56 -58.67 2.20
C LEU F 2357 -31.83 -58.66 3.04
N LEU F 2358 -32.15 -59.78 3.67
CA LEU F 2358 -33.36 -59.87 4.47
C LEU F 2358 -33.33 -58.88 5.63
N ILE F 2359 -32.19 -58.78 6.32
CA ILE F 2359 -32.12 -57.82 7.42
C ILE F 2359 -32.10 -56.38 6.92
N ARG F 2360 -31.50 -56.11 5.74
CA ARG F 2360 -31.56 -54.77 5.19
C ARG F 2360 -32.96 -54.37 4.74
N LYS F 2361 -33.83 -55.35 4.47
CA LYS F 2361 -35.24 -55.09 4.20
C LYS F 2361 -36.09 -55.87 5.21
N PRO F 2362 -36.23 -55.35 6.43
CA PRO F 2362 -36.88 -56.12 7.50
C PRO F 2362 -38.33 -56.48 7.22
N GLU F 2363 -38.97 -55.77 6.31
CA GLU F 2363 -40.37 -56.07 5.99
C GLU F 2363 -40.52 -57.47 5.40
N CYS F 2364 -39.45 -58.05 4.87
CA CYS F 2364 -39.51 -59.41 4.35
C CYS F 2364 -39.79 -60.44 5.43
N PHE F 2365 -39.62 -60.09 6.70
CA PHE F 2365 -39.85 -61.02 7.80
C PHE F 2365 -41.33 -61.09 8.20
N GLY F 2366 -42.18 -60.30 7.57
CA GLY F 2366 -43.58 -60.26 7.92
C GLY F 2366 -43.84 -59.32 9.08
N PRO F 2367 -45.10 -58.93 9.27
CA PRO F 2367 -45.41 -58.01 10.38
C PRO F 2367 -45.07 -58.57 11.74
N ALA F 2368 -45.14 -59.88 11.93
CA ALA F 2368 -44.90 -60.46 13.25
C ALA F 2368 -43.50 -60.18 13.75
N LEU F 2369 -42.50 -60.33 12.88
CA LEU F 2369 -41.11 -60.14 13.27
C LEU F 2369 -40.67 -58.69 13.15
N ARG F 2370 -41.61 -57.77 12.99
CA ARG F 2370 -41.27 -56.35 13.00
C ARG F 2370 -40.68 -55.96 14.35
N GLY F 2371 -39.60 -55.19 14.33
CA GLY F 2371 -38.89 -54.89 15.56
C GLY F 2371 -39.74 -54.14 16.57
N GLU F 2372 -40.42 -53.08 16.12
CA GLU F 2372 -41.09 -52.19 17.07
C GLU F 2372 -42.39 -52.80 17.57
N GLY F 2373 -43.34 -53.03 16.67
CA GLY F 2373 -44.65 -53.51 17.05
C GLY F 2373 -44.90 -54.99 16.83
N GLY F 2374 -43.89 -55.76 16.45
CA GLY F 2374 -44.11 -57.17 16.18
C GLY F 2374 -44.56 -57.92 17.42
N SER F 2375 -45.49 -58.86 17.22
CA SER F 2375 -46.02 -59.65 18.31
C SER F 2375 -45.20 -60.91 18.57
N GLY F 2376 -44.29 -61.25 17.67
CA GLY F 2376 -43.50 -62.46 17.80
C GLY F 2376 -44.08 -63.61 17.00
N LEU F 2377 -43.23 -64.59 16.72
CA LEU F 2377 -43.64 -65.71 15.87
C LEU F 2377 -44.75 -66.52 16.53
N LEU F 2378 -44.62 -66.80 17.82
CA LEU F 2378 -45.63 -67.61 18.51
C LEU F 2378 -46.98 -66.91 18.51
N ALA F 2379 -46.99 -65.62 18.86
CA ALA F 2379 -48.23 -64.86 18.86
C ALA F 2379 -48.83 -64.79 17.47
N ALA F 2380 -47.99 -64.63 16.45
CA ALA F 2380 -48.48 -64.58 15.09
C ALA F 2380 -49.15 -65.88 14.69
N ILE F 2381 -48.53 -67.01 15.03
CA ILE F 2381 -49.12 -68.30 14.69
C ILE F 2381 -50.43 -68.50 15.43
N GLU F 2382 -50.49 -68.12 16.70
CA GLU F 2382 -51.73 -68.26 17.46
C GLU F 2382 -52.84 -67.39 16.87
N GLU F 2383 -52.50 -66.16 16.48
CA GLU F 2383 -53.48 -65.29 15.85
C GLU F 2383 -53.93 -65.86 14.51
N ALA F 2384 -53.02 -66.47 13.77
CA ALA F 2384 -53.39 -67.11 12.51
C ALA F 2384 -54.34 -68.27 12.74
N ILE F 2385 -54.11 -69.04 13.81
CA ILE F 2385 -55.03 -70.14 14.13
C ILE F 2385 -56.41 -69.59 14.46
N ARG F 2386 -56.47 -68.51 15.23
CA ARG F 2386 -57.76 -67.89 15.52
C ARG F 2386 -58.43 -67.41 14.25
N ILE F 2387 -57.66 -66.80 13.34
CA ILE F 2387 -58.21 -66.33 12.07
C ILE F 2387 -58.80 -67.50 11.30
N SER F 2388 -58.06 -68.61 11.25
CA SER F 2388 -58.55 -69.79 10.53
C SER F 2388 -59.85 -70.29 11.13
N GLU F 2389 -59.93 -70.32 12.46
CA GLU F 2389 -61.16 -70.76 13.11
C GLU F 2389 -62.31 -69.78 12.91
N ASP F 2390 -62.03 -68.51 12.65
CA ASP F 2390 -63.09 -67.50 12.49
C ASP F 2390 -63.33 -67.19 11.02
N PRO F 2391 -64.49 -67.56 10.46
CA PRO F 2391 -64.82 -67.11 9.11
C PRO F 2391 -65.11 -65.61 9.09
N ALA F 2392 -65.07 -65.05 7.89
CA ALA F 2392 -65.16 -63.63 7.59
C ALA F 2392 -63.84 -62.92 7.93
N ARG F 2393 -62.89 -63.60 8.57
CA ARG F 2393 -61.53 -63.13 8.71
C ARG F 2393 -60.53 -64.02 7.99
N ASP F 2394 -60.93 -65.23 7.59
CA ASP F 2394 -60.07 -66.15 6.88
C ASP F 2394 -60.31 -66.17 5.38
N GLY F 2395 -61.46 -65.66 4.93
CA GLY F 2395 -61.78 -65.64 3.52
C GLY F 2395 -62.83 -64.59 3.20
N PRO F 2396 -63.29 -64.57 1.95
CA PRO F 2396 -64.30 -63.57 1.58
C PRO F 2396 -65.58 -63.69 2.39
N GLY F 2397 -65.99 -64.92 2.72
CA GLY F 2397 -67.17 -65.12 3.53
C GLY F 2397 -68.44 -64.56 2.92
N VAL F 2398 -68.62 -64.75 1.61
CA VAL F 2398 -69.82 -64.28 0.93
C VAL F 2398 -70.81 -65.42 0.77
N PRO F 2411 -64.55 -70.89 -5.27
CA PRO F 2411 -63.84 -71.92 -4.52
C PRO F 2411 -63.35 -73.07 -5.40
N PRO F 2412 -62.60 -72.77 -6.45
CA PRO F 2412 -62.09 -73.86 -7.32
C PRO F 2412 -61.27 -74.89 -6.55
N GLU F 2413 -60.48 -74.46 -5.57
CA GLU F 2413 -59.71 -75.36 -4.72
C GLU F 2413 -59.72 -74.81 -3.30
N GLU F 2414 -60.44 -75.51 -2.41
CA GLU F 2414 -60.52 -75.17 -1.00
C GLU F 2414 -60.71 -73.67 -0.77
N ASN F 2415 -61.79 -73.11 -1.31
CA ASN F 2415 -62.06 -71.68 -1.13
C ASN F 2415 -60.85 -70.87 -1.57
N ARG F 2416 -60.23 -71.27 -2.68
CA ARG F 2416 -59.00 -70.65 -3.13
C ARG F 2416 -57.96 -70.67 -2.02
N VAL F 2417 -57.84 -69.56 -1.28
CA VAL F 2417 -56.84 -69.44 -0.23
C VAL F 2417 -57.54 -69.17 1.09
N HIS F 2418 -56.93 -69.62 2.17
CA HIS F 2418 -57.37 -69.33 3.53
C HIS F 2418 -56.29 -68.49 4.19
N LEU F 2419 -56.69 -67.35 4.75
CA LEU F 2419 -55.69 -66.38 5.21
C LEU F 2419 -54.89 -66.91 6.39
N GLY F 2420 -55.52 -67.60 7.31
CA GLY F 2420 -54.80 -68.15 8.45
C GLY F 2420 -53.74 -69.14 8.02
N HIS F 2421 -54.12 -70.06 7.15
CA HIS F 2421 -53.15 -71.03 6.63
C HIS F 2421 -52.07 -70.34 5.83
N ALA F 2422 -52.42 -69.29 5.08
CA ALA F 2422 -51.42 -68.56 4.32
C ALA F 2422 -50.39 -67.92 5.25
N ILE F 2423 -50.85 -67.33 6.35
CA ILE F 2423 -49.93 -66.71 7.31
C ILE F 2423 -49.02 -67.76 7.92
N MET F 2424 -49.61 -68.87 8.37
CA MET F 2424 -48.78 -69.93 8.95
C MET F 2424 -47.76 -70.45 7.94
N SER F 2425 -48.18 -70.63 6.69
CA SER F 2425 -47.28 -71.13 5.67
C SER F 2425 -46.16 -70.15 5.38
N PHE F 2426 -46.48 -68.85 5.32
CA PHE F 2426 -45.44 -67.85 5.10
C PHE F 2426 -44.40 -67.91 6.22
N TYR F 2427 -44.86 -67.94 7.47
CA TYR F 2427 -43.89 -67.94 8.57
C TYR F 2427 -43.10 -69.24 8.62
N ALA F 2428 -43.75 -70.37 8.31
CA ALA F 2428 -43.02 -71.63 8.24
C ALA F 2428 -41.95 -71.59 7.16
N ALA F 2429 -42.28 -71.04 5.99
CA ALA F 2429 -41.31 -70.94 4.91
C ALA F 2429 -40.16 -70.01 5.30
N LEU F 2430 -40.47 -68.90 5.97
CA LEU F 2430 -39.41 -68.00 6.40
C LEU F 2430 -38.48 -68.68 7.39
N ILE F 2431 -39.04 -69.41 8.36
CA ILE F 2431 -38.20 -70.11 9.32
C ILE F 2431 -37.37 -71.18 8.64
N ASP F 2432 -37.96 -71.88 7.66
CA ASP F 2432 -37.21 -72.88 6.91
C ASP F 2432 -36.04 -72.24 6.18
N LEU F 2433 -36.28 -71.10 5.53
CA LEU F 2433 -35.22 -70.43 4.79
C LEU F 2433 -34.10 -69.99 5.73
N LEU F 2434 -34.45 -69.44 6.90
CA LEU F 2434 -33.42 -69.01 7.82
C LEU F 2434 -32.65 -70.19 8.39
N GLY F 2435 -33.34 -71.28 8.74
CA GLY F 2435 -32.65 -72.46 9.21
C GLY F 2435 -31.71 -73.04 8.17
N ARG F 2436 -32.09 -72.97 6.90
CA ARG F 2436 -31.21 -73.43 5.83
C ARG F 2436 -30.06 -72.47 5.55
N CYS F 2437 -30.25 -71.18 5.81
CA CYS F 2437 -29.15 -70.23 5.77
C CYS F 2437 -28.20 -70.38 6.96
N ALA F 2438 -28.63 -71.05 8.01
CA ALA F 2438 -27.77 -71.24 9.17
C ALA F 2438 -26.47 -71.92 8.76
N PRO F 2439 -25.33 -71.57 9.37
CA PRO F 2439 -24.06 -72.16 8.95
C PRO F 2439 -23.96 -73.63 9.28
N GLU F 2440 -22.94 -74.28 8.71
CA GLU F 2440 -22.72 -75.69 8.94
C GLU F 2440 -21.91 -75.93 10.21
N THR F 2441 -22.07 -77.13 10.78
CA THR F 2441 -21.42 -77.46 12.04
C THR F 2441 -19.92 -77.45 11.91
N HIS F 2442 -19.38 -77.93 10.78
CA HIS F 2442 -17.92 -77.96 10.63
C HIS F 2442 -17.36 -76.53 10.60
N LEU F 2443 -18.04 -75.61 9.93
CA LEU F 2443 -17.64 -74.22 9.96
C LEU F 2443 -17.72 -73.65 11.37
N ILE F 2444 -18.78 -73.98 12.12
CA ILE F 2444 -18.90 -73.48 13.47
C ILE F 2444 -17.76 -73.99 14.34
N GLN F 2445 -17.43 -75.28 14.23
CA GLN F 2445 -16.31 -75.83 14.99
C GLN F 2445 -15.00 -75.16 14.60
N ALA F 2446 -14.78 -74.96 13.30
CA ALA F 2446 -13.60 -74.22 12.86
C ALA F 2446 -13.61 -72.80 13.41
N GLY F 2447 -14.78 -72.29 13.80
CA GLY F 2447 -14.84 -70.98 14.43
C GLY F 2447 -14.77 -69.82 13.48
N LYS F 2448 -15.21 -70.00 12.23
CA LYS F 2448 -15.18 -68.91 11.27
C LYS F 2448 -16.02 -67.74 11.78
N GLY F 2449 -15.44 -66.54 11.70
CA GLY F 2449 -16.13 -65.37 12.19
C GLY F 2449 -17.44 -65.11 11.47
N GLU F 2450 -17.44 -65.28 10.15
CA GLU F 2450 -18.67 -65.09 9.39
C GLU F 2450 -19.75 -66.05 9.83
N ALA F 2451 -19.39 -67.33 10.01
CA ALA F 2451 -20.38 -68.32 10.45
C ALA F 2451 -20.93 -67.96 11.82
N LEU F 2452 -20.05 -67.60 12.76
CA LEU F 2452 -20.52 -67.24 14.09
C LEU F 2452 -21.43 -66.02 14.04
N ARG F 2453 -21.07 -65.02 13.25
CA ARG F 2453 -21.88 -63.82 13.14
C ARG F 2453 -23.26 -64.13 12.56
N ILE F 2454 -23.30 -64.96 11.51
CA ILE F 2454 -24.58 -65.29 10.89
C ILE F 2454 -25.46 -66.06 11.87
N ARG F 2455 -24.87 -67.01 12.60
CA ARG F 2455 -25.65 -67.75 13.58
C ARG F 2455 -26.17 -66.83 14.67
N ALA F 2456 -25.35 -65.87 15.11
CA ALA F 2456 -25.81 -64.92 16.12
C ALA F 2456 -26.97 -64.08 15.59
N ILE F 2457 -26.89 -63.65 14.33
CA ILE F 2457 -27.98 -62.86 13.75
C ILE F 2457 -29.26 -63.69 13.71
N LEU F 2458 -29.15 -64.95 13.28
CA LEU F 2458 -30.34 -65.80 13.19
C LEU F 2458 -30.95 -66.05 14.58
N ARG F 2459 -30.10 -66.29 15.58
CA ARG F 2459 -30.60 -66.48 16.93
C ARG F 2459 -31.28 -65.22 17.46
N SER F 2460 -30.72 -64.05 17.18
CA SER F 2460 -31.39 -62.81 17.59
C SER F 2460 -32.73 -62.65 16.89
N LEU F 2461 -32.81 -63.04 15.63
CA LEU F 2461 -34.06 -62.92 14.89
C LEU F 2461 -35.14 -63.83 15.48
N VAL F 2462 -34.81 -65.10 15.69
CA VAL F 2462 -35.82 -66.07 16.13
C VAL F 2462 -35.51 -66.57 17.53
N PRO F 2463 -36.32 -66.24 18.55
CA PRO F 2463 -36.08 -66.79 19.87
C PRO F 2463 -36.33 -68.29 19.94
N LEU F 2464 -35.64 -68.95 20.87
CA LEU F 2464 -35.82 -70.39 21.05
C LEU F 2464 -37.18 -70.70 21.66
N ASP F 2465 -37.64 -69.85 22.59
CA ASP F 2465 -38.92 -70.10 23.24
C ASP F 2465 -40.07 -70.07 22.25
N ASP F 2466 -40.00 -69.18 21.25
CA ASP F 2466 -41.04 -69.14 20.23
C ASP F 2466 -41.07 -70.45 19.43
N LEU F 2467 -39.89 -70.96 19.07
CA LEU F 2467 -39.83 -72.23 18.34
C LEU F 2467 -40.42 -73.35 19.18
N VAL F 2468 -40.07 -73.40 20.46
CA VAL F 2468 -40.59 -74.47 21.33
C VAL F 2468 -42.10 -74.33 21.46
N GLY F 2469 -42.60 -73.11 21.61
CA GLY F 2469 -44.03 -72.92 21.73
C GLY F 2469 -44.79 -73.35 20.49
N ILE F 2470 -44.28 -72.98 19.31
CA ILE F 2470 -44.94 -73.40 18.08
C ILE F 2470 -44.90 -74.91 17.95
N ILE F 2471 -43.76 -75.53 18.27
CA ILE F 2471 -43.68 -76.99 18.21
C ILE F 2471 -44.65 -77.62 19.19
N SER F 2472 -44.92 -76.95 20.31
CA SER F 2472 -45.83 -77.46 21.33
C SER F 2472 -47.29 -77.16 21.04
N LEU F 2473 -47.58 -76.30 20.06
CA LEU F 2473 -48.98 -76.01 19.76
C LEU F 2473 -49.70 -77.29 19.34
N PRO F 2474 -50.95 -77.49 19.78
CA PRO F 2474 -51.64 -78.74 19.47
C PRO F 2474 -52.17 -78.77 18.05
N LEU F 2475 -52.14 -79.97 17.46
CA LEU F 2475 -52.71 -80.21 16.14
C LEU F 2475 -54.09 -80.83 16.27
N GLN F 2476 -54.93 -80.59 15.26
CA GLN F 2476 -56.27 -81.16 15.22
C GLN F 2476 -56.20 -82.52 14.54
N ILE F 2477 -56.53 -83.57 15.27
CA ILE F 2477 -56.43 -84.93 14.76
C ILE F 2477 -57.80 -85.41 14.28
N PRO F 2478 -57.86 -86.34 13.33
CA PRO F 2478 -59.16 -86.87 12.91
C PRO F 2478 -59.87 -87.57 14.07
N THR F 2479 -61.19 -87.46 14.09
CA THR F 2479 -62.00 -88.10 15.11
C THR F 2479 -63.24 -88.72 14.48
N LEU F 2480 -63.96 -89.51 15.28
CA LEU F 2480 -65.22 -90.10 14.86
C LEU F 2480 -66.36 -89.44 15.62
N GLY F 2481 -67.34 -88.90 14.89
CA GLY F 2481 -68.45 -88.20 15.48
C GLY F 2481 -69.76 -88.64 14.87
N LYS F 2482 -70.85 -88.15 15.46
CA LYS F 2482 -72.19 -88.48 15.02
C LYS F 2482 -72.34 -89.99 15.02
N ASP F 2483 -72.31 -90.63 13.85
CA ASP F 2483 -72.34 -92.08 13.72
C ASP F 2483 -71.43 -92.44 12.56
N GLY F 2484 -70.16 -92.71 12.85
CA GLY F 2484 -69.21 -93.05 11.81
C GLY F 2484 -68.82 -91.90 10.92
N ALA F 2485 -69.05 -90.67 11.35
CA ALA F 2485 -68.65 -89.50 10.58
C ALA F 2485 -67.20 -89.17 10.89
N LEU F 2486 -66.36 -89.16 9.86
CA LEU F 2486 -64.94 -88.87 10.01
C LEU F 2486 -64.76 -87.37 10.05
N VAL F 2487 -64.69 -86.81 11.26
CA VAL F 2487 -64.42 -85.38 11.42
C VAL F 2487 -62.92 -85.17 11.26
N GLN F 2488 -62.52 -84.69 10.08
CA GLN F 2488 -61.12 -84.44 9.77
C GLN F 2488 -60.87 -82.94 9.63
N PRO F 2489 -59.66 -82.48 9.94
CA PRO F 2489 -59.32 -81.09 9.70
C PRO F 2489 -59.11 -80.81 8.22
N LYS F 2490 -59.35 -79.56 7.83
CA LYS F 2490 -59.07 -79.12 6.47
C LYS F 2490 -57.59 -78.75 6.39
N MET F 2491 -56.81 -79.61 5.72
CA MET F 2491 -55.37 -79.42 5.69
C MET F 2491 -54.98 -78.11 5.03
N SER F 2492 -55.80 -77.63 4.09
CA SER F 2492 -55.50 -76.40 3.37
C SER F 2492 -55.93 -75.16 4.15
N ALA F 2493 -56.51 -75.31 5.33
CA ALA F 2493 -56.99 -74.17 6.09
C ALA F 2493 -56.66 -74.23 7.57
N SER F 2494 -55.71 -75.08 7.97
CA SER F 2494 -55.44 -75.29 9.39
C SER F 2494 -53.95 -75.41 9.64
N PHE F 2495 -53.58 -75.33 10.91
CA PHE F 2495 -52.20 -75.55 11.33
C PHE F 2495 -51.83 -77.01 11.13
N VAL F 2496 -50.79 -77.26 10.34
CA VAL F 2496 -50.44 -78.62 9.93
C VAL F 2496 -49.03 -78.98 10.38
N PRO F 2497 -48.67 -80.26 10.41
CA PRO F 2497 -47.31 -80.63 10.85
C PRO F 2497 -46.21 -80.08 9.98
N ASP F 2498 -46.50 -79.72 8.72
CA ASP F 2498 -45.46 -79.13 7.88
C ASP F 2498 -45.03 -77.78 8.44
N HIS F 2499 -45.89 -77.10 9.18
CA HIS F 2499 -45.50 -75.85 9.82
C HIS F 2499 -44.54 -76.10 10.98
N LYS F 2500 -44.73 -77.21 11.70
CA LYS F 2500 -43.82 -77.58 12.77
C LYS F 2500 -42.49 -78.11 12.23
N ALA F 2501 -42.49 -78.68 11.03
CA ALA F 2501 -41.26 -79.22 10.47
C ALA F 2501 -40.23 -78.12 10.27
N SER F 2502 -40.66 -76.95 9.78
CA SER F 2502 -39.73 -75.84 9.60
C SER F 2502 -39.16 -75.37 10.93
N MET F 2503 -40.00 -75.30 11.97
CA MET F 2503 -39.51 -74.91 13.28
C MET F 2503 -38.49 -75.92 13.80
N VAL F 2504 -38.74 -77.21 13.60
CA VAL F 2504 -37.78 -78.22 14.04
C VAL F 2504 -36.47 -78.08 13.28
N LEU F 2505 -36.54 -77.83 11.97
CA LEU F 2505 -35.32 -77.66 11.20
C LEU F 2505 -34.52 -76.46 11.69
N PHE F 2506 -35.20 -75.34 11.94
CA PHE F 2506 -34.52 -74.15 12.44
C PHE F 2506 -33.90 -74.43 13.81
N LEU F 2507 -34.64 -75.09 14.69
CA LEU F 2507 -34.12 -75.40 16.01
C LEU F 2507 -32.87 -76.27 15.91
N ASP F 2508 -32.89 -77.27 15.04
CA ASP F 2508 -31.75 -78.17 14.93
C ASP F 2508 -30.54 -77.48 14.31
N ARG F 2509 -30.75 -76.63 13.31
CA ARG F 2509 -29.62 -76.07 12.58
C ARG F 2509 -29.05 -74.81 13.21
N VAL F 2510 -29.86 -74.02 13.90
CA VAL F 2510 -29.43 -72.75 14.47
C VAL F 2510 -29.08 -72.89 15.94
N TYR F 2511 -30.00 -73.43 16.74
CA TYR F 2511 -29.79 -73.60 18.18
C TYR F 2511 -29.21 -74.97 18.51
N GLY F 2512 -29.73 -76.02 17.90
CA GLY F 2512 -29.30 -77.36 18.19
C GLY F 2512 -29.68 -77.79 19.60
N ILE F 2513 -29.72 -79.10 19.80
CA ILE F 2513 -29.99 -79.69 21.09
C ILE F 2513 -28.68 -80.30 21.59
N GLU F 2514 -28.18 -79.78 22.71
CA GLU F 2514 -26.91 -80.21 23.27
C GLU F 2514 -26.98 -80.51 24.76
N ASN F 2515 -28.05 -80.11 25.44
CA ASN F 2515 -28.20 -80.31 26.87
C ASN F 2515 -29.35 -81.27 27.14
N GLN F 2516 -29.12 -82.24 28.01
CA GLN F 2516 -30.11 -83.28 28.26
C GLN F 2516 -31.40 -82.69 28.81
N ASP F 2517 -31.30 -81.67 29.68
CA ASP F 2517 -32.50 -81.06 30.23
C ASP F 2517 -33.35 -80.43 29.13
N PHE F 2518 -32.72 -79.72 28.21
CA PHE F 2518 -33.47 -79.14 27.09
C PHE F 2518 -34.06 -80.22 26.20
N LEU F 2519 -33.30 -81.28 25.95
CA LEU F 2519 -33.83 -82.38 25.14
C LEU F 2519 -35.09 -82.95 25.77
N LEU F 2520 -35.04 -83.23 27.07
CA LEU F 2520 -36.21 -83.79 27.75
C LEU F 2520 -37.36 -82.80 27.79
N HIS F 2521 -37.07 -81.51 27.96
CA HIS F 2521 -38.15 -80.52 27.99
C HIS F 2521 -38.87 -80.46 26.65
N VAL F 2522 -38.11 -80.34 25.56
CA VAL F 2522 -38.75 -80.26 24.24
C VAL F 2522 -39.45 -81.56 23.91
N LEU F 2523 -38.88 -82.70 24.31
CA LEU F 2523 -39.55 -83.97 24.10
C LEU F 2523 -40.88 -84.02 24.84
N ASP F 2524 -40.88 -83.59 26.10
CA ASP F 2524 -42.08 -83.67 26.92
C ASP F 2524 -43.17 -82.75 26.41
N VAL F 2525 -42.81 -81.54 25.99
CA VAL F 2525 -43.85 -80.57 25.63
C VAL F 2525 -44.28 -80.69 24.17
N GLY F 2526 -43.35 -80.82 23.24
CA GLY F 2526 -43.71 -80.76 21.82
C GLY F 2526 -43.69 -82.06 21.06
N PHE F 2527 -42.68 -82.89 21.26
CA PHE F 2527 -42.48 -84.06 20.39
C PHE F 2527 -43.37 -85.23 20.82
N LEU F 2528 -43.31 -85.58 22.10
CA LEU F 2528 -44.04 -86.76 22.57
C LEU F 2528 -45.54 -86.68 22.31
N PRO F 2529 -46.21 -85.56 22.54
CA PRO F 2529 -47.64 -85.49 22.21
C PRO F 2529 -47.92 -85.80 20.75
N ASP F 2530 -47.08 -85.29 19.85
CA ASP F 2530 -47.27 -85.55 18.43
C ASP F 2530 -47.00 -87.01 18.08
N MET F 2531 -45.95 -87.59 18.68
CA MET F 2531 -45.67 -89.00 18.45
C MET F 2531 -46.82 -89.88 18.95
N ARG F 2532 -47.37 -89.55 20.11
CA ARG F 2532 -48.51 -90.29 20.64
C ARG F 2532 -49.72 -90.14 19.74
N ALA F 2533 -49.97 -88.94 19.22
CA ALA F 2533 -51.10 -88.75 18.30
C ALA F 2533 -50.91 -89.58 17.04
N ALA F 2534 -49.70 -89.60 16.49
CA ALA F 2534 -49.44 -90.39 15.30
C ALA F 2534 -49.63 -91.88 15.58
N ALA F 2535 -49.16 -92.34 16.74
CA ALA F 2535 -49.36 -93.74 17.10
C ALA F 2535 -50.85 -94.07 17.25
N SER F 2536 -51.61 -93.18 17.89
CA SER F 2536 -53.04 -93.40 18.08
C SER F 2536 -53.82 -93.38 16.78
N LEU F 2537 -53.35 -92.62 15.78
CA LEU F 2537 -53.99 -92.60 14.47
C LEU F 2537 -53.61 -93.79 13.60
N ASP F 2538 -53.03 -94.83 14.19
CA ASP F 2538 -52.63 -96.02 13.44
C ASP F 2538 -53.77 -97.02 13.24
N THR F 2539 -54.96 -96.73 13.76
CA THR F 2539 -56.08 -97.64 13.59
C THR F 2539 -56.49 -97.69 12.12
N ALA F 2540 -57.25 -98.73 11.77
CA ALA F 2540 -57.62 -98.95 10.38
C ALA F 2540 -58.42 -97.78 9.82
N THR F 2541 -59.21 -97.11 10.65
CA THR F 2541 -60.04 -96.01 10.15
C THR F 2541 -59.21 -94.76 9.89
N PHE F 2542 -58.28 -94.43 10.78
CA PHE F 2542 -57.51 -93.20 10.68
C PHE F 2542 -56.15 -93.39 10.01
N SER F 2543 -55.81 -94.60 9.60
CA SER F 2543 -54.45 -94.86 9.15
C SER F 2543 -54.06 -93.98 7.96
N THR F 2544 -54.94 -93.87 6.96
CA THR F 2544 -54.61 -93.20 5.72
C THR F 2544 -55.18 -91.78 5.64
N THR F 2545 -55.65 -91.25 6.76
CA THR F 2545 -56.16 -89.88 6.77
C THR F 2545 -55.05 -88.91 6.42
N GLU F 2546 -55.45 -87.75 5.89
CA GLU F 2546 -54.47 -86.74 5.50
C GLU F 2546 -53.63 -86.31 6.69
N MET F 2547 -54.27 -86.07 7.84
CA MET F 2547 -53.53 -85.66 9.02
C MET F 2547 -52.60 -86.77 9.49
N ALA F 2548 -53.04 -88.03 9.42
CA ALA F 2548 -52.19 -89.13 9.85
C ALA F 2548 -50.94 -89.22 8.97
N LEU F 2549 -51.12 -89.11 7.65
CA LEU F 2549 -49.96 -89.17 6.76
C LEU F 2549 -49.06 -87.97 6.95
N ALA F 2550 -49.63 -86.78 7.16
CA ALA F 2550 -48.81 -85.60 7.42
C ALA F 2550 -48.01 -85.76 8.70
N LEU F 2551 -48.63 -86.31 9.75
CA LEU F 2551 -47.92 -86.53 11.00
C LEU F 2551 -46.79 -87.55 10.81
N ASN F 2552 -47.05 -88.61 10.04
CA ASN F 2552 -46.00 -89.58 9.77
C ASN F 2552 -44.83 -88.93 9.05
N ARG F 2553 -45.12 -88.12 8.03
CA ARG F 2553 -44.04 -87.43 7.31
C ARG F 2553 -43.28 -86.50 8.25
N TYR F 2554 -43.99 -85.74 9.07
CA TYR F 2554 -43.35 -84.83 10.01
C TYR F 2554 -42.42 -85.59 10.95
N LEU F 2555 -42.92 -86.67 11.56
CA LEU F 2555 -42.11 -87.43 12.51
C LEU F 2555 -40.89 -88.05 11.83
N CYS F 2556 -41.08 -88.61 10.64
CA CYS F 2556 -39.99 -89.32 9.98
C CYS F 2556 -39.00 -88.41 9.27
N LEU F 2557 -39.33 -87.13 9.07
CA LEU F 2557 -38.42 -86.23 8.40
C LEU F 2557 -37.81 -85.17 9.31
N ALA F 2558 -38.46 -84.79 10.42
CA ALA F 2558 -37.92 -83.76 11.28
C ALA F 2558 -37.64 -84.27 12.68
N VAL F 2559 -38.64 -84.88 13.31
CA VAL F 2559 -38.58 -85.17 14.74
C VAL F 2559 -37.66 -86.36 15.01
N LEU F 2560 -38.01 -87.53 14.48
CA LEU F 2560 -37.28 -88.74 14.84
C LEU F 2560 -35.80 -88.67 14.48
N PRO F 2561 -35.41 -88.18 13.31
CA PRO F 2561 -33.97 -88.04 13.04
C PRO F 2561 -33.25 -87.20 14.06
N LEU F 2562 -33.88 -86.14 14.56
CA LEU F 2562 -33.28 -85.33 15.61
C LEU F 2562 -33.10 -86.13 16.89
N ILE F 2563 -34.10 -86.95 17.23
CA ILE F 2563 -33.98 -87.79 18.43
C ILE F 2563 -32.86 -88.80 18.27
N THR F 2564 -32.73 -89.38 17.08
CA THR F 2564 -31.63 -90.32 16.85
C THR F 2564 -30.28 -89.61 16.99
N LYS F 2565 -30.18 -88.40 16.46
CA LYS F 2565 -28.94 -87.64 16.58
C LYS F 2565 -28.63 -87.32 18.03
N CYS F 2566 -29.65 -87.03 18.84
CA CYS F 2566 -29.47 -86.67 20.24
C CYS F 2566 -29.57 -87.89 21.16
N ALA F 2567 -29.58 -89.10 20.60
CA ALA F 2567 -29.69 -90.29 21.44
C ALA F 2567 -28.63 -90.36 22.52
N PRO F 2568 -27.36 -90.05 22.29
CA PRO F 2568 -26.36 -90.16 23.36
C PRO F 2568 -26.72 -89.38 24.61
N LEU F 2569 -27.53 -88.33 24.49
CA LEU F 2569 -27.93 -87.53 25.63
C LEU F 2569 -28.92 -88.25 26.54
N PHE F 2570 -29.43 -89.41 26.14
CA PHE F 2570 -30.40 -90.14 26.94
C PHE F 2570 -29.75 -91.02 28.00
N ALA F 2571 -28.42 -91.10 28.02
CA ALA F 2571 -27.73 -91.83 29.08
C ALA F 2571 -27.78 -91.03 30.37
N GLY F 2572 -28.17 -91.70 31.45
CA GLY F 2572 -28.29 -91.04 32.73
C GLY F 2572 -29.60 -90.33 32.96
N THR F 2573 -30.69 -90.81 32.37
CA THR F 2573 -32.01 -90.20 32.52
C THR F 2573 -32.90 -91.00 33.47
N GLU F 2574 -32.32 -91.56 34.53
CA GLU F 2574 -33.11 -92.35 35.46
C GLU F 2574 -34.21 -91.50 36.11
N HIS F 2575 -33.97 -90.20 36.27
CA HIS F 2575 -34.97 -89.35 36.91
C HIS F 2575 -36.26 -89.29 36.10
N ARG F 2576 -36.15 -89.11 34.78
CA ARG F 2576 -37.34 -89.11 33.92
C ARG F 2576 -37.57 -90.50 33.34
N ALA F 2577 -37.57 -91.52 34.21
CA ALA F 2577 -37.74 -92.89 33.74
C ALA F 2577 -39.10 -93.11 33.12
N ILE F 2578 -40.15 -92.52 33.72
CA ILE F 2578 -41.50 -92.71 33.21
C ILE F 2578 -41.61 -92.14 31.80
N MET F 2579 -41.09 -90.92 31.59
CA MET F 2579 -41.20 -90.30 30.27
C MET F 2579 -40.36 -91.05 29.25
N VAL F 2580 -39.17 -91.52 29.65
CA VAL F 2580 -38.34 -92.27 28.73
C VAL F 2580 -39.03 -93.57 28.32
N ASP F 2581 -39.65 -94.25 29.29
CA ASP F 2581 -40.39 -95.47 28.98
C ASP F 2581 -41.55 -95.19 28.04
N SER F 2582 -42.28 -94.09 28.27
CA SER F 2582 -43.37 -93.74 27.39
C SER F 2582 -42.87 -93.46 25.98
N MET F 2583 -41.74 -92.77 25.86
CA MET F 2583 -41.16 -92.50 24.55
C MET F 2583 -40.81 -93.79 23.83
N LEU F 2584 -40.17 -94.73 24.56
CA LEU F 2584 -39.80 -96.00 23.93
C LEU F 2584 -41.04 -96.75 23.47
N HIS F 2585 -42.07 -96.80 24.30
CA HIS F 2585 -43.29 -97.49 23.92
C HIS F 2585 -43.94 -96.85 22.70
N THR F 2586 -43.96 -95.52 22.66
CA THR F 2586 -44.57 -94.82 21.52
C THR F 2586 -43.79 -95.10 20.25
N VAL F 2587 -42.45 -95.07 20.32
CA VAL F 2587 -41.65 -95.33 19.13
C VAL F 2587 -41.84 -96.76 18.65
N TYR F 2588 -41.95 -97.71 19.59
CA TYR F 2588 -42.20 -99.09 19.20
C TYR F 2588 -43.56 -99.22 18.51
N ARG F 2589 -44.58 -98.57 19.05
CA ARG F 2589 -45.90 -98.61 18.42
C ARG F 2589 -45.86 -98.00 17.03
N LEU F 2590 -45.14 -96.90 16.87
CA LEU F 2590 -45.00 -96.29 15.55
C LEU F 2590 -44.30 -97.23 14.58
N SER F 2591 -43.26 -97.92 15.06
CA SER F 2591 -42.58 -98.88 14.20
C SER F 2591 -43.53 -99.98 13.75
N ARG F 2592 -44.35 -100.47 14.66
CA ARG F 2592 -45.42 -101.42 14.30
C ARG F 2592 -46.63 -100.69 13.73
N GLY F 2593 -46.43 -99.93 12.66
CA GLY F 2593 -47.48 -99.10 12.09
C GLY F 2593 -47.80 -99.50 10.67
N ARG F 2594 -49.08 -99.50 10.34
CA ARG F 2594 -49.53 -99.73 8.97
C ARG F 2594 -49.50 -98.41 8.20
N SER F 2595 -49.66 -98.49 6.89
CA SER F 2595 -49.65 -97.31 6.03
C SER F 2595 -48.38 -96.49 6.22
N LEU F 2596 -47.26 -97.18 6.39
CA LEU F 2596 -45.95 -96.56 6.56
C LEU F 2596 -45.05 -96.99 5.41
N THR F 2597 -44.36 -96.03 4.80
CA THR F 2597 -43.45 -96.37 3.72
C THR F 2597 -42.20 -97.03 4.27
N LYS F 2598 -41.44 -97.66 3.37
CA LYS F 2598 -40.24 -98.38 3.80
C LYS F 2598 -39.22 -97.44 4.41
N ALA F 2599 -39.03 -96.27 3.81
CA ALA F 2599 -38.08 -95.31 4.36
C ALA F 2599 -38.52 -94.83 5.72
N GLN F 2600 -39.81 -94.56 5.89
CA GLN F 2600 -40.33 -94.14 7.18
C GLN F 2600 -40.11 -95.22 8.24
N ARG F 2601 -40.39 -96.47 7.89
CA ARG F 2601 -40.17 -97.56 8.84
C ARG F 2601 -38.70 -97.66 9.20
N ASP F 2602 -37.81 -97.51 8.20
CA ASP F 2602 -36.39 -97.56 8.49
C ASP F 2602 -35.98 -96.45 9.44
N VAL F 2603 -36.52 -95.25 9.26
CA VAL F 2603 -36.18 -94.14 10.15
C VAL F 2603 -36.65 -94.43 11.57
N ILE F 2604 -37.87 -94.94 11.72
CA ILE F 2604 -38.40 -95.24 13.05
C ILE F 2604 -37.55 -96.32 13.72
N GLU F 2605 -37.20 -97.36 12.97
CA GLU F 2605 -36.40 -98.44 13.54
C GLU F 2605 -35.01 -97.94 13.94
N ASP F 2606 -34.41 -97.07 13.12
CA ASP F 2606 -33.13 -96.48 13.49
C ASP F 2606 -33.25 -95.69 14.78
N CYS F 2607 -34.33 -94.92 14.93
CA CYS F 2607 -34.53 -94.17 16.16
C CYS F 2607 -34.63 -95.11 17.37
N LEU F 2608 -35.40 -96.17 17.24
CA LEU F 2608 -35.54 -97.11 18.36
C LEU F 2608 -34.20 -97.74 18.71
N MET F 2609 -33.45 -98.19 17.71
CA MET F 2609 -32.16 -98.82 17.97
C MET F 2609 -31.19 -97.84 18.61
N ALA F 2610 -31.17 -96.60 18.13
CA ALA F 2610 -30.29 -95.59 18.72
C ALA F 2610 -30.65 -95.33 20.17
N LEU F 2611 -31.95 -95.22 20.46
CA LEU F 2611 -32.36 -94.97 21.84
C LEU F 2611 -31.96 -96.13 22.75
N CYS F 2612 -32.19 -97.36 22.30
CA CYS F 2612 -31.85 -98.51 23.13
C CYS F 2612 -30.36 -98.72 23.25
N ARG F 2613 -29.57 -98.19 22.31
CA ARG F 2613 -28.12 -98.30 22.39
C ARG F 2613 -27.51 -97.46 23.50
N TYR F 2614 -28.26 -96.47 24.02
CA TYR F 2614 -27.74 -95.59 25.06
C TYR F 2614 -28.55 -95.57 26.33
N ILE F 2615 -29.82 -96.00 26.32
CA ILE F 2615 -30.59 -96.03 27.55
C ILE F 2615 -30.06 -97.14 28.46
N ARG F 2616 -30.10 -96.90 29.76
CA ARG F 2616 -29.58 -97.87 30.72
C ARG F 2616 -30.40 -99.14 30.67
N PRO F 2617 -29.79 -100.32 30.86
CA PRO F 2617 -30.54 -101.57 30.73
C PRO F 2617 -31.72 -101.68 31.68
N SER F 2618 -31.65 -101.05 32.85
CA SER F 2618 -32.74 -101.14 33.80
C SER F 2618 -34.00 -100.47 33.27
N MET F 2619 -33.86 -99.43 32.44
CA MET F 2619 -35.01 -98.70 31.94
C MET F 2619 -35.69 -99.37 30.76
N LEU F 2620 -35.07 -100.37 30.15
CA LEU F 2620 -35.64 -101.05 29.00
C LEU F 2620 -36.50 -102.26 29.40
N GLN F 2621 -36.83 -102.37 30.68
CA GLN F 2621 -37.56 -103.55 31.16
C GLN F 2621 -38.96 -103.64 30.57
N HIS F 2622 -39.68 -102.51 30.47
CA HIS F 2622 -41.04 -102.55 29.93
C HIS F 2622 -41.02 -102.85 28.44
N LEU F 2623 -40.06 -102.28 27.70
CA LEU F 2623 -39.92 -102.62 26.30
C LEU F 2623 -39.59 -104.10 26.14
N LEU F 2624 -38.75 -104.64 27.02
CA LEU F 2624 -38.48 -106.07 27.00
C LEU F 2624 -39.76 -106.86 27.26
N ARG F 2625 -40.61 -106.38 28.17
CA ARG F 2625 -41.86 -107.05 28.44
C ARG F 2625 -42.75 -107.10 27.19
N ARG F 2626 -42.83 -105.99 26.47
CA ARG F 2626 -43.63 -105.97 25.25
C ARG F 2626 -43.03 -106.89 24.19
N LEU F 2627 -41.70 -106.89 24.07
CA LEU F 2627 -41.06 -107.74 23.06
C LEU F 2627 -41.23 -109.21 23.40
N VAL F 2628 -41.26 -109.54 24.69
CA VAL F 2628 -41.47 -110.93 25.10
C VAL F 2628 -42.78 -111.46 24.56
N PHE F 2629 -43.78 -110.59 24.41
CA PHE F 2629 -45.07 -110.99 23.88
C PHE F 2629 -45.17 -110.86 22.36
N ASP F 2630 -44.43 -109.93 21.76
CA ASP F 2630 -44.52 -109.72 20.31
C ASP F 2630 -43.58 -110.61 19.50
N VAL F 2631 -42.32 -110.74 19.91
CA VAL F 2631 -41.29 -111.39 19.11
C VAL F 2631 -41.58 -112.86 18.88
N PRO F 2632 -41.96 -113.64 19.91
CA PRO F 2632 -42.08 -115.09 19.73
C PRO F 2632 -42.93 -115.50 18.53
N ILE F 2633 -43.83 -114.63 18.09
CA ILE F 2633 -44.66 -114.96 16.94
C ILE F 2633 -43.80 -115.15 15.70
N LEU F 2634 -42.69 -114.44 15.60
CA LEU F 2634 -41.75 -114.59 14.48
C LEU F 2634 -42.43 -114.34 13.14
N ASN F 2635 -43.29 -113.32 13.11
CA ASN F 2635 -43.89 -112.87 11.86
C ASN F 2635 -42.91 -111.93 11.17
N GLU F 2636 -43.35 -111.25 10.11
CA GLU F 2636 -42.49 -110.33 9.39
C GLU F 2636 -42.16 -109.07 10.19
N PHE F 2637 -42.97 -108.72 11.18
CA PHE F 2637 -42.71 -107.57 12.03
C PHE F 2637 -41.74 -107.88 13.15
N ALA F 2638 -41.30 -109.13 13.28
CA ALA F 2638 -40.37 -109.51 14.33
C ALA F 2638 -38.91 -109.42 13.90
N LYS F 2639 -38.64 -109.03 12.66
CA LYS F 2639 -37.26 -108.95 12.20
C LYS F 2639 -36.48 -107.87 12.92
N MET F 2640 -37.12 -106.71 13.16
CA MET F 2640 -36.41 -105.60 13.80
C MET F 2640 -36.32 -105.83 15.30
N PRO F 2641 -37.38 -106.29 15.97
CA PRO F 2641 -37.24 -106.63 17.39
C PRO F 2641 -36.13 -107.62 17.66
N LEU F 2642 -35.92 -108.59 16.76
CA LEU F 2642 -34.86 -109.57 16.95
C LEU F 2642 -33.50 -108.90 16.95
N LYS F 2643 -33.25 -108.00 15.99
CA LYS F 2643 -31.99 -107.29 15.95
C LYS F 2643 -31.83 -106.40 17.18
N LEU F 2644 -32.92 -105.75 17.59
CA LEU F 2644 -32.85 -104.88 18.76
C LEU F 2644 -32.46 -105.68 20.00
N LEU F 2645 -33.08 -106.84 20.20
CA LEU F 2645 -32.74 -107.68 21.33
C LEU F 2645 -31.31 -108.20 21.23
N THR F 2646 -30.89 -108.58 20.02
CA THR F 2646 -29.52 -109.03 19.82
C THR F 2646 -28.53 -107.97 20.30
N ASN F 2647 -28.70 -106.74 19.81
CA ASN F 2647 -27.79 -105.67 20.21
C ASN F 2647 -27.88 -105.40 21.70
N HIS F 2648 -29.11 -105.36 22.25
CA HIS F 2648 -29.27 -105.05 23.66
C HIS F 2648 -28.54 -106.05 24.54
N TYR F 2649 -28.73 -107.34 24.28
CA TYR F 2649 -28.09 -108.35 25.10
C TYR F 2649 -26.60 -108.46 24.85
N GLU F 2650 -26.15 -108.29 23.59
CA GLU F 2650 -24.72 -108.27 23.33
C GLU F 2650 -24.03 -107.12 24.05
N ARG F 2651 -24.73 -106.00 24.24
CA ARG F 2651 -24.14 -104.87 24.92
C ARG F 2651 -24.21 -104.99 26.43
N CYS F 2652 -25.32 -105.50 26.96
CA CYS F 2652 -25.57 -105.53 28.40
C CYS F 2652 -25.54 -106.95 28.97
N TRP F 2653 -24.74 -107.85 28.38
CA TRP F 2653 -24.68 -109.22 28.89
C TRP F 2653 -24.20 -109.26 30.33
N LYS F 2654 -23.26 -108.38 30.69
CA LYS F 2654 -22.78 -108.36 32.08
C LYS F 2654 -23.90 -108.00 33.04
N TYR F 2655 -24.78 -107.07 32.64
CA TYR F 2655 -25.85 -106.64 33.52
C TYR F 2655 -26.72 -107.81 33.96
N TYR F 2656 -26.79 -108.86 33.16
CA TYR F 2656 -27.62 -110.02 33.43
C TYR F 2656 -26.84 -111.22 33.94
N CYS F 2657 -25.62 -111.43 33.46
CA CYS F 2657 -24.86 -112.64 33.75
C CYS F 2657 -24.08 -112.51 35.06
N LEU F 2658 -23.22 -111.51 35.16
CA LEU F 2658 -22.32 -111.42 36.31
C LEU F 2658 -23.13 -111.19 37.59
N PRO F 2659 -22.79 -111.90 38.68
CA PRO F 2659 -23.52 -111.65 39.94
C PRO F 2659 -23.38 -110.22 40.44
N THR F 2660 -22.22 -109.60 40.21
CA THR F 2660 -22.03 -108.22 40.65
C THR F 2660 -22.83 -107.26 39.78
N GLY F 2661 -23.01 -107.60 38.51
CA GLY F 2661 -23.71 -106.76 37.56
C GLY F 2661 -22.74 -105.98 36.69
N TRP F 2662 -23.27 -104.97 36.03
CA TRP F 2662 -22.48 -104.11 35.17
C TRP F 2662 -22.13 -102.82 35.91
N ALA F 2663 -20.90 -102.35 35.70
CA ALA F 2663 -20.40 -101.21 36.45
C ALA F 2663 -21.26 -99.99 36.24
N ASN F 2664 -21.73 -99.40 37.35
CA ASN F 2664 -22.49 -98.16 37.33
C ASN F 2664 -23.89 -98.34 36.79
N PHE F 2665 -24.22 -99.55 36.31
CA PHE F 2665 -25.57 -99.79 35.80
C PHE F 2665 -26.38 -100.65 36.77
N GLY F 2666 -25.71 -101.31 37.70
CA GLY F 2666 -26.38 -102.18 38.65
C GLY F 2666 -26.36 -103.63 38.21
N VAL F 2667 -27.29 -104.39 38.79
CA VAL F 2667 -27.43 -105.80 38.48
C VAL F 2667 -28.89 -106.08 38.13
N THR F 2668 -29.09 -107.07 37.26
CA THR F 2668 -30.44 -107.39 36.81
C THR F 2668 -31.33 -107.76 37.99
N SER F 2669 -32.62 -107.84 37.73
CA SER F 2669 -33.60 -108.27 38.71
C SER F 2669 -34.15 -109.63 38.32
N GLU F 2670 -34.78 -110.29 39.29
CA GLU F 2670 -35.36 -111.60 39.03
C GLU F 2670 -36.39 -111.51 37.91
N GLU F 2671 -37.18 -110.43 37.88
CA GLU F 2671 -38.18 -110.28 36.84
C GLU F 2671 -37.54 -110.12 35.47
N GLU F 2672 -36.46 -109.33 35.39
CA GLU F 2672 -35.77 -109.17 34.12
C GLU F 2672 -35.19 -110.49 33.63
N LEU F 2673 -34.59 -111.27 34.55
CA LEU F 2673 -34.06 -112.57 34.15
C LEU F 2673 -35.17 -113.51 33.72
N HIS F 2674 -36.32 -113.48 34.40
CA HIS F 2674 -37.45 -114.30 33.98
C HIS F 2674 -37.92 -113.92 32.59
N LEU F 2675 -38.00 -112.62 32.31
CA LEU F 2675 -38.38 -112.18 30.98
C LEU F 2675 -37.37 -112.63 29.94
N THR F 2676 -36.08 -112.56 30.27
CA THR F 2676 -35.05 -113.01 29.35
C THR F 2676 -35.21 -114.50 29.04
N ARG F 2677 -35.44 -115.31 30.07
CA ARG F 2677 -35.60 -116.75 29.85
C ARG F 2677 -36.85 -117.04 29.02
N LYS F 2678 -37.96 -116.35 29.32
CA LYS F 2678 -39.16 -116.54 28.52
C LYS F 2678 -38.93 -116.15 27.07
N LEU F 2679 -38.24 -115.04 26.83
CA LEU F 2679 -37.92 -114.63 25.47
C LEU F 2679 -37.11 -115.70 24.76
N PHE F 2680 -36.06 -116.20 25.42
CA PHE F 2680 -35.22 -117.22 24.80
C PHE F 2680 -36.05 -118.43 24.41
N TRP F 2681 -36.84 -118.95 25.35
CA TRP F 2681 -37.53 -120.20 25.08
C TRP F 2681 -38.66 -120.01 24.07
N GLY F 2682 -39.34 -118.87 24.10
CA GLY F 2682 -40.35 -118.60 23.09
C GLY F 2682 -39.76 -118.54 21.69
N ILE F 2683 -38.65 -117.81 21.55
CA ILE F 2683 -38.01 -117.74 20.25
C ILE F 2683 -37.53 -119.12 19.80
N PHE F 2684 -36.95 -119.88 20.73
CA PHE F 2684 -36.43 -121.20 20.38
C PHE F 2684 -37.55 -122.11 19.90
N ASP F 2685 -38.67 -122.15 20.64
CA ASP F 2685 -39.79 -123.01 20.25
C ASP F 2685 -40.38 -122.58 18.91
N SER F 2686 -40.58 -121.28 18.72
CA SER F 2686 -41.15 -120.81 17.46
C SER F 2686 -40.24 -121.15 16.30
N LEU F 2687 -38.94 -120.95 16.46
CA LEU F 2687 -38.00 -121.27 15.38
C LEU F 2687 -37.96 -122.77 15.12
N ALA F 2688 -38.01 -123.59 16.17
CA ALA F 2688 -38.01 -125.03 15.98
C ALA F 2688 -39.23 -125.48 15.19
N HIS F 2689 -40.39 -124.93 15.50
CA HIS F 2689 -41.62 -125.33 14.82
C HIS F 2689 -41.81 -124.62 13.48
N LYS F 2690 -41.02 -123.61 13.17
CA LYS F 2690 -41.19 -122.87 11.93
C LYS F 2690 -40.49 -123.58 10.78
N LYS F 2691 -40.98 -123.32 9.57
CA LYS F 2691 -40.32 -123.80 8.36
C LYS F 2691 -39.06 -122.99 8.10
N TYR F 2692 -38.12 -123.60 7.38
CA TYR F 2692 -36.85 -122.94 7.11
C TYR F 2692 -37.07 -121.66 6.33
N ASP F 2693 -36.41 -120.58 6.77
CA ASP F 2693 -36.44 -119.29 6.09
C ASP F 2693 -35.08 -118.66 6.32
N GLN F 2694 -34.28 -118.56 5.25
CA GLN F 2694 -32.89 -118.15 5.39
C GLN F 2694 -32.75 -116.84 6.17
N GLU F 2695 -33.52 -115.82 5.78
CA GLU F 2695 -33.41 -114.53 6.46
C GLU F 2695 -33.82 -114.64 7.92
N LEU F 2696 -34.92 -115.34 8.19
CA LEU F 2696 -35.40 -115.45 9.57
C LEU F 2696 -34.38 -116.18 10.44
N TYR F 2697 -33.82 -117.28 9.92
CA TYR F 2697 -32.81 -118.01 10.69
C TYR F 2697 -31.57 -117.15 10.90
N ARG F 2698 -31.13 -116.45 9.86
CA ARG F 2698 -29.95 -115.61 9.97
C ARG F 2698 -30.14 -114.48 10.97
N ILE F 2699 -31.36 -113.99 11.15
CA ILE F 2699 -31.66 -112.94 12.11
C ILE F 2699 -31.87 -113.50 13.51
N ALA F 2700 -32.37 -114.74 13.60
CA ALA F 2700 -32.78 -115.27 14.90
C ALA F 2700 -31.63 -115.95 15.62
N MET F 2701 -30.73 -116.61 14.89
CA MET F 2701 -29.63 -117.31 15.55
C MET F 2701 -28.78 -116.37 16.39
N PRO F 2702 -28.35 -115.20 15.89
CA PRO F 2702 -27.60 -114.28 16.77
C PRO F 2702 -28.39 -113.85 17.98
N CYS F 2703 -29.70 -113.66 17.85
CA CYS F 2703 -30.51 -113.27 19.00
C CYS F 2703 -30.52 -114.36 20.06
N LEU F 2704 -30.71 -115.61 19.65
CA LEU F 2704 -30.68 -116.71 20.60
C LEU F 2704 -29.32 -116.81 21.27
N CYS F 2705 -28.25 -116.67 20.49
CA CYS F 2705 -26.91 -116.73 21.06
C CYS F 2705 -26.71 -115.62 22.10
N ALA F 2706 -27.14 -114.40 21.78
CA ALA F 2706 -26.96 -113.29 22.71
C ALA F 2706 -27.76 -113.50 24.00
N ILE F 2707 -29.01 -113.96 23.86
CA ILE F 2707 -29.84 -114.16 25.05
C ILE F 2707 -29.25 -115.27 25.91
N ALA F 2708 -28.81 -116.36 25.29
CA ALA F 2708 -28.21 -117.45 26.05
C ALA F 2708 -26.94 -116.99 26.75
N GLY F 2709 -26.10 -116.21 26.07
CA GLY F 2709 -24.90 -115.69 26.69
C GLY F 2709 -25.18 -114.72 27.82
N ALA F 2710 -26.26 -113.97 27.76
CA ALA F 2710 -26.65 -113.07 28.84
C ALA F 2710 -27.24 -113.80 30.04
N LEU F 2711 -27.97 -114.88 29.81
CA LEU F 2711 -28.59 -115.61 30.91
C LEU F 2711 -27.52 -116.30 31.76
N PRO F 2712 -27.57 -116.18 33.09
CA PRO F 2712 -26.66 -116.97 33.93
C PRO F 2712 -26.89 -118.45 33.74
N PRO F 2713 -25.83 -119.27 33.71
CA PRO F 2713 -26.04 -120.71 33.47
C PRO F 2713 -26.90 -121.38 34.53
N ASP F 2714 -26.81 -120.95 35.78
CA ASP F 2714 -27.49 -121.61 36.88
C ASP F 2714 -28.73 -120.87 37.34
N TYR F 2715 -29.20 -119.88 36.57
CA TYR F 2715 -30.38 -119.14 36.95
C TYR F 2715 -31.56 -120.09 37.12
N VAL F 2716 -32.25 -119.97 38.26
CA VAL F 2716 -33.42 -120.79 38.56
C VAL F 2716 -34.63 -119.88 38.58
N ASP F 2717 -35.63 -120.19 37.75
CA ASP F 2717 -36.81 -119.35 37.65
C ASP F 2717 -37.69 -119.56 38.88
N ALA F 2718 -37.86 -118.48 39.66
CA ALA F 2718 -38.70 -118.59 40.85
C ALA F 2718 -40.13 -118.96 40.50
N SER F 2719 -40.67 -118.39 39.42
CA SER F 2719 -42.01 -118.68 38.95
C SER F 2719 -42.06 -119.86 37.99
N TYR F 2720 -41.07 -120.76 38.04
CA TYR F 2720 -41.04 -121.92 37.17
C TYR F 2720 -42.39 -122.62 37.15
N SER F 2721 -42.99 -122.69 35.97
CA SER F 2721 -44.32 -123.27 35.79
C SER F 2721 -44.22 -124.38 34.74
N SER F 2722 -44.23 -125.64 35.18
CA SER F 2722 -44.23 -126.74 34.24
C SER F 2722 -45.45 -126.72 33.35
N LYS F 2723 -46.57 -126.17 33.84
CA LYS F 2723 -47.75 -126.03 33.01
C LYS F 2723 -47.50 -125.08 31.85
N THR F 2724 -46.84 -123.95 32.12
CA THR F 2724 -46.52 -122.93 31.13
C THR F 2724 -47.63 -122.77 30.10
N GLU F 2725 -48.84 -122.50 30.56
CA GLU F 2725 -49.97 -122.31 29.66
C GLU F 2725 -49.85 -120.98 28.92
N LYS F 2726 -50.39 -120.96 27.71
CA LYS F 2726 -50.34 -119.77 26.87
C LYS F 2726 -48.89 -119.33 26.69
N ASN F 2735 -53.22 -112.00 20.01
CA ASN F 2735 -53.81 -111.12 21.02
C ASN F 2735 -53.80 -111.78 22.39
N PHE F 2736 -53.80 -110.95 23.44
CA PHE F 2736 -53.87 -111.48 24.80
C PHE F 2736 -55.24 -112.05 25.09
N ASP F 2737 -55.27 -113.07 25.96
CA ASP F 2737 -56.50 -113.77 26.34
C ASP F 2737 -56.87 -113.40 27.77
N PRO F 2738 -57.57 -112.29 27.99
CA PRO F 2738 -58.07 -111.99 29.34
C PRO F 2738 -59.24 -112.87 29.77
N ARG F 2739 -59.73 -113.74 28.89
CA ARG F 2739 -60.85 -114.62 29.21
C ARG F 2739 -60.57 -115.38 30.50
N PRO F 2740 -61.31 -115.12 31.58
CA PRO F 2740 -61.13 -115.91 32.81
C PRO F 2740 -61.99 -117.16 32.82
N VAL F 2741 -61.92 -117.93 33.90
CA VAL F 2741 -62.76 -119.12 34.03
C VAL F 2741 -64.20 -118.72 34.30
N GLU F 2742 -65.12 -119.68 34.17
CA GLU F 2742 -66.55 -119.41 34.19
C GLU F 2742 -67.08 -119.53 35.62
N THR F 2743 -66.69 -118.55 36.43
CA THR F 2743 -67.09 -118.52 37.83
C THR F 2743 -68.61 -118.50 37.96
N LEU F 2744 -69.28 -117.66 37.16
CA LEU F 2744 -70.71 -117.48 37.32
C LEU F 2744 -71.47 -118.75 36.94
N ASN F 2745 -71.03 -119.45 35.90
CA ASN F 2745 -71.75 -120.66 35.50
C ASN F 2745 -71.48 -121.81 36.46
N VAL F 2746 -70.24 -121.94 36.95
CA VAL F 2746 -69.94 -123.02 37.87
C VAL F 2746 -70.67 -122.80 39.20
N ILE F 2747 -70.97 -123.90 39.88
CA ILE F 2747 -71.76 -123.86 41.11
C ILE F 2747 -70.88 -123.47 42.28
N ILE F 2748 -71.50 -123.17 43.42
CA ILE F 2748 -70.80 -122.73 44.62
C ILE F 2748 -71.32 -123.56 45.80
N PRO F 2749 -70.48 -124.34 46.48
CA PRO F 2749 -70.97 -125.11 47.63
C PRO F 2749 -71.49 -124.21 48.74
N GLU F 2750 -72.42 -124.75 49.54
CA GLU F 2750 -72.98 -123.98 50.65
C GLU F 2750 -71.92 -123.73 51.72
N LYS F 2751 -70.99 -124.67 51.90
CA LYS F 2751 -69.87 -124.45 52.80
C LYS F 2751 -68.98 -123.32 52.31
N LEU F 2752 -68.74 -123.26 51.00
CA LEU F 2752 -67.99 -122.12 50.46
C LEU F 2752 -68.80 -120.83 50.60
N ASP F 2753 -70.13 -120.93 50.57
CA ASP F 2753 -70.96 -119.74 50.78
C ASP F 2753 -70.87 -119.25 52.23
N SER F 2754 -70.81 -120.18 53.17
CA SER F 2754 -70.60 -119.81 54.57
C SER F 2754 -69.26 -119.10 54.71
N PHE F 2755 -68.21 -119.64 54.09
CA PHE F 2755 -66.94 -118.91 54.10
C PHE F 2755 -67.07 -117.56 53.41
N ILE F 2756 -67.91 -117.48 52.37
CA ILE F 2756 -68.08 -116.22 51.67
C ILE F 2756 -68.64 -115.16 52.60
N ASN F 2757 -69.68 -115.52 53.36
CA ASN F 2757 -70.26 -114.57 54.31
C ASN F 2757 -69.24 -114.18 55.38
N LYS F 2758 -68.54 -115.19 55.93
CA LYS F 2758 -67.62 -114.90 57.03
C LYS F 2758 -66.45 -114.04 56.54
N PHE F 2759 -65.97 -114.31 55.33
CA PHE F 2759 -64.87 -113.54 54.77
C PHE F 2759 -65.33 -112.16 54.31
N ALA F 2760 -66.61 -112.00 53.95
CA ALA F 2760 -67.13 -110.67 53.69
C ALA F 2760 -67.10 -109.84 54.97
N GLU F 2761 -67.55 -110.43 56.08
CA GLU F 2761 -67.42 -109.78 57.37
C GLU F 2761 -65.96 -109.44 57.66
N TYR F 2762 -65.07 -110.40 57.39
CA TYR F 2762 -63.66 -110.20 57.68
C TYR F 2762 -63.07 -109.07 56.84
N THR F 2763 -63.43 -109.01 55.56
CA THR F 2763 -62.88 -107.99 54.69
C THR F 2763 -63.43 -106.61 55.02
N HIS F 2764 -64.70 -106.55 55.46
CA HIS F 2764 -65.19 -105.28 55.97
C HIS F 2764 -64.43 -104.86 57.23
N GLU F 2765 -64.13 -105.78 58.12
CA GLU F 2765 -63.35 -105.42 59.30
C GLU F 2765 -61.93 -104.98 58.91
N LYS F 2766 -61.34 -105.64 57.91
CA LYS F 2766 -60.02 -105.24 57.43
C LYS F 2766 -60.05 -103.84 56.84
N TRP F 2767 -61.08 -103.54 56.06
CA TRP F 2767 -61.19 -102.20 55.49
C TRP F 2767 -61.45 -101.17 56.57
N ALA F 2768 -62.17 -101.55 57.63
CA ALA F 2768 -62.36 -100.66 58.77
C ALA F 2768 -61.03 -100.40 59.46
N PHE F 2769 -60.19 -101.43 59.60
CA PHE F 2769 -58.87 -101.24 60.18
C PHE F 2769 -58.02 -100.34 59.30
N ASP F 2770 -58.11 -100.50 57.98
CA ASP F 2770 -57.42 -99.60 57.06
C ASP F 2770 -57.90 -98.17 57.23
N LYS F 2771 -59.21 -98.00 57.41
CA LYS F 2771 -59.76 -96.66 57.66
C LYS F 2771 -59.23 -96.10 58.97
N ILE F 2772 -59.05 -96.95 59.98
CA ILE F 2772 -58.45 -96.50 61.23
C ILE F 2772 -57.02 -96.03 60.98
N GLN F 2773 -56.27 -96.79 60.18
CA GLN F 2773 -54.92 -96.36 59.81
C GLN F 2773 -54.96 -94.99 59.13
N ASN F 2774 -55.94 -94.78 58.25
CA ASN F 2774 -56.10 -93.50 57.56
C ASN F 2774 -56.78 -92.44 58.42
N ASN F 2775 -57.16 -92.78 59.65
CA ASN F 2775 -57.87 -91.85 60.54
C ASN F 2775 -59.27 -91.55 60.01
N TRP F 2776 -59.99 -92.59 59.60
CA TRP F 2776 -61.34 -92.46 59.04
C TRP F 2776 -62.33 -93.17 59.96
N SER F 2777 -63.20 -92.38 60.60
CA SER F 2777 -64.19 -92.91 61.52
C SER F 2777 -65.54 -93.16 60.83
N TYR F 2778 -66.58 -93.39 61.62
CA TYR F 2778 -67.93 -93.58 61.12
C TYR F 2778 -68.57 -92.23 60.88
N GLY F 2779 -69.26 -92.09 59.74
CA GLY F 2779 -69.89 -90.84 59.38
C GLY F 2779 -71.06 -91.01 58.44
N GLU F 2780 -71.33 -89.98 57.64
CA GLU F 2780 -72.43 -90.04 56.67
C GLU F 2780 -71.94 -90.17 55.23
N ASN F 2781 -70.65 -89.98 54.97
CA ASN F 2781 -70.11 -90.11 53.62
C ASN F 2781 -68.61 -90.36 53.73
N ILE F 2782 -68.02 -90.79 52.61
CA ILE F 2782 -66.61 -91.18 52.59
C ILE F 2782 -65.78 -90.05 52.01
N ASP F 2783 -66.30 -88.83 52.07
CA ASP F 2783 -65.52 -87.69 51.60
C ASP F 2783 -64.23 -87.56 52.38
N GLU F 2784 -63.14 -87.23 51.67
CA GLU F 2784 -61.82 -87.26 52.27
C GLU F 2784 -61.71 -86.26 53.42
N GLU F 2785 -62.25 -85.04 53.23
CA GLU F 2785 -62.05 -84.00 54.24
C GLU F 2785 -62.69 -84.38 55.57
N LEU F 2786 -63.89 -84.97 55.55
CA LEU F 2786 -64.52 -85.39 56.81
C LEU F 2786 -63.74 -86.51 57.48
N LYS F 2787 -63.00 -87.30 56.71
CA LYS F 2787 -62.25 -88.43 57.24
C LYS F 2787 -63.17 -89.36 58.02
N THR F 2788 -64.15 -89.91 57.33
CA THR F 2788 -65.12 -90.82 57.92
C THR F 2788 -65.44 -91.92 56.91
N HIS F 2789 -66.34 -92.82 57.31
CA HIS F 2789 -66.80 -93.91 56.44
C HIS F 2789 -68.27 -94.18 56.71
N PRO F 2790 -69.18 -93.94 55.76
CA PRO F 2790 -70.61 -94.11 56.08
C PRO F 2790 -70.97 -95.54 56.40
N MET F 2791 -70.20 -96.50 55.91
CA MET F 2791 -70.51 -97.91 56.08
C MET F 2791 -69.68 -98.59 57.17
N LEU F 2792 -69.20 -97.83 58.15
CA LEU F 2792 -68.44 -98.41 59.24
C LEU F 2792 -69.33 -98.81 60.41
N ARG F 2793 -69.99 -99.96 60.35
CA ARG F 2793 -70.72 -100.46 61.51
C ARG F 2793 -70.53 -101.96 61.57
N PRO F 2794 -70.91 -102.61 62.68
CA PRO F 2794 -70.69 -104.05 62.79
C PRO F 2794 -71.42 -104.81 61.69
N TYR F 2795 -71.02 -106.07 61.51
CA TYR F 2795 -71.58 -106.86 60.42
C TYR F 2795 -73.09 -107.02 60.54
N LYS F 2796 -73.58 -107.15 61.78
CA LYS F 2796 -75.02 -107.34 61.97
C LYS F 2796 -75.83 -106.20 61.38
N THR F 2797 -75.41 -104.95 61.65
CA THR F 2797 -76.08 -103.80 61.07
C THR F 2797 -75.63 -103.57 59.63
N PHE F 2798 -74.57 -104.24 59.19
CA PHE F 2798 -74.10 -104.11 57.82
C PHE F 2798 -75.25 -104.44 56.86
N SER F 2799 -75.45 -103.57 55.87
CA SER F 2799 -76.59 -103.71 54.98
C SER F 2799 -76.43 -104.91 54.07
N GLU F 2800 -77.54 -105.62 53.82
CA GLU F 2800 -77.51 -106.81 52.99
C GLU F 2800 -76.96 -106.50 51.61
N LYS F 2801 -77.25 -105.30 51.10
CA LYS F 2801 -76.71 -104.90 49.80
C LYS F 2801 -75.19 -104.77 49.86
N ASP F 2802 -74.66 -104.16 50.91
CA ASP F 2802 -73.21 -103.99 51.03
C ASP F 2802 -72.54 -105.28 51.49
N LYS F 2803 -73.24 -106.06 52.32
CA LYS F 2803 -72.75 -107.41 52.62
C LYS F 2803 -72.63 -108.23 51.34
N GLU F 2804 -73.63 -108.14 50.46
CA GLU F 2804 -73.57 -108.86 49.20
C GLU F 2804 -72.45 -108.29 48.31
N ILE F 2805 -72.24 -106.98 48.34
CA ILE F 2805 -71.16 -106.37 47.56
C ILE F 2805 -69.82 -106.94 48.01
N TYR F 2806 -69.62 -107.03 49.33
CA TYR F 2806 -68.38 -107.61 49.85
C TYR F 2806 -68.26 -109.09 49.52
N ARG F 2807 -69.38 -109.81 49.55
CA ARG F 2807 -69.34 -111.25 49.29
C ARG F 2807 -69.04 -111.56 47.83
N TRP F 2808 -69.55 -110.74 46.91
CA TRP F 2808 -69.56 -111.06 45.49
C TRP F 2808 -68.15 -111.33 44.96
N PRO F 2809 -67.16 -110.50 45.28
CA PRO F 2809 -65.78 -110.87 44.90
C PRO F 2809 -65.35 -112.21 45.47
N ILE F 2810 -65.75 -112.50 46.70
CA ILE F 2810 -65.42 -113.79 47.32
C ILE F 2810 -66.12 -114.91 46.56
N LYS F 2811 -67.40 -114.70 46.22
CA LYS F 2811 -68.13 -115.70 45.44
C LYS F 2811 -67.41 -115.97 44.12
N GLU F 2812 -67.00 -114.91 43.42
CA GLU F 2812 -66.34 -115.09 42.14
C GLU F 2812 -65.02 -115.82 42.29
N SER F 2813 -64.25 -115.49 43.33
CA SER F 2813 -62.97 -116.16 43.55
C SER F 2813 -63.17 -117.64 43.79
N LEU F 2814 -64.07 -117.98 44.72
CA LEU F 2814 -64.29 -119.39 45.05
C LEU F 2814 -64.87 -120.15 43.86
N LYS F 2815 -65.77 -119.50 43.10
CA LYS F 2815 -66.31 -120.13 41.91
C LYS F 2815 -65.24 -120.36 40.85
N ALA F 2816 -64.28 -119.44 40.73
CA ALA F 2816 -63.14 -119.70 39.87
C ALA F 2816 -62.39 -120.93 40.34
N MET F 2817 -62.17 -121.03 41.66
CA MET F 2817 -61.47 -122.20 42.19
C MET F 2817 -62.23 -123.48 41.85
N ILE F 2818 -63.55 -123.47 41.99
CA ILE F 2818 -64.35 -124.65 41.65
C ILE F 2818 -64.24 -124.95 40.16
N ALA F 2819 -64.32 -123.92 39.32
CA ALA F 2819 -64.24 -124.12 37.88
C ALA F 2819 -62.91 -124.74 37.47
N TRP F 2820 -61.83 -124.41 38.18
CA TRP F 2820 -60.54 -125.02 37.93
C TRP F 2820 -60.49 -126.47 38.38
N GLU F 2821 -61.58 -127.00 38.95
CA GLU F 2821 -61.61 -128.32 39.58
C GLU F 2821 -60.74 -128.35 40.83
N TRP F 2822 -60.67 -127.22 41.54
CA TRP F 2822 -59.95 -127.15 42.81
C TRP F 2822 -60.94 -127.49 43.92
N THR F 2823 -60.69 -128.60 44.61
CA THR F 2823 -61.64 -129.08 45.61
C THR F 2823 -61.30 -128.50 46.97
N VAL F 2824 -62.29 -127.87 47.62
CA VAL F 2824 -62.11 -127.23 48.92
C VAL F 2824 -62.80 -128.07 49.97
N GLU F 2825 -62.08 -128.41 51.04
CA GLU F 2825 -62.58 -129.26 52.11
C GLU F 2825 -62.58 -128.43 53.40
N LYS F 2826 -63.74 -128.41 54.06
CA LYS F 2826 -63.93 -127.65 55.31
C LYS F 2826 -63.78 -128.59 56.50
N ALA F 2827 -62.53 -128.77 56.92
CA ALA F 2827 -62.26 -129.63 58.07
C ALA F 2827 -62.81 -129.02 59.36
N ARG F 2828 -62.66 -127.71 59.54
CA ARG F 2828 -63.03 -127.01 60.75
C ARG F 2828 -64.00 -125.88 60.44
N GLU F 2829 -64.36 -125.12 61.46
CA GLU F 2829 -65.31 -124.03 61.33
C GLU F 2829 -64.61 -122.69 61.48
N GLY F 2830 -65.11 -121.67 60.78
CA GLY F 2830 -64.55 -120.34 60.83
C GLY F 2830 -64.56 -119.74 62.22
N GLU F 2831 -63.54 -118.96 62.55
CA GLU F 2831 -63.43 -118.33 63.86
C GLU F 2831 -63.29 -116.82 63.71
N TYR F 2856 -68.06 -98.32 64.05
CA TYR F 2856 -67.76 -99.36 65.03
C TYR F 2856 -66.26 -99.63 65.11
N ASN F 2857 -65.87 -100.46 66.07
CA ASN F 2857 -64.46 -100.80 66.25
C ASN F 2857 -64.11 -102.01 65.38
N PRO F 2858 -63.14 -101.90 64.48
CA PRO F 2858 -62.77 -103.07 63.67
C PRO F 2858 -62.29 -104.22 64.55
N GLN F 2859 -62.66 -105.43 64.17
CA GLN F 2859 -62.24 -106.65 64.89
C GLN F 2859 -61.84 -107.73 63.89
N PRO F 2860 -60.98 -107.39 62.93
CA PRO F 2860 -60.55 -108.39 61.95
C PRO F 2860 -59.53 -109.34 62.56
N PRO F 2861 -59.81 -110.65 62.58
CA PRO F 2861 -58.78 -111.61 63.02
C PRO F 2861 -57.50 -111.49 62.21
N ASP F 2862 -56.35 -111.70 62.85
CA ASP F 2862 -55.08 -111.61 62.13
C ASP F 2862 -54.94 -112.77 61.16
N LEU F 2863 -54.44 -112.46 59.96
CA LEU F 2863 -54.10 -113.48 58.97
C LEU F 2863 -52.62 -113.79 58.92
N SER F 2864 -51.77 -112.96 59.57
CA SER F 2864 -50.33 -113.24 59.58
C SER F 2864 -50.02 -114.53 60.32
N VAL F 2865 -50.94 -115.00 61.16
CA VAL F 2865 -50.69 -116.23 61.91
C VAL F 2865 -50.43 -117.39 60.96
N VAL F 2866 -51.19 -117.48 59.88
CA VAL F 2866 -51.07 -118.58 58.93
C VAL F 2866 -50.08 -118.19 57.85
N THR F 2867 -49.18 -119.10 57.50
CA THR F 2867 -48.23 -118.92 56.42
C THR F 2867 -48.61 -119.86 55.29
N LEU F 2868 -48.72 -119.30 54.07
CA LEU F 2868 -49.07 -120.10 52.91
C LEU F 2868 -47.92 -121.05 52.58
N SER F 2869 -48.24 -122.32 52.37
CA SER F 2869 -47.26 -123.28 51.91
C SER F 2869 -46.92 -123.00 50.46
N ARG F 2870 -46.10 -123.86 49.85
CA ARG F 2870 -45.82 -123.73 48.43
C ARG F 2870 -47.08 -123.96 47.61
N GLU F 2871 -47.86 -124.98 47.96
CA GLU F 2871 -49.10 -125.26 47.25
C GLU F 2871 -50.11 -124.13 47.44
N LEU F 2872 -50.19 -123.58 48.66
CA LEU F 2872 -51.09 -122.46 48.90
C LEU F 2872 -50.61 -121.21 48.17
N GLN F 2873 -49.30 -121.03 48.06
CA GLN F 2873 -48.76 -119.92 47.27
C GLN F 2873 -49.14 -120.06 45.80
N ALA F 2874 -49.09 -121.29 45.27
CA ALA F 2874 -49.52 -121.50 43.89
C ALA F 2874 -51.04 -121.28 43.74
N MET F 2875 -51.81 -121.75 44.72
CA MET F 2875 -53.22 -121.41 44.80
C MET F 2875 -53.41 -119.91 44.58
N ALA F 2876 -52.73 -119.12 45.40
CA ALA F 2876 -52.86 -117.66 45.32
C ALA F 2876 -52.33 -117.13 44.01
N GLU F 2877 -51.26 -117.74 43.47
CA GLU F 2877 -50.71 -117.27 42.20
C GLU F 2877 -51.76 -117.35 41.11
N GLN F 2878 -52.39 -118.51 40.94
CA GLN F 2878 -53.38 -118.67 39.88
C GLN F 2878 -54.64 -117.87 40.19
N LEU F 2879 -55.00 -117.75 41.47
CA LEU F 2879 -56.21 -116.99 41.81
C LEU F 2879 -56.01 -115.50 41.52
N ALA F 2880 -54.83 -114.96 41.83
CA ALA F 2880 -54.55 -113.57 41.50
C ALA F 2880 -54.40 -113.38 40.00
N GLU F 2881 -53.85 -114.39 39.31
CA GLU F 2881 -53.79 -114.33 37.86
C GLU F 2881 -55.20 -114.23 37.27
N ASN F 2882 -56.14 -114.96 37.86
CA ASN F 2882 -57.53 -114.87 37.41
C ASN F 2882 -58.15 -113.53 37.75
N TYR F 2883 -57.84 -112.99 38.93
CA TYR F 2883 -58.26 -111.62 39.22
C TYR F 2883 -57.78 -110.69 38.12
N HIS F 2884 -56.51 -110.82 37.73
CA HIS F 2884 -55.95 -109.98 36.69
C HIS F 2884 -56.64 -110.24 35.35
N ASN F 2885 -57.02 -111.50 35.09
CA ASN F 2885 -57.67 -111.83 33.82
C ASN F 2885 -59.07 -111.23 33.75
N THR F 2886 -59.83 -111.32 34.84
CA THR F 2886 -61.13 -110.67 34.89
C THR F 2886 -61.00 -109.17 34.74
N TRP F 2887 -60.07 -108.58 35.50
CA TRP F 2887 -59.78 -107.15 35.40
C TRP F 2887 -59.43 -106.78 33.96
N GLY F 2888 -58.68 -107.66 33.30
CA GLY F 2888 -58.36 -107.47 31.88
C GLY F 2888 -59.58 -107.52 31.00
N ARG F 2889 -60.49 -108.45 31.26
CA ARG F 2889 -61.73 -108.49 30.49
C ARG F 2889 -62.51 -107.19 30.66
N LYS F 2890 -62.54 -106.65 31.88
CA LYS F 2890 -63.17 -105.35 32.05
C LYS F 2890 -62.48 -104.30 31.18
N LYS F 2891 -61.19 -104.05 31.39
CA LYS F 2891 -60.57 -102.97 30.64
C LYS F 2891 -60.68 -103.21 29.14
N LYS F 2892 -60.79 -104.48 28.73
CA LYS F 2892 -61.07 -104.78 27.33
C LYS F 2892 -62.45 -104.27 26.95
N GLN F 2893 -63.41 -104.37 27.87
CA GLN F 2893 -64.73 -103.79 27.60
C GLN F 2893 -64.66 -102.29 27.40
N GLU F 2894 -63.94 -101.55 28.27
CA GLU F 2894 -63.82 -100.11 28.00
C GLU F 2894 -62.97 -99.82 26.76
N LEU F 2895 -61.98 -100.65 26.43
CA LEU F 2895 -61.26 -100.45 25.18
C LEU F 2895 -62.19 -100.57 23.98
N GLU F 2896 -63.04 -101.60 23.98
CA GLU F 2896 -64.01 -101.73 22.91
C GLU F 2896 -64.98 -100.56 22.88
N ALA F 2897 -65.40 -100.09 24.05
CA ALA F 2897 -66.29 -98.93 24.11
C ALA F 2897 -65.62 -97.69 23.53
N LYS F 2898 -64.35 -97.46 23.89
CA LYS F 2898 -63.57 -96.33 23.40
C LYS F 2898 -63.23 -96.46 21.92
N GLY F 2899 -63.28 -97.67 21.36
CA GLY F 2899 -62.93 -97.88 19.97
C GLY F 2899 -61.45 -97.98 19.74
N GLY F 2900 -60.67 -98.03 20.81
CA GLY F 2900 -59.23 -98.14 20.67
C GLY F 2900 -58.55 -98.11 22.02
N GLY F 2901 -57.24 -97.98 21.99
CA GLY F 2901 -56.45 -97.94 23.21
C GLY F 2901 -56.06 -99.31 23.69
N SER F 2902 -54.97 -99.34 24.47
CA SER F 2902 -54.44 -100.56 25.06
C SER F 2902 -54.20 -100.35 26.54
N HIS F 2903 -54.53 -101.34 27.35
CA HIS F 2903 -54.36 -101.24 28.79
C HIS F 2903 -52.89 -101.43 29.15
N PRO F 2904 -52.26 -100.50 29.85
CA PRO F 2904 -50.82 -100.66 30.15
C PRO F 2904 -50.49 -101.93 30.91
N LEU F 2905 -51.31 -102.34 31.87
CA LEU F 2905 -51.04 -103.50 32.70
C LEU F 2905 -51.72 -104.77 32.19
N LEU F 2906 -52.00 -104.82 30.88
CA LEU F 2906 -52.64 -106.00 30.29
C LEU F 2906 -51.72 -107.21 30.26
N VAL F 2907 -50.42 -107.03 30.47
CA VAL F 2907 -49.49 -108.14 30.31
C VAL F 2907 -49.76 -109.19 31.38
N PRO F 2908 -49.62 -110.49 31.08
CA PRO F 2908 -49.86 -111.52 32.10
C PRO F 2908 -49.13 -111.25 33.40
N TYR F 2909 -49.54 -111.98 34.44
CA TYR F 2909 -48.96 -111.82 35.77
C TYR F 2909 -47.47 -112.14 35.80
N ASP F 2910 -47.06 -113.25 35.18
CA ASP F 2910 -45.65 -113.62 35.22
C ASP F 2910 -44.79 -112.54 34.58
N THR F 2911 -45.26 -111.98 33.46
CA THR F 2911 -44.55 -110.86 32.85
C THR F 2911 -44.56 -109.64 33.76
N LEU F 2912 -45.67 -109.40 34.45
CA LEU F 2912 -45.78 -108.24 35.32
C LEU F 2912 -44.70 -108.25 36.40
N THR F 2913 -44.15 -107.07 36.67
CA THR F 2913 -43.15 -106.94 37.72
C THR F 2913 -43.76 -107.29 39.07
N ALA F 2914 -42.93 -107.86 39.95
CA ALA F 2914 -43.43 -108.32 41.25
C ALA F 2914 -44.05 -107.19 42.05
N LYS F 2915 -43.46 -105.99 41.98
CA LYS F 2915 -44.02 -104.87 42.74
C LYS F 2915 -45.45 -104.59 42.32
N GLU F 2916 -45.74 -104.67 41.02
CA GLU F 2916 -47.11 -104.54 40.56
C GLU F 2916 -47.96 -105.72 41.00
N LYS F 2917 -47.38 -106.92 40.98
CA LYS F 2917 -48.11 -108.09 41.44
C LYS F 2917 -48.57 -107.93 42.87
N ALA F 2918 -47.71 -107.33 43.72
CA ALA F 2918 -47.94 -107.33 45.16
C ALA F 2918 -49.32 -106.81 45.55
N ARG F 2919 -49.84 -105.84 44.80
CA ARG F 2919 -51.13 -105.25 45.14
C ARG F 2919 -52.22 -106.31 45.23
N ASP F 2920 -52.52 -106.98 44.12
CA ASP F 2920 -53.47 -108.09 44.13
C ASP F 2920 -52.94 -109.30 44.89
N ARG F 2921 -51.62 -109.39 45.02
CA ARG F 2921 -51.00 -110.46 45.81
C ARG F 2921 -51.55 -110.48 47.22
N GLU F 2922 -51.54 -109.33 47.88
CA GLU F 2922 -51.99 -109.26 49.26
C GLU F 2922 -53.41 -109.78 49.41
N LYS F 2923 -54.31 -109.32 48.54
CA LYS F 2923 -55.72 -109.68 48.68
C LYS F 2923 -55.96 -111.15 48.35
N ALA F 2924 -55.31 -111.65 47.30
CA ALA F 2924 -55.46 -113.07 46.95
C ALA F 2924 -54.96 -113.96 48.09
N GLN F 2925 -53.77 -113.66 48.62
CA GLN F 2925 -53.26 -114.46 49.72
C GLN F 2925 -54.12 -114.31 50.97
N GLU F 2926 -54.72 -113.14 51.17
CA GLU F 2926 -55.63 -112.97 52.29
C GLU F 2926 -56.81 -113.93 52.17
N LEU F 2927 -57.41 -113.97 50.98
CA LEU F 2927 -58.54 -114.88 50.76
C LEU F 2927 -58.12 -116.33 51.02
N LEU F 2928 -57.00 -116.75 50.45
CA LEU F 2928 -56.60 -118.15 50.58
C LEU F 2928 -56.29 -118.49 52.04
N LYS F 2929 -55.56 -117.60 52.74
CA LYS F 2929 -55.22 -117.83 54.13
C LYS F 2929 -56.48 -117.89 55.00
N PHE F 2930 -57.46 -117.03 54.70
CA PHE F 2930 -58.70 -117.07 55.48
C PHE F 2930 -59.46 -118.35 55.22
N LEU F 2931 -59.43 -118.87 53.98
CA LEU F 2931 -59.95 -120.20 53.75
C LEU F 2931 -59.26 -121.20 54.67
N GLN F 2932 -57.92 -121.11 54.75
CA GLN F 2932 -57.17 -122.06 55.57
C GLN F 2932 -57.63 -122.02 57.03
N MET F 2933 -57.66 -120.85 57.65
CA MET F 2933 -58.03 -120.84 59.07
C MET F 2933 -59.53 -120.91 59.28
N ASN F 2934 -60.33 -120.83 58.22
CA ASN F 2934 -61.73 -121.20 58.29
C ASN F 2934 -61.91 -122.70 58.09
N GLY F 2935 -60.84 -123.42 57.79
CA GLY F 2935 -60.88 -124.86 57.63
C GLY F 2935 -60.91 -125.30 56.19
N TYR F 2936 -60.90 -124.37 55.26
CA TYR F 2936 -61.01 -124.69 53.85
C TYR F 2936 -59.63 -124.92 53.24
N ALA F 2937 -59.33 -126.19 52.99
CA ALA F 2937 -58.08 -126.59 52.34
C ALA F 2937 -58.43 -126.90 50.89
N VAL F 2938 -57.79 -126.20 49.96
CA VAL F 2938 -58.08 -126.36 48.54
C VAL F 2938 -56.97 -127.16 47.88
N THR F 2939 -57.35 -128.14 47.08
CA THR F 2939 -56.43 -129.05 46.42
C THR F 2939 -56.65 -129.04 44.92
N ARG F 2940 -55.55 -129.09 44.16
CA ARG F 2940 -55.59 -129.10 42.71
C ARG F 2940 -54.91 -130.30 42.07
N GLY F 2941 -53.84 -130.82 42.66
CA GLY F 2941 -52.97 -131.76 41.97
C GLY F 2941 -51.98 -131.03 41.09
N LEU F 2942 -51.13 -130.20 41.72
CA LEU F 2942 -50.21 -129.36 40.96
C LEU F 2942 -49.33 -130.20 40.05
N LYS F 2943 -49.13 -129.70 38.82
CA LYS F 2943 -48.23 -130.36 37.89
C LYS F 2943 -46.76 -130.17 38.26
N ASP F 2944 -46.45 -129.17 39.10
CA ASP F 2944 -45.10 -128.96 39.57
C ASP F 2944 -44.77 -129.73 40.85
N MET F 2945 -45.77 -130.38 41.45
CA MET F 2945 -45.51 -131.16 42.66
C MET F 2945 -44.54 -132.30 42.37
N GLU F 2946 -44.71 -132.97 41.23
CA GLU F 2946 -43.79 -134.04 40.86
C GLU F 2946 -42.36 -133.53 40.78
N LEU F 2947 -42.17 -132.30 40.31
CA LEU F 2947 -40.85 -131.69 40.27
C LEU F 2947 -40.45 -131.07 41.59
N ASP F 2948 -41.35 -131.01 42.57
CA ASP F 2948 -41.11 -130.41 43.88
C ASP F 2948 -40.26 -129.15 43.74
N THR F 2949 -38.98 -129.20 44.14
CA THR F 2949 -38.09 -128.06 44.02
C THR F 2949 -37.04 -128.30 42.94
N SER F 2950 -36.25 -129.37 43.07
CA SER F 2950 -35.28 -129.79 42.05
C SER F 2950 -34.63 -128.58 41.38
N SER F 2951 -33.95 -127.78 42.21
CA SER F 2951 -33.30 -126.57 41.70
C SER F 2951 -32.35 -126.91 40.55
N ILE F 2952 -31.64 -128.04 40.66
CA ILE F 2952 -30.72 -128.43 39.60
C ILE F 2952 -31.47 -128.60 38.29
N GLU F 2953 -32.60 -129.30 38.33
CA GLU F 2953 -33.41 -129.47 37.12
C GLU F 2953 -34.06 -128.17 36.69
N LYS F 2954 -34.15 -127.17 37.57
CA LYS F 2954 -34.73 -125.89 37.23
C LYS F 2954 -33.71 -124.89 36.72
N ARG F 2955 -32.42 -125.20 36.81
CA ARG F 2955 -31.40 -124.31 36.25
C ARG F 2955 -31.58 -124.18 34.75
N PHE F 2956 -31.25 -123.00 34.22
CA PHE F 2956 -31.41 -122.74 32.79
C PHE F 2956 -30.54 -123.68 31.97
N ALA F 2957 -29.28 -123.84 32.36
CA ALA F 2957 -28.38 -124.71 31.60
C ALA F 2957 -28.92 -126.13 31.57
N PHE F 2958 -29.57 -126.57 32.64
CA PHE F 2958 -30.14 -127.91 32.66
C PHE F 2958 -31.19 -128.09 31.56
N GLY F 2959 -32.14 -127.16 31.47
CA GLY F 2959 -33.15 -127.26 30.43
C GLY F 2959 -32.57 -127.12 29.04
N PHE F 2960 -31.58 -126.23 28.88
CA PHE F 2960 -30.94 -126.06 27.59
C PHE F 2960 -30.28 -127.36 27.14
N LEU F 2961 -29.56 -128.02 28.05
CA LEU F 2961 -28.89 -129.28 27.72
C LEU F 2961 -29.92 -130.37 27.45
N GLN F 2962 -31.02 -130.37 28.20
CA GLN F 2962 -32.07 -131.35 27.95
C GLN F 2962 -32.63 -131.21 26.54
N GLN F 2963 -32.90 -129.97 26.13
CA GLN F 2963 -33.39 -129.74 24.77
C GLN F 2963 -32.35 -130.14 23.73
N LEU F 2964 -31.08 -129.84 23.99
CA LEU F 2964 -30.03 -130.22 23.06
C LEU F 2964 -29.94 -131.73 22.92
N LEU F 2965 -30.13 -132.47 24.01
CA LEU F 2965 -30.09 -133.93 23.92
C LEU F 2965 -31.30 -134.48 23.20
N ARG F 2966 -32.48 -133.91 23.43
CA ARG F 2966 -33.65 -134.34 22.67
C ARG F 2966 -33.44 -134.11 21.18
N TRP F 2967 -32.86 -132.97 20.82
CA TRP F 2967 -32.56 -132.71 19.42
C TRP F 2967 -31.43 -133.60 18.91
N MET F 2968 -30.53 -134.05 19.78
CA MET F 2968 -29.56 -135.06 19.39
C MET F 2968 -30.26 -136.34 18.97
N ASP F 2969 -31.27 -136.77 19.74
CA ASP F 2969 -32.03 -137.95 19.36
C ASP F 2969 -32.74 -137.73 18.03
N ILE F 2970 -33.39 -136.58 17.87
CA ILE F 2970 -34.07 -136.27 16.61
C ILE F 2970 -33.07 -136.31 15.45
N SER F 2971 -31.86 -135.79 15.69
CA SER F 2971 -30.84 -135.78 14.66
C SER F 2971 -30.41 -137.20 14.30
N GLN F 2972 -30.29 -138.07 15.31
CA GLN F 2972 -30.00 -139.46 15.04
C GLN F 2972 -31.07 -140.05 14.12
N GLU F 2973 -32.33 -139.77 14.42
CA GLU F 2973 -33.42 -140.30 13.60
C GLU F 2973 -33.30 -139.82 12.16
N PHE F 2974 -33.16 -138.51 11.95
CA PHE F 2974 -33.18 -138.04 10.56
C PHE F 2974 -31.89 -138.42 9.84
N ILE F 2975 -30.78 -138.59 10.56
CA ILE F 2975 -29.55 -139.04 9.92
C ILE F 2975 -29.69 -140.48 9.46
N ALA F 2976 -30.31 -141.31 10.31
CA ALA F 2976 -30.56 -142.69 9.90
C ALA F 2976 -31.46 -142.73 8.66
N HIS F 2977 -32.50 -141.88 8.65
CA HIS F 2977 -33.37 -141.85 7.48
C HIS F 2977 -32.62 -141.40 6.24
N LEU F 2978 -31.76 -140.38 6.37
CA LEU F 2978 -30.99 -139.91 5.23
C LEU F 2978 -30.06 -141.00 4.71
N GLU F 2979 -29.41 -141.72 5.62
CA GLU F 2979 -28.54 -142.81 5.20
C GLU F 2979 -29.34 -143.89 4.47
N ALA F 2980 -30.52 -144.23 5.00
CA ALA F 2980 -31.34 -145.25 4.36
C ALA F 2980 -31.75 -144.84 2.95
N VAL F 2981 -32.15 -143.58 2.78
CA VAL F 2981 -32.61 -143.14 1.46
C VAL F 2981 -31.44 -143.02 0.49
N VAL F 2982 -30.27 -142.60 0.97
CA VAL F 2982 -29.12 -142.50 0.07
C VAL F 2982 -28.53 -143.87 -0.19
N SER F 2983 -28.96 -144.88 0.58
CA SER F 2983 -28.56 -146.25 0.28
C SER F 2983 -29.49 -146.90 -0.74
N SER F 2984 -30.79 -146.91 -0.45
CA SER F 2984 -31.76 -147.60 -1.31
C SER F 2984 -32.96 -146.69 -1.53
N GLY F 2985 -33.18 -146.30 -2.80
CA GLY F 2985 -34.33 -145.48 -3.15
C GLY F 2985 -34.02 -144.00 -3.14
N ARG F 2986 -34.00 -143.39 -4.32
CA ARG F 2986 -33.71 -141.95 -4.42
C ARG F 2986 -34.99 -141.20 -4.09
N VAL F 2987 -35.23 -141.01 -2.80
CA VAL F 2987 -36.45 -140.40 -2.29
C VAL F 2987 -36.07 -139.02 -1.77
N GLU F 2988 -36.55 -137.98 -2.44
CA GLU F 2988 -36.21 -136.60 -2.11
C GLU F 2988 -37.29 -135.87 -1.32
N LYS F 2989 -38.34 -136.53 -0.80
CA LYS F 2989 -39.35 -135.82 -0.03
C LYS F 2989 -38.72 -135.10 1.15
N SER F 2990 -37.71 -135.71 1.77
CA SER F 2990 -37.03 -135.12 2.91
C SER F 2990 -38.05 -134.73 3.97
N PRO F 2991 -38.66 -135.70 4.65
CA PRO F 2991 -39.67 -135.36 5.67
C PRO F 2991 -39.09 -134.61 6.85
N HIS F 2992 -37.77 -134.63 7.05
CA HIS F 2992 -37.13 -133.92 8.14
C HIS F 2992 -36.23 -132.79 7.63
N GLU F 2993 -36.59 -132.16 6.51
CA GLU F 2993 -35.76 -131.08 5.99
C GLU F 2993 -35.71 -129.90 6.96
N GLN F 2994 -36.86 -129.56 7.55
CA GLN F 2994 -36.90 -128.48 8.53
C GLN F 2994 -36.04 -128.81 9.74
N GLU F 2995 -36.12 -130.07 10.21
CA GLU F 2995 -35.30 -130.49 11.34
C GLU F 2995 -33.82 -130.40 11.00
N ILE F 2996 -33.45 -130.81 9.78
CA ILE F 2996 -32.06 -130.73 9.36
C ILE F 2996 -31.60 -129.28 9.38
N LYS F 2997 -32.40 -128.39 8.79
CA LYS F 2997 -31.99 -126.98 8.73
C LYS F 2997 -31.88 -126.39 10.12
N PHE F 2998 -32.84 -126.69 11.00
CA PHE F 2998 -32.74 -126.20 12.37
C PHE F 2998 -31.46 -126.70 13.03
N PHE F 2999 -31.22 -128.01 12.99
CA PHE F 2999 -30.06 -128.57 13.66
C PHE F 2999 -28.77 -127.97 13.13
N ALA F 3000 -28.69 -127.73 11.83
CA ALA F 3000 -27.43 -127.29 11.23
C ALA F 3000 -27.24 -125.78 11.29
N LYS F 3001 -28.31 -124.99 11.41
CA LYS F 3001 -28.21 -123.55 11.31
C LYS F 3001 -28.45 -122.83 12.64
N ILE F 3002 -29.05 -123.49 13.63
CA ILE F 3002 -29.34 -122.83 14.90
C ILE F 3002 -28.60 -123.56 16.01
N LEU F 3003 -28.84 -124.85 16.16
CA LEU F 3003 -28.28 -125.60 17.29
C LEU F 3003 -26.76 -125.56 17.26
N LEU F 3004 -26.16 -125.84 16.11
CA LEU F 3004 -24.70 -125.91 16.06
C LEU F 3004 -24.04 -124.58 16.39
N PRO F 3005 -24.40 -123.46 15.76
CA PRO F 3005 -23.83 -122.18 16.21
C PRO F 3005 -24.17 -121.86 17.66
N LEU F 3006 -25.39 -122.21 18.09
CA LEU F 3006 -25.78 -121.94 19.47
C LEU F 3006 -24.89 -122.70 20.45
N ILE F 3007 -24.66 -123.99 20.18
CA ILE F 3007 -23.75 -124.77 21.01
C ILE F 3007 -22.36 -124.17 20.98
N ASN F 3008 -21.87 -123.85 19.78
CA ASN F 3008 -20.53 -123.32 19.62
C ASN F 3008 -20.33 -122.09 20.50
N GLN F 3009 -21.26 -121.14 20.46
CA GLN F 3009 -21.09 -119.93 21.24
C GLN F 3009 -21.34 -120.15 22.72
N TYR F 3010 -22.38 -120.92 23.07
CA TYR F 3010 -22.75 -121.06 24.46
C TYR F 3010 -21.68 -121.78 25.26
N PHE F 3011 -21.20 -122.92 24.76
CA PHE F 3011 -20.19 -123.67 25.51
C PHE F 3011 -18.79 -123.11 25.33
N THR F 3012 -18.60 -122.16 24.42
CA THR F 3012 -17.40 -121.35 24.42
C THR F 3012 -17.44 -120.32 25.53
N ASN F 3013 -18.59 -119.66 25.72
CA ASN F 3013 -18.70 -118.62 26.73
C ASN F 3013 -18.70 -119.19 28.14
N HIS F 3014 -19.41 -120.30 28.35
CA HIS F 3014 -19.62 -120.85 29.69
C HIS F 3014 -18.77 -122.10 29.93
N CYS F 3015 -17.55 -122.11 29.39
CA CYS F 3015 -16.67 -123.25 29.58
C CYS F 3015 -16.30 -123.43 31.04
N LEU F 3016 -15.99 -122.33 31.73
CA LEU F 3016 -15.52 -122.44 33.11
C LEU F 3016 -16.61 -122.92 34.03
N TYR F 3017 -17.85 -122.52 33.77
CA TYR F 3017 -18.96 -122.95 34.64
C TYR F 3017 -19.11 -124.46 34.64
N PHE F 3018 -18.93 -125.10 33.48
CA PHE F 3018 -19.08 -126.54 33.37
C PHE F 3018 -17.84 -127.30 33.85
N LEU F 3019 -16.70 -126.62 34.02
CA LEU F 3019 -15.49 -127.27 34.50
C LEU F 3019 -15.22 -127.01 35.98
N SER F 3020 -15.86 -126.00 36.58
CA SER F 3020 -15.65 -125.72 37.98
C SER F 3020 -16.27 -126.80 38.86
N THR F 3021 -15.67 -127.02 40.02
CA THR F 3021 -16.17 -127.96 41.00
C THR F 3021 -16.29 -127.26 42.36
N PRO F 3022 -17.04 -127.83 43.30
CA PRO F 3022 -17.20 -127.18 44.61
C PRO F 3022 -15.87 -126.86 45.26
N ALA F 3023 -14.90 -127.76 45.09
CA ALA F 3023 -13.57 -127.54 45.69
C ALA F 3023 -12.86 -126.36 45.03
N LYS F 3024 -12.85 -126.32 43.70
CA LYS F 3024 -12.16 -125.29 42.94
C LYS F 3024 -13.15 -124.63 42.00
N VAL F 3025 -13.32 -123.32 42.14
CA VAL F 3025 -14.27 -122.56 41.32
C VAL F 3025 -13.43 -121.82 40.28
N LEU F 3026 -13.31 -122.42 39.09
CA LEU F 3026 -12.54 -121.80 38.02
C LEU F 3026 -13.18 -120.51 37.53
N GLY F 3027 -14.50 -120.49 37.39
CA GLY F 3027 -15.20 -119.34 36.85
C GLY F 3027 -15.43 -118.26 37.89
N SER F 3028 -16.15 -117.22 37.48
CA SER F 3028 -16.48 -116.11 38.37
C SER F 3028 -17.29 -116.61 39.55
N GLY F 3029 -18.47 -117.17 39.27
CA GLY F 3029 -19.32 -117.71 40.31
C GLY F 3029 -20.24 -118.78 39.81
N GLY F 3030 -20.48 -119.81 40.63
CA GLY F 3030 -21.35 -120.90 40.24
C GLY F 3030 -20.61 -122.00 39.51
N HIS F 3031 -20.98 -123.24 39.79
CA HIS F 3031 -20.38 -124.40 39.15
C HIS F 3031 -21.47 -125.35 38.70
N ALA F 3032 -21.25 -126.01 37.58
CA ALA F 3032 -22.24 -126.93 37.04
C ALA F 3032 -22.44 -128.10 37.98
N SER F 3033 -23.67 -128.60 38.02
CA SER F 3033 -23.98 -129.78 38.81
C SER F 3033 -23.47 -131.03 38.11
N ASN F 3034 -23.39 -132.12 38.88
CA ASN F 3034 -22.97 -133.39 38.29
C ASN F 3034 -23.92 -133.81 37.17
N LYS F 3035 -25.21 -133.53 37.33
CA LYS F 3035 -26.16 -133.85 36.26
C LYS F 3035 -25.86 -133.05 35.01
N GLU F 3036 -25.53 -131.77 35.15
CA GLU F 3036 -25.19 -130.95 33.99
C GLU F 3036 -23.91 -131.46 33.32
N LYS F 3037 -22.91 -131.83 34.12
CA LYS F 3037 -21.67 -132.38 33.54
C LYS F 3037 -21.95 -133.67 32.79
N GLU F 3038 -22.79 -134.53 33.36
CA GLU F 3038 -23.16 -135.76 32.68
C GLU F 3038 -23.89 -135.48 31.38
N MET F 3039 -24.79 -134.49 31.40
CA MET F 3039 -25.53 -134.17 30.19
C MET F 3039 -24.63 -133.62 29.10
N ILE F 3040 -23.66 -132.78 29.46
CA ILE F 3040 -22.75 -132.26 28.44
C ILE F 3040 -21.85 -133.36 27.90
N THR F 3041 -21.42 -134.29 28.76
CA THR F 3041 -20.68 -135.45 28.27
C THR F 3041 -21.51 -136.28 27.30
N SER F 3042 -22.77 -136.51 27.64
CA SER F 3042 -23.65 -137.26 26.74
C SER F 3042 -23.82 -136.52 25.42
N LEU F 3043 -23.94 -135.19 25.48
CA LEU F 3043 -24.05 -134.40 24.25
C LEU F 3043 -22.82 -134.59 23.38
N PHE F 3044 -21.63 -134.51 23.97
CA PHE F 3044 -20.41 -134.69 23.19
C PHE F 3044 -20.37 -136.08 22.57
N CYS F 3045 -20.65 -137.12 23.36
CA CYS F 3045 -20.59 -138.46 22.83
C CYS F 3045 -21.61 -138.68 21.73
N LYS F 3046 -22.83 -138.16 21.90
CA LYS F 3046 -23.87 -138.35 20.90
C LYS F 3046 -23.51 -137.62 19.61
N LEU F 3047 -22.97 -136.40 19.71
CA LEU F 3047 -22.58 -135.68 18.51
C LEU F 3047 -21.44 -136.40 17.78
N ALA F 3048 -20.47 -136.92 18.54
CA ALA F 3048 -19.37 -137.67 17.93
C ALA F 3048 -19.91 -138.90 17.21
N ALA F 3049 -20.80 -139.65 17.86
CA ALA F 3049 -21.38 -140.82 17.21
C ALA F 3049 -22.19 -140.44 15.99
N LEU F 3050 -22.88 -139.30 16.03
CA LEU F 3050 -23.62 -138.83 14.87
C LEU F 3050 -22.70 -138.58 13.69
N VAL F 3051 -21.59 -137.87 13.94
CA VAL F 3051 -20.70 -137.52 12.83
C VAL F 3051 -19.83 -138.70 12.39
N ARG F 3052 -19.73 -139.76 13.20
CA ARG F 3052 -18.90 -140.90 12.86
C ARG F 3052 -19.20 -141.44 11.47
N HIS F 3053 -18.20 -141.43 10.59
CA HIS F 3053 -18.31 -141.97 9.24
C HIS F 3053 -19.45 -141.34 8.45
N ARG F 3054 -19.84 -140.11 8.79
CA ARG F 3054 -20.94 -139.44 8.13
C ARG F 3054 -20.63 -137.97 7.87
N VAL F 3055 -19.36 -137.65 7.65
CA VAL F 3055 -18.97 -136.27 7.37
C VAL F 3055 -19.60 -135.81 6.05
N SER F 3056 -19.60 -136.67 5.04
CA SER F 3056 -20.16 -136.30 3.75
C SER F 3056 -21.64 -135.98 3.86
N LEU F 3057 -22.36 -136.72 4.71
CA LEU F 3057 -23.79 -136.48 4.86
C LEU F 3057 -24.06 -135.05 5.30
N PHE F 3058 -23.28 -134.55 6.26
CA PHE F 3058 -23.41 -133.16 6.68
C PHE F 3058 -22.84 -132.19 5.66
N GLY F 3059 -21.85 -132.61 4.88
CA GLY F 3059 -21.35 -131.75 3.82
C GLY F 3059 -20.75 -130.47 4.37
N THR F 3060 -21.31 -129.34 3.95
CA THR F 3060 -20.77 -128.03 4.31
C THR F 3060 -20.92 -127.71 5.79
N ASP F 3061 -21.74 -128.46 6.53
CA ASP F 3061 -21.89 -128.26 7.97
C ASP F 3061 -20.91 -129.12 8.78
N ALA F 3062 -20.16 -129.99 8.12
CA ALA F 3062 -19.18 -130.80 8.83
C ALA F 3062 -18.18 -129.96 9.60
N PRO F 3063 -17.64 -128.86 9.04
CA PRO F 3063 -16.78 -128.00 9.86
C PRO F 3063 -17.47 -127.48 11.11
N ALA F 3064 -18.75 -127.15 11.02
CA ALA F 3064 -19.48 -126.69 12.21
C ALA F 3064 -19.60 -127.81 13.23
N VAL F 3065 -19.89 -129.03 12.78
CA VAL F 3065 -20.00 -130.15 13.71
C VAL F 3065 -18.65 -130.39 14.39
N VAL F 3066 -17.57 -130.33 13.62
CA VAL F 3066 -16.24 -130.57 14.19
C VAL F 3066 -15.87 -129.48 15.20
N ASN F 3067 -16.20 -128.23 14.88
CA ASN F 3067 -15.93 -127.15 15.82
C ASN F 3067 -16.73 -127.33 17.11
N CYS F 3068 -18.00 -127.71 16.99
CA CYS F 3068 -18.80 -127.96 18.19
C CYS F 3068 -18.21 -129.09 19.01
N LEU F 3069 -17.72 -130.13 18.35
CA LEU F 3069 -17.08 -131.23 19.06
C LEU F 3069 -15.83 -130.74 19.81
N HIS F 3070 -15.03 -129.90 19.15
CA HIS F 3070 -13.86 -129.31 19.82
C HIS F 3070 -14.30 -128.58 21.08
N ILE F 3071 -15.33 -127.74 20.97
CA ILE F 3071 -15.75 -126.92 22.10
C ILE F 3071 -16.27 -127.79 23.24
N LEU F 3072 -17.10 -128.78 22.91
CA LEU F 3072 -17.63 -129.66 23.94
C LEU F 3072 -16.50 -130.45 24.62
N ALA F 3073 -15.54 -130.94 23.84
CA ALA F 3073 -14.42 -131.65 24.43
C ALA F 3073 -13.63 -130.76 25.37
N ARG F 3074 -13.41 -129.51 25.00
CA ARG F 3074 -12.73 -128.58 25.88
C ARG F 3074 -13.57 -128.18 27.08
N SER F 3075 -14.89 -128.41 27.03
CA SER F 3075 -15.77 -128.11 28.15
C SER F 3075 -16.16 -129.36 28.94
N LEU F 3076 -15.56 -130.51 28.65
CA LEU F 3076 -15.92 -131.79 29.27
C LEU F 3076 -15.24 -131.92 30.63
N ASP F 3077 -16.02 -132.30 31.65
CA ASP F 3077 -15.48 -132.60 32.99
C ASP F 3077 -15.41 -134.12 33.15
N ALA F 3078 -14.40 -134.70 32.50
CA ALA F 3078 -14.29 -136.15 32.45
C ALA F 3078 -14.00 -136.74 33.82
N ARG F 3079 -13.20 -136.06 34.65
CA ARG F 3079 -12.88 -136.58 35.97
C ARG F 3079 -14.15 -136.87 36.76
N THR F 3080 -14.97 -135.85 36.98
CA THR F 3080 -16.18 -136.03 37.77
C THR F 3080 -17.13 -137.00 37.08
N VAL F 3081 -17.28 -136.87 35.76
CA VAL F 3081 -18.24 -137.73 35.06
C VAL F 3081 -17.87 -139.20 35.24
N MET F 3082 -16.57 -139.52 35.15
CA MET F 3082 -16.14 -140.90 35.27
C MET F 3082 -16.15 -141.37 36.72
N LYS F 3083 -15.88 -140.48 37.68
CA LYS F 3083 -15.87 -140.88 39.07
C LYS F 3083 -17.29 -141.16 39.56
N SER F 3084 -18.16 -140.15 39.50
CA SER F 3084 -19.53 -140.27 39.98
C SER F 3084 -20.47 -139.91 38.85
N GLY F 3085 -20.84 -140.90 38.04
CA GLY F 3085 -21.74 -140.68 36.93
C GLY F 3085 -22.49 -141.94 36.55
N PRO F 3086 -23.64 -141.78 35.89
CA PRO F 3086 -24.40 -142.96 35.47
C PRO F 3086 -23.60 -143.87 34.55
N GLU F 3087 -23.84 -145.17 34.68
CA GLU F 3087 -23.18 -146.14 33.84
C GLU F 3087 -23.46 -145.87 32.36
N ILE F 3088 -24.61 -145.27 32.05
CA ILE F 3088 -24.96 -145.02 30.65
C ILE F 3088 -23.98 -143.99 30.06
N VAL F 3089 -23.78 -142.88 30.75
CA VAL F 3089 -22.88 -141.85 30.23
C VAL F 3089 -21.43 -142.34 30.27
N LYS F 3090 -21.07 -143.09 31.31
CA LYS F 3090 -19.71 -143.64 31.34
C LYS F 3090 -19.48 -144.57 30.16
N ALA F 3091 -20.45 -145.43 29.86
CA ALA F 3091 -20.33 -146.32 28.70
C ALA F 3091 -20.30 -145.53 27.41
N GLY F 3092 -21.02 -144.40 27.36
CA GLY F 3092 -20.95 -143.57 26.17
C GLY F 3092 -19.56 -143.04 25.92
N LEU F 3093 -18.91 -142.53 26.97
CA LEU F 3093 -17.54 -142.03 26.82
C LEU F 3093 -16.59 -143.18 26.44
N ARG F 3094 -16.73 -144.32 27.11
CA ARG F 3094 -15.89 -145.47 26.78
C ARG F 3094 -16.08 -145.91 25.35
N SER F 3095 -17.33 -145.87 24.86
CA SER F 3095 -17.60 -146.24 23.48
C SER F 3095 -16.98 -145.24 22.51
N PHE F 3096 -17.02 -143.95 22.87
CA PHE F 3096 -16.33 -142.97 22.03
C PHE F 3096 -14.85 -143.33 21.90
N PHE F 3097 -14.19 -143.60 23.02
CA PHE F 3097 -12.76 -143.93 22.95
C PHE F 3097 -12.52 -145.22 22.17
N GLU F 3098 -13.36 -146.24 22.38
CA GLU F 3098 -13.18 -147.50 21.68
C GLU F 3098 -13.35 -147.33 20.17
N SER F 3099 -14.38 -146.59 19.76
CA SER F 3099 -14.60 -146.34 18.34
C SER F 3099 -13.46 -145.54 17.75
N ALA F 3100 -12.94 -144.56 18.50
CA ALA F 3100 -11.79 -143.79 18.02
C ALA F 3100 -10.60 -144.71 17.78
N SER F 3101 -10.34 -145.62 18.72
CA SER F 3101 -9.22 -146.54 18.56
C SER F 3101 -9.43 -147.44 17.35
N GLU F 3102 -10.65 -147.95 17.17
CA GLU F 3102 -10.92 -148.83 16.03
C GLU F 3102 -10.73 -148.10 14.71
N ASP F 3103 -11.24 -146.87 14.62
CA ASP F 3103 -11.10 -146.10 13.40
C ASP F 3103 -9.63 -145.78 13.12
N ILE F 3104 -8.87 -145.45 14.17
CA ILE F 3104 -7.45 -145.19 13.98
C ILE F 3104 -6.74 -146.42 13.47
N GLU F 3105 -7.06 -147.59 14.03
CA GLU F 3105 -6.44 -148.83 13.56
C GLU F 3105 -6.76 -149.09 12.09
N LYS F 3106 -8.03 -148.92 11.71
CA LYS F 3106 -8.40 -149.17 10.32
C LYS F 3106 -7.69 -148.18 9.40
N MET F 3107 -7.62 -146.91 9.79
CA MET F 3107 -6.92 -145.93 8.98
C MET F 3107 -5.45 -146.27 8.85
N VAL F 3108 -4.82 -146.74 9.94
CA VAL F 3108 -3.40 -147.05 9.90
C VAL F 3108 -3.14 -148.23 8.96
N GLU F 3109 -3.94 -149.29 9.10
CA GLU F 3109 -3.72 -150.46 8.26
C GLU F 3109 -4.01 -150.14 6.79
N ASN F 3110 -5.03 -149.35 6.51
CA ASN F 3110 -5.29 -148.93 5.14
C ASN F 3110 -4.14 -148.08 4.60
N LEU F 3111 -3.61 -147.18 5.44
CA LEU F 3111 -2.53 -146.30 5.00
C LEU F 3111 -1.29 -147.10 4.66
N ARG F 3112 -0.95 -148.10 5.48
CA ARG F 3112 0.17 -148.96 5.18
C ARG F 3112 -0.14 -149.98 4.09
N LEU F 3113 -1.41 -150.14 3.73
CA LEU F 3113 -1.79 -151.03 2.64
C LEU F 3113 -1.29 -152.45 2.89
N LYS F 3124 -15.51 -148.18 -0.72
CA LYS F 3124 -15.89 -146.86 -0.25
C LYS F 3124 -15.51 -146.70 1.23
N GLY F 3125 -15.36 -147.83 1.92
CA GLY F 3125 -14.97 -147.79 3.32
C GLY F 3125 -13.65 -147.12 3.54
N VAL F 3126 -12.69 -147.35 2.62
CA VAL F 3126 -11.38 -146.73 2.74
C VAL F 3126 -11.52 -145.21 2.71
N GLY F 3127 -12.25 -144.69 1.73
CA GLY F 3127 -12.43 -143.25 1.65
C GLY F 3127 -13.17 -142.69 2.85
N GLN F 3128 -14.24 -143.39 3.28
CA GLN F 3128 -14.99 -142.93 4.43
C GLN F 3128 -14.10 -142.81 5.66
N ASN F 3129 -13.36 -143.88 5.97
CA ASN F 3129 -12.53 -143.87 7.17
C ASN F 3129 -11.42 -142.83 7.04
N LEU F 3130 -10.79 -142.73 5.87
CA LEU F 3130 -9.71 -141.76 5.73
C LEU F 3130 -10.21 -140.34 5.94
N THR F 3131 -11.27 -139.95 5.22
CA THR F 3131 -11.76 -138.58 5.36
C THR F 3131 -12.25 -138.31 6.76
N TYR F 3132 -12.98 -139.26 7.37
CA TYR F 3132 -13.48 -139.05 8.72
C TYR F 3132 -12.34 -138.89 9.70
N THR F 3133 -11.38 -139.82 9.70
CA THR F 3133 -10.30 -139.75 10.66
C THR F 3133 -9.46 -138.49 10.47
N THR F 3134 -9.29 -138.06 9.22
CA THR F 3134 -8.46 -136.88 8.97
C THR F 3134 -9.18 -135.59 9.34
N VAL F 3135 -10.50 -135.54 9.17
CA VAL F 3135 -11.21 -134.27 9.34
C VAL F 3135 -11.83 -134.12 10.73
N ALA F 3136 -12.42 -135.18 11.28
CA ALA F 3136 -13.15 -135.08 12.54
C ALA F 3136 -12.44 -135.78 13.69
N LEU F 3137 -12.09 -137.06 13.53
CA LEU F 3137 -11.59 -137.83 14.66
C LEU F 3137 -10.26 -137.30 15.19
N LEU F 3138 -9.24 -137.28 14.35
CA LEU F 3138 -7.91 -136.91 14.82
C LEU F 3138 -7.87 -135.53 15.46
N PRO F 3139 -8.44 -134.48 14.85
CA PRO F 3139 -8.49 -133.19 15.55
C PRO F 3139 -9.24 -133.25 16.86
N VAL F 3140 -10.41 -133.89 16.88
CA VAL F 3140 -11.21 -133.96 18.10
C VAL F 3140 -10.50 -134.81 19.15
N LEU F 3141 -9.90 -135.92 18.74
CA LEU F 3141 -9.17 -136.75 19.68
C LEU F 3141 -7.99 -136.00 20.27
N THR F 3142 -7.27 -135.25 19.43
CA THR F 3142 -6.16 -134.44 19.92
C THR F 3142 -6.64 -133.40 20.92
N THR F 3143 -7.75 -132.74 20.62
CA THR F 3143 -8.29 -131.74 21.54
C THR F 3143 -8.68 -132.36 22.86
N LEU F 3144 -9.33 -133.54 22.82
CA LEU F 3144 -9.74 -134.20 24.05
C LEU F 3144 -8.53 -134.61 24.89
N PHE F 3145 -7.51 -135.17 24.24
CA PHE F 3145 -6.31 -135.58 24.97
C PHE F 3145 -5.62 -134.36 25.57
N GLN F 3146 -5.53 -133.26 24.82
CA GLN F 3146 -4.91 -132.06 25.35
C GLN F 3146 -5.69 -131.52 26.55
N HIS F 3147 -7.02 -131.53 26.47
CA HIS F 3147 -7.83 -131.08 27.59
C HIS F 3147 -7.59 -131.95 28.82
N ILE F 3148 -7.58 -133.27 28.63
CA ILE F 3148 -7.35 -134.18 29.76
C ILE F 3148 -5.99 -133.93 30.38
N ALA F 3149 -4.95 -133.79 29.54
CA ALA F 3149 -3.61 -133.57 30.06
C ALA F 3149 -3.51 -132.24 30.79
N GLN F 3150 -4.12 -131.19 30.24
CA GLN F 3150 -4.03 -129.88 30.86
C GLN F 3150 -4.76 -129.83 32.20
N HIS F 3151 -5.89 -130.54 32.32
CA HIS F 3151 -6.65 -130.53 33.56
C HIS F 3151 -6.30 -131.70 34.48
N GLN F 3152 -5.31 -132.50 34.12
CA GLN F 3152 -4.82 -133.58 34.99
C GLN F 3152 -5.90 -134.62 35.22
N PHE F 3153 -6.74 -134.84 34.20
CA PHE F 3153 -7.79 -135.86 34.24
C PHE F 3153 -7.28 -137.23 33.83
N GLY F 3154 -6.01 -137.36 33.48
CA GLY F 3154 -5.52 -138.63 32.95
C GLY F 3154 -5.61 -139.75 33.95
N ASP F 3155 -5.23 -139.49 35.21
CA ASP F 3155 -5.23 -140.55 36.21
C ASP F 3155 -6.63 -140.99 36.62
N ASP F 3156 -7.66 -140.20 36.29
CA ASP F 3156 -9.03 -140.53 36.65
C ASP F 3156 -9.88 -140.95 35.48
N VAL F 3157 -9.52 -140.60 34.25
CA VAL F 3157 -10.31 -140.89 33.07
C VAL F 3157 -9.77 -142.10 32.32
N ILE F 3158 -8.46 -142.12 32.06
CA ILE F 3158 -7.87 -143.17 31.24
C ILE F 3158 -7.51 -144.36 32.11
N LEU F 3159 -8.48 -145.22 32.37
CA LEU F 3159 -8.30 -146.42 33.16
C LEU F 3159 -9.13 -147.55 32.56
N ASP F 3160 -8.69 -148.78 32.83
CA ASP F 3160 -9.43 -149.96 32.39
C ASP F 3160 -9.69 -149.93 30.88
N ASP F 3161 -10.95 -149.94 30.47
CA ASP F 3161 -11.28 -150.03 29.05
C ASP F 3161 -10.75 -148.82 28.28
N VAL F 3162 -10.88 -147.64 28.87
CA VAL F 3162 -10.33 -146.44 28.23
C VAL F 3162 -8.83 -146.57 28.08
N GLN F 3163 -8.17 -147.14 29.10
CA GLN F 3163 -6.72 -147.33 29.00
C GLN F 3163 -6.37 -148.29 27.87
N VAL F 3164 -7.15 -149.36 27.71
CA VAL F 3164 -6.89 -150.30 26.63
C VAL F 3164 -7.08 -149.63 25.28
N SER F 3165 -8.15 -148.85 25.13
CA SER F 3165 -8.40 -148.17 23.87
C SER F 3165 -7.28 -147.17 23.55
N CYS F 3166 -6.82 -146.43 24.56
CA CYS F 3166 -5.74 -145.48 24.34
C CYS F 3166 -4.44 -146.21 24.03
N TYR F 3167 -4.21 -147.35 24.67
CA TYR F 3167 -3.06 -148.19 24.32
C TYR F 3167 -3.10 -148.56 22.85
N ARG F 3168 -4.26 -149.02 22.37
CA ARG F 3168 -4.37 -149.40 20.96
C ARG F 3168 -4.10 -148.22 20.05
N THR F 3169 -4.71 -147.06 20.36
CA THR F 3169 -4.50 -145.89 19.52
C THR F 3169 -3.02 -145.51 19.46
N LEU F 3170 -2.37 -145.41 20.62
CA LEU F 3170 -0.96 -145.06 20.66
C LEU F 3170 -0.11 -146.07 19.91
N CYS F 3171 -0.38 -147.35 20.12
CA CYS F 3171 0.47 -148.42 19.62
C CYS F 3171 0.26 -148.65 18.13
N SER F 3172 -0.84 -148.14 17.56
CA SER F 3172 -1.04 -148.12 16.12
C SER F 3172 -0.45 -146.87 15.48
N ILE F 3173 -0.64 -145.70 16.10
CA ILE F 3173 -0.03 -144.49 15.55
C ILE F 3173 1.49 -144.64 15.50
N TYR F 3174 2.09 -145.18 16.55
CA TYR F 3174 3.53 -145.42 16.50
C TYR F 3174 3.88 -146.49 15.48
N SER F 3175 3.08 -147.56 15.38
CA SER F 3175 3.37 -148.60 14.40
C SER F 3175 3.37 -148.03 12.99
N LEU F 3176 2.65 -146.94 12.77
CA LEU F 3176 2.68 -146.26 11.48
C LEU F 3176 3.99 -145.49 11.34
N GLY F 3177 5.11 -146.20 11.38
CA GLY F 3177 6.42 -145.58 11.25
C GLY F 3177 7.40 -146.37 10.42
N THR F 3178 6.95 -147.50 9.87
CA THR F 3178 7.77 -148.36 9.03
C THR F 3178 7.39 -148.26 7.56
N THR F 3179 6.65 -147.22 7.19
CA THR F 3179 6.19 -147.04 5.82
C THR F 3179 6.66 -145.70 5.28
N ARG F 3180 6.49 -145.53 3.96
CA ARG F 3180 6.94 -144.30 3.30
C ARG F 3180 5.94 -143.80 2.27
N ASN F 3181 4.66 -144.12 2.41
CA ASN F 3181 3.68 -143.70 1.41
C ASN F 3181 3.55 -142.18 1.41
N PRO F 3182 3.24 -141.57 0.26
CA PRO F 3182 3.01 -140.12 0.25
C PRO F 3182 1.88 -139.71 1.17
N TYR F 3183 0.86 -140.58 1.29
CA TYR F 3183 -0.23 -140.31 2.21
C TYR F 3183 0.26 -140.24 3.64
N VAL F 3184 1.12 -141.18 4.03
CA VAL F 3184 1.71 -141.15 5.37
C VAL F 3184 2.53 -139.89 5.53
N GLU F 3185 3.27 -139.50 4.49
CA GLU F 3185 4.09 -138.29 4.57
C GLU F 3185 3.22 -137.07 4.86
N LYS F 3186 2.06 -136.98 4.23
CA LYS F 3186 1.15 -135.85 4.45
C LYS F 3186 0.43 -135.92 5.78
N LEU F 3187 0.14 -137.12 6.29
CA LEU F 3187 -0.62 -137.25 7.53
C LEU F 3187 0.25 -137.33 8.78
N ARG F 3188 1.57 -137.39 8.62
CA ARG F 3188 2.45 -137.54 9.80
C ARG F 3188 2.27 -136.42 10.82
N PRO F 3189 2.18 -135.15 10.44
CA PRO F 3189 2.07 -134.09 11.47
C PRO F 3189 0.88 -134.26 12.41
N ALA F 3190 -0.30 -134.56 11.87
CA ALA F 3190 -1.49 -134.74 12.71
C ALA F 3190 -1.34 -135.94 13.63
N LEU F 3191 -0.81 -137.05 13.10
CA LEU F 3191 -0.55 -138.20 13.95
C LEU F 3191 0.42 -137.89 15.06
N GLY F 3192 1.46 -137.11 14.75
CA GLY F 3192 2.43 -136.73 15.77
C GLY F 3192 1.82 -135.87 16.86
N GLU F 3193 0.99 -134.91 16.47
CA GLU F 3193 0.33 -134.08 17.47
C GLU F 3193 -0.60 -134.92 18.35
N CYS F 3194 -1.37 -135.82 17.73
CA CYS F 3194 -2.25 -136.68 18.50
C CYS F 3194 -1.46 -137.55 19.47
N LEU F 3195 -0.35 -138.11 19.00
CA LEU F 3195 0.47 -138.96 19.86
C LEU F 3195 1.09 -138.15 21.00
N ALA F 3196 1.50 -136.92 20.73
CA ALA F 3196 2.05 -136.09 21.79
C ALA F 3196 1.01 -135.81 22.87
N ARG F 3197 -0.21 -135.46 22.45
CA ARG F 3197 -1.26 -135.23 23.44
C ARG F 3197 -1.59 -136.51 24.21
N LEU F 3198 -1.63 -137.64 23.51
CA LEU F 3198 -1.92 -138.91 24.18
C LEU F 3198 -0.82 -139.26 25.18
N ALA F 3199 0.43 -139.02 24.83
CA ALA F 3199 1.53 -139.28 25.76
C ALA F 3199 1.46 -138.35 26.97
N ALA F 3200 1.06 -137.10 26.75
CA ALA F 3200 0.86 -136.20 27.88
C ALA F 3200 -0.24 -136.70 28.80
N ALA F 3201 -1.34 -137.21 28.24
CA ALA F 3201 -2.51 -137.57 29.03
C ALA F 3201 -2.42 -138.96 29.66
N MET F 3202 -1.63 -139.87 29.09
CA MET F 3202 -1.59 -141.25 29.54
C MET F 3202 -1.10 -141.33 30.99
N PRO F 3203 -1.82 -142.04 31.86
CA PRO F 3203 -1.36 -142.21 33.25
C PRO F 3203 -0.41 -143.38 33.48
N VAL F 3204 0.03 -144.09 32.44
CA VAL F 3204 0.93 -145.23 32.58
C VAL F 3204 2.18 -144.94 31.76
N ALA F 3205 3.34 -145.20 32.35
CA ALA F 3205 4.61 -145.02 31.66
C ALA F 3205 4.81 -146.15 30.65
N PHE F 3206 4.22 -145.99 29.46
CA PHE F 3206 4.27 -147.05 28.46
C PHE F 3206 5.66 -147.27 27.89
N LEU F 3207 6.59 -146.35 28.12
CA LEU F 3207 7.98 -146.51 27.69
C LEU F 3207 8.85 -147.16 28.76
N GLU F 3208 8.31 -147.40 29.95
CA GLU F 3208 9.06 -148.00 31.06
C GLU F 3208 8.21 -149.10 31.67
N PRO F 3209 7.92 -150.16 30.90
CA PRO F 3209 7.11 -151.25 31.45
C PRO F 3209 7.75 -151.95 32.64
N GLU F 3210 9.07 -151.93 32.74
CA GLU F 3210 9.75 -152.65 33.82
C GLU F 3210 9.29 -152.15 35.19
N LEU F 3211 8.95 -150.88 35.31
CA LEU F 3211 8.53 -150.29 36.58
C LEU F 3211 7.02 -150.17 36.71
N ASN F 3212 6.26 -150.84 35.83
CA ASN F 3212 4.81 -150.69 35.85
C ASN F 3212 4.20 -151.20 37.15
N GLU F 3213 4.92 -152.06 37.87
CA GLU F 3213 4.36 -152.64 39.08
C GLU F 3213 4.09 -151.58 40.15
N TYR F 3214 4.80 -150.45 40.10
CA TYR F 3214 4.63 -149.38 41.07
C TYR F 3214 3.59 -148.35 40.64
N ASN F 3215 2.74 -148.67 39.68
CA ASN F 3215 1.74 -147.74 39.16
C ASN F 3215 0.36 -148.18 39.61
N ALA F 3216 -0.34 -147.29 40.31
CA ALA F 3216 -1.70 -147.56 40.77
C ALA F 3216 -2.75 -147.32 39.70
N CYS F 3217 -2.39 -146.67 38.59
CA CYS F 3217 -3.34 -146.41 37.51
C CYS F 3217 -3.29 -147.47 36.42
N SER F 3218 -2.24 -148.27 36.36
CA SER F 3218 -2.12 -149.27 35.31
C SER F 3218 -3.25 -150.29 35.42
N VAL F 3219 -3.73 -150.75 34.28
CA VAL F 3219 -4.81 -151.74 34.26
C VAL F 3219 -4.35 -153.02 34.93
N TYR F 3220 -3.07 -153.38 34.75
CA TYR F 3220 -2.56 -154.61 35.35
C TYR F 3220 -2.58 -154.56 36.87
N THR F 3221 -2.73 -153.37 37.47
CA THR F 3221 -2.89 -153.24 38.91
C THR F 3221 -4.35 -153.02 39.30
N THR F 3222 -5.09 -152.23 38.51
CA THR F 3222 -6.49 -151.98 38.82
C THR F 3222 -7.33 -153.25 38.72
N LYS F 3223 -7.07 -154.07 37.70
CA LYS F 3223 -7.83 -155.28 37.45
C LYS F 3223 -7.05 -156.49 37.91
N SER F 3224 -7.74 -157.40 38.60
CA SER F 3224 -7.10 -158.61 39.10
C SER F 3224 -6.74 -159.55 37.96
N PRO F 3225 -5.79 -160.47 38.18
CA PRO F 3225 -5.44 -161.42 37.12
C PRO F 3225 -6.63 -162.25 36.65
N ARG F 3226 -7.61 -162.50 37.52
CA ARG F 3226 -8.82 -163.19 37.08
C ARG F 3226 -9.51 -162.36 36.01
N GLU F 3227 -9.57 -161.04 36.20
CA GLU F 3227 -9.93 -160.13 35.11
C GLU F 3227 -8.70 -159.99 34.21
N ARG F 3228 -8.85 -159.29 33.09
CA ARG F 3228 -7.79 -159.14 32.10
C ARG F 3228 -7.60 -160.43 31.32
N ALA F 3229 -8.27 -161.51 31.75
CA ALA F 3229 -8.38 -162.70 30.92
C ALA F 3229 -9.79 -162.81 30.34
N ILE F 3230 -10.78 -162.26 31.05
CA ILE F 3230 -12.10 -162.07 30.47
C ILE F 3230 -11.99 -161.21 29.22
N LEU F 3231 -11.16 -160.17 29.28
CA LEU F 3231 -10.81 -159.40 28.10
C LEU F 3231 -9.67 -160.09 27.37
N GLY F 3232 -9.10 -159.42 26.36
CA GLY F 3232 -8.01 -160.00 25.60
C GLY F 3232 -6.65 -159.49 26.03
N LEU F 3233 -6.56 -158.96 27.23
CA LEU F 3233 -5.34 -158.31 27.67
C LEU F 3233 -4.19 -159.33 27.71
N PRO F 3234 -3.02 -159.01 27.15
CA PRO F 3234 -1.89 -159.92 27.26
C PRO F 3234 -1.53 -160.19 28.71
N ASN F 3235 -0.59 -161.12 28.90
CA ASN F 3235 -0.19 -161.50 30.25
C ASN F 3235 0.60 -160.38 30.93
N SER F 3236 1.32 -159.57 30.16
CA SER F 3236 2.21 -158.57 30.73
C SER F 3236 2.08 -157.23 30.01
N VAL F 3237 2.32 -156.16 30.78
CA VAL F 3237 2.35 -154.83 30.21
C VAL F 3237 3.44 -154.73 29.15
N GLU F 3238 4.50 -155.53 29.27
CA GLU F 3238 5.50 -155.58 28.21
C GLU F 3238 4.89 -156.04 26.90
N GLU F 3239 4.01 -157.03 26.95
CA GLU F 3239 3.33 -157.51 25.75
C GLU F 3239 2.11 -156.70 25.38
N MET F 3240 1.74 -155.71 26.20
CA MET F 3240 0.67 -154.78 25.83
C MET F 3240 0.81 -154.41 24.35
N CYS F 3241 1.97 -153.87 23.96
CA CYS F 3241 2.40 -153.92 22.57
C CYS F 3241 3.91 -153.74 22.56
N PRO F 3242 4.68 -154.65 21.93
CA PRO F 3242 6.13 -154.57 22.06
C PRO F 3242 6.80 -153.78 20.95
N ASP F 3243 6.03 -153.12 20.09
CA ASP F 3243 6.57 -152.42 18.94
C ASP F 3243 7.07 -151.02 19.26
N ILE F 3244 6.89 -150.54 20.49
CA ILE F 3244 7.40 -149.25 20.93
C ILE F 3244 8.66 -149.50 21.76
N PRO F 3245 9.84 -149.05 21.31
CA PRO F 3245 11.05 -149.30 22.09
C PRO F 3245 10.98 -148.62 23.46
N VAL F 3246 11.66 -149.23 24.43
CA VAL F 3246 11.70 -148.66 25.77
C VAL F 3246 12.41 -147.31 25.75
N LEU F 3247 12.27 -146.58 26.85
CA LEU F 3247 12.80 -145.23 26.92
C LEU F 3247 14.30 -145.19 26.64
N GLU F 3248 15.04 -146.12 27.23
CA GLU F 3248 16.49 -146.14 27.03
C GLU F 3248 16.84 -146.35 25.57
N ARG F 3249 16.16 -147.30 24.91
CA ARG F 3249 16.43 -147.57 23.50
C ARG F 3249 16.09 -146.36 22.65
N LEU F 3250 14.95 -145.72 22.93
CA LEU F 3250 14.55 -144.56 22.14
C LEU F 3250 15.55 -143.43 22.29
N MET F 3251 15.98 -143.15 23.52
CA MET F 3251 16.94 -142.09 23.74
C MET F 3251 18.27 -142.41 23.05
N ALA F 3252 18.71 -143.67 23.14
CA ALA F 3252 19.94 -144.06 22.48
C ALA F 3252 19.84 -143.87 20.97
N GLU F 3253 18.71 -144.27 20.38
CA GLU F 3253 18.54 -144.12 18.93
C GLU F 3253 18.54 -142.65 18.53
N ILE F 3254 17.83 -141.81 19.27
CA ILE F 3254 17.77 -140.40 18.93
C ILE F 3254 19.16 -139.77 19.04
N GLY F 3255 19.88 -140.08 20.11
CA GLY F 3255 21.22 -139.54 20.26
C GLY F 3255 22.15 -140.01 19.16
N GLY F 3256 22.08 -141.30 18.83
CA GLY F 3256 22.92 -141.81 17.76
C GLY F 3256 22.65 -141.13 16.43
N LEU F 3257 21.37 -140.94 16.11
CA LEU F 3257 21.01 -140.26 14.87
C LEU F 3257 21.52 -138.81 14.88
N ALA F 3258 21.33 -138.12 16.01
CA ALA F 3258 21.75 -136.72 16.08
C ALA F 3258 23.25 -136.59 15.89
N GLU F 3259 24.02 -137.47 16.54
CA GLU F 3259 25.47 -137.45 16.35
C GLU F 3259 25.84 -137.83 14.92
N SER F 3260 25.15 -138.80 14.32
CA SER F 3260 25.45 -139.18 12.95
C SER F 3260 25.17 -138.04 11.98
N GLY F 3261 24.24 -137.15 12.32
CA GLY F 3261 23.96 -136.02 11.46
C GLY F 3261 22.98 -136.30 10.34
N ALA F 3262 22.11 -137.30 10.51
CA ALA F 3262 21.16 -137.63 9.47
C ALA F 3262 20.23 -136.45 9.18
N ARG F 3263 19.47 -136.57 8.10
CA ARG F 3263 18.56 -135.52 7.64
C ARG F 3263 17.12 -135.97 7.79
N TYR F 3264 16.21 -134.99 7.71
CA TYR F 3264 14.79 -135.28 7.85
C TYR F 3264 14.35 -136.35 6.87
N THR F 3265 14.94 -136.36 5.67
CA THR F 3265 14.61 -137.40 4.70
C THR F 3265 14.97 -138.78 5.23
N GLU F 3266 16.01 -138.87 6.05
CA GLU F 3266 16.41 -140.13 6.67
C GLU F 3266 15.64 -140.43 7.95
N MET F 3267 15.08 -139.42 8.60
CA MET F 3267 14.35 -139.59 9.85
C MET F 3267 13.00 -138.88 9.79
N PRO F 3268 12.11 -139.30 8.89
CA PRO F 3268 10.78 -138.67 8.87
C PRO F 3268 9.93 -139.03 10.07
N HIS F 3269 9.96 -140.29 10.49
CA HIS F 3269 9.12 -140.73 11.59
C HIS F 3269 9.63 -140.18 12.92
N VAL F 3270 10.94 -140.20 13.13
CA VAL F 3270 11.49 -139.79 14.43
C VAL F 3270 11.23 -138.32 14.69
N ILE F 3271 11.30 -137.50 13.64
CA ILE F 3271 11.14 -136.05 13.83
C ILE F 3271 9.68 -135.68 14.02
N GLU F 3272 8.75 -136.40 13.40
CA GLU F 3272 7.36 -136.00 13.39
C GLU F 3272 6.50 -136.75 14.39
N ILE F 3273 6.94 -137.90 14.88
CA ILE F 3273 6.12 -138.73 15.76
C ILE F 3273 6.87 -138.97 17.07
N THR F 3274 8.05 -139.59 16.98
CA THR F 3274 8.76 -140.01 18.18
C THR F 3274 9.14 -138.81 19.04
N LEU F 3275 9.82 -137.82 18.44
CA LEU F 3275 10.27 -136.67 19.22
C LEU F 3275 9.11 -135.89 19.82
N PRO F 3276 8.06 -135.55 19.09
CA PRO F 3276 6.91 -134.91 19.74
C PRO F 3276 6.32 -135.74 20.87
N MET F 3277 6.27 -137.06 20.72
CA MET F 3277 5.74 -137.91 21.79
C MET F 3277 6.65 -137.86 23.02
N LEU F 3278 7.97 -137.89 22.81
CA LEU F 3278 8.89 -137.84 23.93
C LEU F 3278 8.85 -136.48 24.62
N CYS F 3279 8.72 -135.40 23.87
CA CYS F 3279 8.66 -134.07 24.44
C CYS F 3279 7.47 -133.87 25.36
N SER F 3280 6.44 -134.71 25.25
CA SER F 3280 5.32 -134.71 26.17
C SER F 3280 5.40 -135.80 27.22
N TYR F 3281 6.03 -136.93 26.90
CA TYR F 3281 6.18 -138.01 27.86
C TYR F 3281 7.14 -137.63 28.97
N LEU F 3282 8.31 -137.10 28.62
CA LEU F 3282 9.33 -136.81 29.63
C LEU F 3282 8.88 -135.77 30.63
N PRO F 3283 8.34 -134.62 30.23
CA PRO F 3283 7.88 -133.65 31.24
C PRO F 3283 6.84 -134.21 32.20
N ARG F 3284 5.92 -135.04 31.71
CA ARG F 3284 4.87 -135.56 32.58
C ARG F 3284 5.45 -136.46 33.65
N TRP F 3285 6.38 -137.33 33.29
CA TRP F 3285 6.91 -138.32 34.22
C TRP F 3285 8.09 -137.81 35.02
N TRP F 3286 8.67 -136.66 34.65
CA TRP F 3286 9.66 -136.04 35.51
C TRP F 3286 9.02 -135.56 36.81
N GLU F 3287 7.78 -135.10 36.75
CA GLU F 3287 7.08 -134.63 37.94
C GLU F 3287 6.68 -135.77 38.87
N ARG F 3288 6.63 -137.00 38.37
CA ARG F 3288 6.18 -138.14 39.15
C ARG F 3288 7.27 -139.18 39.36
N GLY F 3289 8.47 -138.95 38.85
CA GLY F 3289 9.58 -139.86 39.04
C GLY F 3289 10.54 -139.36 40.10
N PRO F 3290 11.73 -139.94 40.15
CA PRO F 3290 12.75 -139.45 41.08
C PRO F 3290 13.20 -138.05 40.71
N GLU F 3291 13.74 -137.34 41.69
CA GLU F 3291 14.19 -135.97 41.54
C GLU F 3291 13.04 -134.97 41.43
N ALA F 3292 11.81 -135.43 41.69
CA ALA F 3292 10.67 -134.52 41.68
C ALA F 3292 10.46 -133.90 43.05
N PRO F 3293 9.85 -132.72 43.12
CA PRO F 3293 9.52 -132.15 44.43
C PRO F 3293 8.78 -133.16 45.29
N PRO F 3294 9.36 -133.57 46.42
CA PRO F 3294 8.69 -134.53 47.30
C PRO F 3294 7.93 -133.87 48.43
N PRO F 3295 6.77 -133.25 48.19
CA PRO F 3295 5.93 -132.87 49.33
C PRO F 3295 5.09 -134.02 49.86
N ALA F 3296 4.69 -134.95 48.99
CA ALA F 3296 3.92 -136.12 49.39
C ALA F 3296 4.78 -137.34 49.65
N LEU F 3297 6.09 -137.26 49.39
CA LEU F 3297 6.97 -138.40 49.64
C LEU F 3297 6.90 -138.88 51.08
N PRO F 3298 6.88 -138.00 52.10
CA PRO F 3298 6.80 -138.49 53.48
C PRO F 3298 5.64 -139.44 53.70
N ALA F 3299 4.48 -139.16 53.10
CA ALA F 3299 3.37 -140.11 53.13
C ALA F 3299 3.79 -141.40 52.45
N GLY F 3300 3.46 -142.53 53.08
CA GLY F 3300 3.85 -143.83 52.55
C GLY F 3300 3.49 -143.99 51.09
N ALA F 3301 4.49 -144.05 50.22
CA ALA F 3301 4.30 -144.20 48.79
C ALA F 3301 5.31 -145.19 48.25
N PRO F 3302 4.97 -145.91 47.17
CA PRO F 3302 5.93 -146.84 46.58
C PRO F 3302 6.98 -146.11 45.78
N PRO F 3303 8.03 -146.80 45.32
CA PRO F 3303 9.01 -146.14 44.47
C PRO F 3303 8.39 -145.69 43.17
N PRO F 3304 8.88 -144.60 42.57
CA PRO F 3304 8.25 -144.07 41.36
C PRO F 3304 8.26 -145.11 40.24
N CYS F 3305 7.20 -145.10 39.45
CA CYS F 3305 7.05 -146.01 38.32
C CYS F 3305 7.84 -145.58 37.10
N THR F 3306 8.64 -144.52 37.21
CA THR F 3306 9.42 -144.01 36.10
C THR F 3306 10.83 -143.66 36.60
N ALA F 3307 11.77 -143.64 35.66
CA ALA F 3307 13.16 -143.28 35.94
C ALA F 3307 13.55 -141.95 35.31
N VAL F 3308 12.57 -141.14 34.90
CA VAL F 3308 12.87 -139.88 34.22
C VAL F 3308 13.48 -138.91 35.21
N THR F 3309 14.60 -138.29 34.82
CA THR F 3309 15.25 -137.24 35.58
C THR F 3309 15.55 -136.08 34.67
N SER F 3310 16.05 -134.98 35.26
CA SER F 3310 16.42 -133.82 34.47
C SER F 3310 17.46 -134.16 33.41
N ASP F 3311 18.25 -135.21 33.64
CA ASP F 3311 19.24 -135.62 32.65
C ASP F 3311 18.57 -136.04 31.35
N HIS F 3312 17.46 -136.78 31.45
CA HIS F 3312 16.75 -137.21 30.25
C HIS F 3312 16.27 -136.02 29.44
N LEU F 3313 15.66 -135.04 30.10
CA LEU F 3313 15.16 -133.88 29.39
C LEU F 3313 16.29 -133.07 28.79
N ASN F 3314 17.40 -132.92 29.52
CA ASN F 3314 18.55 -132.20 28.98
C ASN F 3314 19.09 -132.89 27.74
N SER F 3315 19.21 -134.23 27.79
CA SER F 3315 19.71 -134.97 26.64
C SER F 3315 18.78 -134.83 25.45
N LEU F 3316 17.47 -134.90 25.69
CA LEU F 3316 16.52 -134.76 24.59
C LEU F 3316 16.61 -133.37 23.96
N LEU F 3317 16.71 -132.34 24.80
CA LEU F 3317 16.83 -130.99 24.26
C LEU F 3317 18.11 -130.82 23.46
N GLY F 3318 19.23 -131.36 23.97
CA GLY F 3318 20.47 -131.30 23.22
C GLY F 3318 20.36 -132.01 21.88
N ASN F 3319 19.72 -133.18 21.87
CA ASN F 3319 19.55 -133.92 20.63
C ASN F 3319 18.68 -133.16 19.64
N ILE F 3320 17.62 -132.52 20.13
CA ILE F 3320 16.76 -131.74 19.24
C ILE F 3320 17.54 -130.58 18.64
N LEU F 3321 18.33 -129.90 19.47
CA LEU F 3321 19.14 -128.80 18.96
C LEU F 3321 20.14 -129.29 17.92
N ARG F 3322 20.76 -130.45 18.18
CA ARG F 3322 21.72 -130.99 17.22
C ARG F 3322 21.04 -131.35 15.91
N ILE F 3323 19.82 -131.90 15.98
CA ILE F 3323 19.10 -132.26 14.76
C ILE F 3323 18.77 -131.01 13.94
N ILE F 3324 18.30 -129.95 14.61
CA ILE F 3324 18.02 -128.71 13.90
C ILE F 3324 19.29 -128.15 13.29
N VAL F 3325 20.41 -128.24 14.01
CA VAL F 3325 21.68 -127.77 13.49
C VAL F 3325 22.06 -128.57 12.24
N ASN F 3326 21.92 -129.88 12.31
CA ASN F 3326 22.24 -130.74 11.17
C ASN F 3326 21.38 -130.41 9.95
N ASN F 3327 20.12 -130.03 10.16
CA ASN F 3327 19.23 -129.71 9.06
C ASN F 3327 19.19 -128.21 8.77
N LEU F 3328 20.09 -127.44 9.37
CA LEU F 3328 20.19 -126.03 9.05
C LEU F 3328 20.58 -125.83 7.59
N GLY F 3329 19.95 -124.84 6.95
CA GLY F 3329 20.28 -124.47 5.60
C GLY F 3329 19.51 -125.20 4.52
N ILE F 3330 18.71 -126.21 4.89
CA ILE F 3330 17.95 -126.94 3.88
C ILE F 3330 16.92 -126.01 3.27
N ASP F 3331 16.68 -126.16 1.97
CA ASP F 3331 15.78 -125.26 1.25
C ASP F 3331 14.37 -125.34 1.82
N GLU F 3332 13.88 -126.56 2.07
CA GLU F 3332 12.52 -126.77 2.52
C GLU F 3332 12.54 -127.61 3.79
N ALA F 3333 12.13 -127.00 4.91
CA ALA F 3333 11.94 -127.74 6.16
C ALA F 3333 10.85 -127.09 6.98
N SER F 3334 9.61 -127.55 6.83
CA SER F 3334 8.50 -127.04 7.62
C SER F 3334 8.38 -127.73 8.98
N TRP F 3335 9.06 -128.87 9.16
CA TRP F 3335 9.01 -129.58 10.43
C TRP F 3335 9.76 -128.85 11.53
N MET F 3336 10.61 -127.87 11.19
CA MET F 3336 11.42 -127.20 12.20
C MET F 3336 10.54 -126.45 13.19
N LYS F 3337 9.54 -125.72 12.69
CA LYS F 3337 8.68 -124.96 13.58
C LYS F 3337 7.88 -125.88 14.51
N ARG F 3338 7.36 -126.98 13.96
CA ARG F 3338 6.62 -127.93 14.79
C ARG F 3338 7.52 -128.52 15.85
N LEU F 3339 8.74 -128.90 15.49
CA LEU F 3339 9.66 -129.48 16.46
C LEU F 3339 10.01 -128.46 17.55
N ALA F 3340 10.23 -127.20 17.18
CA ALA F 3340 10.53 -126.18 18.18
C ALA F 3340 9.35 -126.00 19.13
N VAL F 3341 8.14 -125.94 18.58
CA VAL F 3341 6.96 -125.78 19.43
C VAL F 3341 6.82 -126.96 20.38
N PHE F 3342 7.08 -128.18 19.89
CA PHE F 3342 6.96 -129.35 20.75
C PHE F 3342 8.05 -129.39 21.80
N ALA F 3343 9.24 -128.89 21.48
CA ALA F 3343 10.36 -128.94 22.41
C ALA F 3343 10.35 -127.79 23.41
N GLN F 3344 9.56 -126.74 23.18
CA GLN F 3344 9.52 -125.61 24.10
C GLN F 3344 9.28 -126.04 25.55
N PRO F 3345 8.31 -126.90 25.86
CA PRO F 3345 8.03 -127.23 27.27
C PRO F 3345 9.20 -127.86 28.01
N ILE F 3346 10.07 -128.62 27.34
CA ILE F 3346 11.14 -129.34 28.02
C ILE F 3346 12.36 -128.47 28.28
N VAL F 3347 12.31 -127.20 27.90
CA VAL F 3347 13.48 -126.34 28.07
C VAL F 3347 13.62 -125.84 29.50
N SER F 3348 12.56 -125.89 30.30
CA SER F 3348 12.64 -125.39 31.68
C SER F 3348 13.56 -126.23 32.55
N ARG F 3349 13.89 -127.44 32.13
CA ARG F 3349 14.76 -128.32 32.90
C ARG F 3349 16.16 -128.42 32.30
N ALA F 3350 16.50 -127.56 31.35
CA ALA F 3350 17.81 -127.61 30.73
C ALA F 3350 18.89 -127.27 31.75
N ARG F 3351 20.03 -127.94 31.62
CA ARG F 3351 21.14 -127.72 32.54
C ARG F 3351 21.98 -126.53 32.10
N PRO F 3352 22.75 -125.92 33.01
CA PRO F 3352 23.60 -124.78 32.62
C PRO F 3352 24.59 -125.13 31.53
N GLU F 3353 25.07 -126.37 31.51
CA GLU F 3353 26.04 -126.79 30.52
C GLU F 3353 25.52 -126.68 29.09
N LEU F 3354 24.19 -126.69 28.93
CA LEU F 3354 23.63 -126.62 27.59
C LEU F 3354 24.08 -125.36 26.86
N LEU F 3355 24.20 -124.23 27.57
CA LEU F 3355 24.62 -123.01 26.90
C LEU F 3355 25.85 -123.25 26.05
N ARG F 3356 26.98 -123.55 26.70
CA ARG F 3356 28.22 -123.75 25.97
C ARG F 3356 28.15 -124.97 25.06
N SER F 3357 27.53 -126.06 25.52
CA SER F 3357 27.54 -127.29 24.74
C SER F 3357 26.84 -127.13 23.39
N HIS F 3358 25.66 -126.51 23.37
CA HIS F 3358 24.84 -126.49 22.17
C HIS F 3358 24.53 -125.08 21.68
N PHE F 3359 24.10 -124.20 22.58
CA PHE F 3359 23.52 -122.93 22.14
C PHE F 3359 24.56 -122.03 21.50
N ILE F 3360 25.74 -121.94 22.12
CA ILE F 3360 26.78 -121.05 21.63
C ILE F 3360 27.18 -121.46 20.21
N PRO F 3361 27.50 -122.73 19.96
CA PRO F 3361 27.82 -123.13 18.57
C PRO F 3361 26.69 -122.87 17.59
N THR F 3362 25.44 -123.12 17.98
CA THR F 3362 24.32 -122.97 17.05
C THR F 3362 24.12 -121.50 16.68
N ILE F 3363 24.08 -120.62 17.68
CA ILE F 3363 23.90 -119.20 17.40
C ILE F 3363 25.12 -118.66 16.67
N GLY F 3364 26.31 -119.21 16.93
CA GLY F 3364 27.48 -118.82 16.16
C GLY F 3364 27.34 -119.17 14.69
N ARG F 3365 26.86 -120.38 14.41
CA ARG F 3365 26.62 -120.77 13.02
C ARG F 3365 25.61 -119.84 12.37
N LEU F 3366 24.53 -119.53 13.07
CA LEU F 3366 23.51 -118.65 12.51
C LEU F 3366 24.08 -117.26 12.24
N ARG F 3367 24.89 -116.73 13.17
CA ARG F 3367 25.50 -115.42 12.98
C ARG F 3367 26.44 -115.42 11.78
N LYS F 3368 27.23 -116.49 11.63
CA LYS F 3368 28.14 -116.58 10.48
C LYS F 3368 27.35 -116.59 9.18
N ARG F 3369 26.26 -117.36 9.14
CA ARG F 3369 25.43 -117.39 7.94
C ARG F 3369 24.85 -116.02 7.63
N ALA F 3370 24.37 -115.33 8.66
CA ALA F 3370 23.81 -114.00 8.45
C ALA F 3370 24.87 -113.05 7.91
N GLY F 3371 26.09 -113.13 8.45
CA GLY F 3371 27.16 -112.30 7.94
C GLY F 3371 27.47 -112.57 6.48
N LYS F 3372 27.51 -113.85 6.11
CA LYS F 3372 27.76 -114.21 4.72
C LYS F 3372 26.66 -113.64 3.82
N VAL F 3373 25.41 -113.78 4.22
CA VAL F 3373 24.30 -113.30 3.38
C VAL F 3373 24.36 -111.79 3.25
N VAL F 3374 24.69 -111.09 4.34
CA VAL F 3374 24.77 -109.63 4.26
C VAL F 3374 25.93 -109.21 3.36
N ALA F 3375 27.04 -109.95 3.38
CA ALA F 3375 28.13 -109.66 2.46
C ALA F 3375 27.70 -109.84 1.01
N GLU F 3376 26.95 -110.90 0.72
CA GLU F 3376 26.41 -111.07 -0.62
C GLU F 3376 25.49 -109.92 -0.98
N GLU F 3377 24.70 -109.45 -0.02
CA GLU F 3377 23.83 -108.30 -0.27
C GLU F 3377 24.63 -107.06 -0.65
N GLU F 3378 25.73 -106.79 0.06
CA GLU F 3378 26.56 -105.64 -0.26
C GLU F 3378 27.20 -105.77 -1.65
N GLN F 3379 27.69 -106.98 -1.97
CA GLN F 3379 28.21 -107.20 -3.32
C GLN F 3379 27.12 -106.98 -4.36
N LEU F 3380 25.87 -107.28 -4.02
CA LEU F 3380 24.77 -107.00 -4.92
C LEU F 3380 24.63 -105.51 -5.18
N ARG F 3381 24.74 -104.69 -4.13
CA ARG F 3381 24.73 -103.24 -4.31
C ARG F 3381 25.87 -102.82 -5.23
N LEU F 3382 27.06 -103.40 -5.03
CA LEU F 3382 28.16 -103.13 -5.94
C LEU F 3382 27.85 -103.52 -7.38
N GLU F 3383 27.04 -104.56 -7.58
CA GLU F 3383 26.67 -104.99 -8.92
C GLU F 3383 25.74 -103.96 -9.55
N ALA F 3384 25.28 -104.23 -10.78
CA ALA F 3384 24.48 -103.28 -11.54
C ALA F 3384 23.38 -103.99 -12.33
N LYS F 3385 22.20 -103.38 -12.34
CA LYS F 3385 21.05 -103.82 -13.12
C LYS F 3385 20.93 -105.35 -13.18
N ALA F 3386 21.11 -105.94 -14.38
CA ALA F 3386 20.87 -107.36 -14.54
C ALA F 3386 21.67 -108.17 -13.53
N GLU F 3387 22.92 -107.75 -13.26
CA GLU F 3387 23.68 -108.38 -12.19
C GLU F 3387 23.04 -108.09 -10.84
N ALA F 3388 22.51 -106.88 -10.65
CA ALA F 3388 21.85 -106.55 -9.39
C ALA F 3388 20.47 -107.21 -9.28
N GLU F 3389 19.68 -107.18 -10.35
CA GLU F 3389 18.34 -107.77 -10.29
C GLU F 3389 18.43 -109.26 -10.00
N GLU F 3390 19.22 -109.99 -10.79
CA GLU F 3390 19.52 -111.36 -10.45
C GLU F 3390 20.49 -111.40 -9.27
N GLY F 3391 20.44 -112.49 -8.52
CA GLY F 3391 21.17 -112.54 -7.27
C GLY F 3391 20.40 -111.89 -6.13
N GLU F 3392 19.61 -110.86 -6.43
CA GLU F 3392 18.72 -110.30 -5.42
C GLU F 3392 17.73 -111.35 -4.94
N LEU F 3393 17.16 -112.12 -5.87
CA LEU F 3393 16.25 -113.19 -5.48
C LEU F 3393 17.00 -114.29 -4.73
N LEU F 3394 18.24 -114.56 -5.12
CA LEU F 3394 19.02 -115.57 -4.43
C LEU F 3394 19.27 -115.18 -2.97
N VAL F 3395 19.67 -113.93 -2.74
CA VAL F 3395 19.89 -113.48 -1.37
C VAL F 3395 18.56 -113.38 -0.63
N ARG F 3396 17.48 -113.08 -1.35
CA ARG F 3396 16.15 -113.15 -0.75
C ARG F 3396 15.86 -114.54 -0.21
N ASP F 3397 16.12 -115.57 -1.01
CA ASP F 3397 15.87 -116.93 -0.57
C ASP F 3397 16.80 -117.32 0.58
N GLU F 3398 18.06 -116.88 0.51
CA GLU F 3398 18.98 -117.17 1.61
C GLU F 3398 18.50 -116.53 2.91
N PHE F 3399 18.04 -115.28 2.83
CA PHE F 3399 17.48 -114.63 4.02
C PHE F 3399 16.23 -115.34 4.49
N SER F 3400 15.42 -115.86 3.57
CA SER F 3400 14.22 -116.57 3.96
C SER F 3400 14.55 -117.84 4.74
N VAL F 3401 15.52 -118.62 4.26
CA VAL F 3401 15.90 -119.84 4.97
C VAL F 3401 16.56 -119.49 6.30
N LEU F 3402 17.36 -118.42 6.32
CA LEU F 3402 17.96 -118.00 7.59
C LEU F 3402 16.88 -117.59 8.59
N CYS F 3403 15.86 -116.88 8.12
CA CYS F 3403 14.76 -116.48 9.01
C CYS F 3403 13.99 -117.70 9.50
N ARG F 3404 13.82 -118.70 8.64
CA ARG F 3404 13.18 -119.93 9.09
C ARG F 3404 13.99 -120.59 10.19
N ASP F 3405 15.30 -120.71 10.00
CA ASP F 3405 16.15 -121.32 11.01
C ASP F 3405 16.13 -120.52 12.31
N LEU F 3406 16.15 -119.19 12.21
CA LEU F 3406 16.10 -118.35 13.41
C LEU F 3406 14.77 -118.50 14.12
N TYR F 3407 13.67 -118.50 13.40
CA TYR F 3407 12.39 -118.66 14.07
C TYR F 3407 12.18 -120.05 14.59
N ALA F 3408 12.99 -121.00 14.14
CA ALA F 3408 13.00 -122.34 14.73
C ALA F 3408 13.84 -122.44 15.99
N LEU F 3409 14.99 -121.77 16.04
CA LEU F 3409 15.90 -121.91 17.17
C LEU F 3409 15.70 -120.85 18.26
N TYR F 3410 15.50 -119.59 17.88
CA TYR F 3410 15.38 -118.52 18.86
C TYR F 3410 14.30 -118.76 19.90
N PRO F 3411 13.11 -119.26 19.56
CA PRO F 3411 12.11 -119.47 20.62
C PRO F 3411 12.59 -120.41 21.71
N LEU F 3412 13.37 -121.43 21.36
CA LEU F 3412 13.96 -122.28 22.39
C LEU F 3412 14.97 -121.52 23.23
N LEU F 3413 15.77 -120.66 22.59
CA LEU F 3413 16.78 -119.90 23.32
C LEU F 3413 16.13 -118.92 24.30
N ILE F 3414 15.03 -118.31 23.90
CA ILE F 3414 14.38 -117.31 24.75
C ILE F 3414 13.94 -117.93 26.07
N ARG F 3415 13.34 -119.11 25.99
CA ARG F 3415 12.95 -119.81 27.22
C ARG F 3415 14.17 -120.15 28.05
N TYR F 3416 15.24 -120.62 27.42
CA TYR F 3416 16.46 -120.95 28.14
C TYR F 3416 17.05 -119.71 28.81
N VAL F 3417 17.01 -118.57 28.11
CA VAL F 3417 17.53 -117.33 28.69
C VAL F 3417 16.70 -116.93 29.90
N ASP F 3418 15.38 -117.00 29.77
CA ASP F 3418 14.52 -116.58 30.88
C ASP F 3418 14.75 -117.39 32.13
N ASN F 3419 15.14 -118.66 31.99
CA ASN F 3419 15.37 -119.53 33.12
C ASN F 3419 16.79 -119.44 33.67
N ASN F 3420 17.69 -118.72 33.00
CA ASN F 3420 19.06 -118.59 33.44
C ASN F 3420 19.54 -117.15 33.49
N ARG F 3421 18.71 -116.19 33.10
CA ARG F 3421 19.13 -114.78 33.14
C ARG F 3421 19.43 -114.35 34.56
N ALA F 3422 18.64 -114.81 35.53
CA ALA F 3422 18.88 -114.46 36.92
C ALA F 3422 20.28 -114.91 37.35
N HIS F 3423 20.62 -116.16 37.08
CA HIS F 3423 21.93 -116.67 37.43
C HIS F 3423 23.03 -115.90 36.70
N TRP F 3424 22.83 -115.65 35.41
CA TRP F 3424 23.86 -114.95 34.63
C TRP F 3424 24.12 -113.55 35.20
N LEU F 3425 23.04 -112.84 35.56
CA LEU F 3425 23.21 -111.50 36.10
C LEU F 3425 23.84 -111.53 37.48
N THR F 3426 23.41 -112.48 38.32
CA THR F 3426 23.98 -112.57 39.66
C THR F 3426 25.47 -112.88 39.62
N GLU F 3427 25.86 -113.81 38.75
CA GLU F 3427 27.27 -114.18 38.59
C GLU F 3427 27.66 -114.00 37.14
N PRO F 3428 28.47 -113.01 36.79
CA PRO F 3428 28.80 -112.79 35.37
C PRO F 3428 29.36 -114.05 34.73
N ASN F 3429 28.90 -114.31 33.50
CA ASN F 3429 29.25 -115.53 32.79
C ASN F 3429 29.84 -115.18 31.43
N PRO F 3430 31.12 -115.51 31.16
CA PRO F 3430 31.66 -115.19 29.83
C PRO F 3430 30.90 -115.85 28.69
N ASN F 3431 30.38 -117.06 28.91
CA ASN F 3431 29.57 -117.70 27.87
C ASN F 3431 28.30 -116.91 27.59
N ALA F 3432 27.65 -116.42 28.65
CA ALA F 3432 26.47 -115.59 28.46
C ALA F 3432 26.81 -114.30 27.73
N GLU F 3433 27.96 -113.70 28.05
CA GLU F 3433 28.39 -112.51 27.35
C GLU F 3433 28.63 -112.79 25.87
N GLU F 3434 29.27 -113.92 25.56
CA GLU F 3434 29.48 -114.29 24.17
C GLU F 3434 28.17 -114.51 23.44
N LEU F 3435 27.20 -115.14 24.12
CA LEU F 3435 25.88 -115.30 23.52
C LEU F 3435 25.24 -113.94 23.25
N PHE F 3436 25.39 -113.01 24.18
CA PHE F 3436 24.89 -111.66 23.96
C PHE F 3436 25.55 -111.03 22.73
N ARG F 3437 26.86 -111.21 22.60
CA ARG F 3437 27.56 -110.65 21.44
C ARG F 3437 27.02 -111.23 20.14
N MET F 3438 26.81 -112.55 20.11
CA MET F 3438 26.29 -113.18 18.90
C MET F 3438 24.89 -112.67 18.57
N VAL F 3439 24.02 -112.61 19.57
CA VAL F 3439 22.65 -112.17 19.31
C VAL F 3439 22.64 -110.70 18.89
N GLY F 3440 23.50 -109.89 19.49
CA GLY F 3440 23.59 -108.49 19.10
C GLY F 3440 24.10 -108.32 17.69
N GLU F 3441 25.07 -109.15 17.29
CA GLU F 3441 25.56 -109.09 15.92
C GLU F 3441 24.46 -109.45 14.93
N ILE F 3442 23.69 -110.50 15.26
CA ILE F 3442 22.58 -110.88 14.37
C ILE F 3442 21.55 -109.75 14.30
N PHE F 3443 21.25 -109.11 15.44
CA PHE F 3443 20.30 -108.02 15.43
C PHE F 3443 20.83 -106.83 14.63
N ILE F 3444 22.13 -106.59 14.71
CA ILE F 3444 22.74 -105.49 13.95
C ILE F 3444 22.63 -105.77 12.46
N TYR F 3445 22.89 -107.02 12.06
CA TYR F 3445 22.70 -107.39 10.66
C TYR F 3445 21.25 -107.16 10.24
N TRP F 3446 20.31 -107.57 11.09
CA TRP F 3446 18.89 -107.37 10.79
C TRP F 3446 18.58 -105.89 10.60
N SER F 3447 19.10 -105.04 11.48
CA SER F 3447 18.82 -103.62 11.39
C SER F 3447 19.42 -103.01 10.12
N LYS F 3448 20.69 -103.33 9.85
CA LYS F 3448 21.36 -102.79 8.68
C LYS F 3448 20.68 -103.25 7.39
N SER F 3449 20.69 -104.55 7.12
CA SER F 3449 20.11 -105.05 5.89
C SER F 3449 18.61 -104.81 5.88
N HIS F 3450 18.08 -104.58 4.68
CA HIS F 3450 16.65 -104.37 4.49
C HIS F 3450 15.92 -105.60 3.96
N ASN F 3451 16.61 -106.47 3.22
CA ASN F 3451 16.00 -107.73 2.82
C ASN F 3451 15.75 -108.63 4.01
N PHE F 3452 16.60 -108.51 5.04
CA PHE F 3452 16.42 -109.31 6.24
C PHE F 3452 15.06 -109.06 6.88
N LYS F 3453 14.73 -107.80 7.09
CA LYS F 3453 13.45 -107.46 7.71
C LYS F 3453 12.28 -107.92 6.85
N ARG F 3454 12.38 -107.69 5.54
CA ARG F 3454 11.29 -108.04 4.64
C ARG F 3454 11.07 -109.55 4.64
N GLU F 3455 12.15 -110.33 4.59
CA GLU F 3455 12.01 -111.78 4.57
C GLU F 3455 11.50 -112.30 5.89
N GLU F 3456 11.90 -111.67 7.00
CA GLU F 3456 11.34 -112.03 8.29
C GLU F 3456 9.83 -111.81 8.31
N GLN F 3457 9.39 -110.66 7.79
CA GLN F 3457 7.96 -110.37 7.75
C GLN F 3457 7.22 -111.38 6.88
N ASN F 3458 7.78 -111.69 5.71
CA ASN F 3458 7.14 -112.67 4.83
C ASN F 3458 7.06 -114.03 5.50
N PHE F 3459 8.13 -114.46 6.15
CA PHE F 3459 8.11 -115.76 6.81
C PHE F 3459 7.04 -115.80 7.90
N VAL F 3460 7.00 -114.78 8.75
CA VAL F 3460 6.03 -114.80 9.84
C VAL F 3460 4.61 -114.79 9.27
N VAL F 3461 4.36 -113.95 8.26
CA VAL F 3461 3.01 -113.85 7.71
C VAL F 3461 2.60 -115.18 7.09
N GLN F 3462 3.47 -115.78 6.27
CA GLN F 3462 3.13 -117.02 5.60
C GLN F 3462 2.94 -118.16 6.60
N ASN F 3463 3.97 -118.44 7.40
CA ASN F 3463 3.90 -119.57 8.33
C ASN F 3463 2.91 -119.36 9.46
N GLU F 3464 2.40 -118.14 9.65
CA GLU F 3464 1.41 -117.87 10.69
C GLU F 3464 1.96 -118.25 12.06
N ILE F 3465 3.26 -117.98 12.25
CA ILE F 3465 3.90 -118.27 13.52
C ILE F 3465 3.35 -117.36 14.60
N ASN F 3466 3.10 -117.91 15.77
CA ASN F 3466 2.53 -117.15 16.89
C ASN F 3466 3.68 -116.65 17.76
N ASN F 3467 4.17 -115.45 17.43
CA ASN F 3467 5.28 -114.88 18.19
C ASN F 3467 4.91 -114.65 19.64
N MET F 3468 3.63 -114.36 19.91
CA MET F 3468 3.21 -114.19 21.29
C MET F 3468 3.37 -115.50 22.07
N SER F 3469 2.96 -116.62 21.48
CA SER F 3469 3.16 -117.91 22.13
C SER F 3469 4.65 -118.20 22.31
N PHE F 3470 5.46 -117.90 21.29
CA PHE F 3470 6.88 -118.13 21.41
C PHE F 3470 7.47 -117.34 22.58
N LEU F 3471 7.09 -116.08 22.71
CA LEU F 3471 7.59 -115.25 23.80
C LEU F 3471 7.12 -115.77 25.14
N THR F 3472 5.85 -116.15 25.23
CA THR F 3472 5.28 -116.66 26.48
C THR F 3472 5.84 -118.05 26.79
N TYR F 3504 4.34 -109.76 11.81
CA TYR F 3504 3.25 -108.80 11.77
C TYR F 3504 3.69 -107.49 12.40
N SER F 3505 4.09 -107.55 13.67
CA SER F 3505 4.53 -106.36 14.38
C SER F 3505 6.04 -106.42 14.61
N VAL F 3506 6.73 -105.32 14.28
CA VAL F 3506 8.17 -105.26 14.50
C VAL F 3506 8.49 -105.42 15.98
N GLN F 3507 7.54 -105.07 16.85
CA GLN F 3507 7.74 -105.31 18.28
C GLN F 3507 7.81 -106.81 18.57
N THR F 3508 6.97 -107.60 17.90
CA THR F 3508 6.95 -109.04 18.08
C THR F 3508 8.05 -109.76 17.30
N SER F 3509 8.80 -109.05 16.47
CA SER F 3509 9.90 -109.67 15.72
C SER F 3509 10.82 -110.41 16.68
N LEU F 3510 10.96 -111.72 16.48
CA LEU F 3510 11.79 -112.51 17.38
C LEU F 3510 13.24 -112.03 17.37
N ILE F 3511 13.70 -111.49 16.23
CA ILE F 3511 15.08 -111.05 16.14
C ILE F 3511 15.36 -109.95 17.16
N VAL F 3512 14.45 -108.98 17.28
CA VAL F 3512 14.65 -107.90 18.23
C VAL F 3512 14.24 -108.33 19.63
N ALA F 3513 13.25 -109.23 19.75
CA ALA F 3513 12.82 -109.68 21.07
C ALA F 3513 13.93 -110.42 21.79
N THR F 3514 14.63 -111.31 21.09
CA THR F 3514 15.73 -112.05 21.72
C THR F 3514 16.84 -111.10 22.16
N LEU F 3515 17.17 -110.11 21.32
CA LEU F 3515 18.19 -109.14 21.69
C LEU F 3515 17.75 -108.35 22.92
N LYS F 3516 16.47 -107.95 22.97
CA LYS F 3516 15.99 -107.21 24.13
C LYS F 3516 16.07 -108.06 25.39
N LYS F 3517 15.75 -109.35 25.29
CA LYS F 3517 15.87 -110.24 26.43
C LYS F 3517 17.32 -110.42 26.87
N MET F 3518 18.26 -110.49 25.93
CA MET F 3518 19.66 -110.67 26.28
C MET F 3518 20.38 -109.37 26.62
N LEU F 3519 19.75 -108.22 26.38
CA LEU F 3519 20.42 -106.95 26.60
C LEU F 3519 20.92 -106.77 28.03
N PRO F 3520 20.16 -107.12 29.07
CA PRO F 3520 20.69 -106.96 30.43
C PRO F 3520 22.03 -107.62 30.64
N ILE F 3521 22.28 -108.77 30.03
CA ILE F 3521 23.58 -109.41 30.15
C ILE F 3521 24.66 -108.52 29.55
N GLY F 3522 24.38 -107.93 28.38
CA GLY F 3522 25.36 -107.04 27.77
C GLY F 3522 25.63 -105.81 28.61
N LEU F 3523 24.58 -105.23 29.18
CA LEU F 3523 24.77 -104.06 30.04
C LEU F 3523 25.56 -104.43 31.29
N ASN F 3524 25.33 -105.63 31.82
CA ASN F 3524 26.02 -106.05 33.04
C ASN F 3524 27.53 -106.11 32.87
N MET F 3525 28.03 -106.18 31.63
CA MET F 3525 29.47 -106.18 31.42
C MET F 3525 30.06 -104.79 31.65
N CYS F 3526 29.35 -103.75 31.23
CA CYS F 3526 29.84 -102.39 31.36
C CYS F 3526 29.67 -101.88 32.78
N ALA F 3527 30.72 -101.26 33.30
CA ALA F 3527 30.66 -100.64 34.61
C ALA F 3527 29.86 -99.34 34.54
N PRO F 3528 29.35 -98.87 35.67
CA PRO F 3528 28.61 -97.60 35.66
C PRO F 3528 29.43 -96.43 35.12
N THR F 3529 30.74 -96.43 35.34
CA THR F 3529 31.56 -95.32 34.85
C THR F 3529 31.54 -95.25 33.33
N ASP F 3530 31.40 -96.39 32.65
CA ASP F 3530 31.47 -96.41 31.20
C ASP F 3530 30.22 -95.84 30.53
N GLN F 3531 29.29 -95.27 31.28
CA GLN F 3531 28.07 -94.77 30.68
C GLN F 3531 28.35 -93.61 29.72
N ASP F 3532 29.23 -92.69 30.10
CA ASP F 3532 29.57 -91.58 29.22
C ASP F 3532 30.23 -92.07 27.95
N LEU F 3533 31.16 -93.03 28.07
CA LEU F 3533 31.77 -93.59 26.88
C LEU F 3533 30.73 -94.26 26.00
N ILE F 3534 29.73 -94.89 26.61
CA ILE F 3534 28.63 -95.47 25.84
C ILE F 3534 27.89 -94.39 25.08
N VAL F 3535 27.64 -93.25 25.73
CA VAL F 3535 26.92 -92.16 25.05
C VAL F 3535 27.74 -91.64 23.88
N LEU F 3536 29.05 -91.45 24.07
CA LEU F 3536 29.90 -90.97 22.99
C LEU F 3536 29.93 -91.96 21.83
N ALA F 3537 30.02 -93.26 22.14
CA ALA F 3537 30.03 -94.27 21.08
C ALA F 3537 28.70 -94.28 20.34
N LYS F 3538 27.59 -94.11 21.05
CA LYS F 3538 26.29 -94.01 20.40
C LYS F 3538 26.24 -92.80 19.48
N ALA F 3539 26.80 -91.68 19.93
CA ALA F 3539 26.85 -90.48 19.09
C ALA F 3539 27.65 -90.75 17.81
N ARG F 3540 28.80 -91.41 17.93
CA ARG F 3540 29.57 -91.74 16.73
C ARG F 3540 28.77 -92.64 15.80
N TYR F 3541 28.22 -93.74 16.33
CA TYR F 3541 27.47 -94.64 15.49
C TYR F 3541 26.31 -93.92 14.81
N ALA F 3542 25.73 -92.92 15.48
CA ALA F 3542 24.75 -92.05 14.84
C ALA F 3542 25.39 -91.25 13.71
N LEU F 3543 26.61 -90.75 13.91
CA LEU F 3543 27.39 -90.12 12.85
C LEU F 3543 27.85 -91.11 11.79
N LYS F 3544 27.49 -92.38 11.94
CA LYS F 3544 27.74 -93.40 10.92
C LYS F 3544 29.21 -93.80 10.86
N ASP F 3545 29.91 -93.69 11.99
CA ASP F 3545 31.27 -94.18 12.06
C ASP F 3545 31.28 -95.70 12.06
N THR F 3546 32.39 -96.28 11.62
CA THR F 3546 32.56 -97.73 11.57
C THR F 3546 33.06 -98.24 12.92
N ASP F 3547 33.04 -99.57 13.05
CA ASP F 3547 33.39 -100.18 14.32
C ASP F 3547 34.82 -99.85 14.74
N GLU F 3548 35.76 -99.90 13.80
CA GLU F 3548 37.14 -99.54 14.12
C GLU F 3548 37.25 -98.06 14.48
N GLU F 3549 36.49 -97.21 13.79
CA GLU F 3549 36.50 -95.79 14.11
C GLU F 3549 36.05 -95.56 15.54
N VAL F 3550 34.99 -96.24 15.97
CA VAL F 3550 34.51 -96.10 17.34
C VAL F 3550 35.53 -96.67 18.32
N ARG F 3551 36.11 -97.82 17.98
CA ARG F 3551 37.09 -98.44 18.86
C ARG F 3551 38.32 -97.56 19.05
N GLU F 3552 38.66 -96.74 18.06
CA GLU F 3552 39.75 -95.79 18.20
C GLU F 3552 39.32 -94.51 18.93
N PHE F 3553 38.10 -94.04 18.68
CA PHE F 3553 37.59 -92.90 19.44
C PHE F 3553 37.66 -93.18 20.93
N LEU F 3554 37.13 -94.33 21.35
CA LEU F 3554 37.16 -94.67 22.77
C LEU F 3554 38.59 -94.84 23.25
N GLN F 3555 39.44 -95.48 22.43
CA GLN F 3555 40.83 -95.69 22.82
C GLN F 3555 41.54 -94.37 23.08
N ASN F 3556 41.17 -93.31 22.37
CA ASN F 3556 41.88 -92.04 22.46
C ASN F 3556 41.19 -91.00 23.34
N ASN F 3557 39.91 -91.15 23.66
CA ASN F 3557 39.25 -90.39 24.71
C ASN F 3557 38.69 -91.28 25.83
N LEU F 3558 39.47 -92.27 26.26
CA LEU F 3558 39.13 -92.96 27.51
C LEU F 3558 39.05 -92.00 28.68
N ASN F 3559 39.73 -90.85 28.61
CA ASN F 3559 39.76 -89.92 29.73
C ASN F 3559 38.39 -89.33 30.03
N LEU F 3560 37.45 -89.40 29.08
CA LEU F 3560 36.09 -88.93 29.31
C LEU F 3560 35.25 -89.94 30.10
N GLN F 3561 35.88 -90.93 30.71
CA GLN F 3561 35.15 -91.86 31.57
C GLN F 3561 34.59 -91.14 32.78
N GLY F 3562 33.41 -91.58 33.22
CA GLY F 3562 32.76 -90.90 34.34
C GLY F 3562 33.54 -91.06 35.64
N LYS F 3563 33.31 -90.11 36.55
CA LYS F 3563 33.93 -90.12 37.86
C LYS F 3563 32.84 -90.25 38.92
N VAL F 3564 33.07 -91.15 39.88
CA VAL F 3564 32.04 -91.48 40.85
C VAL F 3564 31.67 -90.25 41.68
N GLU F 3565 32.67 -89.46 42.08
CA GLU F 3565 32.45 -88.29 42.91
C GLU F 3565 31.49 -87.31 42.24
N GLY F 3566 31.45 -87.34 40.91
CA GLY F 3566 30.65 -86.35 40.19
C GLY F 3566 29.17 -86.43 40.53
N SER F 3567 28.62 -87.65 40.58
CA SER F 3567 27.19 -87.83 40.80
C SER F 3567 26.95 -88.79 41.96
N PRO F 3568 25.94 -88.52 42.80
CA PRO F 3568 25.61 -89.49 43.86
C PRO F 3568 25.08 -90.81 43.32
N SER F 3569 24.39 -90.80 42.18
CA SER F 3569 23.90 -92.05 41.61
C SER F 3569 25.06 -92.98 41.27
N LEU F 3570 26.12 -92.43 40.67
CA LEU F 3570 27.29 -93.26 40.37
C LEU F 3570 27.84 -93.90 41.63
N ARG F 3571 27.71 -93.25 42.78
CA ARG F 3571 28.26 -93.83 44.00
C ARG F 3571 27.64 -95.19 44.28
N TRP F 3572 26.32 -95.28 44.35
CA TRP F 3572 25.69 -96.55 44.68
C TRP F 3572 25.72 -97.52 43.49
N GLN F 3573 25.66 -97.00 42.26
CA GLN F 3573 25.79 -97.88 41.11
C GLN F 3573 27.13 -98.60 41.13
N MET F 3574 28.21 -97.86 41.33
CA MET F 3574 29.54 -98.45 41.38
C MET F 3574 29.71 -99.30 42.64
N ALA F 3575 29.02 -98.94 43.72
CA ALA F 3575 29.04 -99.78 44.91
C ALA F 3575 28.51 -101.17 44.60
N LEU F 3576 27.35 -101.23 43.93
CA LEU F 3576 26.80 -102.51 43.52
C LEU F 3576 27.75 -103.22 42.56
N TYR F 3577 28.32 -102.47 41.61
CA TYR F 3577 29.20 -103.09 40.62
C TYR F 3577 30.40 -103.74 41.28
N ARG F 3578 31.05 -103.03 42.22
CA ARG F 3578 32.18 -103.62 42.93
C ARG F 3578 31.74 -104.76 43.82
N GLY F 3579 30.56 -104.67 44.43
CA GLY F 3579 30.07 -105.75 45.25
C GLY F 3579 29.91 -107.03 44.45
N VAL F 3580 29.49 -106.92 43.20
CA VAL F 3580 29.39 -108.10 42.33
C VAL F 3580 30.78 -108.69 42.17
N PRO F 3581 31.01 -109.95 42.53
CA PRO F 3581 32.36 -110.53 42.37
C PRO F 3581 32.75 -110.64 40.90
N GLY F 3582 34.04 -110.54 40.65
CA GLY F 3582 34.57 -110.63 39.29
C GLY F 3582 34.47 -109.35 38.49
N ARG F 3583 33.33 -108.67 38.59
CA ARG F 3583 33.16 -107.41 37.88
C ARG F 3583 34.19 -106.39 38.36
N GLU F 3584 34.44 -106.35 39.67
CA GLU F 3584 35.48 -105.47 40.20
C GLU F 3584 36.87 -105.96 39.82
N GLU F 3585 37.06 -107.27 39.71
CA GLU F 3585 38.36 -107.81 39.33
C GLU F 3585 38.72 -107.40 37.90
N ASP F 3586 37.75 -107.44 37.00
CA ASP F 3586 37.98 -107.08 35.60
C ASP F 3586 37.73 -105.58 35.43
N ALA F 3587 37.65 -105.11 34.19
CA ALA F 3587 37.41 -103.71 33.86
C ALA F 3587 38.61 -102.83 34.17
N ASP F 3588 39.78 -103.43 34.44
CA ASP F 3588 41.01 -102.70 34.61
C ASP F 3588 41.83 -102.60 33.34
N ASP F 3589 41.31 -103.08 32.21
CA ASP F 3589 42.05 -103.14 30.95
C ASP F 3589 41.44 -102.20 29.93
N PRO F 3590 42.20 -101.26 29.37
CA PRO F 3590 41.62 -100.38 28.35
C PRO F 3590 41.04 -101.11 27.15
N GLU F 3591 41.67 -102.20 26.71
CA GLU F 3591 41.14 -102.95 25.57
C GLU F 3591 39.78 -103.54 25.91
N LYS F 3592 39.67 -104.13 27.09
CA LYS F 3592 38.37 -104.67 27.52
C LYS F 3592 37.34 -103.56 27.58
N ILE F 3593 37.70 -102.40 28.15
CA ILE F 3593 36.75 -101.32 28.29
C ILE F 3593 36.25 -100.86 26.93
N VAL F 3594 37.17 -100.65 25.99
CA VAL F 3594 36.77 -100.16 24.67
C VAL F 3594 35.92 -101.21 23.94
N ARG F 3595 36.28 -102.48 24.05
CA ARG F 3595 35.49 -103.52 23.39
C ARG F 3595 34.06 -103.55 23.94
N ARG F 3596 33.94 -103.55 25.28
CA ARG F 3596 32.62 -103.57 25.89
C ARG F 3596 31.79 -102.38 25.46
N VAL F 3597 32.37 -101.17 25.57
CA VAL F 3597 31.62 -99.96 25.26
C VAL F 3597 31.21 -99.98 23.79
N GLN F 3598 32.12 -100.37 22.90
CA GLN F 3598 31.81 -100.38 21.47
C GLN F 3598 30.65 -101.31 21.18
N GLU F 3599 30.71 -102.55 21.67
CA GLU F 3599 29.66 -103.51 21.38
C GLU F 3599 28.32 -103.06 21.93
N VAL F 3600 28.29 -102.68 23.21
CA VAL F 3600 27.03 -102.31 23.84
C VAL F 3600 26.47 -101.05 23.19
N SER F 3601 27.33 -100.09 22.86
CA SER F 3601 26.87 -98.87 22.22
C SER F 3601 26.29 -99.13 20.84
N ALA F 3602 26.92 -100.02 20.06
CA ALA F 3602 26.36 -100.37 18.76
C ALA F 3602 24.97 -100.98 18.93
N VAL F 3603 24.84 -101.92 19.86
CA VAL F 3603 23.56 -102.57 20.07
C VAL F 3603 22.50 -101.54 20.48
N LEU F 3604 22.86 -100.65 21.40
CA LEU F 3604 21.91 -99.65 21.88
C LEU F 3604 21.52 -98.68 20.77
N TYR F 3605 22.49 -98.26 19.95
CA TYR F 3605 22.17 -97.39 18.83
C TYR F 3605 21.15 -98.04 17.92
N HIS F 3606 21.41 -99.29 17.51
CA HIS F 3606 20.50 -99.92 16.57
C HIS F 3606 19.15 -100.21 17.21
N LEU F 3607 19.12 -100.44 18.52
CA LEU F 3607 17.85 -100.54 19.22
C LEU F 3607 17.09 -99.22 19.16
N ASP F 3608 17.80 -98.10 19.30
CA ASP F 3608 17.15 -96.80 19.19
C ASP F 3608 16.57 -96.61 17.80
N GLN F 3609 17.33 -96.97 16.76
CA GLN F 3609 16.79 -96.89 15.40
C GLN F 3609 15.56 -97.78 15.25
N THR F 3610 15.60 -98.99 15.78
CA THR F 3610 14.46 -99.89 15.65
C THR F 3610 13.23 -99.32 16.33
N GLU F 3611 13.37 -98.84 17.57
CA GLU F 3611 12.21 -98.32 18.28
C GLU F 3611 11.68 -97.05 17.63
N HIS F 3612 12.56 -96.18 17.14
CA HIS F 3612 12.10 -95.00 16.45
C HIS F 3612 11.37 -95.41 15.16
N PRO F 3613 10.24 -94.78 14.83
CA PRO F 3613 9.50 -95.17 13.63
C PRO F 3613 10.18 -94.71 12.35
N ALA F 3635 -13.62 -95.99 -12.09
CA ALA F 3635 -12.23 -96.33 -12.39
C ALA F 3635 -12.16 -97.68 -13.10
N CYS F 3636 -11.34 -98.60 -12.56
CA CYS F 3636 -11.24 -99.92 -13.18
C CYS F 3636 -12.60 -100.61 -13.21
N PHE F 3637 -13.38 -100.50 -12.14
CA PHE F 3637 -14.73 -101.04 -12.13
C PHE F 3637 -15.58 -100.37 -13.20
N ARG F 3638 -15.44 -99.05 -13.36
CA ARG F 3638 -16.24 -98.32 -14.34
C ARG F 3638 -15.83 -98.68 -15.76
N MET F 3639 -14.59 -98.37 -16.13
CA MET F 3639 -14.03 -98.74 -17.43
C MET F 3639 -15.02 -98.45 -18.56
N THR F 3640 -15.29 -97.17 -18.76
CA THR F 3640 -16.20 -96.73 -19.81
C THR F 3640 -15.46 -96.66 -21.15
N PRO F 3641 -15.65 -97.64 -22.05
CA PRO F 3641 -14.89 -97.61 -23.31
C PRO F 3641 -15.63 -96.90 -24.43
N LEU F 3642 -14.89 -96.27 -25.34
CA LEU F 3642 -15.52 -95.58 -26.45
C LEU F 3642 -16.13 -96.57 -27.45
N TYR F 3643 -15.57 -97.78 -27.53
CA TYR F 3643 -16.06 -98.75 -28.52
C TYR F 3643 -17.42 -99.35 -28.15
N ASN F 3644 -17.89 -99.13 -26.93
CA ASN F 3644 -19.21 -99.60 -26.52
C ASN F 3644 -20.31 -98.56 -26.71
N LEU F 3645 -19.95 -97.35 -27.10
CA LEU F 3645 -20.96 -96.30 -27.23
C LEU F 3645 -21.81 -96.57 -28.47
N PRO F 3646 -23.07 -96.13 -28.47
CA PRO F 3646 -23.88 -96.25 -29.69
C PRO F 3646 -23.28 -95.42 -30.81
N THR F 3647 -23.50 -95.86 -32.04
CA THR F 3647 -22.84 -95.24 -33.18
C THR F 3647 -23.15 -93.75 -33.28
N HIS F 3648 -24.42 -93.38 -33.12
CA HIS F 3648 -24.79 -91.98 -33.30
C HIS F 3648 -24.19 -91.09 -32.22
N ARG F 3649 -24.13 -91.57 -30.97
CA ARG F 3649 -23.50 -90.79 -29.92
C ARG F 3649 -22.01 -90.58 -30.22
N ALA F 3650 -21.33 -91.63 -30.66
CA ALA F 3650 -19.92 -91.51 -31.02
C ALA F 3650 -19.75 -90.55 -32.19
N CYS F 3651 -20.67 -90.59 -33.15
CA CYS F 3651 -20.60 -89.65 -34.28
C CYS F 3651 -20.72 -88.21 -33.81
N ASN F 3652 -21.66 -87.95 -32.90
CA ASN F 3652 -21.82 -86.58 -32.40
C ASN F 3652 -20.57 -86.13 -31.65
N MET F 3653 -20.02 -87.01 -30.81
CA MET F 3653 -18.80 -86.67 -30.09
C MET F 3653 -17.64 -86.42 -31.07
N PHE F 3654 -17.54 -87.25 -32.11
CA PHE F 3654 -16.49 -87.06 -33.10
C PHE F 3654 -16.65 -85.73 -33.82
N LEU F 3655 -17.90 -85.38 -34.17
CA LEU F 3655 -18.12 -84.09 -34.82
C LEU F 3655 -17.68 -82.95 -33.92
N GLU F 3656 -18.05 -83.00 -32.65
CA GLU F 3656 -17.63 -81.96 -31.71
C GLU F 3656 -16.10 -81.87 -31.64
N SER F 3657 -15.44 -83.02 -31.46
CA SER F 3657 -13.99 -83.03 -31.30
C SER F 3657 -13.30 -82.56 -32.56
N TYR F 3658 -13.78 -83.01 -33.73
CA TYR F 3658 -13.17 -82.61 -34.99
C TYR F 3658 -13.32 -81.12 -35.22
N LYS F 3659 -14.51 -80.57 -34.95
CA LYS F 3659 -14.68 -79.13 -35.07
C LYS F 3659 -13.73 -78.40 -34.13
N ALA F 3660 -13.60 -78.87 -32.90
CA ALA F 3660 -12.77 -78.19 -31.90
C ALA F 3660 -11.29 -78.22 -32.26
N SER F 3661 -10.78 -79.36 -32.75
CA SER F 3661 -9.34 -79.54 -32.86
C SER F 3661 -8.81 -79.40 -34.28
N TRP F 3662 -9.59 -79.74 -35.29
CA TRP F 3662 -9.11 -79.71 -36.67
C TRP F 3662 -9.63 -78.54 -37.48
N ILE F 3663 -10.90 -78.19 -37.34
CA ILE F 3663 -11.47 -77.06 -38.09
C ILE F 3663 -11.16 -75.74 -37.42
N LEU F 3664 -11.44 -75.62 -36.12
CA LEU F 3664 -11.18 -74.38 -35.42
C LEU F 3664 -9.71 -74.02 -35.42
N THR F 3665 -8.82 -75.03 -35.38
CA THR F 3665 -7.40 -74.75 -35.34
C THR F 3665 -6.86 -74.34 -36.70
N GLU F 3666 -7.59 -74.65 -37.77
CA GLU F 3666 -7.14 -74.29 -39.10
C GLU F 3666 -6.98 -72.78 -39.22
N ASP F 3667 -5.85 -72.34 -39.78
CA ASP F 3667 -5.56 -70.93 -39.98
C ASP F 3667 -5.76 -70.60 -41.45
N HIS F 3668 -6.68 -69.68 -41.72
CA HIS F 3668 -7.00 -69.25 -43.08
C HIS F 3668 -7.17 -67.74 -43.07
N SER F 3669 -6.22 -67.04 -43.68
CA SER F 3669 -6.23 -65.59 -43.75
C SER F 3669 -6.82 -65.16 -45.09
N PHE F 3670 -8.01 -64.57 -45.04
CA PHE F 3670 -8.64 -64.02 -46.24
C PHE F 3670 -8.93 -62.53 -46.12
N GLU F 3671 -8.65 -61.91 -44.98
CA GLU F 3671 -9.07 -60.52 -44.75
C GLU F 3671 -8.36 -59.57 -45.71
N ASP F 3672 -7.05 -59.73 -45.86
CA ASP F 3672 -6.30 -58.83 -46.75
C ASP F 3672 -6.76 -58.97 -48.19
N ARG F 3673 -6.95 -60.21 -48.65
CA ARG F 3673 -7.41 -60.42 -50.02
C ARG F 3673 -8.80 -59.82 -50.21
N MET F 3674 -9.69 -60.03 -49.25
CA MET F 3674 -11.04 -59.50 -49.35
C MET F 3674 -11.02 -57.97 -49.41
N ILE F 3675 -10.22 -57.34 -48.55
CA ILE F 3675 -10.18 -55.89 -48.51
C ILE F 3675 -9.58 -55.34 -49.80
N ASP F 3676 -8.55 -55.99 -50.32
CA ASP F 3676 -7.97 -55.55 -51.59
C ASP F 3676 -8.99 -55.67 -52.72
N ASP F 3677 -9.70 -56.79 -52.78
CA ASP F 3677 -10.69 -56.98 -53.84
C ASP F 3677 -11.81 -55.96 -53.74
N LEU F 3678 -12.27 -55.67 -52.53
CA LEU F 3678 -13.33 -54.69 -52.34
C LEU F 3678 -12.87 -53.27 -52.60
N SER F 3679 -11.60 -52.96 -52.32
CA SER F 3679 -11.05 -51.64 -52.57
C SER F 3679 -10.79 -51.39 -54.05
N LYS F 3680 -10.49 -52.43 -54.83
CA LYS F 3680 -10.25 -52.28 -56.25
C LYS F 3680 -11.55 -51.86 -56.95
N ALA F 3681 -11.50 -50.73 -57.64
CA ALA F 3681 -12.59 -50.34 -58.53
C ALA F 3681 -12.37 -50.94 -59.91
N GLY F 3682 -13.42 -50.99 -60.70
CA GLY F 3682 -13.37 -51.64 -61.99
C GLY F 3682 -14.00 -50.81 -63.09
N GLU F 3683 -13.31 -50.76 -64.22
CA GLU F 3683 -13.84 -50.18 -65.46
C GLU F 3683 -14.42 -48.79 -65.21
N GLN F 3684 -13.69 -48.00 -64.44
CA GLN F 3684 -14.06 -46.59 -64.28
C GLN F 3684 -14.05 -45.88 -65.63
N GLU F 3685 -13.21 -46.32 -66.56
CA GLU F 3685 -13.23 -45.75 -67.89
C GLU F 3685 -14.57 -46.02 -68.58
N GLU F 3686 -15.07 -47.24 -68.47
CA GLU F 3686 -16.39 -47.55 -69.03
C GLU F 3686 -17.47 -46.73 -68.35
N GLU F 3687 -17.41 -46.63 -67.02
CA GLU F 3687 -18.38 -45.79 -66.30
C GLU F 3687 -18.27 -44.33 -66.72
N GLU F 3688 -17.11 -43.89 -67.22
CA GLU F 3688 -16.92 -42.52 -67.66
C GLU F 3688 -17.35 -41.52 -66.58
N GLU F 3689 -16.90 -41.79 -65.36
CA GLU F 3689 -17.24 -40.96 -64.21
C GLU F 3689 -16.30 -39.75 -64.13
N GLU F 3690 -16.41 -38.87 -65.13
CA GLU F 3690 -15.59 -37.67 -65.15
C GLU F 3690 -16.08 -36.64 -64.13
N VAL F 3691 -17.33 -36.75 -63.68
CA VAL F 3691 -17.84 -35.86 -62.67
C VAL F 3691 -17.00 -36.01 -61.41
N GLU F 3692 -16.83 -34.90 -60.67
CA GLU F 3692 -15.95 -34.93 -59.50
C GLU F 3692 -16.40 -35.98 -58.49
N GLU F 3693 -17.72 -36.16 -58.33
CA GLU F 3693 -18.26 -37.12 -57.37
C GLU F 3693 -18.14 -38.51 -57.97
N LYS F 3694 -17.05 -39.21 -57.62
CA LYS F 3694 -16.89 -40.59 -58.02
C LYS F 3694 -17.84 -41.48 -57.23
N LYS F 3695 -18.43 -42.46 -57.91
CA LYS F 3695 -19.27 -43.42 -57.23
C LYS F 3695 -18.42 -44.23 -56.25
N PRO F 3696 -18.90 -44.46 -55.03
CA PRO F 3696 -18.10 -45.23 -54.08
C PRO F 3696 -17.81 -46.64 -54.59
N ASP F 3697 -16.61 -47.13 -54.29
CA ASP F 3697 -16.24 -48.50 -54.61
C ASP F 3697 -16.91 -49.45 -53.61
N PRO F 3698 -16.79 -50.76 -53.84
CA PRO F 3698 -17.54 -51.70 -52.97
C PRO F 3698 -17.23 -51.58 -51.49
N LEU F 3699 -15.96 -51.39 -51.12
CA LEU F 3699 -15.62 -51.23 -49.70
C LEU F 3699 -16.24 -49.96 -49.14
N HIS F 3700 -16.18 -48.88 -49.92
CA HIS F 3700 -16.82 -47.63 -49.50
C HIS F 3700 -18.31 -47.82 -49.29
N GLN F 3701 -18.96 -48.55 -50.20
CA GLN F 3701 -20.40 -48.80 -50.07
C GLN F 3701 -20.71 -49.63 -48.85
N LEU F 3702 -19.87 -50.62 -48.53
CA LEU F 3702 -20.08 -51.40 -47.31
C LEU F 3702 -19.98 -50.53 -46.07
N VAL F 3703 -18.94 -49.68 -46.02
CA VAL F 3703 -18.79 -48.79 -44.87
C VAL F 3703 -19.97 -47.84 -44.79
N LEU F 3704 -20.45 -47.34 -45.93
CA LEU F 3704 -21.61 -46.46 -45.93
C LEU F 3704 -22.86 -47.16 -45.45
N HIS F 3705 -23.05 -48.43 -45.82
CA HIS F 3705 -24.19 -49.20 -45.34
C HIS F 3705 -24.15 -49.32 -43.82
N PHE F 3706 -22.98 -49.64 -43.27
CA PHE F 3706 -22.90 -49.77 -41.81
C PHE F 3706 -23.07 -48.42 -41.13
N SER F 3707 -22.59 -47.34 -41.75
CA SER F 3707 -22.83 -46.00 -41.21
C SER F 3707 -24.31 -45.68 -41.18
N ARG F 3708 -25.04 -46.02 -42.25
CA ARG F 3708 -26.47 -45.80 -42.27
C ARG F 3708 -27.16 -46.59 -41.16
N THR F 3709 -26.77 -47.86 -41.01
CA THR F 3709 -27.36 -48.66 -39.94
C THR F 3709 -27.11 -48.04 -38.57
N ALA F 3710 -25.89 -47.55 -38.34
CA ALA F 3710 -25.59 -46.90 -37.07
C ALA F 3710 -26.39 -45.62 -36.87
N LEU F 3711 -26.58 -44.84 -37.94
CA LEU F 3711 -27.27 -43.56 -37.84
C LEU F 3711 -28.78 -43.72 -37.76
N THR F 3712 -29.33 -44.88 -38.10
CA THR F 3712 -30.78 -45.06 -37.97
C THR F 3712 -31.22 -44.83 -36.54
N GLU F 3713 -32.33 -44.14 -36.37
CA GLU F 3713 -32.86 -43.80 -35.06
C GLU F 3713 -33.57 -45.01 -34.48
N LYS F 3714 -33.02 -45.57 -33.40
CA LYS F 3714 -33.60 -46.73 -32.74
C LYS F 3714 -33.35 -46.63 -31.25
N SER F 3715 -34.14 -47.40 -30.49
CA SER F 3715 -33.95 -47.45 -29.05
C SER F 3715 -32.63 -48.12 -28.68
N LYS F 3716 -32.29 -49.22 -29.35
CA LYS F 3716 -31.09 -49.97 -29.06
C LYS F 3716 -30.43 -50.41 -30.35
N LEU F 3717 -29.13 -50.70 -30.27
CA LEU F 3717 -28.37 -51.18 -31.42
C LEU F 3717 -28.47 -52.70 -31.45
N ASP F 3718 -29.18 -53.24 -32.44
CA ASP F 3718 -29.35 -54.68 -32.55
C ASP F 3718 -28.03 -55.34 -32.93
N GLU F 3719 -27.81 -56.54 -32.38
CA GLU F 3719 -26.60 -57.30 -32.68
C GLU F 3719 -26.62 -57.71 -34.15
N ASP F 3720 -25.60 -57.30 -34.90
CA ASP F 3720 -25.52 -57.55 -36.33
C ASP F 3720 -24.29 -58.40 -36.60
N TYR F 3721 -24.51 -59.69 -36.89
CA TYR F 3721 -23.40 -60.58 -37.15
C TYR F 3721 -22.61 -60.16 -38.37
N LEU F 3722 -23.30 -59.65 -39.39
CA LEU F 3722 -22.60 -59.18 -40.59
C LEU F 3722 -21.68 -58.02 -40.27
N TYR F 3723 -22.17 -57.06 -39.50
CA TYR F 3723 -21.32 -55.93 -39.12
C TYR F 3723 -20.14 -56.40 -38.30
N MET F 3724 -20.37 -57.32 -37.36
CA MET F 3724 -19.27 -57.80 -36.53
C MET F 3724 -18.22 -58.49 -37.38
N ALA F 3725 -18.65 -59.34 -38.31
CA ALA F 3725 -17.70 -60.06 -39.17
C ALA F 3725 -16.90 -59.09 -40.03
N TYR F 3726 -17.57 -58.10 -40.64
CA TYR F 3726 -16.86 -57.20 -41.52
C TYR F 3726 -15.97 -56.25 -40.74
N ALA F 3727 -16.37 -55.86 -39.53
CA ALA F 3727 -15.51 -55.07 -38.67
C ALA F 3727 -14.26 -55.85 -38.30
N ASP F 3728 -14.41 -57.14 -38.00
CA ASP F 3728 -13.24 -57.97 -37.71
C ASP F 3728 -12.33 -58.04 -38.94
N ILE F 3729 -12.92 -58.20 -40.12
CA ILE F 3729 -12.11 -58.26 -41.35
C ILE F 3729 -11.33 -56.97 -41.54
N MET F 3730 -12.00 -55.83 -41.39
CA MET F 3730 -11.33 -54.55 -41.57
C MET F 3730 -10.23 -54.36 -40.54
N ALA F 3731 -10.50 -54.74 -39.29
CA ALA F 3731 -9.50 -54.60 -38.24
C ALA F 3731 -8.28 -55.45 -38.54
N LYS F 3732 -8.49 -56.70 -38.97
CA LYS F 3732 -7.37 -57.57 -39.31
C LYS F 3732 -6.63 -57.11 -40.55
N SER F 3733 -7.28 -56.33 -41.42
CA SER F 3733 -6.60 -55.85 -42.61
C SER F 3733 -5.46 -54.88 -42.26
N CYS F 3734 -5.51 -54.26 -41.09
CA CYS F 3734 -4.43 -53.40 -40.61
C CYS F 3734 -3.60 -54.20 -39.62
N HIS F 3735 -2.51 -54.78 -40.12
CA HIS F 3735 -1.81 -55.82 -39.37
C HIS F 3735 -1.18 -55.29 -38.10
N LEU F 3736 -0.40 -54.22 -38.20
CA LEU F 3736 0.45 -53.76 -37.11
C LEU F 3736 1.42 -54.88 -36.69
N GLU F 3737 2.26 -55.27 -37.64
CA GLU F 3737 3.25 -56.32 -37.41
C GLU F 3737 4.33 -55.85 -36.44
N VAL F 3752 15.56 -59.44 -32.09
CA VAL F 3752 16.25 -58.95 -33.27
C VAL F 3752 16.16 -57.42 -33.33
N GLU F 3753 17.01 -56.82 -34.15
CA GLU F 3753 17.03 -55.38 -34.36
C GLU F 3753 16.69 -55.07 -35.80
N VAL F 3754 15.72 -54.18 -36.00
CA VAL F 3754 15.28 -53.77 -37.33
C VAL F 3754 15.89 -52.41 -37.64
N SER F 3755 16.29 -52.21 -38.89
CA SER F 3755 16.93 -50.97 -39.28
C SER F 3755 15.94 -49.82 -39.29
N PHE F 3756 16.48 -48.60 -39.32
CA PHE F 3756 15.63 -47.41 -39.39
C PHE F 3756 14.78 -47.43 -40.64
N GLU F 3757 15.37 -47.82 -41.78
CA GLU F 3757 14.61 -47.92 -43.02
C GLU F 3757 13.48 -48.94 -42.88
N GLU F 3758 13.76 -50.08 -42.26
CA GLU F 3758 12.74 -51.11 -42.10
C GLU F 3758 11.61 -50.61 -41.22
N LYS F 3759 11.93 -49.91 -40.13
CA LYS F 3759 10.90 -49.36 -39.26
C LYS F 3759 10.04 -48.35 -40.02
N GLU F 3760 10.67 -47.48 -40.80
CA GLU F 3760 9.90 -46.50 -41.57
C GLU F 3760 9.01 -47.18 -42.59
N MET F 3761 9.52 -48.23 -43.26
CA MET F 3761 8.70 -48.93 -44.23
C MET F 3761 7.51 -49.60 -43.57
N GLU F 3762 7.72 -50.20 -42.40
CA GLU F 3762 6.60 -50.81 -41.67
C GLU F 3762 5.56 -49.76 -41.30
N LYS F 3763 6.01 -48.60 -40.82
CA LYS F 3763 5.08 -47.53 -40.47
C LYS F 3763 4.29 -47.08 -41.70
N GLN F 3764 4.95 -46.93 -42.84
CA GLN F 3764 4.25 -46.51 -44.04
C GLN F 3764 3.26 -47.57 -44.52
N ARG F 3765 3.63 -48.84 -44.40
CA ARG F 3765 2.72 -49.92 -44.77
C ARG F 3765 1.46 -49.87 -43.90
N LEU F 3766 1.64 -49.71 -42.60
CA LEU F 3766 0.49 -49.62 -41.71
C LEU F 3766 -0.35 -48.39 -42.03
N LEU F 3767 0.31 -47.27 -42.32
CA LEU F 3767 -0.43 -46.06 -42.68
C LEU F 3767 -1.28 -46.28 -43.92
N TYR F 3768 -0.72 -46.95 -44.94
CA TYR F 3768 -1.49 -47.20 -46.15
C TYR F 3768 -2.67 -48.12 -45.86
N GLN F 3769 -2.45 -49.17 -45.07
CA GLN F 3769 -3.55 -50.07 -44.73
C GLN F 3769 -4.65 -49.34 -43.98
N GLN F 3770 -4.27 -48.45 -43.06
CA GLN F 3770 -5.28 -47.69 -42.32
C GLN F 3770 -5.99 -46.69 -43.22
N SER F 3771 -5.27 -46.11 -44.18
CA SER F 3771 -5.89 -45.15 -45.09
C SER F 3771 -6.89 -45.83 -46.00
N ARG F 3772 -6.64 -47.10 -46.35
CA ARG F 3772 -7.62 -47.83 -47.14
C ARG F 3772 -9.00 -47.78 -46.50
N LEU F 3773 -9.05 -47.80 -45.17
CA LEU F 3773 -10.32 -47.76 -44.46
C LEU F 3773 -10.78 -46.34 -44.16
N HIS F 3774 -9.87 -45.48 -43.65
CA HIS F 3774 -10.33 -44.17 -43.18
C HIS F 3774 -10.61 -43.22 -44.35
N ASN F 3775 -10.14 -43.56 -45.56
CA ASN F 3775 -10.57 -42.83 -46.73
C ASN F 3775 -11.97 -43.24 -47.19
N ARG F 3776 -12.55 -44.27 -46.59
CA ARG F 3776 -13.89 -44.73 -46.93
C ARG F 3776 -14.89 -44.45 -45.82
N GLY F 3777 -14.55 -43.62 -44.84
CA GLY F 3777 -15.46 -43.28 -43.77
C GLY F 3777 -15.46 -44.21 -42.58
N ALA F 3778 -14.45 -45.07 -42.45
CA ALA F 3778 -14.42 -46.03 -41.34
C ALA F 3778 -14.35 -45.31 -39.99
N ALA F 3779 -13.64 -44.19 -39.92
CA ALA F 3779 -13.53 -43.49 -38.64
C ALA F 3779 -14.88 -42.96 -38.19
N GLU F 3780 -15.60 -42.29 -39.08
CA GLU F 3780 -16.93 -41.81 -38.75
C GLU F 3780 -17.87 -42.98 -38.44
N MET F 3781 -17.72 -44.10 -39.15
CA MET F 3781 -18.55 -45.26 -38.85
C MET F 3781 -18.28 -45.77 -37.43
N VAL F 3782 -17.00 -45.79 -37.04
CA VAL F 3782 -16.65 -46.25 -35.69
C VAL F 3782 -17.27 -45.33 -34.65
N LEU F 3783 -17.14 -44.02 -34.83
CA LEU F 3783 -17.73 -43.09 -33.88
C LEU F 3783 -19.24 -43.24 -33.82
N GLN F 3784 -19.89 -43.38 -34.98
CA GLN F 3784 -21.34 -43.52 -35.01
C GLN F 3784 -21.78 -44.79 -34.30
N MET F 3785 -21.05 -45.89 -34.50
CA MET F 3785 -21.43 -47.13 -33.84
C MET F 3785 -21.24 -47.05 -32.34
N ILE F 3786 -20.16 -46.39 -31.89
CA ILE F 3786 -19.97 -46.20 -30.46
C ILE F 3786 -21.13 -45.40 -29.88
N SER F 3787 -21.53 -44.32 -30.58
CA SER F 3787 -22.66 -43.54 -30.11
C SER F 3787 -23.94 -44.36 -30.09
N ALA F 3788 -24.16 -45.18 -31.12
CA ALA F 3788 -25.40 -45.95 -31.23
C ALA F 3788 -25.48 -47.04 -30.18
N CYS F 3789 -24.34 -47.55 -29.71
CA CYS F 3789 -24.38 -48.57 -28.67
C CYS F 3789 -25.05 -48.06 -27.40
N LYS F 3790 -25.08 -46.74 -27.21
CA LYS F 3790 -25.77 -46.12 -26.08
C LYS F 3790 -25.29 -46.69 -24.75
N GLY F 3791 -23.99 -46.91 -24.63
CA GLY F 3791 -23.40 -47.32 -23.38
C GLY F 3791 -23.62 -48.76 -22.99
N GLU F 3792 -24.14 -49.59 -23.90
CA GLU F 3792 -24.39 -51.00 -23.61
C GLU F 3792 -23.22 -51.83 -24.09
N THR F 3793 -22.63 -52.62 -23.20
CA THR F 3793 -21.53 -53.49 -23.57
C THR F 3793 -22.05 -54.66 -24.41
N GLY F 3794 -21.15 -55.21 -25.22
CA GLY F 3794 -21.51 -56.35 -26.03
C GLY F 3794 -20.56 -56.52 -27.19
N ALA F 3795 -20.87 -57.53 -28.01
CA ALA F 3795 -20.04 -57.85 -29.16
C ALA F 3795 -19.95 -56.70 -30.14
N MET F 3796 -21.05 -55.98 -30.35
CA MET F 3796 -21.04 -54.87 -31.30
C MET F 3796 -20.03 -53.81 -30.90
N VAL F 3797 -20.10 -53.34 -29.64
CA VAL F 3797 -19.18 -52.30 -29.20
C VAL F 3797 -17.76 -52.85 -29.11
N SER F 3798 -17.60 -54.12 -28.74
CA SER F 3798 -16.26 -54.70 -28.71
C SER F 3798 -15.62 -54.68 -30.10
N SER F 3799 -16.36 -55.10 -31.11
CA SER F 3799 -15.85 -55.07 -32.47
C SER F 3799 -15.58 -53.65 -32.93
N THR F 3800 -16.46 -52.71 -32.59
CA THR F 3800 -16.25 -51.32 -32.97
C THR F 3800 -14.97 -50.77 -32.37
N LEU F 3801 -14.74 -51.05 -31.08
CA LEU F 3801 -13.54 -50.58 -30.42
C LEU F 3801 -12.29 -51.22 -31.03
N LYS F 3802 -12.36 -52.50 -31.35
CA LYS F 3802 -11.21 -53.16 -31.98
C LYS F 3802 -10.91 -52.54 -33.34
N LEU F 3803 -11.95 -52.25 -34.14
CA LEU F 3803 -11.72 -51.60 -35.43
C LEU F 3803 -11.13 -50.21 -35.25
N GLY F 3804 -11.64 -49.44 -34.28
CA GLY F 3804 -11.09 -48.13 -34.02
C GLY F 3804 -9.62 -48.20 -33.63
N ILE F 3805 -9.28 -49.15 -32.77
CA ILE F 3805 -7.88 -49.34 -32.40
C ILE F 3805 -7.05 -49.69 -33.62
N SER F 3806 -7.57 -50.57 -34.48
CA SER F 3806 -6.82 -50.98 -35.65
C SER F 3806 -6.51 -49.79 -36.56
N ILE F 3807 -7.49 -48.91 -36.76
CA ILE F 3807 -7.25 -47.77 -37.65
C ILE F 3807 -6.51 -46.63 -36.95
N LEU F 3808 -6.45 -46.62 -35.62
CA LEU F 3808 -5.72 -45.59 -34.90
C LEU F 3808 -4.33 -46.01 -34.46
N ASN F 3809 -3.95 -47.27 -34.64
CA ASN F 3809 -2.67 -47.76 -34.12
C ASN F 3809 -1.51 -46.93 -34.63
N GLY F 3810 -0.55 -46.67 -33.75
CA GLY F 3810 0.58 -45.83 -34.08
C GLY F 3810 0.34 -44.35 -33.94
N GLY F 3811 -0.86 -43.95 -33.51
CA GLY F 3811 -1.18 -42.55 -33.40
C GLY F 3811 -1.44 -41.91 -34.75
N ASN F 3812 -2.37 -42.49 -35.50
CA ASN F 3812 -2.68 -41.98 -36.83
C ASN F 3812 -3.27 -40.58 -36.76
N ALA F 3813 -2.46 -39.58 -37.14
CA ALA F 3813 -2.90 -38.20 -37.02
C ALA F 3813 -4.07 -37.89 -37.95
N GLU F 3814 -4.08 -38.47 -39.15
CA GLU F 3814 -5.18 -38.22 -40.07
C GLU F 3814 -6.49 -38.78 -39.52
N VAL F 3815 -6.46 -39.99 -38.96
CA VAL F 3815 -7.66 -40.57 -38.37
C VAL F 3815 -8.10 -39.74 -37.16
N GLN F 3816 -7.15 -39.30 -36.34
CA GLN F 3816 -7.50 -38.46 -35.21
C GLN F 3816 -8.18 -37.18 -35.67
N GLN F 3817 -7.64 -36.56 -36.72
CA GLN F 3817 -8.23 -35.33 -37.24
C GLN F 3817 -9.64 -35.58 -37.76
N LYS F 3818 -9.84 -36.66 -38.50
CA LYS F 3818 -11.16 -36.95 -39.02
C LYS F 3818 -12.16 -37.18 -37.89
N MET F 3819 -11.77 -37.96 -36.88
CA MET F 3819 -12.67 -38.21 -35.76
C MET F 3819 -13.01 -36.93 -35.01
N LEU F 3820 -12.00 -36.09 -34.74
CA LEU F 3820 -12.26 -34.86 -34.01
C LEU F 3820 -13.15 -33.92 -34.82
N ASP F 3821 -12.90 -33.82 -36.12
CA ASP F 3821 -13.74 -32.97 -36.96
C ASP F 3821 -15.17 -33.46 -36.98
N TYR F 3822 -15.37 -34.78 -37.11
CA TYR F 3822 -16.73 -35.31 -37.11
C TYR F 3822 -17.43 -35.01 -35.79
N LEU F 3823 -16.74 -35.26 -34.67
CA LEU F 3823 -17.36 -35.03 -33.37
C LEU F 3823 -17.72 -33.56 -33.18
N LYS F 3824 -16.81 -32.66 -33.54
CA LYS F 3824 -17.07 -31.24 -33.35
C LYS F 3824 -18.09 -30.68 -34.33
N ASP F 3825 -18.25 -31.32 -35.49
CA ASP F 3825 -19.29 -30.92 -36.44
C ASP F 3825 -20.66 -31.40 -36.00
N LYS F 3826 -20.76 -32.63 -35.52
CA LYS F 3826 -22.07 -33.15 -35.09
C LYS F 3826 -22.51 -32.56 -33.75
N LYS F 3827 -21.56 -32.25 -32.87
CA LYS F 3827 -21.89 -31.67 -31.57
C LYS F 3827 -22.91 -32.52 -30.84
N GLU F 3828 -22.71 -33.83 -30.87
CA GLU F 3828 -23.62 -34.79 -30.25
C GLU F 3828 -23.05 -35.28 -28.93
N VAL F 3829 -23.88 -35.25 -27.87
CA VAL F 3829 -23.46 -35.69 -26.55
C VAL F 3829 -23.51 -37.21 -26.41
N GLY F 3830 -24.16 -37.90 -27.34
CA GLY F 3830 -24.33 -39.34 -27.21
C GLY F 3830 -23.02 -40.10 -27.21
N PHE F 3831 -22.03 -39.65 -27.99
CA PHE F 3831 -20.77 -40.37 -28.06
C PHE F 3831 -20.09 -40.45 -26.69
N PHE F 3832 -19.91 -39.31 -26.04
CA PHE F 3832 -19.25 -39.31 -24.75
C PHE F 3832 -20.15 -39.85 -23.65
N GLN F 3833 -21.47 -39.72 -23.78
CA GLN F 3833 -22.36 -40.40 -22.84
C GLN F 3833 -22.17 -41.90 -22.91
N SER F 3834 -22.07 -42.46 -24.12
CA SER F 3834 -21.84 -43.89 -24.28
C SER F 3834 -20.47 -44.27 -23.74
N ILE F 3835 -19.45 -43.45 -23.99
CA ILE F 3835 -18.13 -43.75 -23.48
C ILE F 3835 -18.14 -43.80 -21.95
N GLN F 3836 -18.79 -42.82 -21.32
CA GLN F 3836 -18.86 -42.80 -19.86
C GLN F 3836 -19.62 -44.01 -19.33
N ALA F 3837 -20.73 -44.36 -19.98
CA ALA F 3837 -21.50 -45.52 -19.53
C ALA F 3837 -20.67 -46.80 -19.63
N LEU F 3838 -19.95 -46.99 -20.73
CA LEU F 3838 -19.11 -48.17 -20.86
C LEU F 3838 -18.02 -48.18 -19.80
N MET F 3839 -17.39 -47.03 -19.56
CA MET F 3839 -16.35 -46.96 -18.54
C MET F 3839 -16.90 -47.33 -17.17
N GLN F 3840 -18.11 -46.86 -16.86
CA GLN F 3840 -18.72 -47.22 -15.59
C GLN F 3840 -19.08 -48.70 -15.51
N THR F 3841 -19.44 -49.32 -16.64
CA THR F 3841 -19.71 -50.75 -16.63
C THR F 3841 -18.46 -51.60 -16.53
N CYS F 3842 -17.29 -51.04 -16.86
CA CYS F 3842 -16.05 -51.80 -16.73
C CYS F 3842 -15.88 -52.28 -15.29
N SER F 3843 -15.48 -53.54 -15.14
CA SER F 3843 -15.43 -54.19 -13.84
C SER F 3843 -14.01 -54.21 -13.27
N VAL F 3844 -13.92 -54.56 -11.99
CA VAL F 3844 -12.67 -54.64 -11.26
C VAL F 3844 -12.62 -56.00 -10.56
N LEU F 3845 -11.57 -56.22 -9.78
CA LEU F 3845 -11.40 -57.46 -9.03
C LEU F 3845 -12.54 -57.61 -8.03
N ASP F 3846 -13.14 -58.80 -7.99
CA ASP F 3846 -14.28 -59.09 -7.11
C ASP F 3846 -13.94 -60.29 -6.24
N LEU F 3847 -13.76 -60.06 -4.94
CA LEU F 3847 -13.34 -61.13 -4.05
C LEU F 3847 -14.44 -62.14 -3.82
N ASN F 3848 -15.70 -61.70 -3.77
CA ASN F 3848 -16.80 -62.65 -3.63
C ASN F 3848 -16.87 -63.58 -4.84
N ALA F 3849 -16.73 -63.03 -6.04
CA ALA F 3849 -16.69 -63.86 -7.23
C ALA F 3849 -15.49 -64.79 -7.21
N PHE F 3850 -14.35 -64.30 -6.71
CA PHE F 3850 -13.18 -65.15 -6.60
C PHE F 3850 -13.44 -66.35 -5.68
N GLU F 3851 -14.06 -66.10 -4.53
CA GLU F 3851 -14.36 -67.19 -3.60
C GLU F 3851 -15.36 -68.18 -4.19
N ARG F 3852 -16.38 -67.66 -4.88
CA ARG F 3852 -17.34 -68.56 -5.53
C ARG F 3852 -16.65 -69.41 -6.59
N GLN F 3853 -15.76 -68.82 -7.37
CA GLN F 3853 -15.03 -69.58 -8.38
C GLN F 3853 -14.13 -70.63 -7.74
N ASN F 3854 -13.50 -70.28 -6.62
CA ASN F 3854 -12.67 -71.27 -5.91
C ASN F 3854 -13.51 -72.45 -5.46
N LYS F 3855 -14.68 -72.19 -4.89
CA LYS F 3855 -15.56 -73.29 -4.48
C LYS F 3855 -15.99 -74.13 -5.68
N ALA F 3856 -16.36 -73.47 -6.78
CA ALA F 3856 -16.79 -74.19 -7.97
C ALA F 3856 -15.69 -75.10 -8.49
N GLU F 3857 -14.46 -74.59 -8.55
CA GLU F 3857 -13.33 -75.42 -8.95
C GLU F 3857 -13.12 -76.56 -7.97
N GLY F 3858 -13.28 -76.28 -6.67
CA GLY F 3858 -13.13 -77.34 -5.69
C GLY F 3858 -14.09 -78.49 -5.93
N LEU F 3859 -15.32 -78.17 -6.33
CA LEU F 3859 -16.27 -79.22 -6.69
C LEU F 3859 -15.66 -80.11 -7.77
N GLY F 3860 -15.72 -81.42 -7.54
CA GLY F 3860 -15.11 -82.40 -8.42
C GLY F 3860 -16.12 -83.15 -9.26
N MET F 3861 -15.60 -83.93 -10.20
CA MET F 3861 -16.39 -84.73 -11.12
C MET F 3861 -16.64 -86.09 -10.48
N VAL F 3862 -17.75 -86.72 -10.84
CA VAL F 3862 -18.02 -88.10 -10.50
C VAL F 3862 -18.53 -88.90 -11.69
N ASN F 3863 -18.82 -88.25 -12.81
CA ASN F 3863 -19.34 -88.90 -14.00
C ASN F 3863 -18.49 -88.50 -15.21
N GLU F 3864 -18.97 -88.85 -16.40
CA GLU F 3864 -18.23 -88.54 -17.62
C GLU F 3864 -18.04 -87.04 -17.79
N ASP F 3865 -16.92 -86.66 -18.38
CA ASP F 3865 -16.63 -85.25 -18.60
C ASP F 3865 -17.70 -84.59 -19.45
N GLY F 3866 -18.24 -85.31 -20.44
CA GLY F 3866 -19.32 -84.75 -21.23
C GLY F 3866 -20.56 -84.48 -20.40
N THR F 3867 -20.92 -85.43 -19.53
CA THR F 3867 -22.09 -85.25 -18.68
C THR F 3867 -21.89 -84.07 -17.72
N VAL F 3868 -20.70 -83.95 -17.13
CA VAL F 3868 -20.42 -82.86 -16.21
C VAL F 3868 -20.00 -81.63 -17.00
N ILE F 3869 -20.07 -80.46 -16.36
CA ILE F 3869 -19.68 -79.21 -17.01
C ILE F 3869 -18.18 -78.97 -16.97
N ASN F 3870 -17.45 -79.69 -16.10
CA ASN F 3870 -16.01 -79.56 -15.90
C ASN F 3870 -15.63 -78.24 -15.25
N ARG F 3871 -16.61 -77.49 -14.72
CA ARG F 3871 -16.34 -76.22 -14.05
C ARG F 3871 -15.49 -75.29 -14.91
N GLN F 3872 -15.63 -75.42 -16.23
CA GLN F 3872 -14.96 -74.54 -17.19
C GLN F 3872 -15.76 -73.27 -17.46
N ASN F 3873 -16.66 -72.90 -16.56
CA ASN F 3873 -17.44 -71.69 -16.73
C ASN F 3873 -16.51 -70.49 -16.92
N GLY F 3874 -16.90 -69.60 -17.82
CA GLY F 3874 -16.12 -68.40 -18.08
C GLY F 3874 -15.68 -67.72 -16.80
N GLU F 3875 -14.53 -67.05 -16.84
CA GLU F 3875 -13.98 -66.44 -15.63
C GLU F 3875 -15.00 -65.46 -15.04
N LYS F 3876 -15.12 -65.51 -13.71
CA LYS F 3876 -16.02 -64.60 -13.00
C LYS F 3876 -15.33 -63.35 -12.49
N VAL F 3877 -13.99 -63.35 -12.42
CA VAL F 3877 -13.23 -62.22 -11.91
C VAL F 3877 -12.66 -61.47 -13.11
N MET F 3878 -13.05 -60.21 -13.25
CA MET F 3878 -12.61 -59.37 -14.36
C MET F 3878 -12.79 -60.10 -15.68
N ALA F 3879 -14.02 -60.55 -15.92
CA ALA F 3879 -14.34 -61.29 -17.13
C ALA F 3879 -14.26 -60.40 -18.38
N ASP F 3880 -14.40 -59.08 -18.22
CA ASP F 3880 -14.37 -58.14 -19.33
C ASP F 3880 -13.07 -57.36 -19.37
N ASP F 3881 -11.97 -57.95 -18.89
CA ASP F 3881 -10.70 -57.23 -18.86
C ASP F 3881 -10.23 -56.88 -20.26
N GLU F 3882 -10.49 -57.77 -21.24
CA GLU F 3882 -10.13 -57.45 -22.61
C GLU F 3882 -10.89 -56.24 -23.12
N PHE F 3883 -12.19 -56.16 -22.83
CA PHE F 3883 -12.97 -55.00 -23.26
C PHE F 3883 -12.48 -53.73 -22.57
N THR F 3884 -12.16 -53.82 -21.28
CA THR F 3884 -11.67 -52.65 -20.56
C THR F 3884 -10.36 -52.16 -21.17
N GLN F 3885 -9.45 -53.09 -21.46
CA GLN F 3885 -8.19 -52.71 -22.09
C GLN F 3885 -8.43 -52.09 -23.45
N ASP F 3886 -9.37 -52.65 -24.24
CA ASP F 3886 -9.67 -52.07 -25.54
C ASP F 3886 -10.23 -50.66 -25.42
N LEU F 3887 -11.15 -50.44 -24.47
CA LEU F 3887 -11.73 -49.11 -24.30
C LEU F 3887 -10.66 -48.09 -23.94
N PHE F 3888 -9.80 -48.42 -22.97
CA PHE F 3888 -8.79 -47.44 -22.58
C PHE F 3888 -7.69 -47.31 -23.62
N ARG F 3889 -7.42 -48.37 -24.38
CA ARG F 3889 -6.49 -48.27 -25.49
C ARG F 3889 -7.03 -47.34 -26.58
N PHE F 3890 -8.33 -47.42 -26.87
CA PHE F 3890 -8.93 -46.52 -27.84
C PHE F 3890 -8.85 -45.08 -27.36
N LEU F 3891 -9.17 -44.84 -26.08
CA LEU F 3891 -9.08 -43.49 -25.56
C LEU F 3891 -7.65 -42.98 -25.58
N GLN F 3892 -6.67 -43.84 -25.28
CA GLN F 3892 -5.27 -43.44 -25.39
C GLN F 3892 -4.90 -43.09 -26.82
N LEU F 3893 -5.26 -43.96 -27.76
CA LEU F 3893 -4.89 -43.74 -29.16
C LEU F 3893 -5.54 -42.48 -29.73
N LEU F 3894 -6.67 -42.05 -29.17
CA LEU F 3894 -7.21 -40.76 -29.59
C LEU F 3894 -6.23 -39.63 -29.33
N CYS F 3895 -5.44 -39.71 -28.26
CA CYS F 3895 -4.50 -38.66 -27.89
C CYS F 3895 -3.07 -38.99 -28.26
N GLU F 3896 -2.79 -40.19 -28.74
CA GLU F 3896 -1.42 -40.59 -29.05
C GLU F 3896 -0.76 -39.58 -29.98
N GLY F 3897 0.51 -39.31 -29.72
CA GLY F 3897 1.24 -38.29 -30.45
C GLY F 3897 1.11 -36.90 -29.87
N HIS F 3898 0.55 -36.76 -28.68
CA HIS F 3898 0.37 -35.45 -28.05
C HIS F 3898 -0.56 -34.56 -28.87
N ASN F 3899 -1.70 -35.13 -29.25
CA ASN F 3899 -2.73 -34.38 -29.97
C ASN F 3899 -3.41 -33.44 -28.98
N ASN F 3900 -2.97 -32.18 -28.98
CA ASN F 3900 -3.47 -31.23 -27.98
C ASN F 3900 -4.96 -30.99 -28.14
N ASP F 3901 -5.43 -30.88 -29.38
CA ASP F 3901 -6.86 -30.62 -29.60
C ASP F 3901 -7.72 -31.73 -29.03
N PHE F 3902 -7.34 -32.99 -29.30
CA PHE F 3902 -8.16 -34.10 -28.82
C PHE F 3902 -7.99 -34.31 -27.32
N GLN F 3903 -6.80 -34.00 -26.79
CA GLN F 3903 -6.61 -34.05 -25.34
C GLN F 3903 -7.53 -33.06 -24.64
N ASN F 3904 -7.62 -31.84 -25.18
CA ASN F 3904 -8.54 -30.86 -24.60
C ASN F 3904 -9.99 -31.28 -24.78
N TYR F 3905 -10.32 -31.83 -25.95
CA TYR F 3905 -11.70 -32.24 -26.20
C TYR F 3905 -12.14 -33.34 -25.26
N LEU F 3906 -11.26 -34.29 -24.95
CA LEU F 3906 -11.63 -35.34 -24.00
C LEU F 3906 -11.98 -34.77 -22.64
N ARG F 3907 -11.39 -33.62 -22.28
CA ARG F 3907 -11.71 -33.02 -20.99
C ARG F 3907 -12.99 -32.19 -21.07
N THR F 3908 -13.12 -31.36 -22.09
CA THR F 3908 -14.28 -30.48 -22.21
C THR F 3908 -14.66 -30.36 -23.67
N GLN F 3909 -15.95 -30.60 -23.97
CA GLN F 3909 -16.50 -30.42 -25.30
C GLN F 3909 -17.25 -29.09 -25.30
N THR F 3910 -16.55 -28.04 -25.78
CA THR F 3910 -17.06 -26.69 -25.63
C THR F 3910 -18.38 -26.49 -26.37
N GLY F 3911 -18.47 -27.02 -27.59
CA GLY F 3911 -19.64 -26.75 -28.41
C GLY F 3911 -20.88 -27.51 -27.99
N ASN F 3912 -20.73 -28.60 -27.27
CA ASN F 3912 -21.88 -29.41 -26.88
C ASN F 3912 -22.68 -28.72 -25.78
N THR F 3913 -23.96 -29.09 -25.69
CA THR F 3913 -24.81 -28.54 -24.63
C THR F 3913 -24.34 -28.99 -23.26
N THR F 3914 -23.90 -30.24 -23.15
CA THR F 3914 -23.34 -30.77 -21.92
C THR F 3914 -22.00 -31.43 -22.22
N THR F 3915 -21.11 -31.41 -21.25
CA THR F 3915 -19.77 -31.94 -21.39
C THR F 3915 -19.53 -33.03 -20.35
N ILE F 3916 -18.65 -33.97 -20.71
CA ILE F 3916 -18.24 -35.06 -19.82
C ILE F 3916 -16.72 -35.06 -19.77
N ASN F 3917 -16.17 -35.11 -18.57
CA ASN F 3917 -14.73 -35.09 -18.37
C ASN F 3917 -14.21 -36.53 -18.39
N ILE F 3918 -13.79 -36.99 -19.56
CA ILE F 3918 -13.31 -38.35 -19.71
C ILE F 3918 -12.03 -38.57 -18.89
N ILE F 3919 -11.25 -37.51 -18.66
CA ILE F 3919 -10.06 -37.66 -17.82
C ILE F 3919 -10.46 -38.04 -16.40
N ILE F 3920 -11.45 -37.34 -15.84
CA ILE F 3920 -11.91 -37.67 -14.51
C ILE F 3920 -12.62 -39.02 -14.48
N CYS F 3921 -13.32 -39.38 -15.56
CA CYS F 3921 -13.91 -40.73 -15.61
C CYS F 3921 -12.82 -41.80 -15.54
N THR F 3922 -11.73 -41.60 -16.29
CA THR F 3922 -10.60 -42.53 -16.22
C THR F 3922 -10.02 -42.58 -14.82
N VAL F 3923 -9.89 -41.43 -14.16
CA VAL F 3923 -9.37 -41.41 -12.80
C VAL F 3923 -10.28 -42.17 -11.86
N ASP F 3924 -11.60 -42.02 -12.04
CA ASP F 3924 -12.55 -42.73 -11.19
C ASP F 3924 -12.42 -44.24 -11.37
N TYR F 3925 -12.31 -44.70 -12.61
CA TYR F 3925 -12.12 -46.13 -12.83
C TYR F 3925 -10.81 -46.60 -12.20
N LEU F 3926 -9.75 -45.80 -12.33
CA LEU F 3926 -8.48 -46.17 -11.74
C LEU F 3926 -8.61 -46.29 -10.22
N LEU F 3927 -9.34 -45.38 -9.60
CA LEU F 3927 -9.55 -45.46 -8.15
C LEU F 3927 -10.31 -46.74 -7.77
N ARG F 3928 -11.35 -47.07 -8.54
CA ARG F 3928 -12.08 -48.31 -8.26
C ARG F 3928 -11.17 -49.53 -8.38
N LEU F 3929 -10.36 -49.57 -9.43
CA LEU F 3929 -9.45 -50.69 -9.63
C LEU F 3929 -8.40 -50.76 -8.53
N GLN F 3930 -7.89 -49.61 -8.10
CA GLN F 3930 -6.93 -49.58 -7.02
C GLN F 3930 -7.52 -50.12 -5.73
N GLU F 3931 -8.76 -49.73 -5.42
CA GLU F 3931 -9.40 -50.25 -4.22
C GLU F 3931 -9.61 -51.76 -4.31
N SER F 3932 -10.00 -52.25 -5.49
CA SER F 3932 -10.14 -53.70 -5.65
C SER F 3932 -8.81 -54.42 -5.46
N ILE F 3933 -7.73 -53.85 -5.99
CA ILE F 3933 -6.42 -54.47 -5.85
C ILE F 3933 -5.96 -54.46 -4.40
N SER F 3934 -6.25 -53.38 -3.68
CA SER F 3934 -5.93 -53.34 -2.26
C SER F 3934 -6.72 -54.40 -1.49
N ASP F 3935 -7.99 -54.58 -1.83
CA ASP F 3935 -8.77 -55.63 -1.19
C ASP F 3935 -8.16 -57.00 -1.47
N PHE F 3936 -7.73 -57.23 -2.70
CA PHE F 3936 -7.11 -58.52 -3.04
C PHE F 3936 -5.83 -58.73 -2.24
N TYR F 3937 -5.01 -57.67 -2.12
CA TYR F 3937 -3.79 -57.78 -1.32
C TYR F 3937 -4.11 -58.12 0.12
N TRP F 3938 -5.12 -57.47 0.69
CA TRP F 3938 -5.48 -57.76 2.07
C TRP F 3938 -5.99 -59.20 2.20
N TYR F 3939 -6.71 -59.68 1.19
CA TYR F 3939 -7.14 -61.07 1.21
C TYR F 3939 -5.96 -62.01 1.25
N TYR F 3940 -4.92 -61.73 0.48
CA TYR F 3940 -3.77 -62.62 0.38
C TYR F 3940 -2.65 -62.30 1.36
N SER F 3941 -2.81 -61.29 2.22
CA SER F 3941 -1.69 -60.85 3.05
C SER F 3941 -1.28 -61.93 4.05
N GLY F 3942 -2.25 -62.59 4.67
CA GLY F 3942 -1.96 -63.61 5.66
C GLY F 3942 -1.31 -64.84 5.06
N LYS F 3943 -1.74 -65.22 3.87
CA LYS F 3943 -1.26 -66.45 3.25
C LYS F 3943 0.23 -66.35 2.90
N ASP F 3944 0.94 -67.45 3.09
CA ASP F 3944 2.38 -67.45 2.85
C ASP F 3944 2.68 -67.28 1.36
N VAL F 3945 1.94 -67.96 0.50
CA VAL F 3945 2.17 -67.95 -0.94
C VAL F 3945 0.84 -67.77 -1.66
N ILE F 3946 0.85 -67.00 -2.74
CA ILE F 3946 -0.34 -66.78 -3.55
C ILE F 3946 -0.48 -67.94 -4.53
N GLU F 3947 -1.67 -68.55 -4.56
CA GLU F 3947 -1.91 -69.67 -5.45
C GLU F 3947 -1.97 -69.20 -6.90
N GLU F 3948 -2.07 -70.16 -7.81
CA GLU F 3948 -2.01 -69.86 -9.24
C GLU F 3948 -3.20 -69.02 -9.68
N GLN F 3949 -4.39 -69.35 -9.19
CA GLN F 3949 -5.58 -68.59 -9.56
C GLN F 3949 -5.50 -67.15 -9.10
N GLY F 3950 -5.08 -66.94 -7.84
CA GLY F 3950 -4.89 -65.58 -7.35
C GLY F 3950 -3.83 -64.84 -8.13
N LYS F 3951 -2.76 -65.53 -8.50
CA LYS F 3951 -1.71 -64.91 -9.31
C LYS F 3951 -2.25 -64.47 -10.66
N ARG F 3952 -3.06 -65.32 -11.30
CA ARG F 3952 -3.61 -64.96 -12.59
C ARG F 3952 -4.56 -63.76 -12.48
N ASN F 3953 -5.38 -63.73 -11.44
CA ASN F 3953 -6.26 -62.58 -11.25
C ASN F 3953 -5.45 -61.30 -10.99
N PHE F 3954 -4.41 -61.39 -10.17
CA PHE F 3954 -3.53 -60.26 -9.95
C PHE F 3954 -2.93 -59.78 -11.27
N SER F 3955 -2.50 -60.72 -12.12
CA SER F 3955 -1.88 -60.34 -13.38
C SER F 3955 -2.87 -59.65 -14.29
N LYS F 3956 -4.12 -60.13 -14.35
CA LYS F 3956 -5.12 -59.47 -15.17
C LYS F 3956 -5.38 -58.05 -14.67
N ALA F 3957 -5.53 -57.89 -13.35
CA ALA F 3957 -5.75 -56.55 -12.80
C ALA F 3957 -4.57 -55.64 -13.10
N MET F 3958 -3.34 -56.16 -13.00
CA MET F 3958 -2.17 -55.35 -13.26
C MET F 3958 -2.08 -54.94 -14.72
N SER F 3959 -2.45 -55.82 -15.65
CA SER F 3959 -2.47 -55.44 -17.06
C SER F 3959 -3.48 -54.33 -17.31
N VAL F 3960 -4.67 -54.44 -16.72
CA VAL F 3960 -5.66 -53.39 -16.89
C VAL F 3960 -5.14 -52.08 -16.31
N ALA F 3961 -4.53 -52.12 -15.12
CA ALA F 3961 -4.00 -50.91 -14.51
C ALA F 3961 -2.89 -50.31 -15.36
N LYS F 3962 -2.06 -51.15 -15.98
CA LYS F 3962 -1.02 -50.66 -16.87
C LYS F 3962 -1.63 -49.90 -18.04
N GLN F 3963 -2.69 -50.46 -18.63
CA GLN F 3963 -3.34 -49.76 -19.73
C GLN F 3963 -3.92 -48.42 -19.27
N VAL F 3964 -4.52 -48.39 -18.08
CA VAL F 3964 -5.12 -47.15 -17.59
C VAL F 3964 -4.04 -46.10 -17.33
N PHE F 3965 -2.92 -46.52 -16.75
CA PHE F 3965 -1.81 -45.58 -16.53
C PHE F 3965 -1.30 -45.03 -17.85
N ASN F 3966 -1.18 -45.88 -18.86
CA ASN F 3966 -0.75 -45.40 -20.17
C ASN F 3966 -1.75 -44.41 -20.74
N SER F 3967 -3.04 -44.65 -20.54
CA SER F 3967 -4.06 -43.73 -21.03
C SER F 3967 -3.93 -42.36 -20.36
N LEU F 3968 -3.75 -42.34 -19.04
CA LEU F 3968 -3.59 -41.06 -18.35
C LEU F 3968 -2.32 -40.34 -18.81
N THR F 3969 -1.23 -41.10 -19.00
CA THR F 3969 0.00 -40.50 -19.49
C THR F 3969 -0.22 -39.86 -20.86
N GLU F 3970 -0.94 -40.54 -21.75
CA GLU F 3970 -1.22 -39.94 -23.05
C GLU F 3970 -2.15 -38.74 -22.94
N TYR F 3971 -3.06 -38.76 -21.96
CA TYR F 3971 -3.90 -37.59 -21.74
C TYR F 3971 -3.08 -36.35 -21.41
N ILE F 3972 -2.06 -36.48 -20.56
CA ILE F 3972 -1.38 -35.31 -20.02
C ILE F 3972 -0.09 -34.97 -20.78
N GLN F 3973 0.50 -35.91 -21.50
CA GLN F 3973 1.80 -35.64 -22.11
C GLN F 3973 1.69 -34.63 -23.25
N GLY F 3974 2.74 -33.83 -23.42
CA GLY F 3974 2.83 -32.89 -24.50
C GLY F 3974 3.39 -31.52 -24.12
N PRO F 3975 3.03 -31.00 -22.94
CA PRO F 3975 1.97 -31.35 -21.98
C PRO F 3975 0.65 -30.68 -22.33
N CYS F 3976 -0.46 -31.30 -21.93
CA CYS F 3976 -1.77 -30.64 -21.95
C CYS F 3976 -1.98 -30.04 -20.56
N THR F 3977 -1.80 -28.73 -20.46
CA THR F 3977 -1.83 -28.08 -19.14
C THR F 3977 -3.19 -28.22 -18.49
N GLY F 3978 -4.26 -28.12 -19.28
CA GLY F 3978 -5.59 -28.28 -18.71
C GLY F 3978 -5.80 -29.67 -18.12
N ASN F 3979 -5.35 -30.69 -18.84
CA ASN F 3979 -5.47 -32.05 -18.32
C ASN F 3979 -4.59 -32.24 -17.09
N GLN F 3980 -3.41 -31.64 -17.09
CA GLN F 3980 -2.56 -31.70 -15.91
C GLN F 3980 -3.26 -31.11 -14.70
N GLN F 3981 -3.89 -29.94 -14.87
CA GLN F 3981 -4.59 -29.30 -13.76
C GLN F 3981 -5.78 -30.14 -13.30
N SER F 3982 -6.55 -30.67 -14.24
CA SER F 3982 -7.69 -31.49 -13.86
C SER F 3982 -7.24 -32.73 -13.08
N LEU F 3983 -6.18 -33.39 -13.54
CA LEU F 3983 -5.67 -34.55 -12.80
C LEU F 3983 -5.16 -34.13 -11.43
N ALA F 3984 -4.45 -32.99 -11.35
CA ALA F 3984 -3.93 -32.53 -10.07
C ALA F 3984 -5.03 -32.29 -9.07
N HIS F 3985 -6.18 -31.80 -9.52
CA HIS F 3985 -7.31 -31.54 -8.64
C HIS F 3985 -8.25 -32.73 -8.50
N SER F 3986 -8.03 -33.81 -9.24
CA SER F 3986 -8.85 -35.00 -9.16
C SER F 3986 -8.46 -35.84 -7.94
N ARG F 3987 -9.02 -37.05 -7.87
CA ARG F 3987 -8.68 -38.02 -6.84
C ARG F 3987 -7.52 -38.91 -7.25
N LEU F 3988 -6.69 -38.47 -8.19
CA LEU F 3988 -5.58 -39.29 -8.65
C LEU F 3988 -4.57 -39.53 -7.53
N TRP F 3989 -4.37 -38.53 -6.66
CA TRP F 3989 -3.38 -38.68 -5.60
C TRP F 3989 -3.76 -39.80 -4.64
N ASP F 3990 -5.05 -39.94 -4.33
CA ASP F 3990 -5.47 -41.04 -3.46
C ASP F 3990 -5.20 -42.39 -4.11
N ALA F 3991 -5.48 -42.51 -5.41
CA ALA F 3991 -5.19 -43.75 -6.11
C ALA F 3991 -3.70 -44.05 -6.08
N VAL F 3992 -2.87 -43.03 -6.26
CA VAL F 3992 -1.43 -43.25 -6.25
C VAL F 3992 -0.97 -43.65 -4.86
N VAL F 3993 -1.57 -43.08 -3.81
CA VAL F 3993 -1.21 -43.46 -2.44
C VAL F 3993 -1.54 -44.93 -2.20
N GLY F 3994 -2.75 -45.35 -2.60
CA GLY F 3994 -3.12 -46.74 -2.44
C GLY F 3994 -2.23 -47.67 -3.25
N PHE F 3995 -1.92 -47.28 -4.48
CA PHE F 3995 -1.02 -48.09 -5.30
C PHE F 3995 0.36 -48.19 -4.68
N LEU F 3996 0.86 -47.10 -4.09
CA LEU F 3996 2.15 -47.16 -3.44
C LEU F 3996 2.14 -48.11 -2.26
N HIS F 3997 1.07 -48.08 -1.45
CA HIS F 3997 0.96 -49.04 -0.36
C HIS F 3997 0.98 -50.47 -0.88
N VAL F 3998 0.17 -50.75 -1.89
CA VAL F 3998 0.09 -52.12 -2.43
C VAL F 3998 1.44 -52.53 -3.00
N PHE F 3999 2.08 -51.65 -3.76
CA PHE F 3999 3.38 -51.96 -4.35
C PHE F 3999 4.40 -52.28 -3.27
N ALA F 4000 4.48 -51.41 -2.25
CA ALA F 4000 5.48 -51.60 -1.22
C ALA F 4000 5.30 -52.93 -0.52
N HIS F 4001 4.05 -53.29 -0.20
CA HIS F 4001 3.87 -54.53 0.55
C HIS F 4001 3.99 -55.77 -0.34
N MET F 4002 3.49 -55.70 -1.57
CA MET F 4002 3.55 -56.87 -2.44
C MET F 4002 4.97 -57.13 -2.91
N MET F 4003 5.80 -56.10 -3.05
CA MET F 4003 7.20 -56.33 -3.38
C MET F 4003 7.85 -57.23 -2.35
N MET F 4004 7.73 -56.87 -1.07
CA MET F 4004 8.35 -57.66 -0.02
C MET F 4004 7.71 -59.03 0.10
N LYS F 4005 6.39 -59.12 -0.08
CA LYS F 4005 5.74 -60.42 0.03
C LYS F 4005 6.22 -61.36 -1.08
N LEU F 4006 6.28 -60.87 -2.32
CA LEU F 4006 6.64 -61.72 -3.45
C LEU F 4006 8.12 -62.01 -3.52
N ALA F 4007 8.97 -61.14 -2.96
CA ALA F 4007 10.40 -61.41 -2.98
C ALA F 4007 10.78 -62.63 -2.16
N GLN F 4008 9.88 -63.11 -1.30
CA GLN F 4008 10.20 -64.20 -0.39
C GLN F 4008 9.92 -65.58 -0.97
N ASP F 4009 9.43 -65.66 -2.21
CA ASP F 4009 9.22 -66.94 -2.88
C ASP F 4009 9.52 -66.77 -4.35
N SER F 4010 10.54 -67.48 -4.84
CA SER F 4010 10.94 -67.36 -6.24
C SER F 4010 9.89 -67.90 -7.21
N SER F 4011 8.88 -68.62 -6.72
CA SER F 4011 7.82 -69.09 -7.59
C SER F 4011 6.93 -67.96 -8.09
N GLN F 4012 7.06 -66.76 -7.54
CA GLN F 4012 6.26 -65.60 -7.94
C GLN F 4012 7.13 -64.52 -8.58
N ILE F 4013 8.24 -64.93 -9.19
CA ILE F 4013 9.17 -63.97 -9.76
C ILE F 4013 8.54 -63.26 -10.96
N GLU F 4014 7.74 -63.98 -11.76
CA GLU F 4014 7.08 -63.36 -12.89
C GLU F 4014 6.08 -62.29 -12.43
N LEU F 4015 5.31 -62.61 -11.39
CA LEU F 4015 4.38 -61.63 -10.85
C LEU F 4015 5.12 -60.43 -10.29
N LEU F 4016 6.26 -60.66 -9.63
CA LEU F 4016 7.05 -59.55 -9.12
C LEU F 4016 7.56 -58.67 -10.25
N LYS F 4017 8.02 -59.28 -11.34
CA LYS F 4017 8.48 -58.51 -12.49
C LYS F 4017 7.35 -57.66 -13.06
N GLU F 4018 6.16 -58.26 -13.21
CA GLU F 4018 5.03 -57.50 -13.72
C GLU F 4018 4.67 -56.35 -12.79
N LEU F 4019 4.70 -56.58 -11.48
CA LEU F 4019 4.40 -55.54 -10.52
C LEU F 4019 5.39 -54.39 -10.63
N LEU F 4020 6.68 -54.72 -10.74
CA LEU F 4020 7.69 -53.67 -10.86
C LEU F 4020 7.51 -52.87 -12.15
N ASP F 4021 7.18 -53.53 -13.25
CA ASP F 4021 6.92 -52.82 -14.49
C ASP F 4021 5.71 -51.89 -14.33
N LEU F 4022 4.68 -52.34 -13.62
CA LEU F 4022 3.53 -51.49 -13.37
C LEU F 4022 3.91 -50.26 -12.54
N GLN F 4023 4.77 -50.45 -11.54
CA GLN F 4023 5.28 -49.30 -10.79
C GLN F 4023 5.99 -48.33 -11.73
N LYS F 4024 6.78 -48.86 -12.66
CA LYS F 4024 7.46 -48.00 -13.61
C LYS F 4024 6.46 -47.20 -14.43
N ASP F 4025 5.37 -47.83 -14.86
CA ASP F 4025 4.36 -47.10 -15.62
C ASP F 4025 3.73 -45.99 -14.80
N MET F 4026 3.44 -46.27 -13.52
CA MET F 4026 2.86 -45.24 -12.66
C MET F 4026 3.83 -44.07 -12.48
N VAL F 4027 5.12 -44.37 -12.30
CA VAL F 4027 6.10 -43.30 -12.15
C VAL F 4027 6.23 -42.50 -13.43
N VAL F 4028 6.08 -43.17 -14.58
CA VAL F 4028 6.09 -42.44 -15.85
C VAL F 4028 4.91 -41.49 -15.91
N MET F 4029 3.75 -41.93 -15.42
CA MET F 4029 2.60 -41.03 -15.37
C MET F 4029 2.89 -39.82 -14.47
N LEU F 4030 3.52 -40.05 -13.32
CA LEU F 4030 3.87 -38.94 -12.44
C LEU F 4030 4.82 -37.97 -13.11
N LEU F 4031 5.84 -38.48 -13.82
CA LEU F 4031 6.75 -37.60 -14.53
C LEU F 4031 6.03 -36.81 -15.61
N SER F 4032 5.09 -37.45 -16.32
CA SER F 4032 4.28 -36.71 -17.28
C SER F 4032 3.51 -35.59 -16.60
N LEU F 4033 2.94 -35.85 -15.42
CA LEU F 4033 2.33 -34.78 -14.65
C LEU F 4033 3.30 -33.66 -14.34
N LEU F 4034 4.58 -33.98 -14.14
CA LEU F 4034 5.59 -32.98 -13.87
C LEU F 4034 6.07 -32.25 -15.12
N GLU F 4035 5.75 -32.74 -16.31
CA GLU F 4035 6.16 -32.05 -17.53
C GLU F 4035 5.76 -30.59 -17.48
N GLY F 4036 6.69 -29.70 -17.81
CA GLY F 4036 6.42 -28.27 -17.84
C GLY F 4036 6.40 -27.61 -16.49
N ASN F 4037 6.71 -28.33 -15.43
CA ASN F 4037 6.64 -27.78 -14.08
C ASN F 4037 7.71 -26.71 -13.88
N VAL F 4038 7.35 -25.67 -13.14
CA VAL F 4038 8.28 -24.62 -12.79
C VAL F 4038 8.77 -24.85 -11.37
N VAL F 4039 9.84 -24.13 -10.98
CA VAL F 4039 10.35 -24.26 -9.63
C VAL F 4039 9.27 -23.85 -8.64
N ASN F 4040 9.10 -24.67 -7.59
CA ASN F 4040 8.05 -24.47 -6.60
C ASN F 4040 6.67 -24.53 -7.22
N GLY F 4041 6.51 -25.35 -8.26
CA GLY F 4041 5.24 -25.45 -8.93
C GLY F 4041 4.19 -26.14 -8.07
N MET F 4042 2.92 -25.81 -8.36
CA MET F 4042 1.82 -26.36 -7.58
C MET F 4042 1.77 -27.89 -7.69
N ILE F 4043 1.96 -28.42 -8.89
CA ILE F 4043 1.88 -29.87 -9.07
C ILE F 4043 3.05 -30.55 -8.37
N ALA F 4044 4.24 -29.95 -8.43
CA ALA F 4044 5.39 -30.53 -7.72
C ALA F 4044 5.14 -30.54 -6.22
N ARG F 4045 4.60 -29.45 -5.67
CA ARG F 4045 4.32 -29.42 -4.24
C ARG F 4045 3.24 -30.42 -3.86
N GLN F 4046 2.22 -30.58 -4.71
CA GLN F 4046 1.22 -31.62 -4.45
C GLN F 4046 1.83 -33.01 -4.48
N MET F 4047 2.75 -33.26 -5.41
CA MET F 4047 3.41 -34.57 -5.47
C MET F 4047 4.25 -34.81 -4.22
N VAL F 4048 4.93 -33.78 -3.74
CA VAL F 4048 5.68 -33.93 -2.50
C VAL F 4048 4.75 -34.24 -1.34
N ASP F 4049 3.58 -33.57 -1.30
CA ASP F 4049 2.61 -33.86 -0.25
C ASP F 4049 2.11 -35.30 -0.35
N MET F 4050 1.87 -35.78 -1.57
CA MET F 4050 1.45 -37.15 -1.76
C MET F 4050 2.51 -38.13 -1.28
N LEU F 4051 3.77 -37.88 -1.61
CA LEU F 4051 4.83 -38.76 -1.14
C LEU F 4051 4.94 -38.74 0.38
N VAL F 4052 4.82 -37.56 0.98
CA VAL F 4052 4.87 -37.47 2.44
C VAL F 4052 3.70 -38.23 3.07
N GLU F 4053 2.53 -38.19 2.42
CA GLU F 4053 1.40 -38.96 2.90
C GLU F 4053 1.65 -40.45 2.79
N SER F 4054 2.39 -40.88 1.75
CA SER F 4054 2.76 -42.28 1.58
C SER F 4054 4.14 -42.58 2.14
N SER F 4055 4.63 -41.75 3.07
CA SER F 4055 6.01 -41.86 3.56
C SER F 4055 6.45 -43.30 3.83
N SER F 4056 5.70 -44.03 4.64
CA SER F 4056 6.16 -45.35 5.07
C SER F 4056 6.31 -46.29 3.89
N ASN F 4057 5.38 -46.26 2.94
CA ASN F 4057 5.46 -47.15 1.79
C ASN F 4057 6.58 -46.72 0.83
N VAL F 4058 6.77 -45.42 0.65
CA VAL F 4058 7.89 -44.94 -0.14
C VAL F 4058 9.20 -45.38 0.50
N GLU F 4059 9.29 -45.26 1.82
CA GLU F 4059 10.48 -45.73 2.53
C GLU F 4059 10.69 -47.22 2.33
N MET F 4060 9.60 -47.99 2.34
CA MET F 4060 9.71 -49.43 2.16
C MET F 4060 10.21 -49.79 0.76
N ILE F 4061 9.71 -49.10 -0.26
CA ILE F 4061 10.19 -49.35 -1.62
C ILE F 4061 11.66 -48.98 -1.76
N LEU F 4062 12.03 -47.81 -1.25
CA LEU F 4062 13.44 -47.41 -1.30
C LEU F 4062 14.32 -48.38 -0.54
N LYS F 4063 13.83 -48.90 0.58
CA LYS F 4063 14.61 -49.87 1.35
C LYS F 4063 14.76 -51.17 0.59
N PHE F 4064 13.73 -51.60 -0.13
CA PHE F 4064 13.86 -52.77 -0.99
C PHE F 4064 15.00 -52.59 -1.98
N PHE F 4065 14.97 -51.48 -2.73
CA PHE F 4065 16.02 -51.24 -3.73
C PHE F 4065 17.40 -51.17 -3.07
N ASP F 4066 17.52 -50.42 -1.98
CA ASP F 4066 18.80 -50.24 -1.32
C ASP F 4066 19.31 -51.57 -0.77
N MET F 4067 18.43 -52.37 -0.16
CA MET F 4067 18.83 -53.64 0.40
C MET F 4067 19.40 -54.55 -0.68
N PHE F 4068 18.74 -54.64 -1.82
CA PHE F 4068 19.24 -55.58 -2.82
C PHE F 4068 20.48 -55.06 -3.56
N LEU F 4069 20.59 -53.74 -3.75
CA LEU F 4069 21.85 -53.22 -4.28
C LEU F 4069 23.00 -53.51 -3.32
N LYS F 4070 22.79 -53.28 -2.02
CA LYS F 4070 23.82 -53.57 -1.04
C LYS F 4070 24.12 -55.06 -0.96
N LEU F 4071 23.12 -55.91 -1.16
CA LEU F 4071 23.38 -57.35 -1.18
C LEU F 4071 24.29 -57.71 -2.34
N LYS F 4072 24.02 -57.16 -3.53
CA LYS F 4072 24.90 -57.44 -4.66
C LYS F 4072 26.32 -56.95 -4.37
N ASP F 4073 26.44 -55.77 -3.75
CA ASP F 4073 27.77 -55.27 -3.44
C ASP F 4073 28.48 -56.16 -2.43
N ILE F 4074 27.77 -56.64 -1.42
CA ILE F 4074 28.39 -57.42 -0.36
C ILE F 4074 28.81 -58.80 -0.85
N VAL F 4075 27.94 -59.45 -1.64
CA VAL F 4075 28.21 -60.84 -2.02
C VAL F 4075 29.53 -60.93 -2.77
N GLY F 4076 29.91 -59.89 -3.49
CA GLY F 4076 31.20 -59.87 -4.16
C GLY F 4076 32.36 -59.46 -3.29
N SER F 4077 32.11 -59.10 -2.04
CA SER F 4077 33.20 -58.61 -1.16
C SER F 4077 34.11 -59.76 -0.75
N GLU F 4078 35.39 -59.48 -0.51
CA GLU F 4078 36.35 -60.52 -0.07
C GLU F 4078 35.92 -61.05 1.30
N ALA F 4079 35.48 -60.16 2.19
CA ALA F 4079 35.09 -60.58 3.56
C ALA F 4079 33.97 -61.62 3.49
N PHE F 4080 32.95 -61.36 2.66
CA PHE F 4080 31.80 -62.29 2.55
C PHE F 4080 32.31 -63.59 1.95
N GLN F 4081 33.12 -63.49 0.90
CA GLN F 4081 33.61 -64.71 0.21
C GLN F 4081 34.49 -65.52 1.18
N ASP F 4082 35.01 -64.90 2.23
CA ASP F 4082 35.78 -65.65 3.24
C ASP F 4082 34.83 -66.60 3.96
N TYR F 4083 33.61 -66.12 4.24
CA TYR F 4083 32.60 -66.98 4.90
C TYR F 4083 32.13 -68.01 3.89
N VAL F 4084 32.29 -67.74 2.59
CA VAL F 4084 31.91 -68.82 1.69
C VAL F 4084 33.09 -69.79 1.59
N THR F 4085 32.82 -71.08 1.83
CA THR F 4085 33.86 -72.10 1.82
C THR F 4085 33.50 -73.34 1.02
N ASP F 4086 32.23 -73.63 0.82
CA ASP F 4086 31.85 -74.87 0.17
C ASP F 4086 32.40 -74.91 -1.25
N PRO F 4087 32.89 -76.06 -1.72
CA PRO F 4087 33.45 -76.11 -3.08
C PRO F 4087 32.47 -75.67 -4.16
N ARG F 4088 31.18 -76.03 -4.01
CA ARG F 4088 30.21 -75.64 -5.03
C ARG F 4088 29.98 -74.14 -5.08
N GLY F 4089 30.38 -73.41 -4.05
CA GLY F 4089 30.12 -71.99 -3.98
C GLY F 4089 28.86 -71.62 -3.26
N LEU F 4090 28.20 -72.57 -2.59
CA LEU F 4090 26.99 -72.30 -1.83
C LEU F 4090 27.36 -72.02 -0.38
N ILE F 4091 26.66 -71.05 0.21
CA ILE F 4091 26.85 -70.68 1.60
C ILE F 4091 25.61 -71.09 2.38
N SER F 4092 25.82 -71.74 3.52
CA SER F 4092 24.71 -72.13 4.38
C SER F 4092 24.03 -70.89 4.94
N LYS F 4093 22.79 -71.07 5.40
CA LYS F 4093 22.07 -69.95 6.01
C LYS F 4093 22.82 -69.38 7.20
N LYS F 4094 23.48 -70.24 7.97
CA LYS F 4094 24.16 -69.79 9.18
C LYS F 4094 25.43 -69.01 8.84
N ASP F 4095 26.20 -69.49 7.87
CA ASP F 4095 27.36 -68.74 7.42
C ASP F 4095 26.94 -67.42 6.79
N PHE F 4096 25.81 -67.41 6.08
CA PHE F 4096 25.28 -66.17 5.52
C PHE F 4096 24.95 -65.18 6.63
N GLN F 4097 24.29 -65.66 7.68
CA GLN F 4097 23.99 -64.80 8.82
C GLN F 4097 25.27 -64.24 9.43
N LYS F 4098 26.27 -65.10 9.63
CA LYS F 4098 27.52 -64.65 10.22
C LYS F 4098 28.21 -63.61 9.35
N ALA F 4099 28.23 -63.86 8.04
CA ALA F 4099 28.88 -62.94 7.09
C ALA F 4099 28.17 -61.58 7.12
N MET F 4100 26.85 -61.60 7.03
CA MET F 4100 26.06 -60.35 6.99
C MET F 4100 26.30 -59.55 8.29
N ASP F 4101 26.32 -60.24 9.43
CA ASP F 4101 26.55 -59.56 10.73
C ASP F 4101 27.91 -58.86 10.68
N SER F 4102 28.93 -59.53 10.14
CA SER F 4102 30.30 -58.94 10.09
C SER F 4102 30.29 -57.65 9.27
N GLN F 4103 29.64 -57.67 8.10
CA GLN F 4103 29.63 -56.47 7.22
C GLN F 4103 28.95 -55.31 7.97
N LYS F 4104 28.05 -55.62 8.90
CA LYS F 4104 27.41 -54.56 9.74
C LYS F 4104 26.78 -53.48 8.85
N GLN F 4105 26.07 -53.90 7.78
CA GLN F 4105 25.37 -52.92 6.91
C GLN F 4105 23.86 -53.19 7.00
N PHE F 4106 23.48 -54.40 7.41
CA PHE F 4106 22.04 -54.75 7.50
C PHE F 4106 21.68 -54.96 8.96
N THR F 4107 20.42 -54.76 9.32
CA THR F 4107 19.96 -54.99 10.71
C THR F 4107 19.49 -56.43 10.84
N GLY F 4108 19.19 -56.88 12.06
CA GLY F 4108 18.79 -58.24 12.28
C GLY F 4108 17.54 -58.62 11.49
N PRO F 4109 16.51 -57.79 11.58
CA PRO F 4109 15.31 -58.03 10.75
C PRO F 4109 15.60 -58.03 9.26
N GLU F 4110 16.48 -57.15 8.81
CA GLU F 4110 16.83 -57.13 7.39
C GLU F 4110 17.53 -58.42 6.97
N ILE F 4111 18.43 -58.93 7.82
CA ILE F 4111 19.11 -60.18 7.52
C ILE F 4111 18.12 -61.33 7.53
N GLN F 4112 17.16 -61.31 8.44
CA GLN F 4112 16.13 -62.34 8.44
C GLN F 4112 15.31 -62.30 7.15
N PHE F 4113 14.95 -61.11 6.70
CA PHE F 4113 14.21 -60.98 5.44
C PHE F 4113 15.04 -61.49 4.27
N LEU F 4114 16.33 -61.16 4.25
CA LEU F 4114 17.20 -61.65 3.19
C LEU F 4114 17.31 -63.16 3.22
N LEU F 4115 17.40 -63.75 4.40
CA LEU F 4115 17.41 -65.21 4.50
C LEU F 4115 16.11 -65.80 3.99
N SER F 4116 14.98 -65.17 4.30
CA SER F 4116 13.70 -65.65 3.79
C SER F 4116 13.63 -65.59 2.27
N CYS F 4117 14.23 -64.56 1.67
CA CYS F 4117 14.27 -64.44 0.21
C CYS F 4117 15.36 -65.28 -0.44
N SER F 4118 16.30 -65.80 0.34
CA SER F 4118 17.47 -66.47 -0.22
C SER F 4118 17.13 -67.70 -1.03
N GLU F 4119 15.98 -68.35 -0.78
CA GLU F 4119 15.61 -69.58 -1.47
C GLU F 4119 16.61 -70.69 -1.18
N ALA F 4120 16.90 -70.91 0.10
CA ALA F 4120 17.82 -71.96 0.49
C ALA F 4120 17.24 -73.33 0.14
N ASP F 4121 18.13 -74.26 -0.18
CA ASP F 4121 17.73 -75.59 -0.62
C ASP F 4121 17.38 -76.44 0.61
N GLU F 4122 17.16 -77.74 0.38
CA GLU F 4122 16.78 -78.64 1.46
C GLU F 4122 17.87 -78.80 2.51
N ASN F 4123 19.12 -78.48 2.18
CA ASN F 4123 20.22 -78.52 3.13
C ASN F 4123 20.58 -77.14 3.67
N GLU F 4124 19.70 -76.15 3.48
CA GLU F 4124 19.91 -74.81 3.97
C GLU F 4124 21.13 -74.16 3.33
N MET F 4125 21.34 -74.45 2.04
CA MET F 4125 22.44 -73.88 1.27
C MET F 4125 21.91 -72.87 0.28
N ILE F 4126 22.56 -71.70 0.23
CA ILE F 4126 22.13 -70.59 -0.62
C ILE F 4126 23.13 -70.42 -1.75
N ASN F 4127 22.61 -70.21 -2.95
CA ASN F 4127 23.43 -69.87 -4.11
C ASN F 4127 23.55 -68.35 -4.14
N CYS F 4128 24.65 -67.84 -3.58
CA CYS F 4128 24.77 -66.40 -3.36
C CYS F 4128 24.76 -65.62 -4.67
N GLU F 4129 25.38 -66.16 -5.72
CA GLU F 4129 25.40 -65.44 -6.99
C GLU F 4129 23.99 -65.25 -7.53
N GLU F 4130 23.21 -66.32 -7.59
CA GLU F 4130 21.83 -66.23 -8.07
C GLU F 4130 21.01 -65.32 -7.16
N PHE F 4131 21.19 -65.43 -5.85
CA PHE F 4131 20.43 -64.59 -4.94
C PHE F 4131 20.73 -63.13 -5.17
N ALA F 4132 22.01 -62.78 -5.34
CA ALA F 4132 22.40 -61.40 -5.52
C ALA F 4132 22.01 -60.84 -6.88
N ASN F 4133 21.89 -61.69 -7.91
CA ASN F 4133 21.53 -61.21 -9.23
C ASN F 4133 20.05 -61.39 -9.58
N ARG F 4134 19.26 -61.99 -8.69
CA ARG F 4134 17.86 -62.27 -9.03
C ARG F 4134 17.07 -61.01 -9.32
N PHE F 4135 17.14 -60.02 -8.43
CA PHE F 4135 16.27 -58.85 -8.50
C PHE F 4135 16.91 -57.66 -9.20
N GLN F 4136 18.11 -57.81 -9.75
CA GLN F 4136 18.80 -56.66 -10.32
C GLN F 4136 18.12 -56.19 -11.60
N GLU F 4137 18.08 -57.04 -12.62
CA GLU F 4137 17.46 -56.63 -13.88
C GLU F 4137 15.98 -56.31 -13.71
N PRO F 4138 15.17 -57.12 -13.02
CA PRO F 4138 13.74 -56.79 -12.90
C PRO F 4138 13.48 -55.43 -12.29
N ALA F 4139 14.30 -54.98 -11.35
CA ALA F 4139 14.06 -53.76 -10.61
C ALA F 4139 14.82 -52.55 -11.16
N ARG F 4140 15.51 -52.71 -12.29
CA ARG F 4140 16.36 -51.62 -12.77
C ARG F 4140 15.52 -50.47 -13.33
N ASP F 4141 14.49 -50.80 -14.10
CA ASP F 4141 13.69 -49.75 -14.74
C ASP F 4141 12.98 -48.90 -13.70
N ILE F 4142 12.27 -49.54 -12.76
CA ILE F 4142 11.56 -48.80 -11.73
C ILE F 4142 12.56 -48.06 -10.84
N GLY F 4143 13.71 -48.67 -10.57
CA GLY F 4143 14.71 -47.98 -9.78
C GLY F 4143 15.21 -46.72 -10.44
N PHE F 4144 15.52 -46.80 -11.74
CA PHE F 4144 15.96 -45.61 -12.46
C PHE F 4144 14.87 -44.56 -12.49
N ASN F 4145 13.62 -44.96 -12.70
CA ASN F 4145 12.53 -43.99 -12.77
C ASN F 4145 12.28 -43.34 -11.42
N VAL F 4146 12.44 -44.10 -10.34
CA VAL F 4146 12.32 -43.52 -9.00
C VAL F 4146 13.44 -42.51 -8.77
N ALA F 4147 14.66 -42.85 -9.18
CA ALA F 4147 15.76 -41.90 -9.06
C ALA F 4147 15.48 -40.63 -9.85
N VAL F 4148 14.94 -40.78 -11.07
CA VAL F 4148 14.62 -39.62 -11.89
C VAL F 4148 13.54 -38.77 -11.23
N LEU F 4149 12.50 -39.41 -10.69
CA LEU F 4149 11.43 -38.67 -10.04
C LEU F 4149 11.95 -37.90 -8.85
N LEU F 4150 12.77 -38.55 -8.02
CA LEU F 4150 13.31 -37.87 -6.85
C LEU F 4150 14.22 -36.72 -7.25
N THR F 4151 15.06 -36.91 -8.27
CA THR F 4151 15.93 -35.83 -8.72
C THR F 4151 15.11 -34.66 -9.26
N ASN F 4152 14.10 -34.95 -10.07
CA ASN F 4152 13.25 -33.88 -10.62
C ASN F 4152 12.58 -33.10 -9.51
N LEU F 4153 11.93 -33.80 -8.57
CA LEU F 4153 11.25 -33.12 -7.48
C LEU F 4153 12.23 -32.34 -6.62
N SER F 4154 13.41 -32.90 -6.34
CA SER F 4154 14.39 -32.22 -5.53
C SER F 4154 14.87 -30.94 -6.19
N GLU F 4155 15.09 -30.97 -7.50
CA GLU F 4155 15.58 -29.79 -8.20
C GLU F 4155 14.48 -28.75 -8.44
N HIS F 4156 13.21 -29.14 -8.46
CA HIS F 4156 12.14 -28.18 -8.67
C HIS F 4156 11.42 -27.76 -7.39
N VAL F 4157 11.74 -28.37 -6.26
CA VAL F 4157 11.26 -27.91 -4.96
C VAL F 4157 12.47 -27.85 -4.03
N PRO F 4158 13.36 -26.87 -4.21
CA PRO F 4158 14.65 -26.93 -3.52
C PRO F 4158 14.55 -26.92 -2.01
N HIS F 4159 13.78 -25.99 -1.44
CA HIS F 4159 13.74 -25.83 0.01
C HIS F 4159 12.56 -26.57 0.63
N ASP F 4160 12.55 -27.89 0.51
CA ASP F 4160 11.54 -28.73 1.15
C ASP F 4160 12.22 -29.74 2.05
N PRO F 4161 12.23 -29.53 3.37
CA PRO F 4161 12.92 -30.50 4.24
C PRO F 4161 12.31 -31.89 4.19
N ARG F 4162 11.05 -32.02 3.81
CA ARG F 4162 10.42 -33.33 3.76
C ARG F 4162 11.02 -34.19 2.65
N LEU F 4163 11.40 -33.57 1.54
CA LEU F 4163 12.01 -34.31 0.44
C LEU F 4163 13.45 -34.72 0.76
N ARG F 4164 14.09 -34.00 1.67
CA ARG F 4164 15.47 -34.33 2.01
C ARG F 4164 15.59 -35.71 2.63
N ASN F 4165 14.61 -36.09 3.45
CA ASN F 4165 14.64 -37.42 4.05
C ASN F 4165 14.54 -38.50 3.00
N PHE F 4166 13.65 -38.32 2.01
CA PHE F 4166 13.53 -39.29 0.93
C PHE F 4166 14.83 -39.36 0.12
N LEU F 4167 15.44 -38.21 -0.16
CA LEU F 4167 16.70 -38.23 -0.89
C LEU F 4167 17.79 -38.95 -0.12
N GLU F 4168 17.87 -38.72 1.19
CA GLU F 4168 18.87 -39.40 2.01
C GLU F 4168 18.63 -40.91 2.00
N LEU F 4169 17.37 -41.32 2.10
CA LEU F 4169 17.04 -42.75 2.03
C LEU F 4169 17.31 -43.35 0.66
N ALA F 4170 17.27 -42.54 -0.41
CA ALA F 4170 17.54 -43.02 -1.75
C ALA F 4170 18.97 -42.74 -2.18
N GLU F 4171 19.84 -42.31 -1.26
CA GLU F 4171 21.22 -42.01 -1.61
C GLU F 4171 21.86 -43.14 -2.40
N SER F 4172 21.70 -44.38 -1.94
CA SER F 4172 22.34 -45.51 -2.62
C SER F 4172 21.83 -45.66 -4.04
N ILE F 4173 20.51 -45.56 -4.23
CA ILE F 4173 19.94 -45.66 -5.57
C ILE F 4173 20.44 -44.51 -6.44
N LEU F 4174 20.46 -43.29 -5.90
CA LEU F 4174 20.91 -42.15 -6.68
C LEU F 4174 22.38 -42.30 -7.07
N GLU F 4175 23.22 -42.77 -6.14
CA GLU F 4175 24.62 -42.98 -6.47
C GLU F 4175 24.78 -44.07 -7.52
N TYR F 4176 24.00 -45.15 -7.41
CA TYR F 4176 24.11 -46.23 -8.39
C TYR F 4176 23.70 -45.77 -9.78
N PHE F 4177 22.64 -44.97 -9.88
CA PHE F 4177 22.13 -44.52 -11.17
C PHE F 4177 22.72 -43.20 -11.62
N ARG F 4178 23.66 -42.63 -10.87
CA ARG F 4178 24.27 -41.37 -11.28
C ARG F 4178 24.88 -41.43 -12.67
N PRO F 4179 25.70 -42.43 -13.02
CA PRO F 4179 26.30 -42.44 -14.36
C PRO F 4179 25.28 -42.57 -15.48
N TYR F 4180 24.06 -43.00 -15.18
CA TYR F 4180 23.04 -43.20 -16.20
C TYR F 4180 21.95 -42.14 -16.22
N LEU F 4181 21.91 -41.26 -15.24
CA LEU F 4181 20.89 -40.21 -15.18
C LEU F 4181 21.37 -39.02 -15.98
N GLY F 4182 21.13 -39.03 -17.29
CA GLY F 4182 21.52 -37.91 -18.12
C GLY F 4182 20.58 -36.73 -17.91
N ARG F 4183 21.17 -35.53 -17.95
CA ARG F 4183 20.44 -34.31 -17.67
C ARG F 4183 20.86 -33.24 -18.67
N ILE F 4184 19.88 -32.59 -19.30
CA ILE F 4184 20.15 -31.48 -20.20
C ILE F 4184 19.14 -30.38 -19.93
N GLU F 4185 19.38 -29.22 -20.56
CA GLU F 4185 18.46 -28.10 -20.50
C GLU F 4185 18.13 -27.65 -21.91
N ILE F 4186 16.87 -27.31 -22.15
CA ILE F 4186 16.42 -26.87 -23.46
C ILE F 4186 15.52 -25.66 -23.32
N MET F 4187 15.35 -24.94 -24.42
CA MET F 4187 14.35 -23.88 -24.52
C MET F 4187 13.07 -24.53 -25.05
N GLY F 4188 12.12 -24.79 -24.16
CA GLY F 4188 10.94 -25.55 -24.51
C GLY F 4188 9.90 -24.74 -25.25
N ALA F 4189 8.78 -25.41 -25.54
CA ALA F 4189 7.69 -24.75 -26.26
C ALA F 4189 7.06 -23.65 -25.42
N SER F 4190 7.18 -23.73 -24.10
CA SER F 4190 6.61 -22.72 -23.23
C SER F 4190 7.43 -21.45 -23.17
N ARG F 4191 8.49 -21.33 -23.97
CA ARG F 4191 9.39 -20.19 -23.98
C ARG F 4191 10.23 -20.10 -22.71
N ARG F 4192 10.23 -21.15 -21.89
CA ARG F 4192 11.01 -21.20 -20.67
C ARG F 4192 12.08 -22.26 -20.81
N ILE F 4193 13.17 -22.10 -20.03
CA ILE F 4193 14.18 -23.14 -19.95
C ILE F 4193 13.65 -24.29 -19.12
N GLU F 4194 13.74 -25.50 -19.66
CA GLU F 4194 13.28 -26.70 -18.98
C GLU F 4194 14.42 -27.69 -18.85
N ARG F 4195 14.44 -28.40 -17.72
CA ARG F 4195 15.42 -29.45 -17.50
C ARG F 4195 14.81 -30.79 -17.88
N ILE F 4196 15.57 -31.58 -18.64
CA ILE F 4196 15.13 -32.87 -19.14
C ILE F 4196 16.03 -33.94 -18.57
N TYR F 4197 15.42 -34.99 -18.02
CA TYR F 4197 16.11 -36.13 -17.45
C TYR F 4197 15.84 -37.35 -18.32
N PHE F 4198 16.89 -38.11 -18.61
CA PHE F 4198 16.75 -39.28 -19.47
C PHE F 4198 17.80 -40.31 -19.07
N GLU F 4199 17.77 -41.45 -19.76
CA GLU F 4199 18.65 -42.56 -19.44
C GLU F 4199 19.78 -42.64 -20.45
N ILE F 4200 21.01 -42.68 -19.96
CA ILE F 4200 22.19 -42.91 -20.77
C ILE F 4200 22.55 -44.38 -20.66
N SER F 4201 22.63 -45.06 -21.80
CA SER F 4201 22.97 -46.47 -21.78
C SER F 4201 24.45 -46.67 -21.48
N GLU F 4202 24.76 -47.80 -20.84
CA GLU F 4202 26.15 -48.10 -20.49
C GLU F 4202 27.01 -48.22 -21.74
N THR F 4203 26.47 -48.86 -22.79
CA THR F 4203 27.22 -48.97 -24.03
C THR F 4203 27.48 -47.60 -24.64
N ASN F 4204 26.47 -46.72 -24.61
CA ASN F 4204 26.66 -45.37 -25.13
C ASN F 4204 27.76 -44.64 -24.38
N ARG F 4205 27.74 -44.71 -23.04
CA ARG F 4205 28.78 -44.03 -22.27
C ARG F 4205 30.17 -44.61 -22.56
N ALA F 4206 30.27 -45.94 -22.66
CA ALA F 4206 31.57 -46.54 -22.94
C ALA F 4206 32.08 -46.11 -24.31
N GLN F 4207 31.21 -46.14 -25.31
CA GLN F 4207 31.61 -45.72 -26.65
C GLN F 4207 32.05 -44.27 -26.66
N TRP F 4208 31.35 -43.41 -25.91
CA TRP F 4208 31.77 -42.02 -25.80
C TRP F 4208 33.14 -41.91 -25.15
N GLU F 4209 33.40 -42.73 -24.14
CA GLU F 4209 34.66 -42.67 -23.42
C GLU F 4209 35.82 -43.34 -24.17
N MET F 4210 35.55 -44.03 -25.26
CA MET F 4210 36.64 -44.61 -26.04
C MET F 4210 37.61 -43.51 -26.45
N PRO F 4211 38.92 -43.74 -26.37
CA PRO F 4211 39.87 -42.63 -26.58
C PRO F 4211 39.80 -41.99 -27.96
N GLN F 4212 39.47 -42.76 -29.00
CA GLN F 4212 39.36 -42.17 -30.33
C GLN F 4212 38.27 -41.11 -30.37
N VAL F 4213 37.13 -41.40 -29.73
CA VAL F 4213 36.05 -40.42 -29.66
C VAL F 4213 36.51 -39.19 -28.89
N LYS F 4214 37.31 -39.38 -27.85
CA LYS F 4214 37.83 -38.24 -27.09
C LYS F 4214 38.73 -37.37 -27.96
N GLU F 4215 39.59 -37.99 -28.77
CA GLU F 4215 40.43 -37.22 -29.68
C GLU F 4215 39.59 -36.46 -30.70
N SER F 4216 38.57 -37.11 -31.24
CA SER F 4216 37.68 -36.43 -32.17
C SER F 4216 36.99 -35.24 -31.51
N LYS F 4217 36.54 -35.42 -30.26
CA LYS F 4217 35.90 -34.33 -29.55
C LYS F 4217 36.87 -33.17 -29.34
N ARG F 4218 38.10 -33.46 -28.95
CA ARG F 4218 39.08 -32.40 -28.76
C ARG F 4218 39.33 -31.64 -30.07
N GLN F 4219 39.47 -32.38 -31.18
CA GLN F 4219 39.68 -31.73 -32.46
C GLN F 4219 38.49 -30.85 -32.83
N PHE F 4220 37.27 -31.35 -32.62
CA PHE F 4220 36.08 -30.58 -32.96
C PHE F 4220 36.00 -29.32 -32.11
N ILE F 4221 36.28 -29.44 -30.81
CA ILE F 4221 36.23 -28.28 -29.93
C ILE F 4221 37.25 -27.25 -30.36
N PHE F 4222 38.48 -27.69 -30.67
CA PHE F 4222 39.48 -26.76 -31.16
C PHE F 4222 38.99 -26.04 -32.40
N ASP F 4223 38.44 -26.79 -33.36
CA ASP F 4223 37.98 -26.18 -34.61
C ASP F 4223 36.91 -25.13 -34.33
N VAL F 4224 35.87 -25.50 -33.58
CA VAL F 4224 34.78 -24.56 -33.36
C VAL F 4224 35.26 -23.32 -32.62
N VAL F 4225 36.08 -23.50 -31.58
CA VAL F 4225 36.50 -22.35 -30.80
C VAL F 4225 37.45 -21.46 -31.60
N ASN F 4226 38.23 -22.03 -32.51
CA ASN F 4226 39.24 -21.25 -33.22
C ASN F 4226 38.67 -20.59 -34.48
N GLU F 4227 38.17 -21.38 -35.43
CA GLU F 4227 37.75 -20.85 -36.72
C GLU F 4227 36.24 -20.75 -36.89
N GLY F 4228 35.46 -21.51 -36.13
CA GLY F 4228 34.02 -21.46 -36.28
C GLY F 4228 33.42 -20.17 -35.77
N GLY F 4229 32.23 -19.87 -36.28
CA GLY F 4229 31.49 -18.71 -35.86
C GLY F 4229 30.39 -19.07 -34.87
N GLU F 4230 29.90 -18.05 -34.16
CA GLU F 4230 28.89 -18.29 -33.15
C GLU F 4230 27.55 -18.68 -33.77
N SER F 4231 27.23 -18.13 -34.94
CA SER F 4231 25.93 -18.40 -35.55
C SER F 4231 25.77 -19.87 -35.91
N GLU F 4232 26.84 -20.52 -36.36
CA GLU F 4232 26.78 -21.91 -36.82
C GLU F 4232 27.32 -22.89 -35.78
N LYS F 4233 27.54 -22.44 -34.54
CA LYS F 4233 28.15 -23.31 -33.55
C LYS F 4233 27.29 -24.54 -33.29
N MET F 4234 25.98 -24.35 -33.11
CA MET F 4234 25.12 -25.49 -32.79
C MET F 4234 24.94 -26.40 -33.99
N GLU F 4235 24.89 -25.84 -35.21
CA GLU F 4235 24.84 -26.70 -36.39
C GLU F 4235 26.09 -27.56 -36.50
N MET F 4236 27.26 -26.96 -36.26
CA MET F 4236 28.49 -27.73 -36.30
C MET F 4236 28.53 -28.78 -35.20
N PHE F 4237 28.00 -28.44 -34.02
CA PHE F 4237 27.94 -29.41 -32.93
C PHE F 4237 27.06 -30.60 -33.30
N VAL F 4238 25.90 -30.33 -33.90
CA VAL F 4238 25.01 -31.43 -34.28
C VAL F 4238 25.65 -32.27 -35.37
N SER F 4239 26.35 -31.63 -36.31
CA SER F 4239 27.07 -32.39 -37.33
C SER F 4239 28.13 -33.28 -36.71
N PHE F 4240 28.84 -32.75 -35.71
CA PHE F 4240 29.84 -33.57 -35.01
C PHE F 4240 29.18 -34.73 -34.30
N CYS F 4241 28.00 -34.51 -33.71
CA CYS F 4241 27.28 -35.60 -33.05
C CYS F 4241 26.90 -36.68 -34.05
N GLU F 4242 26.41 -36.28 -35.23
CA GLU F 4242 26.08 -37.27 -36.26
C GLU F 4242 27.31 -38.07 -36.68
N ASP F 4243 28.42 -37.38 -36.93
CA ASP F 4243 29.65 -38.07 -37.31
C ASP F 4243 30.10 -39.02 -36.21
N THR F 4244 30.01 -38.58 -34.96
CA THR F 4244 30.40 -39.43 -33.84
C THR F 4244 29.53 -40.66 -33.74
N ILE F 4245 28.22 -40.52 -33.97
CA ILE F 4245 27.34 -41.68 -33.96
C ILE F 4245 27.75 -42.67 -35.04
N PHE F 4246 28.04 -42.16 -36.24
CA PHE F 4246 28.45 -43.05 -37.32
C PHE F 4246 29.76 -43.75 -36.98
N GLU F 4247 30.72 -43.01 -36.42
CA GLU F 4247 32.00 -43.61 -36.06
C GLU F 4247 31.84 -44.64 -34.94
N MET F 4248 30.93 -44.39 -34.01
CA MET F 4248 30.64 -45.38 -32.98
C MET F 4248 30.08 -46.66 -33.60
N GLN F 4249 29.20 -46.51 -34.59
CA GLN F 4249 28.69 -47.70 -35.28
C GLN F 4249 29.83 -48.46 -35.95
N ILE F 4250 30.74 -47.74 -36.60
CA ILE F 4250 31.87 -48.39 -37.27
C ILE F 4250 32.72 -49.14 -36.25
N ALA F 4251 33.02 -48.50 -35.11
CA ALA F 4251 33.83 -49.13 -34.09
C ALA F 4251 33.16 -50.37 -33.54
N ALA F 4252 31.84 -50.30 -33.29
CA ALA F 4252 31.12 -51.46 -32.82
C ALA F 4252 31.17 -52.59 -33.85
N GLN F 4253 31.04 -52.25 -35.13
CA GLN F 4253 31.11 -53.27 -36.16
C GLN F 4253 32.47 -53.96 -36.19
N ILE F 4254 33.56 -53.19 -36.06
CA ILE F 4254 34.90 -53.79 -36.14
C ILE F 4254 35.36 -54.35 -34.81
N SER F 4255 34.61 -54.17 -33.73
CA SER F 4255 35.04 -54.70 -32.44
C SER F 4255 35.11 -56.21 -32.47
N GLU F 4256 36.06 -56.76 -31.72
CA GLU F 4256 36.25 -58.20 -31.68
C GLU F 4256 35.00 -58.88 -31.12
N PRO F 4257 34.56 -60.02 -31.68
CA PRO F 4257 33.36 -60.69 -31.16
C PRO F 4257 33.58 -61.26 -29.76
N PHE F 4538 31.56 -73.09 -49.50
CA PHE F 4538 32.85 -72.44 -49.26
C PHE F 4538 32.66 -70.93 -49.13
N TRP F 4539 31.61 -70.41 -49.77
CA TRP F 4539 31.38 -68.97 -49.78
C TRP F 4539 31.17 -68.44 -48.37
N GLY F 4540 30.40 -69.15 -47.55
CA GLY F 4540 30.13 -68.68 -46.21
C GLY F 4540 31.39 -68.57 -45.36
N GLU F 4541 32.21 -69.62 -45.37
CA GLU F 4541 33.44 -69.61 -44.59
C GLU F 4541 34.41 -68.56 -45.13
N LEU F 4542 34.51 -68.43 -46.46
CA LEU F 4542 35.39 -67.43 -47.03
C LEU F 4542 34.95 -66.03 -46.64
N GLU F 4543 33.64 -65.77 -46.66
CA GLU F 4543 33.13 -64.47 -46.24
C GLU F 4543 33.43 -64.21 -44.77
N VAL F 4544 33.26 -65.23 -43.93
CA VAL F 4544 33.53 -65.07 -42.50
C VAL F 4544 34.99 -64.70 -42.30
N GLN F 4545 35.89 -65.42 -42.96
CA GLN F 4545 37.32 -65.15 -42.82
C GLN F 4545 37.66 -63.77 -43.35
N ARG F 4546 37.07 -63.38 -44.48
CA ARG F 4546 37.33 -62.06 -45.04
C ARG F 4546 36.91 -60.96 -44.07
N VAL F 4547 35.71 -61.10 -43.49
CA VAL F 4547 35.23 -60.10 -42.54
C VAL F 4547 36.13 -60.05 -41.32
N LYS F 4548 36.54 -61.21 -40.81
CA LYS F 4548 37.43 -61.22 -39.65
C LYS F 4548 38.75 -60.54 -39.96
N PHE F 4549 39.32 -60.81 -41.13
CA PHE F 4549 40.60 -60.20 -41.51
C PHE F 4549 40.47 -58.69 -41.65
N LEU F 4550 39.40 -58.23 -42.31
CA LEU F 4550 39.21 -56.80 -42.49
C LEU F 4550 38.98 -56.11 -41.16
N ASN F 4551 38.23 -56.75 -40.26
CA ASN F 4551 38.01 -56.18 -38.93
C ASN F 4551 39.32 -56.09 -38.17
N TYR F 4552 40.17 -57.12 -38.28
CA TYR F 4552 41.47 -57.08 -37.62
C TYR F 4552 42.31 -55.93 -38.15
N LEU F 4553 42.33 -55.76 -39.47
CA LEU F 4553 43.09 -54.67 -40.06
C LEU F 4553 42.57 -53.31 -39.60
N SER F 4554 41.25 -53.13 -39.59
CA SER F 4554 40.69 -51.87 -39.13
C SER F 4554 41.02 -51.61 -37.67
N ARG F 4555 40.94 -52.65 -36.84
CA ARG F 4555 41.25 -52.52 -35.43
C ARG F 4555 42.71 -52.15 -35.19
N ASN F 4556 43.64 -52.69 -35.98
CA ASN F 4556 45.06 -52.46 -35.78
C ASN F 4556 45.65 -51.57 -36.86
N PHE F 4557 44.85 -50.68 -37.43
CA PHE F 4557 45.35 -49.77 -38.46
C PHE F 4557 46.54 -48.96 -37.97
N TYR F 4558 46.40 -48.31 -36.80
CA TYR F 4558 47.47 -47.44 -36.32
C TYR F 4558 48.71 -48.24 -35.95
N THR F 4559 48.52 -49.41 -35.34
CA THR F 4559 49.66 -50.28 -35.06
C THR F 4559 50.39 -50.66 -36.34
N LEU F 4560 49.64 -50.89 -37.42
CA LEU F 4560 50.26 -51.20 -38.69
C LEU F 4560 51.07 -50.02 -39.23
N ARG F 4561 50.57 -48.81 -39.05
CA ARG F 4561 51.32 -47.62 -39.47
C ARG F 4561 52.61 -47.49 -38.68
N PHE F 4562 52.55 -47.71 -37.37
CA PHE F 4562 53.76 -47.65 -36.57
C PHE F 4562 54.75 -48.74 -37.01
N LEU F 4563 54.23 -49.93 -37.32
CA LEU F 4563 55.10 -51.01 -37.80
C LEU F 4563 55.76 -50.63 -39.12
N ALA F 4564 55.01 -49.96 -40.01
CA ALA F 4564 55.60 -49.49 -41.26
C ALA F 4564 56.72 -48.51 -41.00
N LEU F 4565 56.51 -47.57 -40.06
CA LEU F 4565 57.56 -46.63 -39.72
C LEU F 4565 58.79 -47.35 -39.19
N PHE F 4566 58.60 -48.32 -38.31
CA PHE F 4566 59.71 -49.07 -37.75
C PHE F 4566 60.47 -49.83 -38.83
N LEU F 4567 59.73 -50.45 -39.75
CA LEU F 4567 60.37 -51.18 -40.83
C LEU F 4567 61.16 -50.25 -41.74
N ALA F 4568 60.62 -49.06 -42.02
CA ALA F 4568 61.35 -48.09 -42.83
C ALA F 4568 62.65 -47.69 -42.13
N PHE F 4569 62.59 -47.45 -40.82
CA PHE F 4569 63.80 -47.10 -40.09
C PHE F 4569 64.83 -48.22 -40.13
N ALA F 4570 64.38 -49.47 -39.96
CA ALA F 4570 65.30 -50.60 -40.02
C ALA F 4570 65.93 -50.73 -41.41
N ILE F 4571 65.12 -50.57 -42.45
CA ILE F 4571 65.64 -50.66 -43.82
C ILE F 4571 66.69 -49.60 -44.06
N ASN F 4572 66.44 -48.37 -43.61
CA ASN F 4572 67.40 -47.31 -43.84
C ASN F 4572 68.66 -47.49 -42.98
N PHE F 4573 68.51 -48.03 -41.77
CA PHE F 4573 69.69 -48.35 -40.99
C PHE F 4573 70.57 -49.37 -41.72
N ILE F 4574 69.94 -50.37 -42.33
CA ILE F 4574 70.72 -51.31 -43.14
C ILE F 4574 71.35 -50.61 -44.33
N LEU F 4575 70.58 -49.74 -45.00
CA LEU F 4575 71.11 -49.03 -46.16
C LEU F 4575 72.30 -48.17 -45.80
N LEU F 4576 72.43 -47.76 -44.54
CA LEU F 4576 73.59 -46.98 -44.13
C LEU F 4576 74.90 -47.73 -44.33
N PHE F 4577 74.86 -49.05 -44.50
CA PHE F 4577 76.05 -49.85 -44.69
C PHE F 4577 76.37 -50.12 -46.16
N TYR F 4578 75.69 -49.44 -47.08
CA TYR F 4578 75.94 -49.62 -48.49
C TYR F 4578 77.30 -49.05 -48.88
N LYS F 4579 77.84 -49.56 -49.99
CA LYS F 4579 79.16 -49.18 -50.47
C LYS F 4579 79.17 -49.30 -51.98
N VAL F 4580 80.07 -48.54 -52.60
CA VAL F 4580 80.22 -48.53 -54.05
C VAL F 4580 81.65 -48.91 -54.39
N SER F 4581 81.81 -49.66 -55.48
CA SER F 4581 83.13 -50.13 -55.88
C SER F 4581 83.17 -50.27 -57.39
N ASP F 4582 84.39 -50.34 -57.93
CA ASP F 4582 84.58 -50.54 -59.36
C ASP F 4582 84.68 -52.01 -59.73
N SER F 4583 84.94 -52.89 -58.76
CA SER F 4583 84.97 -54.33 -58.98
C SER F 4583 83.76 -54.99 -58.35
N PRO F 4584 83.30 -56.13 -58.88
CA PRO F 4584 82.15 -56.79 -58.28
C PRO F 4584 82.47 -57.26 -56.87
N PRO F 4585 81.45 -57.38 -56.00
CA PRO F 4585 81.67 -57.80 -54.62
C PRO F 4585 82.49 -59.08 -54.49
N ASN F 4624 83.39 -50.18 -67.09
CA ASN F 4624 83.66 -49.21 -66.03
C ASN F 4624 82.42 -49.02 -65.15
N MET F 4625 81.52 -50.00 -65.18
CA MET F 4625 80.31 -49.94 -64.37
C MET F 4625 80.66 -50.04 -62.89
N VAL F 4626 79.81 -49.44 -62.06
CA VAL F 4626 80.02 -49.41 -60.62
C VAL F 4626 79.03 -50.36 -59.95
N TYR F 4627 79.48 -51.03 -58.90
CA TYR F 4627 78.69 -52.01 -58.17
C TYR F 4627 78.36 -51.44 -56.80
N TYR F 4628 77.08 -51.49 -56.44
CA TYR F 4628 76.60 -51.12 -55.11
C TYR F 4628 76.31 -52.39 -54.33
N PHE F 4629 76.88 -52.50 -53.14
CA PHE F 4629 76.66 -53.69 -52.31
C PHE F 4629 76.87 -53.33 -50.84
N LEU F 4630 76.29 -54.15 -49.98
CA LEU F 4630 76.43 -53.98 -48.54
C LEU F 4630 77.78 -54.51 -48.07
N GLU F 4631 78.40 -53.78 -47.16
CA GLU F 4631 79.69 -54.17 -46.57
C GLU F 4631 79.46 -54.36 -45.07
N GLU F 4632 79.16 -55.60 -44.68
CA GLU F 4632 78.93 -55.94 -43.29
C GLU F 4632 79.63 -57.26 -42.99
N SER F 4633 80.15 -57.39 -41.76
CA SER F 4633 80.91 -58.58 -41.40
C SER F 4633 79.97 -59.76 -41.11
N THR F 4634 78.81 -59.49 -40.51
CA THR F 4634 77.92 -60.59 -40.11
C THR F 4634 77.46 -61.39 -41.32
N GLY F 4635 77.09 -60.71 -42.39
CA GLY F 4635 76.54 -61.37 -43.56
C GLY F 4635 75.06 -61.65 -43.48
N TYR F 4636 74.40 -61.29 -42.39
CA TYR F 4636 72.96 -61.47 -42.26
C TYR F 4636 72.16 -60.25 -42.67
N MET F 4637 72.82 -59.13 -43.00
CA MET F 4637 72.09 -57.91 -43.29
C MET F 4637 71.36 -57.99 -44.62
N GLU F 4638 72.02 -58.53 -45.65
CA GLU F 4638 71.41 -58.57 -46.97
C GLU F 4638 70.14 -59.40 -47.00
N PRO F 4639 70.12 -60.64 -46.50
CA PRO F 4639 68.84 -61.35 -46.38
C PRO F 4639 67.85 -60.61 -45.50
N ALA F 4640 68.35 -59.99 -44.43
CA ALA F 4640 67.49 -59.17 -43.58
C ALA F 4640 66.92 -58.01 -44.38
N LEU F 4641 67.71 -57.40 -45.24
CA LEU F 4641 67.21 -56.32 -46.07
C LEU F 4641 66.09 -56.81 -46.98
N ARG F 4642 66.29 -57.96 -47.63
CA ARG F 4642 65.24 -58.50 -48.49
C ARG F 4642 63.95 -58.73 -47.71
N CYS F 4643 64.07 -59.41 -46.56
CA CYS F 4643 62.90 -59.74 -45.77
C CYS F 4643 62.18 -58.49 -45.30
N LEU F 4644 62.95 -57.50 -44.83
CA LEU F 4644 62.34 -56.26 -44.34
C LEU F 4644 61.67 -55.50 -45.46
N SER F 4645 62.25 -55.50 -46.66
CA SER F 4645 61.61 -54.83 -47.78
C SER F 4645 60.28 -55.48 -48.14
N LEU F 4646 60.26 -56.82 -48.21
CA LEU F 4646 59.01 -57.50 -48.49
C LEU F 4646 57.97 -57.23 -47.40
N LEU F 4647 58.39 -57.27 -46.14
CA LEU F 4647 57.47 -57.01 -45.05
C LEU F 4647 56.94 -55.59 -45.12
N HIS F 4648 57.79 -54.62 -45.47
CA HIS F 4648 57.35 -53.24 -45.56
C HIS F 4648 56.31 -53.07 -46.65
N THR F 4649 56.54 -53.68 -47.81
CA THR F 4649 55.54 -53.59 -48.87
C THR F 4649 54.22 -54.21 -48.44
N LEU F 4650 54.29 -55.38 -47.79
CA LEU F 4650 53.07 -56.03 -47.31
C LEU F 4650 52.34 -55.14 -46.32
N VAL F 4651 53.08 -54.53 -45.39
CA VAL F 4651 52.46 -53.71 -44.36
C VAL F 4651 51.85 -52.46 -44.96
N ALA F 4652 52.49 -51.89 -45.99
CA ALA F 4652 51.91 -50.73 -46.66
C ALA F 4652 50.58 -51.10 -47.33
N PHE F 4653 50.54 -52.25 -48.00
CA PHE F 4653 49.28 -52.69 -48.60
C PHE F 4653 48.21 -52.90 -47.53
N LEU F 4654 48.60 -53.52 -46.41
CA LEU F 4654 47.64 -53.75 -45.34
C LEU F 4654 47.16 -52.44 -44.74
N CYS F 4655 48.04 -51.44 -44.66
CA CYS F 4655 47.63 -50.13 -44.17
C CYS F 4655 46.61 -49.49 -45.11
N ILE F 4656 46.82 -49.62 -46.42
CA ILE F 4656 45.84 -49.10 -47.36
C ILE F 4656 44.49 -49.77 -47.14
N ILE F 4657 44.49 -51.09 -47.01
CA ILE F 4657 43.23 -51.81 -46.81
C ILE F 4657 42.57 -51.38 -45.52
N GLY F 4658 43.35 -51.26 -44.44
CA GLY F 4658 42.80 -50.85 -43.16
C GLY F 4658 42.21 -49.47 -43.21
N TYR F 4659 42.88 -48.53 -43.87
CA TYR F 4659 42.31 -47.20 -44.05
C TYR F 4659 41.00 -47.28 -44.82
N ASN F 4660 40.98 -48.03 -45.92
CA ASN F 4660 39.75 -48.15 -46.70
C ASN F 4660 38.61 -48.70 -45.86
N CYS F 4661 38.90 -49.62 -44.94
CA CYS F 4661 37.86 -50.24 -44.13
C CYS F 4661 37.51 -49.45 -42.88
N LEU F 4662 38.34 -48.49 -42.46
CA LEU F 4662 38.11 -47.78 -41.22
C LEU F 4662 37.72 -46.32 -41.43
N LYS F 4663 38.46 -45.57 -42.23
CA LYS F 4663 38.27 -44.13 -42.35
C LYS F 4663 37.42 -43.73 -43.56
N VAL F 4664 37.51 -44.47 -44.66
CA VAL F 4664 36.74 -44.13 -45.84
C VAL F 4664 35.24 -44.06 -45.55
N PRO F 4665 34.66 -44.96 -44.74
CA PRO F 4665 33.22 -44.90 -44.49
C PRO F 4665 32.77 -43.55 -43.96
N LEU F 4666 33.56 -42.92 -43.09
CA LEU F 4666 33.17 -41.61 -42.57
C LEU F 4666 33.28 -40.54 -43.64
N VAL F 4667 34.27 -40.65 -44.52
CA VAL F 4667 34.39 -39.69 -45.63
C VAL F 4667 33.15 -39.77 -46.51
N ILE F 4668 32.75 -40.99 -46.87
CA ILE F 4668 31.56 -41.15 -47.70
C ILE F 4668 30.32 -40.68 -46.96
N PHE F 4669 30.25 -40.96 -45.66
CA PHE F 4669 29.11 -40.52 -44.86
C PHE F 4669 28.99 -39.01 -44.88
N LYS F 4670 30.10 -38.29 -44.67
CA LYS F 4670 30.05 -36.84 -44.69
C LYS F 4670 29.68 -36.32 -46.07
N ARG F 4671 30.25 -36.89 -47.13
CA ARG F 4671 29.93 -36.42 -48.47
C ARG F 4671 28.44 -36.61 -48.76
N GLU F 4672 27.89 -37.79 -48.46
CA GLU F 4672 26.48 -38.06 -48.71
C GLU F 4672 25.60 -37.16 -47.86
N LYS F 4673 25.96 -36.95 -46.60
CA LYS F 4673 25.18 -36.09 -45.73
C LYS F 4673 25.12 -34.67 -46.27
N GLU F 4674 26.26 -34.12 -46.67
CA GLU F 4674 26.28 -32.77 -47.21
C GLU F 4674 25.48 -32.69 -48.50
N LEU F 4675 25.62 -33.70 -49.37
CA LEU F 4675 24.86 -33.69 -50.61
C LEU F 4675 23.36 -33.71 -50.34
N ALA F 4676 22.93 -34.55 -49.40
CA ALA F 4676 21.50 -34.64 -49.07
C ALA F 4676 20.99 -33.32 -48.52
N ARG F 4677 21.74 -32.71 -47.61
CA ARG F 4677 21.29 -31.44 -47.04
C ARG F 4677 21.21 -30.35 -48.10
N LYS F 4678 22.20 -30.29 -48.98
CA LYS F 4678 22.16 -29.28 -50.05
C LYS F 4678 21.02 -29.55 -51.03
N LEU F 4679 20.73 -30.81 -51.31
CA LEU F 4679 19.59 -31.14 -52.17
C LEU F 4679 18.28 -30.70 -51.56
N GLU F 4680 18.08 -30.98 -50.27
CA GLU F 4680 16.77 -30.75 -49.66
C GLU F 4680 16.57 -29.30 -49.26
N PHE F 4681 17.48 -28.75 -48.46
CA PHE F 4681 17.29 -27.42 -47.90
C PHE F 4681 17.87 -26.30 -48.75
N ASP F 4682 18.56 -26.62 -49.85
CA ASP F 4682 19.08 -25.59 -50.74
C ASP F 4682 18.68 -25.76 -52.19
N GLY F 4683 18.17 -26.91 -52.61
CA GLY F 4683 17.85 -27.12 -54.00
C GLY F 4683 19.07 -26.93 -54.88
N LEU F 4684 20.18 -27.55 -54.50
CA LEU F 4684 21.45 -27.28 -55.18
C LEU F 4684 21.38 -27.64 -56.65
N TYR F 4685 20.78 -28.77 -56.98
CA TYR F 4685 20.64 -29.21 -58.37
C TYR F 4685 19.23 -28.99 -58.89
N ILE F 4686 18.38 -28.29 -58.15
CA ILE F 4686 17.00 -28.07 -58.55
C ILE F 4686 16.77 -26.59 -58.79
N THR F 4687 16.96 -25.77 -57.75
CA THR F 4687 16.75 -24.34 -57.90
C THR F 4687 18.02 -23.63 -58.35
N GLU F 4688 19.19 -24.13 -57.92
CA GLU F 4688 20.47 -23.56 -58.25
C GLU F 4688 21.29 -24.58 -59.04
N GLN F 4689 22.56 -24.25 -59.29
CA GLN F 4689 23.48 -25.15 -59.95
C GLN F 4689 24.86 -24.94 -59.36
N PRO F 4690 25.74 -25.93 -59.44
CA PRO F 4690 27.12 -25.72 -59.00
C PRO F 4690 27.79 -24.63 -59.84
N GLU F 4691 28.74 -23.92 -59.22
CA GLU F 4691 29.35 -22.75 -59.81
C GLU F 4691 30.25 -23.07 -61.01
N ASP F 4692 30.34 -24.33 -61.42
CA ASP F 4692 31.14 -24.72 -62.58
C ASP F 4692 32.63 -24.71 -62.25
N ASP F 4693 32.99 -24.21 -61.06
CA ASP F 4693 34.33 -24.41 -60.54
C ASP F 4693 34.33 -25.31 -59.31
N ASP F 4694 33.15 -25.58 -58.75
CA ASP F 4694 32.99 -26.49 -57.62
C ASP F 4694 33.10 -27.90 -58.16
N VAL F 4695 34.33 -28.41 -58.20
CA VAL F 4695 34.54 -29.78 -58.68
C VAL F 4695 33.76 -30.75 -57.82
N LYS F 4696 33.60 -30.46 -56.54
CA LYS F 4696 32.83 -31.34 -55.67
C LYS F 4696 31.40 -31.47 -56.15
N GLY F 4697 30.76 -30.34 -56.47
CA GLY F 4697 29.39 -30.40 -56.98
C GLY F 4697 29.31 -31.06 -58.34
N GLN F 4698 30.24 -30.71 -59.24
CA GLN F 4698 30.24 -31.32 -60.56
C GLN F 4698 30.35 -32.84 -60.45
N TRP F 4699 31.19 -33.33 -59.53
CA TRP F 4699 31.35 -34.76 -59.37
C TRP F 4699 30.14 -35.38 -58.67
N ASP F 4700 29.58 -34.69 -57.67
CA ASP F 4700 28.42 -35.21 -56.97
C ASP F 4700 27.21 -35.30 -57.87
N ARG F 4701 27.20 -34.58 -58.98
CA ARG F 4701 26.12 -34.76 -59.95
C ARG F 4701 26.04 -36.20 -60.44
N LEU F 4702 27.09 -37.00 -60.22
CA LEU F 4702 27.13 -38.39 -60.75
C LEU F 4702 26.37 -39.37 -59.86
N VAL F 4703 26.12 -39.03 -58.60
CA VAL F 4703 25.49 -40.03 -57.67
C VAL F 4703 23.99 -39.76 -57.50
N LEU F 4704 23.49 -38.62 -57.97
CA LEU F 4704 22.08 -38.25 -57.70
C LEU F 4704 21.11 -39.34 -58.19
N ASN F 4705 21.31 -39.88 -59.39
CA ASN F 4705 20.34 -40.85 -59.96
C ASN F 4705 20.70 -42.28 -59.56
N THR F 4706 21.83 -42.46 -58.87
CA THR F 4706 22.30 -43.83 -58.54
C THR F 4706 21.36 -44.48 -57.56
N PRO F 4707 21.02 -45.78 -57.75
CA PRO F 4707 20.11 -46.49 -56.85
C PRO F 4707 20.53 -46.53 -55.39
N SER F 4708 21.84 -46.35 -55.12
CA SER F 4708 22.36 -46.46 -53.74
C SER F 4708 22.88 -45.13 -53.22
N PHE F 4709 22.29 -44.00 -53.64
CA PHE F 4709 22.85 -42.67 -53.26
C PHE F 4709 23.09 -42.68 -51.75
N PRO F 4710 22.09 -42.84 -50.86
CA PRO F 4710 22.40 -42.86 -49.44
C PRO F 4710 22.82 -44.26 -49.00
N SER F 4711 24.11 -44.58 -49.13
CA SER F 4711 24.60 -45.88 -48.66
C SER F 4711 25.10 -45.82 -47.22
N ASN F 4712 25.88 -44.80 -46.88
CA ASN F 4712 26.39 -44.63 -45.52
C ASN F 4712 25.54 -43.66 -44.70
N TYR F 4713 25.09 -42.57 -45.30
CA TYR F 4713 24.22 -41.64 -44.61
C TYR F 4713 22.93 -42.35 -44.19
N TRP F 4714 22.47 -42.03 -42.97
CA TRP F 4714 21.38 -42.81 -42.38
C TRP F 4714 20.05 -42.54 -43.10
N ASP F 4715 19.83 -41.32 -43.56
CA ASP F 4715 18.54 -40.94 -44.13
C ASP F 4715 18.36 -41.61 -45.49
N LYS F 4716 17.57 -42.68 -45.53
CA LYS F 4716 17.31 -43.41 -46.76
C LYS F 4716 16.13 -42.85 -47.54
N PHE F 4717 15.49 -41.78 -47.05
CA PHE F 4717 14.35 -41.18 -47.71
C PHE F 4717 14.64 -39.75 -48.16
N VAL F 4718 15.91 -39.44 -48.36
CA VAL F 4718 16.30 -38.09 -48.85
C VAL F 4718 15.59 -37.84 -50.19
N LYS F 4719 15.60 -38.83 -51.08
CA LYS F 4719 15.02 -38.63 -52.44
C LYS F 4719 13.53 -38.31 -52.31
N ARG F 4720 12.79 -39.07 -51.50
CA ARG F 4720 11.35 -38.77 -51.28
C ARG F 4720 11.23 -37.35 -50.72
N LYS F 4721 12.00 -36.99 -49.69
CA LYS F 4721 11.85 -35.65 -49.14
C LYS F 4721 12.08 -34.58 -50.20
N VAL F 4722 13.18 -34.73 -50.94
CA VAL F 4722 13.54 -33.71 -51.96
C VAL F 4722 12.38 -33.63 -52.95
N LEU F 4723 11.90 -34.78 -53.41
CA LEU F 4723 10.85 -34.72 -54.45
C LEU F 4723 9.63 -34.02 -53.87
N ASP F 4724 9.25 -34.35 -52.63
CA ASP F 4724 8.01 -33.69 -52.16
C ASP F 4724 8.15 -32.17 -52.03
N LYS F 4725 9.23 -31.66 -51.42
CA LYS F 4725 9.31 -30.18 -51.36
C LYS F 4725 9.57 -29.51 -52.71
N HIS F 4726 10.56 -30.03 -53.45
CA HIS F 4726 10.97 -29.49 -54.78
C HIS F 4726 9.98 -29.74 -55.92
N GLY F 4727 9.30 -30.87 -55.93
CA GLY F 4727 8.56 -31.30 -57.13
C GLY F 4727 7.45 -30.41 -57.64
N ASP F 4728 6.61 -29.82 -56.80
CA ASP F 4728 5.50 -29.05 -57.42
C ASP F 4728 6.06 -27.89 -58.25
N ILE F 4729 7.09 -27.20 -57.76
CA ILE F 4729 7.61 -26.00 -58.47
C ILE F 4729 8.56 -26.43 -59.61
N PHE F 4730 9.22 -27.59 -59.50
CA PHE F 4730 10.23 -27.97 -60.54
C PHE F 4730 9.68 -29.06 -61.45
N GLY F 4731 8.64 -29.75 -61.02
CA GLY F 4731 8.09 -30.87 -61.81
C GLY F 4731 8.45 -32.20 -61.21
N ARG F 4732 7.46 -33.00 -60.84
CA ARG F 4732 7.72 -34.30 -60.17
C ARG F 4732 8.54 -35.21 -61.09
N GLU F 4733 8.18 -35.28 -62.37
CA GLU F 4733 8.89 -36.17 -63.33
C GLU F 4733 10.32 -35.68 -63.53
N ARG F 4734 10.53 -34.36 -63.57
CA ARG F 4734 11.90 -33.81 -63.71
C ARG F 4734 12.73 -34.22 -62.48
N ILE F 4735 12.16 -34.08 -61.28
CA ILE F 4735 12.89 -34.45 -60.03
C ILE F 4735 13.14 -35.95 -60.04
N ALA F 4736 12.13 -36.75 -60.42
CA ALA F 4736 12.28 -38.22 -60.42
C ALA F 4736 13.40 -38.62 -61.38
N GLU F 4737 13.54 -37.92 -62.49
CA GLU F 4737 14.61 -38.22 -63.47
C GLU F 4737 15.97 -37.82 -62.90
N LEU F 4738 16.04 -36.67 -62.21
CA LEU F 4738 17.31 -36.20 -61.61
C LEU F 4738 17.74 -37.18 -60.52
N LEU F 4739 16.78 -37.73 -59.77
CA LEU F 4739 17.13 -38.60 -58.62
C LEU F 4739 16.92 -40.08 -58.96
N GLY F 4740 16.66 -40.42 -60.22
CA GLY F 4740 16.57 -41.81 -60.58
C GLY F 4740 15.50 -42.57 -59.82
N MET F 4741 14.34 -41.96 -59.64
CA MET F 4741 13.23 -42.56 -58.90
C MET F 4741 12.18 -43.08 -59.88
N ASP F 4742 11.59 -44.22 -59.53
CA ASP F 4742 10.50 -44.81 -60.32
C ASP F 4742 9.20 -44.47 -59.62
N LEU F 4743 8.51 -43.44 -60.12
CA LEU F 4743 7.30 -42.97 -59.46
C LEU F 4743 6.25 -44.07 -59.38
N ALA F 4744 6.17 -44.91 -60.41
CA ALA F 4744 5.15 -45.96 -60.43
C ALA F 4744 5.35 -46.94 -59.28
N SER F 4745 6.56 -47.48 -59.14
CA SER F 4745 6.85 -48.39 -58.03
C SER F 4745 6.89 -47.66 -56.69
N LEU F 4746 6.96 -46.33 -56.72
CA LEU F 4746 7.05 -45.57 -55.47
C LEU F 4746 5.84 -45.84 -54.58
N GLU F 4747 4.65 -45.86 -55.16
CA GLU F 4747 3.45 -46.10 -54.36
C GLU F 4747 3.31 -47.59 -54.03
N ILE F 4748 3.71 -48.47 -54.95
CA ILE F 4748 3.56 -49.90 -54.73
C ILE F 4748 4.38 -50.36 -53.55
N THR F 4749 5.60 -49.83 -53.42
CA THR F 4749 6.46 -50.22 -52.30
C THR F 4749 5.76 -49.97 -50.97
N ALA F 4750 5.09 -48.83 -50.83
CA ALA F 4750 4.33 -48.57 -49.60
C ALA F 4750 3.08 -49.43 -49.54
N HIS F 4751 2.44 -49.68 -50.68
CA HIS F 4751 1.21 -50.46 -50.72
C HIS F 4751 1.42 -51.84 -50.11
N ASN F 4752 2.44 -52.56 -50.59
CA ASN F 4752 2.69 -53.90 -50.04
C ASN F 4752 4.18 -54.14 -49.81
N GLU F 4753 4.53 -55.36 -49.42
CA GLU F 4753 5.89 -55.68 -49.02
C GLU F 4753 6.46 -56.74 -49.95
N ARG F 4754 7.70 -56.51 -50.39
CA ARG F 4754 8.43 -57.45 -51.24
C ARG F 4754 9.69 -57.88 -50.50
N LYS F 4755 9.95 -59.18 -50.48
CA LYS F 4755 11.11 -59.74 -49.79
C LYS F 4755 11.84 -60.70 -50.71
N PRO F 4756 12.94 -60.28 -51.36
CA PRO F 4756 13.70 -61.21 -52.19
C PRO F 4756 14.68 -62.04 -51.38
N ASP F 4757 15.36 -62.99 -52.04
CA ASP F 4757 16.33 -63.86 -51.38
C ASP F 4757 17.32 -64.36 -52.41
N PRO F 4758 18.17 -63.49 -52.93
CA PRO F 4758 19.13 -63.89 -53.97
C PRO F 4758 20.25 -64.73 -53.37
N PRO F 4759 20.80 -65.68 -54.14
CA PRO F 4759 21.96 -66.44 -53.64
C PRO F 4759 23.18 -65.55 -53.52
N PRO F 4760 24.14 -65.93 -52.66
CA PRO F 4760 25.39 -65.18 -52.57
C PRO F 4760 26.38 -65.43 -53.68
N GLY F 4761 25.95 -66.07 -54.78
CA GLY F 4761 26.88 -66.41 -55.83
C GLY F 4761 27.52 -65.17 -56.43
N LEU F 4762 28.76 -65.33 -56.92
CA LEU F 4762 29.47 -64.20 -57.50
C LEU F 4762 28.73 -63.64 -58.69
N LEU F 4763 27.98 -64.47 -59.41
CA LEU F 4763 27.16 -63.97 -60.51
C LEU F 4763 26.14 -62.96 -60.02
N THR F 4764 25.40 -63.32 -58.97
CA THR F 4764 24.41 -62.40 -58.41
C THR F 4764 25.08 -61.15 -57.84
N TRP F 4765 26.22 -61.34 -57.17
CA TRP F 4765 26.92 -60.19 -56.61
C TRP F 4765 27.35 -59.23 -57.72
N ILE F 4766 27.89 -59.76 -58.81
CA ILE F 4766 28.32 -58.92 -59.93
C ILE F 4766 27.12 -58.20 -60.53
N MET F 4767 26.01 -58.90 -60.70
CA MET F 4767 24.81 -58.26 -61.23
C MET F 4767 24.36 -57.13 -60.33
N SER F 4768 24.46 -57.32 -59.01
CA SER F 4768 24.02 -56.30 -58.05
C SER F 4768 25.20 -55.39 -57.66
N ILE F 4769 25.73 -54.69 -58.67
CA ILE F 4769 26.83 -53.70 -58.40
C ILE F 4769 26.46 -52.39 -59.07
N ASP F 4770 26.34 -51.31 -58.30
CA ASP F 4770 26.01 -49.97 -58.87
C ASP F 4770 27.30 -49.34 -59.38
N VAL F 4771 27.61 -49.55 -60.66
CA VAL F 4771 28.91 -49.07 -61.22
C VAL F 4771 28.98 -47.54 -61.07
N LYS F 4772 27.89 -46.83 -61.38
CA LYS F 4772 27.94 -45.34 -61.34
C LYS F 4772 28.25 -44.88 -59.90
N TYR F 4773 27.64 -45.51 -58.90
CA TYR F 4773 27.93 -45.16 -57.48
C TYR F 4773 29.38 -45.47 -57.18
N GLN F 4774 29.83 -46.66 -57.58
CA GLN F 4774 31.22 -47.08 -57.27
C GLN F 4774 32.20 -46.12 -57.93
N ILE F 4775 31.91 -45.65 -59.15
CA ILE F 4775 32.80 -44.69 -59.79
C ILE F 4775 32.82 -43.38 -58.99
N TRP F 4776 31.66 -42.90 -58.56
CA TRP F 4776 31.62 -41.69 -57.76
C TRP F 4776 32.37 -41.89 -56.45
N LYS F 4777 32.17 -43.03 -55.79
CA LYS F 4777 32.84 -43.31 -54.53
C LYS F 4777 34.34 -43.35 -54.70
N PHE F 4778 34.82 -43.98 -55.77
CA PHE F 4778 36.25 -44.06 -56.00
C PHE F 4778 36.83 -42.69 -56.34
N GLY F 4779 36.07 -41.85 -57.04
CA GLY F 4779 36.52 -40.48 -57.23
C GLY F 4779 36.70 -39.74 -55.91
N VAL F 4780 35.72 -39.88 -55.02
CA VAL F 4780 35.84 -39.26 -53.69
C VAL F 4780 37.06 -39.80 -52.96
N ILE F 4781 37.23 -41.11 -52.97
CA ILE F 4781 38.34 -41.73 -52.23
C ILE F 4781 39.68 -41.26 -52.78
N PHE F 4782 39.83 -41.26 -54.09
CA PHE F 4782 41.09 -40.86 -54.72
C PHE F 4782 41.31 -39.38 -54.66
N THR F 4783 40.29 -38.57 -54.35
CA THR F 4783 40.53 -37.17 -54.02
C THR F 4783 40.71 -36.93 -52.54
N ASP F 4784 40.51 -37.94 -51.69
CA ASP F 4784 40.81 -37.81 -50.28
C ASP F 4784 42.31 -37.76 -50.06
N ASN F 4785 42.77 -36.87 -49.17
CA ASN F 4785 44.20 -36.62 -49.02
C ASN F 4785 44.92 -37.78 -48.34
N SER F 4786 44.36 -38.31 -47.26
CA SER F 4786 45.04 -39.38 -46.53
C SER F 4786 45.17 -40.63 -47.37
N PHE F 4787 44.12 -40.97 -48.13
CA PHE F 4787 44.22 -42.12 -49.03
C PHE F 4787 45.31 -41.91 -50.06
N LEU F 4788 45.42 -40.68 -50.60
CA LEU F 4788 46.48 -40.40 -51.56
C LEU F 4788 47.86 -40.56 -50.92
N TYR F 4789 48.00 -40.10 -49.68
CA TYR F 4789 49.28 -40.28 -48.99
C TYR F 4789 49.61 -41.75 -48.83
N LEU F 4790 48.63 -42.56 -48.43
CA LEU F 4790 48.89 -43.98 -48.27
C LEU F 4790 49.21 -44.65 -49.61
N GLY F 4791 48.54 -44.22 -50.68
CA GLY F 4791 48.86 -44.76 -51.99
C GLY F 4791 50.26 -44.40 -52.43
N TRP F 4792 50.69 -43.17 -52.17
CA TRP F 4792 52.06 -42.80 -52.49
C TRP F 4792 53.05 -43.60 -51.66
N TYR F 4793 52.71 -43.84 -50.38
CA TYR F 4793 53.53 -44.70 -49.54
C TYR F 4793 53.70 -46.07 -50.17
N MET F 4794 52.60 -46.67 -50.63
CA MET F 4794 52.67 -47.99 -51.24
C MET F 4794 53.48 -47.95 -52.54
N VAL F 4795 53.31 -46.91 -53.33
CA VAL F 4795 54.04 -46.80 -54.59
C VAL F 4795 55.54 -46.71 -54.33
N MET F 4796 55.93 -45.90 -53.35
CA MET F 4796 57.35 -45.81 -52.99
C MET F 4796 57.87 -47.13 -52.44
N SER F 4797 57.05 -47.84 -51.66
CA SER F 4797 57.46 -49.15 -51.18
C SER F 4797 57.72 -50.10 -52.34
N LEU F 4798 56.84 -50.09 -53.35
CA LEU F 4798 57.05 -50.92 -54.52
C LEU F 4798 58.33 -50.52 -55.26
N LEU F 4799 58.54 -49.22 -55.43
CA LEU F 4799 59.77 -48.76 -56.09
C LEU F 4799 61.01 -49.17 -55.30
N GLY F 4800 60.88 -49.32 -53.98
CA GLY F 4800 61.98 -49.78 -53.17
C GLY F 4800 62.52 -51.14 -53.57
N HIS F 4801 61.72 -51.96 -54.23
CA HIS F 4801 62.20 -53.23 -54.74
C HIS F 4801 62.92 -53.08 -56.07
N TYR F 4802 62.59 -52.05 -56.86
CA TYR F 4802 63.39 -51.72 -58.02
C TYR F 4802 64.74 -51.16 -57.62
N ASN F 4803 64.76 -50.30 -56.60
CA ASN F 4803 65.99 -49.77 -56.04
C ASN F 4803 65.77 -49.54 -54.55
N ASN F 4804 66.59 -50.20 -53.72
CA ASN F 4804 66.37 -50.17 -52.28
C ASN F 4804 66.42 -48.76 -51.71
N PHE F 4805 67.15 -47.85 -52.34
CA PHE F 4805 67.29 -46.51 -51.79
C PHE F 4805 66.00 -45.70 -51.88
N PHE F 4806 65.00 -46.18 -52.63
CA PHE F 4806 63.70 -45.53 -52.62
C PHE F 4806 62.99 -45.67 -51.28
N PHE F 4807 63.43 -46.60 -50.43
CA PHE F 4807 62.86 -46.74 -49.10
C PHE F 4807 63.20 -45.58 -48.19
N ALA F 4808 64.16 -44.72 -48.59
CA ALA F 4808 64.47 -43.54 -47.79
C ALA F 4808 63.32 -42.54 -47.81
N ALA F 4809 62.49 -42.57 -48.84
CA ALA F 4809 61.34 -41.67 -48.90
C ALA F 4809 60.37 -41.91 -47.76
N HIS F 4810 60.33 -43.13 -47.23
CA HIS F 4810 59.40 -43.45 -46.15
C HIS F 4810 59.86 -42.87 -44.82
N LEU F 4811 61.13 -42.47 -44.70
CA LEU F 4811 61.57 -41.79 -43.50
C LEU F 4811 60.86 -40.46 -43.30
N LEU F 4812 60.34 -39.87 -44.38
CA LEU F 4812 59.53 -38.67 -44.28
C LEU F 4812 58.21 -38.91 -43.55
N ASP F 4813 57.85 -40.18 -43.32
CA ASP F 4813 56.61 -40.49 -42.62
C ASP F 4813 56.65 -40.05 -41.16
N ILE F 4814 57.83 -39.69 -40.65
CA ILE F 4814 57.92 -39.25 -39.26
C ILE F 4814 57.11 -37.98 -39.05
N ALA F 4815 57.09 -37.11 -40.06
CA ALA F 4815 56.32 -35.87 -39.94
C ALA F 4815 54.84 -36.16 -39.69
N MET F 4816 54.29 -37.14 -40.42
CA MET F 4816 52.88 -37.48 -40.24
C MET F 4816 52.68 -38.30 -38.98
N GLY F 4817 53.65 -39.13 -38.61
CA GLY F 4817 53.51 -40.01 -37.46
C GLY F 4817 53.63 -39.29 -36.13
N VAL F 4818 54.79 -38.70 -35.86
CA VAL F 4818 55.01 -38.06 -34.58
C VAL F 4818 54.23 -36.76 -34.51
N LYS F 4819 53.41 -36.61 -33.47
CA LYS F 4819 52.59 -35.41 -33.33
C LYS F 4819 53.46 -34.19 -33.05
N THR F 4820 54.53 -34.36 -32.26
CA THR F 4820 55.41 -33.24 -31.97
C THR F 4820 56.04 -32.69 -33.25
N LEU F 4821 56.50 -33.59 -34.12
CA LEU F 4821 57.08 -33.15 -35.38
C LEU F 4821 56.04 -32.47 -36.26
N ARG F 4822 54.81 -32.97 -36.25
CA ARG F 4822 53.75 -32.33 -37.02
C ARG F 4822 53.51 -30.90 -36.51
N THR F 4823 53.46 -30.72 -35.20
CA THR F 4823 53.26 -29.38 -34.66
C THR F 4823 54.44 -28.47 -34.99
N ILE F 4824 55.66 -29.01 -34.94
CA ILE F 4824 56.84 -28.20 -35.27
C ILE F 4824 56.78 -27.76 -36.73
N LEU F 4825 56.44 -28.69 -37.62
CA LEU F 4825 56.37 -28.35 -39.05
C LEU F 4825 55.19 -27.43 -39.33
N SER F 4826 54.17 -27.43 -38.46
CA SER F 4826 53.09 -26.46 -38.61
C SER F 4826 53.61 -25.04 -38.47
N SER F 4827 54.70 -24.85 -37.73
CA SER F 4827 55.30 -23.51 -37.65
C SER F 4827 55.85 -23.08 -39.00
N VAL F 4828 56.46 -23.99 -39.75
CA VAL F 4828 56.95 -23.64 -41.08
C VAL F 4828 55.79 -23.47 -42.07
N THR F 4829 54.79 -24.33 -42.01
CA THR F 4829 53.71 -24.31 -42.99
C THR F 4829 52.65 -23.26 -42.70
N HIS F 4830 52.63 -22.68 -41.50
CA HIS F 4830 51.61 -21.70 -41.16
C HIS F 4830 51.71 -20.48 -42.05
N ASN F 4831 52.93 -20.01 -42.29
CA ASN F 4831 53.20 -18.89 -43.18
C ASN F 4831 53.93 -19.35 -44.44
N GLY F 4832 53.54 -20.50 -44.96
CA GLY F 4832 54.21 -21.04 -46.13
C GLY F 4832 54.07 -20.14 -47.35
N LYS F 4833 52.88 -19.57 -47.55
CA LYS F 4833 52.69 -18.66 -48.68
C LYS F 4833 53.59 -17.44 -48.55
N GLN F 4834 53.69 -16.87 -47.35
CA GLN F 4834 54.56 -15.73 -47.15
C GLN F 4834 56.02 -16.11 -47.35
N LEU F 4835 56.41 -17.30 -46.92
CA LEU F 4835 57.78 -17.75 -47.15
C LEU F 4835 58.09 -17.86 -48.65
N VAL F 4836 57.17 -18.43 -49.41
CA VAL F 4836 57.35 -18.55 -50.85
C VAL F 4836 57.45 -17.17 -51.49
N MET F 4837 56.57 -16.25 -51.07
CA MET F 4837 56.61 -14.90 -51.62
C MET F 4837 57.93 -14.21 -51.26
N THR F 4838 58.44 -14.45 -50.05
CA THR F 4838 59.72 -13.87 -49.67
C THR F 4838 60.85 -14.43 -50.52
N VAL F 4839 60.81 -15.73 -50.83
CA VAL F 4839 61.82 -16.29 -51.71
C VAL F 4839 61.73 -15.67 -53.11
N GLY F 4840 60.52 -15.45 -53.59
CA GLY F 4840 60.36 -14.77 -54.88
C GLY F 4840 60.91 -13.36 -54.86
N LEU F 4841 60.65 -12.63 -53.77
CA LEU F 4841 61.20 -11.28 -53.63
C LEU F 4841 62.72 -11.31 -53.60
N LEU F 4842 63.30 -12.30 -52.90
CA LEU F 4842 64.75 -12.45 -52.91
C LEU F 4842 65.26 -12.69 -54.32
N ALA F 4843 64.56 -13.52 -55.08
CA ALA F 4843 64.97 -13.77 -56.47
C ALA F 4843 64.94 -12.50 -57.28
N VAL F 4844 63.89 -11.69 -57.12
CA VAL F 4844 63.78 -10.45 -57.89
C VAL F 4844 64.90 -9.48 -57.51
N VAL F 4845 65.17 -9.33 -56.21
CA VAL F 4845 66.21 -8.42 -55.77
C VAL F 4845 67.58 -8.87 -56.30
N VAL F 4846 67.84 -10.18 -56.23
CA VAL F 4846 69.10 -10.69 -56.75
C VAL F 4846 69.19 -10.48 -58.24
N TYR F 4847 68.06 -10.57 -58.96
CA TYR F 4847 68.07 -10.29 -60.38
C TYR F 4847 68.43 -8.83 -60.66
N LEU F 4848 67.90 -7.92 -59.85
CA LEU F 4848 68.27 -6.50 -60.02
C LEU F 4848 69.77 -6.30 -59.79
N TYR F 4849 70.30 -6.92 -58.74
CA TYR F 4849 71.74 -6.83 -58.51
C TYR F 4849 72.52 -7.44 -59.66
N THR F 4850 72.01 -8.53 -60.24
CA THR F 4850 72.66 -9.14 -61.39
C THR F 4850 72.68 -8.19 -62.57
N VAL F 4851 71.58 -7.48 -62.81
CA VAL F 4851 71.53 -6.52 -63.91
C VAL F 4851 72.60 -5.44 -63.70
N VAL F 4852 72.66 -4.90 -62.48
CA VAL F 4852 73.64 -3.86 -62.20
C VAL F 4852 75.06 -4.38 -62.42
N ALA F 4853 75.36 -5.58 -61.90
CA ALA F 4853 76.70 -6.14 -62.05
C ALA F 4853 77.04 -6.39 -63.51
N PHE F 4854 76.09 -6.95 -64.27
CA PHE F 4854 76.31 -7.22 -65.69
C PHE F 4854 76.54 -5.95 -66.47
N ASN F 4855 75.92 -4.84 -66.08
CA ASN F 4855 76.09 -3.59 -66.81
C ASN F 4855 77.31 -2.80 -66.39
N PHE F 4856 77.81 -2.98 -65.16
CA PHE F 4856 78.87 -2.11 -64.65
C PHE F 4856 80.07 -2.81 -64.03
N PHE F 4857 79.93 -4.04 -63.54
CA PHE F 4857 80.98 -4.66 -62.73
C PHE F 4857 81.42 -6.00 -63.30
N ARG F 4858 81.43 -6.15 -64.62
CA ARG F 4858 81.78 -7.43 -65.22
C ARG F 4858 83.24 -7.79 -64.94
N LYS F 4859 84.12 -6.80 -64.88
CA LYS F 4859 85.55 -7.09 -64.75
C LYS F 4859 85.87 -7.84 -63.46
N PHE F 4860 85.03 -7.70 -62.44
CA PHE F 4860 85.31 -8.27 -61.12
C PHE F 4860 84.86 -9.71 -60.98
N TYR F 4861 84.25 -10.29 -62.02
CA TYR F 4861 83.64 -11.61 -61.93
C TYR F 4861 84.47 -12.69 -62.63
N ASN F 4862 85.80 -12.57 -62.57
CA ASN F 4862 86.69 -13.58 -63.11
C ASN F 4862 87.05 -14.55 -61.98
N LYS F 4863 86.52 -15.77 -62.06
CA LYS F 4863 86.71 -16.77 -61.01
C LYS F 4863 87.74 -17.83 -61.40
N SER F 4864 88.76 -17.45 -62.15
CA SER F 4864 89.82 -18.36 -62.55
C SER F 4864 91.17 -17.80 -62.13
N GLU F 4865 92.02 -18.66 -61.59
CA GLU F 4865 93.38 -18.27 -61.20
C GLU F 4865 94.38 -18.44 -62.33
N ASP F 4866 93.99 -19.01 -63.46
CA ASP F 4866 94.87 -19.17 -64.61
C ASP F 4866 94.64 -18.00 -65.55
N GLU F 4867 95.68 -17.21 -65.79
CA GLU F 4867 95.54 -16.03 -66.63
C GLU F 4867 95.26 -16.40 -68.07
N ASP F 4868 95.72 -17.58 -68.50
CA ASP F 4868 95.51 -17.99 -69.89
C ASP F 4868 94.03 -18.27 -70.15
N GLU F 4869 93.33 -18.84 -69.17
CA GLU F 4869 91.94 -19.28 -69.34
C GLU F 4869 91.07 -18.56 -68.32
N PRO F 4870 90.64 -17.33 -68.60
CA PRO F 4870 89.73 -16.64 -67.69
C PRO F 4870 88.37 -17.32 -67.65
N ASP F 4871 87.72 -17.24 -66.51
CA ASP F 4871 86.39 -17.82 -66.29
C ASP F 4871 85.46 -16.71 -65.80
N MET F 4872 84.86 -15.99 -66.74
CA MET F 4872 84.01 -14.88 -66.40
C MET F 4872 82.61 -15.36 -66.08
N LYS F 4873 82.11 -15.00 -64.90
CA LYS F 4873 80.78 -15.41 -64.45
C LYS F 4873 79.71 -14.38 -64.75
N CYS F 4874 80.06 -13.24 -65.35
CA CYS F 4874 79.09 -12.20 -65.66
C CYS F 4874 79.26 -11.67 -67.07
N ASP F 4875 79.70 -12.52 -68.00
CA ASP F 4875 79.74 -12.16 -69.41
C ASP F 4875 78.43 -12.45 -70.12
N ASP F 4876 77.48 -13.12 -69.45
CA ASP F 4876 76.14 -13.30 -69.97
C ASP F 4876 75.18 -13.25 -68.80
N MET F 4877 73.98 -12.74 -69.04
CA MET F 4877 73.06 -12.47 -67.95
C MET F 4877 72.63 -13.75 -67.24
N MET F 4878 72.41 -14.83 -67.99
CA MET F 4878 71.99 -16.07 -67.36
C MET F 4878 73.06 -16.58 -66.41
N THR F 4879 74.32 -16.60 -66.85
CA THR F 4879 75.40 -17.05 -66.00
C THR F 4879 75.58 -16.14 -64.80
N CYS F 4880 75.46 -14.82 -65.00
CA CYS F 4880 75.62 -13.90 -63.88
C CYS F 4880 74.51 -14.10 -62.86
N TYR F 4881 73.28 -14.28 -63.32
CA TYR F 4881 72.17 -14.50 -62.39
C TYR F 4881 72.34 -15.81 -61.63
N LEU F 4882 72.76 -16.87 -62.32
CA LEU F 4882 73.02 -18.13 -61.62
C LEU F 4882 74.11 -17.94 -60.58
N PHE F 4883 75.20 -17.26 -60.95
CA PHE F 4883 76.30 -17.03 -60.02
C PHE F 4883 75.81 -16.27 -58.80
N HIS F 4884 75.06 -15.20 -59.01
CA HIS F 4884 74.54 -14.45 -57.87
C HIS F 4884 73.67 -15.32 -56.98
N MET F 4885 72.58 -15.86 -57.53
CA MET F 4885 71.63 -16.61 -56.72
C MET F 4885 72.29 -17.82 -56.04
N TYR F 4886 73.35 -18.37 -56.61
CA TYR F 4886 73.94 -19.58 -56.08
C TYR F 4886 75.04 -19.29 -55.05
N VAL F 4887 75.92 -18.34 -55.34
CA VAL F 4887 77.08 -18.09 -54.49
C VAL F 4887 76.84 -16.91 -53.56
N GLY F 4888 76.32 -15.78 -54.06
CA GLY F 4888 76.21 -14.61 -53.22
C GLY F 4888 75.21 -14.78 -52.10
N VAL F 4889 74.10 -15.45 -52.37
CA VAL F 4889 73.09 -15.65 -51.34
C VAL F 4889 73.61 -16.56 -50.24
N ARG F 4890 74.38 -17.57 -50.59
CA ARG F 4890 74.94 -18.49 -49.61
C ARG F 4890 76.20 -17.96 -48.94
N ALA F 4891 76.82 -16.93 -49.49
CA ALA F 4891 78.01 -16.37 -48.89
C ALA F 4891 77.66 -15.65 -47.59
N GLY F 4892 78.55 -15.75 -46.60
CA GLY F 4892 78.30 -15.12 -45.32
C GLY F 4892 78.20 -13.61 -45.42
N GLY F 4893 79.07 -12.98 -46.21
CA GLY F 4893 79.04 -11.55 -46.41
C GLY F 4893 78.49 -11.08 -47.73
N GLY F 4894 77.83 -11.94 -48.49
CA GLY F 4894 77.26 -11.53 -49.77
C GLY F 4894 78.20 -11.77 -50.93
N ILE F 4895 77.86 -11.13 -52.05
CA ILE F 4895 78.60 -11.34 -53.29
C ILE F 4895 80.03 -10.81 -53.16
N GLY F 4896 80.22 -9.73 -52.41
CA GLY F 4896 81.54 -9.18 -52.24
C GLY F 4896 82.53 -10.17 -51.70
N ASP F 4897 82.07 -11.13 -50.90
CA ASP F 4897 82.94 -12.19 -50.42
C ASP F 4897 83.50 -13.02 -51.56
N GLU F 4898 82.80 -13.09 -52.69
CA GLU F 4898 83.13 -14.03 -53.75
C GLU F 4898 83.62 -13.38 -55.03
N ILE F 4899 83.49 -12.06 -55.17
CA ILE F 4899 83.99 -11.37 -56.35
C ILE F 4899 85.27 -10.62 -56.00
N GLU F 4900 85.94 -10.11 -57.04
CA GLU F 4900 87.27 -9.54 -56.88
C GLU F 4900 87.25 -8.31 -55.98
N ASP F 4901 88.34 -8.13 -55.24
CA ASP F 4901 88.47 -6.98 -54.36
C ASP F 4901 88.55 -5.70 -55.18
N PRO F 4902 87.77 -4.67 -54.85
CA PRO F 4902 87.73 -3.46 -55.68
C PRO F 4902 88.68 -2.34 -55.28
N ALA F 4903 89.53 -2.54 -54.27
CA ALA F 4903 90.40 -1.47 -53.82
C ALA F 4903 91.27 -0.96 -54.98
N GLY F 4904 91.32 0.36 -55.13
CA GLY F 4904 92.12 0.99 -56.17
C GLY F 4904 91.42 1.18 -57.50
N ASP F 4905 90.20 0.69 -57.65
CA ASP F 4905 89.46 0.84 -58.89
C ASP F 4905 88.73 2.17 -58.94
N GLU F 4906 88.44 2.64 -60.15
CA GLU F 4906 87.70 3.88 -60.31
C GLU F 4906 86.28 3.75 -59.78
N TYR F 4907 85.70 2.56 -59.85
CA TYR F 4907 84.37 2.30 -59.32
C TYR F 4907 84.40 1.73 -57.91
N GLU F 4908 85.43 2.06 -57.13
CA GLU F 4908 85.58 1.45 -55.81
C GLU F 4908 84.39 1.76 -54.91
N LEU F 4909 83.97 3.03 -54.86
CA LEU F 4909 82.88 3.39 -53.96
C LEU F 4909 81.55 2.83 -54.45
N TYR F 4910 81.29 2.91 -55.75
CA TYR F 4910 80.08 2.29 -56.28
C TYR F 4910 80.02 0.81 -55.94
N ARG F 4911 81.16 0.13 -56.05
CA ARG F 4911 81.18 -1.31 -55.84
C ARG F 4911 81.10 -1.69 -54.37
N VAL F 4912 81.68 -0.89 -53.48
CA VAL F 4912 81.51 -1.16 -52.05
C VAL F 4912 80.07 -0.90 -51.63
N VAL F 4913 79.44 0.13 -52.21
CA VAL F 4913 78.01 0.33 -51.94
C VAL F 4913 77.21 -0.85 -52.45
N PHE F 4914 77.54 -1.33 -53.65
CA PHE F 4914 76.90 -2.52 -54.20
C PHE F 4914 76.99 -3.69 -53.22
N ASP F 4915 78.20 -3.99 -52.76
CA ASP F 4915 78.39 -5.14 -51.87
C ASP F 4915 77.66 -4.94 -50.54
N ILE F 4916 77.75 -3.75 -49.95
CA ILE F 4916 77.16 -3.52 -48.64
C ILE F 4916 75.65 -3.59 -48.72
N THR F 4917 75.05 -2.99 -49.76
CA THR F 4917 73.60 -3.06 -49.91
C THR F 4917 73.15 -4.48 -50.18
N PHE F 4918 73.91 -5.24 -50.98
CA PHE F 4918 73.58 -6.66 -51.15
C PHE F 4918 73.59 -7.38 -49.81
N PHE F 4919 74.62 -7.15 -49.01
CA PHE F 4919 74.73 -7.82 -47.71
C PHE F 4919 73.55 -7.47 -46.82
N PHE F 4920 73.18 -6.19 -46.78
CA PHE F 4920 72.15 -5.75 -45.83
C PHE F 4920 70.76 -6.16 -46.29
N PHE F 4921 70.48 -6.13 -47.59
CA PHE F 4921 69.14 -6.45 -48.06
C PHE F 4921 68.94 -7.95 -48.18
N VAL F 4922 69.86 -8.65 -48.83
CA VAL F 4922 69.69 -10.07 -49.12
C VAL F 4922 70.05 -10.92 -47.91
N ILE F 4923 71.21 -10.68 -47.31
CA ILE F 4923 71.69 -11.57 -46.25
C ILE F 4923 71.04 -11.23 -44.92
N VAL F 4924 70.94 -9.94 -44.59
CA VAL F 4924 70.51 -9.53 -43.26
C VAL F 4924 68.99 -9.44 -43.16
N ILE F 4925 68.35 -8.77 -44.10
CA ILE F 4925 66.93 -8.44 -43.94
C ILE F 4925 66.05 -9.60 -44.41
N LEU F 4926 66.23 -10.05 -45.65
CA LEU F 4926 65.32 -11.06 -46.20
C LEU F 4926 65.39 -12.36 -45.43
N LEU F 4927 66.60 -12.82 -45.10
CA LEU F 4927 66.72 -14.01 -44.26
C LEU F 4927 66.11 -13.75 -42.89
N ALA F 4928 66.30 -12.54 -42.35
CA ALA F 4928 65.63 -12.18 -41.12
C ALA F 4928 64.12 -12.23 -41.28
N ILE F 4929 63.61 -11.86 -42.46
CA ILE F 4929 62.18 -11.95 -42.71
C ILE F 4929 61.71 -13.40 -42.62
N ILE F 4930 62.48 -14.31 -43.21
CA ILE F 4930 62.11 -15.73 -43.16
C ILE F 4930 62.09 -16.23 -41.72
N GLN F 4931 63.16 -15.92 -40.97
CA GLN F 4931 63.24 -16.38 -39.59
C GLN F 4931 62.11 -15.79 -38.75
N GLY F 4932 61.80 -14.51 -38.97
CA GLY F 4932 60.71 -13.89 -38.23
C GLY F 4932 59.36 -14.48 -38.59
N LEU F 4933 59.18 -14.88 -39.85
CA LEU F 4933 57.96 -15.57 -40.22
C LEU F 4933 57.81 -16.86 -39.43
N ILE F 4934 58.89 -17.63 -39.33
CA ILE F 4934 58.81 -18.88 -38.56
C ILE F 4934 58.50 -18.59 -37.09
N ILE F 4935 59.18 -17.60 -36.51
CA ILE F 4935 58.96 -17.29 -35.10
C ILE F 4935 57.53 -16.83 -34.86
N ASP F 4936 57.01 -15.99 -35.75
CA ASP F 4936 55.63 -15.52 -35.61
C ASP F 4936 54.64 -16.67 -35.76
N ALA F 4937 54.96 -17.65 -36.61
CA ALA F 4937 54.12 -18.83 -36.70
C ALA F 4937 54.07 -19.57 -35.37
N PHE F 4938 55.24 -19.77 -34.75
CA PHE F 4938 55.27 -20.38 -33.42
C PHE F 4938 54.36 -19.63 -32.46
N GLY F 4939 54.53 -18.30 -32.39
CA GLY F 4939 53.75 -17.51 -31.46
C GLY F 4939 52.26 -17.59 -31.74
N GLU F 4940 51.88 -17.55 -33.02
CA GLU F 4940 50.46 -17.59 -33.37
C GLU F 4940 49.84 -18.91 -33.00
N LEU F 4941 50.55 -20.03 -33.24
CA LEU F 4941 50.00 -21.33 -32.87
C LEU F 4941 49.84 -21.44 -31.35
N ARG F 4942 50.83 -20.97 -30.59
CA ARG F 4942 50.69 -20.99 -29.14
C ARG F 4942 49.50 -20.14 -28.70
N ASP F 4943 49.32 -18.98 -29.33
CA ASP F 4943 48.20 -18.12 -28.99
C ASP F 4943 46.87 -18.80 -29.28
N GLN F 4944 46.78 -19.52 -30.39
CA GLN F 4944 45.54 -20.23 -30.71
C GLN F 4944 45.23 -21.27 -29.64
N GLN F 4945 46.23 -22.07 -29.25
CA GLN F 4945 45.99 -23.07 -28.22
C GLN F 4945 45.55 -22.41 -26.92
N GLU F 4946 46.23 -21.35 -26.50
CA GLU F 4946 45.88 -20.68 -25.26
C GLU F 4946 44.48 -20.09 -25.33
N GLN F 4947 44.11 -19.52 -26.48
CA GLN F 4947 42.77 -18.95 -26.64
C GLN F 4947 41.70 -20.03 -26.52
N VAL F 4948 41.93 -21.19 -27.13
CA VAL F 4948 40.95 -22.27 -27.00
C VAL F 4948 40.81 -22.68 -25.56
N LYS F 4949 41.93 -22.84 -24.85
CA LYS F 4949 41.86 -23.25 -23.45
C LYS F 4949 41.11 -22.22 -22.62
N GLU F 4950 41.42 -20.93 -22.81
CA GLU F 4950 40.78 -19.88 -22.05
C GLU F 4950 39.28 -19.84 -22.33
N ASP F 4951 38.90 -19.95 -23.60
CA ASP F 4951 37.49 -19.93 -23.96
C ASP F 4951 36.74 -21.07 -23.30
N MET F 4952 37.33 -22.28 -23.33
CA MET F 4952 36.67 -23.41 -22.70
C MET F 4952 36.57 -23.26 -21.19
N GLU F 4953 37.59 -22.67 -20.56
CA GLU F 4953 37.62 -22.56 -19.11
C GLU F 4953 36.86 -21.36 -18.56
N THR F 4954 36.46 -20.41 -19.41
CA THR F 4954 35.80 -19.20 -18.94
C THR F 4954 34.37 -19.02 -19.42
N LYS F 4955 33.88 -19.88 -20.30
CA LYS F 4955 32.56 -19.70 -20.88
C LYS F 4955 31.96 -21.06 -21.22
N CYS F 4956 30.64 -21.17 -21.03
CA CYS F 4956 29.95 -22.42 -21.33
C CYS F 4956 29.86 -22.63 -22.83
N PHE F 4957 30.17 -23.85 -23.27
CA PHE F 4957 30.17 -24.15 -24.69
C PHE F 4957 28.78 -24.06 -25.30
N ILE F 4958 27.74 -24.38 -24.52
CA ILE F 4958 26.39 -24.46 -25.05
C ILE F 4958 25.71 -23.10 -25.00
N CYS F 4959 25.52 -22.55 -23.80
CA CYS F 4959 24.75 -21.32 -23.65
C CYS F 4959 25.59 -20.06 -23.80
N GLY F 4960 26.91 -20.16 -23.70
CA GLY F 4960 27.77 -19.02 -23.87
C GLY F 4960 27.87 -18.09 -22.69
N ILE F 4961 27.18 -18.38 -21.59
CA ILE F 4961 27.30 -17.55 -20.39
C ILE F 4961 28.66 -17.77 -19.76
N GLY F 4962 29.26 -16.69 -19.29
CA GLY F 4962 30.60 -16.77 -18.74
C GLY F 4962 30.63 -17.40 -17.37
N SER F 4963 31.82 -17.86 -16.98
CA SER F 4963 31.98 -18.50 -15.68
C SER F 4963 31.62 -17.54 -14.56
N ASP F 4964 32.07 -16.29 -14.66
CA ASP F 4964 31.84 -15.30 -13.60
C ASP F 4964 30.41 -15.35 -13.05
N TYR F 4965 29.43 -15.52 -13.92
CA TYR F 4965 28.03 -15.59 -13.46
C TYR F 4965 27.79 -16.83 -12.63
N PHE F 4966 28.19 -18.00 -13.14
CA PHE F 4966 27.91 -19.25 -12.44
C PHE F 4966 28.65 -19.33 -11.12
N ASP F 4967 29.89 -18.82 -11.09
CA ASP F 4967 30.72 -18.92 -9.90
C ASP F 4967 30.18 -18.10 -8.73
N THR F 4968 29.07 -17.38 -8.91
CA THR F 4968 28.41 -16.76 -7.76
C THR F 4968 28.00 -17.81 -6.74
N THR F 4969 27.82 -19.04 -7.17
CA THR F 4969 27.61 -20.20 -6.34
C THR F 4969 28.91 -21.00 -6.25
N PRO F 4970 29.21 -21.64 -5.11
CA PRO F 4970 30.47 -22.40 -5.02
C PRO F 4970 30.59 -23.47 -6.09
N HIS F 4971 31.68 -23.42 -6.87
CA HIS F 4971 31.91 -24.36 -7.96
C HIS F 4971 30.76 -24.32 -8.96
N GLY F 4972 30.18 -23.13 -9.12
CA GLY F 4972 28.99 -23.01 -9.96
C GLY F 4972 29.27 -23.35 -11.41
N PHE F 4973 30.38 -22.85 -11.96
CA PHE F 4973 30.70 -23.15 -13.35
C PHE F 4973 30.98 -24.63 -13.55
N GLU F 4974 31.69 -25.25 -12.61
CA GLU F 4974 31.97 -26.68 -12.71
C GLU F 4974 30.67 -27.48 -12.72
N THR F 4975 29.77 -27.17 -11.78
CA THR F 4975 28.49 -27.88 -11.74
C THR F 4975 27.69 -27.64 -13.01
N HIS F 4976 27.69 -26.40 -13.50
CA HIS F 4976 26.92 -26.09 -14.71
C HIS F 4976 27.44 -26.86 -15.91
N THR F 4977 28.76 -26.93 -16.08
CA THR F 4977 29.34 -27.58 -17.24
C THR F 4977 29.42 -29.10 -17.11
N LEU F 4978 29.26 -29.65 -15.91
CA LEU F 4978 29.27 -31.10 -15.75
C LEU F 4978 27.88 -31.71 -15.56
N GLU F 4979 26.88 -30.94 -15.17
CA GLU F 4979 25.58 -31.50 -14.85
C GLU F 4979 24.45 -30.82 -15.62
N GLU F 4980 24.57 -29.52 -15.87
CA GLU F 4980 23.45 -28.77 -16.43
C GLU F 4980 23.54 -28.67 -17.95
N HIS F 4981 24.70 -28.27 -18.47
CA HIS F 4981 24.87 -28.02 -19.90
C HIS F 4981 26.01 -28.84 -20.47
N ASN F 4982 26.20 -30.05 -19.96
CA ASN F 4982 27.24 -30.93 -20.49
C ASN F 4982 26.92 -31.30 -21.93
N LEU F 4983 27.89 -31.11 -22.83
CA LEU F 4983 27.67 -31.39 -24.24
C LEU F 4983 27.62 -32.89 -24.51
N ALA F 4984 28.38 -33.67 -23.74
CA ALA F 4984 28.26 -35.12 -23.83
C ALA F 4984 26.82 -35.55 -23.55
N ASN F 4985 26.14 -34.84 -22.65
CA ASN F 4985 24.75 -35.17 -22.35
C ASN F 4985 23.84 -34.85 -23.52
N TYR F 4986 24.12 -33.80 -24.28
CA TYR F 4986 23.32 -33.53 -25.48
C TYR F 4986 23.55 -34.60 -26.54
N MET F 4987 24.80 -35.04 -26.70
CA MET F 4987 25.06 -36.18 -27.59
C MET F 4987 24.27 -37.41 -27.14
N PHE F 4988 24.32 -37.71 -25.84
CA PHE F 4988 23.62 -38.87 -25.33
C PHE F 4988 22.11 -38.73 -25.52
N PHE F 4989 21.58 -37.52 -25.37
CA PHE F 4989 20.16 -37.30 -25.58
C PHE F 4989 19.79 -37.54 -27.04
N LEU F 4990 20.63 -37.12 -27.97
CA LEU F 4990 20.35 -37.41 -29.38
C LEU F 4990 20.31 -38.91 -29.63
N MET F 4991 21.30 -39.64 -29.10
CA MET F 4991 21.28 -41.09 -29.27
C MET F 4991 20.05 -41.72 -28.62
N TYR F 4992 19.69 -41.24 -27.43
CA TYR F 4992 18.53 -41.77 -26.72
C TYR F 4992 17.25 -41.52 -27.50
N LEU F 4993 17.09 -40.33 -28.07
CA LEU F 4993 15.92 -40.04 -28.89
C LEU F 4993 15.89 -40.91 -30.12
N ILE F 4994 17.04 -41.14 -30.76
CA ILE F 4994 17.07 -42.01 -31.94
C ILE F 4994 16.63 -43.42 -31.56
N ASN F 4995 17.12 -43.93 -30.43
CA ASN F 4995 16.82 -45.32 -30.07
C ASN F 4995 15.41 -45.50 -29.53
N LYS F 4996 14.84 -44.48 -28.90
CA LYS F 4996 13.53 -44.61 -28.29
C LYS F 4996 12.42 -44.60 -29.33
N ASP F 4997 11.39 -45.41 -29.09
CA ASP F 4997 10.24 -45.45 -30.00
C ASP F 4997 9.51 -44.12 -29.98
N GLU F 4998 9.06 -43.67 -31.16
CA GLU F 4998 8.40 -42.38 -31.26
C GLU F 4998 7.11 -42.33 -30.45
N THR F 4999 6.35 -43.43 -30.44
CA THR F 4999 5.11 -43.45 -29.67
C THR F 4999 5.36 -43.42 -28.16
N GLU F 5000 6.59 -43.64 -27.71
CA GLU F 5000 6.94 -43.55 -26.30
C GLU F 5000 7.59 -42.22 -25.94
N HIS F 5001 7.81 -41.33 -26.91
CA HIS F 5001 8.40 -40.05 -26.62
C HIS F 5001 7.51 -39.23 -25.69
N THR F 5002 8.12 -38.61 -24.69
CA THR F 5002 7.41 -37.66 -23.85
C THR F 5002 7.15 -36.38 -24.64
N GLY F 5003 6.52 -35.40 -24.00
CA GLY F 5003 6.26 -34.15 -24.68
C GLY F 5003 7.52 -33.43 -25.08
N GLN F 5004 8.46 -33.27 -24.15
CA GLN F 5004 9.72 -32.61 -24.46
C GLN F 5004 10.58 -33.43 -25.42
N GLU F 5005 10.57 -34.75 -25.27
CA GLU F 5005 11.32 -35.59 -26.19
C GLU F 5005 10.78 -35.45 -27.61
N SER F 5006 9.46 -35.46 -27.76
CA SER F 5006 8.87 -35.26 -29.09
C SER F 5006 9.18 -33.88 -29.64
N TYR F 5007 9.13 -32.86 -28.79
CA TYR F 5007 9.44 -31.50 -29.22
C TYR F 5007 10.87 -31.42 -29.78
N VAL F 5008 11.83 -31.94 -29.01
CA VAL F 5008 13.23 -31.89 -29.44
C VAL F 5008 13.44 -32.78 -30.67
N TRP F 5009 12.75 -33.92 -30.74
CA TRP F 5009 12.88 -34.80 -31.90
C TRP F 5009 12.38 -34.09 -33.16
N LYS F 5010 11.26 -33.39 -33.06
CA LYS F 5010 10.74 -32.66 -34.21
C LYS F 5010 11.70 -31.55 -34.63
N MET F 5011 12.29 -30.85 -33.66
CA MET F 5011 13.29 -29.85 -34.02
C MET F 5011 14.51 -30.49 -34.68
N TYR F 5012 14.95 -31.65 -34.20
CA TYR F 5012 16.07 -32.34 -34.84
C TYR F 5012 15.74 -32.71 -36.27
N GLN F 5013 14.54 -33.22 -36.50
CA GLN F 5013 14.15 -33.62 -37.85
C GLN F 5013 14.01 -32.41 -38.77
N GLU F 5014 13.55 -31.29 -38.26
CA GLU F 5014 13.43 -30.06 -39.05
C GLU F 5014 14.71 -29.25 -39.11
N ARG F 5015 15.77 -29.69 -38.41
CA ARG F 5015 17.05 -28.99 -38.41
C ARG F 5015 16.92 -27.59 -37.82
N CYS F 5016 16.10 -27.47 -36.78
CA CYS F 5016 15.97 -26.23 -36.01
C CYS F 5016 16.71 -26.39 -34.69
N TRP F 5017 17.65 -25.49 -34.42
CA TRP F 5017 18.51 -25.59 -33.25
C TRP F 5017 18.10 -24.60 -32.17
N ASP F 5018 16.84 -24.18 -32.17
CA ASP F 5018 16.35 -23.23 -31.18
C ASP F 5018 16.19 -23.85 -29.80
N PHE F 5019 16.08 -25.17 -29.70
CA PHE F 5019 15.92 -25.81 -28.40
C PHE F 5019 17.20 -25.74 -27.56
N PHE F 5020 18.35 -25.53 -28.20
CA PHE F 5020 19.58 -25.37 -27.45
C PHE F 5020 19.53 -24.07 -26.66
N PRO F 5021 19.78 -24.10 -25.35
CA PRO F 5021 19.78 -22.84 -24.59
C PRO F 5021 20.90 -21.93 -25.09
N ALA F 5022 20.55 -20.66 -25.31
CA ALA F 5022 21.49 -19.67 -25.82
C ALA F 5022 21.36 -18.41 -24.97
N GLY F 5023 22.39 -18.11 -24.18
CA GLY F 5023 22.34 -16.98 -23.30
C GLY F 5023 21.33 -17.11 -22.19
N ASP F 5024 20.91 -18.33 -21.88
CA ASP F 5024 19.92 -18.56 -20.84
C ASP F 5024 20.19 -19.91 -20.21
N CYS F 5025 19.67 -20.10 -18.99
CA CYS F 5025 19.88 -21.32 -18.25
C CYS F 5025 18.79 -21.45 -17.20
N PHE F 5026 18.74 -22.62 -16.56
CA PHE F 5026 17.78 -22.86 -15.50
C PHE F 5026 17.99 -21.89 -14.34
N ARG F 5027 19.24 -21.65 -13.96
CA ARG F 5027 19.52 -20.73 -12.87
C ARG F 5027 19.05 -19.32 -13.18
N LYS F 5028 19.33 -18.84 -14.40
CA LYS F 5028 18.86 -17.52 -14.77
C LYS F 5028 17.35 -17.47 -14.83
N GLN F 5029 16.71 -18.53 -15.33
CA GLN F 5029 15.26 -18.56 -15.43
C GLN F 5029 14.61 -18.47 -14.05
N TYR F 5030 15.15 -19.19 -13.07
CA TYR F 5030 14.57 -19.26 -11.74
C TYR F 5030 15.50 -18.66 -10.70
N GLU F 5031 16.13 -17.53 -11.03
CA GLU F 5031 17.08 -16.90 -10.12
C GLU F 5031 16.43 -16.57 -8.78
N ASP F 5032 15.31 -15.87 -8.80
CA ASP F 5032 14.70 -15.44 -7.54
C ASP F 5032 14.21 -16.64 -6.74
N GLN F 5033 13.51 -17.58 -7.40
CA GLN F 5033 13.00 -18.74 -6.68
C GLN F 5033 14.14 -19.61 -6.14
N LEU F 5034 15.17 -19.84 -6.94
CA LEU F 5034 16.27 -20.70 -6.50
C LEU F 5034 17.12 -20.05 -5.43
N SER F 5035 17.03 -18.73 -5.26
CA SER F 5035 17.82 -18.03 -4.25
C SER F 5035 17.18 -18.18 -2.87
N GLU G 11 -9.98 -25.59 1.26
CA GLU G 11 -10.30 -27.00 1.05
C GLU G 11 -11.27 -27.47 2.13
N VAL G 12 -12.09 -28.48 1.79
CA VAL G 12 -13.04 -28.99 2.76
C VAL G 12 -12.30 -29.81 3.80
N GLN G 13 -12.56 -29.52 5.07
CA GLN G 13 -11.88 -30.21 6.16
C GLN G 13 -12.27 -31.68 6.19
N PHE G 14 -11.29 -32.54 6.42
CA PHE G 14 -11.49 -33.99 6.45
C PHE G 14 -11.16 -34.52 7.82
N LEU G 15 -11.97 -35.48 8.29
CA LEU G 15 -11.67 -36.15 9.55
C LEU G 15 -10.54 -37.15 9.35
N ARG G 16 -9.64 -37.21 10.34
CA ARG G 16 -8.49 -38.09 10.32
C ARG G 16 -8.39 -38.82 11.64
N THR G 17 -7.65 -39.92 11.65
CA THR G 17 -7.47 -40.68 12.88
C THR G 17 -6.73 -39.84 13.91
N ASP G 18 -7.04 -40.10 15.18
CA ASP G 18 -6.52 -39.37 16.35
C ASP G 18 -7.24 -38.05 16.55
N ASP G 19 -8.24 -37.73 15.73
CA ASP G 19 -9.06 -36.55 15.94
C ASP G 19 -10.13 -36.84 16.99
N GLU G 20 -10.51 -35.81 17.74
CA GLU G 20 -11.55 -35.93 18.75
C GLU G 20 -12.86 -35.45 18.15
N VAL G 21 -13.92 -36.26 18.29
CA VAL G 21 -15.20 -35.99 17.68
C VAL G 21 -16.32 -36.26 18.67
N VAL G 22 -17.51 -35.76 18.34
CA VAL G 22 -18.74 -36.07 19.06
C VAL G 22 -19.75 -36.58 18.04
N LEU G 23 -20.42 -37.67 18.37
CA LEU G 23 -21.44 -38.24 17.49
C LEU G 23 -22.77 -37.55 17.79
N GLN G 24 -23.24 -36.74 16.84
CA GLN G 24 -24.42 -35.91 17.05
C GLN G 24 -25.56 -36.37 16.17
N CYS G 25 -26.78 -36.33 16.73
CA CYS G 25 -28.00 -36.62 16.01
C CYS G 25 -29.03 -35.54 16.31
N SER G 26 -30.10 -35.51 15.53
CA SER G 26 -31.16 -34.52 15.68
C SER G 26 -32.50 -35.23 15.89
N ALA G 27 -33.36 -34.61 16.68
CA ALA G 27 -34.69 -35.15 16.95
C ALA G 27 -35.69 -34.01 17.02
N THR G 28 -36.89 -34.24 16.48
CA THR G 28 -37.96 -33.26 16.54
C THR G 28 -38.80 -33.53 17.78
N VAL G 29 -38.76 -32.61 18.74
CA VAL G 29 -39.49 -32.71 19.98
C VAL G 29 -40.31 -31.44 20.15
N LEU G 30 -41.63 -31.59 20.24
CA LEU G 30 -42.54 -30.44 20.32
C LEU G 30 -42.26 -29.44 19.21
N LYS G 31 -42.09 -29.96 17.99
CA LYS G 31 -41.86 -29.14 16.81
C LYS G 31 -40.57 -28.33 16.90
N GLU G 32 -39.64 -28.75 17.75
CA GLU G 32 -38.36 -28.07 17.92
C GLU G 32 -37.25 -29.06 17.60
N GLN G 33 -36.24 -28.61 16.86
CA GLN G 33 -35.11 -29.45 16.51
C GLN G 33 -34.10 -29.45 17.66
N LEU G 34 -33.87 -30.61 18.25
CA LEU G 34 -32.99 -30.78 19.39
C LEU G 34 -31.80 -31.64 18.99
N LYS G 35 -30.60 -31.13 19.26
CA LYS G 35 -29.37 -31.86 18.96
C LYS G 35 -28.91 -32.63 20.19
N LEU G 36 -28.53 -33.88 19.98
CA LEU G 36 -28.11 -34.75 21.08
C LEU G 36 -26.79 -35.43 20.71
N CYS G 37 -25.88 -35.47 21.68
CA CYS G 37 -24.58 -36.10 21.49
C CYS G 37 -24.54 -37.43 22.22
N LEU G 38 -23.89 -38.41 21.60
CA LEU G 38 -23.70 -39.70 22.24
C LEU G 38 -22.76 -39.56 23.42
N ALA G 39 -23.16 -40.06 24.58
CA ALA G 39 -22.41 -39.89 25.82
C ALA G 39 -22.38 -41.19 26.59
N ALA G 40 -21.38 -41.33 27.45
CA ALA G 40 -21.27 -42.49 28.31
C ALA G 40 -20.26 -42.18 29.41
N GLU G 41 -20.52 -42.71 30.60
CA GLU G 41 -19.61 -42.50 31.71
C GLU G 41 -18.47 -43.49 31.73
N GLY G 42 -18.72 -44.74 31.36
CA GLY G 42 -17.69 -45.76 31.37
C GLY G 42 -17.57 -46.46 32.71
N PHE G 43 -17.02 -45.75 33.70
CA PHE G 43 -16.88 -46.31 35.03
C PHE G 43 -18.22 -46.26 35.76
N GLY G 44 -18.73 -47.42 36.15
CA GLY G 44 -19.96 -47.55 36.88
C GLY G 44 -21.19 -47.69 36.00
N ASN G 45 -21.08 -47.32 34.72
CA ASN G 45 -22.20 -47.47 33.79
C ASN G 45 -21.63 -47.50 32.38
N ARG G 46 -21.65 -48.68 31.76
CA ARG G 46 -21.14 -48.82 30.41
C ARG G 46 -22.14 -48.40 29.34
N LEU G 47 -23.41 -48.27 29.70
CA LEU G 47 -24.44 -47.98 28.70
C LEU G 47 -24.34 -46.55 28.21
N CYS G 48 -24.57 -46.37 26.91
CA CYS G 48 -24.56 -45.05 26.31
C CYS G 48 -25.94 -44.41 26.39
N PHE G 49 -25.94 -43.08 26.48
CA PHE G 49 -27.16 -42.30 26.49
C PHE G 49 -26.94 -41.08 25.61
N LEU G 50 -27.93 -40.18 25.60
CA LEU G 50 -27.90 -39.00 24.75
C LEU G 50 -27.92 -37.75 25.63
N GLU G 51 -26.96 -36.87 25.40
CA GLU G 51 -26.86 -35.62 26.13
C GLU G 51 -27.33 -34.49 25.22
N PRO G 52 -28.42 -33.79 25.55
CA PRO G 52 -28.84 -32.67 24.70
C PRO G 52 -27.81 -31.56 24.73
N THR G 53 -27.68 -30.85 23.60
CA THR G 53 -26.69 -29.79 23.46
C THR G 53 -27.28 -28.54 22.81
N SER G 54 -28.59 -28.51 22.56
CA SER G 54 -29.21 -27.36 21.93
C SER G 54 -29.42 -26.19 22.88
N ASN G 55 -29.64 -26.48 24.18
CA ASN G 55 -29.84 -25.44 25.18
C ASN G 55 -28.54 -25.01 25.85
N ALA G 56 -27.41 -25.11 25.15
CA ALA G 56 -26.13 -24.83 25.77
C ALA G 56 -26.05 -23.41 26.33
N GLN G 57 -26.77 -22.47 25.71
CA GLN G 57 -26.73 -21.09 26.18
C GLN G 57 -27.32 -20.96 27.58
N ASN G 58 -28.29 -21.80 27.92
CA ASN G 58 -28.93 -21.74 29.22
C ASN G 58 -28.37 -22.78 30.19
N VAL G 59 -28.10 -23.98 29.72
CA VAL G 59 -27.57 -25.05 30.56
C VAL G 59 -26.40 -25.71 29.83
N PRO G 60 -25.16 -25.55 30.27
CA PRO G 60 -24.03 -26.16 29.56
C PRO G 60 -24.16 -27.67 29.53
N PRO G 61 -23.80 -28.30 28.43
CA PRO G 61 -23.82 -29.77 28.37
C PRO G 61 -22.58 -30.38 29.01
N ASP G 62 -22.67 -31.70 29.23
CA ASP G 62 -21.57 -32.47 29.83
C ASP G 62 -20.77 -33.13 28.71
N LEU G 63 -19.89 -32.33 28.10
CA LEU G 63 -19.19 -32.77 26.89
C LEU G 63 -18.00 -33.68 27.18
N ALA G 64 -17.46 -33.63 28.40
CA ALA G 64 -16.29 -34.43 28.72
C ALA G 64 -16.53 -35.91 28.50
N ILE G 65 -17.74 -36.38 28.77
CA ILE G 65 -18.10 -37.78 28.56
C ILE G 65 -18.70 -38.00 27.17
N CYS G 66 -18.83 -36.95 26.37
CA CYS G 66 -19.26 -37.07 24.98
C CYS G 66 -18.10 -37.15 24.00
N CYS G 67 -16.94 -36.64 24.37
CA CYS G 67 -15.79 -36.65 23.46
C CYS G 67 -15.34 -38.07 23.16
N PHE G 68 -15.07 -38.34 21.87
CA PHE G 68 -14.54 -39.62 21.41
C PHE G 68 -13.34 -39.39 20.51
N ILE G 69 -12.44 -40.36 20.47
CA ILE G 69 -11.23 -40.28 19.65
C ILE G 69 -11.30 -41.36 18.58
N LEU G 70 -11.03 -40.97 17.33
CA LEU G 70 -10.95 -41.92 16.23
C LEU G 70 -9.60 -42.62 16.25
N GLU G 71 -9.53 -43.78 16.90
CA GLU G 71 -8.25 -44.45 17.08
C GLU G 71 -7.75 -45.08 15.78
N GLN G 72 -8.64 -45.72 15.03
CA GLN G 72 -8.21 -46.45 13.84
C GLN G 72 -9.30 -46.38 12.78
N SER G 73 -8.90 -46.57 11.52
CA SER G 73 -9.80 -46.60 10.39
C SER G 73 -9.22 -47.55 9.36
N LEU G 74 -9.94 -48.63 9.06
CA LEU G 74 -9.46 -49.66 8.16
C LEU G 74 -10.56 -50.04 7.19
N SER G 75 -10.14 -50.57 6.04
CA SER G 75 -11.08 -51.22 5.14
C SER G 75 -11.57 -52.52 5.76
N VAL G 76 -12.65 -53.05 5.21
CA VAL G 76 -13.26 -54.25 5.78
C VAL G 76 -12.30 -55.43 5.71
N ARG G 77 -11.62 -55.60 4.57
CA ARG G 77 -10.69 -56.71 4.43
C ARG G 77 -9.50 -56.55 5.37
N ALA G 78 -9.00 -55.32 5.53
CA ALA G 78 -7.93 -55.08 6.48
C ALA G 78 -8.37 -55.41 7.90
N LEU G 79 -9.61 -55.04 8.25
CA LEU G 79 -10.13 -55.37 9.57
C LEU G 79 -10.22 -56.88 9.76
N GLN G 80 -10.68 -57.59 8.73
CA GLN G 80 -10.77 -59.05 8.82
C GLN G 80 -9.39 -59.66 9.05
N GLU G 81 -8.38 -59.19 8.31
CA GLU G 81 -7.03 -59.70 8.49
C GLU G 81 -6.53 -59.41 9.90
N MET G 82 -6.75 -58.18 10.39
CA MET G 82 -6.28 -57.81 11.72
C MET G 82 -6.95 -58.67 12.79
N LEU G 83 -8.26 -58.90 12.64
CA LEU G 83 -8.96 -59.75 13.60
C LEU G 83 -8.45 -61.19 13.55
N ALA G 84 -8.19 -61.71 12.35
CA ALA G 84 -7.67 -63.06 12.23
C ALA G 84 -6.30 -63.19 12.89
N ASN G 85 -5.45 -62.20 12.69
CA ASN G 85 -4.12 -62.21 13.29
C ASN G 85 -4.18 -61.66 14.72
N HIS G 99 -1.93 -40.44 10.84
CA HIS G 99 -3.22 -39.77 10.69
C HIS G 99 -3.81 -40.03 9.32
N ARG G 100 -4.60 -41.10 9.22
CA ARG G 100 -5.24 -41.46 7.95
C ARG G 100 -6.60 -40.80 7.84
N THR G 101 -6.90 -40.28 6.66
CA THR G 101 -8.21 -39.71 6.40
C THR G 101 -9.26 -40.80 6.36
N LEU G 102 -10.41 -40.53 6.95
CA LEU G 102 -11.51 -41.48 6.93
C LEU G 102 -12.17 -41.51 5.56
N LEU G 103 -12.50 -42.71 5.10
CA LEU G 103 -13.15 -42.90 3.81
C LEU G 103 -14.43 -43.70 4.02
N TYR G 104 -15.49 -43.30 3.32
CA TYR G 104 -16.75 -44.00 3.43
C TYR G 104 -16.58 -45.47 3.08
N GLY G 105 -17.16 -46.35 3.91
CA GLY G 105 -17.00 -47.77 3.78
C GLY G 105 -15.97 -48.37 4.70
N HIS G 106 -15.08 -47.55 5.28
CA HIS G 106 -14.11 -48.02 6.22
C HIS G 106 -14.75 -48.29 7.58
N ALA G 107 -14.08 -49.11 8.37
CA ALA G 107 -14.51 -49.39 9.74
C ALA G 107 -13.64 -48.60 10.71
N ILE G 108 -14.29 -47.91 11.65
CA ILE G 108 -13.60 -47.04 12.58
C ILE G 108 -13.69 -47.61 13.98
N LEU G 109 -12.68 -47.31 14.78
CA LEU G 109 -12.64 -47.66 16.19
C LEU G 109 -12.70 -46.35 16.98
N LEU G 110 -13.64 -46.25 17.91
CA LEU G 110 -13.85 -45.04 18.67
C LEU G 110 -13.54 -45.31 20.14
N ARG G 111 -12.57 -44.58 20.67
CA ARG G 111 -12.17 -44.71 22.08
C ARG G 111 -12.77 -43.56 22.88
N HIS G 112 -13.42 -43.90 23.99
CA HIS G 112 -13.96 -42.89 24.88
C HIS G 112 -12.82 -42.10 25.51
N ALA G 113 -12.85 -40.78 25.34
CA ALA G 113 -11.73 -39.96 25.80
C ALA G 113 -11.52 -40.07 27.31
N HIS G 114 -12.61 -40.06 28.08
CA HIS G 114 -12.48 -40.07 29.53
C HIS G 114 -12.11 -41.46 30.04
N SER G 115 -12.98 -42.44 29.80
CA SER G 115 -12.78 -43.77 30.36
C SER G 115 -11.78 -44.61 29.57
N ARG G 116 -11.42 -44.19 28.36
CA ARG G 116 -10.51 -44.93 27.50
C ARG G 116 -11.08 -46.28 27.08
N MET G 117 -12.40 -46.45 27.20
CA MET G 117 -13.07 -47.63 26.68
C MET G 117 -13.48 -47.36 25.23
N TYR G 118 -14.06 -48.36 24.60
CA TYR G 118 -14.35 -48.32 23.17
C TYR G 118 -15.84 -48.45 22.94
N LEU G 119 -16.39 -47.57 22.11
CA LEU G 119 -17.79 -47.67 21.72
C LEU G 119 -18.03 -48.99 21.01
N SER G 120 -19.03 -49.74 21.47
CA SER G 120 -19.28 -51.07 20.96
C SER G 120 -20.77 -51.37 21.00
N CYS G 121 -21.16 -52.35 20.20
CA CYS G 121 -22.53 -52.86 20.19
C CYS G 121 -22.60 -54.04 21.15
N LEU G 122 -23.35 -53.89 22.23
CA LEU G 122 -23.42 -54.92 23.25
C LEU G 122 -24.40 -56.02 22.83
N THR G 123 -24.22 -57.19 23.43
CA THR G 123 -25.08 -58.33 23.16
C THR G 123 -26.34 -58.34 24.01
N THR G 124 -26.43 -57.48 25.00
CA THR G 124 -27.63 -57.35 25.82
C THR G 124 -28.58 -56.33 25.21
N SER G 125 -29.82 -56.36 25.66
CA SER G 125 -30.84 -55.44 25.17
C SER G 125 -31.85 -55.19 26.27
N ARG G 126 -31.93 -53.94 26.72
CA ARG G 126 -32.92 -53.53 27.71
C ARG G 126 -34.10 -52.79 27.07
N SER G 127 -34.16 -52.75 25.75
CA SER G 127 -35.24 -52.05 25.07
C SER G 127 -36.54 -52.81 25.23
N MET G 128 -37.61 -52.11 25.61
CA MET G 128 -38.92 -52.70 25.74
C MET G 128 -39.76 -52.58 24.48
N THR G 129 -39.36 -51.72 23.54
CA THR G 129 -40.12 -51.51 22.31
C THR G 129 -39.60 -52.40 21.18
N ASP G 130 -38.31 -52.24 20.85
CA ASP G 130 -37.73 -53.01 19.76
C ASP G 130 -37.19 -54.33 20.28
N LYS G 131 -37.67 -55.43 19.69
CA LYS G 131 -37.24 -56.76 20.09
C LYS G 131 -35.99 -57.23 19.36
N LEU G 132 -35.56 -56.52 18.32
CA LEU G 132 -34.37 -56.86 17.57
C LEU G 132 -33.22 -55.88 17.80
N ALA G 133 -33.39 -54.91 18.68
CA ALA G 133 -32.36 -53.92 18.95
C ALA G 133 -31.40 -54.40 20.00
N PHE G 134 -30.18 -53.83 19.98
CA PHE G 134 -29.13 -54.15 20.93
C PHE G 134 -28.69 -52.88 21.62
N ASP G 135 -28.24 -53.02 22.87
CA ASP G 135 -27.73 -51.88 23.62
C ASP G 135 -26.38 -51.45 23.08
N VAL G 136 -26.13 -50.15 23.09
CA VAL G 136 -24.85 -49.57 22.70
C VAL G 136 -24.17 -49.03 23.95
N GLY G 137 -22.93 -49.43 24.15
CA GLY G 137 -22.20 -49.01 25.32
C GLY G 137 -20.72 -49.03 25.08
N LEU G 138 -19.96 -49.06 26.18
CA LEU G 138 -18.51 -49.04 26.14
C LEU G 138 -17.96 -50.39 26.54
N GLN G 139 -16.84 -50.77 25.95
CA GLN G 139 -16.20 -52.05 26.19
C GLN G 139 -14.76 -51.81 26.62
N GLU G 140 -14.29 -52.60 27.58
CA GLU G 140 -13.00 -52.32 28.20
C GLU G 140 -11.85 -52.42 27.20
N ASP G 141 -11.88 -53.42 26.33
CA ASP G 141 -10.81 -53.67 25.37
C ASP G 141 -11.31 -53.50 23.95
N ALA G 142 -10.36 -53.46 23.01
CA ALA G 142 -10.64 -53.29 21.60
C ALA G 142 -10.59 -54.61 20.84
N THR G 143 -10.82 -55.72 21.54
CA THR G 143 -10.80 -57.04 20.92
C THR G 143 -12.17 -57.37 20.35
N GLY G 144 -12.17 -58.17 19.28
CA GLY G 144 -13.39 -58.58 18.62
C GLY G 144 -13.87 -57.54 17.64
N GLU G 145 -15.05 -57.82 17.08
CA GLU G 145 -15.67 -56.92 16.11
C GLU G 145 -16.77 -56.08 16.70
N ALA G 146 -17.09 -56.25 17.99
CA ALA G 146 -18.17 -55.49 18.59
C ALA G 146 -17.84 -54.00 18.68
N CYS G 147 -16.57 -53.66 18.68
CA CYS G 147 -16.13 -52.28 18.84
C CYS G 147 -15.81 -51.58 17.52
N TRP G 148 -16.17 -52.19 16.39
CA TRP G 148 -15.86 -51.65 15.08
C TRP G 148 -17.14 -51.25 14.37
N TRP G 149 -17.16 -50.04 13.81
CA TRP G 149 -18.31 -49.50 13.13
C TRP G 149 -17.91 -49.04 11.73
N THR G 150 -18.75 -49.35 10.75
CA THR G 150 -18.51 -48.98 9.37
C THR G 150 -19.32 -47.72 9.03
N MET G 151 -18.67 -46.79 8.34
CA MET G 151 -19.29 -45.52 7.97
C MET G 151 -19.83 -45.64 6.54
N HIS G 152 -21.05 -45.16 6.34
CA HIS G 152 -21.68 -45.17 5.03
C HIS G 152 -22.29 -43.80 4.74
N PRO G 153 -22.32 -43.38 3.48
CA PRO G 153 -22.90 -42.07 3.16
C PRO G 153 -24.39 -42.04 3.44
N ALA G 154 -24.88 -40.86 3.82
CA ALA G 154 -26.29 -40.68 4.09
C ALA G 154 -27.09 -40.26 2.86
N SER G 155 -26.42 -39.69 1.86
CA SER G 155 -27.06 -39.25 0.63
C SER G 155 -26.19 -39.60 -0.55
N LYS G 156 -26.76 -39.47 -1.75
CA LYS G 156 -26.01 -39.74 -2.98
C LYS G 156 -24.90 -38.73 -3.19
N GLN G 157 -24.90 -37.63 -2.43
CA GLN G 157 -23.84 -36.63 -2.58
C GLN G 157 -22.46 -37.26 -2.39
N ARG G 158 -22.35 -38.23 -1.49
CA ARG G 158 -21.11 -38.94 -1.22
C ARG G 158 -21.28 -40.42 -1.54
N SER G 159 -20.17 -41.07 -1.86
CA SER G 159 -20.18 -42.47 -2.26
C SER G 159 -19.02 -43.19 -1.60
N GLU G 160 -19.10 -44.51 -1.60
CA GLU G 160 -18.07 -45.33 -0.98
C GLU G 160 -16.70 -45.02 -1.58
N GLY G 161 -15.70 -44.88 -0.71
CA GLY G 161 -14.36 -44.52 -1.12
C GLY G 161 -14.06 -43.04 -1.02
N GLU G 162 -15.10 -42.20 -0.95
CA GLU G 162 -14.89 -40.77 -0.78
C GLU G 162 -14.45 -40.45 0.64
N LYS G 163 -13.68 -39.38 0.78
CA LYS G 163 -13.24 -38.94 2.10
C LYS G 163 -14.43 -38.39 2.87
N VAL G 164 -14.46 -38.69 4.17
CA VAL G 164 -15.52 -38.18 5.04
C VAL G 164 -15.18 -36.73 5.41
N ARG G 165 -16.07 -35.81 5.07
CA ARG G 165 -15.85 -34.40 5.34
C ARG G 165 -16.53 -33.99 6.63
N VAL G 166 -15.91 -33.02 7.32
CA VAL G 166 -16.50 -32.47 8.53
C VAL G 166 -17.88 -31.92 8.20
N GLY G 167 -18.86 -32.26 9.03
CA GLY G 167 -20.24 -31.82 8.82
C GLY G 167 -21.06 -32.73 7.95
N ASP G 168 -20.52 -33.86 7.49
CA ASP G 168 -21.25 -34.81 6.68
C ASP G 168 -22.16 -35.66 7.55
N ASP G 169 -23.35 -35.94 7.05
CA ASP G 169 -24.25 -36.88 7.71
C ASP G 169 -23.92 -38.29 7.23
N LEU G 170 -23.71 -39.20 8.18
CA LEU G 170 -23.28 -40.55 7.86
C LEU G 170 -24.06 -41.55 8.70
N ILE G 171 -24.06 -42.79 8.22
CA ILE G 171 -24.71 -43.90 8.92
C ILE G 171 -23.62 -44.83 9.44
N LEU G 172 -23.79 -45.28 10.68
CA LEU G 172 -22.82 -46.16 11.32
C LEU G 172 -23.44 -47.53 11.49
N VAL G 173 -22.78 -48.57 10.98
CA VAL G 173 -23.27 -49.93 11.02
C VAL G 173 -22.31 -50.77 11.85
N SER G 174 -22.85 -51.49 12.83
CA SER G 174 -22.02 -52.36 13.65
C SER G 174 -21.47 -53.50 12.80
N VAL G 175 -20.17 -53.76 12.95
CA VAL G 175 -19.56 -54.85 12.20
C VAL G 175 -20.05 -56.19 12.71
N SER G 176 -20.16 -56.34 14.03
CA SER G 176 -20.51 -57.64 14.61
C SER G 176 -22.00 -57.95 14.43
N SER G 177 -22.87 -56.97 14.63
CA SER G 177 -24.31 -57.20 14.67
C SER G 177 -25.03 -56.82 13.39
N GLU G 178 -24.37 -56.10 12.47
CA GLU G 178 -24.99 -55.67 11.22
C GLU G 178 -26.19 -54.74 11.48
N ARG G 179 -26.14 -53.99 12.57
CA ARG G 179 -27.21 -53.08 12.95
C ARG G 179 -26.72 -51.63 12.88
N TYR G 180 -27.67 -50.72 12.71
CA TYR G 180 -27.40 -49.30 12.63
C TYR G 180 -27.33 -48.70 14.02
N LEU G 181 -26.40 -47.77 14.22
CA LEU G 181 -26.46 -46.91 15.40
C LEU G 181 -27.70 -46.03 15.29
N HIS G 182 -28.69 -46.30 16.14
CA HIS G 182 -30.04 -45.80 15.93
C HIS G 182 -30.50 -44.97 17.12
N LEU G 183 -31.21 -43.89 16.82
CA LEU G 183 -31.88 -43.07 17.82
C LEU G 183 -33.29 -43.59 18.00
N SER G 184 -33.60 -44.11 19.18
CA SER G 184 -34.89 -44.72 19.46
C SER G 184 -35.77 -43.73 20.21
N THR G 185 -36.84 -43.26 19.56
CA THR G 185 -37.82 -42.38 20.18
C THR G 185 -39.12 -43.11 20.49
N ALA G 186 -39.14 -44.45 20.36
CA ALA G 186 -40.37 -45.20 20.57
C ALA G 186 -41.01 -44.87 21.92
N SER G 187 -40.26 -45.07 22.99
CA SER G 187 -40.75 -44.69 24.32
C SER G 187 -40.75 -43.17 24.46
N GLY G 188 -41.17 -42.70 25.63
CA GLY G 188 -41.21 -41.28 25.89
C GLY G 188 -39.85 -40.62 25.86
N GLU G 189 -38.80 -41.36 26.22
CA GLU G 189 -37.45 -40.81 26.30
C GLU G 189 -36.68 -41.12 25.03
N LEU G 190 -35.71 -40.25 24.74
CA LEU G 190 -34.83 -40.46 23.59
C LEU G 190 -33.69 -41.38 23.98
N GLN G 191 -33.56 -42.50 23.27
CA GLN G 191 -32.56 -43.51 23.57
C GLN G 191 -31.71 -43.79 22.34
N VAL G 192 -30.54 -44.38 22.59
CA VAL G 192 -29.63 -44.81 21.53
C VAL G 192 -29.45 -46.32 21.64
N ASP G 193 -29.51 -47.00 20.50
CA ASP G 193 -29.39 -48.45 20.47
C ASP G 193 -28.96 -48.87 19.07
N ALA G 194 -28.63 -50.16 18.94
CA ALA G 194 -28.25 -50.75 17.67
C ALA G 194 -29.46 -51.53 17.14
N SER G 195 -30.11 -50.98 16.12
CA SER G 195 -31.32 -51.57 15.56
C SER G 195 -31.16 -51.68 14.04
N PHE G 196 -32.23 -52.12 13.38
CA PHE G 196 -32.25 -52.25 11.93
C PHE G 196 -32.81 -51.00 11.24
N MET G 197 -33.23 -49.99 12.00
CA MET G 197 -33.63 -48.72 11.44
C MET G 197 -32.48 -47.74 11.52
N GLN G 198 -32.17 -47.09 10.40
CA GLN G 198 -31.00 -46.24 10.30
C GLN G 198 -31.27 -44.87 10.92
N THR G 199 -30.20 -44.25 11.41
CA THR G 199 -30.24 -42.88 11.91
C THR G 199 -29.03 -42.14 11.38
N LEU G 200 -29.23 -40.86 11.04
CA LEU G 200 -28.16 -40.04 10.49
C LEU G 200 -27.38 -39.38 11.63
N TRP G 201 -26.07 -39.54 11.62
CA TRP G 201 -25.20 -39.01 12.65
C TRP G 201 -24.20 -38.04 12.04
N ASN G 202 -23.81 -37.05 12.85
CA ASN G 202 -22.78 -36.09 12.48
C ASN G 202 -21.59 -36.30 13.40
N MET G 203 -20.40 -36.46 12.82
CA MET G 203 -19.16 -36.55 13.60
C MET G 203 -18.52 -35.18 13.61
N ASN G 204 -19.05 -34.32 14.47
CA ASN G 204 -18.52 -32.97 14.59
C ASN G 204 -17.14 -33.02 15.24
N PRO G 205 -16.16 -32.30 14.70
CA PRO G 205 -14.81 -32.35 15.26
C PRO G 205 -14.69 -31.49 16.52
N ILE G 206 -14.01 -32.03 17.52
CA ILE G 206 -13.68 -31.29 18.74
C ILE G 206 -12.28 -30.72 18.67
N CYS G 207 -11.30 -31.55 18.29
CA CYS G 207 -9.93 -31.11 18.14
C CYS G 207 -9.24 -32.04 17.16
N SER G 208 -8.22 -31.51 16.47
CA SER G 208 -7.47 -32.31 15.51
C SER G 208 -6.03 -32.51 15.97
N GLY G 209 -5.32 -31.42 16.23
CA GLY G 209 -3.95 -31.49 16.71
C GLY G 209 -3.52 -30.19 17.36
N CYS G 210 -3.00 -30.28 18.58
CA CYS G 210 -2.68 -29.10 19.36
C CYS G 210 -1.18 -28.80 19.29
N GLU G 211 -0.86 -27.54 19.01
CA GLU G 211 0.53 -27.11 19.04
C GLU G 211 1.11 -27.32 20.43
N GLU G 212 2.35 -27.82 20.48
CA GLU G 212 2.96 -28.17 21.76
C GLU G 212 3.01 -26.96 22.67
N GLY G 213 2.57 -27.13 23.91
CA GLY G 213 2.67 -26.11 24.93
C GLY G 213 1.58 -25.07 24.93
N PHE G 214 0.58 -25.19 24.05
CA PHE G 214 -0.49 -24.20 23.96
C PHE G 214 -1.77 -24.76 24.57
N VAL G 215 -2.57 -23.86 25.13
CA VAL G 215 -3.79 -24.24 25.82
C VAL G 215 -4.93 -24.35 24.81
N THR G 216 -5.76 -25.37 24.99
CA THR G 216 -6.93 -25.58 24.16
C THR G 216 -8.15 -25.81 25.03
N GLY G 217 -9.32 -25.55 24.47
CA GLY G 217 -10.55 -25.72 25.22
C GLY G 217 -10.81 -27.17 25.58
N GLY G 218 -11.64 -27.36 26.59
CA GLY G 218 -11.98 -28.69 27.05
C GLY G 218 -10.88 -29.40 27.81
N HIS G 219 -9.86 -28.68 28.26
CA HIS G 219 -8.75 -29.27 29.00
C HIS G 219 -8.90 -28.98 30.48
N VAL G 220 -8.55 -29.96 31.31
CA VAL G 220 -8.52 -29.78 32.75
C VAL G 220 -7.16 -29.22 33.14
N LEU G 221 -7.17 -28.16 33.93
CA LEU G 221 -5.93 -27.48 34.29
C LEU G 221 -6.11 -26.80 35.64
N ARG G 222 -5.05 -26.15 36.10
CA ARG G 222 -5.06 -25.37 37.33
C ARG G 222 -4.75 -23.93 37.00
N LEU G 223 -5.33 -23.01 37.77
CA LEU G 223 -5.14 -21.57 37.57
C LEU G 223 -4.36 -21.03 38.76
N PHE G 224 -3.05 -20.86 38.59
CA PHE G 224 -2.18 -20.40 39.64
C PHE G 224 -2.12 -18.87 39.63
N HIS G 225 -2.01 -18.29 40.81
CA HIS G 225 -1.88 -16.84 40.94
C HIS G 225 -0.49 -16.43 40.49
N GLY G 226 -0.39 -15.95 39.25
CA GLY G 226 0.91 -15.63 38.68
C GLY G 226 1.85 -16.81 38.74
N HIS G 227 2.89 -16.69 39.57
CA HIS G 227 3.81 -17.79 39.84
C HIS G 227 4.06 -17.90 41.34
N MET G 228 3.03 -17.62 42.13
CA MET G 228 3.14 -17.54 43.58
C MET G 228 2.81 -18.85 44.28
N ASP G 229 2.55 -19.92 43.52
CA ASP G 229 2.17 -21.21 44.08
C ASP G 229 0.82 -21.15 44.80
N GLU G 230 -0.05 -20.24 44.37
CA GLU G 230 -1.42 -20.15 44.87
C GLU G 230 -2.36 -20.44 43.71
N CYS G 231 -3.29 -21.36 43.91
CA CYS G 231 -4.18 -21.81 42.85
C CYS G 231 -5.62 -21.50 43.21
N LEU G 232 -6.43 -21.25 42.19
CA LEU G 232 -7.86 -21.05 42.37
C LEU G 232 -8.51 -22.37 42.75
N THR G 233 -9.39 -22.34 43.74
CA THR G 233 -9.99 -23.57 44.25
C THR G 233 -11.26 -23.22 45.02
N ILE G 234 -11.95 -24.27 45.46
CA ILE G 234 -13.10 -24.13 46.33
C ILE G 234 -12.77 -24.79 47.67
N SER G 235 -13.63 -24.57 48.65
CA SER G 235 -13.37 -25.06 50.00
C SER G 235 -13.34 -26.58 50.02
N PRO G 236 -12.65 -27.17 51.00
CA PRO G 236 -12.60 -28.64 51.06
C PRO G 236 -13.97 -29.25 51.21
N SER G 237 -14.03 -30.56 51.00
CA SER G 237 -15.29 -31.28 51.14
C SER G 237 -15.81 -31.16 52.57
N ASP G 238 -17.14 -31.09 52.69
CA ASP G 238 -17.80 -30.96 53.99
C ASP G 238 -17.40 -29.65 54.67
N SER G 239 -17.56 -28.54 53.95
CA SER G 239 -17.30 -27.22 54.48
C SER G 239 -18.63 -26.49 54.72
N ASP G 240 -18.57 -25.49 55.60
CA ASP G 240 -19.77 -24.74 55.97
C ASP G 240 -20.29 -23.87 54.85
N ASP G 241 -19.44 -23.48 53.90
CA ASP G 241 -19.87 -22.63 52.80
C ASP G 241 -20.54 -23.41 51.68
N GLN G 242 -20.75 -24.71 51.84
CA GLN G 242 -21.38 -25.56 50.83
C GLN G 242 -20.54 -25.65 49.56
N ARG G 243 -19.24 -25.35 49.67
CA ARG G 243 -18.34 -25.43 48.51
C ARG G 243 -18.83 -24.52 47.38
N ARG G 244 -19.37 -23.36 47.75
CA ARG G 244 -19.88 -22.40 46.78
C ARG G 244 -18.99 -21.20 46.58
N LEU G 245 -17.96 -21.03 47.40
CA LEU G 245 -17.08 -19.86 47.33
C LEU G 245 -15.73 -20.26 46.73
N VAL G 246 -15.09 -19.30 46.08
CA VAL G 246 -13.82 -19.52 45.39
C VAL G 246 -12.71 -18.83 46.17
N TYR G 247 -11.56 -19.48 46.25
CA TYR G 247 -10.44 -18.98 47.03
C TYR G 247 -9.15 -19.13 46.26
N TYR G 248 -8.17 -18.31 46.63
CA TYR G 248 -6.78 -18.49 46.27
C TYR G 248 -6.11 -19.17 47.45
N GLU G 249 -5.60 -20.37 47.25
CA GLU G 249 -4.97 -21.17 48.28
C GLU G 249 -3.72 -21.83 47.71
N GLY G 250 -2.67 -21.90 48.54
CA GLY G 250 -1.39 -22.37 48.05
C GLY G 250 -0.70 -23.38 48.93
N GLY G 251 -1.47 -24.18 49.66
CA GLY G 251 -0.91 -25.24 50.45
C GLY G 251 -0.72 -26.50 49.62
N PRO G 252 -0.99 -27.67 50.20
CA PRO G 252 -0.98 -28.90 49.40
C PRO G 252 -2.16 -29.02 48.46
N VAL G 253 -3.09 -28.04 48.48
CA VAL G 253 -4.23 -28.08 47.57
C VAL G 253 -3.77 -28.05 46.12
N CYS G 254 -2.58 -27.53 45.86
CA CYS G 254 -2.06 -27.46 44.49
C CYS G 254 -1.83 -28.84 43.88
N THR G 255 -1.98 -29.91 44.66
CA THR G 255 -1.90 -31.27 44.14
C THR G 255 -3.18 -32.06 44.35
N HIS G 256 -4.24 -31.43 44.85
CA HIS G 256 -5.51 -32.09 45.07
C HIS G 256 -6.45 -31.85 43.89
N ALA G 257 -7.60 -32.54 43.92
CA ALA G 257 -8.55 -32.47 42.83
C ALA G 257 -9.51 -31.29 42.92
N ARG G 258 -9.61 -30.65 44.09
CA ARG G 258 -10.53 -29.52 44.22
C ARG G 258 -10.01 -28.26 43.54
N SER G 259 -8.76 -28.25 43.09
CA SER G 259 -8.19 -27.11 42.38
C SER G 259 -8.18 -27.31 40.88
N LEU G 260 -8.87 -28.33 40.37
CA LEU G 260 -8.87 -28.65 38.95
C LEU G 260 -10.09 -28.04 38.29
N TRP G 261 -9.87 -27.35 37.17
CA TRP G 261 -10.93 -26.69 36.42
C TRP G 261 -10.84 -27.10 34.96
N ARG G 262 -12.00 -27.08 34.29
CA ARG G 262 -12.11 -27.40 32.88
C ARG G 262 -12.60 -26.17 32.14
N LEU G 263 -11.92 -25.83 31.05
CA LEU G 263 -12.30 -24.68 30.24
C LEU G 263 -13.21 -25.15 29.11
N GLU G 264 -14.41 -24.57 29.04
CA GLU G 264 -15.43 -25.00 28.08
C GLU G 264 -15.83 -23.84 27.19
N PRO G 265 -15.33 -23.77 25.95
CA PRO G 265 -15.76 -22.70 25.05
C PRO G 265 -17.24 -22.77 24.77
N LEU G 266 -17.82 -21.62 24.45
CA LEU G 266 -19.26 -21.53 24.18
C LEU G 266 -19.59 -22.05 22.77
N ARG G 267 -19.21 -23.29 22.49
CA ARG G 267 -19.51 -23.92 21.20
C ARG G 267 -19.16 -25.38 21.31
N ILE G 268 -19.88 -26.21 20.55
CA ILE G 268 -19.61 -27.64 20.57
C ILE G 268 -18.55 -28.00 19.55
N SER G 269 -18.72 -27.56 18.30
CA SER G 269 -17.75 -27.86 17.26
C SER G 269 -16.46 -27.10 17.51
N TRP G 270 -15.33 -27.80 17.41
CA TRP G 270 -14.01 -27.19 17.58
C TRP G 270 -13.86 -26.57 18.97
N SER G 271 -14.55 -27.12 19.96
CA SER G 271 -14.35 -26.66 21.33
C SER G 271 -12.95 -26.98 21.84
N GLY G 272 -12.27 -27.93 21.21
CA GLY G 272 -10.92 -28.29 21.61
C GLY G 272 -9.86 -27.52 20.84
N SER G 273 -10.27 -26.45 20.16
CA SER G 273 -9.34 -25.64 19.43
C SER G 273 -8.49 -24.80 20.39
N HIS G 274 -7.44 -24.19 19.85
CA HIS G 274 -6.57 -23.34 20.65
C HIS G 274 -7.37 -22.21 21.28
N LEU G 275 -7.12 -21.97 22.56
CA LEU G 275 -7.76 -20.86 23.25
C LEU G 275 -7.19 -19.54 22.75
N ARG G 276 -8.05 -18.53 22.67
CA ARG G 276 -7.67 -17.22 22.15
C ARG G 276 -8.03 -16.15 23.17
N TRP G 277 -7.25 -15.07 23.18
CA TRP G 277 -7.54 -13.95 24.06
C TRP G 277 -8.90 -13.37 23.72
N GLY G 278 -9.71 -13.14 24.75
CA GLY G 278 -11.03 -12.56 24.58
C GLY G 278 -12.12 -13.55 24.18
N GLN G 279 -11.77 -14.81 23.99
CA GLN G 279 -12.76 -15.81 23.60
C GLN G 279 -13.65 -16.15 24.79
N PRO G 280 -14.96 -15.96 24.71
CA PRO G 280 -15.82 -16.31 25.85
C PRO G 280 -15.78 -17.81 26.12
N LEU G 281 -15.83 -18.15 27.41
CA LEU G 281 -15.81 -19.55 27.82
C LEU G 281 -16.35 -19.67 29.24
N ARG G 282 -16.74 -20.89 29.58
CA ARG G 282 -17.15 -21.25 30.94
C ARG G 282 -16.00 -21.94 31.64
N ILE G 283 -15.98 -21.83 32.96
CA ILE G 283 -14.99 -22.51 33.79
C ILE G 283 -15.75 -23.45 34.73
N ARG G 284 -15.51 -24.74 34.59
CA ARG G 284 -16.26 -25.77 35.31
C ARG G 284 -15.35 -26.38 36.38
N HIS G 285 -15.91 -26.57 37.57
CA HIS G 285 -15.19 -27.30 38.61
C HIS G 285 -15.40 -28.80 38.39
N VAL G 286 -14.31 -29.53 38.21
CA VAL G 286 -14.41 -30.91 37.74
C VAL G 286 -15.07 -31.80 38.79
N THR G 287 -14.61 -31.72 40.04
CA THR G 287 -15.07 -32.67 41.05
C THR G 287 -16.49 -32.39 41.52
N THR G 288 -16.97 -31.16 41.40
CA THR G 288 -18.32 -30.81 41.81
C THR G 288 -19.27 -30.56 40.65
N GLY G 289 -18.74 -30.34 39.45
CA GLY G 289 -19.60 -30.09 38.30
C GLY G 289 -20.24 -28.73 38.29
N ARG G 290 -19.76 -27.81 39.11
CA ARG G 290 -20.31 -26.47 39.20
C ARG G 290 -19.46 -25.51 38.37
N TYR G 291 -20.09 -24.41 37.96
CA TYR G 291 -19.50 -23.47 37.03
C TYR G 291 -19.23 -22.14 37.71
N LEU G 292 -18.02 -21.62 37.51
CA LEU G 292 -17.70 -20.28 37.98
C LEU G 292 -18.67 -19.28 37.38
N GLY G 293 -19.19 -18.39 38.22
CA GLY G 293 -20.17 -17.43 37.75
C GLY G 293 -20.35 -16.30 38.72
N LEU G 294 -21.07 -15.27 38.27
CA LEU G 294 -21.37 -14.08 39.04
C LEU G 294 -22.85 -14.06 39.36
N THR G 295 -23.18 -14.00 40.65
CA THR G 295 -24.56 -13.90 41.11
C THR G 295 -24.78 -12.53 41.72
N GLU G 296 -25.96 -11.96 41.46
CA GLU G 296 -26.25 -10.60 41.92
C GLU G 296 -26.22 -10.52 43.45
N ASP G 297 -26.56 -11.61 44.14
CA ASP G 297 -26.69 -11.57 45.59
C ASP G 297 -25.41 -11.98 46.31
N GLN G 298 -24.58 -12.82 45.71
CA GLN G 298 -23.37 -13.31 46.36
C GLN G 298 -22.08 -12.95 45.64
N GLY G 299 -22.14 -12.48 44.40
CA GLY G 299 -20.94 -12.18 43.66
C GLY G 299 -20.33 -13.42 43.02
N LEU G 300 -19.01 -13.52 43.05
CA LEU G 300 -18.33 -14.66 42.42
C LEU G 300 -18.58 -15.92 43.23
N VAL G 301 -19.20 -16.92 42.60
CA VAL G 301 -19.46 -18.21 43.22
C VAL G 301 -19.39 -19.28 42.14
N VAL G 302 -19.56 -20.53 42.54
CA VAL G 302 -19.73 -21.64 41.61
C VAL G 302 -21.20 -22.07 41.67
N VAL G 303 -21.87 -22.06 40.52
CA VAL G 303 -23.29 -22.32 40.46
C VAL G 303 -23.54 -23.66 39.78
N ASP G 304 -24.77 -24.14 39.88
CA ASP G 304 -25.14 -25.39 39.26
C ASP G 304 -25.28 -25.21 37.75
N ALA G 305 -25.13 -26.33 37.03
CA ALA G 305 -25.28 -26.30 35.58
C ALA G 305 -26.66 -25.79 35.18
N SER G 306 -27.67 -26.07 36.00
CA SER G 306 -29.02 -25.62 35.67
C SER G 306 -29.12 -24.11 35.67
N LYS G 307 -28.36 -23.43 36.53
CA LYS G 307 -28.37 -21.97 36.62
C LYS G 307 -27.18 -21.34 35.91
N ALA G 308 -26.36 -22.15 35.23
CA ALA G 308 -25.17 -21.64 34.57
C ALA G 308 -25.48 -21.15 33.14
N HIS G 309 -26.23 -20.05 33.06
CA HIS G 309 -26.45 -19.42 31.77
C HIS G 309 -25.25 -18.53 31.40
N THR G 310 -25.20 -18.15 30.12
CA THR G 310 -23.98 -17.54 29.60
C THR G 310 -23.65 -16.24 30.33
N LYS G 311 -24.66 -15.39 30.56
CA LYS G 311 -24.39 -14.09 31.17
C LYS G 311 -23.73 -14.26 32.53
N ALA G 312 -24.18 -15.24 33.31
CA ALA G 312 -23.63 -15.45 34.64
C ALA G 312 -22.26 -16.13 34.62
N THR G 313 -22.04 -17.04 33.67
CA THR G 313 -20.90 -17.96 33.74
C THR G 313 -19.93 -17.82 32.57
N SER G 314 -19.98 -16.73 31.82
CA SER G 314 -19.10 -16.54 30.68
C SER G 314 -17.93 -15.65 31.08
N PHE G 315 -16.72 -16.16 30.87
CA PHE G 315 -15.49 -15.46 31.18
C PHE G 315 -14.58 -15.47 29.95
N CYS G 316 -13.54 -14.65 30.01
CA CYS G 316 -12.53 -14.62 28.95
C CYS G 316 -11.17 -14.34 29.56
N PHE G 317 -10.13 -14.73 28.82
CA PHE G 317 -8.76 -14.45 29.18
C PHE G 317 -8.26 -13.27 28.35
N ARG G 318 -7.63 -12.31 29.03
CA ARG G 318 -7.16 -11.09 28.40
C ARG G 318 -5.67 -10.92 28.68
N ILE G 319 -4.93 -10.48 27.67
CA ILE G 319 -3.50 -10.26 27.84
C ILE G 319 -3.24 -9.09 28.77
N SER G 320 -4.09 -8.07 28.73
CA SER G 320 -3.94 -6.89 29.56
C SER G 320 -5.31 -6.36 29.92
N LYS G 321 -5.33 -5.42 30.87
CA LYS G 321 -6.56 -4.83 31.37
C LYS G 321 -7.02 -3.62 30.57
N GLU G 322 -6.31 -3.26 29.50
CA GLU G 322 -6.71 -2.13 28.69
C GLU G 322 -8.07 -2.39 28.04
N LYS G 323 -8.81 -1.31 27.81
CA LYS G 323 -10.16 -1.39 27.26
C LYS G 323 -10.13 -1.53 25.74
N LEU G 324 -9.74 -2.73 25.29
CA LEU G 324 -9.69 -3.04 23.87
C LEU G 324 -10.78 -4.02 23.43
N ASP G 325 -11.62 -4.48 24.37
CA ASP G 325 -12.63 -5.47 24.02
C ASP G 325 -13.56 -4.99 22.91
N VAL G 326 -13.52 -3.70 22.58
CA VAL G 326 -14.31 -3.16 21.47
C VAL G 326 -14.04 -3.99 20.22
N ALA G 327 -12.81 -4.47 20.07
CA ALA G 327 -12.48 -5.30 18.93
C ALA G 327 -13.27 -6.60 18.98
N PRO G 328 -14.05 -6.94 17.93
CA PRO G 328 -14.80 -8.20 17.96
C PRO G 328 -13.95 -9.38 17.50
N LYS G 329 -14.54 -10.57 17.48
CA LYS G 329 -13.84 -11.77 17.06
C LYS G 329 -14.83 -12.71 16.37
N ARG G 330 -14.32 -13.46 15.40
CA ARG G 330 -15.14 -14.37 14.61
C ARG G 330 -14.68 -15.82 14.81
N ASP G 331 -15.66 -16.71 14.86
CA ASP G 331 -15.39 -18.13 15.04
C ASP G 331 -14.65 -18.67 13.83
N VAL G 332 -13.78 -19.65 14.06
CA VAL G 332 -12.96 -20.27 13.02
C VAL G 332 -13.19 -21.77 13.06
N GLU G 333 -13.39 -22.36 11.89
CA GLU G 333 -13.66 -23.80 11.78
C GLU G 333 -12.33 -24.55 11.68
N GLY G 334 -11.65 -24.62 12.81
CA GLY G 334 -10.38 -25.33 12.87
C GLY G 334 -9.71 -25.10 14.21
N MET G 335 -8.48 -25.62 14.31
CA MET G 335 -7.73 -25.48 15.56
C MET G 335 -7.42 -24.02 15.87
N GLY G 336 -7.29 -23.19 14.84
CA GLY G 336 -7.09 -21.77 15.03
C GLY G 336 -5.67 -21.42 15.38
N PRO G 337 -5.40 -20.14 15.59
CA PRO G 337 -4.05 -19.70 15.93
C PRO G 337 -3.70 -20.01 17.37
N PRO G 338 -2.52 -20.58 17.63
CA PRO G 338 -2.10 -20.77 19.02
C PRO G 338 -1.75 -19.43 19.67
N GLU G 339 -2.43 -19.11 20.77
CA GLU G 339 -2.25 -17.82 21.41
C GLU G 339 -1.76 -17.95 22.85
N ILE G 340 -2.41 -18.79 23.66
CA ILE G 340 -2.13 -18.88 25.08
C ILE G 340 -1.31 -20.12 25.35
N LYS G 341 -0.26 -19.96 26.17
CA LYS G 341 0.69 -21.02 26.46
C LYS G 341 0.62 -21.44 27.92
N TYR G 342 0.80 -22.73 28.16
CA TYR G 342 0.85 -23.24 29.53
C TYR G 342 2.07 -22.71 30.24
N GLY G 343 1.88 -22.20 31.45
CA GLY G 343 3.00 -21.75 32.27
C GLY G 343 3.48 -20.36 31.96
N GLU G 344 3.75 -20.08 30.68
CA GLU G 344 4.34 -18.80 30.30
C GLU G 344 3.32 -17.68 30.29
N SER G 345 2.25 -17.85 29.52
CA SER G 345 1.28 -16.77 29.34
C SER G 345 0.65 -16.38 30.67
N LEU G 346 0.59 -15.08 30.91
CA LEU G 346 -0.09 -14.52 32.07
C LEU G 346 -1.40 -13.91 31.60
N CYS G 347 -2.51 -14.37 32.15
CA CYS G 347 -3.84 -14.04 31.66
C CYS G 347 -4.67 -13.42 32.79
N PHE G 348 -5.41 -12.38 32.45
CA PHE G 348 -6.40 -11.80 33.35
C PHE G 348 -7.76 -12.37 33.02
N VAL G 349 -8.47 -12.84 34.03
CA VAL G 349 -9.80 -13.41 33.84
C VAL G 349 -10.82 -12.29 33.98
N GLN G 350 -11.65 -12.11 32.96
CA GLN G 350 -12.66 -11.06 32.95
C GLN G 350 -14.03 -11.67 32.74
N HIS G 351 -14.98 -11.28 33.57
CA HIS G 351 -16.37 -11.64 33.35
C HIS G 351 -16.91 -10.86 32.16
N VAL G 352 -17.36 -11.59 31.13
CA VAL G 352 -17.68 -10.94 29.87
C VAL G 352 -18.86 -9.98 30.02
N ALA G 353 -19.93 -10.44 30.68
CA ALA G 353 -21.15 -9.62 30.74
C ALA G 353 -20.92 -8.31 31.48
N SER G 354 -20.21 -8.37 32.61
CA SER G 354 -20.03 -7.18 33.45
C SER G 354 -18.71 -6.48 33.20
N GLY G 355 -17.70 -7.20 32.72
CA GLY G 355 -16.37 -6.64 32.56
C GLY G 355 -15.55 -6.64 33.83
N LEU G 356 -16.08 -7.15 34.94
CA LEU G 356 -15.33 -7.19 36.18
C LEU G 356 -14.15 -8.14 36.05
N TRP G 357 -13.08 -7.83 36.80
CA TRP G 357 -11.86 -8.60 36.76
C TRP G 357 -11.79 -9.54 37.96
N LEU G 358 -11.34 -10.77 37.71
CA LEU G 358 -11.15 -11.72 38.78
C LEU G 358 -9.96 -11.30 39.64
N THR G 359 -10.17 -11.17 40.93
CA THR G 359 -9.13 -10.70 41.84
C THR G 359 -9.41 -11.27 43.22
N TYR G 360 -8.48 -11.00 44.15
CA TYR G 360 -8.60 -11.47 45.52
C TYR G 360 -9.25 -10.38 46.38
N ALA G 361 -10.12 -10.82 47.29
CA ALA G 361 -10.78 -9.89 48.19
C ALA G 361 -9.76 -9.27 49.13
N ALA G 362 -10.07 -8.06 49.59
CA ALA G 362 -9.18 -7.36 50.51
C ALA G 362 -8.97 -8.21 51.76
N PRO G 363 -7.71 -8.46 52.16
CA PRO G 363 -7.48 -9.34 53.32
C PRO G 363 -8.31 -8.92 54.53
N ASP G 364 -9.25 -9.77 54.92
CA ASP G 364 -10.10 -9.44 56.05
C ASP G 364 -9.28 -9.47 57.34
N PRO G 365 -9.60 -8.63 58.33
CA PRO G 365 -8.85 -8.66 59.58
C PRO G 365 -9.05 -9.97 60.32
N LYS G 366 -8.06 -10.30 61.15
CA LYS G 366 -7.99 -11.47 62.03
C LYS G 366 -7.89 -12.78 61.24
N ALA G 367 -7.91 -12.75 59.91
CA ALA G 367 -7.69 -13.98 59.15
C ALA G 367 -6.29 -14.52 59.39
N LEU G 368 -5.29 -13.64 59.41
CA LEU G 368 -3.93 -14.07 59.71
C LEU G 368 -3.87 -14.73 61.08
N ARG G 369 -4.56 -14.16 62.07
CA ARG G 369 -4.56 -14.75 63.40
C ARG G 369 -5.25 -16.11 63.39
N LEU G 370 -6.38 -16.22 62.69
CA LEU G 370 -7.07 -17.49 62.57
C LEU G 370 -6.25 -18.51 61.81
N GLY G 371 -5.22 -18.07 61.09
CA GLY G 371 -4.42 -18.97 60.30
C GLY G 371 -4.95 -19.18 58.90
N VAL G 372 -5.81 -18.29 58.42
CA VAL G 372 -6.44 -18.43 57.11
C VAL G 372 -5.41 -18.00 56.06
N LEU G 373 -4.75 -18.99 55.45
CA LEU G 373 -3.83 -18.72 54.36
C LEU G 373 -4.53 -18.59 53.02
N LYS G 374 -5.85 -18.77 52.98
CA LYS G 374 -6.62 -18.68 51.75
C LYS G 374 -7.31 -17.33 51.67
N LYS G 375 -7.27 -16.73 50.47
CA LYS G 375 -7.87 -15.42 50.23
C LYS G 375 -9.09 -15.58 49.34
N LYS G 376 -10.24 -15.10 49.81
CA LYS G 376 -11.45 -15.20 49.01
C LYS G 376 -11.27 -14.46 47.70
N ALA G 377 -11.77 -15.05 46.61
CA ALA G 377 -11.69 -14.45 45.30
C ALA G 377 -12.99 -13.73 44.98
N MET G 378 -12.88 -12.59 44.31
CA MET G 378 -14.03 -11.75 43.99
C MET G 378 -13.86 -11.17 42.60
N LEU G 379 -14.94 -10.58 42.09
CA LEU G 379 -14.93 -9.85 40.84
C LEU G 379 -15.03 -8.37 41.16
N HIS G 380 -14.02 -7.61 40.73
CA HIS G 380 -13.92 -6.20 41.06
C HIS G 380 -13.72 -5.40 39.78
N GLN G 381 -14.18 -4.15 39.82
CA GLN G 381 -14.10 -3.30 38.64
C GLN G 381 -12.67 -3.04 38.22
N GLU G 382 -11.79 -2.77 39.17
CA GLU G 382 -10.39 -2.44 38.88
C GLU G 382 -9.43 -3.60 39.14
N GLY G 383 -9.62 -4.33 40.23
CA GLY G 383 -8.68 -5.40 40.55
C GLY G 383 -7.35 -4.86 41.03
N HIS G 384 -6.32 -5.69 40.90
CA HIS G 384 -4.96 -5.35 41.29
C HIS G 384 -4.02 -5.66 40.14
N MET G 385 -2.77 -5.24 40.28
CA MET G 385 -1.79 -5.45 39.23
C MET G 385 -1.32 -6.89 39.13
N ASP G 386 -1.39 -7.65 40.24
CA ASP G 386 -0.97 -9.04 40.26
C ASP G 386 -2.14 -10.01 40.06
N ASP G 387 -3.16 -9.57 39.33
CA ASP G 387 -4.33 -10.41 39.09
C ASP G 387 -4.10 -11.47 38.03
N ALA G 388 -3.04 -11.36 37.24
CA ALA G 388 -2.83 -12.28 36.13
C ALA G 388 -2.66 -13.71 36.66
N LEU G 389 -3.20 -14.67 35.92
CA LEU G 389 -3.16 -16.07 36.28
C LEU G 389 -2.35 -16.86 35.26
N SER G 390 -1.70 -17.91 35.74
CA SER G 390 -0.94 -18.83 34.90
C SER G 390 -1.68 -20.15 34.83
N LEU G 391 -1.84 -20.66 33.62
CA LEU G 391 -2.54 -21.92 33.42
C LEU G 391 -1.54 -23.06 33.43
N THR G 392 -1.72 -24.02 34.33
CA THR G 392 -0.80 -25.13 34.51
C THR G 392 -1.51 -26.43 34.12
N ARG G 393 -0.86 -27.20 33.26
CA ARG G 393 -1.42 -28.46 32.81
C ARG G 393 -1.44 -29.47 33.95
N CYS G 394 -2.48 -30.29 33.97
CA CYS G 394 -2.61 -31.38 34.93
C CYS G 394 -2.45 -32.72 34.22
N GLN G 395 -2.04 -33.73 34.96
CA GLN G 395 -1.83 -35.04 34.38
C GLN G 395 -3.16 -35.71 34.03
N GLN G 396 -3.12 -36.55 33.00
CA GLN G 396 -4.30 -37.30 32.62
C GLN G 396 -4.83 -38.12 33.79
N GLU G 397 -3.93 -38.65 34.61
CA GLU G 397 -4.35 -39.40 35.79
C GLU G 397 -5.18 -38.52 36.72
N GLU G 398 -4.71 -37.31 37.01
CA GLU G 398 -5.46 -36.42 37.89
C GLU G 398 -6.80 -36.04 37.28
N SER G 399 -6.82 -35.74 35.99
CA SER G 399 -8.09 -35.35 35.35
C SER G 399 -9.10 -36.49 35.40
N GLN G 400 -8.67 -37.70 35.05
CA GLN G 400 -9.56 -38.84 35.09
C GLN G 400 -10.03 -39.12 36.51
N ALA G 401 -9.14 -39.00 37.49
CA ALA G 401 -9.53 -39.22 38.88
C ALA G 401 -10.55 -38.19 39.33
N ALA G 402 -10.38 -36.94 38.92
CA ALA G 402 -11.35 -35.91 39.29
C ALA G 402 -12.73 -36.20 38.70
N ARG G 403 -12.78 -36.57 37.42
CA ARG G 403 -14.07 -36.89 36.82
C ARG G 403 -14.70 -38.10 37.50
N MET G 404 -13.88 -39.12 37.80
CA MET G 404 -14.38 -40.30 38.48
C MET G 404 -14.92 -39.94 39.86
N ILE G 405 -14.24 -39.03 40.56
CA ILE G 405 -14.71 -38.61 41.88
C ILE G 405 -16.06 -37.94 41.74
N TYR G 406 -16.21 -37.05 40.75
CA TYR G 406 -17.51 -36.39 40.55
C TYR G 406 -18.61 -37.42 40.35
N SER G 407 -18.42 -38.33 39.39
CA SER G 407 -19.48 -39.29 39.08
C SER G 407 -19.76 -40.22 40.25
N THR G 408 -18.71 -40.71 40.91
CA THR G 408 -18.89 -41.64 42.02
C THR G 408 -19.56 -40.97 43.20
N ALA G 409 -19.19 -39.71 43.49
CA ALA G 409 -19.85 -38.98 44.56
C ALA G 409 -21.33 -38.83 44.27
N GLY G 410 -21.67 -38.47 43.03
CA GLY G 410 -23.08 -38.38 42.68
C GLY G 410 -23.81 -39.69 42.91
N LEU G 411 -23.23 -40.79 42.41
CA LEU G 411 -23.90 -42.09 42.51
C LEU G 411 -24.07 -42.52 43.96
N TYR G 412 -23.02 -42.39 44.77
CA TYR G 412 -23.10 -42.86 46.15
C TYR G 412 -23.99 -41.96 47.00
N ASN G 413 -24.02 -40.66 46.72
CA ASN G 413 -24.97 -39.79 47.42
C ASN G 413 -26.40 -40.18 47.06
N GLN G 414 -26.65 -40.52 45.79
CA GLN G 414 -27.99 -40.99 45.42
C GLN G 414 -28.33 -42.29 46.15
N PHE G 415 -27.36 -43.19 46.28
CA PHE G 415 -27.58 -44.44 47.00
C PHE G 415 -27.92 -44.17 48.46
N ILE G 416 -27.17 -43.27 49.10
CA ILE G 416 -27.42 -42.95 50.50
C ILE G 416 -28.80 -42.32 50.66
N LYS G 417 -29.17 -41.43 49.75
CA LYS G 417 -30.51 -40.84 49.80
C LYS G 417 -31.58 -41.92 49.66
N GLY G 418 -31.38 -42.86 48.75
CA GLY G 418 -32.34 -43.94 48.61
C GLY G 418 -32.50 -44.75 49.88
N LEU G 419 -31.38 -45.09 50.52
CA LEU G 419 -31.46 -45.83 51.78
C LEU G 419 -32.18 -45.02 52.85
N ASP G 420 -31.83 -43.75 52.98
CA ASP G 420 -32.49 -42.89 53.97
C ASP G 420 -33.97 -42.73 53.67
N SER G 421 -34.39 -42.92 52.42
CA SER G 421 -35.80 -42.77 52.08
C SER G 421 -36.66 -43.75 52.87
N PHE G 422 -36.22 -45.00 53.01
CA PHE G 422 -36.96 -46.03 53.73
C PHE G 422 -36.26 -46.46 55.02
N SER G 423 -35.29 -45.67 55.49
CA SER G 423 -34.54 -46.01 56.70
C SER G 423 -35.41 -46.64 57.78
N GLY G 424 -36.50 -45.99 58.16
CA GLY G 424 -37.33 -46.47 59.25
C GLY G 424 -38.79 -46.65 58.88
N LYS G 425 -39.06 -47.14 57.67
CA LYS G 425 -40.43 -47.33 57.17
C LYS G 425 -40.62 -48.77 56.74
N PRO G 426 -41.05 -49.66 57.65
CA PRO G 426 -41.29 -51.04 57.25
C PRO G 426 -42.32 -51.13 56.13
N ARG G 427 -42.08 -52.05 55.20
CA ARG G 427 -42.96 -52.21 54.05
C ARG G 427 -44.09 -53.20 54.31
N GLY G 428 -44.08 -53.89 55.45
CA GLY G 428 -45.09 -54.90 55.68
C GLY G 428 -45.06 -55.94 54.57
N SER G 429 -46.13 -55.99 53.79
CA SER G 429 -46.19 -56.84 52.61
C SER G 429 -46.40 -56.04 51.32
N GLY G 430 -46.28 -54.72 51.39
CA GLY G 430 -46.49 -53.87 50.24
C GLY G 430 -45.20 -53.49 49.56
N PRO G 431 -45.22 -52.41 48.77
CA PRO G 431 -44.01 -51.99 48.06
C PRO G 431 -42.96 -51.46 49.02
N PRO G 432 -41.70 -51.38 48.59
CA PRO G 432 -40.63 -50.92 49.49
C PRO G 432 -40.90 -49.59 50.16
N ALA G 433 -41.81 -48.79 49.60
CA ALA G 433 -42.16 -47.50 50.17
C ALA G 433 -40.95 -46.59 50.24
N GLY G 434 -40.40 -46.24 49.09
CA GLY G 434 -39.27 -45.32 49.01
C GLY G 434 -38.86 -45.13 47.56
N SER G 435 -37.69 -44.53 47.38
CA SER G 435 -37.13 -44.34 46.05
C SER G 435 -36.31 -45.56 45.65
N ALA G 436 -36.34 -45.87 44.35
CA ALA G 436 -35.63 -47.03 43.85
C ALA G 436 -34.13 -46.86 44.07
N LEU G 437 -33.47 -47.98 44.37
CA LEU G 437 -32.04 -47.94 44.66
C LEU G 437 -31.24 -48.23 43.39
N PRO G 438 -30.17 -47.47 43.11
CA PRO G 438 -29.31 -47.78 41.96
C PRO G 438 -28.38 -48.95 42.24
N ILE G 439 -28.97 -50.14 42.41
CA ILE G 439 -28.20 -51.31 42.83
C ILE G 439 -27.17 -51.69 41.77
N GLU G 440 -27.60 -51.79 40.52
CA GLU G 440 -26.70 -52.21 39.45
C GLU G 440 -25.57 -51.22 39.28
N GLY G 441 -25.90 -49.93 39.27
CA GLY G 441 -24.87 -48.91 39.12
C GLY G 441 -23.88 -48.93 40.27
N VAL G 442 -24.39 -49.10 41.50
CA VAL G 442 -23.51 -49.13 42.67
C VAL G 442 -22.58 -50.32 42.59
N ILE G 443 -23.09 -51.50 42.23
CA ILE G 443 -22.25 -52.68 42.16
C ILE G 443 -21.17 -52.51 41.09
N LEU G 444 -21.57 -52.04 39.91
CA LEU G 444 -20.59 -51.86 38.84
C LEU G 444 -19.54 -50.83 39.22
N SER G 445 -19.96 -49.73 39.85
CA SER G 445 -19.02 -48.69 40.25
C SER G 445 -18.05 -49.24 41.29
N LEU G 446 -18.54 -50.01 42.26
CA LEU G 446 -17.66 -50.56 43.28
C LEU G 446 -16.64 -51.51 42.66
N GLN G 447 -17.09 -52.38 41.74
CA GLN G 447 -16.14 -53.28 41.09
C GLN G 447 -15.11 -52.52 40.28
N ASP G 448 -15.55 -51.50 39.54
CA ASP G 448 -14.63 -50.71 38.73
C ASP G 448 -13.61 -50.01 39.60
N LEU G 449 -14.04 -49.46 40.74
CA LEU G 449 -13.11 -48.77 41.63
C LEU G 449 -12.15 -49.74 42.30
N ILE G 450 -12.61 -50.94 42.65
CA ILE G 450 -11.69 -51.94 43.19
C ILE G 450 -10.61 -52.28 42.17
N GLY G 451 -11.00 -52.50 40.92
CA GLY G 451 -10.02 -52.72 39.88
C GLY G 451 -9.11 -51.53 39.67
N TYR G 452 -9.66 -50.33 39.82
CA TYR G 452 -8.89 -49.10 39.68
C TYR G 452 -7.81 -48.99 40.74
N PHE G 453 -8.13 -49.39 41.97
CA PHE G 453 -7.22 -49.29 43.10
C PHE G 453 -6.45 -50.58 43.35
N GLU G 454 -6.57 -51.55 42.45
CA GLU G 454 -5.84 -52.80 42.60
C GLU G 454 -4.35 -52.53 42.70
N PRO G 455 -3.65 -53.12 43.67
CA PRO G 455 -2.21 -52.86 43.79
C PRO G 455 -1.45 -53.51 42.66
N PRO G 456 -0.26 -53.01 42.35
CA PRO G 456 0.52 -53.60 41.24
C PRO G 456 0.94 -55.02 41.53
N SER G 457 1.05 -55.81 40.46
CA SER G 457 1.43 -57.20 40.60
C SER G 457 2.89 -57.32 41.05
N GLU G 458 3.14 -58.24 41.97
CA GLU G 458 4.50 -58.43 42.48
C GLU G 458 5.45 -58.96 41.42
N GLU G 459 4.93 -59.55 40.35
CA GLU G 459 5.76 -60.04 39.24
C GLU G 459 6.01 -58.92 38.24
N LEU G 460 6.66 -57.87 38.72
CA LEU G 460 6.99 -56.70 37.90
C LEU G 460 8.40 -56.25 38.19
N GLN G 461 8.99 -55.56 37.23
CA GLN G 461 10.29 -54.95 37.44
C GLN G 461 10.20 -53.89 38.52
N HIS G 462 11.31 -53.64 39.21
CA HIS G 462 11.30 -52.72 40.34
C HIS G 462 10.87 -51.32 39.92
N GLU G 463 11.40 -50.85 38.79
CA GLU G 463 11.07 -49.49 38.35
C GLU G 463 9.59 -49.33 38.04
N GLU G 464 9.04 -50.27 37.27
CA GLU G 464 7.63 -50.21 36.92
C GLU G 464 6.76 -50.33 38.18
N LYS G 465 7.14 -51.22 39.10
CA LYS G 465 6.38 -51.38 40.32
C LYS G 465 6.40 -50.09 41.15
N GLN G 466 7.55 -49.43 41.22
CA GLN G 466 7.63 -48.17 41.96
C GLN G 466 6.75 -47.10 41.33
N THR G 467 6.78 -47.01 39.99
CA THR G 467 5.91 -46.02 39.34
C THR G 467 4.44 -46.31 39.61
N LYS G 468 4.05 -47.58 39.52
CA LYS G 468 2.65 -47.93 39.77
C LYS G 468 2.27 -47.66 41.22
N LEU G 469 3.17 -47.94 42.16
CA LEU G 469 2.89 -47.63 43.57
C LEU G 469 2.72 -46.14 43.78
N ARG G 470 3.56 -45.33 43.14
CA ARG G 470 3.43 -43.89 43.26
C ARG G 470 2.08 -43.43 42.72
N SER G 471 1.68 -43.94 41.56
CA SER G 471 0.39 -43.57 40.99
C SER G 471 -0.75 -44.00 41.91
N LEU G 472 -0.66 -45.21 42.47
CA LEU G 472 -1.72 -45.70 43.34
C LEU G 472 -1.84 -44.85 44.59
N ARG G 473 -0.71 -44.49 45.19
CA ARG G 473 -0.75 -43.64 46.38
C ARG G 473 -1.36 -42.28 46.04
N ASN G 474 -0.97 -41.71 44.90
CA ASN G 474 -1.52 -40.41 44.52
C ASN G 474 -3.03 -40.49 44.34
N ARG G 475 -3.51 -41.54 43.69
CA ARG G 475 -4.94 -41.66 43.43
C ARG G 475 -5.71 -41.91 44.72
N GLN G 476 -5.16 -42.73 45.63
CA GLN G 476 -5.77 -42.92 46.93
C GLN G 476 -5.87 -41.59 47.68
N SER G 477 -4.79 -40.80 47.66
CA SER G 477 -4.82 -39.50 48.34
C SER G 477 -5.84 -38.58 47.71
N LEU G 478 -5.95 -38.57 46.37
CA LEU G 478 -6.94 -37.74 45.71
C LEU G 478 -8.35 -38.10 46.17
N PHE G 479 -8.68 -39.38 46.15
CA PHE G 479 -10.02 -39.79 46.56
C PHE G 479 -10.28 -39.45 48.02
N GLN G 480 -9.31 -39.73 48.89
CA GLN G 480 -9.50 -39.43 50.31
C GLN G 480 -9.70 -37.93 50.53
N GLU G 481 -8.88 -37.10 49.88
CA GLU G 481 -8.99 -35.66 50.04
C GLU G 481 -10.31 -35.13 49.51
N GLU G 482 -10.85 -35.74 48.46
CA GLU G 482 -12.17 -35.35 47.97
C GLU G 482 -13.29 -35.97 48.79
N GLY G 483 -12.97 -36.88 49.71
CA GLY G 483 -13.94 -37.37 50.67
C GLY G 483 -14.67 -38.62 50.27
N MET G 484 -14.11 -39.42 49.37
CA MET G 484 -14.76 -40.67 48.97
C MET G 484 -14.70 -41.70 50.10
N LEU G 485 -13.66 -41.64 50.93
CA LEU G 485 -13.59 -42.55 52.07
C LEU G 485 -14.75 -42.33 53.03
N SER G 486 -15.07 -41.07 53.31
CA SER G 486 -16.21 -40.78 54.19
C SER G 486 -17.52 -41.25 53.56
N LEU G 487 -17.65 -41.08 52.24
CA LEU G 487 -18.85 -41.55 51.56
C LEU G 487 -18.99 -43.06 51.65
N VAL G 488 -17.89 -43.79 51.47
CA VAL G 488 -17.92 -45.24 51.60
C VAL G 488 -18.30 -45.63 53.03
N LEU G 489 -17.74 -44.94 54.01
CA LEU G 489 -18.09 -45.23 55.41
C LEU G 489 -19.58 -44.97 55.66
N ASN G 490 -20.12 -43.89 55.10
CA ASN G 490 -21.54 -43.61 55.28
C ASN G 490 -22.41 -44.69 54.66
N CYS G 491 -22.06 -45.13 53.45
CA CYS G 491 -22.81 -46.22 52.83
C CYS G 491 -22.74 -47.48 53.68
N ILE G 492 -21.55 -47.78 54.21
CA ILE G 492 -21.40 -48.94 55.06
C ILE G 492 -22.28 -48.81 56.30
N ASP G 493 -22.35 -47.63 56.89
CA ASP G 493 -23.19 -47.42 58.06
C ASP G 493 -24.66 -47.66 57.73
N ARG G 494 -25.13 -47.07 56.64
CA ARG G 494 -26.53 -47.24 56.27
C ARG G 494 -26.86 -48.71 56.06
N LEU G 495 -25.98 -49.45 55.39
CA LEU G 495 -26.25 -50.87 55.16
C LEU G 495 -26.05 -51.71 56.42
N ASN G 496 -25.18 -51.29 57.33
CA ASN G 496 -24.94 -52.02 58.57
C ASN G 496 -26.08 -51.87 59.55
N VAL G 497 -26.87 -50.80 59.43
CA VAL G 497 -28.08 -50.69 60.26
C VAL G 497 -28.87 -51.97 60.23
N TYR G 498 -28.79 -52.73 59.12
CA TYR G 498 -29.50 -53.99 58.99
C TYR G 498 -28.58 -55.17 59.25
N THR G 499 -29.10 -56.17 59.95
CA THR G 499 -28.28 -57.31 60.38
C THR G 499 -28.18 -58.41 59.35
N THR G 500 -29.14 -58.53 58.43
CA THR G 500 -29.12 -59.61 57.46
C THR G 500 -29.90 -59.20 56.22
N ALA G 501 -29.82 -60.04 55.20
CA ALA G 501 -30.50 -59.76 53.94
C ALA G 501 -32.01 -59.72 54.13
N ALA G 502 -32.56 -60.64 54.94
CA ALA G 502 -34.00 -60.63 55.20
C ALA G 502 -34.41 -59.36 55.94
N HIS G 503 -33.63 -58.95 56.93
CA HIS G 503 -33.93 -57.71 57.63
C HIS G 503 -33.90 -56.52 56.68
N PHE G 504 -32.94 -56.50 55.76
CA PHE G 504 -32.91 -55.45 54.76
C PHE G 504 -34.15 -55.52 53.87
N ALA G 505 -34.53 -56.73 53.45
CA ALA G 505 -35.71 -56.89 52.61
C ALA G 505 -36.97 -56.38 53.28
N GLU G 506 -37.02 -56.46 54.61
CA GLU G 506 -38.19 -55.96 55.33
C GLU G 506 -38.41 -54.47 55.11
N PHE G 507 -37.40 -53.73 54.64
CA PHE G 507 -37.53 -52.30 54.37
C PHE G 507 -37.28 -51.91 52.92
N ALA G 508 -36.52 -52.69 52.16
CA ALA G 508 -36.14 -52.33 50.79
C ALA G 508 -36.76 -53.23 49.73
N GLY G 509 -37.28 -54.38 50.10
CA GLY G 509 -37.85 -55.32 49.15
C GLY G 509 -36.89 -56.46 48.84
N GLU G 510 -37.46 -57.57 48.40
CA GLU G 510 -36.67 -58.77 48.15
C GLU G 510 -35.67 -58.56 47.02
N GLU G 511 -36.10 -57.87 45.95
CA GLU G 511 -35.21 -57.66 44.82
C GLU G 511 -33.98 -56.87 45.23
N ALA G 512 -34.17 -55.79 46.00
CA ALA G 512 -33.03 -55.02 46.49
C ALA G 512 -32.20 -55.84 47.46
N ALA G 513 -32.85 -56.61 48.34
CA ALA G 513 -32.10 -57.40 49.33
C ALA G 513 -31.29 -58.51 48.68
N GLU G 514 -31.62 -58.90 47.46
CA GLU G 514 -30.82 -59.91 46.78
C GLU G 514 -29.37 -59.47 46.56
N SER G 515 -29.08 -58.17 46.65
CA SER G 515 -27.74 -57.65 46.45
C SER G 515 -27.13 -57.06 47.71
N TRP G 516 -27.78 -57.22 48.86
CA TRP G 516 -27.28 -56.59 50.09
C TRP G 516 -25.90 -57.10 50.47
N LYS G 517 -25.74 -58.42 50.52
CA LYS G 517 -24.45 -58.99 50.90
C LYS G 517 -23.36 -58.62 49.90
N GLU G 518 -23.68 -58.69 48.61
CA GLU G 518 -22.69 -58.34 47.60
C GLU G 518 -22.23 -56.90 47.74
N ILE G 519 -23.19 -55.98 47.95
CA ILE G 519 -22.82 -54.57 48.08
C ILE G 519 -22.00 -54.34 49.34
N VAL G 520 -22.36 -54.98 50.44
CA VAL G 520 -21.61 -54.79 51.69
C VAL G 520 -20.18 -55.28 51.52
N ASN G 521 -20.02 -56.48 50.94
CA ASN G 521 -18.69 -57.02 50.74
C ASN G 521 -17.88 -56.15 49.79
N LEU G 522 -18.50 -55.66 48.71
CA LEU G 522 -17.79 -54.78 47.78
C LEU G 522 -17.37 -53.49 48.45
N LEU G 523 -18.23 -52.94 49.31
CA LEU G 523 -17.87 -51.72 50.02
C LEU G 523 -16.68 -51.93 50.92
N TYR G 524 -16.66 -53.04 51.66
CA TYR G 524 -15.50 -53.32 52.51
C TYR G 524 -14.25 -53.54 51.68
N GLU G 525 -14.38 -54.23 50.55
CA GLU G 525 -13.23 -54.43 49.66
C GLU G 525 -12.70 -53.10 49.14
N LEU G 526 -13.60 -52.18 48.76
CA LEU G 526 -13.18 -50.88 48.28
C LEU G 526 -12.49 -50.08 49.38
N LEU G 527 -13.01 -50.16 50.61
CA LEU G 527 -12.36 -49.47 51.72
C LEU G 527 -10.95 -50.00 51.92
N ALA G 528 -10.79 -51.32 51.90
CA ALA G 528 -9.48 -51.91 52.04
C ALA G 528 -8.55 -51.46 50.92
N SER G 529 -9.04 -51.43 49.68
CA SER G 529 -8.21 -50.98 48.57
C SER G 529 -7.84 -49.51 48.72
N LEU G 530 -8.76 -48.68 49.22
CA LEU G 530 -8.52 -47.27 49.37
C LEU G 530 -7.49 -46.95 50.44
N ILE G 531 -7.43 -47.75 51.50
CA ILE G 531 -6.48 -47.49 52.57
C ILE G 531 -5.22 -48.35 52.50
N ARG G 532 -5.18 -49.38 51.67
CA ARG G 532 -4.05 -50.31 51.69
C ARG G 532 -2.75 -49.59 51.35
N GLY G 533 -1.76 -49.71 52.23
CA GLY G 533 -0.45 -49.16 51.99
C GLY G 533 -0.36 -47.65 52.12
N ASN G 534 -1.40 -46.99 52.59
CA ASN G 534 -1.45 -45.53 52.67
C ASN G 534 -1.51 -45.15 54.14
N ARG G 535 -0.40 -44.62 54.65
CA ARG G 535 -0.33 -44.25 56.07
C ARG G 535 -1.35 -43.16 56.38
N THR G 536 -1.47 -42.16 55.51
CA THR G 536 -2.39 -41.06 55.77
C THR G 536 -3.83 -41.56 55.87
N ASN G 537 -4.24 -42.41 54.93
CA ASN G 537 -5.61 -42.92 54.97
C ASN G 537 -5.83 -43.85 56.15
N CYS G 538 -4.83 -44.66 56.49
CA CYS G 538 -4.98 -45.58 57.62
C CYS G 538 -5.05 -44.84 58.94
N ALA G 539 -4.33 -43.73 59.07
CA ALA G 539 -4.34 -42.98 60.33
C ALA G 539 -5.69 -42.37 60.64
N LEU G 540 -6.58 -42.27 59.65
CA LEU G 540 -7.90 -41.70 59.90
C LEU G 540 -8.68 -42.55 60.90
N PHE G 541 -8.40 -43.85 60.97
CA PHE G 541 -9.12 -44.75 61.86
C PHE G 541 -8.67 -44.64 63.30
N SER G 542 -7.61 -43.88 63.59
CA SER G 542 -7.20 -43.71 64.98
C SER G 542 -8.28 -43.01 65.80
N THR G 543 -9.20 -42.31 65.14
CA THR G 543 -10.27 -41.61 65.84
C THR G 543 -11.54 -42.43 65.96
N ASN G 544 -11.79 -43.34 65.01
CA ASN G 544 -13.01 -44.15 65.00
C ASN G 544 -12.65 -45.62 64.85
N LEU G 545 -11.66 -46.05 65.64
CA LEU G 545 -11.29 -47.47 65.64
C LEU G 545 -12.45 -48.35 66.09
N ASP G 546 -13.20 -47.91 67.11
CA ASP G 546 -14.34 -48.71 67.57
C ASP G 546 -15.32 -48.97 66.44
N TRP G 547 -15.49 -48.01 65.53
CA TRP G 547 -16.36 -48.23 64.38
C TRP G 547 -15.96 -49.48 63.63
N LEU G 548 -14.66 -49.72 63.48
CA LEU G 548 -14.19 -50.88 62.73
C LEU G 548 -14.18 -52.14 63.58
N VAL G 549 -13.75 -52.03 64.84
CA VAL G 549 -13.61 -53.23 65.68
C VAL G 549 -14.98 -53.81 66.01
N SER G 550 -15.98 -52.95 66.25
CA SER G 550 -17.30 -53.43 66.61
C SER G 550 -17.94 -54.28 65.52
N LYS G 551 -17.46 -54.16 64.27
CA LYS G 551 -18.02 -54.89 63.16
C LYS G 551 -17.30 -56.20 62.86
N LEU G 552 -16.30 -56.56 63.66
CA LEU G 552 -15.52 -57.76 63.36
C LEU G 552 -16.37 -59.02 63.41
N ASP G 553 -17.42 -59.02 64.24
CA ASP G 553 -18.23 -60.21 64.42
C ASP G 553 -19.38 -60.31 63.41
N ARG G 554 -19.58 -59.29 62.57
CA ARG G 554 -20.59 -59.39 61.53
C ARG G 554 -20.25 -60.55 60.60
N LEU G 555 -21.25 -61.38 60.30
CA LEU G 555 -21.04 -62.61 59.56
C LEU G 555 -21.16 -62.45 58.06
N GLU G 556 -21.62 -61.30 57.57
CA GLU G 556 -21.80 -61.15 56.13
C GLU G 556 -20.49 -60.81 55.42
N ALA G 557 -19.61 -60.07 56.09
CA ALA G 557 -18.35 -59.61 55.47
C ALA G 557 -17.21 -59.74 56.46
N SER G 558 -17.14 -60.89 57.14
CA SER G 558 -16.13 -61.09 58.18
C SER G 558 -14.73 -60.93 57.60
N SER G 559 -14.43 -61.63 56.50
CA SER G 559 -13.09 -61.58 55.95
C SER G 559 -12.73 -60.19 55.45
N GLY G 560 -13.68 -59.49 54.82
CA GLY G 560 -13.41 -58.15 54.36
C GLY G 560 -13.12 -57.18 55.49
N ILE G 561 -13.92 -57.25 56.56
CA ILE G 561 -13.69 -56.38 57.70
C ILE G 561 -12.34 -56.69 58.34
N LEU G 562 -12.01 -57.99 58.46
CA LEU G 562 -10.71 -58.35 59.01
C LEU G 562 -9.57 -57.83 58.14
N GLU G 563 -9.75 -57.86 56.82
CA GLU G 563 -8.72 -57.34 55.92
C GLU G 563 -8.55 -55.84 56.10
N VAL G 564 -9.66 -55.11 56.25
CA VAL G 564 -9.57 -53.67 56.49
C VAL G 564 -8.79 -53.41 57.78
N LEU G 565 -9.12 -54.13 58.84
CA LEU G 565 -8.42 -53.96 60.10
C LEU G 565 -6.94 -54.28 59.96
N TYR G 566 -6.63 -55.35 59.22
CA TYR G 566 -5.24 -55.73 59.01
C TYR G 566 -4.47 -54.63 58.31
N CYS G 567 -5.06 -54.05 57.26
CA CYS G 567 -4.39 -52.95 56.57
C CYS G 567 -4.14 -51.78 57.51
N VAL G 568 -5.17 -51.40 58.28
CA VAL G 568 -5.04 -50.25 59.17
C VAL G 568 -3.92 -50.49 60.18
N LEU G 569 -3.91 -51.66 60.80
CA LEU G 569 -2.92 -51.95 61.83
C LEU G 569 -1.52 -52.07 61.24
N ILE G 570 -1.41 -52.65 60.04
CA ILE G 570 -0.11 -52.80 59.42
C ILE G 570 0.48 -51.44 59.09
N GLU G 571 -0.34 -50.47 58.70
CA GLU G 571 0.19 -49.19 58.23
C GLU G 571 0.28 -48.10 59.28
N SER G 572 -0.59 -48.10 60.30
CA SER G 572 -0.70 -46.94 61.17
C SER G 572 -0.20 -47.23 62.58
N PRO G 573 0.94 -46.70 63.00
CA PRO G 573 1.29 -46.76 64.44
C PRO G 573 0.34 -45.98 65.32
N GLU G 574 -0.32 -44.95 64.80
CA GLU G 574 -1.24 -44.16 65.61
C GLU G 574 -2.38 -45.02 66.14
N VAL G 575 -2.92 -45.90 65.31
CA VAL G 575 -3.95 -46.82 65.77
C VAL G 575 -3.39 -47.77 66.83
N LEU G 576 -2.17 -48.26 66.62
CA LEU G 576 -1.53 -49.11 67.60
C LEU G 576 -1.43 -48.43 68.96
N ASN G 577 -1.20 -47.12 68.97
CA ASN G 577 -1.04 -46.40 70.23
C ASN G 577 -2.35 -46.11 70.94
N ILE G 578 -3.49 -46.31 70.28
CA ILE G 578 -4.80 -46.10 70.90
C ILE G 578 -5.56 -47.42 71.05
N ILE G 579 -5.00 -48.53 70.57
CA ILE G 579 -5.60 -49.83 70.82
C ILE G 579 -5.83 -50.02 72.31
N GLN G 580 -6.89 -50.75 72.66
CA GLN G 580 -7.27 -50.94 74.04
C GLN G 580 -7.62 -52.39 74.33
N GLU G 581 -7.80 -52.68 75.62
CA GLU G 581 -8.04 -54.05 76.06
C GLU G 581 -9.33 -54.60 75.46
N ASN G 582 -10.37 -53.79 75.36
CA ASN G 582 -11.61 -54.26 74.76
C ASN G 582 -11.42 -54.61 73.29
N HIS G 583 -10.63 -53.82 72.58
CA HIS G 583 -10.33 -54.13 71.18
C HIS G 583 -9.59 -55.46 71.07
N ILE G 584 -8.58 -55.65 71.93
CA ILE G 584 -7.82 -56.90 71.89
C ILE G 584 -8.71 -58.08 72.22
N LYS G 585 -9.60 -57.91 73.20
CA LYS G 585 -10.52 -58.98 73.55
C LYS G 585 -11.47 -59.30 72.41
N SER G 586 -11.94 -58.29 71.68
CA SER G 586 -12.77 -58.55 70.52
C SER G 586 -12.01 -59.32 69.45
N ILE G 587 -10.75 -58.96 69.21
CA ILE G 587 -9.97 -59.67 68.22
C ILE G 587 -9.75 -61.12 68.63
N ILE G 588 -9.54 -61.36 69.93
CA ILE G 588 -9.38 -62.73 70.41
C ILE G 588 -10.70 -63.49 70.31
N SER G 589 -11.81 -62.80 70.59
CA SER G 589 -13.12 -63.41 70.43
C SER G 589 -13.35 -63.81 68.97
N LEU G 590 -12.73 -63.11 68.04
CA LEU G 590 -12.77 -63.55 66.64
C LEU G 590 -12.20 -64.95 66.49
N LEU G 591 -11.03 -65.21 67.11
CA LEU G 591 -10.49 -66.56 67.12
C LEU G 591 -11.44 -67.53 67.78
N ASP G 592 -12.02 -67.12 68.90
CA ASP G 592 -12.89 -68.02 69.66
C ASP G 592 -14.11 -68.43 68.84
N LYS G 593 -14.70 -67.49 68.11
CA LYS G 593 -16.01 -67.71 67.48
C LYS G 593 -15.94 -68.08 66.01
N HIS G 594 -14.85 -67.79 65.31
CA HIS G 594 -14.76 -68.07 63.89
C HIS G 594 -13.83 -69.23 63.54
N GLY G 595 -12.98 -69.66 64.46
CA GLY G 595 -12.10 -70.78 64.25
C GLY G 595 -10.65 -70.34 64.25
N ARG G 596 -9.78 -71.29 63.91
CA ARG G 596 -8.33 -71.08 63.92
C ARG G 596 -7.91 -70.51 62.58
N ASN G 597 -7.99 -69.19 62.47
CA ASN G 597 -7.64 -68.47 61.26
C ASN G 597 -6.32 -67.75 61.49
N HIS G 598 -5.33 -68.04 60.65
CA HIS G 598 -4.01 -67.46 60.85
C HIS G 598 -4.00 -65.96 60.59
N LYS G 599 -4.99 -65.44 59.87
CA LYS G 599 -5.05 -64.00 59.64
C LYS G 599 -5.32 -63.24 60.94
N VAL G 600 -6.11 -63.81 61.85
CA VAL G 600 -6.30 -63.18 63.15
C VAL G 600 -5.00 -63.15 63.92
N LEU G 601 -4.22 -64.22 63.85
CA LEU G 601 -2.90 -64.23 64.48
C LEU G 601 -2.01 -63.18 63.86
N ASP G 602 -2.10 -62.98 62.54
CA ASP G 602 -1.33 -61.93 61.88
C ASP G 602 -1.74 -60.55 62.39
N VAL G 603 -3.04 -60.33 62.58
CA VAL G 603 -3.51 -59.06 63.13
C VAL G 603 -2.94 -58.85 64.53
N LEU G 604 -2.98 -59.89 65.36
CA LEU G 604 -2.44 -59.80 66.71
C LEU G 604 -0.94 -59.52 66.67
N CYS G 605 -0.21 -60.16 65.75
CA CYS G 605 1.21 -59.89 65.61
C CYS G 605 1.46 -58.44 65.23
N SER G 606 0.68 -57.91 64.28
CA SER G 606 0.87 -56.53 63.87
C SER G 606 0.51 -55.56 64.99
N LEU G 607 -0.34 -55.97 65.93
CA LEU G 607 -0.63 -55.13 67.08
C LEU G 607 0.58 -54.94 67.99
N CYS G 608 1.57 -55.83 67.92
CA CYS G 608 2.67 -55.79 68.88
C CYS G 608 3.77 -54.83 68.45
N VAL G 609 4.21 -54.92 67.19
CA VAL G 609 5.35 -54.14 66.70
C VAL G 609 4.99 -53.53 65.35
N CYS G 610 5.30 -52.25 65.20
CA CYS G 610 5.09 -51.53 63.93
C CYS G 610 6.32 -50.70 63.65
N ASN G 611 6.94 -50.92 62.49
CA ASN G 611 8.11 -50.15 62.06
C ASN G 611 9.23 -50.23 63.08
N GLY G 612 9.44 -51.41 63.65
CA GLY G 612 10.55 -51.64 64.55
C GLY G 612 10.38 -51.08 65.94
N VAL G 613 9.19 -50.65 66.31
CA VAL G 613 8.90 -50.14 67.65
C VAL G 613 7.80 -51.01 68.25
N ALA G 614 8.03 -51.48 69.48
CA ALA G 614 7.11 -52.37 70.16
C ALA G 614 6.19 -51.59 71.09
N VAL G 615 4.95 -52.05 71.19
CA VAL G 615 3.96 -51.46 72.09
C VAL G 615 3.81 -52.43 73.27
N ARG G 616 4.40 -52.06 74.40
CA ARG G 616 4.41 -52.96 75.55
C ARG G 616 3.01 -53.23 76.06
N SER G 617 2.14 -52.21 76.05
CA SER G 617 0.77 -52.40 76.52
C SER G 617 0.05 -53.43 75.66
N ASN G 618 0.19 -53.34 74.35
CA ASN G 618 -0.45 -54.31 73.46
C ASN G 618 0.12 -55.70 73.67
N GLN G 619 1.45 -55.81 73.78
CA GLN G 619 2.07 -57.10 74.01
C GLN G 619 1.54 -57.73 75.30
N ASP G 620 1.52 -56.96 76.39
CA ASP G 620 1.06 -57.48 77.67
C ASP G 620 -0.41 -57.86 77.62
N LEU G 621 -1.24 -57.05 76.98
CA LEU G 621 -2.67 -57.37 76.91
C LEU G 621 -2.91 -58.64 76.13
N ILE G 622 -2.23 -58.81 74.99
CA ILE G 622 -2.38 -60.05 74.23
C ILE G 622 -1.92 -61.24 75.07
N THR G 623 -0.77 -61.11 75.72
CA THR G 623 -0.25 -62.21 76.52
C THR G 623 -1.21 -62.58 77.64
N GLU G 624 -1.79 -61.58 78.30
CA GLU G 624 -2.68 -61.83 79.43
C GLU G 624 -4.03 -62.36 79.02
N ASN G 625 -4.53 -62.00 77.84
CA ASN G 625 -5.87 -62.39 77.45
C ASN G 625 -5.92 -63.57 76.49
N LEU G 626 -4.78 -64.03 75.98
CA LEU G 626 -4.77 -65.14 75.03
C LEU G 626 -4.06 -66.38 75.54
N LEU G 627 -2.94 -66.24 76.22
CA LEU G 627 -2.11 -67.39 76.58
C LEU G 627 -2.63 -68.18 77.78
N PRO G 628 -2.95 -67.53 78.90
CA PRO G 628 -3.21 -68.32 80.12
C PRO G 628 -4.36 -69.31 80.00
N GLY G 629 -5.36 -69.01 79.18
CA GLY G 629 -6.48 -69.94 79.03
C GLY G 629 -6.06 -71.28 78.48
N ARG G 630 -5.11 -71.28 77.54
CA ARG G 630 -4.61 -72.51 76.94
C ARG G 630 -5.74 -73.32 76.30
N GLU G 631 -6.73 -72.62 75.76
CA GLU G 631 -7.87 -73.25 75.12
C GLU G 631 -8.02 -72.90 73.65
N LEU G 632 -7.33 -71.89 73.15
CA LEU G 632 -7.44 -71.46 71.76
C LEU G 632 -6.24 -71.86 70.92
N LEU G 633 -5.03 -71.54 71.37
CA LEU G 633 -3.84 -71.94 70.66
C LEU G 633 -3.54 -73.42 70.89
N LEU G 634 -2.92 -74.04 69.91
CA LEU G 634 -2.51 -75.43 70.06
C LEU G 634 -1.38 -75.55 71.06
N GLN G 635 -1.46 -76.57 71.92
CA GLN G 635 -0.51 -76.76 73.00
C GLN G 635 0.48 -77.87 72.65
N THR G 636 1.73 -77.67 73.07
CA THR G 636 2.80 -78.62 72.80
C THR G 636 3.46 -79.03 74.11
N ASN G 637 4.03 -80.23 74.12
CA ASN G 637 4.73 -80.76 75.28
C ASN G 637 5.39 -82.07 74.89
N LEU G 638 6.44 -82.42 75.62
CA LEU G 638 7.12 -83.69 75.44
C LEU G 638 6.49 -84.73 76.36
N ILE G 639 6.13 -85.87 75.80
CA ILE G 639 5.47 -86.94 76.55
C ILE G 639 6.17 -88.25 76.26
N ASN G 640 6.02 -89.20 77.19
CA ASN G 640 6.61 -90.51 77.03
C ASN G 640 5.73 -91.39 76.13
N TYR G 641 6.39 -92.29 75.41
CA TYR G 641 5.68 -93.36 74.74
C TYR G 641 5.24 -94.40 75.76
N VAL G 642 4.02 -94.90 75.60
CA VAL G 642 3.45 -95.89 76.50
C VAL G 642 2.95 -97.06 75.67
N THR G 643 3.22 -98.28 76.14
CA THR G 643 2.82 -99.49 75.45
C THR G 643 2.19 -100.45 76.44
N SER G 644 1.46 -101.43 75.91
CA SER G 644 0.73 -102.40 76.72
C SER G 644 1.17 -103.81 76.34
N ILE G 645 1.17 -104.69 77.32
CA ILE G 645 1.52 -106.10 77.12
C ILE G 645 0.48 -106.95 77.84
N ARG G 646 0.06 -108.04 77.22
CA ARG G 646 -0.93 -108.93 77.77
C ARG G 646 -0.52 -110.37 77.55
N PRO G 647 -0.91 -111.28 78.43
CA PRO G 647 -0.89 -112.70 78.08
C PRO G 647 -2.08 -113.05 77.21
N ASN G 648 -1.91 -114.09 76.39
CA ASN G 648 -3.00 -114.49 75.51
C ASN G 648 -4.05 -115.24 76.31
N ILE G 649 -4.66 -114.55 77.28
CA ILE G 649 -5.71 -115.10 78.13
C ILE G 649 -6.95 -114.24 77.93
N PHE G 650 -8.03 -114.85 77.47
CA PHE G 650 -9.25 -114.14 77.13
C PHE G 650 -10.43 -114.81 77.81
N VAL G 651 -11.14 -114.05 78.64
CA VAL G 651 -12.28 -114.57 79.39
C VAL G 651 -13.45 -113.63 79.21
N GLY G 652 -14.65 -114.18 79.26
CA GLY G 652 -15.86 -113.40 79.09
C GLY G 652 -17.07 -114.15 79.56
N ARG G 653 -18.22 -113.50 79.45
CA ARG G 653 -19.49 -114.08 79.85
C ARG G 653 -20.49 -113.99 78.71
N ALA G 654 -21.27 -115.05 78.54
CA ALA G 654 -22.36 -115.06 77.58
C ALA G 654 -23.31 -116.18 77.96
N GLU G 655 -24.57 -116.05 77.54
CA GLU G 655 -25.58 -117.05 77.85
C GLU G 655 -25.22 -118.36 77.17
N GLY G 656 -25.02 -119.41 77.97
CA GLY G 656 -24.63 -120.70 77.46
C GLY G 656 -23.14 -120.86 77.20
N SER G 657 -22.33 -119.87 77.54
CA SER G 657 -20.90 -119.94 77.31
C SER G 657 -20.27 -121.03 78.17
N THR G 658 -19.14 -121.56 77.69
CA THR G 658 -18.41 -122.63 78.37
C THR G 658 -17.28 -122.09 79.23
N GLN G 659 -17.29 -120.80 79.54
CA GLN G 659 -16.18 -120.14 80.21
C GLN G 659 -16.52 -119.86 81.66
N TYR G 660 -15.53 -120.08 82.54
CA TYR G 660 -15.69 -119.76 83.94
C TYR G 660 -15.76 -118.25 84.14
N GLY G 661 -16.37 -117.83 85.23
CA GLY G 661 -16.70 -116.43 85.43
C GLY G 661 -15.77 -115.65 86.35
N LYS G 662 -15.01 -116.34 87.19
CA LYS G 662 -14.15 -115.70 88.18
C LYS G 662 -12.69 -116.02 87.86
N TRP G 663 -11.88 -114.97 87.77
CA TRP G 663 -10.47 -115.12 87.37
C TRP G 663 -9.59 -114.24 88.24
N TYR G 664 -8.32 -114.62 88.33
CA TYR G 664 -7.39 -113.99 89.25
C TYR G 664 -5.98 -114.06 88.69
N PHE G 665 -5.22 -112.97 88.85
CA PHE G 665 -3.82 -112.99 88.46
C PHE G 665 -3.06 -111.96 89.29
N GLU G 666 -1.73 -111.97 89.14
CA GLU G 666 -0.88 -111.06 89.91
C GLU G 666 0.21 -110.48 89.02
N VAL G 667 0.73 -109.34 89.44
CA VAL G 667 1.87 -108.69 88.80
C VAL G 667 2.85 -108.27 89.88
N MET G 668 4.10 -108.68 89.74
CA MET G 668 5.16 -108.32 90.68
C MET G 668 6.07 -107.30 90.01
N VAL G 669 6.36 -106.21 90.72
CA VAL G 669 7.19 -105.13 90.19
C VAL G 669 8.61 -105.31 90.72
N ASP G 670 9.56 -105.50 89.81
CA ASP G 670 10.96 -105.70 90.19
C ASP G 670 11.76 -104.41 90.15
N GLU G 671 11.67 -103.64 89.07
CA GLU G 671 12.39 -102.39 88.95
C GLU G 671 11.47 -101.32 88.37
N VAL G 672 11.52 -100.13 88.94
CA VAL G 672 10.80 -98.97 88.42
C VAL G 672 11.68 -97.75 88.57
N ALA G 673 12.01 -97.10 87.46
CA ALA G 673 12.70 -95.82 87.49
C ALA G 673 11.65 -94.71 87.46
N PRO G 674 11.34 -94.07 88.59
CA PRO G 674 10.19 -93.16 88.62
C PRO G 674 10.25 -92.05 87.59
N PHE G 675 11.45 -91.53 87.31
CA PHE G 675 11.62 -90.36 86.45
C PHE G 675 12.77 -90.60 85.47
N LEU G 676 12.72 -91.73 84.77
CA LEU G 676 13.73 -91.99 83.75
C LEU G 676 13.83 -90.83 82.77
N THR G 677 12.71 -90.19 82.47
CA THR G 677 12.67 -88.96 81.69
C THR G 677 11.99 -87.87 82.54
N ALA G 678 11.78 -86.70 81.94
CA ALA G 678 11.19 -85.59 82.67
C ALA G 678 9.75 -85.86 83.07
N GLN G 679 9.06 -86.78 82.37
CA GLN G 679 7.70 -87.13 82.72
C GLN G 679 7.69 -88.39 83.56
N ALA G 680 6.83 -88.40 84.60
CA ALA G 680 6.81 -89.50 85.54
C ALA G 680 6.55 -90.82 84.81
N THR G 681 7.28 -91.85 85.21
CA THR G 681 7.13 -93.16 84.58
C THR G 681 5.72 -93.68 84.77
N HIS G 682 5.16 -94.24 83.70
CA HIS G 682 3.82 -94.78 83.69
C HIS G 682 3.89 -96.28 83.93
N LEU G 683 3.06 -96.78 84.85
CA LEU G 683 2.97 -98.21 85.13
C LEU G 683 1.60 -98.49 85.71
N ARG G 684 0.79 -99.26 84.99
CA ARG G 684 -0.58 -99.56 85.40
C ARG G 684 -0.88 -101.02 85.11
N VAL G 685 -1.70 -101.64 85.97
CA VAL G 685 -2.09 -103.03 85.85
C VAL G 685 -3.60 -103.12 85.90
N GLY G 686 -4.17 -104.04 85.15
CA GLY G 686 -5.63 -104.23 85.22
C GLY G 686 -6.15 -105.15 84.14
N TRP G 687 -7.41 -104.94 83.80
CA TRP G 687 -8.10 -105.70 82.77
C TRP G 687 -8.53 -104.77 81.64
N ALA G 688 -8.70 -105.36 80.46
CA ALA G 688 -9.16 -104.60 79.30
C ALA G 688 -10.04 -105.50 78.45
N LEU G 689 -10.95 -104.89 77.70
CA LEU G 689 -11.87 -105.61 76.85
C LEU G 689 -11.25 -105.82 75.48
N SER G 690 -11.42 -107.03 74.94
CA SER G 690 -10.74 -107.39 73.69
C SER G 690 -11.09 -106.43 72.57
N GLU G 691 -12.38 -106.22 72.32
CA GLU G 691 -12.83 -105.36 71.24
C GLU G 691 -13.04 -103.96 71.80
N GLY G 692 -12.09 -103.08 71.52
CA GLY G 692 -12.21 -101.70 71.94
C GLY G 692 -10.94 -101.12 72.52
N TYR G 693 -10.16 -101.95 73.21
CA TYR G 693 -8.89 -101.51 73.80
C TYR G 693 -7.81 -101.63 72.73
N SER G 694 -7.45 -100.50 72.14
CA SER G 694 -6.44 -100.44 71.08
C SER G 694 -5.66 -99.14 71.20
N PRO G 695 -4.81 -99.03 72.22
CA PRO G 695 -3.98 -97.82 72.38
C PRO G 695 -2.81 -97.84 71.42
N TYR G 696 -2.87 -96.99 70.40
CA TYR G 696 -1.81 -96.98 69.41
C TYR G 696 -0.64 -96.13 69.91
N PRO G 697 0.59 -96.43 69.50
CA PRO G 697 1.74 -95.64 69.98
C PRO G 697 1.60 -94.18 69.59
N GLY G 698 2.03 -93.30 70.47
CA GLY G 698 2.09 -91.88 70.16
C GLY G 698 0.94 -91.09 70.76
N GLY G 699 0.23 -90.35 69.91
CA GLY G 699 -0.86 -89.52 70.38
C GLY G 699 -2.12 -90.32 70.65
N GLY G 700 -3.07 -89.64 71.30
CA GLY G 700 -4.33 -90.26 71.63
C GLY G 700 -5.22 -89.35 72.44
N GLU G 701 -5.97 -89.93 73.38
CA GLU G 701 -6.84 -89.13 74.22
C GLU G 701 -6.03 -88.30 75.21
N GLY G 702 -6.57 -87.14 75.55
CA GLY G 702 -5.88 -86.26 76.49
C GLY G 702 -4.53 -85.85 75.95
N TRP G 703 -3.47 -86.10 76.73
CA TRP G 703 -2.11 -85.75 76.35
C TRP G 703 -1.31 -86.97 75.92
N GLY G 704 -1.98 -87.97 75.35
CA GLY G 704 -1.28 -89.13 74.85
C GLY G 704 -0.82 -90.05 75.99
N GLY G 705 0.09 -90.95 75.65
CA GLY G 705 0.58 -91.92 76.61
C GLY G 705 -0.55 -92.75 77.17
N ASN G 706 -1.44 -93.23 76.30
CA ASN G 706 -2.63 -93.94 76.73
C ASN G 706 -2.28 -95.36 77.13
N GLY G 707 -2.76 -95.78 78.30
CA GLY G 707 -2.56 -97.13 78.77
C GLY G 707 -3.82 -97.71 79.37
N VAL G 708 -3.67 -98.59 80.36
CA VAL G 708 -4.84 -99.19 81.01
C VAL G 708 -5.60 -98.11 81.75
N GLY G 709 -6.91 -98.04 81.51
CA GLY G 709 -7.75 -97.07 82.17
C GLY G 709 -7.85 -95.72 81.48
N ASP G 710 -7.24 -95.55 80.32
CA ASP G 710 -7.32 -94.30 79.57
C ASP G 710 -8.50 -94.28 78.61
N ASP G 711 -9.31 -95.33 78.59
CA ASP G 711 -10.56 -95.35 77.86
C ASP G 711 -11.57 -96.12 78.68
N LEU G 712 -12.79 -96.26 78.17
CA LEU G 712 -13.84 -96.99 78.85
C LEU G 712 -13.84 -98.47 78.48
N TYR G 713 -12.73 -98.97 77.94
CA TYR G 713 -12.58 -100.39 77.63
C TYR G 713 -11.57 -101.06 78.54
N SER G 714 -10.97 -100.33 79.48
CA SER G 714 -9.93 -100.87 80.35
C SER G 714 -10.06 -100.25 81.73
N TYR G 715 -9.54 -100.96 82.72
CA TYR G 715 -9.69 -100.59 84.12
C TYR G 715 -8.40 -100.92 84.84
N GLY G 716 -7.66 -99.89 85.27
CA GLY G 716 -6.31 -100.07 85.73
C GLY G 716 -6.11 -99.54 87.15
N PHE G 717 -4.99 -99.95 87.72
CA PHE G 717 -4.58 -99.56 89.06
C PHE G 717 -3.09 -99.22 89.03
N ASP G 718 -2.73 -98.08 89.62
CA ASP G 718 -1.34 -97.62 89.61
C ASP G 718 -0.74 -97.49 90.99
N GLY G 719 -1.39 -98.00 92.03
CA GLY G 719 -0.93 -97.92 93.40
C GLY G 719 -1.68 -96.89 94.22
N LEU G 720 -2.07 -95.78 93.60
CA LEU G 720 -2.79 -94.71 94.29
C LEU G 720 -4.15 -94.40 93.71
N HIS G 721 -4.40 -94.71 92.44
CA HIS G 721 -5.63 -94.31 91.77
C HIS G 721 -6.22 -95.49 91.03
N LEU G 722 -7.53 -95.44 90.84
CA LEU G 722 -8.23 -96.34 89.94
C LEU G 722 -8.50 -95.60 88.63
N TRP G 723 -8.01 -96.14 87.54
CA TRP G 723 -8.03 -95.47 86.25
C TRP G 723 -9.10 -96.08 85.35
N THR G 724 -9.95 -95.22 84.80
CA THR G 724 -10.91 -95.64 83.79
C THR G 724 -11.47 -94.39 83.13
N GLY G 725 -11.65 -94.46 81.80
CA GLY G 725 -12.12 -93.30 81.07
C GLY G 725 -11.18 -92.11 81.15
N HIS G 726 -9.88 -92.36 81.28
CA HIS G 726 -8.88 -91.30 81.34
C HIS G 726 -9.07 -90.39 82.55
N VAL G 727 -9.62 -90.95 83.64
CA VAL G 727 -9.83 -90.20 84.87
C VAL G 727 -9.19 -90.98 86.01
N ALA G 728 -8.37 -90.30 86.82
CA ALA G 728 -7.74 -90.90 87.97
C ALA G 728 -8.56 -90.59 89.21
N ARG G 729 -9.03 -91.65 89.88
CA ARG G 729 -9.81 -91.50 91.10
C ARG G 729 -9.02 -92.08 92.27
N PRO G 730 -8.62 -91.28 93.26
CA PRO G 730 -7.82 -91.83 94.36
C PRO G 730 -8.55 -92.95 95.08
N VAL G 731 -7.80 -93.98 95.45
CA VAL G 731 -8.32 -95.14 96.16
C VAL G 731 -7.42 -95.40 97.36
N THR G 732 -8.05 -95.65 98.51
CA THR G 732 -7.32 -95.82 99.76
C THR G 732 -6.87 -97.26 99.94
N SER G 733 -5.61 -97.42 100.32
CA SER G 733 -5.06 -98.72 100.68
C SER G 733 -4.02 -98.50 101.77
N PRO G 734 -3.78 -99.48 102.63
CA PRO G 734 -2.74 -99.31 103.65
C PRO G 734 -1.38 -99.04 103.01
N GLY G 735 -0.67 -98.06 103.54
CA GLY G 735 0.64 -97.72 103.01
C GLY G 735 0.59 -97.26 101.57
N GLN G 736 -0.33 -96.35 101.25
CA GLN G 736 -0.47 -95.87 99.89
C GLN G 736 0.86 -95.43 99.30
N HIS G 737 1.12 -95.86 98.07
CA HIS G 737 2.29 -95.40 97.35
C HIS G 737 2.19 -95.88 95.91
N LEU G 738 2.75 -95.08 95.00
CA LEU G 738 2.81 -95.48 93.60
C LEU G 738 3.60 -96.77 93.47
N LEU G 739 3.17 -97.64 92.57
CA LEU G 739 3.79 -98.94 92.38
C LEU G 739 5.30 -98.84 92.38
N ALA G 740 5.93 -99.59 93.27
CA ALA G 740 7.37 -99.55 93.51
C ALA G 740 7.93 -100.96 93.46
N PRO G 741 9.25 -101.11 93.45
CA PRO G 741 9.84 -102.46 93.43
C PRO G 741 9.37 -103.29 94.62
N GLU G 742 9.18 -104.58 94.37
CA GLU G 742 8.74 -105.58 95.34
C GLU G 742 7.24 -105.51 95.60
N ASP G 743 6.50 -104.66 94.88
CA ASP G 743 5.06 -104.59 95.04
C ASP G 743 4.40 -105.73 94.28
N VAL G 744 3.35 -106.30 94.87
CA VAL G 744 2.58 -107.37 94.26
C VAL G 744 1.14 -106.87 94.16
N VAL G 745 0.65 -106.75 92.93
CA VAL G 745 -0.72 -106.33 92.66
C VAL G 745 -1.52 -107.56 92.26
N SER G 746 -2.57 -107.84 93.01
CA SER G 746 -3.46 -108.96 92.73
C SER G 746 -4.76 -108.41 92.14
N CYS G 747 -5.12 -108.87 90.95
CA CYS G 747 -6.33 -108.43 90.29
C CYS G 747 -7.30 -109.59 90.18
N CYS G 748 -8.54 -109.37 90.60
CA CYS G 748 -9.61 -110.34 90.55
C CYS G 748 -10.75 -109.81 89.72
N LEU G 749 -11.25 -110.63 88.80
CA LEU G 749 -12.37 -110.27 87.93
C LEU G 749 -13.50 -111.26 88.16
N ASP G 750 -14.65 -110.76 88.61
CA ASP G 750 -15.84 -111.57 88.81
C ASP G 750 -16.86 -111.11 87.76
N LEU G 751 -17.02 -111.92 86.71
CA LEU G 751 -17.89 -111.53 85.61
C LEU G 751 -19.37 -111.65 85.94
N SER G 752 -19.71 -112.25 87.08
CA SER G 752 -21.13 -112.43 87.42
C SER G 752 -21.76 -111.13 87.90
N VAL G 753 -20.99 -110.27 88.57
CA VAL G 753 -21.55 -109.07 89.18
C VAL G 753 -21.93 -108.06 88.09
N PRO G 754 -21.02 -107.62 87.21
CA PRO G 754 -19.56 -107.85 87.13
C PRO G 754 -18.76 -106.84 87.96
N SER G 755 -17.57 -107.24 88.37
CA SER G 755 -16.73 -106.38 89.21
C SER G 755 -15.27 -106.72 89.00
N ILE G 756 -14.41 -105.72 89.22
CA ILE G 756 -12.96 -105.88 89.21
C ILE G 756 -12.44 -105.32 90.52
N SER G 757 -11.65 -106.12 91.22
CA SER G 757 -11.11 -105.74 92.52
C SER G 757 -9.60 -105.91 92.53
N PHE G 758 -8.94 -105.16 93.40
CA PHE G 758 -7.49 -105.14 93.49
C PHE G 758 -7.06 -105.36 94.93
N ARG G 759 -5.85 -105.89 95.07
CA ARG G 759 -5.18 -106.04 96.35
C ARG G 759 -3.72 -105.66 96.15
N ILE G 760 -3.16 -104.94 97.12
CA ILE G 760 -1.77 -104.50 97.04
C ILE G 760 -1.01 -105.11 98.19
N ASN G 761 -0.02 -105.95 97.88
CA ASN G 761 0.77 -106.64 98.88
C ASN G 761 -0.14 -107.38 99.87
N GLY G 762 -1.22 -107.95 99.35
CA GLY G 762 -2.18 -108.68 100.16
C GLY G 762 -3.21 -107.82 100.85
N CYS G 763 -3.06 -106.50 100.85
CA CYS G 763 -4.03 -105.65 101.51
C CYS G 763 -5.12 -105.24 100.53
N PRO G 764 -6.40 -105.23 100.95
CA PRO G 764 -7.45 -104.83 100.02
C PRO G 764 -7.30 -103.39 99.56
N VAL G 765 -7.63 -103.16 98.29
CA VAL G 765 -7.71 -101.82 97.74
C VAL G 765 -9.15 -101.36 97.84
N GLN G 766 -9.40 -100.32 98.61
CA GLN G 766 -10.77 -99.91 98.93
C GLN G 766 -11.42 -99.22 97.74
N GLY G 767 -11.65 -99.96 96.67
CA GLY G 767 -12.30 -99.44 95.48
C GLY G 767 -12.52 -100.52 94.44
N VAL G 768 -13.61 -100.43 93.69
CA VAL G 768 -13.95 -101.46 92.72
C VAL G 768 -14.57 -100.83 91.47
N PHE G 769 -14.31 -101.46 90.33
CA PHE G 769 -15.05 -101.21 89.10
C PHE G 769 -16.20 -102.20 89.04
N GLU G 770 -17.36 -101.75 88.55
CA GLU G 770 -18.50 -102.65 88.43
C GLU G 770 -19.45 -102.13 87.37
N SER G 771 -20.43 -102.96 87.03
CA SER G 771 -21.49 -102.61 86.09
C SER G 771 -20.92 -102.06 84.80
N PHE G 772 -19.89 -102.74 84.29
CA PHE G 772 -19.28 -102.36 83.03
C PHE G 772 -19.77 -103.29 81.92
N ASN G 773 -19.55 -102.85 80.68
CA ASN G 773 -20.02 -103.60 79.52
C ASN G 773 -19.35 -104.97 79.46
N LEU G 774 -20.10 -105.96 78.99
CA LEU G 774 -19.64 -107.34 78.94
C LEU G 774 -19.71 -107.91 77.53
N ASP G 775 -19.63 -107.03 76.51
CA ASP G 775 -19.72 -107.47 75.12
C ASP G 775 -18.33 -107.64 74.54
N GLY G 776 -17.64 -108.65 75.04
CA GLY G 776 -16.30 -108.94 74.59
C GLY G 776 -15.57 -109.84 75.58
N LEU G 777 -14.29 -110.03 75.33
CA LEU G 777 -13.43 -110.87 76.13
C LEU G 777 -12.45 -110.00 76.90
N PHE G 778 -12.28 -110.29 78.18
CA PHE G 778 -11.34 -109.56 79.03
C PHE G 778 -10.01 -110.30 79.09
N PHE G 779 -8.92 -109.52 79.13
CA PHE G 779 -7.59 -110.09 79.27
C PHE G 779 -6.79 -109.30 80.29
N PRO G 780 -5.90 -109.95 81.03
CA PRO G 780 -4.96 -109.19 81.88
C PRO G 780 -4.10 -108.29 81.02
N VAL G 781 -3.77 -107.12 81.55
CA VAL G 781 -2.99 -106.15 80.79
C VAL G 781 -2.16 -105.30 81.75
N VAL G 782 -0.96 -104.95 81.31
CA VAL G 782 -0.11 -104.00 82.00
C VAL G 782 0.36 -102.98 80.97
N SER G 783 0.18 -101.69 81.28
CA SER G 783 0.65 -100.61 80.45
C SER G 783 1.82 -99.93 81.14
N PHE G 784 2.78 -99.44 80.36
CA PHE G 784 3.99 -98.90 80.96
C PHE G 784 4.70 -98.00 79.97
N SER G 785 5.54 -97.12 80.52
CA SER G 785 6.52 -96.40 79.75
C SER G 785 7.89 -97.04 79.99
N ALA G 786 8.93 -96.48 79.38
CA ALA G 786 10.26 -97.03 79.55
C ALA G 786 10.72 -96.88 80.99
N GLY G 787 11.56 -97.81 81.43
CA GLY G 787 12.08 -97.81 82.77
C GLY G 787 11.36 -98.72 83.74
N ILE G 788 10.85 -99.87 83.28
CA ILE G 788 10.09 -100.77 84.10
C ILE G 788 10.54 -102.21 83.89
N LYS G 789 10.30 -103.02 84.92
CA LYS G 789 10.56 -104.46 84.86
C LYS G 789 9.50 -105.10 85.77
N VAL G 790 8.61 -105.89 85.18
CA VAL G 790 7.51 -106.50 85.92
C VAL G 790 7.42 -107.96 85.52
N ARG G 791 6.62 -108.71 86.26
CA ARG G 791 6.42 -110.13 86.01
C ARG G 791 4.96 -110.49 86.24
N PHE G 792 4.34 -111.07 85.22
CA PHE G 792 3.00 -111.65 85.33
C PHE G 792 3.10 -112.97 86.07
N LEU G 793 2.31 -113.11 87.14
CA LEU G 793 2.14 -114.38 87.83
C LEU G 793 0.73 -114.87 87.56
N LEU G 794 0.63 -115.98 86.83
CA LEU G 794 -0.66 -116.50 86.39
C LEU G 794 -1.01 -117.84 87.02
N GLY G 795 -0.22 -118.31 87.98
CA GLY G 795 -0.49 -119.56 88.67
C GLY G 795 0.08 -120.75 87.94
N GLY G 796 -0.04 -121.91 88.58
CA GLY G 796 0.47 -123.13 87.98
C GLY G 796 1.96 -123.02 87.72
N ARG G 797 2.36 -123.43 86.51
CA ARG G 797 3.75 -123.35 86.09
C ARG G 797 4.07 -122.03 85.39
N HIS G 798 3.19 -121.04 85.50
CA HIS G 798 3.37 -119.75 84.83
C HIS G 798 3.41 -118.62 85.84
N GLY G 799 4.09 -118.83 86.96
CA GLY G 799 4.21 -117.81 87.99
C GLY G 799 3.44 -118.17 89.24
N GLU G 800 4.16 -118.54 90.29
CA GLU G 800 3.52 -118.89 91.55
C GLU G 800 2.95 -117.65 92.22
N PHE G 801 1.69 -117.73 92.64
CA PHE G 801 1.07 -116.60 93.32
C PHE G 801 1.73 -116.36 94.66
N LYS G 802 1.93 -115.09 95.00
CA LYS G 802 2.43 -114.72 96.31
C LYS G 802 1.32 -114.65 97.36
N PHE G 803 0.07 -114.59 96.93
CA PHE G 803 -1.08 -114.57 97.83
C PHE G 803 -2.16 -115.51 97.30
N LEU G 804 -2.90 -116.10 98.22
CA LEU G 804 -3.93 -117.06 97.83
C LEU G 804 -5.04 -116.34 97.07
N PRO G 805 -5.49 -116.88 95.93
CA PRO G 805 -6.63 -116.28 95.25
C PRO G 805 -7.86 -116.30 96.15
N PRO G 806 -8.72 -115.28 96.08
CA PRO G 806 -9.94 -115.29 96.89
C PRO G 806 -10.81 -116.48 96.52
N PRO G 807 -11.61 -116.98 97.46
CA PRO G 807 -12.36 -118.22 97.20
C PRO G 807 -13.21 -118.12 95.94
N GLY G 808 -13.15 -119.18 95.13
CA GLY G 808 -13.94 -119.27 93.92
C GLY G 808 -13.24 -118.78 92.67
N TYR G 809 -12.19 -117.98 92.82
CA TYR G 809 -11.50 -117.42 91.67
C TYR G 809 -10.50 -118.41 91.10
N ALA G 810 -10.37 -118.41 89.78
CA ALA G 810 -9.53 -119.37 89.10
C ALA G 810 -8.22 -118.73 88.67
N PRO G 811 -7.10 -119.45 88.76
CA PRO G 811 -5.85 -118.91 88.20
C PRO G 811 -5.99 -118.63 86.71
N CYS G 812 -5.38 -117.53 86.27
CA CYS G 812 -5.56 -117.10 84.88
C CYS G 812 -4.94 -118.07 83.90
N HIS G 813 -3.93 -118.84 84.32
CA HIS G 813 -3.27 -119.76 83.40
C HIS G 813 -4.24 -120.82 82.87
N GLU G 814 -5.32 -121.08 83.60
CA GLU G 814 -6.31 -122.06 83.17
C GLU G 814 -7.12 -121.59 81.99
N ALA G 815 -7.03 -120.34 81.58
CA ALA G 815 -7.84 -119.79 80.52
C ALA G 815 -7.19 -119.90 79.15
N VAL G 816 -5.98 -120.44 79.06
CA VAL G 816 -5.32 -120.58 77.77
C VAL G 816 -6.07 -121.61 76.94
N LEU G 817 -6.34 -121.27 75.68
CA LEU G 817 -7.20 -122.08 74.85
C LEU G 817 -6.47 -123.35 74.39
N PRO G 818 -7.23 -124.38 73.99
CA PRO G 818 -6.60 -125.67 73.68
C PRO G 818 -5.54 -125.60 72.59
N ARG G 819 -5.74 -124.78 71.56
CA ARG G 819 -4.82 -124.70 70.43
C ARG G 819 -3.91 -123.48 70.53
N GLU G 820 -3.57 -123.10 71.76
CA GLU G 820 -2.70 -121.95 72.00
C GLU G 820 -1.70 -122.30 73.08
N ARG G 821 -0.59 -121.57 73.09
CA ARG G 821 0.46 -121.71 74.08
C ARG G 821 0.63 -120.38 74.79
N LEU G 822 0.65 -120.41 76.12
CA LEU G 822 0.68 -119.18 76.89
C LEU G 822 1.95 -118.39 76.60
N HIS G 823 1.79 -117.09 76.38
CA HIS G 823 2.90 -116.20 76.16
C HIS G 823 2.39 -114.76 76.21
N LEU G 824 3.33 -113.82 76.29
CA LEU G 824 2.99 -112.41 76.33
C LEU G 824 3.09 -111.82 74.92
N GLN G 825 2.18 -110.89 74.62
CA GLN G 825 2.09 -110.32 73.29
C GLN G 825 1.66 -108.86 73.41
N PRO G 826 1.94 -108.04 72.42
CA PRO G 826 1.36 -106.69 72.36
C PRO G 826 -0.10 -106.76 71.90
N ILE G 827 -0.76 -105.61 71.95
CA ILE G 827 -2.17 -105.48 71.60
C ILE G 827 -2.28 -104.62 70.36
N LYS G 828 -2.96 -105.14 69.33
CA LYS G 828 -3.29 -104.38 68.12
C LYS G 828 -2.05 -103.66 67.58
N GLU G 829 -1.07 -104.46 67.19
CA GLU G 829 0.17 -103.94 66.63
C GLU G 829 0.08 -103.93 65.11
N TYR G 830 0.47 -102.79 64.52
CA TYR G 830 0.56 -102.68 63.07
C TYR G 830 1.98 -102.84 62.57
N ARG G 831 2.91 -103.23 63.45
CA ARG G 831 4.32 -103.25 63.11
C ARG G 831 5.04 -104.17 64.08
N ARG G 832 6.10 -104.80 63.58
CA ARG G 832 6.90 -105.72 64.38
C ARG G 832 8.33 -105.69 63.86
N GLU G 833 9.24 -106.29 64.62
CA GLU G 833 10.60 -106.49 64.13
C GLU G 833 10.69 -107.83 63.43
N GLY G 834 11.62 -107.95 62.49
CA GLY G 834 11.84 -109.19 61.78
C GLY G 834 13.26 -109.29 61.27
N PRO G 835 13.62 -110.48 60.78
CA PRO G 835 15.04 -110.76 60.53
C PRO G 835 15.74 -109.72 59.67
N ARG G 836 15.06 -109.20 58.65
CA ARG G 836 15.68 -108.26 57.73
C ARG G 836 15.12 -106.84 57.88
N GLY G 837 14.32 -106.57 58.90
CA GLY G 837 13.79 -105.24 59.11
C GLY G 837 12.41 -105.23 59.70
N PRO G 838 11.76 -104.07 59.69
CA PRO G 838 10.40 -103.99 60.22
C PRO G 838 9.40 -104.72 59.33
N HIS G 839 8.49 -105.45 59.96
CA HIS G 839 7.39 -106.12 59.29
C HIS G 839 6.11 -105.34 59.56
N LEU G 840 5.37 -105.04 58.51
CA LEU G 840 4.05 -104.45 58.65
C LEU G 840 3.03 -105.56 58.86
N VAL G 841 2.09 -105.32 59.78
CA VAL G 841 1.13 -106.32 60.22
C VAL G 841 -0.27 -105.76 60.03
N GLY G 842 -1.14 -106.57 59.42
CA GLY G 842 -2.53 -106.20 59.28
C GLY G 842 -3.31 -106.45 60.55
N PRO G 843 -4.62 -106.21 60.47
CA PRO G 843 -5.47 -106.40 61.65
C PRO G 843 -5.41 -107.84 62.15
N SER G 844 -5.54 -108.00 63.46
CA SER G 844 -5.56 -109.32 64.07
C SER G 844 -6.99 -109.82 64.16
N ARG G 845 -7.16 -111.12 63.91
CA ARG G 845 -8.46 -111.76 64.03
C ARG G 845 -8.72 -112.09 65.49
N CYS G 846 -9.69 -111.42 66.09
CA CYS G 846 -9.98 -111.56 67.51
C CYS G 846 -11.21 -112.44 67.71
N LEU G 847 -11.16 -113.25 68.77
CA LEU G 847 -12.31 -114.04 69.17
C LEU G 847 -13.34 -113.15 69.87
N SER G 848 -14.57 -113.64 69.92
CA SER G 848 -15.66 -112.95 70.58
C SER G 848 -16.19 -113.81 71.72
N HIS G 849 -16.78 -113.14 72.71
CA HIS G 849 -17.34 -113.86 73.85
C HIS G 849 -18.43 -114.83 73.40
N LEU G 850 -19.06 -114.58 72.25
CA LEU G 850 -20.06 -115.47 71.71
C LEU G 850 -19.46 -116.66 70.96
N ASP G 851 -18.15 -116.67 70.75
CA ASP G 851 -17.48 -117.80 70.14
C ASP G 851 -17.30 -118.97 71.11
N PHE G 852 -17.63 -118.78 72.38
CA PHE G 852 -17.56 -119.83 73.38
C PHE G 852 -18.93 -120.39 73.72
N VAL G 853 -19.95 -120.05 72.95
CA VAL G 853 -21.30 -120.58 73.14
C VAL G 853 -21.51 -121.69 72.12
N PRO G 854 -21.61 -122.95 72.54
CA PRO G 854 -21.85 -124.03 71.56
C PRO G 854 -23.27 -123.95 71.02
N CYS G 855 -23.40 -123.98 69.70
CA CYS G 855 -24.67 -123.81 69.02
C CYS G 855 -24.91 -125.02 68.11
N PRO G 856 -25.35 -126.15 68.67
CA PRO G 856 -25.64 -127.31 67.83
C PRO G 856 -26.92 -127.11 67.03
N VAL G 857 -27.02 -127.87 65.94
CA VAL G 857 -28.20 -127.80 65.09
C VAL G 857 -29.40 -128.38 65.85
N ASP G 858 -30.55 -127.72 65.71
CA ASP G 858 -31.75 -128.10 66.45
C ASP G 858 -32.30 -129.39 65.87
N THR G 859 -32.22 -130.48 66.66
CA THR G 859 -32.80 -131.76 66.28
C THR G 859 -33.63 -132.29 67.45
N ILE G 860 -34.87 -131.83 67.55
CA ILE G 860 -35.84 -132.42 68.47
C ILE G 860 -37.06 -132.85 67.66
N GLN G 861 -37.45 -132.03 66.69
CA GLN G 861 -38.61 -132.34 65.85
C GLN G 861 -38.29 -133.38 64.78
N ILE G 862 -37.04 -133.80 64.65
CA ILE G 862 -36.66 -134.78 63.64
C ILE G 862 -37.06 -136.17 64.13
N VAL G 863 -38.28 -136.60 63.77
CA VAL G 863 -38.72 -137.94 64.13
C VAL G 863 -38.06 -138.94 63.20
N LEU G 864 -37.48 -139.97 63.78
CA LEU G 864 -36.76 -140.96 62.98
C LEU G 864 -37.75 -141.72 62.09
N PRO G 865 -37.53 -141.79 60.78
CA PRO G 865 -38.30 -142.72 59.98
C PRO G 865 -38.02 -144.14 60.41
N PRO G 866 -38.91 -145.08 60.07
CA PRO G 866 -38.80 -146.44 60.64
C PRO G 866 -37.41 -147.05 60.54
N HIS G 867 -36.73 -146.86 59.40
CA HIS G 867 -35.43 -147.49 59.22
C HIS G 867 -34.39 -146.91 60.19
N LEU G 868 -34.33 -145.58 60.29
CA LEU G 868 -33.39 -144.96 61.21
C LEU G 868 -33.73 -145.28 62.65
N GLU G 869 -35.03 -145.29 62.99
CA GLU G 869 -35.43 -145.70 64.33
C GLU G 869 -34.97 -147.11 64.64
N ARG G 870 -35.07 -148.01 63.67
CA ARG G 870 -34.58 -149.37 63.87
C ARG G 870 -33.08 -149.39 64.12
N ILE G 871 -32.31 -148.69 63.28
CA ILE G 871 -30.85 -148.69 63.43
C ILE G 871 -30.39 -147.92 64.66
N ARG G 872 -31.29 -147.17 65.31
CA ARG G 872 -30.91 -146.39 66.48
C ARG G 872 -30.23 -147.23 67.55
N GLU G 873 -30.85 -148.33 67.96
CA GLU G 873 -30.27 -149.16 69.02
C GLU G 873 -28.97 -149.81 68.57
N LYS G 874 -28.93 -150.30 67.33
CA LYS G 874 -27.72 -150.94 66.83
C LYS G 874 -26.56 -149.95 66.85
N LEU G 875 -26.80 -148.71 66.45
CA LEU G 875 -25.78 -147.68 66.55
C LEU G 875 -25.40 -147.44 68.01
N ALA G 876 -26.39 -147.41 68.90
CA ALA G 876 -26.10 -147.18 70.30
C ALA G 876 -25.11 -148.21 70.84
N GLU G 877 -25.30 -149.48 70.48
CA GLU G 877 -24.36 -150.51 70.94
C GLU G 877 -23.03 -150.43 70.19
N ASN G 878 -23.06 -150.23 68.88
CA ASN G 878 -21.84 -150.31 68.08
C ASN G 878 -20.88 -149.17 68.40
N ILE G 879 -21.42 -147.98 68.70
CA ILE G 879 -20.56 -146.87 69.08
C ILE G 879 -19.77 -147.22 70.34
N HIS G 880 -20.45 -147.78 71.34
CA HIS G 880 -19.76 -148.20 72.55
C HIS G 880 -18.75 -149.30 72.26
N GLU G 881 -19.10 -150.22 71.35
CA GLU G 881 -18.15 -151.27 70.98
C GLU G 881 -16.86 -150.67 70.43
N LEU G 882 -16.98 -149.77 69.46
CA LEU G 882 -15.81 -149.15 68.86
C LEU G 882 -15.02 -148.36 69.91
N TRP G 883 -15.74 -147.62 70.76
CA TRP G 883 -15.08 -146.81 71.77
C TRP G 883 -14.31 -147.68 72.76
N ALA G 884 -14.90 -148.80 73.17
CA ALA G 884 -14.21 -149.69 74.11
C ALA G 884 -13.02 -150.37 73.44
N LEU G 885 -13.14 -150.73 72.16
CA LEU G 885 -11.97 -151.26 71.46
C LEU G 885 -10.84 -150.25 71.45
N THR G 886 -11.15 -149.00 71.14
CA THR G 886 -10.12 -147.96 71.15
C THR G 886 -9.55 -147.78 72.56
N ARG G 887 -10.40 -147.84 73.57
CA ARG G 887 -9.96 -147.69 74.95
C ARG G 887 -8.95 -148.75 75.31
N ILE G 888 -9.26 -150.02 75.01
CA ILE G 888 -8.35 -151.10 75.38
C ILE G 888 -7.07 -151.02 74.55
N GLU G 889 -7.19 -150.61 73.28
CA GLU G 889 -6.00 -150.47 72.45
C GLU G 889 -5.07 -149.40 73.00
N GLN G 890 -5.63 -148.28 73.48
CA GLN G 890 -4.81 -147.20 74.01
C GLN G 890 -4.38 -147.44 75.45
N GLY G 891 -4.97 -148.41 76.15
CA GLY G 891 -4.51 -148.86 77.46
C GLY G 891 -5.62 -149.08 78.47
N TRP G 892 -6.70 -148.30 78.39
CA TRP G 892 -7.81 -148.42 79.32
C TRP G 892 -8.17 -149.88 79.58
N THR G 893 -8.17 -150.28 80.85
CA THR G 893 -8.61 -151.59 81.26
C THR G 893 -9.69 -151.45 82.33
N TYR G 894 -10.53 -152.48 82.45
CA TYR G 894 -11.66 -152.40 83.36
C TYR G 894 -11.19 -152.30 84.80
N GLY G 895 -11.95 -151.57 85.61
CA GLY G 895 -11.66 -151.43 87.02
C GLY G 895 -12.87 -150.94 87.81
N PRO G 896 -12.68 -150.72 89.12
CA PRO G 896 -13.81 -150.27 89.94
C PRO G 896 -14.17 -148.81 89.70
N VAL G 897 -13.18 -147.94 89.53
CA VAL G 897 -13.41 -146.51 89.36
C VAL G 897 -12.54 -146.00 88.22
N ARG G 898 -12.78 -144.74 87.85
CA ARG G 898 -12.03 -144.10 86.77
C ARG G 898 -10.63 -143.72 87.24
N ASP G 899 -9.79 -144.71 87.49
CA ASP G 899 -8.42 -144.48 87.94
C ASP G 899 -7.52 -144.43 86.73
N ASP G 900 -7.24 -143.20 86.26
CA ASP G 900 -6.35 -143.04 85.12
C ASP G 900 -4.93 -143.49 85.46
N ASN G 901 -4.52 -143.32 86.72
CA ASN G 901 -3.16 -143.70 87.10
C ASN G 901 -2.93 -145.19 86.93
N LYS G 902 -3.89 -146.02 87.35
CA LYS G 902 -3.82 -147.46 87.18
C LYS G 902 -4.52 -147.91 85.90
N ARG G 903 -5.03 -146.97 85.12
CA ARG G 903 -5.60 -147.28 83.80
C ARG G 903 -6.93 -148.03 83.94
N LEU G 904 -7.74 -147.61 84.91
CA LEU G 904 -8.94 -148.35 85.28
C LEU G 904 -10.18 -147.61 84.80
N HIS G 905 -11.06 -148.32 84.10
CA HIS G 905 -12.32 -147.75 83.59
C HIS G 905 -13.48 -148.61 84.09
N PRO G 906 -14.46 -148.03 84.79
CA PRO G 906 -15.60 -148.85 85.26
C PRO G 906 -16.66 -149.08 84.20
N CYS G 907 -16.69 -148.27 83.14
CA CYS G 907 -17.74 -148.34 82.14
C CYS G 907 -17.37 -149.25 80.96
N LEU G 908 -16.19 -149.86 80.98
CA LEU G 908 -15.75 -150.72 79.88
C LEU G 908 -16.34 -152.12 80.06
N VAL G 909 -17.65 -152.20 79.79
CA VAL G 909 -18.41 -153.43 79.89
C VAL G 909 -19.37 -153.51 78.71
N ASN G 910 -20.12 -154.60 78.65
CA ASN G 910 -21.14 -154.74 77.61
C ASN G 910 -22.16 -153.61 77.71
N PHE G 911 -22.61 -153.13 76.56
CA PHE G 911 -23.49 -151.96 76.55
C PHE G 911 -24.77 -152.23 77.34
N HIS G 912 -25.36 -153.40 77.15
CA HIS G 912 -26.57 -153.74 77.89
C HIS G 912 -26.35 -153.81 79.39
N SER G 913 -25.10 -153.92 79.83
CA SER G 913 -24.75 -153.88 81.24
C SER G 913 -24.08 -152.56 81.64
N LEU G 914 -24.00 -151.59 80.74
CA LEU G 914 -23.36 -150.33 81.06
C LEU G 914 -24.20 -149.59 82.10
N PRO G 915 -23.58 -148.78 82.98
CA PRO G 915 -24.36 -148.04 83.99
C PRO G 915 -25.46 -147.20 83.34
N GLU G 916 -26.63 -147.17 83.98
CA GLU G 916 -27.85 -146.62 83.39
C GLU G 916 -27.65 -145.21 82.84
N PRO G 917 -27.05 -144.28 83.59
CA PRO G 917 -26.90 -142.91 83.07
C PRO G 917 -26.11 -142.86 81.77
N GLU G 918 -24.93 -143.48 81.78
CA GLU G 918 -24.08 -143.46 80.59
C GLU G 918 -24.73 -144.20 79.44
N ARG G 919 -25.44 -145.29 79.74
CA ARG G 919 -26.15 -146.02 78.69
C ARG G 919 -27.22 -145.15 78.05
N ASN G 920 -27.98 -144.42 78.87
CA ASN G 920 -29.01 -143.53 78.32
C ASN G 920 -28.39 -142.43 77.49
N TYR G 921 -27.28 -141.87 77.96
CA TYR G 921 -26.61 -140.82 77.18
C TYR G 921 -26.09 -141.37 75.86
N ASN G 922 -25.52 -142.58 75.88
CA ASN G 922 -25.05 -143.19 74.65
C ASN G 922 -26.20 -143.45 73.69
N LEU G 923 -27.34 -143.92 74.21
CA LEU G 923 -28.49 -144.19 73.36
C LEU G 923 -29.00 -142.91 72.72
N GLN G 924 -29.11 -141.84 73.52
CA GLN G 924 -29.64 -140.58 72.98
C GLN G 924 -28.67 -140.00 71.96
N MET G 925 -27.36 -140.12 72.21
CA MET G 925 -26.38 -139.65 71.22
C MET G 925 -26.46 -140.46 69.94
N SER G 926 -26.64 -141.78 70.07
CA SER G 926 -26.73 -142.64 68.89
C SER G 926 -27.92 -142.24 68.04
N GLY G 927 -29.07 -142.02 68.66
CA GLY G 927 -30.21 -141.52 67.92
C GLY G 927 -29.96 -140.13 67.35
N GLU G 928 -29.27 -139.30 68.12
CA GLU G 928 -29.00 -137.93 67.68
C GLU G 928 -28.12 -137.91 66.44
N THR G 929 -27.31 -138.94 66.24
CA THR G 929 -26.49 -138.98 65.03
C THR G 929 -27.37 -139.04 63.78
N LEU G 930 -28.33 -139.96 63.75
CA LEU G 930 -29.26 -140.01 62.63
C LEU G 930 -30.09 -138.74 62.56
N LYS G 931 -30.49 -138.23 63.72
CA LYS G 931 -31.33 -137.03 63.73
C LYS G 931 -30.60 -135.85 63.09
N THR G 932 -29.32 -135.64 63.44
CA THR G 932 -28.56 -134.57 62.83
C THR G 932 -28.27 -134.87 61.36
N LEU G 933 -28.07 -136.14 61.02
CA LEU G 933 -27.94 -136.51 59.62
C LEU G 933 -29.11 -135.98 58.82
N LEU G 934 -30.33 -136.21 59.32
CA LEU G 934 -31.53 -135.72 58.63
C LEU G 934 -31.60 -134.20 58.68
N ALA G 935 -31.33 -133.61 59.85
CA ALA G 935 -31.52 -132.17 60.02
C ALA G 935 -30.60 -131.37 59.12
N LEU G 936 -29.35 -131.82 58.97
CA LEU G 936 -28.40 -131.12 58.12
C LEU G 936 -28.86 -131.07 56.68
N GLY G 937 -29.77 -131.95 56.28
CA GLY G 937 -30.31 -131.98 54.93
C GLY G 937 -30.05 -133.24 54.16
N CYS G 938 -29.57 -134.30 54.82
CA CYS G 938 -29.27 -135.54 54.11
C CYS G 938 -30.54 -136.32 53.82
N HIS G 939 -30.53 -137.04 52.70
CA HIS G 939 -31.61 -137.92 52.29
C HIS G 939 -31.12 -139.35 52.36
N VAL G 940 -31.62 -140.10 53.35
CA VAL G 940 -31.10 -141.43 53.64
C VAL G 940 -32.27 -142.37 53.95
N GLY G 941 -32.16 -143.59 53.46
CA GLY G 941 -33.16 -144.61 53.71
C GLY G 941 -32.60 -145.99 53.42
N MET G 942 -33.37 -147.01 53.80
CA MET G 942 -32.97 -148.39 53.51
C MET G 942 -32.74 -148.59 52.02
N ALA G 943 -31.64 -149.28 51.70
CA ALA G 943 -31.39 -149.77 50.34
C ALA G 943 -30.77 -151.15 50.35
N ASP G 944 -30.79 -151.84 51.49
CA ASP G 944 -30.20 -153.16 51.61
C ASP G 944 -30.60 -153.80 52.93
N GLU G 945 -30.86 -155.10 52.90
CA GLU G 945 -31.06 -155.89 54.12
C GLU G 945 -30.09 -157.06 54.11
N LYS G 946 -29.78 -157.57 52.91
CA LYS G 946 -28.80 -158.63 52.77
C LYS G 946 -27.47 -158.20 53.37
N ALA G 947 -27.01 -156.99 53.04
CA ALA G 947 -25.81 -156.46 53.68
C ALA G 947 -25.99 -156.34 55.17
N GLU G 948 -27.19 -155.95 55.62
CA GLU G 948 -27.44 -155.80 57.05
C GLU G 948 -27.17 -157.10 57.79
N ASP G 949 -27.65 -158.23 57.26
CA ASP G 949 -27.40 -159.52 57.89
C ASP G 949 -26.03 -160.08 57.53
N ASN G 950 -25.36 -159.51 56.53
CA ASN G 950 -24.04 -159.97 56.12
C ASN G 950 -22.90 -159.34 56.90
N LEU G 951 -23.09 -158.14 57.46
CA LEU G 951 -22.00 -157.51 58.21
C LEU G 951 -21.49 -158.46 59.28
N LYS G 952 -20.17 -158.55 59.39
CA LYS G 952 -19.51 -159.49 60.29
C LYS G 952 -18.77 -158.70 61.36
N LYS G 953 -18.78 -159.24 62.57
CA LYS G 953 -18.17 -158.57 63.71
C LYS G 953 -16.74 -159.05 63.94
N THR G 954 -15.89 -158.12 64.41
CA THR G 954 -14.50 -158.43 64.69
C THR G 954 -14.41 -159.24 65.98
N LYS G 955 -13.63 -160.32 65.94
CA LYS G 955 -13.36 -161.11 67.14
C LYS G 955 -12.10 -160.57 67.82
N LEU G 956 -12.28 -159.97 68.99
CA LEU G 956 -11.14 -159.38 69.67
C LEU G 956 -10.47 -160.41 70.58
N PRO G 957 -9.14 -160.45 70.65
CA PRO G 957 -8.45 -161.47 71.43
C PRO G 957 -8.42 -161.11 72.93
N LYS G 958 -7.72 -161.96 73.69
CA LYS G 958 -7.56 -161.71 75.12
C LYS G 958 -6.85 -160.40 75.39
N THR G 959 -6.00 -159.95 74.46
CA THR G 959 -5.31 -158.68 74.66
C THR G 959 -6.30 -157.52 74.68
N TYR G 960 -7.26 -157.52 73.77
CA TYR G 960 -8.32 -156.52 73.76
C TYR G 960 -9.44 -156.87 74.73
N MET G 961 -9.38 -158.04 75.36
CA MET G 961 -10.32 -158.41 76.41
C MET G 961 -10.14 -157.49 77.60
N MET G 962 -11.23 -157.25 78.34
CA MET G 962 -11.18 -156.39 79.51
C MET G 962 -10.68 -157.18 80.72
N SER G 963 -10.44 -156.47 81.82
CA SER G 963 -10.07 -157.14 83.06
C SER G 963 -11.22 -158.01 83.57
N ASN G 964 -12.46 -157.59 83.32
CA ASN G 964 -13.64 -158.35 83.71
C ASN G 964 -14.05 -159.37 82.66
N GLY G 965 -13.34 -159.45 81.54
CA GLY G 965 -13.70 -160.34 80.46
C GLY G 965 -14.57 -159.73 79.38
N TYR G 966 -14.95 -158.45 79.49
CA TYR G 966 -15.76 -157.83 78.45
C TYR G 966 -14.94 -157.74 77.16
N LYS G 967 -15.59 -157.97 76.03
CA LYS G 967 -14.95 -157.89 74.72
C LYS G 967 -15.74 -156.98 73.81
N PRO G 968 -15.18 -155.88 73.30
CA PRO G 968 -15.92 -155.04 72.36
C PRO G 968 -16.25 -155.76 71.07
N ALA G 969 -17.36 -155.35 70.45
CA ALA G 969 -17.89 -155.97 69.23
C ALA G 969 -18.14 -154.92 68.16
N PRO G 970 -17.08 -154.32 67.61
CA PRO G 970 -17.27 -153.40 66.48
C PRO G 970 -17.42 -154.17 65.17
N LEU G 971 -18.54 -153.97 64.50
CA LEU G 971 -18.82 -154.71 63.27
C LEU G 971 -17.78 -154.37 62.20
N ASP G 972 -17.29 -155.40 61.52
CA ASP G 972 -16.29 -155.22 60.47
C ASP G 972 -16.96 -154.97 59.13
N LEU G 973 -16.60 -153.85 58.50
CA LEU G 973 -17.20 -153.42 57.25
C LEU G 973 -16.12 -152.91 56.31
N SER G 974 -15.04 -153.68 56.14
CA SER G 974 -13.92 -153.24 55.34
C SER G 974 -14.28 -153.00 53.87
N HIS G 975 -15.51 -153.24 53.46
CA HIS G 975 -15.93 -153.05 52.07
C HIS G 975 -16.56 -151.68 51.83
N VAL G 976 -16.61 -150.80 52.82
CA VAL G 976 -17.30 -149.53 52.71
C VAL G 976 -16.30 -148.44 52.36
N ARG G 977 -16.48 -147.80 51.21
CA ARG G 977 -15.65 -146.70 50.76
C ARG G 977 -16.30 -145.36 51.12
N LEU G 978 -15.62 -144.27 50.78
CA LEU G 978 -16.03 -142.93 51.17
C LEU G 978 -15.84 -141.96 50.02
N THR G 979 -16.50 -140.79 50.14
CA THR G 979 -16.46 -139.72 49.16
C THR G 979 -16.08 -138.38 49.81
N PRO G 980 -15.55 -137.43 49.04
CA PRO G 980 -15.10 -136.17 49.66
C PRO G 980 -16.22 -135.37 50.33
N ALA G 981 -17.36 -135.22 49.66
CA ALA G 981 -18.50 -134.56 50.30
C ALA G 981 -18.90 -135.30 51.55
N GLN G 982 -18.77 -136.63 51.55
CA GLN G 982 -19.10 -137.40 52.73
C GLN G 982 -18.12 -137.13 53.86
N THR G 983 -16.84 -136.91 53.55
CA THR G 983 -15.88 -136.52 54.58
C THR G 983 -16.22 -135.16 55.16
N THR G 984 -16.62 -134.23 54.29
CA THR G 984 -17.04 -132.91 54.79
C THR G 984 -18.24 -133.04 55.71
N LEU G 985 -19.20 -133.88 55.33
CA LEU G 985 -20.36 -134.11 56.17
C LEU G 985 -19.96 -134.79 57.48
N VAL G 986 -18.94 -135.64 57.44
CA VAL G 986 -18.44 -136.27 58.66
C VAL G 986 -17.88 -135.21 59.59
N ASP G 987 -17.13 -134.27 59.03
CA ASP G 987 -16.62 -133.16 59.84
C ASP G 987 -17.77 -132.37 60.46
N ARG G 988 -18.79 -132.08 59.67
CA ARG G 988 -19.95 -131.36 60.21
C ARG G 988 -20.64 -132.15 61.32
N LEU G 989 -20.78 -133.47 61.14
CA LEU G 989 -21.41 -134.30 62.15
C LEU G 989 -20.60 -134.31 63.44
N ALA G 990 -19.27 -134.41 63.32
CA ALA G 990 -18.42 -134.36 64.52
C ALA G 990 -18.59 -133.03 65.23
N GLU G 991 -18.61 -131.93 64.47
CA GLU G 991 -18.82 -130.61 65.06
C GLU G 991 -20.14 -130.58 65.82
N ASN G 992 -21.22 -131.04 65.19
CA ASN G 992 -22.53 -130.99 65.82
C ASN G 992 -22.57 -131.84 67.08
N GLY G 993 -21.97 -133.03 67.03
CA GLY G 993 -21.97 -133.90 68.21
C GLY G 993 -21.21 -133.28 69.36
N HIS G 994 -20.01 -132.74 69.08
CA HIS G 994 -19.24 -132.12 70.14
C HIS G 994 -19.97 -130.92 70.72
N ASN G 995 -20.62 -130.13 69.86
CA ASN G 995 -21.35 -128.97 70.36
C ASN G 995 -22.55 -129.38 71.20
N VAL G 996 -23.25 -130.45 70.82
CA VAL G 996 -24.35 -130.94 71.64
C VAL G 996 -23.84 -131.37 73.01
N TRP G 997 -22.73 -132.11 73.03
CA TRP G 997 -22.16 -132.54 74.30
C TRP G 997 -21.76 -131.35 75.15
N ALA G 998 -21.14 -130.35 74.53
CA ALA G 998 -20.71 -129.17 75.26
C ALA G 998 -21.90 -128.40 75.83
N ARG G 999 -22.97 -128.28 75.05
CA ARG G 999 -24.17 -127.61 75.53
C ARG G 999 -24.75 -128.36 76.73
N ASP G 1000 -24.81 -129.69 76.64
CA ASP G 1000 -25.32 -130.47 77.77
C ASP G 1000 -24.47 -130.28 79.01
N ARG G 1001 -23.14 -130.29 78.86
CA ARG G 1001 -22.28 -130.13 80.02
C ARG G 1001 -22.40 -128.73 80.61
N VAL G 1002 -22.51 -127.71 79.77
CA VAL G 1002 -22.70 -126.35 80.26
C VAL G 1002 -24.02 -126.25 81.03
N ALA G 1003 -25.07 -126.88 80.51
CA ALA G 1003 -26.34 -126.91 81.24
C ALA G 1003 -26.18 -127.61 82.59
N GLN G 1004 -25.43 -128.70 82.64
CA GLN G 1004 -25.15 -129.38 83.91
C GLN G 1004 -24.27 -128.55 84.83
N GLY G 1005 -23.58 -127.56 84.31
CA GLY G 1005 -22.78 -126.66 85.11
C GLY G 1005 -21.29 -126.75 84.96
N TRP G 1006 -20.79 -127.42 83.92
CA TRP G 1006 -19.37 -127.54 83.69
C TRP G 1006 -18.83 -126.29 83.00
N SER G 1007 -17.50 -126.16 83.02
CA SER G 1007 -16.85 -125.03 82.36
C SER G 1007 -15.49 -125.48 81.85
N TYR G 1008 -14.83 -124.59 81.11
CA TYR G 1008 -13.54 -124.89 80.52
C TYR G 1008 -12.41 -124.60 81.48
N SER G 1009 -11.33 -125.35 81.34
CA SER G 1009 -10.12 -125.15 82.14
C SER G 1009 -8.98 -125.89 81.46
N ALA G 1010 -7.82 -125.23 81.32
CA ALA G 1010 -6.69 -125.87 80.69
C ALA G 1010 -6.25 -127.11 81.45
N VAL G 1011 -6.54 -127.18 82.75
CA VAL G 1011 -6.25 -128.34 83.57
C VAL G 1011 -7.57 -128.95 84.01
N GLN G 1012 -7.71 -130.26 83.81
CA GLN G 1012 -8.95 -130.94 84.14
C GLN G 1012 -9.15 -130.98 85.65
N ASP G 1013 -10.37 -130.70 86.09
CA ASP G 1013 -10.74 -130.80 87.51
C ASP G 1013 -12.17 -131.35 87.56
N ILE G 1014 -12.27 -132.67 87.65
CA ILE G 1014 -13.58 -133.32 87.66
C ILE G 1014 -14.41 -132.90 88.86
N PRO G 1015 -13.88 -132.89 90.09
CA PRO G 1015 -14.70 -132.41 91.23
C PRO G 1015 -15.24 -131.01 91.04
N ALA G 1016 -14.47 -130.14 90.39
CA ALA G 1016 -14.89 -128.76 90.16
C ALA G 1016 -15.65 -128.58 88.85
N ARG G 1017 -15.90 -129.66 88.12
CA ARG G 1017 -16.62 -129.60 86.85
C ARG G 1017 -15.92 -128.66 85.88
N ARG G 1018 -14.62 -128.82 85.74
CA ARG G 1018 -13.80 -128.09 84.79
C ARG G 1018 -13.14 -129.08 83.86
N ASN G 1019 -13.31 -128.88 82.56
CA ASN G 1019 -12.83 -129.82 81.56
C ASN G 1019 -11.91 -129.12 80.57
N PRO G 1020 -10.89 -129.81 80.03
CA PRO G 1020 -10.05 -129.19 79.00
C PRO G 1020 -10.67 -129.23 77.61
N ARG G 1021 -11.76 -129.97 77.41
CA ARG G 1021 -12.40 -130.09 76.11
C ARG G 1021 -13.73 -129.36 76.02
N LEU G 1022 -14.18 -128.73 77.11
CA LEU G 1022 -15.47 -128.05 77.13
C LEU G 1022 -15.34 -126.70 76.41
N VAL G 1023 -15.10 -126.79 75.12
CA VAL G 1023 -15.05 -125.60 74.26
C VAL G 1023 -15.70 -125.93 72.93
N PRO G 1024 -16.28 -124.94 72.26
CA PRO G 1024 -16.91 -125.22 70.97
C PRO G 1024 -15.93 -125.85 69.99
N TYR G 1025 -16.47 -126.70 69.13
CA TYR G 1025 -15.64 -127.55 68.27
C TYR G 1025 -14.59 -126.76 67.51
N ARG G 1026 -14.97 -125.57 67.02
CA ARG G 1026 -14.04 -124.80 66.20
C ARG G 1026 -12.75 -124.47 66.95
N LEU G 1027 -12.84 -124.32 68.27
CA LEU G 1027 -11.68 -123.97 69.10
C LEU G 1027 -10.97 -125.19 69.65
N LEU G 1028 -11.42 -126.40 69.30
CA LEU G 1028 -10.85 -127.61 69.85
C LEU G 1028 -9.46 -127.87 69.27
N ASP G 1029 -8.68 -128.66 70.00
CA ASP G 1029 -7.35 -129.05 69.53
C ASP G 1029 -7.46 -129.99 68.34
N GLU G 1030 -6.39 -130.02 67.54
CA GLU G 1030 -6.41 -130.82 66.31
C GLU G 1030 -6.57 -132.30 66.62
N ALA G 1031 -5.90 -132.80 67.65
CA ALA G 1031 -5.97 -134.23 67.95
C ALA G 1031 -7.39 -134.64 68.33
N THR G 1032 -8.05 -133.84 69.17
CA THR G 1032 -9.43 -134.16 69.56
C THR G 1032 -10.35 -134.09 68.35
N LYS G 1033 -10.16 -133.09 67.49
CA LYS G 1033 -10.95 -133.03 66.26
C LYS G 1033 -10.76 -134.28 65.43
N ARG G 1034 -9.51 -134.74 65.29
CA ARG G 1034 -9.23 -135.92 64.50
C ARG G 1034 -9.91 -137.15 65.10
N SER G 1035 -9.85 -137.30 66.41
CA SER G 1035 -10.48 -138.45 67.06
C SER G 1035 -11.99 -138.44 66.83
N ASN G 1036 -12.63 -137.29 67.05
CA ASN G 1036 -14.07 -137.19 66.86
C ASN G 1036 -14.44 -137.48 65.41
N ARG G 1037 -13.67 -136.93 64.47
CA ARG G 1037 -13.94 -137.15 63.06
C ARG G 1037 -13.77 -138.62 62.69
N ASP G 1038 -12.78 -139.29 63.28
CA ASP G 1038 -12.59 -140.71 63.02
C ASP G 1038 -13.80 -141.51 63.50
N SER G 1039 -14.29 -141.19 64.71
CA SER G 1039 -15.45 -141.91 65.22
C SER G 1039 -16.66 -141.69 64.33
N LEU G 1040 -16.90 -140.44 63.91
CA LEU G 1040 -18.07 -140.15 63.09
C LEU G 1040 -17.94 -140.78 61.71
N CYS G 1041 -16.71 -140.81 61.16
CA CYS G 1041 -16.49 -141.47 59.89
C CYS G 1041 -16.76 -142.96 60.00
N GLN G 1042 -16.37 -143.57 61.12
CA GLN G 1042 -16.70 -144.97 61.34
C GLN G 1042 -18.21 -145.17 61.39
N ALA G 1043 -18.94 -144.26 62.03
CA ALA G 1043 -20.39 -144.38 62.07
C ALA G 1043 -20.99 -144.28 60.67
N VAL G 1044 -20.51 -143.32 59.88
CA VAL G 1044 -21.01 -143.17 58.50
C VAL G 1044 -20.70 -144.43 57.71
N ARG G 1045 -19.51 -144.99 57.91
CA ARG G 1045 -19.15 -146.23 57.23
C ARG G 1045 -20.08 -147.37 57.64
N THR G 1046 -20.42 -147.44 58.93
CA THR G 1046 -21.33 -148.50 59.38
C THR G 1046 -22.68 -148.38 58.70
N LEU G 1047 -23.20 -147.16 58.59
CA LEU G 1047 -24.47 -146.97 57.89
C LEU G 1047 -24.34 -147.37 56.41
N LEU G 1048 -23.25 -146.95 55.75
CA LEU G 1048 -23.07 -147.31 54.35
C LEU G 1048 -22.97 -148.82 54.18
N GLY G 1049 -22.32 -149.51 55.10
CA GLY G 1049 -22.23 -150.96 55.05
C GLY G 1049 -23.58 -151.60 55.26
N TYR G 1050 -24.37 -151.05 56.18
CA TYR G 1050 -25.77 -151.45 56.27
C TYR G 1050 -26.50 -151.26 54.95
N GLY G 1051 -26.03 -150.31 54.13
CA GLY G 1051 -26.53 -150.13 52.78
C GLY G 1051 -27.33 -148.87 52.58
N TYR G 1052 -27.53 -148.07 53.62
CA TYR G 1052 -28.32 -146.86 53.48
C TYR G 1052 -27.66 -145.90 52.49
N ASN G 1053 -28.50 -145.13 51.80
CA ASN G 1053 -28.05 -144.22 50.75
C ASN G 1053 -27.92 -142.82 51.36
N ILE G 1054 -26.79 -142.60 52.04
CA ILE G 1054 -26.49 -141.30 52.64
C ILE G 1054 -26.09 -140.33 51.54
N GLU G 1055 -27.01 -139.42 51.20
CA GLU G 1055 -26.79 -138.47 50.11
C GLU G 1055 -26.48 -137.10 50.70
N PRO G 1056 -25.27 -136.57 50.54
CA PRO G 1056 -24.97 -135.25 51.13
C PRO G 1056 -25.86 -134.17 50.53
N PRO G 1057 -26.34 -133.24 51.35
CA PRO G 1057 -27.12 -132.12 50.83
C PRO G 1057 -26.29 -131.23 49.92
N ASP G 1058 -26.99 -130.45 49.10
CA ASP G 1058 -26.33 -129.46 48.26
C ASP G 1058 -25.73 -128.36 49.14
N GLN G 1059 -24.69 -127.71 48.61
CA GLN G 1059 -24.00 -126.65 49.33
C GLN G 1059 -24.75 -125.33 49.11
N GLU G 1060 -25.08 -124.66 50.21
CA GLU G 1060 -25.75 -123.37 50.16
C GLU G 1060 -24.74 -122.28 50.43
N PRO G 1061 -24.36 -121.46 49.44
CA PRO G 1061 -23.33 -120.44 49.70
C PRO G 1061 -23.82 -119.38 50.67
N SER G 1062 -22.87 -118.82 51.41
CA SER G 1062 -23.17 -117.77 52.36
C SER G 1062 -21.96 -116.86 52.50
N GLN G 1063 -22.21 -115.64 52.97
CA GLN G 1063 -21.17 -114.64 53.18
C GLN G 1063 -21.06 -114.32 54.66
N VAL G 1064 -19.85 -113.93 55.07
CA VAL G 1064 -19.59 -113.61 56.47
C VAL G 1064 -19.25 -112.14 56.62
N ASP G 1065 -18.27 -111.66 55.85
CA ASP G 1065 -17.82 -110.26 55.90
C ASP G 1065 -17.85 -109.74 57.32
N SER G 1066 -17.05 -110.37 58.19
CA SER G 1066 -17.03 -110.08 59.62
C SER G 1066 -17.13 -108.59 59.90
N GLN G 1067 -16.45 -107.77 59.10
CA GLN G 1067 -16.50 -106.33 59.20
C GLN G 1067 -16.58 -105.71 57.81
N SER G 1068 -16.40 -104.40 57.76
CA SER G 1068 -16.40 -103.71 56.48
C SER G 1068 -15.04 -103.85 55.79
N ARG G 1069 -15.05 -104.40 54.58
CA ARG G 1069 -13.79 -104.60 53.85
C ARG G 1069 -13.08 -103.29 53.59
N GLY G 1070 -13.84 -102.25 53.22
CA GLY G 1070 -13.21 -100.96 52.93
C GLY G 1070 -12.43 -100.40 54.09
N ASP G 1071 -12.78 -100.78 55.32
CA ASP G 1071 -12.13 -100.30 56.51
C ASP G 1071 -11.35 -101.38 57.25
N ARG G 1072 -11.33 -102.61 56.73
CA ARG G 1072 -10.67 -103.71 57.43
C ARG G 1072 -9.17 -103.71 57.17
N ALA G 1073 -8.78 -103.90 55.91
CA ALA G 1073 -7.36 -103.97 55.58
C ALA G 1073 -6.66 -102.68 55.97
N ARG G 1074 -5.51 -102.82 56.61
CA ARG G 1074 -4.69 -101.67 56.99
C ARG G 1074 -3.84 -101.27 55.80
N ILE G 1075 -3.91 -99.99 55.43
CA ILE G 1075 -3.13 -99.44 54.33
C ILE G 1075 -1.94 -98.70 54.90
N PHE G 1076 -0.75 -99.00 54.41
CA PHE G 1076 0.47 -98.29 54.75
C PHE G 1076 1.00 -97.61 53.50
N ARG G 1077 1.23 -96.30 53.58
CA ARG G 1077 1.73 -95.54 52.45
C ARG G 1077 2.90 -94.68 52.89
N ALA G 1078 3.73 -94.29 51.92
CA ALA G 1078 4.75 -93.31 52.20
C ALA G 1078 4.13 -91.95 52.45
N GLU G 1079 4.86 -91.09 53.18
CA GLU G 1079 4.36 -89.76 53.47
C GLU G 1079 4.19 -88.96 52.18
N LYS G 1080 3.19 -88.08 52.16
CA LYS G 1080 2.85 -87.36 50.94
C LYS G 1080 4.02 -86.58 50.37
N SER G 1081 4.96 -86.13 51.20
CA SER G 1081 6.06 -85.32 50.70
C SER G 1081 7.05 -86.12 49.87
N TYR G 1082 6.96 -87.45 49.90
CA TYR G 1082 7.87 -88.30 49.13
C TYR G 1082 7.34 -88.61 47.74
N ALA G 1083 6.19 -88.05 47.35
CA ALA G 1083 5.60 -88.35 46.06
C ALA G 1083 6.59 -88.02 44.94
N VAL G 1084 6.73 -88.94 44.00
CA VAL G 1084 7.63 -88.79 42.86
C VAL G 1084 6.81 -88.41 41.64
N GLN G 1085 7.22 -87.34 40.97
CA GLN G 1085 6.54 -86.85 39.78
C GLN G 1085 7.34 -87.10 38.50
N SER G 1086 8.48 -87.77 38.60
CA SER G 1086 9.30 -88.07 37.44
C SER G 1086 10.33 -89.12 37.83
N GLY G 1087 10.89 -89.78 36.82
CA GLY G 1087 11.94 -90.75 37.02
C GLY G 1087 11.43 -92.17 36.96
N ARG G 1088 12.37 -93.09 37.24
CA ARG G 1088 12.09 -94.53 37.23
C ARG G 1088 12.44 -95.08 38.60
N TRP G 1089 11.41 -95.51 39.34
CA TRP G 1089 11.55 -95.84 40.74
C TRP G 1089 11.16 -97.30 40.99
N TYR G 1090 11.84 -97.91 41.97
CA TYR G 1090 11.71 -99.33 42.26
C TYR G 1090 11.65 -99.54 43.77
N PHE G 1091 10.85 -100.50 44.19
CA PHE G 1091 10.87 -100.95 45.59
C PHE G 1091 10.36 -102.38 45.65
N GLU G 1092 10.48 -102.99 46.82
CA GLU G 1092 10.18 -104.40 47.00
C GLU G 1092 9.21 -104.60 48.15
N PHE G 1093 8.42 -105.67 48.06
CA PHE G 1093 7.47 -106.05 49.10
C PHE G 1093 7.48 -107.56 49.24
N GLU G 1094 7.99 -108.06 50.35
CA GLU G 1094 8.01 -109.48 50.63
C GLU G 1094 6.73 -109.86 51.35
N ALA G 1095 6.05 -110.90 50.87
CA ALA G 1095 4.81 -111.37 51.49
C ALA G 1095 5.16 -112.46 52.48
N VAL G 1096 5.22 -112.11 53.77
CA VAL G 1096 5.54 -113.13 54.78
C VAL G 1096 4.42 -114.16 54.84
N THR G 1097 3.17 -113.71 54.81
CA THR G 1097 2.03 -114.57 54.65
C THR G 1097 1.67 -114.66 53.17
N THR G 1098 0.56 -115.33 52.87
CA THR G 1098 0.12 -115.51 51.49
C THR G 1098 -1.36 -115.18 51.32
N GLY G 1099 -1.91 -114.35 52.19
CA GLY G 1099 -3.33 -114.01 52.16
C GLY G 1099 -3.58 -112.74 51.38
N GLU G 1100 -4.56 -111.97 51.85
CA GLU G 1100 -5.01 -110.76 51.15
C GLU G 1100 -4.01 -109.65 51.40
N MET G 1101 -3.21 -109.33 50.39
CA MET G 1101 -2.29 -108.21 50.45
C MET G 1101 -2.19 -107.58 49.06
N ARG G 1102 -2.10 -106.27 49.03
CA ARG G 1102 -1.95 -105.51 47.80
C ARG G 1102 -0.73 -104.62 47.92
N VAL G 1103 -0.05 -104.35 46.81
CA VAL G 1103 1.14 -103.52 46.82
C VAL G 1103 1.26 -102.77 45.51
N GLY G 1104 1.66 -101.51 45.59
CA GLY G 1104 1.85 -100.72 44.39
C GLY G 1104 2.06 -99.25 44.65
N TRP G 1105 1.44 -98.40 43.83
CA TRP G 1105 1.64 -96.97 43.88
C TRP G 1105 0.31 -96.28 44.10
N ALA G 1106 0.33 -95.18 44.84
CA ALA G 1106 -0.89 -94.45 45.18
C ALA G 1106 -0.66 -92.96 45.01
N ARG G 1107 -1.74 -92.24 44.74
CA ARG G 1107 -1.64 -90.80 44.68
C ARG G 1107 -1.67 -90.21 46.09
N PRO G 1108 -1.12 -89.02 46.28
CA PRO G 1108 -1.01 -88.48 47.65
C PRO G 1108 -2.35 -88.35 48.36
N GLU G 1109 -3.42 -88.12 47.60
CA GLU G 1109 -4.75 -87.93 48.17
C GLU G 1109 -5.52 -89.24 48.34
N LEU G 1110 -4.80 -90.35 48.46
CA LEU G 1110 -5.44 -91.64 48.66
C LEU G 1110 -6.34 -91.60 49.90
N ARG G 1111 -7.55 -92.14 49.76
CA ARG G 1111 -8.45 -92.17 50.90
C ARG G 1111 -8.12 -93.35 51.81
N PRO G 1112 -8.37 -93.21 53.12
CA PRO G 1112 -8.06 -94.32 54.04
C PRO G 1112 -9.16 -95.35 54.18
N ASP G 1113 -10.39 -95.04 53.75
CA ASP G 1113 -11.53 -95.93 53.95
C ASP G 1113 -11.95 -96.64 52.67
N VAL G 1114 -11.14 -96.58 51.62
CA VAL G 1114 -11.44 -97.22 50.35
C VAL G 1114 -10.42 -98.32 50.11
N GLU G 1115 -10.88 -99.46 49.61
CA GLU G 1115 -9.97 -100.55 49.28
C GLU G 1115 -8.95 -100.08 48.25
N LEU G 1116 -7.71 -100.53 48.41
CA LEU G 1116 -6.65 -100.11 47.51
C LEU G 1116 -6.99 -100.54 46.08
N GLY G 1117 -7.05 -99.57 45.18
CA GLY G 1117 -7.34 -99.82 43.79
C GLY G 1117 -8.81 -99.90 43.45
N ALA G 1118 -9.69 -99.80 44.45
CA ALA G 1118 -11.12 -99.74 44.15
C ALA G 1118 -11.47 -98.48 43.37
N ASP G 1119 -10.86 -97.35 43.71
CA ASP G 1119 -11.02 -96.09 43.01
C ASP G 1119 -9.81 -95.87 42.12
N ASP G 1120 -9.70 -94.68 41.53
CA ASP G 1120 -8.64 -94.35 40.59
C ASP G 1120 -7.40 -93.80 41.28
N LEU G 1121 -7.33 -93.86 42.60
CA LEU G 1121 -6.24 -93.23 43.34
C LEU G 1121 -5.09 -94.19 43.62
N ALA G 1122 -5.13 -95.42 43.13
CA ALA G 1122 -4.04 -96.35 43.38
C ALA G 1122 -3.99 -97.41 42.27
N TYR G 1123 -2.78 -97.74 41.85
CA TYR G 1123 -2.51 -98.85 40.93
C TYR G 1123 -1.74 -99.88 41.74
N VAL G 1124 -2.37 -101.02 42.02
CA VAL G 1124 -1.76 -102.02 42.90
C VAL G 1124 -1.89 -103.40 42.28
N PHE G 1125 -1.12 -104.34 42.84
CA PHE G 1125 -1.18 -105.74 42.50
C PHE G 1125 -1.55 -106.53 43.74
N ASN G 1126 -2.52 -107.42 43.60
CA ASN G 1126 -2.95 -108.31 44.67
C ASN G 1126 -2.53 -109.72 44.31
N GLY G 1127 -1.62 -110.30 45.09
CA GLY G 1127 -1.03 -111.58 44.81
C GLY G 1127 -1.67 -112.77 45.48
N HIS G 1128 -2.78 -112.59 46.21
CA HIS G 1128 -3.46 -113.74 46.79
C HIS G 1128 -3.95 -114.68 45.69
N ARG G 1129 -4.61 -114.13 44.67
CA ARG G 1129 -5.04 -114.87 43.50
C ARG G 1129 -4.35 -114.42 42.22
N GLY G 1130 -3.84 -113.19 42.19
CA GLY G 1130 -3.23 -112.63 41.01
C GLY G 1130 -4.19 -111.69 40.31
N GLN G 1131 -4.07 -110.40 40.61
CA GLN G 1131 -4.95 -109.39 40.02
C GLN G 1131 -4.24 -108.05 40.02
N ARG G 1132 -4.63 -107.20 39.09
CA ARG G 1132 -4.20 -105.81 39.05
C ARG G 1132 -5.41 -104.93 39.35
N TRP G 1133 -5.26 -104.04 40.33
CA TRP G 1133 -6.36 -103.24 40.84
C TRP G 1133 -6.12 -101.78 40.47
N HIS G 1134 -7.07 -101.22 39.71
CA HIS G 1134 -7.17 -99.78 39.52
C HIS G 1134 -8.57 -99.52 38.96
N LEU G 1135 -9.40 -98.82 39.74
CA LEU G 1135 -10.79 -98.60 39.36
C LEU G 1135 -11.50 -99.93 39.12
N GLY G 1136 -11.11 -100.94 39.88
CA GLY G 1136 -11.64 -102.29 39.75
C GLY G 1136 -10.54 -103.31 39.68
N SER G 1137 -10.94 -104.55 39.42
CA SER G 1137 -10.04 -105.69 39.41
C SER G 1137 -9.99 -106.33 38.03
N GLU G 1138 -8.83 -106.88 37.69
CA GLU G 1138 -8.63 -107.64 36.47
C GLU G 1138 -7.60 -108.73 36.75
N PRO G 1139 -7.75 -109.91 36.14
CA PRO G 1139 -6.72 -110.94 36.31
C PRO G 1139 -5.36 -110.45 35.83
N PHE G 1140 -4.32 -110.83 36.55
CA PHE G 1140 -2.97 -110.43 36.20
C PHE G 1140 -1.93 -111.18 37.03
N GLY G 1141 -0.86 -111.64 36.40
CA GLY G 1141 0.19 -112.30 37.13
C GLY G 1141 -0.26 -113.66 37.67
N ARG G 1142 0.46 -114.12 38.68
CA ARG G 1142 0.22 -115.39 39.34
C ARG G 1142 0.23 -115.19 40.85
N PRO G 1143 -0.43 -116.06 41.60
CA PRO G 1143 -0.42 -115.92 43.06
C PRO G 1143 0.96 -116.16 43.63
N TRP G 1144 1.23 -115.51 44.76
CA TRP G 1144 2.52 -115.60 45.42
C TRP G 1144 2.51 -116.70 46.47
N GLN G 1145 3.70 -117.10 46.88
CA GLN G 1145 3.91 -118.03 47.98
C GLN G 1145 4.57 -117.29 49.13
N SER G 1146 4.59 -117.93 50.29
CA SER G 1146 5.24 -117.33 51.45
C SER G 1146 6.70 -117.03 51.12
N GLY G 1147 7.14 -115.82 51.46
CA GLY G 1147 8.50 -115.40 51.19
C GLY G 1147 8.73 -114.82 49.81
N ASP G 1148 7.71 -114.78 48.96
CA ASP G 1148 7.87 -114.21 47.63
C ASP G 1148 8.00 -112.70 47.70
N VAL G 1149 8.85 -112.14 46.86
CA VAL G 1149 9.13 -110.72 46.82
C VAL G 1149 8.53 -110.15 45.54
N VAL G 1150 7.68 -109.14 45.68
CA VAL G 1150 7.09 -108.42 44.57
C VAL G 1150 7.90 -107.15 44.36
N GLY G 1151 8.50 -107.01 43.19
CA GLY G 1151 9.18 -105.79 42.82
C GLY G 1151 8.26 -104.86 42.06
N CYS G 1152 8.00 -103.69 42.63
CA CYS G 1152 7.12 -102.70 42.03
C CYS G 1152 7.97 -101.60 41.41
N MET G 1153 7.73 -101.33 40.12
CA MET G 1153 8.44 -100.32 39.37
C MET G 1153 7.45 -99.34 38.77
N ILE G 1154 7.81 -98.06 38.81
CA ILE G 1154 7.03 -97.02 38.14
C ILE G 1154 7.98 -96.23 37.25
N ASP G 1155 7.62 -96.11 35.97
CA ASP G 1155 8.39 -95.35 34.99
C ASP G 1155 7.52 -94.16 34.59
N LEU G 1156 7.92 -92.97 35.03
CA LEU G 1156 7.14 -91.77 34.77
C LEU G 1156 7.57 -91.07 33.49
N THR G 1157 8.54 -91.61 32.77
CA THR G 1157 8.85 -91.18 31.42
C THR G 1157 7.99 -91.89 30.38
N GLU G 1158 7.76 -93.19 30.55
CA GLU G 1158 6.84 -93.94 29.72
C GLU G 1158 5.45 -93.99 30.31
N ASN G 1159 5.25 -93.50 31.53
CA ASN G 1159 3.95 -93.51 32.19
C ASN G 1159 3.42 -94.93 32.32
N THR G 1160 4.24 -95.81 32.90
CA THR G 1160 3.90 -97.22 33.03
C THR G 1160 4.23 -97.71 34.43
N ILE G 1161 3.61 -98.82 34.79
CA ILE G 1161 3.86 -99.50 36.06
C ILE G 1161 4.11 -100.97 35.76
N ILE G 1162 5.16 -101.53 36.37
CA ILE G 1162 5.57 -102.91 36.14
C ILE G 1162 5.65 -103.63 37.47
N PHE G 1163 5.24 -104.90 37.47
CA PHE G 1163 5.32 -105.76 38.64
C PHE G 1163 6.14 -106.99 38.28
N THR G 1164 7.05 -107.36 39.17
CA THR G 1164 7.84 -108.59 39.03
C THR G 1164 7.64 -109.44 40.27
N LEU G 1165 7.76 -110.76 40.10
CA LEU G 1165 7.64 -111.70 41.20
C LEU G 1165 8.91 -112.55 41.22
N ASN G 1166 9.70 -112.39 42.28
CA ASN G 1166 10.98 -113.09 42.42
C ASN G 1166 11.87 -112.82 41.21
N GLY G 1167 11.84 -111.58 40.72
CA GLY G 1167 12.71 -111.14 39.65
C GLY G 1167 12.13 -111.31 38.26
N GLU G 1168 11.05 -112.06 38.10
CA GLU G 1168 10.43 -112.29 36.80
C GLU G 1168 9.26 -111.33 36.62
N VAL G 1169 9.22 -110.67 35.48
CA VAL G 1169 8.17 -109.70 35.21
C VAL G 1169 6.84 -110.44 35.13
N LEU G 1170 5.84 -109.93 35.85
CA LEU G 1170 4.49 -110.49 35.75
C LEU G 1170 3.80 -109.95 34.51
N MET G 1171 3.08 -110.82 33.82
CA MET G 1171 2.46 -110.50 32.55
C MET G 1171 0.95 -110.66 32.64
N SER G 1172 0.25 -109.82 31.89
CA SER G 1172 -1.20 -109.93 31.80
C SER G 1172 -1.58 -111.10 30.90
N ASP G 1173 -2.88 -111.39 30.85
CA ASP G 1173 -3.37 -112.45 29.99
C ASP G 1173 -3.04 -112.18 28.53
N SER G 1174 -3.20 -110.92 28.11
CA SER G 1174 -2.88 -110.57 26.72
C SER G 1174 -1.39 -110.75 26.44
N GLY G 1175 -0.56 -110.83 27.47
CA GLY G 1175 0.88 -110.98 27.31
C GLY G 1175 1.67 -109.70 27.50
N SER G 1176 1.03 -108.57 27.73
CA SER G 1176 1.75 -107.33 27.94
C SER G 1176 2.58 -107.40 29.22
N GLU G 1177 3.76 -106.79 29.20
CA GLU G 1177 4.67 -106.81 30.34
C GLU G 1177 4.50 -105.61 31.25
N THR G 1178 3.58 -104.71 30.94
CA THR G 1178 3.27 -103.58 31.81
C THR G 1178 1.91 -103.79 32.45
N ALA G 1179 1.85 -103.67 33.77
CA ALA G 1179 0.57 -103.82 34.47
C ALA G 1179 -0.38 -102.69 34.12
N PHE G 1180 0.14 -101.47 34.05
CA PHE G 1180 -0.67 -100.29 33.72
C PHE G 1180 0.13 -99.39 32.77
N ARG G 1181 -0.60 -98.60 31.99
CA ARG G 1181 0.02 -97.69 31.03
C ARG G 1181 -0.84 -96.43 30.92
N ASP G 1182 -0.32 -95.43 30.23
CA ASP G 1182 -1.01 -94.16 30.04
C ASP G 1182 -1.40 -93.56 31.39
N ILE G 1183 -0.50 -93.65 32.36
CA ILE G 1183 -0.74 -93.14 33.71
C ILE G 1183 -0.47 -91.64 33.70
N GLU G 1184 -1.44 -90.86 34.16
CA GLU G 1184 -1.26 -89.43 34.27
C GLU G 1184 -0.52 -89.11 35.56
N ILE G 1185 0.58 -88.36 35.45
CA ILE G 1185 1.45 -88.14 36.60
C ILE G 1185 0.69 -87.40 37.70
N GLY G 1186 -0.02 -86.34 37.34
CA GLY G 1186 -0.78 -85.62 38.35
C GLY G 1186 0.11 -85.10 39.45
N ASP G 1187 -0.24 -85.42 40.69
CA ASP G 1187 0.47 -84.93 41.86
C ASP G 1187 1.64 -85.80 42.27
N GLY G 1188 1.86 -86.94 41.61
CA GLY G 1188 2.94 -87.84 41.94
C GLY G 1188 2.43 -89.17 42.46
N PHE G 1189 3.37 -90.02 42.84
CA PHE G 1189 3.05 -91.36 43.28
C PHE G 1189 3.89 -91.72 44.50
N LEU G 1190 3.31 -92.55 45.37
CA LEU G 1190 3.89 -92.96 46.63
C LEU G 1190 3.83 -94.48 46.73
N PRO G 1191 4.84 -95.12 47.30
CA PRO G 1191 4.71 -96.55 47.62
C PRO G 1191 3.56 -96.78 48.59
N VAL G 1192 2.81 -97.85 48.35
CA VAL G 1192 1.64 -98.17 49.16
C VAL G 1192 1.47 -99.68 49.20
N CYS G 1193 0.92 -100.15 50.32
CA CYS G 1193 0.58 -101.55 50.49
C CYS G 1193 -0.65 -101.64 51.38
N SER G 1194 -1.35 -102.76 51.28
CA SER G 1194 -2.54 -103.02 52.08
C SER G 1194 -2.45 -104.46 52.59
N LEU G 1195 -2.65 -104.64 53.89
CA LEU G 1195 -2.59 -105.93 54.54
C LEU G 1195 -3.96 -106.24 55.14
N GLY G 1196 -4.54 -107.37 54.79
CA GLY G 1196 -5.78 -107.79 55.39
C GLY G 1196 -5.56 -108.40 56.74
N PRO G 1197 -6.66 -108.80 57.38
CA PRO G 1197 -6.55 -109.38 58.72
C PRO G 1197 -5.66 -110.62 58.72
N GLY G 1198 -4.69 -110.63 59.64
CA GLY G 1198 -3.80 -111.76 59.79
C GLY G 1198 -2.65 -111.81 58.82
N GLN G 1199 -2.38 -110.74 58.09
CA GLN G 1199 -1.36 -110.73 57.05
C GLN G 1199 -0.11 -109.99 57.52
N VAL G 1200 1.04 -110.39 56.97
CA VAL G 1200 2.32 -109.79 57.31
C VAL G 1200 3.11 -109.54 56.03
N GLY G 1201 3.62 -108.32 55.91
CA GLY G 1201 4.45 -107.96 54.77
C GLY G 1201 5.72 -107.29 55.24
N HIS G 1202 6.66 -107.14 54.31
CA HIS G 1202 7.90 -106.45 54.56
C HIS G 1202 8.16 -105.49 53.40
N LEU G 1203 8.07 -104.20 53.66
CA LEU G 1203 8.27 -103.17 52.65
C LEU G 1203 9.72 -102.73 52.67
N ASN G 1204 10.42 -102.92 51.55
CA ASN G 1204 11.81 -102.50 51.39
C ASN G 1204 11.85 -101.41 50.34
N LEU G 1205 12.01 -100.16 50.77
CA LEU G 1205 12.05 -99.03 49.85
C LEU G 1205 13.44 -98.80 49.29
N GLY G 1206 14.43 -99.60 49.69
CA GLY G 1206 15.74 -99.54 49.08
C GLY G 1206 16.69 -98.51 49.63
N GLN G 1207 16.53 -98.12 50.91
CA GLN G 1207 17.51 -97.23 51.51
C GLN G 1207 18.88 -97.86 51.52
N ASP G 1208 18.95 -99.16 51.84
CA ASP G 1208 20.16 -99.95 51.72
C ASP G 1208 20.01 -100.79 50.44
N VAL G 1209 20.67 -100.34 49.37
CA VAL G 1209 20.49 -100.99 48.08
C VAL G 1209 20.88 -102.46 48.15
N SER G 1210 21.89 -102.78 48.98
CA SER G 1210 22.31 -104.17 49.10
C SER G 1210 21.25 -105.05 49.73
N SER G 1211 20.28 -104.47 50.43
CA SER G 1211 19.23 -105.28 51.05
C SER G 1211 18.21 -105.76 50.03
N LEU G 1212 18.06 -105.06 48.91
CA LEU G 1212 17.14 -105.50 47.88
C LEU G 1212 17.59 -106.85 47.33
N ARG G 1213 16.62 -107.75 47.11
CA ARG G 1213 16.91 -109.12 46.75
C ARG G 1213 16.78 -109.42 45.27
N PHE G 1214 16.04 -108.61 44.51
CA PHE G 1214 15.87 -108.85 43.10
C PHE G 1214 16.05 -107.58 42.26
N PHE G 1215 16.60 -106.51 42.85
CA PHE G 1215 16.83 -105.29 42.08
C PHE G 1215 17.82 -105.53 40.95
N ALA G 1216 18.90 -106.26 41.23
CA ALA G 1216 19.90 -106.52 40.21
C ALA G 1216 19.33 -107.37 39.08
N ILE G 1217 18.52 -108.37 39.42
CA ILE G 1217 17.99 -109.27 38.41
C ILE G 1217 17.06 -108.52 37.46
N CYS G 1218 16.23 -107.62 37.99
CA CYS G 1218 15.31 -106.86 37.17
C CYS G 1218 15.16 -105.46 37.75
N GLY G 1219 15.60 -104.46 37.00
CA GLY G 1219 15.38 -103.07 37.32
C GLY G 1219 16.66 -102.25 37.31
N LEU G 1220 17.75 -102.84 37.82
CA LEU G 1220 19.02 -102.13 37.83
C LEU G 1220 19.50 -101.83 36.41
N GLN G 1221 19.53 -102.86 35.55
CA GLN G 1221 19.94 -102.65 34.18
C GLN G 1221 18.88 -101.94 33.36
N GLU G 1222 17.61 -102.07 33.74
CA GLU G 1222 16.54 -101.33 33.10
C GLU G 1222 16.57 -99.84 33.48
N GLY G 1223 17.34 -99.47 34.49
CA GLY G 1223 17.52 -98.07 34.81
C GLY G 1223 16.62 -97.54 35.90
N PHE G 1224 15.95 -98.42 36.64
CA PHE G 1224 15.12 -98.00 37.75
C PHE G 1224 15.97 -97.76 38.98
N GLU G 1225 15.52 -96.82 39.82
CA GLU G 1225 16.26 -96.43 41.00
C GLU G 1225 15.48 -96.79 42.25
N PRO G 1226 16.13 -97.29 43.30
CA PRO G 1226 15.41 -97.57 44.54
C PRO G 1226 14.75 -96.31 45.07
N PHE G 1227 13.56 -96.47 45.64
CA PHE G 1227 12.74 -95.30 45.98
C PHE G 1227 13.46 -94.39 46.96
N ALA G 1228 14.13 -94.96 47.96
CA ALA G 1228 14.80 -94.21 49.01
C ALA G 1228 16.31 -94.37 48.93
N ILE G 1229 16.87 -94.36 47.71
CA ILE G 1229 18.27 -94.74 47.53
C ILE G 1229 19.19 -93.76 48.26
N ASN G 1230 18.92 -92.45 48.11
CA ASN G 1230 19.83 -91.45 48.65
C ASN G 1230 19.16 -90.63 49.75
N MET G 1231 18.41 -91.30 50.62
CA MET G 1231 17.82 -90.65 51.79
C MET G 1231 18.66 -90.98 53.01
N GLN G 1232 18.99 -89.96 53.79
CA GLN G 1232 19.81 -90.18 54.98
C GLN G 1232 19.00 -90.78 56.12
N ARG G 1233 17.67 -90.73 56.04
CA ARG G 1233 16.80 -91.27 57.07
C ARG G 1233 15.74 -92.17 56.46
N PRO G 1234 15.25 -93.16 57.21
CA PRO G 1234 14.19 -94.01 56.67
C PRO G 1234 12.96 -93.21 56.31
N VAL G 1235 12.27 -93.65 55.27
CA VAL G 1235 11.09 -92.93 54.78
C VAL G 1235 9.96 -93.05 55.80
N THR G 1236 9.39 -91.90 56.17
CA THR G 1236 8.26 -91.89 57.09
C THR G 1236 7.03 -92.49 56.41
N THR G 1237 6.25 -93.24 57.18
CA THR G 1237 5.06 -93.91 56.66
C THR G 1237 3.84 -93.52 57.48
N TRP G 1238 2.68 -93.60 56.84
CA TRP G 1238 1.39 -93.39 57.48
C TRP G 1238 0.54 -94.63 57.26
N PHE G 1239 -0.36 -94.89 58.19
CA PHE G 1239 -1.25 -96.05 58.10
C PHE G 1239 -2.68 -95.62 58.35
N SER G 1240 -3.60 -96.44 57.84
CA SER G 1240 -5.03 -96.18 57.97
C SER G 1240 -5.47 -96.70 59.33
N LYS G 1241 -5.50 -95.81 60.31
CA LYS G 1241 -5.92 -96.14 61.67
C LYS G 1241 -7.44 -96.28 61.70
N SER G 1242 -7.92 -97.41 62.20
CA SER G 1242 -9.36 -97.67 62.31
C SER G 1242 -9.93 -97.26 63.66
N LEU G 1243 -9.66 -96.01 64.07
CA LEU G 1243 -10.27 -95.46 65.27
C LEU G 1243 -11.25 -94.39 64.83
N PRO G 1244 -12.56 -94.60 64.96
CA PRO G 1244 -13.52 -93.59 64.47
C PRO G 1244 -13.26 -92.23 65.11
N GLN G 1245 -13.31 -91.19 64.29
CA GLN G 1245 -13.06 -89.82 64.74
C GLN G 1245 -14.07 -88.88 64.12
N PHE G 1246 -14.39 -87.81 64.83
CA PHE G 1246 -15.37 -86.84 64.35
C PHE G 1246 -14.69 -85.80 63.46
N GLU G 1247 -15.19 -85.65 62.24
CA GLU G 1247 -14.66 -84.69 61.30
C GLU G 1247 -15.78 -83.90 60.67
N PRO G 1248 -15.53 -82.65 60.26
CA PRO G 1248 -16.60 -81.85 59.67
C PRO G 1248 -17.22 -82.54 58.46
N VAL G 1249 -18.54 -82.39 58.33
CA VAL G 1249 -19.26 -83.00 57.21
C VAL G 1249 -18.69 -82.38 55.91
N PRO G 1250 -18.20 -83.18 54.98
CA PRO G 1250 -17.63 -82.61 53.76
C PRO G 1250 -18.66 -81.78 53.01
N LEU G 1251 -18.21 -80.66 52.45
CA LEU G 1251 -19.10 -79.79 51.69
C LEU G 1251 -19.61 -80.46 50.42
N GLU G 1252 -18.95 -81.52 49.96
CA GLU G 1252 -19.32 -82.22 48.74
C GLU G 1252 -19.74 -83.66 49.01
N HIS G 1253 -20.21 -83.96 50.22
CA HIS G 1253 -20.56 -85.33 50.55
C HIS G 1253 -21.69 -85.80 49.63
N PRO G 1254 -21.58 -86.99 49.03
CA PRO G 1254 -22.59 -87.41 48.05
C PRO G 1254 -23.97 -87.68 48.66
N HIS G 1255 -24.09 -87.85 49.97
CA HIS G 1255 -25.35 -88.28 50.56
C HIS G 1255 -25.89 -87.31 51.59
N TYR G 1256 -25.01 -86.64 52.34
CA TYR G 1256 -25.41 -85.82 53.47
C TYR G 1256 -25.10 -84.36 53.20
N GLU G 1257 -26.09 -83.50 53.48
CA GLU G 1257 -25.95 -82.06 53.32
C GLU G 1257 -26.42 -81.38 54.61
N VAL G 1258 -25.68 -80.37 55.04
CA VAL G 1258 -26.00 -79.61 56.24
C VAL G 1258 -26.26 -78.17 55.81
N ALA G 1259 -27.41 -77.62 56.21
CA ALA G 1259 -27.80 -76.26 55.88
C ALA G 1259 -27.82 -75.43 57.15
N ARG G 1260 -27.13 -74.29 57.11
CA ARG G 1260 -27.11 -73.35 58.23
C ARG G 1260 -28.25 -72.37 58.04
N MET G 1261 -29.27 -72.48 58.88
CA MET G 1261 -30.45 -71.63 58.79
C MET G 1261 -30.35 -70.50 59.80
N ASP G 1262 -30.49 -69.27 59.33
CA ASP G 1262 -30.45 -68.12 60.23
C ASP G 1262 -31.71 -68.05 61.07
N GLY G 1263 -31.59 -67.43 62.24
CA GLY G 1263 -32.73 -67.32 63.12
C GLY G 1263 -33.70 -66.25 62.64
N THR G 1264 -34.98 -66.62 62.58
CA THR G 1264 -36.05 -65.72 62.21
C THR G 1264 -36.69 -65.15 63.48
N VAL G 1265 -37.81 -64.45 63.32
CA VAL G 1265 -38.49 -63.89 64.48
C VAL G 1265 -39.03 -64.99 65.39
N ASP G 1266 -39.49 -66.10 64.80
CA ASP G 1266 -40.11 -67.18 65.56
C ASP G 1266 -39.25 -68.45 65.57
N THR G 1267 -38.03 -68.39 65.04
CA THR G 1267 -37.17 -69.56 64.94
C THR G 1267 -35.77 -69.19 65.36
N PRO G 1268 -35.06 -70.06 66.06
CA PRO G 1268 -33.67 -69.79 66.42
C PRO G 1268 -32.73 -70.23 65.33
N PRO G 1269 -31.42 -69.98 65.47
CA PRO G 1269 -30.46 -70.53 64.50
C PRO G 1269 -30.54 -72.06 64.49
N CYS G 1270 -30.34 -72.62 63.30
CA CYS G 1270 -30.51 -74.06 63.13
C CYS G 1270 -29.45 -74.59 62.17
N LEU G 1271 -29.12 -75.86 62.36
CA LEU G 1271 -28.27 -76.63 61.46
C LEU G 1271 -29.05 -77.88 61.06
N ARG G 1272 -29.52 -77.92 59.83
CA ARG G 1272 -30.44 -78.95 59.37
C ARG G 1272 -29.69 -79.96 58.49
N LEU G 1273 -29.91 -81.24 58.76
CA LEU G 1273 -29.33 -82.31 57.97
C LEU G 1273 -30.37 -82.85 56.99
N THR G 1274 -29.99 -83.01 55.74
CA THR G 1274 -30.86 -83.57 54.71
C THR G 1274 -30.11 -84.67 53.98
N HIS G 1275 -30.85 -85.70 53.57
CA HIS G 1275 -30.29 -86.81 52.82
C HIS G 1275 -30.49 -86.52 51.34
N ARG G 1276 -29.38 -86.25 50.63
CA ARG G 1276 -29.49 -85.80 49.24
C ARG G 1276 -30.06 -86.89 48.34
N THR G 1277 -29.60 -88.13 48.51
CA THR G 1277 -29.92 -89.21 47.59
C THR G 1277 -31.03 -90.12 48.10
N TRP G 1278 -31.86 -89.62 49.02
CA TRP G 1278 -32.90 -90.46 49.59
C TRP G 1278 -33.90 -90.89 48.52
N GLY G 1279 -34.39 -92.12 48.63
CA GLY G 1279 -35.39 -92.63 47.73
C GLY G 1279 -34.92 -92.72 46.29
N SER G 1280 -33.72 -93.25 46.09
CA SER G 1280 -33.16 -93.39 44.74
C SER G 1280 -32.12 -94.50 44.75
N GLN G 1281 -31.76 -94.93 43.55
CA GLN G 1281 -30.74 -95.97 43.41
C GLN G 1281 -29.34 -95.38 43.61
N ASN G 1282 -28.59 -96.05 44.48
CA ASN G 1282 -27.28 -95.78 45.09
C ASN G 1282 -27.44 -95.08 46.43
N SER G 1283 -28.66 -94.87 46.91
CA SER G 1283 -28.85 -94.20 48.19
C SER G 1283 -28.16 -94.98 49.30
N LEU G 1284 -27.45 -94.27 50.16
CA LEU G 1284 -26.75 -94.87 51.30
C LEU G 1284 -27.57 -94.62 52.55
N VAL G 1285 -28.01 -95.69 53.18
CA VAL G 1285 -28.81 -95.62 54.40
C VAL G 1285 -28.06 -96.43 55.45
N GLU G 1286 -27.48 -95.73 56.43
CA GLU G 1286 -26.75 -96.38 57.50
C GLU G 1286 -26.73 -95.45 58.70
N MET G 1287 -26.38 -96.01 59.85
CA MET G 1287 -26.31 -95.22 61.08
C MET G 1287 -25.36 -94.05 60.89
N LEU G 1288 -25.77 -92.88 61.35
CA LEU G 1288 -25.01 -91.65 61.24
C LEU G 1288 -24.84 -91.05 62.62
N PHE G 1289 -23.59 -90.74 62.98
CA PHE G 1289 -23.25 -90.20 64.29
C PHE G 1289 -22.77 -88.78 64.09
N LEU G 1290 -23.55 -87.80 64.56
CA LEU G 1290 -23.26 -86.39 64.38
C LEU G 1290 -23.04 -85.74 65.72
N ARG G 1291 -22.14 -84.75 65.75
CA ARG G 1291 -21.93 -83.93 66.93
C ARG G 1291 -21.65 -82.51 66.49
N LEU G 1292 -21.72 -81.59 67.45
CA LEU G 1292 -21.35 -80.22 67.18
C LEU G 1292 -19.86 -80.02 67.49
N SER G 1293 -19.25 -79.10 66.75
CA SER G 1293 -17.79 -78.98 66.80
C SER G 1293 -17.30 -78.56 68.18
N LEU G 1294 -18.06 -77.70 68.88
CA LEU G 1294 -17.57 -77.17 70.14
C LEU G 1294 -18.26 -77.84 71.33
N PRO G 1295 -17.55 -78.02 72.44
CA PRO G 1295 -18.19 -78.58 73.64
C PRO G 1295 -18.66 -77.53 74.62
N VAL G 1296 -19.50 -77.93 75.57
CA VAL G 1296 -19.79 -77.16 76.77
C VAL G 1296 -19.03 -77.80 77.92
N GLN G 1297 -18.43 -76.96 78.76
CA GLN G 1297 -17.60 -77.42 79.87
C GLN G 1297 -18.28 -77.11 81.18
N PHE G 1298 -18.43 -78.13 82.03
CA PHE G 1298 -18.99 -77.93 83.35
C PHE G 1298 -17.99 -77.22 84.25
N HIS G 1299 -18.53 -76.51 85.25
CA HIS G 1299 -17.69 -75.68 86.09
C HIS G 1299 -16.71 -76.53 86.89
N GLN G 1300 -15.60 -75.89 87.29
CA GLN G 1300 -14.60 -76.59 88.09
C GLN G 1300 -15.14 -76.97 89.46
N HIS G 1301 -16.00 -76.13 90.04
CA HIS G 1301 -16.61 -76.39 91.34
C HIS G 1301 -18.11 -76.29 91.22
N PHE G 1302 -18.81 -77.30 91.74
CA PHE G 1302 -20.26 -77.35 91.69
C PHE G 1302 -20.85 -76.65 92.91
N ARG G 1303 -22.04 -76.07 92.72
CA ARG G 1303 -22.73 -75.42 93.82
C ARG G 1303 -22.93 -76.38 94.98
N CYS G 1304 -22.70 -75.90 96.19
CA CYS G 1304 -22.90 -76.73 97.37
C CYS G 1304 -24.38 -77.03 97.57
N THR G 1305 -24.72 -78.31 97.59
CA THR G 1305 -26.10 -78.74 97.77
C THR G 1305 -27.01 -78.09 96.72
N ASP G 1420 -46.72 -63.98 77.82
CA ASP G 1420 -45.55 -63.33 78.39
C ASP G 1420 -44.27 -63.99 77.88
N ASN G 1421 -43.79 -65.01 78.59
CA ASN G 1421 -42.60 -65.75 78.20
C ASN G 1421 -41.41 -64.82 77.96
N ARG G 1422 -41.26 -63.81 78.79
CA ARG G 1422 -40.12 -62.89 78.74
C ARG G 1422 -39.19 -63.19 79.90
N ASP G 1423 -37.90 -63.34 79.60
CA ASP G 1423 -36.93 -63.69 80.62
C ASP G 1423 -36.86 -62.60 81.70
N ASP G 1424 -36.77 -63.02 82.94
CA ASP G 1424 -36.52 -62.10 84.03
C ASP G 1424 -35.03 -61.76 84.05
N PRO G 1425 -34.64 -60.49 83.90
CA PRO G 1425 -33.21 -60.19 83.70
C PRO G 1425 -32.30 -60.77 84.78
N GLU G 1426 -32.69 -60.68 86.05
CA GLU G 1426 -31.83 -61.21 87.10
C GLU G 1426 -31.63 -62.71 86.93
N ILE G 1427 -32.71 -63.44 86.68
CA ILE G 1427 -32.62 -64.89 86.55
C ILE G 1427 -31.78 -65.26 85.32
N ILE G 1428 -32.02 -64.58 84.19
CA ILE G 1428 -31.35 -64.96 82.97
C ILE G 1428 -29.86 -64.60 83.00
N LEU G 1429 -29.48 -63.52 83.68
CA LEU G 1429 -28.07 -63.18 83.84
C LEU G 1429 -27.40 -63.91 84.99
N ASN G 1430 -28.15 -64.57 85.88
CA ASN G 1430 -27.55 -65.34 86.95
C ASN G 1430 -27.68 -66.86 86.77
N THR G 1431 -28.31 -67.32 85.71
CA THR G 1431 -28.53 -68.75 85.54
C THR G 1431 -27.28 -69.45 85.02
N THR G 1432 -27.15 -70.74 85.36
CA THR G 1432 -26.10 -71.59 84.84
C THR G 1432 -26.65 -72.76 84.04
N THR G 1433 -27.90 -72.69 83.61
CA THR G 1433 -28.54 -73.75 82.84
C THR G 1433 -28.56 -73.34 81.37
N TYR G 1434 -28.18 -74.26 80.49
CA TYR G 1434 -28.14 -74.02 79.06
C TYR G 1434 -28.94 -75.09 78.35
N TYR G 1435 -29.46 -74.74 77.17
CA TYR G 1435 -30.47 -75.52 76.49
C TYR G 1435 -30.13 -75.63 75.00
N TYR G 1436 -30.53 -76.76 74.41
CA TYR G 1436 -30.48 -76.90 72.96
C TYR G 1436 -31.46 -77.99 72.55
N SER G 1437 -32.09 -77.82 71.39
CA SER G 1437 -33.12 -78.76 70.97
C SER G 1437 -32.72 -79.44 69.67
N VAL G 1438 -33.36 -80.56 69.41
CA VAL G 1438 -33.22 -81.29 68.15
C VAL G 1438 -34.62 -81.56 67.64
N ARG G 1439 -34.88 -81.13 66.41
CA ARG G 1439 -36.16 -81.37 65.75
C ARG G 1439 -36.01 -82.55 64.80
N VAL G 1440 -36.85 -83.56 65.00
CA VAL G 1440 -36.92 -84.73 64.12
C VAL G 1440 -38.15 -84.52 63.24
N PHE G 1441 -37.91 -84.32 61.95
CA PHE G 1441 -38.98 -83.96 61.03
C PHE G 1441 -39.93 -85.14 60.82
N ALA G 1442 -41.18 -84.83 60.52
CA ALA G 1442 -42.16 -85.86 60.21
C ALA G 1442 -41.66 -86.71 59.04
N GLY G 1443 -41.80 -88.02 59.18
CA GLY G 1443 -41.27 -88.98 58.25
C GLY G 1443 -39.96 -89.61 58.70
N GLN G 1444 -39.24 -88.95 59.60
CA GLN G 1444 -38.06 -89.53 60.23
C GLN G 1444 -38.51 -90.25 61.48
N GLU G 1445 -38.35 -91.56 61.49
CA GLU G 1445 -38.86 -92.36 62.60
C GLU G 1445 -38.16 -91.97 63.89
N PRO G 1446 -38.89 -91.57 64.94
CA PRO G 1446 -38.22 -91.30 66.22
C PRO G 1446 -37.52 -92.50 66.79
N SER G 1447 -37.97 -93.71 66.47
CA SER G 1447 -37.31 -94.92 66.96
C SER G 1447 -35.90 -95.07 66.42
N CYS G 1448 -35.54 -94.30 65.39
CA CYS G 1448 -34.22 -94.37 64.77
C CYS G 1448 -33.39 -93.13 65.08
N VAL G 1449 -33.67 -92.44 66.18
CA VAL G 1449 -32.95 -91.22 66.55
C VAL G 1449 -32.58 -91.30 68.02
N TRP G 1450 -31.34 -90.92 68.33
CA TRP G 1450 -30.86 -90.76 69.70
C TRP G 1450 -30.30 -89.36 69.83
N VAL G 1451 -30.72 -88.65 70.87
CA VAL G 1451 -30.38 -87.25 71.07
C VAL G 1451 -29.77 -87.08 72.45
N GLY G 1452 -28.70 -86.30 72.52
CA GLY G 1452 -28.05 -86.05 73.79
C GLY G 1452 -26.66 -85.45 73.66
N TRP G 1453 -25.70 -86.03 74.38
CA TRP G 1453 -24.35 -85.48 74.44
C TRP G 1453 -23.34 -86.62 74.35
N VAL G 1454 -22.13 -86.29 73.92
CA VAL G 1454 -21.00 -87.20 73.93
C VAL G 1454 -19.81 -86.48 74.54
N THR G 1455 -18.92 -87.26 75.13
CA THR G 1455 -17.65 -86.75 75.62
C THR G 1455 -16.61 -86.81 74.52
N PRO G 1456 -15.44 -86.20 74.73
CA PRO G 1456 -14.40 -86.23 73.68
C PRO G 1456 -13.93 -87.64 73.35
N ASP G 1457 -14.27 -88.61 74.20
CA ASP G 1457 -13.73 -89.96 74.12
C ASP G 1457 -14.60 -90.91 73.27
N TYR G 1458 -15.74 -90.46 72.78
CA TYR G 1458 -16.62 -91.35 72.03
C TYR G 1458 -16.00 -91.73 70.69
N HIS G 1459 -15.88 -93.04 70.43
CA HIS G 1459 -15.27 -93.51 69.19
C HIS G 1459 -15.98 -94.75 68.63
N GLN G 1460 -17.26 -94.94 68.91
CA GLN G 1460 -17.98 -96.14 68.51
C GLN G 1460 -18.75 -95.89 67.22
N HIS G 1461 -18.32 -96.53 66.14
CA HIS G 1461 -19.01 -96.47 64.85
C HIS G 1461 -19.87 -97.72 64.70
N ASP G 1462 -20.87 -97.83 65.56
CA ASP G 1462 -21.71 -99.02 65.64
C ASP G 1462 -22.85 -98.91 64.64
N MET G 1463 -22.85 -99.77 63.63
CA MET G 1463 -23.90 -99.77 62.63
C MET G 1463 -25.22 -100.33 63.16
N SER G 1464 -25.23 -100.90 64.35
CA SER G 1464 -26.46 -101.37 64.97
C SER G 1464 -26.59 -100.73 66.35
N PHE G 1465 -26.39 -99.42 66.41
CA PHE G 1465 -26.33 -98.73 67.69
C PHE G 1465 -27.65 -98.80 68.43
N ASP G 1466 -27.56 -98.91 69.75
CA ASP G 1466 -28.69 -98.72 70.64
C ASP G 1466 -28.14 -98.38 72.01
N LEU G 1467 -28.99 -97.83 72.87
CA LEU G 1467 -28.52 -97.26 74.13
C LEU G 1467 -27.85 -98.31 75.01
N SER G 1468 -28.10 -99.59 74.75
CA SER G 1468 -27.46 -100.65 75.50
C SER G 1468 -25.99 -100.85 75.12
N LYS G 1469 -25.56 -100.31 74.00
CA LYS G 1469 -24.17 -100.41 73.57
C LYS G 1469 -23.29 -99.30 74.14
N VAL G 1470 -23.87 -98.37 74.89
CA VAL G 1470 -23.10 -97.23 75.40
C VAL G 1470 -22.13 -97.71 76.48
N ARG G 1471 -20.87 -97.28 76.35
CA ARG G 1471 -19.89 -97.61 77.38
C ARG G 1471 -20.29 -96.99 78.71
N ALA G 1472 -20.20 -97.78 79.77
CA ALA G 1472 -20.54 -97.30 81.11
C ALA G 1472 -19.79 -98.13 82.13
N VAL G 1473 -19.44 -97.52 83.25
CA VAL G 1473 -18.78 -98.22 84.34
C VAL G 1473 -18.97 -97.41 85.62
N THR G 1474 -19.18 -98.12 86.73
CA THR G 1474 -19.31 -97.49 88.03
C THR G 1474 -18.06 -97.75 88.85
N VAL G 1475 -17.49 -96.68 89.40
CA VAL G 1475 -16.35 -96.76 90.31
C VAL G 1475 -16.89 -96.52 91.70
N THR G 1476 -16.74 -97.52 92.57
CA THR G 1476 -17.27 -97.47 93.93
C THR G 1476 -16.11 -97.47 94.92
N MET G 1477 -16.08 -96.47 95.78
CA MET G 1477 -15.07 -96.34 96.83
C MET G 1477 -15.75 -96.39 98.20
N GLY G 1478 -15.14 -97.15 99.11
CA GLY G 1478 -15.65 -97.30 100.45
C GLY G 1478 -14.58 -97.44 101.51
N ASP G 1479 -14.97 -97.85 102.72
CA ASP G 1479 -14.04 -98.01 103.83
C ASP G 1479 -13.39 -99.38 103.81
N GLU G 1480 -12.46 -99.57 104.74
CA GLU G 1480 -11.86 -100.89 104.94
C GLU G 1480 -12.88 -101.92 105.39
N GLN G 1481 -14.03 -101.49 105.92
CA GLN G 1481 -15.09 -102.37 106.35
C GLN G 1481 -16.34 -102.17 105.49
N GLY G 1482 -16.15 -102.00 104.18
CA GLY G 1482 -17.26 -101.71 103.29
C GLY G 1482 -17.71 -100.29 103.42
N ASN G 1483 -19.01 -100.08 103.70
CA ASN G 1483 -19.52 -98.74 103.92
C ASN G 1483 -19.18 -97.82 102.77
N VAL G 1484 -19.74 -98.11 101.59
CA VAL G 1484 -19.45 -97.34 100.38
C VAL G 1484 -19.50 -95.85 100.68
N HIS G 1485 -18.43 -95.14 100.28
CA HIS G 1485 -18.40 -93.69 100.29
C HIS G 1485 -19.05 -93.09 99.07
N SER G 1486 -18.59 -93.48 97.88
CA SER G 1486 -19.06 -92.88 96.64
C SER G 1486 -19.23 -93.95 95.58
N SER G 1487 -20.14 -93.70 94.64
CA SER G 1487 -20.39 -94.58 93.51
C SER G 1487 -20.59 -93.68 92.28
N LEU G 1488 -19.49 -93.43 91.57
CA LEU G 1488 -19.52 -92.54 90.42
C LEU G 1488 -19.75 -93.32 89.14
N LYS G 1489 -20.70 -92.89 88.34
CA LYS G 1489 -20.98 -93.48 87.05
C LYS G 1489 -20.24 -92.71 85.96
N CYS G 1490 -19.52 -93.43 85.11
CA CYS G 1490 -18.74 -92.84 84.04
C CYS G 1490 -19.18 -93.43 82.71
N SER G 1491 -19.33 -92.56 81.71
CA SER G 1491 -19.75 -92.95 80.38
C SER G 1491 -19.24 -91.90 79.40
N ASN G 1492 -19.46 -92.17 78.12
CA ASN G 1492 -19.08 -91.24 77.06
C ASN G 1492 -20.24 -90.85 76.16
N CYS G 1493 -21.46 -91.30 76.46
CA CYS G 1493 -22.63 -91.00 75.63
C CYS G 1493 -23.83 -90.86 76.56
N TYR G 1494 -24.36 -89.65 76.68
CA TYR G 1494 -25.54 -89.36 77.49
C TYR G 1494 -26.66 -88.95 76.55
N MET G 1495 -27.56 -89.88 76.24
CA MET G 1495 -28.59 -89.66 75.24
C MET G 1495 -29.90 -90.26 75.69
N VAL G 1496 -30.97 -89.79 75.06
CA VAL G 1496 -32.30 -90.38 75.20
C VAL G 1496 -32.69 -90.94 73.84
N TRP G 1497 -33.53 -91.95 73.86
CA TRP G 1497 -33.99 -92.62 72.66
C TRP G 1497 -35.30 -91.99 72.19
N GLY G 1498 -35.36 -91.63 70.91
CA GLY G 1498 -36.58 -91.04 70.38
C GLY G 1498 -37.78 -91.95 70.51
N GLY G 1499 -37.54 -93.26 70.61
CA GLY G 1499 -38.63 -94.19 70.78
C GLY G 1499 -39.32 -94.08 72.13
N ASP G 1500 -38.66 -93.49 73.13
CA ASP G 1500 -39.28 -93.29 74.42
C ASP G 1500 -40.37 -92.24 74.41
N PHE G 1501 -40.47 -91.44 73.34
CA PHE G 1501 -41.45 -90.37 73.25
C PHE G 1501 -42.50 -90.63 72.18
N VAL G 1502 -42.61 -91.87 71.69
CA VAL G 1502 -43.65 -92.25 70.74
C VAL G 1502 -44.78 -92.90 71.51
N SER G 1503 -45.96 -92.29 71.44
CA SER G 1503 -47.09 -92.82 72.19
C SER G 1503 -47.48 -94.19 71.63
N PRO G 1504 -47.97 -95.11 72.48
CA PRO G 1504 -48.37 -96.42 71.95
C PRO G 1504 -49.42 -96.34 70.87
N GLY G 1505 -50.34 -95.37 70.96
CA GLY G 1505 -51.30 -95.19 69.89
C GLY G 1505 -50.64 -94.82 68.59
N GLN G 1506 -49.64 -93.94 68.63
CA GLN G 1506 -48.94 -93.55 67.42
C GLN G 1506 -47.97 -94.62 66.96
N GLN G 1507 -47.60 -95.55 67.83
CA GLN G 1507 -46.67 -96.61 67.46
C GLN G 1507 -47.23 -97.43 66.30
N GLY G 1508 -46.37 -97.72 65.33
CA GLY G 1508 -46.75 -98.45 64.14
C GLY G 1508 -47.32 -97.59 63.03
N ARG G 1509 -47.45 -96.28 63.25
CA ARG G 1509 -47.98 -95.36 62.25
C ARG G 1509 -47.00 -94.21 62.08
N ILE G 1510 -46.79 -93.81 60.83
CA ILE G 1510 -45.89 -92.70 60.53
C ILE G 1510 -46.60 -91.40 60.90
N SER G 1511 -46.08 -90.71 61.91
CA SER G 1511 -46.68 -89.46 62.35
C SER G 1511 -46.39 -88.34 61.35
N HIS G 1512 -47.28 -87.36 61.34
CA HIS G 1512 -47.14 -86.18 60.49
C HIS G 1512 -46.69 -84.95 61.28
N THR G 1513 -46.25 -85.14 62.53
CA THR G 1513 -45.79 -84.05 63.37
C THR G 1513 -44.33 -84.24 63.73
N ASP G 1514 -43.59 -83.12 63.80
CA ASP G 1514 -42.20 -83.14 64.18
C ASP G 1514 -42.07 -83.40 65.68
N LEU G 1515 -40.99 -84.05 66.08
CA LEU G 1515 -40.70 -84.33 67.48
C LEU G 1515 -39.52 -83.48 67.91
N VAL G 1516 -39.72 -82.63 68.92
CA VAL G 1516 -38.68 -81.73 69.39
C VAL G 1516 -38.20 -82.24 70.74
N ILE G 1517 -36.93 -82.61 70.81
CA ILE G 1517 -36.31 -83.09 72.04
C ILE G 1517 -35.35 -82.02 72.52
N GLY G 1518 -35.60 -81.47 73.70
CA GLY G 1518 -34.74 -80.46 74.30
C GLY G 1518 -33.84 -81.06 75.35
N CYS G 1519 -32.61 -80.56 75.40
CA CYS G 1519 -31.59 -81.00 76.34
C CYS G 1519 -31.17 -79.80 77.17
N LEU G 1520 -31.20 -79.96 78.49
CA LEU G 1520 -30.79 -78.94 79.45
C LEU G 1520 -29.61 -79.46 80.25
N VAL G 1521 -28.61 -78.60 80.44
CA VAL G 1521 -27.44 -78.94 81.25
C VAL G 1521 -27.20 -77.79 82.21
N ASP G 1522 -27.07 -78.12 83.50
CA ASP G 1522 -26.72 -77.12 84.51
C ASP G 1522 -25.22 -77.22 84.76
N LEU G 1523 -24.48 -76.24 84.24
CA LEU G 1523 -23.02 -76.31 84.31
C LEU G 1523 -22.48 -76.13 85.71
N ALA G 1524 -23.30 -75.71 86.66
CA ALA G 1524 -22.87 -75.49 88.03
C ALA G 1524 -23.25 -76.61 88.97
N THR G 1525 -24.05 -77.58 88.52
CA THR G 1525 -24.44 -78.71 89.34
C THR G 1525 -24.16 -80.06 88.71
N GLY G 1526 -23.85 -80.13 87.42
CA GLY G 1526 -23.58 -81.39 86.77
C GLY G 1526 -24.80 -82.17 86.34
N LEU G 1527 -25.99 -81.57 86.41
CA LEU G 1527 -27.23 -82.27 86.11
C LEU G 1527 -27.65 -82.03 84.66
N MET G 1528 -28.07 -83.11 84.00
CA MET G 1528 -28.51 -83.07 82.61
C MET G 1528 -29.91 -83.68 82.55
N THR G 1529 -30.84 -82.94 81.95
CA THR G 1529 -32.23 -83.37 81.84
C THR G 1529 -32.72 -83.19 80.40
N PHE G 1530 -33.85 -83.80 80.10
CA PHE G 1530 -34.40 -83.81 78.76
C PHE G 1530 -35.90 -83.54 78.80
N THR G 1531 -36.40 -82.98 77.70
CA THR G 1531 -37.82 -82.74 77.50
C THR G 1531 -38.22 -83.21 76.11
N ALA G 1532 -39.46 -83.66 75.97
CA ALA G 1532 -39.99 -84.12 74.70
C ALA G 1532 -41.29 -83.37 74.41
N ASN G 1533 -41.29 -82.57 73.35
CA ASN G 1533 -42.45 -81.77 72.98
C ASN G 1533 -42.92 -80.92 74.15
N GLY G 1534 -41.97 -80.39 74.91
CA GLY G 1534 -42.27 -79.56 76.05
C GLY G 1534 -42.52 -80.31 77.34
N LYS G 1535 -42.70 -81.63 77.28
CA LYS G 1535 -42.95 -82.43 78.46
C LYS G 1535 -41.64 -83.00 78.99
N GLU G 1536 -41.42 -82.84 80.29
CA GLU G 1536 -40.19 -83.34 80.90
C GLU G 1536 -40.16 -84.86 80.86
N SER G 1537 -38.99 -85.40 80.56
CA SER G 1537 -38.78 -86.84 80.54
C SER G 1537 -38.17 -87.31 81.86
N ASN G 1538 -38.22 -88.62 82.08
CA ASN G 1538 -37.69 -89.22 83.30
C ASN G 1538 -36.19 -89.43 83.25
N THR G 1539 -35.58 -89.35 82.07
CA THR G 1539 -34.14 -89.59 81.96
C THR G 1539 -33.38 -88.39 82.50
N PHE G 1540 -32.39 -88.65 83.35
CA PHE G 1540 -31.51 -87.61 83.86
C PHE G 1540 -30.12 -88.21 84.07
N PHE G 1541 -29.11 -87.36 83.96
CA PHE G 1541 -27.72 -87.77 84.09
C PHE G 1541 -27.00 -86.83 85.02
N GLN G 1542 -25.94 -87.35 85.67
CA GLN G 1542 -25.10 -86.58 86.56
C GLN G 1542 -23.65 -86.77 86.14
N VAL G 1543 -22.95 -85.67 85.87
CA VAL G 1543 -21.57 -85.71 85.46
C VAL G 1543 -20.72 -84.94 86.47
N GLU G 1544 -19.43 -85.22 86.45
CA GLU G 1544 -18.48 -84.62 87.37
C GLU G 1544 -18.04 -83.26 86.86
N PRO G 1545 -17.49 -82.42 87.74
CA PRO G 1545 -17.03 -81.09 87.30
C PRO G 1545 -15.92 -81.20 86.27
N ASN G 1546 -15.83 -80.17 85.44
CA ASN G 1546 -14.84 -80.02 84.36
C ASN G 1546 -15.14 -80.94 83.18
N THR G 1547 -16.28 -81.63 83.19
CA THR G 1547 -16.62 -82.52 82.09
C THR G 1547 -16.92 -81.71 80.82
N LYS G 1548 -16.51 -82.23 79.68
CA LYS G 1548 -16.75 -81.63 78.39
C LYS G 1548 -17.78 -82.46 77.64
N LEU G 1549 -18.85 -81.82 77.18
CA LEU G 1549 -19.94 -82.51 76.50
C LEU G 1549 -20.20 -81.84 75.16
N PHE G 1550 -20.20 -82.64 74.09
CA PHE G 1550 -20.58 -82.14 72.77
C PHE G 1550 -22.04 -82.48 72.50
N PRO G 1551 -22.86 -81.54 72.04
CA PRO G 1551 -24.19 -81.92 71.57
C PRO G 1551 -24.07 -82.95 70.46
N ALA G 1552 -24.93 -83.98 70.51
CA ALA G 1552 -24.78 -85.11 69.61
C ALA G 1552 -26.15 -85.67 69.24
N VAL G 1553 -26.20 -86.25 68.04
CA VAL G 1553 -27.40 -86.89 67.52
C VAL G 1553 -26.97 -88.12 66.72
N PHE G 1554 -27.49 -89.28 67.09
CA PHE G 1554 -27.29 -90.50 66.32
C PHE G 1554 -28.61 -90.86 65.66
N VAL G 1555 -28.57 -91.10 64.35
CA VAL G 1555 -29.80 -91.26 63.58
C VAL G 1555 -29.58 -92.24 62.44
N LEU G 1556 -30.59 -93.06 62.17
CA LEU G 1556 -30.62 -93.88 60.97
C LEU G 1556 -31.62 -93.25 60.02
N PRO G 1557 -31.20 -92.57 58.96
CA PRO G 1557 -32.13 -91.79 58.14
C PRO G 1557 -33.26 -92.66 57.58
N THR G 1558 -34.47 -92.11 57.61
CA THR G 1558 -35.64 -92.73 57.01
C THR G 1558 -36.43 -91.73 56.19
N HIS G 1559 -35.86 -90.58 55.89
CA HIS G 1559 -36.56 -89.51 55.19
C HIS G 1559 -35.51 -88.56 54.62
N GLN G 1560 -35.93 -87.73 53.67
CA GLN G 1560 -35.00 -86.76 53.08
C GLN G 1560 -34.63 -85.69 54.10
N ASN G 1561 -35.57 -85.29 54.96
CA ASN G 1561 -35.30 -84.36 56.05
C ASN G 1561 -35.14 -85.19 57.32
N VAL G 1562 -33.92 -85.21 57.87
CA VAL G 1562 -33.61 -86.14 58.95
C VAL G 1562 -33.76 -85.47 60.30
N VAL G 1563 -32.94 -84.45 60.58
CA VAL G 1563 -32.91 -83.81 61.89
C VAL G 1563 -32.45 -82.37 61.75
N GLN G 1564 -32.60 -81.62 62.83
CA GLN G 1564 -32.23 -80.21 62.86
C GLN G 1564 -31.77 -79.85 64.25
N PHE G 1565 -30.51 -79.42 64.37
CA PHE G 1565 -29.99 -78.85 65.61
C PHE G 1565 -30.55 -77.45 65.73
N GLU G 1566 -31.40 -77.21 66.73
CA GLU G 1566 -31.93 -75.89 67.00
C GLU G 1566 -31.19 -75.30 68.21
N LEU G 1567 -30.42 -74.26 67.97
CA LEU G 1567 -29.61 -73.64 69.02
C LEU G 1567 -30.36 -72.46 69.64
N GLY G 1568 -31.57 -72.73 70.09
CA GLY G 1568 -32.43 -71.75 70.69
C GLY G 1568 -32.28 -71.68 72.20
N LYS G 1569 -33.29 -71.13 72.86
CA LYS G 1569 -33.28 -70.99 74.31
C LYS G 1569 -34.69 -71.26 74.84
N GLN G 1570 -34.83 -71.16 76.16
CA GLN G 1570 -36.11 -71.26 76.82
C GLN G 1570 -36.19 -70.13 77.84
N LYS G 1571 -37.36 -70.00 78.47
CA LYS G 1571 -37.54 -68.96 79.47
C LYS G 1571 -36.52 -69.12 80.60
N ASN G 1572 -35.76 -68.05 80.86
CA ASN G 1572 -34.79 -68.00 81.93
C ASN G 1572 -33.68 -69.05 81.76
N ILE G 1573 -33.47 -69.54 80.55
CA ILE G 1573 -32.42 -70.51 80.25
C ILE G 1573 -31.62 -69.99 79.07
N MET G 1574 -30.29 -70.04 79.19
CA MET G 1574 -29.40 -69.46 78.20
C MET G 1574 -29.22 -70.40 77.01
N PRO G 1575 -28.87 -69.86 75.85
CA PRO G 1575 -28.59 -70.71 74.69
C PRO G 1575 -27.18 -71.31 74.78
N LEU G 1576 -26.90 -72.20 73.84
CA LEU G 1576 -25.62 -72.92 73.86
C LEU G 1576 -24.45 -71.99 73.56
N SER G 1577 -24.69 -70.93 72.81
CA SER G 1577 -23.61 -70.00 72.49
C SER G 1577 -23.05 -69.35 73.74
N ALA G 1578 -23.92 -69.02 74.69
CA ALA G 1578 -23.47 -68.39 75.93
C ALA G 1578 -22.53 -69.30 76.71
N ALA G 1579 -22.71 -70.62 76.62
CA ALA G 1579 -21.82 -71.56 77.27
C ALA G 1579 -20.57 -71.83 76.45
N MET G 1580 -20.71 -71.83 75.12
CA MET G 1580 -19.61 -72.20 74.25
C MET G 1580 -18.57 -71.10 74.12
N PHE G 1581 -18.99 -69.84 74.09
CA PHE G 1581 -18.10 -68.73 73.79
C PHE G 1581 -18.05 -67.78 74.97
N LEU G 1582 -16.83 -67.44 75.40
CA LEU G 1582 -16.66 -66.58 76.57
C LEU G 1582 -17.23 -65.19 76.32
N SER G 1583 -17.01 -64.62 75.14
CA SER G 1583 -17.51 -63.29 74.85
C SER G 1583 -19.02 -63.21 74.89
N GLU G 1584 -19.71 -64.34 74.73
CA GLU G 1584 -21.16 -64.40 74.76
C GLU G 1584 -21.69 -64.93 76.09
N ARG G 1585 -20.84 -64.99 77.11
CA ARG G 1585 -21.22 -65.64 78.36
C ARG G 1585 -22.49 -65.02 78.94
N LYS G 1586 -22.65 -63.70 78.79
CA LYS G 1586 -23.81 -62.99 79.34
C LYS G 1586 -24.75 -62.49 78.25
N ASN G 1587 -24.68 -63.07 77.05
CA ASN G 1587 -25.53 -62.65 75.95
C ASN G 1587 -26.66 -63.67 75.78
N PRO G 1588 -27.91 -63.31 76.07
CA PRO G 1588 -29.00 -64.29 75.94
C PRO G 1588 -29.50 -64.50 74.52
N ALA G 1589 -29.05 -63.71 73.56
CA ALA G 1589 -29.50 -63.88 72.18
C ALA G 1589 -28.87 -65.14 71.59
N PRO G 1590 -29.64 -66.09 71.10
CA PRO G 1590 -29.04 -67.30 70.51
C PRO G 1590 -28.17 -66.95 69.31
N GLN G 1591 -27.07 -67.66 69.17
CA GLN G 1591 -26.12 -67.45 68.08
C GLN G 1591 -25.57 -68.78 67.60
N CYS G 1592 -25.13 -68.79 66.33
CA CYS G 1592 -24.47 -69.95 65.73
C CYS G 1592 -23.28 -69.44 64.94
N PRO G 1593 -22.17 -69.12 65.61
CA PRO G 1593 -21.01 -68.57 64.91
C PRO G 1593 -20.43 -69.56 63.93
N PRO G 1594 -19.59 -69.11 62.99
CA PRO G 1594 -19.06 -70.01 61.97
C PRO G 1594 -18.29 -71.20 62.53
N ARG G 1595 -17.65 -71.06 63.69
CA ARG G 1595 -16.90 -72.18 64.26
C ARG G 1595 -17.82 -73.34 64.58
N LEU G 1596 -19.01 -73.07 65.09
CA LEU G 1596 -19.97 -74.12 65.41
C LEU G 1596 -20.45 -74.76 64.11
N GLU G 1597 -20.19 -76.05 63.94
CA GLU G 1597 -20.60 -76.77 62.75
C GLU G 1597 -20.87 -78.22 63.10
N VAL G 1598 -21.44 -78.94 62.14
CA VAL G 1598 -21.80 -80.34 62.34
C VAL G 1598 -20.66 -81.22 61.86
N GLN G 1599 -20.25 -82.16 62.70
CA GLN G 1599 -19.24 -83.14 62.36
C GLN G 1599 -19.86 -84.53 62.42
N MET G 1600 -19.38 -85.40 61.54
CA MET G 1600 -19.84 -86.78 61.49
C MET G 1600 -18.69 -87.71 61.86
N LEU G 1601 -19.04 -88.90 62.34
CA LEU G 1601 -18.05 -89.89 62.72
C LEU G 1601 -17.55 -90.62 61.48
N MET G 1602 -16.23 -90.56 61.24
CA MET G 1602 -15.55 -91.23 60.15
C MET G 1602 -14.81 -92.44 60.69
N PRO G 1603 -14.99 -93.62 60.10
CA PRO G 1603 -14.42 -94.83 60.70
C PRO G 1603 -12.90 -94.90 60.67
N VAL G 1604 -12.27 -94.36 59.63
CA VAL G 1604 -10.84 -94.53 59.42
C VAL G 1604 -10.19 -93.17 59.19
N SER G 1605 -8.93 -93.06 59.59
CA SER G 1605 -8.18 -91.81 59.41
C SER G 1605 -6.71 -92.14 59.23
N TRP G 1606 -6.00 -91.27 58.50
CA TRP G 1606 -4.57 -91.44 58.31
C TRP G 1606 -3.84 -91.06 59.60
N SER G 1607 -2.85 -91.86 59.98
CA SER G 1607 -2.05 -91.61 61.18
C SER G 1607 -0.60 -91.92 60.89
N ARG G 1608 0.28 -91.05 61.39
CA ARG G 1608 1.71 -91.18 61.11
C ARG G 1608 2.34 -92.23 62.03
N MET G 1609 3.05 -93.19 61.44
CA MET G 1609 3.73 -94.20 62.23
C MET G 1609 5.00 -93.61 62.85
N PRO G 1610 5.23 -93.79 64.14
CA PRO G 1610 6.46 -93.28 64.74
C PRO G 1610 7.70 -93.86 64.05
N ASN G 1611 8.75 -93.04 63.96
CA ASN G 1611 9.99 -93.51 63.36
C ASN G 1611 10.70 -94.52 64.25
N HIS G 1612 10.50 -94.43 65.56
CA HIS G 1612 11.11 -95.34 66.52
C HIS G 1612 10.05 -95.86 67.47
N PHE G 1613 10.27 -97.07 67.98
CA PHE G 1613 9.29 -97.74 68.81
C PHE G 1613 9.96 -98.26 70.08
N LEU G 1614 9.17 -98.33 71.16
CA LEU G 1614 9.68 -98.83 72.42
C LEU G 1614 10.15 -100.26 72.27
N GLN G 1615 11.34 -100.55 72.79
CA GLN G 1615 11.90 -101.90 72.76
C GLN G 1615 11.47 -102.63 74.03
N VAL G 1616 10.52 -103.54 73.89
CA VAL G 1616 9.98 -104.31 75.00
C VAL G 1616 10.46 -105.74 74.88
N ASP G 1617 11.00 -106.28 75.97
CA ASP G 1617 11.48 -107.65 76.01
C ASP G 1617 10.57 -108.47 76.91
N THR G 1618 10.04 -109.57 76.38
CA THR G 1618 9.17 -110.48 77.13
C THR G 1618 9.77 -111.87 77.11
N ARG G 1619 9.78 -112.52 78.27
CA ARG G 1619 10.32 -113.87 78.33
C ARG G 1619 9.79 -114.58 79.57
N ARG G 1620 9.75 -115.91 79.49
CA ARG G 1620 9.35 -116.71 80.65
C ARG G 1620 10.53 -116.78 81.62
N ALA G 1621 10.42 -116.10 82.75
CA ALA G 1621 11.53 -116.08 83.71
C ALA G 1621 11.72 -117.45 84.34
N GLY G 1622 10.63 -118.19 84.55
CA GLY G 1622 10.72 -119.50 85.14
C GLY G 1622 9.34 -120.00 85.51
N GLU G 1623 9.32 -121.22 86.05
CA GLU G 1623 8.05 -121.83 86.45
C GLU G 1623 7.50 -121.15 87.70
N ARG G 1624 8.36 -120.56 88.51
CA ARG G 1624 7.93 -119.86 89.73
C ARG G 1624 7.96 -118.35 89.57
N LEU G 1625 8.84 -117.81 88.73
CA LEU G 1625 8.95 -116.36 88.60
C LEU G 1625 7.87 -115.78 87.71
N GLY G 1626 7.40 -116.53 86.71
CA GLY G 1626 6.33 -116.07 85.85
C GLY G 1626 6.83 -115.58 84.50
N TRP G 1627 6.19 -114.55 83.97
CA TRP G 1627 6.52 -114.01 82.65
C TRP G 1627 6.97 -112.57 82.80
N ALA G 1628 8.24 -112.31 82.51
CA ALA G 1628 8.86 -111.01 82.72
C ALA G 1628 8.72 -110.12 81.50
N VAL G 1629 8.34 -108.87 81.75
CA VAL G 1629 8.29 -107.79 80.76
C VAL G 1629 9.28 -106.72 81.21
N GLN G 1630 10.12 -106.26 80.28
CA GLN G 1630 11.14 -105.28 80.59
C GLN G 1630 11.18 -104.22 79.50
N CYS G 1631 11.33 -102.97 79.90
CA CYS G 1631 11.50 -101.85 78.98
C CYS G 1631 12.38 -100.81 79.65
N GLN G 1632 13.56 -100.57 79.08
CA GLN G 1632 14.57 -99.74 79.72
C GLN G 1632 14.93 -98.47 78.97
N GLU G 1633 14.84 -98.46 77.64
CA GLU G 1633 15.32 -97.33 76.86
C GLU G 1633 14.21 -96.27 76.74
N PRO G 1634 14.45 -95.03 77.16
CA PRO G 1634 13.40 -94.02 77.08
C PRO G 1634 13.11 -93.61 75.65
N LEU G 1635 11.88 -93.14 75.43
CA LEU G 1635 11.44 -92.69 74.12
C LEU G 1635 10.35 -91.66 74.32
N MET G 1636 10.54 -90.46 73.76
CA MET G 1636 9.62 -89.35 73.94
C MET G 1636 9.24 -88.79 72.58
N MET G 1637 8.09 -88.12 72.54
CA MET G 1637 7.64 -87.41 71.35
C MET G 1637 7.09 -86.06 71.77
N MET G 1638 7.16 -85.10 70.85
CA MET G 1638 6.52 -83.80 71.07
C MET G 1638 5.08 -83.89 70.63
N ALA G 1639 4.16 -83.74 71.57
CA ALA G 1639 2.74 -83.89 71.32
C ALA G 1639 2.08 -82.54 71.12
N LEU G 1640 1.27 -82.43 70.08
CA LEU G 1640 0.46 -81.25 69.80
C LEU G 1640 -0.96 -81.56 70.23
N HIS G 1641 -1.50 -80.72 71.13
CA HIS G 1641 -2.75 -80.99 71.80
C HIS G 1641 -3.80 -79.97 71.37
N ILE G 1642 -4.95 -80.46 70.92
CA ILE G 1642 -6.10 -79.62 70.58
C ILE G 1642 -6.94 -79.46 71.84
N PRO G 1643 -7.02 -78.27 72.44
CA PRO G 1643 -7.70 -78.16 73.74
C PRO G 1643 -9.16 -78.56 73.72
N GLU G 1644 -9.93 -78.07 72.74
CA GLU G 1644 -11.38 -78.28 72.80
C GLU G 1644 -11.75 -79.74 72.62
N GLU G 1645 -10.96 -80.51 71.89
CA GLU G 1645 -11.23 -81.92 71.64
C GLU G 1645 -10.55 -82.84 72.63
N ASN G 1646 -9.75 -82.31 73.55
CA ASN G 1646 -9.04 -83.13 74.54
C ASN G 1646 -8.32 -84.27 73.85
N ARG G 1647 -7.63 -83.94 72.77
CA ARG G 1647 -6.94 -84.91 71.93
C ARG G 1647 -5.54 -84.41 71.64
N CYS G 1648 -4.64 -85.32 71.31
CA CYS G 1648 -3.28 -84.97 70.95
C CYS G 1648 -2.80 -85.85 69.80
N MET G 1649 -1.82 -85.33 69.08
CA MET G 1649 -1.18 -86.05 68.00
C MET G 1649 0.31 -85.79 68.06
N ASP G 1650 1.07 -86.50 67.23
CA ASP G 1650 2.47 -86.17 67.05
C ASP G 1650 2.59 -84.88 66.24
N ILE G 1651 3.39 -83.94 66.75
CA ILE G 1651 3.56 -82.67 66.03
C ILE G 1651 4.07 -82.91 64.62
N LEU G 1652 4.76 -84.03 64.39
CA LEU G 1652 5.26 -84.34 63.06
C LEU G 1652 4.16 -84.63 62.06
N GLU G 1653 2.92 -84.84 62.53
CA GLU G 1653 1.78 -84.97 61.63
C GLU G 1653 1.47 -83.67 60.90
N LEU G 1654 2.01 -82.55 61.36
CA LEU G 1654 1.79 -81.28 60.68
C LEU G 1654 2.50 -81.22 59.34
N SER G 1655 3.37 -82.18 59.04
CA SER G 1655 3.93 -82.26 57.69
C SER G 1655 2.84 -82.52 56.65
N GLU G 1656 1.79 -83.23 57.04
CA GLU G 1656 0.65 -83.48 56.16
C GLU G 1656 -0.59 -82.67 56.51
N ARG G 1657 -0.77 -82.32 57.78
CA ARG G 1657 -1.91 -81.49 58.19
C ARG G 1657 -1.50 -80.03 58.03
N LEU G 1658 -1.71 -79.51 56.83
CA LEU G 1658 -1.12 -78.22 56.45
C LEU G 1658 -1.81 -77.04 57.12
N ASP G 1659 -3.13 -77.10 57.31
CA ASP G 1659 -3.82 -76.00 57.97
C ASP G 1659 -3.32 -75.83 59.41
N LEU G 1660 -3.22 -76.93 60.14
CA LEU G 1660 -2.67 -76.88 61.49
C LEU G 1660 -1.23 -76.41 61.46
N GLN G 1661 -0.46 -76.84 60.47
CA GLN G 1661 0.92 -76.41 60.34
C GLN G 1661 1.00 -74.89 60.20
N ARG G 1662 0.18 -74.32 59.30
CA ARG G 1662 0.20 -72.88 59.10
C ARG G 1662 -0.23 -72.15 60.37
N PHE G 1663 -1.29 -72.63 61.02
CA PHE G 1663 -1.76 -71.97 62.23
C PHE G 1663 -0.71 -72.01 63.33
N HIS G 1664 -0.03 -73.14 63.48
CA HIS G 1664 0.96 -73.27 64.55
C HIS G 1664 2.21 -72.44 64.24
N SER G 1665 2.62 -72.37 62.98
CA SER G 1665 3.74 -71.51 62.64
C SER G 1665 3.41 -70.05 62.92
N HIS G 1666 2.18 -69.63 62.60
CA HIS G 1666 1.78 -68.28 62.93
C HIS G 1666 1.65 -68.07 64.44
N THR G 1667 1.30 -69.12 65.18
CA THR G 1667 1.29 -69.02 66.63
C THR G 1667 2.70 -68.78 67.18
N LEU G 1668 3.69 -69.48 66.64
CA LEU G 1668 5.07 -69.22 67.02
C LEU G 1668 5.47 -67.79 66.67
N SER G 1669 5.05 -67.32 65.50
CA SER G 1669 5.28 -65.93 65.15
C SER G 1669 4.66 -64.99 66.17
N LEU G 1670 3.46 -65.31 66.65
CA LEU G 1670 2.81 -64.48 67.65
C LEU G 1670 3.58 -64.48 68.96
N TYR G 1671 4.10 -65.65 69.38
CA TYR G 1671 4.95 -65.69 70.55
C TYR G 1671 6.13 -64.75 70.40
N ARG G 1672 6.81 -64.83 69.25
CA ARG G 1672 7.95 -63.96 69.00
C ARG G 1672 7.54 -62.49 69.04
N SER G 1673 6.38 -62.18 68.45
CA SER G 1673 5.92 -60.79 68.43
C SER G 1673 5.63 -60.28 69.83
N VAL G 1674 4.98 -61.09 70.68
CA VAL G 1674 4.61 -60.62 72.00
C VAL G 1674 5.83 -60.50 72.91
N CYS G 1675 6.89 -61.26 72.67
CA CYS G 1675 8.12 -61.08 73.45
C CYS G 1675 9.18 -60.26 72.70
N ALA G 1676 8.81 -59.64 71.58
CA ALA G 1676 9.77 -58.95 70.74
C ALA G 1676 10.28 -57.67 71.37
N LEU G 1677 11.55 -57.36 71.10
CA LEU G 1677 12.15 -56.06 71.40
C LEU G 1677 12.19 -55.79 72.90
N GLY G 1678 12.62 -56.78 73.67
CA GLY G 1678 12.97 -56.56 75.06
C GLY G 1678 11.88 -56.79 76.08
N ASN G 1679 10.79 -57.46 75.71
CA ASN G 1679 9.73 -57.77 76.67
C ASN G 1679 10.11 -59.06 77.41
N ASN G 1680 11.03 -58.90 78.36
CA ASN G 1680 11.53 -60.03 79.12
C ASN G 1680 10.47 -60.64 80.03
N ARG G 1681 9.53 -59.84 80.51
CA ARG G 1681 8.42 -60.39 81.29
C ARG G 1681 7.61 -61.37 80.45
N VAL G 1682 7.27 -60.98 79.22
CA VAL G 1682 6.51 -61.86 78.35
C VAL G 1682 7.36 -63.05 77.92
N ALA G 1683 8.67 -62.86 77.80
CA ALA G 1683 9.55 -64.00 77.51
C ALA G 1683 9.51 -65.01 78.65
N HIS G 1684 9.56 -64.54 79.89
CA HIS G 1684 9.44 -65.43 81.04
C HIS G 1684 8.09 -66.15 81.02
N ALA G 1685 7.02 -65.43 80.68
CA ALA G 1685 5.71 -66.07 80.57
C ALA G 1685 5.72 -67.15 79.49
N LEU G 1686 6.32 -66.87 78.34
CA LEU G 1686 6.35 -67.84 77.25
C LEU G 1686 7.17 -69.06 77.62
N CYS G 1687 8.14 -68.91 78.52
CA CYS G 1687 8.88 -70.08 78.99
C CYS G 1687 7.98 -71.12 79.62
N SER G 1688 6.80 -70.72 80.11
CA SER G 1688 5.85 -71.68 80.66
C SER G 1688 5.08 -72.42 79.58
N HIS G 1689 4.97 -71.86 78.39
CA HIS G 1689 4.20 -72.46 77.30
C HIS G 1689 5.06 -73.26 76.35
N VAL G 1690 6.29 -72.83 76.09
CA VAL G 1690 7.26 -73.57 75.29
C VAL G 1690 8.51 -73.69 76.15
N ASP G 1691 8.67 -74.81 76.83
CA ASP G 1691 9.72 -74.94 77.83
C ASP G 1691 11.06 -75.27 77.18
N GLN G 1692 12.09 -75.24 78.02
CA GLN G 1692 13.45 -75.44 77.54
C GLN G 1692 13.61 -76.81 76.89
N ALA G 1693 13.02 -77.85 77.48
CA ALA G 1693 13.12 -79.18 76.90
C ALA G 1693 12.48 -79.21 75.51
N GLN G 1694 11.31 -78.60 75.37
CA GLN G 1694 10.66 -78.55 74.06
C GLN G 1694 11.53 -77.84 73.04
N LEU G 1695 12.09 -76.69 73.41
CA LEU G 1695 12.91 -75.93 72.47
C LEU G 1695 14.14 -76.73 72.05
N LEU G 1696 14.82 -77.34 73.03
CA LEU G 1696 16.03 -78.09 72.70
C LEU G 1696 15.71 -79.31 71.86
N HIS G 1697 14.57 -79.96 72.11
CA HIS G 1697 14.16 -81.08 71.27
C HIS G 1697 13.86 -80.62 69.85
N ALA G 1698 13.17 -79.49 69.72
CA ALA G 1698 12.84 -78.98 68.39
C ALA G 1698 14.09 -78.62 67.61
N LEU G 1699 15.13 -78.14 68.31
CA LEU G 1699 16.36 -77.80 67.61
C LEU G 1699 16.94 -79.00 66.87
N GLU G 1700 16.90 -80.18 67.50
CA GLU G 1700 17.50 -81.38 66.92
C GLU G 1700 16.52 -82.24 66.14
N ASP G 1701 15.22 -81.94 66.19
CA ASP G 1701 14.23 -82.74 65.49
C ASP G 1701 14.46 -82.63 63.99
N ALA G 1702 14.95 -83.71 63.38
CA ALA G 1702 15.27 -83.71 61.96
C ALA G 1702 14.06 -83.93 61.06
N ARG G 1703 12.94 -84.41 61.61
CA ARG G 1703 11.73 -84.66 60.84
C ARG G 1703 10.75 -83.50 60.90
N LEU G 1704 11.07 -82.44 61.62
CA LEU G 1704 10.15 -81.33 61.78
C LEU G 1704 9.96 -80.62 60.44
N PRO G 1705 8.74 -80.21 60.09
CA PRO G 1705 8.56 -79.43 58.86
C PRO G 1705 9.35 -78.14 58.92
N GLY G 1706 9.80 -77.68 57.76
CA GLY G 1706 10.68 -76.54 57.66
C GLY G 1706 10.17 -75.29 58.36
N PRO G 1707 8.91 -74.93 58.11
CA PRO G 1707 8.36 -73.75 58.80
C PRO G 1707 8.39 -73.87 60.31
N LEU G 1708 8.08 -75.05 60.86
CA LEU G 1708 8.10 -75.21 62.31
C LEU G 1708 9.52 -75.23 62.85
N ARG G 1709 10.46 -75.83 62.10
CA ARG G 1709 11.86 -75.80 62.51
C ARG G 1709 12.37 -74.37 62.60
N ALA G 1710 12.13 -73.59 61.56
CA ALA G 1710 12.55 -72.19 61.57
C ALA G 1710 11.84 -71.41 62.68
N GLY G 1711 10.54 -71.66 62.86
CA GLY G 1711 9.80 -70.96 63.89
C GLY G 1711 10.33 -71.25 65.28
N TYR G 1712 10.69 -72.51 65.55
CA TYR G 1712 11.17 -72.86 66.88
C TYR G 1712 12.59 -72.34 67.11
N TYR G 1713 13.45 -72.37 66.09
CA TYR G 1713 14.75 -71.73 66.23
C TYR G 1713 14.59 -70.25 66.54
N ASP G 1714 13.74 -69.56 65.79
CA ASP G 1714 13.51 -68.14 66.03
C ASP G 1714 12.88 -67.90 67.39
N LEU G 1715 12.00 -68.79 67.84
CA LEU G 1715 11.39 -68.63 69.17
C LEU G 1715 12.43 -68.77 70.27
N LEU G 1716 13.34 -69.74 70.14
CA LEU G 1716 14.41 -69.85 71.12
C LEU G 1716 15.24 -68.58 71.15
N ILE G 1717 15.62 -68.08 69.97
CA ILE G 1717 16.42 -66.86 69.92
C ILE G 1717 15.67 -65.69 70.55
N SER G 1718 14.38 -65.55 70.23
CA SER G 1718 13.59 -64.43 70.74
C SER G 1718 13.44 -64.49 72.25
N ILE G 1719 13.13 -65.68 72.78
CA ILE G 1719 12.90 -65.81 74.21
C ILE G 1719 14.18 -65.60 75.00
N HIS G 1720 15.29 -66.23 74.56
CA HIS G 1720 16.46 -66.34 75.42
C HIS G 1720 17.65 -65.49 74.98
N LEU G 1721 17.78 -65.16 73.71
CA LEU G 1721 19.01 -64.55 73.21
C LEU G 1721 18.83 -63.19 72.57
N GLU G 1722 17.61 -62.82 72.16
CA GLU G 1722 17.44 -61.61 71.35
C GLU G 1722 17.85 -60.37 72.12
N SER G 1723 17.40 -60.23 73.37
CA SER G 1723 17.70 -59.03 74.14
C SER G 1723 19.20 -58.90 74.40
N ALA G 1724 19.84 -59.98 74.85
CA ALA G 1724 21.27 -59.93 75.12
C ALA G 1724 22.06 -59.64 73.84
N CYS G 1725 21.68 -60.27 72.74
CA CYS G 1725 22.38 -60.03 71.48
C CYS G 1725 22.24 -58.58 71.05
N ARG G 1726 21.03 -58.01 71.16
CA ARG G 1726 20.85 -56.61 70.78
C ARG G 1726 21.67 -55.68 71.66
N SER G 1727 21.65 -55.91 72.97
CA SER G 1727 22.40 -55.06 73.87
C SER G 1727 23.90 -55.14 73.59
N ARG G 1728 24.41 -56.34 73.35
CA ARG G 1728 25.82 -56.49 73.04
C ARG G 1728 26.17 -55.85 71.71
N ARG G 1729 25.30 -56.00 70.71
CA ARG G 1729 25.56 -55.41 69.40
C ARG G 1729 25.62 -53.89 69.49
N SER G 1730 24.75 -53.29 70.30
CA SER G 1730 24.78 -51.84 70.45
C SER G 1730 26.13 -51.35 70.96
N MET G 1731 26.80 -52.15 71.79
CA MET G 1731 28.08 -51.77 72.37
C MET G 1731 29.27 -52.21 71.54
N LEU G 1732 29.09 -53.17 70.63
CA LEU G 1732 30.21 -53.73 69.89
C LEU G 1732 30.88 -52.72 68.95
N SER G 1733 30.27 -51.58 68.70
CA SER G 1733 30.82 -50.59 67.78
C SER G 1733 31.73 -49.58 68.48
N GLU G 1734 31.93 -49.70 69.79
CA GLU G 1734 32.79 -48.82 70.56
C GLU G 1734 33.91 -49.63 71.20
N TYR G 1735 35.05 -48.97 71.40
CA TYR G 1735 36.26 -49.62 71.91
C TYR G 1735 36.81 -48.79 73.07
N ILE G 1736 36.32 -49.09 74.27
CA ILE G 1736 36.85 -48.49 75.49
C ILE G 1736 37.90 -49.45 76.04
N VAL G 1737 39.18 -49.11 75.85
CA VAL G 1737 40.29 -50.01 76.15
C VAL G 1737 40.86 -49.62 77.50
N PRO G 1738 40.74 -50.47 78.54
CA PRO G 1738 41.41 -50.17 79.80
C PRO G 1738 42.90 -50.46 79.71
N LEU G 1739 43.70 -49.58 80.30
CA LEU G 1739 45.16 -49.69 80.25
C LEU G 1739 45.64 -50.66 81.33
N THR G 1740 45.46 -51.95 81.04
CA THR G 1740 45.83 -53.04 81.91
C THR G 1740 46.96 -53.85 81.29
N PRO G 1741 47.60 -54.73 82.07
CA PRO G 1741 48.65 -55.59 81.48
C PRO G 1741 48.15 -56.42 80.32
N GLU G 1742 46.91 -56.88 80.37
CA GLU G 1742 46.34 -57.62 79.25
C GLU G 1742 46.35 -56.76 78.00
N THR G 1743 45.95 -55.49 78.14
CA THR G 1743 46.00 -54.58 77.00
C THR G 1743 47.45 -54.38 76.53
N ARG G 1744 48.38 -54.21 77.47
CA ARG G 1744 49.77 -53.99 77.09
C ARG G 1744 50.32 -55.17 76.30
N ALA G 1745 49.84 -56.37 76.59
CA ALA G 1745 50.34 -57.57 75.92
C ALA G 1745 49.80 -57.74 74.51
N ILE G 1746 48.85 -56.92 74.08
CA ILE G 1746 48.23 -57.09 72.76
C ILE G 1746 49.18 -56.60 71.68
N THR G 1747 49.31 -57.38 70.61
CA THR G 1747 50.15 -57.03 69.48
C THR G 1747 49.39 -57.25 68.17
N LEU G 1748 49.74 -56.48 67.15
CA LEU G 1748 49.04 -56.58 65.87
C LEU G 1748 49.13 -57.99 65.30
N PHE G 1749 50.34 -58.56 65.27
CA PHE G 1749 50.57 -59.87 64.72
C PHE G 1749 50.95 -60.85 65.83
N PRO G 1750 50.54 -62.11 65.73
CA PRO G 1750 50.90 -63.08 66.77
C PRO G 1750 52.40 -63.31 66.81
N PRO G 1751 52.98 -63.51 67.98
CA PRO G 1751 54.40 -63.87 68.04
C PRO G 1751 54.65 -65.20 67.36
N GLY G 1752 55.51 -65.19 66.34
CA GLY G 1752 55.77 -66.39 65.57
C GLY G 1752 57.23 -66.45 65.14
N ARG G 1753 57.66 -67.65 64.77
CA ARG G 1753 59.04 -67.87 64.37
C ARG G 1753 59.39 -67.06 63.13
N SER G 1754 58.47 -67.01 62.16
CA SER G 1754 58.73 -66.25 60.94
C SER G 1754 58.98 -64.78 61.26
N ALA G 1755 58.12 -64.20 62.11
CA ALA G 1755 58.33 -62.85 62.60
C ALA G 1755 57.38 -62.58 63.75
N GLU G 1756 57.89 -62.06 64.87
CA GLU G 1756 57.02 -61.77 66.01
C GLU G 1756 55.99 -60.71 65.65
N ASP G 1757 56.41 -59.67 64.94
CA ASP G 1757 55.49 -58.67 64.41
C ASP G 1757 55.86 -58.38 62.96
N GLY G 1758 54.84 -58.28 62.11
CA GLY G 1758 55.04 -58.06 60.71
C GLY G 1758 54.84 -59.26 59.79
N PRO G 1759 54.71 -60.49 60.31
CA PRO G 1759 54.67 -61.64 59.41
C PRO G 1759 53.43 -61.62 58.53
N ARG G 1760 53.53 -62.34 57.41
CA ARG G 1760 52.43 -62.43 56.47
C ARG G 1760 51.21 -63.15 57.05
N ARG G 1761 51.37 -63.85 58.18
CA ARG G 1761 50.32 -64.69 58.74
C ARG G 1761 49.63 -63.94 59.87
N HIS G 1762 48.36 -63.59 59.68
CA HIS G 1762 47.56 -63.03 60.74
C HIS G 1762 47.20 -64.10 61.76
N GLY G 1763 46.78 -63.65 62.94
CA GLY G 1763 46.13 -64.55 63.86
C GLY G 1763 44.71 -64.86 63.43
N LEU G 1764 44.16 -65.93 63.98
CA LEU G 1764 42.81 -66.31 63.63
C LEU G 1764 41.84 -65.24 64.10
N PRO G 1765 40.96 -64.73 63.24
CA PRO G 1765 40.06 -63.66 63.67
C PRO G 1765 39.14 -64.12 64.78
N GLY G 1766 38.86 -63.23 65.72
CA GLY G 1766 38.00 -63.54 66.84
C GLY G 1766 38.61 -64.46 67.87
N VAL G 1767 39.91 -64.74 67.78
CA VAL G 1767 40.60 -65.64 68.69
C VAL G 1767 41.75 -64.87 69.32
N GLY G 1768 41.82 -64.88 70.63
CA GLY G 1768 42.86 -64.21 71.36
C GLY G 1768 42.29 -63.38 72.48
N VAL G 1769 43.09 -62.42 72.93
CA VAL G 1769 42.73 -61.57 74.06
C VAL G 1769 42.12 -60.28 73.54
N THR G 1770 40.94 -59.95 74.04
CA THR G 1770 40.28 -58.67 73.75
C THR G 1770 39.97 -58.00 75.08
N THR G 1771 40.26 -56.71 75.17
CA THR G 1771 40.11 -55.97 76.42
C THR G 1771 39.05 -54.89 76.37
N SER G 1772 38.49 -54.60 75.20
CA SER G 1772 37.45 -53.59 75.11
C SER G 1772 36.30 -53.92 76.06
N LEU G 1773 35.82 -52.90 76.76
CA LEU G 1773 34.80 -53.12 77.78
C LEU G 1773 33.46 -53.43 77.12
N ARG G 1774 32.83 -54.52 77.56
CA ARG G 1774 31.49 -54.88 77.13
C ARG G 1774 30.74 -55.37 78.36
N PRO G 1775 29.61 -54.76 78.73
CA PRO G 1775 28.91 -55.18 79.94
C PRO G 1775 28.48 -56.63 79.85
N PRO G 1776 28.46 -57.36 80.97
CA PRO G 1776 28.11 -58.78 80.92
C PRO G 1776 26.63 -58.98 80.63
N HIS G 1777 26.29 -60.22 80.29
CA HIS G 1777 24.91 -60.60 80.09
C HIS G 1777 24.26 -60.93 81.43
N HIS G 1778 23.01 -60.52 81.59
CA HIS G 1778 22.25 -60.77 82.82
C HIS G 1778 21.00 -61.58 82.47
N PHE G 1779 20.82 -62.70 83.15
CA PHE G 1779 19.67 -63.56 82.96
C PHE G 1779 19.10 -63.93 84.31
N SER G 1780 17.83 -64.34 84.31
CA SER G 1780 17.20 -64.82 85.52
C SER G 1780 16.57 -66.19 85.26
N PRO G 1781 16.51 -67.06 86.27
CA PRO G 1781 15.98 -68.41 86.04
C PRO G 1781 14.48 -68.36 85.77
N PRO G 1782 13.98 -69.16 84.83
CA PRO G 1782 12.53 -69.31 84.69
C PRO G 1782 11.98 -70.17 85.83
N CYS G 1783 11.07 -69.58 86.61
CA CYS G 1783 10.49 -70.28 87.74
C CYS G 1783 9.16 -69.64 88.08
N PHE G 1784 8.11 -70.46 88.18
CA PHE G 1784 6.75 -69.98 88.39
C PHE G 1784 6.19 -70.48 89.71
N VAL G 1785 7.04 -70.71 90.70
CA VAL G 1785 6.63 -70.97 92.07
C VAL G 1785 7.20 -69.95 93.04
N VAL G 1786 8.01 -69.00 92.57
CA VAL G 1786 8.59 -68.00 93.44
C VAL G 1786 7.51 -67.02 93.90
N ALA G 1787 7.68 -66.50 95.10
CA ALA G 1787 6.75 -65.50 95.61
C ALA G 1787 6.78 -64.25 94.73
N LEU G 1788 5.61 -63.81 94.30
CA LEU G 1788 5.52 -62.64 93.43
C LEU G 1788 5.90 -61.40 94.23
N PRO G 1789 6.65 -60.45 93.65
CA PRO G 1789 7.05 -59.28 94.43
C PRO G 1789 5.91 -58.31 94.65
N ALA G 1790 5.56 -58.06 95.91
CA ALA G 1790 4.48 -57.13 96.23
C ALA G 1790 4.81 -55.70 95.86
N ALA G 1791 6.07 -55.40 95.54
CA ALA G 1791 6.46 -54.05 95.15
C ALA G 1791 5.54 -53.52 94.05
N GLY G 1792 5.22 -52.23 94.15
CA GLY G 1792 4.32 -51.61 93.21
C GLY G 1792 4.81 -51.67 91.79
N ALA G 1793 3.88 -51.70 90.83
CA ALA G 1793 4.24 -51.76 89.43
C ALA G 1793 4.92 -50.46 89.00
N THR G 1794 5.70 -50.56 87.91
CA THR G 1794 6.44 -49.41 87.38
C THR G 1794 7.52 -48.94 88.34
N GLU G 1795 7.84 -49.80 89.32
CA GLU G 1795 8.88 -49.49 90.28
C GLU G 1795 9.82 -50.68 90.47
N ALA G 1796 9.34 -51.88 90.16
CA ALA G 1796 10.18 -53.06 90.33
C ALA G 1796 11.26 -53.08 89.26
N PRO G 1797 12.42 -53.69 89.54
CA PRO G 1797 13.46 -53.79 88.50
C PRO G 1797 12.94 -54.52 87.27
N ALA G 1798 13.36 -54.06 86.10
CA ALA G 1798 12.95 -54.68 84.86
C ALA G 1798 13.37 -56.14 84.83
N ARG G 1799 12.48 -56.99 84.34
CA ARG G 1799 12.77 -58.43 84.29
C ARG G 1799 13.97 -58.69 83.40
N LEU G 1800 14.79 -59.64 83.81
CA LEU G 1800 15.90 -60.10 82.98
C LEU G 1800 15.42 -61.18 82.02
N SER G 1801 16.17 -61.38 80.96
CA SER G 1801 15.81 -62.42 80.00
C SER G 1801 15.88 -63.79 80.66
N PRO G 1802 14.95 -64.69 80.36
CA PRO G 1802 15.00 -66.03 80.96
C PRO G 1802 16.28 -66.75 80.56
N ALA G 1803 16.83 -67.52 81.49
CA ALA G 1803 18.10 -68.19 81.29
C ALA G 1803 17.90 -69.53 80.59
N ILE G 1804 18.93 -69.92 79.84
CA ILE G 1804 18.99 -71.24 79.21
C ILE G 1804 20.46 -71.66 79.22
N PRO G 1805 20.80 -72.91 79.55
CA PRO G 1805 22.23 -73.26 79.68
C PRO G 1805 23.03 -72.96 78.43
N LEU G 1806 23.93 -71.97 78.54
CA LEU G 1806 24.60 -71.46 77.35
C LEU G 1806 25.70 -72.41 76.89
N GLU G 1807 26.39 -73.08 77.81
CA GLU G 1807 27.42 -74.03 77.41
C GLU G 1807 26.81 -75.17 76.60
N ALA G 1808 25.74 -75.77 77.12
CA ALA G 1808 25.08 -76.84 76.39
C ALA G 1808 24.49 -76.33 75.08
N LEU G 1809 23.91 -75.13 75.09
CA LEU G 1809 23.34 -74.60 73.86
C LEU G 1809 24.41 -74.40 72.80
N ARG G 1810 25.58 -73.87 73.18
CA ARG G 1810 26.64 -73.63 72.21
C ARG G 1810 27.22 -74.95 71.70
N ASP G 1811 27.37 -75.93 72.57
CA ASP G 1811 27.83 -77.25 72.11
C ASP G 1811 26.85 -77.84 71.11
N LYS G 1812 25.55 -77.75 71.41
CA LYS G 1812 24.54 -78.27 70.50
C LYS G 1812 24.57 -77.54 69.17
N ALA G 1813 24.74 -76.21 69.21
CA ALA G 1813 24.77 -75.43 67.98
C ALA G 1813 25.97 -75.83 67.12
N LEU G 1814 27.14 -76.00 67.73
CA LEU G 1814 28.31 -76.41 66.96
C LEU G 1814 28.10 -77.80 66.36
N ARG G 1815 27.57 -78.73 67.15
CA ARG G 1815 27.34 -80.07 66.63
C ARG G 1815 26.35 -80.04 65.46
N MET G 1816 25.29 -79.25 65.59
CA MET G 1816 24.28 -79.16 64.55
C MET G 1816 24.85 -78.54 63.28
N LEU G 1817 25.69 -77.50 63.42
CA LEU G 1817 26.31 -76.91 62.24
C LEU G 1817 27.22 -77.91 61.55
N GLY G 1818 28.01 -78.66 62.32
CA GLY G 1818 28.85 -79.67 61.72
C GLY G 1818 28.04 -80.74 60.98
N GLU G 1819 26.96 -81.19 61.60
CA GLU G 1819 26.10 -82.18 60.95
C GLU G 1819 25.49 -81.63 59.67
N ALA G 1820 25.07 -80.36 59.69
CA ALA G 1820 24.51 -79.75 58.49
C ALA G 1820 25.55 -79.68 57.37
N VAL G 1821 26.78 -79.30 57.72
CA VAL G 1821 27.84 -79.25 56.71
C VAL G 1821 28.07 -80.63 56.11
N ARG G 1822 28.15 -81.64 56.97
CA ARG G 1822 28.38 -83.00 56.49
C ARG G 1822 27.24 -83.46 55.57
N ASP G 1823 26.00 -83.22 55.97
CA ASP G 1823 24.87 -83.65 55.15
C ASP G 1823 24.83 -82.91 53.83
N GLY G 1824 25.11 -81.61 53.84
CA GLY G 1824 25.22 -80.87 52.59
C GLY G 1824 26.29 -81.44 51.68
N GLY G 1825 27.41 -81.87 52.28
CA GLY G 1825 28.41 -82.55 51.49
C GLY G 1825 27.90 -83.83 50.86
N GLN G 1826 27.13 -84.62 51.62
CA GLN G 1826 26.60 -85.87 51.08
C GLN G 1826 25.52 -85.66 50.03
N HIS G 1827 24.78 -84.55 50.07
CA HIS G 1827 23.73 -84.26 49.09
C HIS G 1827 22.65 -85.35 49.11
N ALA G 1828 21.96 -85.43 50.24
CA ALA G 1828 20.84 -86.34 50.37
C ALA G 1828 19.59 -85.75 49.73
N ARG G 1829 18.59 -86.60 49.53
CA ARG G 1829 17.32 -86.19 48.92
C ARG G 1829 16.26 -85.85 49.95
N ASP G 1830 16.56 -85.92 51.24
CA ASP G 1830 15.63 -85.57 52.31
C ASP G 1830 16.32 -84.62 53.29
N PRO G 1831 16.59 -83.39 52.86
CA PRO G 1831 17.26 -82.44 53.76
C PRO G 1831 16.43 -82.16 55.00
N VAL G 1832 17.13 -81.92 56.11
CA VAL G 1832 16.44 -81.58 57.35
C VAL G 1832 15.62 -80.31 57.13
N GLY G 1833 14.33 -80.38 57.43
CA GLY G 1833 13.44 -79.27 57.24
C GLY G 1833 12.81 -79.19 55.86
N GLY G 1834 13.22 -80.05 54.93
CA GLY G 1834 12.65 -80.09 53.61
C GLY G 1834 13.48 -79.44 52.52
N SER G 1835 14.49 -78.66 52.89
CA SER G 1835 15.32 -78.00 51.90
C SER G 1835 16.63 -77.58 52.53
N VAL G 1836 17.61 -77.27 51.67
CA VAL G 1836 18.90 -76.80 52.14
C VAL G 1836 18.75 -75.52 52.95
N GLU G 1837 17.89 -74.62 52.50
CA GLU G 1837 17.65 -73.39 53.23
C GLU G 1837 17.12 -73.68 54.63
N PHE G 1838 16.06 -74.50 54.72
CA PHE G 1838 15.50 -74.82 56.02
C PHE G 1838 16.45 -75.62 56.90
N GLN G 1839 17.44 -76.29 56.30
CA GLN G 1839 18.45 -76.98 57.09
C GLN G 1839 19.51 -76.05 57.63
N PHE G 1840 19.98 -75.10 56.82
CA PHE G 1840 21.12 -74.27 57.19
C PHE G 1840 20.76 -72.96 57.86
N VAL G 1841 19.74 -72.25 57.36
CA VAL G 1841 19.48 -70.89 57.85
C VAL G 1841 19.23 -70.86 59.36
N PRO G 1842 18.40 -71.73 59.93
CA PRO G 1842 18.18 -71.65 61.39
C PRO G 1842 19.44 -71.90 62.21
N VAL G 1843 20.21 -72.92 61.84
CA VAL G 1843 21.44 -73.21 62.58
C VAL G 1843 22.43 -72.06 62.46
N LEU G 1844 22.57 -71.51 61.25
CA LEU G 1844 23.47 -70.38 61.07
C LEU G 1844 23.00 -69.15 61.85
N LYS G 1845 21.69 -68.92 61.91
CA LYS G 1845 21.18 -67.82 62.72
C LYS G 1845 21.53 -68.00 64.18
N LEU G 1846 21.34 -69.22 64.70
CA LEU G 1846 21.68 -69.47 66.10
C LEU G 1846 23.17 -69.27 66.34
N VAL G 1847 24.01 -69.76 65.43
CA VAL G 1847 25.45 -69.64 65.60
C VAL G 1847 25.87 -68.17 65.56
N SER G 1848 25.31 -67.41 64.62
CA SER G 1848 25.63 -65.99 64.54
C SER G 1848 25.19 -65.25 65.80
N THR G 1849 24.00 -65.57 66.31
CA THR G 1849 23.53 -64.93 67.53
C THR G 1849 24.48 -65.20 68.68
N LEU G 1850 24.88 -66.47 68.86
CA LEU G 1850 25.79 -66.80 69.95
C LEU G 1850 27.15 -66.12 69.76
N LEU G 1851 27.64 -66.08 68.52
CA LEU G 1851 28.91 -65.43 68.24
C LEU G 1851 28.86 -63.96 68.63
N VAL G 1852 27.82 -63.25 68.19
CA VAL G 1852 27.70 -61.83 68.53
C VAL G 1852 27.58 -61.66 70.03
N MET G 1853 26.83 -62.55 70.69
CA MET G 1853 26.75 -62.52 72.14
C MET G 1853 28.09 -62.78 72.79
N GLY G 1854 29.03 -63.40 72.08
CA GLY G 1854 30.37 -63.60 72.61
C GLY G 1854 30.48 -64.74 73.59
N VAL G 1855 29.59 -65.74 73.49
CA VAL G 1855 29.61 -66.86 74.42
C VAL G 1855 30.52 -68.00 73.95
N PHE G 1856 30.93 -68.00 72.69
CA PHE G 1856 31.79 -69.07 72.19
C PHE G 1856 33.20 -68.90 72.72
N SER G 1857 33.82 -70.02 73.09
CA SER G 1857 35.21 -70.02 73.54
C SER G 1857 36.15 -69.98 72.34
N ASP G 1858 37.44 -69.92 72.63
CA ASP G 1858 38.43 -69.87 71.55
C ASP G 1858 38.39 -71.14 70.72
N GLU G 1859 38.27 -72.30 71.37
CA GLU G 1859 38.19 -73.56 70.63
C GLU G 1859 36.94 -73.60 69.76
N ASP G 1860 35.81 -73.11 70.29
CA ASP G 1860 34.59 -73.07 69.49
C ASP G 1860 34.73 -72.16 68.29
N VAL G 1861 35.36 -71.00 68.47
CA VAL G 1861 35.58 -70.09 67.36
C VAL G 1861 36.48 -70.72 66.32
N LYS G 1862 37.51 -71.46 66.77
CA LYS G 1862 38.38 -72.14 65.83
C LYS G 1862 37.61 -73.21 65.04
N GLN G 1863 36.72 -73.94 65.71
CA GLN G 1863 35.90 -74.91 65.01
C GLN G 1863 35.01 -74.23 63.97
N ILE G 1864 34.41 -73.10 64.34
CA ILE G 1864 33.55 -72.38 63.41
C ILE G 1864 34.35 -71.91 62.20
N LEU G 1865 35.55 -71.38 62.44
CA LEU G 1865 36.39 -70.91 61.35
C LEU G 1865 36.80 -72.07 60.44
N LYS G 1866 37.12 -73.22 61.02
CA LYS G 1866 37.47 -74.37 60.20
C LYS G 1866 36.28 -74.86 59.39
N MET G 1867 35.07 -74.80 59.96
CA MET G 1867 33.88 -75.12 59.18
C MET G 1867 33.70 -74.14 58.03
N ILE G 1868 33.96 -72.85 58.26
CA ILE G 1868 33.81 -71.85 57.21
C ILE G 1868 34.81 -72.11 56.09
N GLU G 1869 36.08 -72.33 56.45
CA GLU G 1869 37.14 -72.52 55.46
C GLU G 1869 38.27 -73.35 56.06
N PRO G 1870 38.33 -74.66 55.79
CA PRO G 1870 39.37 -75.48 56.42
C PRO G 1870 40.79 -75.04 56.13
N GLU G 1871 41.07 -74.55 54.93
CA GLU G 1871 42.44 -74.24 54.53
C GLU G 1871 42.90 -72.87 55.02
N VAL G 1872 42.07 -71.84 54.82
CA VAL G 1872 42.48 -70.50 55.21
C VAL G 1872 42.68 -70.42 56.72
N PHE G 1873 41.83 -71.10 57.48
CA PHE G 1873 41.83 -71.01 58.94
C PHE G 1873 42.39 -72.27 59.59
N ARG G 1874 43.20 -73.03 58.86
CA ARG G 1874 43.88 -74.17 59.43
C ARG G 1874 44.84 -73.71 60.53
N GLU G 1875 44.97 -74.53 61.57
CA GLU G 1875 45.85 -74.22 62.68
C GLU G 1875 47.26 -74.72 62.38
N GLU G 1876 48.22 -73.82 62.48
CA GLU G 1876 49.62 -74.15 62.22
C GLU G 1876 50.11 -75.24 63.19
N LEU G 1923 34.66 -81.60 56.66
CA LEU G 1923 35.37 -82.26 55.58
C LEU G 1923 36.14 -81.18 54.82
N GLU G 1924 37.01 -81.57 53.89
CA GLU G 1924 37.96 -80.66 53.29
C GLU G 1924 37.31 -79.52 52.49
N GLU G 1925 35.98 -79.41 52.53
CA GLU G 1925 35.25 -78.33 51.86
C GLU G 1925 34.45 -77.58 52.91
N GLY G 1926 34.66 -76.26 52.98
CA GLY G 1926 33.98 -75.42 53.94
C GLY G 1926 32.63 -74.95 53.44
N LEU G 1927 31.96 -74.17 54.30
CA LEU G 1927 30.65 -73.64 53.93
C LEU G 1927 30.74 -72.72 52.73
N LEU G 1928 31.79 -71.90 52.66
CA LEU G 1928 31.86 -70.87 51.63
C LEU G 1928 31.88 -71.45 50.22
N GLN G 1929 32.23 -72.72 50.06
CA GLN G 1929 32.17 -73.40 48.77
C GLN G 1929 31.25 -74.61 48.93
N MET G 1930 29.94 -74.39 48.82
CA MET G 1930 29.00 -75.49 48.91
C MET G 1930 27.79 -75.32 47.99
N LYS G 1931 27.83 -74.34 47.09
CA LYS G 1931 26.69 -74.12 46.21
C LYS G 1931 25.43 -73.93 47.04
N LEU G 1932 25.38 -72.85 47.81
CA LEU G 1932 24.32 -72.63 48.79
C LEU G 1932 23.30 -71.61 48.29
N PRO G 1933 22.07 -71.65 48.78
CA PRO G 1933 21.08 -70.64 48.38
C PRO G 1933 21.44 -69.25 48.90
N GLU G 1934 20.64 -68.27 48.47
CA GLU G 1934 20.95 -66.88 48.77
C GLU G 1934 20.74 -66.55 50.24
N SER G 1935 19.73 -67.15 50.88
CA SER G 1935 19.54 -66.91 52.31
C SER G 1935 20.71 -67.47 53.12
N VAL G 1936 21.19 -68.65 52.75
CA VAL G 1936 22.36 -69.21 53.43
C VAL G 1936 23.57 -68.34 53.16
N LYS G 1937 23.69 -67.80 51.95
CA LYS G 1937 24.78 -66.87 51.66
C LYS G 1937 24.68 -65.63 52.54
N LEU G 1938 23.47 -65.13 52.78
CA LEU G 1938 23.29 -63.99 53.67
C LEU G 1938 23.74 -64.30 55.08
N GLN G 1939 23.39 -65.49 55.58
CA GLN G 1939 23.87 -65.88 56.91
C GLN G 1939 25.39 -65.98 56.95
N MET G 1940 25.99 -66.54 55.90
CA MET G 1940 27.44 -66.59 55.82
C MET G 1940 28.04 -65.20 55.82
N CYS G 1941 27.36 -64.25 55.15
CA CYS G 1941 27.81 -62.87 55.16
C CYS G 1941 27.77 -62.30 56.57
N HIS G 1942 26.73 -62.64 57.34
CA HIS G 1942 26.68 -62.19 58.73
C HIS G 1942 27.85 -62.74 59.54
N LEU G 1943 28.18 -64.01 59.35
CA LEU G 1943 29.32 -64.58 60.05
C LEU G 1943 30.62 -63.87 59.67
N LEU G 1944 30.82 -63.65 58.37
CA LEU G 1944 32.01 -62.95 57.92
C LEU G 1944 32.04 -61.52 58.45
N GLU G 1945 30.88 -60.88 58.56
CA GLU G 1945 30.81 -59.54 59.14
C GLU G 1945 31.30 -59.57 60.58
N TYR G 1946 30.87 -60.57 61.35
CA TYR G 1946 31.33 -60.67 62.73
C TYR G 1946 32.84 -60.81 62.79
N PHE G 1947 33.40 -61.67 61.93
CA PHE G 1947 34.84 -61.89 62.01
C PHE G 1947 35.63 -60.68 61.53
N CYS G 1948 35.14 -59.95 60.53
CA CYS G 1948 35.78 -58.71 60.13
C CYS G 1948 35.71 -57.67 61.23
N ASP G 1949 34.58 -57.60 61.94
CA ASP G 1949 34.48 -56.69 63.08
C ASP G 1949 35.49 -57.05 64.15
N GLN G 1950 35.68 -58.34 64.41
CA GLN G 1950 36.69 -58.76 65.36
C GLN G 1950 38.09 -58.37 64.93
N GLU G 1951 38.40 -58.49 63.64
CA GLU G 1951 39.70 -58.04 63.15
C GLU G 1951 39.89 -56.55 63.36
N LEU G 1952 38.85 -55.76 63.06
CA LEU G 1952 38.95 -54.32 63.28
C LEU G 1952 39.17 -54.00 64.75
N GLN G 1953 38.44 -54.69 65.64
CA GLN G 1953 38.63 -54.48 67.07
C GLN G 1953 40.04 -54.82 67.50
N HIS G 1954 40.59 -55.91 66.96
CA HIS G 1954 41.97 -56.28 67.29
C HIS G 1954 42.94 -55.20 66.84
N ARG G 1955 42.73 -54.64 65.65
CA ARG G 1955 43.58 -53.54 65.20
C ARG G 1955 43.50 -52.35 66.15
N VAL G 1956 42.28 -51.99 66.57
CA VAL G 1956 42.11 -50.84 67.45
C VAL G 1956 42.82 -51.09 68.77
N GLU G 1957 42.67 -52.30 69.33
CA GLU G 1957 43.29 -52.59 70.62
C GLU G 1957 44.81 -52.63 70.53
N SER G 1958 45.34 -53.18 69.44
CA SER G 1958 46.80 -53.15 69.26
C SER G 1958 47.30 -51.72 69.16
N LEU G 1959 46.57 -50.87 68.45
CA LEU G 1959 46.93 -49.45 68.38
C LEU G 1959 46.91 -48.83 69.77
N ALA G 1960 45.90 -49.16 70.57
CA ALA G 1960 45.82 -48.61 71.92
C ALA G 1960 47.02 -49.04 72.78
N ALA G 1961 47.39 -50.32 72.71
CA ALA G 1961 48.52 -50.79 73.50
C ALA G 1961 49.82 -50.12 73.06
N PHE G 1962 50.05 -50.02 71.75
CA PHE G 1962 51.23 -49.33 71.27
C PHE G 1962 51.21 -47.87 71.69
N ALA G 1963 50.03 -47.25 71.68
CA ALA G 1963 49.91 -45.88 72.13
C ALA G 1963 50.33 -45.75 73.59
N GLU G 1964 49.89 -46.67 74.43
CA GLU G 1964 50.31 -46.64 75.83
C GLU G 1964 51.84 -46.67 75.95
N CYS G 1965 52.47 -47.67 75.33
CA CYS G 1965 53.93 -47.78 75.48
C CYS G 1965 54.65 -46.57 74.90
N TYR G 1966 54.26 -46.16 73.71
CA TYR G 1966 54.94 -45.05 73.03
C TYR G 1966 54.75 -43.74 73.80
N VAL G 1967 53.56 -43.53 74.35
CA VAL G 1967 53.31 -42.31 75.12
C VAL G 1967 54.14 -42.31 76.40
N ASP G 1968 54.28 -43.47 77.04
CA ASP G 1968 55.16 -43.55 78.20
C ASP G 1968 56.58 -43.15 77.81
N LYS G 1969 57.08 -43.68 76.70
CA LYS G 1969 58.44 -43.34 76.28
C LYS G 1969 58.58 -41.87 75.93
N MET G 1970 57.58 -41.30 75.25
CA MET G 1970 57.62 -39.89 74.90
C MET G 1970 57.64 -39.01 76.14
N GLN G 1971 56.81 -39.35 77.13
CA GLN G 1971 56.76 -38.57 78.36
C GLN G 1971 58.09 -38.65 79.10
N GLY G 1972 58.68 -39.85 79.16
CA GLY G 1972 59.99 -39.96 79.79
C GLY G 1972 61.04 -39.14 79.09
N ASN G 1973 61.04 -39.17 77.76
CA ASN G 1973 62.01 -38.38 76.99
C ASN G 1973 61.81 -36.89 77.25
N GLN G 1974 60.57 -36.42 77.28
CA GLN G 1974 60.32 -35.01 77.54
C GLN G 1974 60.79 -34.62 78.93
N ARG G 1975 60.56 -35.48 79.92
CA ARG G 1975 61.03 -35.19 81.27
C ARG G 1975 62.55 -35.08 81.30
N GLY G 1976 63.23 -36.02 80.65
CA GLY G 1976 64.69 -35.96 80.61
C GLY G 1976 65.19 -34.70 79.92
N ARG G 1977 64.54 -34.32 78.81
CA ARG G 1977 64.96 -33.13 78.08
C ARG G 1977 64.74 -31.87 78.90
N TYR G 1978 63.62 -31.81 79.64
CA TYR G 1978 63.40 -30.68 80.53
C TYR G 1978 64.47 -30.62 81.62
N GLY G 1979 64.82 -31.78 82.18
CA GLY G 1979 65.89 -31.81 83.16
C GLY G 1979 67.18 -31.27 82.61
N LEU G 1980 67.55 -31.70 81.40
CA LEU G 1980 68.77 -31.21 80.77
C LEU G 1980 68.70 -29.71 80.53
N LEU G 1981 67.56 -29.23 80.03
CA LEU G 1981 67.43 -27.80 79.74
C LEU G 1981 67.56 -26.97 81.00
N MET G 1982 66.91 -27.41 82.09
CA MET G 1982 66.98 -26.66 83.34
C MET G 1982 68.39 -26.69 83.92
N LYS G 1983 69.05 -27.85 83.85
CA LYS G 1983 70.40 -27.96 84.38
C LYS G 1983 71.43 -27.30 83.49
N ALA G 1984 71.09 -26.92 82.27
CA ALA G 1984 72.02 -26.22 81.40
C ALA G 1984 72.27 -24.81 81.90
N PHE G 1985 73.45 -24.28 81.57
CA PHE G 1985 73.79 -22.92 81.95
C PHE G 1985 72.90 -21.88 81.27
N THR G 1986 72.18 -22.25 80.22
CA THR G 1986 71.32 -21.32 79.50
C THR G 1986 72.13 -20.12 79.01
N MET G 1987 73.23 -20.41 78.31
CA MET G 1987 74.11 -19.36 77.81
C MET G 1987 73.34 -18.35 76.95
N SER G 1988 72.49 -18.86 76.06
CA SER G 1988 71.72 -18.01 75.17
C SER G 1988 70.27 -17.97 75.66
N ALA G 1989 69.85 -16.79 76.12
CA ALA G 1989 68.47 -16.64 76.58
C ALA G 1989 67.49 -16.91 75.45
N ALA G 1990 67.84 -16.53 74.22
CA ALA G 1990 67.00 -16.83 73.07
C ALA G 1990 66.87 -18.34 72.88
N GLU G 1991 67.98 -19.07 73.02
CA GLU G 1991 67.93 -20.52 72.90
C GLU G 1991 67.06 -21.12 73.98
N THR G 1992 67.18 -20.63 75.22
CA THR G 1992 66.37 -21.15 76.30
C THR G 1992 64.89 -20.89 76.05
N ALA G 1993 64.55 -19.69 75.57
CA ALA G 1993 63.16 -19.37 75.27
C ALA G 1993 62.62 -20.25 74.15
N ARG G 1994 63.43 -20.47 73.11
CA ARG G 1994 62.99 -21.32 72.00
C ARG G 1994 62.76 -22.75 72.48
N ARG G 1995 63.65 -23.26 73.34
CA ARG G 1995 63.45 -24.61 73.87
C ARG G 1995 62.20 -24.68 74.73
N THR G 1996 61.95 -23.65 75.55
CA THR G 1996 60.79 -23.66 76.43
C THR G 1996 59.48 -23.37 75.70
N ARG G 1997 59.54 -22.90 74.45
CA ARG G 1997 58.30 -22.79 73.67
C ARG G 1997 57.53 -24.09 73.68
N GLU G 1998 58.20 -25.21 73.39
CA GLU G 1998 57.52 -26.50 73.38
C GLU G 1998 56.82 -26.77 74.71
N PHE G 1999 57.55 -26.61 75.81
CA PHE G 1999 57.02 -27.01 77.11
C PHE G 1999 55.99 -26.02 77.62
N ARG G 2000 55.91 -24.83 77.03
CA ARG G 2000 54.81 -23.91 77.29
C ARG G 2000 53.66 -24.10 76.32
N SER G 2001 53.83 -24.89 75.27
CA SER G 2001 52.73 -25.18 74.36
C SER G 2001 51.72 -26.13 75.01
N PRO G 2002 50.48 -26.14 74.54
CA PRO G 2002 49.49 -27.08 75.09
C PRO G 2002 49.90 -28.52 74.83
N PRO G 2003 49.49 -29.46 75.70
CA PRO G 2003 49.93 -30.85 75.52
C PRO G 2003 49.60 -31.45 74.16
N GLN G 2004 48.42 -31.14 73.61
CA GLN G 2004 48.05 -31.67 72.30
C GLN G 2004 49.02 -31.18 71.23
N GLU G 2005 49.36 -29.89 71.28
CA GLU G 2005 50.32 -29.34 70.33
C GLU G 2005 51.70 -29.94 70.54
N GLN G 2006 52.07 -30.21 71.80
CA GLN G 2006 53.33 -30.86 72.07
C GLN G 2006 53.37 -32.24 71.42
N ILE G 2007 52.27 -33.00 71.54
CA ILE G 2007 52.22 -34.32 70.93
C ILE G 2007 52.31 -34.21 69.41
N ASN G 2008 51.57 -33.27 68.83
CA ASN G 2008 51.62 -33.10 67.38
C ASN G 2008 53.03 -32.78 66.91
N MET G 2009 53.70 -31.86 67.60
CA MET G 2009 55.07 -31.50 67.22
C MET G 2009 56.00 -32.69 67.37
N LEU G 2010 55.88 -33.44 68.46
CA LEU G 2010 56.75 -34.58 68.72
C LEU G 2010 56.49 -35.73 67.76
N LEU G 2011 55.32 -35.80 67.15
CA LEU G 2011 55.02 -36.84 66.18
C LEU G 2011 55.24 -36.39 64.74
N HIS G 2012 55.36 -35.08 64.50
CA HIS G 2012 55.54 -34.57 63.13
C HIS G 2012 56.95 -34.86 62.63
N PHE G 2013 57.20 -36.14 62.34
CA PHE G 2013 58.44 -36.56 61.71
C PHE G 2013 58.24 -37.66 60.68
N LYS G 2014 57.02 -37.80 60.13
CA LYS G 2014 56.76 -38.87 59.18
C LYS G 2014 57.65 -38.73 57.94
N ASN G 2015 57.74 -37.53 57.39
CA ASN G 2015 58.54 -37.27 56.21
C ASN G 2015 59.94 -36.78 56.56
N GLY G 2016 60.43 -37.11 57.74
CA GLY G 2016 61.75 -36.67 58.16
C GLY G 2016 61.69 -35.34 58.89
N ALA G 2017 62.66 -35.17 59.80
CA ALA G 2017 62.73 -33.93 60.57
C ALA G 2017 64.06 -33.91 61.31
N ASP G 2018 64.52 -32.70 61.62
CA ASP G 2018 65.77 -32.52 62.36
C ASP G 2018 65.50 -32.55 63.86
N GLU G 2019 66.57 -32.46 64.63
CA GLU G 2019 66.46 -32.50 66.09
C GLU G 2019 66.05 -31.15 66.65
N GLU G 2020 65.63 -30.23 65.79
CA GLU G 2020 65.12 -28.93 66.20
C GLU G 2020 63.62 -28.79 65.97
N GLU G 2021 63.14 -29.18 64.79
CA GLU G 2021 61.70 -29.18 64.54
C GLU G 2021 60.99 -30.26 65.34
N CYS G 2022 61.70 -31.33 65.71
CA CYS G 2022 61.13 -32.40 66.50
C CYS G 2022 62.23 -33.05 67.32
N PRO G 2023 62.33 -32.75 68.63
CA PRO G 2023 63.45 -33.28 69.43
C PRO G 2023 63.34 -34.75 69.77
N LEU G 2024 62.36 -35.47 69.26
CA LEU G 2024 62.21 -36.87 69.60
C LEU G 2024 63.42 -37.66 69.12
N PRO G 2025 64.01 -38.52 69.95
CA PRO G 2025 65.20 -39.27 69.53
C PRO G 2025 64.92 -40.21 68.38
N GLU G 2026 66.00 -40.55 67.66
CA GLU G 2026 65.89 -41.39 66.48
C GLU G 2026 65.39 -42.78 66.84
N GLU G 2027 65.73 -43.29 68.02
CA GLU G 2027 65.28 -44.61 68.42
C GLU G 2027 63.76 -44.66 68.55
N ILE G 2028 63.20 -43.65 69.22
CA ILE G 2028 61.75 -43.60 69.39
C ILE G 2028 61.06 -43.36 68.05
N ARG G 2029 61.65 -42.51 67.21
CA ARG G 2029 61.11 -42.33 65.86
C ARG G 2029 61.08 -43.65 65.11
N GLN G 2030 62.15 -44.42 65.20
CA GLN G 2030 62.22 -45.70 64.50
C GLN G 2030 61.18 -46.67 65.04
N GLU G 2031 60.95 -46.65 66.35
CA GLU G 2031 59.91 -47.51 66.91
C GLU G 2031 58.55 -47.17 66.32
N LEU G 2032 58.23 -45.86 66.23
CA LEU G 2032 56.95 -45.49 65.64
C LEU G 2032 56.89 -45.91 64.18
N VAL G 2033 57.99 -45.74 63.44
CA VAL G 2033 58.00 -46.11 62.03
C VAL G 2033 57.77 -47.60 61.87
N ASN G 2034 58.40 -48.41 62.71
CA ASN G 2034 58.21 -49.85 62.65
C ASN G 2034 56.76 -50.21 62.94
N PHE G 2035 56.16 -49.60 63.95
CA PHE G 2035 54.76 -49.91 64.25
C PHE G 2035 53.86 -49.50 63.09
N HIS G 2036 54.15 -48.36 62.46
CA HIS G 2036 53.34 -47.92 61.33
C HIS G 2036 53.44 -48.90 60.17
N GLN G 2037 54.65 -49.39 59.89
CA GLN G 2037 54.81 -50.41 58.86
C GLN G 2037 54.03 -51.67 59.21
N ASP G 2038 54.08 -52.09 60.47
CA ASP G 2038 53.32 -53.26 60.88
C ASP G 2038 51.82 -53.05 60.70
N LEU G 2039 51.32 -51.87 61.05
CA LEU G 2039 49.90 -51.58 60.89
C LEU G 2039 49.50 -51.61 59.43
N LEU G 2040 50.31 -51.01 58.56
CA LEU G 2040 49.99 -51.05 57.13
C LEU G 2040 50.00 -52.48 56.62
N ALA G 2041 50.98 -53.29 57.03
CA ALA G 2041 51.01 -54.68 56.61
C ALA G 2041 49.77 -55.43 57.08
N HIS G 2042 49.37 -55.20 58.33
CA HIS G 2042 48.18 -55.86 58.84
C HIS G 2042 46.93 -55.47 58.06
N CYS G 2043 46.80 -54.19 57.74
CA CYS G 2043 45.68 -53.73 56.92
C CYS G 2043 45.82 -54.15 55.47
N GLY G 2044 46.97 -54.71 55.08
CA GLY G 2044 47.22 -55.08 53.70
C GLY G 2044 47.73 -53.96 52.83
N ILE G 2045 47.82 -52.74 53.38
CA ILE G 2045 48.26 -51.60 52.59
C ILE G 2045 49.69 -51.81 52.13
N GLN G 2046 50.56 -52.29 53.02
CA GLN G 2046 51.95 -52.51 52.68
C GLN G 2046 52.05 -53.49 51.51
N LEU G 2047 52.80 -53.11 50.49
CA LEU G 2047 52.94 -53.93 49.29
C LEU G 2047 54.32 -53.76 48.68
N GLU G 2089 47.68 -65.42 44.91
CA GLU G 2089 47.72 -66.87 45.02
C GLU G 2089 46.31 -67.44 44.86
N HIS G 2090 46.21 -68.61 44.20
CA HIS G 2090 44.90 -69.19 43.93
C HIS G 2090 44.14 -69.51 45.21
N LYS G 2091 44.85 -69.68 46.33
CA LYS G 2091 44.18 -69.81 47.63
C LYS G 2091 44.29 -68.51 48.39
N PRO G 2092 43.24 -68.07 49.11
CA PRO G 2092 43.31 -66.76 49.77
C PRO G 2092 44.46 -66.62 50.76
N GLN G 2093 44.51 -67.49 51.76
CA GLN G 2093 45.52 -67.50 52.81
C GLN G 2093 45.31 -66.39 53.84
N SER G 2094 44.21 -65.64 53.76
CA SER G 2094 43.93 -64.61 54.74
C SER G 2094 42.43 -64.32 54.72
N LEU G 2095 41.95 -63.72 55.81
CA LEU G 2095 40.54 -63.38 55.89
C LEU G 2095 40.15 -62.36 54.83
N GLN G 2096 40.99 -61.34 54.63
CA GLN G 2096 40.69 -60.32 53.63
C GLN G 2096 40.59 -60.92 52.24
N GLU G 2097 41.61 -61.70 51.84
CA GLU G 2097 41.59 -62.33 50.53
C GLU G 2097 40.41 -63.28 50.40
N LEU G 2098 40.12 -64.04 51.45
CA LEU G 2098 39.02 -64.99 51.40
C LEU G 2098 37.69 -64.27 51.16
N VAL G 2099 37.44 -63.20 51.93
CA VAL G 2099 36.19 -62.48 51.78
C VAL G 2099 36.09 -61.86 50.39
N SER G 2100 37.18 -61.23 49.93
CA SER G 2100 37.16 -60.61 48.61
C SER G 2100 36.86 -61.64 47.53
N HIS G 2101 37.60 -62.75 47.53
CA HIS G 2101 37.42 -63.76 46.50
C HIS G 2101 36.03 -64.37 46.57
N THR G 2102 35.52 -64.61 47.77
CA THR G 2102 34.19 -65.22 47.91
C THR G 2102 33.11 -64.30 47.36
N VAL G 2103 33.17 -63.02 47.74
CA VAL G 2103 32.14 -62.08 47.27
C VAL G 2103 32.19 -61.94 45.77
N VAL G 2104 33.41 -61.80 45.21
CA VAL G 2104 33.53 -61.63 43.78
C VAL G 2104 33.06 -62.88 43.06
N ARG G 2105 33.41 -64.06 43.59
CA ARG G 2105 32.99 -65.30 42.96
C ARG G 2105 31.47 -65.45 42.96
N TRP G 2106 30.83 -65.11 44.08
CA TRP G 2106 29.37 -65.18 44.12
C TRP G 2106 28.76 -64.25 43.08
N ALA G 2107 29.23 -63.00 43.03
CA ALA G 2107 28.68 -62.06 42.06
C ALA G 2107 28.93 -62.52 40.63
N GLN G 2108 30.07 -63.16 40.38
CA GLN G 2108 30.37 -63.65 39.04
C GLN G 2108 29.52 -64.85 38.68
N GLU G 2109 29.22 -65.71 39.66
CA GLU G 2109 28.49 -66.94 39.40
C GLU G 2109 27.00 -66.70 39.23
N ASP G 2110 26.41 -65.73 39.94
CA ASP G 2110 24.98 -65.53 39.84
C ASP G 2110 24.65 -64.04 39.80
N PHE G 2111 23.54 -63.73 39.15
CA PHE G 2111 22.93 -62.41 39.23
C PHE G 2111 22.11 -62.38 40.51
N VAL G 2112 22.74 -61.91 41.60
CA VAL G 2112 22.13 -62.01 42.92
C VAL G 2112 20.80 -61.28 42.92
N GLN G 2113 19.76 -61.93 43.43
CA GLN G 2113 18.41 -61.39 43.44
C GLN G 2113 18.04 -60.73 44.75
N SER G 2114 18.70 -61.08 45.85
CA SER G 2114 18.35 -60.52 47.15
C SER G 2114 19.07 -59.20 47.36
N PRO G 2115 18.37 -58.06 47.43
CA PRO G 2115 19.07 -56.80 47.68
C PRO G 2115 19.81 -56.77 49.00
N GLU G 2116 19.27 -57.43 50.03
CA GLU G 2116 19.99 -57.50 51.30
C GLU G 2116 21.31 -58.24 51.14
N LEU G 2117 21.29 -59.37 50.43
CA LEU G 2117 22.52 -60.11 50.18
C LEU G 2117 23.51 -59.27 49.40
N VAL G 2118 23.03 -58.56 48.37
CA VAL G 2118 23.91 -57.73 47.56
C VAL G 2118 24.58 -56.67 48.42
N ARG G 2119 23.77 -55.98 49.23
CA ARG G 2119 24.32 -54.94 50.10
C ARG G 2119 25.33 -55.51 51.07
N ALA G 2120 25.02 -56.67 51.66
CA ALA G 2120 25.94 -57.25 52.63
C ALA G 2120 27.27 -57.61 51.98
N MET G 2121 27.23 -58.27 50.82
CA MET G 2121 28.49 -58.71 50.22
C MET G 2121 29.30 -57.53 49.71
N PHE G 2122 28.65 -56.48 49.21
CA PHE G 2122 29.44 -55.34 48.75
C PHE G 2122 29.97 -54.52 49.93
N SER G 2123 29.25 -54.47 51.05
CA SER G 2123 29.83 -53.87 52.25
C SER G 2123 31.06 -54.64 52.70
N LEU G 2124 30.98 -55.97 52.71
CA LEU G 2124 32.13 -56.77 53.08
C LEU G 2124 33.31 -56.51 52.13
N LEU G 2125 33.03 -56.45 50.83
CA LEU G 2125 34.08 -56.21 49.86
C LEU G 2125 34.74 -54.85 50.08
N HIS G 2126 33.93 -53.82 50.35
CA HIS G 2126 34.50 -52.50 50.62
C HIS G 2126 35.39 -52.53 51.86
N ARG G 2127 34.93 -53.20 52.92
CA ARG G 2127 35.76 -53.31 54.12
C ARG G 2127 37.08 -54.00 53.81
N GLN G 2128 37.05 -55.07 53.01
CA GLN G 2128 38.29 -55.75 52.67
C GLN G 2128 39.23 -54.87 51.86
N TYR G 2129 38.69 -54.12 50.89
CA TYR G 2129 39.55 -53.31 50.03
C TYR G 2129 40.09 -52.07 50.72
N ASP G 2130 39.34 -51.47 51.65
CA ASP G 2130 39.78 -50.29 52.38
C ASP G 2130 39.89 -50.65 53.86
N GLY G 2131 41.03 -51.21 54.25
CA GLY G 2131 41.22 -51.58 55.65
C GLY G 2131 41.69 -50.40 56.49
N LEU G 2132 42.58 -49.57 55.94
CA LEU G 2132 43.04 -48.40 56.66
C LEU G 2132 41.91 -47.40 56.85
N GLY G 2133 41.05 -47.23 55.85
CA GLY G 2133 39.92 -46.34 56.00
C GLY G 2133 38.96 -46.81 57.07
N GLU G 2134 38.74 -48.12 57.17
CA GLU G 2134 37.87 -48.65 58.21
C GLU G 2134 38.42 -48.34 59.59
N LEU G 2135 39.73 -48.55 59.80
CA LEU G 2135 40.35 -48.21 61.08
C LEU G 2135 40.25 -46.72 61.35
N LEU G 2136 40.46 -45.90 60.32
CA LEU G 2136 40.38 -44.45 60.48
C LEU G 2136 38.98 -44.03 60.93
N ARG G 2137 37.95 -44.62 60.33
CA ARG G 2137 36.58 -44.28 60.69
C ARG G 2137 36.16 -44.89 62.02
N ALA G 2138 36.83 -45.95 62.46
CA ALA G 2138 36.51 -46.55 63.76
C ALA G 2138 37.21 -45.87 64.93
N LEU G 2139 38.36 -45.26 64.69
CA LEU G 2139 39.13 -44.66 65.78
C LEU G 2139 38.35 -43.60 66.55
N PRO G 2140 37.54 -42.72 65.93
CA PRO G 2140 36.81 -41.72 66.72
C PRO G 2140 36.01 -42.31 67.87
N ARG G 2141 35.70 -43.59 67.79
CA ARG G 2141 34.94 -44.28 68.82
C ARG G 2141 35.82 -45.10 69.76
N ALA G 2142 37.14 -44.96 69.66
CA ALA G 2142 38.08 -45.60 70.56
C ALA G 2142 38.42 -44.65 71.70
N TYR G 2143 38.69 -45.22 72.88
CA TYR G 2143 38.96 -44.42 74.06
C TYR G 2143 39.69 -45.27 75.09
N THR G 2144 40.81 -44.78 75.58
CA THR G 2144 41.57 -45.48 76.61
C THR G 2144 41.26 -44.88 77.98
N ILE G 2145 41.10 -45.75 78.97
CA ILE G 2145 40.83 -45.33 80.34
C ILE G 2145 41.78 -46.06 81.27
N SER G 2146 41.95 -45.51 82.47
CA SER G 2146 42.77 -46.13 83.48
C SER G 2146 42.00 -47.25 84.19
N VAL G 2147 42.73 -48.09 84.90
CA VAL G 2147 42.11 -49.25 85.55
C VAL G 2147 41.10 -48.79 86.59
N SER G 2148 41.40 -47.69 87.30
CA SER G 2148 40.53 -47.25 88.38
C SER G 2148 39.16 -46.84 87.90
N SER G 2149 38.99 -46.57 86.61
CA SER G 2149 37.72 -46.13 86.06
C SER G 2149 36.88 -47.26 85.49
N VAL G 2150 37.37 -48.51 85.56
CA VAL G 2150 36.72 -49.59 84.84
C VAL G 2150 35.33 -49.88 85.42
N GLU G 2151 35.22 -49.92 86.74
CA GLU G 2151 33.95 -50.26 87.37
C GLU G 2151 32.88 -49.22 87.06
N ASP G 2152 33.24 -47.94 87.21
CA ASP G 2152 32.28 -46.87 86.92
C ASP G 2152 31.94 -46.84 85.43
N THR G 2153 32.91 -47.11 84.56
CA THR G 2153 32.62 -47.17 83.13
C THR G 2153 31.65 -48.31 82.82
N MET G 2154 31.81 -49.46 83.49
CA MET G 2154 30.88 -50.57 83.29
C MET G 2154 29.47 -50.19 83.74
N SER G 2155 29.36 -49.55 84.89
CA SER G 2155 28.03 -49.11 85.34
C SER G 2155 27.42 -48.13 84.35
N LEU G 2156 28.22 -47.18 83.87
CA LEU G 2156 27.72 -46.22 82.89
C LEU G 2156 27.29 -46.92 81.61
N LEU G 2157 28.05 -47.93 81.18
CA LEU G 2157 27.69 -48.65 79.97
C LEU G 2157 26.39 -49.42 80.16
N GLU G 2158 26.17 -49.98 81.35
CA GLU G 2158 24.89 -50.65 81.62
C GLU G 2158 23.73 -49.67 81.54
N CYS G 2159 23.89 -48.49 82.16
CA CYS G 2159 22.82 -47.49 82.09
C CYS G 2159 22.57 -47.05 80.66
N LEU G 2160 23.65 -46.82 79.89
CA LEU G 2160 23.50 -46.42 78.50
C LEU G 2160 22.85 -47.52 77.68
N GLY G 2161 23.15 -48.78 77.98
CA GLY G 2161 22.49 -49.87 77.31
C GLY G 2161 21.00 -49.88 77.56
N GLN G 2162 20.59 -49.63 78.81
CA GLN G 2162 19.17 -49.54 79.10
C GLN G 2162 18.52 -48.40 78.32
N ILE G 2163 19.18 -47.24 78.32
CA ILE G 2163 18.63 -46.08 77.61
C ILE G 2163 18.50 -46.38 76.13
N ARG G 2164 19.52 -46.99 75.53
CA ARG G 2164 19.46 -47.35 74.12
C ARG G 2164 18.35 -48.36 73.84
N SER G 2165 18.20 -49.36 74.71
CA SER G 2165 17.12 -50.32 74.55
C SER G 2165 15.75 -49.67 74.62
N LEU G 2166 15.63 -48.56 75.34
CA LEU G 2166 14.36 -47.84 75.39
C LEU G 2166 14.09 -47.01 74.13
N LEU G 2167 14.91 -47.14 73.09
CA LEU G 2167 14.67 -46.43 71.84
C LEU G 2167 13.79 -47.20 70.87
N ILE G 2168 13.50 -48.47 71.14
CA ILE G 2168 12.72 -49.31 70.24
C ILE G 2168 11.37 -49.69 70.83
N VAL G 2169 10.94 -48.97 71.87
CA VAL G 2169 9.68 -49.27 72.54
C VAL G 2169 8.94 -47.97 72.80
N GLN G 2170 7.63 -48.00 72.61
CA GLN G 2170 6.80 -46.83 72.91
C GLN G 2170 6.86 -46.50 74.39
N MET G 2171 6.96 -45.21 74.69
CA MET G 2171 7.10 -44.78 76.07
C MET G 2171 5.84 -45.11 76.87
N GLY G 2172 6.05 -45.63 78.07
CA GLY G 2172 4.99 -45.88 79.02
C GLY G 2172 5.46 -45.53 80.41
N PRO G 2173 4.66 -45.84 81.44
CA PRO G 2173 5.12 -45.56 82.80
C PRO G 2173 6.38 -46.32 83.19
N GLN G 2174 6.46 -47.61 82.86
CA GLN G 2174 7.64 -48.39 83.20
C GLN G 2174 8.87 -47.88 82.47
N GLU G 2175 8.73 -47.60 81.17
CA GLU G 2175 9.86 -47.10 80.40
C GLU G 2175 10.29 -45.73 80.92
N GLU G 2176 9.33 -44.89 81.30
CA GLU G 2176 9.65 -43.58 81.87
C GLU G 2176 10.44 -43.73 83.16
N ASN G 2177 10.01 -44.64 84.03
CA ASN G 2177 10.73 -44.87 85.28
C ASN G 2177 12.14 -45.37 85.01
N LEU G 2178 12.29 -46.30 84.07
CA LEU G 2178 13.62 -46.83 83.75
C LEU G 2178 14.50 -45.73 83.19
N MET G 2179 13.96 -44.89 82.31
CA MET G 2179 14.74 -43.80 81.73
C MET G 2179 15.21 -42.84 82.81
N ILE G 2180 14.31 -42.46 83.72
CA ILE G 2180 14.67 -41.52 84.78
C ILE G 2180 15.73 -42.13 85.67
N GLN G 2181 15.59 -43.41 86.04
CA GLN G 2181 16.58 -44.05 86.90
C GLN G 2181 17.94 -44.13 86.21
N SER G 2182 17.95 -44.49 84.93
CA SER G 2182 19.22 -44.59 84.22
C SER G 2182 19.89 -43.23 84.10
N ILE G 2183 19.11 -42.18 83.82
CA ILE G 2183 19.68 -40.84 83.73
C ILE G 2183 20.25 -40.41 85.07
N GLY G 2184 19.53 -40.70 86.15
CA GLY G 2184 20.05 -40.36 87.47
C GLY G 2184 21.35 -41.08 87.78
N ASN G 2185 21.41 -42.37 87.46
CA ASN G 2185 22.65 -43.12 87.70
C ASN G 2185 23.80 -42.56 86.87
N ILE G 2186 23.53 -42.23 85.61
CA ILE G 2186 24.58 -41.67 84.76
C ILE G 2186 25.07 -40.35 85.33
N MET G 2187 24.15 -39.48 85.76
CA MET G 2187 24.52 -38.19 86.31
C MET G 2187 25.24 -38.31 87.65
N ASN G 2188 25.00 -39.37 88.42
CA ASN G 2188 25.72 -39.58 89.66
C ASN G 2188 27.04 -40.32 89.45
N ASN G 2189 27.25 -40.87 88.25
CA ASN G 2189 28.50 -41.57 87.93
C ASN G 2189 29.60 -40.55 87.68
N LYS G 2190 30.77 -40.79 88.28
CA LYS G 2190 31.90 -39.88 88.12
C LYS G 2190 32.41 -39.85 86.68
N VAL G 2191 32.43 -41.01 86.01
CA VAL G 2191 32.98 -41.07 84.67
C VAL G 2191 32.24 -40.13 83.74
N PHE G 2192 30.98 -39.82 84.05
CA PHE G 2192 30.22 -38.89 83.22
C PHE G 2192 30.86 -37.51 83.19
N TYR G 2193 31.35 -37.04 84.34
CA TYR G 2193 31.94 -35.71 84.43
C TYR G 2193 33.40 -35.68 84.01
N GLN G 2194 34.13 -36.77 84.22
CA GLN G 2194 35.57 -36.78 83.97
C GLN G 2194 35.93 -37.14 82.55
N HIS G 2195 35.01 -37.70 81.77
CA HIS G 2195 35.28 -38.15 80.41
C HIS G 2195 34.18 -37.66 79.48
N PRO G 2196 34.00 -36.34 79.38
CA PRO G 2196 33.01 -35.80 78.44
C PRO G 2196 33.29 -36.19 77.01
N ASN G 2197 34.55 -36.32 76.63
CA ASN G 2197 34.87 -36.80 75.28
C ASN G 2197 34.37 -38.22 75.10
N LEU G 2198 34.50 -39.07 76.12
CA LEU G 2198 33.97 -40.42 76.03
C LEU G 2198 32.45 -40.41 75.89
N MET G 2199 31.77 -39.55 76.65
CA MET G 2199 30.32 -39.47 76.52
C MET G 2199 29.92 -39.02 75.11
N ARG G 2200 30.61 -38.01 74.58
CA ARG G 2200 30.30 -37.54 73.23
C ARG G 2200 30.54 -38.65 72.20
N ALA G 2201 31.64 -39.39 72.35
CA ALA G 2201 31.91 -40.49 71.43
C ALA G 2201 30.83 -41.55 71.50
N LEU G 2202 30.39 -41.89 72.70
CA LEU G 2202 29.28 -42.82 72.89
C LEU G 2202 27.96 -42.25 72.39
N GLY G 2203 27.88 -40.95 72.17
CA GLY G 2203 26.64 -40.35 71.69
C GLY G 2203 25.50 -40.40 72.68
N MET G 2204 25.81 -40.24 73.96
CA MET G 2204 24.78 -40.31 74.99
C MET G 2204 23.77 -39.18 74.82
N HIS G 2205 24.25 -37.98 74.52
CA HIS G 2205 23.36 -36.84 74.35
C HIS G 2205 22.39 -37.07 73.20
N GLU G 2206 22.88 -37.62 72.08
CA GLU G 2206 22.00 -37.87 70.95
C GLU G 2206 20.91 -38.88 71.30
N THR G 2207 21.27 -39.93 72.03
CA THR G 2207 20.27 -40.92 72.42
C THR G 2207 19.21 -40.31 73.33
N VAL G 2208 19.64 -39.52 74.32
CA VAL G 2208 18.68 -38.90 75.23
C VAL G 2208 17.78 -37.93 74.47
N MET G 2209 18.36 -37.15 73.57
CA MET G 2209 17.56 -36.24 72.76
C MET G 2209 16.58 -37.00 71.88
N GLU G 2210 16.99 -38.15 71.34
CA GLU G 2210 16.09 -38.94 70.51
C GLU G 2210 14.90 -39.43 71.32
N VAL G 2211 15.14 -39.91 72.54
CA VAL G 2211 14.03 -40.33 73.39
C VAL G 2211 13.10 -39.15 73.67
N MET G 2212 13.69 -38.00 74.03
CA MET G 2212 12.89 -36.83 74.38
C MET G 2212 12.03 -36.40 73.20
N VAL G 2213 12.61 -36.35 72.01
CA VAL G 2213 11.88 -35.88 70.84
C VAL G 2213 10.84 -36.90 70.42
N ASN G 2214 11.11 -38.19 70.64
CA ASN G 2214 10.09 -39.20 70.40
C ASN G 2214 8.84 -38.90 71.24
N VAL G 2215 9.03 -38.73 72.55
CA VAL G 2215 7.86 -38.49 73.40
C VAL G 2215 7.21 -37.16 73.05
N LEU G 2216 8.01 -36.14 72.72
CA LEU G 2216 7.42 -34.83 72.41
C LEU G 2216 6.61 -34.89 71.13
N GLY G 2217 7.14 -35.54 70.08
CA GLY G 2217 6.39 -35.67 68.84
C GLY G 2217 5.14 -36.51 69.02
N GLY G 2218 5.19 -37.52 69.89
CA GLY G 2218 4.00 -38.29 70.17
C GLY G 2218 2.85 -37.41 70.61
N GLY G 2219 1.86 -37.25 69.74
CA GLY G 2219 0.76 -36.34 70.01
C GLY G 2219 1.22 -34.94 70.30
N GLU G 2220 1.90 -34.30 69.34
CA GLU G 2220 2.47 -32.99 69.57
C GLU G 2220 1.41 -31.96 69.94
N SER G 2221 0.30 -31.95 69.20
CA SER G 2221 -0.78 -31.02 69.51
C SER G 2221 -1.40 -31.35 70.86
N LYS G 2222 -1.62 -32.62 71.13
CA LYS G 2222 -2.15 -33.04 72.42
C LYS G 2222 -1.13 -32.81 73.51
N GLU G 2223 -1.62 -32.50 74.71
CA GLU G 2223 -0.73 -32.29 75.85
C GLU G 2223 0.25 -33.44 76.00
N ILE G 2224 1.54 -33.12 75.90
CA ILE G 2224 2.57 -34.15 75.93
C ILE G 2224 2.52 -34.87 77.27
N ARG G 2225 2.70 -36.19 77.23
CA ARG G 2225 2.78 -36.98 78.44
C ARG G 2225 4.23 -37.10 78.91
N PHE G 2226 4.42 -37.75 80.05
CA PHE G 2226 5.75 -37.97 80.62
C PHE G 2226 6.52 -36.67 80.83
N PRO G 2227 5.87 -35.63 81.38
CA PRO G 2227 6.61 -34.39 81.64
C PRO G 2227 7.77 -34.59 82.59
N LYS G 2228 7.67 -35.53 83.52
CA LYS G 2228 8.78 -35.81 84.41
C LYS G 2228 9.99 -36.31 83.63
N MET G 2229 9.76 -37.18 82.64
CA MET G 2229 10.88 -37.69 81.88
C MET G 2229 11.46 -36.60 80.98
N VAL G 2230 10.61 -35.69 80.48
CA VAL G 2230 11.16 -34.58 79.69
C VAL G 2230 11.99 -33.64 80.58
N THR G 2231 11.53 -33.42 81.81
CA THR G 2231 12.30 -32.62 82.75
C THR G 2231 13.65 -33.26 83.01
N SER G 2232 13.67 -34.59 83.18
CA SER G 2232 14.95 -35.29 83.27
C SER G 2232 15.74 -35.17 81.97
N CYS G 2233 15.05 -35.05 80.83
CA CYS G 2233 15.73 -34.96 79.55
C CYS G 2233 16.59 -33.71 79.46
N CYS G 2234 16.07 -32.55 79.90
CA CYS G 2234 17.08 -31.60 80.35
C CYS G 2234 18.00 -32.18 81.38
N ARG G 2235 17.54 -32.40 82.60
CA ARG G 2235 18.48 -32.36 83.71
C ARG G 2235 19.78 -32.99 83.21
N PHE G 2236 19.65 -34.11 82.49
CA PHE G 2236 20.80 -34.73 81.82
C PHE G 2236 21.41 -33.83 80.74
N LEU G 2237 20.71 -33.61 79.61
CA LEU G 2237 21.34 -32.91 78.49
C LEU G 2237 21.75 -31.49 78.87
N CYS G 2238 21.11 -30.99 79.90
CA CYS G 2238 20.95 -29.58 80.16
C CYS G 2238 21.92 -29.21 81.28
N TYR G 2239 22.48 -30.26 81.94
CA TYR G 2239 23.79 -30.23 82.59
C TYR G 2239 24.92 -30.57 81.62
N PHE G 2240 24.64 -31.44 80.65
CA PHE G 2240 25.66 -31.93 79.73
C PHE G 2240 26.27 -30.78 78.95
N CYS G 2241 25.43 -29.83 78.53
CA CYS G 2241 25.95 -28.62 77.90
C CYS G 2241 26.98 -27.94 78.80
N ARG G 2242 26.72 -27.90 80.11
CA ARG G 2242 27.59 -27.19 81.04
C ARG G 2242 28.89 -27.93 81.32
N ILE G 2243 28.89 -29.26 81.24
CA ILE G 2243 30.05 -30.02 81.70
C ILE G 2243 31.31 -29.55 80.97
N SER G 2244 31.26 -29.40 79.66
CA SER G 2244 32.43 -29.00 78.90
C SER G 2244 32.01 -28.15 77.71
N ARG G 2245 32.97 -27.38 77.18
CA ARG G 2245 32.67 -26.51 76.05
C ARG G 2245 32.41 -27.29 74.78
N GLN G 2246 33.10 -28.41 74.58
CA GLN G 2246 32.83 -29.25 73.42
C GLN G 2246 31.45 -29.88 73.50
N ASN G 2247 31.02 -30.27 74.70
CA ASN G 2247 29.65 -30.75 74.87
C ASN G 2247 28.65 -29.67 74.49
N GLN G 2248 28.93 -28.43 74.89
CA GLN G 2248 28.04 -27.32 74.55
C GLN G 2248 27.97 -27.13 73.04
N ARG G 2249 29.10 -27.22 72.34
CA ARG G 2249 29.08 -27.09 70.89
C ARG G 2249 28.31 -28.23 70.24
N SER G 2250 28.50 -29.45 70.73
CA SER G 2250 27.80 -30.59 70.16
C SER G 2250 26.29 -30.43 70.32
N MET G 2251 25.85 -29.96 71.49
CA MET G 2251 24.42 -29.72 71.68
C MET G 2251 23.93 -28.53 70.87
N PHE G 2252 24.77 -27.50 70.72
CA PHE G 2252 24.43 -26.36 69.88
C PHE G 2252 24.20 -26.79 68.44
N ASP G 2253 24.88 -27.83 67.99
CA ASP G 2253 24.69 -28.32 66.63
C ASP G 2253 23.24 -28.77 66.39
N HIS G 2254 22.48 -29.03 67.46
CA HIS G 2254 21.09 -29.44 67.34
C HIS G 2254 20.12 -28.36 67.79
N LEU G 2255 20.53 -27.09 67.72
CA LEU G 2255 19.68 -26.01 68.25
C LEU G 2255 18.37 -25.91 67.48
N SER G 2256 18.42 -26.01 66.15
CA SER G 2256 17.20 -25.89 65.37
C SER G 2256 16.21 -26.98 65.73
N TYR G 2257 16.69 -28.22 65.90
CA TYR G 2257 15.82 -29.31 66.31
C TYR G 2257 15.18 -29.02 67.66
N LEU G 2258 15.99 -28.55 68.61
CA LEU G 2258 15.45 -28.17 69.92
C LEU G 2258 14.46 -27.04 69.79
N LEU G 2259 14.78 -26.02 68.99
CA LEU G 2259 13.83 -24.93 68.79
C LEU G 2259 12.60 -25.40 68.03
N GLU G 2260 12.75 -26.38 67.15
CA GLU G 2260 11.59 -26.95 66.47
C GLU G 2260 10.64 -27.60 67.48
N ASN G 2261 11.18 -28.35 68.44
CA ASN G 2261 10.37 -29.06 69.41
C ASN G 2261 10.02 -28.20 70.63
N SER G 2262 10.54 -26.98 70.71
CA SER G 2262 10.27 -26.09 71.82
C SER G 2262 9.08 -25.17 71.59
N GLY G 2263 8.16 -25.53 70.71
CA GLY G 2263 6.98 -24.73 70.49
C GLY G 2263 5.94 -24.94 71.58
N ILE G 2264 6.28 -25.76 72.57
CA ILE G 2264 5.40 -26.05 73.69
C ILE G 2264 6.19 -25.99 74.99
N GLY G 2265 5.55 -26.30 76.10
CA GLY G 2265 6.22 -26.34 77.38
C GLY G 2265 5.50 -25.51 78.43
N LEU G 2266 6.24 -24.64 79.12
CA LEU G 2266 5.65 -23.76 80.12
C LEU G 2266 4.96 -24.57 81.22
N GLY G 2267 3.81 -25.15 80.89
CA GLY G 2267 3.06 -25.94 81.85
C GLY G 2267 3.84 -27.09 82.44
N MET G 2268 4.99 -27.43 81.83
CA MET G 2268 5.83 -28.49 82.37
C MET G 2268 6.19 -28.22 83.82
N GLN G 2269 6.34 -26.95 84.19
CA GLN G 2269 6.82 -26.57 85.52
C GLN G 2269 8.21 -27.15 85.80
N GLY G 2270 8.97 -27.40 84.75
CA GLY G 2270 10.30 -27.94 84.87
C GLY G 2270 11.12 -27.57 83.66
N SER G 2271 12.33 -28.13 83.60
CA SER G 2271 13.24 -27.82 82.51
C SER G 2271 12.68 -28.34 81.19
N THR G 2272 12.99 -27.65 80.10
CA THR G 2272 12.37 -27.84 78.80
C THR G 2272 13.42 -27.82 77.70
N PRO G 2273 13.06 -28.27 76.49
CA PRO G 2273 13.99 -28.15 75.36
C PRO G 2273 14.41 -26.72 75.08
N LEU G 2274 13.57 -25.73 75.40
CA LEU G 2274 14.03 -24.35 75.33
C LEU G 2274 15.14 -24.09 76.33
N ASP G 2275 15.07 -24.72 77.51
CA ASP G 2275 16.18 -24.62 78.46
C ASP G 2275 17.43 -25.28 77.90
N VAL G 2276 17.28 -26.40 77.20
CA VAL G 2276 18.43 -27.01 76.54
C VAL G 2276 19.03 -26.04 75.52
N ALA G 2277 18.18 -25.38 74.74
CA ALA G 2277 18.68 -24.44 73.75
C ALA G 2277 19.44 -23.30 74.42
N ALA G 2278 18.90 -22.77 75.51
CA ALA G 2278 19.59 -21.70 76.23
C ALA G 2278 20.93 -22.18 76.77
N ALA G 2279 20.96 -23.37 77.37
CA ALA G 2279 22.19 -23.90 77.93
C ALA G 2279 23.23 -24.19 76.87
N SER G 2280 22.80 -24.46 75.65
CA SER G 2280 23.73 -24.75 74.56
C SER G 2280 24.44 -23.51 74.02
N VAL G 2281 24.06 -22.32 74.46
CA VAL G 2281 24.62 -21.09 73.93
C VAL G 2281 25.05 -20.14 75.06
N ILE G 2282 24.66 -20.46 76.29
CA ILE G 2282 24.91 -19.53 77.40
C ILE G 2282 26.40 -19.29 77.56
N ASP G 2283 26.77 -18.01 77.64
CA ASP G 2283 28.12 -17.57 78.01
C ASP G 2283 29.20 -18.19 77.11
N ASN G 2284 28.86 -18.43 75.85
CA ASN G 2284 29.81 -18.91 74.86
C ASN G 2284 29.81 -17.90 73.71
N ASN G 2285 30.84 -17.06 73.66
CA ASN G 2285 30.89 -16.03 72.63
C ASN G 2285 30.95 -16.64 71.23
N GLU G 2286 31.73 -17.71 71.08
CA GLU G 2286 31.86 -18.34 69.76
C GLU G 2286 30.52 -18.87 69.27
N LEU G 2287 29.80 -19.58 70.12
CA LEU G 2287 28.50 -20.11 69.72
C LEU G 2287 27.46 -19.01 69.53
N ALA G 2288 27.49 -17.97 70.37
CA ALA G 2288 26.58 -16.86 70.20
C ALA G 2288 26.79 -16.18 68.85
N LEU G 2289 28.06 -16.01 68.45
CA LEU G 2289 28.35 -15.47 67.13
C LEU G 2289 27.95 -16.44 66.02
N ALA G 2290 28.06 -17.74 66.26
CA ALA G 2290 27.63 -18.74 65.29
C ALA G 2290 26.11 -18.87 65.21
N LEU G 2291 25.37 -18.26 66.13
CA LEU G 2291 23.91 -18.33 66.09
C LEU G 2291 23.38 -17.90 64.73
N GLN G 2292 22.21 -18.40 64.37
CA GLN G 2292 21.64 -18.17 63.04
C GLN G 2292 20.40 -17.28 63.12
N GLU G 2293 20.29 -16.38 62.14
CA GLU G 2293 19.14 -15.50 62.06
C GLU G 2293 17.87 -16.29 61.88
N GLN G 2294 17.94 -17.46 61.25
CA GLN G 2294 16.74 -18.30 61.11
C GLN G 2294 16.25 -18.78 62.46
N ASP G 2295 17.17 -19.22 63.33
CA ASP G 2295 16.78 -19.63 64.67
C ASP G 2295 16.22 -18.46 65.47
N LEU G 2296 16.86 -17.29 65.37
CA LEU G 2296 16.33 -16.12 66.07
C LEU G 2296 14.94 -15.77 65.55
N GLU G 2297 14.73 -15.89 64.24
CA GLU G 2297 13.42 -15.61 63.66
C GLU G 2297 12.38 -16.60 64.18
N LYS G 2298 12.75 -17.88 64.29
CA LYS G 2298 11.81 -18.86 64.81
C LYS G 2298 11.41 -18.53 66.24
N VAL G 2299 12.37 -18.16 67.07
CA VAL G 2299 12.06 -17.80 68.45
C VAL G 2299 11.17 -16.56 68.49
N VAL G 2300 11.47 -15.57 67.64
CA VAL G 2300 10.67 -14.35 67.62
C VAL G 2300 9.25 -14.64 67.14
N SER G 2301 9.10 -15.58 66.20
CA SER G 2301 7.77 -15.97 65.74
C SER G 2301 6.98 -16.65 66.85
N TYR G 2302 7.65 -17.52 67.62
CA TYR G 2302 7.00 -18.08 68.80
C TYR G 2302 6.55 -16.97 69.75
N LEU G 2303 7.41 -15.97 69.97
CA LEU G 2303 7.06 -14.88 70.87
C LEU G 2303 5.87 -14.08 70.34
N ALA G 2304 5.82 -13.86 69.03
CA ALA G 2304 4.69 -13.16 68.43
C ALA G 2304 3.40 -13.94 68.63
N GLY G 2305 3.45 -15.25 68.40
CA GLY G 2305 2.29 -16.07 68.67
C GLY G 2305 1.83 -15.98 70.12
N CYS G 2306 2.79 -16.01 71.04
CA CYS G 2306 2.47 -15.89 72.46
C CYS G 2306 1.86 -14.53 72.80
N GLY G 2307 2.33 -13.47 72.16
CA GLY G 2307 1.79 -12.15 72.37
C GLY G 2307 0.46 -11.91 71.70
N LEU G 2308 0.09 -12.76 70.74
CA LEU G 2308 -1.20 -12.62 70.07
C LEU G 2308 -2.29 -13.57 70.56
N GLN G 2309 -1.95 -14.71 71.14
CA GLN G 2309 -2.97 -15.69 71.56
C GLN G 2309 -2.78 -16.07 73.02
N SER G 2310 -3.90 -16.35 73.69
CA SER G 2310 -3.87 -16.83 75.07
C SER G 2310 -3.46 -18.30 75.11
N CYS G 2311 -3.03 -18.74 76.28
CA CYS G 2311 -2.58 -20.11 76.45
C CYS G 2311 -3.79 -21.05 76.53
N PRO G 2312 -3.94 -22.00 75.59
CA PRO G 2312 -5.07 -22.92 75.68
C PRO G 2312 -5.08 -23.73 76.96
N MET G 2313 -3.91 -24.08 77.49
CA MET G 2313 -3.85 -24.84 78.73
C MET G 2313 -4.44 -24.03 79.88
N LEU G 2314 -4.09 -22.75 79.97
CA LEU G 2314 -4.67 -21.90 81.00
C LEU G 2314 -6.17 -21.74 80.80
N LEU G 2315 -6.60 -21.55 79.55
CA LEU G 2315 -8.04 -21.42 79.30
C LEU G 2315 -8.78 -22.67 79.74
N ALA G 2316 -8.22 -23.85 79.46
CA ALA G 2316 -8.82 -25.10 79.91
C ALA G 2316 -8.87 -25.16 81.43
N LYS G 2317 -7.76 -24.78 82.09
CA LYS G 2317 -7.75 -24.75 83.55
C LYS G 2317 -8.76 -23.77 84.11
N GLY G 2318 -9.21 -22.79 83.32
CA GLY G 2318 -10.24 -21.87 83.75
C GLY G 2318 -9.80 -20.45 83.98
N TYR G 2319 -8.57 -20.10 83.60
CA TYR G 2319 -8.09 -18.74 83.80
C TYR G 2319 -8.87 -17.77 82.91
N PRO G 2320 -8.98 -16.50 83.30
CA PRO G 2320 -9.60 -15.52 82.42
C PRO G 2320 -8.80 -15.36 81.14
N ASP G 2321 -9.50 -15.02 80.07
CA ASP G 2321 -8.89 -14.82 78.76
C ASP G 2321 -8.43 -13.37 78.65
N ILE G 2322 -7.12 -13.14 78.74
CA ILE G 2322 -6.57 -11.80 78.61
C ILE G 2322 -6.13 -11.47 77.19
N GLY G 2323 -6.08 -12.47 76.30
CA GLY G 2323 -5.78 -12.24 74.91
C GLY G 2323 -4.38 -12.59 74.47
N TRP G 2324 -3.48 -12.91 75.40
CA TRP G 2324 -2.10 -13.23 75.05
C TRP G 2324 -1.52 -14.17 76.10
N ASN G 2325 -0.25 -14.53 75.90
CA ASN G 2325 0.41 -15.57 76.70
C ASN G 2325 1.69 -15.01 77.31
N PRO G 2326 1.60 -14.23 78.38
CA PRO G 2326 2.83 -13.70 79.01
C PRO G 2326 3.78 -14.78 79.48
N CYS G 2327 3.25 -15.91 79.94
CA CYS G 2327 4.11 -16.94 80.50
C CYS G 2327 5.06 -17.53 79.45
N GLY G 2328 4.53 -17.89 78.29
CA GLY G 2328 5.39 -18.34 77.20
C GLY G 2328 6.26 -17.24 76.64
N GLY G 2329 5.70 -16.03 76.55
CA GLY G 2329 6.49 -14.91 76.08
C GLY G 2329 7.73 -14.71 76.92
N GLU G 2330 7.60 -14.89 78.24
CA GLU G 2330 8.75 -14.72 79.13
C GLU G 2330 9.83 -15.76 78.84
N ARG G 2331 9.44 -17.00 78.59
CA ARG G 2331 10.42 -18.04 78.27
C ARG G 2331 11.17 -17.70 77.00
N TYR G 2332 10.46 -17.30 75.95
CA TYR G 2332 11.14 -16.95 74.70
C TYR G 2332 12.02 -15.73 74.87
N LEU G 2333 11.57 -14.74 75.65
CA LEU G 2333 12.41 -13.59 75.93
C LEU G 2333 13.66 -13.96 76.70
N ASP G 2334 13.56 -14.93 77.62
CA ASP G 2334 14.73 -15.39 78.35
C ASP G 2334 15.74 -16.03 77.40
N PHE G 2335 15.27 -16.86 76.47
CA PHE G 2335 16.20 -17.44 75.50
C PHE G 2335 16.87 -16.35 74.68
N LEU G 2336 16.09 -15.36 74.22
CA LEU G 2336 16.69 -14.28 73.45
C LEU G 2336 17.69 -13.50 74.26
N ARG G 2337 17.42 -13.31 75.56
CA ARG G 2337 18.38 -12.63 76.43
C ARG G 2337 19.69 -13.38 76.49
N PHE G 2338 19.64 -14.70 76.70
CA PHE G 2338 20.86 -15.49 76.70
C PHE G 2338 21.55 -15.48 75.34
N ALA G 2339 20.80 -15.32 74.26
CA ALA G 2339 21.40 -15.23 72.94
C ALA G 2339 22.11 -13.92 72.68
N VAL G 2340 21.59 -12.80 73.21
CA VAL G 2340 22.12 -11.49 72.90
C VAL G 2340 23.14 -10.99 73.93
N PHE G 2341 23.16 -11.54 75.14
CA PHE G 2341 24.09 -11.09 76.17
C PHE G 2341 25.00 -12.24 76.55
N VAL G 2342 26.31 -12.01 76.48
CA VAL G 2342 27.31 -13.04 76.77
C VAL G 2342 28.40 -12.43 77.64
N ASN G 2343 28.67 -13.07 78.78
CA ASN G 2343 29.79 -12.69 79.65
C ASN G 2343 29.76 -11.20 80.01
N GLY G 2344 28.58 -10.70 80.35
CA GLY G 2344 28.44 -9.34 80.81
C GLY G 2344 28.50 -8.28 79.74
N GLU G 2345 28.55 -8.69 78.46
CA GLU G 2345 28.63 -7.74 77.35
C GLU G 2345 27.63 -8.14 76.29
N SER G 2346 27.18 -7.15 75.52
CA SER G 2346 26.20 -7.38 74.48
C SER G 2346 26.88 -7.82 73.19
N VAL G 2347 26.34 -8.87 72.57
CA VAL G 2347 26.79 -9.31 71.26
C VAL G 2347 26.06 -8.46 70.23
N GLU G 2348 26.80 -7.59 69.54
CA GLU G 2348 26.16 -6.57 68.71
C GLU G 2348 25.36 -7.18 67.57
N GLU G 2349 25.88 -8.21 66.92
CA GLU G 2349 25.19 -8.81 65.78
C GLU G 2349 23.84 -9.37 66.21
N ASN G 2350 23.84 -10.20 67.24
CA ASN G 2350 22.60 -10.79 67.72
C ASN G 2350 21.66 -9.72 68.25
N ALA G 2351 22.19 -8.72 68.94
CA ALA G 2351 21.34 -7.66 69.48
C ALA G 2351 20.62 -6.92 68.36
N ASN G 2352 21.35 -6.54 67.32
CA ASN G 2352 20.72 -5.82 66.21
C ASN G 2352 19.70 -6.70 65.49
N VAL G 2353 20.05 -7.96 65.25
CA VAL G 2353 19.10 -8.85 64.58
C VAL G 2353 17.83 -8.99 65.42
N VAL G 2354 17.98 -9.17 66.72
CA VAL G 2354 16.83 -9.37 67.60
C VAL G 2354 15.96 -8.11 67.62
N VAL G 2355 16.58 -6.93 67.70
CA VAL G 2355 15.81 -5.70 67.71
C VAL G 2355 15.03 -5.53 66.41
N ARG G 2356 15.69 -5.81 65.27
CA ARG G 2356 15.01 -5.70 63.99
C ARG G 2356 13.82 -6.65 63.91
N LEU G 2357 14.02 -7.90 64.34
CA LEU G 2357 12.91 -8.86 64.30
C LEU G 2357 11.77 -8.43 65.22
N LEU G 2358 12.10 -7.96 66.42
CA LEU G 2358 11.08 -7.54 67.36
C LEU G 2358 10.26 -6.39 66.80
N ILE G 2359 10.91 -5.40 66.20
CA ILE G 2359 10.15 -4.29 65.63
C ILE G 2359 9.38 -4.72 64.40
N ARG G 2360 9.89 -5.66 63.60
CA ARG G 2360 9.14 -6.16 62.46
C ARG G 2360 7.92 -6.97 62.87
N LYS G 2361 7.91 -7.51 64.09
CA LYS G 2361 6.75 -8.17 64.67
C LYS G 2361 6.39 -7.48 65.98
N PRO G 2362 5.70 -6.33 65.91
CA PRO G 2362 5.47 -5.52 67.12
C PRO G 2362 4.66 -6.23 68.19
N GLU G 2363 3.91 -7.26 67.82
CA GLU G 2363 3.11 -7.98 68.81
C GLU G 2363 3.98 -8.64 69.88
N CYS G 2364 5.27 -8.86 69.60
CA CYS G 2364 6.17 -9.42 70.58
C CYS G 2364 6.38 -8.51 71.79
N PHE G 2365 6.03 -7.22 71.67
CA PHE G 2365 6.20 -6.28 72.76
C PHE G 2365 5.06 -6.32 73.76
N GLY G 2366 4.04 -7.14 73.51
CA GLY G 2366 2.89 -7.21 74.39
C GLY G 2366 1.87 -6.14 74.03
N PRO G 2367 0.64 -6.31 74.51
CA PRO G 2367 -0.40 -5.31 74.20
C PRO G 2367 -0.07 -3.92 74.72
N ALA G 2368 0.66 -3.82 75.83
CA ALA G 2368 0.92 -2.50 76.42
C ALA G 2368 1.70 -1.61 75.47
N LEU G 2369 2.73 -2.15 74.83
CA LEU G 2369 3.59 -1.38 73.95
C LEU G 2369 3.05 -1.31 72.53
N ARG G 2370 1.79 -1.70 72.32
CA ARG G 2370 1.17 -1.54 71.01
C ARG G 2370 1.10 -0.07 70.66
N GLY G 2371 1.43 0.25 69.40
CA GLY G 2371 1.54 1.65 69.01
C GLY G 2371 0.23 2.40 69.12
N GLU G 2372 -0.86 1.82 68.61
CA GLU G 2372 -2.11 2.56 68.50
C GLU G 2372 -2.83 2.64 69.84
N GLY G 2373 -3.22 1.50 70.39
CA GLY G 2373 -3.99 1.46 71.62
C GLY G 2373 -3.21 1.13 72.87
N GLY G 2374 -1.89 1.02 72.80
CA GLY G 2374 -1.12 0.65 73.98
C GLY G 2374 -1.26 1.68 75.09
N SER G 2375 -1.33 1.18 76.32
CA SER G 2375 -1.45 2.05 77.48
C SER G 2375 -0.11 2.48 78.04
N GLY G 2376 0.98 1.87 77.59
CA GLY G 2376 2.30 2.18 78.09
C GLY G 2376 2.73 1.20 79.18
N LEU G 2377 4.05 1.15 79.38
CA LEU G 2377 4.61 0.19 80.33
C LEU G 2377 4.13 0.45 81.74
N LEU G 2378 4.15 1.73 82.16
CA LEU G 2378 3.74 2.06 83.53
C LEU G 2378 2.28 1.70 83.77
N ALA G 2379 1.41 2.07 82.84
CA ALA G 2379 -0.01 1.75 82.98
C ALA G 2379 -0.22 0.24 82.99
N ALA G 2380 0.53 -0.49 82.16
CA ALA G 2380 0.41 -1.93 82.11
C ALA G 2380 0.79 -2.55 83.44
N ILE G 2381 1.89 -2.08 84.05
CA ILE G 2381 2.32 -2.63 85.33
C ILE G 2381 1.30 -2.30 86.41
N GLU G 2382 0.76 -1.08 86.41
CA GLU G 2382 -0.25 -0.74 87.41
C GLU G 2382 -1.50 -1.59 87.25
N GLU G 2383 -1.95 -1.81 86.00
CA GLU G 2383 -3.09 -2.67 85.76
C GLU G 2383 -2.80 -4.09 86.22
N ALA G 2384 -1.57 -4.58 85.99
CA ALA G 2384 -1.20 -5.91 86.44
C ALA G 2384 -1.26 -6.00 87.97
N ILE G 2385 -0.82 -4.95 88.66
CA ILE G 2385 -0.90 -4.94 90.12
C ILE G 2385 -2.34 -5.01 90.57
N ARG G 2386 -3.22 -4.24 89.92
CA ARG G 2386 -4.64 -4.32 90.25
C ARG G 2386 -5.19 -5.71 90.00
N ILE G 2387 -4.80 -6.33 88.88
CA ILE G 2387 -5.25 -7.69 88.59
C ILE G 2387 -4.80 -8.64 89.68
N SER G 2388 -3.55 -8.52 90.11
CA SER G 2388 -3.03 -9.39 91.16
C SER G 2388 -3.82 -9.21 92.45
N GLU G 2389 -4.15 -7.96 92.79
CA GLU G 2389 -4.94 -7.71 93.99
C GLU G 2389 -6.38 -8.20 93.86
N ASP G 2390 -6.90 -8.32 92.65
CA ASP G 2390 -8.29 -8.73 92.45
C ASP G 2390 -8.37 -10.20 92.04
N PRO G 2391 -8.89 -11.09 92.90
CA PRO G 2391 -9.16 -12.46 92.45
C PRO G 2391 -10.29 -12.50 91.45
N ALA G 2392 -10.37 -13.62 90.73
CA ALA G 2392 -11.26 -13.88 89.61
C ALA G 2392 -10.78 -13.15 88.37
N ARG G 2393 -9.77 -12.29 88.47
CA ARG G 2393 -9.06 -11.74 87.33
C ARG G 2393 -7.61 -12.18 87.29
N ASP G 2394 -7.07 -12.72 88.38
CA ASP G 2394 -5.69 -13.18 88.46
C ASP G 2394 -5.57 -14.69 88.30
N GLY G 2395 -6.65 -15.44 88.48
CA GLY G 2395 -6.63 -16.88 88.36
C GLY G 2395 -8.00 -17.44 88.09
N PRO G 2396 -8.12 -18.78 88.09
CA PRO G 2396 -9.43 -19.39 87.82
C PRO G 2396 -10.48 -18.99 88.84
N GLY G 2397 -10.10 -18.83 90.10
CA GLY G 2397 -11.03 -18.41 91.14
C GLY G 2397 -12.22 -19.34 91.30
N VAL G 2398 -11.96 -20.64 91.29
CA VAL G 2398 -13.01 -21.63 91.47
C VAL G 2398 -13.03 -22.10 92.93
N PRO G 2411 -3.66 -26.28 92.28
CA PRO G 2411 -2.63 -25.38 92.82
C PRO G 2411 -1.37 -26.12 93.26
N PRO G 2412 -0.77 -26.91 92.35
CA PRO G 2412 0.46 -27.62 92.73
C PRO G 2412 1.56 -26.70 93.22
N GLU G 2413 1.70 -25.52 92.61
CA GLU G 2413 2.67 -24.52 93.04
C GLU G 2413 2.03 -23.14 92.91
N GLU G 2414 1.74 -22.53 94.08
CA GLU G 2414 1.18 -21.18 94.14
C GLU G 2414 0.06 -20.97 93.13
N ASN G 2415 -1.00 -21.77 93.21
CA ASN G 2415 -2.13 -21.63 92.30
C ASN G 2415 -1.64 -21.67 90.85
N ARG G 2416 -0.69 -22.57 90.58
CA ARG G 2416 -0.05 -22.62 89.27
C ARG G 2416 0.52 -21.26 88.91
N VAL G 2417 -0.22 -20.48 88.13
CA VAL G 2417 0.24 -19.17 87.66
C VAL G 2417 -0.74 -18.10 88.13
N HIS G 2418 -0.21 -16.91 88.35
CA HIS G 2418 -0.99 -15.73 88.67
C HIS G 2418 -0.84 -14.75 87.52
N LEU G 2419 -1.96 -14.29 86.96
CA LEU G 2419 -1.90 -13.53 85.72
C LEU G 2419 -1.21 -12.19 85.90
N GLY G 2420 -1.45 -11.51 87.02
CA GLY G 2420 -0.79 -10.24 87.25
C GLY G 2420 0.71 -10.38 87.30
N HIS G 2421 1.18 -11.35 88.07
CA HIS G 2421 2.61 -11.61 88.17
C HIS G 2421 3.16 -12.03 86.82
N ALA G 2422 2.40 -12.81 86.06
CA ALA G 2422 2.86 -13.22 84.73
C ALA G 2422 3.05 -12.02 83.82
N ILE G 2423 2.10 -11.07 83.86
CA ILE G 2423 2.22 -9.87 83.03
C ILE G 2423 3.43 -9.05 83.44
N MET G 2424 3.59 -8.84 84.75
CA MET G 2424 4.76 -8.08 85.21
C MET G 2424 6.05 -8.77 84.81
N SER G 2425 6.11 -10.10 84.95
CA SER G 2425 7.31 -10.83 84.60
C SER G 2425 7.60 -10.75 83.10
N PHE G 2426 6.57 -10.85 82.26
CA PHE G 2426 6.78 -10.71 80.83
C PHE G 2426 7.36 -9.36 80.49
N TYR G 2427 6.79 -8.30 81.04
CA TYR G 2427 7.29 -6.97 80.71
C TYR G 2427 8.69 -6.73 81.28
N ALA G 2428 8.97 -7.26 82.46
CA ALA G 2428 10.32 -7.16 83.01
C ALA G 2428 11.32 -7.88 82.13
N ALA G 2429 10.96 -9.08 81.65
CA ALA G 2429 11.86 -9.82 80.78
C ALA G 2429 12.08 -9.09 79.45
N LEU G 2430 11.01 -8.50 78.91
CA LEU G 2430 11.16 -7.74 77.67
C LEU G 2430 12.10 -6.56 77.85
N ILE G 2431 11.93 -5.82 78.95
CA ILE G 2431 12.79 -4.68 79.21
C ILE G 2431 14.23 -5.13 79.44
N ASP G 2432 14.41 -6.26 80.11
CA ASP G 2432 15.76 -6.80 80.30
C ASP G 2432 16.40 -7.14 78.96
N LEU G 2433 15.64 -7.79 78.08
CA LEU G 2433 16.17 -8.16 76.77
C LEU G 2433 16.56 -6.93 75.97
N LEU G 2434 15.71 -5.89 75.99
CA LEU G 2434 16.03 -4.69 75.24
C LEU G 2434 17.24 -3.96 75.82
N GLY G 2435 17.31 -3.87 77.15
CA GLY G 2435 18.48 -3.27 77.77
C GLY G 2435 19.76 -4.01 77.47
N ARG G 2436 19.69 -5.33 77.36
CA ARG G 2436 20.86 -6.12 76.99
C ARG G 2436 21.18 -6.02 75.50
N CYS G 2437 20.20 -5.78 74.65
CA CYS G 2437 20.43 -5.46 73.26
C CYS G 2437 21.01 -4.06 73.06
N ALA G 2438 20.88 -3.20 74.07
CA ALA G 2438 21.41 -1.85 73.94
C ALA G 2438 22.91 -1.89 73.64
N PRO G 2439 23.42 -0.97 72.82
CA PRO G 2439 24.84 -1.02 72.43
C PRO G 2439 25.77 -0.72 73.60
N GLU G 2440 27.05 -1.01 73.39
CA GLU G 2440 28.06 -0.78 74.41
C GLU G 2440 28.55 0.67 74.39
N THR G 2441 29.06 1.12 75.54
CA THR G 2441 29.49 2.50 75.68
C THR G 2441 30.66 2.82 74.76
N HIS G 2442 31.59 1.87 74.58
CA HIS G 2442 32.73 2.15 73.72
C HIS G 2442 32.29 2.33 72.27
N LEU G 2443 31.33 1.52 71.82
CA LEU G 2443 30.76 1.73 70.49
C LEU G 2443 30.07 3.07 70.39
N ILE G 2444 29.31 3.46 71.43
CA ILE G 2444 28.63 4.75 71.38
C ILE G 2444 29.64 5.89 71.29
N GLN G 2445 30.72 5.82 72.08
CA GLN G 2445 31.74 6.86 72.02
C GLN G 2445 32.40 6.89 70.65
N ALA G 2446 32.71 5.73 70.08
CA ALA G 2446 33.22 5.67 68.72
C ALA G 2446 32.23 6.24 67.72
N GLY G 2447 30.95 6.29 68.09
CA GLY G 2447 29.95 6.93 67.24
C GLY G 2447 29.48 6.08 66.10
N LYS G 2448 29.51 4.75 66.23
CA LYS G 2448 29.06 3.88 65.16
C LYS G 2448 27.60 4.16 64.85
N GLY G 2449 27.30 4.30 63.55
CA GLY G 2449 25.94 4.62 63.14
C GLY G 2449 24.95 3.56 63.55
N GLU G 2450 25.32 2.29 63.43
CA GLU G 2450 24.43 1.22 63.83
C GLU G 2450 24.12 1.29 65.32
N ALA G 2451 25.14 1.52 66.14
CA ALA G 2451 24.93 1.62 67.58
C ALA G 2451 24.00 2.78 67.92
N LEU G 2452 24.25 3.94 67.31
CA LEU G 2452 23.40 5.10 67.58
C LEU G 2452 21.97 4.83 67.15
N ARG G 2453 21.78 4.22 65.99
CA ARG G 2453 20.43 3.92 65.50
C ARG G 2453 19.72 2.96 66.43
N ILE G 2454 20.41 1.91 66.89
CA ILE G 2454 19.78 0.93 67.77
C ILE G 2454 19.39 1.59 69.09
N ARG G 2455 20.28 2.42 69.64
CA ARG G 2455 19.95 3.11 70.89
C ARG G 2455 18.75 4.04 70.70
N ALA G 2456 18.69 4.73 69.56
CA ALA G 2456 17.54 5.60 69.29
C ALA G 2456 16.26 4.79 69.21
N ILE G 2457 16.30 3.63 68.56
CA ILE G 2457 15.11 2.78 68.47
C ILE G 2457 14.66 2.34 69.86
N LEU G 2458 15.61 1.91 70.69
CA LEU G 2458 15.26 1.46 72.03
C LEU G 2458 14.67 2.60 72.87
N ARG G 2459 15.26 3.79 72.76
CA ARG G 2459 14.72 4.93 73.49
C ARG G 2459 13.32 5.28 73.02
N SER G 2460 13.07 5.23 71.71
CA SER G 2460 11.73 5.47 71.21
C SER G 2460 10.75 4.42 71.73
N LEU G 2461 11.20 3.17 71.83
CA LEU G 2461 10.31 2.11 72.32
C LEU G 2461 9.95 2.32 73.78
N VAL G 2462 10.93 2.58 74.63
CA VAL G 2462 10.69 2.67 76.07
C VAL G 2462 10.96 4.09 76.56
N PRO G 2463 9.93 4.83 77.00
CA PRO G 2463 10.18 6.16 77.56
C PRO G 2463 10.90 6.09 78.90
N LEU G 2464 11.65 7.15 79.20
CA LEU G 2464 12.37 7.22 80.47
C LEU G 2464 11.41 7.40 81.63
N ASP G 2465 10.35 8.19 81.43
CA ASP G 2465 9.39 8.43 82.51
C ASP G 2465 8.72 7.15 82.96
N ASP G 2466 8.41 6.25 82.02
CA ASP G 2466 7.82 4.97 82.40
C ASP G 2466 8.77 4.15 83.26
N LEU G 2467 10.05 4.13 82.90
CA LEU G 2467 11.03 3.41 83.70
C LEU G 2467 11.11 3.99 85.11
N VAL G 2468 11.15 5.33 85.20
CA VAL G 2468 11.24 5.95 86.51
C VAL G 2468 9.98 5.66 87.33
N GLY G 2469 8.82 5.70 86.69
CA GLY G 2469 7.59 5.41 87.42
C GLY G 2469 7.54 3.98 87.94
N ILE G 2470 7.93 3.02 87.10
CA ILE G 2470 7.95 1.63 87.56
C ILE G 2470 8.95 1.47 88.69
N ILE G 2471 10.13 2.08 88.58
CA ILE G 2471 11.11 1.99 89.65
C ILE G 2471 10.56 2.63 90.92
N SER G 2472 9.72 3.64 90.79
CA SER G 2472 9.15 4.33 91.94
C SER G 2472 7.91 3.64 92.50
N LEU G 2473 7.35 2.67 91.81
CA LEU G 2473 6.18 1.98 92.32
C LEU G 2473 6.52 1.33 93.67
N PRO G 2474 5.61 1.38 94.64
CA PRO G 2474 5.93 0.83 95.97
C PRO G 2474 5.84 -0.67 96.00
N LEU G 2475 6.71 -1.28 96.80
CA LEU G 2475 6.71 -2.72 97.05
C LEU G 2475 6.02 -3.02 98.37
N GLN G 2476 5.45 -4.20 98.47
CA GLN G 2476 4.80 -4.66 99.69
C GLN G 2476 5.84 -5.34 100.57
N ILE G 2477 6.08 -4.78 101.74
CA ILE G 2477 7.11 -5.29 102.64
C ILE G 2477 6.47 -6.15 103.73
N PRO G 2478 7.20 -7.12 104.30
CA PRO G 2478 6.63 -7.91 105.38
C PRO G 2478 6.30 -7.03 106.58
N THR G 2479 5.22 -7.40 107.28
CA THR G 2479 4.80 -6.67 108.47
C THR G 2479 4.37 -7.66 109.55
N LEU G 2480 4.16 -7.13 110.75
CA LEU G 2480 3.66 -7.92 111.87
C LEU G 2480 2.23 -7.49 112.18
N GLY G 2481 1.31 -8.45 112.18
CA GLY G 2481 -0.09 -8.17 112.41
C GLY G 2481 -0.69 -9.17 113.40
N LYS G 2482 -1.93 -8.90 113.77
CA LYS G 2482 -2.65 -9.72 114.73
C LYS G 2482 -1.82 -9.81 116.00
N ASP G 2483 -1.17 -10.94 116.24
CA ASP G 2483 -0.26 -11.13 117.36
C ASP G 2483 0.89 -12.00 116.88
N GLY G 2484 1.95 -11.36 116.40
CA GLY G 2484 3.09 -12.09 115.90
C GLY G 2484 2.86 -12.78 114.58
N ALA G 2485 1.83 -12.39 113.83
CA ALA G 2485 1.56 -12.98 112.53
C ALA G 2485 2.39 -12.25 111.48
N LEU G 2486 3.23 -13.00 110.76
CA LEU G 2486 4.10 -12.42 109.75
C LEU G 2486 3.30 -12.28 108.46
N VAL G 2487 2.74 -11.09 108.24
CA VAL G 2487 2.03 -10.80 107.00
C VAL G 2487 3.07 -10.52 105.92
N GLN G 2488 3.31 -11.51 105.06
CA GLN G 2488 4.28 -11.39 103.98
C GLN G 2488 3.57 -11.41 102.62
N PRO G 2489 4.14 -10.74 101.63
CA PRO G 2489 3.57 -10.82 100.28
C PRO G 2489 3.86 -12.17 99.64
N LYS G 2490 2.98 -12.56 98.72
CA LYS G 2490 3.20 -13.76 97.93
C LYS G 2490 4.11 -13.40 96.76
N MET G 2491 5.36 -13.85 96.83
CA MET G 2491 6.34 -13.45 95.83
C MET G 2491 5.96 -13.93 94.44
N SER G 2492 5.23 -15.04 94.36
CA SER G 2492 4.84 -15.60 93.07
C SER G 2492 3.59 -14.93 92.50
N ALA G 2493 3.00 -13.98 93.21
CA ALA G 2493 1.76 -13.35 92.75
C ALA G 2493 1.76 -11.83 92.92
N SER G 2494 2.92 -11.20 93.11
CA SER G 2494 2.96 -9.78 93.41
C SER G 2494 4.12 -9.13 92.68
N PHE G 2495 4.09 -7.80 92.66
CA PHE G 2495 5.18 -7.00 92.11
C PHE G 2495 6.40 -7.14 92.99
N VAL G 2496 7.52 -7.60 92.42
CA VAL G 2496 8.70 -7.94 93.19
C VAL G 2496 9.91 -7.12 92.73
N PRO G 2497 10.97 -7.03 93.53
CA PRO G 2497 12.13 -6.23 93.12
C PRO G 2497 12.81 -6.73 91.85
N ASP G 2498 12.63 -8.00 91.49
CA ASP G 2498 13.20 -8.49 90.24
C ASP G 2498 12.59 -7.78 89.04
N HIS G 2499 11.35 -7.30 89.18
CA HIS G 2499 10.74 -6.52 88.10
C HIS G 2499 11.39 -5.15 87.98
N LYS G 2500 11.79 -4.55 89.11
CA LYS G 2500 12.49 -3.27 89.08
C LYS G 2500 13.93 -3.42 88.60
N ALA G 2501 14.53 -4.60 88.81
CA ALA G 2501 15.90 -4.80 88.39
C ALA G 2501 16.04 -4.65 86.87
N SER G 2502 15.10 -5.20 86.11
CA SER G 2502 15.14 -5.07 84.66
C SER G 2502 15.00 -3.61 84.23
N MET G 2503 14.12 -2.86 84.89
CA MET G 2503 13.99 -1.44 84.57
C MET G 2503 15.27 -0.69 84.86
N VAL G 2504 15.93 -1.00 85.98
CA VAL G 2504 17.19 -0.34 86.29
C VAL G 2504 18.24 -0.68 85.26
N LEU G 2505 18.30 -1.94 84.83
CA LEU G 2505 19.29 -2.33 83.81
C LEU G 2505 19.04 -1.58 82.52
N PHE G 2506 17.77 -1.50 82.09
CA PHE G 2506 17.45 -0.78 80.87
C PHE G 2506 17.82 0.70 81.00
N LEU G 2507 17.49 1.30 82.14
CA LEU G 2507 17.81 2.71 82.35
C LEU G 2507 19.31 2.94 82.27
N ASP G 2508 20.09 2.06 82.88
CA ASP G 2508 21.53 2.25 82.91
C ASP G 2508 22.15 2.05 81.52
N ARG G 2509 21.67 1.05 80.77
CA ARG G 2509 22.33 0.70 79.52
C ARG G 2509 21.84 1.51 78.32
N VAL G 2510 20.59 1.97 78.33
CA VAL G 2510 20.01 2.69 77.20
C VAL G 2510 20.06 4.20 77.41
N TYR G 2511 19.53 4.67 78.54
CA TYR G 2511 19.51 6.09 78.84
C TYR G 2511 20.73 6.53 79.64
N GLY G 2512 21.11 5.76 80.66
CA GLY G 2512 22.22 6.11 81.50
C GLY G 2512 21.91 7.33 82.35
N ILE G 2513 22.66 7.46 83.44
CA ILE G 2513 22.55 8.61 84.33
C ILE G 2513 23.81 9.44 84.14
N GLU G 2514 23.65 10.67 83.67
CA GLU G 2514 24.75 11.56 83.38
C GLU G 2514 24.59 12.95 83.96
N ASN G 2515 23.39 13.31 84.42
CA ASN G 2515 23.11 14.63 84.96
C ASN G 2515 22.78 14.51 86.44
N GLN G 2516 23.38 15.38 87.25
CA GLN G 2516 23.22 15.30 88.69
C GLN G 2516 21.76 15.47 89.10
N ASP G 2517 21.05 16.37 88.43
CA ASP G 2517 19.64 16.57 88.76
C ASP G 2517 18.84 15.29 88.55
N PHE G 2518 19.06 14.62 87.43
CA PHE G 2518 18.35 13.36 87.18
C PHE G 2518 18.75 12.30 88.20
N LEU G 2519 20.05 12.23 88.53
CA LEU G 2519 20.49 11.28 89.53
C LEU G 2519 19.76 11.49 90.84
N LEU G 2520 19.71 12.74 91.31
CA LEU G 2520 19.04 13.03 92.57
C LEU G 2520 17.54 12.77 92.47
N HIS G 2521 16.92 13.07 91.34
CA HIS G 2521 15.49 12.81 91.19
C HIS G 2521 15.18 11.33 91.30
N VAL G 2522 15.90 10.50 90.54
CA VAL G 2522 15.65 9.07 90.57
C VAL G 2522 15.98 8.51 91.93
N LEU G 2523 17.04 9.00 92.57
CA LEU G 2523 17.37 8.56 93.92
C LEU G 2523 16.24 8.90 94.89
N ASP G 2524 15.71 10.11 94.82
CA ASP G 2524 14.69 10.54 95.76
C ASP G 2524 13.40 9.77 95.57
N VAL G 2525 13.00 9.52 94.32
CA VAL G 2525 11.70 8.92 94.09
C VAL G 2525 11.73 7.38 94.14
N GLY G 2526 12.72 6.75 93.51
CA GLY G 2526 12.69 5.31 93.38
C GLY G 2526 13.67 4.53 94.23
N PHE G 2527 14.92 4.98 94.33
CA PHE G 2527 15.96 4.16 94.94
C PHE G 2527 15.94 4.27 96.45
N LEU G 2528 15.93 5.50 96.97
CA LEU G 2528 16.03 5.69 98.42
C LEU G 2528 14.89 5.02 99.18
N PRO G 2529 13.64 5.09 98.74
CA PRO G 2529 12.58 4.37 99.46
C PRO G 2529 12.87 2.87 99.58
N ASP G 2530 13.37 2.27 98.49
CA ASP G 2530 13.68 0.85 98.52
C ASP G 2530 14.86 0.55 99.42
N MET G 2531 15.89 1.40 99.38
CA MET G 2531 17.02 1.21 100.28
C MET G 2531 16.60 1.32 101.74
N ARG G 2532 15.74 2.29 102.04
CA ARG G 2532 15.24 2.43 103.40
C ARG G 2532 14.40 1.23 103.82
N ALA G 2533 13.57 0.71 102.91
CA ALA G 2533 12.80 -0.49 103.24
C ALA G 2533 13.72 -1.68 103.52
N ALA G 2534 14.75 -1.85 102.70
CA ALA G 2534 15.69 -2.94 102.92
C ALA G 2534 16.40 -2.79 104.26
N ALA G 2535 16.81 -1.56 104.59
CA ALA G 2535 17.46 -1.32 105.88
C ALA G 2535 16.50 -1.61 107.03
N SER G 2536 15.25 -1.19 106.92
CA SER G 2536 14.26 -1.42 107.97
C SER G 2536 13.93 -2.90 108.13
N LEU G 2537 14.03 -3.70 107.07
CA LEU G 2537 13.78 -5.14 107.15
C LEU G 2537 14.99 -5.89 107.68
N ASP G 2538 15.95 -5.21 108.29
CA ASP G 2538 17.14 -5.86 108.81
C ASP G 2538 16.95 -6.41 110.22
N THR G 2539 15.77 -6.24 110.81
CA THR G 2539 15.52 -6.76 112.14
C THR G 2539 15.53 -8.29 112.12
N ALA G 2540 15.68 -8.88 113.31
CA ALA G 2540 15.82 -10.32 113.41
C ALA G 2540 14.61 -11.05 112.84
N THR G 2541 13.42 -10.46 112.96
CA THR G 2541 12.22 -11.14 112.49
C THR G 2541 12.11 -11.11 110.96
N PHE G 2542 12.43 -9.97 110.35
CA PHE G 2542 12.27 -9.79 108.90
C PHE G 2542 13.55 -10.05 108.12
N SER G 2543 14.65 -10.40 108.77
CA SER G 2543 15.94 -10.44 108.08
C SER G 2543 15.92 -11.43 106.92
N THR G 2544 15.39 -12.63 107.15
CA THR G 2544 15.48 -13.71 106.17
C THR G 2544 14.18 -13.89 105.38
N THR G 2545 13.26 -12.93 105.47
CA THR G 2545 12.03 -13.04 104.71
C THR G 2545 12.33 -13.00 103.22
N GLU G 2546 11.41 -13.59 102.44
CA GLU G 2546 11.61 -13.64 100.99
C GLU G 2546 11.73 -12.23 100.41
N MET G 2547 10.86 -11.32 100.83
CA MET G 2547 10.93 -9.96 100.32
C MET G 2547 12.23 -9.27 100.74
N ALA G 2548 12.69 -9.52 101.97
CA ALA G 2548 13.93 -8.91 102.42
C ALA G 2548 15.11 -9.39 101.57
N LEU G 2549 15.18 -10.70 101.32
CA LEU G 2549 16.27 -11.23 100.51
C LEU G 2549 16.18 -10.74 99.07
N ALA G 2550 14.95 -10.65 98.52
CA ALA G 2550 14.79 -10.13 97.17
C ALA G 2550 15.23 -8.67 97.09
N LEU G 2551 14.89 -7.88 98.10
CA LEU G 2551 15.32 -6.49 98.12
C LEU G 2551 16.83 -6.38 98.22
N ASN G 2552 17.45 -7.22 99.04
CA ASN G 2552 18.90 -7.21 99.12
C ASN G 2552 19.54 -7.55 97.78
N ARG G 2553 19.03 -8.57 97.10
CA ARG G 2553 19.55 -8.92 95.79
C ARG G 2553 19.37 -7.77 94.80
N TYR G 2554 18.18 -7.16 94.80
CA TYR G 2554 17.91 -6.04 93.91
C TYR G 2554 18.90 -4.90 94.14
N LEU G 2555 19.06 -4.50 95.40
CA LEU G 2555 19.95 -3.39 95.72
C LEU G 2555 21.39 -3.71 95.36
N CYS G 2556 21.85 -4.93 95.65
CA CYS G 2556 23.24 -5.27 95.44
C CYS G 2556 23.57 -5.63 94.01
N LEU G 2557 22.57 -5.87 93.16
CA LEU G 2557 22.84 -6.21 91.76
C LEU G 2557 22.46 -5.12 90.78
N ALA G 2558 21.50 -4.24 91.08
CA ALA G 2558 21.09 -3.22 90.13
C ALA G 2558 21.33 -1.82 90.66
N VAL G 2559 20.82 -1.52 91.86
CA VAL G 2559 20.76 -0.15 92.35
C VAL G 2559 22.14 0.33 92.80
N LEU G 2560 22.71 -0.31 93.81
CA LEU G 2560 23.95 0.18 94.40
C LEU G 2560 25.08 0.27 93.40
N PRO G 2561 25.33 -0.72 92.54
CA PRO G 2561 26.38 -0.56 91.54
C PRO G 2561 26.19 0.68 90.67
N LEU G 2562 24.95 0.99 90.31
CA LEU G 2562 24.68 2.20 89.54
C LEU G 2562 25.06 3.45 90.34
N ILE G 2563 24.76 3.47 91.62
CA ILE G 2563 25.11 4.61 92.46
C ILE G 2563 26.63 4.74 92.56
N THR G 2564 27.33 3.62 92.69
CA THR G 2564 28.79 3.68 92.72
C THR G 2564 29.33 4.23 91.42
N LYS G 2565 28.77 3.80 90.29
CA LYS G 2565 29.20 4.30 89.00
C LYS G 2565 28.94 5.80 88.87
N CYS G 2566 27.82 6.28 89.40
CA CYS G 2566 27.45 7.69 89.32
C CYS G 2566 27.95 8.50 90.52
N ALA G 2567 28.81 7.91 91.35
CA ALA G 2567 29.29 8.63 92.52
C ALA G 2567 29.92 9.99 92.18
N PRO G 2568 30.73 10.13 91.14
CA PRO G 2568 31.34 11.44 90.87
C PRO G 2568 30.33 12.56 90.71
N LEU G 2569 29.08 12.25 90.35
CA LEU G 2569 28.05 13.25 90.20
C LEU G 2569 27.56 13.81 91.54
N PHE G 2570 27.97 13.24 92.65
CA PHE G 2570 27.54 13.70 93.96
C PHE G 2570 28.36 14.87 94.48
N ALA G 2571 29.41 15.27 93.78
CA ALA G 2571 30.18 16.45 94.15
C ALA G 2571 29.37 17.71 93.84
N GLY G 2572 29.27 18.60 94.81
CA GLY G 2572 28.51 19.82 94.62
C GLY G 2572 27.03 19.69 94.88
N THR G 2573 26.62 18.79 95.78
CA THR G 2573 25.23 18.56 96.11
C THR G 2573 24.85 19.19 97.45
N GLU G 2574 25.42 20.35 97.77
CA GLU G 2574 25.11 20.99 99.05
C GLU G 2574 23.63 21.32 99.16
N HIS G 2575 22.97 21.60 98.04
CA HIS G 2575 21.56 21.94 98.09
C HIS G 2575 20.71 20.80 98.63
N ARG G 2576 20.96 19.58 98.16
CA ARG G 2576 20.23 18.42 98.68
C ARG G 2576 21.03 17.74 99.78
N ALA G 2577 21.49 18.53 100.76
CA ALA G 2577 22.32 17.98 101.83
C ALA G 2577 21.53 16.99 102.67
N ILE G 2578 20.26 17.29 102.95
CA ILE G 2578 19.46 16.39 103.78
C ILE G 2578 19.32 15.04 103.11
N MET G 2579 18.99 15.03 101.81
CA MET G 2579 18.79 13.76 101.12
C MET G 2579 20.11 13.00 100.99
N VAL G 2580 21.21 13.71 100.75
CA VAL G 2580 22.50 13.05 100.67
C VAL G 2580 22.86 12.40 102.00
N ASP G 2581 22.62 13.13 103.10
CA ASP G 2581 22.89 12.57 104.42
C ASP G 2581 22.02 11.35 104.68
N SER G 2582 20.74 11.41 104.30
CA SER G 2582 19.87 10.25 104.49
C SER G 2582 20.37 9.06 103.68
N MET G 2583 20.83 9.30 102.45
CA MET G 2583 21.35 8.22 101.63
C MET G 2583 22.58 7.59 102.29
N LEU G 2584 23.48 8.43 102.80
CA LEU G 2584 24.68 7.89 103.44
C LEU G 2584 24.32 7.06 104.67
N HIS G 2585 23.40 7.57 105.48
CA HIS G 2585 22.98 6.82 106.66
C HIS G 2585 22.35 5.49 106.27
N THR G 2586 21.50 5.49 105.25
CA THR G 2586 20.85 4.26 104.83
C THR G 2586 21.87 3.24 104.31
N VAL G 2587 22.84 3.70 103.53
CA VAL G 2587 23.85 2.79 103.01
C VAL G 2587 24.70 2.22 104.14
N TYR G 2588 25.01 3.06 105.14
CA TYR G 2588 25.76 2.55 106.29
C TYR G 2588 24.96 1.51 107.05
N ARG G 2589 23.67 1.75 107.25
CA ARG G 2589 22.83 0.76 107.93
C ARG G 2589 22.76 -0.53 107.14
N LEU G 2590 22.65 -0.44 105.81
CA LEU G 2590 22.65 -1.64 104.99
C LEU G 2590 23.96 -2.39 105.11
N SER G 2591 25.09 -1.67 105.13
CA SER G 2591 26.37 -2.33 105.30
C SER G 2591 26.43 -3.07 106.63
N ARG G 2592 25.92 -2.46 107.70
CA ARG G 2592 25.78 -3.15 108.98
C ARG G 2592 24.53 -4.02 109.01
N GLY G 2593 24.43 -4.94 108.07
CA GLY G 2593 23.23 -5.77 107.92
C GLY G 2593 23.53 -7.24 108.13
N ARG G 2594 22.63 -7.92 108.82
CA ARG G 2594 22.72 -9.37 108.96
C ARG G 2594 22.07 -10.04 107.77
N SER G 2595 22.27 -11.36 107.65
CA SER G 2595 21.71 -12.13 106.54
C SER G 2595 22.13 -11.55 105.20
N LEU G 2596 23.37 -11.09 105.11
CA LEU G 2596 23.93 -10.53 103.89
C LEU G 2596 25.12 -11.38 103.46
N THR G 2597 25.18 -11.73 102.18
CA THR G 2597 26.29 -12.51 101.68
C THR G 2597 27.54 -11.65 101.58
N LYS G 2598 28.69 -12.31 101.44
CA LYS G 2598 29.96 -11.59 101.39
C LYS G 2598 30.01 -10.66 100.18
N ALA G 2599 29.56 -11.15 99.02
CA ALA G 2599 29.56 -10.31 97.83
C ALA G 2599 28.65 -9.11 98.00
N GLN G 2600 27.47 -9.33 98.59
CA GLN G 2600 26.55 -8.22 98.83
C GLN G 2600 27.18 -7.18 99.76
N ARG G 2601 27.81 -7.64 100.83
CA ARG G 2601 28.46 -6.72 101.75
C ARG G 2601 29.57 -5.95 101.05
N ASP G 2602 30.35 -6.63 100.20
CA ASP G 2602 31.40 -5.95 99.45
C ASP G 2602 30.82 -4.87 98.55
N VAL G 2603 29.71 -5.17 97.88
CA VAL G 2603 29.08 -4.18 97.00
C VAL G 2603 28.63 -2.97 97.81
N ILE G 2604 27.99 -3.20 98.96
CA ILE G 2604 27.51 -2.09 99.77
C ILE G 2604 28.68 -1.24 100.26
N GLU G 2605 29.75 -1.89 100.71
CA GLU G 2605 30.91 -1.16 101.19
C GLU G 2605 31.56 -0.36 100.07
N ASP G 2606 31.64 -0.94 98.87
CA ASP G 2606 32.17 -0.18 97.74
C ASP G 2606 31.32 1.04 97.45
N CYS G 2607 29.99 0.90 97.52
CA CYS G 2607 29.12 2.05 97.31
C CYS G 2607 29.39 3.14 98.34
N LEU G 2608 29.49 2.76 99.61
CA LEU G 2608 29.74 3.75 100.65
C LEU G 2608 31.08 4.46 100.44
N MET G 2609 32.12 3.69 100.13
CA MET G 2609 33.43 4.30 99.93
C MET G 2609 33.42 5.22 98.73
N ALA G 2610 32.78 4.82 97.64
CA ALA G 2610 32.70 5.67 96.45
C ALA G 2610 31.96 6.97 96.76
N LEU G 2611 30.85 6.88 97.50
CA LEU G 2611 30.10 8.08 97.84
C LEU G 2611 30.93 9.02 98.69
N CYS G 2612 31.62 8.48 99.70
CA CYS G 2612 32.42 9.32 100.58
C CYS G 2612 33.66 9.87 99.88
N ARG G 2613 34.12 9.22 98.81
CA ARG G 2613 35.27 9.71 98.07
C ARG G 2613 34.97 10.98 97.28
N TYR G 2614 33.70 11.29 97.05
CA TYR G 2614 33.33 12.46 96.27
C TYR G 2614 32.44 13.46 97.01
N ILE G 2615 31.76 13.06 98.07
CA ILE G 2615 30.94 14.02 98.81
C ILE G 2615 31.84 14.99 99.55
N ARG G 2616 31.39 16.24 99.65
CA ARG G 2616 32.19 17.26 100.30
C ARG G 2616 32.37 16.93 101.79
N PRO G 2617 33.53 17.25 102.37
CA PRO G 2617 33.76 16.86 103.77
C PRO G 2617 32.75 17.43 104.74
N SER G 2618 32.18 18.59 104.45
CA SER G 2618 31.20 19.18 105.37
C SER G 2618 29.94 18.34 105.47
N MET G 2619 29.58 17.62 104.41
CA MET G 2619 28.35 16.84 104.40
C MET G 2619 28.49 15.49 105.08
N LEU G 2620 29.70 15.05 105.37
CA LEU G 2620 29.93 13.75 106.00
C LEU G 2620 29.96 13.85 107.53
N GLN G 2621 29.51 14.97 108.09
CA GLN G 2621 29.60 15.17 109.53
C GLN G 2621 28.72 14.20 110.30
N HIS G 2622 27.49 13.95 109.82
CA HIS G 2622 26.61 13.03 110.54
C HIS G 2622 27.11 11.59 110.45
N LEU G 2623 27.62 11.20 109.29
CA LEU G 2623 28.23 9.88 109.18
C LEU G 2623 29.43 9.76 110.12
N LEU G 2624 30.23 10.83 110.23
CA LEU G 2624 31.32 10.83 111.19
C LEU G 2624 30.79 10.68 112.60
N ARG G 2625 29.67 11.34 112.91
CA ARG G 2625 29.08 11.20 114.24
C ARG G 2625 28.70 9.76 114.53
N ARG G 2626 28.08 9.09 113.57
CA ARG G 2626 27.72 7.68 113.76
C ARG G 2626 28.96 6.80 113.91
N LEU G 2627 29.99 7.07 113.11
CA LEU G 2627 31.21 6.27 113.18
C LEU G 2627 31.93 6.48 114.50
N VAL G 2628 31.84 7.70 115.05
CA VAL G 2628 32.48 7.98 116.34
C VAL G 2628 31.91 7.07 117.42
N PHE G 2629 30.65 6.66 117.29
CA PHE G 2629 30.03 5.77 118.25
C PHE G 2629 30.18 4.29 117.89
N ASP G 2630 30.30 3.96 116.61
CA ASP G 2630 30.40 2.56 116.20
C ASP G 2630 31.82 2.02 116.16
N VAL G 2631 32.76 2.78 115.62
CA VAL G 2631 34.12 2.29 115.36
C VAL G 2631 34.87 1.93 116.63
N PRO G 2632 34.85 2.77 117.68
CA PRO G 2632 35.70 2.51 118.84
C PRO G 2632 35.56 1.11 119.43
N ILE G 2633 34.42 0.46 119.18
CA ILE G 2633 34.23 -0.90 119.68
C ILE G 2633 35.26 -1.85 119.08
N LEU G 2634 35.67 -1.59 117.83
CA LEU G 2634 36.71 -2.39 117.18
C LEU G 2634 36.31 -3.86 117.10
N ASN G 2635 35.04 -4.10 116.80
CA ASN G 2635 34.55 -5.46 116.54
C ASN G 2635 34.85 -5.81 115.09
N GLU G 2636 34.31 -6.92 114.59
CA GLU G 2636 34.54 -7.31 113.22
C GLU G 2636 33.85 -6.41 112.20
N PHE G 2637 32.81 -5.69 112.62
CA PHE G 2637 32.11 -4.76 111.74
C PHE G 2637 32.82 -3.42 111.63
N ALA G 2638 33.89 -3.20 112.39
CA ALA G 2638 34.63 -1.95 112.36
C ALA G 2638 35.75 -1.94 111.34
N LYS G 2639 35.97 -3.04 110.62
CA LYS G 2639 37.07 -3.07 109.65
C LYS G 2639 36.82 -2.12 108.50
N MET G 2640 35.59 -2.03 108.01
CA MET G 2640 35.29 -1.18 106.87
C MET G 2640 35.19 0.28 107.30
N PRO G 2641 34.54 0.60 108.42
CA PRO G 2641 34.57 1.99 108.90
C PRO G 2641 35.98 2.52 109.09
N LEU G 2642 36.91 1.69 109.53
CA LEU G 2642 38.28 2.14 109.72
C LEU G 2642 38.90 2.57 108.39
N LYS G 2643 38.73 1.74 107.35
CA LYS G 2643 39.25 2.11 106.03
C LYS G 2643 38.57 3.35 105.49
N LEU G 2644 37.26 3.46 105.71
CA LEU G 2644 36.52 4.63 105.24
C LEU G 2644 37.07 5.89 105.88
N LEU G 2645 37.27 5.87 107.20
CA LEU G 2645 37.82 7.03 107.90
C LEU G 2645 39.24 7.31 107.44
N THR G 2646 40.04 6.26 107.24
CA THR G 2646 41.41 6.46 106.75
C THR G 2646 41.39 7.23 105.44
N ASN G 2647 40.61 6.76 104.47
CA ASN G 2647 40.55 7.45 103.19
C ASN G 2647 40.00 8.87 103.34
N HIS G 2648 38.94 9.02 104.13
CA HIS G 2648 38.32 10.34 104.29
C HIS G 2648 39.33 11.35 104.82
N TYR G 2649 40.03 11.01 105.89
CA TYR G 2649 40.99 11.95 106.47
C TYR G 2649 42.23 12.13 105.62
N GLU G 2650 42.72 11.06 104.98
CA GLU G 2650 43.85 11.23 104.07
C GLU G 2650 43.50 12.15 102.91
N ARG G 2651 42.24 12.17 102.48
CA ARG G 2651 41.85 13.04 101.38
C ARG G 2651 41.55 14.46 101.84
N CYS G 2652 40.92 14.63 103.00
CA CYS G 2652 40.47 15.93 103.47
C CYS G 2652 41.25 16.43 104.68
N TRP G 2653 42.53 16.06 104.80
CA TRP G 2653 43.32 16.51 105.93
C TRP G 2653 43.42 18.03 105.98
N LYS G 2654 43.52 18.69 104.81
CA LYS G 2654 43.58 20.15 104.80
C LYS G 2654 42.30 20.76 105.38
N TYR G 2655 41.16 20.15 105.09
CA TYR G 2655 39.89 20.71 105.56
C TYR G 2655 39.86 20.83 107.08
N TYR G 2656 40.64 20.00 107.77
CA TYR G 2656 40.67 19.99 109.23
C TYR G 2656 41.90 20.67 109.82
N CYS G 2657 43.06 20.53 109.16
CA CYS G 2657 44.32 21.00 109.72
C CYS G 2657 44.56 22.48 109.44
N LEU G 2658 44.57 22.86 108.17
CA LEU G 2658 44.96 24.21 107.81
C LEU G 2658 43.95 25.21 108.37
N PRO G 2659 44.42 26.33 108.95
CA PRO G 2659 43.46 27.34 109.44
C PRO G 2659 42.58 27.90 108.34
N THR G 2660 43.11 28.06 107.14
CA THR G 2660 42.30 28.57 106.04
C THR G 2660 41.28 27.54 105.57
N GLY G 2661 41.61 26.26 105.68
CA GLY G 2661 40.76 25.19 105.24
C GLY G 2661 41.19 24.66 103.89
N TRP G 2662 40.28 23.91 103.26
CA TRP G 2662 40.52 23.35 101.94
C TRP G 2662 39.84 24.20 100.89
N ALA G 2663 40.52 24.38 99.75
CA ALA G 2663 40.05 25.28 98.73
C ALA G 2663 38.66 24.88 98.23
N ASN G 2664 37.72 25.83 98.28
CA ASN G 2664 36.38 25.63 97.74
C ASN G 2664 35.54 24.70 98.60
N PHE G 2665 36.14 24.10 99.63
CA PHE G 2665 35.38 23.22 100.51
C PHE G 2665 35.11 23.88 101.85
N GLY G 2666 35.82 24.94 102.18
CA GLY G 2666 35.67 25.62 103.44
C GLY G 2666 36.67 25.16 104.48
N VAL G 2667 36.33 25.41 105.74
CA VAL G 2667 37.16 25.03 106.87
C VAL G 2667 36.30 24.25 107.86
N THR G 2668 36.93 23.33 108.58
CA THR G 2668 36.22 22.50 109.52
C THR G 2668 35.54 23.37 110.58
N SER G 2669 34.66 22.73 111.35
CA SER G 2669 33.98 23.37 112.46
C SER G 2669 34.48 22.79 113.77
N GLU G 2670 34.22 23.52 114.86
CA GLU G 2670 34.65 23.05 116.17
C GLU G 2670 34.05 21.69 116.47
N GLU G 2671 32.79 21.47 116.08
CA GLU G 2671 32.15 20.19 116.34
C GLU G 2671 32.81 19.06 115.55
N GLU G 2672 33.16 19.34 114.28
CA GLU G 2672 33.85 18.31 113.49
C GLU G 2672 35.21 17.98 114.08
N LEU G 2673 35.95 18.99 114.53
CA LEU G 2673 37.24 18.73 115.16
C LEU G 2673 37.08 17.96 116.46
N HIS G 2674 36.04 18.27 117.25
CA HIS G 2674 35.79 17.52 118.46
C HIS G 2674 35.47 16.06 118.16
N LEU G 2675 34.66 15.82 117.13
CA LEU G 2675 34.37 14.45 116.73
C LEU G 2675 35.63 13.73 116.28
N THR G 2676 36.50 14.42 115.53
CA THR G 2676 37.75 13.82 115.08
C THR G 2676 38.62 13.43 116.27
N ARG G 2677 38.74 14.32 117.27
CA ARG G 2677 39.56 14.00 118.43
C ARG G 2677 38.96 12.84 119.22
N LYS G 2678 37.64 12.84 119.40
CA LYS G 2678 37.00 11.72 120.09
C LYS G 2678 37.23 10.41 119.35
N LEU G 2679 37.11 10.43 118.03
CA LEU G 2679 37.37 9.23 117.24
C LEU G 2679 38.80 8.74 117.46
N PHE G 2680 39.76 9.65 117.36
CA PHE G 2680 41.16 9.26 117.54
C PHE G 2680 41.37 8.61 118.89
N TRP G 2681 40.90 9.27 119.96
CA TRP G 2681 41.21 8.76 121.29
C TRP G 2681 40.45 7.47 121.58
N GLY G 2682 39.21 7.35 121.10
CA GLY G 2682 38.49 6.11 121.28
C GLY G 2682 39.19 4.95 120.59
N ILE G 2683 39.60 5.15 119.34
CA ILE G 2683 40.32 4.09 118.63
C ILE G 2683 41.62 3.76 119.34
N PHE G 2684 42.35 4.78 119.78
CA PHE G 2684 43.63 4.55 120.45
C PHE G 2684 43.45 3.74 121.73
N ASP G 2685 42.47 4.11 122.55
CA ASP G 2685 42.25 3.39 123.80
C ASP G 2685 41.81 1.96 123.54
N SER G 2686 40.88 1.76 122.60
CA SER G 2686 40.41 0.41 122.31
C SER G 2686 41.56 -0.46 121.81
N LEU G 2687 42.38 0.08 120.90
CA LEU G 2687 43.51 -0.68 120.38
C LEU G 2687 44.52 -0.99 121.48
N ALA G 2688 44.77 -0.03 122.37
CA ALA G 2688 45.73 -0.27 123.45
C ALA G 2688 45.25 -1.38 124.37
N HIS G 2689 43.95 -1.40 124.68
CA HIS G 2689 43.41 -2.43 125.57
C HIS G 2689 43.10 -3.74 124.85
N LYS G 2690 43.14 -3.76 123.53
CA LYS G 2690 42.81 -4.97 122.79
C LYS G 2690 44.01 -5.90 122.70
N LYS G 2691 43.73 -7.20 122.54
CA LYS G 2691 44.77 -8.17 122.28
C LYS G 2691 45.28 -8.03 120.84
N TYR G 2692 46.50 -8.47 120.62
CA TYR G 2692 47.11 -8.33 119.31
C TYR G 2692 46.30 -9.10 118.27
N ASP G 2693 46.05 -8.45 117.14
CA ASP G 2693 45.35 -9.06 116.00
C ASP G 2693 45.94 -8.42 114.75
N GLN G 2694 46.70 -9.21 113.98
CA GLN G 2694 47.48 -8.65 112.88
C GLN G 2694 46.61 -7.83 111.93
N GLU G 2695 45.47 -8.38 111.51
CA GLU G 2695 44.61 -7.66 110.57
C GLU G 2695 44.07 -6.37 111.20
N LEU G 2696 43.62 -6.46 112.45
CA LEU G 2696 43.05 -5.29 113.10
C LEU G 2696 44.10 -4.19 113.25
N TYR G 2697 45.31 -4.56 113.68
CA TYR G 2697 46.36 -3.56 113.81
C TYR G 2697 46.73 -2.96 112.46
N ARG G 2698 46.85 -3.81 111.44
CA ARG G 2698 47.18 -3.34 110.10
C ARG G 2698 46.14 -2.39 109.54
N ILE G 2699 44.87 -2.56 109.91
CA ILE G 2699 43.81 -1.68 109.46
C ILE G 2699 43.70 -0.44 110.32
N ALA G 2700 44.07 -0.53 111.61
CA ALA G 2700 43.83 0.57 112.53
C ALA G 2700 44.98 1.57 112.53
N MET G 2701 46.20 1.11 112.36
CA MET G 2701 47.34 2.03 112.40
C MET G 2701 47.22 3.11 111.34
N PRO G 2702 46.93 2.81 110.08
CA PRO G 2702 46.74 3.89 109.10
C PRO G 2702 45.63 4.85 109.48
N CYS G 2703 44.54 4.35 110.07
CA CYS G 2703 43.46 5.23 110.48
C CYS G 2703 43.91 6.20 111.56
N LEU G 2704 44.63 5.70 112.57
CA LEU G 2704 45.15 6.58 113.60
C LEU G 2704 46.09 7.61 113.02
N CYS G 2705 46.97 7.18 112.12
CA CYS G 2705 47.90 8.12 111.50
C CYS G 2705 47.15 9.20 110.73
N ALA G 2706 46.14 8.82 109.96
CA ALA G 2706 45.39 9.79 109.18
C ALA G 2706 44.67 10.78 110.08
N ILE G 2707 44.03 10.28 111.14
CA ILE G 2707 43.29 11.17 112.04
C ILE G 2707 44.23 12.13 112.74
N ALA G 2708 45.38 11.62 113.20
CA ALA G 2708 46.35 12.49 113.86
C ALA G 2708 46.89 13.54 112.90
N GLY G 2709 47.17 13.15 111.65
CA GLY G 2709 47.62 14.11 110.67
C GLY G 2709 46.60 15.15 110.31
N ALA G 2710 45.31 14.80 110.34
CA ALA G 2710 44.24 15.76 110.09
C ALA G 2710 44.01 16.71 111.25
N LEU G 2711 44.17 16.24 112.49
CA LEU G 2711 43.93 17.10 113.65
C LEU G 2711 44.99 18.19 113.73
N PRO G 2712 44.61 19.44 113.95
CA PRO G 2712 45.61 20.49 114.21
C PRO G 2712 46.40 20.18 115.46
N PRO G 2713 47.71 20.42 115.47
CA PRO G 2713 48.50 20.09 116.67
C PRO G 2713 48.06 20.83 117.92
N ASP G 2714 47.60 22.07 117.79
CA ASP G 2714 47.27 22.91 118.94
C ASP G 2714 45.77 23.00 119.18
N TYR G 2715 44.97 22.18 118.52
CA TYR G 2715 43.53 22.22 118.72
C TYR G 2715 43.19 22.01 120.19
N VAL G 2716 42.38 22.89 120.74
CA VAL G 2716 41.94 22.83 122.12
C VAL G 2716 40.44 22.52 122.13
N ASP G 2717 40.07 21.44 122.78
CA ASP G 2717 38.67 21.03 122.81
C ASP G 2717 37.88 21.94 123.73
N ALA G 2718 36.91 22.67 123.16
CA ALA G 2718 36.10 23.57 123.98
C ALA G 2718 35.32 22.80 125.04
N SER G 2719 34.79 21.64 124.67
CA SER G 2719 34.05 20.80 125.60
C SER G 2719 34.94 19.81 126.35
N TYR G 2720 36.23 20.12 126.48
CA TYR G 2720 37.16 19.25 127.19
C TYR G 2720 36.57 18.83 128.53
N SER G 2721 36.41 17.51 128.69
CA SER G 2721 35.81 16.93 129.90
C SER G 2721 36.78 15.91 130.47
N SER G 2722 37.46 16.29 131.56
CA SER G 2722 38.35 15.36 132.23
C SER G 2722 37.58 14.14 132.75
N LYS G 2723 36.30 14.32 133.08
CA LYS G 2723 35.48 13.19 133.49
C LYS G 2723 35.32 12.18 132.36
N THR G 2724 35.06 12.67 131.14
CA THR G 2724 34.89 11.84 129.95
C THR G 2724 34.15 10.55 130.27
N GLU G 2725 32.96 10.65 130.86
CA GLU G 2725 32.18 9.48 131.19
C GLU G 2725 31.59 8.85 129.92
N LYS G 2726 31.42 7.54 129.97
CA LYS G 2726 30.89 6.78 128.83
C LYS G 2726 31.76 7.04 127.61
N ASN G 2735 25.29 -0.32 123.02
CA ASN G 2735 24.10 0.51 122.91
C ASN G 2735 24.24 1.81 123.69
N PHE G 2736 23.50 2.83 123.27
CA PHE G 2736 23.50 4.09 123.99
C PHE G 2736 22.76 3.96 125.31
N ASP G 2737 23.18 4.74 126.30
CA ASP G 2737 22.62 4.72 127.65
C ASP G 2737 21.81 5.99 127.89
N PRO G 2738 20.55 6.05 127.47
CA PRO G 2738 19.71 7.20 127.80
C PRO G 2738 19.28 7.25 129.27
N ARG G 2739 19.63 6.23 130.05
CA ARG G 2739 19.28 6.18 131.46
C ARG G 2739 19.69 7.47 132.16
N PRO G 2740 18.74 8.29 132.63
CA PRO G 2740 19.12 9.49 133.38
C PRO G 2740 19.24 9.21 134.87
N VAL G 2741 19.55 10.24 135.66
CA VAL G 2741 19.64 10.08 137.11
C VAL G 2741 18.24 9.92 137.69
N GLU G 2742 18.18 9.51 138.96
CA GLU G 2742 16.92 9.13 139.60
C GLU G 2742 16.29 10.33 140.30
N THR G 2743 15.82 11.26 139.46
CA THR G 2743 15.20 12.49 139.97
C THR G 2743 14.02 12.17 140.87
N LEU G 2744 13.16 11.25 140.44
CA LEU G 2744 11.93 10.98 141.17
C LEU G 2744 12.22 10.36 142.53
N ASN G 2745 13.21 9.47 142.61
CA ASN G 2745 13.50 8.82 143.89
C ASN G 2745 14.22 9.78 144.84
N VAL G 2746 15.13 10.60 144.31
CA VAL G 2746 15.85 11.53 145.18
C VAL G 2746 14.88 12.59 145.70
N ILE G 2747 15.19 13.12 146.88
CA ILE G 2747 14.32 14.07 147.57
C ILE G 2747 14.51 15.47 146.99
N ILE G 2748 13.62 16.38 147.36
CA ILE G 2748 13.64 17.76 146.85
C ILE G 2748 13.52 18.69 148.05
N PRO G 2749 14.49 19.56 148.31
CA PRO G 2749 14.37 20.50 149.44
C PRO G 2749 13.19 21.45 149.27
N GLU G 2750 12.65 21.91 150.40
CA GLU G 2750 11.54 22.84 150.36
C GLU G 2750 11.96 24.18 149.76
N LYS G 2751 13.21 24.58 149.98
CA LYS G 2751 13.74 25.79 149.34
C LYS G 2751 13.80 25.62 147.83
N LEU G 2752 14.21 24.44 147.37
CA LEU G 2752 14.18 24.16 145.94
C LEU G 2752 12.75 24.12 145.42
N ASP G 2753 11.80 23.71 146.28
CA ASP G 2753 10.39 23.71 145.87
C ASP G 2753 9.86 25.13 145.75
N SER G 2754 10.29 26.03 146.64
CA SER G 2754 9.94 27.42 146.50
C SER G 2754 10.47 27.99 145.19
N PHE G 2755 11.73 27.67 144.87
CA PHE G 2755 12.24 28.07 143.55
C PHE G 2755 11.44 27.42 142.43
N ILE G 2756 10.97 26.20 142.65
CA ILE G 2756 10.19 25.51 141.62
C ILE G 2756 8.93 26.29 141.31
N ASN G 2757 8.21 26.69 142.36
CA ASN G 2757 6.99 27.47 142.14
C ASN G 2757 7.30 28.81 141.47
N LYS G 2758 8.33 29.50 141.96
CA LYS G 2758 8.63 30.82 141.43
C LYS G 2758 9.08 30.72 139.96
N PHE G 2759 9.86 29.69 139.64
CA PHE G 2759 10.33 29.51 138.27
C PHE G 2759 9.22 28.98 137.36
N ALA G 2760 8.24 28.28 137.92
CA ALA G 2760 7.06 27.92 137.13
C ALA G 2760 6.30 29.19 136.74
N GLU G 2761 6.10 30.10 137.69
CA GLU G 2761 5.53 31.39 137.37
C GLU G 2761 6.36 32.11 136.31
N TYR G 2762 7.69 32.08 136.49
CA TYR G 2762 8.58 32.77 135.55
C TYR G 2762 8.49 32.17 134.15
N THR G 2763 8.44 30.84 134.05
CA THR G 2763 8.41 30.20 132.74
C THR G 2763 7.06 30.42 132.07
N HIS G 2764 5.97 30.48 132.86
CA HIS G 2764 4.70 30.88 132.26
C HIS G 2764 4.76 32.30 131.73
N GLU G 2765 5.38 33.22 132.47
CA GLU G 2765 5.51 34.58 131.97
C GLU G 2765 6.38 34.63 130.72
N LYS G 2766 7.44 33.82 130.67
CA LYS G 2766 8.29 33.77 129.49
C LYS G 2766 7.53 33.23 128.29
N TRP G 2767 6.70 32.20 128.50
CA TRP G 2767 5.92 31.66 127.40
C TRP G 2767 4.85 32.67 126.96
N ALA G 2768 4.33 33.46 127.90
CA ALA G 2768 3.41 34.52 127.55
C ALA G 2768 4.10 35.59 126.71
N PHE G 2769 5.34 35.92 127.06
CA PHE G 2769 6.11 36.87 126.25
C PHE G 2769 6.38 36.31 124.86
N ASP G 2770 6.67 35.01 124.77
CA ASP G 2770 6.84 34.37 123.47
C ASP G 2770 5.55 34.44 122.67
N LYS G 2771 4.41 34.24 123.34
CA LYS G 2771 3.12 34.37 122.67
C LYS G 2771 2.90 35.80 122.18
N ILE G 2772 3.34 36.78 122.96
CA ILE G 2772 3.27 38.16 122.51
C ILE G 2772 4.11 38.36 121.26
N GLN G 2773 5.32 37.78 121.24
CA GLN G 2773 6.14 37.83 120.04
C GLN G 2773 5.40 37.22 118.84
N ASN G 2774 4.71 36.11 119.07
CA ASN G 2774 3.94 35.44 118.03
C ASN G 2774 2.59 36.11 117.77
N ASN G 2775 2.25 37.16 118.52
CA ASN G 2775 0.95 37.84 118.40
C ASN G 2775 -0.19 36.94 118.88
N TRP G 2776 0.01 36.30 120.02
CA TRP G 2776 -0.97 35.39 120.60
C TRP G 2776 -1.48 35.95 121.92
N SER G 2777 -2.76 36.34 121.95
CA SER G 2777 -3.36 36.93 123.14
C SER G 2777 -4.09 35.87 123.98
N TYR G 2778 -4.89 36.31 124.94
CA TYR G 2778 -5.69 35.43 125.78
C TYR G 2778 -6.97 35.06 125.05
N GLY G 2779 -7.33 33.78 125.09
CA GLY G 2779 -8.52 33.31 124.42
C GLY G 2779 -9.11 32.06 125.04
N GLU G 2780 -9.78 31.24 124.23
CA GLU G 2780 -10.38 30.00 124.71
C GLU G 2780 -9.65 28.76 124.23
N ASN G 2781 -8.74 28.89 123.28
CA ASN G 2781 -7.96 27.76 122.80
C ASN G 2781 -6.70 28.28 122.12
N ILE G 2782 -5.76 27.37 121.88
CA ILE G 2782 -4.44 27.73 121.36
C ILE G 2782 -4.39 27.47 119.86
N ASP G 2783 -5.55 27.43 119.22
CA ASP G 2783 -5.59 27.23 117.78
C ASP G 2783 -4.84 28.36 117.08
N GLU G 2784 -4.09 28.00 116.04
CA GLU G 2784 -3.19 28.97 115.40
C GLU G 2784 -3.96 30.13 114.79
N GLU G 2785 -5.09 29.85 114.12
CA GLU G 2785 -5.80 30.89 113.41
C GLU G 2785 -6.32 31.97 114.35
N LEU G 2786 -6.84 31.58 115.51
CA LEU G 2786 -7.32 32.59 116.46
C LEU G 2786 -6.18 33.42 117.02
N LYS G 2787 -4.96 32.86 117.05
CA LYS G 2787 -3.80 33.55 117.60
C LYS G 2787 -4.09 34.00 119.03
N THR G 2788 -4.33 33.02 119.90
CA THR G 2788 -4.64 33.28 121.30
C THR G 2788 -3.97 32.19 122.14
N HIS G 2789 -4.19 32.27 123.46
CA HIS G 2789 -3.69 31.27 124.39
C HIS G 2789 -4.68 31.10 125.54
N PRO G 2790 -5.32 29.94 125.68
CA PRO G 2790 -6.35 29.81 126.71
C PRO G 2790 -5.81 29.97 128.11
N MET G 2791 -4.53 29.68 128.31
CA MET G 2791 -3.92 29.71 129.64
C MET G 2791 -3.10 30.97 129.90
N LEU G 2792 -3.41 32.06 129.23
CA LEU G 2792 -2.69 33.31 129.46
C LEU G 2792 -3.36 34.16 130.54
N ARG G 2793 -3.13 33.86 131.82
CA ARG G 2793 -3.60 34.74 132.87
C ARG G 2793 -2.54 34.80 133.95
N PRO G 2794 -2.65 35.73 134.91
CA PRO G 2794 -1.61 35.85 135.93
C PRO G 2794 -1.47 34.56 136.73
N TYR G 2795 -0.35 34.45 137.45
CA TYR G 2795 -0.04 33.22 138.16
C TYR G 2795 -1.12 32.90 139.20
N LYS G 2796 -1.67 33.92 139.84
CA LYS G 2796 -2.67 33.70 140.88
C LYS G 2796 -3.87 32.93 140.33
N THR G 2797 -4.39 33.37 139.18
CA THR G 2797 -5.50 32.65 138.55
C THR G 2797 -5.01 31.41 137.80
N PHE G 2798 -3.69 31.28 137.61
CA PHE G 2798 -3.14 30.10 136.95
C PHE G 2798 -3.60 28.84 137.68
N SER G 2799 -4.09 27.87 136.92
CA SER G 2799 -4.69 26.68 137.52
C SER G 2799 -3.63 25.81 138.17
N GLU G 2800 -3.99 25.22 139.32
CA GLU G 2800 -3.04 24.41 140.06
C GLU G 2800 -2.55 23.25 139.21
N LYS G 2801 -3.40 22.73 138.32
CA LYS G 2801 -2.98 21.66 137.44
C LYS G 2801 -1.92 22.15 136.46
N ASP G 2802 -2.12 23.34 135.89
CA ASP G 2802 -1.16 23.87 134.93
C ASP G 2802 0.06 24.45 135.64
N LYS G 2803 -0.15 25.02 136.83
CA LYS G 2803 0.99 25.39 137.67
C LYS G 2803 1.87 24.18 137.96
N GLU G 2804 1.23 23.05 138.30
CA GLU G 2804 1.99 21.83 138.56
C GLU G 2804 2.66 21.33 137.29
N ILE G 2805 1.99 21.47 136.14
CA ILE G 2805 2.59 21.07 134.87
C ILE G 2805 3.87 21.86 134.62
N TYR G 2806 3.81 23.17 134.85
CA TYR G 2806 4.99 24.01 134.68
C TYR G 2806 6.07 23.67 135.70
N ARG G 2807 5.68 23.35 136.93
CA ARG G 2807 6.65 23.07 137.98
C ARG G 2807 7.36 21.74 137.75
N TRP G 2808 6.65 20.75 137.21
CA TRP G 2808 7.13 19.38 137.17
C TRP G 2808 8.48 19.26 136.44
N PRO G 2809 8.66 19.89 135.27
CA PRO G 2809 10.00 19.90 134.67
C PRO G 2809 11.04 20.52 135.60
N ILE G 2810 10.67 21.58 136.31
CA ILE G 2810 11.59 22.20 137.25
C ILE G 2810 11.91 21.25 138.38
N LYS G 2811 10.89 20.56 138.90
CA LYS G 2811 11.11 19.56 139.93
C LYS G 2811 12.10 18.50 139.46
N GLU G 2812 11.89 17.99 138.25
CA GLU G 2812 12.76 16.94 137.74
C GLU G 2812 14.18 17.45 137.56
N SER G 2813 14.35 18.67 137.06
CA SER G 2813 15.68 19.23 136.89
C SER G 2813 16.41 19.36 138.22
N LEU G 2814 15.75 19.97 139.21
CA LEU G 2814 16.40 20.16 140.50
C LEU G 2814 16.66 18.83 141.18
N LYS G 2815 15.74 17.87 141.04
CA LYS G 2815 15.96 16.55 141.61
C LYS G 2815 17.14 15.84 140.95
N ALA G 2816 17.31 16.02 139.63
CA ALA G 2816 18.52 15.52 138.99
C ALA G 2816 19.76 16.15 139.61
N MET G 2817 19.71 17.47 139.83
CA MET G 2817 20.85 18.13 140.45
C MET G 2817 21.16 17.55 141.83
N ILE G 2818 20.12 17.31 142.62
CA ILE G 2818 20.32 16.71 143.95
C ILE G 2818 20.89 15.30 143.81
N ALA G 2819 20.36 14.51 142.87
CA ALA G 2819 20.83 13.15 142.69
C ALA G 2819 22.31 13.12 142.31
N TRP G 2820 22.77 14.12 141.56
CA TRP G 2820 24.18 14.22 141.23
C TRP G 2820 25.04 14.63 142.43
N GLU G 2821 24.42 14.83 143.60
CA GLU G 2821 25.08 15.38 144.78
C GLU G 2821 25.51 16.82 144.55
N TRP G 2822 24.72 17.57 143.78
CA TRP G 2822 24.96 19.00 143.56
C TRP G 2822 24.19 19.76 144.64
N THR G 2823 24.92 20.44 145.50
CA THR G 2823 24.31 21.11 146.64
C THR G 2823 23.92 22.53 146.27
N VAL G 2824 22.66 22.88 146.49
CA VAL G 2824 22.13 24.20 146.16
C VAL G 2824 21.90 24.98 147.44
N GLU G 2825 22.45 26.20 147.50
CA GLU G 2825 22.39 27.06 148.68
C GLU G 2825 21.59 28.31 148.31
N LYS G 2826 20.57 28.62 149.10
CA LYS G 2826 19.69 29.77 148.88
C LYS G 2826 20.15 30.93 149.77
N ALA G 2827 21.12 31.69 149.27
CA ALA G 2827 21.62 32.84 150.03
C ALA G 2827 20.58 33.93 150.13
N ARG G 2828 19.84 34.19 149.05
CA ARG G 2828 18.87 35.28 148.99
C ARG G 2828 17.50 34.73 148.59
N GLU G 2829 16.55 35.63 148.42
CA GLU G 2829 15.16 35.27 148.10
C GLU G 2829 14.84 35.67 146.68
N GLY G 2830 13.97 34.89 146.03
CA GLY G 2830 13.56 35.15 144.67
C GLY G 2830 12.89 36.49 144.50
N GLU G 2831 13.12 37.13 143.35
CA GLU G 2831 12.53 38.44 143.06
C GLU G 2831 11.73 38.41 141.77
N TYR G 2856 -3.43 38.02 130.17
CA TYR G 2856 -2.78 39.01 131.01
C TYR G 2856 -1.49 39.51 130.35
N ASN G 2857 -0.87 40.51 130.97
CA ASN G 2857 0.38 41.08 130.45
C ASN G 2857 1.56 40.30 131.01
N PRO G 2858 2.41 39.72 130.17
CA PRO G 2858 3.58 39.01 130.70
C PRO G 2858 4.48 39.96 131.50
N GLN G 2859 5.03 39.45 132.59
CA GLN G 2859 5.96 40.21 133.44
C GLN G 2859 7.15 39.33 133.84
N PRO G 2860 7.77 38.67 132.88
CA PRO G 2860 8.92 37.82 133.21
C PRO G 2860 10.16 38.66 133.47
N PRO G 2861 10.76 38.55 134.67
CA PRO G 2861 12.04 39.23 134.90
C PRO G 2861 13.10 38.83 133.88
N ASP G 2862 13.97 39.76 133.51
CA ASP G 2862 15.02 39.46 132.55
C ASP G 2862 16.05 38.52 133.17
N LEU G 2863 16.48 37.52 132.38
CA LEU G 2863 17.57 36.63 132.78
C LEU G 2863 18.90 37.02 132.14
N SER G 2864 18.89 37.90 131.13
CA SER G 2864 20.14 38.32 130.50
C SER G 2864 21.04 39.07 131.48
N VAL G 2865 20.47 39.60 132.56
CA VAL G 2865 21.27 40.35 133.54
C VAL G 2865 22.38 39.47 134.09
N VAL G 2866 22.07 38.21 134.39
CA VAL G 2866 23.04 37.30 134.97
C VAL G 2866 23.77 36.55 133.87
N THR G 2867 25.09 36.46 133.99
CA THR G 2867 25.93 35.69 133.06
C THR G 2867 26.45 34.46 133.78
N LEU G 2868 26.26 33.30 133.16
CA LEU G 2868 26.73 32.06 133.75
C LEU G 2868 28.26 32.04 133.75
N SER G 2869 28.85 31.71 134.89
CA SER G 2869 30.28 31.51 134.97
C SER G 2869 30.67 30.22 134.24
N ARG G 2870 31.94 29.85 134.32
CA ARG G 2870 32.36 28.57 133.75
C ARG G 2870 31.72 27.41 134.50
N GLU G 2871 31.69 27.50 135.83
CA GLU G 2871 31.08 26.44 136.63
C GLU G 2871 29.58 26.38 136.37
N LEU G 2872 28.93 27.53 136.24
CA LEU G 2872 27.50 27.54 135.94
C LEU G 2872 27.22 27.03 134.54
N GLN G 2873 28.14 27.31 133.60
CA GLN G 2873 28.01 26.75 132.26
C GLN G 2873 28.12 25.24 132.28
N ALA G 2874 29.02 24.69 133.11
CA ALA G 2874 29.10 23.25 133.24
C ALA G 2874 27.86 22.67 133.92
N MET G 2875 27.36 23.37 134.96
CA MET G 2875 26.06 23.05 135.53
C MET G 2875 25.04 22.84 134.42
N ALA G 2876 24.89 23.85 133.57
CA ALA G 2876 23.90 23.80 132.50
C ALA G 2876 24.25 22.71 131.49
N GLU G 2877 25.53 22.48 131.23
CA GLU G 2877 25.93 21.44 130.29
C GLU G 2877 25.40 20.09 130.73
N GLN G 2878 25.69 19.71 131.98
CA GLN G 2878 25.25 18.41 132.46
C GLN G 2878 23.73 18.36 132.64
N LEU G 2879 23.12 19.48 133.02
CA LEU G 2879 21.67 19.50 133.21
C LEU G 2879 20.95 19.32 131.87
N ALA G 2880 21.44 19.99 130.81
CA ALA G 2880 20.86 19.81 129.49
C ALA G 2880 21.18 18.42 128.94
N GLU G 2881 22.35 17.87 129.27
CA GLU G 2881 22.66 16.50 128.88
C GLU G 2881 21.66 15.54 129.51
N ASN G 2882 21.27 15.80 130.76
CA ASN G 2882 20.26 14.97 131.41
C ASN G 2882 18.88 15.17 130.80
N TYR G 2883 18.54 16.41 130.44
CA TYR G 2883 17.31 16.62 129.67
C TYR G 2883 17.32 15.74 128.43
N HIS G 2884 18.45 15.73 127.71
CA HIS G 2884 18.56 14.91 126.51
C HIS G 2884 18.47 13.42 126.84
N ASN G 2885 19.02 13.03 127.99
CA ASN G 2885 19.00 11.61 128.36
C ASN G 2885 17.57 11.16 128.71
N THR G 2886 16.84 11.98 129.45
CA THR G 2886 15.44 11.68 129.72
C THR G 2886 14.64 11.62 128.43
N TRP G 2887 14.82 12.64 127.58
CA TRP G 2887 14.17 12.69 126.28
C TRP G 2887 14.49 11.42 125.48
N GLY G 2888 15.75 10.96 125.59
CA GLY G 2888 16.16 9.73 124.96
C GLY G 2888 15.44 8.51 125.53
N ARG G 2889 15.28 8.47 126.85
CA ARG G 2889 14.53 7.38 127.46
C ARG G 2889 13.10 7.35 126.92
N LYS G 2890 12.50 8.53 126.77
CA LYS G 2890 11.17 8.57 126.16
C LYS G 2890 11.22 7.96 124.76
N LYS G 2891 12.00 8.56 123.85
CA LYS G 2891 11.95 8.05 122.47
C LYS G 2891 12.31 6.58 122.43
N LYS G 2892 13.10 6.11 123.39
CA LYS G 2892 13.37 4.68 123.51
C LYS G 2892 12.09 3.94 123.83
N GLN G 2893 11.23 4.53 124.67
CA GLN G 2893 9.93 3.91 124.94
C GLN G 2893 9.09 3.80 123.68
N GLU G 2894 9.00 4.86 122.86
CA GLU G 2894 8.25 4.69 121.61
C GLU G 2894 8.96 3.76 120.62
N LEU G 2895 10.30 3.70 120.62
CA LEU G 2895 10.97 2.72 119.78
C LEU G 2895 10.60 1.30 120.18
N GLU G 2896 10.58 1.02 121.48
CA GLU G 2896 10.16 -0.30 121.94
C GLU G 2896 8.71 -0.56 121.57
N ALA G 2897 7.85 0.46 121.70
CA ALA G 2897 6.44 0.30 121.32
C ALA G 2897 6.30 0.00 119.84
N LYS G 2898 7.05 0.71 118.99
CA LYS G 2898 7.03 0.50 117.56
C LYS G 2898 7.66 -0.82 117.15
N GLY G 2899 8.51 -1.40 118.00
CA GLY G 2899 9.17 -2.65 117.67
C GLY G 2899 10.42 -2.46 116.83
N GLY G 2900 10.81 -1.20 116.64
CA GLY G 2900 12.00 -0.93 115.86
C GLY G 2900 12.21 0.57 115.71
N GLY G 2901 13.14 0.92 114.83
CA GLY G 2901 13.44 2.32 114.59
C GLY G 2901 14.51 2.85 115.52
N SER G 2902 15.19 3.90 115.07
CA SER G 2902 16.23 4.57 115.86
C SER G 2902 15.97 6.07 115.84
N HIS G 2903 16.17 6.70 116.98
CA HIS G 2903 15.93 8.14 117.10
C HIS G 2903 17.11 8.90 116.47
N PRO G 2904 16.86 9.80 115.50
CA PRO G 2904 17.98 10.48 114.85
C PRO G 2904 18.87 11.27 115.80
N LEU G 2905 18.30 11.93 116.81
CA LEU G 2905 19.06 12.77 117.73
C LEU G 2905 19.44 12.02 119.01
N LEU G 2906 19.53 10.69 118.94
CA LEU G 2906 19.89 9.90 120.12
C LEU G 2906 21.35 10.10 120.53
N VAL G 2907 22.17 10.67 119.66
CA VAL G 2907 23.61 10.76 119.95
C VAL G 2907 23.83 11.66 121.15
N PRO G 2908 24.81 11.36 122.03
CA PRO G 2908 25.06 12.23 123.18
C PRO G 2908 25.18 13.70 122.82
N TYR G 2909 25.11 14.54 123.84
CA TYR G 2909 25.18 15.99 123.65
C TYR G 2909 26.49 16.44 123.03
N ASP G 2910 27.62 15.93 123.53
CA ASP G 2910 28.92 16.35 123.00
C ASP G 2910 29.02 16.03 121.52
N THR G 2911 28.55 14.84 121.13
CA THR G 2911 28.51 14.50 119.70
C THR G 2911 27.57 15.42 118.94
N LEU G 2912 26.43 15.76 119.55
CA LEU G 2912 25.45 16.62 118.89
C LEU G 2912 26.05 17.95 118.48
N THR G 2913 25.68 18.41 117.30
CA THR G 2913 26.14 19.71 116.82
C THR G 2913 25.62 20.82 117.73
N ALA G 2914 26.42 21.88 117.88
CA ALA G 2914 26.06 22.95 118.80
C ALA G 2914 24.72 23.59 118.45
N LYS G 2915 24.43 23.74 117.15
CA LYS G 2915 23.17 24.33 116.76
C LYS G 2915 21.99 23.53 117.29
N GLU G 2916 22.09 22.20 117.26
CA GLU G 2916 21.06 21.37 117.86
C GLU G 2916 21.07 21.51 119.37
N LYS G 2917 22.26 21.61 119.97
CA LYS G 2917 22.35 21.79 121.42
C LYS G 2917 21.60 23.05 121.86
N ALA G 2918 21.70 24.12 121.07
CA ALA G 2918 21.24 25.45 121.49
C ALA G 2918 19.79 25.44 121.97
N ARG G 2919 18.95 24.59 121.36
CA ARG G 2919 17.53 24.57 121.72
C ARG G 2919 17.35 24.31 123.22
N ASP G 2920 17.77 23.13 123.68
CA ASP G 2920 17.74 22.82 125.11
C ASP G 2920 18.74 23.66 125.90
N ARG G 2921 19.77 24.17 125.23
CA ARG G 2921 20.73 25.05 125.87
C ARG G 2921 20.04 26.24 126.50
N GLU G 2922 19.19 26.92 125.73
CA GLU G 2922 18.53 28.12 126.22
C GLU G 2922 17.75 27.83 127.50
N LYS G 2923 16.96 26.75 127.48
CA LYS G 2923 16.09 26.47 128.62
C LYS G 2923 16.89 26.02 129.84
N ALA G 2924 17.91 25.19 129.64
CA ALA G 2924 18.75 24.77 130.76
C ALA G 2924 19.45 25.96 131.40
N GLN G 2925 20.05 26.83 130.58
CA GLN G 2925 20.72 28.00 131.13
C GLN G 2925 19.71 28.95 131.78
N GLU G 2926 18.49 29.01 131.26
CA GLU G 2926 17.47 29.83 131.90
C GLU G 2926 17.20 29.33 133.31
N LEU G 2927 17.01 28.02 133.45
CA LEU G 2927 16.78 27.46 134.77
C LEU G 2927 17.93 27.77 135.72
N LEU G 2928 19.16 27.53 135.27
CA LEU G 2928 20.30 27.73 136.16
C LEU G 2928 20.45 29.20 136.55
N LYS G 2929 20.31 30.10 135.57
CA LYS G 2929 20.42 31.54 135.84
C LYS G 2929 19.33 31.99 136.80
N PHE G 2930 18.11 31.46 136.65
CA PHE G 2930 17.05 31.84 137.56
C PHE G 2930 17.32 31.33 138.96
N LEU G 2931 17.91 30.14 139.09
CA LEU G 2931 18.40 29.71 140.39
C LEU G 2931 19.35 30.75 140.95
N GLN G 2932 20.29 31.21 140.12
CA GLN G 2932 21.28 32.18 140.59
C GLN G 2932 20.62 33.45 141.13
N MET G 2933 19.73 34.08 140.35
CA MET G 2933 19.17 35.33 140.86
C MET G 2933 18.02 35.10 141.85
N ASN G 2934 17.58 33.86 142.03
CA ASN G 2934 16.75 33.50 143.16
C ASN G 2934 17.58 33.20 144.40
N GLY G 2935 18.90 33.21 144.27
CA GLY G 2935 19.80 32.98 145.38
C GLY G 2935 20.35 31.59 145.45
N TYR G 2936 19.96 30.73 144.52
CA TYR G 2936 20.37 29.33 144.55
C TYR G 2936 21.67 29.14 143.79
N ALA G 2937 22.74 28.95 144.55
CA ALA G 2937 24.07 28.67 144.00
C ALA G 2937 24.30 27.17 144.15
N VAL G 2938 24.55 26.49 143.04
CA VAL G 2938 24.70 25.04 143.03
C VAL G 2938 26.17 24.70 142.87
N THR G 2939 26.67 23.79 143.69
CA THR G 2939 28.07 23.40 143.73
C THR G 2939 28.19 21.89 143.54
N ARG G 2940 29.21 21.49 142.78
CA ARG G 2940 29.49 20.08 142.51
C ARG G 2940 30.88 19.63 142.91
N GLY G 2941 31.90 20.48 142.81
CA GLY G 2941 33.27 20.04 142.90
C GLY G 2941 33.75 19.51 141.55
N LEU G 2942 33.75 20.38 140.55
CA LEU G 2942 34.07 19.96 139.19
C LEU G 2942 35.45 19.31 139.13
N LYS G 2943 35.54 18.22 138.38
CA LYS G 2943 36.82 17.55 138.16
C LYS G 2943 37.73 18.35 137.24
N ASP G 2944 37.18 19.27 136.45
CA ASP G 2944 37.97 20.12 135.57
C ASP G 2944 38.43 21.40 136.26
N MET G 2945 37.96 21.68 137.48
CA MET G 2945 38.39 22.87 138.18
C MET G 2945 39.90 22.84 138.45
N GLU G 2946 40.42 21.67 138.84
CA GLU G 2946 41.85 21.54 139.06
C GLU G 2946 42.64 21.90 137.80
N LEU G 2947 42.11 21.55 136.63
CA LEU G 2947 42.75 21.91 135.37
C LEU G 2947 42.39 23.32 134.92
N ASP G 2948 41.47 23.99 135.62
CA ASP G 2948 41.02 25.33 135.27
C ASP G 2948 40.90 25.50 133.75
N THR G 2949 41.81 26.24 133.13
CA THR G 2949 41.81 26.42 131.68
C THR G 2949 42.97 25.69 131.03
N SER G 2950 44.20 26.01 131.43
CA SER G 2950 45.40 25.30 130.98
C SER G 2950 45.29 24.89 129.51
N SER G 2951 45.13 25.90 128.66
CA SER G 2951 44.98 25.66 127.23
C SER G 2951 46.14 24.82 126.70
N ILE G 2952 47.35 25.08 127.19
CA ILE G 2952 48.51 24.32 126.73
C ILE G 2952 48.32 22.85 127.03
N GLU G 2953 47.90 22.53 128.25
CA GLU G 2953 47.64 21.14 128.60
C GLU G 2953 46.41 20.58 127.89
N LYS G 2954 45.55 21.43 127.35
CA LYS G 2954 44.37 20.98 126.61
C LYS G 2954 44.64 20.84 125.12
N ARG G 2955 45.79 21.27 124.62
CA ARG G 2955 46.11 21.07 123.22
C ARG G 2955 46.21 19.58 122.90
N PHE G 2956 45.83 19.23 121.68
CA PHE G 2956 45.84 17.82 121.28
C PHE G 2956 47.25 17.24 121.33
N ALA G 2957 48.23 17.97 120.79
CA ALA G 2957 49.60 17.48 120.80
C ALA G 2957 50.09 17.24 122.21
N PHE G 2958 49.64 18.06 123.16
CA PHE G 2958 50.04 17.87 124.55
C PHE G 2958 49.60 16.51 125.07
N GLY G 2959 48.31 16.17 124.89
CA GLY G 2959 47.82 14.89 125.34
C GLY G 2959 48.46 13.73 124.60
N PHE G 2960 48.68 13.90 123.29
CA PHE G 2960 49.33 12.85 122.51
C PHE G 2960 50.72 12.57 123.05
N LEU G 2961 51.49 13.63 123.33
CA LEU G 2961 52.84 13.44 123.86
C LEU G 2961 52.81 12.86 125.26
N GLN G 2962 51.82 13.26 126.07
CA GLN G 2962 51.69 12.67 127.40
C GLN G 2962 51.46 11.17 127.32
N GLN G 2963 50.57 10.74 126.43
CA GLN G 2963 50.34 9.31 126.26
C GLN G 2963 51.58 8.61 125.74
N LEU G 2964 52.30 9.23 124.81
CA LEU G 2964 53.52 8.62 124.30
C LEU G 2964 54.56 8.46 125.40
N LEU G 2965 54.66 9.43 126.31
CA LEU G 2965 55.61 9.31 127.42
C LEU G 2965 55.19 8.24 128.42
N ARG G 2966 53.89 8.14 128.70
CA ARG G 2966 53.43 7.05 129.57
C ARG G 2966 53.76 5.70 128.95
N TRP G 2967 53.55 5.56 127.64
CA TRP G 2967 53.91 4.32 126.98
C TRP G 2967 55.41 4.13 126.90
N MET G 2968 56.20 5.21 126.91
CA MET G 2968 57.64 5.07 127.05
C MET G 2968 58.00 4.43 128.37
N ASP G 2969 57.34 4.86 129.46
CA ASP G 2969 57.58 4.22 130.76
C ASP G 2969 57.18 2.75 130.74
N ILE G 2970 56.00 2.46 130.17
CA ILE G 2970 55.56 1.06 130.07
C ILE G 2970 56.57 0.24 129.27
N SER G 2971 57.11 0.84 128.20
CA SER G 2971 58.09 0.16 127.39
C SER G 2971 59.36 -0.11 128.17
N GLN G 2972 59.79 0.85 128.98
CA GLN G 2972 60.94 0.62 129.85
C GLN G 2972 60.69 -0.58 130.74
N GLU G 2973 59.49 -0.65 131.33
CA GLU G 2973 59.17 -1.77 132.21
C GLU G 2973 59.25 -3.10 131.47
N PHE G 2974 58.59 -3.21 130.33
CA PHE G 2974 58.57 -4.52 129.68
C PHE G 2974 59.93 -4.86 129.08
N ILE G 2975 60.72 -3.86 128.70
CA ILE G 2975 62.05 -4.13 128.19
C ILE G 2975 62.94 -4.65 129.32
N ALA G 2976 62.83 -4.06 130.50
CA ALA G 2976 63.57 -4.58 131.65
C ALA G 2976 63.17 -6.01 131.94
N HIS G 2977 61.87 -6.30 131.89
CA HIS G 2977 61.41 -7.67 132.13
C HIS G 2977 61.96 -8.62 131.08
N LEU G 2978 61.95 -8.21 129.82
CA LEU G 2978 62.47 -9.05 128.75
C LEU G 2978 63.95 -9.33 128.95
N GLU G 2979 64.72 -8.30 129.31
CA GLU G 2979 66.13 -8.49 129.57
C GLU G 2979 66.35 -9.45 130.74
N ALA G 2980 65.56 -9.30 131.80
CA ALA G 2980 65.71 -10.18 132.96
C ALA G 2980 65.43 -11.63 132.58
N VAL G 2981 64.39 -11.87 131.79
CA VAL G 2981 64.02 -13.24 131.45
C VAL G 2981 65.03 -13.84 130.46
N VAL G 2982 65.56 -13.03 129.55
CA VAL G 2982 66.55 -13.55 128.60
C VAL G 2982 67.91 -13.68 129.28
N SER G 2983 68.04 -13.11 130.48
CA SER G 2983 69.26 -13.31 131.25
C SER G 2983 69.18 -14.58 132.10
N SER G 2984 68.14 -14.70 132.94
CA SER G 2984 68.01 -15.82 133.86
C SER G 2984 66.58 -16.35 133.81
N GLY G 2985 66.43 -17.60 133.38
CA GLY G 2985 65.13 -18.24 133.34
C GLY G 2985 64.44 -18.09 132.00
N ARG G 2986 64.32 -19.19 131.26
CA ARG G 2986 63.66 -19.15 129.94
C ARG G 2986 62.16 -19.17 130.18
N VAL G 2987 61.59 -18.00 130.44
CA VAL G 2987 60.19 -17.85 130.78
C VAL G 2987 59.51 -17.18 129.58
N GLU G 2988 58.64 -17.93 128.91
CA GLU G 2988 57.97 -17.46 127.70
C GLU G 2988 56.54 -16.99 127.93
N LYS G 2989 56.05 -16.82 129.17
CA LYS G 2989 54.69 -16.35 129.38
C LYS G 2989 54.48 -15.02 128.68
N SER G 2990 55.50 -14.17 128.69
CA SER G 2990 55.41 -12.85 128.08
C SER G 2990 54.18 -12.12 128.59
N PRO G 2991 54.18 -11.68 129.85
CA PRO G 2991 53.00 -10.98 130.37
C PRO G 2991 52.72 -9.65 129.70
N HIS G 2992 53.70 -9.09 128.98
CA HIS G 2992 53.52 -7.83 128.26
C HIS G 2992 53.60 -8.01 126.75
N GLU G 2993 53.16 -9.16 126.24
CA GLU G 2993 53.22 -9.39 124.79
C GLU G 2993 52.33 -8.40 124.05
N GLN G 2994 51.12 -8.16 124.58
CA GLN G 2994 50.23 -7.20 123.96
C GLN G 2994 50.84 -5.80 123.98
N GLU G 2995 51.45 -5.42 125.09
CA GLU G 2995 52.11 -4.12 125.17
C GLU G 2995 53.24 -4.02 124.16
N ILE G 2996 54.03 -5.08 124.02
CA ILE G 2996 55.11 -5.09 123.04
C ILE G 2996 54.56 -4.88 121.64
N LYS G 2997 53.52 -5.64 121.29
CA LYS G 2997 52.96 -5.53 119.95
C LYS G 2997 52.39 -4.14 119.70
N PHE G 2998 51.68 -3.58 120.69
CA PHE G 2998 51.17 -2.24 120.53
C PHE G 2998 52.30 -1.25 120.30
N PHE G 2999 53.31 -1.27 121.18
CA PHE G 2999 54.40 -0.31 121.09
C PHE G 2999 55.11 -0.42 119.74
N ALA G 3000 55.29 -1.64 119.24
CA ALA G 3000 56.09 -1.83 118.02
C ALA G 3000 55.28 -1.66 116.75
N LYS G 3001 53.96 -1.83 116.80
CA LYS G 3001 53.16 -1.84 115.58
C LYS G 3001 52.26 -0.62 115.43
N ILE G 3002 52.02 0.14 116.50
CA ILE G 3002 51.13 1.29 116.42
C ILE G 3002 51.91 2.55 116.79
N LEU G 3003 52.51 2.56 117.97
CA LEU G 3003 53.15 3.78 118.46
C LEU G 3003 54.29 4.19 117.53
N LEU G 3004 55.15 3.25 117.16
CA LEU G 3004 56.32 3.62 116.35
C LEU G 3004 55.92 4.19 115.00
N PRO G 3005 55.08 3.52 114.18
CA PRO G 3005 54.61 4.16 112.95
C PRO G 3005 53.87 5.46 113.20
N LEU G 3006 53.07 5.52 114.28
CA LEU G 3006 52.33 6.73 114.58
C LEU G 3006 53.28 7.89 114.85
N ILE G 3007 54.30 7.65 115.68
CA ILE G 3007 55.30 8.68 115.93
C ILE G 3007 55.99 9.07 114.62
N ASN G 3008 56.41 8.07 113.85
CA ASN G 3008 57.12 8.34 112.61
C ASN G 3008 56.34 9.28 111.71
N GLN G 3009 55.05 9.00 111.52
CA GLN G 3009 54.26 9.84 110.62
C GLN G 3009 53.91 11.19 111.26
N TYR G 3010 53.52 11.19 112.53
CA TYR G 3010 53.05 12.42 113.16
C TYR G 3010 54.15 13.46 113.24
N PHE G 3011 55.32 13.07 113.75
CA PHE G 3011 56.39 14.05 113.90
C PHE G 3011 57.14 14.31 112.61
N THR G 3012 56.88 13.52 111.57
CA THR G 3012 57.28 13.90 110.22
C THR G 3012 56.39 14.99 109.67
N ASN G 3013 55.08 14.87 109.87
CA ASN G 3013 54.14 15.84 109.33
C ASN G 3013 54.20 17.16 110.08
N HIS G 3014 54.31 17.13 111.40
CA HIS G 3014 54.22 18.32 112.23
C HIS G 3014 55.59 18.75 112.75
N CYS G 3015 56.62 18.59 111.94
CA CYS G 3015 57.96 18.97 112.36
C CYS G 3015 58.06 20.48 112.58
N LEU G 3016 57.48 21.27 111.67
CA LEU G 3016 57.61 22.71 111.77
C LEU G 3016 56.89 23.27 112.99
N TYR G 3017 55.76 22.67 113.36
CA TYR G 3017 55.01 23.17 114.51
C TYR G 3017 55.85 23.07 115.77
N PHE G 3018 56.61 21.99 115.93
CA PHE G 3018 57.41 21.80 117.13
C PHE G 3018 58.72 22.58 117.10
N LEU G 3019 59.12 23.09 115.94
CA LEU G 3019 60.34 23.89 115.82
C LEU G 3019 60.08 25.38 115.78
N SER G 3020 58.86 25.81 115.48
CA SER G 3020 58.55 27.23 115.43
C SER G 3020 58.57 27.84 116.82
N THR G 3021 58.92 29.12 116.88
CA THR G 3021 58.93 29.89 118.12
C THR G 3021 58.13 31.17 117.92
N PRO G 3022 57.72 31.83 119.00
CA PRO G 3022 56.93 33.06 118.85
C PRO G 3022 57.62 34.08 117.95
N ALA G 3023 58.94 34.18 118.06
CA ALA G 3023 59.67 35.13 117.23
C ALA G 3023 59.61 34.74 115.76
N LYS G 3024 59.88 33.48 115.44
CA LYS G 3024 59.91 32.99 114.06
C LYS G 3024 58.94 31.82 113.93
N VAL G 3025 57.96 31.96 113.04
CA VAL G 3025 56.94 30.93 112.83
C VAL G 3025 57.33 30.20 111.55
N LEU G 3026 58.04 29.08 111.70
CA LEU G 3026 58.46 28.31 110.55
C LEU G 3026 57.27 27.70 109.81
N GLY G 3027 56.28 27.18 110.53
CA GLY G 3027 55.15 26.51 109.93
C GLY G 3027 54.10 27.48 109.44
N SER G 3028 53.00 26.91 108.97
CA SER G 3028 51.88 27.70 108.47
C SER G 3028 51.32 28.58 109.59
N GLY G 3029 50.85 27.96 110.65
CA GLY G 3029 50.32 28.70 111.79
C GLY G 3029 50.39 27.90 113.07
N GLY G 3030 50.68 28.57 114.19
CA GLY G 3030 50.78 27.91 115.47
C GLY G 3030 52.17 27.38 115.74
N HIS G 3031 52.62 27.51 116.99
CA HIS G 3031 53.92 27.03 117.41
C HIS G 3031 53.77 26.25 118.70
N ALA G 3032 54.58 25.20 118.86
CA ALA G 3032 54.50 24.37 120.05
C ALA G 3032 54.90 25.17 121.28
N SER G 3033 54.26 24.83 122.40
CA SER G 3033 54.62 25.47 123.66
C SER G 3033 55.91 24.89 124.21
N ASN G 3034 56.49 25.61 125.17
CA ASN G 3034 57.72 25.13 125.80
C ASN G 3034 57.49 23.77 126.45
N LYS G 3035 56.30 23.55 127.02
CA LYS G 3035 56.00 22.25 127.60
C LYS G 3035 56.00 21.16 126.54
N GLU G 3036 55.43 21.44 125.37
CA GLU G 3036 55.42 20.46 124.29
C GLU G 3036 56.83 20.16 123.80
N LYS G 3037 57.66 21.20 123.67
CA LYS G 3037 59.04 20.99 123.26
C LYS G 3037 59.79 20.15 124.27
N GLU G 3038 59.58 20.42 125.55
CA GLU G 3038 60.21 19.62 126.59
C GLU G 3038 59.74 18.17 126.54
N MET G 3039 58.45 17.96 126.30
CA MET G 3039 57.92 16.60 126.22
C MET G 3039 58.50 15.84 125.04
N ILE G 3040 58.63 16.51 123.89
CA ILE G 3040 59.20 15.80 122.73
C ILE G 3040 60.67 15.52 122.96
N THR G 3041 61.40 16.42 123.62
CA THR G 3041 62.79 16.13 123.98
C THR G 3041 62.87 14.93 124.92
N SER G 3042 61.99 14.88 125.91
CA SER G 3042 61.97 13.74 126.82
C SER G 3042 61.65 12.45 126.07
N LEU G 3043 60.73 12.52 125.11
CA LEU G 3043 60.41 11.35 124.31
C LEU G 3043 61.63 10.86 123.55
N PHE G 3044 62.35 11.77 122.91
CA PHE G 3044 63.55 11.38 122.18
C PHE G 3044 64.57 10.74 123.11
N CYS G 3045 64.84 11.37 124.25
CA CYS G 3045 65.84 10.83 125.17
C CYS G 3045 65.42 9.47 125.70
N LYS G 3046 64.15 9.32 126.06
CA LYS G 3046 63.69 8.04 126.59
C LYS G 3046 63.76 6.94 125.55
N LEU G 3047 63.39 7.24 124.30
CA LEU G 3047 63.50 6.23 123.25
C LEU G 3047 64.94 5.84 123.00
N ALA G 3048 65.85 6.83 122.99
CA ALA G 3048 67.26 6.52 122.81
C ALA G 3048 67.77 5.64 123.94
N ALA G 3049 67.44 5.97 125.18
CA ALA G 3049 67.86 5.15 126.30
C ALA G 3049 67.27 3.75 126.22
N LEU G 3050 66.02 3.63 125.76
CA LEU G 3050 65.40 2.33 125.58
C LEU G 3050 66.18 1.48 124.59
N VAL G 3051 66.54 2.06 123.43
CA VAL G 3051 67.21 1.27 122.42
C VAL G 3051 68.69 1.06 122.74
N ARG G 3052 69.26 1.82 123.67
CA ARG G 3052 70.67 1.71 124.00
C ARG G 3052 71.06 0.26 124.32
N HIS G 3053 71.99 -0.29 123.54
CA HIS G 3053 72.51 -1.64 123.75
C HIS G 3053 71.42 -2.70 123.76
N ARG G 3054 70.31 -2.43 123.09
CA ARG G 3054 69.18 -3.37 123.08
C ARG G 3054 68.56 -3.47 121.71
N VAL G 3055 69.37 -3.29 120.65
CA VAL G 3055 68.87 -3.41 119.29
C VAL G 3055 68.37 -4.83 119.02
N SER G 3056 69.11 -5.83 119.49
CA SER G 3056 68.73 -7.22 119.25
C SER G 3056 67.38 -7.52 119.91
N LEU G 3057 67.12 -6.95 121.08
CA LEU G 3057 65.86 -7.20 121.76
C LEU G 3057 64.67 -6.80 120.90
N PHE G 3058 64.76 -5.65 120.24
CA PHE G 3058 63.71 -5.23 119.32
C PHE G 3058 63.75 -6.01 118.01
N GLY G 3059 64.91 -6.48 117.59
CA GLY G 3059 64.98 -7.33 116.41
C GLY G 3059 64.52 -6.58 115.17
N THR G 3060 63.48 -7.10 114.52
CA THR G 3060 63.01 -6.54 113.26
C THR G 3060 62.38 -5.17 113.41
N ASP G 3061 62.08 -4.72 114.63
CA ASP G 3061 61.56 -3.38 114.86
C ASP G 3061 62.65 -2.36 115.12
N ALA G 3062 63.91 -2.81 115.23
CA ALA G 3062 65.01 -1.87 115.44
C ALA G 3062 65.09 -0.82 114.34
N PRO G 3063 64.92 -1.16 113.06
CA PRO G 3063 64.86 -0.09 112.04
C PRO G 3063 63.77 0.93 112.31
N ALA G 3064 62.60 0.48 112.78
CA ALA G 3064 61.54 1.42 113.10
C ALA G 3064 61.93 2.33 114.25
N VAL G 3065 62.56 1.77 115.29
CA VAL G 3065 62.99 2.60 116.41
C VAL G 3065 64.01 3.63 115.95
N VAL G 3066 64.95 3.21 115.12
CA VAL G 3066 65.99 4.12 114.64
C VAL G 3066 65.38 5.22 113.79
N ASN G 3067 64.42 4.87 112.93
CA ASN G 3067 63.76 5.89 112.12
C ASN G 3067 63.01 6.88 113.00
N CYS G 3068 62.31 6.39 114.01
CA CYS G 3068 61.61 7.29 114.92
C CYS G 3068 62.59 8.21 115.64
N LEU G 3069 63.75 7.68 116.02
CA LEU G 3069 64.77 8.52 116.66
C LEU G 3069 65.25 9.59 115.70
N HIS G 3070 65.47 9.24 114.43
CA HIS G 3070 65.85 10.23 113.43
C HIS G 3070 64.81 11.35 113.37
N ILE G 3071 63.53 10.96 113.30
CA ILE G 3071 62.47 11.96 113.13
C ILE G 3071 62.39 12.86 114.35
N LEU G 3072 62.45 12.28 115.54
CA LEU G 3072 62.39 13.08 116.77
C LEU G 3072 63.58 14.02 116.86
N ALA G 3073 64.77 13.53 116.52
CA ALA G 3073 65.95 14.39 116.53
C ALA G 3073 65.79 15.57 115.57
N ARG G 3074 65.26 15.31 114.38
CA ARG G 3074 65.01 16.40 113.44
C ARG G 3074 63.88 17.31 113.88
N SER G 3075 63.04 16.86 114.81
CA SER G 3075 61.95 17.70 115.33
C SER G 3075 62.28 18.30 116.71
N LEU G 3076 63.51 18.14 117.19
CA LEU G 3076 63.90 18.58 118.53
C LEU G 3076 64.21 20.08 118.52
N ASP G 3077 63.65 20.82 119.48
CA ASP G 3077 63.97 22.24 119.68
C ASP G 3077 64.94 22.37 120.86
N ALA G 3078 66.19 22.01 120.58
CA ALA G 3078 67.20 21.95 121.64
C ALA G 3078 67.51 23.33 122.21
N ARG G 3079 67.51 24.37 121.39
CA ARG G 3079 67.81 25.70 121.88
C ARG G 3079 66.87 26.09 123.02
N THR G 3080 65.57 26.10 122.75
CA THR G 3080 64.60 26.49 123.76
C THR G 3080 64.62 25.52 124.94
N VAL G 3081 64.71 24.22 124.65
CA VAL G 3081 64.66 23.24 125.74
C VAL G 3081 65.82 23.47 126.70
N MET G 3082 67.01 23.75 126.18
CA MET G 3082 68.17 23.94 127.03
C MET G 3082 68.16 25.30 127.71
N LYS G 3083 67.63 26.33 127.05
CA LYS G 3083 67.58 27.66 127.65
C LYS G 3083 66.58 27.70 128.80
N SER G 3084 65.31 27.43 128.51
CA SER G 3084 64.25 27.49 129.51
C SER G 3084 63.55 26.13 129.54
N GLY G 3085 64.05 25.22 130.36
CA GLY G 3085 63.46 23.92 130.49
C GLY G 3085 63.75 23.29 131.84
N PRO G 3086 62.93 22.33 132.25
CA PRO G 3086 63.17 21.67 133.54
C PRO G 3086 64.52 20.98 133.59
N GLU G 3087 65.12 21.00 134.78
CA GLU G 3087 66.39 20.33 134.96
C GLU G 3087 66.32 18.85 134.62
N ILE G 3088 65.14 18.25 134.76
CA ILE G 3088 65.02 16.82 134.47
C ILE G 3088 65.23 16.56 132.98
N VAL G 3089 64.55 17.32 132.13
CA VAL G 3089 64.70 17.13 130.68
C VAL G 3089 66.09 17.56 130.23
N LYS G 3090 66.62 18.64 130.82
CA LYS G 3090 67.98 19.05 130.47
C LYS G 3090 68.97 17.95 130.81
N ALA G 3091 68.84 17.34 131.99
CA ALA G 3091 69.72 16.24 132.37
C ALA G 3091 69.51 15.04 131.47
N GLY G 3092 68.28 14.82 130.99
CA GLY G 3092 68.05 13.74 130.06
C GLY G 3092 68.84 13.92 128.77
N LEU G 3093 68.79 15.13 128.21
CA LEU G 3093 69.55 15.40 126.99
C LEU G 3093 71.05 15.28 127.25
N ARG G 3094 71.52 15.84 128.37
CA ARG G 3094 72.94 15.73 128.70
C ARG G 3094 73.36 14.27 128.87
N SER G 3095 72.50 13.45 129.47
CA SER G 3095 72.80 12.03 129.62
C SER G 3095 72.84 11.33 128.28
N PHE G 3096 71.95 11.70 127.36
CA PHE G 3096 72.03 11.14 126.02
C PHE G 3096 73.39 11.43 125.40
N PHE G 3097 73.83 12.68 125.46
CA PHE G 3097 75.13 13.02 124.87
C PHE G 3097 76.27 12.28 125.57
N GLU G 3098 76.23 12.22 126.91
CA GLU G 3098 77.29 11.55 127.64
C GLU G 3098 77.36 10.07 127.30
N SER G 3099 76.21 9.40 127.24
CA SER G 3099 76.18 7.99 126.88
C SER G 3099 76.66 7.78 125.45
N ALA G 3100 76.29 8.68 124.54
CA ALA G 3100 76.78 8.58 123.18
C ALA G 3100 78.31 8.66 123.15
N SER G 3101 78.88 9.61 123.89
CA SER G 3101 80.34 9.73 123.92
C SER G 3101 80.98 8.48 124.49
N GLU G 3102 80.42 7.95 125.57
CA GLU G 3102 80.99 6.74 126.19
C GLU G 3102 80.94 5.56 125.22
N ASP G 3103 79.81 5.37 124.54
CA ASP G 3103 79.69 4.27 123.60
C ASP G 3103 80.65 4.44 122.44
N ILE G 3104 80.82 5.67 121.95
CA ILE G 3104 81.76 5.92 120.87
C ILE G 3104 83.17 5.59 121.32
N GLU G 3105 83.54 5.99 122.53
CA GLU G 3105 84.88 5.68 123.04
C GLU G 3105 85.09 4.18 123.13
N LYS G 3106 84.11 3.45 123.66
CA LYS G 3106 84.27 2.00 123.78
C LYS G 3106 84.38 1.35 122.41
N MET G 3107 83.56 1.81 121.45
CA MET G 3107 83.64 1.26 120.10
C MET G 3107 85.00 1.55 119.48
N VAL G 3108 85.54 2.75 119.70
CA VAL G 3108 86.82 3.11 119.10
C VAL G 3108 87.94 2.25 119.68
N GLU G 3109 87.97 2.12 121.01
CA GLU G 3109 89.04 1.32 121.62
C GLU G 3109 88.92 -0.15 121.23
N ASN G 3110 87.70 -0.68 121.16
CA ASN G 3110 87.53 -2.05 120.70
C ASN G 3110 87.98 -2.20 119.24
N LEU G 3111 87.65 -1.22 118.40
CA LEU G 3111 88.01 -1.29 117.00
C LEU G 3111 89.52 -1.28 116.81
N ARG G 3112 90.22 -0.44 117.57
CA ARG G 3112 91.68 -0.43 117.53
C ARG G 3112 92.29 -1.60 118.28
N LEU G 3113 91.51 -2.33 119.07
CA LEU G 3113 91.99 -3.51 119.77
C LEU G 3113 93.20 -3.17 120.64
N LYS G 3124 80.53 -10.58 124.90
CA LYS G 3124 79.33 -10.18 124.19
C LYS G 3124 79.22 -8.66 124.14
N GLY G 3125 79.89 -8.01 125.09
CA GLY G 3125 79.87 -6.55 125.12
C GLY G 3125 80.42 -5.93 123.85
N VAL G 3126 81.47 -6.54 123.30
CA VAL G 3126 82.05 -6.03 122.05
C VAL G 3126 81.01 -6.03 120.95
N GLY G 3127 80.33 -7.16 120.77
CA GLY G 3127 79.31 -7.25 119.73
C GLY G 3127 78.16 -6.29 119.98
N GLN G 3128 77.70 -6.22 121.23
CA GLN G 3128 76.61 -5.31 121.55
C GLN G 3128 76.96 -3.88 121.19
N ASN G 3129 78.12 -3.41 121.67
CA ASN G 3129 78.51 -2.02 121.41
C ASN G 3129 78.71 -1.78 119.92
N LEU G 3130 79.36 -2.71 119.23
CA LEU G 3130 79.62 -2.50 117.81
C LEU G 3130 78.31 -2.39 117.03
N THR G 3131 77.42 -3.37 117.19
CA THR G 3131 76.17 -3.34 116.44
C THR G 3131 75.34 -2.12 116.82
N TYR G 3132 75.25 -1.79 118.11
CA TYR G 3132 74.46 -0.64 118.53
C TYR G 3132 75.03 0.65 117.93
N THR G 3133 76.33 0.88 118.09
CA THR G 3133 76.92 2.12 117.60
C THR G 3133 76.80 2.22 116.08
N THR G 3134 76.91 1.10 115.39
CA THR G 3134 76.87 1.15 113.93
C THR G 3134 75.44 1.33 113.41
N VAL G 3135 74.45 0.80 114.11
CA VAL G 3135 73.09 0.80 113.57
C VAL G 3135 72.24 1.95 114.11
N ALA G 3136 72.34 2.28 115.40
CA ALA G 3136 71.46 3.27 116.01
C ALA G 3136 72.20 4.54 116.38
N LEU G 3137 73.29 4.45 117.14
CA LEU G 3137 73.93 5.64 117.68
C LEU G 3137 74.49 6.55 116.61
N LEU G 3138 75.43 6.05 115.81
CA LEU G 3138 76.10 6.89 114.83
C LEU G 3138 75.14 7.56 113.87
N PRO G 3139 74.18 6.86 113.26
CA PRO G 3139 73.19 7.56 112.42
C PRO G 3139 72.40 8.60 113.18
N VAL G 3140 71.91 8.25 114.37
CA VAL G 3140 71.09 9.19 115.15
C VAL G 3140 71.94 10.36 115.61
N LEU G 3141 73.17 10.10 116.05
CA LEU G 3141 74.05 11.19 116.46
C LEU G 3141 74.36 12.12 115.30
N THR G 3142 74.61 11.54 114.12
CA THR G 3142 74.85 12.37 112.94
C THR G 3142 73.63 13.23 112.61
N THR G 3143 72.44 12.64 112.68
CA THR G 3143 71.23 13.40 112.40
C THR G 3143 71.06 14.53 113.40
N LEU G 3144 71.30 14.27 114.69
CA LEU G 3144 71.14 15.30 115.70
C LEU G 3144 72.14 16.43 115.49
N PHE G 3145 73.40 16.09 115.20
CA PHE G 3145 74.41 17.12 114.96
C PHE G 3145 74.06 17.94 113.72
N GLN G 3146 73.58 17.28 112.66
CA GLN G 3146 73.19 18.01 111.46
C GLN G 3146 72.03 18.95 111.74
N HIS G 3147 71.04 18.49 112.52
CA HIS G 3147 69.92 19.35 112.87
C HIS G 3147 70.38 20.56 113.67
N ILE G 3148 71.25 20.34 114.66
CA ILE G 3148 71.76 21.44 115.47
C ILE G 3148 72.51 22.44 114.60
N ALA G 3149 73.39 21.95 113.72
CA ALA G 3149 74.15 22.84 112.86
C ALA G 3149 73.26 23.61 111.90
N GLN G 3150 72.25 22.95 111.33
CA GLN G 3150 71.37 23.62 110.38
C GLN G 3150 70.53 24.69 111.05
N HIS G 3151 70.08 24.46 112.29
CA HIS G 3151 69.25 25.42 112.99
C HIS G 3151 70.05 26.36 113.89
N GLN G 3152 71.38 26.27 113.86
CA GLN G 3152 72.23 27.20 114.60
C GLN G 3152 72.02 27.07 116.11
N PHE G 3153 71.73 25.85 116.55
CA PHE G 3153 71.57 25.55 117.96
C PHE G 3153 72.88 25.25 118.66
N GLY G 3154 74.00 25.27 117.94
CA GLY G 3154 75.26 24.87 118.54
C GLY G 3154 75.69 25.76 119.68
N ASP G 3155 75.56 27.07 119.51
CA ASP G 3155 76.01 28.01 120.54
C ASP G 3155 75.14 27.97 121.79
N ASP G 3156 73.95 27.39 121.71
CA ASP G 3156 73.05 27.33 122.85
C ASP G 3156 72.90 25.93 123.44
N VAL G 3157 73.21 24.88 122.69
CA VAL G 3157 73.03 23.51 123.14
C VAL G 3157 74.34 22.91 123.61
N ILE G 3158 75.39 23.03 122.81
CA ILE G 3158 76.67 22.38 123.11
C ILE G 3158 77.50 23.28 124.01
N LEU G 3159 77.23 23.21 125.31
CA LEU G 3159 77.96 23.98 126.31
C LEU G 3159 78.15 23.13 127.56
N ASP G 3160 79.20 23.45 128.32
CA ASP G 3160 79.47 22.78 129.58
C ASP G 3160 79.56 21.27 129.40
N ASP G 3161 78.69 20.51 130.06
CA ASP G 3161 78.80 19.06 130.03
C ASP G 3161 78.60 18.52 128.62
N VAL G 3162 77.65 19.09 127.89
CA VAL G 3162 77.45 18.68 126.50
C VAL G 3162 78.69 18.97 125.68
N GLN G 3163 79.34 20.10 125.94
CA GLN G 3163 80.57 20.42 125.24
C GLN G 3163 81.66 19.40 125.55
N VAL G 3164 81.77 18.99 126.80
CA VAL G 3164 82.79 18.00 127.16
C VAL G 3164 82.50 16.68 126.47
N SER G 3165 81.23 16.25 126.46
CA SER G 3165 80.88 14.99 125.81
C SER G 3165 81.17 15.05 124.31
N CYS G 3166 80.84 16.17 123.67
CA CYS G 3166 81.12 16.32 122.25
C CYS G 3166 82.62 16.37 121.98
N TYR G 3167 83.38 17.00 122.87
CA TYR G 3167 84.83 16.97 122.78
C TYR G 3167 85.34 15.53 122.79
N ARG G 3168 84.84 14.73 123.73
CA ARG G 3168 85.29 13.34 123.80
C ARG G 3168 84.93 12.58 122.53
N THR G 3169 83.70 12.74 122.05
CA THR G 3169 83.29 12.05 120.84
C THR G 3169 84.18 12.42 119.66
N LEU G 3170 84.38 13.73 119.44
CA LEU G 3170 85.22 14.19 118.34
C LEU G 3170 86.65 13.67 118.49
N CYS G 3171 87.20 13.75 119.69
CA CYS G 3171 88.60 13.49 119.92
C CYS G 3171 88.89 11.99 119.92
N SER G 3172 87.87 11.15 120.04
CA SER G 3172 87.99 9.71 119.84
C SER G 3172 87.80 9.31 118.38
N ILE G 3173 86.80 9.89 117.71
CA ILE G 3173 86.62 9.59 116.29
C ILE G 3173 87.86 9.97 115.50
N TYR G 3174 88.44 11.14 115.79
CA TYR G 3174 89.70 11.50 115.13
C TYR G 3174 90.83 10.57 115.54
N SER G 3175 90.92 10.22 116.83
CA SER G 3175 91.98 9.32 117.27
C SER G 3175 91.91 7.99 116.54
N LEU G 3176 90.74 7.61 116.07
CA LEU G 3176 90.60 6.42 115.24
C LEU G 3176 91.14 6.69 113.85
N GLY G 3177 92.44 7.01 113.75
CA GLY G 3177 93.04 7.30 112.47
C GLY G 3177 94.46 6.75 112.34
N THR G 3178 94.93 6.06 113.38
CA THR G 3178 96.26 5.47 113.38
C THR G 3178 96.21 3.95 113.22
N THR G 3179 95.09 3.42 112.77
CA THR G 3179 94.89 1.99 112.63
C THR G 3179 94.53 1.65 111.18
N ARG G 3180 94.56 0.35 110.87
CA ARG G 3180 94.28 -0.10 109.52
C ARG G 3180 93.42 -1.36 109.50
N ASN G 3181 92.62 -1.62 110.53
CA ASN G 3181 91.83 -2.84 110.56
C ASN G 3181 90.78 -2.82 109.45
N PRO G 3182 90.40 -3.98 108.91
CA PRO G 3182 89.33 -4.01 107.91
C PRO G 3182 88.03 -3.44 108.46
N TYR G 3183 87.79 -3.66 109.75
CA TYR G 3183 86.60 -3.09 110.38
C TYR G 3183 86.64 -1.57 110.33
N VAL G 3184 87.79 -0.98 110.64
CA VAL G 3184 87.95 0.47 110.55
C VAL G 3184 87.75 0.92 109.11
N GLU G 3185 88.27 0.14 108.16
CA GLU G 3185 88.12 0.51 106.75
C GLU G 3185 86.65 0.58 106.37
N LYS G 3186 85.84 -0.36 106.85
CA LYS G 3186 84.42 -0.38 106.54
C LYS G 3186 83.64 0.69 107.29
N LEU G 3187 84.05 1.04 108.50
CA LEU G 3187 83.32 2.01 109.31
C LEU G 3187 83.78 3.45 109.12
N ARG G 3188 84.84 3.69 108.36
CA ARG G 3188 85.34 5.05 108.21
C ARG G 3188 84.31 6.02 107.65
N PRO G 3189 83.52 5.68 106.62
CA PRO G 3189 82.57 6.67 106.08
C PRO G 3189 81.59 7.22 107.11
N ALA G 3190 80.99 6.35 107.92
CA ALA G 3190 80.03 6.81 108.93
C ALA G 3190 80.70 7.69 109.97
N LEU G 3191 81.90 7.30 110.42
CA LEU G 3191 82.64 8.13 111.35
C LEU G 3191 82.96 9.49 110.75
N GLY G 3192 83.32 9.53 109.48
CA GLY G 3192 83.61 10.79 108.83
C GLY G 3192 82.39 11.70 108.74
N GLU G 3193 81.25 11.11 108.38
CA GLU G 3193 80.02 11.91 108.33
C GLU G 3193 79.66 12.45 109.72
N CYS G 3194 79.77 11.61 110.74
CA CYS G 3194 79.48 12.06 112.10
C CYS G 3194 80.42 13.18 112.51
N LEU G 3195 81.72 13.04 112.20
CA LEU G 3195 82.67 14.07 112.56
C LEU G 3195 82.41 15.36 111.81
N ALA G 3196 82.01 15.26 110.54
CA ALA G 3196 81.69 16.46 109.79
C ALA G 3196 80.51 17.21 110.41
N ARG G 3197 79.46 16.48 110.77
CA ARG G 3197 78.31 17.12 111.41
C ARG G 3197 78.70 17.71 112.76
N LEU G 3198 79.52 17.00 113.53
CA LEU G 3198 79.95 17.51 114.82
C LEU G 3198 80.79 18.77 114.66
N ALA G 3199 81.68 18.80 113.66
CA ALA G 3199 82.47 20.00 113.42
C ALA G 3199 81.60 21.16 112.99
N ALA G 3200 80.56 20.89 112.19
CA ALA G 3200 79.62 21.94 111.84
C ALA G 3200 78.90 22.49 113.07
N ALA G 3201 78.50 21.61 113.99
CA ALA G 3201 77.69 22.03 115.13
C ALA G 3201 78.49 22.60 116.29
N MET G 3202 79.77 22.25 116.41
CA MET G 3202 80.57 22.64 117.57
C MET G 3202 80.68 24.17 117.65
N PRO G 3203 80.42 24.78 118.81
CA PRO G 3203 80.58 26.22 118.96
C PRO G 3203 81.97 26.68 119.37
N VAL G 3204 82.95 25.78 119.44
CA VAL G 3204 84.32 26.13 119.83
C VAL G 3204 85.25 25.72 118.70
N ALA G 3205 86.17 26.62 118.35
CA ALA G 3205 87.16 26.33 117.33
C ALA G 3205 88.22 25.38 117.88
N PHE G 3206 87.93 24.07 117.85
CA PHE G 3206 88.82 23.10 118.45
C PHE G 3206 90.13 22.95 117.68
N LEU G 3207 90.22 23.47 116.46
CA LEU G 3207 91.44 23.44 115.69
C LEU G 3207 92.29 24.69 115.91
N GLU G 3208 91.79 25.67 116.65
CA GLU G 3208 92.49 26.92 116.92
C GLU G 3208 92.43 27.22 118.40
N PRO G 3209 93.01 26.36 119.24
CA PRO G 3209 92.96 26.62 120.69
C PRO G 3209 93.64 27.91 121.11
N GLU G 3210 94.61 28.40 120.33
CA GLU G 3210 95.34 29.60 120.73
C GLU G 3210 94.41 30.80 120.89
N LEU G 3211 93.33 30.85 120.12
CA LEU G 3211 92.39 31.97 120.16
C LEU G 3211 91.16 31.66 120.98
N ASN G 3212 91.17 30.58 121.77
CA ASN G 3212 89.97 30.18 122.51
C ASN G 3212 89.57 31.23 123.53
N GLU G 3213 90.50 32.10 123.93
CA GLU G 3213 90.20 33.07 124.97
C GLU G 3213 89.11 34.05 124.52
N TYR G 3214 88.95 34.25 123.21
CA TYR G 3214 87.96 35.17 122.67
C TYR G 3214 86.63 34.51 122.39
N ASN G 3215 86.37 33.33 122.94
CA ASN G 3215 85.16 32.57 122.69
C ASN G 3215 84.28 32.59 123.94
N ALA G 3216 83.05 33.08 123.80
CA ALA G 3216 82.11 33.12 124.90
C ALA G 3216 81.37 31.80 125.11
N CYS G 3217 81.47 30.87 124.16
CA CYS G 3217 80.83 29.57 124.29
C CYS G 3217 81.73 28.50 124.87
N SER G 3218 83.05 28.72 124.85
CA SER G 3218 83.97 27.72 125.36
C SER G 3218 83.72 27.46 126.84
N VAL G 3219 83.89 26.20 127.25
CA VAL G 3219 83.69 25.84 128.64
C VAL G 3219 84.70 26.57 129.52
N TYR G 3220 85.91 26.76 129.01
CA TYR G 3220 86.94 27.43 129.80
C TYR G 3220 86.60 28.89 130.09
N THR G 3221 85.62 29.45 129.38
CA THR G 3221 85.11 30.79 129.66
C THR G 3221 83.79 30.75 130.43
N THR G 3222 82.91 29.81 130.08
CA THR G 3222 81.63 29.72 130.77
C THR G 3222 81.81 29.32 132.23
N LYS G 3223 82.72 28.40 132.51
CA LYS G 3223 82.94 27.89 133.85
C LYS G 3223 84.20 28.52 134.44
N SER G 3224 84.10 28.93 135.70
CA SER G 3224 85.23 29.57 136.37
C SER G 3224 86.32 28.53 136.66
N PRO G 3225 87.56 29.00 136.87
CA PRO G 3225 88.64 28.04 137.20
C PRO G 3225 88.36 27.23 138.44
N ARG G 3226 87.59 27.77 139.39
CA ARG G 3226 87.19 26.96 140.54
C ARG G 3226 86.37 25.77 140.08
N GLU G 3227 85.47 25.98 139.13
CA GLU G 3227 84.87 24.88 138.40
C GLU G 3227 85.88 24.37 137.38
N ARG G 3228 85.56 23.28 136.69
CA ARG G 3228 86.47 22.64 135.74
C ARG G 3228 87.58 21.90 136.49
N ALA G 3229 87.65 22.08 137.80
CA ALA G 3229 88.47 21.21 138.63
C ALA G 3229 87.60 20.26 139.43
N ILE G 3230 86.37 20.66 139.72
CA ILE G 3230 85.37 19.73 140.23
C ILE G 3230 85.16 18.60 139.23
N LEU G 3231 85.14 18.93 137.94
CA LEU G 3231 85.17 17.93 136.89
C LEU G 3231 86.61 17.54 136.60
N GLY G 3232 86.83 16.77 135.54
CA GLY G 3232 88.17 16.33 135.20
C GLY G 3232 88.80 17.15 134.08
N LEU G 3233 88.29 18.36 133.87
CA LEU G 3233 88.72 19.16 132.74
C LEU G 3233 90.20 19.48 132.87
N PRO G 3234 91.00 19.29 131.81
CA PRO G 3234 92.41 19.70 131.88
C PRO G 3234 92.56 21.18 132.19
N ASN G 3235 93.80 21.60 132.40
CA ASN G 3235 94.06 22.99 132.74
C ASN G 3235 93.82 23.91 131.55
N SER G 3236 94.02 23.41 130.33
CA SER G 3236 93.97 24.24 129.14
C SER G 3236 93.19 23.57 128.02
N VAL G 3237 92.55 24.41 127.21
CA VAL G 3237 91.84 23.93 126.03
C VAL G 3237 92.82 23.22 125.09
N GLU G 3238 94.09 23.62 125.11
CA GLU G 3238 95.10 22.90 124.35
C GLU G 3238 95.19 21.45 124.79
N GLU G 3239 95.13 21.20 126.10
CA GLU G 3239 95.17 19.84 126.63
C GLU G 3239 93.81 19.17 126.62
N MET G 3240 92.74 19.88 126.24
CA MET G 3240 91.44 19.25 126.06
C MET G 3240 91.63 17.89 125.38
N CYS G 3241 92.24 17.87 124.21
CA CYS G 3241 92.88 16.66 123.70
C CYS G 3241 93.92 17.09 122.67
N PRO G 3242 95.18 16.68 122.80
CA PRO G 3242 96.22 17.23 121.91
C PRO G 3242 96.46 16.39 120.66
N ASP G 3243 95.63 15.38 120.43
CA ASP G 3243 95.85 14.45 119.32
C ASP G 3243 95.28 14.95 118.01
N ILE G 3244 94.61 16.09 117.99
CA ILE G 3244 94.10 16.71 116.77
C ILE G 3244 95.03 17.85 116.40
N PRO G 3245 95.74 17.78 115.26
CA PRO G 3245 96.64 18.88 114.91
C PRO G 3245 95.90 20.18 114.70
N VAL G 3246 96.59 21.29 114.97
CA VAL G 3246 95.98 22.60 114.79
C VAL G 3246 95.69 22.84 113.31
N LEU G 3247 94.90 23.89 113.04
CA LEU G 3247 94.45 24.15 111.69
C LEU G 3247 95.61 24.32 110.73
N GLU G 3248 96.64 25.06 111.14
CA GLU G 3248 97.79 25.29 110.25
C GLU G 3248 98.47 23.98 109.92
N ARG G 3249 98.70 23.13 110.92
CA ARG G 3249 99.35 21.85 110.69
C ARG G 3249 98.51 20.97 109.77
N LEU G 3250 97.20 20.93 109.99
CA LEU G 3250 96.34 20.10 109.16
C LEU G 3250 96.36 20.57 107.71
N MET G 3251 96.26 21.89 107.50
CA MET G 3251 96.29 22.42 106.14
C MET G 3251 97.63 22.13 105.47
N ALA G 3252 98.72 22.29 106.22
CA ALA G 3252 100.04 22.00 105.66
C ALA G 3252 100.14 20.54 105.26
N GLU G 3253 99.67 19.63 106.12
CA GLU G 3253 99.75 18.21 105.81
C GLU G 3253 98.92 17.88 104.56
N ILE G 3254 97.70 18.41 104.49
CA ILE G 3254 96.84 18.11 103.34
C ILE G 3254 97.48 18.65 102.06
N GLY G 3255 98.00 19.88 102.10
CA GLY G 3255 98.65 20.43 100.92
C GLY G 3255 99.87 19.61 100.51
N GLY G 3256 100.69 19.23 101.49
CA GLY G 3256 101.85 18.43 101.17
C GLY G 3256 101.49 17.11 100.53
N LEU G 3257 100.47 16.44 101.07
CA LEU G 3257 100.04 15.18 100.48
C LEU G 3257 99.52 15.38 99.07
N ALA G 3258 98.71 16.43 98.85
CA ALA G 3258 98.14 16.67 97.53
C ALA G 3258 99.25 16.93 96.52
N GLU G 3259 100.23 17.74 96.88
CA GLU G 3259 101.37 17.98 95.98
C GLU G 3259 102.17 16.71 95.76
N SER G 3260 102.36 15.90 96.80
CA SER G 3260 103.11 14.66 96.64
C SER G 3260 102.40 13.69 95.70
N GLY G 3261 101.06 13.78 95.62
CA GLY G 3261 100.32 12.91 94.73
C GLY G 3261 99.99 11.55 95.30
N ALA G 3262 99.92 11.42 96.61
CA ALA G 3262 99.62 10.14 97.22
C ALA G 3262 98.24 9.64 96.78
N ARG G 3263 97.96 8.39 97.11
CA ARG G 3263 96.73 7.72 96.72
C ARG G 3263 95.87 7.43 97.96
N TYR G 3264 94.60 7.14 97.69
CA TYR G 3264 93.67 6.84 98.79
C TYR G 3264 94.21 5.73 99.68
N THR G 3265 94.92 4.76 99.10
CA THR G 3265 95.50 3.70 99.90
C THR G 3265 96.52 4.26 100.88
N GLU G 3266 97.20 5.35 100.51
CA GLU G 3266 98.16 6.00 101.40
C GLU G 3266 97.50 6.99 102.33
N MET G 3267 96.31 7.49 102.01
CA MET G 3267 95.61 8.47 102.84
C MET G 3267 94.16 8.05 103.05
N PRO G 3268 93.93 6.92 103.73
CA PRO G 3268 92.54 6.53 104.00
C PRO G 3268 91.88 7.43 105.03
N HIS G 3269 92.60 7.79 106.09
CA HIS G 3269 92.01 8.59 107.16
C HIS G 3269 91.78 10.03 106.71
N VAL G 3270 92.75 10.60 105.98
CA VAL G 3270 92.64 12.02 105.62
C VAL G 3270 91.48 12.24 104.67
N ILE G 3271 91.22 11.29 103.77
CA ILE G 3271 90.17 11.49 102.78
C ILE G 3271 88.79 11.25 103.38
N GLU G 3272 88.67 10.36 104.36
CA GLU G 3272 87.36 9.97 104.86
C GLU G 3272 86.98 10.66 106.17
N ILE G 3273 87.94 11.21 106.91
CA ILE G 3273 87.65 11.79 108.21
C ILE G 3273 88.10 13.24 108.24
N THR G 3274 89.39 13.47 108.01
CA THR G 3274 89.94 14.81 108.17
C THR G 3274 89.32 15.79 107.18
N LEU G 3275 89.32 15.44 105.89
CA LEU G 3275 88.79 16.36 104.89
C LEU G 3275 87.31 16.63 105.08
N PRO G 3276 86.45 15.64 105.29
CA PRO G 3276 85.05 15.95 105.60
C PRO G 3276 84.89 16.83 106.83
N MET G 3277 85.71 16.63 107.85
CA MET G 3277 85.63 17.47 109.04
C MET G 3277 86.03 18.91 108.73
N LEU G 3278 87.08 19.08 107.94
CA LEU G 3278 87.52 20.43 107.58
C LEU G 3278 86.50 21.14 106.69
N CYS G 3279 85.88 20.41 105.77
CA CYS G 3279 84.88 20.98 104.88
C CYS G 3279 83.68 21.54 105.62
N SER G 3280 83.44 21.10 106.85
CA SER G 3280 82.40 21.66 107.70
C SER G 3280 82.94 22.64 108.72
N TYR G 3281 84.17 22.47 109.17
CA TYR G 3281 84.76 23.40 110.13
C TYR G 3281 85.03 24.76 109.50
N LEU G 3282 85.65 24.77 108.32
CA LEU G 3282 86.05 26.04 107.71
C LEU G 3282 84.85 26.91 107.37
N PRO G 3283 83.80 26.41 106.71
CA PRO G 3283 82.66 27.28 106.42
C PRO G 3283 82.01 27.88 107.66
N ARG G 3284 81.93 27.11 108.75
CA ARG G 3284 81.29 27.62 109.95
C ARG G 3284 82.07 28.79 110.55
N TRP G 3285 83.39 28.68 110.61
CA TRP G 3285 84.21 29.68 111.26
C TRP G 3285 84.62 30.81 110.32
N TRP G 3286 84.43 30.66 109.01
CA TRP G 3286 84.61 31.80 108.13
C TRP G 3286 83.57 32.88 108.41
N GLU G 3287 82.34 32.47 108.75
CA GLU G 3287 81.29 33.43 109.04
C GLU G 3287 81.50 34.15 110.36
N ARG G 3288 82.34 33.61 111.25
CA ARG G 3288 82.54 34.20 112.57
C ARG G 3288 83.97 34.67 112.79
N GLY G 3289 84.84 34.54 111.79
CA GLY G 3289 86.19 35.01 111.89
C GLY G 3289 86.39 36.32 111.16
N PRO G 3290 87.65 36.69 110.93
CA PRO G 3290 87.92 37.90 110.14
C PRO G 3290 87.46 37.72 108.70
N GLU G 3291 87.23 38.83 108.04
CA GLU G 3291 86.76 38.87 106.65
C GLU G 3291 85.29 38.48 106.54
N ALA G 3292 84.59 38.36 107.67
CA ALA G 3292 83.17 38.04 107.62
C ALA G 3292 82.34 39.31 107.55
N PRO G 3293 81.13 39.25 107.00
CA PRO G 3293 80.26 40.43 107.01
C PRO G 3293 80.16 41.00 108.41
N PRO G 3294 80.61 42.23 108.63
CA PRO G 3294 80.53 42.84 109.97
C PRO G 3294 79.31 43.73 110.12
N PRO G 3295 78.10 43.19 110.27
CA PRO G 3295 76.99 44.05 110.70
C PRO G 3295 76.97 44.27 112.20
N ALA G 3296 77.41 43.29 112.99
CA ALA G 3296 77.48 43.41 114.44
C ALA G 3296 78.84 43.86 114.94
N LEU G 3297 79.83 44.00 114.05
CA LEU G 3297 81.15 44.45 114.48
C LEU G 3297 81.10 45.80 115.20
N PRO G 3298 80.33 46.79 114.73
CA PRO G 3298 80.30 48.07 115.45
C PRO G 3298 79.96 47.91 116.92
N ALA G 3299 79.04 47.00 117.25
CA ALA G 3299 78.78 46.68 118.65
C ALA G 3299 80.04 46.11 119.28
N GLY G 3300 80.35 46.57 120.49
CA GLY G 3300 81.57 46.13 121.16
C GLY G 3300 81.69 44.62 121.21
N ALA G 3301 82.68 44.08 120.48
CA ALA G 3301 82.91 42.65 120.42
C ALA G 3301 84.41 42.38 120.48
N PRO G 3302 84.82 41.24 121.02
CA PRO G 3302 86.24 40.91 121.07
C PRO G 3302 86.74 40.49 119.71
N PRO G 3303 88.05 40.31 119.54
CA PRO G 3303 88.57 39.81 118.27
C PRO G 3303 88.07 38.40 118.01
N PRO G 3304 87.89 38.02 116.75
CA PRO G 3304 87.34 36.69 116.46
C PRO G 3304 88.22 35.59 117.03
N CYS G 3305 87.57 34.52 117.48
CA CYS G 3305 88.26 33.37 118.05
C CYS G 3305 88.85 32.44 116.99
N THR G 3306 88.77 32.82 115.72
CA THR G 3306 89.27 32.01 114.63
C THR G 3306 90.00 32.89 113.63
N ALA G 3307 90.90 32.26 112.86
CA ALA G 3307 91.66 32.95 111.83
C ALA G 3307 91.26 32.51 110.43
N VAL G 3308 90.11 31.86 110.28
CA VAL G 3308 89.69 31.34 108.98
C VAL G 3308 89.34 32.50 108.06
N THR G 3309 89.88 32.47 106.84
CA THR G 3309 89.57 33.44 105.80
C THR G 3309 89.26 32.69 104.52
N SER G 3310 88.83 33.44 103.50
CA SER G 3310 88.55 32.83 102.21
C SER G 3310 89.77 32.10 101.65
N ASP G 3311 90.97 32.51 102.05
CA ASP G 3311 92.18 31.84 101.58
C ASP G 3311 92.20 30.39 102.03
N HIS G 3312 91.80 30.14 103.28
CA HIS G 3312 91.78 28.77 103.79
C HIS G 3312 90.84 27.89 102.97
N LEU G 3313 89.63 28.39 102.70
CA LEU G 3313 88.67 27.61 101.94
C LEU G 3313 89.16 27.38 100.51
N ASN G 3314 89.75 28.41 99.90
CA ASN G 3314 90.28 28.25 98.55
C ASN G 3314 91.38 27.21 98.51
N SER G 3315 92.29 27.24 99.50
CA SER G 3315 93.36 26.26 99.55
C SER G 3315 92.81 24.85 99.74
N LEU G 3316 91.82 24.70 100.61
CA LEU G 3316 91.23 23.37 100.83
C LEU G 3316 90.57 22.86 99.57
N LEU G 3317 89.83 23.72 98.86
CA LEU G 3317 89.20 23.29 97.63
C LEU G 3317 90.23 22.90 96.57
N GLY G 3318 91.29 23.69 96.45
CA GLY G 3318 92.35 23.33 95.53
C GLY G 3318 92.99 21.99 95.86
N ASN G 3319 93.23 21.76 97.16
CA ASN G 3319 93.82 20.49 97.58
C ASN G 3319 92.89 19.33 97.28
N ILE G 3320 91.59 19.50 97.52
CA ILE G 3320 90.64 18.43 97.22
C ILE G 3320 90.63 18.13 95.73
N LEU G 3321 90.63 19.17 94.90
CA LEU G 3321 90.66 18.97 93.46
C LEU G 3321 91.94 18.24 93.05
N ARG G 3322 93.07 18.62 93.64
CA ARG G 3322 94.33 17.96 93.30
C ARG G 3322 94.30 16.50 93.72
N ILE G 3323 93.71 16.19 94.87
CA ILE G 3323 93.64 14.80 95.32
C ILE G 3323 92.78 13.98 94.37
N ILE G 3324 91.63 14.52 93.96
CA ILE G 3324 90.79 13.81 93.01
C ILE G 3324 91.54 13.61 91.69
N VAL G 3325 92.28 14.63 91.26
CA VAL G 3325 93.06 14.50 90.03
C VAL G 3325 94.10 13.39 90.17
N ASN G 3326 94.80 13.36 91.30
CA ASN G 3326 95.80 12.34 91.55
C ASN G 3326 95.20 10.95 91.54
N ASN G 3327 93.97 10.79 92.03
CA ASN G 3327 93.32 9.49 92.08
C ASN G 3327 92.42 9.25 90.86
N LEU G 3328 92.49 10.12 89.86
CA LEU G 3328 91.77 9.89 88.62
C LEU G 3328 92.23 8.61 87.95
N GLY G 3329 91.27 7.86 87.40
CA GLY G 3329 91.56 6.67 86.64
C GLY G 3329 91.65 5.39 87.44
N ILE G 3330 91.61 5.47 88.77
CA ILE G 3330 91.69 4.26 89.58
C ILE G 3330 90.45 3.41 89.34
N ASP G 3331 90.65 2.09 89.33
CA ASP G 3331 89.54 1.19 89.00
C ASP G 3331 88.41 1.32 90.01
N GLU G 3332 88.74 1.36 91.30
CA GLU G 3332 87.75 1.40 92.36
C GLU G 3332 88.03 2.59 93.27
N ALA G 3333 87.12 3.57 93.26
CA ALA G 3333 87.18 4.67 94.21
C ALA G 3333 85.78 5.18 94.52
N SER G 3334 85.16 4.65 95.58
CA SER G 3334 83.84 5.11 95.98
C SER G 3334 83.91 6.34 96.87
N TRP G 3335 85.09 6.67 97.41
CA TRP G 3335 85.24 7.85 98.25
C TRP G 3335 85.12 9.15 97.47
N MET G 3336 85.24 9.09 96.14
CA MET G 3336 85.21 10.32 95.35
C MET G 3336 83.88 11.04 95.47
N LYS G 3337 82.77 10.30 95.39
CA LYS G 3337 81.46 10.94 95.49
C LYS G 3337 81.25 11.55 96.87
N ARG G 3338 81.64 10.84 97.92
CA ARG G 3338 81.50 11.39 99.27
C ARG G 3338 82.34 12.65 99.44
N LEU G 3339 83.57 12.63 98.92
CA LEU G 3339 84.42 13.81 99.04
C LEU G 3339 83.84 14.98 98.28
N ALA G 3340 83.30 14.74 97.08
CA ALA G 3340 82.69 15.83 96.32
C ALA G 3340 81.49 16.40 97.05
N VAL G 3341 80.64 15.53 97.61
CA VAL G 3341 79.48 16.01 98.35
C VAL G 3341 79.92 16.83 99.55
N PHE G 3342 80.96 16.40 100.26
CA PHE G 3342 81.42 17.13 101.43
C PHE G 3342 82.06 18.46 101.03
N ALA G 3343 82.72 18.51 99.87
CA ALA G 3343 83.40 19.72 99.45
C ALA G 3343 82.47 20.73 98.76
N GLN G 3344 81.28 20.30 98.35
CA GLN G 3344 80.36 21.23 97.69
C GLN G 3344 80.14 22.53 98.46
N PRO G 3345 79.88 22.51 99.77
CA PRO G 3345 79.59 23.76 100.48
C PRO G 3345 80.71 24.78 100.44
N ILE G 3346 81.98 24.37 100.39
CA ILE G 3346 83.09 25.30 100.47
C ILE G 3346 83.42 25.94 99.13
N VAL G 3347 82.67 25.61 98.08
CA VAL G 3347 82.98 26.14 96.75
C VAL G 3347 82.50 27.57 96.57
N SER G 3348 81.55 28.03 97.40
CA SER G 3348 81.02 29.38 97.25
C SER G 3348 82.07 30.45 97.54
N ARG G 3349 83.15 30.10 98.23
CA ARG G 3349 84.20 31.04 98.56
C ARG G 3349 85.44 30.88 97.68
N ALA G 3350 85.36 30.10 96.61
CA ALA G 3350 86.51 29.88 95.75
C ALA G 3350 86.91 31.18 95.06
N ARG G 3351 88.21 31.36 94.89
CA ARG G 3351 88.73 32.57 94.26
C ARG G 3351 88.71 32.44 92.74
N PRO G 3352 88.73 33.55 92.01
CA PRO G 3352 88.74 33.47 90.54
C PRO G 3352 89.93 32.70 89.99
N GLU G 3353 91.06 32.77 90.68
CA GLU G 3353 92.27 32.09 90.23
C GLU G 3353 92.09 30.58 90.17
N LEU G 3354 91.13 30.03 90.91
CA LEU G 3354 90.93 28.59 90.92
C LEU G 3354 90.64 28.07 89.51
N LEU G 3355 89.89 28.83 88.72
CA LEU G 3355 89.57 28.36 87.37
C LEU G 3355 90.83 27.89 86.66
N ARG G 3356 91.75 28.82 86.36
CA ARG G 3356 92.96 28.48 85.64
C ARG G 3356 93.85 27.55 86.45
N SER G 3357 93.96 27.77 87.76
CA SER G 3357 94.90 26.98 88.54
C SER G 3357 94.54 25.50 88.55
N HIS G 3358 93.27 25.16 88.76
CA HIS G 3358 92.88 23.77 88.97
C HIS G 3358 91.87 23.26 87.95
N PHE G 3359 90.81 24.03 87.70
CA PHE G 3359 89.67 23.49 86.96
C PHE G 3359 90.04 23.20 85.50
N ILE G 3360 90.74 24.14 84.87
CA ILE G 3360 91.08 24.01 83.46
C ILE G 3360 91.92 22.76 83.26
N PRO G 3361 93.01 22.56 84.01
CA PRO G 3361 93.77 21.31 83.86
C PRO G 3361 92.96 20.05 84.11
N THR G 3362 92.09 20.06 85.12
CA THR G 3362 91.34 18.85 85.46
C THR G 3362 90.36 18.49 84.36
N ILE G 3363 89.57 19.47 83.90
CA ILE G 3363 88.62 19.19 82.83
C ILE G 3363 89.35 18.87 81.55
N GLY G 3364 90.54 19.44 81.33
CA GLY G 3364 91.33 19.06 80.18
C GLY G 3364 91.75 17.61 80.23
N ARG G 3365 92.20 17.15 81.39
CA ARG G 3365 92.54 15.73 81.56
C ARG G 3365 91.34 14.85 81.28
N LEU G 3366 90.18 15.23 81.83
CA LEU G 3366 88.98 14.43 81.61
C LEU G 3366 88.59 14.39 80.14
N ARG G 3367 88.69 15.52 79.45
CA ARG G 3367 88.38 15.57 78.03
C ARG G 3367 89.34 14.70 77.22
N LYS G 3368 90.63 14.74 77.56
CA LYS G 3368 91.60 13.90 76.87
C LYS G 3368 91.28 12.43 77.07
N ARG G 3369 90.94 12.05 78.30
CA ARG G 3369 90.59 10.65 78.56
C ARG G 3369 89.36 10.24 77.77
N ALA G 3370 88.35 11.12 77.72
CA ALA G 3370 87.14 10.81 76.96
C ALA G 3370 87.46 10.63 75.49
N GLY G 3371 88.33 11.49 74.94
CA GLY G 3371 88.72 11.34 73.56
C GLY G 3371 89.42 10.02 73.30
N LYS G 3372 90.33 9.64 74.20
CA LYS G 3372 91.02 8.36 74.03
C LYS G 3372 90.03 7.21 74.04
N VAL G 3373 89.07 7.22 74.98
CA VAL G 3373 88.13 6.12 75.08
C VAL G 3373 87.24 6.06 73.84
N VAL G 3374 86.85 7.23 73.31
CA VAL G 3374 86.01 7.23 72.11
C VAL G 3374 86.81 6.72 70.92
N ALA G 3375 88.10 7.03 70.86
CA ALA G 3375 88.94 6.48 69.79
C ALA G 3375 89.01 4.96 69.88
N GLU G 3376 89.17 4.43 71.10
CA GLU G 3376 89.14 2.98 71.26
C GLU G 3376 87.81 2.41 70.83
N GLU G 3377 86.72 3.12 71.12
CA GLU G 3377 85.40 2.68 70.68
C GLU G 3377 85.31 2.59 69.17
N GLU G 3378 85.83 3.59 68.46
CA GLU G 3378 85.81 3.57 67.00
C GLU G 3378 86.66 2.42 66.45
N GLN G 3379 87.84 2.21 67.03
CA GLN G 3379 88.64 1.06 66.62
C GLN G 3379 87.90 -0.25 66.88
N LEU G 3380 87.07 -0.29 67.92
CA LEU G 3380 86.25 -1.46 68.15
C LEU G 3380 85.27 -1.69 67.01
N ARG G 3381 84.63 -0.62 66.52
CA ARG G 3381 83.77 -0.75 65.37
C ARG G 3381 84.55 -1.28 64.17
N LEU G 3382 85.76 -0.77 63.97
CA LEU G 3382 86.62 -1.31 62.92
C LEU G 3382 86.93 -2.79 63.11
N GLU G 3383 87.01 -3.26 64.36
CA GLU G 3383 87.26 -4.67 64.65
C GLU G 3383 86.05 -5.50 64.24
N ALA G 3384 86.11 -6.81 64.48
CA ALA G 3384 85.07 -7.73 64.04
C ALA G 3384 84.85 -8.83 65.07
N LYS G 3385 83.58 -9.16 65.29
CA LYS G 3385 83.14 -10.26 66.15
C LYS G 3385 84.02 -10.41 67.39
N ALA G 3386 84.76 -11.52 67.51
CA ALA G 3386 85.51 -11.80 68.74
C ALA G 3386 86.41 -10.63 69.11
N GLU G 3387 87.02 -10.00 68.10
CA GLU G 3387 87.77 -8.78 68.36
C GLU G 3387 86.83 -7.65 68.80
N ALA G 3388 85.64 -7.59 68.21
CA ALA G 3388 84.68 -6.56 68.60
C ALA G 3388 84.04 -6.88 69.94
N GLU G 3389 83.63 -8.13 70.17
CA GLU G 3389 82.98 -8.48 71.42
C GLU G 3389 83.91 -8.24 72.60
N GLU G 3390 85.11 -8.79 72.53
CA GLU G 3390 86.14 -8.42 73.51
C GLU G 3390 86.64 -7.01 73.21
N GLY G 3391 87.13 -6.35 74.24
CA GLY G 3391 87.45 -4.94 74.11
C GLY G 3391 86.25 -4.06 74.30
N GLU G 3392 85.07 -4.53 73.89
CA GLU G 3392 83.84 -3.80 74.18
C GLU G 3392 83.64 -3.67 75.69
N LEU G 3393 83.88 -4.75 76.43
CA LEU G 3393 83.77 -4.67 77.88
C LEU G 3393 84.87 -3.79 78.47
N LEU G 3394 86.05 -3.81 77.86
CA LEU G 3394 87.14 -2.96 78.33
C LEU G 3394 86.78 -1.48 78.19
N VAL G 3395 86.26 -1.09 77.02
CA VAL G 3395 85.86 0.29 76.82
C VAL G 3395 84.65 0.62 77.69
N ARG G 3396 83.79 -0.37 77.93
CA ARG G 3396 82.71 -0.18 78.88
C ARG G 3396 83.23 0.20 80.26
N ASP G 3397 84.24 -0.53 80.75
CA ASP G 3397 84.81 -0.22 82.06
C ASP G 3397 85.51 1.13 82.05
N GLU G 3398 86.21 1.45 80.96
CA GLU G 3398 86.86 2.75 80.86
C GLU G 3398 85.83 3.87 80.91
N PHE G 3399 84.72 3.71 80.20
CA PHE G 3399 83.66 4.71 80.25
C PHE G 3399 83.05 4.78 81.65
N SER G 3400 82.96 3.64 82.33
CA SER G 3400 82.41 3.64 83.69
C SER G 3400 83.28 4.44 84.64
N VAL G 3401 84.60 4.22 84.58
CA VAL G 3401 85.50 4.97 85.46
C VAL G 3401 85.52 6.45 85.08
N LEU G 3402 85.45 6.74 83.78
CA LEU G 3402 85.38 8.14 83.35
C LEU G 3402 84.10 8.80 83.87
N CYS G 3403 82.98 8.09 83.82
CA CYS G 3403 81.73 8.63 84.33
C CYS G 3403 81.81 8.84 85.84
N ARG G 3404 82.47 7.92 86.55
CA ARG G 3404 82.67 8.12 87.99
C ARG G 3404 83.46 9.40 88.25
N ASP G 3405 84.57 9.58 87.53
CA ASP G 3405 85.38 10.77 87.72
C ASP G 3405 84.60 12.04 87.38
N LEU G 3406 83.82 12.00 86.30
CA LEU G 3406 83.01 13.15 85.93
C LEU G 3406 81.95 13.45 86.98
N TYR G 3407 81.26 12.44 87.47
CA TYR G 3407 80.25 12.70 88.48
C TYR G 3407 80.85 13.09 89.80
N ALA G 3408 82.15 12.87 89.98
CA ALA G 3408 82.87 13.38 91.14
C ALA G 3408 83.31 14.83 90.99
N LEU G 3409 83.75 15.23 89.80
CA LEU G 3409 84.29 16.57 89.61
C LEU G 3409 83.26 17.59 89.12
N TYR G 3410 82.41 17.22 88.17
CA TYR G 3410 81.45 18.15 87.60
C TYR G 3410 80.57 18.83 88.65
N PRO G 3411 80.04 18.15 89.67
CA PRO G 3411 79.20 18.86 90.64
C PRO G 3411 79.93 20.01 91.32
N LEU G 3412 81.23 19.87 91.58
CA LEU G 3412 82.00 20.98 92.12
C LEU G 3412 82.12 22.10 91.10
N LEU G 3413 82.31 21.76 89.83
CA LEU G 3413 82.46 22.78 88.79
C LEU G 3413 81.16 23.56 88.60
N ILE G 3414 80.02 22.89 88.70
CA ILE G 3414 78.73 23.54 88.47
C ILE G 3414 78.53 24.66 89.48
N ARG G 3415 78.81 24.38 90.75
CA ARG G 3415 78.71 25.40 91.78
C ARG G 3415 79.67 26.55 91.50
N TYR G 3416 80.91 26.23 91.11
CA TYR G 3416 81.87 27.26 90.80
C TYR G 3416 81.42 28.11 89.62
N VAL G 3417 80.83 27.48 88.61
CA VAL G 3417 80.33 28.22 87.45
C VAL G 3417 79.20 29.16 87.87
N ASP G 3418 78.27 28.65 88.69
CA ASP G 3418 77.13 29.47 89.09
C ASP G 3418 77.57 30.72 89.84
N ASN G 3419 78.66 30.64 90.59
CA ASN G 3419 79.15 31.76 91.37
C ASN G 3419 80.05 32.70 90.57
N ASN G 3420 80.42 32.34 89.34
CA ASN G 3420 81.29 33.17 88.53
C ASN G 3420 80.75 33.42 87.12
N ARG G 3421 79.60 32.83 86.78
CA ARG G 3421 79.05 33.03 85.44
C ARG G 3421 78.70 34.50 85.22
N ALA G 3422 78.20 35.18 86.25
CA ALA G 3422 77.88 36.60 86.12
C ALA G 3422 79.12 37.40 85.74
N HIS G 3423 80.22 37.18 86.46
CA HIS G 3423 81.46 37.89 86.16
C HIS G 3423 81.96 37.54 84.77
N TRP G 3424 81.91 36.25 84.42
CA TRP G 3424 82.41 35.83 83.11
C TRP G 3424 81.62 36.49 81.99
N LEU G 3425 80.30 36.55 82.12
CA LEU G 3425 79.47 37.17 81.09
C LEU G 3425 79.68 38.67 81.03
N THR G 3426 79.79 39.32 82.20
CA THR G 3426 79.99 40.76 82.22
C THR G 3426 81.32 41.14 81.57
N GLU G 3427 82.37 40.39 81.89
CA GLU G 3427 83.71 40.63 81.33
C GLU G 3427 84.19 39.36 80.65
N PRO G 3428 84.26 39.29 79.32
CA PRO G 3428 84.65 38.04 78.66
C PRO G 3428 86.00 37.54 79.19
N ASN G 3429 86.07 36.23 79.41
CA ASN G 3429 87.24 35.60 80.02
C ASN G 3429 87.74 34.48 79.11
N PRO G 3430 88.95 34.58 78.56
CA PRO G 3430 89.45 33.48 77.71
C PRO G 3430 89.52 32.14 78.45
N ASN G 3431 89.82 32.15 79.75
CA ASN G 3431 89.83 30.91 80.50
C ASN G 3431 88.42 30.31 80.57
N ALA G 3432 87.41 31.15 80.79
CA ALA G 3432 86.04 30.66 80.80
C ALA G 3432 85.66 30.11 79.44
N GLU G 3433 86.09 30.76 78.36
CA GLU G 3433 85.81 30.26 77.02
C GLU G 3433 86.48 28.90 76.79
N GLU G 3434 87.72 28.75 77.25
CA GLU G 3434 88.40 27.47 77.12
C GLU G 3434 87.69 26.39 77.91
N LEU G 3435 87.21 26.72 79.11
CA LEU G 3435 86.43 25.77 79.89
C LEU G 3435 85.16 25.37 79.15
N PHE G 3436 84.50 26.34 78.52
CA PHE G 3436 83.33 26.03 77.71
C PHE G 3436 83.69 25.07 76.59
N ARG G 3437 84.82 25.31 75.93
CA ARG G 3437 85.23 24.44 74.83
C ARG G 3437 85.46 23.02 75.34
N MET G 3438 86.12 22.88 76.48
CA MET G 3438 86.37 21.55 77.04
C MET G 3438 85.07 20.84 77.38
N VAL G 3439 84.16 21.55 78.07
CA VAL G 3439 82.90 20.92 78.47
C VAL G 3439 82.08 20.56 77.24
N GLY G 3440 82.10 21.42 76.22
CA GLY G 3440 81.37 21.13 75.00
C GLY G 3440 81.94 19.93 74.27
N GLU G 3441 83.27 19.80 74.26
CA GLU G 3441 83.89 18.63 73.64
C GLU G 3441 83.49 17.35 74.38
N ILE G 3442 83.49 17.40 75.71
CA ILE G 3442 83.05 16.22 76.47
C ILE G 3442 81.60 15.89 76.17
N PHE G 3443 80.74 16.92 76.10
CA PHE G 3443 79.34 16.69 75.79
C PHE G 3443 79.17 16.12 74.39
N ILE G 3444 79.99 16.58 73.44
CA ILE G 3444 79.92 16.06 72.07
C ILE G 3444 80.32 14.60 72.05
N TYR G 3445 81.38 14.24 72.79
CA TYR G 3445 81.74 12.83 72.90
C TYR G 3445 80.60 12.02 73.48
N TRP G 3446 79.96 12.55 74.53
CA TRP G 3446 78.83 11.87 75.14
C TRP G 3446 77.70 11.64 74.14
N SER G 3447 77.39 12.66 73.35
CA SER G 3447 76.32 12.55 72.38
C SER G 3447 76.65 11.54 71.29
N LYS G 3448 77.86 11.63 70.74
CA LYS G 3448 78.28 10.72 69.68
C LYS G 3448 78.30 9.28 70.17
N SER G 3449 79.18 8.99 71.13
CA SER G 3449 79.31 7.61 71.60
C SER G 3449 78.03 7.17 72.31
N HIS G 3450 77.73 5.88 72.19
CA HIS G 3450 76.56 5.29 72.81
C HIS G 3450 76.87 4.53 74.09
N ASN G 3451 78.09 3.99 74.22
CA ASN G 3451 78.50 3.38 75.47
C ASN G 3451 78.63 4.43 76.58
N PHE G 3452 78.97 5.66 76.20
CA PHE G 3452 79.10 6.73 77.18
C PHE G 3452 77.79 6.95 77.92
N LYS G 3453 76.69 7.10 77.17
CA LYS G 3453 75.39 7.34 77.78
C LYS G 3453 74.97 6.16 78.65
N ARG G 3454 75.17 4.95 78.14
CA ARG G 3454 74.76 3.75 78.87
C ARG G 3454 75.53 3.64 80.17
N GLU G 3455 76.84 3.87 80.14
CA GLU G 3455 77.64 3.76 81.35
C GLU G 3455 77.30 4.86 82.34
N GLU G 3456 76.99 6.06 81.83
CA GLU G 3456 76.52 7.12 82.71
C GLU G 3456 75.24 6.71 83.43
N GLN G 3457 74.30 6.14 82.68
CA GLN G 3457 73.05 5.68 83.28
C GLN G 3457 73.29 4.60 84.33
N ASN G 3458 74.15 3.63 84.01
CA ASN G 3458 74.45 2.57 84.96
C ASN G 3458 75.10 3.13 86.22
N PHE G 3459 76.05 4.06 86.05
CA PHE G 3459 76.70 4.63 87.22
C PHE G 3459 75.70 5.36 88.10
N VAL G 3460 74.85 6.21 87.51
CA VAL G 3460 73.91 6.97 88.32
C VAL G 3460 72.95 6.01 89.03
N VAL G 3461 72.44 5.01 88.31
CA VAL G 3461 71.48 4.08 88.91
C VAL G 3461 72.12 3.32 90.07
N GLN G 3462 73.32 2.77 89.84
CA GLN G 3462 73.97 1.99 90.88
C GLN G 3462 74.32 2.84 92.09
N ASN G 3463 75.12 3.91 91.88
CA ASN G 3463 75.58 4.73 92.99
C ASN G 3463 74.46 5.54 93.64
N GLU G 3464 73.28 5.60 93.03
CA GLU G 3464 72.16 6.33 93.60
C GLU G 3464 72.53 7.79 93.86
N ILE G 3465 73.30 8.35 92.93
CA ILE G 3465 73.71 9.75 93.05
C ILE G 3465 72.50 10.65 92.88
N ASN G 3466 72.41 11.69 93.71
CA ASN G 3466 71.29 12.61 93.67
C ASN G 3466 71.66 13.79 92.79
N ASN G 3467 71.36 13.68 91.49
CA ASN G 3467 71.69 14.73 90.55
C ASN G 3467 70.96 16.02 90.90
N MET G 3468 69.77 15.93 91.47
CA MET G 3468 69.05 17.12 91.88
C MET G 3468 69.83 17.87 92.96
N SER G 3469 70.35 17.15 93.95
CA SER G 3469 71.17 17.79 94.98
C SER G 3469 72.43 18.37 94.38
N PHE G 3470 73.06 17.64 93.45
CA PHE G 3470 74.27 18.16 92.81
C PHE G 3470 73.98 19.47 92.10
N LEU G 3471 72.88 19.53 91.36
CA LEU G 3471 72.52 20.75 90.64
C LEU G 3471 72.22 21.89 91.62
N THR G 3472 71.47 21.58 92.67
CA THR G 3472 71.11 22.59 93.66
C THR G 3472 72.32 23.00 94.49
N TYR G 3504 69.11 8.54 85.77
CA TYR G 3504 67.69 8.23 85.66
C TYR G 3504 67.07 9.00 84.50
N SER G 3505 67.15 10.33 84.58
CA SER G 3505 66.60 11.18 83.54
C SER G 3505 67.74 11.83 82.75
N VAL G 3506 67.64 11.76 81.42
CA VAL G 3506 68.64 12.39 80.57
C VAL G 3506 68.69 13.89 80.82
N GLN G 3507 67.57 14.47 81.27
CA GLN G 3507 67.58 15.88 81.64
C GLN G 3507 68.50 16.12 82.83
N THR G 3508 68.51 15.21 83.80
CA THR G 3508 69.34 15.32 84.98
C THR G 3508 70.78 14.86 84.74
N SER G 3509 71.08 14.32 83.56
CA SER G 3509 72.44 13.90 83.26
C SER G 3509 73.40 15.05 83.49
N LEU G 3510 74.37 14.85 84.40
CA LEU G 3510 75.30 15.92 84.71
C LEU G 3510 76.10 16.35 83.48
N ILE G 3511 76.34 15.42 82.56
CA ILE G 3511 77.14 15.75 81.37
C ILE G 3511 76.46 16.83 80.56
N VAL G 3512 75.14 16.72 80.37
CA VAL G 3512 74.42 17.74 79.60
C VAL G 3512 74.09 18.94 80.47
N ALA G 3513 73.88 18.74 81.77
CA ALA G 3513 73.56 19.86 82.65
C ALA G 3513 74.72 20.84 82.73
N THR G 3514 75.95 20.34 82.87
CA THR G 3514 77.10 21.23 82.93
C THR G 3514 77.27 22.00 81.63
N LEU G 3515 77.07 21.33 80.49
CA LEU G 3515 77.16 22.02 79.21
C LEU G 3515 76.09 23.09 79.09
N LYS G 3516 74.87 22.79 79.54
CA LYS G 3516 73.81 23.78 79.49
C LYS G 3516 74.14 24.99 80.37
N LYS G 3517 74.72 24.75 81.55
CA LYS G 3517 75.12 25.84 82.41
C LYS G 3517 76.24 26.68 81.81
N MET G 3518 77.19 26.06 81.10
CA MET G 3518 78.30 26.77 80.49
C MET G 3518 77.95 27.36 79.12
N LEU G 3519 76.81 26.99 78.55
CA LEU G 3519 76.48 27.45 77.20
C LEU G 3519 76.46 28.96 77.06
N PRO G 3520 75.89 29.72 78.00
CA PRO G 3520 75.90 31.18 77.84
C PRO G 3520 77.29 31.75 77.61
N ILE G 3521 78.32 31.19 78.25
CA ILE G 3521 79.68 31.66 78.00
C ILE G 3521 80.06 31.43 76.55
N GLY G 3522 79.73 30.25 76.00
CA GLY G 3522 80.04 29.98 74.61
C GLY G 3522 79.31 30.91 73.66
N LEU G 3523 78.03 31.17 73.94
CA LEU G 3523 77.27 32.09 73.10
C LEU G 3523 77.84 33.51 73.18
N ASN G 3524 78.31 33.91 74.36
CA ASN G 3524 78.84 35.25 74.54
C ASN G 3524 80.06 35.52 73.66
N MET G 3525 80.72 34.47 73.17
CA MET G 3525 81.86 34.69 72.28
C MET G 3525 81.40 35.13 70.89
N CYS G 3526 80.30 34.57 70.43
CA CYS G 3526 79.81 34.89 69.09
C CYS G 3526 79.07 36.21 69.08
N ALA G 3527 79.37 37.03 68.09
CA ALA G 3527 78.67 38.29 67.90
C ALA G 3527 77.28 38.04 67.34
N PRO G 3528 76.36 38.99 67.51
CA PRO G 3528 75.01 38.82 66.95
C PRO G 3528 75.01 38.58 65.45
N THR G 3529 75.96 39.16 64.72
CA THR G 3529 75.99 38.98 63.27
C THR G 3529 76.24 37.52 62.91
N ASP G 3530 76.98 36.78 63.74
CA ASP G 3530 77.35 35.42 63.42
C ASP G 3530 76.19 34.44 63.57
N GLN G 3531 74.97 34.91 63.82
CA GLN G 3531 73.85 34.00 64.02
C GLN G 3531 73.54 33.20 62.76
N ASP G 3532 73.58 33.85 61.60
CA ASP G 3532 73.31 33.15 60.35
C ASP G 3532 74.38 32.11 60.08
N LEU G 3533 75.65 32.46 60.30
CA LEU G 3533 76.71 31.48 60.14
C LEU G 3533 76.51 30.31 61.09
N ILE G 3534 76.02 30.58 62.30
CA ILE G 3534 75.71 29.50 63.25
C ILE G 3534 74.63 28.60 62.68
N VAL G 3535 73.61 29.19 62.06
CA VAL G 3535 72.52 28.38 61.49
C VAL G 3535 73.06 27.51 60.36
N LEU G 3536 73.89 28.08 59.49
CA LEU G 3536 74.45 27.31 58.38
C LEU G 3536 75.34 26.17 58.90
N ALA G 3537 76.15 26.45 59.92
CA ALA G 3537 76.99 25.41 60.49
C ALA G 3537 76.15 24.31 61.13
N LYS G 3538 75.06 24.68 61.80
CA LYS G 3538 74.15 23.67 62.34
C LYS G 3538 73.55 22.83 61.23
N ALA G 3539 73.17 23.46 60.12
CA ALA G 3539 72.66 22.71 58.99
C ALA G 3539 73.67 21.71 58.45
N ARG G 3540 74.93 22.14 58.32
CA ARG G 3540 75.97 21.20 57.89
C ARG G 3540 76.12 20.05 58.86
N TYR G 3541 76.27 20.36 60.15
CA TYR G 3541 76.43 19.30 61.13
C TYR G 3541 75.24 18.34 61.11
N ALA G 3542 74.05 18.85 60.80
CA ALA G 3542 72.91 17.99 60.55
C ALA G 3542 73.11 17.13 59.33
N LEU G 3543 73.69 17.69 58.26
CA LEU G 3543 74.10 16.92 57.09
C LEU G 3543 75.29 16.00 57.37
N LYS G 3544 75.78 15.99 58.62
CA LYS G 3544 76.81 15.05 59.05
C LYS G 3544 78.18 15.41 58.48
N ASP G 3545 78.41 16.69 58.22
CA ASP G 3545 79.73 17.13 57.82
C ASP G 3545 80.68 17.08 59.02
N THR G 3546 81.97 16.96 58.72
CA THR G 3546 83.00 16.91 59.75
C THR G 3546 83.42 18.32 60.13
N ASP G 3547 84.22 18.40 61.20
CA ASP G 3547 84.60 19.69 61.74
C ASP G 3547 85.39 20.51 60.73
N GLU G 3548 86.32 19.88 60.03
CA GLU G 3548 87.08 20.60 59.00
C GLU G 3548 86.17 21.03 57.85
N GLU G 3549 85.21 20.18 57.49
CA GLU G 3549 84.27 20.55 56.44
C GLU G 3549 83.48 21.80 56.82
N VAL G 3550 83.02 21.87 58.07
CA VAL G 3550 82.29 23.05 58.51
C VAL G 3550 83.21 24.26 58.57
N ARG G 3551 84.43 24.06 59.06
CA ARG G 3551 85.39 25.17 59.15
C ARG G 3551 85.73 25.73 57.78
N GLU G 3552 85.68 24.91 56.73
CA GLU G 3552 85.88 25.40 55.37
C GLU G 3552 84.62 26.01 54.78
N PHE G 3553 83.45 25.45 55.08
CA PHE G 3553 82.20 26.06 54.64
C PHE G 3553 82.13 27.50 55.13
N LEU G 3554 82.35 27.71 56.43
CA LEU G 3554 82.30 29.06 56.96
C LEU G 3554 83.39 29.93 56.36
N GLN G 3555 84.59 29.37 56.20
CA GLN G 3555 85.69 30.13 55.61
C GLN G 3555 85.35 30.64 54.22
N ASN G 3556 84.56 29.89 53.46
CA ASN G 3556 84.30 30.23 52.08
C ASN G 3556 82.94 30.91 51.84
N ASN G 3557 81.99 30.82 52.78
CA ASN G 3557 80.81 31.68 52.80
C ASN G 3557 80.72 32.56 54.05
N LEU G 3558 81.83 33.16 54.46
CA LEU G 3558 81.75 34.23 55.46
C LEU G 3558 80.86 35.36 54.99
N ASN G 3559 80.68 35.53 53.68
CA ASN G 3559 79.88 36.65 53.16
C ASN G 3559 78.42 36.56 53.58
N LEU G 3560 77.94 35.38 53.98
CA LEU G 3560 76.57 35.23 54.47
C LEU G 3560 76.41 35.70 55.90
N GLN G 3561 77.37 36.44 56.45
CA GLN G 3561 77.23 37.00 57.78
C GLN G 3561 76.10 38.03 57.79
N GLY G 3562 75.39 38.10 58.92
CA GLY G 3562 74.26 39.00 59.00
C GLY G 3562 74.68 40.45 58.94
N LYS G 3563 73.74 41.30 58.51
CA LYS G 3563 73.94 42.74 58.43
C LYS G 3563 72.98 43.43 59.39
N VAL G 3564 73.52 44.38 60.16
CA VAL G 3564 72.73 45.00 61.23
C VAL G 3564 71.52 45.73 60.65
N GLU G 3565 71.71 46.43 59.54
CA GLU G 3565 70.64 47.20 58.93
C GLU G 3565 69.46 46.32 58.57
N GLY G 3566 69.70 45.03 58.35
CA GLY G 3566 68.62 44.16 57.89
C GLY G 3566 67.49 44.04 58.90
N SER G 3567 67.82 43.90 60.18
CA SER G 3567 66.82 43.68 61.21
C SER G 3567 66.99 44.69 62.34
N PRO G 3568 65.89 45.21 62.90
CA PRO G 3568 66.02 46.09 64.07
C PRO G 3568 66.56 45.38 65.30
N SER G 3569 66.26 44.08 65.46
CA SER G 3569 66.79 43.35 66.60
C SER G 3569 68.30 43.33 66.59
N LEU G 3570 68.90 43.08 65.41
CA LEU G 3570 70.34 43.10 65.31
C LEU G 3570 70.91 44.44 65.75
N ARG G 3571 70.17 45.53 65.56
CA ARG G 3571 70.69 46.83 65.94
C ARG G 3571 71.03 46.87 67.42
N TRP G 3572 70.06 46.55 68.28
CA TRP G 3572 70.31 46.64 69.72
C TRP G 3572 71.17 45.47 70.21
N GLN G 3573 71.05 44.30 69.59
CA GLN G 3573 71.94 43.20 69.96
C GLN G 3573 73.40 43.59 69.74
N MET G 3574 73.71 44.11 68.56
CA MET G 3574 75.08 44.53 68.26
C MET G 3574 75.47 45.74 69.08
N ALA G 3575 74.50 46.60 69.43
CA ALA G 3575 74.81 47.71 70.32
C ALA G 3575 75.33 47.21 71.66
N LEU G 3576 74.62 46.24 72.25
CA LEU G 3576 75.09 45.63 73.49
C LEU G 3576 76.45 44.96 73.29
N TYR G 3577 76.60 44.26 72.17
CA TYR G 3577 77.85 43.54 71.93
C TYR G 3577 79.04 44.49 71.86
N ARG G 3578 78.88 45.60 71.13
CA ARG G 3578 79.97 46.58 71.07
C ARG G 3578 80.16 47.27 72.41
N GLY G 3579 79.08 47.51 73.16
CA GLY G 3579 79.22 48.11 74.47
C GLY G 3579 80.07 47.25 75.40
N VAL G 3580 79.92 45.94 75.30
CA VAL G 3580 80.75 45.04 76.10
C VAL G 3580 82.22 45.26 75.71
N PRO G 3581 83.10 45.64 76.63
CA PRO G 3581 84.50 45.85 76.26
C PRO G 3581 85.17 44.55 75.81
N GLY G 3582 86.13 44.68 74.93
CA GLY G 3582 86.88 43.53 74.41
C GLY G 3582 86.17 42.79 73.29
N ARG G 3583 84.86 42.58 73.45
CA ARG G 3583 84.09 41.90 72.42
C ARG G 3583 84.14 42.69 71.11
N GLU G 3584 84.04 44.02 71.21
CA GLU G 3584 84.17 44.85 70.01
C GLU G 3584 85.60 44.88 69.51
N GLU G 3585 86.59 44.78 70.40
CA GLU G 3585 87.99 44.77 69.97
C GLU G 3585 88.29 43.52 69.14
N ASP G 3586 87.77 42.38 69.56
CA ASP G 3586 87.99 41.12 68.86
C ASP G 3586 86.91 40.94 67.79
N ALA G 3587 86.82 39.75 67.22
CA ALA G 3587 85.84 39.41 66.19
C ALA G 3587 86.13 40.09 64.86
N ASP G 3588 87.33 40.66 64.71
CA ASP G 3588 87.77 41.21 63.44
C ASP G 3588 88.59 40.23 62.62
N ASP G 3589 88.73 38.99 63.07
CA ASP G 3589 89.58 38.00 62.42
C ASP G 3589 88.74 36.88 61.83
N PRO G 3590 88.86 36.59 60.53
CA PRO G 3590 88.07 35.48 59.97
C PRO G 3590 88.33 34.14 60.64
N GLU G 3591 89.58 33.86 61.02
CA GLU G 3591 89.88 32.59 61.68
C GLU G 3591 89.15 32.50 63.02
N LYS G 3592 89.18 33.58 63.80
CA LYS G 3592 88.45 33.59 65.06
C LYS G 3592 86.96 33.39 64.83
N ILE G 3593 86.42 34.08 63.82
CA ILE G 3593 84.98 33.99 63.56
C ILE G 3593 84.61 32.55 63.20
N VAL G 3594 85.36 31.93 62.30
CA VAL G 3594 85.03 30.57 61.88
C VAL G 3594 85.18 29.59 63.05
N ARG G 3595 86.23 29.75 63.86
CA ARG G 3595 86.40 28.85 65.01
C ARG G 3595 85.23 28.97 65.97
N ARG G 3596 84.86 30.21 66.33
CA ARG G 3596 83.75 30.42 67.26
C ARG G 3596 82.48 29.81 66.70
N VAL G 3597 82.14 30.12 65.45
CA VAL G 3597 80.89 29.65 64.88
C VAL G 3597 80.88 28.13 64.82
N GLN G 3598 82.00 27.52 64.41
CA GLN G 3598 82.07 26.06 64.31
C GLN G 3598 81.82 25.42 65.67
N GLU G 3599 82.55 25.86 66.69
CA GLU G 3599 82.41 25.24 68.01
C GLU G 3599 80.99 25.40 68.55
N VAL G 3600 80.47 26.63 68.54
CA VAL G 3600 79.16 26.88 69.12
C VAL G 3600 78.08 26.15 68.33
N SER G 3601 78.22 26.10 67.01
CA SER G 3601 77.23 25.41 66.18
C SER G 3601 77.24 23.91 66.45
N ALA G 3602 78.43 23.32 66.61
CA ALA G 3602 78.48 21.90 66.94
C ALA G 3602 77.79 21.63 68.26
N VAL G 3603 78.09 22.45 69.27
CA VAL G 3603 77.47 22.26 70.58
C VAL G 3603 75.95 22.39 70.48
N LEU G 3604 75.48 23.41 69.76
CA LEU G 3604 74.05 23.62 69.63
C LEU G 3604 73.37 22.49 68.88
N TYR G 3605 74.00 21.99 67.81
CA TYR G 3605 73.46 20.86 67.08
C TYR G 3605 73.27 19.68 68.00
N HIS G 3606 74.32 19.31 68.74
CA HIS G 3606 74.23 18.12 69.58
C HIS G 3606 73.27 18.34 70.73
N LEU G 3607 73.11 19.57 71.19
CA LEU G 3607 72.06 19.87 72.16
C LEU G 3607 70.68 19.65 71.57
N ASP G 3608 70.49 20.02 70.31
CA ASP G 3608 69.22 19.78 69.63
C ASP G 3608 68.94 18.29 69.54
N GLN G 3609 69.95 17.50 69.17
CA GLN G 3609 69.78 16.05 69.14
C GLN G 3609 69.44 15.51 70.52
N THR G 3610 70.11 15.99 71.56
CA THR G 3610 69.84 15.52 72.91
C THR G 3610 68.40 15.82 73.32
N GLU G 3611 67.96 17.06 73.12
CA GLU G 3611 66.61 17.43 73.54
C GLU G 3611 65.56 16.69 72.73
N HIS G 3612 65.79 16.52 71.42
CA HIS G 3612 64.85 15.76 70.62
C HIS G 3612 64.81 14.31 71.11
N PRO G 3613 63.63 13.69 71.21
CA PRO G 3613 63.56 12.31 71.70
C PRO G 3613 64.04 11.29 70.69
N ALA G 3635 51.86 -19.01 80.59
CA ALA G 3635 53.17 -18.90 79.98
C ALA G 3635 54.22 -19.60 80.85
N CYS G 3636 55.29 -18.90 81.21
CA CYS G 3636 56.31 -19.49 82.06
C CYS G 3636 55.73 -19.95 83.39
N PHE G 3637 54.84 -19.13 83.98
CA PHE G 3637 54.16 -19.55 85.20
C PHE G 3637 53.32 -20.80 84.95
N ARG G 3638 52.64 -20.85 83.80
CA ARG G 3638 51.78 -22.00 83.50
C ARG G 3638 52.61 -23.25 83.24
N MET G 3639 53.42 -23.24 82.19
CA MET G 3639 54.34 -24.34 81.89
C MET G 3639 53.65 -25.69 82.01
N THR G 3640 52.68 -25.91 81.12
CA THR G 3640 51.94 -27.17 81.08
C THR G 3640 52.72 -28.23 80.32
N PRO G 3641 53.37 -29.18 81.01
CA PRO G 3641 54.19 -30.16 80.29
C PRO G 3641 53.42 -31.42 79.94
N LEU G 3642 53.77 -32.05 78.81
CA LEU G 3642 53.10 -33.28 78.42
C LEU G 3642 53.45 -34.43 79.34
N TYR G 3643 54.64 -34.41 79.95
CA TYR G 3643 55.07 -35.53 80.78
C TYR G 3643 54.35 -35.59 82.12
N ASN G 3644 53.61 -34.55 82.49
CA ASN G 3644 52.82 -34.56 83.72
C ASN G 3644 51.39 -35.02 83.50
N LEU G 3645 50.97 -35.24 82.26
CA LEU G 3645 49.60 -35.62 82.00
C LEU G 3645 49.36 -37.06 82.46
N PRO G 3646 48.14 -37.41 82.87
CA PRO G 3646 47.85 -38.81 83.17
C PRO G 3646 48.02 -39.67 81.94
N THR G 3647 48.37 -40.94 82.17
CA THR G 3647 48.74 -41.81 81.05
C THR G 3647 47.59 -41.95 80.05
N HIS G 3648 46.36 -42.15 80.54
CA HIS G 3648 45.24 -42.38 79.62
C HIS G 3648 44.92 -41.14 78.79
N ARG G 3649 45.02 -39.95 79.40
CA ARG G 3649 44.80 -38.72 78.63
C ARG G 3649 45.85 -38.58 77.53
N ALA G 3650 47.11 -38.84 77.87
CA ALA G 3650 48.17 -38.77 76.87
C ALA G 3650 47.96 -39.81 75.77
N CYS G 3651 47.47 -41.00 76.14
CA CYS G 3651 47.18 -42.01 75.14
C CYS G 3651 46.09 -41.55 74.19
N ASN G 3652 45.02 -40.94 74.71
CA ASN G 3652 43.96 -40.46 73.84
C ASN G 3652 44.47 -39.36 72.91
N MET G 3653 45.26 -38.44 73.46
CA MET G 3653 45.83 -37.38 72.60
C MET G 3653 46.74 -37.97 71.54
N PHE G 3654 47.55 -38.97 71.90
CA PHE G 3654 48.42 -39.60 70.93
C PHE G 3654 47.62 -40.30 69.85
N LEU G 3655 46.53 -40.96 70.23
CA LEU G 3655 45.69 -41.61 69.23
C LEU G 3655 45.13 -40.58 68.25
N GLU G 3656 44.63 -39.46 68.77
CA GLU G 3656 44.12 -38.42 67.90
C GLU G 3656 45.20 -37.91 66.96
N SER G 3657 46.37 -37.59 67.50
CA SER G 3657 47.44 -37.01 66.69
C SER G 3657 47.94 -38.01 65.64
N TYR G 3658 48.10 -39.27 66.04
CA TYR G 3658 48.56 -40.30 65.12
C TYR G 3658 47.56 -40.50 63.99
N LYS G 3659 46.27 -40.56 64.32
CA LYS G 3659 45.26 -40.68 63.26
C LYS G 3659 45.33 -39.48 62.33
N ALA G 3660 45.48 -38.28 62.88
CA ALA G 3660 45.49 -37.07 62.07
C ALA G 3660 46.69 -36.98 61.15
N SER G 3661 47.88 -37.34 61.63
CA SER G 3661 49.11 -37.04 60.91
C SER G 3661 49.71 -38.23 60.18
N TRP G 3662 49.54 -39.45 60.71
CA TRP G 3662 50.17 -40.63 60.12
C TRP G 3662 49.21 -41.50 59.33
N ILE G 3663 48.00 -41.72 59.83
CA ILE G 3663 47.03 -42.57 59.14
C ILE G 3663 46.30 -41.79 58.05
N LEU G 3664 45.75 -40.62 58.40
CA LEU G 3664 45.02 -39.83 57.42
C LEU G 3664 45.92 -39.39 56.27
N THR G 3665 47.21 -39.13 56.55
CA THR G 3665 48.10 -38.67 55.50
C THR G 3665 48.54 -39.81 54.59
N GLU G 3666 48.40 -41.05 55.03
CA GLU G 3666 48.79 -42.18 54.21
C GLU G 3666 48.00 -42.20 52.91
N ASP G 3667 48.69 -42.39 51.80
CA ASP G 3667 48.07 -42.44 50.48
C ASP G 3667 48.02 -43.90 50.04
N HIS G 3668 46.80 -44.38 49.79
CA HIS G 3668 46.57 -45.76 49.36
C HIS G 3668 45.51 -45.75 48.28
N SER G 3669 45.92 -46.03 47.04
CA SER G 3669 45.01 -46.04 45.91
C SER G 3669 44.58 -47.48 45.64
N PHE G 3670 43.30 -47.76 45.88
CA PHE G 3670 42.73 -49.06 45.58
C PHE G 3670 41.56 -48.98 44.60
N GLU G 3671 41.15 -47.78 44.19
CA GLU G 3671 39.92 -47.64 43.41
C GLU G 3671 40.06 -48.31 42.05
N ASP G 3672 41.19 -48.09 41.37
CA ASP G 3672 41.37 -48.68 40.04
C ASP G 3672 41.41 -50.20 40.13
N ARG G 3673 42.13 -50.75 41.10
CA ARG G 3673 42.19 -52.20 41.26
C ARG G 3673 40.81 -52.76 41.57
N MET G 3674 40.07 -52.10 42.46
CA MET G 3674 38.73 -52.57 42.80
C MET G 3674 37.82 -52.57 41.59
N ILE G 3675 37.85 -51.49 40.80
CA ILE G 3675 36.97 -51.39 39.65
C ILE G 3675 37.35 -52.43 38.61
N ASP G 3676 38.65 -52.66 38.40
CA ASP G 3676 39.06 -53.68 37.45
C ASP G 3676 38.60 -55.06 37.91
N ASP G 3677 38.77 -55.36 39.19
CA ASP G 3677 38.36 -56.67 39.71
C ASP G 3677 36.86 -56.87 39.58
N LEU G 3678 36.08 -55.83 39.87
CA LEU G 3678 34.63 -55.92 39.77
C LEU G 3678 34.15 -55.98 38.32
N SER G 3679 34.86 -55.33 37.41
CA SER G 3679 34.51 -55.37 36.00
C SER G 3679 34.86 -56.70 35.34
N LYS G 3680 35.88 -57.40 35.82
CA LYS G 3680 36.26 -58.68 35.26
C LYS G 3680 35.16 -59.70 35.55
N ALA G 3681 34.63 -60.32 34.50
CA ALA G 3681 33.75 -61.47 34.66
C ALA G 3681 34.58 -62.75 34.70
N GLY G 3682 33.97 -63.81 35.21
CA GLY G 3682 34.68 -65.05 35.41
C GLY G 3682 33.91 -66.25 34.90
N GLU G 3683 34.63 -67.13 34.22
CA GLU G 3683 34.12 -68.45 33.82
C GLU G 3683 32.77 -68.33 33.12
N GLN G 3684 32.67 -67.35 32.23
CA GLN G 3684 31.49 -67.26 31.39
C GLN G 3684 31.32 -68.51 30.54
N GLU G 3685 32.43 -69.17 30.19
CA GLU G 3685 32.34 -70.44 29.49
C GLU G 3685 31.62 -71.49 30.34
N GLU G 3686 31.99 -71.57 31.62
CA GLU G 3686 31.29 -72.51 32.52
C GLU G 3686 29.83 -72.13 32.66
N GLU G 3687 29.53 -70.84 32.81
CA GLU G 3687 28.15 -70.41 32.88
C GLU G 3687 27.39 -70.72 31.58
N GLU G 3688 28.10 -70.85 30.46
CA GLU G 3688 27.49 -71.17 29.17
C GLU G 3688 26.32 -70.22 28.88
N GLU G 3689 26.57 -68.93 29.07
CA GLU G 3689 25.56 -67.89 28.86
C GLU G 3689 25.50 -67.50 27.37
N GLU G 3690 25.08 -68.46 26.56
CA GLU G 3690 24.96 -68.20 25.12
C GLU G 3690 23.75 -67.33 24.82
N VAL G 3691 22.78 -67.27 25.73
CA VAL G 3691 21.62 -66.41 25.55
C VAL G 3691 22.10 -64.97 25.43
N GLU G 3692 21.39 -64.17 24.62
CA GLU G 3692 21.83 -62.80 24.37
C GLU G 3692 21.93 -62.00 25.66
N GLU G 3693 21.02 -62.24 26.60
CA GLU G 3693 21.01 -61.52 27.87
C GLU G 3693 22.09 -62.10 28.77
N LYS G 3694 23.27 -61.47 28.75
CA LYS G 3694 24.34 -61.86 29.66
C LYS G 3694 24.01 -61.42 31.07
N LYS G 3695 24.31 -62.27 32.03
CA LYS G 3695 24.13 -61.90 33.43
C LYS G 3695 25.08 -60.75 33.76
N PRO G 3696 24.61 -59.72 34.48
CA PRO G 3696 25.50 -58.61 34.81
C PRO G 3696 26.70 -59.07 35.64
N ASP G 3697 27.85 -58.46 35.38
CA ASP G 3697 29.04 -58.70 36.16
C ASP G 3697 28.93 -57.98 37.50
N PRO G 3698 29.87 -58.21 38.42
CA PRO G 3698 29.73 -57.63 39.77
C PRO G 3698 29.57 -56.11 39.79
N LEU G 3699 30.34 -55.38 38.98
CA LEU G 3699 30.21 -53.93 38.96
C LEU G 3699 28.83 -53.52 38.44
N HIS G 3700 28.36 -54.21 37.39
CA HIS G 3700 27.02 -53.95 36.88
C HIS G 3700 25.98 -54.19 37.95
N GLN G 3701 26.12 -55.27 38.72
CA GLN G 3701 25.16 -55.57 39.77
C GLN G 3701 25.19 -54.52 40.87
N LEU G 3702 26.37 -54.01 41.21
CA LEU G 3702 26.46 -52.94 42.21
C LEU G 3702 25.73 -51.69 41.71
N VAL G 3703 25.98 -51.31 40.46
CA VAL G 3703 25.31 -50.13 39.91
C VAL G 3703 23.80 -50.36 39.87
N LEU G 3704 23.37 -51.57 39.53
CA LEU G 3704 21.94 -51.88 39.51
C LEU G 3704 21.34 -51.80 40.91
N HIS G 3705 22.07 -52.26 41.93
CA HIS G 3705 21.58 -52.15 43.29
C HIS G 3705 21.37 -50.70 43.69
N PHE G 3706 22.34 -49.84 43.37
CA PHE G 3706 22.18 -48.43 43.71
C PHE G 3706 21.07 -47.78 42.90
N SER G 3707 20.89 -48.19 41.64
CA SER G 3707 19.77 -47.70 40.86
C SER G 3707 18.44 -48.09 41.48
N ARG G 3708 18.33 -49.33 41.94
CA ARG G 3708 17.10 -49.75 42.61
C ARG G 3708 16.85 -48.92 43.87
N THR G 3709 17.90 -48.71 44.66
CA THR G 3709 17.74 -47.89 45.86
C THR G 3709 17.26 -46.48 45.51
N ALA G 3710 17.83 -45.89 44.46
CA ALA G 3710 17.40 -44.56 44.04
C ALA G 3710 15.96 -44.56 43.54
N LEU G 3711 15.55 -45.61 42.83
CA LEU G 3711 14.21 -45.66 42.26
C LEU G 3711 13.14 -46.04 43.27
N THR G 3712 13.51 -46.56 44.44
CA THR G 3712 12.52 -46.86 45.46
C THR G 3712 11.74 -45.60 45.83
N GLU G 3713 10.43 -45.75 45.98
CA GLU G 3713 9.55 -44.63 46.29
C GLU G 3713 9.66 -44.32 47.79
N LYS G 3714 10.19 -43.15 48.12
CA LYS G 3714 10.34 -42.74 49.51
C LYS G 3714 10.17 -41.23 49.60
N SER G 3715 9.90 -40.76 50.82
CA SER G 3715 9.77 -39.33 51.05
C SER G 3715 11.11 -38.62 50.88
N LYS G 3716 12.19 -39.20 51.38
CA LYS G 3716 13.51 -38.60 51.32
C LYS G 3716 14.55 -39.67 51.02
N LEU G 3717 15.69 -39.22 50.50
CA LEU G 3717 16.80 -40.12 50.20
C LEU G 3717 17.68 -40.24 51.43
N ASP G 3718 17.67 -41.41 52.06
CA ASP G 3718 18.46 -41.61 53.26
C ASP G 3718 19.95 -41.62 52.94
N GLU G 3719 20.75 -41.08 53.86
CA GLU G 3719 22.19 -41.04 53.68
C GLU G 3719 22.73 -42.47 53.71
N ASP G 3720 23.40 -42.87 52.63
CA ASP G 3720 23.92 -44.23 52.48
C ASP G 3720 25.44 -44.16 52.36
N TYR G 3721 26.13 -44.55 53.45
CA TYR G 3721 27.58 -44.51 53.44
C TYR G 3721 28.15 -45.44 52.39
N LEU G 3722 27.52 -46.59 52.19
CA LEU G 3722 28.01 -47.52 51.17
C LEU G 3722 27.92 -46.91 49.78
N TYR G 3723 26.78 -46.27 49.47
CA TYR G 3723 26.66 -45.63 48.17
C TYR G 3723 27.67 -44.51 48.02
N MET G 3724 27.87 -43.71 49.06
CA MET G 3724 28.84 -42.62 48.96
C MET G 3724 30.24 -43.16 48.71
N ALA G 3725 30.63 -44.21 49.43
CA ALA G 3725 31.96 -44.77 49.26
C ALA G 3725 32.15 -45.34 47.86
N TYR G 3726 31.15 -46.07 47.36
CA TYR G 3726 31.31 -46.68 46.05
C TYR G 3726 31.23 -45.64 44.94
N ALA G 3727 30.44 -44.59 45.13
CA ALA G 3727 30.42 -43.49 44.18
C ALA G 3727 31.78 -42.80 44.13
N ASP G 3728 32.40 -42.60 45.29
CA ASP G 3728 33.75 -42.02 45.31
C ASP G 3728 34.73 -42.93 44.58
N ILE G 3729 34.63 -44.24 44.80
CA ILE G 3729 35.52 -45.18 44.13
C ILE G 3729 35.35 -45.09 42.62
N MET G 3730 34.10 -45.10 42.16
CA MET G 3730 33.85 -45.03 40.71
C MET G 3730 34.35 -43.71 40.14
N ALA G 3731 34.13 -42.61 40.85
CA ALA G 3731 34.58 -41.31 40.37
C ALA G 3731 36.10 -41.28 40.26
N LYS G 3732 36.80 -41.80 41.27
CA LYS G 3732 38.26 -41.83 41.23
C LYS G 3732 38.79 -42.79 40.17
N SER G 3733 37.99 -43.78 39.77
CA SER G 3733 38.46 -44.71 38.74
C SER G 3733 38.63 -44.02 37.39
N CYS G 3734 37.98 -42.88 37.18
CA CYS G 3734 38.15 -42.07 35.96
C CYS G 3734 39.07 -40.92 36.30
N HIS G 3735 40.36 -41.10 36.01
CA HIS G 3735 41.39 -40.23 36.58
C HIS G 3735 41.27 -38.80 36.05
N LEU G 3736 41.22 -38.64 34.73
CA LEU G 3736 41.36 -37.33 34.10
C LEU G 3736 42.70 -36.69 34.50
N GLU G 3737 43.77 -37.38 34.12
CA GLU G 3737 45.12 -36.90 34.41
C GLU G 3737 45.44 -35.66 33.60
N VAL G 3752 55.28 -28.37 30.72
CA VAL G 3752 55.74 -29.28 29.68
C VAL G 3752 54.74 -29.31 28.53
N GLU G 3753 55.18 -29.83 27.39
CA GLU G 3753 54.33 -29.96 26.20
C GLU G 3753 54.18 -31.44 25.87
N VAL G 3754 52.93 -31.87 25.70
CA VAL G 3754 52.62 -33.26 25.36
C VAL G 3754 52.29 -33.33 23.87
N SER G 3755 52.73 -34.41 23.23
CA SER G 3755 52.53 -34.55 21.80
C SER G 3755 51.06 -34.80 21.48
N PHE G 3756 50.72 -34.62 20.21
CA PHE G 3756 49.36 -34.89 19.75
C PHE G 3756 48.98 -36.34 20.00
N GLU G 3757 49.90 -37.27 19.73
CA GLU G 3757 49.64 -38.68 20.00
C GLU G 3757 49.39 -38.91 21.48
N GLU G 3758 50.19 -38.28 22.34
CA GLU G 3758 50.02 -38.46 23.78
C GLU G 3758 48.67 -37.93 24.24
N LYS G 3759 48.26 -36.77 23.73
CA LYS G 3759 46.96 -36.22 24.08
C LYS G 3759 45.84 -37.15 23.64
N GLU G 3760 45.93 -37.67 22.42
CA GLU G 3760 44.90 -38.61 21.95
C GLU G 3760 44.86 -39.87 22.80
N MET G 3761 46.03 -40.39 23.17
CA MET G 3761 46.05 -41.58 24.01
C MET G 3761 45.43 -41.32 25.38
N GLU G 3762 45.72 -40.16 25.97
CA GLU G 3762 45.10 -39.81 27.25
C GLU G 3762 43.59 -39.72 27.11
N LYS G 3763 43.11 -39.09 26.03
CA LYS G 3763 41.67 -38.98 25.82
C LYS G 3763 41.04 -40.37 25.68
N GLN G 3764 41.68 -41.26 24.93
CA GLN G 3764 41.13 -42.61 24.76
C GLN G 3764 41.15 -43.38 26.07
N ARG G 3765 42.19 -43.20 26.87
CA ARG G 3765 42.24 -43.87 28.17
C ARG G 3765 41.09 -43.39 29.05
N LEU G 3766 40.86 -42.09 29.10
CA LEU G 3766 39.75 -41.56 29.89
C LEU G 3766 38.42 -42.07 29.36
N LEU G 3767 38.28 -42.12 28.03
CA LEU G 3767 37.04 -42.63 27.45
C LEU G 3767 36.79 -44.08 27.85
N TYR G 3768 37.83 -44.91 27.83
CA TYR G 3768 37.67 -46.30 28.24
C TYR G 3768 37.28 -46.40 29.71
N GLN G 3769 37.94 -45.61 30.56
CA GLN G 3769 37.60 -45.64 31.98
C GLN G 3769 36.16 -45.22 32.21
N GLN G 3770 35.70 -44.20 31.50
CA GLN G 3770 34.32 -43.75 31.64
C GLN G 3770 33.34 -44.78 31.09
N SER G 3771 33.72 -45.46 30.01
CA SER G 3771 32.84 -46.49 29.44
C SER G 3771 32.70 -47.67 30.37
N ARG G 3772 33.74 -47.98 31.13
CA ARG G 3772 33.62 -49.05 32.12
C ARG G 3772 32.42 -48.83 33.02
N LEU G 3773 32.11 -47.57 33.35
CA LEU G 3773 30.98 -47.25 34.21
C LEU G 3773 29.70 -47.04 33.42
N HIS G 3774 29.74 -46.27 32.34
CA HIS G 3774 28.49 -45.91 31.67
C HIS G 3774 27.93 -47.07 30.86
N ASN G 3775 28.73 -48.10 30.59
CA ASN G 3775 28.19 -49.33 30.03
C ASN G 3775 27.48 -50.18 31.07
N ARG G 3776 27.56 -49.81 32.35
CA ARG G 3776 26.91 -50.54 33.43
C ARG G 3776 25.75 -49.76 34.03
N GLY G 3777 25.29 -48.69 33.38
CA GLY G 3777 24.17 -47.92 33.87
C GLY G 3777 24.51 -46.81 34.84
N ALA G 3778 25.78 -46.42 34.95
CA ALA G 3778 26.16 -45.39 35.91
C ALA G 3778 25.51 -44.06 35.59
N ALA G 3779 25.33 -43.74 34.32
CA ALA G 3779 24.71 -42.46 33.96
C ALA G 3779 23.27 -42.39 34.44
N GLU G 3780 22.50 -43.44 34.15
CA GLU G 3780 21.12 -43.49 34.63
C GLU G 3780 21.07 -43.50 36.15
N MET G 3781 22.02 -44.18 36.79
CA MET G 3781 22.06 -44.17 38.25
C MET G 3781 22.29 -42.76 38.78
N VAL G 3782 23.19 -42.01 38.14
CA VAL G 3782 23.46 -40.63 38.56
C VAL G 3782 22.21 -39.79 38.44
N LEU G 3783 21.53 -39.87 37.28
CA LEU G 3783 20.32 -39.10 37.09
C LEU G 3783 19.25 -39.49 38.12
N GLN G 3784 19.09 -40.79 38.36
CA GLN G 3784 18.09 -41.25 39.32
C GLN G 3784 18.39 -40.73 40.72
N MET G 3785 19.67 -40.76 41.12
CA MET G 3785 20.02 -40.29 42.45
C MET G 3785 19.80 -38.78 42.57
N ILE G 3786 20.12 -38.02 41.53
CA ILE G 3786 19.85 -36.59 41.55
C ILE G 3786 18.36 -36.34 41.73
N SER G 3787 17.53 -37.09 40.99
CA SER G 3787 16.09 -36.93 41.13
C SER G 3787 15.63 -37.32 42.54
N ALA G 3788 16.19 -38.39 43.08
CA ALA G 3788 15.76 -38.89 44.38
C ALA G 3788 16.16 -37.95 45.51
N CYS G 3789 17.24 -37.19 45.33
CA CYS G 3789 17.63 -36.24 46.37
C CYS G 3789 16.54 -35.20 46.63
N LYS G 3790 15.66 -34.98 45.65
CA LYS G 3790 14.52 -34.07 45.81
C LYS G 3790 14.97 -32.68 46.26
N GLY G 3791 16.07 -32.20 45.68
CA GLY G 3791 16.51 -30.85 45.92
C GLY G 3791 17.16 -30.59 47.26
N GLU G 3792 17.47 -31.64 48.02
CA GLU G 3792 18.09 -31.49 49.33
C GLU G 3792 19.60 -31.65 49.19
N THR G 3793 20.34 -30.65 49.65
CA THR G 3793 21.80 -30.72 49.61
C THR G 3793 22.31 -31.71 50.64
N GLY G 3794 23.49 -32.25 50.40
CA GLY G 3794 24.10 -33.17 51.33
C GLY G 3794 25.17 -34.02 50.66
N ALA G 3795 25.71 -34.92 51.46
CA ALA G 3795 26.79 -35.80 50.98
C ALA G 3795 26.32 -36.67 49.83
N MET G 3796 25.09 -37.15 49.87
CA MET G 3796 24.60 -38.03 48.80
C MET G 3796 24.63 -37.31 47.45
N VAL G 3797 24.03 -36.11 47.40
CA VAL G 3797 23.99 -35.38 46.13
C VAL G 3797 25.38 -34.91 45.75
N SER G 3798 26.22 -34.55 46.72
CA SER G 3798 27.58 -34.16 46.39
C SER G 3798 28.33 -35.30 45.72
N SER G 3799 28.25 -36.50 46.28
CA SER G 3799 28.90 -37.66 45.66
C SER G 3799 28.30 -37.96 44.29
N THR G 3800 26.99 -37.85 44.15
CA THR G 3800 26.36 -38.11 42.87
C THR G 3800 26.86 -37.14 41.81
N LEU G 3801 26.95 -35.86 42.16
CA LEU G 3801 27.43 -34.86 41.21
C LEU G 3801 28.89 -35.10 40.86
N LYS G 3802 29.71 -35.48 41.84
CA LYS G 3802 31.11 -35.77 41.54
C LYS G 3802 31.23 -36.96 40.60
N LEU G 3803 30.44 -38.01 40.81
CA LEU G 3803 30.46 -39.16 39.92
C LEU G 3803 30.01 -38.77 38.52
N GLY G 3804 28.95 -37.96 38.42
CA GLY G 3804 28.51 -37.50 37.11
C GLY G 3804 29.57 -36.71 36.38
N ILE G 3805 30.24 -35.82 37.11
CA ILE G 3805 31.34 -35.07 36.52
C ILE G 3805 32.44 -36.01 36.05
N SER G 3806 32.77 -37.02 36.86
CA SER G 3806 33.84 -37.94 36.50
C SER G 3806 33.51 -38.67 35.21
N ILE G 3807 32.27 -39.12 35.05
CA ILE G 3807 31.92 -39.85 33.82
C ILE G 3807 31.63 -38.93 32.65
N LEU G 3808 31.39 -37.64 32.88
CA LEU G 3808 31.16 -36.70 31.79
C LEU G 3808 32.38 -35.89 31.39
N ASN G 3809 33.48 -36.00 32.12
CA ASN G 3809 34.65 -35.16 31.86
C ASN G 3809 35.11 -35.27 30.42
N GLY G 3810 35.50 -34.15 29.84
CA GLY G 3810 35.91 -34.11 28.46
C GLY G 3810 34.78 -33.99 27.47
N GLY G 3811 33.54 -33.90 27.94
CA GLY G 3811 32.39 -33.84 27.06
C GLY G 3811 32.08 -35.18 26.44
N ASN G 3812 31.88 -36.19 27.27
CA ASN G 3812 31.62 -37.54 26.79
C ASN G 3812 30.28 -37.58 26.05
N ALA G 3813 30.34 -37.68 24.72
CA ALA G 3813 29.13 -37.65 23.91
C ALA G 3813 28.25 -38.86 24.18
N GLU G 3814 28.84 -40.03 24.38
CA GLU G 3814 28.04 -41.22 24.65
C GLU G 3814 27.29 -41.10 25.96
N VAL G 3815 27.95 -40.60 27.01
CA VAL G 3815 27.27 -40.40 28.28
C VAL G 3815 26.19 -39.34 28.15
N GLN G 3816 26.47 -38.27 27.42
CA GLN G 3816 25.44 -37.25 27.20
C GLN G 3816 24.23 -37.84 26.50
N GLN G 3817 24.46 -38.66 25.48
CA GLN G 3817 23.36 -39.29 24.76
C GLN G 3817 22.56 -40.20 25.67
N LYS G 3818 23.24 -41.01 26.48
CA LYS G 3818 22.52 -41.90 27.38
C LYS G 3818 21.68 -41.12 28.38
N MET G 3819 22.24 -40.06 28.96
CA MET G 3819 21.49 -39.26 29.92
C MET G 3819 20.29 -38.60 29.27
N LEU G 3820 20.47 -38.02 28.09
CA LEU G 3820 19.36 -37.35 27.42
C LEU G 3820 18.28 -38.34 27.04
N ASP G 3821 18.66 -39.51 26.55
CA ASP G 3821 17.68 -40.53 26.20
C ASP G 3821 16.90 -40.98 27.43
N TYR G 3822 17.59 -41.20 28.54
CA TYR G 3822 16.90 -41.62 29.75
C TYR G 3822 15.91 -40.55 30.22
N LEU G 3823 16.36 -39.28 30.22
CA LEU G 3823 15.47 -38.22 30.68
C LEU G 3823 14.25 -38.08 29.79
N LYS G 3824 14.45 -38.13 28.47
CA LYS G 3824 13.35 -37.97 27.55
C LYS G 3824 12.43 -39.19 27.52
N ASP G 3825 12.93 -40.36 27.87
CA ASP G 3825 12.10 -41.56 27.96
C ASP G 3825 11.26 -41.56 29.23
N LYS G 3826 11.85 -41.17 30.36
CA LYS G 3826 11.11 -41.16 31.62
C LYS G 3826 10.14 -39.98 31.69
N LYS G 3827 10.47 -38.85 31.08
CA LYS G 3827 9.60 -37.68 31.08
C LYS G 3827 9.20 -37.30 32.50
N GLU G 3828 10.18 -37.32 33.41
CA GLU G 3828 9.96 -37.03 34.82
C GLU G 3828 10.42 -35.62 35.15
N VAL G 3829 9.56 -34.85 35.81
CA VAL G 3829 9.89 -33.48 36.20
C VAL G 3829 10.76 -33.41 37.43
N GLY G 3830 10.90 -34.51 38.18
CA GLY G 3830 11.63 -34.49 39.42
C GLY G 3830 13.09 -34.14 39.25
N PHE G 3831 13.71 -34.58 38.15
CA PHE G 3831 15.14 -34.32 37.96
C PHE G 3831 15.41 -32.81 37.91
N PHE G 3832 14.70 -32.10 37.04
CA PHE G 3832 14.94 -30.67 36.93
C PHE G 3832 14.38 -29.90 38.12
N GLN G 3833 13.32 -30.40 38.75
CA GLN G 3833 12.88 -29.78 40.00
C GLN G 3833 13.98 -29.85 41.06
N SER G 3834 14.64 -30.99 41.19
CA SER G 3834 15.74 -31.14 42.12
C SER G 3834 16.90 -30.24 41.74
N ILE G 3835 17.21 -30.15 40.44
CA ILE G 3835 18.29 -29.29 40.00
C ILE G 3835 18.00 -27.84 40.38
N GLN G 3836 16.78 -27.38 40.12
CA GLN G 3836 16.41 -26.02 40.44
C GLN G 3836 16.47 -25.76 41.94
N ALA G 3837 15.99 -26.72 42.75
CA ALA G 3837 16.05 -26.55 44.19
C ALA G 3837 17.48 -26.45 44.69
N LEU G 3838 18.37 -27.31 44.19
CA LEU G 3838 19.77 -27.23 44.58
C LEU G 3838 20.38 -25.90 44.18
N MET G 3839 20.10 -25.45 42.96
CA MET G 3839 20.64 -24.17 42.50
C MET G 3839 20.16 -23.04 43.40
N GLN G 3840 18.89 -23.07 43.81
CA GLN G 3840 18.39 -22.04 44.71
C GLN G 3840 19.02 -22.13 46.10
N THR G 3841 19.37 -23.33 46.55
CA THR G 3841 20.04 -23.45 47.83
C THR G 3841 21.50 -23.02 47.78
N CYS G 3842 22.11 -22.99 46.60
CA CYS G 3842 23.49 -22.53 46.49
C CYS G 3842 23.62 -21.12 47.06
N SER G 3843 24.68 -20.91 47.85
CA SER G 3843 24.85 -19.67 48.59
C SER G 3843 25.82 -18.72 47.89
N VAL G 3844 25.84 -17.48 48.37
CA VAL G 3844 26.70 -16.42 47.86
C VAL G 3844 27.43 -15.79 49.04
N LEU G 3845 28.20 -14.74 48.75
CA LEU G 3845 28.94 -14.02 49.78
C LEU G 3845 27.97 -13.40 50.79
N ASP G 3846 28.25 -13.59 52.06
CA ASP G 3846 27.40 -13.09 53.14
C ASP G 3846 28.23 -12.20 54.06
N LEU G 3847 27.94 -10.89 54.04
CA LEU G 3847 28.74 -9.95 54.82
C LEU G 3847 28.49 -10.09 56.31
N ASN G 3848 27.26 -10.39 56.72
CA ASN G 3848 27.00 -10.61 58.14
C ASN G 3848 27.76 -11.82 58.65
N ALA G 3849 27.76 -12.91 57.88
CA ALA G 3849 28.55 -14.07 58.26
C ALA G 3849 30.04 -13.74 58.29
N PHE G 3850 30.49 -12.91 57.35
CA PHE G 3850 31.89 -12.50 57.34
C PHE G 3850 32.25 -11.74 58.62
N GLU G 3851 31.38 -10.81 59.04
CA GLU G 3851 31.65 -10.04 60.25
C GLU G 3851 31.64 -10.94 61.49
N ARG G 3852 30.68 -11.87 61.55
CA ARG G 3852 30.64 -12.80 62.68
C ARG G 3852 31.91 -13.65 62.73
N GLN G 3853 32.38 -14.12 61.57
CA GLN G 3853 33.61 -14.90 61.54
C GLN G 3853 34.80 -14.06 61.95
N ASN G 3854 34.85 -12.80 61.55
CA ASN G 3854 35.93 -11.92 61.97
C ASN G 3854 35.94 -11.77 63.49
N LYS G 3855 34.77 -11.56 64.09
CA LYS G 3855 34.71 -11.46 65.54
C LYS G 3855 35.15 -12.76 66.21
N ALA G 3856 34.70 -13.90 65.67
CA ALA G 3856 35.05 -15.18 66.26
C ALA G 3856 36.56 -15.40 66.21
N GLU G 3857 37.18 -15.07 65.08
CA GLU G 3857 38.64 -15.17 64.98
C GLU G 3857 39.31 -14.21 65.94
N GLY G 3858 38.75 -13.01 66.10
CA GLY G 3858 39.32 -12.06 67.05
C GLY G 3858 39.36 -12.61 68.45
N LEU G 3859 38.31 -13.34 68.85
CA LEU G 3859 38.31 -13.99 70.15
C LEU G 3859 39.55 -14.88 70.27
N GLY G 3860 40.28 -14.73 71.37
CA GLY G 3860 41.52 -15.43 71.60
C GLY G 3860 41.40 -16.55 72.60
N MET G 3861 42.47 -17.33 72.71
CA MET G 3861 42.55 -18.46 73.61
C MET G 3861 43.08 -17.98 74.95
N VAL G 3862 42.70 -18.67 76.02
CA VAL G 3862 43.29 -18.47 77.34
C VAL G 3862 43.64 -19.78 78.01
N ASN G 3863 43.26 -20.91 77.44
CA ASN G 3863 43.51 -22.23 78.01
C ASN G 3863 44.15 -23.12 76.95
N GLU G 3864 44.24 -24.42 77.25
CA GLU G 3864 44.87 -25.35 76.34
C GLU G 3864 44.11 -25.40 75.02
N ASP G 3865 44.85 -25.64 73.93
CA ASP G 3865 44.24 -25.71 72.61
C ASP G 3865 43.18 -26.80 72.55
N GLY G 3866 43.42 -27.94 73.22
CA GLY G 3866 42.42 -28.99 73.25
C GLY G 3866 41.15 -28.54 73.95
N THR G 3867 41.29 -27.84 75.07
CA THR G 3867 40.12 -27.35 75.80
C THR G 3867 39.34 -26.35 74.96
N VAL G 3868 40.05 -25.43 74.29
CA VAL G 3868 39.39 -24.43 73.46
C VAL G 3868 39.10 -25.02 72.09
N ILE G 3869 38.19 -24.38 71.34
CA ILE G 3869 37.85 -24.85 70.00
C ILE G 3869 38.82 -24.36 68.95
N ASN G 3870 39.64 -23.35 69.26
CA ASN G 3870 40.60 -22.74 68.35
C ASN G 3870 39.94 -21.96 67.23
N ARG G 3871 38.64 -21.71 67.33
CA ARG G 3871 37.90 -20.94 66.32
C ARG G 3871 38.15 -21.49 64.92
N GLN G 3872 38.39 -22.80 64.82
CA GLN G 3872 38.55 -23.49 63.55
C GLN G 3872 37.22 -23.93 62.96
N ASN G 3873 36.12 -23.31 63.39
CA ASN G 3873 34.80 -23.66 62.87
C ASN G 3873 34.80 -23.53 61.35
N GLY G 3874 34.13 -24.47 60.68
CA GLY G 3874 34.03 -24.45 59.23
C GLY G 3874 33.68 -23.07 58.71
N GLU G 3875 34.14 -22.76 57.51
CA GLU G 3875 33.93 -21.42 56.96
C GLU G 3875 32.44 -21.11 56.91
N LYS G 3876 32.10 -19.88 57.29
CA LYS G 3876 30.71 -19.42 57.26
C LYS G 3876 30.36 -18.69 55.97
N VAL G 3877 31.35 -18.24 55.22
CA VAL G 3877 31.12 -17.49 53.99
C VAL G 3877 31.33 -18.44 52.81
N MET G 3878 30.27 -18.64 52.02
CA MET G 3878 30.30 -19.54 50.88
C MET G 3878 30.90 -20.89 51.28
N ALA G 3879 30.30 -21.49 52.32
CA ALA G 3879 30.76 -22.77 52.82
C ALA G 3879 30.53 -23.91 51.83
N ASP G 3880 29.57 -23.75 50.91
CA ASP G 3880 29.23 -24.76 49.92
C ASP G 3880 29.74 -24.40 48.53
N ASP G 3881 30.84 -23.64 48.45
CA ASP G 3881 31.35 -23.22 47.16
C ASP G 3881 31.77 -24.41 46.31
N GLU G 3882 32.32 -25.45 46.95
CA GLU G 3882 32.69 -26.65 46.22
C GLU G 3882 31.46 -27.31 45.60
N PHE G 3883 30.36 -27.41 46.37
CA PHE G 3883 29.14 -28.00 45.82
C PHE G 3883 28.58 -27.16 44.70
N THR G 3884 28.61 -25.83 44.84
CA THR G 3884 28.11 -24.95 43.78
C THR G 3884 28.92 -25.15 42.51
N GLN G 3885 30.25 -25.20 42.64
CA GLN G 3885 31.10 -25.42 41.48
C GLN G 3885 30.81 -26.77 40.85
N ASP G 3886 30.60 -27.81 41.67
CA ASP G 3886 30.29 -29.13 41.12
C ASP G 3886 28.96 -29.12 40.38
N LEU G 3887 27.94 -28.47 40.94
CA LEU G 3887 26.64 -28.43 40.28
C LEU G 3887 26.74 -27.74 38.92
N PHE G 3888 27.38 -26.57 38.87
CA PHE G 3888 27.46 -25.86 37.60
C PHE G 3888 28.43 -26.55 36.63
N ARG G 3889 29.45 -27.23 37.15
CA ARG G 3889 30.32 -28.02 36.29
C ARG G 3889 29.56 -29.18 35.66
N PHE G 3890 28.69 -29.84 36.43
CA PHE G 3890 27.86 -30.91 35.88
C PHE G 3890 26.93 -30.37 34.79
N LEU G 3891 26.29 -29.24 35.07
CA LEU G 3891 25.40 -28.65 34.06
C LEU G 3891 26.18 -28.25 32.82
N GLN G 3892 27.38 -27.71 32.98
CA GLN G 3892 28.22 -27.39 31.82
C GLN G 3892 28.58 -28.64 31.04
N LEU G 3893 29.03 -29.68 31.73
CA LEU G 3893 29.46 -30.90 31.05
C LEU G 3893 28.31 -31.59 30.33
N LEU G 3894 27.07 -31.36 30.76
CA LEU G 3894 25.95 -31.88 29.99
C LEU G 3894 25.92 -31.30 28.58
N CYS G 3895 26.35 -30.06 28.41
CA CYS G 3895 26.34 -29.39 27.12
C CYS G 3895 27.71 -29.34 26.44
N GLU G 3896 28.77 -29.77 27.13
CA GLU G 3896 30.10 -29.68 26.57
C GLU G 3896 30.16 -30.34 25.20
N GLY G 3897 30.91 -29.72 24.28
CA GLY G 3897 30.97 -30.17 22.91
C GLY G 3897 29.90 -29.61 22.01
N HIS G 3898 29.13 -28.62 22.49
CA HIS G 3898 28.05 -28.01 21.71
C HIS G 3898 26.97 -29.03 21.38
N ASN G 3899 26.53 -29.75 22.42
CA ASN G 3899 25.44 -30.72 22.29
C ASN G 3899 24.14 -29.94 22.15
N ASN G 3900 23.69 -29.74 20.91
CA ASN G 3900 22.51 -28.91 20.67
C ASN G 3900 21.28 -29.48 21.33
N ASP G 3901 21.10 -30.81 21.27
CA ASP G 3901 19.91 -31.41 21.85
C ASP G 3901 19.83 -31.16 23.35
N PHE G 3902 20.95 -31.35 24.05
CA PHE G 3902 20.92 -31.17 25.50
C PHE G 3902 20.88 -29.69 25.87
N GLN G 3903 21.48 -28.83 25.04
CA GLN G 3903 21.37 -27.40 25.26
C GLN G 3903 19.91 -26.96 25.18
N ASN G 3904 19.18 -27.44 24.17
CA ASN G 3904 17.76 -27.12 24.05
C ASN G 3904 16.97 -27.74 25.20
N TYR G 3905 17.29 -28.97 25.58
CA TYR G 3905 16.56 -29.63 26.67
C TYR G 3905 16.71 -28.88 27.98
N LEU G 3906 17.91 -28.37 28.27
CA LEU G 3906 18.10 -27.60 29.50
C LEU G 3906 17.19 -26.38 29.54
N ARG G 3907 16.85 -25.83 28.39
CA ARG G 3907 15.96 -24.66 28.36
C ARG G 3907 14.50 -25.07 28.44
N THR G 3908 14.09 -26.06 27.66
CA THR G 3908 12.70 -26.48 27.62
C THR G 3908 12.63 -28.00 27.46
N GLN G 3909 11.86 -28.65 28.33
CA GLN G 3909 11.61 -30.08 28.25
C GLN G 3909 10.23 -30.25 27.63
N THR G 3910 10.19 -30.46 26.32
CA THR G 3910 8.94 -30.42 25.58
C THR G 3910 7.97 -31.50 26.04
N GLY G 3911 8.47 -32.72 26.26
CA GLY G 3911 7.60 -33.83 26.58
C GLY G 3911 7.04 -33.81 27.99
N ASN G 3912 7.69 -33.11 28.91
CA ASN G 3912 7.24 -33.11 30.28
C ASN G 3912 5.98 -32.26 30.45
N THR G 3913 5.23 -32.55 31.51
CA THR G 3913 4.03 -31.77 31.78
C THR G 3913 4.38 -30.34 32.16
N THR G 3914 5.46 -30.15 32.90
CA THR G 3914 5.96 -28.83 33.24
C THR G 3914 7.44 -28.77 32.90
N THR G 3915 7.91 -27.56 32.56
CA THR G 3915 9.30 -27.34 32.17
C THR G 3915 9.94 -26.32 33.10
N ILE G 3916 11.26 -26.44 33.24
CA ILE G 3916 12.05 -25.52 34.04
C ILE G 3916 13.20 -25.02 33.16
N ASN G 3917 13.40 -23.71 33.12
CA ASN G 3917 14.44 -23.10 32.30
C ASN G 3917 15.72 -23.03 33.12
N ILE G 3918 16.57 -24.05 32.99
CA ILE G 3918 17.81 -24.09 33.74
C ILE G 3918 18.74 -22.95 33.32
N ILE G 3919 18.63 -22.47 32.09
CA ILE G 3919 19.44 -21.33 31.67
C ILE G 3919 19.09 -20.10 32.50
N ILE G 3920 17.80 -19.83 32.65
CA ILE G 3920 17.38 -18.69 33.46
C ILE G 3920 17.68 -18.92 34.94
N CYS G 3921 17.61 -20.17 35.41
CA CYS G 3921 18.00 -20.44 36.79
C CYS G 3921 19.47 -20.10 37.01
N THR G 3922 20.33 -20.48 36.06
CA THR G 3922 21.74 -20.13 36.15
C THR G 3922 21.93 -18.62 36.14
N VAL G 3923 21.18 -17.91 35.29
CA VAL G 3923 21.29 -16.46 35.24
C VAL G 3923 20.87 -15.85 36.58
N ASP G 3924 19.82 -16.40 37.20
CA ASP G 3924 19.37 -15.89 38.48
C ASP G 3924 20.44 -16.08 39.55
N TYR G 3925 21.06 -17.25 39.59
CA TYR G 3925 22.14 -17.45 40.55
C TYR G 3925 23.30 -16.50 40.28
N LEU G 3926 23.62 -16.28 39.00
CA LEU G 3926 24.70 -15.36 38.67
C LEU G 3926 24.37 -13.96 39.15
N LEU G 3927 23.11 -13.53 39.00
CA LEU G 3927 22.71 -12.21 39.49
C LEU G 3927 22.86 -12.12 41.00
N ARG G 3928 22.43 -13.16 41.72
CA ARG G 3928 22.58 -13.15 43.17
C ARG G 3928 24.06 -13.04 43.57
N LEU G 3929 24.92 -13.82 42.91
CA LEU G 3929 26.34 -13.80 43.21
C LEU G 3929 26.95 -12.44 42.88
N GLN G 3930 26.53 -11.83 41.77
CA GLN G 3930 27.03 -10.52 41.40
C GLN G 3930 26.65 -9.48 42.44
N GLU G 3931 25.41 -9.53 42.93
CA GLU G 3931 25.00 -8.58 43.96
C GLU G 3931 25.80 -8.79 45.24
N SER G 3932 26.05 -10.05 45.62
CA SER G 3932 26.87 -10.30 46.80
C SER G 3932 28.29 -9.75 46.62
N ILE G 3933 28.86 -9.93 45.43
CA ILE G 3933 30.21 -9.44 45.18
C ILE G 3933 30.25 -7.92 45.21
N SER G 3934 29.22 -7.27 44.67
CA SER G 3934 29.14 -5.82 44.75
C SER G 3934 29.04 -5.35 46.20
N ASP G 3935 28.26 -6.04 47.01
CA ASP G 3935 28.20 -5.70 48.44
C ASP G 3935 29.56 -5.84 49.09
N PHE G 3936 30.30 -6.91 48.76
CA PHE G 3936 31.62 -7.10 49.33
C PHE G 3936 32.57 -5.97 48.90
N TYR G 3937 32.49 -5.58 47.62
CA TYR G 3937 33.32 -4.47 47.17
C TYR G 3937 33.00 -3.19 47.92
N TRP G 3938 31.71 -2.91 48.11
CA TRP G 3938 31.34 -1.71 48.85
C TRP G 3938 31.82 -1.78 50.28
N TYR G 3939 31.78 -2.97 50.88
CA TYR G 3939 32.31 -3.13 52.23
C TYR G 3939 33.79 -2.79 52.29
N TYR G 3940 34.56 -3.21 51.29
CA TYR G 3940 36.00 -3.01 51.29
C TYR G 3940 36.45 -1.74 50.58
N SER G 3941 35.53 -0.93 50.06
CA SER G 3941 35.92 0.21 49.24
C SER G 3941 36.70 1.25 50.06
N GLY G 3942 36.25 1.54 51.26
CA GLY G 3942 36.91 2.52 52.10
C GLY G 3942 38.29 2.10 52.55
N LYS G 3943 38.45 0.81 52.85
CA LYS G 3943 39.70 0.32 53.40
C LYS G 3943 40.82 0.42 52.38
N ASP G 3944 42.01 0.77 52.86
CA ASP G 3944 43.15 0.95 51.95
C ASP G 3944 43.58 -0.38 51.34
N VAL G 3945 43.61 -1.44 52.14
CA VAL G 3945 44.07 -2.75 51.69
C VAL G 3945 43.10 -3.81 52.19
N ILE G 3946 42.87 -4.82 51.35
CA ILE G 3946 42.00 -5.94 51.72
C ILE G 3946 42.80 -6.95 52.51
N GLU G 3947 42.29 -7.35 53.66
CA GLU G 3947 42.99 -8.31 54.50
C GLU G 3947 42.94 -9.70 53.87
N GLU G 3948 43.65 -10.63 54.48
CA GLU G 3948 43.80 -11.97 53.92
C GLU G 3948 42.46 -12.71 53.87
N GLN G 3949 41.66 -12.59 54.93
CA GLN G 3949 40.38 -13.26 54.97
C GLN G 3949 39.45 -12.74 53.88
N GLY G 3950 39.37 -11.41 53.73
CA GLY G 3950 38.58 -10.84 52.67
C GLY G 3950 39.08 -11.24 51.29
N LYS G 3951 40.40 -11.32 51.13
CA LYS G 3951 40.96 -11.77 49.86
C LYS G 3951 40.56 -13.20 49.56
N ARG G 3952 40.60 -14.07 50.56
CA ARG G 3952 40.23 -15.46 50.34
C ARG G 3952 38.76 -15.59 49.98
N ASN G 3953 37.89 -14.82 50.64
CA ASN G 3953 36.48 -14.85 50.30
C ASN G 3953 36.23 -14.33 48.89
N PHE G 3954 36.92 -13.25 48.52
CA PHE G 3954 36.83 -12.74 47.15
C PHE G 3954 37.25 -13.80 46.16
N SER G 3955 38.33 -14.53 46.46
CA SER G 3955 38.84 -15.55 45.55
C SER G 3955 37.83 -16.68 45.39
N LYS G 3956 37.21 -17.11 46.48
CA LYS G 3956 36.20 -18.16 46.39
C LYS G 3956 35.02 -17.70 45.54
N ALA G 3957 34.54 -16.48 45.77
CA ALA G 3957 33.44 -15.97 44.97
C ALA G 3957 33.82 -15.88 43.50
N MET G 3958 35.05 -15.45 43.21
CA MET G 3958 35.48 -15.33 41.82
C MET G 3958 35.60 -16.69 41.15
N SER G 3959 36.06 -17.71 41.88
CA SER G 3959 36.09 -19.05 41.30
C SER G 3959 34.69 -19.55 40.96
N VAL G 3960 33.74 -19.33 41.88
CA VAL G 3960 32.37 -19.74 41.59
C VAL G 3960 31.82 -18.99 40.38
N ALA G 3961 32.07 -17.68 40.31
CA ALA G 3961 31.60 -16.90 39.17
C ALA G 3961 32.24 -17.36 37.88
N LYS G 3962 33.51 -17.75 37.92
CA LYS G 3962 34.17 -18.29 36.74
C LYS G 3962 33.47 -19.54 36.26
N GLN G 3963 33.15 -20.44 37.20
CA GLN G 3963 32.44 -21.66 36.81
C GLN G 3963 31.09 -21.34 36.19
N VAL G 3964 30.36 -20.37 36.77
CA VAL G 3964 29.04 -20.03 36.25
C VAL G 3964 29.15 -19.43 34.85
N PHE G 3965 30.14 -18.57 34.63
CA PHE G 3965 30.34 -18.00 33.30
C PHE G 3965 30.66 -19.09 32.29
N ASN G 3966 31.49 -20.06 32.67
CA ASN G 3966 31.79 -21.16 31.77
C ASN G 3966 30.52 -21.97 31.47
N SER G 3967 29.67 -22.16 32.47
CA SER G 3967 28.42 -22.88 32.23
C SER G 3967 27.54 -22.16 31.23
N LEU G 3968 27.39 -20.84 31.38
CA LEU G 3968 26.57 -20.08 30.43
C LEU G 3968 27.18 -20.14 29.03
N THR G 3969 28.50 -20.02 28.94
CA THR G 3969 29.16 -20.12 27.65
C THR G 3969 28.88 -21.46 26.99
N GLU G 3970 28.94 -22.55 27.76
CA GLU G 3970 28.62 -23.86 27.19
C GLU G 3970 27.16 -23.97 26.82
N TYR G 3971 26.28 -23.32 27.57
CA TYR G 3971 24.87 -23.30 27.20
C TYR G 3971 24.66 -22.70 25.82
N ILE G 3972 25.33 -21.59 25.50
CA ILE G 3972 25.01 -20.84 24.29
C ILE G 3972 25.92 -21.17 23.11
N GLN G 3973 27.10 -21.74 23.34
CA GLN G 3973 28.05 -21.93 22.24
C GLN G 3973 27.56 -23.01 21.29
N GLY G 3974 27.89 -22.84 20.00
CA GLY G 3974 27.59 -23.82 18.99
C GLY G 3974 27.09 -23.24 17.68
N PRO G 3975 26.26 -22.20 17.72
CA PRO G 3975 25.48 -21.60 18.80
C PRO G 3975 24.13 -22.30 18.99
N CYS G 3976 23.60 -22.25 20.20
CA CYS G 3976 22.21 -22.63 20.46
C CYS G 3976 21.39 -21.34 20.40
N THR G 3977 20.68 -21.13 19.29
CA THR G 3977 20.00 -19.86 19.08
C THR G 3977 18.92 -19.63 20.11
N GLY G 3978 18.20 -20.69 20.50
CA GLY G 3978 17.18 -20.54 21.53
C GLY G 3978 17.77 -20.09 22.85
N ASN G 3979 18.89 -20.70 23.25
CA ASN G 3979 19.54 -20.28 24.49
C ASN G 3979 20.07 -18.85 24.38
N GLN G 3980 20.58 -18.48 23.21
CA GLN G 3980 21.03 -17.11 23.01
C GLN G 3980 19.88 -16.13 23.20
N GLN G 3981 18.71 -16.43 22.62
CA GLN G 3981 17.57 -15.56 22.76
C GLN G 3981 17.10 -15.49 24.21
N SER G 3982 17.03 -16.63 24.89
CA SER G 3982 16.61 -16.63 26.29
C SER G 3982 17.56 -15.80 27.15
N LEU G 3983 18.86 -15.95 26.95
CA LEU G 3983 19.81 -15.13 27.70
C LEU G 3983 19.66 -13.66 27.35
N ALA G 3984 19.47 -13.35 26.08
CA ALA G 3984 19.33 -11.96 25.67
C ALA G 3984 18.13 -11.30 26.33
N HIS G 3985 17.05 -12.06 26.54
CA HIS G 3985 15.85 -11.52 27.17
C HIS G 3985 15.85 -11.71 28.69
N SER G 3986 16.84 -12.39 29.25
CA SER G 3986 16.94 -12.59 30.68
C SER G 3986 17.52 -11.35 31.36
N ARG G 3987 17.82 -11.48 32.66
CA ARG G 3987 18.47 -10.44 33.43
C ARG G 3987 19.99 -10.52 33.36
N LEU G 3988 20.52 -11.17 32.33
CA LEU G 3988 21.98 -11.31 32.22
C LEU G 3988 22.66 -9.96 32.05
N TRP G 3989 22.02 -9.04 31.34
CA TRP G 3989 22.63 -7.75 31.08
C TRP G 3989 22.86 -6.98 32.39
N ASP G 3990 21.90 -7.06 33.31
CA ASP G 3990 22.08 -6.39 34.60
C ASP G 3990 23.26 -6.98 35.36
N ALA G 3991 23.39 -8.30 35.36
CA ALA G 3991 24.52 -8.94 36.00
C ALA G 3991 25.83 -8.49 35.38
N VAL G 3992 25.86 -8.39 34.05
CA VAL G 3992 27.08 -7.96 33.38
C VAL G 3992 27.40 -6.52 33.71
N VAL G 3993 26.38 -5.67 33.83
CA VAL G 3993 26.62 -4.27 34.21
C VAL G 3993 27.22 -4.19 35.60
N GLY G 3994 26.65 -4.93 36.55
CA GLY G 3994 27.20 -4.94 37.89
C GLY G 3994 28.61 -5.49 37.93
N PHE G 3995 28.87 -6.56 37.18
CA PHE G 3995 30.21 -7.11 37.12
C PHE G 3995 31.19 -6.13 36.52
N LEU G 3996 30.78 -5.38 35.50
CA LEU G 3996 31.66 -4.38 34.92
C LEU G 3996 31.99 -3.30 35.92
N HIS G 3997 31.00 -2.83 36.69
CA HIS G 3997 31.28 -1.85 37.73
C HIS G 3997 32.30 -2.40 38.73
N VAL G 3998 32.08 -3.62 39.22
CA VAL G 3998 32.96 -4.20 40.21
C VAL G 3998 34.37 -4.37 39.63
N PHE G 3999 34.45 -4.88 38.40
CA PHE G 3999 35.75 -5.08 37.77
C PHE G 3999 36.49 -3.77 37.64
N ALA G 4000 35.82 -2.74 37.12
CA ALA G 4000 36.46 -1.46 36.90
C ALA G 4000 37.01 -0.90 38.19
N HIS G 4001 36.24 -0.96 39.27
CA HIS G 4001 36.71 -0.34 40.51
C HIS G 4001 37.75 -1.20 41.23
N MET G 4002 37.59 -2.52 41.20
CA MET G 4002 38.54 -3.38 41.89
C MET G 4002 39.88 -3.43 41.18
N MET G 4003 39.89 -3.29 39.86
CA MET G 4003 41.16 -3.21 39.14
C MET G 4003 41.99 -2.07 39.68
N MET G 4004 41.41 -0.87 39.73
CA MET G 4004 42.16 0.29 40.20
C MET G 4004 42.51 0.17 41.68
N LYS G 4005 41.59 -0.38 42.49
CA LYS G 4005 41.90 -0.52 43.90
C LYS G 4005 43.07 -1.47 44.13
N LEU G 4006 43.06 -2.62 43.46
CA LEU G 4006 44.09 -3.63 43.68
C LEU G 4006 45.41 -3.28 43.02
N ALA G 4007 45.40 -2.47 41.95
CA ALA G 4007 46.65 -2.09 41.31
C ALA G 4007 47.52 -1.24 42.23
N GLN G 4008 46.97 -0.69 43.31
CA GLN G 4008 47.70 0.24 44.16
C GLN G 4008 48.47 -0.46 45.28
N ASP G 4009 48.40 -1.78 45.38
CA ASP G 4009 49.18 -2.53 46.36
C ASP G 4009 49.60 -3.85 45.75
N SER G 4010 50.91 -4.05 45.61
CA SER G 4010 51.42 -5.27 44.98
C SER G 4010 51.17 -6.51 45.82
N SER G 4011 50.74 -6.36 47.08
CA SER G 4011 50.42 -7.52 47.89
C SER G 4011 49.15 -8.22 47.43
N GLN G 4012 48.38 -7.61 46.52
CA GLN G 4012 47.14 -8.18 46.00
C GLN G 4012 47.26 -8.50 44.53
N ILE G 4013 48.48 -8.78 44.06
CA ILE G 4013 48.70 -9.02 42.64
C ILE G 4013 48.03 -10.33 42.22
N GLU G 4014 48.03 -11.34 43.07
CA GLU G 4014 47.37 -12.60 42.74
C GLU G 4014 45.87 -12.40 42.59
N LEU G 4015 45.26 -11.65 43.51
CA LEU G 4015 43.84 -11.36 43.40
C LEU G 4015 43.54 -10.56 42.14
N LEU G 4016 44.42 -9.62 41.79
CA LEU G 4016 44.22 -8.85 40.56
C LEU G 4016 44.29 -9.76 39.33
N LYS G 4017 45.25 -10.70 39.33
CA LYS G 4017 45.34 -11.63 38.21
C LYS G 4017 44.07 -12.47 38.09
N GLU G 4018 43.58 -12.98 39.22
CA GLU G 4018 42.36 -13.77 39.19
C GLU G 4018 41.18 -12.94 38.69
N LEU G 4019 41.09 -11.69 39.13
CA LEU G 4019 40.00 -10.82 38.69
C LEU G 4019 40.07 -10.59 37.19
N LEU G 4020 41.26 -10.34 36.66
CA LEU G 4020 41.41 -10.13 35.23
C LEU G 4020 41.03 -11.38 34.44
N ASP G 4021 41.42 -12.55 34.93
CA ASP G 4021 41.03 -13.78 34.25
C ASP G 4021 39.52 -13.96 34.27
N LEU G 4022 38.87 -13.59 35.39
CA LEU G 4022 37.41 -13.65 35.44
C LEU G 4022 36.78 -12.70 34.42
N GLN G 4023 37.33 -11.50 34.28
CA GLN G 4023 36.85 -10.60 33.23
C GLN G 4023 36.98 -11.25 31.87
N LYS G 4024 38.09 -11.93 31.63
CA LYS G 4024 38.28 -12.62 30.35
C LYS G 4024 37.19 -13.66 30.14
N ASP G 4025 36.84 -14.41 31.18
CA ASP G 4025 35.78 -15.40 31.06
C ASP G 4025 34.44 -14.75 30.73
N MET G 4026 34.13 -13.63 31.39
CA MET G 4026 32.88 -12.94 31.09
C MET G 4026 32.85 -12.44 29.65
N VAL G 4027 33.97 -11.91 29.17
CA VAL G 4027 34.02 -11.44 27.79
C VAL G 4027 33.88 -12.60 26.82
N VAL G 4028 34.43 -13.76 27.17
CA VAL G 4028 34.24 -14.95 26.35
C VAL G 4028 32.76 -15.31 26.28
N MET G 4029 32.05 -15.20 27.41
CA MET G 4029 30.62 -15.44 27.39
C MET G 4029 29.90 -14.46 26.47
N LEU G 4030 30.30 -13.19 26.51
CA LEU G 4030 29.68 -12.20 25.61
C LEU G 4030 29.94 -12.54 24.15
N LEU G 4031 31.16 -12.94 23.82
CA LEU G 4031 31.45 -13.32 22.44
C LEU G 4031 30.63 -14.53 22.02
N SER G 4032 30.46 -15.50 22.92
CA SER G 4032 29.59 -16.63 22.64
C SER G 4032 28.18 -16.17 22.35
N LEU G 4033 27.67 -15.21 23.13
CA LEU G 4033 26.38 -14.61 22.81
C LEU G 4033 26.36 -14.00 21.43
N LEU G 4034 27.48 -13.44 20.98
CA LEU G 4034 27.57 -12.85 19.64
C LEU G 4034 27.74 -13.88 18.53
N GLU G 4035 28.04 -15.13 18.85
CA GLU G 4035 28.18 -16.16 17.83
C GLU G 4035 26.94 -16.18 16.92
N GLY G 4036 27.17 -16.19 15.61
CA GLY G 4036 26.10 -16.24 14.65
C GLY G 4036 25.39 -14.93 14.41
N ASN G 4037 25.85 -13.85 15.02
CA ASN G 4037 25.18 -12.56 14.92
C ASN G 4037 25.28 -12.03 13.49
N VAL G 4038 24.21 -11.38 13.04
CA VAL G 4038 24.18 -10.74 11.74
C VAL G 4038 24.42 -9.24 11.93
N VAL G 4039 24.68 -8.55 10.83
CA VAL G 4039 24.88 -7.10 10.90
C VAL G 4039 23.60 -6.45 11.43
N ASN G 4040 23.78 -5.52 12.37
CA ASN G 4040 22.65 -4.87 13.04
C ASN G 4040 21.78 -5.88 13.78
N GLY G 4041 22.37 -6.94 14.29
CA GLY G 4041 21.61 -7.95 14.99
C GLY G 4041 21.07 -7.46 16.32
N MET G 4042 19.98 -8.10 16.75
CA MET G 4042 19.33 -7.69 17.99
C MET G 4042 20.25 -7.85 19.18
N ILE G 4043 20.97 -8.97 19.25
CA ILE G 4043 21.86 -9.22 20.39
C ILE G 4043 23.01 -8.24 20.38
N ALA G 4044 23.55 -7.93 19.20
CA ALA G 4044 24.63 -6.94 19.12
C ALA G 4044 24.15 -5.57 19.58
N ARG G 4045 22.95 -5.16 19.15
CA ARG G 4045 22.42 -3.88 19.60
C ARG G 4045 22.17 -3.87 21.10
N GLN G 4046 21.66 -4.97 21.65
CA GLN G 4046 21.49 -5.05 23.10
C GLN G 4046 22.82 -4.96 23.82
N MET G 4047 23.87 -5.59 23.28
CA MET G 4047 25.18 -5.50 23.90
C MET G 4047 25.72 -4.08 23.86
N VAL G 4048 25.50 -3.38 22.75
CA VAL G 4048 25.91 -1.98 22.68
C VAL G 4048 25.14 -1.16 23.72
N ASP G 4049 23.85 -1.43 23.88
CA ASP G 4049 23.07 -0.72 24.90
C ASP G 4049 23.62 -1.01 26.30
N MET G 4050 23.99 -2.26 26.56
CA MET G 4050 24.55 -2.62 27.86
C MET G 4050 25.87 -1.89 28.10
N LEU G 4051 26.74 -1.83 27.09
CA LEU G 4051 27.99 -1.11 27.25
C LEU G 4051 27.75 0.38 27.48
N VAL G 4052 26.79 0.97 26.77
CA VAL G 4052 26.48 2.38 26.95
C VAL G 4052 25.95 2.61 28.37
N GLU G 4053 25.16 1.66 28.89
CA GLU G 4053 24.68 1.76 30.26
C GLU G 4053 25.84 1.66 31.26
N SER G 4054 26.86 0.88 30.94
CA SER G 4054 28.04 0.77 31.78
C SER G 4054 29.17 1.69 31.31
N SER G 4055 28.84 2.75 30.58
CA SER G 4055 29.83 3.62 29.96
C SER G 4055 31.01 3.94 30.87
N SER G 4056 30.73 4.48 32.06
CA SER G 4056 31.81 4.98 32.91
C SER G 4056 32.77 3.86 33.31
N ASN G 4057 32.23 2.68 33.63
CA ASN G 4057 33.07 1.57 34.05
C ASN G 4057 33.85 0.99 32.87
N VAL G 4058 33.22 0.93 31.69
CA VAL G 4058 33.93 0.51 30.49
C VAL G 4058 35.07 1.49 30.20
N GLU G 4059 34.79 2.78 30.33
CA GLU G 4059 35.83 3.78 30.15
C GLU G 4059 36.96 3.59 31.15
N MET G 4060 36.62 3.25 32.40
CA MET G 4060 37.63 3.07 33.43
C MET G 4060 38.52 1.87 33.12
N ILE G 4061 37.92 0.77 32.67
CA ILE G 4061 38.71 -0.42 32.29
C ILE G 4061 39.63 -0.10 31.11
N LEU G 4062 39.08 0.54 30.08
CA LEU G 4062 39.90 0.91 28.93
C LEU G 4062 41.02 1.86 29.33
N LYS G 4063 40.75 2.77 30.26
CA LYS G 4063 41.78 3.69 30.72
C LYS G 4063 42.86 2.96 31.49
N PHE G 4064 42.48 1.95 32.28
CA PHE G 4064 43.49 1.13 32.95
C PHE G 4064 44.44 0.52 31.92
N PHE G 4065 43.88 -0.16 30.92
CA PHE G 4065 44.73 -0.80 29.91
C PHE G 4065 45.60 0.22 29.19
N ASP G 4066 44.99 1.33 28.75
CA ASP G 4066 45.73 2.34 28.00
C ASP G 4066 46.83 2.97 28.84
N MET G 4067 46.52 3.26 30.12
CA MET G 4067 47.52 3.86 30.99
C MET G 4067 48.72 2.97 31.15
N PHE G 4068 48.51 1.67 31.36
CA PHE G 4068 49.68 0.83 31.61
C PHE G 4068 50.44 0.51 30.32
N LEU G 4069 49.75 0.40 29.19
CA LEU G 4069 50.49 0.28 27.92
C LEU G 4069 51.34 1.52 27.66
N LYS G 4070 50.77 2.70 27.89
CA LYS G 4070 51.54 3.93 27.71
C LYS G 4070 52.67 4.04 28.71
N LEU G 4071 52.48 3.53 29.92
CA LEU G 4071 53.57 3.52 30.90
C LEU G 4071 54.73 2.67 30.40
N LYS G 4072 54.42 1.47 29.90
CA LYS G 4072 55.49 0.64 29.36
C LYS G 4072 56.19 1.34 28.20
N ASP G 4073 55.43 2.01 27.33
CA ASP G 4073 56.06 2.72 26.22
C ASP G 4073 56.96 3.85 26.71
N ILE G 4074 56.51 4.60 27.72
CA ILE G 4074 57.24 5.77 28.17
C ILE G 4074 58.52 5.36 28.90
N VAL G 4075 58.43 4.34 29.76
CA VAL G 4075 59.57 4.00 30.61
C VAL G 4075 60.79 3.66 29.76
N GLY G 4076 60.57 3.11 28.56
CA GLY G 4076 61.66 2.85 27.67
C GLY G 4076 62.12 4.03 26.83
N SER G 4077 61.44 5.17 26.96
CA SER G 4077 61.77 6.34 26.12
C SER G 4077 63.10 6.96 26.57
N GLU G 4078 63.84 7.56 25.65
CA GLU G 4078 65.12 8.22 25.99
C GLU G 4078 64.85 9.39 26.95
N ALA G 4079 63.78 10.15 26.70
CA ALA G 4079 63.47 11.33 27.54
C ALA G 4079 63.28 10.90 28.99
N PHE G 4080 62.52 9.82 29.21
CA PHE G 4080 62.26 9.36 30.60
C PHE G 4080 63.57 8.88 31.18
N GLN G 4081 64.33 8.12 30.41
CA GLN G 4081 65.60 7.56 30.94
C GLN G 4081 66.57 8.70 31.26
N ASP G 4082 66.36 9.88 30.68
CA ASP G 4082 67.20 11.05 31.02
C ASP G 4082 66.93 11.42 32.47
N TYR G 4083 65.66 11.35 32.87
CA TYR G 4083 65.29 11.66 34.28
C TYR G 4083 65.78 10.53 35.16
N VAL G 4084 66.01 9.34 34.58
CA VAL G 4084 66.57 8.33 35.46
C VAL G 4084 68.08 8.53 35.51
N THR G 4085 68.63 8.64 36.72
CA THR G 4085 70.06 8.90 36.90
C THR G 4085 70.72 7.98 37.91
N ASP G 4086 69.97 7.41 38.85
CA ASP G 4086 70.59 6.63 39.92
C ASP G 4086 71.32 5.43 39.32
N PRO G 4087 72.51 5.08 39.85
CA PRO G 4087 73.24 3.94 39.26
C PRO G 4087 72.45 2.64 39.28
N ARG G 4088 71.67 2.40 40.33
CA ARG G 4088 70.89 1.15 40.41
C ARG G 4088 69.80 1.09 39.35
N GLY G 4089 69.44 2.22 38.75
CA GLY G 4089 68.35 2.27 37.81
C GLY G 4089 67.01 2.61 38.41
N LEU G 4090 66.97 3.02 39.67
CA LEU G 4090 65.74 3.41 40.33
C LEU G 4090 65.53 4.91 40.21
N ILE G 4091 64.29 5.31 39.99
CA ILE G 4091 63.92 6.71 39.86
C ILE G 4091 63.07 7.08 41.08
N SER G 4092 63.41 8.21 41.69
CA SER G 4092 62.64 8.69 42.82
C SER G 4092 61.23 9.09 42.37
N LYS G 4093 60.32 9.16 43.33
CA LYS G 4093 58.95 9.56 43.01
C LYS G 4093 58.91 10.95 42.38
N LYS G 4094 59.80 11.85 42.81
CA LYS G 4094 59.78 13.22 42.31
C LYS G 4094 60.33 13.29 40.89
N ASP G 4095 61.41 12.56 40.61
CA ASP G 4095 61.91 12.49 39.24
C ASP G 4095 60.89 11.82 38.33
N PHE G 4096 60.19 10.81 38.85
CA PHE G 4096 59.12 10.18 38.07
C PHE G 4096 58.03 11.17 37.72
N GLN G 4097 57.61 11.98 38.70
CA GLN G 4097 56.62 13.00 38.44
C GLN G 4097 57.12 13.98 37.38
N LYS G 4098 58.36 14.43 37.50
CA LYS G 4098 58.91 15.38 36.54
C LYS G 4098 58.96 14.76 35.13
N ALA G 4099 59.41 13.52 35.05
CA ALA G 4099 59.51 12.84 33.75
C ALA G 4099 58.13 12.70 33.12
N MET G 4100 57.15 12.23 33.89
CA MET G 4100 55.78 12.02 33.36
C MET G 4100 55.21 13.36 32.87
N ASP G 4101 55.42 14.43 33.63
CA ASP G 4101 54.92 15.77 33.23
C ASP G 4101 55.50 16.13 31.87
N SER G 4102 56.81 15.90 31.69
CA SER G 4102 57.49 16.26 30.42
C SER G 4102 56.85 15.51 29.24
N GLN G 4103 56.60 14.21 29.39
CA GLN G 4103 56.03 13.41 28.28
C GLN G 4103 54.65 13.97 27.92
N LYS G 4104 53.96 14.58 28.89
CA LYS G 4104 52.66 15.24 28.62
C LYS G 4104 51.69 14.25 27.96
N GLN G 4105 51.62 13.02 28.47
CA GLN G 4105 50.67 12.01 27.94
C GLN G 4105 49.68 11.65 29.04
N PHE G 4106 50.06 11.88 30.30
CA PHE G 4106 49.18 11.55 31.45
C PHE G 4106 48.73 12.83 32.12
N THR G 4107 47.58 12.81 32.79
CA THR G 4107 47.09 14.00 33.53
C THR G 4107 47.59 13.94 34.95
N GLY G 4108 47.41 15.01 35.73
CA GLY G 4108 47.91 15.05 37.08
C GLY G 4108 47.35 13.92 37.94
N PRO G 4109 46.03 13.74 37.92
CA PRO G 4109 45.45 12.60 38.64
C PRO G 4109 45.97 11.25 38.17
N GLU G 4110 46.20 11.10 36.86
CA GLU G 4110 46.74 9.85 36.35
C GLU G 4110 48.15 9.61 36.86
N ILE G 4111 48.96 10.66 36.90
CA ILE G 4111 50.33 10.52 37.41
C ILE G 4111 50.30 10.20 38.90
N GLN G 4112 49.36 10.79 39.64
CA GLN G 4112 49.22 10.46 41.05
C GLN G 4112 48.85 8.99 41.24
N PHE G 4113 47.91 8.50 40.42
CA PHE G 4113 47.54 7.08 40.50
C PHE G 4113 48.73 6.19 40.16
N LEU G 4114 49.50 6.56 39.14
CA LEU G 4114 50.68 5.77 38.79
C LEU G 4114 51.69 5.76 39.92
N LEU G 4115 51.89 6.91 40.58
CA LEU G 4115 52.78 6.96 41.73
C LEU G 4115 52.28 6.07 42.85
N SER G 4116 50.95 6.06 43.08
CA SER G 4116 50.39 5.20 44.10
C SER G 4116 50.62 3.72 43.78
N CYS G 4117 50.56 3.35 42.51
CA CYS G 4117 50.80 1.97 42.08
C CYS G 4117 52.29 1.64 41.96
N SER G 4118 53.16 2.64 41.98
CA SER G 4118 54.57 2.42 41.70
C SER G 4118 55.25 1.49 42.71
N GLU G 4119 54.73 1.39 43.93
CA GLU G 4119 55.36 0.56 44.97
C GLU G 4119 56.75 1.09 45.30
N ALA G 4120 56.84 2.39 45.57
CA ALA G 4120 58.11 2.99 45.93
C ALA G 4120 58.60 2.43 47.27
N ASP G 4121 59.92 2.35 47.41
CA ASP G 4121 60.52 1.78 48.60
C ASP G 4121 60.54 2.80 49.72
N GLU G 4122 61.22 2.48 50.83
CA GLU G 4122 61.28 3.37 51.97
C GLU G 4122 61.99 4.69 51.67
N ASN G 4123 62.81 4.74 50.63
CA ASN G 4123 63.47 5.97 50.21
C ASN G 4123 62.77 6.64 49.04
N GLU G 4124 61.54 6.23 48.74
CA GLU G 4124 60.74 6.83 47.66
C GLU G 4124 61.40 6.58 46.29
N MET G 4125 62.00 5.40 46.14
CA MET G 4125 62.64 5.00 44.89
C MET G 4125 61.81 3.94 44.20
N ILE G 4126 61.58 4.11 42.91
CA ILE G 4126 60.74 3.23 42.11
C ILE G 4126 61.62 2.44 41.16
N ASN G 4127 61.35 1.14 41.05
CA ASN G 4127 62.00 0.29 40.05
C ASN G 4127 61.15 0.35 38.79
N CYS G 4128 61.54 1.22 37.86
CA CYS G 4128 60.70 1.52 36.71
C CYS G 4128 60.47 0.29 35.84
N GLU G 4129 61.48 -0.55 35.67
CA GLU G 4129 61.32 -1.75 34.83
C GLU G 4129 60.24 -2.65 35.40
N GLU G 4130 60.34 -2.97 36.69
CA GLU G 4130 59.33 -3.83 37.32
C GLU G 4130 57.97 -3.17 37.28
N PHE G 4131 57.90 -1.86 37.53
CA PHE G 4131 56.61 -1.18 37.53
C PHE G 4131 55.97 -1.25 36.14
N ALA G 4132 56.76 -1.04 35.09
CA ALA G 4132 56.24 -1.05 33.73
C ALA G 4132 55.87 -2.44 33.26
N ASN G 4133 56.52 -3.49 33.77
CA ASN G 4133 56.22 -4.84 33.34
C ASN G 4133 55.29 -5.61 34.27
N ARG G 4134 54.87 -5.01 35.39
CA ARG G 4134 54.06 -5.75 36.36
C ARG G 4134 52.74 -6.21 35.77
N PHE G 4135 52.00 -5.30 35.14
CA PHE G 4135 50.62 -5.58 34.72
C PHE G 4135 50.51 -6.01 33.27
N GLN G 4136 51.63 -6.20 32.57
CA GLN G 4136 51.55 -6.51 31.15
C GLN G 4136 51.01 -7.91 30.92
N GLU G 4137 51.71 -8.94 31.41
CA GLU G 4137 51.25 -10.30 31.18
C GLU G 4137 49.90 -10.56 31.84
N PRO G 4138 49.65 -10.16 33.08
CA PRO G 4138 48.34 -10.44 33.69
C PRO G 4138 47.17 -9.89 32.90
N ALA G 4139 47.32 -8.73 32.27
CA ALA G 4139 46.21 -8.05 31.60
C ALA G 4139 46.16 -8.32 30.10
N ARG G 4140 47.01 -9.20 29.58
CA ARG G 4140 47.07 -9.37 28.13
C ARG G 4140 45.84 -10.11 27.61
N ASP G 4141 45.42 -11.17 28.30
CA ASP G 4141 44.30 -11.97 27.83
C ASP G 4141 43.01 -11.14 27.80
N ILE G 4142 42.70 -10.47 28.91
CA ILE G 4142 41.48 -9.66 28.95
C ILE G 4142 41.59 -8.49 27.99
N GLY G 4143 42.78 -7.94 27.84
CA GLY G 4143 42.96 -6.85 26.88
C GLY G 4143 42.68 -7.30 25.46
N PHE G 4144 43.23 -8.45 25.06
CA PHE G 4144 42.97 -8.98 23.73
C PHE G 4144 41.49 -9.28 23.54
N ASN G 4145 40.85 -9.86 24.55
CA ASN G 4145 39.45 -10.20 24.41
C ASN G 4145 38.57 -8.95 24.33
N VAL G 4146 38.93 -7.90 25.05
CA VAL G 4146 38.21 -6.63 24.94
C VAL G 4146 38.39 -6.05 23.54
N ALA G 4147 39.60 -6.11 23.01
CA ALA G 4147 39.83 -5.64 21.65
C ALA G 4147 38.98 -6.43 20.66
N VAL G 4148 38.91 -7.75 20.84
CA VAL G 4148 38.12 -8.60 19.95
C VAL G 4148 36.64 -8.25 20.05
N LEU G 4149 36.15 -8.05 21.27
CA LEU G 4149 34.74 -7.72 21.47
C LEU G 4149 34.40 -6.39 20.80
N LEU G 4150 35.25 -5.39 21.00
CA LEU G 4150 35.01 -4.09 20.40
C LEU G 4150 35.07 -4.17 18.87
N THR G 4151 36.03 -4.90 18.33
CA THR G 4151 36.10 -5.05 16.87
C THR G 4151 34.87 -5.75 16.32
N ASN G 4152 34.44 -6.83 16.98
CA ASN G 4152 33.27 -7.57 16.53
C ASN G 4152 32.03 -6.67 16.54
N LEU G 4153 31.80 -5.99 17.66
CA LEU G 4153 30.63 -5.12 17.75
C LEU G 4153 30.71 -3.97 16.75
N SER G 4154 31.90 -3.39 16.56
CA SER G 4154 32.03 -2.30 15.61
C SER G 4154 31.74 -2.75 14.19
N GLU G 4155 32.20 -3.94 13.81
CA GLU G 4155 31.97 -4.44 12.46
C GLU G 4155 30.56 -4.94 12.24
N HIS G 4156 29.84 -5.34 13.29
CA HIS G 4156 28.47 -5.81 13.12
C HIS G 4156 27.42 -4.79 13.48
N VAL G 4157 27.80 -3.63 14.00
CA VAL G 4157 26.88 -2.51 14.20
C VAL G 4157 27.56 -1.27 13.63
N PRO G 4158 27.67 -1.16 12.31
CA PRO G 4158 28.55 -0.12 11.73
C PRO G 4158 28.15 1.31 12.09
N HIS G 4159 26.88 1.66 11.94
CA HIS G 4159 26.45 3.04 12.14
C HIS G 4159 25.89 3.26 13.54
N ASP G 4160 26.73 3.10 14.55
CA ASP G 4160 26.35 3.37 15.94
C ASP G 4160 27.31 4.41 16.52
N PRO G 4161 26.92 5.68 16.62
CA PRO G 4161 27.86 6.68 17.16
C PRO G 4161 28.28 6.41 18.59
N ARG G 4162 27.48 5.68 19.35
CA ARG G 4162 27.84 5.40 20.74
C ARG G 4162 29.04 4.48 20.83
N LEU G 4163 29.17 3.55 19.88
CA LEU G 4163 30.32 2.64 19.88
C LEU G 4163 31.59 3.34 19.43
N ARG G 4164 31.46 4.44 18.67
CA ARG G 4164 32.64 5.14 18.18
C ARG G 4164 33.45 5.71 19.32
N ASN G 4165 32.79 6.21 20.37
CA ASN G 4165 33.51 6.75 21.52
C ASN G 4165 34.33 5.66 22.21
N PHE G 4166 33.73 4.48 22.38
CA PHE G 4166 34.47 3.37 22.98
C PHE G 4166 35.65 2.97 22.11
N LEU G 4167 35.46 2.92 20.80
CA LEU G 4167 36.57 2.58 19.91
C LEU G 4167 37.69 3.61 20.00
N GLU G 4168 37.35 4.89 20.03
CA GLU G 4168 38.36 5.94 20.17
C GLU G 4168 39.12 5.80 21.48
N LEU G 4169 38.40 5.52 22.57
CA LEU G 4169 39.05 5.31 23.86
C LEU G 4169 39.91 4.05 23.88
N ALA G 4170 39.59 3.05 23.07
CA ALA G 4170 40.36 1.81 22.98
C ALA G 4170 41.37 1.84 21.84
N GLU G 4171 41.56 2.98 21.19
CA GLU G 4171 42.49 3.06 20.07
C GLU G 4171 43.85 2.45 20.41
N SER G 4172 44.41 2.79 21.57
CA SER G 4172 45.73 2.29 21.93
C SER G 4172 45.72 0.77 22.08
N ILE G 4173 44.69 0.22 22.72
CA ILE G 4173 44.60 -1.23 22.86
C ILE G 4173 44.45 -1.89 21.49
N LEU G 4174 43.60 -1.31 20.64
CA LEU G 4174 43.39 -1.88 19.31
C LEU G 4174 44.67 -1.84 18.48
N GLU G 4175 45.40 -0.72 18.56
CA GLU G 4175 46.66 -0.64 17.84
C GLU G 4175 47.68 -1.64 18.37
N TYR G 4176 47.74 -1.80 19.69
CA TYR G 4176 48.68 -2.74 20.27
C TYR G 4176 48.37 -4.17 19.86
N PHE G 4177 47.10 -4.55 19.83
CA PHE G 4177 46.70 -5.91 19.53
C PHE G 4177 46.41 -6.13 18.04
N ARG G 4178 46.62 -5.11 17.21
CA ARG G 4178 46.38 -5.28 15.77
C ARG G 4178 47.16 -6.44 15.17
N PRO G 4179 48.48 -6.57 15.40
CA PRO G 4179 49.21 -7.68 14.78
C PRO G 4179 48.76 -9.06 15.26
N TYR G 4180 48.04 -9.15 16.37
CA TYR G 4180 47.60 -10.43 16.91
C TYR G 4180 46.12 -10.71 16.72
N LEU G 4181 45.34 -9.75 16.25
CA LEU G 4181 43.90 -9.96 16.06
C LEU G 4181 43.68 -10.53 14.66
N GLY G 4182 43.78 -11.85 14.54
CA GLY G 4182 43.54 -12.50 13.26
C GLY G 4182 42.07 -12.53 12.94
N ARG G 4183 41.77 -12.35 11.66
CA ARG G 4183 40.40 -12.25 11.17
C ARG G 4183 40.27 -13.05 9.89
N ILE G 4184 39.24 -13.91 9.83
CA ILE G 4184 38.94 -14.65 8.60
C ILE G 4184 37.43 -14.65 8.39
N GLU G 4185 37.02 -15.13 7.23
CA GLU G 4185 35.62 -15.30 6.90
C GLU G 4185 35.38 -16.73 6.44
N ILE G 4186 34.27 -17.30 6.87
CA ILE G 4186 33.93 -18.69 6.52
C ILE G 4186 32.46 -18.75 6.13
N MET G 4187 32.10 -19.84 5.43
CA MET G 4187 30.71 -20.18 5.18
C MET G 4187 30.26 -21.09 6.32
N GLY G 4188 29.51 -20.52 7.27
CA GLY G 4188 29.17 -21.21 8.49
C GLY G 4188 28.03 -22.20 8.31
N ALA G 4189 27.67 -22.82 9.43
CA ALA G 4189 26.59 -23.80 9.41
C ALA G 4189 25.25 -23.14 9.09
N SER G 4190 25.11 -21.84 9.35
CA SER G 4190 23.87 -21.14 9.08
C SER G 4190 23.69 -20.79 7.61
N ARG G 4191 24.60 -21.26 6.74
CA ARG G 4191 24.56 -20.96 5.31
C ARG G 4191 24.87 -19.50 5.01
N ARG G 4192 25.36 -18.76 6.00
CA ARG G 4192 25.74 -17.37 5.84
C ARG G 4192 27.24 -17.22 6.00
N ILE G 4193 27.79 -16.17 5.41
CA ILE G 4193 29.19 -15.83 5.64
C ILE G 4193 29.33 -15.23 7.03
N GLU G 4194 30.27 -15.76 7.80
CA GLU G 4194 30.53 -15.30 9.17
C GLU G 4194 31.98 -14.87 9.29
N ARG G 4195 32.20 -13.81 10.06
CA ARG G 4195 33.55 -13.35 10.36
C ARG G 4195 34.00 -13.95 11.68
N ILE G 4196 35.22 -14.48 11.70
CA ILE G 4196 35.79 -15.15 12.86
C ILE G 4196 37.03 -14.36 13.29
N TYR G 4197 37.10 -14.06 14.58
CA TYR G 4197 38.22 -13.35 15.19
C TYR G 4197 38.95 -14.31 16.12
N PHE G 4198 40.28 -14.32 16.04
CA PHE G 4198 41.07 -15.22 16.86
C PHE G 4198 42.42 -14.57 17.14
N GLU G 4199 43.25 -15.28 17.90
CA GLU G 4199 44.55 -14.76 18.32
C GLU G 4199 45.66 -15.41 17.51
N ILE G 4200 46.50 -14.58 16.92
CA ILE G 4200 47.70 -15.02 16.23
C ILE G 4200 48.87 -14.86 17.19
N SER G 4201 49.58 -15.96 17.44
CA SER G 4201 50.72 -15.90 18.36
C SER G 4201 51.90 -15.19 17.70
N GLU G 4202 52.70 -14.52 18.53
CA GLU G 4202 53.86 -13.81 18.03
C GLU G 4202 54.84 -14.76 17.36
N THR G 4203 55.05 -15.94 17.95
CA THR G 4203 55.94 -16.92 17.34
C THR G 4203 55.41 -17.37 16.00
N ASN G 4204 54.10 -17.60 15.90
CA ASN G 4204 53.52 -17.99 14.63
C ASN G 4204 53.73 -16.92 13.56
N ARG G 4205 53.50 -15.66 13.92
CA ARG G 4205 53.69 -14.59 12.94
C ARG G 4205 55.16 -14.50 12.52
N ALA G 4206 56.09 -14.60 13.46
CA ALA G 4206 57.50 -14.52 13.12
C ALA G 4206 57.90 -15.67 12.19
N GLN G 4207 57.46 -16.89 12.52
CA GLN G 4207 57.77 -18.04 11.69
C GLN G 4207 57.21 -17.86 10.28
N TRP G 4208 56.00 -17.32 10.19
CA TRP G 4208 55.42 -17.03 8.88
C TRP G 4208 56.26 -16.02 8.12
N GLU G 4209 56.76 -15.00 8.81
CA GLU G 4209 57.53 -13.94 8.18
C GLU G 4209 58.97 -14.35 7.86
N MET G 4210 59.42 -15.50 8.34
CA MET G 4210 60.76 -15.95 8.00
C MET G 4210 60.90 -16.02 6.47
N PRO G 4211 62.02 -15.57 5.90
CA PRO G 4211 62.09 -15.47 4.43
C PRO G 4211 61.92 -16.78 3.68
N GLN G 4212 62.36 -17.90 4.26
CA GLN G 4212 62.19 -19.18 3.60
C GLN G 4212 60.71 -19.50 3.41
N VAL G 4213 59.90 -19.22 4.42
CA VAL G 4213 58.46 -19.43 4.31
C VAL G 4213 57.89 -18.52 3.23
N LYS G 4214 58.40 -17.30 3.13
CA LYS G 4214 57.92 -16.39 2.09
C LYS G 4214 58.24 -16.92 0.70
N GLU G 4215 59.44 -17.47 0.52
CA GLU G 4215 59.78 -18.06 -0.77
C GLU G 4215 58.88 -19.25 -1.08
N SER G 4216 58.62 -20.10 -0.08
CA SER G 4216 57.71 -21.22 -0.29
C SER G 4216 56.32 -20.74 -0.67
N LYS G 4217 55.85 -19.68 -0.03
CA LYS G 4217 54.53 -19.14 -0.35
C LYS G 4217 54.50 -18.62 -1.77
N ARG G 4218 55.55 -17.91 -2.20
CA ARG G 4218 55.59 -17.40 -3.56
C ARG G 4218 55.57 -18.55 -4.57
N GLN G 4219 56.35 -19.60 -4.31
CA GLN G 4219 56.37 -20.74 -5.20
C GLN G 4219 54.99 -21.41 -5.28
N PHE G 4220 54.35 -21.58 -4.12
CA PHE G 4220 53.04 -22.22 -4.10
C PHE G 4220 52.01 -21.38 -4.85
N ILE G 4221 52.04 -20.06 -4.66
CA ILE G 4221 51.09 -19.19 -5.35
C ILE G 4221 51.31 -19.27 -6.85
N PHE G 4222 52.58 -19.23 -7.28
CA PHE G 4222 52.86 -19.38 -8.71
C PHE G 4222 52.31 -20.69 -9.24
N ASP G 4223 52.55 -21.78 -8.53
CA ASP G 4223 52.08 -23.08 -9.00
C ASP G 4223 50.56 -23.10 -9.13
N VAL G 4224 49.84 -22.68 -8.08
CA VAL G 4224 48.39 -22.76 -8.12
C VAL G 4224 47.85 -21.87 -9.23
N VAL G 4225 48.36 -20.65 -9.35
CA VAL G 4225 47.80 -19.73 -10.34
C VAL G 4225 48.12 -20.18 -11.75
N ASN G 4226 49.26 -20.85 -11.96
CA ASN G 4226 49.67 -21.22 -13.29
C ASN G 4226 49.10 -22.56 -13.74
N GLU G 4227 49.40 -23.64 -13.03
CA GLU G 4227 49.02 -24.98 -13.47
C GLU G 4227 47.85 -25.57 -12.70
N GLY G 4228 47.59 -25.10 -11.48
CA GLY G 4228 46.49 -25.66 -10.70
C GLY G 4228 45.13 -25.29 -11.26
N GLY G 4229 44.14 -26.12 -10.91
CA GLY G 4229 42.77 -25.89 -11.29
C GLY G 4229 41.97 -25.28 -10.17
N GLU G 4230 40.83 -24.70 -10.52
CA GLU G 4230 39.99 -24.02 -9.53
C GLU G 4230 39.37 -25.02 -8.56
N SER G 4231 39.01 -26.21 -9.05
CA SER G 4231 38.32 -27.18 -8.21
C SER G 4231 39.18 -27.63 -7.03
N GLU G 4232 40.49 -27.78 -7.24
CA GLU G 4232 41.40 -28.28 -6.22
C GLU G 4232 42.21 -27.17 -5.56
N LYS G 4233 41.84 -25.91 -5.77
CA LYS G 4233 42.65 -24.81 -5.25
C LYS G 4233 42.71 -24.85 -3.72
N MET G 4234 41.56 -25.06 -3.07
CA MET G 4234 41.54 -25.04 -1.61
C MET G 4234 42.24 -26.27 -1.04
N GLU G 4235 42.09 -27.43 -1.69
CA GLU G 4235 42.82 -28.60 -1.25
C GLU G 4235 44.33 -28.38 -1.33
N MET G 4236 44.79 -27.79 -2.44
CA MET G 4236 46.21 -27.51 -2.57
C MET G 4236 46.66 -26.47 -1.53
N PHE G 4237 45.81 -25.49 -1.24
CA PHE G 4237 46.16 -24.50 -0.23
C PHE G 4237 46.31 -25.16 1.14
N VAL G 4238 45.39 -26.05 1.50
CA VAL G 4238 45.46 -26.72 2.79
C VAL G 4238 46.69 -27.61 2.86
N SER G 4239 47.02 -28.27 1.74
CA SER G 4239 48.24 -29.07 1.72
C SER G 4239 49.46 -28.20 1.91
N PHE G 4240 49.49 -27.03 1.29
CA PHE G 4240 50.59 -26.09 1.49
C PHE G 4240 50.67 -25.64 2.94
N CYS G 4241 49.52 -25.42 3.57
CA CYS G 4241 49.51 -25.04 4.98
C CYS G 4241 50.10 -26.14 5.84
N GLU G 4242 49.74 -27.39 5.57
CA GLU G 4242 50.31 -28.52 6.33
C GLU G 4242 51.82 -28.58 6.14
N ASP G 4243 52.28 -28.48 4.90
CA ASP G 4243 53.71 -28.52 4.65
C ASP G 4243 54.43 -27.36 5.34
N THR G 4244 53.83 -26.18 5.33
CA THR G 4244 54.42 -25.02 5.98
C THR G 4244 54.51 -25.22 7.48
N ILE G 4245 53.48 -25.82 8.08
CA ILE G 4245 53.53 -26.10 9.52
C ILE G 4245 54.68 -27.06 9.82
N PHE G 4246 54.82 -28.12 9.02
CA PHE G 4246 55.91 -29.05 9.25
C PHE G 4246 57.28 -28.38 9.08
N GLU G 4247 57.41 -27.53 8.07
CA GLU G 4247 58.68 -26.84 7.85
C GLU G 4247 58.98 -25.86 8.98
N MET G 4248 57.95 -25.21 9.52
CA MET G 4248 58.13 -24.35 10.68
C MET G 4248 58.63 -25.16 11.87
N GLN G 4249 58.07 -26.35 12.08
CA GLN G 4249 58.56 -27.20 13.15
C GLN G 4249 60.03 -27.55 12.95
N ILE G 4250 60.41 -27.88 11.70
CA ILE G 4250 61.80 -28.20 11.42
C ILE G 4250 62.71 -27.01 11.71
N ALA G 4251 62.30 -25.82 11.27
CA ALA G 4251 63.10 -24.63 11.50
C ALA G 4251 63.25 -24.34 12.99
N ALA G 4252 62.16 -24.48 13.75
CA ALA G 4252 62.24 -24.28 15.19
C ALA G 4252 63.18 -25.29 15.82
N GLN G 4253 63.15 -26.55 15.37
CA GLN G 4253 64.05 -27.55 15.92
C GLN G 4253 65.50 -27.20 15.65
N ILE G 4254 65.82 -26.74 14.44
CA ILE G 4254 67.22 -26.45 14.11
C ILE G 4254 67.66 -25.06 14.54
N SER G 4255 66.75 -24.24 15.06
CA SER G 4255 67.13 -22.90 15.49
C SER G 4255 68.14 -22.97 16.64
N GLU G 4256 69.04 -22.00 16.66
CA GLU G 4256 70.08 -21.97 17.69
C GLU G 4256 69.44 -21.81 19.07
N PRO G 4257 69.93 -22.51 20.10
CA PRO G 4257 69.34 -22.38 21.44
C PRO G 4257 69.56 -21.00 22.05
N PHE G 4538 79.43 -40.90 28.39
CA PHE G 4538 79.95 -40.28 27.18
C PHE G 4538 78.84 -40.15 26.14
N TRP G 4539 77.86 -41.05 26.22
CA TRP G 4539 76.79 -41.07 25.22
C TRP G 4539 76.01 -39.76 25.22
N GLY G 4540 75.70 -39.23 26.40
CA GLY G 4540 74.93 -38.00 26.46
C GLY G 4540 75.65 -36.84 25.81
N GLU G 4541 76.92 -36.64 26.16
CA GLU G 4541 77.69 -35.54 25.57
C GLU G 4541 77.87 -35.73 24.08
N LEU G 4542 78.13 -36.97 23.65
CA LEU G 4542 78.30 -37.23 22.23
C LEU G 4542 77.01 -36.93 21.47
N GLU G 4543 75.87 -37.31 22.04
CA GLU G 4543 74.59 -37.01 21.40
C GLU G 4543 74.35 -35.52 21.33
N VAL G 4544 74.68 -34.80 22.41
CA VAL G 4544 74.50 -33.34 22.41
C VAL G 4544 75.34 -32.72 21.31
N GLN G 4545 76.60 -33.12 21.21
CA GLN G 4545 77.48 -32.56 20.19
C GLN G 4545 77.00 -32.92 18.79
N ARG G 4546 76.53 -34.15 18.60
CA ARG G 4546 76.01 -34.58 17.30
C ARG G 4546 74.82 -33.73 16.89
N VAL G 4547 73.89 -33.51 17.82
CA VAL G 4547 72.71 -32.72 17.52
C VAL G 4547 73.10 -31.28 17.20
N LYS G 4548 74.03 -30.72 17.97
CA LYS G 4548 74.47 -29.35 17.71
C LYS G 4548 75.10 -29.25 16.33
N PHE G 4549 75.95 -30.21 15.96
CA PHE G 4549 76.61 -30.18 14.66
C PHE G 4549 75.61 -30.29 13.53
N LEU G 4550 74.66 -31.23 13.65
CA LEU G 4550 73.65 -31.39 12.61
C LEU G 4550 72.77 -30.16 12.48
N ASN G 4551 72.42 -29.54 13.61
CA ASN G 4551 71.64 -28.31 13.56
C ASN G 4551 72.42 -27.20 12.89
N TYR G 4552 73.72 -27.10 13.17
CA TYR G 4552 74.54 -26.09 12.52
C TYR G 4552 74.57 -26.31 11.01
N LEU G 4553 74.74 -27.57 10.58
CA LEU G 4553 74.76 -27.87 9.16
C LEU G 4553 73.43 -27.52 8.50
N SER G 4554 72.32 -27.89 9.15
CA SER G 4554 71.01 -27.58 8.58
C SER G 4554 70.80 -26.06 8.49
N ARG G 4555 71.23 -25.34 9.52
CA ARG G 4555 71.10 -23.89 9.52
C ARG G 4555 71.91 -23.23 8.42
N ASN G 4556 73.11 -23.73 8.14
CA ASN G 4556 74.01 -23.12 7.16
C ASN G 4556 74.13 -23.95 5.89
N PHE G 4557 73.07 -24.70 5.55
CA PHE G 4557 73.10 -25.51 4.34
C PHE G 4557 73.39 -24.66 3.11
N TYR G 4558 72.65 -23.56 2.93
CA TYR G 4558 72.82 -22.77 1.71
C TYR G 4558 74.18 -22.08 1.68
N THR G 4559 74.65 -21.60 2.84
CA THR G 4559 75.98 -21.02 2.90
C THR G 4559 77.03 -22.06 2.51
N LEU G 4560 76.83 -23.32 2.91
CA LEU G 4560 77.76 -24.37 2.53
C LEU G 4560 77.74 -24.59 1.02
N ARG G 4561 76.57 -24.52 0.40
CA ARG G 4561 76.49 -24.67 -1.05
C ARG G 4561 77.22 -23.54 -1.75
N PHE G 4562 77.04 -22.30 -1.28
CA PHE G 4562 77.77 -21.19 -1.87
C PHE G 4562 79.27 -21.36 -1.68
N LEU G 4563 79.68 -21.85 -0.52
CA LEU G 4563 81.10 -22.11 -0.28
C LEU G 4563 81.63 -23.17 -1.24
N ALA G 4564 80.84 -24.20 -1.51
CA ALA G 4564 81.25 -25.21 -2.47
C ALA G 4564 81.43 -24.60 -3.86
N LEU G 4565 80.50 -23.74 -4.26
CA LEU G 4565 80.63 -23.07 -5.56
C LEU G 4565 81.91 -22.24 -5.61
N PHE G 4566 82.18 -21.49 -4.54
CA PHE G 4566 83.37 -20.65 -4.50
C PHE G 4566 84.65 -21.50 -4.57
N LEU G 4567 84.66 -22.62 -3.85
CA LEU G 4567 85.83 -23.49 -3.87
C LEU G 4567 86.03 -24.10 -5.25
N ALA G 4568 84.94 -24.48 -5.92
CA ALA G 4568 85.06 -25.00 -7.28
C ALA G 4568 85.64 -23.94 -8.21
N PHE G 4569 85.18 -22.70 -8.09
CA PHE G 4569 85.73 -21.63 -8.93
C PHE G 4569 87.21 -21.42 -8.65
N ALA G 4570 87.61 -21.43 -7.38
CA ALA G 4570 89.02 -21.27 -7.05
C ALA G 4570 89.86 -22.41 -7.61
N ILE G 4571 89.36 -23.64 -7.48
CA ILE G 4571 90.09 -24.80 -7.98
C ILE G 4571 90.28 -24.69 -9.49
N ASN G 4572 89.23 -24.28 -10.20
CA ASN G 4572 89.35 -24.19 -11.65
C ASN G 4572 90.23 -23.02 -12.07
N PHE G 4573 90.21 -21.92 -11.32
CA PHE G 4573 91.15 -20.84 -11.58
C PHE G 4573 92.58 -21.32 -11.46
N ILE G 4574 92.86 -22.13 -10.43
CA ILE G 4574 94.20 -22.71 -10.31
C ILE G 4574 94.48 -23.64 -11.48
N LEU G 4575 93.51 -24.47 -11.85
CA LEU G 4575 93.69 -25.41 -12.96
C LEU G 4575 93.99 -24.68 -14.27
N LEU G 4576 93.58 -23.43 -14.39
CA LEU G 4576 93.88 -22.68 -15.60
C LEU G 4576 95.38 -22.51 -15.83
N PHE G 4577 96.21 -22.73 -14.81
CA PHE G 4577 97.65 -22.60 -14.92
C PHE G 4577 98.34 -23.92 -15.20
N TYR G 4578 97.59 -24.97 -15.53
CA TYR G 4578 98.20 -26.27 -15.82
C TYR G 4578 98.94 -26.22 -17.15
N LYS G 4579 99.90 -27.14 -17.29
CA LYS G 4579 100.75 -27.21 -18.46
C LYS G 4579 101.15 -28.65 -18.68
N VAL G 4580 101.48 -28.96 -19.93
CA VAL G 4580 101.88 -30.31 -20.34
C VAL G 4580 103.27 -30.23 -20.95
N SER G 4581 104.09 -31.25 -20.67
CA SER G 4581 105.45 -31.27 -21.17
C SER G 4581 105.88 -32.71 -21.40
N ASP G 4582 106.96 -32.87 -22.18
CA ASP G 4582 107.53 -34.19 -22.42
C ASP G 4582 108.59 -34.57 -21.40
N SER G 4583 109.12 -33.60 -20.67
CA SER G 4583 110.09 -33.87 -19.61
C SER G 4583 109.46 -33.62 -18.25
N PRO G 4584 109.93 -34.30 -17.21
CA PRO G 4584 109.35 -34.09 -15.89
C PRO G 4584 109.59 -32.68 -15.42
N PRO G 4585 108.72 -32.14 -14.55
CA PRO G 4585 108.85 -30.76 -14.06
C PRO G 4585 110.24 -30.46 -13.51
N ASN G 4624 107.97 -41.92 -23.61
CA ASN G 4624 107.35 -40.80 -24.31
C ASN G 4624 106.12 -40.31 -23.54
N MET G 4625 106.06 -40.63 -22.25
CA MET G 4625 104.94 -40.19 -21.43
C MET G 4625 104.96 -38.68 -21.25
N VAL G 4626 103.78 -38.11 -21.05
CA VAL G 4626 103.62 -36.67 -20.89
C VAL G 4626 103.32 -36.37 -19.43
N TYR G 4627 103.88 -35.24 -18.96
CA TYR G 4627 103.73 -34.81 -17.58
C TYR G 4627 102.85 -33.57 -17.54
N TYR G 4628 101.83 -33.60 -16.67
CA TYR G 4628 100.98 -32.45 -16.41
C TYR G 4628 101.39 -31.84 -15.07
N PHE G 4629 101.64 -30.54 -15.07
CA PHE G 4629 102.04 -29.85 -13.85
C PHE G 4629 101.69 -28.37 -13.94
N LEU G 4630 101.58 -27.74 -12.79
CA LEU G 4630 101.28 -26.32 -12.70
C LEU G 4630 102.53 -25.51 -12.98
N GLU G 4631 102.36 -24.42 -13.74
CA GLU G 4631 103.45 -23.50 -14.06
C GLU G 4631 103.10 -22.14 -13.47
N GLU G 4632 103.56 -21.90 -12.25
CA GLU G 4632 103.33 -20.65 -11.55
C GLU G 4632 104.60 -20.21 -10.86
N SER G 4633 104.83 -18.89 -10.83
CA SER G 4633 106.07 -18.37 -10.25
C SER G 4633 106.03 -18.41 -8.73
N THR G 4634 104.87 -18.15 -8.12
CA THR G 4634 104.79 -18.06 -6.67
C THR G 4634 105.18 -19.39 -6.01
N GLY G 4635 104.71 -20.51 -6.56
CA GLY G 4635 104.95 -21.80 -5.95
C GLY G 4635 103.99 -22.16 -4.85
N TYR G 4636 103.03 -21.30 -4.52
CA TYR G 4636 102.02 -21.58 -3.51
C TYR G 4636 100.74 -22.18 -4.08
N MET G 4637 100.62 -22.26 -5.40
CA MET G 4637 99.36 -22.70 -6.00
C MET G 4637 99.14 -24.19 -5.78
N GLU G 4638 100.18 -24.99 -5.96
CA GLU G 4638 100.01 -26.44 -5.85
C GLU G 4638 99.58 -26.86 -4.45
N PRO G 4639 100.23 -26.44 -3.36
CA PRO G 4639 99.68 -26.73 -2.04
C PRO G 4639 98.29 -26.13 -1.86
N ALA G 4640 98.07 -24.94 -2.42
CA ALA G 4640 96.74 -24.35 -2.37
C ALA G 4640 95.73 -25.23 -3.11
N LEU G 4641 96.15 -25.81 -4.23
CA LEU G 4641 95.25 -26.72 -4.96
C LEU G 4641 94.90 -27.93 -4.11
N ARG G 4642 95.90 -28.53 -3.45
CA ARG G 4642 95.61 -29.68 -2.59
C ARG G 4642 94.64 -29.31 -1.49
N CYS G 4643 94.91 -28.20 -0.80
CA CYS G 4643 94.07 -27.79 0.33
C CYS G 4643 92.65 -27.50 -0.15
N LEU G 4644 92.51 -26.80 -1.27
CA LEU G 4644 91.19 -26.46 -1.77
C LEU G 4644 90.43 -27.70 -2.21
N SER G 4645 91.13 -28.68 -2.80
CA SER G 4645 90.44 -29.91 -3.18
C SER G 4645 89.93 -30.66 -1.97
N LEU G 4646 90.75 -30.78 -0.92
CA LEU G 4646 90.28 -31.44 0.29
C LEU G 4646 89.11 -30.70 0.90
N LEU G 4647 89.21 -29.36 0.96
CA LEU G 4647 88.11 -28.57 1.52
C LEU G 4647 86.84 -28.74 0.71
N HIS G 4648 86.96 -28.80 -0.62
CA HIS G 4648 85.79 -28.96 -1.47
C HIS G 4648 85.11 -30.30 -1.21
N THR G 4649 85.90 -31.37 -1.12
CA THR G 4649 85.31 -32.67 -0.81
C THR G 4649 84.60 -32.65 0.53
N LEU G 4650 85.25 -32.06 1.54
CA LEU G 4650 84.64 -31.98 2.87
C LEU G 4650 83.32 -31.20 2.80
N VAL G 4651 83.32 -30.07 2.10
CA VAL G 4651 82.13 -29.24 2.03
C VAL G 4651 81.02 -29.96 1.28
N ALA G 4652 81.36 -30.73 0.25
CA ALA G 4652 80.34 -31.50 -0.46
C ALA G 4652 79.69 -32.52 0.47
N PHE G 4653 80.52 -33.22 1.25
CA PHE G 4653 79.96 -34.17 2.22
C PHE G 4653 79.07 -33.47 3.23
N LEU G 4654 79.51 -32.32 3.72
CA LEU G 4654 78.71 -31.58 4.69
C LEU G 4654 77.41 -31.09 4.06
N CYS G 4655 77.44 -30.73 2.78
CA CYS G 4655 76.21 -30.32 2.10
C CYS G 4655 75.25 -31.49 1.99
N ILE G 4656 75.75 -32.69 1.71
CA ILE G 4656 74.87 -33.86 1.69
C ILE G 4656 74.23 -34.06 3.05
N ILE G 4657 75.03 -33.98 4.11
CA ILE G 4657 74.48 -34.19 5.46
C ILE G 4657 73.44 -33.12 5.78
N GLY G 4658 73.75 -31.86 5.44
CA GLY G 4658 72.81 -30.79 5.71
C GLY G 4658 71.50 -30.95 4.96
N TYR G 4659 71.57 -31.36 3.69
CA TYR G 4659 70.35 -31.64 2.96
C TYR G 4659 69.57 -32.75 3.63
N ASN G 4660 70.24 -33.84 4.01
CA ASN G 4660 69.54 -34.94 4.66
C ASN G 4660 68.86 -34.49 5.93
N CYS G 4661 69.46 -33.56 6.67
CA CYS G 4661 68.89 -33.11 7.93
C CYS G 4661 67.88 -31.98 7.78
N LEU G 4662 67.82 -31.31 6.63
CA LEU G 4662 66.95 -30.16 6.45
C LEU G 4662 65.79 -30.42 5.51
N LYS G 4663 66.05 -30.96 4.32
CA LYS G 4663 65.03 -31.06 3.28
C LYS G 4663 64.39 -32.45 3.21
N VAL G 4664 65.14 -33.50 3.51
CA VAL G 4664 64.59 -34.86 3.46
C VAL G 4664 63.36 -35.00 4.35
N PRO G 4665 63.32 -34.43 5.55
CA PRO G 4665 62.12 -34.61 6.40
C PRO G 4665 60.85 -34.18 5.71
N LEU G 4666 60.87 -33.09 4.95
CA LEU G 4666 59.66 -32.66 4.26
C LEU G 4666 59.30 -33.61 3.13
N VAL G 4667 60.30 -34.17 2.45
CA VAL G 4667 60.02 -35.16 1.41
C VAL G 4667 59.31 -36.37 2.01
N ILE G 4668 59.83 -36.87 3.13
CA ILE G 4668 59.21 -38.02 3.78
C ILE G 4668 57.83 -37.64 4.30
N PHE G 4669 57.68 -36.42 4.82
CA PHE G 4669 56.38 -35.98 5.31
C PHE G 4669 55.35 -35.99 4.19
N LYS G 4670 55.71 -35.43 3.03
CA LYS G 4670 54.78 -35.41 1.90
C LYS G 4670 54.44 -36.82 1.44
N ARG G 4671 55.45 -37.68 1.33
CA ARG G 4671 55.19 -39.05 0.88
C ARG G 4671 54.24 -39.77 1.83
N GLU G 4672 54.51 -39.68 3.14
CA GLU G 4672 53.65 -40.33 4.12
C GLU G 4672 52.25 -39.74 4.13
N LYS G 4673 52.14 -38.42 4.00
CA LYS G 4673 50.83 -37.78 3.97
C LYS G 4673 50.01 -38.28 2.79
N GLU G 4674 50.62 -38.30 1.60
CA GLU G 4674 49.90 -38.76 0.42
C GLU G 4674 49.52 -40.23 0.56
N LEU G 4675 50.42 -41.05 1.09
CA LEU G 4675 50.10 -42.46 1.28
C LEU G 4675 48.93 -42.63 2.23
N ALA G 4676 48.93 -41.89 3.34
CA ALA G 4676 47.84 -42.00 4.31
C ALA G 4676 46.51 -41.57 3.69
N ARG G 4677 46.51 -40.45 2.96
CA ARG G 4677 45.27 -39.99 2.34
C ARG G 4677 44.75 -40.99 1.33
N LYS G 4678 45.64 -41.56 0.50
CA LYS G 4678 45.20 -42.54 -0.47
C LYS G 4678 44.71 -43.82 0.20
N LEU G 4679 45.33 -44.22 1.31
CA LEU G 4679 44.85 -45.38 2.03
C LEU G 4679 43.45 -45.15 2.60
N GLU G 4680 43.22 -44.00 3.21
CA GLU G 4680 41.96 -43.78 3.92
C GLU G 4680 40.82 -43.40 2.99
N PHE G 4681 41.00 -42.36 2.17
CA PHE G 4681 39.92 -41.82 1.38
C PHE G 4681 39.84 -42.43 -0.02
N ASP G 4682 40.78 -43.29 -0.40
CA ASP G 4682 40.73 -43.96 -1.70
C ASP G 4682 40.81 -45.47 -1.63
N GLY G 4683 41.24 -46.06 -0.52
CA GLY G 4683 41.40 -47.50 -0.46
C GLY G 4683 42.38 -47.98 -1.50
N LEU G 4684 43.53 -47.30 -1.59
CA LEU G 4684 44.46 -47.58 -2.68
C LEU G 4684 44.93 -49.02 -2.68
N TYR G 4685 45.27 -49.56 -1.50
CA TYR G 4685 45.70 -50.94 -1.37
C TYR G 4685 44.62 -51.84 -0.81
N ILE G 4686 43.39 -51.35 -0.71
CA ILE G 4686 42.28 -52.12 -0.16
C ILE G 4686 41.24 -52.37 -1.23
N THR G 4687 40.66 -51.29 -1.76
CA THR G 4687 39.64 -51.43 -2.80
C THR G 4687 40.27 -51.47 -4.19
N GLU G 4688 41.36 -50.74 -4.39
CA GLU G 4688 42.04 -50.67 -5.67
C GLU G 4688 43.46 -51.22 -5.51
N GLN G 4689 44.26 -51.09 -6.56
CA GLN G 4689 45.66 -51.49 -6.53
C GLN G 4689 46.45 -50.52 -7.39
N PRO G 4690 47.75 -50.37 -7.14
CA PRO G 4690 48.57 -49.54 -8.03
C PRO G 4690 48.57 -50.11 -9.44
N GLU G 4691 48.72 -49.22 -10.43
CA GLU G 4691 48.57 -49.56 -11.84
C GLU G 4691 49.69 -50.47 -12.36
N ASP G 4692 50.62 -50.88 -11.52
CA ASP G 4692 51.72 -51.77 -11.91
C ASP G 4692 52.77 -51.02 -12.74
N ASP G 4693 52.50 -49.76 -13.08
CA ASP G 4693 53.53 -48.88 -13.62
C ASP G 4693 53.83 -47.75 -12.65
N ASP G 4694 52.98 -47.56 -11.64
CA ASP G 4694 53.20 -46.56 -10.60
C ASP G 4694 54.27 -47.09 -9.66
N VAL G 4695 55.53 -46.80 -9.99
CA VAL G 4695 56.63 -47.24 -9.15
C VAL G 4695 56.49 -46.68 -7.75
N LYS G 4696 55.91 -45.48 -7.62
CA LYS G 4696 55.71 -44.91 -6.30
C LYS G 4696 54.79 -45.79 -5.46
N GLY G 4697 53.67 -46.24 -6.03
CA GLY G 4697 52.78 -47.13 -5.28
C GLY G 4697 53.40 -48.47 -5.01
N GLN G 4698 54.08 -49.05 -6.00
CA GLN G 4698 54.73 -50.34 -5.80
C GLN G 4698 55.73 -50.26 -4.66
N TRP G 4699 56.49 -49.16 -4.58
CA TRP G 4699 57.46 -49.01 -3.51
C TRP G 4699 56.78 -48.72 -2.18
N ASP G 4700 55.74 -47.89 -2.19
CA ASP G 4700 55.03 -47.57 -0.96
C ASP G 4700 54.36 -48.78 -0.35
N ARG G 4701 54.13 -49.83 -1.14
CA ARG G 4701 53.63 -51.07 -0.56
C ARG G 4701 54.57 -51.62 0.50
N LEU G 4702 55.81 -51.14 0.55
CA LEU G 4702 56.82 -51.69 1.51
C LEU G 4702 56.66 -51.09 2.92
N VAL G 4703 56.00 -49.94 3.06
CA VAL G 4703 55.96 -49.27 4.39
C VAL G 4703 54.62 -49.52 5.09
N LEU G 4704 53.63 -50.08 4.40
CA LEU G 4704 52.28 -50.21 5.01
C LEU G 4704 52.32 -51.00 6.32
N ASN G 4705 53.06 -52.11 6.38
CA ASN G 4705 53.04 -52.97 7.60
C ASN G 4705 54.13 -52.54 8.58
N THR G 4706 54.95 -51.56 8.21
CA THR G 4706 56.09 -51.16 9.06
C THR G 4706 55.58 -50.53 10.34
N PRO G 4707 56.17 -50.85 11.51
CA PRO G 4707 55.74 -50.27 12.78
C PRO G 4707 55.80 -48.76 12.87
N SER G 4708 56.60 -48.12 12.02
CA SER G 4708 56.79 -46.64 12.09
C SER G 4708 56.24 -45.94 10.84
N PHE G 4709 55.18 -46.48 10.22
CA PHE G 4709 54.71 -45.90 8.93
C PHE G 4709 54.58 -44.39 9.10
N PRO G 4710 53.74 -43.83 10.00
CA PRO G 4710 53.70 -42.39 10.14
C PRO G 4710 54.80 -41.90 11.07
N SER G 4711 55.99 -41.66 10.55
CA SER G 4711 57.08 -41.11 11.36
C SER G 4711 57.13 -39.59 11.32
N ASN G 4712 57.02 -39.00 10.13
CA ASN G 4712 57.01 -37.55 9.99
C ASN G 4712 55.61 -36.98 9.90
N TYR G 4713 54.70 -37.64 9.18
CA TYR G 4713 53.33 -37.20 9.11
C TYR G 4713 52.71 -37.19 10.50
N TRP G 4714 51.91 -36.16 10.79
CA TRP G 4714 51.45 -35.94 12.15
C TRP G 4714 50.44 -36.99 12.58
N ASP G 4715 49.59 -37.45 11.66
CA ASP G 4715 48.50 -38.35 11.99
C ASP G 4715 49.06 -39.72 12.33
N LYS G 4716 49.13 -40.04 13.63
CA LYS G 4716 49.64 -41.32 14.11
C LYS G 4716 48.56 -42.38 14.19
N PHE G 4717 47.32 -42.06 13.83
CA PHE G 4717 46.21 -43.00 13.91
C PHE G 4717 45.63 -43.29 12.53
N VAL G 4718 46.44 -43.10 11.49
CA VAL G 4718 46.00 -43.41 10.11
C VAL G 4718 45.59 -44.88 10.04
N LYS G 4719 46.39 -45.78 10.63
CA LYS G 4719 46.10 -47.23 10.53
C LYS G 4719 44.74 -47.53 11.18
N ARG G 4720 44.50 -47.00 12.38
CA ARG G 4720 43.18 -47.18 13.04
C ARG G 4720 42.08 -46.64 12.12
N LYS G 4721 42.23 -45.42 11.59
CA LYS G 4721 41.18 -44.88 10.75
C LYS G 4721 40.90 -45.79 9.55
N VAL G 4722 41.98 -46.18 8.87
CA VAL G 4722 41.82 -47.02 7.65
C VAL G 4722 41.10 -48.31 8.07
N LEU G 4723 41.55 -48.92 9.15
CA LEU G 4723 40.93 -50.22 9.50
C LEU G 4723 39.45 -49.99 9.80
N ASP G 4724 39.11 -48.94 10.54
CA ASP G 4724 37.67 -48.83 10.85
C ASP G 4724 36.81 -48.59 9.59
N LYS G 4725 37.18 -47.68 8.70
CA LYS G 4725 36.31 -47.54 7.51
C LYS G 4725 36.38 -48.73 6.55
N HIS G 4726 37.59 -49.17 6.22
CA HIS G 4726 37.84 -50.31 5.28
C HIS G 4726 37.47 -51.70 5.82
N GLY G 4727 37.67 -51.94 7.11
CA GLY G 4727 37.62 -53.32 7.62
C GLY G 4727 36.33 -54.09 7.47
N ASP G 4728 35.16 -53.51 7.68
CA ASP G 4728 33.97 -54.41 7.60
C ASP G 4728 33.84 -54.99 6.19
N ILE G 4729 34.09 -54.20 5.15
CA ILE G 4729 33.89 -54.69 3.75
C ILE G 4729 35.09 -55.52 3.29
N PHE G 4730 36.29 -55.27 3.83
CA PHE G 4730 37.50 -55.97 3.32
C PHE G 4730 37.96 -57.04 4.31
N GLY G 4731 37.52 -56.96 5.56
CA GLY G 4731 37.95 -57.92 6.58
C GLY G 4731 38.93 -57.28 7.54
N ARG G 4732 38.61 -57.26 8.83
CA ARG G 4732 39.47 -56.58 9.82
C ARG G 4732 40.85 -57.27 9.87
N GLU G 4733 40.88 -58.59 9.88
CA GLU G 4733 42.16 -59.33 9.96
C GLU G 4733 42.98 -59.09 8.68
N ARG G 4734 42.33 -59.02 7.53
CA ARG G 4734 43.05 -58.74 6.26
C ARG G 4734 43.68 -57.34 6.35
N ILE G 4735 42.92 -56.35 6.82
CA ILE G 4735 43.44 -54.95 6.94
C ILE G 4735 44.57 -54.95 7.98
N ALA G 4736 44.39 -55.63 9.10
CA ALA G 4736 45.41 -55.64 10.16
C ALA G 4736 46.70 -56.25 9.62
N GLU G 4737 46.60 -57.25 8.75
CA GLU G 4737 47.80 -57.90 8.17
C GLU G 4737 48.46 -56.93 7.17
N LEU G 4738 47.66 -56.22 6.38
CA LEU G 4738 48.21 -55.26 5.39
C LEU G 4738 48.91 -54.12 6.13
N LEU G 4739 48.38 -53.70 7.27
CA LEU G 4739 48.94 -52.53 7.99
C LEU G 4739 49.77 -52.98 9.20
N GLY G 4740 50.04 -54.28 9.35
CA GLY G 4740 50.91 -54.70 10.42
C GLY G 4740 50.42 -54.29 11.81
N MET G 4741 49.13 -54.44 12.05
CA MET G 4741 48.53 -54.09 13.32
C MET G 4741 48.26 -55.34 14.15
N ASP G 4742 48.44 -55.22 15.46
CA ASP G 4742 48.14 -56.30 16.39
C ASP G 4742 46.80 -56.00 17.04
N LEU G 4743 45.74 -56.64 16.53
CA LEU G 4743 44.40 -56.35 17.01
C LEU G 4743 44.27 -56.61 18.51
N ALA G 4744 44.95 -57.65 19.00
CA ALA G 4744 44.83 -58.00 20.41
C ALA G 4744 45.35 -56.87 21.30
N SER G 4745 46.58 -56.41 21.03
CA SER G 4745 47.13 -55.31 21.81
C SER G 4745 46.44 -53.99 21.50
N LEU G 4746 45.67 -53.94 20.41
CA LEU G 4746 45.01 -52.69 20.02
C LEU G 4746 44.09 -52.19 21.11
N GLU G 4747 43.31 -53.10 21.72
CA GLU G 4747 42.40 -52.69 22.78
C GLU G 4747 43.13 -52.47 24.09
N ILE G 4748 44.18 -53.26 24.35
CA ILE G 4748 44.91 -53.15 25.61
C ILE G 4748 45.58 -51.80 25.73
N THR G 4749 46.14 -51.30 24.62
CA THR G 4749 46.80 -50.00 24.66
C THR G 4749 45.85 -48.93 25.15
N ALA G 4750 44.60 -48.94 24.69
CA ALA G 4750 43.62 -47.98 25.18
C ALA G 4750 43.19 -48.31 26.60
N HIS G 4751 43.10 -49.59 26.94
CA HIS G 4751 42.66 -50.01 28.26
C HIS G 4751 43.56 -49.42 29.34
N ASN G 4752 44.87 -49.61 29.21
CA ASN G 4752 45.77 -49.05 30.22
C ASN G 4752 47.01 -48.42 29.59
N GLU G 4753 47.96 -47.99 30.41
CA GLU G 4753 49.10 -47.22 29.95
C GLU G 4753 50.38 -47.99 30.24
N ARG G 4754 51.26 -48.04 29.25
CA ARG G 4754 52.57 -48.67 29.39
C ARG G 4754 53.64 -47.63 29.13
N LYS G 4755 54.64 -47.58 30.00
CA LYS G 4755 55.72 -46.60 29.89
C LYS G 4755 57.06 -47.31 30.03
N PRO G 4756 57.77 -47.59 28.92
CA PRO G 4756 59.09 -48.20 29.03
C PRO G 4756 60.18 -47.18 29.28
N ASP G 4757 61.42 -47.65 29.47
CA ASP G 4757 62.56 -46.76 29.72
C ASP G 4757 63.84 -47.49 29.32
N PRO G 4758 64.04 -47.70 28.03
CA PRO G 4758 65.23 -48.43 27.58
C PRO G 4758 66.48 -47.57 27.69
N PRO G 4759 67.63 -48.18 27.95
CA PRO G 4759 68.88 -47.41 27.97
C PRO G 4759 69.22 -46.89 26.59
N PRO G 4760 70.02 -45.81 26.50
CA PRO G 4760 70.47 -45.33 25.19
C PRO G 4760 71.62 -46.12 24.58
N GLY G 4761 71.90 -47.31 25.10
CA GLY G 4761 73.03 -48.07 24.60
C GLY G 4761 72.87 -48.41 23.12
N LEU G 4762 74.00 -48.53 22.44
CA LEU G 4762 73.97 -48.83 21.01
C LEU G 4762 73.29 -50.18 20.76
N LEU G 4763 73.39 -51.11 21.71
CA LEU G 4763 72.68 -52.38 21.56
C LEU G 4763 71.18 -52.16 21.47
N THR G 4764 70.63 -51.38 22.40
CA THR G 4764 69.20 -51.10 22.38
C THR G 4764 68.82 -50.32 21.13
N TRP G 4765 69.65 -49.35 20.75
CA TRP G 4765 69.36 -48.58 19.54
C TRP G 4765 69.31 -49.47 18.32
N ILE G 4766 70.27 -50.38 18.20
CA ILE G 4766 70.30 -51.30 17.06
C ILE G 4766 69.07 -52.20 17.06
N MET G 4767 68.70 -52.70 18.24
CA MET G 4767 67.50 -53.53 18.32
C MET G 4767 66.27 -52.75 17.88
N SER G 4768 66.19 -51.48 18.25
CA SER G 4768 65.05 -50.64 17.90
C SER G 4768 65.29 -49.91 16.59
N ILE G 4769 65.46 -50.68 15.51
CA ILE G 4769 65.63 -50.07 14.16
C ILE G 4769 64.66 -50.78 13.20
N ASP G 4770 63.73 -50.03 12.59
CA ASP G 4770 62.77 -50.62 11.62
C ASP G 4770 63.47 -50.72 10.27
N VAL G 4771 64.10 -51.86 9.98
CA VAL G 4771 64.88 -52.00 8.72
C VAL G 4771 63.97 -51.78 7.52
N LYS G 4772 62.77 -52.37 7.54
CA LYS G 4772 61.86 -52.26 6.36
C LYS G 4772 61.52 -50.79 6.11
N TYR G 4773 61.25 -50.02 7.17
CA TYR G 4773 60.95 -48.58 7.02
C TYR G 4773 62.18 -47.87 6.48
N GLN G 4774 63.34 -48.16 7.06
CA GLN G 4774 64.59 -47.49 6.64
C GLN G 4774 64.88 -47.81 5.16
N ILE G 4775 64.61 -49.03 4.73
CA ILE G 4775 64.81 -49.36 3.32
C ILE G 4775 63.87 -48.53 2.44
N TRP G 4776 62.60 -48.45 2.84
CA TRP G 4776 61.64 -47.64 2.08
C TRP G 4776 62.06 -46.17 2.06
N LYS G 4777 62.50 -45.66 3.21
CA LYS G 4777 62.91 -44.26 3.31
C LYS G 4777 64.12 -43.99 2.41
N PHE G 4778 65.08 -44.90 2.41
CA PHE G 4778 66.26 -44.70 1.57
C PHE G 4778 65.91 -44.81 0.10
N GLY G 4779 64.95 -45.67 -0.26
CA GLY G 4779 64.49 -45.67 -1.63
C GLY G 4779 63.89 -44.34 -2.04
N VAL G 4780 63.06 -43.76 -1.17
CA VAL G 4780 62.49 -42.45 -1.46
C VAL G 4780 63.60 -41.41 -1.60
N ILE G 4781 64.56 -41.41 -0.67
CA ILE G 4781 65.61 -40.41 -0.69
C ILE G 4781 66.45 -40.53 -1.96
N PHE G 4782 66.84 -41.75 -2.32
CA PHE G 4782 67.66 -41.97 -3.50
C PHE G 4782 66.90 -41.78 -4.78
N THR G 4783 65.57 -41.76 -4.76
CA THR G 4783 64.80 -41.33 -5.91
C THR G 4783 64.49 -39.84 -5.90
N ASP G 4784 64.80 -39.13 -4.82
CA ASP G 4784 64.65 -37.68 -4.79
C ASP G 4784 65.72 -37.04 -5.68
N ASN G 4785 65.32 -36.02 -6.45
CA ASN G 4785 66.22 -35.46 -7.46
C ASN G 4785 67.34 -34.64 -6.83
N SER G 4786 67.02 -33.79 -5.87
CA SER G 4786 68.05 -32.93 -5.28
C SER G 4786 69.10 -33.75 -4.55
N PHE G 4787 68.68 -34.80 -3.84
CA PHE G 4787 69.64 -35.66 -3.18
C PHE G 4787 70.55 -36.34 -4.19
N LEU G 4788 69.99 -36.76 -5.32
CA LEU G 4788 70.82 -37.37 -6.37
C LEU G 4788 71.81 -36.37 -6.93
N TYR G 4789 71.39 -35.12 -7.11
CA TYR G 4789 72.32 -34.09 -7.58
C TYR G 4789 73.46 -33.91 -6.60
N LEU G 4790 73.15 -33.83 -5.30
CA LEU G 4790 74.19 -33.66 -4.30
C LEU G 4790 75.11 -34.87 -4.24
N GLY G 4791 74.56 -36.07 -4.40
CA GLY G 4791 75.40 -37.26 -4.45
C GLY G 4791 76.34 -37.25 -5.64
N TRP G 4792 75.84 -36.85 -6.80
CA TRP G 4792 76.71 -36.73 -7.97
C TRP G 4792 77.79 -35.68 -7.73
N TYR G 4793 77.42 -34.57 -7.09
CA TYR G 4793 78.40 -33.56 -6.73
C TYR G 4793 79.52 -34.16 -5.88
N MET G 4794 79.14 -34.94 -4.86
CA MET G 4794 80.15 -35.56 -4.00
C MET G 4794 81.00 -36.55 -4.77
N VAL G 4795 80.38 -37.33 -5.66
CA VAL G 4795 81.13 -38.32 -6.43
C VAL G 4795 82.15 -37.63 -7.33
N MET G 4796 81.74 -36.54 -7.99
CA MET G 4796 82.68 -35.80 -8.82
C MET G 4796 83.78 -35.17 -7.98
N SER G 4797 83.44 -34.69 -6.77
CA SER G 4797 84.48 -34.15 -5.89
C SER G 4797 85.50 -35.23 -5.54
N LEU G 4798 85.03 -36.45 -5.24
CA LEU G 4798 85.95 -37.53 -4.95
C LEU G 4798 86.82 -37.85 -6.17
N LEU G 4799 86.21 -37.90 -7.36
CA LEU G 4799 86.98 -38.16 -8.57
C LEU G 4799 88.01 -37.07 -8.82
N GLY G 4800 87.73 -35.86 -8.34
CA GLY G 4800 88.69 -34.77 -8.47
C GLY G 4800 90.02 -35.05 -7.81
N HIS G 4801 90.07 -35.94 -6.82
CA HIS G 4801 91.32 -36.35 -6.22
C HIS G 4801 92.05 -37.40 -7.05
N TYR G 4802 91.32 -38.21 -7.81
CA TYR G 4802 91.96 -39.09 -8.78
C TYR G 4802 92.54 -38.28 -9.93
N ASN G 4803 91.82 -37.27 -10.41
CA ASN G 4803 92.31 -36.36 -11.43
C ASN G 4803 91.70 -34.99 -11.17
N ASN G 4804 92.55 -33.99 -10.96
CA ASN G 4804 92.07 -32.66 -10.56
C ASN G 4804 91.11 -32.05 -11.57
N PHE G 4805 91.23 -32.41 -12.85
CA PHE G 4805 90.38 -31.81 -13.86
C PHE G 4805 88.93 -32.24 -13.75
N PHE G 4806 88.62 -33.25 -12.95
CA PHE G 4806 87.23 -33.59 -12.69
C PHE G 4806 86.51 -32.52 -11.89
N PHE G 4807 87.25 -31.63 -11.24
CA PHE G 4807 86.63 -30.51 -10.52
C PHE G 4807 85.99 -29.50 -11.45
N ALA G 4808 86.26 -29.58 -12.75
CA ALA G 4808 85.59 -28.68 -13.69
C ALA G 4808 84.11 -28.99 -13.80
N ALA G 4809 83.71 -30.22 -13.50
CA ALA G 4809 82.30 -30.58 -13.56
C ALA G 4809 81.48 -29.77 -12.56
N HIS G 4810 82.10 -29.33 -11.47
CA HIS G 4810 81.37 -28.57 -10.46
C HIS G 4810 81.09 -27.14 -10.89
N LEU G 4811 81.77 -26.65 -11.94
CA LEU G 4811 81.43 -25.34 -12.48
C LEU G 4811 80.03 -25.32 -13.06
N LEU G 4812 79.49 -26.48 -13.43
CA LEU G 4812 78.11 -26.57 -13.87
C LEU G 4812 77.12 -26.27 -12.76
N ASP G 4813 77.58 -26.20 -11.52
CA ASP G 4813 76.69 -25.90 -10.40
C ASP G 4813 76.16 -24.48 -10.46
N ILE G 4814 76.72 -23.63 -11.33
CA ILE G 4814 76.23 -22.25 -11.43
C ILE G 4814 74.79 -22.24 -11.93
N ALA G 4815 74.43 -23.19 -12.79
CA ALA G 4815 73.06 -23.24 -13.29
C ALA G 4815 72.08 -23.45 -12.14
N MET G 4816 72.40 -24.34 -11.21
CA MET G 4816 71.52 -24.58 -10.07
C MET G 4816 71.61 -23.46 -9.05
N GLY G 4817 72.79 -22.87 -8.89
CA GLY G 4817 72.99 -21.83 -7.89
C GLY G 4817 72.36 -20.51 -8.24
N VAL G 4818 72.82 -19.89 -9.33
CA VAL G 4818 72.33 -18.56 -9.69
C VAL G 4818 70.91 -18.69 -10.24
N LYS G 4819 70.00 -17.92 -9.65
CA LYS G 4819 68.60 -17.98 -10.09
C LYS G 4819 68.44 -17.42 -11.49
N THR G 4820 69.19 -16.36 -11.82
CA THR G 4820 69.10 -15.78 -13.16
C THR G 4820 69.51 -16.81 -14.22
N LEU G 4821 70.59 -17.54 -13.97
CA LEU G 4821 71.01 -18.57 -14.92
C LEU G 4821 69.97 -19.68 -15.02
N ARG G 4822 69.36 -20.04 -13.90
CA ARG G 4822 68.31 -21.06 -13.95
C ARG G 4822 67.14 -20.60 -14.81
N THR G 4823 66.72 -19.34 -14.65
CA THR G 4823 65.63 -18.84 -15.47
C THR G 4823 66.03 -18.79 -16.95
N ILE G 4824 67.27 -18.40 -17.23
CA ILE G 4824 67.73 -18.35 -18.62
C ILE G 4824 67.71 -19.75 -19.23
N LEU G 4825 68.22 -20.74 -18.50
CA LEU G 4825 68.24 -22.10 -19.01
C LEU G 4825 66.83 -22.68 -19.10
N SER G 4826 65.89 -22.14 -18.33
CA SER G 4826 64.50 -22.56 -18.47
C SER G 4826 63.98 -22.23 -19.86
N SER G 4827 64.52 -21.20 -20.51
CA SER G 4827 64.14 -20.89 -21.87
C SER G 4827 64.55 -22.01 -22.83
N VAL G 4828 65.73 -22.59 -22.62
CA VAL G 4828 66.17 -23.71 -23.45
C VAL G 4828 65.38 -24.97 -23.13
N THR G 4829 65.14 -25.24 -21.84
CA THR G 4829 64.52 -26.49 -21.44
C THR G 4829 63.00 -26.48 -21.56
N HIS G 4830 62.39 -25.31 -21.76
CA HIS G 4830 60.93 -25.26 -21.85
C HIS G 4830 60.44 -26.04 -23.07
N ASN G 4831 61.12 -25.90 -24.20
CA ASN G 4831 60.80 -26.62 -25.42
C ASN G 4831 61.90 -27.63 -25.75
N GLY G 4832 62.44 -28.29 -24.72
CA GLY G 4832 63.51 -29.24 -24.94
C GLY G 4832 63.10 -30.41 -25.82
N LYS G 4833 61.89 -30.92 -25.60
CA LYS G 4833 61.41 -32.02 -26.43
C LYS G 4833 61.30 -31.61 -27.89
N GLN G 4834 60.77 -30.41 -28.13
CA GLN G 4834 60.68 -29.91 -29.50
C GLN G 4834 62.06 -29.70 -30.12
N LEU G 4835 63.02 -29.22 -29.31
CA LEU G 4835 64.38 -29.06 -29.82
C LEU G 4835 64.98 -30.40 -30.22
N VAL G 4836 64.79 -31.42 -29.39
CA VAL G 4836 65.31 -32.75 -29.70
C VAL G 4836 64.64 -33.29 -30.97
N MET G 4837 63.33 -33.11 -31.10
CA MET G 4837 62.63 -33.57 -32.29
C MET G 4837 63.12 -32.83 -33.52
N THR G 4838 63.41 -31.53 -33.39
CA THR G 4838 63.94 -30.76 -34.51
C THR G 4838 65.32 -31.28 -34.91
N VAL G 4839 66.15 -31.63 -33.94
CA VAL G 4839 67.46 -32.20 -34.27
C VAL G 4839 67.29 -33.53 -35.00
N GLY G 4840 66.32 -34.35 -34.56
CA GLY G 4840 66.06 -35.59 -35.27
C GLY G 4840 65.59 -35.37 -36.68
N LEU G 4841 64.72 -34.38 -36.88
CA LEU G 4841 64.27 -34.03 -38.23
C LEU G 4841 65.42 -33.57 -39.09
N LEU G 4842 66.33 -32.77 -38.52
CA LEU G 4842 67.53 -32.37 -39.25
C LEU G 4842 68.34 -33.57 -39.66
N ALA G 4843 68.49 -34.54 -38.75
CA ALA G 4843 69.24 -35.74 -39.07
C ALA G 4843 68.60 -36.50 -40.23
N VAL G 4844 67.27 -36.61 -40.22
CA VAL G 4844 66.57 -37.33 -41.29
C VAL G 4844 66.74 -36.61 -42.62
N VAL G 4845 66.58 -35.28 -42.62
CA VAL G 4845 66.72 -34.52 -43.86
C VAL G 4845 68.13 -34.65 -44.41
N VAL G 4846 69.13 -34.57 -43.53
CA VAL G 4846 70.51 -34.71 -43.97
C VAL G 4846 70.75 -36.11 -44.50
N TYR G 4847 70.10 -37.12 -43.91
CA TYR G 4847 70.23 -38.48 -44.43
C TYR G 4847 69.65 -38.57 -45.84
N LEU G 4848 68.50 -37.93 -46.09
CA LEU G 4848 67.95 -37.93 -47.44
C LEU G 4848 68.91 -37.28 -48.43
N TYR G 4849 69.48 -36.13 -48.05
CA TYR G 4849 70.47 -35.48 -48.90
C TYR G 4849 71.68 -36.40 -49.13
N THR G 4850 72.08 -37.13 -48.10
CA THR G 4850 73.18 -38.07 -48.23
C THR G 4850 72.85 -39.15 -49.24
N VAL G 4851 71.62 -39.67 -49.20
CA VAL G 4851 71.22 -40.70 -50.15
C VAL G 4851 71.31 -40.16 -51.57
N VAL G 4852 70.78 -38.95 -51.78
CA VAL G 4852 70.82 -38.38 -53.12
C VAL G 4852 72.26 -38.19 -53.59
N ALA G 4853 73.12 -37.65 -52.72
CA ALA G 4853 74.51 -37.42 -53.09
C ALA G 4853 75.22 -38.74 -53.40
N PHE G 4854 75.01 -39.76 -52.56
CA PHE G 4854 75.63 -41.05 -52.78
C PHE G 4854 75.18 -41.70 -54.07
N ASN G 4855 73.93 -41.46 -54.49
CA ASN G 4855 73.44 -42.06 -55.71
C ASN G 4855 73.78 -41.27 -56.97
N PHE G 4856 74.02 -39.95 -56.87
CA PHE G 4856 74.18 -39.14 -58.07
C PHE G 4856 75.39 -38.23 -58.09
N PHE G 4857 75.95 -37.84 -56.95
CA PHE G 4857 76.97 -36.79 -56.91
C PHE G 4857 78.25 -37.25 -56.24
N ARG G 4858 78.63 -38.51 -56.40
CA ARG G 4858 79.81 -39.03 -55.73
C ARG G 4858 81.07 -38.36 -56.24
N LYS G 4859 81.12 -38.00 -57.53
CA LYS G 4859 82.34 -37.48 -58.11
C LYS G 4859 82.78 -36.19 -57.44
N PHE G 4860 81.86 -35.44 -56.85
CA PHE G 4860 82.14 -34.12 -56.30
C PHE G 4860 82.67 -34.18 -54.87
N TYR G 4861 82.79 -35.36 -54.27
CA TYR G 4861 83.14 -35.50 -52.86
C TYR G 4861 84.57 -35.97 -52.67
N ASN G 4862 85.49 -35.52 -53.52
CA ASN G 4862 86.91 -35.82 -53.36
C ASN G 4862 87.56 -34.68 -52.58
N LYS G 4863 87.93 -34.94 -51.33
CA LYS G 4863 88.47 -33.93 -50.44
C LYS G 4863 89.99 -34.04 -50.29
N SER G 4864 90.69 -34.45 -51.35
CA SER G 4864 92.14 -34.55 -51.35
C SER G 4864 92.71 -33.75 -52.50
N GLU G 4865 93.79 -33.01 -52.20
CA GLU G 4865 94.49 -32.23 -53.22
C GLU G 4865 95.58 -33.02 -53.92
N ASP G 4866 95.87 -34.25 -53.47
CA ASP G 4866 96.87 -35.10 -54.10
C ASP G 4866 96.17 -36.03 -55.08
N GLU G 4867 96.51 -35.91 -56.36
CA GLU G 4867 95.84 -36.71 -57.37
C GLU G 4867 96.17 -38.19 -57.22
N ASP G 4868 97.33 -38.52 -56.66
CA ASP G 4868 97.69 -39.92 -56.49
C ASP G 4868 96.81 -40.61 -55.47
N GLU G 4869 96.43 -39.90 -54.40
CA GLU G 4869 95.69 -40.47 -53.28
C GLU G 4869 94.37 -39.72 -53.12
N PRO G 4870 93.35 -40.06 -53.90
CA PRO G 4870 92.04 -39.43 -53.70
C PRO G 4870 91.44 -39.82 -52.36
N ASP G 4871 90.66 -38.90 -51.80
CA ASP G 4871 89.97 -39.10 -50.52
C ASP G 4871 88.48 -38.87 -50.74
N MET G 4872 87.77 -39.92 -51.15
CA MET G 4872 86.35 -39.79 -51.46
C MET G 4872 85.53 -39.91 -50.18
N LYS G 4873 84.69 -38.91 -49.93
CA LYS G 4873 83.86 -38.88 -48.74
C LYS G 4873 82.46 -39.44 -48.98
N CYS G 4874 82.14 -39.86 -50.20
CA CYS G 4874 80.83 -40.40 -50.50
C CYS G 4874 80.92 -41.70 -51.31
N ASP G 4875 81.97 -42.48 -51.10
CA ASP G 4875 82.06 -43.81 -51.70
C ASP G 4875 81.40 -44.87 -50.84
N ASP G 4876 80.96 -44.53 -49.63
CA ASP G 4876 80.17 -45.42 -48.80
C ASP G 4876 79.16 -44.57 -48.03
N MET G 4877 77.98 -45.13 -47.79
CA MET G 4877 76.89 -44.34 -47.22
C MET G 4877 77.23 -43.84 -45.83
N MET G 4878 77.88 -44.66 -45.01
CA MET G 4878 78.21 -44.22 -43.66
C MET G 4878 79.15 -43.02 -43.69
N THR G 4879 80.19 -43.09 -44.51
CA THR G 4879 81.13 -41.98 -44.62
C THR G 4879 80.43 -40.74 -45.19
N CYS G 4880 79.58 -40.92 -46.19
CA CYS G 4880 78.89 -39.77 -46.77
C CYS G 4880 77.96 -39.11 -45.76
N TYR G 4881 77.24 -39.91 -44.97
CA TYR G 4881 76.35 -39.35 -43.97
C TYR G 4881 77.14 -38.63 -42.88
N LEU G 4882 78.25 -39.21 -42.45
CA LEU G 4882 79.09 -38.51 -41.47
C LEU G 4882 79.59 -37.19 -42.05
N PHE G 4883 80.06 -37.22 -43.29
CA PHE G 4883 80.56 -36.00 -43.92
C PHE G 4883 79.47 -34.94 -43.97
N HIS G 4884 78.28 -35.32 -44.41
CA HIS G 4884 77.19 -34.35 -44.46
C HIS G 4884 76.90 -33.78 -43.08
N MET G 4885 76.51 -34.65 -42.13
CA MET G 4885 76.10 -34.17 -40.82
C MET G 4885 77.20 -33.38 -40.12
N TYR G 4886 78.46 -33.63 -40.44
CA TYR G 4886 79.56 -33.00 -39.72
C TYR G 4886 80.00 -31.70 -40.38
N VAL G 4887 80.13 -31.68 -41.70
CA VAL G 4887 80.68 -30.53 -42.40
C VAL G 4887 79.57 -29.65 -42.99
N GLY G 4888 78.59 -30.24 -43.67
CA GLY G 4888 77.59 -29.42 -44.36
C GLY G 4888 76.73 -28.64 -43.40
N VAL G 4889 76.35 -29.26 -42.28
CA VAL G 4889 75.50 -28.57 -41.32
C VAL G 4889 76.24 -27.40 -40.69
N ARG G 4890 77.53 -27.55 -40.42
CA ARG G 4890 78.31 -26.48 -39.81
C ARG G 4890 78.80 -25.46 -40.83
N ALA G 4891 78.74 -25.78 -42.12
CA ALA G 4891 79.16 -24.83 -43.15
C ALA G 4891 78.18 -23.65 -43.22
N GLY G 4892 78.73 -22.47 -43.47
CA GLY G 4892 77.88 -21.29 -43.55
C GLY G 4892 76.88 -21.36 -44.68
N GLY G 4893 77.31 -21.83 -45.85
CA GLY G 4893 76.44 -21.97 -47.00
C GLY G 4893 76.01 -23.38 -47.32
N GLY G 4894 76.19 -24.33 -46.42
CA GLY G 4894 75.77 -25.70 -46.66
C GLY G 4894 76.87 -26.56 -47.26
N ILE G 4895 76.45 -27.70 -47.80
CA ILE G 4895 77.39 -28.68 -48.33
C ILE G 4895 78.12 -28.12 -49.55
N GLY G 4896 77.43 -27.31 -50.35
CA GLY G 4896 78.05 -26.75 -51.54
C GLY G 4896 79.31 -25.97 -51.23
N ASP G 4897 79.39 -25.38 -50.04
CA ASP G 4897 80.62 -24.72 -49.61
C ASP G 4897 81.79 -25.67 -49.54
N GLU G 4898 81.53 -26.96 -49.30
CA GLU G 4898 82.57 -27.92 -48.97
C GLU G 4898 82.80 -28.97 -50.04
N ILE G 4899 81.93 -29.10 -51.03
CA ILE G 4899 82.11 -30.05 -52.11
C ILE G 4899 82.54 -29.32 -53.37
N GLU G 4900 82.93 -30.10 -54.37
CA GLU G 4900 83.56 -29.55 -55.56
C GLU G 4900 82.60 -28.64 -56.34
N ASP G 4901 83.16 -27.62 -56.97
CA ASP G 4901 82.36 -26.69 -57.77
C ASP G 4901 81.79 -27.41 -58.98
N PRO G 4902 80.49 -27.28 -59.25
CA PRO G 4902 79.88 -28.05 -60.36
C PRO G 4902 79.83 -27.34 -61.71
N ALA G 4903 80.38 -26.15 -61.83
CA ALA G 4903 80.28 -25.43 -63.11
C ALA G 4903 80.86 -26.26 -64.23
N GLY G 4904 80.11 -26.35 -65.33
CA GLY G 4904 80.53 -27.07 -66.51
C GLY G 4904 80.16 -28.54 -66.52
N ASP G 4905 79.57 -29.06 -65.45
CA ASP G 4905 79.18 -30.47 -65.40
C ASP G 4905 77.80 -30.66 -66.02
N GLU G 4906 77.55 -31.90 -66.47
CA GLU G 4906 76.25 -32.22 -67.04
C GLU G 4906 75.14 -32.11 -66.00
N TYR G 4907 75.45 -32.40 -64.73
CA TYR G 4907 74.50 -32.29 -63.63
C TYR G 4907 74.59 -30.95 -62.91
N GLU G 4908 75.00 -29.88 -63.62
CA GLU G 4908 75.22 -28.61 -62.96
C GLU G 4908 73.95 -28.08 -62.32
N LEU G 4909 72.84 -28.11 -63.05
CA LEU G 4909 71.60 -27.55 -62.51
C LEU G 4909 71.05 -28.42 -61.39
N TYR G 4910 71.07 -29.74 -61.57
CA TYR G 4910 70.64 -30.62 -60.49
C TYR G 4910 71.45 -30.37 -59.23
N ARG G 4911 72.76 -30.16 -59.37
CA ARG G 4911 73.63 -30.02 -58.22
C ARG G 4911 73.49 -28.65 -57.58
N VAL G 4912 73.25 -27.59 -58.37
CA VAL G 4912 73.01 -26.29 -57.75
C VAL G 4912 71.68 -26.30 -57.02
N VAL G 4913 70.67 -26.98 -57.56
CA VAL G 4913 69.42 -27.13 -56.83
C VAL G 4913 69.65 -27.90 -55.55
N PHE G 4914 70.43 -28.97 -55.61
CA PHE G 4914 70.80 -29.73 -54.41
C PHE G 4914 71.40 -28.81 -53.35
N ASP G 4915 72.41 -28.02 -53.73
CA ASP G 4915 73.08 -27.15 -52.77
C ASP G 4915 72.14 -26.08 -52.21
N ILE G 4916 71.34 -25.46 -53.08
CA ILE G 4916 70.48 -24.36 -52.64
C ILE G 4916 69.40 -24.89 -51.71
N THR G 4917 68.80 -26.02 -52.05
CA THR G 4917 67.78 -26.58 -51.17
C THR G 4917 68.37 -27.03 -49.84
N PHE G 4918 69.57 -27.60 -49.86
CA PHE G 4918 70.24 -27.92 -48.61
C PHE G 4918 70.42 -26.66 -47.76
N PHE G 4919 70.90 -25.58 -48.38
CA PHE G 4919 71.14 -24.34 -47.65
C PHE G 4919 69.84 -23.80 -47.06
N PHE G 4920 68.75 -23.83 -47.82
CA PHE G 4920 67.52 -23.20 -47.37
C PHE G 4920 66.80 -24.05 -46.33
N PHE G 4921 66.83 -25.38 -46.47
CA PHE G 4921 66.12 -26.23 -45.52
C PHE G 4921 66.93 -26.46 -44.24
N VAL G 4922 68.20 -26.85 -44.38
CA VAL G 4922 69.00 -27.22 -43.23
C VAL G 4922 69.56 -26.00 -42.52
N ILE G 4923 70.16 -25.08 -43.27
CA ILE G 4923 70.85 -23.96 -42.64
C ILE G 4923 69.88 -22.86 -42.25
N VAL G 4924 68.94 -22.53 -43.12
CA VAL G 4924 68.10 -21.36 -42.91
C VAL G 4924 66.86 -21.69 -42.08
N ILE G 4925 66.15 -22.76 -42.41
CA ILE G 4925 64.85 -23.01 -41.80
C ILE G 4925 65.00 -23.74 -40.48
N LEU G 4926 65.67 -24.89 -40.48
CA LEU G 4926 65.72 -25.73 -39.29
C LEU G 4926 66.42 -25.01 -38.14
N LEU G 4927 67.56 -24.37 -38.42
CA LEU G 4927 68.21 -23.58 -37.39
C LEU G 4927 67.32 -22.43 -36.95
N ALA G 4928 66.60 -21.82 -37.90
CA ALA G 4928 65.60 -20.81 -37.54
C ALA G 4928 64.53 -21.42 -36.64
N ILE G 4929 64.16 -22.68 -36.87
CA ILE G 4929 63.18 -23.32 -36.02
C ILE G 4929 63.71 -23.43 -34.60
N ILE G 4930 64.99 -23.80 -34.45
CA ILE G 4930 65.57 -23.92 -33.11
C ILE G 4930 65.57 -22.55 -32.41
N GLN G 4931 66.03 -21.53 -33.13
CA GLN G 4931 66.10 -20.20 -32.52
C GLN G 4931 64.71 -19.69 -32.15
N GLY G 4932 63.72 -19.95 -33.01
CA GLY G 4932 62.36 -19.54 -32.71
C GLY G 4932 61.79 -20.29 -31.53
N LEU G 4933 62.15 -21.57 -31.37
CA LEU G 4933 61.73 -22.31 -30.19
C LEU G 4933 62.26 -21.64 -28.93
N ILE G 4934 63.53 -21.25 -28.94
CA ILE G 4934 64.10 -20.59 -27.76
C ILE G 4934 63.39 -19.26 -27.49
N ILE G 4935 63.16 -18.47 -28.54
CA ILE G 4935 62.52 -17.17 -28.38
C ILE G 4935 61.10 -17.34 -27.84
N ASP G 4936 60.36 -18.31 -28.38
CA ASP G 4936 59.01 -18.56 -27.91
C ASP G 4936 59.01 -19.03 -26.46
N ALA G 4937 60.03 -19.79 -26.06
CA ALA G 4937 60.13 -20.16 -24.66
C ALA G 4937 60.30 -18.93 -23.77
N PHE G 4938 61.17 -18.01 -24.18
CA PHE G 4938 61.30 -16.75 -23.45
C PHE G 4938 59.95 -16.06 -23.30
N GLY G 4939 59.25 -15.90 -24.42
CA GLY G 4939 57.97 -15.21 -24.38
C GLY G 4939 56.94 -15.91 -23.50
N GLU G 4940 56.89 -17.24 -23.57
CA GLU G 4940 55.91 -17.98 -22.79
C GLU G 4940 56.19 -17.86 -21.30
N LEU G 4941 57.47 -17.92 -20.91
CA LEU G 4941 57.78 -17.77 -19.49
C LEU G 4941 57.42 -16.38 -18.99
N ARG G 4942 57.74 -15.35 -19.78
CA ARG G 4942 57.33 -14.00 -19.38
C ARG G 4942 55.82 -13.88 -19.26
N ASP G 4943 55.10 -14.50 -20.20
CA ASP G 4943 53.64 -14.46 -20.14
C ASP G 4943 53.12 -15.16 -18.88
N GLN G 4944 53.73 -16.28 -18.51
CA GLN G 4944 53.30 -16.96 -17.28
C GLN G 4944 53.49 -16.07 -16.06
N GLN G 4945 54.65 -15.43 -15.95
CA GLN G 4945 54.89 -14.55 -14.81
C GLN G 4945 53.88 -13.40 -14.79
N GLU G 4946 53.66 -12.77 -15.94
CA GLU G 4946 52.71 -11.66 -15.99
C GLU G 4946 51.31 -12.11 -15.65
N GLN G 4947 50.91 -13.30 -16.12
CA GLN G 4947 49.59 -13.81 -15.81
C GLN G 4947 49.42 -14.04 -14.32
N VAL G 4948 50.43 -14.61 -13.66
CA VAL G 4948 50.34 -14.82 -12.22
C VAL G 4948 50.19 -13.48 -11.51
N LYS G 4949 51.00 -12.49 -11.90
CA LYS G 4949 50.92 -11.18 -11.26
C LYS G 4949 49.52 -10.57 -11.45
N GLU G 4950 49.01 -10.62 -12.67
CA GLU G 4950 47.70 -10.03 -12.95
C GLU G 4950 46.60 -10.73 -12.17
N ASP G 4951 46.65 -12.07 -12.12
CA ASP G 4951 45.63 -12.81 -11.39
C ASP G 4951 45.66 -12.44 -9.92
N MET G 4952 46.85 -12.34 -9.33
CA MET G 4952 46.92 -11.98 -7.92
C MET G 4952 46.45 -10.55 -7.68
N GLU G 4953 46.72 -9.64 -8.60
CA GLU G 4953 46.39 -8.24 -8.40
C GLU G 4953 44.95 -7.89 -8.78
N THR G 4954 44.23 -8.77 -9.46
CA THR G 4954 42.89 -8.47 -9.93
C THR G 4954 41.79 -9.34 -9.33
N LYS G 4955 42.13 -10.36 -8.55
CA LYS G 4955 41.14 -11.29 -8.03
C LYS G 4955 41.60 -11.82 -6.69
N CYS G 4956 40.64 -12.04 -5.79
CA CYS G 4956 40.94 -12.56 -4.47
C CYS G 4956 41.33 -14.04 -4.56
N PHE G 4957 42.40 -14.41 -3.87
CA PHE G 4957 42.89 -15.78 -3.95
C PHE G 4957 41.90 -16.76 -3.32
N ILE G 4958 41.15 -16.32 -2.31
CA ILE G 4958 40.28 -17.22 -1.55
C ILE G 4958 38.91 -17.33 -2.21
N CYS G 4959 38.19 -16.21 -2.28
CA CYS G 4959 36.80 -16.26 -2.76
C CYS G 4959 36.69 -16.10 -4.27
N GLY G 4960 37.73 -15.63 -4.94
CA GLY G 4960 37.72 -15.52 -6.38
C GLY G 4960 36.96 -14.31 -6.92
N ILE G 4961 36.40 -13.46 -6.05
CA ILE G 4961 35.73 -12.26 -6.52
C ILE G 4961 36.77 -11.27 -7.03
N GLY G 4962 36.45 -10.60 -8.13
CA GLY G 4962 37.39 -9.70 -8.73
C GLY G 4962 37.53 -8.40 -7.96
N SER G 4963 38.64 -7.71 -8.24
CA SER G 4963 38.89 -6.43 -7.55
C SER G 4963 37.80 -5.42 -7.87
N ASP G 4964 37.37 -5.35 -9.13
CA ASP G 4964 36.37 -4.38 -9.55
C ASP G 4964 35.22 -4.26 -8.55
N TYR G 4965 34.75 -5.39 -8.02
CA TYR G 4965 33.65 -5.34 -7.07
C TYR G 4965 34.07 -4.66 -5.77
N PHE G 4966 35.20 -5.08 -5.20
CA PHE G 4966 35.62 -4.55 -3.90
C PHE G 4966 35.96 -3.06 -4.02
N ASP G 4967 36.58 -2.66 -5.12
CA ASP G 4967 37.02 -1.28 -5.30
C ASP G 4967 35.86 -0.29 -5.38
N THR G 4968 34.61 -0.76 -5.31
CA THR G 4968 33.50 0.18 -5.19
C THR G 4968 33.62 1.00 -3.91
N THR G 4969 34.34 0.49 -2.93
CA THR G 4969 34.74 1.18 -1.72
C THR G 4969 36.20 1.62 -1.84
N PRO G 4970 36.59 2.76 -1.28
CA PRO G 4970 37.99 3.19 -1.41
C PRO G 4970 38.96 2.15 -0.87
N HIS G 4971 39.92 1.73 -1.70
CA HIS G 4971 40.91 0.72 -1.33
C HIS G 4971 40.21 -0.57 -0.89
N GLY G 4972 39.06 -0.86 -1.51
CA GLY G 4972 38.27 -1.99 -1.09
C GLY G 4972 38.99 -3.31 -1.28
N PHE G 4973 39.62 -3.50 -2.45
CA PHE G 4973 40.34 -4.74 -2.69
C PHE G 4973 41.51 -4.91 -1.72
N GLU G 4974 42.25 -3.82 -1.47
CA GLU G 4974 43.37 -3.90 -0.53
C GLU G 4974 42.88 -4.30 0.85
N THR G 4975 41.82 -3.66 1.33
CA THR G 4975 41.29 -4.01 2.64
C THR G 4975 40.79 -5.45 2.66
N HIS G 4976 40.11 -5.89 1.60
CA HIS G 4976 39.59 -7.24 1.56
C HIS G 4976 40.71 -8.28 1.61
N THR G 4977 41.78 -8.05 0.86
CA THR G 4977 42.86 -9.02 0.78
C THR G 4977 43.84 -8.93 1.94
N LEU G 4978 43.81 -7.84 2.73
CA LEU G 4978 44.68 -7.74 3.88
C LEU G 4978 43.99 -7.98 5.22
N GLU G 4979 42.67 -7.87 5.28
CA GLU G 4979 41.96 -7.97 6.56
C GLU G 4979 40.85 -9.00 6.52
N GLU G 4980 40.17 -9.15 5.37
CA GLU G 4980 38.98 -9.99 5.33
C GLU G 4980 39.29 -11.41 4.88
N HIS G 4981 40.03 -11.56 3.78
CA HIS G 4981 40.29 -12.88 3.19
C HIS G 4981 41.78 -13.12 3.04
N ASN G 4982 42.58 -12.62 4.00
CA ASN G 4982 44.02 -12.85 3.95
C ASN G 4982 44.30 -14.35 4.13
N LEU G 4983 45.09 -14.92 3.22
CA LEU G 4983 45.39 -16.35 3.29
C LEU G 4983 46.35 -16.67 4.43
N ALA G 4984 47.25 -15.75 4.75
CA ALA G 4984 48.07 -15.92 5.95
C ALA G 4984 47.20 -16.07 7.18
N ASN G 4985 46.05 -15.38 7.21
CA ASN G 4985 45.16 -15.51 8.34
C ASN G 4985 44.50 -16.89 8.40
N TYR G 4986 44.22 -17.50 7.25
CA TYR G 4986 43.69 -18.86 7.26
C TYR G 4986 44.75 -19.85 7.74
N MET G 4987 46.00 -19.66 7.32
CA MET G 4987 47.08 -20.47 7.87
C MET G 4987 47.15 -20.32 9.38
N PHE G 4988 47.13 -19.07 9.86
CA PHE G 4988 47.21 -18.82 11.29
C PHE G 4988 46.03 -19.44 12.03
N PHE G 4989 44.84 -19.40 11.42
CA PHE G 4989 43.67 -20.01 12.04
C PHE G 4989 43.83 -21.52 12.14
N LEU G 4990 44.41 -22.15 11.12
CA LEU G 4990 44.66 -23.58 11.22
C LEU G 4990 45.61 -23.89 12.37
N MET G 4991 46.70 -23.13 12.48
CA MET G 4991 47.63 -23.35 13.58
C MET G 4991 46.96 -23.11 14.93
N TYR G 4992 46.14 -22.06 15.02
CA TYR G 4992 45.45 -21.73 16.26
C TYR G 4992 44.48 -22.83 16.67
N LEU G 4993 43.74 -23.38 15.69
CA LEU G 4993 42.85 -24.49 15.98
C LEU G 4993 43.61 -25.72 16.44
N ILE G 4994 44.76 -26.00 15.81
CA ILE G 4994 45.55 -27.15 16.22
C ILE G 4994 46.03 -26.97 17.66
N ASN G 4995 46.48 -25.77 18.01
CA ASN G 4995 47.04 -25.55 19.34
C ASN G 4995 45.97 -25.46 20.42
N LYS G 4996 44.77 -24.99 20.09
CA LYS G 4996 43.75 -24.78 21.09
C LYS G 4996 43.12 -26.10 21.53
N ASP G 4997 42.80 -26.20 22.81
CA ASP G 4997 42.14 -27.39 23.32
C ASP G 4997 40.75 -27.54 22.72
N GLU G 4998 40.38 -28.79 22.39
CA GLU G 4998 39.10 -29.02 21.74
C GLU G 4998 37.93 -28.62 22.64
N THR G 4999 38.03 -28.87 23.95
CA THR G 4999 36.95 -28.49 24.84
C THR G 4999 36.80 -26.97 24.98
N GLU G 5000 37.78 -26.20 24.53
CA GLU G 5000 37.71 -24.74 24.54
C GLU G 5000 37.29 -24.16 23.20
N HIS G 5001 37.11 -25.00 22.18
CA HIS G 5001 36.70 -24.50 20.87
C HIS G 5001 35.33 -23.84 20.96
N THR G 5002 35.20 -22.68 20.32
CA THR G 5002 33.90 -22.05 20.18
C THR G 5002 33.08 -22.83 19.16
N GLY G 5003 31.85 -22.36 18.90
CA GLY G 5003 31.01 -23.04 17.93
C GLY G 5003 31.60 -23.04 16.54
N GLN G 5004 32.03 -21.87 16.06
CA GLN G 5004 32.64 -21.78 14.73
C GLN G 5004 33.98 -22.49 14.67
N GLU G 5005 34.78 -22.39 15.74
CA GLU G 5005 36.05 -23.09 15.76
C GLU G 5005 35.85 -24.59 15.69
N SER G 5006 34.88 -25.13 16.43
CA SER G 5006 34.57 -26.55 16.36
C SER G 5006 34.06 -26.94 14.97
N TYR G 5007 33.21 -26.10 14.38
CA TYR G 5007 32.71 -26.38 13.04
C TYR G 5007 33.84 -26.49 12.03
N VAL G 5008 34.74 -25.50 12.03
CA VAL G 5008 35.85 -25.51 11.09
C VAL G 5008 36.81 -26.64 11.40
N TRP G 5009 37.01 -26.95 12.68
CA TRP G 5009 37.89 -28.06 13.05
C TRP G 5009 37.34 -29.38 12.53
N LYS G 5010 36.03 -29.58 12.66
CA LYS G 5010 35.43 -30.81 12.15
C LYS G 5010 35.56 -30.90 10.64
N MET G 5011 35.35 -29.77 9.94
CA MET G 5011 35.58 -29.79 8.50
C MET G 5011 37.03 -30.10 8.15
N TYR G 5012 37.98 -29.55 8.90
CA TYR G 5012 39.39 -29.86 8.64
C TYR G 5012 39.67 -31.35 8.83
N GLN G 5013 39.11 -31.94 9.89
CA GLN G 5013 39.34 -33.35 10.15
C GLN G 5013 38.69 -34.23 9.10
N GLU G 5014 37.53 -33.82 8.58
CA GLU G 5014 36.84 -34.58 7.54
C GLU G 5014 37.31 -34.23 6.14
N ARG G 5015 38.23 -33.27 6.00
CA ARG G 5015 38.77 -32.87 4.70
C ARG G 5015 37.68 -32.30 3.82
N CYS G 5016 36.77 -31.53 4.41
CA CYS G 5016 35.75 -30.80 3.68
C CYS G 5016 36.13 -29.32 3.65
N TRP G 5017 36.25 -28.76 2.45
CA TRP G 5017 36.71 -27.40 2.25
C TRP G 5017 35.56 -26.44 1.95
N ASP G 5018 34.35 -26.79 2.36
CA ASP G 5018 33.18 -25.94 2.11
C ASP G 5018 33.16 -24.69 2.97
N PHE G 5019 33.89 -24.68 4.10
CA PHE G 5019 33.89 -23.50 4.95
C PHE G 5019 34.64 -22.34 4.32
N PHE G 5020 35.52 -22.61 3.36
CA PHE G 5020 36.20 -21.53 2.66
C PHE G 5020 35.19 -20.74 1.84
N PRO G 5021 35.12 -19.41 1.99
CA PRO G 5021 34.20 -18.64 1.15
C PRO G 5021 34.56 -18.75 -0.32
N ALA G 5022 33.56 -19.02 -1.15
CA ALA G 5022 33.76 -19.20 -2.59
C ALA G 5022 32.71 -18.38 -3.32
N GLY G 5023 33.15 -17.32 -3.99
CA GLY G 5023 32.21 -16.46 -4.67
C GLY G 5023 31.31 -15.68 -3.74
N ASP G 5024 31.68 -15.56 -2.48
CA ASP G 5024 30.86 -14.86 -1.49
C ASP G 5024 31.78 -14.22 -0.47
N CYS G 5025 31.25 -13.22 0.23
CA CYS G 5025 32.02 -12.50 1.23
C CYS G 5025 31.05 -11.81 2.19
N PHE G 5026 31.62 -11.25 3.25
CA PHE G 5026 30.83 -10.52 4.23
C PHE G 5026 30.14 -9.33 3.59
N ARG G 5027 30.86 -8.59 2.75
CA ARG G 5027 30.28 -7.42 2.09
C ARG G 5027 29.12 -7.82 1.20
N LYS G 5028 29.27 -8.87 0.41
CA LYS G 5028 28.18 -9.32 -0.44
C LYS G 5028 27.01 -9.81 0.40
N GLN G 5029 27.30 -10.51 1.50
CA GLN G 5029 26.24 -11.03 2.35
C GLN G 5029 25.42 -9.89 2.96
N TYR G 5030 26.06 -8.83 3.41
CA TYR G 5030 25.39 -7.72 4.08
C TYR G 5030 25.52 -6.43 3.28
N GLU G 5031 25.35 -6.53 1.95
CA GLU G 5031 25.49 -5.37 1.09
C GLU G 5031 24.53 -4.25 1.49
N ASP G 5032 23.24 -4.57 1.59
CA ASP G 5032 22.26 -3.53 1.89
C ASP G 5032 22.47 -2.95 3.28
N GLN G 5033 22.66 -3.81 4.28
CA GLN G 5033 22.86 -3.31 5.65
C GLN G 5033 24.13 -2.50 5.77
N LEU G 5034 25.23 -2.98 5.16
CA LEU G 5034 26.50 -2.28 5.28
C LEU G 5034 26.52 -0.97 4.50
N SER G 5035 25.61 -0.79 3.56
CA SER G 5035 25.56 0.43 2.76
C SER G 5035 24.88 1.56 3.54
N GLU H 11 8.12 -2.62 26.16
CA GLU H 11 8.78 -2.95 27.40
C GLU H 11 8.12 -2.22 28.57
N VAL H 12 8.20 -2.81 29.76
CA VAL H 12 7.60 -2.19 30.93
C VAL H 12 8.46 -0.99 31.34
N GLN H 13 7.81 0.15 31.53
CA GLN H 13 8.54 1.36 31.90
C GLN H 13 9.14 1.22 33.29
N PHE H 14 10.38 1.69 33.44
CA PHE H 14 11.12 1.61 34.69
C PHE H 14 11.42 3.01 35.20
N LEU H 15 11.31 3.19 36.51
CA LEU H 15 11.70 4.44 37.13
C LEU H 15 13.21 4.55 37.20
N ARG H 16 13.72 5.75 36.93
CA ARG H 16 15.15 6.03 36.94
C ARG H 16 15.40 7.30 37.73
N THR H 17 16.65 7.48 38.15
CA THR H 17 17.00 8.68 38.89
C THR H 17 16.83 9.92 38.02
N ASP H 18 16.50 11.03 38.66
CA ASP H 18 16.21 12.32 38.04
C ASP H 18 14.79 12.35 37.47
N ASP H 19 14.01 11.29 37.63
CA ASP H 19 12.61 11.32 37.23
C ASP H 19 11.77 11.99 38.30
N GLU H 20 10.69 12.64 37.87
CA GLU H 20 9.76 13.29 38.79
C GLU H 20 8.60 12.35 39.06
N VAL H 21 8.28 12.16 40.34
CA VAL H 21 7.26 11.21 40.77
C VAL H 21 6.38 11.82 41.84
N VAL H 22 5.25 11.18 42.07
CA VAL H 22 4.36 11.51 43.19
C VAL H 22 4.12 10.23 43.96
N LEU H 23 4.21 10.30 45.28
CA LEU H 23 3.99 9.15 46.15
C LEU H 23 2.49 9.07 46.44
N GLN H 24 1.83 8.06 45.90
CA GLN H 24 0.38 7.95 45.97
C GLN H 24 -0.03 6.76 46.84
N CYS H 25 -1.09 6.94 47.62
CA CYS H 25 -1.68 5.89 48.42
C CYS H 25 -3.20 5.94 48.25
N SER H 26 -3.86 4.88 48.69
CA SER H 26 -5.31 4.74 48.58
C SER H 26 -5.93 4.53 49.95
N ALA H 27 -7.13 5.07 50.14
CA ALA H 27 -7.84 4.92 51.40
C ALA H 27 -9.32 4.73 51.11
N THR H 28 -9.97 3.87 51.89
CA THR H 28 -11.41 3.64 51.76
C THR H 28 -12.13 4.58 52.71
N VAL H 29 -12.87 5.54 52.16
CA VAL H 29 -13.62 6.51 52.93
C VAL H 29 -15.06 6.49 52.45
N LEU H 30 -15.99 6.20 53.37
CA LEU H 30 -17.40 6.05 53.03
C LEU H 30 -17.58 5.10 51.84
N LYS H 31 -16.89 3.96 51.90
CA LYS H 31 -16.97 2.92 50.88
C LYS H 31 -16.53 3.41 49.50
N GLU H 32 -15.73 4.48 49.45
CA GLU H 32 -15.21 5.03 48.22
C GLU H 32 -13.69 5.03 48.26
N GLN H 33 -13.07 4.62 47.16
CA GLN H 33 -11.61 4.59 47.08
C GLN H 33 -11.10 5.97 46.74
N LEU H 34 -10.31 6.57 47.64
CA LEU H 34 -9.78 7.91 47.48
C LEU H 34 -8.27 7.82 47.37
N LYS H 35 -7.72 8.46 46.33
CA LYS H 35 -6.29 8.49 46.11
C LYS H 35 -5.71 9.78 46.71
N LEU H 36 -4.60 9.65 47.42
CA LEU H 36 -3.96 10.78 48.07
C LEU H 36 -2.48 10.79 47.75
N CYS H 37 -1.95 11.97 47.45
CA CYS H 37 -0.55 12.16 47.14
C CYS H 37 0.16 12.80 48.31
N LEU H 38 1.40 12.37 48.57
CA LEU H 38 2.21 12.98 49.61
C LEU H 38 2.59 14.39 49.18
N ALA H 39 2.36 15.36 50.06
CA ALA H 39 2.57 16.77 49.72
C ALA H 39 3.24 17.47 50.90
N ALA H 40 3.91 18.57 50.58
CA ALA H 40 4.54 19.40 51.61
C ALA H 40 4.88 20.74 51.00
N GLU H 41 4.78 21.79 51.82
CA GLU H 41 5.10 23.14 51.36
C GLU H 41 6.59 23.43 51.45
N GLY H 42 7.24 22.97 52.51
CA GLY H 42 8.65 23.23 52.71
C GLY H 42 8.90 24.52 53.46
N PHE H 43 8.67 25.65 52.80
CA PHE H 43 8.86 26.96 53.42
C PHE H 43 7.66 27.26 54.31
N GLY H 44 7.92 27.44 55.61
CA GLY H 44 6.91 27.78 56.58
C GLY H 44 6.25 26.58 57.22
N ASN H 45 6.37 25.40 56.62
CA ASN H 45 5.81 24.18 57.19
C ASN H 45 6.55 23.00 56.60
N ARG H 46 7.40 22.35 57.39
CA ARG H 46 8.15 21.20 56.92
C ARG H 46 7.35 19.91 56.97
N LEU H 47 6.22 19.89 57.68
CA LEU H 47 5.47 18.65 57.86
C LEU H 47 4.77 18.25 56.57
N CYS H 48 4.74 16.96 56.30
CA CYS H 48 4.06 16.43 55.14
C CYS H 48 2.60 16.14 55.46
N PHE H 49 1.76 16.27 54.45
CA PHE H 49 0.34 15.95 54.55
C PHE H 49 -0.08 15.22 53.29
N LEU H 50 -1.38 14.96 53.16
CA LEU H 50 -1.91 14.20 52.05
C LEU H 50 -2.89 15.07 51.26
N GLU H 51 -2.66 15.17 49.95
CA GLU H 51 -3.51 15.94 49.07
C GLU H 51 -4.39 14.99 48.27
N PRO H 52 -5.71 15.00 48.43
CA PRO H 52 -6.54 14.11 47.63
C PRO H 52 -6.47 14.48 46.15
N THR H 53 -6.59 13.45 45.29
CA THR H 53 -6.47 13.65 43.86
C THR H 53 -7.54 12.90 43.09
N SER H 54 -8.50 12.28 43.78
CA SER H 54 -9.57 11.55 43.11
C SER H 54 -10.65 12.45 42.53
N ASN H 55 -10.89 13.60 43.13
CA ASN H 55 -11.90 14.54 42.66
C ASN H 55 -11.32 15.58 41.70
N ALA H 56 -10.27 15.23 40.96
CA ALA H 56 -9.59 16.20 40.12
C ALA H 56 -10.53 16.81 39.08
N GLN H 57 -11.53 16.04 38.65
CA GLN H 57 -12.45 16.56 37.63
C GLN H 57 -13.27 17.73 38.16
N ASN H 58 -13.55 17.74 39.47
CA ASN H 58 -14.34 18.81 40.07
C ASN H 58 -13.47 19.86 40.75
N VAL H 59 -12.41 19.44 41.43
CA VAL H 59 -11.52 20.36 42.14
C VAL H 59 -10.08 19.97 41.82
N PRO H 60 -9.33 20.77 41.06
CA PRO H 60 -7.96 20.40 40.72
C PRO H 60 -7.11 20.28 41.97
N PRO H 61 -6.21 19.29 42.02
CA PRO H 61 -5.31 19.18 43.17
C PRO H 61 -4.12 20.13 43.06
N ASP H 62 -3.41 20.27 44.17
CA ASP H 62 -2.23 21.13 44.26
C ASP H 62 -0.99 20.26 44.08
N LEU H 63 -0.69 19.96 42.82
CA LEU H 63 0.36 18.99 42.48
C LEU H 63 1.76 19.58 42.57
N ALA H 64 1.89 20.90 42.47
CA ALA H 64 3.22 21.53 42.46
C ALA H 64 3.99 21.18 43.72
N ILE H 65 3.31 21.07 44.86
CA ILE H 65 3.96 20.71 46.11
C ILE H 65 3.92 19.22 46.36
N CYS H 66 3.33 18.44 45.45
CA CYS H 66 3.37 16.99 45.51
C CYS H 66 4.49 16.39 44.68
N CYS H 67 4.99 17.09 43.67
CA CYS H 67 6.03 16.54 42.82
C CYS H 67 7.33 16.33 43.61
N PHE H 68 7.97 15.18 43.40
CA PHE H 68 9.25 14.83 44.00
C PHE H 68 10.20 14.34 42.91
N ILE H 69 11.50 14.52 43.13
CA ILE H 69 12.53 14.09 42.19
C ILE H 69 13.36 13.01 42.86
N LEU H 70 13.58 11.91 42.13
CA LEU H 70 14.46 10.84 42.59
C LEU H 70 15.91 11.23 42.36
N GLU H 71 16.55 11.82 43.37
CA GLU H 71 17.90 12.34 43.17
C GLU H 71 18.94 11.22 43.10
N GLN H 72 18.83 10.21 43.97
CA GLN H 72 19.84 9.17 44.05
C GLN H 72 19.18 7.84 44.42
N SER H 73 19.87 6.76 44.06
CA SER H 73 19.43 5.41 44.38
C SER H 73 20.67 4.55 44.56
N LEU H 74 20.86 4.03 45.77
CA LEU H 74 22.05 3.27 46.12
C LEU H 74 21.66 2.00 46.85
N SER H 75 22.52 1.00 46.78
CA SER H 75 22.40 -0.15 47.65
C SER H 75 22.73 0.25 49.09
N VAL H 76 22.34 -0.61 50.03
CA VAL H 76 22.51 -0.27 51.44
C VAL H 76 23.99 -0.11 51.78
N ARG H 77 24.84 -1.01 51.29
CA ARG H 77 26.27 -0.92 51.57
C ARG H 77 26.86 0.33 50.95
N ALA H 78 26.44 0.67 49.73
CA ALA H 78 26.92 1.90 49.10
C ALA H 78 26.50 3.12 49.93
N LEU H 79 25.26 3.11 50.42
CA LEU H 79 24.80 4.21 51.27
C LEU H 79 25.63 4.31 52.54
N GLN H 80 25.94 3.16 53.16
CA GLN H 80 26.75 3.17 54.36
C GLN H 80 28.13 3.76 54.08
N GLU H 81 28.75 3.37 52.96
CA GLU H 81 30.05 3.93 52.61
C GLU H 81 29.97 5.42 52.37
N MET H 82 28.94 5.86 51.65
CA MET H 82 28.79 7.29 51.37
C MET H 82 28.60 8.08 52.65
N LEU H 83 27.79 7.56 53.57
CA LEU H 83 27.58 8.24 54.85
C LEU H 83 28.87 8.28 55.66
N ALA H 84 29.64 7.19 55.67
CA ALA H 84 30.90 7.18 56.40
C ALA H 84 31.87 8.21 55.82
N ASN H 85 31.95 8.29 54.50
CA ASN H 85 32.83 9.26 53.86
C ASN H 85 32.16 10.63 53.77
N HIS H 99 21.46 8.34 35.04
CA HIS H 99 20.10 7.86 35.23
C HIS H 99 20.10 6.35 35.51
N ARG H 100 20.19 5.99 36.77
CA ARG H 100 20.19 4.58 37.18
C ARG H 100 18.76 4.11 37.43
N THR H 101 18.46 2.91 36.95
CA THR H 101 17.16 2.30 37.22
C THR H 101 17.06 1.91 38.69
N LEU H 102 15.90 2.17 39.28
CA LEU H 102 15.67 1.80 40.66
C LEU H 102 15.46 0.30 40.79
N LEU H 103 16.05 -0.29 41.82
CA LEU H 103 15.94 -1.72 42.09
C LEU H 103 15.43 -1.91 43.50
N TYR H 104 14.53 -2.88 43.67
CA TYR H 104 13.98 -3.16 45.00
C TYR H 104 15.10 -3.50 45.97
N GLY H 105 15.04 -2.90 47.15
CA GLY H 105 16.07 -3.04 48.16
C GLY H 105 17.04 -1.88 48.21
N HIS H 106 17.07 -1.05 47.17
CA HIS H 106 17.92 0.12 47.16
C HIS H 106 17.31 1.23 48.02
N ALA H 107 18.16 2.15 48.44
CA ALA H 107 17.75 3.32 49.20
C ALA H 107 17.71 4.53 48.27
N ILE H 108 16.60 5.26 48.30
CA ILE H 108 16.39 6.39 47.40
C ILE H 108 16.38 7.68 48.20
N LEU H 109 16.80 8.75 47.54
CA LEU H 109 16.76 10.10 48.08
C LEU H 109 15.74 10.88 47.25
N LEU H 110 14.77 11.50 47.92
CA LEU H 110 13.70 12.23 47.25
C LEU H 110 13.81 13.70 47.58
N ARG H 111 13.97 14.52 46.55
CA ARG H 111 14.07 15.98 46.71
C ARG H 111 12.75 16.61 46.34
N HIS H 112 12.24 17.48 47.22
CA HIS H 112 11.02 18.20 46.92
C HIS H 112 11.26 19.16 45.77
N ALA H 113 10.45 19.06 44.72
CA ALA H 113 10.69 19.84 43.52
C ALA H 113 10.61 21.33 43.79
N HIS H 114 9.62 21.76 44.58
CA HIS H 114 9.43 23.19 44.81
C HIS H 114 10.47 23.73 45.79
N SER H 115 10.48 23.21 47.01
CA SER H 115 11.34 23.75 48.05
C SER H 115 12.77 23.26 47.96
N ARG H 116 13.02 22.22 47.17
CA ARG H 116 14.35 21.63 47.03
C ARG H 116 14.84 21.01 48.34
N MET H 117 13.94 20.76 49.27
CA MET H 117 14.26 20.01 50.48
C MET H 117 14.08 18.53 50.21
N TYR H 118 14.41 17.70 51.21
CA TYR H 118 14.44 16.26 51.04
C TYR H 118 13.45 15.60 51.98
N LEU H 119 12.65 14.68 51.43
CA LEU H 119 11.74 13.90 52.26
C LEU H 119 12.53 13.11 53.28
N SER H 120 12.14 13.23 54.55
CA SER H 120 12.88 12.62 55.63
C SER H 120 11.93 12.21 56.76
N CYS H 121 12.41 11.30 57.59
CA CYS H 121 11.69 10.89 58.79
C CYS H 121 12.17 11.74 59.95
N LEU H 122 11.29 12.56 60.49
CA LEU H 122 11.68 13.48 61.56
C LEU H 122 11.71 12.75 62.90
N THR H 123 12.45 13.33 63.84
CA THR H 123 12.56 12.78 65.18
C THR H 123 11.44 13.23 66.10
N THR H 124 10.63 14.20 65.69
CA THR H 124 9.48 14.63 66.46
C THR H 124 8.25 13.81 66.08
N SER H 125 7.24 13.88 66.94
CA SER H 125 6.00 13.14 66.72
C SER H 125 4.85 13.92 67.34
N ARG H 126 3.92 14.37 66.51
CA ARG H 126 2.71 15.04 66.97
C ARG H 126 1.50 14.13 66.95
N SER H 127 1.70 12.84 66.67
CA SER H 127 0.58 11.90 66.62
C SER H 127 0.05 11.66 68.03
N MET H 128 -1.28 11.73 68.17
CA MET H 128 -1.94 11.46 69.43
C MET H 128 -2.39 10.01 69.57
N THR H 129 -2.42 9.26 68.47
CA THR H 129 -2.88 7.87 68.50
C THR H 129 -1.69 6.92 68.65
N ASP H 130 -0.76 6.98 67.71
CA ASP H 130 0.39 6.08 67.73
C ASP H 130 1.50 6.68 68.58
N LYS H 131 1.95 5.93 69.58
CA LYS H 131 3.02 6.38 70.46
C LYS H 131 4.40 6.03 69.93
N LEU H 132 4.50 5.18 68.91
CA LEU H 132 5.77 4.80 68.32
C LEU H 132 5.98 5.39 66.94
N ALA H 133 5.07 6.24 66.46
CA ALA H 133 5.16 6.81 65.12
C ALA H 133 5.99 8.09 65.15
N PHE H 134 6.55 8.43 64.00
CA PHE H 134 7.34 9.63 63.82
C PHE H 134 6.75 10.48 62.71
N ASP H 135 6.93 11.79 62.82
CA ASP H 135 6.45 12.69 61.79
C ASP H 135 7.32 12.59 60.54
N VAL H 136 6.69 12.72 59.38
CA VAL H 136 7.37 12.73 58.10
C VAL H 136 7.30 14.13 57.54
N GLY H 137 8.45 14.68 57.15
CA GLY H 137 8.50 16.02 56.64
C GLY H 137 9.69 16.22 55.74
N LEU H 138 10.05 17.48 55.54
CA LEU H 138 11.14 17.87 54.67
C LEU H 138 12.31 18.37 55.50
N GLN H 139 13.52 18.11 55.01
CA GLN H 139 14.75 18.47 55.68
C GLN H 139 15.60 19.31 54.73
N GLU H 140 16.25 20.34 55.27
CA GLU H 140 16.93 21.31 54.43
C GLU H 140 18.06 20.68 53.62
N ASP H 141 18.84 19.81 54.24
CA ASP H 141 20.00 19.20 53.61
C ASP H 141 19.80 17.69 53.47
N ALA H 142 20.69 17.07 52.70
CA ALA H 142 20.66 15.64 52.44
C ALA H 142 21.67 14.89 53.28
N THR H 143 22.06 15.45 54.42
CA THR H 143 23.01 14.81 55.32
C THR H 143 22.30 13.85 56.26
N GLY H 144 23.02 12.82 56.67
CA GLY H 144 22.48 11.82 57.57
C GLY H 144 21.68 10.76 56.83
N GLU H 145 21.07 9.88 57.62
CA GLU H 145 20.25 8.80 57.09
C GLU H 145 18.75 9.09 57.20
N ALA H 146 18.37 10.22 57.79
CA ALA H 146 16.94 10.51 57.95
C ALA H 146 16.26 10.75 56.61
N CYS H 147 17.01 11.12 55.58
CA CYS H 147 16.45 11.46 54.28
C CYS H 147 16.53 10.31 53.29
N TRP H 148 16.86 9.10 53.74
CA TRP H 148 17.04 7.96 52.85
C TRP H 148 15.96 6.93 53.16
N TRP H 149 15.31 6.43 52.11
CA TRP H 149 14.23 5.46 52.22
C TRP H 149 14.54 4.26 51.34
N THR H 150 14.30 3.07 51.86
CA THR H 150 14.53 1.83 51.15
C THR H 150 13.22 1.32 50.57
N MET H 151 13.26 0.88 49.32
CA MET H 151 12.09 0.39 48.60
C MET H 151 12.03 -1.13 48.72
N HIS H 152 10.86 -1.67 49.03
CA HIS H 152 10.65 -3.10 49.13
C HIS H 152 9.40 -3.51 48.36
N PRO H 153 9.38 -4.70 47.78
CA PRO H 153 8.20 -5.12 47.02
C PRO H 153 6.99 -5.28 47.95
N ALA H 154 5.81 -5.03 47.39
CA ALA H 154 4.57 -5.16 48.13
C ALA H 154 3.97 -6.55 48.01
N SER H 155 4.32 -7.30 46.96
CA SER H 155 3.80 -8.64 46.74
C SER H 155 4.93 -9.54 46.27
N LYS H 156 4.65 -10.84 46.24
CA LYS H 156 5.64 -11.80 45.76
C LYS H 156 5.90 -11.66 44.27
N GLN H 157 5.07 -10.89 43.56
CA GLN H 157 5.27 -10.69 42.13
C GLN H 157 6.67 -10.14 41.86
N ARG H 158 7.16 -9.27 42.73
CA ARG H 158 8.50 -8.69 42.62
C ARG H 158 9.34 -9.10 43.81
N SER H 159 10.66 -9.11 43.61
CA SER H 159 11.60 -9.54 44.62
C SER H 159 12.79 -8.60 44.64
N GLU H 160 13.56 -8.68 45.72
CA GLU H 160 14.71 -7.81 45.88
C GLU H 160 15.67 -7.98 44.72
N GLY H 161 16.17 -6.85 44.20
CA GLY H 161 17.04 -6.84 43.04
C GLY H 161 16.32 -6.61 41.73
N GLU H 162 15.01 -6.80 41.69
CA GLU H 162 14.25 -6.54 40.49
C GLU H 162 14.09 -5.04 40.27
N LYS H 163 13.97 -4.64 39.01
CA LYS H 163 13.76 -3.24 38.69
C LYS H 163 12.36 -2.81 39.11
N VAL H 164 12.26 -1.60 39.64
CA VAL H 164 10.96 -1.06 40.03
C VAL H 164 10.26 -0.55 38.78
N ARG H 165 9.07 -1.09 38.52
CA ARG H 165 8.31 -0.73 37.33
C ARG H 165 7.27 0.33 37.68
N VAL H 166 7.00 1.20 36.70
CA VAL H 166 5.96 2.21 36.89
C VAL H 166 4.64 1.52 37.18
N GLY H 167 3.94 2.02 38.20
CA GLY H 167 2.68 1.44 38.62
C GLY H 167 2.80 0.33 39.65
N ASP H 168 4.00 0.02 40.10
CA ASP H 168 4.21 -1.02 41.11
C ASP H 168 3.87 -0.47 42.50
N ASP H 169 3.24 -1.31 43.31
CA ASP H 169 3.02 -0.98 44.71
C ASP H 169 4.24 -1.39 45.52
N LEU H 170 4.76 -0.46 46.30
CA LEU H 170 5.99 -0.69 47.04
C LEU H 170 5.85 -0.15 48.46
N ILE H 171 6.72 -0.65 49.33
CA ILE H 171 6.79 -0.21 50.72
C ILE H 171 8.07 0.57 50.92
N LEU H 172 7.99 1.69 51.62
CA LEU H 172 9.13 2.55 51.87
C LEU H 172 9.47 2.49 53.35
N VAL H 173 10.72 2.15 53.66
CA VAL H 173 11.18 1.99 55.03
C VAL H 173 12.26 3.03 55.30
N SER H 174 12.10 3.80 56.37
CA SER H 174 13.11 4.78 56.74
C SER H 174 14.40 4.09 57.13
N VAL H 175 15.51 4.60 56.60
CA VAL H 175 16.81 4.02 56.94
C VAL H 175 17.16 4.31 58.39
N SER H 176 16.91 5.55 58.84
CA SER H 176 17.32 5.94 60.18
C SER H 176 16.43 5.34 61.26
N SER H 177 15.12 5.31 61.04
CA SER H 177 14.18 4.92 62.09
C SER H 177 13.65 3.50 61.94
N GLU H 178 13.90 2.84 60.81
CA GLU H 178 13.41 1.48 60.57
C GLU H 178 11.89 1.42 60.59
N ARG H 179 11.22 2.51 60.21
CA ARG H 179 9.77 2.59 60.20
C ARG H 179 9.26 2.72 58.78
N TYR H 180 8.01 2.31 58.59
CA TYR H 180 7.35 2.37 57.28
C TYR H 180 6.74 3.75 57.07
N LEU H 181 6.82 4.24 55.84
CA LEU H 181 6.00 5.38 55.45
C LEU H 181 4.55 4.95 55.46
N HIS H 182 3.79 5.46 56.43
CA HIS H 182 2.50 4.90 56.79
C HIS H 182 1.39 5.93 56.66
N LEU H 183 0.24 5.47 56.17
CA LEU H 183 -0.98 6.27 56.12
C LEU H 183 -1.76 6.01 57.40
N SER H 184 -1.92 7.03 58.23
CA SER H 184 -2.57 6.90 59.52
C SER H 184 -4.01 7.41 59.42
N THR H 185 -4.96 6.49 59.54
CA THR H 185 -6.38 6.83 59.57
C THR H 185 -6.97 6.73 60.96
N ALA H 186 -6.14 6.55 61.99
CA ALA H 186 -6.64 6.37 63.34
C ALA H 186 -7.60 7.48 63.73
N SER H 187 -7.13 8.73 63.68
CA SER H 187 -8.00 9.86 63.94
C SER H 187 -8.97 10.05 62.79
N GLY H 188 -9.83 11.07 62.92
CA GLY H 188 -10.80 11.36 61.87
C GLY H 188 -10.17 11.75 60.55
N GLU H 189 -8.99 12.38 60.60
CA GLU H 189 -8.33 12.86 59.39
C GLU H 189 -7.29 11.86 58.90
N LEU H 190 -7.04 11.88 57.60
CA LEU H 190 -6.01 11.03 57.00
C LEU H 190 -4.65 11.71 57.15
N GLN H 191 -3.72 11.02 57.79
CA GLN H 191 -2.40 11.57 58.06
C GLN H 191 -1.33 10.61 57.52
N VAL H 192 -0.12 11.16 57.36
CA VAL H 192 1.05 10.40 56.94
C VAL H 192 2.09 10.51 58.03
N ASP H 193 2.71 9.37 58.36
CA ASP H 193 3.71 9.33 59.42
C ASP H 193 4.58 8.10 59.21
N ALA H 194 5.65 8.02 59.99
CA ALA H 194 6.57 6.89 59.97
C ALA H 194 6.24 6.01 61.18
N SER H 195 5.62 4.86 60.92
CA SER H 195 5.20 3.95 61.97
C SER H 195 5.69 2.55 61.65
N PHE H 196 5.29 1.60 62.49
CA PHE H 196 5.65 0.19 62.30
C PHE H 196 4.60 -0.59 61.51
N MET H 197 3.50 0.06 61.12
CA MET H 197 2.52 -0.55 60.24
C MET H 197 2.77 -0.10 58.82
N GLN H 198 2.83 -1.05 57.90
CA GLN H 198 3.19 -0.78 56.52
C GLN H 198 2.01 -0.23 55.74
N THR H 199 2.33 0.58 54.73
CA THR H 199 1.35 1.10 53.79
C THR H 199 1.92 0.96 52.39
N LEU H 200 1.05 0.62 51.43
CA LEU H 200 1.46 0.44 50.04
C LEU H 200 1.39 1.77 49.32
N TRP H 201 2.49 2.14 48.67
CA TRP H 201 2.61 3.40 47.95
C TRP H 201 2.88 3.15 46.48
N ASN H 202 2.40 4.06 45.65
CA ASN H 202 2.66 4.04 44.21
C ASN H 202 3.50 5.27 43.86
N MET H 203 4.61 5.05 43.18
CA MET H 203 5.44 6.14 42.68
C MET H 203 5.07 6.39 41.23
N ASN H 204 3.96 7.09 41.05
CA ASN H 204 3.50 7.40 39.70
C ASN H 204 4.44 8.42 39.06
N PRO H 205 4.85 8.22 37.81
CA PRO H 205 5.79 9.15 37.18
C PRO H 205 5.09 10.41 36.71
N ILE H 206 5.73 11.55 36.93
CA ILE H 206 5.26 12.83 36.41
C ILE H 206 5.99 13.20 35.12
N CYS H 207 7.32 13.08 35.13
CA CYS H 207 8.12 13.35 33.94
C CYS H 207 9.43 12.58 34.06
N SER H 208 10.01 12.23 32.91
CA SER H 208 11.26 11.50 32.88
C SER H 208 12.38 12.35 32.30
N GLY H 209 12.19 12.84 31.07
CA GLY H 209 13.17 13.70 30.44
C GLY H 209 12.56 14.49 29.31
N CYS H 210 12.75 15.80 29.31
CA CYS H 210 12.10 16.69 28.36
C CYS H 210 13.06 17.06 27.24
N GLU H 211 12.59 16.94 26.01
CA GLU H 211 13.36 17.39 24.85
C GLU H 211 13.65 18.88 24.97
N GLU H 212 14.88 19.26 24.66
CA GLU H 212 15.30 20.64 24.83
C GLU H 212 14.39 21.58 24.03
N GLY H 213 13.91 22.64 24.69
CA GLY H 213 13.16 23.67 24.04
C GLY H 213 11.67 23.40 23.87
N PHE H 214 11.17 22.26 24.36
CA PHE H 214 9.78 21.90 24.20
C PHE H 214 9.03 22.09 25.51
N VAL H 215 7.75 22.43 25.39
CA VAL H 215 6.92 22.72 26.56
C VAL H 215 6.34 21.42 27.11
N THR H 216 6.30 21.32 28.43
CA THR H 216 5.73 20.17 29.11
C THR H 216 4.76 20.66 30.18
N GLY H 217 3.83 19.79 30.54
CA GLY H 217 2.85 20.14 31.56
C GLY H 217 3.48 20.36 32.92
N GLY H 218 2.77 21.08 33.77
CA GLY H 218 3.25 21.37 35.10
C GLY H 218 4.36 22.39 35.17
N HIS H 219 4.59 23.14 34.11
CA HIS H 219 5.65 24.15 34.06
C HIS H 219 5.05 25.54 34.22
N VAL H 220 5.76 26.39 34.96
CA VAL H 220 5.36 27.78 35.10
C VAL H 220 5.97 28.57 33.96
N LEU H 221 5.15 29.36 33.28
CA LEU H 221 5.58 30.09 32.09
C LEU H 221 4.74 31.35 31.95
N ARG H 222 5.05 32.13 30.92
CA ARG H 222 4.31 33.32 30.58
C ARG H 222 3.70 33.16 29.19
N LEU H 223 2.54 33.75 28.98
CA LEU H 223 1.84 33.67 27.69
C LEU H 223 1.85 35.06 27.07
N PHE H 224 2.77 35.27 26.13
CA PHE H 224 2.92 36.55 25.46
C PHE H 224 2.03 36.62 24.23
N HIS H 225 1.50 37.81 23.95
CA HIS H 225 0.67 38.02 22.78
C HIS H 225 1.56 37.99 21.55
N GLY H 226 1.59 36.87 20.85
CA GLY H 226 2.48 36.70 19.73
C GLY H 226 3.92 37.00 20.10
N HIS H 227 4.47 38.08 19.58
CA HIS H 227 5.79 38.57 19.94
C HIS H 227 5.74 40.07 20.20
N MET H 228 4.62 40.54 20.75
CA MET H 228 4.36 41.97 20.93
C MET H 228 4.78 42.48 22.30
N ASP H 229 5.41 41.65 23.12
CA ASP H 229 5.81 42.03 24.48
C ASP H 229 4.60 42.33 25.36
N GLU H 230 3.47 41.70 25.07
CA GLU H 230 2.28 41.78 25.90
C GLU H 230 1.98 40.39 26.44
N CYS H 231 1.81 40.29 27.76
CA CYS H 231 1.62 39.00 28.41
C CYS H 231 0.27 38.93 29.10
N LEU H 232 -0.28 37.73 29.15
CA LEU H 232 -1.53 37.50 29.88
C LEU H 232 -1.27 37.62 31.37
N THR H 233 -2.16 38.33 32.07
CA THR H 233 -1.96 38.59 33.49
C THR H 233 -3.28 38.97 34.12
N ILE H 234 -3.25 39.15 35.43
CA ILE H 234 -4.38 39.67 36.18
C ILE H 234 -4.00 41.01 36.77
N SER H 235 -4.99 41.71 37.32
CA SER H 235 -4.76 43.05 37.82
C SER H 235 -3.80 43.03 39.00
N PRO H 236 -3.11 44.14 39.27
CA PRO H 236 -2.16 44.18 40.39
C PRO H 236 -2.87 43.89 41.72
N SER H 237 -2.05 43.62 42.73
CA SER H 237 -2.58 43.36 44.06
C SER H 237 -3.33 44.58 44.58
N ASP H 238 -4.40 44.32 45.32
CA ASP H 238 -5.25 45.38 45.87
C ASP H 238 -5.91 46.19 44.76
N SER H 239 -6.57 45.51 43.83
CA SER H 239 -7.32 46.13 42.76
C SER H 239 -8.81 46.00 43.01
N ASP H 240 -9.58 46.90 42.38
CA ASP H 240 -11.01 46.93 42.59
C ASP H 240 -11.74 45.74 41.97
N ASP H 241 -11.14 45.09 40.97
CA ASP H 241 -11.76 43.95 40.32
C ASP H 241 -11.55 42.65 41.09
N GLN H 242 -10.93 42.71 42.27
CA GLN H 242 -10.67 41.53 43.09
C GLN H 242 -9.72 40.55 42.41
N ARG H 243 -8.95 41.03 41.44
CA ARG H 243 -7.99 40.19 40.73
C ARG H 243 -8.69 39.00 40.08
N ARG H 244 -9.90 39.23 39.56
CA ARG H 244 -10.68 38.19 38.92
C ARG H 244 -10.71 38.30 37.40
N LEU H 245 -10.20 39.39 36.83
CA LEU H 245 -10.25 39.62 35.39
C LEU H 245 -8.87 39.42 34.79
N VAL H 246 -8.84 39.03 33.52
CA VAL H 246 -7.61 38.72 32.80
C VAL H 246 -7.36 39.81 31.78
N TYR H 247 -6.10 40.20 31.63
CA TYR H 247 -5.72 41.30 30.74
C TYR H 247 -4.48 40.91 29.94
N TYR H 248 -4.33 41.58 28.80
CA TYR H 248 -3.10 41.64 28.04
C TYR H 248 -2.42 42.94 28.43
N GLU H 249 -1.23 42.84 29.03
CA GLU H 249 -0.48 43.99 29.50
C GLU H 249 0.99 43.79 29.17
N GLY H 250 1.66 44.86 28.78
CA GLY H 250 3.02 44.75 28.28
C GLY H 250 4.00 45.75 28.85
N GLY H 251 3.77 46.19 30.09
CA GLY H 251 4.69 47.09 30.75
C GLY H 251 5.79 46.30 31.45
N PRO H 252 6.19 46.74 32.65
CA PRO H 252 7.13 45.93 33.44
C PRO H 252 6.48 44.68 34.03
N VAL H 253 5.18 44.46 33.81
CA VAL H 253 4.53 43.26 34.32
C VAL H 253 5.15 42.01 33.73
N CYS H 254 5.78 42.12 32.57
CA CYS H 254 6.41 40.97 31.93
C CYS H 254 7.56 40.41 32.74
N THR H 255 7.96 41.06 33.84
CA THR H 255 8.97 40.54 34.74
C THR H 255 8.45 40.34 36.16
N HIS H 256 7.16 40.53 36.38
CA HIS H 256 6.56 40.35 37.70
C HIS H 256 5.94 38.96 37.82
N ALA H 257 5.50 38.64 39.03
CA ALA H 257 4.96 37.32 39.32
C ALA H 257 3.48 37.18 38.96
N ARG H 258 2.77 38.29 38.78
CA ARG H 258 1.35 38.20 38.45
C ARG H 258 1.10 37.74 37.03
N SER H 259 2.13 37.66 36.19
CA SER H 259 2.00 37.20 34.82
C SER H 259 2.43 35.75 34.65
N LEU H 260 2.65 35.03 35.74
CA LEU H 260 3.14 33.67 35.71
C LEU H 260 1.96 32.69 35.81
N TRP H 261 1.93 31.72 34.91
CA TRP H 261 0.88 30.72 34.87
C TRP H 261 1.49 29.33 34.82
N ARG H 262 0.74 28.36 35.35
CA ARG H 262 1.15 26.96 35.38
C ARG H 262 0.16 26.15 34.55
N LEU H 263 0.68 25.32 33.65
CA LEU H 263 -0.15 24.47 32.80
C LEU H 263 -0.32 23.12 33.48
N GLU H 264 -1.56 22.73 33.73
CA GLU H 264 -1.87 21.49 34.46
C GLU H 264 -2.71 20.57 33.59
N PRO H 265 -2.12 19.53 32.99
CA PRO H 265 -2.93 18.60 32.21
C PRO H 265 -3.95 17.88 33.09
N LEU H 266 -5.04 17.45 32.47
CA LEU H 266 -6.12 16.78 33.18
C LEU H 266 -5.77 15.33 33.48
N ARG H 267 -4.65 15.12 34.18
CA ARG H 267 -4.23 13.79 34.57
C ARG H 267 -3.07 13.93 35.54
N ILE H 268 -2.95 12.97 36.45
CA ILE H 268 -1.86 13.01 37.43
C ILE H 268 -0.61 12.32 36.87
N SER H 269 -0.77 11.11 36.36
CA SER H 269 0.36 10.38 35.81
C SER H 269 0.82 11.01 34.50
N TRP H 270 2.13 11.21 34.37
CA TRP H 270 2.71 11.78 33.15
C TRP H 270 2.15 13.18 32.87
N SER H 271 1.77 13.91 33.91
CA SER H 271 1.36 15.29 33.72
C SER H 271 2.51 16.17 33.25
N GLY H 272 3.75 15.73 33.46
CA GLY H 272 4.90 16.49 33.04
C GLY H 272 5.38 16.09 31.65
N SER H 273 4.55 15.36 30.93
CA SER H 273 4.90 14.96 29.57
C SER H 273 4.83 16.15 28.63
N HIS H 274 5.35 15.96 27.42
CA HIS H 274 5.32 17.01 26.41
C HIS H 274 3.88 17.42 26.13
N LEU H 275 3.66 18.73 26.05
CA LEU H 275 2.35 19.24 25.71
C LEU H 275 2.06 18.98 24.23
N ARG H 276 0.80 18.69 23.93
CA ARG H 276 0.37 18.35 22.58
C ARG H 276 -0.78 19.26 22.17
N TRP H 277 -0.86 19.54 20.87
CA TRP H 277 -1.95 20.34 20.34
C TRP H 277 -3.28 19.64 20.61
N GLY H 278 -4.25 20.40 21.12
CA GLY H 278 -5.56 19.87 21.41
C GLY H 278 -5.68 19.15 22.74
N GLN H 279 -4.60 19.01 23.48
CA GLN H 279 -4.65 18.32 24.77
C GLN H 279 -5.35 19.19 25.79
N PRO H 280 -6.45 18.74 26.41
CA PRO H 280 -7.10 19.58 27.41
C PRO H 280 -6.22 19.79 28.62
N LEU H 281 -6.29 20.99 29.19
CA LEU H 281 -5.49 21.34 30.35
C LEU H 281 -6.11 22.53 31.06
N ARG H 282 -5.73 22.71 32.32
CA ARG H 282 -6.09 23.87 33.12
C ARG H 282 -4.93 24.86 33.13
N ILE H 283 -5.25 26.13 33.30
CA ILE H 283 -4.26 27.18 33.43
C ILE H 283 -4.44 27.82 34.80
N ARG H 284 -3.43 27.71 35.65
CA ARG H 284 -3.49 28.15 37.03
C ARG H 284 -2.65 29.40 37.21
N HIS H 285 -3.19 30.39 37.93
CA HIS H 285 -2.42 31.55 38.30
C HIS H 285 -1.61 31.23 39.54
N VAL H 286 -0.28 31.35 39.44
CA VAL H 286 0.60 30.81 40.48
C VAL H 286 0.44 31.60 41.78
N THR H 287 0.48 32.93 41.71
CA THR H 287 0.52 33.72 42.93
C THR H 287 -0.82 33.78 43.64
N THR H 288 -1.93 33.57 42.93
CA THR H 288 -3.25 33.59 43.54
C THR H 288 -3.88 32.21 43.67
N GLY H 289 -3.37 31.21 42.94
CA GLY H 289 -3.95 29.89 43.01
C GLY H 289 -5.28 29.74 42.32
N ARG H 290 -5.66 30.70 41.48
CA ARG H 290 -6.93 30.67 40.77
C ARG H 290 -6.71 30.15 39.36
N TYR H 291 -7.78 29.63 38.78
CA TYR H 291 -7.73 28.93 37.49
C TYR H 291 -8.49 29.72 36.43
N LEU H 292 -7.86 29.89 35.28
CA LEU H 292 -8.54 30.48 34.14
C LEU H 292 -9.78 29.67 33.80
N GLY H 293 -10.90 30.35 33.59
CA GLY H 293 -12.14 29.65 33.32
C GLY H 293 -13.18 30.57 32.73
N LEU H 294 -14.26 29.96 32.27
CA LEU H 294 -15.39 30.67 31.66
C LEU H 294 -16.59 30.55 32.60
N THR H 295 -17.13 31.68 33.00
CA THR H 295 -18.34 31.73 33.82
C THR H 295 -19.49 32.30 33.01
N GLU H 296 -20.68 31.74 33.21
CA GLU H 296 -21.83 32.15 32.40
C GLU H 296 -22.17 33.60 32.65
N ASP H 297 -21.90 34.13 33.84
CA ASP H 297 -22.31 35.49 34.18
C ASP H 297 -21.25 36.54 33.91
N GLN H 298 -19.96 36.16 33.95
CA GLN H 298 -18.88 37.12 33.76
C GLN H 298 -17.99 36.82 32.56
N GLY H 299 -18.07 35.63 31.99
CA GLY H 299 -17.19 35.27 30.89
C GLY H 299 -15.84 34.80 31.37
N LEU H 300 -14.77 35.21 30.68
CA LEU H 300 -13.44 34.76 31.03
C LEU H 300 -12.99 35.42 32.34
N VAL H 301 -12.71 34.59 33.34
CA VAL H 301 -12.23 35.06 34.63
C VAL H 301 -11.30 34.01 35.22
N VAL H 302 -10.73 34.30 36.39
CA VAL H 302 -9.98 33.32 37.16
C VAL H 302 -10.84 32.94 38.37
N VAL H 303 -11.11 31.65 38.52
CA VAL H 303 -12.02 31.16 39.54
C VAL H 303 -11.22 30.40 40.59
N ASP H 304 -11.88 30.13 41.71
CA ASP H 304 -11.25 29.37 42.78
C ASP H 304 -11.16 27.89 42.41
N ALA H 305 -10.21 27.20 43.04
CA ALA H 305 -10.05 25.78 42.80
C ALA H 305 -11.32 25.02 43.14
N SER H 306 -12.08 25.49 44.12
CA SER H 306 -13.31 24.82 44.50
C SER H 306 -14.33 24.84 43.36
N LYS H 307 -14.36 25.91 42.57
CA LYS H 307 -15.28 26.04 41.45
C LYS H 307 -14.63 25.73 40.11
N ALA H 308 -13.37 25.29 40.12
CA ALA H 308 -12.65 25.01 38.88
C ALA H 308 -12.89 23.58 38.40
N HIS H 309 -14.12 23.33 37.96
CA HIS H 309 -14.43 22.05 37.32
C HIS H 309 -14.00 22.07 35.86
N THR H 310 -13.93 20.89 35.26
CA THR H 310 -13.29 20.76 33.95
C THR H 310 -13.99 21.59 32.89
N LYS H 311 -15.33 21.55 32.87
CA LYS H 311 -16.06 22.27 31.83
C LYS H 311 -15.73 23.75 31.84
N ALA H 312 -15.62 24.33 33.03
CA ALA H 312 -15.34 25.75 33.15
C ALA H 312 -13.88 26.10 32.87
N THR H 313 -12.95 25.22 33.27
CA THR H 313 -11.54 25.59 33.33
C THR H 313 -10.65 24.76 32.40
N SER H 314 -11.23 24.06 31.43
CA SER H 314 -10.44 23.23 30.52
C SER H 314 -10.18 23.98 29.23
N PHE H 315 -8.91 24.12 28.87
CA PHE H 315 -8.48 24.79 27.66
C PHE H 315 -7.53 23.89 26.88
N CYS H 316 -7.26 24.27 25.64
CA CYS H 316 -6.32 23.55 24.81
C CYS H 316 -5.58 24.53 23.91
N PHE H 317 -4.40 24.11 23.47
CA PHE H 317 -3.60 24.87 22.50
C PHE H 317 -3.80 24.27 21.12
N ARG H 318 -4.05 25.12 20.14
CA ARG H 318 -4.33 24.70 18.78
C ARG H 318 -3.38 25.41 17.83
N ILE H 319 -2.87 24.66 16.84
CA ILE H 319 -1.97 25.25 15.86
C ILE H 319 -2.69 26.26 14.99
N SER H 320 -3.96 26.01 14.68
CA SER H 320 -4.74 26.90 13.85
C SER H 320 -6.19 26.87 14.30
N LYS H 321 -6.98 27.80 13.77
CA LYS H 321 -8.37 27.95 14.15
C LYS H 321 -9.31 27.10 13.30
N GLU H 322 -8.78 26.30 12.38
CA GLU H 322 -9.63 25.44 11.56
C GLU H 322 -10.35 24.41 12.42
N LYS H 323 -11.54 24.02 11.97
CA LYS H 323 -12.39 23.10 12.73
C LYS H 323 -11.97 21.64 12.49
N LEU H 324 -10.85 21.28 13.10
CA LEU H 324 -10.32 19.92 13.02
C LEU H 324 -10.44 19.17 14.34
N ASP H 325 -10.98 19.80 15.38
CA ASP H 325 -11.07 19.14 16.69
C ASP H 325 -11.83 17.82 16.63
N VAL H 326 -12.55 17.56 15.53
CA VAL H 326 -13.24 16.30 15.33
C VAL H 326 -12.27 15.16 15.57
N ALA H 327 -11.01 15.34 15.19
CA ALA H 327 -10.01 14.31 15.40
C ALA H 327 -9.81 14.09 16.90
N PRO H 328 -9.97 12.86 17.40
CA PRO H 328 -9.76 12.61 18.83
C PRO H 328 -8.30 12.37 19.17
N LYS H 329 -8.00 12.15 20.45
CA LYS H 329 -6.63 11.90 20.89
C LYS H 329 -6.65 10.92 22.05
N ARG H 330 -5.61 10.11 22.15
CA ARG H 330 -5.51 9.08 23.17
C ARG H 330 -4.30 9.35 24.08
N ASP H 331 -4.50 9.09 25.37
CA ASP H 331 -3.44 9.28 26.35
C ASP H 331 -2.29 8.31 26.09
N VAL H 332 -1.08 8.76 26.39
CA VAL H 332 0.13 7.99 26.18
C VAL H 332 0.88 7.89 27.50
N GLU H 333 1.35 6.69 27.83
CA GLU H 333 2.06 6.46 29.09
C GLU H 333 3.55 6.71 28.89
N GLY H 334 3.88 7.99 28.77
CA GLY H 334 5.26 8.39 28.59
C GLY H 334 5.36 9.88 28.29
N MET H 335 6.58 10.31 28.00
CA MET H 335 6.81 11.72 27.72
C MET H 335 6.07 12.16 26.45
N GLY H 336 5.87 11.25 25.51
CA GLY H 336 5.10 11.54 24.33
C GLY H 336 5.89 12.30 23.28
N PRO H 337 5.24 12.63 22.17
CA PRO H 337 5.92 13.36 21.10
C PRO H 337 6.09 14.82 21.44
N PRO H 338 7.27 15.39 21.24
CA PRO H 338 7.43 16.85 21.43
C PRO H 338 6.74 17.61 20.32
N GLU H 339 5.79 18.48 20.70
CA GLU H 339 5.00 19.19 19.72
C GLU H 339 5.14 20.70 19.82
N ILE H 340 5.02 21.25 21.03
CA ILE H 340 4.98 22.70 21.23
C ILE H 340 6.33 23.15 21.77
N LYS H 341 6.86 24.24 21.21
CA LYS H 341 8.18 24.75 21.53
C LYS H 341 8.09 26.11 22.21
N TYR H 342 8.97 26.35 23.16
CA TYR H 342 9.04 27.65 23.82
C TYR H 342 9.50 28.71 22.82
N GLY H 343 8.79 29.84 22.79
CA GLY H 343 9.18 30.94 21.96
C GLY H 343 8.75 30.84 20.51
N GLU H 344 9.05 29.70 19.88
CA GLU H 344 8.78 29.57 18.45
C GLU H 344 7.31 29.29 18.18
N SER H 345 6.76 28.24 18.78
CA SER H 345 5.39 27.83 18.47
C SER H 345 4.41 28.94 18.80
N LEU H 346 3.49 29.19 17.87
CA LEU H 346 2.39 30.13 18.08
C LEU H 346 1.13 29.32 18.26
N CYS H 347 0.46 29.52 19.39
CA CYS H 347 -0.66 28.67 19.81
C CYS H 347 -1.89 29.53 20.06
N PHE H 348 -3.04 29.03 19.60
CA PHE H 348 -4.33 29.64 19.91
C PHE H 348 -4.93 28.90 21.10
N VAL H 349 -5.39 29.65 22.09
CA VAL H 349 -6.00 29.06 23.27
C VAL H 349 -7.50 28.95 23.03
N GLN H 350 -8.02 27.73 23.16
CA GLN H 350 -9.43 27.47 22.93
C GLN H 350 -10.04 26.85 24.17
N HIS H 351 -11.19 27.38 24.59
CA HIS H 351 -11.97 26.76 25.65
C HIS H 351 -12.61 25.49 25.10
N VAL H 352 -12.30 24.35 25.72
CA VAL H 352 -12.69 23.07 25.15
C VAL H 352 -14.20 22.92 25.12
N ALA H 353 -14.86 23.22 26.24
CA ALA H 353 -16.30 22.95 26.33
C ALA H 353 -17.09 23.78 25.33
N SER H 354 -16.76 25.06 25.18
CA SER H 354 -17.53 25.95 24.33
C SER H 354 -16.91 26.13 22.95
N GLY H 355 -15.60 25.93 22.81
CA GLY H 355 -14.92 26.18 21.58
C GLY H 355 -14.55 27.63 21.34
N LEU H 356 -14.86 28.52 22.29
CA LEU H 356 -14.52 29.92 22.14
C LEU H 356 -13.01 30.11 22.16
N TRP H 357 -12.56 31.14 21.45
CA TRP H 357 -11.14 31.44 21.32
C TRP H 357 -10.75 32.56 22.26
N LEU H 358 -9.61 32.41 22.91
CA LEU H 358 -9.07 33.47 23.77
C LEU H 358 -8.61 34.63 22.91
N THR H 359 -9.12 35.83 23.21
CA THR H 359 -8.81 37.01 22.42
C THR H 359 -8.94 38.24 23.31
N TYR H 360 -8.61 39.39 22.76
CA TYR H 360 -8.69 40.65 23.48
C TYR H 360 -10.02 41.33 23.18
N ALA H 361 -10.60 41.92 24.22
CA ALA H 361 -11.86 42.63 24.06
C ALA H 361 -11.67 43.85 23.17
N ALA H 362 -12.75 44.24 22.50
CA ALA H 362 -12.70 45.40 21.63
C ALA H 362 -12.26 46.63 22.42
N PRO H 363 -11.24 47.37 21.97
CA PRO H 363 -10.77 48.51 22.76
C PRO H 363 -11.89 49.45 23.16
N ASP H 364 -12.16 49.52 24.46
CA ASP H 364 -13.24 50.37 24.94
C ASP H 364 -12.85 51.84 24.76
N PRO H 365 -13.82 52.71 24.50
CA PRO H 365 -13.49 54.13 24.32
C PRO H 365 -12.99 54.74 25.62
N LYS H 366 -12.20 55.81 25.48
CA LYS H 366 -11.60 56.62 26.52
C LYS H 366 -10.55 55.84 27.33
N ALA H 367 -10.31 54.58 27.04
CA ALA H 367 -9.22 53.86 27.72
C ALA H 367 -7.88 54.48 27.38
N LEU H 368 -7.67 54.82 26.10
CA LEU H 368 -6.45 55.48 25.70
C LEU H 368 -6.26 56.78 26.47
N ARG H 369 -7.34 57.55 26.62
CA ARG H 369 -7.25 58.80 27.37
C ARG H 369 -6.93 58.54 28.84
N LEU H 370 -7.58 57.55 29.44
CA LEU H 370 -7.28 57.19 30.83
C LEU H 370 -5.86 56.65 30.98
N GLY H 371 -5.21 56.28 29.88
CA GLY H 371 -3.88 55.72 29.94
C GLY H 371 -3.86 54.23 30.13
N VAL H 372 -4.97 53.54 29.84
CA VAL H 372 -5.09 52.10 30.05
C VAL H 372 -4.36 51.42 28.90
N LEU H 373 -3.13 50.98 29.15
CA LEU H 373 -2.37 50.22 28.16
C LEU H 373 -2.71 48.74 28.20
N LYS H 374 -3.59 48.31 29.12
CA LYS H 374 -3.97 46.92 29.24
C LYS H 374 -5.33 46.69 28.58
N LYS H 375 -5.42 45.59 27.84
CA LYS H 375 -6.63 45.23 27.11
C LYS H 375 -7.28 44.02 27.76
N LYS H 376 -8.54 44.15 28.16
CA LYS H 376 -9.23 43.03 28.79
C LYS H 376 -9.29 41.85 27.82
N ALA H 377 -9.08 40.65 28.36
CA ALA H 377 -9.13 39.43 27.57
C ALA H 377 -10.50 38.79 27.71
N MET H 378 -10.98 38.21 26.61
CA MET H 378 -12.30 37.62 26.56
C MET H 378 -12.26 36.36 25.72
N LEU H 379 -13.33 35.58 25.80
CA LEU H 379 -13.52 34.40 24.96
C LEU H 379 -14.58 34.74 23.91
N HIS H 380 -14.20 34.64 22.65
CA HIS H 380 -15.07 35.04 21.54
C HIS H 380 -15.15 33.91 20.54
N GLN H 381 -16.28 33.85 19.83
CA GLN H 381 -16.52 32.77 18.88
C GLN H 381 -15.50 32.79 17.75
N GLU H 382 -15.20 33.97 17.22
CA GLU H 382 -14.30 34.12 16.08
C GLU H 382 -12.91 34.59 16.47
N GLY H 383 -12.81 35.57 17.38
CA GLY H 383 -11.51 36.10 17.74
C GLY H 383 -10.94 36.96 16.63
N HIS H 384 -9.62 37.10 16.65
CA HIS H 384 -8.88 37.88 15.67
C HIS H 384 -7.73 37.04 15.12
N MET H 385 -7.08 37.55 14.09
CA MET H 385 -5.99 36.82 13.45
C MET H 385 -4.72 36.82 14.29
N ASP H 386 -4.53 37.82 15.15
CA ASP H 386 -3.34 37.91 16.00
C ASP H 386 -3.59 37.35 17.39
N ASP H 387 -4.48 36.37 17.52
CA ASP H 387 -4.81 35.77 18.80
C ASP H 387 -3.75 34.78 19.28
N ALA H 388 -2.85 34.33 18.39
CA ALA H 388 -1.90 33.31 18.78
C ALA H 388 -0.99 33.81 19.89
N LEU H 389 -0.66 32.91 20.81
CA LEU H 389 0.17 33.22 21.96
C LEU H 389 1.48 32.45 21.89
N SER H 390 2.53 33.05 22.43
CA SER H 390 3.85 32.44 22.52
C SER H 390 4.14 32.11 23.98
N LEU H 391 4.59 30.89 24.23
CA LEU H 391 4.87 30.43 25.59
C LEU H 391 6.34 30.69 25.89
N THR H 392 6.60 31.48 26.93
CA THR H 392 7.96 31.86 27.30
C THR H 392 8.31 31.24 28.64
N ARG H 393 9.45 30.58 28.69
CA ARG H 393 9.90 29.94 29.92
C ARG H 393 10.28 30.98 30.96
N CYS H 394 10.00 30.68 32.22
CA CYS H 394 10.39 31.52 33.34
C CYS H 394 11.49 30.83 34.14
N GLN H 395 12.26 31.63 34.85
CA GLN H 395 13.37 31.09 35.63
C GLN H 395 12.84 30.35 36.86
N GLN H 396 13.61 29.34 37.28
CA GLN H 396 13.27 28.60 38.49
C GLN H 396 13.13 29.54 39.67
N GLU H 397 13.97 30.58 39.73
CA GLU H 397 13.87 31.55 40.81
C GLU H 397 12.52 32.23 40.81
N GLU H 398 12.07 32.69 39.65
CA GLU H 398 10.75 33.35 39.57
C GLU H 398 9.63 32.39 39.94
N SER H 399 9.70 31.15 39.44
CA SER H 399 8.63 30.19 39.74
C SER H 399 8.56 29.91 41.24
N GLN H 400 9.71 29.65 41.86
CA GLN H 400 9.73 29.39 43.29
C GLN H 400 9.26 30.60 44.08
N ALA H 401 9.68 31.81 43.67
CA ALA H 401 9.23 33.02 44.35
C ALA H 401 7.71 33.18 44.24
N ALA H 402 7.14 32.89 43.07
CA ALA H 402 5.69 33.01 42.92
C ALA H 402 4.96 32.03 43.83
N ARG H 403 5.41 30.78 43.88
CA ARG H 403 4.76 29.82 44.77
C ARG H 403 4.91 30.23 46.23
N MET H 404 6.10 30.72 46.60
CA MET H 404 6.30 31.19 47.96
C MET H 404 5.39 32.36 48.28
N ILE H 405 5.21 33.27 47.33
CA ILE H 405 4.31 34.40 47.53
C ILE H 405 2.89 33.91 47.78
N TYR H 406 2.43 32.95 46.97
CA TYR H 406 1.10 32.42 47.17
C TYR H 406 0.93 31.86 48.58
N SER H 407 1.84 30.97 48.98
CA SER H 407 1.71 30.32 50.29
C SER H 407 1.82 31.33 51.43
N THR H 408 2.79 32.25 51.34
CA THR H 408 3.01 33.22 52.39
C THR H 408 1.83 34.19 52.51
N ALA H 409 1.28 34.61 51.37
CA ALA H 409 0.11 35.47 51.40
C ALA H 409 -1.04 34.78 52.09
N GLY H 410 -1.27 33.51 51.76
CA GLY H 410 -2.32 32.77 52.44
C GLY H 410 -2.11 32.72 53.95
N LEU H 411 -0.89 32.38 54.36
CA LEU H 411 -0.60 32.23 55.78
C LEU H 411 -0.76 33.55 56.52
N TYR H 412 -0.22 34.64 55.97
CA TYR H 412 -0.27 35.92 56.68
C TYR H 412 -1.67 36.51 56.67
N ASN H 413 -2.44 36.27 55.61
CA ASN H 413 -3.84 36.69 55.64
C ASN H 413 -4.61 35.93 56.71
N GLN H 414 -4.33 34.64 56.85
CA GLN H 414 -4.97 33.88 57.93
C GLN H 414 -4.57 34.43 59.29
N PHE H 415 -3.30 34.79 59.45
CA PHE H 415 -2.84 35.37 60.72
C PHE H 415 -3.56 36.69 61.01
N ILE H 416 -3.70 37.54 60.00
CA ILE H 416 -4.36 38.83 60.18
C ILE H 416 -5.83 38.60 60.54
N LYS H 417 -6.49 37.66 59.87
CA LYS H 417 -7.86 37.33 60.21
C LYS H 417 -7.98 36.86 61.64
N GLY H 418 -7.05 36.01 62.08
CA GLY H 418 -7.07 35.55 63.46
C GLY H 418 -6.95 36.69 64.45
N LEU H 419 -6.03 37.62 64.19
CA LEU H 419 -5.90 38.77 65.08
C LEU H 419 -7.15 39.62 65.08
N ASP H 420 -7.72 39.89 63.91
CA ASP H 420 -8.94 40.67 63.84
C ASP H 420 -10.11 39.97 64.51
N SER H 421 -10.05 38.65 64.65
CA SER H 421 -11.14 37.93 65.30
C SER H 421 -11.34 38.39 66.73
N PHE H 422 -10.25 38.61 67.47
CA PHE H 422 -10.34 39.06 68.87
C PHE H 422 -9.79 40.46 69.05
N SER H 423 -9.64 41.23 67.97
CA SER H 423 -9.11 42.59 68.04
C SER H 423 -9.59 43.35 69.27
N GLY H 424 -10.91 43.42 69.48
CA GLY H 424 -11.46 44.20 70.58
C GLY H 424 -12.38 43.43 71.50
N LYS H 425 -12.02 42.18 71.80
CA LYS H 425 -12.84 41.30 72.63
C LYS H 425 -12.00 40.77 73.78
N PRO H 426 -11.96 41.48 74.91
CA PRO H 426 -11.19 40.97 76.06
C PRO H 426 -11.69 39.61 76.49
N ARG H 427 -10.75 38.75 76.88
CA ARG H 427 -11.08 37.40 77.30
C ARG H 427 -11.38 37.27 78.78
N GLY H 428 -11.17 38.34 79.55
CA GLY H 428 -11.36 38.24 80.99
C GLY H 428 -10.46 37.15 81.55
N SER H 429 -11.08 36.08 82.05
CA SER H 429 -10.36 34.91 82.52
C SER H 429 -10.74 33.65 81.74
N GLY H 430 -11.49 33.79 80.65
CA GLY H 430 -11.95 32.66 79.87
C GLY H 430 -11.06 32.41 78.67
N PRO H 431 -11.58 31.69 77.68
CA PRO H 431 -10.79 31.36 76.49
C PRO H 431 -10.53 32.60 75.66
N PRO H 432 -9.52 32.56 74.77
CA PRO H 432 -9.18 33.75 73.98
C PRO H 432 -10.36 34.36 73.22
N ALA H 433 -11.43 33.59 73.03
CA ALA H 433 -12.62 34.09 72.33
C ALA H 433 -12.28 34.55 70.92
N GLY H 434 -11.84 33.61 70.08
CA GLY H 434 -11.55 33.89 68.69
C GLY H 434 -11.06 32.64 68.00
N SER H 435 -10.51 32.82 66.81
CA SER H 435 -9.93 31.72 66.05
C SER H 435 -8.47 31.52 66.44
N ALA H 436 -8.05 30.27 66.43
CA ALA H 436 -6.67 29.95 66.82
C ALA H 436 -5.69 30.59 65.86
N LEU H 437 -4.56 31.03 66.40
CA LEU H 437 -3.56 31.72 65.59
C LEU H 437 -2.51 30.72 65.08
N PRO H 438 -2.13 30.80 63.81
CA PRO H 438 -1.04 29.93 63.31
C PRO H 438 0.34 30.42 63.73
N ILE H 439 0.60 30.37 65.04
CA ILE H 439 1.82 30.96 65.59
C ILE H 439 3.04 30.23 65.07
N GLU H 440 3.03 28.90 65.15
CA GLU H 440 4.19 28.13 64.72
C GLU H 440 4.47 28.32 63.24
N GLY H 441 3.42 28.26 62.42
CA GLY H 441 3.60 28.46 61.00
C GLY H 441 4.12 29.85 60.68
N VAL H 442 3.59 30.86 61.35
CA VAL H 442 4.03 32.23 61.11
C VAL H 442 5.50 32.39 61.46
N ILE H 443 5.91 31.85 62.62
CA ILE H 443 7.30 31.98 63.04
C ILE H 443 8.22 31.28 62.04
N LEU H 444 7.88 30.05 61.66
CA LEU H 444 8.72 29.31 60.73
C LEU H 444 8.79 30.02 59.38
N SER H 445 7.66 30.54 58.90
CA SER H 445 7.66 31.24 57.62
C SER H 445 8.52 32.49 57.69
N LEU H 446 8.43 33.24 58.79
CA LEU H 446 9.23 34.45 58.92
C LEU H 446 10.72 34.12 58.92
N GLN H 447 11.10 33.08 59.67
CA GLN H 447 12.52 32.70 59.70
C GLN H 447 12.98 32.25 58.32
N ASP H 448 12.17 31.45 57.63
CA ASP H 448 12.54 30.97 56.30
C ASP H 448 12.70 32.14 55.34
N LEU H 449 11.80 33.12 55.40
CA LEU H 449 11.89 34.26 54.49
C LEU H 449 13.08 35.15 54.83
N ILE H 450 13.41 35.30 56.11
CA ILE H 450 14.61 36.05 56.47
C ILE H 450 15.84 35.37 55.88
N GLY H 451 15.95 34.05 56.04
CA GLY H 451 17.05 33.33 55.41
C GLY H 451 17.03 33.45 53.91
N TYR H 452 15.84 33.46 53.31
CA TYR H 452 15.68 33.60 51.87
C TYR H 452 16.21 34.93 51.38
N PHE H 453 15.96 36.00 52.13
CA PHE H 453 16.36 37.35 51.75
C PHE H 453 17.70 37.76 52.37
N GLU H 454 18.39 36.83 53.00
CA GLU H 454 19.70 37.14 53.58
C GLU H 454 20.63 37.69 52.51
N PRO H 455 21.33 38.80 52.76
CA PRO H 455 22.23 39.33 51.74
C PRO H 455 23.44 38.44 51.58
N PRO H 456 24.10 38.50 50.42
CA PRO H 456 25.27 37.65 50.19
C PRO H 456 26.42 37.99 51.11
N SER H 457 27.21 36.97 51.45
CA SER H 457 28.34 37.16 52.34
C SER H 457 29.41 38.02 51.67
N GLU H 458 30.00 38.93 52.44
CA GLU H 458 31.03 39.81 51.91
C GLU H 458 32.30 39.05 51.54
N GLU H 459 32.50 37.85 52.08
CA GLU H 459 33.64 37.02 51.74
C GLU H 459 33.34 36.17 50.51
N LEU H 460 33.08 36.86 49.40
CA LEU H 460 32.78 36.20 48.14
C LEU H 460 33.50 36.92 47.01
N GLN H 461 33.72 36.19 45.91
CA GLN H 461 34.29 36.79 44.72
C GLN H 461 33.32 37.84 44.17
N HIS H 462 33.88 38.82 43.46
CA HIS H 462 33.06 39.93 43.00
C HIS H 462 31.96 39.45 42.06
N GLU H 463 32.28 38.55 41.14
CA GLU H 463 31.29 38.08 40.17
C GLU H 463 30.14 37.36 40.87
N GLU H 464 30.47 36.43 41.76
CA GLU H 464 29.42 35.70 42.47
C GLU H 464 28.58 36.64 43.33
N LYS H 465 29.24 37.60 43.99
CA LYS H 465 28.51 38.55 44.82
C LYS H 465 27.56 39.39 43.98
N GLN H 466 28.01 39.81 42.79
CA GLN H 466 27.13 40.59 41.91
C GLN H 466 25.93 39.77 41.46
N THR H 467 26.16 38.50 41.10
CA THR H 467 25.04 37.66 40.70
C THR H 467 24.04 37.48 41.84
N LYS H 468 24.55 37.24 43.05
CA LYS H 468 23.67 37.07 44.20
C LYS H 468 22.91 38.35 44.51
N LEU H 469 23.57 39.50 44.39
CA LEU H 469 22.89 40.77 44.62
C LEU H 469 21.79 40.98 43.59
N ARG H 470 22.05 40.66 42.33
CA ARG H 470 21.02 40.78 41.30
C ARG H 470 19.83 39.89 41.63
N SER H 471 20.09 38.65 42.01
CA SER H 471 18.99 37.74 42.37
C SER H 471 18.21 38.28 43.56
N LEU H 472 18.91 38.79 44.58
CA LEU H 472 18.24 39.30 45.77
C LEU H 472 17.36 40.49 45.42
N ARG H 473 17.87 41.42 44.61
CA ARG H 473 17.06 42.56 44.21
C ARG H 473 15.84 42.12 43.43
N ASN H 474 16.01 41.16 42.52
CA ASN H 474 14.87 40.69 41.75
C ASN H 474 13.81 40.06 42.66
N ARG H 475 14.24 39.26 43.63
CA ARG H 475 13.28 38.60 44.51
C ARG H 475 12.57 39.61 45.42
N GLN H 476 13.33 40.60 45.92
CA GLN H 476 12.71 41.67 46.70
C GLN H 476 11.66 42.40 45.88
N SER H 477 11.98 42.72 44.63
CA SER H 477 11.03 43.41 43.77
C SER H 477 9.81 42.55 43.51
N LEU H 478 10.00 41.25 43.30
CA LEU H 478 8.86 40.35 43.08
C LEU H 478 7.93 40.37 44.29
N PHE H 479 8.48 40.20 45.49
CA PHE H 479 7.63 40.19 46.68
C PHE H 479 6.94 41.54 46.87
N GLN H 480 7.65 42.64 46.70
CA GLN H 480 7.04 43.95 46.87
C GLN H 480 5.92 44.16 45.86
N GLU H 481 6.15 43.81 44.59
CA GLU H 481 5.14 43.98 43.57
C GLU H 481 3.91 43.11 43.81
N GLU H 482 4.09 41.92 44.39
CA GLU H 482 2.95 41.10 44.76
C GLU H 482 2.33 41.52 46.08
N GLY H 483 2.96 42.47 46.78
CA GLY H 483 2.33 43.09 47.93
C GLY H 483 2.63 42.44 49.27
N MET H 484 3.74 41.71 49.37
CA MET H 484 4.10 41.11 50.65
C MET H 484 4.56 42.16 51.65
N LEU H 485 5.13 43.26 51.17
CA LEU H 485 5.53 44.34 52.07
C LEU H 485 4.31 44.93 52.78
N SER H 486 3.22 45.16 52.04
CA SER H 486 2.01 45.67 52.66
C SER H 486 1.45 44.68 53.66
N LEU H 487 1.51 43.38 53.35
CA LEU H 487 1.03 42.37 54.28
C LEU H 487 1.84 42.37 55.57
N VAL H 488 3.17 42.48 55.44
CA VAL H 488 4.01 42.53 56.63
C VAL H 488 3.68 43.78 57.46
N LEU H 489 3.46 44.91 56.78
CA LEU H 489 3.10 46.13 57.50
C LEU H 489 1.77 45.96 58.22
N ASN H 490 0.80 45.30 57.59
CA ASN H 490 -0.49 45.08 58.24
C ASN H 490 -0.34 44.19 59.46
N CYS H 491 0.43 43.11 59.35
CA CYS H 491 0.67 42.27 60.51
C CYS H 491 1.33 43.06 61.64
N ILE H 492 2.31 43.90 61.28
CA ILE H 492 2.99 44.72 62.28
C ILE H 492 1.98 45.65 62.96
N ASP H 493 1.07 46.22 62.18
CA ASP H 493 0.06 47.11 62.76
C ASP H 493 -0.83 46.37 63.75
N ARG H 494 -1.33 45.20 63.34
CA ARG H 494 -2.20 44.44 64.22
C ARG H 494 -1.50 44.09 65.52
N LEU H 495 -0.23 43.68 65.44
CA LEU H 495 0.49 43.34 66.66
C LEU H 495 0.92 44.56 67.46
N ASN H 496 1.12 45.70 66.80
CA ASN H 496 1.50 46.93 67.50
C ASN H 496 0.34 47.54 68.25
N VAL H 497 -0.90 47.24 67.85
CA VAL H 497 -2.05 47.68 68.64
C VAL H 497 -1.85 47.37 70.12
N TYR H 498 -1.08 46.33 70.44
CA TYR H 498 -0.81 45.93 71.81
C TYR H 498 0.57 46.42 72.23
N THR H 499 0.66 46.90 73.48
CA THR H 499 1.88 47.51 73.97
C THR H 499 2.87 46.51 74.56
N THR H 500 2.40 45.35 75.02
CA THR H 500 3.28 44.39 75.66
C THR H 500 2.69 42.99 75.54
N ALA H 501 3.49 42.00 75.93
CA ALA H 501 3.05 40.61 75.85
C ALA H 501 1.84 40.36 76.76
N ALA H 502 1.84 40.94 77.95
CA ALA H 502 0.69 40.77 78.85
C ALA H 502 -0.56 41.41 78.26
N HIS H 503 -0.42 42.60 77.68
CA HIS H 503 -1.57 43.24 77.03
C HIS H 503 -2.09 42.37 75.90
N PHE H 504 -1.19 41.78 75.11
CA PHE H 504 -1.62 40.85 74.07
C PHE H 504 -2.34 39.65 74.67
N ALA H 505 -1.78 39.09 75.75
CA ALA H 505 -2.39 37.93 76.40
C ALA H 505 -3.80 38.24 76.87
N GLU H 506 -4.07 39.49 77.25
CA GLU H 506 -5.41 39.85 77.68
C GLU H 506 -6.46 39.63 76.61
N PHE H 507 -6.05 39.50 75.35
CA PHE H 507 -6.98 39.26 74.25
C PHE H 507 -6.75 37.97 73.50
N ALA H 508 -5.52 37.43 73.50
CA ALA H 508 -5.19 36.25 72.71
C ALA H 508 -4.88 35.01 73.54
N GLY H 509 -4.64 35.17 74.84
CA GLY H 509 -4.28 34.07 75.70
C GLY H 509 -2.78 34.01 75.96
N GLU H 510 -2.44 33.38 77.09
CA GLU H 510 -1.05 33.33 77.51
C GLU H 510 -0.19 32.54 76.52
N GLU H 511 -0.71 31.42 76.02
CA GLU H 511 0.06 30.61 75.09
C GLU H 511 0.41 31.39 73.84
N ALA H 512 -0.57 32.10 73.27
CA ALA H 512 -0.28 32.92 72.10
C ALA H 512 0.66 34.06 72.45
N ALA H 513 0.47 34.70 73.60
CA ALA H 513 1.31 35.82 73.99
C ALA H 513 2.75 35.41 74.26
N GLU H 514 2.99 34.12 74.50
CA GLU H 514 4.37 33.66 74.68
C GLU H 514 5.23 33.89 73.44
N SER H 515 4.62 34.11 72.28
CA SER H 515 5.36 34.31 71.03
C SER H 515 5.21 35.73 70.47
N TRP H 516 4.58 36.64 71.21
CA TRP H 516 4.30 37.97 70.68
C TRP H 516 5.59 38.71 70.35
N LYS H 517 6.53 38.76 71.31
CA LYS H 517 7.78 39.48 71.08
C LYS H 517 8.57 38.85 69.94
N GLU H 518 8.63 37.52 69.91
CA GLU H 518 9.37 36.85 68.85
C GLU H 518 8.79 37.17 67.48
N ILE H 519 7.46 37.14 67.36
CA ILE H 519 6.84 37.41 66.08
C ILE H 519 7.06 38.86 65.67
N VAL H 520 6.95 39.79 66.62
CA VAL H 520 7.15 41.20 66.28
C VAL H 520 8.57 41.44 65.79
N ASN H 521 9.55 40.89 66.51
CA ASN H 521 10.94 41.06 66.11
C ASN H 521 11.20 40.42 64.75
N LEU H 522 10.64 39.24 64.52
CA LEU H 522 10.83 38.57 63.23
C LEU H 522 10.20 39.38 62.10
N LEU H 523 9.03 39.99 62.36
CA LEU H 523 8.40 40.80 61.33
C LEU H 523 9.26 42.01 60.99
N TYR H 524 9.81 42.68 62.00
CA TYR H 524 10.68 43.81 61.72
C TYR H 524 11.94 43.37 60.97
N GLU H 525 12.50 42.22 61.36
CA GLU H 525 13.67 41.70 60.65
C GLU H 525 13.35 41.40 59.19
N LEU H 526 12.18 40.82 58.94
CA LEU H 526 11.79 40.52 57.56
C LEU H 526 11.58 41.80 56.77
N LEU H 527 10.99 42.82 57.38
CA LEU H 527 10.83 44.10 56.69
C LEU H 527 12.18 44.69 56.32
N ALA H 528 13.12 44.65 57.27
CA ALA H 528 14.47 45.15 56.98
C ALA H 528 15.11 44.37 55.84
N SER H 529 14.98 43.04 55.86
CA SER H 529 15.54 42.24 54.79
C SER H 529 14.88 42.54 53.45
N LEU H 530 13.58 42.78 53.45
CA LEU H 530 12.83 43.05 52.23
C LEU H 530 13.20 44.39 51.60
N ILE H 531 13.53 45.39 52.41
CA ILE H 531 13.87 46.69 51.86
C ILE H 531 15.37 46.95 51.78
N ARG H 532 16.21 46.13 52.40
CA ARG H 532 17.64 46.45 52.46
C ARG H 532 18.24 46.52 51.06
N GLY H 533 18.88 47.64 50.77
CA GLY H 533 19.58 47.83 49.51
C GLY H 533 18.70 48.01 48.31
N ASN H 534 17.40 48.19 48.50
CA ASN H 534 16.44 48.30 47.41
C ASN H 534 15.84 49.71 47.44
N ARG H 535 16.26 50.54 46.48
CA ARG H 535 15.79 51.92 46.45
C ARG H 535 14.28 51.98 46.25
N THR H 536 13.75 51.14 45.37
CA THR H 536 12.31 51.16 45.10
C THR H 536 11.52 50.83 46.35
N ASN H 537 11.91 49.78 47.07
CA ASN H 537 11.20 49.40 48.28
C ASN H 537 11.37 50.43 49.38
N CYS H 538 12.56 51.02 49.49
CA CYS H 538 12.79 52.02 50.54
C CYS H 538 12.01 53.29 50.28
N ALA H 539 11.83 53.67 49.01
CA ALA H 539 11.11 54.90 48.70
C ALA H 539 9.64 54.82 49.08
N LEU H 540 9.10 53.63 49.30
CA LEU H 540 7.70 53.50 49.70
C LEU H 540 7.42 54.21 51.02
N PHE H 541 8.44 54.30 51.89
CA PHE H 541 8.27 54.91 53.20
C PHE H 541 8.25 56.42 53.15
N SER H 542 8.51 57.03 52.00
CA SER H 542 8.44 58.49 51.90
C SER H 542 7.02 58.98 52.17
N THR H 543 6.02 58.11 52.02
CA THR H 543 4.63 58.50 52.24
C THR H 543 4.15 58.22 53.65
N ASN H 544 4.72 57.21 54.32
CA ASN H 544 4.30 56.82 55.66
C ASN H 544 5.53 56.73 56.58
N LEU H 545 6.38 57.74 56.51
CA LEU H 545 7.55 57.80 57.39
C LEU H 545 7.13 57.86 58.85
N ASP H 546 6.09 58.64 59.16
CA ASP H 546 5.62 58.72 60.54
C ASP H 546 5.27 57.35 61.10
N TRP H 547 4.72 56.47 60.25
CA TRP H 547 4.44 55.10 60.69
C TRP H 547 5.68 54.45 61.29
N LEU H 548 6.83 54.68 60.68
CA LEU H 548 8.07 54.06 61.15
C LEU H 548 8.68 54.83 62.31
N VAL H 549 8.69 56.16 62.24
CA VAL H 549 9.36 56.96 63.25
C VAL H 549 8.63 56.87 64.59
N SER H 550 7.29 56.83 64.55
CA SER H 550 6.51 56.78 65.79
C SER H 550 6.78 55.51 66.59
N LYS H 551 7.32 54.48 65.96
CA LYS H 551 7.58 53.21 66.63
C LYS H 551 8.99 53.09 67.17
N LEU H 552 9.82 54.12 67.03
CA LEU H 552 11.21 54.03 67.45
C LEU H 552 11.34 53.79 68.94
N ASP H 553 10.38 54.27 69.73
CA ASP H 553 10.46 54.16 71.19
C ASP H 553 9.87 52.86 71.72
N ARG H 554 9.26 52.04 70.88
CA ARG H 554 8.77 50.74 71.32
C ARG H 554 9.93 49.92 71.84
N LEU H 555 9.74 49.31 73.01
CA LEU H 555 10.83 48.63 73.69
C LEU H 555 10.95 47.15 73.33
N GLU H 556 9.99 46.59 72.60
CA GLU H 556 10.05 45.16 72.29
C GLU H 556 10.97 44.89 71.11
N ALA H 557 11.04 45.80 70.14
CA ALA H 557 11.82 45.59 68.92
C ALA H 557 12.58 46.86 68.56
N SER H 558 13.20 47.49 69.56
CA SER H 558 13.88 48.76 69.34
C SER H 558 14.96 48.64 68.27
N SER H 559 15.83 47.63 68.42
CA SER H 559 16.94 47.49 67.48
C SER H 559 16.44 47.17 66.07
N GLY H 560 15.43 46.32 65.96
CA GLY H 560 14.89 46.00 64.65
C GLY H 560 14.27 47.21 63.96
N ILE H 561 13.50 48.00 64.71
CA ILE H 561 12.90 49.19 64.13
C ILE H 561 13.98 50.18 63.71
N LEU H 562 15.01 50.34 64.54
CA LEU H 562 16.10 51.23 64.18
C LEU H 562 16.81 50.74 62.92
N GLU H 563 16.98 49.42 62.79
CA GLU H 563 17.62 48.88 61.59
C GLU H 563 16.77 49.16 60.35
N VAL H 564 15.45 49.01 60.46
CA VAL H 564 14.58 49.32 59.33
C VAL H 564 14.73 50.78 58.93
N LEU H 565 14.73 51.68 59.92
CA LEU H 565 14.88 53.10 59.63
C LEU H 565 16.23 53.37 58.99
N TYR H 566 17.28 52.72 59.49
CA TYR H 566 18.61 52.91 58.92
C TYR H 566 18.65 52.50 57.47
N CYS H 567 18.06 51.35 57.14
CA CYS H 567 18.03 50.91 55.74
C CYS H 567 17.29 51.93 54.88
N VAL H 568 16.13 52.38 55.34
CA VAL H 568 15.32 53.32 54.55
C VAL H 568 16.10 54.60 54.29
N LEU H 569 16.72 55.15 55.34
CA LEU H 569 17.44 56.41 55.19
C LEU H 569 18.69 56.24 54.34
N ILE H 570 19.38 55.11 54.47
CA ILE H 570 20.58 54.88 53.70
C ILE H 570 20.26 54.79 52.22
N GLU H 571 19.11 54.21 51.87
CA GLU H 571 18.82 53.96 50.46
C GLU H 571 17.98 55.03 49.77
N SER H 572 17.12 55.76 50.49
CA SER H 572 16.14 56.61 49.82
C SER H 572 16.41 58.08 50.06
N PRO H 573 16.86 58.85 49.05
CA PRO H 573 16.86 60.31 49.20
C PRO H 573 15.48 60.92 49.33
N GLU H 574 14.45 60.25 48.80
CA GLU H 574 13.09 60.80 48.89
C GLU H 574 12.66 60.96 50.34
N VAL H 575 12.97 59.97 51.17
CA VAL H 575 12.67 60.07 52.59
C VAL H 575 13.47 61.21 53.23
N LEU H 576 14.74 61.34 52.85
CA LEU H 576 15.55 62.44 53.34
C LEU H 576 14.92 63.79 53.03
N ASN H 577 14.28 63.93 51.88
CA ASN H 577 13.70 65.20 51.49
C ASN H 577 12.37 65.50 52.18
N ILE H 578 11.76 64.54 52.86
CA ILE H 578 10.53 64.75 53.60
C ILE H 578 10.74 64.63 55.10
N ILE H 579 11.95 64.31 55.54
CA ILE H 579 12.25 64.31 56.97
C ILE H 579 11.90 65.67 57.56
N GLN H 580 11.48 65.67 58.82
CA GLN H 580 11.02 66.88 59.48
C GLN H 580 11.61 67.00 60.89
N GLU H 581 11.39 68.17 61.48
CA GLU H 581 11.96 68.48 62.78
C GLU H 581 11.46 67.50 63.86
N ASN H 582 10.18 67.14 63.80
CA ASN H 582 9.66 66.20 64.79
C ASN H 582 10.32 64.83 64.64
N HIS H 583 10.57 64.40 63.40
CA HIS H 583 11.28 63.14 63.19
C HIS H 583 12.69 63.20 63.76
N ILE H 584 13.40 64.30 63.50
CA ILE H 584 14.75 64.44 64.01
C ILE H 584 14.75 64.45 65.53
N LYS H 585 13.76 65.15 66.13
CA LYS H 585 13.67 65.18 67.58
C LYS H 585 13.38 63.79 68.16
N SER H 586 12.55 63.00 67.48
CA SER H 586 12.32 61.63 67.94
C SER H 586 13.59 60.81 67.88
N ILE H 587 14.35 60.95 66.80
CA ILE H 587 15.60 60.20 66.69
C ILE H 587 16.57 60.61 67.78
N ILE H 588 16.63 61.90 68.11
CA ILE H 588 17.50 62.36 69.19
C ILE H 588 16.99 61.87 70.54
N SER H 589 15.66 61.83 70.71
CA SER H 589 15.09 61.27 71.92
C SER H 589 15.47 59.80 72.08
N LEU H 590 15.69 59.10 70.96
CA LEU H 590 16.21 57.74 71.06
C LEU H 590 17.56 57.72 71.77
N LEU H 591 18.46 58.63 71.42
CA LEU H 591 19.72 58.75 72.15
C LEU H 591 19.46 59.07 73.61
N ASP H 592 18.54 59.99 73.86
CA ASP H 592 18.29 60.43 75.24
C ASP H 592 17.78 59.29 76.11
N LYS H 593 16.90 58.44 75.57
CA LYS H 593 16.18 57.46 76.37
C LYS H 593 16.76 56.05 76.33
N HIS H 594 17.55 55.71 75.31
CA HIS H 594 18.09 54.36 75.19
C HIS H 594 19.58 54.27 75.46
N GLY H 595 20.29 55.38 75.50
CA GLY H 595 21.71 55.38 75.81
C GLY H 595 22.54 55.83 74.62
N ARG H 596 23.85 55.71 74.79
CA ARG H 596 24.80 56.15 73.77
C ARG H 596 25.04 55.01 72.80
N ASN H 597 24.19 54.93 71.79
CA ASN H 597 24.25 53.90 70.77
C ASN H 597 24.76 54.53 69.47
N HIS H 598 25.86 54.00 68.95
CA HIS H 598 26.46 54.60 67.76
C HIS H 598 25.59 54.40 66.52
N LYS H 599 24.66 53.45 66.55
CA LYS H 599 23.76 53.27 65.42
C LYS H 599 22.83 54.45 65.25
N VAL H 600 22.40 55.08 66.35
CA VAL H 600 21.59 56.28 66.24
C VAL H 600 22.40 57.41 65.61
N LEU H 601 23.68 57.51 65.98
CA LEU H 601 24.54 58.50 65.33
C LEU H 601 24.69 58.20 63.85
N ASP H 602 24.77 56.92 63.48
CA ASP H 602 24.83 56.56 62.08
C ASP H 602 23.56 56.98 61.34
N VAL H 603 22.41 56.78 61.97
CA VAL H 603 21.15 57.23 61.36
C VAL H 603 21.16 58.74 61.17
N LEU H 604 21.61 59.48 62.18
CA LEU H 604 21.68 60.93 62.05
C LEU H 604 22.64 61.34 60.95
N CYS H 605 23.78 60.64 60.84
CA CYS H 605 24.73 60.92 59.77
C CYS H 605 24.08 60.71 58.40
N SER H 606 23.37 59.59 58.24
CA SER H 606 22.73 59.29 56.97
C SER H 606 21.64 60.29 56.65
N LEU H 607 21.05 60.93 57.66
CA LEU H 607 20.07 61.98 57.41
C LEU H 607 20.68 63.21 56.74
N CYS H 608 22.00 63.40 56.85
CA CYS H 608 22.61 64.63 56.37
C CYS H 608 22.94 64.57 54.88
N VAL H 609 23.58 63.49 54.43
CA VAL H 609 24.07 63.38 53.06
C VAL H 609 23.68 62.02 52.51
N CYS H 610 23.14 62.00 51.30
CA CYS H 610 22.81 60.75 50.60
C CYS H 610 23.28 60.87 49.16
N ASN H 611 24.12 59.93 48.72
CA ASN H 611 24.61 59.88 47.36
C ASN H 611 25.30 61.19 46.96
N GLY H 612 26.08 61.74 47.89
CA GLY H 612 26.88 62.92 47.59
C GLY H 612 26.12 64.22 47.55
N VAL H 613 24.86 64.25 47.99
CA VAL H 613 24.06 65.47 48.04
C VAL H 613 23.65 65.70 49.49
N ALA H 614 23.85 66.91 49.97
CA ALA H 614 23.58 67.27 51.35
C ALA H 614 22.22 67.91 51.48
N VAL H 615 21.53 67.63 52.58
CA VAL H 615 20.24 68.24 52.89
C VAL H 615 20.49 69.28 53.98
N ARG H 616 20.47 70.55 53.59
CA ARG H 616 20.80 71.62 54.51
C ARG H 616 19.80 71.69 55.66
N SER H 617 18.52 71.46 55.37
CA SER H 617 17.51 71.52 56.42
C SER H 617 17.78 70.46 57.47
N ASN H 618 18.09 69.23 57.05
CA ASN H 618 18.40 68.17 58.00
C ASN H 618 19.65 68.49 58.79
N GLN H 619 20.69 68.97 58.11
CA GLN H 619 21.92 69.32 58.82
C GLN H 619 21.65 70.38 59.88
N ASP H 620 20.93 71.44 59.52
CA ASP H 620 20.65 72.51 60.47
C ASP H 620 19.78 72.02 61.62
N LEU H 621 18.78 71.20 61.33
CA LEU H 621 17.91 70.71 62.40
C LEU H 621 18.69 69.85 63.39
N ILE H 622 19.53 68.95 62.88
CA ILE H 622 20.34 68.14 63.78
C ILE H 622 21.26 69.02 64.61
N THR H 623 21.92 69.99 63.97
CA THR H 623 22.84 70.85 64.70
C THR H 623 22.11 71.65 65.78
N GLU H 624 20.92 72.14 65.48
CA GLU H 624 20.16 72.97 66.42
C GLU H 624 19.55 72.16 67.56
N ASN H 625 19.19 70.90 67.32
CA ASN H 625 18.50 70.12 68.32
C ASN H 625 19.40 69.14 69.08
N LEU H 626 20.65 68.96 68.67
CA LEU H 626 21.54 68.02 69.34
C LEU H 626 22.75 68.66 70.00
N LEU H 627 23.36 69.66 69.37
CA LEU H 627 24.63 70.20 69.85
C LEU H 627 24.49 71.16 71.02
N PRO H 628 23.61 72.17 70.95
CA PRO H 628 23.65 73.23 71.96
C PRO H 628 23.43 72.74 73.39
N GLY H 629 22.65 71.68 73.57
CA GLY H 629 22.40 71.18 74.91
C GLY H 629 23.68 70.73 75.60
N ARG H 630 24.58 70.10 74.85
CA ARG H 630 25.86 69.62 75.40
C ARG H 630 25.63 68.66 76.56
N GLU H 631 24.56 67.88 76.48
CA GLU H 631 24.22 66.92 77.52
C GLU H 631 24.19 65.48 77.03
N LEU H 632 24.19 65.24 75.72
CA LEU H 632 24.11 63.89 75.16
C LEU H 632 25.44 63.42 74.60
N LEU H 633 26.06 64.21 73.74
CA LEU H 633 27.37 63.86 73.19
C LEU H 633 28.46 64.12 74.23
N LEU H 634 29.52 63.34 74.15
CA LEU H 634 30.66 63.54 75.02
C LEU H 634 31.39 64.83 74.66
N GLN H 635 31.78 65.58 75.68
CA GLN H 635 32.40 66.88 75.49
C GLN H 635 33.91 66.79 75.71
N THR H 636 34.65 67.56 74.91
CA THR H 636 36.10 67.59 74.97
C THR H 636 36.58 69.01 75.17
N ASN H 637 37.76 69.14 75.78
CA ASN H 637 38.38 70.43 76.02
C ASN H 637 39.77 70.20 76.58
N LEU H 638 40.64 71.19 76.39
CA LEU H 638 41.98 71.18 76.95
C LEU H 638 41.96 71.84 78.32
N ILE H 639 42.51 71.14 79.32
CA ILE H 639 42.52 71.63 80.69
C ILE H 639 43.93 71.51 81.24
N ASN H 640 44.21 72.32 82.26
CA ASN H 640 45.51 72.29 82.92
C ASN H 640 45.57 71.15 83.93
N TYR H 641 46.77 70.61 84.10
CA TYR H 641 47.04 69.73 85.22
C TYR H 641 47.15 70.54 86.50
N VAL H 642 46.57 70.02 87.57
CA VAL H 642 46.58 70.68 88.87
C VAL H 642 47.09 69.69 89.91
N THR H 643 47.95 70.18 90.79
CA THR H 643 48.55 69.37 91.83
C THR H 643 48.47 70.10 93.17
N SER H 644 48.63 69.35 94.25
CA SER H 644 48.52 69.87 95.61
C SER H 644 49.80 69.57 96.37
N ILE H 645 50.16 70.49 97.27
CA ILE H 645 51.33 70.34 98.12
C ILE H 645 50.92 70.70 99.54
N ARG H 646 51.41 69.94 100.51
CA ARG H 646 51.10 70.15 101.91
C ARG H 646 52.36 70.01 102.75
N PRO H 647 52.45 70.70 103.88
CA PRO H 647 53.42 70.32 104.90
C PRO H 647 52.91 69.13 105.69
N ASN H 648 53.85 68.36 106.23
CA ASN H 648 53.46 67.19 107.01
C ASN H 648 52.96 67.62 108.37
N ILE H 649 51.88 68.39 108.39
CA ILE H 649 51.25 68.88 109.61
C ILE H 649 49.82 68.38 109.63
N PHE H 650 49.48 67.59 110.64
CA PHE H 650 48.18 66.94 110.73
C PHE H 650 47.57 67.23 112.09
N VAL H 651 46.39 67.84 112.10
CA VAL H 651 45.70 68.22 113.32
C VAL H 651 44.26 67.74 113.23
N GLY H 652 43.69 67.42 114.40
CA GLY H 652 42.32 66.93 114.44
C GLY H 652 41.78 67.01 115.84
N ARG H 653 40.53 66.59 115.98
CA ARG H 653 39.84 66.59 117.27
C ARG H 653 39.26 65.21 117.54
N ALA H 654 39.37 64.78 118.79
CA ALA H 654 38.75 63.55 119.24
C ALA H 654 38.65 63.61 120.76
N GLU H 655 37.71 62.84 121.30
CA GLU H 655 37.50 62.81 122.74
C GLU H 655 38.72 62.22 123.42
N GLY H 656 39.36 63.01 124.29
CA GLY H 656 40.57 62.58 124.97
C GLY H 656 41.85 62.76 124.17
N SER H 657 41.77 63.35 122.98
CA SER H 657 42.95 63.53 122.16
C SER H 657 43.92 64.51 122.82
N THR H 658 45.20 64.35 122.47
CA THR H 658 46.28 65.17 123.01
C THR H 658 46.61 66.34 122.11
N GLN H 659 45.75 66.68 121.17
CA GLN H 659 46.04 67.66 120.14
C GLN H 659 45.32 68.98 120.42
N TYR H 660 46.02 70.09 120.19
CA TYR H 660 45.41 71.40 120.33
C TYR H 660 44.38 71.62 119.22
N GLY H 661 43.43 72.51 119.49
CA GLY H 661 42.28 72.66 118.62
C GLY H 661 42.30 73.82 117.67
N LYS H 662 43.14 74.83 117.93
CA LYS H 662 43.19 76.05 117.13
C LYS H 662 44.54 76.14 116.45
N TRP H 663 44.54 76.34 115.14
CA TRP H 663 45.77 76.35 114.34
C TRP H 663 45.71 77.47 113.32
N TYR H 664 46.89 77.91 112.88
CA TYR H 664 47.02 79.09 112.04
C TYR H 664 48.24 78.95 111.15
N PHE H 665 48.10 79.36 109.89
CA PHE H 665 49.25 79.39 108.99
C PHE H 665 49.03 80.44 107.92
N GLU H 666 50.06 80.69 107.11
CA GLU H 666 49.98 81.70 106.06
C GLU H 666 50.63 81.18 104.78
N VAL H 667 50.22 81.78 103.67
CA VAL H 667 50.81 81.52 102.36
C VAL H 667 51.08 82.85 101.69
N MET H 668 52.30 83.07 101.24
CA MET H 668 52.69 84.28 100.52
C MET H 668 52.88 83.95 99.05
N VAL H 669 52.28 84.74 98.18
CA VAL H 669 52.34 84.51 96.75
C VAL H 669 53.42 85.42 96.16
N ASP H 670 54.44 84.83 95.55
CA ASP H 670 55.55 85.58 94.97
C ASP H 670 55.36 85.84 93.48
N GLU H 671 55.02 84.80 92.71
CA GLU H 671 54.82 84.93 91.28
C GLU H 671 53.58 84.15 90.86
N VAL H 672 52.76 84.75 90.02
CA VAL H 672 51.61 84.08 89.43
C VAL H 672 51.48 84.53 87.99
N ALA H 673 51.55 83.59 87.06
CA ALA H 673 51.26 83.86 85.65
C ALA H 673 49.80 83.57 85.41
N PRO H 674 48.94 84.59 85.32
CA PRO H 674 47.49 84.32 85.29
C PRO H 674 47.06 83.40 84.17
N PHE H 675 47.70 83.49 83.00
CA PHE H 675 47.27 82.76 81.81
C PHE H 675 48.49 82.15 81.11
N LEU H 676 49.30 81.42 81.88
CA LEU H 676 50.44 80.72 81.29
C LEU H 676 49.99 79.86 80.12
N THR H 677 48.81 79.26 80.21
CA THR H 677 48.16 78.56 79.11
C THR H 677 46.81 79.22 78.84
N ALA H 678 46.05 78.62 77.92
CA ALA H 678 44.76 79.19 77.54
C ALA H 678 43.76 79.14 78.68
N GLN H 679 43.95 78.26 79.66
CA GLN H 679 43.06 78.17 80.81
C GLN H 679 43.67 78.93 81.98
N ALA H 680 42.81 79.67 82.69
CA ALA H 680 43.29 80.52 83.78
C ALA H 680 44.06 79.70 84.80
N THR H 681 45.17 80.26 85.26
CA THR H 681 46.00 79.57 86.24
C THR H 681 45.22 79.32 87.52
N HIS H 682 45.37 78.13 88.07
CA HIS H 682 44.69 77.70 89.28
C HIS H 682 45.63 77.90 90.46
N LEU H 683 45.12 78.52 91.52
CA LEU H 683 45.89 78.71 92.75
C LEU H 683 44.90 78.86 93.90
N ARG H 684 44.91 77.91 94.82
CA ARG H 684 43.99 77.90 95.96
C ARG H 684 44.72 77.47 97.22
N VAL H 685 44.31 78.04 98.35
CA VAL H 685 44.91 77.76 99.64
C VAL H 685 43.80 77.37 100.61
N GLY H 686 44.10 76.44 101.52
CA GLY H 686 43.11 76.10 102.53
C GLY H 686 43.50 74.89 103.33
N TRP H 687 42.49 74.19 103.83
CA TRP H 687 42.65 72.98 104.63
C TRP H 687 41.98 71.80 103.92
N ALA H 688 42.46 70.61 104.23
CA ALA H 688 41.88 69.39 103.68
C ALA H 688 41.95 68.30 104.72
N LEU H 689 41.03 67.34 104.61
CA LEU H 689 40.95 66.23 105.55
C LEU H 689 41.84 65.09 105.06
N SER H 690 42.57 64.47 105.99
CA SER H 690 43.57 63.47 105.61
C SER H 690 42.93 62.33 104.83
N GLU H 691 41.88 61.73 105.39
CA GLU H 691 41.23 60.59 104.75
C GLU H 691 40.08 61.12 103.89
N GLY H 692 40.30 61.16 102.59
CA GLY H 692 39.27 61.58 101.66
C GLY H 692 39.75 62.54 100.59
N TYR H 693 40.72 63.38 100.92
CA TYR H 693 41.28 64.32 99.95
C TYR H 693 42.39 63.61 99.18
N SER H 694 42.09 63.19 97.96
CA SER H 694 43.04 62.47 97.12
C SER H 694 42.79 62.86 95.66
N PRO H 695 43.15 64.08 95.29
CA PRO H 695 42.99 64.52 93.89
C PRO H 695 44.09 63.93 93.02
N TYR H 696 43.73 62.97 92.18
CA TYR H 696 44.72 62.34 91.34
C TYR H 696 44.97 63.19 90.08
N PRO H 697 46.18 63.13 89.52
CA PRO H 697 46.45 63.95 88.33
C PRO H 697 45.52 63.59 87.18
N GLY H 698 45.12 64.60 86.42
CA GLY H 698 44.34 64.38 85.23
C GLY H 698 42.86 64.64 85.39
N GLY H 699 42.04 63.65 85.07
CA GLY H 699 40.61 63.82 85.15
C GLY H 699 40.09 63.68 86.56
N GLY H 700 38.82 64.06 86.73
CA GLY H 700 38.18 63.97 88.02
C GLY H 700 36.78 64.53 88.00
N GLU H 701 36.37 65.19 89.09
CA GLU H 701 35.04 65.77 89.16
C GLU H 701 34.94 66.98 88.23
N GLY H 702 33.74 67.20 87.70
CA GLY H 702 33.54 68.33 86.81
C GLY H 702 34.41 68.21 85.58
N TRP H 703 35.20 69.25 85.31
CA TRP H 703 36.09 69.30 84.17
C TRP H 703 37.54 69.07 84.57
N GLY H 704 37.77 68.30 85.62
CA GLY H 704 39.12 67.98 86.03
C GLY H 704 39.81 69.16 86.71
N GLY H 705 41.14 69.07 86.80
CA GLY H 705 41.91 70.10 87.47
C GLY H 705 41.45 70.28 88.90
N ASN H 706 41.26 69.17 89.61
CA ASN H 706 40.71 69.21 90.96
C ASN H 706 41.78 69.64 91.95
N GLY H 707 41.44 70.60 92.81
CA GLY H 707 42.34 71.06 93.84
C GLY H 707 41.62 71.25 95.16
N VAL H 708 42.07 72.22 95.96
CA VAL H 708 41.43 72.48 97.25
C VAL H 708 40.03 73.00 97.00
N GLY H 709 39.05 72.40 97.66
CA GLY H 709 37.67 72.81 97.55
C GLY H 709 36.90 72.19 96.40
N ASP H 710 37.49 71.25 95.66
CA ASP H 710 36.80 70.56 94.58
C ASP H 710 36.10 69.30 95.06
N ASP H 711 36.14 69.02 96.35
CA ASP H 711 35.36 67.95 96.95
C ASP H 711 34.91 68.43 98.33
N LEU H 712 34.18 67.57 99.03
CA LEU H 712 33.69 67.89 100.37
C LEU H 712 34.69 67.48 101.45
N TYR H 713 35.96 67.26 101.08
CA TYR H 713 37.01 66.97 102.04
C TYR H 713 38.02 68.11 102.16
N SER H 714 37.82 69.20 101.43
CA SER H 714 38.76 70.31 101.42
C SER H 714 37.99 71.61 101.30
N TYR H 715 38.63 72.69 101.75
CA TYR H 715 38.00 74.01 101.84
C TYR H 715 39.03 75.05 101.49
N GLY H 716 38.86 75.71 100.34
CA GLY H 716 39.90 76.54 99.78
C GLY H 716 39.44 77.96 99.55
N PHE H 717 40.42 78.84 99.32
CA PHE H 717 40.21 80.24 99.05
C PHE H 717 41.13 80.66 97.91
N ASP H 718 40.57 81.37 96.93
CA ASP H 718 41.33 81.77 95.75
C ASP H 718 41.43 83.27 95.58
N GLY H 719 41.05 84.05 96.59
CA GLY H 719 41.06 85.50 96.53
C GLY H 719 39.69 86.12 96.33
N LEU H 720 38.83 85.45 95.56
CA LEU H 720 37.48 85.94 95.29
C LEU H 720 36.38 85.00 95.74
N HIS H 721 36.64 83.70 95.85
CA HIS H 721 35.60 82.73 96.13
C HIS H 721 36.04 81.80 97.24
N LEU H 722 35.06 81.24 97.93
CA LEU H 722 35.27 80.14 98.86
C LEU H 722 34.87 78.85 98.17
N TRP H 723 35.81 77.92 98.08
CA TRP H 723 35.64 76.70 97.30
C TRP H 723 35.39 75.51 98.22
N THR H 724 34.33 74.77 97.94
CA THR H 724 34.05 73.51 98.62
C THR H 724 33.00 72.76 97.83
N GLY H 725 33.17 71.45 97.72
CA GLY H 725 32.25 70.66 96.93
C GLY H 725 32.20 71.04 95.47
N HIS H 726 33.32 71.53 94.93
CA HIS H 726 33.40 71.91 93.51
C HIS H 726 32.45 73.05 93.18
N VAL H 727 32.15 73.91 94.15
CA VAL H 727 31.28 75.06 93.94
C VAL H 727 32.02 76.30 94.41
N ALA H 728 32.04 77.33 93.57
CA ALA H 728 32.66 78.60 93.92
C ALA H 728 31.60 79.57 94.42
N ARG H 729 31.76 80.03 95.65
CA ARG H 729 30.83 80.99 96.24
C ARG H 729 31.54 82.30 96.48
N PRO H 730 31.15 83.40 95.83
CA PRO H 730 31.87 84.65 96.01
C PRO H 730 31.87 85.10 97.47
N VAL H 731 33.00 85.63 97.91
CA VAL H 731 33.18 86.11 99.26
C VAL H 731 33.78 87.51 99.19
N THR H 732 33.23 88.42 100.00
CA THR H 732 33.62 89.82 99.95
C THR H 732 34.82 90.07 100.86
N SER H 733 35.81 90.79 100.33
CA SER H 733 36.95 91.25 101.09
C SER H 733 37.38 92.59 100.53
N PRO H 734 37.99 93.46 101.34
CA PRO H 734 38.46 94.74 100.80
C PRO H 734 39.46 94.52 99.67
N GLY H 735 39.27 95.28 98.59
CA GLY H 735 40.16 95.17 97.44
C GLY H 735 40.13 93.79 96.81
N GLN H 736 38.93 93.26 96.57
CA GLN H 736 38.80 91.92 96.00
C GLN H 736 39.67 91.77 94.76
N HIS H 737 40.38 90.65 94.69
CA HIS H 737 41.13 90.30 93.48
C HIS H 737 41.63 88.88 93.62
N LEU H 738 41.75 88.20 92.48
CA LEU H 738 42.33 86.87 92.46
C LEU H 738 43.76 86.94 92.98
N LEU H 739 44.16 85.90 93.73
CA LEU H 739 45.48 85.85 94.35
C LEU H 739 46.55 86.31 93.38
N ALA H 740 47.33 87.31 93.78
CA ALA H 740 48.34 87.95 92.95
C ALA H 740 49.64 88.01 93.73
N PRO H 741 50.73 88.37 93.06
CA PRO H 741 52.02 88.47 93.76
C PRO H 741 51.93 89.45 94.93
N GLU H 742 52.65 89.11 96.00
CA GLU H 742 52.74 89.87 97.25
C GLU H 742 51.51 89.69 98.12
N ASP H 743 50.57 88.82 97.75
CA ASP H 743 49.40 88.56 98.57
C ASP H 743 49.77 87.60 99.70
N VAL H 744 49.21 87.85 100.88
CA VAL H 744 49.41 87.00 102.04
C VAL H 744 48.04 86.50 102.48
N VAL H 745 47.84 85.19 102.41
CA VAL H 745 46.60 84.55 102.83
C VAL H 745 46.84 83.90 104.19
N SER H 746 46.07 84.29 105.18
CA SER H 746 46.15 83.73 106.52
C SER H 746 44.95 82.82 106.73
N CYS H 747 45.21 81.56 107.06
CA CYS H 747 44.15 80.59 107.28
C CYS H 747 44.16 80.15 108.74
N CYS H 748 42.99 80.21 109.37
CA CYS H 748 42.81 79.82 110.76
C CYS H 748 41.77 78.71 110.83
N LEU H 749 42.10 77.66 111.58
CA LEU H 749 41.21 76.51 111.78
C LEU H 749 40.93 76.38 113.27
N ASP H 750 39.65 76.49 113.64
CA ASP H 750 39.22 76.30 115.02
C ASP H 750 38.38 75.03 115.05
N LEU H 751 38.97 73.94 115.54
CA LEU H 751 38.29 72.65 115.52
C LEU H 751 37.18 72.55 116.55
N SER H 752 37.06 73.51 117.47
CA SER H 752 36.03 73.42 118.50
C SER H 752 34.65 73.74 117.96
N VAL H 753 34.56 74.63 116.97
CA VAL H 753 33.26 75.10 116.48
C VAL H 753 32.57 73.99 115.69
N PRO H 754 33.17 73.43 114.63
CA PRO H 754 34.43 73.76 113.95
C PRO H 754 34.24 74.82 112.86
N SER H 755 35.30 75.54 112.54
CA SER H 755 35.22 76.62 111.57
C SER H 755 36.59 76.83 110.92
N ILE H 756 36.57 77.33 109.69
CA ILE H 756 37.77 77.72 108.95
C ILE H 756 37.55 79.15 108.48
N SER H 757 38.50 80.03 108.79
CA SER H 757 38.41 81.44 108.44
C SER H 757 39.66 81.87 107.70
N PHE H 758 39.51 82.93 106.90
CA PHE H 758 40.57 83.43 106.05
C PHE H 758 40.74 84.93 106.26
N ARG H 759 41.96 85.39 106.00
CA ARG H 759 42.30 86.81 105.99
C ARG H 759 43.20 87.05 104.80
N ILE H 760 42.99 88.16 104.10
CA ILE H 760 43.78 88.50 102.92
C ILE H 760 44.50 89.81 103.20
N ASN H 761 45.83 89.76 103.21
CA ASN H 761 46.65 90.93 103.51
C ASN H 761 46.22 91.58 104.82
N GLY H 762 45.86 90.74 105.78
CA GLY H 762 45.43 91.22 107.09
C GLY H 762 43.97 91.61 107.17
N CYS H 763 43.26 91.70 106.04
CA CYS H 763 41.86 92.09 106.08
C CYS H 763 40.98 90.85 106.20
N PRO H 764 39.94 90.88 107.02
CA PRO H 764 39.08 89.69 107.15
C PRO H 764 38.40 89.35 105.83
N VAL H 765 38.25 88.05 105.58
CA VAL H 765 37.47 87.56 104.46
C VAL H 765 36.08 87.25 104.98
N GLN H 766 35.08 87.96 104.46
CA GLN H 766 33.73 87.88 105.02
C GLN H 766 33.05 86.58 104.61
N GLY H 767 33.56 85.46 105.11
CA GLY H 767 32.98 84.16 104.82
C GLY H 767 33.71 83.07 105.59
N VAL H 768 32.98 82.02 106.00
CA VAL H 768 33.56 80.96 106.80
C VAL H 768 32.96 79.62 106.41
N PHE H 769 33.77 78.57 106.52
CA PHE H 769 33.31 77.20 106.50
C PHE H 769 33.07 76.76 107.95
N GLU H 770 32.02 75.99 108.18
CA GLU H 770 31.73 75.51 109.52
C GLU H 770 30.91 74.23 109.44
N SER H 771 30.76 73.60 110.60
CA SER H 771 29.92 72.41 110.76
C SER H 771 30.28 71.35 109.72
N PHE H 772 31.59 71.13 109.54
CA PHE H 772 32.07 70.12 108.63
C PHE H 772 32.51 68.88 109.41
N ASN H 773 32.65 67.77 108.68
CA ASN H 773 33.00 66.51 109.30
C ASN H 773 34.37 66.60 109.97
N LEU H 774 34.51 65.89 111.09
CA LEU H 774 35.73 65.92 111.89
C LEU H 774 36.32 64.53 112.08
N ASP H 775 36.04 63.62 111.15
CA ASP H 775 36.52 62.24 111.25
C ASP H 775 37.81 62.09 110.44
N GLY H 776 38.85 62.73 110.94
CA GLY H 776 40.14 62.67 110.28
C GLY H 776 41.03 63.79 110.76
N LEU H 777 42.19 63.91 110.11
CA LEU H 777 43.20 64.91 110.43
C LEU H 777 43.24 65.95 109.33
N PHE H 778 43.28 67.21 109.72
CA PHE H 778 43.37 68.32 108.78
C PHE H 778 44.82 68.74 108.58
N PHE H 779 45.15 69.12 107.35
CA PHE H 779 46.47 69.61 107.05
C PHE H 779 46.39 70.85 106.16
N PRO H 780 47.32 71.79 106.29
CA PRO H 780 47.38 72.90 105.33
C PRO H 780 47.65 72.38 103.94
N VAL H 781 47.06 73.01 102.94
CA VAL H 781 47.20 72.55 101.56
C VAL H 781 47.11 73.74 100.62
N VAL H 782 47.88 73.67 99.54
CA VAL H 782 47.79 74.62 98.44
C VAL H 782 47.72 73.80 97.15
N SER H 783 46.73 74.09 96.32
CA SER H 783 46.58 73.47 95.02
C SER H 783 46.90 74.50 93.94
N PHE H 784 47.49 74.05 92.84
CA PHE H 784 47.94 74.98 91.84
C PHE H 784 48.12 74.28 90.50
N SER H 785 48.10 75.07 89.45
CA SER H 785 48.55 74.66 88.13
C SER H 785 49.93 75.25 87.89
N ALA H 786 50.49 74.99 86.72
CA ALA H 786 51.80 75.52 86.39
C ALA H 786 51.76 77.04 86.30
N GLY H 787 52.89 77.67 86.64
CA GLY H 787 53.00 79.10 86.61
C GLY H 787 52.83 79.79 87.94
N ILE H 788 53.25 79.16 89.04
CA ILE H 788 53.07 79.70 90.37
C ILE H 788 54.35 79.56 91.17
N LYS H 789 54.47 80.44 92.17
CA LYS H 789 55.56 80.41 93.13
C LYS H 789 54.97 80.96 94.44
N VAL H 790 54.90 80.11 95.46
CA VAL H 790 54.31 80.48 96.73
C VAL H 790 55.23 80.01 97.85
N ARG H 791 54.94 80.47 99.06
CA ARG H 791 55.72 80.11 100.24
C ARG H 791 54.80 79.90 101.42
N PHE H 792 54.89 78.72 102.04
CA PHE H 792 54.22 78.42 103.29
C PHE H 792 54.96 79.10 104.42
N LEU H 793 54.25 79.89 105.21
CA LEU H 793 54.76 80.46 106.45
C LEU H 793 54.05 79.77 107.61
N LEU H 794 54.81 79.01 108.39
CA LEU H 794 54.26 78.19 109.46
C LEU H 794 54.69 78.66 110.84
N GLY H 795 55.38 79.78 110.94
CA GLY H 795 55.81 80.31 112.22
C GLY H 795 57.14 79.73 112.67
N GLY H 796 57.63 80.27 113.78
CA GLY H 796 58.90 79.80 114.31
C GLY H 796 60.01 79.98 113.31
N ARG H 797 60.82 78.93 113.13
CA ARG H 797 61.91 78.93 112.16
C ARG H 797 61.47 78.40 110.81
N HIS H 798 60.17 78.29 110.56
CA HIS H 798 59.64 77.75 109.32
C HIS H 798 58.76 78.77 108.61
N GLY H 799 59.17 80.04 108.61
CA GLY H 799 58.42 81.08 107.96
C GLY H 799 57.80 82.04 108.94
N GLU H 800 58.37 83.24 109.03
CA GLU H 800 57.85 84.25 109.95
C GLU H 800 56.50 84.78 109.44
N PHE H 801 55.51 84.81 110.33
CA PHE H 801 54.20 85.32 109.96
C PHE H 801 54.28 86.80 109.66
N LYS H 802 53.57 87.23 108.61
CA LYS H 802 53.45 88.65 108.31
C LYS H 802 52.36 89.33 109.12
N PHE H 803 51.46 88.56 109.73
CA PHE H 803 50.39 89.09 110.57
C PHE H 803 50.27 88.24 111.82
N LEU H 804 49.88 88.88 112.91
CA LEU H 804 49.78 88.18 114.18
C LEU H 804 48.65 87.16 114.12
N PRO H 805 48.88 85.92 114.56
CA PRO H 805 47.78 84.95 114.63
C PRO H 805 46.69 85.47 115.55
N PRO H 806 45.42 85.18 115.25
CA PRO H 806 44.33 85.60 116.13
C PRO H 806 44.49 84.96 117.50
N PRO H 807 44.01 85.61 118.57
CA PRO H 807 44.26 85.10 119.91
C PRO H 807 43.82 83.66 120.08
N GLY H 808 44.69 82.85 120.70
CA GLY H 808 44.40 81.47 120.99
C GLY H 808 44.87 80.49 119.93
N TYR H 809 45.13 80.96 118.71
CA TYR H 809 45.54 80.08 117.63
C TYR H 809 47.04 79.79 117.70
N ALA H 810 47.40 78.57 117.36
CA ALA H 810 48.78 78.12 117.47
C ALA H 810 49.46 78.11 116.12
N PRO H 811 50.73 78.49 116.04
CA PRO H 811 51.46 78.34 114.76
C PRO H 811 51.48 76.89 114.32
N CYS H 812 51.34 76.68 113.01
CA CYS H 812 51.23 75.32 112.50
C CYS H 812 52.51 74.52 112.69
N HIS H 813 53.66 75.20 112.78
CA HIS H 813 54.92 74.46 112.93
C HIS H 813 54.95 73.64 114.20
N GLU H 814 54.14 74.01 115.19
CA GLU H 814 54.09 73.28 116.46
C GLU H 814 53.43 71.93 116.33
N ALA H 815 52.80 71.62 115.20
CA ALA H 815 52.07 70.38 115.04
C ALA H 815 52.91 69.26 114.45
N VAL H 816 54.18 69.51 114.15
CA VAL H 816 55.03 68.45 113.61
C VAL H 816 55.27 67.40 114.68
N LEU H 817 55.11 66.14 114.31
CA LEU H 817 55.14 65.06 115.28
C LEU H 817 56.57 64.79 115.75
N PRO H 818 56.71 64.15 116.91
CA PRO H 818 58.06 63.99 117.48
C PRO H 818 59.04 63.25 116.58
N ARG H 819 58.59 62.24 115.84
CA ARG H 819 59.47 61.42 115.01
C ARG H 819 59.37 61.83 113.55
N GLU H 820 59.15 63.12 113.30
CA GLU H 820 59.04 63.64 111.94
C GLU H 820 59.79 64.96 111.85
N ARG H 821 60.17 65.31 110.62
CA ARG H 821 60.86 66.55 110.33
C ARG H 821 60.01 67.33 109.33
N LEU H 822 59.77 68.61 109.62
CA LEU H 822 58.88 69.40 108.79
C LEU H 822 59.40 69.52 107.37
N HIS H 823 58.51 69.31 106.40
CA HIS H 823 58.85 69.45 105.01
C HIS H 823 57.56 69.40 104.19
N LEU H 824 57.67 69.78 102.92
CA LEU H 824 56.53 69.78 102.02
C LEU H 824 56.52 68.48 101.22
N GLN H 825 55.32 67.97 100.96
CA GLN H 825 55.17 66.68 100.28
C GLN H 825 53.92 66.73 99.44
N PRO H 826 53.82 65.89 98.42
CA PRO H 826 52.55 65.71 97.70
C PRO H 826 51.59 64.85 98.51
N ILE H 827 50.36 64.75 98.00
CA ILE H 827 49.29 64.01 98.66
C ILE H 827 48.92 62.82 97.79
N LYS H 828 48.94 61.63 98.37
CA LYS H 828 48.47 60.41 97.73
C LYS H 828 49.06 60.27 96.33
N GLU H 829 50.39 60.15 96.30
CA GLU H 829 51.10 59.99 95.04
C GLU H 829 51.35 58.52 94.77
N TYR H 830 51.05 58.10 93.55
CA TYR H 830 51.34 56.75 93.09
C TYR H 830 52.63 56.68 92.29
N ARG H 831 53.39 57.77 92.22
CA ARG H 831 54.54 57.85 91.33
C ARG H 831 55.46 58.95 91.83
N ARG H 832 56.76 58.76 91.60
CA ARG H 832 57.77 59.72 92.02
C ARG H 832 58.94 59.63 91.05
N GLU H 833 59.84 60.60 91.14
CA GLU H 833 61.10 60.52 90.41
C GLU H 833 62.15 59.83 91.26
N GLY H 834 63.11 59.19 90.60
CA GLY H 834 64.18 58.53 91.30
C GLY H 834 65.43 58.45 90.45
N PRO H 835 66.55 58.04 91.06
CA PRO H 835 67.85 58.21 90.39
C PRO H 835 67.91 57.63 88.99
N ARG H 836 67.28 56.47 88.76
CA ARG H 836 67.34 55.81 87.47
C ARG H 836 66.01 55.84 86.72
N GLY H 837 65.03 56.60 87.20
CA GLY H 837 63.76 56.68 86.50
C GLY H 837 62.59 56.85 87.44
N PRO H 838 61.38 56.70 86.90
CA PRO H 838 60.19 56.81 87.75
C PRO H 838 60.07 55.64 88.72
N HIS H 839 59.71 55.97 89.96
CA HIS H 839 59.43 54.98 91.00
C HIS H 839 57.92 54.89 91.18
N LEU H 840 57.39 53.68 91.17
CA LEU H 840 55.99 53.46 91.51
C LEU H 840 55.86 53.33 93.03
N VAL H 841 54.82 53.95 93.57
CA VAL H 841 54.63 54.06 95.01
C VAL H 841 53.26 53.48 95.36
N GLY H 842 53.22 52.62 96.39
CA GLY H 842 51.98 52.10 96.87
C GLY H 842 51.29 53.08 97.79
N PRO H 843 50.16 52.63 98.36
CA PRO H 843 49.40 53.51 99.25
C PRO H 843 50.23 53.95 100.44
N SER H 844 49.95 55.16 100.92
CA SER H 844 50.65 55.70 102.08
C SER H 844 49.86 55.34 103.35
N ARG H 845 50.59 55.01 104.40
CA ARG H 845 49.98 54.72 105.70
C ARG H 845 49.69 56.04 106.40
N CYS H 846 48.42 56.35 106.58
CA CYS H 846 48.00 57.62 107.15
C CYS H 846 47.58 57.43 108.61
N LEU H 847 47.89 58.42 109.42
CA LEU H 847 47.43 58.44 110.80
C LEU H 847 45.96 58.85 110.86
N SER H 848 45.33 58.52 111.98
CA SER H 848 43.94 58.86 112.21
C SER H 848 43.82 59.77 113.43
N HIS H 849 42.76 60.58 113.46
CA HIS H 849 42.56 61.47 114.59
C HIS H 849 42.44 60.70 115.90
N LEU H 850 42.03 59.43 115.83
CA LEU H 850 41.95 58.58 117.00
C LEU H 850 43.29 58.00 117.42
N ASP H 851 44.33 58.18 116.61
CA ASP H 851 45.67 57.74 116.99
C ASP H 851 46.33 58.67 118.00
N PHE H 852 45.70 59.81 118.30
CA PHE H 852 46.21 60.75 119.29
C PHE H 852 45.45 60.65 120.61
N VAL H 853 44.63 59.63 120.78
CA VAL H 853 43.88 59.41 122.02
C VAL H 853 44.63 58.34 122.81
N PRO H 854 45.25 58.66 123.94
CA PRO H 854 45.94 57.62 124.72
C PRO H 854 44.93 56.70 125.38
N CYS H 855 45.12 55.39 125.20
CA CYS H 855 44.19 54.37 125.68
C CYS H 855 44.94 53.39 126.57
N PRO H 856 45.21 53.76 127.83
CA PRO H 856 45.88 52.83 128.73
C PRO H 856 44.95 51.70 129.17
N VAL H 857 45.58 50.60 129.60
CA VAL H 857 44.81 49.46 130.06
C VAL H 857 44.11 49.80 131.37
N ASP H 858 42.86 49.36 131.51
CA ASP H 858 42.04 49.72 132.65
C ASP H 858 42.55 48.96 133.88
N THR H 859 43.11 49.69 134.83
CA THR H 859 43.55 49.12 136.11
C THR H 859 43.02 49.99 137.25
N ILE H 860 41.76 49.73 137.64
CA ILE H 860 41.22 50.30 138.86
C ILE H 860 40.73 49.17 139.74
N GLN H 861 40.12 48.15 139.13
CA GLN H 861 39.61 47.01 139.88
C GLN H 861 40.71 46.03 140.27
N ILE H 862 41.95 46.27 139.85
CA ILE H 862 43.05 45.37 140.19
C ILE H 862 43.50 45.67 141.61
N VAL H 863 42.92 44.97 142.58
CA VAL H 863 43.35 45.12 143.97
C VAL H 863 44.66 44.38 144.17
N LEU H 864 45.63 45.06 144.76
CA LEU H 864 46.94 44.47 144.94
C LEU H 864 46.86 43.31 145.93
N PRO H 865 47.33 42.13 145.59
CA PRO H 865 47.50 41.09 146.60
C PRO H 865 48.50 41.54 147.64
N PRO H 866 48.49 40.93 148.82
CA PRO H 866 49.29 41.44 149.94
C PRO H 866 50.74 41.74 149.58
N HIS H 867 51.37 40.86 148.80
CA HIS H 867 52.78 41.02 148.48
C HIS H 867 53.01 42.27 147.62
N LEU H 868 52.20 42.44 146.58
CA LEU H 868 52.34 43.62 145.72
C LEU H 868 52.00 44.88 146.48
N GLU H 869 50.95 44.83 147.32
CA GLU H 869 50.63 45.98 148.14
C GLU H 869 51.79 46.36 149.05
N ARG H 870 52.48 45.37 149.61
CA ARG H 870 53.65 45.65 150.44
C ARG H 870 54.74 46.32 149.62
N ILE H 871 55.06 45.76 148.45
CA ILE H 871 56.13 46.34 147.61
C ILE H 871 55.74 47.67 146.99
N ARG H 872 54.47 48.06 147.08
CA ARG H 872 54.03 49.32 146.48
C ARG H 872 54.85 50.51 146.96
N GLU H 873 54.98 50.68 148.27
CA GLU H 873 55.71 51.83 148.80
C GLU H 873 57.20 51.75 148.46
N LYS H 874 57.78 50.56 148.56
CA LYS H 874 59.19 50.41 148.24
C LYS H 874 59.47 50.80 146.79
N LEU H 875 58.58 50.39 145.88
CA LEU H 875 58.70 50.82 144.49
C LEU H 875 58.54 52.33 144.38
N ALA H 876 57.59 52.90 145.12
CA ALA H 876 57.37 54.34 145.07
C ALA H 876 58.66 55.09 145.40
N GLU H 877 59.38 54.65 146.43
CA GLU H 877 60.63 55.32 146.78
C GLU H 877 61.74 55.00 145.78
N ASN H 878 61.86 53.73 145.37
CA ASN H 878 63.00 53.32 144.56
C ASN H 878 62.95 53.94 143.16
N ILE H 879 61.74 54.13 142.62
CA ILE H 879 61.63 54.78 141.32
C ILE H 879 62.18 56.19 141.38
N HIS H 880 61.81 56.93 142.44
CA HIS H 880 62.34 58.28 142.60
C HIS H 880 63.85 58.25 142.81
N GLU H 881 64.35 57.25 143.55
CA GLU H 881 65.78 57.13 143.75
C GLU H 881 66.50 57.00 142.40
N LEU H 882 66.05 56.07 141.57
CA LEU H 882 66.67 55.85 140.27
C LEU H 882 66.57 57.12 139.41
N TRP H 883 65.39 57.75 139.43
CA TRP H 883 65.18 58.94 138.61
C TRP H 883 66.10 60.07 139.04
N ALA H 884 66.27 60.25 140.36
CA ALA H 884 67.15 61.31 140.85
C ALA H 884 68.61 61.00 140.53
N LEU H 885 69.01 59.74 140.62
CA LEU H 885 70.37 59.37 140.21
C LEU H 885 70.59 59.73 138.74
N THR H 886 69.64 59.39 137.88
CA THR H 886 69.77 59.74 136.46
C THR H 886 69.81 61.25 136.28
N ARG H 887 68.99 61.97 137.05
CA ARG H 887 68.94 63.42 136.95
C ARG H 887 70.31 64.03 137.27
N ILE H 888 70.91 63.61 138.37
CA ILE H 888 72.20 64.18 138.76
C ILE H 888 73.28 63.75 137.77
N GLU H 889 73.20 62.52 137.27
CA GLU H 889 74.18 62.08 136.28
C GLU H 889 74.11 62.91 135.01
N GLN H 890 72.89 63.24 134.57
CA GLN H 890 72.73 64.03 133.35
C GLN H 890 72.91 65.53 133.58
N GLY H 891 72.93 65.99 134.84
CA GLY H 891 73.28 67.36 135.18
C GLY H 891 72.38 67.99 136.23
N TRP H 892 71.09 67.63 136.23
CA TRP H 892 70.13 68.20 137.16
C TRP H 892 70.71 68.29 138.57
N THR H 893 70.70 69.49 139.14
CA THR H 893 71.11 69.71 140.52
C THR H 893 69.99 70.43 141.26
N TYR H 894 69.96 70.26 142.58
CA TYR H 894 68.87 70.80 143.38
C TYR H 894 68.87 72.33 143.31
N GLY H 895 67.67 72.91 143.36
CA GLY H 895 67.51 74.34 143.38
C GLY H 895 66.14 74.77 143.88
N PRO H 896 65.88 76.08 143.86
CA PRO H 896 64.58 76.55 144.33
C PRO H 896 63.45 76.28 143.37
N VAL H 897 63.68 76.43 142.06
CA VAL H 897 62.65 76.26 141.04
C VAL H 897 63.23 75.43 139.89
N ARG H 898 62.34 75.05 138.98
CA ARG H 898 62.73 74.26 137.81
C ARG H 898 63.46 75.13 136.79
N ASP H 899 64.66 75.58 137.13
CA ASP H 899 65.46 76.43 136.23
C ASP H 899 66.36 75.52 135.40
N ASP H 900 65.90 75.20 134.19
CA ASP H 900 66.70 74.37 133.30
C ASP H 900 67.99 75.08 132.89
N ASN H 901 67.94 76.41 132.78
CA ASN H 901 69.13 77.16 132.36
C ASN H 901 70.26 77.00 133.36
N LYS H 902 69.96 77.11 134.65
CA LYS H 902 70.95 76.91 135.70
C LYS H 902 70.96 75.48 136.20
N ARG H 903 70.15 74.60 135.61
CA ARG H 903 70.17 73.17 135.90
C ARG H 903 69.61 72.89 137.29
N LEU H 904 68.54 73.60 137.66
CA LEU H 904 68.02 73.58 139.02
C LEU H 904 66.71 72.79 139.06
N HIS H 905 66.63 71.83 139.99
CA HIS H 905 65.44 71.01 140.19
C HIS H 905 64.98 71.12 141.63
N PRO H 906 63.75 71.53 141.91
CA PRO H 906 63.30 71.61 143.32
C PRO H 906 62.85 70.29 143.89
N CYS H 907 62.54 69.29 143.06
CA CYS H 907 62.00 68.02 143.52
C CYS H 907 63.08 66.97 143.76
N LEU H 908 64.35 67.31 143.57
CA LEU H 908 65.45 66.36 143.75
C LEU H 908 65.83 66.31 145.22
N VAL H 909 64.95 65.66 146.00
CA VAL H 909 65.11 65.50 147.43
C VAL H 909 64.68 64.09 147.81
N ASN H 910 64.80 63.78 149.09
CA ASN H 910 64.34 62.49 149.59
C ASN H 910 62.85 62.33 149.33
N PHE H 911 62.43 61.11 148.96
CA PHE H 911 61.05 60.89 148.57
C PHE H 911 60.09 61.27 149.69
N HIS H 912 60.41 60.87 150.93
CA HIS H 912 59.54 61.21 152.06
C HIS H 912 59.45 62.71 152.28
N SER H 913 60.38 63.49 151.73
CA SER H 913 60.32 64.95 151.78
C SER H 913 59.94 65.57 150.45
N LEU H 914 59.57 64.76 149.46
CA LEU H 914 59.20 65.30 148.16
C LEU H 914 57.89 66.09 148.28
N PRO H 915 57.68 67.13 147.47
CA PRO H 915 56.43 67.89 147.56
C PRO H 915 55.21 66.99 147.42
N GLU H 916 54.17 67.27 148.21
CA GLU H 916 53.03 66.38 148.37
C GLU H 916 52.41 65.95 147.04
N PRO H 917 52.15 66.88 146.11
CA PRO H 917 51.51 66.48 144.85
C PRO H 917 52.34 65.47 144.06
N GLU H 918 53.61 65.79 143.86
CA GLU H 918 54.49 64.90 143.10
C GLU H 918 54.69 63.58 143.83
N ARG H 919 54.76 63.63 145.16
CA ARG H 919 54.90 62.39 145.92
C ARG H 919 53.69 61.50 145.74
N ASN H 920 52.49 62.08 145.79
CA ASN H 920 51.28 61.31 145.59
C ASN H 920 51.23 60.72 144.19
N TYR H 921 51.62 61.51 143.18
CA TYR H 921 51.63 61.00 141.81
C TYR H 921 52.63 59.87 141.66
N ASN H 922 53.81 60.00 142.28
CA ASN H 922 54.81 58.94 142.23
C ASN H 922 54.28 57.68 142.90
N LEU H 923 53.62 57.84 144.05
CA LEU H 923 53.09 56.69 144.76
C LEU H 923 52.04 55.97 143.92
N GLN H 924 51.11 56.73 143.33
CA GLN H 924 50.06 56.12 142.53
C GLN H 924 50.63 55.44 141.30
N MET H 925 51.64 56.05 140.68
CA MET H 925 52.30 55.42 139.53
C MET H 925 53.00 54.13 139.95
N SER H 926 53.66 54.16 141.11
CA SER H 926 54.37 52.97 141.59
C SER H 926 53.39 51.82 141.80
N GLY H 927 52.26 52.09 142.44
CA GLY H 927 51.23 51.07 142.56
C GLY H 927 50.68 50.65 141.21
N GLU H 928 50.53 51.62 140.30
CA GLU H 928 49.98 51.34 139.00
C GLU H 928 50.88 50.40 138.21
N THR H 929 52.17 50.40 138.49
CA THR H 929 53.07 49.48 137.79
C THR H 929 52.69 48.03 138.09
N LEU H 930 52.55 47.68 139.37
CA LEU H 930 52.10 46.34 139.73
C LEU H 930 50.69 46.08 139.20
N LYS H 931 49.84 47.09 139.28
CA LYS H 931 48.46 46.90 138.83
C LYS H 931 48.41 46.56 137.34
N THR H 932 49.17 47.26 136.51
CA THR H 932 49.20 46.93 135.09
C THR H 932 49.91 45.60 134.86
N LEU H 933 50.92 45.30 135.67
CA LEU H 933 51.54 43.98 135.58
C LEU H 933 50.48 42.89 135.69
N LEU H 934 49.61 43.00 136.70
CA LEU H 934 48.54 42.02 136.86
C LEU H 934 47.53 42.10 135.73
N ALA H 935 47.12 43.32 135.35
CA ALA H 935 46.05 43.48 134.37
C ALA H 935 46.44 42.91 133.02
N LEU H 936 47.69 43.12 132.61
CA LEU H 936 48.15 42.61 131.32
C LEU H 936 48.07 41.09 131.26
N GLY H 937 48.00 40.42 132.41
CA GLY H 937 47.87 38.97 132.46
C GLY H 937 49.03 38.27 133.14
N CYS H 938 49.91 38.99 133.82
CA CYS H 938 51.05 38.35 134.46
C CYS H 938 50.64 37.67 135.77
N HIS H 939 51.33 36.59 136.08
CA HIS H 939 51.14 35.85 137.32
C HIS H 939 52.39 36.02 138.17
N VAL H 940 52.26 36.78 139.26
CA VAL H 940 53.42 37.16 140.05
C VAL H 940 53.07 37.08 141.53
N GLY H 941 54.01 36.60 142.33
CA GLY H 941 53.84 36.53 143.76
C GLY H 941 55.17 36.35 144.45
N MET H 942 55.15 36.45 145.77
CA MET H 942 56.37 36.25 146.56
C MET H 942 56.97 34.87 146.29
N ALA H 943 58.30 34.86 146.10
CA ALA H 943 59.06 33.62 146.06
C ALA H 943 60.40 33.76 146.78
N ASP H 944 60.58 34.82 147.57
CA ASP H 944 61.83 35.04 148.28
C ASP H 944 61.64 36.18 149.28
N GLU H 945 62.27 36.02 150.45
CA GLU H 945 62.36 37.10 151.44
C GLU H 945 63.82 37.32 151.79
N LYS H 946 64.61 36.25 151.75
CA LYS H 946 66.04 36.36 151.98
C LYS H 946 66.65 37.34 150.98
N ALA H 947 66.31 37.20 149.71
CA ALA H 947 66.77 38.17 148.71
C ALA H 947 66.24 39.57 149.04
N GLU H 948 65.01 39.65 149.52
CA GLU H 948 64.43 40.95 149.85
C GLU H 948 65.30 41.69 150.86
N ASP H 949 65.74 41.01 151.91
CA ASP H 949 66.60 41.63 152.92
C ASP H 949 68.06 41.67 152.47
N ASN H 950 68.42 40.92 151.42
CA ASN H 950 69.79 40.89 150.92
C ASN H 950 70.10 41.99 149.92
N LEU H 951 69.10 42.51 149.22
CA LEU H 951 69.37 43.56 148.24
C LEU H 951 70.12 44.71 148.90
N LYS H 952 71.16 45.19 148.21
CA LYS H 952 72.05 46.21 148.75
C LYS H 952 71.91 47.47 147.92
N LYS H 953 71.99 48.61 148.60
CA LYS H 953 71.80 49.90 147.96
C LYS H 953 73.13 50.52 147.54
N THR H 954 73.10 51.24 146.42
CA THR H 954 74.29 51.91 145.90
C THR H 954 74.61 53.13 146.75
N LYS H 955 75.87 53.28 147.12
CA LYS H 955 76.31 54.49 147.83
C LYS H 955 76.80 55.51 146.82
N LEU H 956 76.05 56.60 146.68
CA LEU H 956 76.41 57.61 145.69
C LEU H 956 77.36 58.63 146.30
N PRO H 957 78.38 59.08 145.56
CA PRO H 957 79.37 59.99 146.12
C PRO H 957 78.87 61.44 146.13
N LYS H 958 79.77 62.34 146.54
CA LYS H 958 79.44 63.77 146.55
C LYS H 958 79.11 64.28 145.16
N THR H 959 79.66 63.65 144.12
CA THR H 959 79.35 64.09 142.76
C THR H 959 77.88 63.86 142.44
N TYR H 960 77.34 62.71 142.82
CA TYR H 960 75.93 62.44 142.66
C TYR H 960 75.09 63.03 143.79
N MET H 961 75.74 63.61 144.79
CA MET H 961 75.05 64.32 145.86
C MET H 961 74.36 65.55 145.27
N MET H 962 73.23 65.95 145.88
CA MET H 962 72.50 67.11 145.42
C MET H 962 73.11 68.39 145.99
N SER H 963 72.63 69.54 145.52
CA SER H 963 73.08 70.80 146.09
C SER H 963 72.65 70.92 147.55
N ASN H 964 71.50 70.36 147.90
CA ASN H 964 71.00 70.35 149.27
C ASN H 964 71.54 69.19 150.10
N GLY H 965 72.35 68.32 149.50
CA GLY H 965 72.85 67.15 150.18
C GLY H 965 72.04 65.89 150.00
N TYR H 966 70.94 65.94 149.26
CA TYR H 966 70.15 64.72 149.01
C TYR H 966 70.97 63.74 148.20
N LYS H 967 70.86 62.45 148.53
CA LYS H 967 71.57 61.39 147.82
C LYS H 967 70.58 60.32 147.38
N PRO H 968 70.43 60.04 146.08
CA PRO H 968 69.53 58.96 145.66
C PRO H 968 70.00 57.59 146.16
N ALA H 969 69.04 56.70 146.36
CA ALA H 969 69.27 55.36 146.91
C ALA H 969 68.65 54.30 146.00
N PRO H 970 69.19 54.11 144.79
CA PRO H 970 68.70 53.00 143.95
C PRO H 970 69.34 51.68 144.37
N LEU H 971 68.50 50.71 144.74
CA LEU H 971 69.00 49.44 145.22
C LEU H 971 69.79 48.72 144.13
N ASP H 972 70.95 48.17 144.51
CA ASP H 972 71.81 47.47 143.56
C ASP H 972 71.41 46.01 143.48
N LEU H 973 71.12 45.55 142.26
CA LEU H 973 70.65 44.19 142.02
C LEU H 973 71.35 43.62 140.79
N SER H 974 72.67 43.75 140.72
CA SER H 974 73.42 43.31 139.55
C SER H 974 73.30 41.82 139.27
N HIS H 975 72.60 41.06 140.10
CA HIS H 975 72.43 39.62 139.91
C HIS H 975 71.17 39.25 139.17
N VAL H 976 70.39 40.23 138.71
CA VAL H 976 69.08 39.96 138.09
C VAL H 976 69.25 39.96 136.57
N ARG H 977 68.94 38.83 135.96
CA ARG H 977 68.97 38.67 134.50
C ARG H 977 67.58 38.88 133.92
N LEU H 978 67.49 38.79 132.60
CA LEU H 978 66.27 39.11 131.87
C LEU H 978 66.04 38.09 130.75
N THR H 979 64.79 38.07 130.25
CA THR H 979 64.36 37.17 129.18
C THR H 979 63.68 37.94 128.06
N PRO H 980 63.64 37.40 126.84
CA PRO H 980 63.07 38.16 125.71
C PRO H 980 61.60 38.51 125.89
N ALA H 981 60.77 37.54 126.30
CA ALA H 981 59.37 37.85 126.58
C ALA H 981 59.26 38.91 127.66
N GLN H 982 60.20 38.90 128.62
CA GLN H 982 60.18 39.92 129.67
C GLN H 982 60.53 41.28 129.11
N THR H 983 61.42 41.35 128.13
CA THR H 983 61.70 42.63 127.47
C THR H 983 60.47 43.13 126.72
N THR H 984 59.77 42.23 126.04
CA THR H 984 58.53 42.63 125.36
C THR H 984 57.52 43.16 126.37
N LEU H 985 57.40 42.49 127.51
CA LEU H 985 56.48 42.95 128.55
C LEU H 985 56.93 44.29 129.11
N VAL H 986 58.25 44.52 129.17
CA VAL H 986 58.77 45.80 129.62
C VAL H 986 58.35 46.90 128.66
N ASP H 987 58.43 46.61 127.36
CA ASP H 987 57.97 47.57 126.36
C ASP H 987 56.49 47.88 126.55
N ARG H 988 55.68 46.83 126.76
CA ARG H 988 54.26 47.03 126.99
C ARG H 988 54.00 47.86 128.24
N LEU H 989 54.75 47.61 129.31
CA LEU H 989 54.58 48.37 130.54
C LEU H 989 54.94 49.83 130.35
N ALA H 990 56.02 50.10 129.62
CA ALA H 990 56.40 51.48 129.33
C ALA H 990 55.30 52.17 128.53
N GLU H 991 54.76 51.47 127.53
CA GLU H 991 53.66 52.03 126.75
C GLU H 991 52.48 52.38 127.64
N ASN H 992 52.08 51.44 128.51
CA ASN H 992 50.93 51.67 129.37
C ASN H 992 51.18 52.83 130.33
N GLY H 993 52.38 52.92 130.90
CA GLY H 993 52.67 54.01 131.81
C GLY H 993 52.63 55.36 131.13
N HIS H 994 53.26 55.45 129.95
CA HIS H 994 53.24 56.72 129.23
C HIS H 994 51.82 57.10 128.84
N ASN H 995 51.01 56.12 128.41
CA ASN H 995 49.64 56.43 128.03
C ASN H 995 48.81 56.87 129.24
N VAL H 996 49.03 56.27 130.40
CA VAL H 996 48.33 56.71 131.60
C VAL H 996 48.70 58.15 131.94
N TRP H 997 50.00 58.46 131.86
CA TRP H 997 50.44 59.83 132.14
C TRP H 997 49.83 60.80 131.14
N ALA H 998 49.80 60.43 129.86
CA ALA H 998 49.25 61.31 128.84
C ALA H 998 47.75 61.52 129.06
N ARG H 999 47.02 60.47 129.43
CA ARG H 999 45.61 60.62 129.71
C ARG H 999 45.38 61.56 130.88
N ASP H 1000 46.19 61.42 131.94
CA ASP H 1000 46.05 62.31 133.08
C ASP H 1000 46.32 63.75 132.69
N ARG H 1001 47.36 63.99 131.89
CA ARG H 1001 47.68 65.36 131.49
C ARG H 1001 46.60 65.94 130.59
N VAL H 1002 46.05 65.14 129.68
CA VAL H 1002 44.96 65.60 128.84
C VAL H 1002 43.76 65.97 129.70
N ALA H 1003 43.46 65.14 130.71
CA ALA H 1003 42.36 65.47 131.62
C ALA H 1003 42.64 66.78 132.34
N GLN H 1004 43.88 67.00 132.78
CA GLN H 1004 44.24 68.27 133.40
C GLN H 1004 44.20 69.44 132.43
N GLY H 1005 44.22 69.18 131.13
CA GLY H 1005 44.09 70.21 130.13
C GLY H 1005 45.32 70.49 129.29
N TRP H 1006 46.32 69.61 129.31
CA TRP H 1006 47.52 69.80 128.52
C TRP H 1006 47.29 69.35 127.08
N SER H 1007 48.21 69.75 126.20
CA SER H 1007 48.14 69.35 124.80
C SER H 1007 49.55 69.24 124.25
N TYR H 1008 49.64 68.76 123.02
CA TYR H 1008 50.93 68.55 122.37
C TYR H 1008 51.40 69.81 121.67
N SER H 1009 52.72 69.97 121.61
CA SER H 1009 53.34 71.08 120.89
C SER H 1009 54.80 70.74 120.66
N ALA H 1010 55.29 70.96 119.44
CA ALA H 1010 56.69 70.67 119.14
C ALA H 1010 57.63 71.47 120.03
N VAL H 1011 57.19 72.62 120.51
CA VAL H 1011 57.96 73.45 121.42
C VAL H 1011 57.26 73.47 122.77
N GLN H 1012 58.00 73.18 123.83
CA GLN H 1012 57.42 73.13 125.16
C GLN H 1012 56.99 74.51 125.62
N ASP H 1013 55.79 74.59 126.21
CA ASP H 1013 55.29 75.83 126.80
C ASP H 1013 54.54 75.46 128.08
N ILE H 1014 55.27 75.46 129.19
CA ILE H 1014 54.68 75.06 130.47
C ILE H 1014 53.55 76.00 130.88
N PRO H 1015 53.68 77.32 130.81
CA PRO H 1015 52.54 78.18 131.16
C PRO H 1015 51.30 77.90 130.33
N ALA H 1016 51.46 77.53 129.06
CA ALA H 1016 50.34 77.24 128.18
C ALA H 1016 49.93 75.78 128.23
N ARG H 1017 50.56 74.97 129.07
CA ARG H 1017 50.23 73.54 129.18
C ARG H 1017 50.37 72.85 127.82
N ARG H 1018 51.50 73.10 127.17
CA ARG H 1018 51.84 72.45 125.90
C ARG H 1018 53.16 71.71 126.11
N ASN H 1019 53.17 70.42 125.77
CA ASN H 1019 54.32 69.57 126.02
C ASN H 1019 54.78 68.92 124.73
N PRO H 1020 56.09 68.68 124.56
CA PRO H 1020 56.55 67.94 123.38
C PRO H 1020 56.39 66.43 123.48
N ARG H 1021 56.07 65.90 124.65
CA ARG H 1021 55.93 64.47 124.85
C ARG H 1021 54.48 64.03 125.04
N LEU H 1022 53.53 64.96 125.05
CA LEU H 1022 52.13 64.63 125.28
C LEU H 1022 51.53 64.05 124.01
N VAL H 1023 52.04 62.87 123.64
CA VAL H 1023 51.49 62.10 122.52
C VAL H 1023 51.49 60.63 122.88
N PRO H 1024 50.58 59.86 122.30
CA PRO H 1024 50.53 58.43 122.62
C PRO H 1024 51.87 57.77 122.34
N TYR H 1025 52.18 56.75 123.14
CA TYR H 1025 53.50 56.13 123.16
C TYR H 1025 53.95 55.73 121.76
N ARG H 1026 53.04 55.21 120.94
CA ARG H 1026 53.42 54.71 119.62
C ARG H 1026 54.04 55.82 118.76
N LEU H 1027 53.61 57.06 118.96
CA LEU H 1027 54.10 58.20 118.20
C LEU H 1027 55.28 58.88 118.85
N LEU H 1028 55.76 58.37 119.98
CA LEU H 1028 56.84 59.02 120.71
C LEU H 1028 58.17 58.86 119.97
N ASP H 1029 59.10 59.75 120.29
CA ASP H 1029 60.43 59.68 119.71
C ASP H 1029 61.19 58.47 120.26
N GLU H 1030 62.18 58.02 119.50
CA GLU H 1030 62.91 56.81 119.87
C GLU H 1030 63.65 56.99 121.19
N ALA H 1031 64.26 58.16 121.40
CA ALA H 1031 65.03 58.38 122.62
C ALA H 1031 64.13 58.31 123.86
N THR H 1032 62.96 58.96 123.80
CA THR H 1032 62.04 58.92 124.93
C THR H 1032 61.55 57.50 125.18
N LYS H 1033 61.24 56.76 124.11
CA LYS H 1033 60.86 55.37 124.26
C LYS H 1033 61.96 54.58 124.96
N ARG H 1034 63.21 54.79 124.55
CA ARG H 1034 64.32 54.07 125.16
C ARG H 1034 64.45 54.40 126.64
N SER H 1035 64.32 55.68 126.99
CA SER H 1035 64.42 56.07 128.39
C SER H 1035 63.31 55.41 129.23
N ASN H 1036 62.08 55.48 128.74
CA ASN H 1036 60.97 54.87 129.48
C ASN H 1036 61.17 53.38 129.61
N ARG H 1037 61.60 52.73 128.53
CA ARG H 1037 61.82 51.28 128.58
C ARG H 1037 62.93 50.93 129.55
N ASP H 1038 63.98 51.75 129.61
CA ASP H 1038 65.05 51.50 130.57
C ASP H 1038 64.54 51.58 131.99
N SER H 1039 63.73 52.61 132.28
CA SER H 1039 63.19 52.74 133.63
C SER H 1039 62.32 51.54 133.99
N LEU H 1040 61.45 51.14 133.07
CA LEU H 1040 60.56 50.01 133.35
C LEU H 1040 61.33 48.70 133.49
N CYS H 1041 62.38 48.54 132.68
CA CYS H 1041 63.22 47.35 132.80
C CYS H 1041 63.93 47.33 134.15
N GLN H 1042 64.37 48.49 134.63
CA GLN H 1042 64.95 48.55 135.96
C GLN H 1042 63.92 48.15 137.02
N ALA H 1043 62.67 48.61 136.86
CA ALA H 1043 61.64 48.22 137.82
C ALA H 1043 61.41 46.70 137.81
N VAL H 1044 61.34 46.12 136.61
CA VAL H 1044 61.15 44.66 136.49
C VAL H 1044 62.33 43.94 137.14
N ARG H 1045 63.54 44.46 136.92
CA ARG H 1045 64.72 43.87 137.54
C ARG H 1045 64.63 43.95 139.05
N THR H 1046 64.16 45.08 139.59
CA THR H 1046 64.04 45.22 141.03
C THR H 1046 63.08 44.18 141.59
N LEU H 1047 61.95 43.96 140.91
CA LEU H 1047 61.02 42.94 141.37
C LEU H 1047 61.66 41.55 141.30
N LEU H 1048 62.37 41.26 140.20
CA LEU H 1048 63.02 39.95 140.08
C LEU H 1048 64.06 39.75 141.17
N GLY H 1049 64.79 40.79 141.52
CA GLY H 1049 65.77 40.73 142.58
C GLY H 1049 65.11 40.51 143.93
N TYR H 1050 63.98 41.17 144.15
CA TYR H 1050 63.16 40.85 145.31
C TYR H 1050 62.75 39.39 145.30
N GLY H 1051 62.68 38.77 144.13
CA GLY H 1051 62.47 37.34 144.00
C GLY H 1051 61.11 36.96 143.43
N TYR H 1052 60.25 37.93 143.14
CA TYR H 1052 58.93 37.61 142.63
C TYR H 1052 59.03 36.89 141.29
N ASN H 1053 58.06 36.02 141.04
CA ASN H 1053 58.07 35.18 139.84
C ASN H 1053 57.17 35.84 138.79
N ILE H 1054 57.75 36.83 138.10
CA ILE H 1054 57.04 37.54 137.04
C ILE H 1054 56.96 36.64 135.82
N GLU H 1055 55.77 36.08 135.57
CA GLU H 1055 55.58 35.15 134.47
C GLU H 1055 54.83 35.85 133.34
N PRO H 1056 55.45 36.06 132.18
CA PRO H 1056 54.74 36.75 131.09
C PRO H 1056 53.52 35.98 130.66
N PRO H 1057 52.40 36.65 130.37
CA PRO H 1057 51.23 35.95 129.85
C PRO H 1057 51.49 35.37 128.47
N ASP H 1058 50.65 34.40 128.11
CA ASP H 1058 50.70 33.83 126.77
C ASP H 1058 50.29 34.88 125.75
N GLN H 1059 50.77 34.70 124.52
CA GLN H 1059 50.49 35.62 123.43
C GLN H 1059 49.16 35.25 122.79
N GLU H 1060 48.26 36.24 122.68
CA GLU H 1060 46.96 36.03 122.06
C GLU H 1060 46.99 36.63 120.66
N PRO H 1061 46.98 35.83 119.60
CA PRO H 1061 47.07 36.40 118.25
C PRO H 1061 45.84 37.23 117.91
N SER H 1062 46.06 38.23 117.06
CA SER H 1062 44.97 39.09 116.61
C SER H 1062 45.30 39.61 115.22
N GLN H 1063 44.25 40.03 114.51
CA GLN H 1063 44.38 40.57 113.16
C GLN H 1063 43.96 42.04 113.15
N VAL H 1064 44.55 42.79 112.22
CA VAL H 1064 44.26 44.21 112.11
C VAL H 1064 43.56 44.50 110.79
N ASP H 1065 44.17 44.07 109.68
CA ASP H 1065 43.64 44.30 108.34
C ASP H 1065 42.99 45.68 108.23
N SER H 1066 43.82 46.71 108.43
CA SER H 1066 43.36 48.10 108.49
C SER H 1066 42.30 48.39 107.44
N GLN H 1067 42.47 47.84 106.24
CA GLN H 1067 41.50 48.00 105.17
C GLN H 1067 41.36 46.66 104.45
N SER H 1068 40.69 46.70 103.29
CA SER H 1068 40.52 45.50 102.49
C SER H 1068 41.77 45.24 101.67
N ARG H 1069 42.35 44.05 101.84
CA ARG H 1069 43.58 43.71 101.11
C ARG H 1069 43.36 43.71 99.61
N GLY H 1070 42.21 43.18 99.17
CA GLY H 1070 41.94 43.12 97.74
C GLY H 1070 41.96 44.48 97.07
N ASP H 1071 41.67 45.54 97.84
CA ASP H 1071 41.62 46.90 97.32
C ASP H 1071 42.73 47.79 97.86
N ARG H 1072 43.61 47.25 98.71
CA ARG H 1072 44.66 48.07 99.33
C ARG H 1072 45.84 48.25 98.39
N ALA H 1073 46.51 47.16 98.05
CA ALA H 1073 47.70 47.25 97.21
C ALA H 1073 47.35 47.87 95.86
N ARG H 1074 48.17 48.82 95.42
CA ARG H 1074 48.00 49.45 94.13
C ARG H 1074 48.63 48.57 93.06
N ILE H 1075 47.86 48.25 92.04
CA ILE H 1075 48.34 47.43 90.92
C ILE H 1075 48.66 48.36 89.75
N PHE H 1076 49.85 48.21 89.19
CA PHE H 1076 50.26 48.93 87.98
C PHE H 1076 50.50 47.90 86.89
N ARG H 1077 49.84 48.09 85.75
CA ARG H 1077 49.98 47.18 84.62
C ARG H 1077 50.23 47.98 83.35
N ALA H 1078 50.82 47.30 82.37
CA ALA H 1078 50.92 47.90 81.04
C ALA H 1078 49.55 48.01 80.40
N GLU H 1079 49.42 48.94 79.46
CA GLU H 1079 48.16 49.13 78.76
C GLU H 1079 47.80 47.88 77.97
N LYS H 1080 46.50 47.60 77.87
CA LYS H 1080 46.03 46.37 77.25
C LYS H 1080 46.56 46.18 75.83
N SER H 1081 46.81 47.26 75.11
CA SER H 1081 47.24 47.14 73.72
C SER H 1081 48.66 46.60 73.59
N TYR H 1082 49.42 46.55 74.68
CA TYR H 1082 50.78 46.04 74.67
C TYR H 1082 50.87 44.55 74.93
N ALA H 1083 49.73 43.87 75.08
CA ALA H 1083 49.74 42.45 75.40
C ALA H 1083 50.50 41.68 74.33
N VAL H 1084 51.39 40.78 74.77
CA VAL H 1084 52.20 39.97 73.88
C VAL H 1084 51.59 38.58 73.82
N GLN H 1085 51.37 38.09 72.60
CA GLN H 1085 50.80 36.77 72.37
C GLN H 1085 51.81 35.77 71.83
N SER H 1086 53.08 36.17 71.71
CA SER H 1086 54.12 35.29 71.22
C SER H 1086 55.47 35.92 71.52
N GLY H 1087 56.50 35.09 71.50
CA GLY H 1087 57.87 35.55 71.68
C GLY H 1087 58.39 35.29 73.08
N ARG H 1088 59.60 35.79 73.31
CA ARG H 1088 60.29 35.66 74.58
C ARG H 1088 60.62 37.05 75.10
N TRP H 1089 59.96 37.44 76.19
CA TRP H 1089 59.98 38.81 76.67
C TRP H 1089 60.53 38.88 78.08
N TYR H 1090 61.23 39.99 78.37
CA TYR H 1090 61.96 40.18 79.61
C TYR H 1090 61.72 41.60 80.12
N PHE H 1091 61.63 41.74 81.45
CA PHE H 1091 61.65 43.06 82.06
C PHE H 1091 62.14 42.93 83.49
N GLU H 1092 62.36 44.06 84.14
CA GLU H 1092 62.99 44.09 85.46
C GLU H 1092 62.14 44.90 86.44
N PHE H 1093 62.23 44.55 87.71
CA PHE H 1093 61.53 45.26 88.78
C PHE H 1093 62.45 45.34 89.98
N GLU H 1094 62.92 46.53 90.30
CA GLU H 1094 63.76 46.74 91.47
C GLU H 1094 62.87 47.06 92.67
N ALA H 1095 63.11 46.36 93.77
CA ALA H 1095 62.34 46.58 94.99
C ALA H 1095 63.07 47.59 95.86
N VAL H 1096 62.65 48.85 95.81
CA VAL H 1096 63.31 49.87 96.62
C VAL H 1096 63.10 49.57 98.11
N THR H 1097 61.87 49.21 98.48
CA THR H 1097 61.57 48.68 99.80
C THR H 1097 61.66 47.16 99.76
N THR H 1098 61.31 46.52 100.89
CA THR H 1098 61.36 45.07 101.00
C THR H 1098 60.08 44.49 101.57
N GLY H 1099 58.97 45.20 101.43
CA GLY H 1099 57.69 44.77 101.98
C GLY H 1099 56.85 44.00 100.98
N GLU H 1100 55.54 44.19 101.05
CA GLU H 1100 54.60 43.44 100.22
C GLU H 1100 54.61 44.01 98.80
N MET H 1101 55.24 43.28 97.89
CA MET H 1101 55.20 43.65 96.48
C MET H 1101 55.19 42.37 95.65
N ARG H 1102 54.44 42.41 94.55
CA ARG H 1102 54.34 41.30 93.62
C ARG H 1102 54.68 41.81 92.23
N VAL H 1103 55.26 40.95 91.39
CA VAL H 1103 55.64 41.34 90.04
C VAL H 1103 55.53 40.15 89.12
N GLY H 1104 55.03 40.39 87.90
CA GLY H 1104 54.93 39.32 86.93
C GLY H 1104 54.12 39.68 85.70
N TRP H 1105 53.30 38.74 85.24
CA TRP H 1105 52.54 38.91 84.01
C TRP H 1105 51.07 38.76 84.31
N ALA H 1106 50.24 39.50 83.59
CA ALA H 1106 48.80 39.51 83.80
C ALA H 1106 48.08 39.47 82.46
N ARG H 1107 46.88 38.93 82.47
CA ARG H 1107 46.06 38.95 81.27
C ARG H 1107 45.39 40.31 81.13
N PRO H 1108 45.02 40.72 79.91
CA PRO H 1108 44.49 42.06 79.71
C PRO H 1108 43.26 42.35 80.55
N GLU H 1109 42.45 41.33 80.84
CA GLU H 1109 41.20 41.50 81.58
C GLU H 1109 41.41 41.39 83.09
N LEU H 1110 42.63 41.67 83.57
CA LEU H 1110 42.89 41.63 84.99
C LEU H 1110 41.95 42.57 85.75
N ARG H 1111 41.39 42.06 86.84
CA ARG H 1111 40.49 42.89 87.64
C ARG H 1111 41.28 43.82 88.56
N PRO H 1112 40.75 44.99 88.87
CA PRO H 1112 41.48 45.93 89.74
C PRO H 1112 41.26 45.72 91.22
N ASP H 1113 40.24 44.95 91.62
CA ASP H 1113 39.89 44.78 93.02
C ASP H 1113 40.26 43.41 93.57
N VAL H 1114 41.05 42.64 92.82
CA VAL H 1114 41.49 41.31 93.23
C VAL H 1114 43.00 41.34 93.44
N GLU H 1115 43.45 40.68 94.51
CA GLU H 1115 44.89 40.59 94.75
C GLU H 1115 45.57 39.92 93.58
N LEU H 1116 46.75 40.42 93.23
CA LEU H 1116 47.49 39.87 92.10
C LEU H 1116 47.79 38.39 92.33
N GLY H 1117 47.32 37.54 91.41
CA GLY H 1117 47.55 36.12 91.49
C GLY H 1117 46.55 35.37 92.35
N ALA H 1118 45.62 36.07 93.00
CA ALA H 1118 44.56 35.38 93.73
C ALA H 1118 43.68 34.57 92.79
N ASP H 1119 43.36 35.12 91.62
CA ASP H 1119 42.60 34.45 90.58
C ASP H 1119 43.57 33.96 89.51
N ASP H 1120 43.03 33.47 88.40
CA ASP H 1120 43.81 32.89 87.32
C ASP H 1120 44.27 33.92 86.30
N LEU H 1121 44.08 35.21 86.58
CA LEU H 1121 44.37 36.25 85.62
C LEU H 1121 45.79 36.82 85.73
N ALA H 1122 46.62 36.29 86.62
CA ALA H 1122 47.97 36.80 86.77
C ALA H 1122 48.88 35.73 87.33
N TYR H 1123 50.10 35.66 86.79
CA TYR H 1123 51.17 34.82 87.31
C TYR H 1123 52.23 35.78 87.84
N VAL H 1124 52.42 35.82 89.16
CA VAL H 1124 53.31 36.80 89.75
C VAL H 1124 54.20 36.13 90.80
N PHE H 1125 55.25 36.85 91.19
CA PHE H 1125 56.15 36.45 92.24
C PHE H 1125 56.11 37.51 93.34
N ASN H 1126 55.95 37.06 94.58
CA ASN H 1126 55.96 37.93 95.74
C ASN H 1126 57.23 37.65 96.53
N GLY H 1127 58.11 38.65 96.61
CA GLY H 1127 59.42 38.49 97.21
C GLY H 1127 59.54 38.90 98.66
N HIS H 1128 58.44 39.29 99.31
CA HIS H 1128 58.52 39.60 100.74
C HIS H 1128 58.96 38.37 101.53
N ARG H 1129 58.32 37.24 101.27
CA ARG H 1129 58.70 35.96 101.87
C ARG H 1129 59.20 34.96 100.84
N GLY H 1130 58.83 35.11 99.57
CA GLY H 1130 59.18 34.18 98.52
C GLY H 1130 58.01 33.27 98.21
N GLN H 1131 57.24 33.64 97.20
CA GLN H 1131 56.07 32.86 96.80
C GLN H 1131 55.77 33.11 95.34
N ARG H 1132 55.15 32.14 94.70
CA ARG H 1132 54.60 32.28 93.37
C ARG H 1132 53.08 32.25 93.44
N TRP H 1133 52.44 33.26 92.87
CA TRP H 1133 51.01 33.46 92.99
C TRP H 1133 50.35 33.23 91.64
N HIS H 1134 49.46 32.25 91.59
CA HIS H 1134 48.52 32.09 90.48
C HIS H 1134 47.42 31.17 90.99
N LEU H 1135 46.19 31.69 91.08
CA LEU H 1135 45.08 30.94 91.66
C LEU H 1135 45.42 30.46 93.06
N GLY H 1136 46.19 31.25 93.79
CA GLY H 1136 46.65 30.92 95.11
C GLY H 1136 48.14 31.13 95.26
N SER H 1137 48.65 30.73 96.41
CA SER H 1137 50.05 30.93 96.77
C SER H 1137 50.76 29.61 96.95
N GLU H 1138 52.05 29.60 96.63
CA GLU H 1138 52.93 28.46 96.85
C GLU H 1138 54.32 28.99 97.17
N PRO H 1139 55.07 28.32 98.04
CA PRO H 1139 56.45 28.74 98.28
C PRO H 1139 57.28 28.69 97.01
N PHE H 1140 58.16 29.67 96.84
CA PHE H 1140 59.00 29.73 95.65
C PHE H 1140 60.07 30.80 95.82
N GLY H 1141 61.31 30.49 95.41
CA GLY H 1141 62.36 31.48 95.47
C GLY H 1141 62.75 31.81 96.90
N ARG H 1142 63.37 32.97 97.04
CA ARG H 1142 63.85 33.49 98.32
C ARG H 1142 63.42 34.93 98.46
N PRO H 1143 63.32 35.43 99.70
CA PRO H 1143 62.93 36.83 99.89
C PRO H 1143 64.01 37.78 99.38
N TRP H 1144 63.57 38.95 98.94
CA TRP H 1144 64.48 39.95 98.40
C TRP H 1144 64.94 40.92 99.48
N GLN H 1145 66.00 41.64 99.17
CA GLN H 1145 66.52 42.71 100.01
C GLN H 1145 66.32 44.03 99.27
N SER H 1146 66.49 45.13 100.01
CA SER H 1146 66.38 46.44 99.40
C SER H 1146 67.36 46.58 98.24
N GLY H 1147 66.87 47.05 97.11
CA GLY H 1147 67.68 47.21 95.92
C GLY H 1147 67.79 45.97 95.06
N ASP H 1148 67.16 44.87 95.43
CA ASP H 1148 67.21 43.66 94.63
C ASP H 1148 66.34 43.82 93.39
N VAL H 1149 66.82 43.29 92.26
CA VAL H 1149 66.15 43.39 90.98
C VAL H 1149 65.61 42.01 90.62
N VAL H 1150 64.30 41.93 90.37
CA VAL H 1150 63.65 40.72 89.91
C VAL H 1150 63.50 40.80 88.40
N GLY H 1151 64.12 39.86 87.71
CA GLY H 1151 63.95 39.75 86.27
C GLY H 1151 62.83 38.79 85.93
N CYS H 1152 61.79 39.30 85.28
CA CYS H 1152 60.63 38.52 84.90
C CYS H 1152 60.71 38.20 83.42
N MET H 1153 60.63 36.91 83.08
CA MET H 1153 60.70 36.44 81.71
C MET H 1153 59.46 35.61 81.39
N ILE H 1154 58.92 35.79 80.20
CA ILE H 1154 57.83 34.97 79.70
C ILE H 1154 58.23 34.43 78.34
N ASP H 1155 58.16 33.10 78.19
CA ASP H 1155 58.47 32.41 76.95
C ASP H 1155 57.15 31.83 76.43
N LEU H 1156 56.60 32.41 75.37
CA LEU H 1156 55.33 31.98 74.82
C LEU H 1156 55.49 30.90 73.76
N THR H 1157 56.71 30.47 73.47
CA THR H 1157 56.95 29.28 72.66
C THR H 1157 56.95 28.02 73.50
N GLU H 1158 57.55 28.07 74.69
CA GLU H 1158 57.49 26.98 75.65
C GLU H 1158 56.34 27.14 76.65
N ASN H 1159 55.64 28.26 76.61
CA ASN H 1159 54.53 28.53 77.53
C ASN H 1159 54.99 28.44 78.98
N THR H 1160 56.04 29.19 79.31
CA THR H 1160 56.63 29.17 80.63
C THR H 1160 56.90 30.59 81.11
N ILE H 1161 57.04 30.72 82.43
CA ILE H 1161 57.39 31.98 83.08
C ILE H 1161 58.56 31.72 84.01
N ILE H 1162 59.58 32.58 83.96
CA ILE H 1162 60.79 32.43 84.74
C ILE H 1162 61.02 33.69 85.55
N PHE H 1163 61.51 33.52 86.77
CA PHE H 1163 61.87 34.63 87.65
C PHE H 1163 63.32 34.49 88.06
N THR H 1164 64.07 35.58 88.00
CA THR H 1164 65.44 35.64 88.46
C THR H 1164 65.57 36.73 89.51
N LEU H 1165 66.51 36.55 90.42
CA LEU H 1165 66.79 37.53 91.46
C LEU H 1165 68.26 37.90 91.39
N ASN H 1166 68.55 39.14 91.02
CA ASN H 1166 69.93 39.61 90.85
C ASN H 1166 70.67 38.73 89.85
N GLY H 1167 69.98 38.30 88.80
CA GLY H 1167 70.59 37.54 87.73
C GLY H 1167 70.55 36.03 87.91
N GLU H 1168 70.22 35.54 89.10
CA GLU H 1168 70.17 34.11 89.37
C GLU H 1168 68.72 33.64 89.28
N VAL H 1169 68.51 32.56 88.54
CA VAL H 1169 67.16 32.04 88.35
C VAL H 1169 66.63 31.54 89.68
N LEU H 1170 65.42 31.96 90.03
CA LEU H 1170 64.77 31.46 91.23
C LEU H 1170 64.16 30.10 90.96
N MET H 1171 64.30 29.19 91.92
CA MET H 1171 63.89 27.81 91.77
C MET H 1171 62.84 27.45 92.81
N SER H 1172 61.93 26.57 92.41
CA SER H 1172 60.93 26.06 93.32
C SER H 1172 61.55 25.05 94.27
N ASP H 1173 60.75 24.61 95.25
CA ASP H 1173 61.23 23.61 96.20
C ASP H 1173 61.59 22.31 95.49
N SER H 1174 60.78 21.91 94.51
CA SER H 1174 61.09 20.70 93.75
C SER H 1174 62.39 20.84 92.96
N GLY H 1175 62.85 22.07 92.75
CA GLY H 1175 64.07 22.32 92.00
C GLY H 1175 63.84 22.78 90.57
N SER H 1176 62.59 22.86 90.10
CA SER H 1176 62.33 23.31 88.74
C SER H 1176 62.73 24.78 88.59
N GLU H 1177 63.26 25.12 87.42
CA GLU H 1177 63.73 26.47 87.14
C GLU H 1177 62.67 27.33 86.48
N THR H 1178 61.46 26.81 86.25
CA THR H 1178 60.36 27.59 85.72
C THR H 1178 59.32 27.80 86.82
N ALA H 1179 58.93 29.06 87.04
CA ALA H 1179 57.93 29.34 88.05
C ALA H 1179 56.57 28.78 87.65
N PHE H 1180 56.21 28.90 86.37
CA PHE H 1180 54.95 28.40 85.86
C PHE H 1180 55.18 27.76 84.50
N ARG H 1181 54.30 26.83 84.13
CA ARG H 1181 54.39 26.12 82.87
C ARG H 1181 52.99 25.82 82.37
N ASP H 1182 52.90 25.34 81.13
CA ASP H 1182 51.62 25.01 80.50
C ASP H 1182 50.67 26.21 80.54
N ILE H 1183 51.21 27.39 80.29
CA ILE H 1183 50.45 28.63 80.30
C ILE H 1183 49.72 28.76 78.97
N GLU H 1184 48.41 28.94 79.03
CA GLU H 1184 47.62 29.16 77.82
C GLU H 1184 47.74 30.62 77.41
N ILE H 1185 48.12 30.85 76.15
CA ILE H 1185 48.40 32.21 75.70
C ILE H 1185 47.15 33.08 75.80
N GLY H 1186 46.02 32.56 75.31
CA GLY H 1186 44.79 33.33 75.40
C GLY H 1186 44.91 34.67 74.70
N ASP H 1187 44.59 35.73 75.43
CA ASP H 1187 44.58 37.08 74.86
C ASP H 1187 45.93 37.78 74.95
N GLY H 1188 46.93 37.17 75.56
CA GLY H 1188 48.25 37.76 75.70
C GLY H 1188 48.57 38.06 77.16
N PHE H 1189 49.75 38.66 77.34
CA PHE H 1189 50.26 38.95 78.68
C PHE H 1189 50.86 40.35 78.71
N LEU H 1190 50.76 40.97 79.89
CA LEU H 1190 51.20 42.33 80.13
C LEU H 1190 52.07 42.36 81.37
N PRO H 1191 53.11 43.18 81.39
CA PRO H 1191 53.84 43.39 82.65
C PRO H 1191 52.91 43.98 83.71
N VAL H 1192 53.06 43.49 84.94
CA VAL H 1192 52.21 43.91 86.05
C VAL H 1192 53.01 43.86 87.34
N CYS H 1193 52.66 44.75 88.26
CA CYS H 1193 53.23 44.76 89.59
C CYS H 1193 52.18 45.25 90.56
N SER H 1194 52.36 44.92 91.84
CA SER H 1194 51.47 45.32 92.91
C SER H 1194 52.32 45.78 94.08
N LEU H 1195 52.02 46.96 94.60
CA LEU H 1195 52.73 47.56 95.72
C LEU H 1195 51.77 47.73 96.88
N GLY H 1196 52.11 47.18 98.04
CA GLY H 1196 51.31 47.38 99.22
C GLY H 1196 51.58 48.72 99.85
N PRO H 1197 50.86 48.99 100.95
CA PRO H 1197 51.04 50.29 101.61
C PRO H 1197 52.47 50.50 102.05
N GLY H 1198 53.02 51.66 101.68
CA GLY H 1198 54.37 52.02 102.08
C GLY H 1198 55.47 51.42 101.24
N GLN H 1199 55.16 50.84 100.09
CA GLN H 1199 56.14 50.14 99.28
C GLN H 1199 56.53 50.97 98.06
N VAL H 1200 57.75 50.77 97.59
CA VAL H 1200 58.28 51.48 96.43
C VAL H 1200 58.98 50.50 95.50
N GLY H 1201 58.64 50.57 94.23
CA GLY H 1201 59.28 49.73 93.23
C GLY H 1201 59.72 50.57 92.04
N HIS H 1202 60.53 49.96 91.19
CA HIS H 1202 60.99 50.59 89.96
C HIS H 1202 60.83 49.59 88.83
N LEU H 1203 59.90 49.86 87.92
CA LEU H 1203 59.62 48.99 86.79
C LEU H 1203 60.44 49.44 85.59
N ASN H 1204 61.31 48.57 85.10
CA ASN H 1204 62.12 48.84 83.93
C ASN H 1204 61.71 47.87 82.83
N LEU H 1205 60.96 48.38 81.86
CA LEU H 1205 60.48 47.55 80.76
C LEU H 1205 61.50 47.43 79.64
N GLY H 1206 62.66 48.07 79.76
CA GLY H 1206 63.74 47.86 78.83
C GLY H 1206 63.70 48.70 77.58
N GLN H 1207 63.08 49.89 77.63
CA GLN H 1207 63.15 50.78 76.47
C GLN H 1207 64.58 51.16 76.18
N ASP H 1208 65.36 51.45 77.22
CA ASP H 1208 66.80 51.65 77.09
C ASP H 1208 67.46 50.36 77.57
N VAL H 1209 67.91 49.54 76.62
CA VAL H 1209 68.44 48.23 76.96
C VAL H 1209 69.64 48.36 77.89
N SER H 1210 70.43 49.42 77.74
CA SER H 1210 71.59 49.61 78.59
C SER H 1210 71.20 49.87 80.04
N SER H 1211 69.96 50.28 80.30
CA SER H 1211 69.54 50.55 81.67
C SER H 1211 69.28 49.26 82.44
N LEU H 1212 68.97 48.17 81.74
CA LEU H 1212 68.75 46.90 82.42
C LEU H 1212 70.04 46.45 83.10
N ARG H 1213 69.90 45.93 84.32
CA ARG H 1213 71.06 45.63 85.15
C ARG H 1213 71.45 44.16 85.15
N PHE H 1214 70.54 43.25 84.80
CA PHE H 1214 70.84 41.82 84.78
C PHE H 1214 70.37 41.13 83.51
N PHE H 1215 70.00 41.89 82.49
CA PHE H 1215 69.57 41.27 81.24
C PHE H 1215 70.70 40.47 80.60
N ALA H 1216 71.91 41.02 80.60
CA ALA H 1216 73.04 40.32 80.00
C ALA H 1216 73.37 39.05 80.77
N ILE H 1217 73.30 39.10 82.10
CA ILE H 1217 73.67 37.95 82.90
C ILE H 1217 72.70 36.79 82.68
N CYS H 1218 71.41 37.10 82.56
CA CYS H 1218 70.39 36.08 82.34
C CYS H 1218 69.29 36.64 81.45
N GLY H 1219 69.17 36.08 80.25
CA GLY H 1219 68.07 36.38 79.36
C GLY H 1219 68.53 36.77 77.97
N LEU H 1220 69.61 37.55 77.89
CA LEU H 1220 70.14 37.95 76.59
C LEU H 1220 70.59 36.74 75.80
N GLN H 1221 71.43 35.90 76.39
CA GLN H 1221 71.90 34.71 75.70
C GLN H 1221 70.82 33.65 75.60
N GLU H 1222 69.87 33.63 76.53
CA GLU H 1222 68.73 32.74 76.43
C GLU H 1222 67.75 33.16 75.35
N GLY H 1223 67.90 34.37 74.80
CA GLY H 1223 67.09 34.78 73.67
C GLY H 1223 65.86 35.58 74.02
N PHE H 1224 65.75 36.07 75.24
CA PHE H 1224 64.62 36.90 75.63
C PHE H 1224 64.87 38.34 75.20
N GLU H 1225 63.78 39.03 74.91
CA GLU H 1225 63.85 40.40 74.41
C GLU H 1225 63.22 41.36 75.41
N PRO H 1226 63.83 42.52 75.64
CA PRO H 1226 63.20 43.50 76.53
C PRO H 1226 61.80 43.86 76.05
N PHE H 1227 60.88 44.05 76.99
CA PHE H 1227 59.48 44.18 76.63
C PHE H 1227 59.25 45.37 75.69
N ALA H 1228 59.91 46.49 75.96
CA ALA H 1228 59.73 47.72 75.19
C ALA H 1228 60.99 48.07 74.41
N ILE H 1229 61.65 47.07 73.83
CA ILE H 1229 62.98 47.29 73.26
C ILE H 1229 62.92 48.29 72.11
N ASN H 1230 61.95 48.11 71.21
CA ASN H 1230 61.89 48.94 70.01
C ASN H 1230 60.64 49.82 69.99
N MET H 1231 60.31 50.41 71.12
CA MET H 1231 59.23 51.38 71.22
C MET H 1231 59.83 52.78 71.23
N GLN H 1232 59.28 53.66 70.39
CA GLN H 1232 59.79 55.03 70.34
C GLN H 1232 59.33 55.86 71.52
N ARG H 1233 58.30 55.40 72.23
CA ARG H 1233 57.77 56.12 73.38
C ARG H 1233 57.66 55.20 74.59
N PRO H 1234 57.74 55.73 75.80
CA PRO H 1234 57.58 54.88 76.99
C PRO H 1234 56.22 54.21 77.00
N VAL H 1235 56.18 52.99 77.53
CA VAL H 1235 54.95 52.22 77.56
C VAL H 1235 53.96 52.86 78.52
N THR H 1236 52.74 53.09 78.05
CA THR H 1236 51.69 53.64 78.89
C THR H 1236 51.27 52.61 79.94
N THR H 1237 50.99 53.10 81.15
CA THR H 1237 50.61 52.24 82.25
C THR H 1237 49.28 52.68 82.84
N TRP H 1238 48.58 51.73 83.45
CA TRP H 1238 47.36 51.97 84.18
C TRP H 1238 47.53 51.47 85.61
N PHE H 1239 46.81 52.09 86.54
CA PHE H 1239 46.88 51.71 87.93
C PHE H 1239 45.49 51.55 88.50
N SER H 1240 45.40 50.77 89.57
CA SER H 1240 44.14 50.49 90.24
C SER H 1240 43.84 51.64 91.19
N LYS H 1241 43.06 52.62 90.72
CA LYS H 1241 42.67 53.77 91.50
C LYS H 1241 41.61 53.36 92.50
N SER H 1242 41.84 53.65 93.78
CA SER H 1242 40.89 53.34 94.84
C SER H 1242 39.93 54.48 95.13
N LEU H 1243 39.28 55.00 94.09
CA LEU H 1243 38.22 55.99 94.26
C LEU H 1243 36.90 55.33 93.91
N PRO H 1244 36.02 55.07 94.87
CA PRO H 1244 34.77 54.36 94.53
C PRO H 1244 33.99 55.09 93.45
N GLN H 1245 33.47 54.32 92.50
CA GLN H 1245 32.72 54.88 91.38
C GLN H 1245 31.50 54.02 91.10
N PHE H 1246 30.44 54.65 90.60
CA PHE H 1246 29.20 53.95 90.32
C PHE H 1246 29.25 53.34 88.93
N GLU H 1247 29.03 52.03 88.85
CA GLU H 1247 29.03 51.32 87.58
C GLU H 1247 27.80 50.42 87.50
N PRO H 1248 27.31 50.14 86.29
CA PRO H 1248 26.11 49.30 86.17
C PRO H 1248 26.33 47.93 86.82
N VAL H 1249 25.27 47.43 87.45
CA VAL H 1249 25.33 46.13 88.11
C VAL H 1249 25.64 45.09 87.05
N PRO H 1250 26.71 44.30 87.18
CA PRO H 1250 27.02 43.32 86.13
C PRO H 1250 25.89 42.33 85.95
N LEU H 1251 25.65 41.97 84.68
CA LEU H 1251 24.58 41.01 84.37
C LEU H 1251 24.88 39.63 84.92
N GLU H 1252 26.13 39.34 85.28
CA GLU H 1252 26.53 38.04 85.80
C GLU H 1252 27.06 38.13 87.22
N HIS H 1253 26.64 39.13 87.97
CA HIS H 1253 27.16 39.30 89.33
C HIS H 1253 26.78 38.08 90.18
N PRO H 1254 27.73 37.49 90.90
CA PRO H 1254 27.42 36.25 91.64
C PRO H 1254 26.43 36.42 92.77
N HIS H 1255 26.18 37.65 93.25
CA HIS H 1255 25.38 37.82 94.45
C HIS H 1255 24.15 38.68 94.22
N TYR H 1256 24.24 39.68 93.34
CA TYR H 1256 23.19 40.67 93.17
C TYR H 1256 22.57 40.56 91.78
N GLU H 1257 21.24 40.57 91.75
CA GLU H 1257 20.49 40.52 90.51
C GLU H 1257 19.45 41.63 90.52
N VAL H 1258 19.29 42.31 89.38
CA VAL H 1258 18.32 43.38 89.22
C VAL H 1258 17.32 42.95 88.15
N ALA H 1259 16.04 43.02 88.49
CA ALA H 1259 14.96 42.64 87.59
C ALA H 1259 14.15 43.88 87.21
N ARG H 1260 13.99 44.08 85.90
CA ARG H 1260 13.19 45.20 85.39
C ARG H 1260 11.75 44.72 85.26
N MET H 1261 10.87 45.23 86.11
CA MET H 1261 9.47 44.83 86.13
C MET H 1261 8.65 45.87 85.39
N ASP H 1262 7.86 45.43 84.41
CA ASP H 1262 7.01 46.33 83.67
C ASP H 1262 5.83 46.77 84.53
N GLY H 1263 5.30 47.96 84.23
CA GLY H 1263 4.19 48.48 84.98
C GLY H 1263 2.89 47.76 84.62
N THR H 1264 2.17 47.33 85.65
CA THR H 1264 0.87 46.70 85.49
C THR H 1264 -0.22 47.75 85.69
N VAL H 1265 -1.48 47.31 85.76
CA VAL H 1265 -2.57 48.24 85.97
C VAL H 1265 -2.49 48.91 87.33
N ASP H 1266 -2.03 48.18 88.35
CA ASP H 1266 -1.97 48.69 89.72
C ASP H 1266 -0.54 48.89 90.20
N THR H 1267 0.46 48.74 89.34
CA THR H 1267 1.85 48.84 89.73
C THR H 1267 2.60 49.67 88.69
N PRO H 1268 3.53 50.52 89.11
CA PRO H 1268 4.34 51.27 88.16
C PRO H 1268 5.56 50.47 87.72
N PRO H 1269 6.34 51.00 86.79
CA PRO H 1269 7.62 50.34 86.46
C PRO H 1269 8.51 50.25 87.69
N CYS H 1270 9.26 49.15 87.78
CA CYS H 1270 10.06 48.88 88.95
C CYS H 1270 11.39 48.24 88.56
N LEU H 1271 12.39 48.47 89.40
CA LEU H 1271 13.70 47.83 89.31
C LEU H 1271 13.96 47.18 90.66
N ARG H 1272 13.88 45.86 90.71
CA ARG H 1272 13.92 45.12 91.96
C ARG H 1272 15.28 44.46 92.13
N LEU H 1273 15.86 44.60 93.31
CA LEU H 1273 17.13 43.97 93.65
C LEU H 1273 16.87 42.72 94.48
N THR H 1274 17.53 41.62 94.12
CA THR H 1274 17.42 40.38 94.86
C THR H 1274 18.82 39.84 95.12
N HIS H 1275 18.99 39.21 96.28
CA HIS H 1275 20.26 38.61 96.67
C HIS H 1275 20.24 37.14 96.26
N ARG H 1276 21.03 36.80 95.25
CA ARG H 1276 20.97 35.46 94.67
C ARG H 1276 21.40 34.39 95.67
N THR H 1277 22.49 34.64 96.40
CA THR H 1277 23.11 33.62 97.24
C THR H 1277 22.71 33.76 98.71
N TRP H 1278 21.60 34.42 99.01
CA TRP H 1278 21.22 34.62 100.40
C TRP H 1278 20.94 33.30 101.09
N GLY H 1279 21.32 33.23 102.36
CA GLY H 1279 21.05 32.05 103.16
C GLY H 1279 21.77 30.81 102.65
N SER H 1280 23.05 30.94 102.33
CA SER H 1280 23.82 29.81 101.83
C SER H 1280 25.30 30.08 102.08
N GLN H 1281 26.09 29.02 101.96
CA GLN H 1281 27.54 29.14 102.14
C GLN H 1281 28.18 29.76 100.92
N ASN H 1282 29.00 30.78 101.18
CA ASN H 1282 29.68 31.75 100.31
C ASN H 1282 28.86 33.02 100.14
N SER H 1283 27.70 33.13 100.80
CA SER H 1283 26.89 34.33 100.65
C SER H 1283 27.67 35.56 101.09
N LEU H 1284 27.58 36.62 100.29
CA LEU H 1284 28.26 37.88 100.57
C LEU H 1284 27.22 38.85 101.12
N VAL H 1285 27.42 39.29 102.36
CA VAL H 1285 26.53 40.23 103.02
C VAL H 1285 27.38 41.42 103.44
N GLU H 1286 27.19 42.54 102.75
CA GLU H 1286 27.93 43.76 103.05
C GLU H 1286 27.12 44.95 102.56
N MET H 1287 27.50 46.14 103.03
CA MET H 1287 26.80 47.34 102.63
C MET H 1287 26.84 47.50 101.11
N LEU H 1288 25.70 47.86 100.54
CA LEU H 1288 25.54 48.01 99.10
C LEU H 1288 25.01 49.41 98.82
N PHE H 1289 25.68 50.12 97.92
CA PHE H 1289 25.33 51.49 97.56
C PHE H 1289 24.85 51.49 96.12
N LEU H 1290 23.57 51.76 95.93
CA LEU H 1290 22.95 51.71 94.61
C LEU H 1290 22.44 53.10 94.24
N ARG H 1291 22.49 53.41 92.96
CA ARG H 1291 21.91 54.63 92.44
C ARG H 1291 21.33 54.35 91.06
N LEU H 1292 20.50 55.27 90.58
CA LEU H 1292 19.98 55.17 89.23
C LEU H 1292 20.92 55.90 88.28
N SER H 1293 20.97 55.41 87.04
CA SER H 1293 21.99 55.88 86.10
C SER H 1293 21.81 57.36 85.77
N LEU H 1294 20.56 57.84 85.69
CA LEU H 1294 20.34 59.21 85.25
C LEU H 1294 19.99 60.12 86.42
N PRO H 1295 20.41 61.40 86.38
CA PRO H 1295 20.03 62.32 87.44
C PRO H 1295 18.82 63.16 87.09
N VAL H 1296 18.24 63.81 88.10
CA VAL H 1296 17.30 64.91 87.91
C VAL H 1296 18.04 66.21 88.21
N GLN H 1297 17.80 67.22 87.38
CA GLN H 1297 18.49 68.49 87.48
C GLN H 1297 17.51 69.57 87.91
N PHE H 1298 17.86 70.30 88.96
CA PHE H 1298 17.03 71.40 89.41
C PHE H 1298 17.17 72.58 88.46
N HIS H 1299 16.12 73.40 88.42
CA HIS H 1299 16.05 74.48 87.45
C HIS H 1299 17.16 75.51 87.71
N GLN H 1300 17.52 76.22 86.65
CA GLN H 1300 18.55 77.26 86.76
C GLN H 1300 18.10 78.39 87.66
N HIS H 1301 16.81 78.74 87.63
CA HIS H 1301 16.25 79.80 88.46
C HIS H 1301 15.08 79.24 89.25
N PHE H 1302 15.07 79.50 90.55
CA PHE H 1302 14.01 79.04 91.43
C PHE H 1302 12.88 80.06 91.47
N ARG H 1303 11.67 79.56 91.70
CA ARG H 1303 10.50 80.44 91.81
C ARG H 1303 10.71 81.44 92.93
N CYS H 1304 10.34 82.70 92.66
CA CYS H 1304 10.47 83.74 93.68
C CYS H 1304 9.49 83.48 94.82
N THR H 1305 10.03 83.37 96.02
CA THR H 1305 9.21 83.11 97.20
C THR H 1305 8.34 81.87 97.02
N ASP H 1420 -11.47 58.61 93.64
CA ASP H 1420 -11.11 59.53 92.56
C ASP H 1420 -9.63 59.37 92.22
N ASN H 1421 -8.78 60.17 92.88
CA ASN H 1421 -7.33 60.10 92.67
C ASN H 1421 -6.96 60.25 91.20
N ARG H 1422 -7.66 61.13 90.49
CA ARG H 1422 -7.34 61.44 89.11
C ARG H 1422 -6.69 62.82 89.02
N ASP H 1423 -5.56 62.89 88.33
CA ASP H 1423 -4.83 64.14 88.24
C ASP H 1423 -5.67 65.22 87.57
N ASP H 1424 -5.59 66.42 88.11
CA ASP H 1424 -6.20 67.58 87.46
C ASP H 1424 -5.30 68.03 86.33
N PRO H 1425 -5.74 68.04 85.07
CA PRO H 1425 -4.81 68.29 83.96
C PRO H 1425 -3.99 69.55 84.10
N GLU H 1426 -4.60 70.67 84.51
CA GLU H 1426 -3.83 71.89 84.64
C GLU H 1426 -2.71 71.74 85.67
N ILE H 1427 -3.02 71.16 86.83
CA ILE H 1427 -2.03 71.00 87.87
C ILE H 1427 -0.92 70.06 87.42
N ILE H 1428 -1.29 68.94 86.80
CA ILE H 1428 -0.29 67.94 86.44
C ILE H 1428 0.60 68.42 85.30
N LEU H 1429 0.08 69.22 84.37
CA LEU H 1429 0.91 69.79 83.31
C LEU H 1429 1.63 71.07 83.72
N ASN H 1430 1.29 71.66 84.86
CA ASN H 1430 2.01 72.84 85.34
C ASN H 1430 2.89 72.58 86.55
N THR H 1431 2.91 71.36 87.08
CA THR H 1431 3.67 71.08 88.29
C THR H 1431 5.16 70.93 87.99
N THR H 1432 5.98 71.23 88.99
CA THR H 1432 7.42 71.02 88.93
C THR H 1432 7.90 70.05 90.00
N THR H 1433 6.99 69.27 90.60
CA THR H 1433 7.32 68.31 91.63
C THR H 1433 7.35 66.91 91.02
N TYR H 1434 8.39 66.16 91.34
CA TYR H 1434 8.57 64.81 90.84
C TYR H 1434 8.77 63.84 92.00
N TYR H 1435 8.40 62.59 91.77
CA TYR H 1435 8.26 61.61 92.85
C TYR H 1435 8.89 60.29 92.43
N TYR H 1436 9.40 59.56 93.42
CA TYR H 1436 9.83 58.18 93.19
C TYR H 1436 9.86 57.47 94.53
N SER H 1437 9.50 56.18 94.53
CA SER H 1437 9.40 55.44 95.79
C SER H 1437 10.39 54.30 95.81
N VAL H 1438 10.66 53.82 97.03
CA VAL H 1438 11.47 52.64 97.26
C VAL H 1438 10.69 51.72 98.17
N ARG H 1439 10.48 50.49 97.73
CA ARG H 1439 9.79 49.48 98.54
C ARG H 1439 10.84 48.58 99.18
N VAL H 1440 10.79 48.47 100.51
CA VAL H 1440 11.63 47.58 101.27
C VAL H 1440 10.75 46.39 101.65
N PHE H 1441 11.08 45.23 101.09
CA PHE H 1441 10.24 44.05 101.25
C PHE H 1441 10.30 43.54 102.68
N ALA H 1442 9.21 42.90 103.10
CA ALA H 1442 9.18 42.28 104.42
C ALA H 1442 10.32 41.28 104.55
N GLY H 1443 11.01 41.33 105.70
CA GLY H 1443 12.19 40.55 105.93
C GLY H 1443 13.48 41.33 105.76
N GLN H 1444 13.43 42.43 105.01
CA GLN H 1444 14.55 43.35 104.89
C GLN H 1444 14.41 44.41 105.98
N GLU H 1445 15.34 44.40 106.93
CA GLU H 1445 15.23 45.28 108.08
C GLU H 1445 15.25 46.74 107.63
N PRO H 1446 14.23 47.54 107.95
CA PRO H 1446 14.31 48.97 107.61
C PRO H 1446 15.47 49.69 108.26
N SER H 1447 15.95 49.21 109.42
CA SER H 1447 17.10 49.82 110.06
C SER H 1447 18.37 49.69 109.25
N CYS H 1448 18.37 48.84 108.23
CA CYS H 1448 19.53 48.64 107.37
C CYS H 1448 19.34 49.22 105.97
N VAL H 1449 18.48 50.22 105.83
CA VAL H 1449 18.17 50.81 104.53
C VAL H 1449 18.21 52.33 104.67
N TRP H 1450 18.85 53.00 103.71
CA TRP H 1450 18.83 54.44 103.60
C TRP H 1450 18.35 54.79 102.19
N VAL H 1451 17.38 55.69 102.10
CA VAL H 1451 16.72 56.03 100.85
C VAL H 1451 16.79 57.53 100.64
N GLY H 1452 17.12 57.94 99.42
CA GLY H 1452 17.19 59.36 99.10
C GLY H 1452 17.89 59.65 97.79
N TRP H 1453 18.83 60.58 97.83
CA TRP H 1453 19.51 61.06 96.63
C TRP H 1453 20.99 61.22 96.91
N VAL H 1454 21.78 61.17 95.84
CA VAL H 1454 23.20 61.47 95.90
C VAL H 1454 23.53 62.42 94.76
N THR H 1455 24.57 63.23 94.96
CA THR H 1455 25.11 64.08 93.92
C THR H 1455 26.16 63.32 93.13
N PRO H 1456 26.63 63.89 92.02
CA PRO H 1456 27.64 63.18 91.22
C PRO H 1456 28.95 62.94 91.98
N ASP H 1457 29.11 63.62 93.10
CA ASP H 1457 30.38 63.65 93.82
C ASP H 1457 30.48 62.56 94.89
N TYR H 1458 29.44 61.77 95.12
CA TYR H 1458 29.48 60.77 96.17
C TYR H 1458 30.46 59.65 95.83
N HIS H 1459 31.42 59.40 96.73
CA HIS H 1459 32.42 58.36 96.49
C HIS H 1459 32.78 57.57 97.75
N GLN H 1460 31.87 57.47 98.71
CA GLN H 1460 32.16 56.84 100.00
C GLN H 1460 31.67 55.39 99.98
N HIS H 1461 32.63 54.46 100.01
CA HIS H 1461 32.33 53.03 100.10
C HIS H 1461 32.49 52.58 101.56
N ASP H 1462 31.61 53.12 102.40
CA ASP H 1462 31.71 52.92 103.84
C ASP H 1462 30.99 51.63 104.22
N MET H 1463 31.73 50.63 104.68
CA MET H 1463 31.14 49.36 105.08
C MET H 1463 30.38 49.47 106.40
N SER H 1464 30.49 50.59 107.12
CA SER H 1464 29.73 50.81 108.33
C SER H 1464 28.94 52.10 108.20
N PHE H 1465 28.27 52.28 107.06
CA PHE H 1465 27.62 53.54 106.75
C PHE H 1465 26.51 53.87 107.73
N ASP H 1466 26.38 55.15 108.04
CA ASP H 1466 25.22 55.68 108.75
C ASP H 1466 25.15 57.17 108.43
N LEU H 1467 23.99 57.77 108.69
CA LEU H 1467 23.73 59.12 108.22
C LEU H 1467 24.71 60.13 108.83
N SER H 1468 25.37 59.75 109.92
CA SER H 1468 26.36 60.62 110.53
C SER H 1468 27.67 60.67 109.75
N LYS H 1469 27.90 59.74 108.84
CA LYS H 1469 29.09 59.73 108.01
C LYS H 1469 28.95 60.56 106.75
N VAL H 1470 27.78 61.16 106.51
CA VAL H 1470 27.55 61.91 105.29
C VAL H 1470 28.36 63.19 105.31
N ARG H 1471 29.08 63.47 104.21
CA ARG H 1471 29.81 64.71 104.09
C ARG H 1471 28.84 65.89 104.13
N ALA H 1472 29.19 66.90 104.91
CA ALA H 1472 28.36 68.10 105.01
C ALA H 1472 29.24 69.26 105.43
N VAL H 1473 28.88 70.46 104.98
CA VAL H 1473 29.61 71.67 105.38
C VAL H 1473 28.70 72.88 105.12
N THR H 1474 28.76 73.86 106.02
CA THR H 1474 28.00 75.08 105.88
C THR H 1474 28.94 76.22 105.51
N VAL H 1475 28.58 76.94 104.46
CA VAL H 1475 29.32 78.13 104.04
C VAL H 1475 28.48 79.33 104.46
N THR H 1476 29.03 80.17 105.32
CA THR H 1476 28.32 81.31 105.88
C THR H 1476 29.00 82.59 105.40
N MET H 1477 28.22 83.46 104.78
CA MET H 1477 28.69 84.76 104.31
C MET H 1477 27.92 85.87 105.03
N GLY H 1478 28.67 86.89 105.45
CA GLY H 1478 28.11 88.02 106.16
C GLY H 1478 28.79 89.34 105.85
N ASP H 1479 28.50 90.36 106.66
CA ASP H 1479 29.07 91.69 106.46
C ASP H 1479 30.42 91.81 107.15
N GLU H 1480 31.05 92.97 106.94
CA GLU H 1480 32.28 93.29 107.66
C GLU H 1480 32.07 93.38 109.17
N GLN H 1481 30.82 93.56 109.60
CA GLN H 1481 30.46 93.64 111.01
C GLN H 1481 29.58 92.47 111.41
N GLY H 1482 29.89 91.28 110.91
CA GLY H 1482 29.06 90.11 111.14
C GLY H 1482 27.79 90.15 110.31
N ASN H 1483 26.63 90.06 110.97
CA ASN H 1483 25.36 90.17 110.27
C ASN H 1483 25.28 89.19 109.11
N VAL H 1484 25.28 87.90 109.42
CA VAL H 1484 25.28 86.86 108.40
C VAL H 1484 24.25 87.19 107.32
N HIS H 1485 24.70 87.14 106.07
CA HIS H 1485 23.82 87.21 104.90
C HIS H 1485 23.20 85.87 104.57
N SER H 1486 24.04 84.85 104.36
CA SER H 1486 23.56 83.55 103.91
C SER H 1486 24.32 82.46 104.63
N SER H 1487 23.66 81.30 104.76
CA SER H 1487 24.25 80.11 105.37
C SER H 1487 23.80 78.92 104.52
N LEU H 1488 24.62 78.56 103.54
CA LEU H 1488 24.27 77.49 102.62
C LEU H 1488 24.85 76.16 103.09
N LYS H 1489 24.02 75.14 103.15
CA LYS H 1489 24.44 73.79 103.52
C LYS H 1489 24.74 73.00 102.25
N CYS H 1490 25.91 72.37 102.21
CA CYS H 1490 26.36 71.60 101.07
C CYS H 1490 26.66 70.17 101.52
N SER H 1491 26.21 69.21 100.71
CA SER H 1491 26.40 67.80 101.00
C SER H 1491 26.34 67.04 99.68
N ASN H 1492 26.61 65.74 99.75
CA ASN H 1492 26.53 64.88 98.58
C ASN H 1492 25.59 63.70 98.77
N CYS H 1493 24.90 63.61 99.90
CA CYS H 1493 23.98 62.51 100.17
C CYS H 1493 22.80 63.05 100.97
N TYR H 1494 21.63 63.04 100.35
CA TYR H 1494 20.39 63.49 100.98
C TYR H 1494 19.48 62.28 101.12
N MET H 1495 19.44 61.70 102.32
CA MET H 1495 18.73 60.45 102.54
C MET H 1495 18.01 60.48 103.88
N VAL H 1496 17.04 59.59 104.01
CA VAL H 1496 16.38 59.31 105.27
C VAL H 1496 16.71 57.87 105.65
N TRP H 1497 16.70 57.62 106.96
CA TRP H 1497 17.02 56.30 107.50
C TRP H 1497 15.73 55.51 107.68
N GLY H 1498 15.72 54.28 107.16
CA GLY H 1498 14.54 53.44 107.30
C GLY H 1498 14.17 53.18 108.75
N GLY H 1499 15.14 53.30 109.65
CA GLY H 1499 14.86 53.12 111.07
C GLY H 1499 14.01 54.21 111.67
N ASP H 1500 13.93 55.37 111.01
CA ASP H 1500 13.08 56.45 111.50
C ASP H 1500 11.59 56.15 111.32
N PHE H 1501 11.25 55.13 110.53
CA PHE H 1501 9.86 54.80 110.25
C PHE H 1501 9.44 53.47 110.84
N VAL H 1502 10.22 52.92 111.77
CA VAL H 1502 9.87 51.69 112.47
C VAL H 1502 9.27 52.08 113.81
N SER H 1503 8.00 51.71 114.02
CA SER H 1503 7.33 52.07 115.26
C SER H 1503 8.00 51.38 116.44
N PRO H 1504 8.02 52.00 117.62
CA PRO H 1504 8.65 51.34 118.77
C PRO H 1504 8.02 49.99 119.09
N GLY H 1505 6.71 49.86 118.90
CA GLY H 1505 6.08 48.57 119.10
C GLY H 1505 6.63 47.51 118.16
N GLN H 1506 6.83 47.89 116.89
CA GLN H 1506 7.36 46.94 115.91
C GLN H 1506 8.86 46.73 116.09
N GLN H 1507 9.53 47.65 116.78
CA GLN H 1507 10.97 47.53 116.99
C GLN H 1507 11.29 46.23 117.72
N GLY H 1508 12.32 45.53 117.24
CA GLY H 1508 12.73 44.26 117.80
C GLY H 1508 12.00 43.06 117.21
N ARG H 1509 11.03 43.29 116.33
CA ARG H 1509 10.26 42.22 115.71
C ARG H 1509 10.32 42.36 114.19
N ILE H 1510 10.50 41.25 113.50
CA ILE H 1510 10.55 41.27 112.04
C ILE H 1510 9.13 41.46 111.52
N SER H 1511 8.89 42.60 110.88
CA SER H 1511 7.57 42.90 110.34
C SER H 1511 7.30 42.06 109.10
N HIS H 1512 6.01 41.83 108.84
CA HIS H 1512 5.55 41.11 107.66
C HIS H 1512 4.98 42.04 106.59
N THR H 1513 5.16 43.35 106.74
CA THR H 1513 4.66 44.32 105.79
C THR H 1513 5.81 45.08 105.16
N ASP H 1514 5.65 45.40 103.88
CA ASP H 1514 6.65 46.17 103.15
C ASP H 1514 6.59 47.63 103.59
N LEU H 1515 7.75 48.30 103.54
CA LEU H 1515 7.84 49.71 103.87
C LEU H 1515 8.12 50.50 102.61
N VAL H 1516 7.23 51.43 102.28
CA VAL H 1516 7.36 52.22 101.06
C VAL H 1516 7.76 53.63 101.46
N ILE H 1517 8.94 54.06 101.01
CA ILE H 1517 9.46 55.39 101.27
C ILE H 1517 9.43 56.18 99.97
N GLY H 1518 8.66 57.25 99.93
CA GLY H 1518 8.55 58.10 98.77
C GLY H 1518 9.39 59.35 98.92
N CYS H 1519 10.00 59.77 97.82
CA CYS H 1519 10.84 60.95 97.77
C CYS H 1519 10.26 61.91 96.75
N LEU H 1520 10.05 63.16 97.17
CA LEU H 1520 9.54 64.22 96.33
C LEU H 1520 10.59 65.32 96.21
N VAL H 1521 10.78 65.82 94.99
CA VAL H 1521 11.70 66.92 94.72
C VAL H 1521 10.98 67.96 93.89
N ASP H 1522 11.01 69.21 94.33
CA ASP H 1522 10.45 70.32 93.57
C ASP H 1522 11.59 70.98 92.80
N LEU H 1523 11.66 70.74 91.50
CA LEU H 1523 12.79 71.21 90.72
C LEU H 1523 12.80 72.72 90.54
N ALA H 1524 11.71 73.41 90.89
CA ALA H 1524 11.63 74.86 90.75
C ALA H 1524 11.86 75.60 92.05
N THR H 1525 11.93 74.90 93.18
CA THR H 1525 12.18 75.54 94.47
C THR H 1525 13.36 74.97 95.23
N GLY H 1526 13.89 73.81 94.83
CA GLY H 1526 15.01 73.22 95.52
C GLY H 1526 14.66 72.43 96.76
N LEU H 1527 13.38 72.17 97.00
CA LEU H 1527 12.94 71.50 98.22
C LEU H 1527 12.76 70.01 97.98
N MET H 1528 13.26 69.22 98.93
CA MET H 1528 13.18 67.76 98.87
C MET H 1528 12.52 67.27 100.15
N THR H 1529 11.47 66.47 100.00
CA THR H 1529 10.72 65.93 101.13
C THR H 1529 10.53 64.44 100.97
N PHE H 1530 10.11 63.80 102.06
CA PHE H 1530 9.97 62.34 102.11
C PHE H 1530 8.66 61.95 102.78
N THR H 1531 8.17 60.78 102.42
CA THR H 1531 6.97 60.20 103.02
C THR H 1531 7.26 58.74 103.33
N ALA H 1532 6.62 58.23 104.38
CA ALA H 1532 6.78 56.84 104.79
C ALA H 1532 5.39 56.21 104.91
N ASN H 1533 5.11 55.23 104.06
CA ASN H 1533 3.81 54.56 104.05
C ASN H 1533 2.67 55.58 103.90
N GLY H 1534 2.92 56.60 103.08
CA GLY H 1534 1.94 57.65 102.84
C GLY H 1534 1.95 58.77 103.86
N LYS H 1535 2.66 58.62 104.96
CA LYS H 1535 2.72 59.64 106.00
C LYS H 1535 3.95 60.50 105.78
N GLU H 1536 3.76 61.83 105.79
CA GLU H 1536 4.86 62.74 105.58
C GLU H 1536 5.85 62.66 106.75
N SER H 1537 7.13 62.70 106.42
CA SER H 1537 8.19 62.68 107.43
C SER H 1537 8.67 64.10 107.71
N ASN H 1538 9.40 64.25 108.81
CA ASN H 1538 9.91 65.54 109.22
C ASN H 1538 11.20 65.93 108.49
N THR H 1539 11.86 64.98 107.83
CA THR H 1539 13.11 65.27 107.15
C THR H 1539 12.83 66.05 105.86
N PHE H 1540 13.57 67.14 105.67
CA PHE H 1540 13.49 67.93 104.45
C PHE H 1540 14.86 68.50 104.14
N PHE H 1541 15.12 68.71 102.86
CA PHE H 1541 16.40 69.23 102.40
C PHE H 1541 16.18 70.37 101.42
N GLN H 1542 17.16 71.26 101.35
CA GLN H 1542 17.14 72.39 100.43
C GLN H 1542 18.44 72.40 99.65
N VAL H 1543 18.34 72.38 98.32
CA VAL H 1543 19.50 72.39 97.45
C VAL H 1543 19.45 73.63 96.56
N GLU H 1544 20.61 73.98 96.02
CA GLU H 1544 20.75 75.16 95.18
C GLU H 1544 20.35 74.85 93.75
N PRO H 1545 20.06 75.88 92.95
CA PRO H 1545 19.68 75.64 91.55
C PRO H 1545 20.79 74.98 90.77
N ASN H 1546 20.39 74.23 89.73
CA ASN H 1546 21.27 73.49 88.82
C ASN H 1546 21.86 72.25 89.47
N THR H 1547 21.43 71.90 90.69
CA THR H 1547 21.94 70.71 91.35
C THR H 1547 21.46 69.46 90.63
N LYS H 1548 22.34 68.46 90.57
CA LYS H 1548 22.04 67.17 89.96
C LYS H 1548 21.94 66.13 91.06
N LEU H 1549 20.82 65.41 91.09
CA LEU H 1549 20.57 64.41 92.13
C LEU H 1549 20.23 63.07 91.48
N PHE H 1550 20.93 62.02 91.90
CA PHE H 1550 20.61 60.68 91.45
C PHE H 1550 19.78 59.98 92.51
N PRO H 1551 18.66 59.34 92.16
CA PRO H 1551 17.99 58.49 93.15
C PRO H 1551 18.94 57.42 93.65
N ALA H 1552 18.94 57.20 94.97
CA ALA H 1552 19.93 56.33 95.58
C ALA H 1552 19.32 55.55 96.74
N VAL H 1553 19.88 54.37 96.98
CA VAL H 1553 19.48 53.51 98.09
C VAL H 1553 20.74 52.82 98.62
N PHE H 1554 20.99 52.97 99.92
CA PHE H 1554 22.06 52.26 100.60
C PHE H 1554 21.41 51.23 101.51
N VAL H 1555 21.87 49.97 101.41
CA VAL H 1555 21.19 48.88 102.10
C VAL H 1555 22.20 47.82 102.49
N LEU H 1556 22.00 47.24 103.67
CA LEU H 1556 22.74 46.05 104.08
C LEU H 1556 21.77 44.87 103.98
N PRO H 1557 21.90 44.01 102.97
CA PRO H 1557 20.87 42.98 102.76
C PRO H 1557 20.67 42.10 103.97
N THR H 1558 19.40 41.79 104.27
CA THR H 1558 19.04 40.85 105.31
C THR H 1558 17.98 39.87 104.83
N HIS H 1559 17.76 39.80 103.52
CA HIS H 1559 16.71 38.97 102.95
C HIS H 1559 17.03 38.77 101.47
N GLN H 1560 16.39 37.76 100.87
CA GLN H 1560 16.61 37.50 99.45
C GLN H 1560 16.02 38.62 98.60
N ASN H 1561 14.89 39.18 99.02
CA ASN H 1561 14.29 40.34 98.36
C ASN H 1561 14.66 41.57 99.18
N VAL H 1562 15.49 42.45 98.60
CA VAL H 1562 16.08 43.54 99.35
C VAL H 1562 15.27 44.82 99.21
N VAL H 1563 15.20 45.36 97.99
CA VAL H 1563 14.56 46.64 97.75
C VAL H 1563 14.04 46.69 96.31
N GLN H 1564 13.23 47.71 96.04
CA GLN H 1564 12.63 47.89 94.72
C GLN H 1564 12.47 49.38 94.45
N PHE H 1565 13.14 49.87 93.42
CA PHE H 1565 12.93 51.23 92.92
C PHE H 1565 11.60 51.24 92.17
N GLU H 1566 10.61 51.95 92.69
CA GLU H 1566 9.32 52.10 92.02
C GLU H 1566 9.27 53.49 91.39
N LEU H 1567 9.26 53.53 90.06
CA LEU H 1567 9.27 54.79 89.32
C LEU H 1567 7.84 55.20 88.96
N GLY H 1568 7.01 55.28 89.98
CA GLY H 1568 5.61 55.64 89.85
C GLY H 1568 5.39 57.12 90.01
N LYS H 1569 4.14 57.49 90.31
CA LYS H 1569 3.77 58.89 90.50
C LYS H 1569 2.77 58.98 91.65
N GLN H 1570 2.33 60.20 91.92
CA GLN H 1570 1.28 60.46 92.89
C GLN H 1570 0.30 61.46 92.27
N LYS H 1571 -0.78 61.73 92.99
CA LYS H 1571 -1.77 62.67 92.48
C LYS H 1571 -1.14 64.03 92.24
N ASN H 1572 -1.28 64.53 91.01
CA ASN H 1572 -0.79 65.85 90.63
C ASN H 1572 0.73 65.97 90.76
N ILE H 1573 1.45 64.85 90.77
CA ILE H 1573 2.90 64.82 90.85
C ILE H 1573 3.43 63.95 89.73
N MET H 1574 4.44 64.45 89.02
CA MET H 1574 4.96 63.78 87.84
C MET H 1574 5.92 62.67 88.21
N PRO H 1575 6.09 61.66 87.35
CA PRO H 1575 7.07 60.62 87.60
C PRO H 1575 8.48 61.09 87.27
N LEU H 1576 9.45 60.23 87.61
CA LEU H 1576 10.85 60.59 87.43
C LEU H 1576 11.22 60.68 85.95
N SER H 1577 10.53 59.93 85.09
CA SER H 1577 10.83 59.97 83.67
C SER H 1577 10.59 61.35 83.09
N ALA H 1578 9.53 62.03 83.54
CA ALA H 1578 9.24 63.37 83.03
C ALA H 1578 10.35 64.35 83.37
N ALA H 1579 11.04 64.16 84.48
CA ALA H 1579 12.18 65.01 84.82
C ALA H 1579 13.46 64.57 84.13
N MET H 1580 13.62 63.26 83.94
CA MET H 1580 14.87 62.73 83.40
C MET H 1580 15.00 62.95 81.91
N PHE H 1581 13.90 62.84 81.16
CA PHE H 1581 13.95 62.85 79.71
C PHE H 1581 13.15 64.03 79.17
N LEU H 1582 13.77 64.81 78.28
CA LEU H 1582 13.13 66.00 77.75
C LEU H 1582 11.88 65.66 76.95
N SER H 1583 11.94 64.60 76.14
CA SER H 1583 10.80 64.25 75.32
C SER H 1583 9.59 63.84 76.16
N GLU H 1584 9.81 63.44 77.42
CA GLU H 1584 8.74 63.06 78.32
C GLU H 1584 8.40 64.15 79.33
N ARG H 1585 8.87 65.37 79.08
CA ARG H 1585 8.72 66.44 80.07
C ARG H 1585 7.26 66.66 80.45
N LYS H 1586 6.35 66.51 79.48
CA LYS H 1586 4.93 66.73 79.72
C LYS H 1586 4.13 65.43 79.66
N ASN H 1587 4.79 64.28 79.82
CA ASN H 1587 4.11 62.99 79.77
C ASN H 1587 3.93 62.48 81.19
N PRO H 1588 2.69 62.40 81.70
CA PRO H 1588 2.50 61.93 83.09
C PRO H 1588 2.55 60.42 83.24
N ALA H 1589 2.60 59.66 82.16
CA ALA H 1589 2.65 58.21 82.27
C ALA H 1589 4.02 57.78 82.76
N PRO H 1590 4.13 57.05 83.88
CA PRO H 1590 5.45 56.61 84.33
C PRO H 1590 6.13 55.72 83.30
N GLN H 1591 7.45 55.87 83.18
CA GLN H 1591 8.25 55.12 82.23
C GLN H 1591 9.60 54.78 82.85
N CYS H 1592 10.19 53.70 82.35
CA CYS H 1592 11.53 53.26 82.74
C CYS H 1592 12.29 52.87 81.48
N PRO H 1593 12.79 53.84 80.72
CA PRO H 1593 13.45 53.52 79.45
C PRO H 1593 14.72 52.71 79.69
N PRO H 1594 15.27 52.09 78.64
CA PRO H 1594 16.44 51.22 78.83
C PRO H 1594 17.64 51.93 79.42
N ARG H 1595 17.79 53.24 79.18
CA ARG H 1595 18.95 53.95 79.72
C ARG H 1595 18.92 53.96 81.25
N LEU H 1596 17.74 54.11 81.84
CA LEU H 1596 17.60 54.10 83.29
C LEU H 1596 17.89 52.69 83.81
N GLU H 1597 18.93 52.56 84.63
CA GLU H 1597 19.31 51.27 85.17
C GLU H 1597 19.94 51.48 86.54
N VAL H 1598 20.15 50.38 87.25
CA VAL H 1598 20.70 50.40 88.60
C VAL H 1598 22.21 50.24 88.51
N GLN H 1599 22.93 51.13 89.19
CA GLN H 1599 24.38 51.06 89.28
C GLN H 1599 24.77 50.89 90.74
N MET H 1600 25.85 50.15 90.96
CA MET H 1600 26.37 49.92 92.31
C MET H 1600 27.74 50.57 92.43
N LEU H 1601 28.10 50.89 93.67
CA LEU H 1601 29.40 51.50 93.93
C LEU H 1601 30.49 50.43 93.96
N MET H 1602 31.49 50.60 93.10
CA MET H 1602 32.64 49.72 92.99
C MET H 1602 33.85 50.40 93.61
N PRO H 1603 34.57 49.74 94.53
CA PRO H 1603 35.64 50.44 95.26
C PRO H 1603 36.83 50.84 94.42
N VAL H 1604 37.19 50.05 93.40
CA VAL H 1604 38.41 50.26 92.65
C VAL H 1604 38.11 50.28 91.16
N SER H 1605 38.91 51.03 90.41
CA SER H 1605 38.74 51.12 88.97
C SER H 1605 40.09 51.36 88.31
N TRP H 1606 40.23 50.89 87.08
CA TRP H 1606 41.46 51.13 86.33
C TRP H 1606 41.51 52.58 85.86
N SER H 1607 42.68 53.20 85.99
CA SER H 1607 42.87 54.59 85.58
C SER H 1607 44.23 54.72 84.90
N ARG H 1608 44.26 55.48 83.81
CA ARG H 1608 45.48 55.64 83.01
C ARG H 1608 46.41 56.64 83.67
N MET H 1609 47.67 56.25 83.87
CA MET H 1609 48.65 57.17 84.43
C MET H 1609 49.11 58.15 83.35
N PRO H 1610 49.14 59.44 83.62
CA PRO H 1610 49.63 60.40 82.62
C PRO H 1610 51.07 60.07 82.21
N ASN H 1611 51.36 60.32 80.93
CA ASN H 1611 52.72 60.08 80.45
C ASN H 1611 53.70 61.10 81.01
N HIS H 1612 53.23 62.30 81.31
CA HIS H 1612 54.07 63.36 81.88
C HIS H 1612 53.38 63.95 83.09
N PHE H 1613 54.20 64.45 84.02
CA PHE H 1613 53.71 64.94 85.30
C PHE H 1613 54.27 66.33 85.57
N LEU H 1614 53.50 67.13 86.31
CA LEU H 1614 53.94 68.47 86.67
C LEU H 1614 55.23 68.40 87.48
N GLN H 1615 56.19 69.24 87.11
CA GLN H 1615 57.46 69.32 87.83
C GLN H 1615 57.33 70.38 88.91
N VAL H 1616 57.21 69.94 90.16
CA VAL H 1616 57.05 70.82 91.31
C VAL H 1616 58.33 70.79 92.12
N ASP H 1617 58.84 71.97 92.46
CA ASP H 1617 60.05 72.10 93.26
C ASP H 1617 59.70 72.67 94.62
N THR H 1618 60.09 71.97 95.68
CA THR H 1618 59.84 72.40 97.05
C THR H 1618 61.16 72.50 97.79
N ARG H 1619 61.33 73.59 98.52
CA ARG H 1619 62.57 73.76 99.29
C ARG H 1619 62.36 74.76 100.41
N ARG H 1620 63.16 74.62 101.46
CA ARG H 1620 63.12 75.59 102.55
C ARG H 1620 63.86 76.85 102.12
N ALA H 1621 63.12 77.93 101.88
CA ALA H 1621 63.75 79.16 101.42
C ALA H 1621 64.62 79.78 102.50
N GLY H 1622 64.21 79.63 103.76
CA GLY H 1622 64.97 80.18 104.86
C GLY H 1622 64.17 80.11 106.15
N GLU H 1623 64.80 80.57 107.23
CA GLU H 1623 64.14 80.58 108.52
C GLU H 1623 63.04 81.63 108.58
N ARG H 1624 63.16 82.69 107.78
CA ARG H 1624 62.16 83.74 107.74
C ARG H 1624 61.27 83.67 106.51
N LEU H 1625 61.77 83.13 105.39
CA LEU H 1625 60.98 83.09 104.16
C LEU H 1625 59.98 81.95 104.17
N GLY H 1626 60.30 80.83 104.83
CA GLY H 1626 59.38 79.72 104.90
C GLY H 1626 59.73 78.58 103.96
N TRP H 1627 58.71 77.93 103.40
CA TRP H 1627 58.90 76.79 102.52
C TRP H 1627 58.31 77.11 101.15
N ALA H 1628 59.17 77.20 100.15
CA ALA H 1628 58.79 77.64 98.82
C ALA H 1628 58.38 76.46 97.95
N VAL H 1629 57.26 76.64 97.24
CA VAL H 1629 56.75 75.72 96.22
C VAL H 1629 56.74 76.47 94.90
N GLN H 1630 57.29 75.84 93.85
CA GLN H 1630 57.39 76.47 92.55
C GLN H 1630 56.98 75.47 91.47
N CYS H 1631 56.23 75.96 90.48
CA CYS H 1631 55.86 75.15 89.32
C CYS H 1631 55.74 76.09 88.13
N GLN H 1632 56.59 75.89 87.12
CA GLN H 1632 56.70 76.83 86.01
C GLN H 1632 56.35 76.26 84.66
N GLU H 1633 56.55 74.96 84.43
CA GLU H 1633 56.37 74.39 83.10
C GLU H 1633 54.89 74.00 82.89
N PRO H 1634 54.22 74.52 81.87
CA PRO H 1634 52.81 74.18 81.67
C PRO H 1634 52.62 72.74 81.24
N LEU H 1635 51.46 72.19 81.55
CA LEU H 1635 51.11 70.83 81.18
C LEU H 1635 49.60 70.74 81.05
N MET H 1636 49.12 70.31 79.89
CA MET H 1636 47.70 70.24 79.60
C MET H 1636 47.34 68.86 79.11
N MET H 1637 46.06 68.51 79.25
CA MET H 1637 45.52 67.28 78.71
C MET H 1637 44.17 67.57 78.06
N MET H 1638 43.82 66.75 77.08
CA MET H 1638 42.49 66.82 76.48
C MET H 1638 41.54 65.96 77.31
N ALA H 1639 40.56 66.62 77.93
CA ALA H 1639 39.64 65.96 78.83
C ALA H 1639 38.33 65.63 78.11
N LEU H 1640 37.87 64.40 78.28
CA LEU H 1640 36.59 63.95 77.78
C LEU H 1640 35.60 63.93 78.94
N HIS H 1641 34.50 64.66 78.79
CA HIS H 1641 33.58 64.93 79.88
C HIS H 1641 32.24 64.26 79.61
N ILE H 1642 31.77 63.47 80.57
CA ILE H 1642 30.45 62.85 80.51
C ILE H 1642 29.46 63.82 81.15
N PRO H 1643 28.53 64.42 80.39
CA PRO H 1643 27.69 65.47 80.98
C PRO H 1643 26.83 65.01 82.13
N GLU H 1644 26.14 63.87 82.01
CA GLU H 1644 25.17 63.49 83.03
C GLU H 1644 25.83 63.17 84.36
N GLU H 1645 27.07 62.67 84.34
CA GLU H 1645 27.77 62.31 85.55
C GLU H 1645 28.67 63.41 86.08
N ASN H 1646 28.75 64.55 85.39
CA ASN H 1646 29.59 65.66 85.80
C ASN H 1646 30.99 65.17 86.14
N ARG H 1647 31.53 64.35 85.25
CA ARG H 1647 32.82 63.71 85.43
C ARG H 1647 33.62 63.85 84.16
N CYS H 1648 34.94 63.76 84.28
CA CYS H 1648 35.83 63.82 83.13
C CYS H 1648 36.97 62.83 83.30
N MET H 1649 37.54 62.44 82.16
CA MET H 1649 38.70 61.56 82.13
C MET H 1649 39.64 62.06 81.06
N ASP H 1650 40.83 61.46 81.00
CA ASP H 1650 41.71 61.72 79.88
C ASP H 1650 41.17 61.02 78.63
N ILE H 1651 41.09 61.77 77.53
CA ILE H 1651 40.58 61.18 76.30
C ILE H 1651 41.40 59.97 75.88
N LEU H 1652 42.66 59.90 76.30
CA LEU H 1652 43.51 58.77 75.98
C LEU H 1652 43.05 57.49 76.65
N GLU H 1653 42.16 57.57 77.64
CA GLU H 1653 41.57 56.36 78.22
C GLU H 1653 40.67 55.62 77.24
N LEU H 1654 40.28 56.27 76.14
CA LEU H 1654 39.47 55.60 75.14
C LEU H 1654 40.24 54.52 74.39
N SER H 1655 41.56 54.45 74.57
CA SER H 1655 42.31 53.32 74.02
C SER H 1655 41.86 52.01 74.64
N GLU H 1656 41.41 52.05 75.91
CA GLU H 1656 40.90 50.86 76.58
C GLU H 1656 39.39 50.87 76.76
N ARG H 1657 38.77 52.04 76.85
CA ARG H 1657 37.31 52.14 76.95
C ARG H 1657 36.74 52.16 75.53
N LEU H 1658 36.50 50.96 75.00
CA LEU H 1658 36.23 50.82 73.57
C LEU H 1658 34.84 51.30 73.19
N ASP H 1659 33.84 51.11 74.06
CA ASP H 1659 32.50 51.59 73.73
C ASP H 1659 32.48 53.10 73.61
N LEU H 1660 33.08 53.79 74.57
CA LEU H 1660 33.19 55.25 74.47
C LEU H 1660 34.00 55.65 73.26
N GLN H 1661 35.05 54.90 72.94
CA GLN H 1661 35.85 55.20 71.75
C GLN H 1661 35.00 55.14 70.49
N ARG H 1662 34.21 54.07 70.34
CA ARG H 1662 33.36 53.94 69.17
C ARG H 1662 32.33 55.05 69.11
N PHE H 1663 31.69 55.35 70.24
CA PHE H 1663 30.67 56.39 70.25
C PHE H 1663 31.28 57.75 69.89
N HIS H 1664 32.47 58.05 70.41
CA HIS H 1664 33.06 59.35 70.15
C HIS H 1664 33.55 59.45 68.71
N SER H 1665 34.09 58.36 68.15
CA SER H 1665 34.47 58.39 66.75
C SER H 1665 33.26 58.62 65.87
N HIS H 1666 32.13 57.98 66.18
CA HIS H 1666 30.92 58.23 65.43
C HIS H 1666 30.38 59.63 65.67
N THR H 1667 30.62 60.21 66.84
CA THR H 1667 30.25 61.61 67.07
C THR H 1667 31.06 62.54 66.17
N LEU H 1668 32.35 62.28 66.02
CA LEU H 1668 33.16 63.05 65.08
C LEU H 1668 32.64 62.90 63.66
N SER H 1669 32.27 61.66 63.30
CA SER H 1669 31.65 61.44 61.99
C SER H 1669 30.39 62.28 61.84
N LEU H 1670 29.59 62.38 62.90
CA LEU H 1670 28.36 63.18 62.84
C LEU H 1670 28.68 64.65 62.65
N TYR H 1671 29.72 65.16 63.34
CA TYR H 1671 30.13 66.53 63.12
C TYR H 1671 30.49 66.76 61.66
N ARG H 1672 31.28 65.85 61.09
CA ARG H 1672 31.65 65.98 59.69
C ARG H 1672 30.43 65.94 58.79
N SER H 1673 29.47 65.06 59.10
CA SER H 1673 28.27 64.95 58.29
C SER H 1673 27.44 66.23 58.34
N VAL H 1674 27.28 66.82 59.53
CA VAL H 1674 26.45 68.01 59.66
C VAL H 1674 27.10 69.23 59.03
N CYS H 1675 28.43 69.28 58.95
CA CYS H 1675 29.09 70.38 58.26
C CYS H 1675 29.53 70.00 56.85
N ALA H 1676 29.09 68.85 56.34
CA ALA H 1676 29.57 68.35 55.06
C ALA H 1676 29.03 69.16 53.88
N LEU H 1677 29.85 69.26 52.84
CA LEU H 1677 29.43 69.77 51.54
C LEU H 1677 28.98 71.23 51.61
N GLY H 1678 29.77 72.05 52.29
CA GLY H 1678 29.62 73.49 52.20
C GLY H 1678 28.73 74.14 53.24
N ASN H 1679 28.40 73.45 54.32
CA ASN H 1679 27.59 74.05 55.39
C ASN H 1679 28.52 74.82 56.32
N ASN H 1680 28.93 76.00 55.85
CA ASN H 1680 29.86 76.83 56.61
C ASN H 1680 29.24 77.37 57.89
N ARG H 1681 27.93 77.60 57.92
CA ARG H 1681 27.28 77.99 59.16
C ARG H 1681 27.45 76.91 60.24
N VAL H 1682 27.20 75.66 59.87
CA VAL H 1682 27.36 74.57 60.83
C VAL H 1682 28.82 74.37 61.17
N ALA H 1683 29.72 74.64 60.23
CA ALA H 1683 31.15 74.58 60.54
C ALA H 1683 31.52 75.61 61.60
N HIS H 1684 31.00 76.84 61.46
CA HIS H 1684 31.23 77.86 62.46
C HIS H 1684 30.66 77.43 63.81
N ALA H 1685 29.48 76.82 63.81
CA ALA H 1685 28.92 76.32 65.05
C ALA H 1685 29.81 75.26 65.68
N LEU H 1686 30.32 74.33 64.86
CA LEU H 1686 31.17 73.26 65.38
C LEU H 1686 32.48 73.81 65.93
N CYS H 1687 32.93 74.96 65.42
CA CYS H 1687 34.12 75.57 65.99
C CYS H 1687 33.96 75.88 67.47
N SER H 1688 32.72 76.02 67.95
CA SER H 1688 32.48 76.23 69.37
C SER H 1688 32.58 74.95 70.19
N HIS H 1689 32.39 73.80 69.56
CA HIS H 1689 32.40 72.52 70.26
C HIS H 1689 33.76 71.82 70.19
N VAL H 1690 34.46 71.95 69.07
CA VAL H 1690 35.82 71.45 68.93
C VAL H 1690 36.67 72.62 68.45
N ASP H 1691 37.34 73.27 69.38
CA ASP H 1691 38.01 74.53 69.07
C ASP H 1691 39.35 74.28 68.40
N GLN H 1692 39.96 75.38 67.96
CA GLN H 1692 41.21 75.31 67.21
C GLN H 1692 42.32 74.69 68.05
N ALA H 1693 42.39 75.04 69.33
CA ALA H 1693 43.41 74.46 70.20
C ALA H 1693 43.23 72.95 70.31
N GLN H 1694 41.99 72.50 70.48
CA GLN H 1694 41.74 71.06 70.57
C GLN H 1694 42.16 70.36 69.28
N LEU H 1695 41.79 70.92 68.13
CA LEU H 1695 42.14 70.28 66.86
C LEU H 1695 43.65 70.21 66.67
N LEU H 1696 44.35 71.32 66.95
CA LEU H 1696 45.79 71.34 66.76
C LEU H 1696 46.48 70.38 67.73
N HIS H 1697 45.97 70.27 68.96
CA HIS H 1697 46.53 69.31 69.90
C HIS H 1697 46.31 67.88 69.42
N ALA H 1698 45.11 67.59 68.92
CA ALA H 1698 44.82 66.25 68.44
C ALA H 1698 45.69 65.88 67.26
N LEU H 1699 46.05 66.86 66.43
CA LEU H 1699 46.91 66.57 65.29
C LEU H 1699 48.24 65.98 65.74
N GLU H 1700 48.82 66.53 66.81
CA GLU H 1700 50.13 66.11 67.27
C GLU H 1700 50.08 65.04 68.37
N ASP H 1701 48.91 64.73 68.90
CA ASP H 1701 48.80 63.74 69.97
C ASP H 1701 49.22 62.38 69.44
N ALA H 1702 50.38 61.90 69.87
CA ALA H 1702 50.90 60.63 69.38
C ALA H 1702 50.31 59.41 70.08
N ARG H 1703 49.65 59.60 71.23
CA ARG H 1703 49.06 58.50 71.97
C ARG H 1703 47.58 58.31 71.65
N LEU H 1704 47.01 59.13 70.79
CA LEU H 1704 45.60 59.06 70.49
C LEU H 1704 45.28 57.75 69.78
N PRO H 1705 44.18 57.08 70.09
CA PRO H 1705 43.81 55.88 69.33
C PRO H 1705 43.59 56.21 67.86
N GLY H 1706 43.89 55.25 67.01
CA GLY H 1706 43.86 55.46 65.57
C GLY H 1706 42.56 56.02 65.05
N PRO H 1707 41.43 55.43 65.44
CA PRO H 1707 40.14 55.97 65.01
C PRO H 1707 39.93 57.42 65.39
N LEU H 1708 40.31 57.81 66.60
CA LEU H 1708 40.13 59.20 67.02
C LEU H 1708 41.11 60.13 66.31
N ARG H 1709 42.34 59.66 66.07
CA ARG H 1709 43.31 60.45 65.31
C ARG H 1709 42.78 60.75 63.91
N ALA H 1710 42.31 59.71 63.22
CA ALA H 1710 41.76 59.90 61.89
C ALA H 1710 40.52 60.77 61.93
N GLY H 1711 39.66 60.56 62.91
CA GLY H 1711 38.45 61.36 63.02
C GLY H 1711 38.75 62.83 63.23
N TYR H 1712 39.75 63.15 64.05
CA TYR H 1712 40.06 64.55 64.31
C TYR H 1712 40.76 65.20 63.13
N TYR H 1713 41.64 64.47 62.43
CA TYR H 1713 42.19 65.01 61.20
C TYR H 1713 41.09 65.32 60.20
N ASP H 1714 40.16 64.37 60.01
CA ASP H 1714 39.07 64.59 59.08
C ASP H 1714 38.15 65.72 59.54
N LEU H 1715 37.96 65.86 60.85
CA LEU H 1715 37.14 66.95 61.36
C LEU H 1715 37.78 68.30 61.08
N LEU H 1716 39.09 68.41 61.28
CA LEU H 1716 39.77 69.65 60.94
C LEU H 1716 39.60 69.97 59.46
N ILE H 1717 39.82 68.97 58.60
CA ILE H 1717 39.68 69.19 57.17
C ILE H 1717 38.25 69.63 56.84
N SER H 1718 37.26 68.95 57.42
CA SER H 1718 35.86 69.25 57.10
C SER H 1718 35.47 70.65 57.55
N ILE H 1719 35.87 71.02 58.77
CA ILE H 1719 35.48 72.32 59.30
C ILE H 1719 36.16 73.45 58.55
N HIS H 1720 37.48 73.33 58.31
CA HIS H 1720 38.26 74.48 57.89
C HIS H 1720 38.71 74.44 56.43
N LEU H 1721 38.88 73.27 55.83
CA LEU H 1721 39.53 73.17 54.53
C LEU H 1721 38.67 72.56 53.43
N GLU H 1722 37.61 71.82 53.78
CA GLU H 1722 36.90 71.05 52.77
C GLU H 1722 36.27 71.95 51.70
N SER H 1723 35.59 73.02 52.12
CA SER H 1723 34.91 73.88 51.16
C SER H 1723 35.91 74.57 50.24
N ALA H 1724 36.97 75.15 50.80
CA ALA H 1724 37.97 75.82 49.98
C ALA H 1724 38.64 74.84 49.02
N CYS H 1725 38.98 73.65 49.52
CA CYS H 1725 39.61 72.65 48.65
C CYS H 1725 38.70 72.26 47.51
N ARG H 1726 37.41 72.03 47.79
CA ARG H 1726 36.48 71.66 46.74
C ARG H 1726 36.34 72.78 45.71
N SER H 1727 36.20 74.02 46.17
CA SER H 1727 36.05 75.13 45.25
C SER H 1727 37.30 75.29 44.37
N ARG H 1728 38.48 75.17 44.96
CA ARG H 1728 39.70 75.28 44.18
C ARG H 1728 39.84 74.12 43.21
N ARG H 1729 39.48 72.91 43.62
CA ARG H 1729 39.58 71.76 42.74
C ARG H 1729 38.66 71.91 41.54
N SER H 1730 37.46 72.45 41.75
CA SER H 1730 36.55 72.66 40.62
C SER H 1730 37.17 73.55 39.56
N MET H 1731 38.00 74.52 39.96
CA MET H 1731 38.61 75.46 39.04
C MET H 1731 39.95 74.99 38.50
N LEU H 1732 40.60 74.04 39.17
CA LEU H 1732 41.95 73.63 38.79
C LEU H 1732 42.03 72.96 37.43
N SER H 1733 40.90 72.58 36.84
CA SER H 1733 40.89 71.90 35.54
C SER H 1733 40.81 72.87 34.36
N GLU H 1734 40.77 74.17 34.62
CA GLU H 1734 40.71 75.19 33.58
C GLU H 1734 41.92 76.10 33.68
N TYR H 1735 42.34 76.65 32.54
CA TYR H 1735 43.56 77.46 32.44
C TYR H 1735 43.22 78.75 31.72
N ILE H 1736 42.79 79.75 32.49
CA ILE H 1736 42.56 81.10 31.96
C ILE H 1736 43.84 81.89 32.20
N VAL H 1737 44.64 82.09 31.15
CA VAL H 1737 45.97 82.66 31.26
C VAL H 1737 45.88 84.14 30.91
N PRO H 1738 46.12 85.06 31.85
CA PRO H 1738 46.18 86.48 31.49
C PRO H 1738 47.50 86.81 30.83
N LEU H 1739 47.44 87.64 29.79
CA LEU H 1739 48.62 88.01 29.01
C LEU H 1739 49.37 89.14 29.71
N THR H 1740 50.09 88.77 30.76
CA THR H 1740 50.87 89.67 31.57
C THR H 1740 52.35 89.37 31.41
N PRO H 1741 53.23 90.26 31.89
CA PRO H 1741 54.67 89.98 31.82
C PRO H 1741 55.05 88.69 32.53
N GLU H 1742 54.39 88.37 33.64
CA GLU H 1742 54.65 87.10 34.31
C GLU H 1742 54.38 85.94 33.38
N THR H 1743 53.26 86.00 32.64
CA THR H 1743 52.96 84.96 31.66
C THR H 1743 54.03 84.93 30.56
N ARG H 1744 54.43 86.11 30.07
CA ARG H 1744 55.42 86.16 29.00
C ARG H 1744 56.73 85.52 29.44
N ALA H 1745 57.07 85.61 30.73
CA ALA H 1745 58.32 85.07 31.23
C ALA H 1745 58.31 83.56 31.39
N ILE H 1746 57.16 82.89 31.21
CA ILE H 1746 57.08 81.46 31.44
C ILE H 1746 57.71 80.72 30.27
N THR H 1747 58.51 79.70 30.59
CA THR H 1747 59.16 78.87 29.59
C THR H 1747 58.99 77.40 29.94
N LEU H 1748 58.99 76.54 28.92
CA LEU H 1748 58.78 75.12 29.14
C LEU H 1748 59.84 74.55 30.07
N PHE H 1749 61.11 74.85 29.79
CA PHE H 1749 62.22 74.34 30.58
C PHE H 1749 62.89 75.47 31.35
N PRO H 1750 63.38 75.21 32.55
CA PRO H 1750 64.04 76.27 33.32
C PRO H 1750 65.31 76.73 32.62
N PRO H 1751 65.63 78.02 32.68
CA PRO H 1751 66.92 78.48 32.14
C PRO H 1751 68.08 77.85 32.90
N GLY H 1752 68.93 77.12 32.17
CA GLY H 1752 70.03 76.42 32.79
C GLY H 1752 71.25 76.43 31.89
N ARG H 1753 72.41 76.15 32.52
CA ARG H 1753 73.67 76.16 31.78
C ARG H 1753 73.68 75.10 30.69
N SER H 1754 73.15 73.91 30.99
CA SER H 1754 73.13 72.85 29.99
C SER H 1754 72.34 73.28 28.76
N ALA H 1755 71.15 73.87 28.98
CA ALA H 1755 70.36 74.45 27.91
C ALA H 1755 69.24 75.28 28.49
N GLU H 1756 69.08 76.52 28.02
CA GLU H 1756 68.01 77.37 28.54
C GLU H 1756 66.64 76.76 28.24
N ASP H 1757 66.46 76.24 27.03
CA ASP H 1757 65.25 75.51 26.68
C ASP H 1757 65.65 74.24 25.94
N GLY H 1758 64.99 73.14 26.28
CA GLY H 1758 65.29 71.86 25.70
C GLY H 1758 66.08 70.88 26.56
N PRO H 1759 66.63 71.29 27.71
CA PRO H 1759 67.50 70.38 28.45
C PRO H 1759 66.74 69.18 28.99
N ARG H 1760 67.49 68.11 29.26
CA ARG H 1760 66.89 66.89 29.78
C ARG H 1760 66.31 67.07 31.18
N ARG H 1761 66.64 68.16 31.87
CA ARG H 1761 66.25 68.36 33.25
C ARG H 1761 65.03 69.28 33.31
N HIS H 1762 63.89 68.74 33.74
CA HIS H 1762 62.72 69.54 33.99
C HIS H 1762 62.90 70.38 35.25
N GLY H 1763 62.07 71.40 35.40
CA GLY H 1763 61.95 72.06 36.67
C GLY H 1763 61.15 71.23 37.65
N LEU H 1764 61.29 71.56 38.93
CA LEU H 1764 60.58 70.81 39.95
C LEU H 1764 59.08 71.02 39.78
N PRO H 1765 58.28 69.97 39.72
CA PRO H 1765 56.84 70.16 39.50
C PRO H 1765 56.21 70.94 40.63
N GLY H 1766 55.25 71.79 40.28
CA GLY H 1766 54.56 72.60 41.27
C GLY H 1766 55.39 73.72 41.84
N VAL H 1767 56.55 74.00 41.28
CA VAL H 1767 57.45 75.04 41.77
C VAL H 1767 57.72 76.00 40.62
N GLY H 1768 57.50 77.29 40.87
CA GLY H 1768 57.73 78.31 39.87
C GLY H 1768 56.55 79.25 39.79
N VAL H 1769 56.47 79.94 38.66
CA VAL H 1769 55.44 80.95 38.45
C VAL H 1769 54.28 80.32 37.68
N THR H 1770 53.08 80.47 38.22
CA THR H 1770 51.84 80.05 37.56
C THR H 1770 50.92 81.25 37.49
N THR H 1771 50.32 81.47 36.31
CA THR H 1771 49.50 82.65 36.09
C THR H 1771 48.03 82.33 35.85
N SER H 1772 47.66 81.06 35.72
CA SER H 1772 46.26 80.72 35.52
C SER H 1772 45.41 81.28 36.64
N LEU H 1773 44.27 81.85 36.29
CA LEU H 1773 43.43 82.52 37.27
C LEU H 1773 42.75 81.50 38.16
N ARG H 1774 42.85 81.70 39.46
CA ARG H 1774 42.15 80.87 40.45
C ARG H 1774 41.63 81.83 41.52
N PRO H 1775 40.33 81.87 41.79
CA PRO H 1775 39.81 82.82 42.77
C PRO H 1775 40.40 82.55 44.14
N PRO H 1776 40.61 83.60 44.95
CA PRO H 1776 41.24 83.39 46.26
C PRO H 1776 40.31 82.68 47.23
N HIS H 1777 40.89 82.21 48.32
CA HIS H 1777 40.13 81.60 49.41
C HIS H 1777 39.56 82.69 50.31
N HIS H 1778 38.33 82.49 50.76
CA HIS H 1778 37.66 83.43 51.66
C HIS H 1778 37.29 82.71 52.94
N PHE H 1779 37.72 83.27 54.08
CA PHE H 1779 37.42 82.72 55.38
C PHE H 1779 36.93 83.85 56.29
N SER H 1780 36.23 83.46 57.35
CA SER H 1780 35.81 84.42 58.36
C SER H 1780 36.24 83.93 59.74
N PRO H 1781 36.52 84.85 60.66
CA PRO H 1781 37.00 84.43 61.99
C PRO H 1781 35.90 83.75 62.77
N PRO H 1782 36.21 82.67 63.49
CA PRO H 1782 35.24 82.10 64.44
C PRO H 1782 35.12 83.01 65.66
N CYS H 1783 33.91 83.51 65.91
CA CYS H 1783 33.67 84.41 67.03
C CYS H 1783 32.19 84.36 67.38
N PHE H 1784 31.90 84.13 68.65
CA PHE H 1784 30.53 83.96 69.11
C PHE H 1784 30.14 85.04 70.12
N VAL H 1785 30.73 86.23 69.99
CA VAL H 1785 30.30 87.41 70.72
C VAL H 1785 29.90 88.54 69.80
N VAL H 1786 30.02 88.35 68.49
CA VAL H 1786 29.65 89.40 67.53
C VAL H 1786 28.13 89.55 67.51
N ALA H 1787 27.69 90.77 67.24
CA ALA H 1787 26.26 91.02 67.12
C ALA H 1787 25.69 90.23 65.94
N LEU H 1788 24.63 89.50 66.19
CA LEU H 1788 24.01 88.70 65.14
C LEU H 1788 23.36 89.61 64.12
N PRO H 1789 23.45 89.30 62.82
CA PRO H 1789 22.87 90.22 61.82
C PRO H 1789 21.35 90.12 61.79
N ALA H 1790 20.68 91.25 62.05
CA ALA H 1790 19.23 91.27 62.03
C ALA H 1790 18.66 91.06 60.63
N ALA H 1791 19.48 91.13 59.59
CA ALA H 1791 19.02 90.92 58.23
C ALA H 1791 18.23 89.63 58.13
N GLY H 1792 17.16 89.67 57.32
CA GLY H 1792 16.28 88.54 57.17
C GLY H 1792 16.98 87.31 56.63
N ALA H 1793 16.49 86.13 57.01
CA ALA H 1793 17.09 84.90 56.55
C ALA H 1793 16.89 84.72 55.05
N THR H 1794 17.76 83.91 54.45
CA THR H 1794 17.71 83.64 53.01
C THR H 1794 18.04 84.91 52.20
N GLU H 1795 18.61 85.90 52.88
CA GLU H 1795 19.02 87.14 52.23
C GLU H 1795 20.42 87.53 52.64
N ALA H 1796 20.87 87.06 53.80
CA ALA H 1796 22.20 87.42 54.28
C ALA H 1796 23.26 86.71 53.43
N PRO H 1797 24.45 87.29 53.28
CA PRO H 1797 25.51 86.60 52.54
C PRO H 1797 25.82 85.24 53.15
N ALA H 1798 26.09 84.26 52.30
CA ALA H 1798 26.43 82.92 52.78
C ALA H 1798 27.66 82.97 53.66
N ARG H 1799 27.62 82.22 54.76
CA ARG H 1799 28.74 82.20 55.69
C ARG H 1799 29.99 81.68 55.00
N LEU H 1800 31.12 82.28 55.36
CA LEU H 1800 32.42 81.78 54.90
C LEU H 1800 32.92 80.70 55.84
N SER H 1801 33.83 79.89 55.33
CA SER H 1801 34.39 78.82 56.14
C SER H 1801 35.16 79.42 57.32
N PRO H 1802 35.08 78.83 58.51
CA PRO H 1802 35.83 79.37 59.65
C PRO H 1802 37.32 79.34 59.37
N ALA H 1803 38.03 80.36 59.85
CA ALA H 1803 39.45 80.52 59.59
C ALA H 1803 40.27 79.73 60.60
N ILE H 1804 41.45 79.30 60.16
CA ILE H 1804 42.44 78.66 61.02
C ILE H 1804 43.81 79.08 60.48
N PRO H 1805 44.78 79.45 61.33
CA PRO H 1805 46.05 79.97 60.80
C PRO H 1805 46.73 79.02 59.82
N LEU H 1806 46.77 79.42 58.56
CA LEU H 1806 47.20 78.50 57.51
C LEU H 1806 48.72 78.33 57.51
N GLU H 1807 49.46 79.40 57.82
CA GLU H 1807 50.92 79.27 57.88
C GLU H 1807 51.33 78.28 58.96
N ALA H 1808 50.79 78.45 60.17
CA ALA H 1808 51.11 77.51 61.24
C ALA H 1808 50.61 76.11 60.91
N LEU H 1809 49.42 76.00 60.32
CA LEU H 1809 48.91 74.68 59.98
C LEU H 1809 49.82 73.98 58.97
N ARG H 1810 50.29 74.70 57.95
CA ARG H 1810 51.15 74.09 56.94
C ARG H 1810 52.50 73.71 57.52
N ASP H 1811 53.06 74.56 58.40
CA ASP H 1811 54.31 74.20 59.05
C ASP H 1811 54.14 72.94 59.89
N LYS H 1812 53.04 72.86 60.64
CA LYS H 1812 52.80 71.68 61.45
C LYS H 1812 52.63 70.44 60.58
N ALA H 1813 51.92 70.57 59.46
CA ALA H 1813 51.71 69.44 58.57
C ALA H 1813 53.04 68.95 58.01
N LEU H 1814 53.91 69.86 57.58
CA LEU H 1814 55.21 69.44 57.05
C LEU H 1814 56.04 68.76 58.13
N ARG H 1815 56.06 69.33 59.34
CA ARG H 1815 56.82 68.71 60.42
C ARG H 1815 56.29 67.32 60.73
N MET H 1816 54.97 67.16 60.76
CA MET H 1816 54.36 65.87 61.07
C MET H 1816 54.68 64.85 59.99
N LEU H 1817 54.63 65.26 58.71
CA LEU H 1817 54.97 64.33 57.64
C LEU H 1817 56.43 63.90 57.74
N GLY H 1818 57.33 64.84 58.02
CA GLY H 1818 58.72 64.47 58.21
C GLY H 1818 58.92 63.50 59.35
N GLU H 1819 58.25 63.75 60.48
CA GLU H 1819 58.35 62.85 61.61
C GLU H 1819 57.81 61.47 61.27
N ALA H 1820 56.70 61.41 60.54
CA ALA H 1820 56.14 60.12 60.14
C ALA H 1820 57.11 59.36 59.24
N VAL H 1821 57.74 60.06 58.30
CA VAL H 1821 58.70 59.41 57.42
C VAL H 1821 59.87 58.85 58.24
N ARG H 1822 60.39 59.65 59.17
CA ARG H 1822 61.50 59.20 60.00
C ARG H 1822 61.12 57.98 60.83
N ASP H 1823 59.95 58.01 61.46
CA ASP H 1823 59.51 56.89 62.29
C ASP H 1823 59.31 55.64 61.45
N GLY H 1824 58.71 55.78 60.27
CA GLY H 1824 58.59 54.64 59.38
C GLY H 1824 59.93 54.07 59.00
N GLY H 1825 60.92 54.94 58.81
CA GLY H 1825 62.27 54.45 58.59
C GLY H 1825 62.80 53.65 59.76
N GLN H 1826 62.56 54.13 60.98
CA GLN H 1826 63.03 53.42 62.17
C GLN H 1826 62.32 52.11 62.43
N HIS H 1827 61.06 51.97 61.99
CA HIS H 1827 60.29 50.74 62.17
C HIS H 1827 60.14 50.41 63.66
N ALA H 1828 59.44 51.28 64.37
CA ALA H 1828 59.13 51.06 65.77
C ALA H 1828 57.95 50.11 65.90
N ARG H 1829 57.76 49.59 67.12
CA ARG H 1829 56.67 48.66 67.41
C ARG H 1829 55.45 49.34 68.00
N ASP H 1830 55.46 50.67 68.14
CA ASP H 1830 54.31 51.43 68.64
C ASP H 1830 54.05 52.60 67.69
N PRO H 1831 53.57 52.32 66.48
CA PRO H 1831 53.31 53.40 65.53
C PRO H 1831 52.25 54.36 66.04
N VAL H 1832 52.39 55.63 65.69
CA VAL H 1832 51.41 56.63 66.07
C VAL H 1832 50.05 56.23 65.51
N GLY H 1833 49.05 56.15 66.39
CA GLY H 1833 47.73 55.74 66.00
C GLY H 1833 47.48 54.25 66.03
N GLY H 1834 48.52 53.44 66.26
CA GLY H 1834 48.39 52.01 66.37
C GLY H 1834 48.83 51.24 65.14
N SER H 1835 49.04 51.91 64.01
CA SER H 1835 49.46 51.22 62.80
C SER H 1835 50.06 52.23 61.83
N VAL H 1836 50.77 51.69 60.84
CA VAL H 1836 51.37 52.54 59.82
C VAL H 1836 50.30 53.31 59.07
N GLU H 1837 49.17 52.66 58.78
CA GLU H 1837 48.08 53.35 58.10
C GLU H 1837 47.57 54.52 58.94
N PHE H 1838 47.27 54.27 60.21
CA PHE H 1838 46.77 55.34 61.07
C PHE H 1838 47.81 56.42 61.32
N GLN H 1839 49.10 56.12 61.12
CA GLN H 1839 50.13 57.13 61.25
C GLN H 1839 50.24 58.00 60.00
N PHE H 1840 50.17 57.39 58.81
CA PHE H 1840 50.44 58.10 57.57
C PHE H 1840 49.21 58.69 56.90
N VAL H 1841 48.10 57.94 56.83
CA VAL H 1841 46.96 58.38 56.04
C VAL H 1841 46.45 59.75 56.46
N PRO H 1842 46.25 60.03 57.75
CA PRO H 1842 45.73 61.36 58.11
C PRO H 1842 46.67 62.50 57.74
N VAL H 1843 47.96 62.34 58.01
CA VAL H 1843 48.93 63.38 57.68
C VAL H 1843 48.97 63.60 56.17
N LEU H 1844 48.98 62.51 55.40
CA LEU H 1844 48.99 62.63 53.95
C LEU H 1844 47.73 63.28 53.44
N LYS H 1845 46.58 62.98 54.03
CA LYS H 1845 45.34 63.64 53.63
C LYS H 1845 45.42 65.13 53.88
N LEU H 1846 45.93 65.54 55.05
CA LEU H 1846 46.06 66.97 55.34
C LEU H 1846 47.01 67.63 54.35
N VAL H 1847 48.13 66.98 54.06
CA VAL H 1847 49.12 67.57 53.14
C VAL H 1847 48.53 67.70 51.75
N SER H 1848 47.82 66.67 51.28
CA SER H 1848 47.20 66.74 49.97
C SER H 1848 46.15 67.84 49.90
N THR H 1849 45.35 67.97 50.96
CA THR H 1849 44.34 69.03 50.99
C THR H 1849 44.99 70.39 50.89
N LEU H 1850 46.03 70.63 51.68
CA LEU H 1850 46.72 71.93 51.63
C LEU H 1850 47.37 72.16 50.27
N LEU H 1851 47.96 71.12 49.69
CA LEU H 1851 48.58 71.25 48.37
C LEU H 1851 47.55 71.66 47.33
N VAL H 1852 46.41 70.96 47.30
CA VAL H 1852 45.37 71.30 46.33
C VAL H 1852 44.86 72.71 46.57
N MET H 1853 44.71 73.09 47.85
CA MET H 1853 44.34 74.46 48.17
C MET H 1853 45.38 75.46 47.72
N GLY H 1854 46.62 75.03 47.51
CA GLY H 1854 47.65 75.92 46.99
C GLY H 1854 48.25 76.84 48.03
N VAL H 1855 48.21 76.47 49.30
CA VAL H 1855 48.73 77.31 50.36
C VAL H 1855 50.22 77.09 50.61
N PHE H 1856 50.79 75.99 50.13
CA PHE H 1856 52.20 75.72 50.34
C PHE H 1856 53.06 76.65 49.50
N SER H 1857 54.15 77.13 50.08
CA SER H 1857 55.11 77.96 49.37
C SER H 1857 56.04 77.09 48.54
N ASP H 1858 56.92 77.75 47.78
CA ASP H 1858 57.86 77.00 46.94
C ASP H 1858 58.79 76.14 47.79
N GLU H 1859 59.29 76.69 48.91
CA GLU H 1859 60.16 75.91 49.78
C GLU H 1859 59.41 74.72 50.36
N ASP H 1860 58.15 74.91 50.75
CA ASP H 1860 57.37 73.80 51.28
C ASP H 1860 57.15 72.73 50.23
N VAL H 1861 56.87 73.13 48.99
CA VAL H 1861 56.69 72.15 47.92
C VAL H 1861 57.98 71.40 47.66
N LYS H 1862 59.13 72.10 47.74
CA LYS H 1862 60.41 71.43 47.57
C LYS H 1862 60.64 70.42 48.68
N GLN H 1863 60.29 70.77 49.92
CA GLN H 1863 60.42 69.83 51.02
C GLN H 1863 59.53 68.60 50.79
N ILE H 1864 58.29 68.83 50.33
CA ILE H 1864 57.39 67.71 50.08
C ILE H 1864 57.95 66.80 49.00
N LEU H 1865 58.48 67.40 47.92
CA LEU H 1865 59.05 66.61 46.84
C LEU H 1865 60.26 65.82 47.31
N LYS H 1866 61.11 66.43 48.15
CA LYS H 1866 62.25 65.70 48.68
C LYS H 1866 61.82 64.56 49.60
N MET H 1867 60.75 64.76 50.36
CA MET H 1867 60.21 63.66 51.15
C MET H 1867 59.70 62.54 50.26
N ILE H 1868 59.04 62.89 49.14
CA ILE H 1868 58.53 61.87 48.23
C ILE H 1868 59.67 61.09 47.61
N GLU H 1869 60.70 61.78 47.12
CA GLU H 1869 61.82 61.14 46.45
C GLU H 1869 63.06 62.01 46.55
N PRO H 1870 63.98 61.72 47.47
CA PRO H 1870 65.14 62.60 47.64
C PRO H 1870 66.01 62.74 46.40
N GLU H 1871 66.16 61.69 45.60
CA GLU H 1871 67.09 61.71 44.48
C GLU H 1871 66.49 62.36 43.24
N VAL H 1872 65.26 61.97 42.88
CA VAL H 1872 64.65 62.51 41.67
C VAL H 1872 64.44 64.01 41.80
N PHE H 1873 64.08 64.48 42.99
CA PHE H 1873 63.72 65.88 43.22
C PHE H 1873 64.79 66.61 44.01
N ARG H 1874 66.02 66.12 43.98
CA ARG H 1874 67.13 66.83 44.59
C ARG H 1874 67.35 68.17 43.90
N GLU H 1875 67.74 69.17 44.68
CA GLU H 1875 67.98 70.50 44.15
C GLU H 1875 69.42 70.60 43.65
N GLU H 1876 69.57 71.01 42.40
CA GLU H 1876 70.89 71.16 41.78
C GLU H 1876 71.73 72.17 42.55
N LEU H 1923 65.34 61.24 55.25
CA LEU H 1923 66.51 60.38 55.13
C LEU H 1923 66.57 59.92 53.68
N GLU H 1924 67.67 59.27 53.28
CA GLU H 1924 67.94 58.99 51.87
C GLU H 1924 66.91 58.08 51.21
N GLU H 1925 65.83 57.75 51.89
CA GLU H 1925 64.74 56.94 51.36
C GLU H 1925 63.45 57.74 51.44
N GLY H 1926 62.78 57.91 50.30
CA GLY H 1926 61.55 58.67 50.25
C GLY H 1926 60.33 57.82 50.56
N LEU H 1927 59.16 58.47 50.52
CA LEU H 1927 57.92 57.75 50.81
C LEU H 1927 57.67 56.66 49.79
N LEU H 1928 57.97 56.93 48.51
CA LEU H 1928 57.59 56.01 47.45
C LEU H 1928 58.25 54.65 47.60
N GLN H 1929 59.34 54.55 48.35
CA GLN H 1929 59.97 53.27 48.66
C GLN H 1929 60.00 53.11 50.18
N MET H 1930 58.90 52.63 50.75
CA MET H 1930 58.84 52.42 52.19
C MET H 1930 58.02 51.19 52.57
N LYS H 1931 57.63 50.37 51.60
CA LYS H 1931 56.81 49.21 51.91
C LYS H 1931 55.56 49.65 52.67
N LEU H 1932 54.69 50.41 52.02
CA LEU H 1932 53.56 51.04 52.68
C LEU H 1932 52.26 50.31 52.36
N PRO H 1933 51.25 50.43 53.23
CA PRO H 1933 49.96 49.80 52.93
C PRO H 1933 49.26 50.44 51.74
N GLU H 1934 48.13 49.84 51.36
CA GLU H 1934 47.44 50.27 50.14
C GLU H 1934 46.77 51.63 50.32
N SER H 1935 46.26 51.93 51.51
CA SER H 1935 45.68 53.25 51.74
C SER H 1935 46.74 54.34 51.65
N VAL H 1936 47.91 54.08 52.22
CA VAL H 1936 49.00 55.04 52.11
C VAL H 1936 49.43 55.18 50.65
N LYS H 1937 49.43 54.06 49.91
CA LYS H 1937 49.73 54.13 48.48
C LYS H 1937 48.71 54.99 47.75
N LEU H 1938 47.44 54.89 48.14
CA LEU H 1938 46.41 55.73 47.52
C LEU H 1938 46.66 57.21 47.79
N GLN H 1939 47.03 57.54 49.03
CA GLN H 1939 47.35 58.94 49.34
C GLN H 1939 48.57 59.41 48.54
N MET H 1940 49.58 58.56 48.41
CA MET H 1940 50.73 58.90 47.57
C MET H 1940 50.31 59.11 46.12
N CYS H 1941 49.35 58.32 45.64
CA CYS H 1941 48.83 58.51 44.29
C CYS H 1941 48.14 59.87 44.18
N HIS H 1942 47.42 60.29 45.22
CA HIS H 1942 46.81 61.63 45.18
C HIS H 1942 47.87 62.71 45.08
N LEU H 1943 48.95 62.58 45.85
CA LEU H 1943 50.03 63.56 45.77
C LEU H 1943 50.65 63.60 44.38
N LEU H 1944 50.93 62.42 43.81
CA LEU H 1944 51.49 62.36 42.46
C LEU H 1944 50.51 62.93 41.44
N GLU H 1945 49.22 62.72 41.64
CA GLU H 1945 48.22 63.31 40.76
C GLU H 1945 48.30 64.83 40.79
N TYR H 1946 48.44 65.40 41.99
CA TYR H 1946 48.57 66.85 42.08
C TYR H 1946 49.79 67.33 41.32
N PHE H 1947 50.93 66.65 41.48
CA PHE H 1947 52.14 67.13 40.83
C PHE H 1947 52.07 66.95 39.31
N CYS H 1948 51.46 65.87 38.83
CA CYS H 1948 51.25 65.72 37.40
C CYS H 1948 50.33 66.79 36.85
N ASP H 1949 49.28 67.14 37.60
CA ASP H 1949 48.41 68.24 37.19
C ASP H 1949 49.18 69.54 37.11
N GLN H 1950 50.07 69.80 38.06
CA GLN H 1950 50.91 71.00 37.99
C GLN H 1950 51.81 70.99 36.77
N GLU H 1951 52.38 69.84 36.42
CA GLU H 1951 53.19 69.76 35.21
C GLU H 1951 52.35 70.07 33.96
N LEU H 1952 51.14 69.52 33.89
CA LEU H 1952 50.26 69.81 32.76
C LEU H 1952 49.94 71.29 32.68
N GLN H 1953 49.64 71.90 33.83
CA GLN H 1953 49.35 73.33 33.86
C GLN H 1953 50.56 74.14 33.39
N HIS H 1954 51.76 73.74 33.80
CA HIS H 1954 52.96 74.44 33.35
C HIS H 1954 53.11 74.34 31.83
N ARG H 1955 52.84 73.15 31.27
CA ARG H 1955 52.91 73.01 29.83
C ARG H 1955 51.90 73.94 29.15
N VAL H 1956 50.68 74.00 29.66
CA VAL H 1956 49.65 74.84 29.04
C VAL H 1956 50.07 76.30 29.09
N GLU H 1957 50.59 76.75 30.24
CA GLU H 1957 50.98 78.15 30.38
C GLU H 1957 52.17 78.50 29.51
N SER H 1958 53.14 77.59 29.38
CA SER H 1958 54.26 77.83 28.48
C SER H 1958 53.77 77.94 27.04
N LEU H 1959 52.84 77.08 26.65
CA LEU H 1959 52.25 77.17 25.32
C LEU H 1959 51.55 78.50 25.13
N ALA H 1960 50.83 78.98 26.15
CA ALA H 1960 50.15 80.27 26.04
C ALA H 1960 51.15 81.42 25.86
N ALA H 1961 52.24 81.41 26.62
CA ALA H 1961 53.23 82.48 26.49
C ALA H 1961 53.88 82.46 25.10
N PHE H 1962 54.27 81.27 24.63
CA PHE H 1962 54.82 81.19 23.29
C PHE H 1962 53.81 81.64 22.26
N ALA H 1963 52.54 81.31 22.46
CA ALA H 1963 51.50 81.75 21.54
C ALA H 1963 51.44 83.26 21.49
N GLU H 1964 51.52 83.92 22.66
CA GLU H 1964 51.52 85.38 22.67
C GLU H 1964 52.68 85.93 21.83
N CYS H 1965 53.90 85.49 22.11
CA CYS H 1965 55.04 86.04 21.38
C CYS H 1965 54.95 85.75 19.89
N TYR H 1966 54.64 84.50 19.53
CA TYR H 1966 54.60 84.10 18.13
C TYR H 1966 53.50 84.83 17.39
N VAL H 1967 52.35 85.02 18.03
CA VAL H 1967 51.25 85.72 17.39
C VAL H 1967 51.61 87.18 17.17
N ASP H 1968 52.31 87.79 18.12
CA ASP H 1968 52.79 89.16 17.90
C ASP H 1968 53.69 89.22 16.67
N LYS H 1969 54.62 88.27 16.56
CA LYS H 1969 55.53 88.28 15.42
C LYS H 1969 54.79 88.04 14.11
N MET H 1970 53.82 87.12 14.11
CA MET H 1970 53.04 86.85 12.90
C MET H 1970 52.26 88.07 12.47
N GLN H 1971 51.63 88.76 13.42
CA GLN H 1971 50.86 89.95 13.10
C GLN H 1971 51.77 91.04 12.53
N GLY H 1972 52.95 91.23 13.13
CA GLY H 1972 53.88 92.21 12.60
C GLY H 1972 54.31 91.87 11.19
N ASN H 1973 54.60 90.59 10.93
CA ASN H 1973 55.00 90.17 9.59
C ASN H 1973 53.87 90.42 8.59
N GLN H 1974 52.63 90.10 8.97
CA GLN H 1974 51.52 90.33 8.06
C GLN H 1974 51.34 91.82 7.76
N ARG H 1975 51.50 92.66 8.78
CA ARG H 1975 51.40 94.10 8.56
C ARG H 1975 52.48 94.57 7.58
N GLY H 1976 53.71 94.11 7.78
CA GLY H 1976 54.77 94.49 6.86
C GLY H 1976 54.52 94.02 5.45
N ARG H 1977 54.02 92.79 5.30
CA ARG H 1977 53.74 92.26 3.96
C ARG H 1977 52.62 93.02 3.29
N TYR H 1978 51.59 93.41 4.05
CA TYR H 1978 50.54 94.24 3.47
C TYR H 1978 51.09 95.59 3.03
N GLY H 1979 51.96 96.18 3.85
CA GLY H 1979 52.58 97.44 3.44
C GLY H 1979 53.33 97.30 2.14
N LEU H 1980 54.13 96.23 2.02
CA LEU H 1980 54.88 96.00 0.78
C LEU H 1980 53.94 95.81 -0.40
N LEU H 1981 52.88 95.01 -0.21
CA LEU H 1981 51.96 94.75 -1.31
C LEU H 1981 51.28 96.03 -1.77
N MET H 1982 50.83 96.87 -0.82
CA MET H 1982 50.17 98.11 -1.19
C MET H 1982 51.14 99.06 -1.87
N LYS H 1983 52.37 99.14 -1.37
CA LYS H 1983 53.35 100.05 -1.96
C LYS H 1983 53.90 99.52 -3.28
N ALA H 1984 53.66 98.26 -3.62
CA ALA H 1984 54.11 97.72 -4.89
C ALA H 1984 53.31 98.33 -6.04
N PHE H 1985 53.95 98.37 -7.22
CA PHE H 1985 53.28 98.88 -8.41
C PHE H 1985 52.10 98.01 -8.83
N THR H 1986 52.00 96.78 -8.33
CA THR H 1986 50.92 95.88 -8.71
C THR H 1986 50.88 95.69 -10.23
N MET H 1987 52.04 95.32 -10.79
CA MET H 1987 52.15 95.15 -12.24
C MET H 1987 51.12 94.14 -12.74
N SER H 1988 50.98 93.02 -12.04
CA SER H 1988 50.05 91.96 -12.43
C SER H 1988 48.83 92.03 -11.52
N ALA H 1989 47.68 92.39 -12.09
CA ALA H 1989 46.45 92.44 -11.31
C ALA H 1989 46.11 91.06 -10.74
N ALA H 1990 46.39 90.00 -11.52
CA ALA H 1990 46.17 88.65 -11.02
C ALA H 1990 47.06 88.38 -9.80
N GLU H 1991 48.32 88.80 -9.86
CA GLU H 1991 49.21 88.62 -8.71
C GLU H 1991 48.70 89.38 -7.50
N THR H 1992 48.24 90.62 -7.70
CA THR H 1992 47.72 91.40 -6.60
C THR H 1992 46.49 90.74 -5.99
N ALA H 1993 45.59 90.23 -6.83
CA ALA H 1993 44.40 89.55 -6.32
C ALA H 1993 44.77 88.29 -5.55
N ARG H 1994 45.73 87.52 -6.07
CA ARG H 1994 46.15 86.31 -5.37
C ARG H 1994 46.77 86.64 -4.02
N ARG H 1995 47.59 87.70 -3.96
CA ARG H 1995 48.16 88.11 -2.69
C ARG H 1995 47.09 88.57 -1.72
N THR H 1996 46.09 89.31 -2.21
CA THR H 1996 45.04 89.82 -1.33
C THR H 1996 44.02 88.76 -0.95
N ARG H 1997 44.02 87.59 -1.61
CA ARG H 1997 43.18 86.50 -1.13
C ARG H 1997 43.41 86.23 0.36
N GLU H 1998 44.67 86.11 0.77
CA GLU H 1998 44.96 85.86 2.18
C GLU H 1998 44.32 86.92 3.07
N PHE H 1999 44.55 88.18 2.74
CA PHE H 1999 44.14 89.26 3.64
C PHE H 1999 42.64 89.48 3.58
N ARG H 2000 41.95 88.94 2.57
CA ARG H 2000 40.50 88.91 2.55
C ARG H 2000 39.94 87.64 3.17
N SER H 2001 40.78 86.65 3.49
CA SER H 2001 40.32 85.45 4.16
C SER H 2001 40.01 85.75 5.63
N PRO H 2002 39.17 84.94 6.27
CA PRO H 2002 38.89 85.15 7.70
C PRO H 2002 40.15 84.97 8.53
N PRO H 2003 40.25 85.64 9.69
CA PRO H 2003 41.49 85.54 10.49
C PRO H 2003 41.88 84.13 10.88
N GLN H 2004 40.91 83.27 11.20
CA GLN H 2004 41.24 81.90 11.56
C GLN H 2004 41.87 81.17 10.38
N GLU H 2005 41.32 81.36 9.18
CA GLU H 2005 41.91 80.75 8.00
C GLU H 2005 43.28 81.32 7.70
N GLN H 2006 43.46 82.62 7.94
CA GLN H 2006 44.77 83.23 7.78
C GLN H 2006 45.78 82.57 8.70
N ILE H 2007 45.40 82.34 9.96
CA ILE H 2007 46.31 81.69 10.91
C ILE H 2007 46.62 80.27 10.45
N ASN H 2008 45.59 79.53 10.02
CA ASN H 2008 45.81 78.17 9.57
C ASN H 2008 46.78 78.14 8.38
N MET H 2009 46.59 79.03 7.41
CA MET H 2009 47.47 79.07 6.26
C MET H 2009 48.89 79.44 6.66
N LEU H 2010 49.03 80.43 7.55
CA LEU H 2010 50.35 80.87 7.98
C LEU H 2010 51.07 79.84 8.84
N LEU H 2011 50.35 78.91 9.46
CA LEU H 2011 50.96 77.86 10.24
C LEU H 2011 51.14 76.57 9.46
N HIS H 2012 50.48 76.41 8.32
CA HIS H 2012 50.58 75.18 7.53
C HIS H 2012 51.92 75.10 6.82
N PHE H 2013 52.96 74.85 7.62
CA PHE H 2013 54.29 74.59 7.08
C PHE H 2013 55.03 73.50 7.85
N LYS H 2014 54.31 72.63 8.56
CA LYS H 2014 54.97 71.59 9.35
C LYS H 2014 55.82 70.67 8.48
N ASN H 2015 55.25 70.22 7.36
CA ASN H 2015 55.94 69.33 6.44
C ASN H 2015 56.62 70.08 5.31
N GLY H 2016 56.95 71.34 5.53
CA GLY H 2016 57.59 72.15 4.50
C GLY H 2016 56.57 72.87 3.64
N ALA H 2017 57.00 74.03 3.13
CA ALA H 2017 56.14 74.83 2.27
C ALA H 2017 56.98 75.93 1.63
N ASP H 2018 56.51 76.40 0.48
CA ASP H 2018 57.18 77.46 -0.24
C ASP H 2018 56.69 78.83 0.26
N GLU H 2019 57.29 79.88 -0.28
CA GLU H 2019 56.94 81.24 0.12
C GLU H 2019 55.67 81.71 -0.59
N GLU H 2020 54.96 80.80 -1.23
CA GLU H 2020 53.68 81.09 -1.87
C GLU H 2020 52.51 80.44 -1.16
N GLU H 2021 52.63 79.16 -0.80
CA GLU H 2021 51.59 78.51 -0.02
C GLU H 2021 51.55 79.02 1.41
N CYS H 2022 52.68 79.54 1.90
CA CYS H 2022 52.77 80.10 3.25
C CYS H 2022 53.83 81.18 3.27
N PRO H 2023 53.45 82.47 3.26
CA PRO H 2023 54.46 83.53 3.17
C PRO H 2023 55.22 83.78 4.47
N LEU H 2024 55.03 82.97 5.50
CA LEU H 2024 55.71 83.22 6.76
C LEU H 2024 57.22 83.08 6.56
N PRO H 2025 58.04 84.01 7.07
CA PRO H 2025 59.48 83.91 6.86
C PRO H 2025 60.10 82.69 7.53
N GLU H 2026 61.26 82.32 7.00
CA GLU H 2026 61.96 81.13 7.49
C GLU H 2026 62.36 81.27 8.94
N GLU H 2027 62.69 82.49 9.38
CA GLU H 2027 63.10 82.69 10.77
C GLU H 2027 61.95 82.37 11.72
N ILE H 2028 60.76 82.87 11.40
CA ILE H 2028 59.59 82.64 12.24
C ILE H 2028 59.21 81.16 12.19
N ARG H 2029 59.29 80.56 11.00
CA ARG H 2029 59.05 79.12 10.89
C ARG H 2029 60.00 78.34 11.79
N GLN H 2030 61.28 78.71 11.79
CA GLN H 2030 62.26 78.02 12.60
C GLN H 2030 61.97 78.20 14.08
N GLU H 2031 61.52 79.38 14.47
CA GLU H 2031 61.14 79.59 15.87
C GLU H 2031 60.02 78.64 16.28
N LEU H 2032 58.99 78.51 15.44
CA LEU H 2032 57.91 77.58 15.77
C LEU H 2032 58.42 76.15 15.83
N VAL H 2033 59.30 75.78 14.89
CA VAL H 2033 59.83 74.42 14.88
C VAL H 2033 60.61 74.14 16.15
N ASN H 2034 61.43 75.10 16.58
CA ASN H 2034 62.19 74.94 17.82
C ASN H 2034 61.26 74.77 19.02
N PHE H 2035 60.22 75.59 19.09
CA PHE H 2035 59.29 75.45 20.22
C PHE H 2035 58.59 74.11 20.19
N HIS H 2036 58.22 73.64 19.00
CA HIS H 2036 57.58 72.33 18.89
C HIS H 2036 58.50 71.22 19.37
N GLN H 2037 59.77 71.28 18.98
CA GLN H 2037 60.74 70.30 19.46
C GLN H 2037 60.86 70.37 20.98
N ASP H 2038 60.90 71.57 21.55
CA ASP H 2038 60.98 71.70 22.99
C ASP H 2038 59.75 71.10 23.67
N LEU H 2039 58.56 71.34 23.11
CA LEU H 2039 57.35 70.78 23.69
C LEU H 2039 57.35 69.26 23.65
N LEU H 2040 57.77 68.69 22.52
CA LEU H 2040 57.85 67.24 22.43
C LEU H 2040 58.85 66.69 23.45
N ALA H 2041 60.00 67.34 23.58
CA ALA H 2041 60.99 66.90 24.57
C ALA H 2041 60.42 66.96 25.99
N HIS H 2042 59.71 68.05 26.31
CA HIS H 2042 59.12 68.18 27.62
C HIS H 2042 58.09 67.08 27.88
N CYS H 2043 57.26 66.78 26.90
CA CYS H 2043 56.30 65.69 27.01
C CYS H 2043 56.96 64.32 26.97
N GLY H 2044 58.25 64.26 26.65
CA GLY H 2044 58.96 63.01 26.52
C GLY H 2044 58.83 62.36 25.16
N ILE H 2045 58.03 62.96 24.27
CA ILE H 2045 57.81 62.38 22.95
C ILE H 2045 59.12 62.33 22.17
N GLN H 2046 59.88 63.41 22.23
CA GLN H 2046 61.15 63.49 21.51
C GLN H 2046 62.07 62.37 21.97
N LEU H 2047 62.62 61.62 21.03
CA LEU H 2047 63.47 60.48 21.34
C LEU H 2047 64.53 60.30 20.26
N GLU H 2089 67.54 54.34 32.52
CA GLU H 2089 68.45 54.41 33.65
C GLU H 2089 67.77 53.83 34.89
N HIS H 2090 68.55 53.13 35.72
CA HIS H 2090 67.97 52.47 36.88
C HIS H 2090 67.33 53.47 37.85
N LYS H 2091 67.75 54.74 37.81
CA LYS H 2091 67.06 55.78 38.57
C LYS H 2091 66.18 56.59 37.63
N PRO H 2092 64.97 56.99 38.05
CA PRO H 2092 64.06 57.69 37.13
C PRO H 2092 64.64 58.97 36.55
N GLN H 2093 65.03 59.91 37.42
CA GLN H 2093 65.57 61.21 37.04
C GLN H 2093 64.52 62.17 36.51
N SER H 2094 63.24 61.80 36.54
CA SER H 2094 62.18 62.70 36.11
C SER H 2094 60.87 62.26 36.76
N LEU H 2095 59.92 63.19 36.80
CA LEU H 2095 58.61 62.87 37.39
C LEU H 2095 57.91 61.77 36.59
N GLN H 2096 57.96 61.86 35.26
CA GLN H 2096 57.30 60.86 34.42
C GLN H 2096 57.88 59.47 34.67
N GLU H 2097 59.21 59.37 34.59
CA GLU H 2097 59.85 58.07 34.83
C GLU H 2097 59.58 57.57 36.24
N LEU H 2098 59.63 58.47 37.22
CA LEU H 2098 59.39 58.07 38.61
C LEU H 2098 57.99 57.49 38.77
N VAL H 2099 56.98 58.18 38.25
CA VAL H 2099 55.61 57.71 38.39
C VAL H 2099 55.44 56.37 37.66
N SER H 2100 55.96 56.27 36.44
CA SER H 2100 55.84 55.03 35.69
C SER H 2100 56.47 53.86 36.44
N HIS H 2101 57.71 54.05 36.88
CA HIS H 2101 58.43 52.96 37.57
C HIS H 2101 57.73 52.61 38.87
N THR H 2102 57.26 53.60 39.61
CA THR H 2102 56.60 53.33 40.89
C THR H 2102 55.32 52.53 40.69
N VAL H 2103 54.48 52.96 39.75
CA VAL H 2103 53.22 52.25 39.51
C VAL H 2103 53.49 50.82 39.06
N VAL H 2104 54.42 50.65 38.11
CA VAL H 2104 54.72 49.32 37.62
C VAL H 2104 55.29 48.45 38.73
N ARG H 2105 56.17 49.01 39.55
CA ARG H 2105 56.75 48.23 40.64
C ARG H 2105 55.70 47.80 41.64
N TRP H 2106 54.77 48.70 41.99
CA TRP H 2106 53.70 48.32 42.90
C TRP H 2106 52.87 47.18 42.33
N ALA H 2107 52.46 47.31 41.07
CA ALA H 2107 51.66 46.26 40.44
C ALA H 2107 52.42 44.95 40.36
N GLN H 2108 53.74 45.01 40.14
CA GLN H 2108 54.54 43.80 40.07
C GLN H 2108 54.72 43.16 41.44
N GLU H 2109 54.83 43.97 42.48
CA GLU H 2109 55.08 43.48 43.82
C GLU H 2109 53.85 42.89 44.47
N ASP H 2110 52.66 43.44 44.21
CA ASP H 2110 51.47 42.93 44.87
C ASP H 2110 50.31 42.86 43.89
N PHE H 2111 49.40 41.93 44.17
CA PHE H 2111 48.10 41.88 43.51
C PHE H 2111 47.20 42.87 44.23
N VAL H 2112 47.16 44.11 43.72
CA VAL H 2112 46.50 45.19 44.44
C VAL H 2112 45.03 44.84 44.64
N GLN H 2113 44.56 44.99 45.87
CA GLN H 2113 43.20 44.64 46.23
C GLN H 2113 42.24 45.81 46.21
N SER H 2114 42.73 47.04 46.32
CA SER H 2114 41.85 48.20 46.36
C SER H 2114 41.53 48.65 44.94
N PRO H 2115 40.28 48.56 44.49
CA PRO H 2115 39.96 49.05 43.14
C PRO H 2115 40.24 50.53 42.96
N GLU H 2116 40.03 51.34 44.00
CA GLU H 2116 40.36 52.76 43.90
C GLU H 2116 41.85 52.95 43.68
N LEU H 2117 42.69 52.23 44.42
CA LEU H 2117 44.12 52.32 44.22
C LEU H 2117 44.51 51.89 42.81
N VAL H 2118 43.92 50.79 42.33
CA VAL H 2118 44.24 50.30 40.99
C VAL H 2118 43.91 51.35 39.95
N ARG H 2119 42.71 51.93 40.05
CA ARG H 2119 42.28 52.95 39.10
C ARG H 2119 43.22 54.14 39.15
N ALA H 2120 43.58 54.59 40.36
CA ALA H 2120 44.44 55.76 40.48
C ALA H 2120 45.80 55.50 39.85
N MET H 2121 46.42 54.36 40.14
CA MET H 2121 47.76 54.13 39.63
C MET H 2121 47.75 53.92 38.12
N PHE H 2122 46.71 53.29 37.58
CA PHE H 2122 46.69 53.12 36.12
C PHE H 2122 46.34 54.43 35.41
N SER H 2123 45.54 55.30 36.03
CA SER H 2123 45.35 56.64 35.47
C SER H 2123 46.67 57.40 35.45
N LEU H 2124 47.43 57.33 36.53
CA LEU H 2124 48.73 57.99 36.56
C LEU H 2124 49.66 57.43 35.48
N LEU H 2125 49.66 56.11 35.32
CA LEU H 2125 50.51 55.50 34.31
C LEU H 2125 50.11 55.95 32.91
N HIS H 2126 48.80 56.01 32.63
CA HIS H 2126 48.37 56.48 31.32
C HIS H 2126 48.80 57.92 31.09
N ARG H 2127 48.66 58.77 32.10
CA ARG H 2127 49.11 60.16 31.93
C ARG H 2127 50.60 60.22 31.64
N GLN H 2128 51.40 59.41 32.34
CA GLN H 2128 52.84 59.41 32.07
C GLN H 2128 53.16 58.94 30.66
N TYR H 2129 52.49 57.89 30.17
CA TYR H 2129 52.80 57.34 28.87
C TYR H 2129 52.30 58.21 27.72
N ASP H 2130 51.18 58.89 27.89
CA ASP H 2130 50.63 59.77 26.85
C ASP H 2130 50.63 61.20 27.38
N GLY H 2131 51.76 61.88 27.23
CA GLY H 2131 51.85 63.26 27.69
C GLY H 2131 51.30 64.24 26.68
N LEU H 2132 51.57 64.00 25.40
CA LEU H 2132 51.04 64.88 24.35
C LEU H 2132 49.52 64.77 24.27
N GLY H 2133 48.98 63.57 24.43
CA GLY H 2133 47.54 63.42 24.44
C GLY H 2133 46.87 64.15 25.59
N GLU H 2134 47.52 64.13 26.76
CA GLU H 2134 46.98 64.85 27.90
C GLU H 2134 46.91 66.35 27.62
N LEU H 2135 47.98 66.91 27.06
CA LEU H 2135 47.98 68.33 26.70
C LEU H 2135 46.92 68.62 25.64
N LEU H 2136 46.79 67.73 24.67
CA LEU H 2136 45.79 67.91 23.61
C LEU H 2136 44.39 67.95 24.20
N ARG H 2137 44.09 67.05 25.14
CA ARG H 2137 42.77 67.01 25.75
C ARG H 2137 42.56 68.14 26.76
N ALA H 2138 43.63 68.72 27.29
CA ALA H 2138 43.50 69.85 28.21
C ALA H 2138 43.37 71.19 27.51
N LEU H 2139 43.91 71.31 26.31
CA LEU H 2139 43.89 72.61 25.62
C LEU H 2139 42.49 73.16 25.39
N PRO H 2140 41.46 72.37 25.06
CA PRO H 2140 40.12 72.94 24.86
C PRO H 2140 39.65 73.79 26.03
N ARG H 2141 40.23 73.57 27.21
CA ARG H 2141 39.87 74.32 28.41
C ARG H 2141 40.85 75.44 28.72
N ALA H 2142 41.78 75.73 27.82
CA ALA H 2142 42.70 76.84 27.97
C ALA H 2142 42.13 78.06 27.25
N TYR H 2143 42.46 79.25 27.77
CA TYR H 2143 41.92 80.49 27.24
C TYR H 2143 42.80 81.64 27.69
N THR H 2144 43.24 82.46 26.75
CA THR H 2144 44.03 83.64 27.06
C THR H 2144 43.14 84.88 27.06
N ILE H 2145 43.36 85.76 28.03
CA ILE H 2145 42.62 87.00 28.16
C ILE H 2145 43.60 88.13 28.37
N SER H 2146 43.15 89.35 28.09
CA SER H 2146 43.94 90.55 28.29
C SER H 2146 43.90 90.95 29.76
N VAL H 2147 44.85 91.81 30.15
CA VAL H 2147 44.95 92.21 31.54
C VAL H 2147 43.69 92.94 32.00
N SER H 2148 43.10 93.73 31.12
CA SER H 2148 41.94 94.54 31.50
C SER H 2148 40.74 93.69 31.89
N SER H 2149 40.71 92.42 31.50
CA SER H 2149 39.59 91.55 31.79
C SER H 2149 39.77 90.71 33.05
N VAL H 2150 40.90 90.88 33.75
CA VAL H 2150 41.24 89.96 34.84
C VAL H 2150 40.25 90.10 35.99
N GLU H 2151 39.93 91.33 36.37
CA GLU H 2151 39.04 91.55 37.51
C GLU H 2151 37.65 90.99 37.25
N ASP H 2152 37.10 91.28 36.08
CA ASP H 2152 35.77 90.77 35.75
C ASP H 2152 35.79 89.25 35.61
N THR H 2153 36.87 88.68 35.08
CA THR H 2153 36.98 87.23 35.00
C THR H 2153 37.03 86.61 36.39
N MET H 2154 37.72 87.26 37.33
CA MET H 2154 37.75 86.75 38.70
C MET H 2154 36.36 86.79 39.34
N SER H 2155 35.64 87.88 39.14
CA SER H 2155 34.27 87.95 39.66
C SER H 2155 33.40 86.85 39.05
N LEU H 2156 33.51 86.66 37.74
CA LEU H 2156 32.74 85.62 37.08
C LEU H 2156 33.10 84.25 37.61
N LEU H 2157 34.39 84.01 37.86
CA LEU H 2157 34.82 82.73 38.40
C LEU H 2157 34.28 82.50 39.80
N GLU H 2158 34.22 83.56 40.61
CA GLU H 2158 33.62 83.43 41.94
C GLU H 2158 32.14 83.05 41.84
N CYS H 2159 31.40 83.73 40.96
CA CYS H 2159 30.00 83.40 40.79
C CYS H 2159 29.82 81.96 40.28
N LEU H 2160 30.64 81.55 39.33
CA LEU H 2160 30.56 80.20 38.80
C LEU H 2160 30.93 79.18 39.87
N GLY H 2161 31.87 79.51 40.74
CA GLY H 2161 32.19 78.63 41.85
C GLY H 2161 31.02 78.44 42.79
N GLN H 2162 30.30 79.53 43.09
CA GLN H 2162 29.11 79.41 43.91
C GLN H 2162 28.07 78.52 43.23
N ILE H 2163 27.85 78.75 41.93
CA ILE H 2163 26.86 77.96 41.21
C ILE H 2163 27.25 76.48 41.22
N ARG H 2164 28.53 76.19 40.97
CA ARG H 2164 28.99 74.80 40.99
C ARG H 2164 28.83 74.19 42.37
N SER H 2165 29.17 74.93 43.42
CA SER H 2165 28.98 74.44 44.78
C SER H 2165 27.52 74.12 45.09
N LEU H 2166 26.59 74.83 44.46
CA LEU H 2166 25.18 74.53 44.63
C LEU H 2166 24.72 73.27 43.89
N LEU H 2167 25.63 72.51 43.28
CA LEU H 2167 25.26 71.27 42.61
C LEU H 2167 25.27 70.06 43.53
N ILE H 2168 25.78 70.19 44.76
CA ILE H 2168 25.91 69.07 45.67
C ILE H 2168 25.00 69.24 46.89
N VAL H 2169 24.02 70.12 46.81
CA VAL H 2169 23.11 70.40 47.92
C VAL H 2169 21.68 70.48 47.38
N GLN H 2170 20.75 69.92 48.14
CA GLN H 2170 19.34 70.00 47.78
C GLN H 2170 18.88 71.45 47.78
N MET H 2171 18.08 71.81 46.79
CA MET H 2171 17.64 73.20 46.65
C MET H 2171 16.73 73.58 47.81
N GLY H 2172 16.96 74.77 48.34
CA GLY H 2172 16.13 75.36 49.35
C GLY H 2172 15.99 76.85 49.10
N PRO H 2173 15.37 77.58 50.02
CA PRO H 2173 15.25 79.04 49.83
C PRO H 2173 16.61 79.73 49.75
N GLN H 2174 17.53 79.40 50.65
CA GLN H 2174 18.84 80.04 50.63
C GLN H 2174 19.61 79.71 49.36
N GLU H 2175 19.59 78.43 48.96
CA GLU H 2175 20.29 78.05 47.73
C GLU H 2175 19.66 78.72 46.52
N GLU H 2176 18.33 78.83 46.50
CA GLU H 2176 17.65 79.52 45.41
C GLU H 2176 18.08 80.97 45.34
N ASN H 2177 18.14 81.65 46.48
CA ASN H 2177 18.56 83.05 46.49
C ASN H 2177 20.00 83.18 46.00
N LEU H 2178 20.88 82.28 46.45
CA LEU H 2178 22.27 82.35 46.01
C LEU H 2178 22.38 82.10 44.51
N MET H 2179 21.63 81.13 44.00
CA MET H 2179 21.66 80.85 42.56
C MET H 2179 21.18 82.06 41.77
N ILE H 2180 20.09 82.68 42.19
CA ILE H 2180 19.56 83.82 41.46
C ILE H 2180 20.56 84.97 41.49
N GLN H 2181 21.17 85.23 42.65
CA GLN H 2181 22.14 86.31 42.76
C GLN H 2181 23.35 86.05 41.87
N SER H 2182 23.86 84.82 41.88
CA SER H 2182 25.02 84.49 41.06
C SER H 2182 24.72 84.63 39.59
N ILE H 2183 23.53 84.16 39.17
CA ILE H 2183 23.15 84.29 37.77
C ILE H 2183 23.03 85.76 37.37
N GLY H 2184 22.45 86.58 38.24
CA GLY H 2184 22.36 88.01 37.95
C GLY H 2184 23.72 88.65 37.81
N ASN H 2185 24.65 88.32 38.72
CA ASN H 2185 26.00 88.87 38.63
C ASN H 2185 26.68 88.42 37.34
N ILE H 2186 26.54 87.15 36.98
CA ILE H 2186 27.15 86.67 35.74
C ILE H 2186 26.59 87.41 34.55
N MET H 2187 25.27 87.58 34.50
CA MET H 2187 24.63 88.26 33.38
C MET H 2187 24.96 89.74 33.32
N ASN H 2188 25.29 90.37 34.46
CA ASN H 2188 25.71 91.76 34.46
C ASN H 2188 27.21 91.91 34.22
N ASN H 2189 27.97 90.82 34.28
CA ASN H 2189 29.40 90.84 34.02
C ASN H 2189 29.65 90.95 32.53
N LYS H 2190 30.57 91.86 32.16
CA LYS H 2190 30.89 92.06 30.75
C LYS H 2190 31.55 90.83 30.14
N VAL H 2191 32.42 90.17 30.88
CA VAL H 2191 33.15 89.02 30.33
C VAL H 2191 32.19 87.96 29.83
N PHE H 2192 30.98 87.91 30.39
CA PHE H 2192 30.00 86.92 29.94
C PHE H 2192 29.64 87.13 28.48
N TYR H 2193 29.48 88.40 28.06
CA TYR H 2193 29.09 88.71 26.70
C TYR H 2193 30.25 88.73 25.73
N GLN H 2194 31.44 89.09 26.20
CA GLN H 2194 32.58 89.27 25.31
C GLN H 2194 33.37 88.00 25.08
N HIS H 2195 33.19 86.96 25.90
CA HIS H 2195 33.95 85.73 25.81
C HIS H 2195 32.99 84.53 25.87
N PRO H 2196 32.06 84.44 24.93
CA PRO H 2196 31.17 83.27 24.90
C PRO H 2196 31.92 81.97 24.74
N ASN H 2197 33.03 81.97 24.02
CA ASN H 2197 33.84 80.76 23.94
C ASN H 2197 34.39 80.38 25.30
N LEU H 2198 34.80 81.37 26.09
CA LEU H 2198 35.27 81.07 27.45
C LEU H 2198 34.13 80.50 28.30
N MET H 2199 32.94 81.06 28.19
CA MET H 2199 31.81 80.52 28.95
C MET H 2199 31.52 79.08 28.53
N ARG H 2200 31.53 78.81 27.24
CA ARG H 2200 31.27 77.44 26.78
C ARG H 2200 32.35 76.49 27.28
N ALA H 2201 33.61 76.92 27.25
CA ALA H 2201 34.69 76.08 27.75
C ALA H 2201 34.52 75.79 29.23
N LEU H 2202 34.14 76.81 30.01
CA LEU H 2202 33.85 76.62 31.42
C LEU H 2202 32.60 75.78 31.66
N GLY H 2203 31.76 75.60 30.64
CA GLY H 2203 30.56 74.81 30.79
C GLY H 2203 29.53 75.42 31.70
N MET H 2204 29.40 76.75 31.67
CA MET H 2204 28.45 77.44 32.53
C MET H 2204 27.02 77.02 32.22
N HIS H 2205 26.71 76.91 30.93
CA HIS H 2205 25.35 76.53 30.52
C HIS H 2205 25.00 75.15 31.03
N GLU H 2206 25.94 74.20 30.95
CA GLU H 2206 25.66 72.85 31.43
C GLU H 2206 25.39 72.84 32.92
N THR H 2207 26.17 73.60 33.69
CA THR H 2207 25.95 73.66 35.14
C THR H 2207 24.58 74.24 35.46
N VAL H 2208 24.22 75.34 34.81
CA VAL H 2208 22.92 75.95 35.07
C VAL H 2208 21.79 75.01 34.68
N MET H 2209 21.93 74.33 33.54
CA MET H 2209 20.92 73.36 33.13
C MET H 2209 20.83 72.21 34.13
N GLU H 2210 21.97 71.77 34.67
CA GLU H 2210 21.95 70.69 35.64
C GLU H 2210 21.19 71.09 36.90
N VAL H 2211 21.41 72.32 37.38
CA VAL H 2211 20.67 72.79 38.54
C VAL H 2211 19.17 72.85 38.22
N MET H 2212 18.83 73.40 37.05
CA MET H 2212 17.43 73.54 36.67
C MET H 2212 16.75 72.18 36.61
N VAL H 2213 17.40 71.20 35.97
CA VAL H 2213 16.78 69.90 35.79
C VAL H 2213 16.74 69.16 37.12
N ASN H 2214 17.70 69.40 38.01
CA ASN H 2214 17.59 68.85 39.35
C ASN H 2214 16.30 69.30 40.02
N VAL H 2215 16.06 70.60 40.04
CA VAL H 2215 14.86 71.08 40.73
C VAL H 2215 13.60 70.61 39.99
N LEU H 2216 13.64 70.57 38.66
CA LEU H 2216 12.45 70.14 37.92
C LEU H 2216 12.14 68.68 38.18
N GLY H 2217 13.15 67.81 38.15
CA GLY H 2217 12.93 66.41 38.44
C GLY H 2217 12.46 66.18 39.87
N GLY H 2218 12.95 66.99 40.80
CA GLY H 2218 12.48 66.89 42.17
C GLY H 2218 10.96 67.01 42.23
N GLY H 2219 10.30 65.90 42.52
CA GLY H 2219 8.85 65.87 42.52
C GLY H 2219 8.26 66.35 41.20
N GLU H 2220 8.57 65.63 40.11
CA GLU H 2220 8.15 66.07 38.78
C GLU H 2220 6.63 66.16 38.69
N SER H 2221 5.93 65.12 39.17
CA SER H 2221 4.47 65.14 39.14
C SER H 2221 3.94 66.26 40.04
N LYS H 2222 4.51 66.39 41.23
CA LYS H 2222 4.10 67.46 42.14
C LYS H 2222 4.51 68.81 41.58
N GLU H 2223 3.70 69.83 41.87
CA GLU H 2223 3.99 71.18 41.42
C GLU H 2223 5.43 71.56 41.77
N ILE H 2224 6.23 71.85 40.75
CA ILE H 2224 7.64 72.15 40.95
C ILE H 2224 7.78 73.39 41.82
N ARG H 2225 8.74 73.34 42.75
CA ARG H 2225 9.04 74.49 43.58
C ARG H 2225 10.12 75.36 42.91
N PHE H 2226 10.43 76.48 43.54
CA PHE H 2226 11.45 77.40 43.06
C PHE H 2226 11.18 77.87 41.62
N PRO H 2227 9.94 78.26 41.31
CA PRO H 2227 9.68 78.76 39.95
C PRO H 2227 10.49 79.99 39.62
N LYS H 2228 10.79 80.82 40.63
CA LYS H 2228 11.64 81.99 40.37
C LYS H 2228 13.02 81.57 39.88
N MET H 2229 13.59 80.53 40.49
CA MET H 2229 14.91 80.10 40.08
C MET H 2229 14.85 79.44 38.70
N VAL H 2230 13.75 78.75 38.38
CA VAL H 2230 13.64 78.21 37.03
C VAL H 2230 13.50 79.32 35.99
N THR H 2231 12.76 80.38 36.35
CA THR H 2231 12.65 81.53 35.46
C THR H 2231 14.02 82.14 35.23
N SER H 2232 14.83 82.26 36.28
CA SER H 2232 16.21 82.69 36.10
C SER H 2232 17.00 81.68 35.28
N CYS H 2233 16.63 80.41 35.35
CA CYS H 2233 17.36 79.37 34.62
C CYS H 2233 17.25 79.59 33.11
N CYS H 2234 16.05 79.89 32.60
CA CYS H 2234 16.12 80.66 31.35
C CYS H 2234 16.97 81.88 31.49
N ARG H 2235 16.50 82.91 32.18
CA ARG H 2235 16.97 84.25 31.82
C ARG H 2235 18.44 84.11 31.45
N PHE H 2236 19.19 83.35 32.26
CA PHE H 2236 20.58 83.02 31.92
C PHE H 2236 20.70 82.20 30.64
N LEU H 2237 20.27 80.92 30.64
CA LEU H 2237 20.53 80.05 29.49
C LEU H 2237 19.89 80.59 28.22
N CYS H 2238 18.87 81.41 28.42
CA CYS H 2238 17.83 81.66 27.46
C CYS H 2238 18.10 83.03 26.84
N TYR H 2239 19.05 83.78 27.47
CA TYR H 2239 19.89 84.79 26.81
C TYR H 2239 21.15 84.17 26.22
N PHE H 2240 21.68 83.13 26.87
CA PHE H 2240 22.94 82.52 26.45
C PHE H 2240 22.84 82.00 25.03
N CYS H 2241 21.71 81.39 24.70
CA CYS H 2241 21.48 80.98 23.31
C CYS H 2241 21.65 82.16 22.37
N ARG H 2242 21.16 83.34 22.75
CA ARG H 2242 21.19 84.50 21.88
C ARG H 2242 22.58 85.12 21.76
N ILE H 2243 23.42 85.00 22.79
CA ILE H 2243 24.67 85.75 22.78
C ILE H 2243 25.49 85.44 21.53
N SER H 2244 25.61 84.17 21.16
CA SER H 2244 26.41 83.79 20.00
C SER H 2244 25.81 82.56 19.35
N ARG H 2245 26.17 82.36 18.08
CA ARG H 2245 25.63 81.23 17.32
C ARG H 2245 26.18 79.91 17.83
N GLN H 2246 27.44 79.88 18.27
CA GLN H 2246 27.99 78.66 18.83
C GLN H 2246 27.32 78.31 20.15
N ASN H 2247 26.99 79.32 20.96
CA ASN H 2247 26.22 79.07 22.18
C ASN H 2247 24.87 78.46 21.83
N GLN H 2248 24.23 78.97 20.78
CA GLN H 2248 22.94 78.43 20.37
C GLN H 2248 23.07 76.97 19.95
N ARG H 2249 24.13 76.63 19.21
CA ARG H 2249 24.33 75.24 18.81
C ARG H 2249 24.59 74.35 20.03
N SER H 2250 25.39 74.83 20.98
CA SER H 2250 25.68 74.04 22.17
C SER H 2250 24.40 73.76 22.96
N MET H 2251 23.54 74.77 23.09
CA MET H 2251 22.27 74.54 23.78
C MET H 2251 21.33 73.67 22.97
N PHE H 2252 21.36 73.81 21.64
CA PHE H 2252 20.56 72.95 20.77
C PHE H 2252 20.94 71.49 20.94
N ASP H 2253 22.21 71.22 21.26
CA ASP H 2253 22.63 69.84 21.49
C ASP H 2253 21.88 69.19 22.63
N HIS H 2254 21.24 69.97 23.50
CA HIS H 2254 20.47 69.44 24.62
C HIS H 2254 18.97 69.64 24.43
N LEU H 2255 18.51 69.73 23.18
CA LEU H 2255 17.09 70.03 22.95
C LEU H 2255 16.19 68.92 23.48
N SER H 2256 16.57 67.66 23.25
CA SER H 2256 15.73 66.56 23.71
C SER H 2256 15.58 66.59 25.23
N TYR H 2257 16.68 66.84 25.94
CA TYR H 2257 16.63 66.94 27.40
C TYR H 2257 15.68 68.06 27.82
N LEU H 2258 15.81 69.23 27.18
CA LEU H 2258 14.90 70.33 27.48
C LEU H 2258 13.45 69.96 27.14
N LEU H 2259 13.24 69.32 25.99
CA LEU H 2259 11.89 68.90 25.65
C LEU H 2259 11.39 67.80 26.59
N GLU H 2260 12.31 66.96 27.09
CA GLU H 2260 11.91 65.97 28.07
C GLU H 2260 11.40 66.63 29.34
N ASN H 2261 12.08 67.67 29.81
CA ASN H 2261 11.70 68.35 31.04
C ASN H 2261 10.66 69.43 30.83
N SER H 2262 10.28 69.71 29.58
CA SER H 2262 9.29 70.74 29.28
C SER H 2262 7.87 70.19 29.21
N GLY H 2263 7.58 69.07 29.86
CA GLY H 2263 6.23 68.55 29.88
C GLY H 2263 5.35 69.29 30.87
N ILE H 2264 5.92 70.30 31.52
CA ILE H 2264 5.21 71.10 32.50
C ILE H 2264 5.50 72.58 32.25
N GLY H 2265 4.98 73.45 33.11
CA GLY H 2265 5.25 74.87 33.00
C GLY H 2265 3.98 75.69 33.00
N LEU H 2266 3.85 76.59 32.02
CA LEU H 2266 2.65 77.42 31.89
C LEU H 2266 2.41 78.23 33.16
N GLY H 2267 1.98 77.57 34.22
CA GLY H 2267 1.70 78.24 35.47
C GLY H 2267 2.88 78.99 36.04
N MET H 2268 4.09 78.72 35.51
CA MET H 2268 5.27 79.45 35.95
C MET H 2268 5.08 80.95 35.83
N GLN H 2269 4.33 81.40 34.82
CA GLN H 2269 4.18 82.82 34.51
C GLN H 2269 5.53 83.46 34.21
N GLY H 2270 6.48 82.66 33.75
CA GLY H 2270 7.79 83.16 33.41
C GLY H 2270 8.44 82.25 32.38
N SER H 2271 9.71 82.51 32.12
CA SER H 2271 10.43 81.74 31.11
C SER H 2271 10.60 80.30 31.57
N THR H 2272 10.63 79.38 30.62
CA THR H 2272 10.55 77.95 30.86
C THR H 2272 11.55 77.19 30.00
N PRO H 2273 11.80 75.91 30.32
CA PRO H 2273 12.66 75.11 29.44
C PRO H 2273 12.14 75.02 28.01
N LEU H 2274 10.83 75.12 27.80
CA LEU H 2274 10.33 75.23 26.43
C LEU H 2274 10.82 76.53 25.78
N ASP H 2275 10.91 77.61 26.56
CA ASP H 2275 11.48 78.83 26.04
C ASP H 2275 12.95 78.64 25.70
N VAL H 2276 13.69 77.88 26.53
CA VAL H 2276 15.07 77.56 26.18
C VAL H 2276 15.12 76.80 24.86
N ALA H 2277 14.24 75.82 24.69
CA ALA H 2277 14.23 75.06 23.45
C ALA H 2277 13.96 75.96 22.26
N ALA H 2278 13.00 76.87 22.38
CA ALA H 2278 12.71 77.79 21.29
C ALA H 2278 13.91 78.69 20.98
N ALA H 2279 14.54 79.23 22.02
CA ALA H 2279 15.69 80.10 21.82
C ALA H 2279 16.88 79.37 21.23
N SER H 2280 16.98 78.06 21.44
CA SER H 2280 18.08 77.29 20.89
C SER H 2280 17.96 77.03 19.40
N VAL H 2281 16.82 77.38 18.78
CA VAL H 2281 16.60 77.07 17.37
C VAL H 2281 16.12 78.31 16.62
N ILE H 2282 15.76 79.37 17.34
CA ILE H 2282 15.15 80.53 16.71
C ILE H 2282 16.09 81.13 15.67
N ASP H 2283 15.56 81.36 14.47
CA ASP H 2283 16.23 82.12 13.42
C ASP H 2283 17.61 81.55 13.08
N ASN H 2284 17.76 80.23 13.20
CA ASN H 2284 18.98 79.54 12.82
C ASN H 2284 18.59 78.49 11.78
N ASN H 2285 18.86 78.76 10.51
CA ASN H 2285 18.46 77.83 9.46
C ASN H 2285 19.17 76.49 9.62
N GLU H 2286 20.46 76.52 9.96
CA GLU H 2286 21.22 75.28 10.10
C GLU H 2286 20.63 74.40 11.20
N LEU H 2287 20.36 74.98 12.37
CA LEU H 2287 19.79 74.20 13.46
C LEU H 2287 18.36 73.77 13.17
N ALA H 2288 17.57 74.61 12.51
CA ALA H 2288 16.22 74.22 12.14
C ALA H 2288 16.24 73.02 11.21
N LEU H 2289 17.17 73.01 10.25
CA LEU H 2289 17.32 71.85 9.38
C LEU H 2289 17.85 70.64 10.14
N ALA H 2290 18.70 70.85 11.15
CA ALA H 2290 19.18 69.77 11.99
C ALA H 2290 18.14 69.24 12.96
N LEU H 2291 17.01 69.93 13.11
CA LEU H 2291 15.95 69.47 14.01
C LEU H 2291 15.57 68.03 13.69
N GLN H 2292 15.07 67.33 14.70
CA GLN H 2292 14.75 65.92 14.59
C GLN H 2292 13.25 65.65 14.64
N GLU H 2293 12.82 64.72 13.79
CA GLU H 2293 11.42 64.34 13.76
C GLU H 2293 10.97 63.77 15.10
N GLN H 2294 11.89 63.14 15.84
CA GLN H 2294 11.54 62.63 17.16
C GLN H 2294 11.18 63.77 18.11
N ASP H 2295 11.97 64.85 18.09
CA ASP H 2295 11.66 66.01 18.92
C ASP H 2295 10.35 66.65 18.50
N LEU H 2296 10.13 66.78 17.19
CA LEU H 2296 8.86 67.33 16.73
C LEU H 2296 7.69 66.46 17.17
N GLU H 2297 7.87 65.14 17.11
CA GLU H 2297 6.83 64.22 17.54
C GLU H 2297 6.55 64.37 19.03
N LYS H 2298 7.60 64.54 19.84
CA LYS H 2298 7.40 64.73 21.27
C LYS H 2298 6.59 65.99 21.55
N VAL H 2299 6.93 67.09 20.86
CA VAL H 2299 6.18 68.32 21.04
C VAL H 2299 4.73 68.14 20.60
N VAL H 2300 4.51 67.46 19.49
CA VAL H 2300 3.15 67.25 19.00
C VAL H 2300 2.37 66.38 19.95
N SER H 2301 3.02 65.40 20.58
CA SER H 2301 2.34 64.56 21.57
C SER H 2301 1.96 65.38 22.79
N TYR H 2302 2.83 66.27 23.24
CA TYR H 2302 2.46 67.19 24.30
C TYR H 2302 1.23 68.01 23.90
N LEU H 2303 1.22 68.50 22.67
CA LEU H 2303 0.09 69.31 22.20
C LEU H 2303 -1.19 68.48 22.16
N ALA H 2304 -1.10 67.22 21.74
CA ALA H 2304 -2.27 66.35 21.73
C ALA H 2304 -2.80 66.13 23.14
N GLY H 2305 -1.90 65.89 24.09
CA GLY H 2305 -2.33 65.77 25.48
C GLY H 2305 -3.02 67.03 25.96
N CYS H 2306 -2.46 68.20 25.63
CA CYS H 2306 -3.07 69.46 26.01
C CYS H 2306 -4.44 69.65 25.38
N GLY H 2307 -4.63 69.22 24.13
CA GLY H 2307 -5.91 69.33 23.47
C GLY H 2307 -6.91 68.30 23.93
N LEU H 2308 -6.48 67.24 24.60
CA LEU H 2308 -7.39 66.23 25.11
C LEU H 2308 -7.73 66.36 26.59
N GLN H 2309 -6.87 66.96 27.42
CA GLN H 2309 -7.13 67.04 28.86
C GLN H 2309 -7.04 68.48 29.36
N SER H 2310 -7.85 68.79 30.36
CA SER H 2310 -7.82 70.09 31.00
C SER H 2310 -6.61 70.19 31.93
N CYS H 2311 -6.25 71.43 32.26
CA CYS H 2311 -5.10 71.66 33.11
C CYS H 2311 -5.43 71.35 34.57
N PRO H 2312 -4.76 70.38 35.20
CA PRO H 2312 -5.06 70.11 36.61
C PRO H 2312 -4.83 71.29 37.52
N MET H 2313 -3.84 72.13 37.20
CA MET H 2313 -3.58 73.30 38.02
C MET H 2313 -4.76 74.27 37.98
N LEU H 2314 -5.31 74.50 36.78
CA LEU H 2314 -6.49 75.36 36.67
C LEU H 2314 -7.68 74.73 37.38
N LEU H 2315 -7.87 73.41 37.24
CA LEU H 2315 -8.98 72.77 37.92
C LEU H 2315 -8.85 72.92 39.44
N ALA H 2316 -7.64 72.77 39.97
CA ALA H 2316 -7.42 72.99 41.39
C ALA H 2316 -7.72 74.43 41.78
N LYS H 2317 -7.25 75.39 40.97
CA LYS H 2317 -7.57 76.79 41.24
C LYS H 2317 -9.06 77.08 41.18
N GLY H 2318 -9.84 76.22 40.52
CA GLY H 2318 -11.28 76.37 40.49
C GLY H 2318 -11.87 76.78 39.16
N TYR H 2319 -11.09 76.77 38.10
CA TYR H 2319 -11.62 77.15 36.80
C TYR H 2319 -12.62 76.11 36.31
N PRO H 2320 -13.57 76.51 35.46
CA PRO H 2320 -14.47 75.52 34.87
C PRO H 2320 -13.70 74.53 34.00
N ASP H 2321 -14.22 73.30 33.94
CA ASP H 2321 -13.61 72.25 33.15
C ASP H 2321 -14.15 72.33 31.72
N ILE H 2322 -13.31 72.79 30.80
CA ILE H 2322 -13.72 72.88 29.39
C ILE H 2322 -13.29 71.67 28.58
N GLY H 2323 -12.45 70.80 29.15
CA GLY H 2323 -12.08 69.55 28.51
C GLY H 2323 -10.71 69.54 27.86
N TRP H 2324 -10.03 70.67 27.78
CA TRP H 2324 -8.72 70.72 27.15
C TRP H 2324 -7.91 71.85 27.76
N ASN H 2325 -6.69 72.02 27.26
CA ASN H 2325 -5.70 72.93 27.84
C ASN H 2325 -5.20 73.91 26.78
N PRO H 2326 -5.98 74.94 26.45
CA PRO H 2326 -5.51 75.90 25.44
C PRO H 2326 -4.21 76.59 25.83
N CYS H 2327 -4.00 76.83 27.13
CA CYS H 2327 -2.82 77.58 27.54
C CYS H 2327 -1.53 76.84 27.22
N GLY H 2328 -1.47 75.55 27.57
CA GLY H 2328 -0.31 74.75 27.21
C GLY H 2328 -0.24 74.50 25.71
N GLY H 2329 -1.39 74.30 25.07
CA GLY H 2329 -1.39 74.12 23.63
C GLY H 2329 -0.74 75.29 22.92
N GLU H 2330 -1.00 76.51 23.41
CA GLU H 2330 -0.42 77.69 22.79
C GLU H 2330 1.10 77.69 22.90
N ARG H 2331 1.63 77.29 24.07
CA ARG H 2331 3.09 77.24 24.23
C ARG H 2331 3.70 76.25 23.25
N TYR H 2332 3.12 75.05 23.16
CA TYR H 2332 3.67 74.07 22.23
C TYR H 2332 3.56 74.54 20.78
N LEU H 2333 2.44 75.18 20.44
CA LEU H 2333 2.29 75.74 19.09
C LEU H 2333 3.32 76.82 18.82
N ASP H 2334 3.65 77.64 19.82
CA ASP H 2334 4.68 78.65 19.63
C ASP H 2334 6.04 78.01 19.35
N PHE H 2335 6.38 76.95 20.09
CA PHE H 2335 7.64 76.28 19.80
C PHE H 2335 7.64 75.72 18.37
N LEU H 2336 6.54 75.10 17.97
CA LEU H 2336 6.48 74.57 16.61
C LEU H 2336 6.58 75.68 15.57
N ARG H 2337 6.00 76.84 15.85
CA ARG H 2337 6.11 77.97 14.94
C ARG H 2337 7.56 78.38 14.77
N PHE H 2338 8.29 78.52 15.88
CA PHE H 2338 9.71 78.84 15.77
C PHE H 2338 10.51 77.74 15.09
N ALA H 2339 10.06 76.49 15.17
CA ALA H 2339 10.74 75.41 14.48
C ALA H 2339 10.50 75.41 12.97
N VAL H 2340 9.31 75.81 12.53
CA VAL H 2340 8.96 75.72 11.12
C VAL H 2340 9.21 77.01 10.34
N PHE H 2341 9.32 78.16 11.01
CA PHE H 2341 9.53 79.44 10.33
C PHE H 2341 10.86 80.03 10.77
N VAL H 2342 11.72 80.34 9.81
CA VAL H 2342 13.05 80.86 10.09
C VAL H 2342 13.31 82.04 9.15
N ASN H 2343 13.68 83.18 9.72
CA ASN H 2343 14.12 84.34 8.96
C ASN H 2343 13.11 84.74 7.89
N GLY H 2344 11.83 84.74 8.26
CA GLY H 2344 10.78 85.19 7.36
C GLY H 2344 10.40 84.22 6.29
N GLU H 2345 10.94 83.01 6.30
CA GLU H 2345 10.64 81.99 5.29
C GLU H 2345 10.35 80.67 5.97
N SER H 2346 9.55 79.84 5.30
CA SER H 2346 9.16 78.55 5.83
C SER H 2346 10.21 77.51 5.51
N VAL H 2347 10.58 76.72 6.52
CA VAL H 2347 11.48 75.57 6.34
C VAL H 2347 10.61 74.41 5.89
N GLU H 2348 10.76 73.99 4.62
CA GLU H 2348 9.82 73.06 4.03
C GLU H 2348 9.81 71.72 4.75
N GLU H 2349 10.99 71.21 5.11
CA GLU H 2349 11.06 69.89 5.74
C GLU H 2349 10.30 69.89 7.06
N ASN H 2350 10.62 70.85 7.93
CA ASN H 2350 9.94 70.92 9.22
C ASN H 2350 8.46 71.20 9.04
N ALA H 2351 8.09 72.05 8.09
CA ALA H 2351 6.69 72.36 7.87
C ALA H 2351 5.91 71.11 7.49
N ASN H 2352 6.44 70.33 6.54
CA ASN H 2352 5.75 69.13 6.12
C ASN H 2352 5.66 68.11 7.25
N VAL H 2353 6.76 67.93 8.00
CA VAL H 2353 6.73 66.99 9.11
C VAL H 2353 5.69 67.40 10.14
N VAL H 2354 5.64 68.70 10.45
CA VAL H 2354 4.72 69.19 11.46
C VAL H 2354 3.28 69.00 11.00
N VAL H 2355 3.01 69.30 9.73
CA VAL H 2355 1.65 69.14 9.22
C VAL H 2355 1.23 67.68 9.28
N ARG H 2356 2.13 66.77 8.88
CA ARG H 2356 1.79 65.35 8.92
C ARG H 2356 1.52 64.89 10.34
N LEU H 2357 2.34 65.32 11.30
CA LEU H 2357 2.12 64.93 12.69
C LEU H 2357 0.81 65.50 13.21
N LEU H 2358 0.51 66.75 12.89
CA LEU H 2358 -0.71 67.37 13.36
C LEU H 2358 -1.95 66.65 12.83
N ILE H 2359 -1.94 66.29 11.54
CA ILE H 2359 -3.09 65.57 11.01
C ILE H 2359 -3.15 64.15 11.55
N ARG H 2360 -2.01 63.50 11.81
CA ARG H 2360 -2.05 62.17 12.41
C ARG H 2360 -2.54 62.19 13.85
N LYS H 2361 -2.46 63.34 14.52
CA LYS H 2361 -3.05 63.52 15.84
C LYS H 2361 -4.02 64.69 15.79
N PRO H 2362 -5.24 64.47 15.28
CA PRO H 2362 -6.15 65.60 15.03
C PRO H 2362 -6.56 66.37 16.28
N GLU H 2363 -6.40 65.76 17.46
CA GLU H 2363 -6.77 66.45 18.69
C GLU H 2363 -5.92 67.69 18.91
N CYS H 2364 -4.75 67.78 18.27
CA CYS H 2364 -3.92 68.98 18.39
C CYS H 2364 -4.58 70.21 17.80
N PHE H 2365 -5.60 70.05 16.98
CA PHE H 2365 -6.29 71.17 16.36
C PHE H 2365 -7.33 71.80 17.28
N GLY H 2366 -7.55 71.24 18.46
CA GLY H 2366 -8.55 71.74 19.37
C GLY H 2366 -9.91 71.15 19.06
N PRO H 2367 -10.84 71.24 20.01
CA PRO H 2367 -12.18 70.69 19.77
C PRO H 2367 -12.90 71.32 18.61
N ALA H 2368 -12.64 72.60 18.32
CA ALA H 2368 -13.37 73.29 17.27
C ALA H 2368 -13.15 72.65 15.91
N LEU H 2369 -11.90 72.31 15.60
CA LEU H 2369 -11.56 71.74 14.30
C LEU H 2369 -11.72 70.22 14.27
N ARG H 2370 -12.38 69.64 15.27
CA ARG H 2370 -12.68 68.23 15.24
C ARG H 2370 -13.58 67.91 14.06
N GLY H 2371 -13.27 66.82 13.35
CA GLY H 2371 -13.98 66.53 12.13
C GLY H 2371 -15.46 66.30 12.34
N GLU H 2372 -15.81 65.46 13.31
CA GLU H 2372 -17.20 65.02 13.44
C GLU H 2372 -18.07 66.10 14.07
N GLY H 2373 -17.76 66.48 15.32
CA GLY H 2373 -18.57 67.43 16.05
C GLY H 2373 -18.03 68.84 16.11
N GLY H 2374 -16.95 69.16 15.41
CA GLY H 2374 -16.39 70.48 15.49
C GLY H 2374 -17.36 71.54 14.99
N SER H 2375 -17.35 72.68 15.69
CA SER H 2375 -18.23 73.80 15.32
C SER H 2375 -17.59 74.73 14.30
N GLY H 2376 -16.30 74.60 14.05
CA GLY H 2376 -15.60 75.47 13.14
C GLY H 2376 -14.88 76.58 13.87
N LEU H 2377 -13.89 77.17 13.19
CA LEU H 2377 -13.06 78.19 13.81
C LEU H 2377 -13.88 79.43 14.17
N LEU H 2378 -14.74 79.86 13.26
CA LEU H 2378 -15.54 81.07 13.51
C LEU H 2378 -16.47 80.87 14.70
N ALA H 2379 -17.17 79.74 14.74
CA ALA H 2379 -18.06 79.46 15.85
C ALA H 2379 -17.29 79.34 17.15
N ALA H 2380 -16.10 78.74 17.10
CA ALA H 2380 -15.29 78.61 18.30
C ALA H 2380 -14.88 79.98 18.83
N ILE H 2381 -14.46 80.87 17.95
CA ILE H 2381 -14.07 82.21 18.39
C ILE H 2381 -15.26 82.97 18.96
N GLU H 2382 -16.42 82.84 18.33
CA GLU H 2382 -17.61 83.52 18.85
C GLU H 2382 -17.99 82.98 20.22
N GLU H 2383 -17.94 81.66 20.39
CA GLU H 2383 -18.22 81.07 21.70
C GLU H 2383 -17.20 81.52 22.73
N ALA H 2384 -15.93 81.65 22.33
CA ALA H 2384 -14.93 82.14 23.26
C ALA H 2384 -15.21 83.58 23.67
N ILE H 2385 -15.68 84.40 22.74
CA ILE H 2385 -16.04 85.78 23.08
C ILE H 2385 -17.19 85.79 24.08
N ARG H 2386 -18.20 84.94 23.86
CA ARG H 2386 -19.29 84.85 24.81
C ARG H 2386 -18.78 84.39 26.18
N ILE H 2387 -17.88 83.43 26.20
CA ILE H 2387 -17.31 82.96 27.46
C ILE H 2387 -16.60 84.10 28.18
N SER H 2388 -15.82 84.88 27.43
CA SER H 2388 -15.11 86.00 28.03
C SER H 2388 -16.08 87.01 28.62
N GLU H 2389 -17.17 87.29 27.91
CA GLU H 2389 -18.17 88.21 28.42
C GLU H 2389 -18.92 87.67 29.62
N ASP H 2390 -19.00 86.34 29.78
CA ASP H 2390 -19.75 85.74 30.88
C ASP H 2390 -18.81 85.27 31.99
N PRO H 2391 -18.83 85.90 33.16
CA PRO H 2391 -18.08 85.35 34.31
C PRO H 2391 -18.71 84.06 34.80
N ALA H 2392 -17.94 83.32 35.58
CA ALA H 2392 -18.21 81.97 36.05
C ALA H 2392 -18.05 80.94 34.94
N ARG H 2393 -17.84 81.37 33.70
CA ARG H 2393 -17.41 80.51 32.62
C ARG H 2393 -16.03 80.87 32.10
N ASP H 2394 -15.52 82.05 32.43
CA ASP H 2394 -14.20 82.50 32.00
C ASP H 2394 -13.14 82.34 33.08
N GLY H 2395 -13.54 82.16 34.33
CA GLY H 2395 -12.59 82.01 35.42
C GLY H 2395 -13.23 81.33 36.61
N PRO H 2396 -12.49 81.25 37.72
CA PRO H 2396 -13.04 80.60 38.91
C PRO H 2396 -14.30 81.27 39.43
N GLY H 2397 -14.36 82.60 39.35
CA GLY H 2397 -15.54 83.33 39.77
C GLY H 2397 -15.89 83.12 41.24
N VAL H 2398 -14.88 83.13 42.11
CA VAL H 2398 -15.11 82.97 43.53
C VAL H 2398 -15.12 84.33 44.22
N PRO H 2411 -5.31 86.27 41.84
CA PRO H 2411 -5.19 87.11 40.66
C PRO H 2411 -3.87 87.87 40.59
N PRO H 2412 -2.75 87.16 40.66
CA PRO H 2412 -1.44 87.84 40.58
C PRO H 2412 -1.29 88.66 39.30
N GLU H 2413 -1.79 88.16 38.17
CA GLU H 2413 -1.77 88.89 36.91
C GLU H 2413 -3.09 88.63 36.18
N GLU H 2414 -3.93 89.68 36.11
CA GLU H 2414 -5.19 89.63 35.41
C GLU H 2414 -5.96 88.35 35.69
N ASN H 2415 -6.29 88.09 36.95
CA ASN H 2415 -7.04 86.89 37.31
C ASN H 2415 -6.34 85.66 36.77
N ARG H 2416 -5.02 85.63 36.84
CA ARG H 2416 -4.24 84.56 36.24
C ARG H 2416 -4.58 84.43 34.76
N VAL H 2417 -5.47 83.50 34.43
CA VAL H 2417 -5.83 83.23 33.04
C VAL H 2417 -7.33 83.44 32.88
N HIS H 2418 -7.72 83.86 31.67
CA HIS H 2418 -9.12 83.97 31.28
C HIS H 2418 -9.36 82.95 30.18
N LEU H 2419 -10.39 82.11 30.36
CA LEU H 2419 -10.57 80.97 29.48
C LEU H 2419 -10.91 81.39 28.06
N GLY H 2420 -11.74 82.41 27.90
CA GLY H 2420 -12.09 82.87 26.57
C GLY H 2420 -10.87 83.36 25.80
N HIS H 2421 -10.07 84.20 26.46
CA HIS H 2421 -8.85 84.68 25.83
C HIS H 2421 -7.89 83.53 25.55
N ALA H 2422 -7.82 82.56 26.46
CA ALA H 2422 -6.95 81.41 26.24
C ALA H 2422 -7.37 80.63 24.99
N ILE H 2423 -8.68 80.43 24.81
CA ILE H 2423 -9.17 79.71 23.64
C ILE H 2423 -8.84 80.50 22.37
N MET H 2424 -9.12 81.81 22.38
CA MET H 2424 -8.81 82.61 21.20
C MET H 2424 -7.32 82.57 20.89
N SER H 2425 -6.48 82.67 21.92
CA SER H 2425 -5.04 82.65 21.72
C SER H 2425 -4.57 81.31 21.18
N PHE H 2426 -5.11 80.20 21.69
CA PHE H 2426 -4.74 78.90 21.17
C PHE H 2426 -5.08 78.79 19.68
N TYR H 2427 -6.29 79.21 19.31
CA TYR H 2427 -6.66 79.07 17.90
C TYR H 2427 -5.87 80.02 17.03
N ALA H 2428 -5.57 81.23 17.51
CA ALA H 2428 -4.73 82.14 16.75
C ALA H 2428 -3.34 81.57 16.55
N ALA H 2429 -2.77 80.96 17.59
CA ALA H 2429 -1.45 80.35 17.47
C ALA H 2429 -1.47 79.18 16.50
N LEU H 2430 -2.53 78.36 16.54
CA LEU H 2430 -2.63 77.25 15.61
C LEU H 2430 -2.71 77.74 14.17
N ILE H 2431 -3.51 78.78 13.93
CA ILE H 2431 -3.63 79.31 12.57
C ILE H 2431 -2.30 79.92 12.13
N ASP H 2432 -1.60 80.58 13.05
CA ASP H 2432 -0.28 81.13 12.71
C ASP H 2432 0.68 80.03 12.33
N LEU H 2433 0.70 78.93 13.11
CA LEU H 2433 1.59 77.83 12.81
C LEU H 2433 1.28 77.22 11.45
N LEU H 2434 0.00 77.03 11.15
CA LEU H 2434 -0.36 76.44 9.86
C LEU H 2434 -0.01 77.38 8.70
N GLY H 2435 -0.28 78.68 8.87
CA GLY H 2435 0.09 79.63 7.84
C GLY H 2435 1.59 79.67 7.60
N ARG H 2436 2.38 79.51 8.65
CA ARG H 2436 3.83 79.46 8.51
C ARG H 2436 4.32 78.14 7.92
N CYS H 2437 3.58 77.05 8.14
CA CYS H 2437 3.86 75.79 7.46
C CYS H 2437 3.47 75.83 6.00
N ALA H 2438 2.63 76.78 5.60
CA ALA H 2438 2.22 76.86 4.21
C ALA H 2438 3.44 77.00 3.30
N PRO H 2439 3.41 76.40 2.10
CA PRO H 2439 4.60 76.44 1.23
C PRO H 2439 4.88 77.83 0.70
N GLU H 2440 6.06 77.99 0.12
CA GLU H 2440 6.47 79.28 -0.43
C GLU H 2440 5.95 79.44 -1.86
N THR H 2441 5.83 80.71 -2.26
CA THR H 2441 5.26 81.01 -3.58
C THR H 2441 6.14 80.48 -4.70
N HIS H 2442 7.46 80.55 -4.54
CA HIS H 2442 8.34 80.06 -5.61
C HIS H 2442 8.18 78.56 -5.79
N LEU H 2443 8.06 77.82 -4.69
CA LEU H 2443 7.77 76.39 -4.80
C LEU H 2443 6.42 76.15 -5.46
N ILE H 2444 5.40 76.93 -5.11
CA ILE H 2444 4.09 76.74 -5.73
C ILE H 2444 4.17 76.98 -7.23
N GLN H 2445 4.86 78.05 -7.65
CA GLN H 2445 5.01 78.33 -9.06
C GLN H 2445 5.76 77.21 -9.77
N ALA H 2446 6.84 76.72 -9.14
CA ALA H 2446 7.54 75.56 -9.70
C ALA H 2446 6.64 74.33 -9.75
N GLY H 2447 5.56 74.32 -8.98
CA GLY H 2447 4.59 73.24 -9.07
C GLY H 2447 5.00 71.97 -8.35
N LYS H 2448 5.81 72.07 -7.31
CA LYS H 2448 6.23 70.88 -6.58
C LYS H 2448 5.01 70.17 -6.01
N GLY H 2449 4.97 68.85 -6.21
CA GLY H 2449 3.83 68.08 -5.76
C GLY H 2449 3.64 68.15 -4.25
N GLU H 2450 4.74 68.08 -3.51
CA GLU H 2450 4.66 68.17 -2.05
C GLU H 2450 4.08 69.51 -1.62
N ALA H 2451 4.54 70.60 -2.24
CA ALA H 2451 4.01 71.92 -1.88
C ALA H 2451 2.53 72.02 -2.19
N LEU H 2452 2.12 71.55 -3.37
CA LEU H 2452 0.70 71.60 -3.72
C LEU H 2452 -0.14 70.77 -2.76
N ARG H 2453 0.35 69.58 -2.41
CA ARG H 2453 -0.39 68.71 -1.49
C ARG H 2453 -0.52 69.36 -0.11
N ILE H 2454 0.56 69.96 0.39
CA ILE H 2454 0.51 70.59 1.71
C ILE H 2454 -0.46 71.76 1.69
N ARG H 2455 -0.41 72.58 0.63
CA ARG H 2455 -1.35 73.69 0.56
C ARG H 2455 -2.79 73.20 0.49
N ALA H 2456 -3.04 72.12 -0.25
CA ALA H 2456 -4.39 71.57 -0.31
C ALA H 2456 -4.84 71.09 1.06
N ILE H 2457 -3.95 70.43 1.81
CA ILE H 2457 -4.31 69.97 3.15
C ILE H 2457 -4.66 71.16 4.04
N LEU H 2458 -3.84 72.22 3.99
CA LEU H 2458 -4.10 73.38 4.84
C LEU H 2458 -5.42 74.05 4.47
N ARG H 2459 -5.70 74.16 3.16
CA ARG H 2459 -6.97 74.75 2.73
C ARG H 2459 -8.15 73.91 3.18
N SER H 2460 -8.03 72.58 3.10
CA SER H 2460 -9.10 71.72 3.60
C SER H 2460 -9.29 71.89 5.10
N LEU H 2461 -8.19 72.07 5.85
CA LEU H 2461 -8.31 72.24 7.29
C LEU H 2461 -9.02 73.55 7.65
N VAL H 2462 -8.59 74.66 7.04
CA VAL H 2462 -9.14 75.97 7.41
C VAL H 2462 -9.93 76.57 6.25
N PRO H 2463 -11.24 76.71 6.36
CA PRO H 2463 -12.00 77.38 5.29
C PRO H 2463 -11.67 78.85 5.20
N LEU H 2464 -11.83 79.40 3.99
CA LEU H 2464 -11.60 80.82 3.77
C LEU H 2464 -12.68 81.68 4.44
N ASP H 2465 -13.92 81.20 4.40
CA ASP H 2465 -15.02 81.96 4.99
C ASP H 2465 -14.83 82.15 6.49
N ASP H 2466 -14.30 81.14 7.18
CA ASP H 2466 -14.04 81.27 8.61
C ASP H 2466 -12.98 82.34 8.87
N LEU H 2467 -11.92 82.37 8.06
CA LEU H 2467 -10.90 83.39 8.21
C LEU H 2467 -11.49 84.78 8.00
N VAL H 2468 -12.30 84.94 6.96
CA VAL H 2468 -12.90 86.23 6.68
C VAL H 2468 -13.83 86.65 7.82
N GLY H 2469 -14.61 85.70 8.34
CA GLY H 2469 -15.50 86.02 9.43
C GLY H 2469 -14.76 86.46 10.69
N ILE H 2470 -13.69 85.74 11.03
CA ILE H 2470 -12.91 86.12 12.21
C ILE H 2470 -12.29 87.49 12.00
N ILE H 2471 -11.75 87.75 10.80
CA ILE H 2471 -11.18 89.05 10.51
C ILE H 2471 -12.24 90.15 10.59
N SER H 2472 -13.49 89.81 10.27
CA SER H 2472 -14.58 90.76 10.30
C SER H 2472 -15.20 90.92 11.68
N LEU H 2473 -14.87 90.05 12.63
CA LEU H 2473 -15.44 90.20 13.97
C LEU H 2473 -15.06 91.54 14.56
N PRO H 2474 -15.97 92.21 15.25
CA PRO H 2474 -15.67 93.56 15.76
C PRO H 2474 -14.80 93.51 17.01
N LEU H 2475 -13.93 94.51 17.13
CA LEU H 2475 -13.09 94.68 18.31
C LEU H 2475 -13.70 95.75 19.22
N GLN H 2476 -13.41 95.63 20.52
CA GLN H 2476 -13.87 96.60 21.51
C GLN H 2476 -12.83 97.71 21.61
N ILE H 2477 -13.24 98.93 21.26
CA ILE H 2477 -12.33 100.06 21.24
C ILE H 2477 -12.50 100.88 22.52
N PRO H 2478 -11.47 101.60 22.97
CA PRO H 2478 -11.62 102.46 24.15
C PRO H 2478 -12.68 103.53 23.91
N THR H 2479 -13.40 103.88 24.97
CA THR H 2479 -14.41 104.92 24.89
C THR H 2479 -14.34 105.80 26.14
N LEU H 2480 -15.08 106.89 26.10
CA LEU H 2480 -15.19 107.79 27.24
C LEU H 2480 -16.61 107.70 27.81
N GLY H 2481 -16.70 107.39 29.11
CA GLY H 2481 -17.98 107.22 29.76
C GLY H 2481 -18.01 107.96 31.09
N LYS H 2482 -19.20 107.96 31.68
CA LYS H 2482 -19.43 108.65 32.95
C LYS H 2482 -19.00 110.10 32.81
N ASP H 2483 -17.85 110.47 33.36
CA ASP H 2483 -17.28 111.81 33.20
C ASP H 2483 -15.77 111.63 33.10
N GLY H 2484 -15.27 111.52 31.88
CA GLY H 2484 -13.85 111.34 31.68
C GLY H 2484 -13.32 109.98 32.08
N ALA H 2485 -14.19 108.99 32.23
CA ALA H 2485 -13.77 107.64 32.57
C ALA H 2485 -13.37 106.90 31.30
N LEU H 2486 -12.13 106.44 31.24
CA LEU H 2486 -11.62 105.73 30.07
C LEU H 2486 -12.05 104.28 30.16
N VAL H 2487 -13.18 103.94 29.50
CA VAL H 2487 -13.64 102.56 29.44
C VAL H 2487 -12.81 101.84 28.39
N GLN H 2488 -11.83 101.05 28.85
CA GLN H 2488 -10.95 100.30 27.97
C GLN H 2488 -11.20 98.81 28.10
N PRO H 2489 -10.99 98.03 27.04
CA PRO H 2489 -11.08 96.58 27.17
C PRO H 2489 -9.90 96.00 27.92
N LYS H 2490 -10.13 94.85 28.55
CA LYS H 2490 -9.06 94.11 29.19
C LYS H 2490 -8.35 93.27 28.13
N MET H 2491 -7.14 93.68 27.76
CA MET H 2491 -6.45 93.02 26.67
C MET H 2491 -6.15 91.57 26.98
N SER H 2492 -5.99 91.23 28.26
CA SER H 2492 -5.68 89.87 28.66
C SER H 2492 -6.92 88.99 28.76
N ALA H 2493 -8.11 89.53 28.50
CA ALA H 2493 -9.34 88.77 28.64
C ALA H 2493 -10.32 88.97 27.50
N SER H 2494 -9.88 89.51 26.36
CA SER H 2494 -10.79 89.86 25.28
C SER H 2494 -10.16 89.52 23.94
N PHE H 2495 -11.02 89.55 22.91
CA PHE H 2495 -10.57 89.36 21.53
C PHE H 2495 -9.74 90.56 21.11
N VAL H 2496 -8.49 90.31 20.70
CA VAL H 2496 -7.54 91.39 20.43
C VAL H 2496 -7.05 91.32 18.98
N PRO H 2497 -6.47 92.39 18.45
CA PRO H 2497 -6.00 92.37 17.06
C PRO H 2497 -4.92 91.33 16.79
N ASP H 2498 -4.19 90.89 17.81
CA ASP H 2498 -3.20 89.84 17.60
C ASP H 2498 -3.86 88.54 17.17
N HIS H 2499 -5.12 88.33 17.54
CA HIS H 2499 -5.85 87.16 17.06
C HIS H 2499 -6.19 87.28 15.58
N LYS H 2500 -6.48 88.49 15.12
CA LYS H 2500 -6.74 88.71 13.70
C LYS H 2500 -5.46 88.66 12.87
N ALA H 2501 -4.32 88.99 13.49
CA ALA H 2501 -3.07 88.98 12.74
C ALA H 2501 -2.75 87.58 12.23
N SER H 2502 -2.97 86.56 13.06
CA SER H 2502 -2.72 85.19 12.63
C SER H 2502 -3.64 84.80 11.48
N MET H 2503 -4.91 85.18 11.55
CA MET H 2503 -5.82 84.90 10.45
C MET H 2503 -5.38 85.58 9.17
N VAL H 2504 -4.92 86.83 9.26
CA VAL H 2504 -4.44 87.51 8.06
C VAL H 2504 -3.22 86.81 7.50
N LEU H 2505 -2.30 86.38 8.36
CA LEU H 2505 -1.12 85.68 7.88
C LEU H 2505 -1.50 84.38 7.17
N PHE H 2506 -2.42 83.63 7.76
CA PHE H 2506 -2.86 82.38 7.13
C PHE H 2506 -3.53 82.67 5.78
N LEU H 2507 -4.39 83.69 5.75
CA LEU H 2507 -5.06 84.03 4.50
C LEU H 2507 -4.06 84.40 3.42
N ASP H 2508 -3.05 85.17 3.77
CA ASP H 2508 -2.07 85.63 2.79
C ASP H 2508 -1.20 84.48 2.31
N ARG H 2509 -0.79 83.57 3.20
CA ARG H 2509 0.18 82.56 2.83
C ARG H 2509 -0.45 81.31 2.23
N VAL H 2510 -1.67 80.96 2.61
CA VAL H 2510 -2.33 79.74 2.16
C VAL H 2510 -3.27 80.01 0.99
N TYR H 2511 -4.20 80.95 1.16
CA TYR H 2511 -5.16 81.29 0.12
C TYR H 2511 -4.67 82.42 -0.76
N GLY H 2512 -4.11 83.47 -0.17
CA GLY H 2512 -3.67 84.63 -0.93
C GLY H 2512 -4.84 85.39 -1.53
N ILE H 2513 -4.57 86.65 -1.84
CA ILE H 2513 -5.55 87.52 -2.49
C ILE H 2513 -5.07 87.73 -3.92
N GLU H 2514 -5.88 87.27 -4.88
CA GLU H 2514 -5.53 87.35 -6.29
C GLU H 2514 -6.64 87.91 -7.16
N ASN H 2515 -7.85 88.02 -6.64
CA ASN H 2515 -9.00 88.50 -7.40
C ASN H 2515 -9.47 89.82 -6.80
N GLN H 2516 -9.73 90.79 -7.68
CA GLN H 2516 -10.09 92.12 -7.21
C GLN H 2516 -11.38 92.10 -6.40
N ASP H 2517 -12.35 91.29 -6.83
CA ASP H 2517 -13.61 91.21 -6.09
C ASP H 2517 -13.39 90.72 -4.66
N PHE H 2518 -12.56 89.69 -4.49
CA PHE H 2518 -12.26 89.20 -3.15
C PHE H 2518 -11.50 90.26 -2.34
N LEU H 2519 -10.56 90.94 -2.98
CA LEU H 2519 -9.83 92.00 -2.29
C LEU H 2519 -10.79 93.05 -1.75
N LEU H 2520 -11.69 93.53 -2.61
CA LEU H 2520 -12.63 94.54 -2.17
C LEU H 2520 -13.60 94.01 -1.11
N HIS H 2521 -14.01 92.75 -1.21
CA HIS H 2521 -14.91 92.19 -0.21
C HIS H 2521 -14.24 92.15 1.16
N VAL H 2522 -13.03 91.60 1.21
CA VAL H 2522 -12.34 91.50 2.50
C VAL H 2522 -12.01 92.89 3.03
N LEU H 2523 -11.65 93.82 2.14
CA LEU H 2523 -11.40 95.19 2.58
C LEU H 2523 -12.66 95.80 3.19
N ASP H 2524 -13.80 95.62 2.53
CA ASP H 2524 -15.03 96.25 2.98
C ASP H 2524 -15.49 95.66 4.31
N VAL H 2525 -15.38 94.35 4.48
CA VAL H 2525 -15.95 93.72 5.67
C VAL H 2525 -14.97 93.74 6.85
N GLY H 2526 -13.71 93.38 6.63
CA GLY H 2526 -12.80 93.20 7.76
C GLY H 2526 -11.75 94.27 7.97
N PHE H 2527 -11.11 94.74 6.90
CA PHE H 2527 -9.94 95.59 7.06
C PHE H 2527 -10.34 97.04 7.30
N LEU H 2528 -11.21 97.59 6.45
CA LEU H 2528 -11.56 99.00 6.54
C LEU H 2528 -12.16 99.37 7.89
N PRO H 2529 -13.05 98.60 8.48
CA PRO H 2529 -13.54 98.96 9.83
C PRO H 2529 -12.43 99.09 10.85
N ASP H 2530 -11.45 98.18 10.79
CA ASP H 2530 -10.34 98.23 11.73
C ASP H 2530 -9.44 99.44 11.47
N MET H 2531 -9.18 99.73 10.19
CA MET H 2531 -8.38 100.90 9.86
C MET H 2531 -9.07 102.18 10.31
N ARG H 2532 -10.39 102.26 10.13
CA ARG H 2532 -11.14 103.42 10.59
C ARG H 2532 -11.11 103.53 12.11
N ALA H 2533 -11.23 102.41 12.83
CA ALA H 2533 -11.13 102.45 14.28
C ALA H 2533 -9.76 102.94 14.72
N ALA H 2534 -8.71 102.45 14.08
CA ALA H 2534 -7.36 102.89 14.43
C ALA H 2534 -7.19 104.38 14.16
N ALA H 2535 -7.71 104.87 13.04
CA ALA H 2535 -7.64 106.29 12.74
C ALA H 2535 -8.41 107.11 13.77
N SER H 2536 -9.60 106.66 14.15
CA SER H 2536 -10.41 107.37 15.13
C SER H 2536 -9.78 107.37 16.52
N LEU H 2537 -9.00 106.35 16.86
CA LEU H 2537 -8.31 106.31 18.14
C LEU H 2537 -7.02 107.14 18.15
N ASP H 2538 -6.85 108.02 17.16
CA ASP H 2538 -5.65 108.85 17.08
C ASP H 2538 -5.75 110.12 17.92
N THR H 2539 -6.86 110.34 18.60
CA THR H 2539 -6.99 111.52 19.43
C THR H 2539 -6.03 111.45 20.61
N ALA H 2540 -5.80 112.61 21.23
CA ALA H 2540 -4.81 112.69 22.31
C ALA H 2540 -5.16 111.78 23.46
N THR H 2541 -6.46 111.56 23.73
CA THR H 2541 -6.84 110.74 24.87
C THR H 2541 -6.63 109.25 24.59
N PHE H 2542 -6.98 108.79 23.38
CA PHE H 2542 -6.91 107.38 23.05
C PHE H 2542 -5.63 106.98 22.33
N SER H 2543 -4.71 107.92 22.09
CA SER H 2543 -3.57 107.62 21.22
C SER H 2543 -2.73 106.48 21.76
N THR H 2544 -2.42 106.49 23.07
CA THR H 2544 -1.49 105.54 23.65
C THR H 2544 -2.19 104.42 24.40
N THR H 2545 -3.50 104.26 24.21
CA THR H 2545 -4.22 103.18 24.85
C THR H 2545 -3.71 101.84 24.33
N GLU H 2546 -3.87 100.81 25.17
CA GLU H 2546 -3.40 99.48 24.79
C GLU H 2546 -4.06 99.01 23.51
N MET H 2547 -5.37 99.20 23.39
CA MET H 2547 -6.06 98.78 22.18
C MET H 2547 -5.60 99.57 20.97
N ALA H 2548 -5.35 100.87 21.14
CA ALA H 2548 -4.88 101.69 20.03
C ALA H 2548 -3.52 101.21 19.54
N LEU H 2549 -2.59 100.94 20.47
CA LEU H 2549 -1.28 100.45 20.07
C LEU H 2549 -1.36 99.06 19.44
N ALA H 2550 -2.22 98.19 19.98
CA ALA H 2550 -2.40 96.88 19.39
C ALA H 2550 -2.95 96.98 17.97
N LEU H 2551 -3.91 97.88 17.76
CA LEU H 2551 -4.46 98.06 16.42
C LEU H 2551 -3.40 98.60 15.47
N ASN H 2552 -2.57 99.53 15.94
CA ASN H 2552 -1.50 100.04 15.09
C ASN H 2552 -0.54 98.92 14.70
N ARG H 2553 -0.15 98.09 15.67
CA ARG H 2553 0.73 96.96 15.36
C ARG H 2553 0.08 96.01 14.36
N TYR H 2554 -1.19 95.69 14.58
CA TYR H 2554 -1.91 94.80 13.68
C TYR H 2554 -1.92 95.35 12.26
N LEU H 2555 -2.30 96.62 12.12
CA LEU H 2555 -2.39 97.22 10.78
C LEU H 2555 -1.02 97.27 10.12
N CYS H 2556 0.02 97.64 10.86
CA CYS H 2556 1.33 97.84 10.26
C CYS H 2556 2.10 96.54 10.05
N LEU H 2557 1.66 95.43 10.65
CA LEU H 2557 2.36 94.16 10.47
C LEU H 2557 1.60 93.14 9.65
N ALA H 2558 0.26 93.21 9.58
CA ALA H 2558 -0.49 92.21 8.83
C ALA H 2558 -1.29 92.83 7.69
N VAL H 2559 -2.10 93.84 8.01
CA VAL H 2559 -3.09 94.35 7.08
C VAL H 2559 -2.45 95.19 5.98
N LEU H 2560 -1.82 96.30 6.37
CA LEU H 2560 -1.33 97.24 5.37
C LEU H 2560 -0.31 96.61 4.42
N PRO H 2561 0.66 95.83 4.89
CA PRO H 2561 1.57 95.18 3.93
C PRO H 2561 0.84 94.33 2.90
N LEU H 2562 -0.23 93.64 3.30
CA LEU H 2562 -1.02 92.88 2.35
C LEU H 2562 -1.67 93.79 1.31
N ILE H 2563 -2.18 94.93 1.75
CA ILE H 2563 -2.79 95.89 0.82
C ILE H 2563 -1.74 96.42 -0.15
N THR H 2564 -0.54 96.71 0.34
CA THR H 2564 0.52 97.16 -0.56
C THR H 2564 0.85 96.09 -1.58
N LYS H 2565 0.92 94.83 -1.13
CA LYS H 2565 1.20 93.74 -2.05
C LYS H 2565 0.10 93.59 -3.10
N CYS H 2566 -1.15 93.81 -2.71
CA CYS H 2566 -2.28 93.67 -3.61
C CYS H 2566 -2.66 94.98 -4.29
N ALA H 2567 -1.82 96.01 -4.17
CA ALA H 2567 -2.14 97.30 -4.78
C ALA H 2567 -2.43 97.21 -6.26
N PRO H 2568 -1.70 96.44 -7.07
CA PRO H 2568 -2.00 96.41 -8.50
C PRO H 2568 -3.44 96.01 -8.82
N LEU H 2569 -4.10 95.29 -7.92
CA LEU H 2569 -5.48 94.89 -8.14
C LEU H 2569 -6.47 96.04 -8.01
N PHE H 2570 -6.03 97.21 -7.57
CA PHE H 2570 -6.91 98.35 -7.41
C PHE H 2570 -7.13 99.13 -8.70
N ALA H 2571 -6.44 98.77 -9.78
CA ALA H 2571 -6.67 99.40 -11.07
C ALA H 2571 -7.99 98.91 -11.64
N GLY H 2572 -8.83 99.84 -12.09
CA GLY H 2572 -10.12 99.49 -12.63
C GLY H 2572 -11.21 99.30 -11.59
N THR H 2573 -11.14 100.02 -10.47
CA THR H 2573 -12.13 99.92 -9.41
C THR H 2573 -13.07 101.12 -9.40
N GLU H 2574 -13.43 101.62 -10.58
CA GLU H 2574 -14.32 102.78 -10.63
C GLU H 2574 -15.67 102.47 -10.00
N HIS H 2575 -16.11 101.22 -10.05
CA HIS H 2575 -17.41 100.88 -9.49
C HIS H 2575 -17.44 101.11 -7.98
N ARG H 2576 -16.41 100.68 -7.26
CA ARG H 2576 -16.34 100.93 -5.82
C ARG H 2576 -15.53 102.19 -5.54
N ALA H 2577 -15.88 103.28 -6.23
CA ALA H 2577 -15.13 104.53 -6.06
C ALA H 2577 -15.28 105.07 -4.65
N ILE H 2578 -16.48 104.98 -4.07
CA ILE H 2578 -16.70 105.51 -2.73
C ILE H 2578 -15.83 104.78 -1.73
N MET H 2579 -15.80 103.45 -1.80
CA MET H 2579 -15.03 102.68 -0.84
C MET H 2579 -13.54 102.91 -1.04
N VAL H 2580 -13.10 103.02 -2.29
CA VAL H 2580 -11.68 103.29 -2.54
C VAL H 2580 -11.29 104.65 -1.98
N ASP H 2581 -12.15 105.66 -2.18
CA ASP H 2581 -11.87 106.97 -1.63
C ASP H 2581 -11.81 106.93 -0.10
N SER H 2582 -12.74 106.20 0.53
CA SER H 2582 -12.72 106.08 1.98
C SER H 2582 -11.43 105.40 2.45
N MET H 2583 -10.99 104.37 1.74
CA MET H 2583 -9.75 103.71 2.10
C MET H 2583 -8.57 104.67 2.02
N LEU H 2584 -8.50 105.44 0.94
CA LEU H 2584 -7.40 106.38 0.78
C LEU H 2584 -7.41 107.42 1.89
N HIS H 2585 -8.58 107.95 2.21
CA HIS H 2585 -8.68 108.94 3.29
C HIS H 2585 -8.25 108.34 4.62
N THR H 2586 -8.68 107.11 4.90
CA THR H 2586 -8.32 106.47 6.17
C THR H 2586 -6.82 106.23 6.25
N VAL H 2587 -6.21 105.79 5.15
CA VAL H 2587 -4.77 105.55 5.17
C VAL H 2587 -4.01 106.85 5.35
N TYR H 2588 -4.49 107.93 4.72
CA TYR H 2588 -3.86 109.22 4.91
C TYR H 2588 -3.96 109.69 6.36
N ARG H 2589 -5.13 109.50 6.98
CA ARG H 2589 -5.29 109.88 8.38
C ARG H 2589 -4.37 109.06 9.27
N LEU H 2590 -4.24 107.76 8.98
CA LEU H 2590 -3.33 106.93 9.75
C LEU H 2590 -1.89 107.39 9.60
N SER H 2591 -1.50 107.77 8.38
CA SER H 2591 -0.15 108.28 8.17
C SER H 2591 0.09 109.54 8.99
N ARG H 2592 -0.90 110.43 9.03
CA ARG H 2592 -0.84 111.60 9.92
C ARG H 2592 -1.25 111.23 11.34
N GLY H 2593 -0.56 110.27 11.93
CA GLY H 2593 -0.93 109.75 13.25
C GLY H 2593 0.17 109.99 14.26
N ARG H 2594 -0.22 110.36 15.48
CA ARG H 2594 0.72 110.48 16.58
C ARG H 2594 0.89 109.11 17.25
N SER H 2595 1.88 109.01 18.13
CA SER H 2595 2.17 107.77 18.83
C SER H 2595 2.39 106.61 17.85
N LEU H 2596 3.06 106.90 16.74
CA LEU H 2596 3.40 105.91 15.73
C LEU H 2596 4.91 105.82 15.61
N THR H 2597 5.43 104.61 15.58
CA THR H 2597 6.86 104.42 15.44
C THR H 2597 7.29 104.72 14.01
N LYS H 2598 8.60 104.88 13.82
CA LYS H 2598 9.12 105.24 12.50
C LYS H 2598 8.84 104.13 11.50
N ALA H 2599 9.03 102.87 11.89
CA ALA H 2599 8.75 101.76 10.99
C ALA H 2599 7.28 101.70 10.63
N GLN H 2600 6.40 101.92 11.60
CA GLN H 2600 4.97 101.92 11.33
C GLN H 2600 4.61 103.03 10.35
N ARG H 2601 5.15 104.23 10.55
CA ARG H 2601 4.88 105.32 9.64
C ARG H 2601 5.39 105.00 8.24
N ASP H 2602 6.57 104.38 8.15
CA ASP H 2602 7.10 104.00 6.84
C ASP H 2602 6.18 103.01 6.15
N VAL H 2603 5.65 102.04 6.89
CA VAL H 2603 4.75 101.06 6.30
C VAL H 2603 3.48 101.74 5.79
N ILE H 2604 2.91 102.64 6.59
CA ILE H 2604 1.69 103.32 6.16
C ILE H 2604 1.95 104.15 4.92
N GLU H 2605 3.07 104.87 4.89
CA GLU H 2605 3.39 105.70 3.74
C GLU H 2605 3.62 104.85 2.51
N ASP H 2606 4.28 103.70 2.65
CA ASP H 2606 4.45 102.79 1.53
C ASP H 2606 3.10 102.32 1.01
N CYS H 2607 2.17 102.00 1.90
CA CYS H 2607 0.84 101.58 1.47
C CYS H 2607 0.16 102.69 0.68
N LEU H 2608 0.22 103.93 1.18
CA LEU H 2608 -0.43 105.02 0.47
C LEU H 2608 0.19 105.23 -0.91
N MET H 2609 1.51 105.21 -0.99
CA MET H 2609 2.17 105.41 -2.27
C MET H 2609 1.83 104.30 -3.25
N ALA H 2610 1.82 103.06 -2.77
CA ALA H 2610 1.47 101.94 -3.64
C ALA H 2610 0.05 102.07 -4.15
N LEU H 2611 -0.89 102.44 -3.27
CA LEU H 2611 -2.27 102.59 -3.71
C LEU H 2611 -2.41 103.69 -4.76
N CYS H 2612 -1.76 104.83 -4.53
CA CYS H 2612 -1.85 105.94 -5.48
C CYS H 2612 -1.12 105.64 -6.78
N ARG H 2613 -0.14 104.74 -6.76
CA ARG H 2613 0.58 104.37 -7.98
C ARG H 2613 -0.28 103.57 -8.95
N TYR H 2614 -1.39 103.00 -8.50
CA TYR H 2614 -2.24 102.19 -9.36
C TYR H 2614 -3.68 102.67 -9.46
N ILE H 2615 -4.16 103.48 -8.53
CA ILE H 2615 -5.52 103.99 -8.64
C ILE H 2615 -5.61 104.99 -9.79
N ARG H 2616 -6.74 105.00 -10.47
CA ARG H 2616 -6.91 105.89 -11.62
C ARG H 2616 -6.87 107.35 -11.15
N PRO H 2617 -6.31 108.26 -11.96
CA PRO H 2617 -6.18 109.65 -11.50
C PRO H 2617 -7.50 110.31 -11.15
N SER H 2618 -8.60 109.90 -11.79
CA SER H 2618 -9.89 110.52 -11.48
C SER H 2618 -10.33 110.23 -10.06
N MET H 2619 -9.94 109.08 -9.51
CA MET H 2619 -10.39 108.68 -8.18
C MET H 2619 -9.58 109.33 -7.06
N LEU H 2620 -8.45 109.95 -7.37
CA LEU H 2620 -7.60 110.57 -6.36
C LEU H 2620 -7.95 112.03 -6.13
N GLN H 2621 -9.10 112.49 -6.63
CA GLN H 2621 -9.46 113.90 -6.54
C GLN H 2621 -9.67 114.35 -5.11
N HIS H 2622 -10.34 113.53 -4.28
CA HIS H 2622 -10.59 113.92 -2.90
C HIS H 2622 -9.30 113.93 -2.09
N LEU H 2623 -8.43 112.95 -2.32
CA LEU H 2623 -7.13 112.98 -1.67
C LEU H 2623 -6.34 114.21 -2.08
N LEU H 2624 -6.42 114.58 -3.36
CA LEU H 2624 -5.80 115.82 -3.81
C LEU H 2624 -6.39 117.02 -3.10
N ARG H 2625 -7.70 117.01 -2.88
CA ARG H 2625 -8.34 118.11 -2.16
C ARG H 2625 -7.79 118.22 -0.74
N ARG H 2626 -7.64 117.09 -0.05
CA ARG H 2626 -7.09 117.13 1.30
C ARG H 2626 -5.63 117.61 1.29
N LEU H 2627 -4.85 117.13 0.32
CA LEU H 2627 -3.45 117.53 0.24
C LEU H 2627 -3.31 119.01 -0.09
N VAL H 2628 -4.24 119.56 -0.87
CA VAL H 2628 -4.20 120.98 -1.19
C VAL H 2628 -4.27 121.81 0.07
N PHE H 2629 -4.96 121.31 1.10
CA PHE H 2629 -5.07 122.02 2.37
C PHE H 2629 -3.95 121.67 3.36
N ASP H 2630 -3.40 120.47 3.29
CA ASP H 2630 -2.38 120.05 4.24
C ASP H 2630 -0.96 120.40 3.81
N VAL H 2631 -0.60 120.19 2.56
CA VAL H 2631 0.78 120.30 2.09
C VAL H 2631 1.31 121.73 2.21
N PRO H 2632 0.56 122.75 1.76
CA PRO H 2632 1.12 124.10 1.71
C PRO H 2632 1.77 124.57 3.02
N ILE H 2633 1.37 123.98 4.14
CA ILE H 2633 1.96 124.35 5.42
C ILE H 2633 3.45 124.04 5.43
N LEU H 2634 3.86 122.98 4.74
CA LEU H 2634 5.27 122.62 4.61
C LEU H 2634 5.90 122.38 5.98
N ASN H 2635 5.15 121.72 6.85
CA ASN H 2635 5.69 121.29 8.14
C ASN H 2635 6.42 119.96 7.94
N GLU H 2636 6.80 119.29 9.02
CA GLU H 2636 7.51 118.02 8.92
C GLU H 2636 6.63 116.89 8.40
N PHE H 2637 5.31 117.01 8.54
CA PHE H 2637 4.38 116.00 8.03
C PHE H 2637 4.10 116.16 6.55
N ALA H 2638 4.64 117.21 5.91
CA ALA H 2638 4.41 117.43 4.49
C ALA H 2638 5.46 116.78 3.60
N LYS H 2639 6.46 116.11 4.19
CA LYS H 2639 7.51 115.50 3.38
C LYS H 2639 6.96 114.36 2.53
N MET H 2640 6.08 113.54 3.09
CA MET H 2640 5.56 112.40 2.36
C MET H 2640 4.49 112.83 1.36
N PRO H 2641 3.57 113.73 1.73
CA PRO H 2641 2.63 114.24 0.73
C PRO H 2641 3.32 114.85 -0.48
N LEU H 2642 4.46 115.52 -0.28
CA LEU H 2642 5.17 116.11 -1.41
C LEU H 2642 5.65 115.04 -2.37
N LYS H 2643 6.24 113.96 -1.85
CA LYS H 2643 6.69 112.87 -2.71
C LYS H 2643 5.51 112.20 -3.39
N LEU H 2644 4.40 112.03 -2.66
CA LEU H 2644 3.21 111.40 -3.25
C LEU H 2644 2.70 112.23 -4.43
N LEU H 2645 2.60 113.55 -4.25
CA LEU H 2645 2.17 114.42 -5.33
C LEU H 2645 3.15 114.40 -6.49
N THR H 2646 4.45 114.40 -6.18
CA THR H 2646 5.46 114.33 -7.23
C THR H 2646 5.24 113.11 -8.11
N ASN H 2647 5.13 111.92 -7.48
CA ASN H 2647 4.93 110.71 -8.24
C ASN H 2647 3.60 110.75 -8.99
N HIS H 2648 2.54 111.21 -8.34
CA HIS H 2648 1.22 111.23 -8.97
C HIS H 2648 1.24 112.06 -10.25
N TYR H 2649 1.77 113.27 -10.17
CA TYR H 2649 1.79 114.14 -11.33
C TYR H 2649 2.79 113.69 -12.38
N GLU H 2650 3.95 113.18 -11.98
CA GLU H 2650 4.89 112.65 -12.95
C GLU H 2650 4.29 111.48 -13.71
N ARG H 2651 3.41 110.70 -13.08
CA ARG H 2651 2.80 109.56 -13.75
C ARG H 2651 1.60 109.97 -14.60
N CYS H 2652 0.78 110.91 -14.12
CA CYS H 2652 -0.47 111.26 -14.78
C CYS H 2652 -0.44 112.67 -15.38
N TRP H 2653 0.74 113.14 -15.81
CA TRP H 2653 0.82 114.47 -16.39
C TRP H 2653 -0.06 114.59 -17.63
N LYS H 2654 -0.15 113.53 -18.44
CA LYS H 2654 -1.01 113.59 -19.62
C LYS H 2654 -2.46 113.80 -19.23
N TYR H 2655 -2.91 113.17 -18.15
CA TYR H 2655 -4.30 113.27 -17.74
C TYR H 2655 -4.71 114.73 -17.50
N TYR H 2656 -3.75 115.58 -17.16
CA TYR H 2656 -4.02 116.98 -16.87
C TYR H 2656 -3.62 117.92 -18.00
N CYS H 2657 -2.53 117.63 -18.71
CA CYS H 2657 -1.98 118.55 -19.71
C CYS H 2657 -2.66 118.40 -21.07
N LEU H 2658 -2.63 117.20 -21.63
CA LEU H 2658 -3.11 117.02 -22.99
C LEU H 2658 -4.61 117.30 -23.07
N PRO H 2659 -5.06 118.03 -24.10
CA PRO H 2659 -6.52 118.26 -24.22
C PRO H 2659 -7.31 116.98 -24.36
N THR H 2660 -6.76 115.98 -25.04
CA THR H 2660 -7.47 114.71 -25.21
C THR H 2660 -7.51 113.94 -23.90
N GLY H 2661 -6.48 114.09 -23.08
CA GLY H 2661 -6.37 113.37 -21.82
C GLY H 2661 -5.44 112.19 -21.94
N TRP H 2662 -5.53 111.31 -20.96
CA TRP H 2662 -4.72 110.10 -20.92
C TRP H 2662 -5.56 108.92 -21.41
N ALA H 2663 -4.92 108.04 -22.19
CA ALA H 2663 -5.63 106.95 -22.83
C ALA H 2663 -6.32 106.06 -21.80
N ASN H 2664 -7.63 105.87 -21.97
CA ASN H 2664 -8.42 104.96 -21.15
C ASN H 2664 -8.65 105.50 -19.74
N PHE H 2665 -8.04 106.65 -19.43
CA PHE H 2665 -8.24 107.24 -18.11
C PHE H 2665 -9.13 108.46 -18.18
N GLY H 2666 -9.32 109.03 -19.37
CA GLY H 2666 -10.12 110.21 -19.54
C GLY H 2666 -9.28 111.47 -19.55
N VAL H 2667 -9.95 112.58 -19.28
CA VAL H 2667 -9.32 113.89 -19.24
C VAL H 2667 -9.69 114.57 -17.93
N THR H 2668 -8.78 115.40 -17.44
CA THR H 2668 -9.00 116.08 -16.17
C THR H 2668 -10.27 116.93 -16.22
N SER H 2669 -10.70 117.37 -15.05
CA SER H 2669 -11.84 118.27 -14.92
C SER H 2669 -11.36 119.65 -14.49
N GLU H 2670 -12.23 120.64 -14.68
CA GLU H 2670 -11.89 122.00 -14.29
C GLU H 2670 -11.56 122.07 -12.81
N GLU H 2671 -12.29 121.32 -11.98
CA GLU H 2671 -12.03 121.34 -10.55
C GLU H 2671 -10.68 120.73 -10.23
N GLU H 2672 -10.31 119.63 -10.90
CA GLU H 2672 -9.01 119.02 -10.67
C GLU H 2672 -7.89 119.98 -11.08
N LEU H 2673 -8.05 120.65 -12.23
CA LEU H 2673 -7.04 121.61 -12.64
C LEU H 2673 -6.94 122.79 -11.67
N HIS H 2674 -8.08 123.25 -11.16
CA HIS H 2674 -8.06 124.32 -10.16
C HIS H 2674 -7.33 123.88 -8.90
N LEU H 2675 -7.58 122.65 -8.45
CA LEU H 2675 -6.87 122.13 -7.28
C LEU H 2675 -5.37 122.04 -7.56
N THR H 2676 -5.00 121.60 -8.77
CA THR H 2676 -3.59 121.53 -9.12
C THR H 2676 -2.93 122.89 -9.08
N ARG H 2677 -3.59 123.90 -9.64
CA ARG H 2677 -3.02 125.24 -9.63
C ARG H 2677 -2.91 125.79 -8.21
N LYS H 2678 -3.94 125.57 -7.39
CA LYS H 2678 -3.87 126.01 -6.00
C LYS H 2678 -2.73 125.33 -5.26
N LEU H 2679 -2.57 124.02 -5.48
CA LEU H 2679 -1.46 123.30 -4.86
C LEU H 2679 -0.12 123.91 -5.27
N PHE H 2680 0.07 124.12 -6.58
CA PHE H 2680 1.32 124.68 -7.05
C PHE H 2680 1.61 126.02 -6.38
N TRP H 2681 0.64 126.92 -6.39
CA TRP H 2681 0.91 128.27 -5.90
C TRP H 2681 1.07 128.28 -4.39
N GLY H 2682 0.31 127.46 -3.67
CA GLY H 2682 0.51 127.38 -2.23
C GLY H 2682 1.89 126.87 -1.87
N ILE H 2683 2.34 125.80 -2.54
CA ILE H 2683 3.68 125.30 -2.28
C ILE H 2683 4.72 126.34 -2.63
N PHE H 2684 4.55 127.01 -3.77
CA PHE H 2684 5.52 128.00 -4.20
C PHE H 2684 5.63 129.14 -3.20
N ASP H 2685 4.49 129.67 -2.75
CA ASP H 2685 4.52 130.77 -1.79
C ASP H 2685 5.13 130.34 -0.46
N SER H 2686 4.73 129.17 0.04
CA SER H 2686 5.28 128.70 1.31
C SER H 2686 6.79 128.52 1.21
N LEU H 2687 7.27 127.91 0.12
CA LEU H 2687 8.70 127.72 -0.05
C LEU H 2687 9.43 129.04 -0.19
N ALA H 2688 8.84 130.01 -0.90
CA ALA H 2688 9.49 131.31 -1.05
C ALA H 2688 9.63 132.00 0.30
N HIS H 2689 8.60 131.93 1.14
CA HIS H 2689 8.65 132.58 2.44
C HIS H 2689 9.37 131.77 3.50
N LYS H 2690 9.69 130.51 3.23
CA LYS H 2690 10.34 129.67 4.22
C LYS H 2690 11.85 129.89 4.21
N LYS H 2691 12.47 129.61 5.36
CA LYS H 2691 13.91 129.61 5.46
C LYS H 2691 14.51 128.40 4.75
N TYR H 2692 15.75 128.53 4.33
CA TYR H 2692 16.39 127.45 3.60
C TYR H 2692 16.47 126.20 4.45
N ASP H 2693 16.11 125.06 3.86
CA ASP H 2693 16.20 123.75 4.51
C ASP H 2693 16.50 122.74 3.40
N GLN H 2694 17.72 122.20 3.41
CA GLN H 2694 18.19 121.39 2.30
C GLN H 2694 17.21 120.27 1.96
N GLU H 2695 16.79 119.51 2.98
CA GLU H 2695 15.88 118.39 2.72
C GLU H 2695 14.55 118.89 2.17
N LEU H 2696 13.99 119.95 2.76
CA LEU H 2696 12.71 120.45 2.31
C LEU H 2696 12.78 120.93 0.87
N TYR H 2697 13.84 121.68 0.53
CA TYR H 2697 13.98 122.15 -0.84
C TYR H 2697 14.17 120.98 -1.80
N ARG H 2698 15.00 120.01 -1.41
CA ARG H 2698 15.23 118.84 -2.26
C ARG H 2698 13.97 118.04 -2.51
N ILE H 2699 13.04 118.03 -1.56
CA ILE H 2699 11.78 117.32 -1.70
C ILE H 2699 10.75 118.16 -2.45
N ALA H 2700 10.82 119.49 -2.32
CA ALA H 2700 9.76 120.34 -2.86
C ALA H 2700 10.01 120.71 -4.31
N MET H 2701 11.26 120.89 -4.70
CA MET H 2701 11.54 121.29 -6.09
C MET H 2701 11.00 120.28 -7.08
N PRO H 2702 11.23 118.97 -6.93
CA PRO H 2702 10.62 118.03 -7.88
C PRO H 2702 9.10 118.10 -7.88
N CYS H 2703 8.46 118.34 -6.74
CA CYS H 2703 7.01 118.44 -6.70
C CYS H 2703 6.53 119.64 -7.50
N LEU H 2704 7.18 120.80 -7.33
CA LEU H 2704 6.81 121.98 -8.10
C LEU H 2704 7.01 121.73 -9.59
N CYS H 2705 8.13 121.10 -9.96
CA CYS H 2705 8.37 120.81 -11.36
C CYS H 2705 7.28 119.91 -11.93
N ALA H 2706 6.91 118.86 -11.19
CA ALA H 2706 5.90 117.92 -11.68
C ALA H 2706 4.55 118.61 -11.84
N ILE H 2707 4.16 119.42 -10.86
CA ILE H 2707 2.87 120.10 -10.93
C ILE H 2707 2.84 121.08 -12.09
N ALA H 2708 3.93 121.83 -12.27
CA ALA H 2708 4.01 122.77 -13.38
C ALA H 2708 3.94 122.06 -14.71
N GLY H 2709 4.65 120.93 -14.84
CA GLY H 2709 4.60 120.15 -16.06
C GLY H 2709 3.25 119.55 -16.35
N ALA H 2710 2.49 119.19 -15.30
CA ALA H 2710 1.13 118.69 -15.48
C ALA H 2710 0.14 119.77 -15.84
N LEU H 2711 0.29 120.98 -15.32
CA LEU H 2711 -0.66 122.04 -15.60
C LEU H 2711 -0.56 122.47 -17.07
N PRO H 2712 -1.66 122.62 -17.79
CA PRO H 2712 -1.61 123.19 -19.13
C PRO H 2712 -1.08 124.61 -19.10
N PRO H 2713 -0.24 125.00 -20.06
CA PRO H 2713 0.32 126.37 -20.01
C PRO H 2713 -0.73 127.46 -20.06
N ASP H 2714 -1.83 127.25 -20.80
CA ASP H 2714 -2.83 128.28 -21.01
C ASP H 2714 -4.07 128.08 -20.17
N TYR H 2715 -4.03 127.19 -19.18
CA TYR H 2715 -5.18 126.97 -18.32
C TYR H 2715 -5.61 128.27 -17.67
N VAL H 2716 -6.89 128.59 -17.76
CA VAL H 2716 -7.46 129.79 -17.16
C VAL H 2716 -8.40 129.35 -16.05
N ASP H 2717 -8.15 129.82 -14.84
CA ASP H 2717 -8.95 129.43 -13.69
C ASP H 2717 -10.31 130.12 -13.76
N ALA H 2718 -11.37 129.32 -13.87
CA ALA H 2718 -12.72 129.90 -13.93
C ALA H 2718 -13.04 130.66 -12.66
N SER H 2719 -12.65 130.12 -11.51
CA SER H 2719 -12.87 130.75 -10.22
C SER H 2719 -11.74 131.70 -9.83
N TYR H 2720 -10.99 132.21 -10.79
CA TYR H 2720 -9.89 133.13 -10.51
C TYR H 2720 -10.34 134.22 -9.55
N SER H 2721 -9.68 134.29 -8.40
CA SER H 2721 -10.02 135.24 -7.34
C SER H 2721 -8.77 136.03 -7.00
N SER H 2722 -8.72 137.29 -7.47
CA SER H 2722 -7.59 138.15 -7.11
C SER H 2722 -7.52 138.38 -5.61
N LYS H 2723 -8.66 138.32 -4.93
CA LYS H 2723 -8.66 138.45 -3.47
C LYS H 2723 -7.94 137.28 -2.83
N THR H 2724 -8.19 136.06 -3.31
CA THR H 2724 -7.57 134.83 -2.81
C THR H 2724 -7.38 134.89 -1.29
N GLU H 2725 -8.47 135.11 -0.56
CA GLU H 2725 -8.39 135.16 0.89
C GLU H 2725 -8.19 133.76 1.46
N LYS H 2726 -7.51 133.70 2.60
CA LYS H 2726 -7.21 132.44 3.26
C LYS H 2726 -6.46 131.52 2.29
N ASN H 2735 -5.84 125.00 10.90
CA ASN H 2735 -7.23 124.56 10.94
C ASN H 2735 -8.09 125.41 10.01
N PHE H 2736 -9.21 124.83 9.55
CA PHE H 2736 -10.13 125.56 8.70
C PHE H 2736 -10.88 126.61 9.53
N ASP H 2737 -11.24 127.71 8.86
CA ASP H 2737 -11.94 128.83 9.49
C ASP H 2737 -13.38 128.87 9.01
N PRO H 2738 -14.29 128.11 9.63
CA PRO H 2738 -15.71 128.23 9.29
C PRO H 2738 -16.37 129.50 9.81
N ARG H 2739 -15.62 130.32 10.56
CA ARG H 2739 -16.16 131.56 11.11
C ARG H 2739 -16.79 132.40 10.00
N PRO H 2740 -18.11 132.60 10.00
CA PRO H 2740 -18.72 133.48 9.00
C PRO H 2740 -18.76 134.94 9.46
N VAL H 2741 -19.33 135.81 8.64
CA VAL H 2741 -19.46 137.22 9.02
C VAL H 2741 -20.54 137.36 10.07
N GLU H 2742 -20.58 138.54 10.70
CA GLU H 2742 -21.42 138.78 11.87
C GLU H 2742 -22.80 139.32 11.43
N THR H 2743 -23.56 138.40 10.82
CA THR H 2743 -24.89 138.76 10.33
C THR H 2743 -25.78 139.27 11.45
N LEU H 2744 -25.76 138.58 12.59
CA LEU H 2744 -26.68 138.92 13.67
C LEU H 2744 -26.35 140.28 14.27
N ASN H 2745 -25.06 140.60 14.41
CA ASN H 2745 -24.72 141.88 15.00
C ASN H 2745 -24.96 143.03 14.03
N VAL H 2746 -24.67 142.82 12.74
CA VAL H 2746 -24.88 143.89 11.78
C VAL H 2746 -26.38 144.16 11.61
N ILE H 2747 -26.71 145.40 11.26
CA ILE H 2747 -28.10 145.84 11.17
C ILE H 2747 -28.71 145.38 9.85
N ILE H 2748 -30.03 145.51 9.73
CA ILE H 2748 -30.76 145.09 8.55
C ILE H 2748 -31.68 146.23 8.13
N PRO H 2749 -31.54 146.79 6.93
CA PRO H 2749 -32.44 147.87 6.51
C PRO H 2749 -33.88 147.41 6.42
N GLU H 2750 -34.82 148.35 6.61
CA GLU H 2750 -36.23 148.01 6.52
C GLU H 2750 -36.63 147.62 5.11
N LYS H 2751 -35.97 148.21 4.10
CA LYS H 2751 -36.19 147.80 2.72
C LYS H 2751 -35.73 146.35 2.50
N LEU H 2752 -34.58 145.99 3.09
CA LEU H 2752 -34.15 144.61 3.02
C LEU H 2752 -35.09 143.70 3.80
N ASP H 2753 -35.73 144.22 4.85
CA ASP H 2753 -36.71 143.42 5.59
C ASP H 2753 -37.98 143.20 4.76
N SER H 2754 -38.39 144.22 4.00
CA SER H 2754 -39.50 144.03 3.08
C SER H 2754 -39.18 142.95 2.06
N PHE H 2755 -37.96 142.99 1.49
CA PHE H 2755 -37.56 141.91 0.61
C PHE H 2755 -37.53 140.58 1.35
N ILE H 2756 -37.18 140.60 2.63
CA ILE H 2756 -37.11 139.36 3.41
C ILE H 2756 -38.50 138.73 3.49
N ASN H 2757 -39.50 139.54 3.80
CA ASN H 2757 -40.87 139.02 3.87
C ASN H 2757 -41.32 138.52 2.51
N LYS H 2758 -41.08 139.31 1.46
CA LYS H 2758 -41.57 138.92 0.13
C LYS H 2758 -40.86 137.66 -0.36
N PHE H 2759 -39.56 137.53 -0.08
CA PHE H 2759 -38.82 136.35 -0.49
C PHE H 2759 -39.13 135.15 0.40
N ALA H 2760 -39.57 135.37 1.63
CA ALA H 2760 -40.07 134.26 2.43
C ALA H 2760 -41.35 133.70 1.81
N GLU H 2761 -42.25 134.60 1.42
CA GLU H 2761 -43.44 134.17 0.67
C GLU H 2761 -43.03 133.43 -0.59
N TYR H 2762 -42.05 133.97 -1.31
CA TYR H 2762 -41.60 133.37 -2.57
C TYR H 2762 -41.02 131.98 -2.34
N THR H 2763 -40.21 131.82 -1.30
CA THR H 2763 -39.57 130.54 -1.05
C THR H 2763 -40.59 129.51 -0.56
N HIS H 2764 -41.60 129.94 0.19
CA HIS H 2764 -42.69 129.03 0.51
C HIS H 2764 -43.42 128.59 -0.76
N GLU H 2765 -43.68 129.51 -1.68
CA GLU H 2765 -44.33 129.11 -2.93
C GLU H 2765 -43.44 128.18 -3.74
N LYS H 2766 -42.13 128.41 -3.74
CA LYS H 2766 -41.20 127.52 -4.43
C LYS H 2766 -41.21 126.13 -3.83
N TRP H 2767 -41.23 126.06 -2.49
CA TRP H 2767 -41.27 124.75 -1.84
C TRP H 2767 -42.61 124.06 -2.09
N ALA H 2768 -43.68 124.84 -2.21
CA ALA H 2768 -44.98 124.27 -2.57
C ALA H 2768 -44.94 123.71 -3.98
N PHE H 2769 -44.28 124.42 -4.90
CA PHE H 2769 -44.12 123.91 -6.26
C PHE H 2769 -43.28 122.63 -6.26
N ASP H 2770 -42.24 122.58 -5.44
CA ASP H 2770 -41.45 121.36 -5.30
C ASP H 2770 -42.31 120.22 -4.77
N LYS H 2771 -43.18 120.52 -3.81
CA LYS H 2771 -44.10 119.52 -3.29
C LYS H 2771 -45.05 119.05 -4.37
N ILE H 2772 -45.49 119.95 -5.25
CA ILE H 2772 -46.31 119.55 -6.39
C ILE H 2772 -45.54 118.61 -7.28
N GLN H 2773 -44.27 118.92 -7.55
CA GLN H 2773 -43.43 118.00 -8.32
C GLN H 2773 -43.36 116.63 -7.65
N ASN H 2774 -43.24 116.61 -6.33
CA ASN H 2774 -43.19 115.36 -5.57
C ASN H 2774 -44.58 114.74 -5.36
N ASN H 2775 -45.65 115.40 -5.83
CA ASN H 2775 -47.02 114.94 -5.62
C ASN H 2775 -47.42 115.03 -4.15
N TRP H 2776 -47.11 116.17 -3.52
CA TRP H 2776 -47.40 116.39 -2.11
C TRP H 2776 -48.40 117.54 -1.98
N SER H 2777 -49.62 117.20 -1.53
CA SER H 2777 -50.68 118.19 -1.38
C SER H 2777 -50.75 118.74 0.04
N TYR H 2778 -51.82 119.45 0.37
CA TYR H 2778 -52.06 119.99 1.70
C TYR H 2778 -52.64 118.90 2.59
N GLY H 2779 -52.13 118.80 3.81
CA GLY H 2779 -52.59 117.78 4.74
C GLY H 2779 -52.39 118.17 6.19
N GLU H 2780 -52.23 117.18 7.06
CA GLU H 2780 -52.00 117.42 8.48
C GLU H 2780 -50.58 117.13 8.92
N ASN H 2781 -49.79 116.47 8.08
CA ASN H 2781 -48.39 116.19 8.42
C ASN H 2781 -47.62 115.94 7.12
N ILE H 2782 -46.29 115.94 7.24
CA ILE H 2782 -45.42 115.84 6.07
C ILE H 2782 -44.91 114.42 5.94
N ASP H 2783 -45.63 113.46 6.53
CA ASP H 2783 -45.24 112.06 6.40
C ASP H 2783 -45.24 111.66 4.93
N GLU H 2784 -44.23 110.86 4.55
CA GLU H 2784 -44.02 110.54 3.14
C GLU H 2784 -45.21 109.78 2.55
N GLU H 2785 -45.74 108.81 3.31
CA GLU H 2785 -46.78 107.96 2.75
C GLU H 2785 -48.04 108.74 2.40
N LEU H 2786 -48.44 109.70 3.26
CA LEU H 2786 -49.62 110.50 2.94
C LEU H 2786 -49.38 111.41 1.74
N LYS H 2787 -48.12 111.76 1.47
CA LYS H 2787 -47.78 112.65 0.37
C LYS H 2787 -48.57 113.95 0.48
N THR H 2788 -48.33 114.67 1.56
CA THR H 2788 -49.00 115.94 1.83
C THR H 2788 -47.99 116.89 2.48
N HIS H 2789 -48.48 118.09 2.80
CA HIS H 2789 -47.67 119.09 3.49
C HIS H 2789 -48.55 119.88 4.45
N PRO H 2790 -48.34 119.80 5.76
CA PRO H 2790 -49.25 120.49 6.68
C PRO H 2790 -49.22 121.99 6.53
N MET H 2791 -48.12 122.54 6.04
CA MET H 2791 -47.94 123.98 5.94
C MET H 2791 -48.16 124.52 4.53
N LEU H 2792 -48.94 123.83 3.70
CA LEU H 2792 -49.22 124.30 2.36
C LEU H 2792 -50.48 125.17 2.32
N ARG H 2793 -50.38 126.45 2.67
CA ARG H 2793 -51.50 127.35 2.48
C ARG H 2793 -50.95 128.70 2.03
N PRO H 2794 -51.81 129.62 1.57
CA PRO H 2794 -51.31 130.89 1.07
C PRO H 2794 -50.56 131.65 2.17
N TYR H 2795 -49.80 132.66 1.74
CA TYR H 2795 -48.94 133.39 2.68
C TYR H 2795 -49.77 134.06 3.77
N LYS H 2796 -50.96 134.55 3.43
CA LYS H 2796 -51.78 135.25 4.42
C LYS H 2796 -52.10 134.34 5.60
N THR H 2797 -52.53 133.11 5.32
CA THR H 2797 -52.78 132.16 6.41
C THR H 2797 -51.50 131.55 6.93
N PHE H 2798 -50.38 131.73 6.23
CA PHE H 2798 -49.10 131.23 6.69
C PHE H 2798 -48.82 131.74 8.09
N SER H 2799 -48.42 130.83 8.99
CA SER H 2799 -48.26 131.18 10.39
C SER H 2799 -47.05 132.09 10.58
N GLU H 2800 -47.20 133.06 11.49
CA GLU H 2800 -46.12 134.02 11.74
C GLU H 2800 -44.84 133.30 12.16
N LYS H 2801 -44.99 132.19 12.89
CA LYS H 2801 -43.82 131.41 13.30
C LYS H 2801 -43.13 130.81 12.09
N ASP H 2802 -43.90 130.24 11.16
CA ASP H 2802 -43.30 129.63 9.97
C ASP H 2802 -42.90 130.69 8.95
N LYS H 2803 -43.65 131.79 8.88
CA LYS H 2803 -43.20 132.93 8.09
C LYS H 2803 -41.84 133.41 8.59
N GLU H 2804 -41.69 133.52 9.91
CA GLU H 2804 -40.41 133.93 10.47
C GLU H 2804 -39.33 132.90 10.21
N ILE H 2805 -39.69 131.61 10.26
CA ILE H 2805 -38.72 130.56 9.96
C ILE H 2805 -38.21 130.71 8.54
N TYR H 2806 -39.10 130.96 7.59
CA TYR H 2806 -38.70 131.17 6.21
C TYR H 2806 -37.88 132.45 6.06
N ARG H 2807 -38.23 133.50 6.80
CA ARG H 2807 -37.53 134.77 6.66
C ARG H 2807 -36.12 134.71 7.23
N TRP H 2808 -35.94 133.95 8.30
CA TRP H 2808 -34.70 134.00 9.08
C TRP H 2808 -33.47 133.69 8.24
N PRO H 2809 -33.48 132.64 7.41
CA PRO H 2809 -32.35 132.47 6.48
C PRO H 2809 -32.14 133.66 5.57
N ILE H 2810 -33.23 134.28 5.12
CA ILE H 2810 -33.11 135.47 4.27
C ILE H 2810 -32.51 136.61 5.07
N LYS H 2811 -32.96 136.78 6.32
CA LYS H 2811 -32.38 137.81 7.18
C LYS H 2811 -30.88 137.59 7.34
N GLU H 2812 -30.47 136.36 7.61
CA GLU H 2812 -29.05 136.09 7.81
C GLU H 2812 -28.25 136.35 6.53
N SER H 2813 -28.79 135.95 5.38
CA SER H 2813 -28.09 136.19 4.12
C SER H 2813 -27.89 137.69 3.88
N LEU H 2814 -28.97 138.46 3.99
CA LEU H 2814 -28.87 139.90 3.72
C LEU H 2814 -27.99 140.58 4.75
N LYS H 2815 -28.06 140.14 6.02
CA LYS H 2815 -27.19 140.70 7.04
C LYS H 2815 -25.73 140.38 6.76
N ALA H 2816 -25.43 139.18 6.24
CA ALA H 2816 -24.07 138.90 5.79
C ALA H 2816 -23.66 139.87 4.71
N MET H 2817 -24.55 140.12 3.75
CA MET H 2817 -24.24 141.06 2.68
C MET H 2817 -23.93 142.45 3.24
N ILE H 2818 -24.72 142.90 4.22
CA ILE H 2818 -24.46 144.19 4.84
C ILE H 2818 -23.13 144.18 5.58
N ALA H 2819 -22.85 143.11 6.32
CA ALA H 2819 -21.59 143.02 7.06
C ALA H 2819 -20.39 143.07 6.14
N TRP H 2820 -20.52 142.52 4.93
CA TRP H 2820 -19.45 142.63 3.95
C TRP H 2820 -19.29 144.03 3.39
N GLU H 2821 -20.13 144.98 3.83
CA GLU H 2821 -20.21 146.32 3.25
C GLU H 2821 -20.73 146.28 1.82
N TRP H 2822 -21.64 145.34 1.55
CA TRP H 2822 -22.29 145.25 0.25
C TRP H 2822 -23.57 146.08 0.32
N THR H 2823 -23.63 147.16 -0.47
CA THR H 2823 -24.74 148.09 -0.39
C THR H 2823 -25.84 147.67 -1.35
N VAL H 2824 -27.06 147.53 -0.84
CA VAL H 2824 -28.21 147.10 -1.63
C VAL H 2824 -29.12 148.31 -1.85
N GLU H 2825 -29.48 148.56 -3.11
CA GLU H 2825 -30.31 149.70 -3.50
C GLU H 2825 -31.60 149.17 -4.09
N LYS H 2826 -32.74 149.63 -3.56
CA LYS H 2826 -34.06 149.21 -4.00
C LYS H 2826 -34.62 150.24 -4.98
N ALA H 2827 -34.26 150.07 -6.25
CA ALA H 2827 -34.75 150.97 -7.28
C ALA H 2827 -36.24 150.81 -7.50
N ARG H 2828 -36.74 149.59 -7.49
CA ARG H 2828 -38.14 149.27 -7.79
C ARG H 2828 -38.75 148.49 -6.64
N GLU H 2829 -40.00 148.08 -6.82
CA GLU H 2829 -40.76 147.37 -5.80
C GLU H 2829 -40.96 145.92 -6.21
N GLY H 2830 -40.99 145.03 -5.22
CA GLY H 2830 -41.19 143.61 -5.48
C GLY H 2830 -42.50 143.31 -6.17
N GLU H 2831 -42.49 142.30 -7.04
CA GLU H 2831 -43.68 141.91 -7.78
C GLU H 2831 -44.00 140.43 -7.54
N TYR H 2856 -52.86 124.93 -0.75
CA TYR H 2856 -53.14 125.97 -1.73
C TYR H 2856 -52.35 125.73 -3.01
N ASN H 2857 -52.63 126.53 -4.03
CA ASN H 2857 -51.93 126.42 -5.31
C ASN H 2857 -50.67 127.26 -5.28
N PRO H 2858 -49.49 126.69 -5.51
CA PRO H 2858 -48.28 127.51 -5.53
C PRO H 2858 -48.34 128.55 -6.64
N GLN H 2859 -47.83 129.75 -6.32
CA GLN H 2859 -47.78 130.85 -7.29
C GLN H 2859 -46.42 131.54 -7.22
N PRO H 2860 -45.33 130.79 -7.26
CA PRO H 2860 -44.01 131.40 -7.21
C PRO H 2860 -43.64 132.05 -8.54
N PRO H 2861 -43.38 133.36 -8.56
CA PRO H 2861 -42.88 133.98 -9.80
C PRO H 2861 -41.62 133.30 -10.32
N ASP H 2862 -41.46 133.23 -11.64
CA ASP H 2862 -40.28 132.60 -12.21
C ASP H 2862 -39.05 133.46 -11.95
N LEU H 2863 -37.95 132.79 -11.59
CA LEU H 2863 -36.65 133.45 -11.46
C LEU H 2863 -35.75 133.23 -12.67
N SER H 2864 -36.10 132.31 -13.57
CA SER H 2864 -35.29 132.08 -14.76
C SER H 2864 -35.28 133.29 -15.66
N VAL H 2865 -36.25 134.19 -15.51
CA VAL H 2865 -36.31 135.37 -16.36
C VAL H 2865 -35.04 136.19 -16.22
N VAL H 2866 -34.55 136.34 -14.99
CA VAL H 2866 -33.37 137.16 -14.73
C VAL H 2866 -32.13 136.27 -14.81
N THR H 2867 -31.09 136.77 -15.48
CA THR H 2867 -29.81 136.09 -15.57
C THR H 2867 -28.79 136.89 -14.76
N LEU H 2868 -28.07 136.20 -13.87
CA LEU H 2868 -27.07 136.87 -13.05
C LEU H 2868 -25.91 137.29 -13.93
N SER H 2869 -25.49 138.54 -13.78
CA SER H 2869 -24.29 139.03 -14.45
C SER H 2869 -23.06 138.39 -13.82
N ARG H 2870 -21.88 138.83 -14.26
CA ARG H 2870 -20.65 138.35 -13.63
C ARG H 2870 -20.57 138.84 -12.19
N GLU H 2871 -20.91 140.12 -11.96
CA GLU H 2871 -20.88 140.66 -10.62
C GLU H 2871 -21.92 139.98 -9.73
N LEU H 2872 -23.11 139.72 -10.28
CA LEU H 2872 -24.14 139.02 -9.51
C LEU H 2872 -23.73 137.56 -9.25
N GLN H 2873 -23.03 136.95 -10.19
CA GLN H 2873 -22.51 135.61 -9.96
C GLN H 2873 -21.48 135.60 -8.83
N ALA H 2874 -20.64 136.63 -8.77
CA ALA H 2874 -19.70 136.74 -7.65
C ALA H 2874 -20.42 137.00 -6.34
N MET H 2875 -21.44 137.87 -6.37
CA MET H 2875 -22.35 138.03 -5.24
C MET H 2875 -22.76 136.67 -4.71
N ALA H 2876 -23.33 135.85 -5.58
CA ALA H 2876 -23.82 134.54 -5.18
C ALA H 2876 -22.68 133.63 -4.74
N GLU H 2877 -21.51 133.76 -5.37
CA GLU H 2877 -20.37 132.92 -4.98
C GLU H 2877 -20.02 133.15 -3.53
N GLN H 2878 -19.83 134.40 -3.14
CA GLN H 2878 -19.45 134.69 -1.77
C GLN H 2878 -20.60 134.43 -0.80
N LEU H 2879 -21.84 134.66 -1.24
CA LEU H 2879 -22.98 134.41 -0.37
C LEU H 2879 -23.14 132.92 -0.08
N ALA H 2880 -22.96 132.08 -1.10
CA ALA H 2880 -23.02 130.64 -0.89
C ALA H 2880 -21.81 130.15 -0.11
N GLU H 2881 -20.66 130.78 -0.30
CA GLU H 2881 -19.49 130.45 0.50
C GLU H 2881 -19.77 130.74 1.98
N ASN H 2882 -20.49 131.82 2.26
CA ASN H 2882 -20.86 132.13 3.63
C ASN H 2882 -21.91 131.14 4.16
N TYR H 2883 -22.86 130.74 3.31
CA TYR H 2883 -23.76 129.67 3.72
C TYR H 2883 -22.96 128.45 4.14
N HIS H 2884 -21.95 128.09 3.35
CA HIS H 2884 -21.12 126.94 3.66
C HIS H 2884 -20.32 127.18 4.94
N ASN H 2885 -19.89 128.42 5.18
CA ASN H 2885 -19.11 128.72 6.37
C ASN H 2885 -19.97 128.63 7.64
N THR H 2886 -21.19 129.15 7.57
CA THR H 2886 -22.12 129.00 8.70
C THR H 2886 -22.42 127.53 8.93
N TRP H 2887 -22.74 126.81 7.86
CA TRP H 2887 -23.00 125.38 7.94
C TRP H 2887 -21.81 124.66 8.57
N GLY H 2888 -20.60 125.10 8.21
CA GLY H 2888 -19.39 124.57 8.82
C GLY H 2888 -19.29 124.87 10.29
N ARG H 2889 -19.66 126.09 10.70
CA ARG H 2889 -19.67 126.40 12.12
C ARG H 2889 -20.63 125.49 12.87
N LYS H 2890 -21.79 125.21 12.27
CA LYS H 2890 -22.68 124.24 12.90
C LYS H 2890 -21.99 122.89 13.05
N LYS H 2891 -21.58 122.27 11.94
CA LYS H 2891 -21.02 120.92 12.08
C LYS H 2891 -19.82 120.93 13.01
N LYS H 2892 -19.13 122.07 13.11
CA LYS H 2892 -18.06 122.20 14.10
C LYS H 2892 -18.64 122.10 15.50
N GLN H 2893 -19.82 122.68 15.71
CA GLN H 2893 -20.47 122.55 17.01
C GLN H 2893 -20.79 121.08 17.33
N GLU H 2894 -21.35 120.33 16.39
CA GLU H 2894 -21.56 118.90 16.70
C GLU H 2894 -20.23 118.13 16.80
N LEU H 2895 -19.19 118.52 16.07
CA LEU H 2895 -17.90 117.86 16.26
C LEU H 2895 -17.37 118.08 17.68
N GLU H 2896 -17.48 119.31 18.17
CA GLU H 2896 -17.07 119.58 19.55
C GLU H 2896 -17.94 118.80 20.53
N ALA H 2897 -19.25 118.72 20.27
CA ALA H 2897 -20.13 117.95 21.14
C ALA H 2897 -19.73 116.48 21.15
N LYS H 2898 -19.45 115.91 19.98
CA LYS H 2898 -19.04 114.52 19.85
C LYS H 2898 -17.65 114.27 20.43
N GLY H 2899 -16.83 115.29 20.57
CA GLY H 2899 -15.49 115.14 21.09
C GLY H 2899 -14.50 114.70 20.02
N GLY H 2900 -14.94 114.67 18.78
CA GLY H 2900 -14.05 114.28 17.70
C GLY H 2900 -14.79 114.26 16.38
N GLY H 2901 -14.12 113.69 15.38
CA GLY H 2901 -14.72 113.60 14.05
C GLY H 2901 -14.43 114.82 13.20
N SER H 2902 -14.48 114.63 11.89
CA SER H 2902 -14.27 115.69 10.92
C SER H 2902 -15.39 115.66 9.89
N HIS H 2903 -15.87 116.84 9.51
CA HIS H 2903 -16.96 116.93 8.55
C HIS H 2903 -16.42 116.69 7.14
N PRO H 2904 -16.97 115.73 6.39
CA PRO H 2904 -16.42 115.46 5.05
C PRO H 2904 -16.42 116.66 4.12
N LEU H 2905 -17.47 117.47 4.14
CA LEU H 2905 -17.61 118.60 3.23
C LEU H 2905 -17.12 119.91 3.85
N LEU H 2906 -16.20 119.84 4.83
CA LEU H 2906 -15.68 121.03 5.47
C LEU H 2906 -14.79 121.85 4.56
N VAL H 2907 -14.35 121.28 3.44
CA VAL H 2907 -13.37 121.97 2.60
C VAL H 2907 -14.00 123.23 2.00
N PRO H 2908 -13.27 124.33 1.84
CA PRO H 2908 -13.85 125.54 1.26
C PRO H 2908 -14.60 125.27 -0.04
N TYR H 2909 -15.39 126.27 -0.45
CA TYR H 2909 -16.19 126.17 -1.66
C TYR H 2909 -15.34 125.97 -2.91
N ASP H 2910 -14.28 126.75 -3.07
CA ASP H 2910 -13.46 126.63 -4.27
C ASP H 2910 -12.89 125.23 -4.39
N THR H 2911 -12.41 124.67 -3.27
CA THR H 2911 -11.94 123.30 -3.27
C THR H 2911 -13.07 122.32 -3.59
N LEU H 2912 -14.27 122.59 -3.07
CA LEU H 2912 -15.41 121.70 -3.29
C LEU H 2912 -15.69 121.54 -4.77
N THR H 2913 -16.02 120.31 -5.17
CA THR H 2913 -16.38 120.05 -6.55
C THR H 2913 -17.65 120.80 -6.93
N ALA H 2914 -17.74 121.20 -8.19
CA ALA H 2914 -18.86 122.03 -8.63
C ALA H 2914 -20.20 121.33 -8.42
N LYS H 2915 -20.24 120.01 -8.62
CA LYS H 2915 -21.49 119.29 -8.44
C LYS H 2915 -22.00 119.43 -7.01
N GLU H 2916 -21.08 119.38 -6.04
CA GLU H 2916 -21.47 119.62 -4.66
C GLU H 2916 -21.86 121.08 -4.45
N LYS H 2917 -21.15 122.00 -5.11
CA LYS H 2917 -21.48 123.41 -5.00
C LYS H 2917 -22.92 123.66 -5.45
N ALA H 2918 -23.35 122.98 -6.52
CA ALA H 2918 -24.61 123.30 -7.18
C ALA H 2918 -25.80 123.35 -6.22
N ARG H 2919 -25.79 122.48 -5.21
CA ARG H 2919 -26.91 122.43 -4.28
C ARG H 2919 -27.18 123.78 -3.66
N ASP H 2920 -26.24 124.32 -2.89
CA ASP H 2920 -26.37 125.65 -2.33
C ASP H 2920 -26.29 126.73 -3.41
N ARG H 2921 -25.69 126.40 -4.56
CA ARG H 2921 -25.65 127.33 -5.68
C ARG H 2921 -27.03 127.77 -6.08
N GLU H 2922 -27.94 126.81 -6.27
CA GLU H 2922 -29.29 127.14 -6.71
C GLU H 2922 -29.94 128.12 -5.76
N LYS H 2923 -29.88 127.85 -4.46
CA LYS H 2923 -30.60 128.68 -3.49
C LYS H 2923 -29.96 130.06 -3.36
N ALA H 2924 -28.63 130.13 -3.35
CA ALA H 2924 -27.97 131.42 -3.28
C ALA H 2924 -28.31 132.28 -4.50
N GLN H 2925 -28.23 131.70 -5.69
CA GLN H 2925 -28.56 132.47 -6.88
C GLN H 2925 -30.04 132.84 -6.90
N GLU H 2926 -30.90 131.99 -6.34
CA GLU H 2926 -32.31 132.32 -6.25
C GLU H 2926 -32.50 133.58 -5.41
N LEU H 2927 -31.85 133.62 -4.25
CA LEU H 2927 -31.94 134.80 -3.39
C LEU H 2927 -31.46 136.05 -4.11
N LEU H 2928 -30.29 135.96 -4.75
CA LEU H 2928 -29.74 137.15 -5.38
C LEU H 2928 -30.63 137.61 -6.55
N LYS H 2929 -31.09 136.68 -7.37
CA LYS H 2929 -31.95 137.02 -8.50
C LYS H 2929 -33.25 137.64 -8.02
N PHE H 2930 -33.80 137.12 -6.92
CA PHE H 2930 -35.04 137.69 -6.41
C PHE H 2930 -34.81 139.10 -5.87
N LEU H 2931 -33.64 139.34 -5.26
CA LEU H 2931 -33.27 140.72 -4.94
C LEU H 2931 -33.31 141.57 -6.21
N GLN H 2932 -32.72 141.07 -7.29
CA GLN H 2932 -32.67 141.83 -8.53
C GLN H 2932 -34.07 142.20 -9.02
N MET H 2933 -34.98 141.22 -9.15
CA MET H 2933 -36.28 141.60 -9.70
C MET H 2933 -37.20 142.20 -8.64
N ASN H 2934 -36.81 142.20 -7.37
CA ASN H 2934 -37.44 143.03 -6.37
C ASN H 2934 -36.89 144.44 -6.37
N GLY H 2935 -35.85 144.70 -7.17
CA GLY H 2935 -35.27 146.01 -7.30
C GLY H 2935 -34.00 146.20 -6.51
N TYR H 2936 -33.56 145.16 -5.80
CA TYR H 2936 -32.41 145.25 -4.94
C TYR H 2936 -31.14 144.89 -5.72
N ALA H 2937 -30.37 145.93 -6.03
CA ALA H 2937 -29.08 145.76 -6.71
C ALA H 2937 -28.00 145.93 -5.64
N VAL H 2938 -27.16 144.90 -5.49
CA VAL H 2938 -26.15 144.90 -4.45
C VAL H 2938 -24.78 145.15 -5.08
N THR H 2939 -24.01 146.05 -4.48
CA THR H 2939 -22.72 146.47 -4.99
C THR H 2939 -21.65 146.28 -3.93
N ARG H 2940 -20.47 145.82 -4.36
CA ARG H 2940 -19.33 145.59 -3.49
C ARG H 2940 -18.08 146.36 -3.86
N GLY H 2941 -17.83 146.59 -5.14
CA GLY H 2941 -16.53 147.05 -5.58
C GLY H 2941 -15.57 145.89 -5.73
N LEU H 2942 -15.90 144.96 -6.62
CA LEU H 2942 -15.12 143.73 -6.76
C LEU H 2942 -13.66 144.05 -7.07
N LYS H 2943 -12.75 143.32 -6.43
CA LYS H 2943 -11.33 143.46 -6.71
C LYS H 2943 -10.94 142.87 -8.05
N ASP H 2944 -11.77 141.99 -8.61
CA ASP H 2944 -11.52 141.42 -9.93
C ASP H 2944 -12.12 142.25 -11.06
N MET H 2945 -12.88 143.29 -10.74
CA MET H 2945 -13.45 144.13 -11.80
C MET H 2945 -12.35 144.83 -12.58
N GLU H 2946 -11.30 145.29 -11.90
CA GLU H 2946 -10.18 145.92 -12.60
C GLU H 2946 -9.56 144.96 -13.60
N LEU H 2947 -9.51 143.68 -13.26
CA LEU H 2947 -8.99 142.66 -14.18
C LEU H 2947 -10.04 142.17 -15.16
N ASP H 2948 -11.30 142.60 -15.00
CA ASP H 2948 -12.40 142.19 -15.87
C ASP H 2948 -12.29 140.72 -16.23
N THR H 2949 -11.93 140.41 -17.49
CA THR H 2949 -11.75 139.03 -17.93
C THR H 2949 -10.28 138.71 -18.17
N SER H 2950 -9.62 139.46 -19.05
CA SER H 2950 -8.19 139.35 -19.30
C SER H 2950 -7.72 137.90 -19.22
N SER H 2951 -8.30 137.08 -20.09
CA SER H 2951 -7.96 135.66 -20.10
C SER H 2951 -6.46 135.46 -20.25
N ILE H 2952 -5.80 136.28 -21.07
CA ILE H 2952 -4.37 136.15 -21.24
C ILE H 2952 -3.65 136.34 -19.91
N GLU H 2953 -4.02 137.37 -19.15
CA GLU H 2953 -3.43 137.57 -17.84
C GLU H 2953 -3.86 136.52 -16.84
N LYS H 2954 -4.92 135.78 -17.12
CA LYS H 2954 -5.38 134.71 -16.23
C LYS H 2954 -4.79 133.36 -16.57
N ARG H 2955 -4.10 133.24 -17.70
CA ARG H 2955 -3.44 131.97 -18.02
C ARG H 2955 -2.37 131.64 -16.97
N PHE H 2956 -2.19 130.35 -16.72
CA PHE H 2956 -1.22 129.92 -15.71
C PHE H 2956 0.19 130.36 -16.07
N ALA H 2957 0.59 130.16 -17.34
CA ALA H 2957 1.93 130.54 -17.76
C ALA H 2957 2.16 132.03 -17.56
N PHE H 2958 1.12 132.84 -17.75
CA PHE H 2958 1.25 134.27 -17.54
C PHE H 2958 1.66 134.59 -16.10
N GLY H 2959 0.93 134.03 -15.13
CA GLY H 2959 1.27 134.28 -13.75
C GLY H 2959 2.62 133.71 -13.37
N PHE H 2960 2.95 132.53 -13.89
CA PHE H 2960 4.25 131.94 -13.61
C PHE H 2960 5.37 132.85 -14.11
N LEU H 2961 5.24 133.37 -15.32
CA LEU H 2961 6.26 134.25 -15.87
C LEU H 2961 6.32 135.56 -15.10
N GLN H 2962 5.17 136.07 -14.66
CA GLN H 2962 5.15 137.29 -13.85
C GLN H 2962 5.92 137.08 -12.56
N GLN H 2963 5.71 135.95 -11.89
CA GLN H 2963 6.45 135.68 -10.66
C GLN H 2963 7.93 135.52 -10.95
N LEU H 2964 8.27 134.86 -12.06
CA LEU H 2964 9.69 134.70 -12.41
C LEU H 2964 10.35 136.05 -12.66
N LEU H 2965 9.63 136.98 -13.28
CA LEU H 2965 10.20 138.30 -13.52
C LEU H 2965 10.34 139.10 -12.22
N ARG H 2966 9.36 139.00 -11.33
CA ARG H 2966 9.51 139.65 -10.03
C ARG H 2966 10.73 139.11 -9.29
N TRP H 2967 10.92 137.79 -9.34
CA TRP H 2967 12.10 137.22 -8.71
C TRP H 2967 13.38 137.57 -9.47
N MET H 2968 13.29 137.84 -10.76
CA MET H 2968 14.44 138.39 -11.48
C MET H 2968 14.84 139.74 -10.90
N ASP H 2969 13.86 140.59 -10.63
CA ASP H 2969 14.16 141.89 -10.00
C ASP H 2969 14.78 141.70 -8.62
N ILE H 2970 14.19 140.80 -7.82
CA ILE H 2970 14.74 140.53 -6.49
C ILE H 2970 16.18 140.03 -6.61
N SER H 2971 16.43 139.19 -7.61
CA SER H 2971 17.77 138.66 -7.82
C SER H 2971 18.75 139.76 -8.20
N GLN H 2972 18.30 140.70 -9.04
CA GLN H 2972 19.13 141.86 -9.35
C GLN H 2972 19.50 142.60 -8.07
N GLU H 2973 18.51 142.81 -7.20
CA GLU H 2973 18.80 143.53 -5.95
C GLU H 2973 19.84 142.80 -5.11
N PHE H 2974 19.64 141.49 -4.87
CA PHE H 2974 20.57 140.82 -3.97
C PHE H 2974 21.93 140.63 -4.63
N ILE H 2975 21.99 140.53 -5.96
CA ILE H 2975 23.28 140.41 -6.63
C ILE H 2975 24.04 141.73 -6.51
N ALA H 2976 23.34 142.86 -6.66
CA ALA H 2976 23.98 144.15 -6.45
C ALA H 2976 24.51 144.26 -5.03
N HIS H 2977 23.72 143.82 -4.06
CA HIS H 2977 24.17 143.87 -2.67
C HIS H 2977 25.40 142.99 -2.47
N LEU H 2978 25.39 141.79 -3.03
CA LEU H 2978 26.53 140.89 -2.90
C LEU H 2978 27.78 141.50 -3.52
N GLU H 2979 27.64 142.11 -4.69
CA GLU H 2979 28.79 142.76 -5.33
C GLU H 2979 29.31 143.90 -4.46
N ALA H 2980 28.40 144.70 -3.90
CA ALA H 2980 28.82 145.81 -3.05
C ALA H 2980 29.59 145.31 -1.83
N VAL H 2981 29.11 144.25 -1.19
CA VAL H 2981 29.76 143.77 0.02
C VAL H 2981 31.09 143.10 -0.31
N VAL H 2982 31.17 142.40 -1.45
CA VAL H 2982 32.43 141.77 -1.81
C VAL H 2982 33.40 142.80 -2.37
N SER H 2983 32.91 144.01 -2.65
CA SER H 2983 33.81 145.09 -3.04
C SER H 2983 34.35 145.83 -1.81
N SER H 2984 33.46 146.33 -0.95
CA SER H 2984 33.87 147.13 0.20
C SER H 2984 33.14 146.65 1.44
N GLY H 2985 33.90 146.15 2.42
CA GLY H 2985 33.32 145.71 3.67
C GLY H 2985 32.98 144.23 3.68
N ARG H 2986 33.71 143.45 4.47
CA ARG H 2986 33.46 142.01 4.54
C ARG H 2986 32.29 141.81 5.50
N VAL H 2987 31.08 141.93 4.96
CA VAL H 2987 29.85 141.85 5.74
C VAL H 2987 29.17 140.54 5.37
N GLU H 2988 29.11 139.61 6.32
CA GLU H 2988 28.57 138.28 6.11
C GLU H 2988 27.14 138.11 6.62
N LYS H 2989 26.42 139.15 7.03
CA LYS H 2989 25.06 138.98 7.51
C LYS H 2989 24.21 138.29 6.45
N SER H 2990 24.44 138.63 5.18
CA SER H 2990 23.68 138.07 4.08
C SER H 2990 22.20 138.23 4.33
N PRO H 2991 21.66 139.45 4.25
CA PRO H 2991 20.23 139.64 4.50
C PRO H 2991 19.33 138.96 3.49
N HIS H 2992 19.86 138.58 2.32
CA HIS H 2992 19.09 137.89 1.29
C HIS H 2992 19.58 136.46 1.08
N GLU H 2993 20.07 135.80 2.13
CA GLU H 2993 20.55 134.42 1.97
C GLU H 2993 19.41 133.50 1.57
N GLN H 2994 18.25 133.66 2.19
CA GLN H 2994 17.10 132.84 1.83
C GLN H 2994 16.68 133.08 0.40
N GLU H 2995 16.70 134.35 -0.04
CA GLU H 2995 16.35 134.67 -1.42
C GLU H 2995 17.36 134.02 -2.38
N ILE H 2996 18.64 134.07 -2.03
CA ILE H 2996 19.66 133.45 -2.87
C ILE H 2996 19.41 131.96 -3.00
N LYS H 2997 19.16 131.30 -1.87
CA LYS H 2997 18.95 129.86 -1.90
C LYS H 2997 17.70 129.51 -2.70
N PHE H 2998 16.62 130.26 -2.51
CA PHE H 2998 15.42 130.02 -3.31
C PHE H 2998 15.72 130.16 -4.80
N PHE H 2999 16.31 131.29 -5.19
CA PHE H 2999 16.57 131.55 -6.60
C PHE H 2999 17.45 130.46 -7.21
N ALA H 3000 18.45 129.99 -6.47
CA ALA H 3000 19.40 129.05 -7.03
C ALA H 3000 18.95 127.60 -6.96
N LYS H 3001 18.05 127.26 -6.03
CA LYS H 3001 17.70 125.86 -5.82
C LYS H 3001 16.30 125.51 -6.28
N ILE H 3002 15.42 126.49 -6.50
CA ILE H 3002 14.04 126.20 -6.90
C ILE H 3002 13.78 126.82 -8.26
N LEU H 3003 13.98 128.13 -8.38
CA LEU H 3003 13.61 128.82 -9.61
C LEU H 3003 14.40 128.29 -10.79
N LEU H 3004 15.71 128.14 -10.64
CA LEU H 3004 16.53 127.72 -11.78
C LEU H 3004 16.17 126.32 -12.27
N PRO H 3005 16.10 125.28 -11.42
CA PRO H 3005 15.60 124.00 -11.91
C PRO H 3005 14.18 124.06 -12.43
N LEU H 3006 13.33 124.86 -11.78
CA LEU H 3006 11.94 124.98 -12.24
C LEU H 3006 11.89 125.56 -13.65
N ILE H 3007 12.64 126.64 -13.89
CA ILE H 3007 12.70 127.21 -15.23
C ILE H 3007 13.25 126.17 -16.22
N ASN H 3008 14.35 125.51 -15.84
CA ASN H 3008 14.97 124.54 -16.72
C ASN H 3008 13.98 123.49 -17.19
N GLN H 3009 13.22 122.92 -16.25
CA GLN H 3009 12.28 121.87 -16.63
C GLN H 3009 11.06 122.43 -17.34
N TYR H 3010 10.50 123.53 -16.86
CA TYR H 3010 9.25 124.04 -17.40
C TYR H 3010 9.42 124.47 -18.85
N PHE H 3011 10.44 125.28 -19.12
CA PHE H 3011 10.61 125.77 -20.48
C PHE H 3011 11.27 124.76 -21.40
N THR H 3012 11.78 123.67 -20.85
CA THR H 3012 12.12 122.51 -21.66
C THR H 3012 10.89 121.76 -22.10
N ASN H 3013 9.93 121.58 -21.19
CA ASN H 3013 8.72 120.81 -21.51
C ASN H 3013 7.79 121.60 -22.43
N HIS H 3014 7.63 122.89 -22.19
CA HIS H 3014 6.65 123.72 -22.90
C HIS H 3014 7.32 124.63 -23.93
N CYS H 3015 8.36 124.13 -24.58
CA CYS H 3015 9.05 124.94 -25.59
C CYS H 3015 8.14 125.23 -26.78
N LEU H 3016 7.40 124.22 -27.23
CA LEU H 3016 6.58 124.41 -28.43
C LEU H 3016 5.44 125.38 -28.19
N TYR H 3017 4.88 125.39 -26.98
CA TYR H 3017 3.77 126.29 -26.68
C TYR H 3017 4.20 127.74 -26.84
N PHE H 3018 5.42 128.07 -26.41
CA PHE H 3018 5.91 129.44 -26.48
C PHE H 3018 6.41 129.81 -27.87
N LEU H 3019 6.63 128.85 -28.75
CA LEU H 3019 7.08 129.12 -30.11
C LEU H 3019 5.97 129.05 -31.14
N SER H 3020 4.84 128.43 -30.80
CA SER H 3020 3.73 128.34 -31.74
C SER H 3020 3.09 129.70 -31.96
N THR H 3021 2.55 129.91 -33.15
CA THR H 3021 1.82 131.12 -33.49
C THR H 3021 0.46 130.74 -34.07
N PRO H 3022 -0.48 131.69 -34.13
CA PRO H 3022 -1.81 131.35 -34.65
C PRO H 3022 -1.75 130.74 -36.04
N ALA H 3023 -0.82 131.22 -36.87
CA ALA H 3023 -0.70 130.68 -38.22
C ALA H 3023 -0.20 129.24 -38.19
N LYS H 3024 0.86 128.97 -37.42
CA LYS H 3024 1.46 127.64 -37.35
C LYS H 3024 1.49 127.20 -35.88
N VAL H 3025 0.83 126.07 -35.61
CA VAL H 3025 0.75 125.53 -34.25
C VAL H 3025 1.76 124.39 -34.17
N LEU H 3026 2.96 124.70 -33.67
CA LEU H 3026 3.99 123.68 -33.55
C LEU H 3026 3.62 122.61 -32.53
N GLY H 3027 3.06 123.01 -31.40
CA GLY H 3027 2.75 122.07 -30.34
C GLY H 3027 1.44 121.34 -30.57
N SER H 3028 1.06 120.54 -29.58
CA SER H 3028 -0.18 119.78 -29.65
C SER H 3028 -1.38 120.72 -29.78
N GLY H 3029 -1.56 121.58 -28.79
CA GLY H 3029 -2.66 122.54 -28.82
C GLY H 3029 -2.37 123.77 -27.97
N GLY H 3030 -2.80 124.93 -28.44
CA GLY H 3030 -2.57 126.16 -27.72
C GLY H 3030 -1.25 126.81 -28.06
N HIS H 3031 -1.24 128.13 -28.16
CA HIS H 3031 -0.05 128.89 -28.46
C HIS H 3031 0.06 130.07 -27.49
N ALA H 3032 1.29 130.40 -27.13
CA ALA H 3032 1.51 131.49 -26.19
C ALA H 3032 1.06 132.82 -26.79
N SER H 3033 0.56 133.69 -25.93
CA SER H 3033 0.17 135.02 -26.36
C SER H 3033 1.39 135.90 -26.56
N ASN H 3034 1.19 137.01 -27.26
CA ASN H 3034 2.29 137.95 -27.47
C ASN H 3034 2.84 138.45 -26.14
N LYS H 3035 1.96 138.64 -25.16
CA LYS H 3035 2.41 139.07 -23.84
C LYS H 3035 3.31 138.01 -23.20
N GLU H 3036 2.94 136.74 -23.33
CA GLU H 3036 3.77 135.68 -22.77
C GLU H 3036 5.11 135.59 -23.48
N LYS H 3037 5.12 135.74 -24.80
CA LYS H 3037 6.38 135.74 -25.53
C LYS H 3037 7.27 136.90 -25.10
N GLU H 3038 6.68 138.08 -24.92
CA GLU H 3038 7.44 139.22 -24.46
C GLU H 3038 7.99 138.99 -23.06
N MET H 3039 7.20 138.37 -22.18
CA MET H 3039 7.65 138.10 -20.83
C MET H 3039 8.80 137.11 -20.82
N ILE H 3040 8.74 136.06 -21.65
CA ILE H 3040 9.83 135.11 -21.68
C ILE H 3040 11.09 135.74 -22.27
N THR H 3041 10.93 136.61 -23.27
CA THR H 3041 12.09 137.34 -23.78
C THR H 3041 12.70 138.22 -22.70
N SER H 3042 11.87 138.92 -21.93
CA SER H 3042 12.38 139.74 -20.84
C SER H 3042 13.08 138.88 -19.81
N LEU H 3043 12.54 137.70 -19.52
CA LEU H 3043 13.19 136.79 -18.57
C LEU H 3043 14.58 136.40 -19.07
N PHE H 3044 14.68 136.04 -20.34
CA PHE H 3044 15.99 135.67 -20.88
C PHE H 3044 16.97 136.83 -20.80
N CYS H 3045 16.54 138.02 -21.21
CA CYS H 3045 17.45 139.17 -21.19
C CYS H 3045 17.87 139.51 -19.78
N LYS H 3046 16.94 139.47 -18.82
CA LYS H 3046 17.26 139.80 -17.45
C LYS H 3046 18.22 138.78 -16.84
N LEU H 3047 18.01 137.49 -17.12
CA LEU H 3047 18.93 136.49 -16.60
C LEU H 3047 20.32 136.65 -17.20
N ALA H 3048 20.39 136.94 -18.50
CA ALA H 3048 21.68 137.16 -19.14
C ALA H 3048 22.40 138.36 -18.52
N ALA H 3049 21.67 139.46 -18.32
CA ALA H 3049 22.27 140.63 -17.68
C ALA H 3049 22.71 140.33 -16.27
N LEU H 3050 21.93 139.52 -15.54
CA LEU H 3050 22.31 139.13 -14.19
C LEU H 3050 23.63 138.37 -14.19
N VAL H 3051 23.78 137.40 -15.09
CA VAL H 3051 25.00 136.58 -15.09
C VAL H 3051 26.17 137.31 -15.72
N ARG H 3052 25.93 138.39 -16.46
CA ARG H 3052 27.02 139.11 -17.12
C ARG H 3052 28.15 139.48 -16.16
N HIS H 3053 29.35 138.97 -16.43
CA HIS H 3053 30.54 139.28 -15.65
C HIS H 3053 30.37 138.94 -14.17
N ARG H 3054 29.49 137.99 -13.85
CA ARG H 3054 29.23 137.62 -12.47
C ARG H 3054 29.11 136.11 -12.31
N VAL H 3055 29.82 135.36 -13.13
CA VAL H 3055 29.79 133.90 -13.04
C VAL H 3055 30.35 133.44 -11.69
N SER H 3056 31.45 134.07 -11.25
CA SER H 3056 32.06 133.68 -9.99
C SER H 3056 31.11 133.90 -8.82
N LEU H 3057 30.31 134.97 -8.88
CA LEU H 3057 29.37 135.25 -7.79
C LEU H 3057 28.41 134.09 -7.59
N PHE H 3058 27.89 133.53 -8.68
CA PHE H 3058 27.02 132.37 -8.58
C PHE H 3058 27.80 131.10 -8.27
N GLY H 3059 29.06 131.02 -8.67
CA GLY H 3059 29.88 129.87 -8.29
C GLY H 3059 29.32 128.59 -8.86
N THR H 3060 28.99 127.65 -7.98
CA THR H 3060 28.55 126.32 -8.39
C THR H 3060 27.19 126.33 -9.08
N ASP H 3061 26.43 127.43 -8.99
CA ASP H 3061 25.16 127.54 -9.68
C ASP H 3061 25.30 128.15 -11.08
N ALA H 3062 26.50 128.61 -11.44
CA ALA H 3062 26.70 129.15 -12.77
C ALA H 3062 26.33 128.17 -13.88
N PRO H 3063 26.68 126.88 -13.78
CA PRO H 3063 26.18 125.93 -14.79
C PRO H 3063 24.67 125.91 -14.89
N ALA H 3064 23.97 126.00 -13.76
CA ALA H 3064 22.51 126.04 -13.80
C ALA H 3064 22.01 127.28 -14.50
N VAL H 3065 22.62 128.43 -14.21
CA VAL H 3065 22.21 129.67 -14.88
C VAL H 3065 22.43 129.56 -16.38
N VAL H 3066 23.58 129.01 -16.78
CA VAL H 3066 23.88 128.89 -18.20
C VAL H 3066 22.91 127.95 -18.89
N ASN H 3067 22.58 126.83 -18.23
CA ASN H 3067 21.61 125.91 -18.80
C ASN H 3067 20.25 126.56 -18.96
N CYS H 3068 19.82 127.31 -17.95
CA CYS H 3068 18.55 128.01 -18.05
C CYS H 3068 18.57 129.01 -19.20
N LEU H 3069 19.69 129.71 -19.38
CA LEU H 3069 19.82 130.63 -20.51
C LEU H 3069 19.71 129.89 -21.84
N HIS H 3070 20.37 128.73 -21.95
CA HIS H 3070 20.22 127.92 -23.16
C HIS H 3070 18.76 127.60 -23.42
N ILE H 3071 18.05 127.15 -22.40
CA ILE H 3071 16.66 126.72 -22.58
C ILE H 3071 15.79 127.90 -22.99
N LEU H 3072 15.95 129.03 -22.31
CA LEU H 3072 15.16 130.21 -22.65
C LEU H 3072 15.45 130.68 -24.08
N ALA H 3073 16.73 130.68 -24.47
CA ALA H 3073 17.08 131.07 -25.83
C ALA H 3073 16.44 130.14 -26.84
N ARG H 3074 16.44 128.85 -26.59
CA ARG H 3074 15.77 127.91 -27.48
C ARG H 3074 14.25 128.03 -27.43
N SER H 3075 13.69 128.67 -26.41
CA SER H 3075 12.25 128.90 -26.31
C SER H 3075 11.84 130.32 -26.69
N LEU H 3076 12.77 131.13 -27.19
CA LEU H 3076 12.52 132.54 -27.49
C LEU H 3076 11.84 132.67 -28.85
N ASP H 3077 10.75 133.46 -28.90
CA ASP H 3077 10.07 133.79 -30.15
C ASP H 3077 10.48 135.20 -30.58
N ALA H 3078 11.71 135.29 -31.09
CA ALA H 3078 12.29 136.59 -31.41
C ALA H 3078 11.55 137.28 -32.55
N ARG H 3079 11.07 136.52 -33.54
CA ARG H 3079 10.36 137.14 -34.66
C ARG H 3079 9.18 137.97 -34.17
N THR H 3080 8.25 137.33 -33.47
CA THR H 3080 7.06 138.04 -32.99
C THR H 3080 7.44 139.13 -32.01
N VAL H 3081 8.38 138.84 -31.10
CA VAL H 3081 8.72 139.83 -30.08
C VAL H 3081 9.26 141.09 -30.74
N MET H 3082 10.09 140.94 -31.77
CA MET H 3082 10.68 142.10 -32.43
C MET H 3082 9.69 142.80 -33.35
N LYS H 3083 8.78 142.05 -33.97
CA LYS H 3083 7.80 142.66 -34.85
C LYS H 3083 6.79 143.47 -34.07
N SER H 3084 6.05 142.82 -33.17
CA SER H 3084 5.00 143.47 -32.38
C SER H 3084 5.31 143.24 -30.90
N GLY H 3085 6.08 144.15 -30.32
CA GLY H 3085 6.43 144.04 -28.92
C GLY H 3085 6.76 145.41 -28.32
N PRO H 3086 6.65 145.52 -27.00
CA PRO H 3086 6.98 146.80 -26.36
C PRO H 3086 8.42 147.21 -26.61
N GLU H 3087 8.62 148.52 -26.72
CA GLU H 3087 9.96 149.04 -26.92
C GLU H 3087 10.88 148.64 -25.78
N ILE H 3088 10.35 148.41 -24.58
CA ILE H 3088 11.20 148.04 -23.45
C ILE H 3088 11.82 146.68 -23.69
N VAL H 3089 11.02 145.69 -24.07
CA VAL H 3089 11.54 144.34 -24.30
C VAL H 3089 12.41 144.33 -25.55
N LYS H 3090 12.03 145.08 -26.58
CA LYS H 3090 12.87 145.16 -27.77
C LYS H 3090 14.25 145.73 -27.42
N ALA H 3091 14.27 146.80 -26.62
CA ALA H 3091 15.54 147.38 -26.20
C ALA H 3091 16.31 146.42 -25.32
N GLY H 3092 15.62 145.60 -24.53
CA GLY H 3092 16.31 144.59 -23.75
C GLY H 3092 17.05 143.60 -24.62
N LEU H 3093 16.39 143.09 -25.65
CA LEU H 3093 17.04 142.15 -26.56
C LEU H 3093 18.20 142.82 -27.29
N ARG H 3094 17.98 144.05 -27.77
CA ARG H 3094 19.05 144.78 -28.44
C ARG H 3094 20.24 145.00 -27.52
N SER H 3095 19.98 145.30 -26.25
CA SER H 3095 21.05 145.48 -25.28
C SER H 3095 21.79 144.19 -25.04
N PHE H 3096 21.08 143.06 -24.99
CA PHE H 3096 21.76 141.78 -24.88
C PHE H 3096 22.74 141.59 -26.03
N PHE H 3097 22.29 141.83 -27.26
CA PHE H 3097 23.18 141.64 -28.40
C PHE H 3097 24.34 142.62 -28.36
N GLU H 3098 24.08 143.88 -28.00
CA GLU H 3098 25.15 144.87 -27.96
C GLU H 3098 26.20 144.50 -26.91
N SER H 3099 25.76 144.08 -25.72
CA SER H 3099 26.69 143.68 -24.68
C SER H 3099 27.47 142.45 -25.09
N ALA H 3100 26.82 141.51 -25.77
CA ALA H 3100 27.54 140.34 -26.27
C ALA H 3100 28.64 140.75 -27.23
N SER H 3101 28.33 141.67 -28.15
CA SER H 3101 29.34 142.12 -29.10
C SER H 3101 30.49 142.81 -28.38
N GLU H 3102 30.18 143.66 -27.40
CA GLU H 3102 31.23 144.37 -26.66
C GLU H 3102 32.13 143.39 -25.92
N ASP H 3103 31.53 142.41 -25.25
CA ASP H 3103 32.32 141.43 -24.51
C ASP H 3103 33.17 140.60 -25.45
N ILE H 3104 32.63 140.22 -26.61
CA ILE H 3104 33.42 139.47 -27.58
C ILE H 3104 34.60 140.30 -28.07
N GLU H 3105 34.38 141.58 -28.33
CA GLU H 3105 35.49 142.44 -28.77
C GLU H 3105 36.56 142.53 -27.70
N LYS H 3106 36.17 142.73 -26.45
CA LYS H 3106 37.16 142.84 -25.38
C LYS H 3106 37.93 141.53 -25.22
N MET H 3107 37.21 140.40 -25.30
CA MET H 3107 37.89 139.12 -25.20
C MET H 3107 38.87 138.92 -26.35
N VAL H 3108 38.48 139.33 -27.57
CA VAL H 3108 39.36 139.14 -28.72
C VAL H 3108 40.61 139.99 -28.59
N GLU H 3109 40.45 141.26 -28.22
CA GLU H 3109 41.62 142.13 -28.10
C GLU H 3109 42.53 141.67 -26.97
N ASN H 3110 41.95 141.22 -25.85
CA ASN H 3110 42.77 140.69 -24.77
C ASN H 3110 43.50 139.42 -25.22
N LEU H 3111 42.82 138.55 -25.96
CA LEU H 3111 43.42 137.31 -26.41
C LEU H 3111 44.59 137.57 -27.34
N ARG H 3112 44.44 138.53 -28.26
CA ARG H 3112 45.55 138.90 -29.13
C ARG H 3112 46.58 139.76 -28.41
N LEU H 3113 46.28 140.27 -27.23
CA LEU H 3113 47.24 141.03 -26.44
C LEU H 3113 47.77 142.23 -27.23
N LYS H 3124 41.93 142.38 -13.12
CA LYS H 3124 40.91 141.36 -12.86
C LYS H 3124 39.90 141.34 -14.00
N GLY H 3125 39.80 142.46 -14.72
CA GLY H 3125 38.87 142.54 -15.83
C GLY H 3125 39.16 141.50 -16.90
N VAL H 3126 40.44 141.26 -17.16
CA VAL H 3126 40.82 140.26 -18.16
C VAL H 3126 40.26 138.89 -17.77
N GLY H 3127 40.49 138.48 -16.52
CA GLY H 3127 39.98 137.20 -16.08
C GLY H 3127 38.47 137.13 -16.10
N GLN H 3128 37.82 138.20 -15.62
CA GLN H 3128 36.36 138.23 -15.62
C GLN H 3128 35.81 138.04 -17.03
N ASN H 3129 36.30 138.85 -17.98
CA ASN H 3129 35.79 138.76 -19.34
C ASN H 3129 36.09 137.40 -19.96
N LEU H 3130 37.31 136.89 -19.75
CA LEU H 3130 37.66 135.62 -20.37
C LEU H 3130 36.77 134.50 -19.85
N THR H 3131 36.66 134.36 -18.52
CA THR H 3131 35.85 133.28 -17.98
C THR H 3131 34.39 133.45 -18.35
N TYR H 3132 33.85 134.67 -18.30
CA TYR H 3132 32.46 134.88 -18.66
C TYR H 3132 32.21 134.53 -20.11
N THR H 3133 33.01 135.06 -21.02
CA THR H 3133 32.79 134.81 -22.44
C THR H 3133 32.94 133.33 -22.77
N THR H 3134 33.87 132.65 -22.09
CA THR H 3134 34.10 131.24 -22.40
C THR H 3134 33.01 130.35 -21.83
N VAL H 3135 32.45 130.71 -20.67
CA VAL H 3135 31.54 129.80 -19.99
C VAL H 3135 30.07 130.11 -20.29
N ALA H 3136 29.68 131.38 -20.33
CA ALA H 3136 28.27 131.76 -20.47
C ALA H 3136 27.96 132.38 -21.82
N LEU H 3137 28.69 133.41 -22.23
CA LEU H 3137 28.32 134.16 -23.42
C LEU H 3137 28.40 133.32 -24.69
N LEU H 3138 29.59 132.81 -25.01
CA LEU H 3138 29.77 132.10 -26.28
C LEU H 3138 28.82 130.92 -26.42
N PRO H 3139 28.67 130.03 -25.45
CA PRO H 3139 27.65 128.97 -25.59
C PRO H 3139 26.24 129.51 -25.77
N VAL H 3140 25.85 130.50 -24.96
CA VAL H 3140 24.50 131.05 -25.05
C VAL H 3140 24.31 131.77 -26.38
N LEU H 3141 25.31 132.53 -26.81
CA LEU H 3141 25.22 133.22 -28.09
C LEU H 3141 25.11 132.23 -29.24
N THR H 3142 25.89 131.16 -29.18
CA THR H 3142 25.80 130.12 -30.21
C THR H 3142 24.42 129.49 -30.23
N THR H 3143 23.86 129.19 -29.06
CA THR H 3143 22.53 128.60 -29.00
C THR H 3143 21.50 129.55 -29.58
N LEU H 3144 21.59 130.84 -29.25
CA LEU H 3144 20.63 131.81 -29.76
C LEU H 3144 20.72 131.93 -31.28
N PHE H 3145 21.93 132.00 -31.80
CA PHE H 3145 22.11 132.10 -33.24
C PHE H 3145 21.58 130.85 -33.94
N GLN H 3146 21.85 129.67 -33.37
CA GLN H 3146 21.35 128.44 -33.96
C GLN H 3146 19.83 128.41 -33.96
N HIS H 3147 19.21 128.85 -32.86
CA HIS H 3147 17.75 128.90 -32.79
C HIS H 3147 17.19 129.84 -33.85
N ILE H 3148 17.79 131.02 -33.99
CA ILE H 3148 17.31 131.99 -34.98
C ILE H 3148 17.44 131.41 -36.38
N ALA H 3149 18.58 130.80 -36.68
CA ALA H 3149 18.79 130.23 -38.01
C ALA H 3149 17.83 129.09 -38.29
N GLN H 3150 17.59 128.22 -37.30
CA GLN H 3150 16.70 127.09 -37.50
C GLN H 3150 15.27 127.53 -37.71
N HIS H 3151 14.82 128.57 -37.00
CA HIS H 3151 13.45 129.04 -37.12
C HIS H 3151 13.28 130.16 -38.14
N GLN H 3152 14.35 130.51 -38.87
CA GLN H 3152 14.26 131.50 -39.94
C GLN H 3152 13.88 132.88 -39.39
N PHE H 3153 14.33 133.17 -38.17
CA PHE H 3153 14.10 134.47 -37.56
C PHE H 3153 15.13 135.50 -37.95
N GLY H 3154 16.12 135.14 -38.78
CA GLY H 3154 17.20 136.06 -39.07
C GLY H 3154 16.74 137.31 -39.78
N ASP H 3155 15.86 137.17 -40.78
CA ASP H 3155 15.41 138.31 -41.55
C ASP H 3155 14.52 139.25 -40.76
N ASP H 3156 13.99 138.81 -39.62
CA ASP H 3156 13.12 139.63 -38.80
C ASP H 3156 13.75 140.10 -37.51
N VAL H 3157 14.79 139.44 -37.02
CA VAL H 3157 15.42 139.77 -35.75
C VAL H 3157 16.69 140.58 -35.95
N ILE H 3158 17.58 140.12 -36.84
CA ILE H 3158 18.88 140.75 -37.01
C ILE H 3158 18.76 141.88 -38.01
N LEU H 3159 18.35 143.05 -37.54
CA LEU H 3159 18.22 144.24 -38.35
C LEU H 3159 18.62 145.46 -37.54
N ASP H 3160 19.05 146.51 -38.25
CA ASP H 3160 19.42 147.77 -37.63
C ASP H 3160 20.47 147.56 -36.54
N ASP H 3161 20.14 147.92 -35.29
CA ASP H 3161 21.14 147.86 -34.22
C ASP H 3161 21.61 146.44 -33.97
N VAL H 3162 20.69 145.48 -34.01
CA VAL H 3162 21.08 144.09 -33.86
C VAL H 3162 22.00 143.67 -34.99
N GLN H 3163 21.74 144.15 -36.20
CA GLN H 3163 22.61 143.84 -37.33
C GLN H 3163 24.00 144.42 -37.11
N VAL H 3164 24.09 145.63 -36.59
CA VAL H 3164 25.40 146.23 -36.32
C VAL H 3164 26.14 145.43 -35.26
N SER H 3165 25.45 145.04 -34.20
CA SER H 3165 26.10 144.28 -33.14
C SER H 3165 26.59 142.93 -33.66
N CYS H 3166 25.77 142.26 -34.49
CA CYS H 3166 26.20 140.98 -35.05
C CYS H 3166 27.35 141.17 -36.03
N TYR H 3167 27.34 142.26 -36.78
CA TYR H 3167 28.48 142.60 -37.63
C TYR H 3167 29.75 142.70 -36.81
N ARG H 3168 29.69 143.42 -35.69
CA ARG H 3168 30.87 143.57 -34.85
C ARG H 3168 31.33 142.23 -34.31
N THR H 3169 30.40 141.42 -33.81
CA THR H 3169 30.77 140.11 -33.28
C THR H 3169 31.45 139.25 -34.35
N LEU H 3170 30.84 139.15 -35.52
CA LEU H 3170 31.41 138.36 -36.61
C LEU H 3170 32.78 138.88 -37.02
N CYS H 3171 32.91 140.20 -37.14
CA CYS H 3171 34.08 140.82 -37.71
C CYS H 3171 35.24 140.84 -36.73
N SER H 3172 34.95 140.63 -35.43
CA SER H 3172 35.98 140.43 -34.42
C SER H 3172 36.38 138.97 -34.30
N ILE H 3173 35.41 138.06 -34.31
CA ILE H 3173 35.74 136.64 -34.26
C ILE H 3173 36.61 136.26 -35.45
N TYR H 3174 36.26 136.74 -36.64
CA TYR H 3174 37.12 136.48 -37.79
C TYR H 3174 38.48 137.17 -37.65
N SER H 3175 38.50 138.41 -37.16
CA SER H 3175 39.77 139.11 -36.99
C SER H 3175 40.69 138.34 -36.07
N LEU H 3176 40.13 137.53 -35.17
CA LEU H 3176 40.95 136.66 -34.33
C LEU H 3176 41.47 135.49 -35.15
N GLY H 3177 42.26 135.78 -36.19
CA GLY H 3177 42.81 134.75 -37.03
C GLY H 3177 44.24 135.01 -37.46
N THR H 3178 44.81 136.11 -36.98
CA THR H 3178 46.19 136.48 -37.29
C THR H 3178 47.13 136.26 -36.12
N THR H 3179 46.71 135.48 -35.12
CA THR H 3179 47.49 135.24 -33.93
C THR H 3179 47.71 133.74 -33.75
N ARG H 3180 48.60 133.41 -32.81
CA ARG H 3180 48.95 132.01 -32.57
C ARG H 3180 49.09 131.70 -31.09
N ASN H 3181 48.43 132.44 -30.21
CA ASN H 3181 48.58 132.21 -28.78
C ASN H 3181 48.01 130.84 -28.41
N PRO H 3182 48.55 130.17 -27.39
CA PRO H 3182 47.97 128.90 -26.94
C PRO H 3182 46.51 129.07 -26.51
N TYR H 3183 46.20 130.23 -25.93
CA TYR H 3183 44.82 130.51 -25.54
C TYR H 3183 43.91 130.52 -26.78
N VAL H 3184 44.36 131.18 -27.84
CA VAL H 3184 43.60 131.19 -29.08
C VAL H 3184 43.47 129.77 -29.62
N GLU H 3185 44.53 128.99 -29.52
CA GLU H 3185 44.48 127.60 -30.00
C GLU H 3185 43.41 126.81 -29.28
N LYS H 3186 43.28 127.01 -27.97
CA LYS H 3186 42.27 126.30 -27.19
C LYS H 3186 40.86 126.83 -27.41
N LEU H 3187 40.71 128.13 -27.68
CA LEU H 3187 39.39 128.73 -27.83
C LEU H 3187 38.88 128.72 -29.27
N ARG H 3188 39.70 128.31 -30.23
CA ARG H 3188 39.25 128.37 -31.63
C ARG H 3188 37.99 127.57 -31.90
N PRO H 3189 37.81 126.34 -31.38
CA PRO H 3189 36.59 125.59 -31.71
C PRO H 3189 35.29 126.31 -31.35
N ALA H 3190 35.22 126.89 -30.14
CA ALA H 3190 34.00 127.59 -29.74
C ALA H 3190 33.75 128.81 -30.60
N LEU H 3191 34.80 129.57 -30.91
CA LEU H 3191 34.65 130.70 -31.80
C LEU H 3191 34.17 130.27 -33.17
N GLY H 3192 34.69 129.16 -33.69
CA GLY H 3192 34.26 128.67 -34.98
C GLY H 3192 32.79 128.26 -34.98
N GLU H 3193 32.35 127.57 -33.93
CA GLU H 3193 30.94 127.20 -33.85
C GLU H 3193 30.05 128.44 -33.77
N CYS H 3194 30.45 129.42 -32.96
CA CYS H 3194 29.67 130.65 -32.86
C CYS H 3194 29.61 131.36 -34.20
N LEU H 3195 30.73 131.43 -34.92
CA LEU H 3195 30.75 132.09 -36.22
C LEU H 3195 29.90 131.34 -37.23
N ALA H 3196 29.91 130.01 -37.18
CA ALA H 3196 29.07 129.24 -38.09
C ALA H 3196 27.60 129.52 -37.84
N ARG H 3197 27.18 129.53 -36.58
CA ARG H 3197 25.79 129.83 -36.28
C ARG H 3197 25.44 131.26 -36.70
N LEU H 3198 26.34 132.21 -36.45
CA LEU H 3198 26.08 133.59 -36.84
C LEU H 3198 25.97 133.73 -38.35
N ALA H 3199 26.82 133.03 -39.11
CA ALA H 3199 26.72 133.07 -40.56
C ALA H 3199 25.43 132.45 -41.05
N ALA H 3200 24.98 131.38 -40.39
CA ALA H 3200 23.68 130.81 -40.74
C ALA H 3200 22.55 131.79 -40.48
N ALA H 3201 22.60 132.53 -39.38
CA ALA H 3201 21.50 133.40 -38.99
C ALA H 3201 21.52 134.76 -39.66
N MET H 3202 22.68 135.23 -40.11
CA MET H 3202 22.79 136.59 -40.65
C MET H 3202 21.92 136.76 -41.88
N PRO H 3203 21.10 137.80 -41.97
CA PRO H 3203 20.30 138.05 -43.17
C PRO H 3203 20.98 138.86 -44.26
N VAL H 3204 22.27 139.18 -44.12
CA VAL H 3204 23.00 139.96 -45.11
C VAL H 3204 24.19 139.14 -45.57
N ALA H 3205 24.40 139.10 -46.88
CA ALA H 3205 25.55 138.39 -47.46
C ALA H 3205 26.82 139.19 -47.21
N PHE H 3206 27.41 139.03 -46.03
CA PHE H 3206 28.57 139.83 -45.66
C PHE H 3206 29.82 139.46 -46.47
N LEU H 3207 29.81 138.34 -47.19
CA LEU H 3207 30.91 137.97 -48.06
C LEU H 3207 30.73 138.45 -49.48
N GLU H 3208 29.59 139.06 -49.80
CA GLU H 3208 29.29 139.56 -51.15
C GLU H 3208 28.74 140.97 -51.03
N PRO H 3209 29.55 141.92 -50.53
CA PRO H 3209 29.07 143.29 -50.39
C PRO H 3209 28.68 143.94 -51.71
N GLU H 3210 29.28 143.49 -52.83
CA GLU H 3210 29.00 144.13 -54.11
C GLU H 3210 27.52 144.06 -54.47
N LEU H 3211 26.82 143.01 -54.04
CA LEU H 3211 25.42 142.82 -54.36
C LEU H 3211 24.50 143.24 -53.21
N ASN H 3212 25.03 143.95 -52.21
CA ASN H 3212 24.22 144.30 -51.05
C ASN H 3212 23.05 145.21 -51.42
N GLU H 3213 23.14 145.89 -52.56
CA GLU H 3213 22.08 146.83 -52.93
C GLU H 3213 20.74 146.12 -53.15
N TYR H 3214 20.77 144.82 -53.49
CA TYR H 3214 19.55 144.06 -53.74
C TYR H 3214 19.02 143.38 -52.49
N ASN H 3215 19.45 143.79 -51.30
CA ASN H 3215 19.04 143.17 -50.05
C ASN H 3215 18.12 144.12 -49.29
N ALA H 3216 16.92 143.64 -48.99
CA ALA H 3216 15.95 144.43 -48.23
C ALA H 3216 16.17 144.37 -46.73
N CYS H 3217 17.01 143.46 -46.25
CA CYS H 3217 17.31 143.35 -44.83
C CYS H 3217 18.55 144.12 -44.41
N SER H 3218 19.40 144.49 -45.35
CA SER H 3218 20.62 145.20 -45.01
C SER H 3218 20.29 146.54 -44.35
N VAL H 3219 21.11 146.93 -43.37
CA VAL H 3219 20.90 148.20 -42.69
C VAL H 3219 21.03 149.35 -43.67
N TYR H 3220 21.93 149.23 -44.64
CA TYR H 3220 22.13 150.30 -45.61
C TYR H 3220 20.91 150.53 -46.47
N THR H 3221 19.97 149.59 -46.49
CA THR H 3221 18.70 149.76 -47.18
C THR H 3221 17.57 150.11 -46.23
N THR H 3222 17.55 149.50 -45.04
CA THR H 3222 16.50 149.78 -44.06
C THR H 3222 16.58 151.21 -43.57
N LYS H 3223 17.79 151.71 -43.32
CA LYS H 3223 18.00 153.04 -42.78
C LYS H 3223 18.44 153.99 -43.88
N SER H 3224 17.85 155.18 -43.89
CA SER H 3224 18.17 156.17 -44.90
C SER H 3224 19.58 156.73 -44.69
N PRO H 3225 20.19 157.30 -45.72
CA PRO H 3225 21.52 157.89 -45.54
C PRO H 3225 21.57 158.97 -44.49
N ARG H 3226 20.46 159.68 -44.26
CA ARG H 3226 20.41 160.64 -43.16
C ARG H 3226 20.64 159.92 -41.83
N GLU H 3227 20.01 158.75 -41.67
CA GLU H 3227 20.40 157.83 -40.60
C GLU H 3227 21.68 157.14 -41.02
N ARG H 3228 22.27 156.34 -40.12
CA ARG H 3228 23.54 155.67 -40.35
C ARG H 3228 24.69 156.68 -40.27
N ALA H 3229 24.36 157.97 -40.18
CA ALA H 3229 25.36 158.96 -39.81
C ALA H 3229 25.12 159.45 -38.38
N ILE H 3230 23.88 159.38 -37.92
CA ILE H 3230 23.60 159.55 -36.50
C ILE H 3230 24.35 158.49 -35.70
N LEU H 3231 24.40 157.26 -36.22
CA LEU H 3231 25.25 156.23 -35.66
C LEU H 3231 26.64 156.35 -36.26
N GLY H 3232 27.51 155.37 -36.01
CA GLY H 3232 28.87 155.42 -36.52
C GLY H 3232 29.06 154.56 -37.75
N LEU H 3233 27.96 154.26 -38.44
CA LEU H 3233 28.02 153.32 -39.56
C LEU H 3233 28.92 153.89 -40.67
N PRO H 3234 29.85 153.10 -41.20
CA PRO H 3234 30.66 153.59 -42.33
C PRO H 3234 29.78 153.98 -43.51
N ASN H 3235 30.42 154.56 -44.52
CA ASN H 3235 29.68 155.01 -45.70
C ASN H 3235 29.17 153.83 -46.52
N SER H 3236 29.88 152.71 -46.50
CA SER H 3236 29.57 151.58 -47.37
C SER H 3236 29.62 150.26 -46.61
N VAL H 3237 28.78 149.32 -47.07
CA VAL H 3237 28.80 147.98 -46.52
C VAL H 3237 30.16 147.34 -46.74
N GLU H 3238 30.87 147.75 -47.80
CA GLU H 3238 32.25 147.28 -47.98
C GLU H 3238 33.12 147.68 -46.81
N GLU H 3239 32.97 148.90 -46.31
CA GLU H 3239 33.73 149.37 -45.16
C GLU H 3239 33.12 148.95 -43.83
N MET H 3240 31.94 148.30 -43.84
CA MET H 3240 31.40 147.72 -42.62
C MET H 3240 32.52 147.08 -41.80
N CYS H 3241 33.23 146.12 -42.40
CA CYS H 3241 34.57 145.79 -41.93
C CYS H 3241 35.30 145.12 -43.09
N PRO H 3242 36.48 145.59 -43.48
CA PRO H 3242 37.11 145.06 -44.70
C PRO H 3242 38.07 143.91 -44.45
N ASP H 3243 38.12 143.41 -43.21
CA ASP H 3243 39.08 142.38 -42.85
C ASP H 3243 38.61 140.97 -43.19
N ILE H 3244 37.39 140.80 -43.68
CA ILE H 3244 36.88 139.51 -44.12
C ILE H 3244 36.96 139.46 -45.64
N PRO H 3245 37.75 138.59 -46.23
CA PRO H 3245 37.84 138.55 -47.70
C PRO H 3245 36.50 138.18 -48.32
N VAL H 3246 36.28 138.68 -49.54
CA VAL H 3246 35.04 138.38 -50.25
C VAL H 3246 34.98 136.89 -50.56
N LEU H 3247 33.80 136.44 -50.98
CA LEU H 3247 33.57 135.02 -51.20
C LEU H 3247 34.54 134.45 -52.21
N GLU H 3248 34.77 135.17 -53.31
CA GLU H 3248 35.67 134.66 -54.35
C GLU H 3248 37.08 134.48 -53.79
N ARG H 3249 37.56 135.48 -53.05
CA ARG H 3249 38.90 135.40 -52.48
C ARG H 3249 39.00 134.25 -51.50
N LEU H 3250 37.99 134.07 -50.65
CA LEU H 3250 38.03 133.00 -49.67
C LEU H 3250 38.04 131.64 -50.35
N MET H 3251 37.19 131.46 -51.36
CA MET H 3251 37.16 130.18 -52.07
C MET H 3251 38.48 129.93 -52.78
N ALA H 3252 39.07 130.96 -53.39
CA ALA H 3252 40.36 130.80 -54.04
C ALA H 3252 41.43 130.39 -53.05
N GLU H 3253 41.45 131.04 -51.89
CA GLU H 3253 42.46 130.70 -50.87
C GLU H 3253 42.29 129.27 -50.39
N ILE H 3254 41.05 128.87 -50.10
CA ILE H 3254 40.83 127.51 -49.62
C ILE H 3254 41.24 126.48 -50.66
N GLY H 3255 40.86 126.72 -51.92
CA GLY H 3255 41.25 125.80 -52.98
C GLY H 3255 42.76 125.73 -53.15
N GLY H 3256 43.42 126.89 -53.12
CA GLY H 3256 44.87 126.90 -53.26
C GLY H 3256 45.54 126.13 -52.14
N LEU H 3257 45.08 126.33 -50.91
CA LEU H 3257 45.65 125.59 -49.78
C LEU H 3257 45.42 124.09 -49.93
N ALA H 3258 44.21 123.70 -50.32
CA ALA H 3258 43.90 122.28 -50.45
C ALA H 3258 44.77 121.62 -51.51
N GLU H 3259 44.94 122.29 -52.65
CA GLU H 3259 45.84 121.76 -53.68
C GLU H 3259 47.29 121.74 -53.21
N SER H 3260 47.72 122.77 -52.48
CA SER H 3260 49.09 122.78 -51.97
C SER H 3260 49.34 121.65 -50.99
N GLY H 3261 48.29 121.19 -50.30
CA GLY H 3261 48.45 120.09 -49.38
C GLY H 3261 48.93 120.48 -48.00
N ALA H 3262 48.69 121.72 -47.58
CA ALA H 3262 49.13 122.17 -46.27
C ALA H 3262 48.49 121.33 -45.17
N ARG H 3263 48.99 121.51 -43.95
CA ARG H 3263 48.55 120.76 -42.79
C ARG H 3263 47.83 121.68 -41.80
N TYR H 3264 47.11 121.06 -40.87
CA TYR H 3264 46.37 121.83 -39.88
C TYR H 3264 47.28 122.79 -39.14
N THR H 3265 48.54 122.40 -38.91
CA THR H 3265 49.48 123.30 -38.26
C THR H 3265 49.71 124.56 -39.10
N GLU H 3266 49.61 124.44 -40.42
CA GLU H 3266 49.76 125.59 -41.30
C GLU H 3266 48.45 126.33 -41.51
N MET H 3267 47.30 125.69 -41.26
CA MET H 3267 45.99 126.33 -41.45
C MET H 3267 45.11 126.09 -40.22
N PRO H 3268 45.51 126.63 -39.06
CA PRO H 3268 44.64 126.48 -37.89
C PRO H 3268 43.37 127.30 -37.98
N HIS H 3269 43.48 128.54 -38.47
CA HIS H 3269 42.31 129.42 -38.53
C HIS H 3269 41.34 128.97 -39.62
N VAL H 3270 41.86 128.58 -40.79
CA VAL H 3270 40.98 128.25 -41.91
C VAL H 3270 40.15 127.02 -41.59
N ILE H 3271 40.74 126.05 -40.88
CA ILE H 3271 40.02 124.80 -40.63
C ILE H 3271 38.99 124.97 -39.51
N GLU H 3272 39.26 125.84 -38.54
CA GLU H 3272 38.41 125.93 -37.36
C GLU H 3272 37.43 127.09 -37.40
N ILE H 3273 37.66 128.09 -38.23
CA ILE H 3273 36.82 129.28 -38.25
C ILE H 3273 36.24 129.48 -39.65
N THR H 3274 37.12 129.66 -40.64
CA THR H 3274 36.67 130.02 -41.98
C THR H 3274 35.80 128.92 -42.57
N LEU H 3275 36.28 127.68 -42.58
CA LEU H 3275 35.52 126.60 -43.20
C LEU H 3275 34.19 126.36 -42.50
N PRO H 3276 34.11 126.28 -41.17
CA PRO H 3276 32.79 126.18 -40.53
C PRO H 3276 31.87 127.34 -40.87
N MET H 3277 32.41 128.56 -40.98
CA MET H 3277 31.58 129.70 -41.33
C MET H 3277 31.05 129.57 -42.77
N LEU H 3278 31.90 129.12 -43.69
CA LEU H 3278 31.47 128.96 -45.07
C LEU H 3278 30.44 127.84 -45.20
N CYS H 3279 30.61 126.75 -44.47
CA CYS H 3279 29.68 125.63 -44.52
C CYS H 3279 28.28 126.01 -44.08
N SER H 3280 28.12 127.10 -43.35
CA SER H 3280 26.82 127.64 -43.00
C SER H 3280 26.39 128.80 -43.88
N TYR H 3281 27.34 129.59 -44.37
CA TYR H 3281 27.02 130.71 -45.25
C TYR H 3281 26.51 130.23 -46.60
N LEU H 3282 27.21 129.28 -47.22
CA LEU H 3282 26.85 128.85 -48.57
C LEU H 3282 25.47 128.22 -48.63
N PRO H 3283 25.12 127.27 -47.75
CA PRO H 3283 23.77 126.69 -47.82
C PRO H 3283 22.66 127.72 -47.65
N ARG H 3284 22.86 128.71 -46.78
CA ARG H 3284 21.81 129.69 -46.55
C ARG H 3284 21.55 130.52 -47.79
N TRP H 3285 22.60 130.97 -48.46
CA TRP H 3285 22.47 131.86 -49.61
C TRP H 3285 22.27 131.13 -50.92
N TRP H 3286 22.48 129.81 -50.96
CA TRP H 3286 22.09 129.06 -52.14
C TRP H 3286 20.58 129.06 -52.32
N GLU H 3287 19.84 129.02 -51.22
CA GLU H 3287 18.38 129.03 -51.28
C GLU H 3287 17.82 130.38 -51.69
N ARG H 3288 18.60 131.45 -51.59
CA ARG H 3288 18.13 132.80 -51.88
C ARG H 3288 18.87 133.43 -53.06
N GLY H 3289 19.81 132.72 -53.67
CA GLY H 3289 20.52 133.23 -54.81
C GLY H 3289 20.02 132.63 -56.10
N PRO H 3290 20.78 132.79 -57.18
CA PRO H 3290 20.39 132.15 -58.44
C PRO H 3290 20.46 130.64 -58.33
N GLU H 3291 19.72 129.99 -59.21
CA GLU H 3291 19.62 128.53 -59.25
C GLU H 3291 18.78 127.97 -58.10
N ALA H 3292 18.09 128.85 -57.36
CA ALA H 3292 17.23 128.39 -56.29
C ALA H 3292 15.83 128.12 -56.81
N PRO H 3293 15.06 127.24 -56.17
CA PRO H 3293 13.67 127.05 -56.57
C PRO H 3293 12.95 128.38 -56.66
N PRO H 3294 12.49 128.76 -57.86
CA PRO H 3294 11.77 130.04 -58.01
C PRO H 3294 10.25 129.87 -57.96
N PRO H 3295 9.65 129.64 -56.78
CA PRO H 3295 8.18 129.76 -56.72
C PRO H 3295 7.73 131.20 -56.58
N ALA H 3296 8.52 132.05 -55.91
CA ALA H 3296 8.19 133.46 -55.74
C ALA H 3296 8.83 134.35 -56.79
N LEU H 3297 9.68 133.79 -57.66
CA LEU H 3297 10.32 134.59 -58.69
C LEU H 3297 9.30 135.31 -59.57
N PRO H 3298 8.19 134.68 -59.99
CA PRO H 3298 7.22 135.41 -60.83
C PRO H 3298 6.76 136.72 -60.20
N ALA H 3299 6.56 136.73 -58.88
CA ALA H 3299 6.28 137.98 -58.19
C ALA H 3299 7.46 138.93 -58.35
N GLY H 3300 7.17 140.19 -58.65
CA GLY H 3300 8.22 141.17 -58.86
C GLY H 3300 9.24 141.20 -57.76
N ALA H 3301 10.47 140.76 -58.06
CA ALA H 3301 11.54 140.73 -57.09
C ALA H 3301 12.83 141.20 -57.75
N PRO H 3302 13.74 141.79 -56.98
CA PRO H 3302 15.02 142.25 -57.55
C PRO H 3302 15.94 141.06 -57.79
N PRO H 3303 17.06 141.28 -58.46
CA PRO H 3303 18.03 140.19 -58.63
C PRO H 3303 18.58 139.75 -57.30
N PRO H 3304 18.94 138.48 -57.14
CA PRO H 3304 19.41 137.99 -55.85
C PRO H 3304 20.65 138.75 -55.38
N CYS H 3305 20.73 138.95 -54.08
CA CYS H 3305 21.85 139.66 -53.45
C CYS H 3305 23.08 138.79 -53.30
N THR H 3306 23.05 137.55 -53.81
CA THR H 3306 24.16 136.63 -53.69
C THR H 3306 24.37 135.91 -55.02
N ALA H 3307 25.59 135.42 -55.22
CA ALA H 3307 25.95 134.68 -56.42
C ALA H 3307 26.20 133.20 -56.13
N VAL H 3308 25.76 132.70 -54.98
CA VAL H 3308 26.05 131.32 -54.60
C VAL H 3308 25.24 130.38 -55.48
N THR H 3309 25.92 129.38 -56.04
CA THR H 3309 25.30 128.32 -56.83
C THR H 3309 25.79 126.98 -56.32
N SER H 3310 25.21 125.91 -56.87
CA SER H 3310 25.64 124.57 -56.49
C SER H 3310 27.12 124.35 -56.76
N ASP H 3311 27.71 125.10 -57.69
CA ASP H 3311 29.13 124.98 -57.98
C ASP H 3311 29.95 125.37 -56.77
N HIS H 3312 29.55 126.44 -56.07
CA HIS H 3312 30.28 126.86 -54.88
C HIS H 3312 30.29 125.78 -53.82
N LEU H 3313 29.11 125.19 -53.55
CA LEU H 3313 29.03 124.16 -52.53
C LEU H 3313 29.83 122.92 -52.94
N ASN H 3314 29.77 122.55 -54.22
CA ASN H 3314 30.54 121.40 -54.68
C ASN H 3314 32.04 121.65 -54.52
N SER H 3315 32.50 122.85 -54.87
CA SER H 3315 33.91 123.17 -54.72
C SER H 3315 34.33 123.14 -53.26
N LEU H 3316 33.49 123.69 -52.37
CA LEU H 3316 33.83 123.68 -50.96
C LEU H 3316 33.90 122.25 -50.42
N LEU H 3317 32.96 121.41 -50.81
CA LEU H 3317 33.00 120.02 -50.36
C LEU H 3317 34.23 119.30 -50.87
N GLY H 3318 34.57 119.52 -52.14
CA GLY H 3318 35.79 118.92 -52.67
C GLY H 3318 37.03 119.39 -51.94
N ASN H 3319 37.09 120.69 -51.62
CA ASN H 3319 38.24 121.22 -50.90
C ASN H 3319 38.33 120.62 -49.49
N ILE H 3320 37.18 120.46 -48.83
CA ILE H 3320 37.19 119.87 -47.49
C ILE H 3320 37.68 118.43 -47.56
N LEU H 3321 37.19 117.68 -48.54
CA LEU H 3321 37.64 116.30 -48.70
C LEU H 3321 39.14 116.25 -48.96
N ARG H 3322 39.65 117.16 -49.80
CA ARG H 3322 41.08 117.17 -50.09
C ARG H 3322 41.89 117.51 -48.86
N ILE H 3323 41.39 118.43 -48.02
CA ILE H 3323 42.11 118.79 -46.81
C ILE H 3323 42.17 117.60 -45.86
N ILE H 3324 41.03 116.90 -45.68
CA ILE H 3324 41.04 115.72 -44.83
C ILE H 3324 42.00 114.67 -45.39
N VAL H 3325 42.02 114.51 -46.70
CA VAL H 3325 42.95 113.55 -47.32
C VAL H 3325 44.38 113.95 -47.03
N ASN H 3326 44.70 115.23 -47.19
CA ASN H 3326 46.05 115.71 -46.92
C ASN H 3326 46.46 115.48 -45.48
N ASN H 3327 45.52 115.59 -44.54
CA ASN H 3327 45.83 115.40 -43.13
C ASN H 3327 45.55 113.97 -42.66
N LEU H 3328 45.27 113.06 -43.59
CA LEU H 3328 45.11 111.66 -43.25
C LEU H 3328 46.39 111.10 -42.65
N GLY H 3329 46.25 110.28 -41.62
CA GLY H 3329 47.36 109.59 -41.02
C GLY H 3329 48.07 110.33 -39.90
N ILE H 3330 47.71 111.60 -39.67
CA ILE H 3330 48.35 112.35 -38.60
C ILE H 3330 48.00 111.73 -37.25
N ASP H 3331 48.97 111.72 -36.35
CA ASP H 3331 48.76 111.06 -35.06
C ASP H 3331 47.62 111.70 -34.28
N GLU H 3332 47.58 113.04 -34.25
CA GLU H 3332 46.59 113.77 -33.47
C GLU H 3332 45.87 114.76 -34.38
N ALA H 3333 44.58 114.52 -34.61
CA ALA H 3333 43.75 115.49 -35.31
C ALA H 3333 42.31 115.40 -34.82
N SER H 3334 41.95 116.22 -33.83
CA SER H 3334 40.58 116.24 -33.33
C SER H 3334 39.69 117.16 -34.15
N TRP H 3335 40.27 118.02 -34.99
CA TRP H 3335 39.48 118.91 -35.82
C TRP H 3335 38.73 118.18 -36.93
N MET H 3336 39.13 116.94 -37.23
CA MET H 3336 38.52 116.21 -38.34
C MET H 3336 37.03 115.98 -38.10
N LYS H 3337 36.67 115.55 -36.89
CA LYS H 3337 35.26 115.29 -36.59
C LYS H 3337 34.44 116.57 -36.66
N ARG H 3338 34.96 117.67 -36.12
CA ARG H 3338 34.25 118.94 -36.18
C ARG H 3338 34.06 119.38 -37.63
N LEU H 3339 35.10 119.25 -38.45
CA LEU H 3339 34.99 119.65 -39.85
C LEU H 3339 33.98 118.79 -40.58
N ALA H 3340 33.96 117.48 -40.32
CA ALA H 3340 32.99 116.62 -40.96
C ALA H 3340 31.57 116.99 -40.55
N VAL H 3341 31.35 117.25 -39.26
CA VAL H 3341 30.02 117.64 -38.80
C VAL H 3341 29.61 118.95 -39.45
N PHE H 3342 30.52 119.91 -39.57
CA PHE H 3342 30.17 121.19 -40.18
C PHE H 3342 29.91 121.04 -41.68
N ALA H 3343 30.61 120.13 -42.35
CA ALA H 3343 30.45 119.96 -43.79
C ALA H 3343 29.28 119.07 -44.16
N GLN H 3344 28.72 118.32 -43.22
CA GLN H 3344 27.58 117.45 -43.54
C GLN H 3344 26.45 118.18 -44.26
N PRO H 3345 26.00 119.35 -43.82
CA PRO H 3345 24.86 119.99 -44.49
C PRO H 3345 25.07 120.32 -45.96
N ILE H 3346 26.31 120.62 -46.38
CA ILE H 3346 26.54 121.06 -47.76
C ILE H 3346 26.68 119.89 -48.72
N VAL H 3347 26.53 118.66 -48.25
CA VAL H 3347 26.71 117.50 -49.11
C VAL H 3347 25.49 117.24 -49.99
N SER H 3348 24.32 117.77 -49.62
CA SER H 3348 23.11 117.52 -50.40
C SER H 3348 23.18 118.14 -51.78
N ARG H 3349 24.07 119.10 -52.01
CA ARG H 3349 24.21 119.75 -53.30
C ARG H 3349 25.43 119.27 -54.08
N ALA H 3350 26.07 118.19 -53.63
CA ALA H 3350 27.25 117.69 -54.33
C ALA H 3350 26.89 117.20 -55.72
N ARG H 3351 27.79 117.42 -56.66
CA ARG H 3351 27.56 117.01 -58.04
C ARG H 3351 27.94 115.54 -58.23
N PRO H 3352 27.42 114.89 -59.27
CA PRO H 3352 27.77 113.48 -59.52
C PRO H 3352 29.26 113.28 -59.73
N GLU H 3353 29.93 114.27 -60.31
CA GLU H 3353 31.37 114.16 -60.58
C GLU H 3353 32.18 113.99 -59.31
N LEU H 3354 31.64 114.41 -58.16
CA LEU H 3354 32.39 114.30 -56.91
C LEU H 3354 32.77 112.86 -56.63
N LEU H 3355 31.90 111.89 -56.95
CA LEU H 3355 32.23 110.50 -56.67
C LEU H 3355 33.62 110.17 -57.19
N ARG H 3356 33.79 110.18 -58.51
CA ARG H 3356 35.07 109.83 -59.10
C ARG H 3356 36.15 110.83 -58.74
N SER H 3357 35.83 112.12 -58.71
CA SER H 3357 36.88 113.11 -58.47
C SER H 3357 37.53 112.97 -57.10
N HIS H 3358 36.73 112.78 -56.04
CA HIS H 3358 37.25 112.83 -54.69
C HIS H 3358 37.02 111.53 -53.91
N PHE H 3359 35.79 111.02 -53.94
CA PHE H 3359 35.42 109.96 -53.00
C PHE H 3359 36.17 108.67 -53.30
N ILE H 3360 36.25 108.30 -54.57
CA ILE H 3360 36.87 107.04 -54.95
C ILE H 3360 38.34 107.04 -54.51
N PRO H 3361 39.12 108.07 -54.85
CA PRO H 3361 40.51 108.10 -54.34
C PRO H 3361 40.63 108.06 -52.83
N THR H 3362 39.75 108.78 -52.12
CA THR H 3362 39.87 108.84 -50.67
C THR H 3362 39.57 107.49 -50.03
N ILE H 3363 38.47 106.86 -50.43
CA ILE H 3363 38.13 105.56 -49.88
C ILE H 3363 39.15 104.52 -50.31
N GLY H 3364 39.73 104.68 -51.51
CA GLY H 3364 40.81 103.79 -51.92
C GLY H 3364 42.02 103.91 -51.01
N ARG H 3365 42.41 105.14 -50.67
CA ARG H 3365 43.51 105.34 -49.74
C ARG H 3365 43.21 104.70 -48.39
N LEU H 3366 41.99 104.90 -47.89
CA LEU H 3366 41.62 104.32 -46.61
C LEU H 3366 41.65 102.80 -46.66
N ARG H 3367 41.16 102.20 -47.75
CA ARG H 3367 41.19 100.75 -47.90
C ARG H 3367 42.62 100.23 -47.94
N LYS H 3368 43.50 100.93 -48.66
CA LYS H 3368 44.90 100.52 -48.73
C LYS H 3368 45.53 100.56 -47.34
N ARG H 3369 45.26 101.62 -46.59
CA ARG H 3369 45.80 101.72 -45.24
C ARG H 3369 45.30 100.60 -44.36
N ALA H 3370 43.99 100.29 -44.45
CA ALA H 3370 43.43 99.21 -43.67
C ALA H 3370 44.08 97.88 -44.02
N GLY H 3371 44.32 97.64 -45.31
CA GLY H 3371 44.99 96.42 -45.71
C GLY H 3371 46.39 96.32 -45.15
N LYS H 3372 47.13 97.43 -45.20
CA LYS H 3372 48.48 97.43 -44.63
C LYS H 3372 48.45 97.11 -43.14
N VAL H 3373 47.53 97.74 -42.41
CA VAL H 3373 47.47 97.51 -40.97
C VAL H 3373 47.09 96.07 -40.67
N VAL H 3374 46.18 95.50 -41.45
CA VAL H 3374 45.80 94.10 -41.20
C VAL H 3374 46.97 93.18 -41.52
N ALA H 3375 47.76 93.50 -42.54
CA ALA H 3375 48.95 92.70 -42.83
C ALA H 3375 49.93 92.76 -41.66
N GLU H 3376 50.12 93.95 -41.08
CA GLU H 3376 50.97 94.05 -39.90
C GLU H 3376 50.41 93.22 -38.76
N GLU H 3377 49.08 93.21 -38.62
CA GLU H 3377 48.45 92.40 -37.58
C GLU H 3377 48.75 90.92 -37.78
N GLU H 3378 48.66 90.42 -39.02
CA GLU H 3378 48.96 89.02 -39.28
C GLU H 3378 50.43 88.70 -38.99
N GLN H 3379 51.33 89.59 -39.40
CA GLN H 3379 52.74 89.38 -39.06
C GLN H 3379 52.94 89.36 -37.55
N LEU H 3380 52.12 90.12 -36.82
CA LEU H 3380 52.19 90.07 -35.36
C LEU H 3380 51.82 88.69 -34.85
N ARG H 3381 50.77 88.08 -35.41
CA ARG H 3381 50.44 86.70 -35.04
C ARG H 3381 51.60 85.77 -35.33
N LEU H 3382 52.24 85.95 -36.49
CA LEU H 3382 53.45 85.17 -36.79
C LEU H 3382 54.55 85.40 -35.77
N GLU H 3383 54.65 86.59 -35.19
CA GLU H 3383 55.66 86.89 -34.18
C GLU H 3383 55.34 86.12 -32.90
N ALA H 3384 56.16 86.32 -31.86
CA ALA H 3384 56.03 85.57 -30.63
C ALA H 3384 56.33 86.45 -29.42
N LYS H 3385 55.53 86.28 -28.36
CA LYS H 3385 55.71 86.94 -27.07
C LYS H 3385 56.21 88.37 -27.22
N ALA H 3386 57.44 88.66 -26.76
CA ALA H 3386 57.93 90.03 -26.72
C ALA H 3386 57.81 90.69 -28.09
N GLU H 3387 58.09 89.93 -29.15
CA GLU H 3387 57.84 90.44 -30.50
C GLU H 3387 56.35 90.63 -30.73
N ALA H 3388 55.52 89.71 -30.21
CA ALA H 3388 54.08 89.84 -30.36
C ALA H 3388 53.51 90.94 -29.46
N GLU H 3389 53.93 90.99 -28.20
CA GLU H 3389 53.40 91.99 -27.28
C GLU H 3389 53.72 93.40 -27.77
N GLU H 3390 54.98 93.66 -28.06
CA GLU H 3390 55.33 94.89 -28.74
C GLU H 3390 54.90 94.81 -30.20
N GLY H 3391 54.65 95.97 -30.79
CA GLY H 3391 54.04 95.99 -32.12
C GLY H 3391 52.54 95.85 -32.06
N GLU H 3392 52.03 95.10 -31.08
CA GLU H 3392 50.58 95.06 -30.88
C GLU H 3392 50.04 96.45 -30.54
N LEU H 3393 50.74 97.19 -29.69
CA LEU H 3393 50.32 98.54 -29.38
C LEU H 3393 50.48 99.46 -30.59
N LEU H 3394 51.51 99.21 -31.40
CA LEU H 3394 51.71 100.01 -32.61
C LEU H 3394 50.54 99.82 -33.59
N VAL H 3395 50.15 98.57 -33.82
CA VAL H 3395 49.02 98.32 -34.72
C VAL H 3395 47.73 98.80 -34.08
N ARG H 3396 47.65 98.75 -32.75
CA ARG H 3396 46.51 99.36 -32.07
C ARG H 3396 46.39 100.84 -32.39
N ASP H 3397 47.51 101.57 -32.30
CA ASP H 3397 47.48 103.00 -32.60
C ASP H 3397 47.18 103.25 -34.07
N GLU H 3398 47.73 102.41 -34.96
CA GLU H 3398 47.43 102.55 -36.38
C GLU H 3398 45.94 102.35 -36.65
N PHE H 3399 45.35 101.34 -36.03
CA PHE H 3399 43.91 101.12 -36.17
C PHE H 3399 43.12 102.28 -35.57
N SER H 3400 43.63 102.87 -34.49
CA SER H 3400 42.92 104.00 -33.89
C SER H 3400 42.90 105.20 -34.83
N VAL H 3401 44.05 105.51 -35.45
CA VAL H 3401 44.08 106.64 -36.37
C VAL H 3401 43.26 106.33 -37.62
N LEU H 3402 43.28 105.09 -38.08
CA LEU H 3402 42.45 104.70 -39.21
C LEU H 3402 40.97 104.86 -38.88
N CYS H 3403 40.58 104.46 -37.67
CA CYS H 3403 39.19 104.61 -37.25
C CYS H 3403 38.81 106.09 -37.15
N ARG H 3404 39.72 106.92 -36.68
CA ARG H 3404 39.47 108.36 -36.65
C ARG H 3404 39.22 108.89 -38.06
N ASP H 3405 40.09 108.52 -39.01
CA ASP H 3405 39.92 108.98 -40.38
C ASP H 3405 38.61 108.47 -40.97
N LEU H 3406 38.27 107.22 -40.70
CA LEU H 3406 37.02 106.67 -41.22
C LEU H 3406 35.81 107.38 -40.61
N TYR H 3407 35.82 107.61 -39.31
CA TYR H 3407 34.70 108.30 -38.71
C TYR H 3407 34.63 109.76 -39.10
N ALA H 3408 35.71 110.29 -39.65
CA ALA H 3408 35.70 111.63 -40.23
C ALA H 3408 35.17 111.66 -41.65
N LEU H 3409 35.49 110.67 -42.47
CA LEU H 3409 35.10 110.69 -43.88
C LEU H 3409 33.79 109.97 -44.17
N TYR H 3410 33.58 108.79 -43.58
CA TYR H 3410 32.38 108.01 -43.87
C TYR H 3410 31.08 108.78 -43.66
N PRO H 3411 30.90 109.57 -42.60
CA PRO H 3411 29.62 110.29 -42.47
C PRO H 3411 29.32 111.19 -43.66
N LEU H 3412 30.34 111.81 -44.25
CA LEU H 3412 30.11 112.59 -45.47
C LEU H 3412 29.71 111.70 -46.62
N LEU H 3413 30.34 110.52 -46.74
CA LEU H 3413 30.02 109.61 -47.83
C LEU H 3413 28.60 109.08 -47.72
N ILE H 3414 28.13 108.81 -46.50
CA ILE H 3414 26.80 108.25 -46.31
C ILE H 3414 25.74 109.20 -46.85
N ARG H 3415 25.87 110.49 -46.53
CA ARG H 3415 24.95 111.48 -47.07
C ARG H 3415 25.02 111.53 -48.58
N TYR H 3416 26.24 111.50 -49.13
CA TYR H 3416 26.38 111.53 -50.58
C TYR H 3416 25.76 110.29 -51.22
N VAL H 3417 25.91 109.13 -50.59
CA VAL H 3417 25.31 107.91 -51.11
C VAL H 3417 23.79 108.02 -51.10
N ASP H 3418 23.23 108.51 -49.99
CA ASP H 3418 21.78 108.59 -49.87
C ASP H 3418 21.18 109.49 -50.95
N ASN H 3419 21.90 110.51 -51.38
CA ASN H 3419 21.41 111.44 -52.38
C ASN H 3419 21.67 110.98 -53.82
N ASN H 3420 22.43 109.89 -54.00
CA ASN H 3420 22.74 109.39 -55.33
C ASN H 3420 22.47 107.90 -55.49
N ARG H 3421 22.03 107.22 -54.43
CA ARG H 3421 21.76 105.79 -54.55
C ARG H 3421 20.63 105.54 -55.54
N ALA H 3422 19.61 106.40 -55.56
CA ALA H 3422 18.52 106.24 -56.51
C ALA H 3422 19.04 106.26 -57.94
N HIS H 3423 19.86 107.25 -58.27
CA HIS H 3423 20.42 107.35 -59.61
C HIS H 3423 21.30 106.15 -59.92
N TRP H 3424 22.13 105.76 -58.96
CA TRP H 3424 23.04 104.63 -59.19
C TRP H 3424 22.26 103.35 -59.49
N LEU H 3425 21.20 103.11 -58.72
CA LEU H 3425 20.40 101.90 -58.93
C LEU H 3425 19.64 101.97 -60.25
N THR H 3426 19.07 103.13 -60.57
CA THR H 3426 18.33 103.26 -61.82
C THR H 3426 19.23 103.04 -63.03
N GLU H 3427 20.42 103.63 -62.99
CA GLU H 3427 21.40 103.48 -64.08
C GLU H 3427 22.70 102.92 -63.50
N PRO H 3428 23.06 101.67 -63.77
CA PRO H 3428 24.27 101.11 -63.17
C PRO H 3428 25.50 101.98 -63.45
N ASN H 3429 26.31 102.17 -62.42
CA ASN H 3429 27.47 103.05 -62.49
C ASN H 3429 28.72 102.30 -62.10
N PRO H 3430 29.70 102.13 -63.00
CA PRO H 3430 30.93 101.42 -62.60
C PRO H 3430 31.66 102.09 -61.45
N ASN H 3431 31.62 103.43 -61.37
CA ASN H 3431 32.24 104.10 -60.24
C ASN H 3431 31.54 103.74 -58.93
N ALA H 3432 30.20 103.69 -58.95
CA ALA H 3432 29.48 103.28 -57.75
C ALA H 3432 29.81 101.85 -57.38
N GLU H 3433 29.94 100.97 -58.37
CA GLU H 3433 30.32 99.59 -58.08
C GLU H 3433 31.71 99.51 -57.47
N GLU H 3434 32.66 100.30 -57.99
CA GLU H 3434 34.00 100.33 -57.41
C GLU H 3434 33.96 100.84 -55.98
N LEU H 3435 33.15 101.86 -55.71
CA LEU H 3435 33.00 102.34 -54.34
C LEU H 3435 32.43 101.26 -53.45
N PHE H 3436 31.45 100.49 -53.95
CA PHE H 3436 30.93 99.37 -53.18
C PHE H 3436 32.03 98.37 -52.87
N ARG H 3437 32.87 98.06 -53.86
CA ARG H 3437 33.95 97.11 -53.64
C ARG H 3437 34.90 97.61 -52.56
N MET H 3438 35.25 98.89 -52.61
CA MET H 3438 36.15 99.45 -51.61
C MET H 3438 35.54 99.38 -50.22
N VAL H 3439 34.27 99.78 -50.08
CA VAL H 3439 33.62 99.79 -48.78
C VAL H 3439 33.48 98.35 -48.26
N GLY H 3440 33.17 97.42 -49.17
CA GLY H 3440 33.06 96.04 -48.75
C GLY H 3440 34.38 95.45 -48.31
N GLU H 3441 35.46 95.83 -48.99
CA GLU H 3441 36.79 95.38 -48.57
C GLU H 3441 37.13 95.92 -47.18
N ILE H 3442 36.83 97.19 -46.93
CA ILE H 3442 37.07 97.75 -45.61
C ILE H 3442 36.24 97.04 -44.56
N PHE H 3443 34.97 96.76 -44.87
CA PHE H 3443 34.11 96.05 -43.93
C PHE H 3443 34.62 94.63 -43.67
N ILE H 3444 35.15 93.98 -44.71
CA ILE H 3444 35.70 92.63 -44.55
C ILE H 3444 36.92 92.67 -43.64
N TYR H 3445 37.79 93.67 -43.83
CA TYR H 3445 38.91 93.83 -42.92
C TYR H 3445 38.44 94.03 -41.50
N TRP H 3446 37.41 94.87 -41.32
CA TRP H 3446 36.86 95.10 -39.99
C TRP H 3446 36.35 93.81 -39.36
N SER H 3447 35.64 93.00 -40.14
CA SER H 3447 35.10 91.75 -39.62
C SER H 3447 36.20 90.77 -39.26
N LYS H 3448 37.18 90.60 -40.15
CA LYS H 3448 38.28 89.67 -39.90
C LYS H 3448 39.09 90.10 -38.69
N SER H 3449 39.74 91.26 -38.77
CA SER H 3449 40.59 91.70 -37.68
C SER H 3449 39.75 91.98 -36.43
N HIS H 3450 40.35 91.74 -35.27
CA HIS H 3450 39.69 91.98 -33.99
C HIS H 3450 40.15 93.26 -33.33
N ASN H 3451 41.38 93.71 -33.59
CA ASN H 3451 41.82 95.01 -33.08
C ASN H 3451 41.04 96.14 -33.75
N PHE H 3452 40.61 95.93 -35.00
CA PHE H 3452 39.84 96.93 -35.71
C PHE H 3452 38.56 97.27 -34.95
N LYS H 3453 37.79 96.25 -34.59
CA LYS H 3453 36.53 96.47 -33.89
C LYS H 3453 36.77 97.13 -32.54
N ARG H 3454 37.78 96.65 -31.81
CA ARG H 3454 38.07 97.19 -30.49
C ARG H 3454 38.45 98.65 -30.57
N GLU H 3455 39.30 99.01 -31.53
CA GLU H 3455 39.73 100.39 -31.65
C GLU H 3455 38.58 101.28 -32.12
N GLU H 3456 37.71 100.75 -32.97
CA GLU H 3456 36.51 101.50 -33.35
C GLU H 3456 35.65 101.81 -32.13
N GLN H 3457 35.45 100.79 -31.28
CA GLN H 3457 34.67 100.99 -30.07
C GLN H 3457 35.31 102.03 -29.15
N ASN H 3458 36.63 101.93 -28.96
CA ASN H 3458 37.32 102.89 -28.11
C ASN H 3458 37.20 104.30 -28.67
N PHE H 3459 37.38 104.45 -29.99
CA PHE H 3459 37.27 105.78 -30.58
C PHE H 3459 35.88 106.35 -30.38
N VAL H 3460 34.84 105.57 -30.66
CA VAL H 3460 33.49 106.10 -30.53
C VAL H 3460 33.21 106.47 -29.08
N VAL H 3461 33.60 105.60 -28.14
CA VAL H 3461 33.32 105.87 -26.74
C VAL H 3461 34.04 107.12 -26.28
N GLN H 3462 35.34 107.24 -26.59
CA GLN H 3462 36.11 108.39 -26.14
C GLN H 3462 35.59 109.68 -26.78
N ASN H 3463 35.58 109.75 -28.11
CA ASN H 3463 35.19 110.97 -28.79
C ASN H 3463 33.71 111.30 -28.63
N GLU H 3464 32.90 110.38 -28.12
CA GLU H 3464 31.48 110.63 -27.91
C GLU H 3464 30.80 111.04 -29.22
N ILE H 3465 31.22 110.40 -30.31
CA ILE H 3465 30.65 110.67 -31.61
C ILE H 3465 29.20 110.19 -31.64
N ASN H 3466 28.32 111.00 -32.23
CA ASN H 3466 26.90 110.67 -32.30
C ASN H 3466 26.63 109.98 -33.63
N ASN H 3467 26.74 108.65 -33.62
CA ASN H 3467 26.53 107.88 -34.84
C ASN H 3467 25.10 108.05 -35.36
N MET H 3468 24.15 108.25 -34.46
CA MET H 3468 22.77 108.49 -34.90
C MET H 3468 22.67 109.77 -35.72
N SER H 3469 23.32 110.84 -35.25
CA SER H 3469 23.33 112.08 -36.00
C SER H 3469 24.04 111.90 -37.33
N PHE H 3470 25.16 111.16 -37.33
CA PHE H 3470 25.88 110.92 -38.57
C PHE H 3470 24.99 110.20 -39.58
N LEU H 3471 24.28 109.18 -39.13
CA LEU H 3471 23.40 108.43 -40.03
C LEU H 3471 22.26 109.30 -40.53
N THR H 3472 21.67 110.10 -39.64
CA THR H 3472 20.56 110.98 -40.01
C THR H 3472 21.06 112.13 -40.87
N TYR H 3504 29.40 102.34 -29.47
CA TYR H 3504 28.55 101.81 -28.42
C TYR H 3504 27.84 100.55 -28.90
N SER H 3505 27.06 100.69 -29.97
CA SER H 3505 26.32 99.58 -30.54
C SER H 3505 26.94 99.16 -31.87
N VAL H 3506 27.18 97.86 -32.03
CA VAL H 3506 27.72 97.37 -33.29
C VAL H 3506 26.78 97.67 -34.44
N GLN H 3507 25.47 97.81 -34.15
CA GLN H 3507 24.53 98.21 -35.18
C GLN H 3507 24.83 99.63 -35.66
N THR H 3508 25.21 100.52 -34.74
CA THR H 3508 25.53 101.90 -35.09
C THR H 3508 26.94 102.06 -35.62
N SER H 3509 27.76 101.01 -35.61
CA SER H 3509 29.10 101.09 -36.15
C SER H 3509 29.07 101.63 -37.56
N LEU H 3510 29.73 102.77 -37.79
CA LEU H 3510 29.71 103.38 -39.12
C LEU H 3510 30.31 102.45 -40.16
N ILE H 3511 31.25 101.61 -39.77
CA ILE H 3511 31.89 100.71 -40.75
C ILE H 3511 30.87 99.78 -41.37
N VAL H 3512 29.98 99.22 -40.54
CA VAL H 3512 28.96 98.31 -41.07
C VAL H 3512 27.79 99.09 -41.64
N ALA H 3513 27.49 100.26 -41.08
CA ALA H 3513 26.37 101.05 -41.60
C ALA H 3513 26.62 101.50 -43.03
N THR H 3514 27.84 101.97 -43.33
CA THR H 3514 28.14 102.39 -44.69
C THR H 3514 28.05 101.23 -45.67
N LEU H 3515 28.55 100.06 -45.26
CA LEU H 3515 28.45 98.89 -46.11
C LEU H 3515 27.00 98.50 -46.34
N LYS H 3516 26.17 98.57 -45.30
CA LYS H 3516 24.76 98.25 -45.47
C LYS H 3516 24.09 99.22 -46.41
N LYS H 3517 24.43 100.51 -46.32
CA LYS H 3517 23.88 101.49 -47.24
C LYS H 3517 24.33 101.26 -48.68
N MET H 3518 25.58 100.85 -48.89
CA MET H 3518 26.09 100.61 -50.24
C MET H 3518 25.75 99.22 -50.77
N LEU H 3519 25.23 98.33 -49.94
CA LEU H 3519 24.98 96.96 -50.37
C LEU H 3519 24.05 96.88 -51.57
N PRO H 3520 22.96 97.64 -51.65
CA PRO H 3520 22.09 97.55 -52.83
C PRO H 3520 22.83 97.75 -54.14
N ILE H 3521 23.82 98.64 -54.17
CA ILE H 3521 24.62 98.80 -55.38
C ILE H 3521 25.35 97.51 -55.73
N GLY H 3522 25.93 96.86 -54.73
CA GLY H 3522 26.61 95.61 -54.99
C GLY H 3522 25.68 94.52 -55.48
N LEU H 3523 24.50 94.43 -54.88
CA LEU H 3523 23.52 93.43 -55.32
C LEU H 3523 23.06 93.73 -56.74
N ASN H 3524 22.93 95.01 -57.10
CA ASN H 3524 22.45 95.39 -58.42
C ASN H 3524 23.39 94.91 -59.53
N MET H 3525 24.64 94.59 -59.20
CA MET H 3525 25.55 94.08 -60.23
C MET H 3525 25.20 92.64 -60.59
N CYS H 3526 24.82 91.84 -59.59
CA CYS H 3526 24.53 90.43 -59.83
C CYS H 3526 23.14 90.27 -60.44
N ALA H 3527 23.06 89.43 -61.46
CA ALA H 3527 21.78 89.10 -62.07
C ALA H 3527 21.00 88.15 -61.17
N PRO H 3528 19.68 88.08 -61.35
CA PRO H 3528 18.89 87.14 -60.54
C PRO H 3528 19.35 85.70 -60.65
N THR H 3529 19.85 85.30 -61.82
CA THR H 3529 20.29 83.92 -62.00
C THR H 3529 21.46 83.59 -61.07
N ASP H 3530 22.30 84.57 -60.77
CA ASP H 3530 23.49 84.32 -59.98
C ASP H 3530 23.21 84.09 -58.50
N GLN H 3531 21.93 84.00 -58.11
CA GLN H 3531 21.62 83.83 -56.69
C GLN H 3531 22.13 82.51 -56.15
N ASP H 3532 21.99 81.43 -56.92
CA ASP H 3532 22.48 80.13 -56.48
C ASP H 3532 24.00 80.13 -56.34
N LEU H 3533 24.69 80.74 -57.31
CA LEU H 3533 26.13 80.86 -57.20
C LEU H 3533 26.52 81.66 -55.97
N ILE H 3534 25.72 82.69 -55.65
CA ILE H 3534 25.97 83.46 -54.43
C ILE H 3534 25.83 82.57 -53.20
N VAL H 3535 24.81 81.71 -53.18
CA VAL H 3535 24.62 80.82 -52.04
C VAL H 3535 25.80 79.86 -51.90
N LEU H 3536 26.25 79.29 -53.03
CA LEU H 3536 27.38 78.37 -52.97
C LEU H 3536 28.65 79.07 -52.50
N ALA H 3537 28.89 80.30 -52.98
CA ALA H 3537 30.05 81.05 -52.54
C ALA H 3537 29.97 81.38 -51.06
N LYS H 3538 28.77 81.71 -50.57
CA LYS H 3538 28.60 81.94 -49.14
C LYS H 3538 28.89 80.67 -48.35
N ALA H 3539 28.45 79.52 -48.86
CA ALA H 3539 28.75 78.25 -48.19
C ALA H 3539 30.25 78.01 -48.13
N ARG H 3540 30.97 78.26 -49.22
CA ARG H 3540 32.42 78.10 -49.19
C ARG H 3540 33.05 79.04 -48.17
N TYR H 3541 32.71 80.33 -48.24
CA TYR H 3541 33.29 81.28 -47.30
C TYR H 3541 32.99 80.88 -45.86
N ALA H 3542 31.83 80.26 -45.63
CA ALA H 3542 31.56 79.66 -44.32
C ALA H 3542 32.50 78.51 -44.02
N LEU H 3543 32.81 77.68 -45.03
CA LEU H 3543 33.84 76.65 -44.91
C LEU H 3543 35.25 77.23 -44.83
N LYS H 3544 35.37 78.56 -44.84
CA LYS H 3544 36.64 79.24 -44.63
C LYS H 3544 37.57 79.10 -45.83
N ASP H 3545 37.00 78.97 -47.02
CA ASP H 3545 37.81 78.99 -48.23
C ASP H 3545 38.32 80.40 -48.50
N THR H 3546 39.43 80.48 -49.22
CA THR H 3546 40.03 81.76 -49.57
C THR H 3546 39.39 82.30 -50.85
N ASP H 3547 39.73 83.56 -51.15
CA ASP H 3547 39.09 84.24 -52.28
C ASP H 3547 39.39 83.52 -53.59
N GLU H 3548 40.63 83.10 -53.79
CA GLU H 3548 40.97 82.36 -55.01
C GLU H 3548 40.25 81.01 -55.05
N GLU H 3549 40.11 80.36 -53.90
CA GLU H 3549 39.40 79.09 -53.85
C GLU H 3549 37.95 79.28 -54.30
N VAL H 3550 37.30 80.34 -53.81
CA VAL H 3550 35.92 80.60 -54.21
C VAL H 3550 35.85 80.96 -55.70
N ARG H 3551 36.80 81.78 -56.16
CA ARG H 3551 36.83 82.18 -57.56
C ARG H 3551 37.01 80.99 -58.49
N GLU H 3552 37.69 79.94 -58.03
CA GLU H 3552 37.82 78.72 -58.82
C GLU H 3552 36.60 77.81 -58.69
N PHE H 3553 36.02 77.74 -57.48
CA PHE H 3553 34.78 76.98 -57.33
C PHE H 3553 33.72 77.47 -58.31
N LEU H 3554 33.50 78.79 -58.33
CA LEU H 3554 32.51 79.34 -59.24
C LEU H 3554 32.92 79.11 -60.70
N GLN H 3555 34.20 79.28 -61.00
CA GLN H 3555 34.69 79.07 -62.36
C GLN H 3555 34.40 77.66 -62.85
N ASN H 3556 34.42 76.67 -61.94
CA ASN H 3556 34.30 75.28 -62.35
C ASN H 3556 32.90 74.70 -62.14
N ASN H 3557 32.04 75.32 -61.32
CA ASN H 3557 30.61 75.02 -61.29
C ASN H 3557 29.74 76.22 -61.65
N LEU H 3558 30.12 76.96 -62.70
CA LEU H 3558 29.20 77.93 -63.28
C LEU H 3558 27.90 77.26 -63.74
N ASN H 3559 27.94 75.97 -64.04
CA ASN H 3559 26.75 75.28 -64.56
C ASN H 3559 25.60 75.25 -63.54
N LEU H 3560 25.90 75.46 -62.26
CA LEU H 3560 24.86 75.53 -61.23
C LEU H 3560 24.15 76.87 -61.20
N GLN H 3561 24.31 77.69 -62.23
CA GLN H 3561 23.58 78.94 -62.32
C GLN H 3561 22.08 78.67 -62.45
N GLY H 3562 21.27 79.55 -61.86
CA GLY H 3562 19.84 79.33 -61.88
C GLY H 3562 19.27 79.44 -63.28
N LYS H 3563 18.12 78.80 -63.47
CA LYS H 3563 17.39 78.82 -64.73
C LYS H 3563 16.04 79.50 -64.52
N VAL H 3564 15.69 80.42 -65.42
CA VAL H 3564 14.50 81.24 -65.21
C VAL H 3564 13.24 80.37 -65.20
N GLU H 3565 13.18 79.39 -66.09
CA GLU H 3565 12.02 78.52 -66.20
C GLU H 3565 11.74 77.80 -64.87
N GLY H 3566 12.77 77.61 -64.06
CA GLY H 3566 12.60 76.84 -62.84
C GLY H 3566 11.61 77.46 -61.88
N SER H 3567 11.69 78.78 -61.68
CA SER H 3567 10.85 79.47 -60.72
C SER H 3567 10.12 80.63 -61.38
N PRO H 3568 8.86 80.87 -61.01
CA PRO H 3568 8.16 82.06 -61.54
C PRO H 3568 8.76 83.37 -61.04
N SER H 3569 9.31 83.39 -59.83
CA SER H 3569 9.93 84.60 -59.32
C SER H 3569 11.09 85.02 -60.19
N LEU H 3570 11.93 84.07 -60.59
CA LEU H 3570 13.04 84.39 -61.49
C LEU H 3570 12.54 85.02 -62.76
N ARG H 3571 11.34 84.66 -63.23
CA ARG H 3571 10.85 85.22 -64.48
C ARG H 3571 10.77 86.74 -64.40
N TRP H 3572 10.06 87.28 -63.40
CA TRP H 3572 9.91 88.72 -63.31
C TRP H 3572 11.18 89.40 -62.81
N GLN H 3573 11.95 88.72 -61.95
CA GLN H 3573 13.23 89.30 -61.54
C GLN H 3573 14.14 89.52 -62.74
N MET H 3574 14.29 88.50 -63.59
CA MET H 3574 15.13 88.63 -64.77
C MET H 3574 14.50 89.57 -65.79
N ALA H 3575 13.16 89.66 -65.81
CA ALA H 3575 12.52 90.64 -66.68
C ALA H 3575 12.95 92.05 -66.30
N LEU H 3576 12.90 92.37 -65.01
CA LEU H 3576 13.38 93.67 -64.56
C LEU H 3576 14.86 93.85 -64.87
N TYR H 3577 15.65 92.80 -64.64
CA TYR H 3577 17.09 92.90 -64.86
C TYR H 3577 17.41 93.22 -66.32
N ARG H 3578 16.75 92.51 -67.25
CA ARG H 3578 16.97 92.80 -68.66
C ARG H 3578 16.42 94.16 -69.04
N GLY H 3579 15.30 94.58 -68.43
CA GLY H 3579 14.76 95.89 -68.71
C GLY H 3579 15.73 96.99 -68.35
N VAL H 3580 16.47 96.81 -67.26
CA VAL H 3580 17.49 97.79 -66.89
C VAL H 3580 18.55 97.84 -67.99
N PRO H 3581 18.79 99.00 -68.61
CA PRO H 3581 19.80 99.05 -69.67
C PRO H 3581 21.20 98.77 -69.14
N GLY H 3582 22.02 98.20 -70.01
CA GLY H 3582 23.40 97.88 -69.65
C GLY H 3582 23.57 96.59 -68.88
N ARG H 3583 22.68 96.35 -67.91
CA ARG H 3583 22.73 95.11 -67.14
C ARG H 3583 22.54 93.91 -68.06
N GLU H 3584 21.62 94.02 -69.02
CA GLU H 3584 21.45 92.94 -70.00
C GLU H 3584 22.62 92.87 -70.96
N GLU H 3585 23.24 94.01 -71.28
CA GLU H 3585 24.39 94.00 -72.18
C GLU H 3585 25.56 93.24 -71.56
N ASP H 3586 25.80 93.46 -70.27
CA ASP H 3586 26.89 92.81 -69.57
C ASP H 3586 26.40 91.46 -69.01
N ALA H 3587 27.19 90.85 -68.13
CA ALA H 3587 26.87 89.57 -67.51
C ALA H 3587 26.94 88.41 -68.50
N ASP H 3588 27.52 88.63 -69.67
CA ASP H 3588 27.76 87.57 -70.63
C ASP H 3588 29.17 86.98 -70.52
N ASP H 3589 29.95 87.40 -69.52
CA ASP H 3589 31.35 86.99 -69.39
C ASP H 3589 31.53 86.14 -68.13
N PRO H 3590 32.07 84.92 -68.25
CA PRO H 3590 32.27 84.12 -67.03
C PRO H 3590 33.17 84.79 -66.00
N GLU H 3591 34.21 85.50 -66.44
CA GLU H 3591 35.08 86.18 -65.49
C GLU H 3591 34.31 87.24 -64.71
N LYS H 3592 33.51 88.03 -65.41
CA LYS H 3592 32.69 89.03 -64.74
C LYS H 3592 31.73 88.36 -63.75
N ILE H 3593 31.10 87.27 -64.18
CA ILE H 3593 30.13 86.60 -63.31
C ILE H 3593 30.81 86.10 -62.04
N VAL H 3594 31.96 85.43 -62.18
CA VAL H 3594 32.63 84.89 -61.00
C VAL H 3594 33.11 86.01 -60.10
N ARG H 3595 33.65 87.10 -60.66
CA ARG H 3595 34.10 88.20 -59.83
C ARG H 3595 32.94 88.81 -59.03
N ARG H 3596 31.82 89.09 -59.72
CA ARG H 3596 30.66 89.65 -59.03
C ARG H 3596 30.19 88.73 -57.92
N VAL H 3597 30.00 87.45 -58.22
CA VAL H 3597 29.47 86.52 -57.23
C VAL H 3597 30.42 86.42 -56.05
N GLN H 3598 31.71 86.32 -56.33
CA GLN H 3598 32.68 86.19 -55.25
C GLN H 3598 32.63 87.39 -54.32
N GLU H 3599 32.70 88.60 -54.88
CA GLU H 3599 32.71 89.79 -54.03
C GLU H 3599 31.43 89.91 -53.22
N VAL H 3600 30.28 89.80 -53.87
CA VAL H 3600 29.01 89.98 -53.18
C VAL H 3600 28.81 88.89 -52.14
N SER H 3601 29.21 87.65 -52.46
CA SER H 3601 29.07 86.56 -51.51
C SER H 3601 29.94 86.76 -50.29
N ALA H 3602 31.18 87.23 -50.49
CA ALA H 3602 32.03 87.52 -49.34
C ALA H 3602 31.41 88.58 -48.45
N VAL H 3603 30.91 89.66 -49.06
CA VAL H 3603 30.30 90.73 -48.28
C VAL H 3603 29.10 90.19 -47.50
N LEU H 3604 28.25 89.41 -48.17
CA LEU H 3604 27.05 88.88 -47.52
C LEU H 3604 27.41 87.92 -46.40
N TYR H 3605 28.41 87.07 -46.60
CA TYR H 3605 28.86 86.17 -45.55
C TYR H 3605 29.26 86.95 -44.31
N HIS H 3606 30.13 87.95 -44.50
CA HIS H 3606 30.63 88.68 -43.34
C HIS H 3606 29.53 89.50 -42.70
N LEU H 3607 28.55 89.95 -43.49
CA LEU H 3607 27.38 90.59 -42.89
C LEU H 3607 26.59 89.61 -42.03
N ASP H 3608 26.47 88.37 -42.48
CA ASP H 3608 25.80 87.35 -41.69
C ASP H 3608 26.54 87.12 -40.36
N GLN H 3609 27.86 87.03 -40.43
CA GLN H 3609 28.64 86.90 -39.20
C GLN H 3609 28.43 88.10 -38.28
N THR H 3610 28.43 89.30 -38.85
CA THR H 3610 28.25 90.50 -38.02
C THR H 3610 26.89 90.49 -37.33
N GLU H 3611 25.82 90.22 -38.09
CA GLU H 3611 24.49 90.25 -37.51
C GLU H 3611 24.31 89.13 -36.48
N HIS H 3612 24.87 87.95 -36.75
CA HIS H 3612 24.79 86.88 -35.76
C HIS H 3612 25.57 87.29 -34.51
N PRO H 3613 25.04 87.02 -33.30
CA PRO H 3613 25.73 87.42 -32.08
C PRO H 3613 26.95 86.55 -31.78
N ALA H 3635 34.54 91.38 1.14
CA ALA H 3635 35.59 91.19 0.15
C ALA H 3635 36.65 92.29 0.27
N CYS H 3636 36.94 92.98 -0.84
CA CYS H 3636 37.92 94.06 -0.79
C CYS H 3636 37.48 95.15 0.18
N PHE H 3637 36.19 95.48 0.19
CA PHE H 3637 35.68 96.44 1.17
C PHE H 3637 35.87 95.91 2.59
N ARG H 3638 35.62 94.61 2.79
CA ARG H 3638 35.75 94.04 4.12
C ARG H 3638 37.21 93.99 4.56
N MET H 3639 38.03 93.22 3.86
CA MET H 3639 39.47 93.16 4.11
C MET H 3639 39.76 93.02 5.60
N THR H 3640 39.35 91.88 6.17
CA THR H 3640 39.58 91.59 7.57
C THR H 3640 40.98 91.05 7.78
N PRO H 3641 41.93 91.85 8.30
CA PRO H 3641 43.31 91.37 8.43
C PRO H 3641 43.58 90.76 9.80
N LEU H 3642 44.46 89.76 9.84
CA LEU H 3642 44.80 89.15 11.13
C LEU H 3642 45.60 90.09 12.01
N TYR H 3643 46.35 91.02 11.41
CA TYR H 3643 47.20 91.90 12.21
C TYR H 3643 46.42 92.97 12.96
N ASN H 3644 45.14 93.14 12.66
CA ASN H 3644 44.30 94.09 13.39
C ASN H 3644 43.54 93.45 14.54
N LEU H 3645 43.62 92.14 14.70
CA LEU H 3645 42.87 91.48 15.75
C LEU H 3645 43.49 91.80 17.11
N PRO H 3646 42.70 91.83 18.18
CA PRO H 3646 43.30 91.98 19.51
C PRO H 3646 44.21 90.81 19.84
N THR H 3647 45.22 91.09 20.67
CA THR H 3647 46.27 90.09 20.91
C THR H 3647 45.68 88.80 21.47
N HIS H 3648 44.78 88.91 22.45
CA HIS H 3648 44.27 87.70 23.10
C HIS H 3648 43.42 86.86 22.15
N ARG H 3649 42.63 87.51 21.29
CA ARG H 3649 41.87 86.75 20.30
C ARG H 3649 42.79 86.01 19.34
N ALA H 3650 43.84 86.69 18.87
CA ALA H 3650 44.80 86.04 17.99
C ALA H 3650 45.51 84.90 18.70
N CYS H 3651 45.80 85.06 19.99
CA CYS H 3651 46.42 83.98 20.76
C CYS H 3651 45.50 82.77 20.83
N ASN H 3652 44.21 82.99 21.09
CA ASN H 3652 43.28 81.86 21.15
C ASN H 3652 43.18 81.16 19.81
N MET H 3653 43.09 81.95 18.73
CA MET H 3653 43.04 81.33 17.39
C MET H 3653 44.31 80.56 17.10
N PHE H 3654 45.47 81.10 17.48
CA PHE H 3654 46.73 80.40 17.27
C PHE H 3654 46.78 79.11 18.06
N LEU H 3655 46.29 79.13 19.30
CA LEU H 3655 46.26 77.91 20.08
C LEU H 3655 45.39 76.85 19.40
N GLU H 3656 44.21 77.24 18.94
CA GLU H 3656 43.34 76.30 18.25
C GLU H 3656 44.05 75.73 17.01
N SER H 3657 44.62 76.60 16.18
CA SER H 3657 45.23 76.15 14.93
C SER H 3657 46.45 75.26 15.21
N TYR H 3658 47.26 75.64 16.19
CA TYR H 3658 48.45 74.86 16.52
C TYR H 3658 48.05 73.49 17.04
N LYS H 3659 47.04 73.42 17.91
CA LYS H 3659 46.57 72.12 18.37
C LYS H 3659 46.07 71.28 17.20
N ALA H 3660 45.32 71.90 16.29
CA ALA H 3660 44.74 71.17 15.18
C ALA H 3660 45.79 70.64 14.19
N SER H 3661 46.81 71.44 13.88
CA SER H 3661 47.70 71.11 12.77
C SER H 3661 49.04 70.54 13.20
N TRP H 3662 49.57 70.95 14.37
CA TRP H 3662 50.90 70.53 14.80
C TRP H 3662 50.87 69.46 15.88
N ILE H 3663 49.99 69.58 16.87
CA ILE H 3663 49.92 68.61 17.95
C ILE H 3663 49.11 67.39 17.54
N LEU H 3664 47.90 67.61 17.03
CA LEU H 3664 47.06 66.48 16.64
C LEU H 3664 47.70 65.66 15.52
N THR H 3665 48.45 66.31 14.63
CA THR H 3665 49.06 65.59 13.52
C THR H 3665 50.28 64.80 13.97
N GLU H 3666 50.85 65.13 15.12
CA GLU H 3666 52.02 64.42 15.61
C GLU H 3666 51.69 62.94 15.81
N ASP H 3667 52.57 62.08 15.32
CA ASP H 3667 52.40 60.63 15.44
C ASP H 3667 53.35 60.13 16.53
N HIS H 3668 52.80 59.54 17.58
CA HIS H 3668 53.56 59.01 18.70
C HIS H 3668 52.97 57.67 19.09
N SER H 3669 53.71 56.60 18.81
CA SER H 3669 53.27 55.24 19.12
C SER H 3669 53.89 54.81 20.44
N PHE H 3670 53.05 54.66 21.47
CA PHE H 3670 53.48 54.16 22.75
C PHE H 3670 52.75 52.89 23.17
N GLU H 3671 51.78 52.42 22.40
CA GLU H 3671 50.93 51.32 22.84
C GLU H 3671 51.73 50.04 23.00
N ASP H 3672 52.58 49.72 22.03
CA ASP H 3672 53.35 48.48 22.11
C ASP H 3672 54.31 48.52 23.30
N ARG H 3673 54.99 49.64 23.49
CA ARG H 3673 55.90 49.76 24.64
C ARG H 3673 55.15 49.63 25.95
N MET H 3674 54.00 50.29 26.04
CA MET H 3674 53.21 50.22 27.27
C MET H 3674 52.76 48.79 27.56
N ILE H 3675 52.28 48.09 26.53
CA ILE H 3675 51.79 46.73 26.73
C ILE H 3675 52.93 45.80 27.10
N ASP H 3676 54.09 45.98 26.47
CA ASP H 3676 55.25 45.16 26.83
C ASP H 3676 55.66 45.40 28.29
N ASP H 3677 55.72 46.67 28.69
CA ASP H 3677 56.11 47.00 30.06
C ASP H 3677 55.13 46.44 31.07
N LEU H 3678 53.83 46.53 30.77
CA LEU H 3678 52.81 46.01 31.68
C LEU H 3678 52.77 44.49 31.70
N SER H 3679 53.11 43.84 30.58
CA SER H 3679 53.15 42.38 30.53
C SER H 3679 54.36 41.81 31.23
N LYS H 3680 55.48 42.54 31.27
CA LYS H 3680 56.68 42.06 31.95
C LYS H 3680 56.43 41.99 33.44
N ALA H 3681 56.62 40.81 34.02
CA ALA H 3681 56.64 40.66 35.46
C ALA H 3681 58.05 40.90 35.99
N GLY H 3682 58.15 41.17 37.28
CA GLY H 3682 59.42 41.52 37.89
C GLY H 3682 59.68 40.76 39.17
N GLU H 3683 60.92 40.29 39.30
CA GLU H 3683 61.43 39.72 40.53
C GLU H 3683 60.48 38.66 41.09
N GLN H 3684 59.98 37.81 40.20
CA GLN H 3684 59.20 36.66 40.64
C GLN H 3684 60.03 35.76 41.55
N GLU H 3685 61.34 35.73 41.35
CA GLU H 3685 62.20 34.98 42.26
C GLU H 3685 62.14 35.55 43.67
N GLU H 3686 62.21 36.88 43.79
CA GLU H 3686 62.09 37.50 45.10
C GLU H 3686 60.71 37.23 45.70
N GLU H 3687 59.65 37.33 44.90
CA GLU H 3687 58.32 37.01 45.40
C GLU H 3687 58.22 35.54 45.81
N GLU H 3688 59.05 34.67 45.26
CA GLU H 3688 59.05 33.25 45.60
C GLU H 3688 57.65 32.67 45.49
N GLU H 3689 57.00 32.96 44.37
CA GLU H 3689 55.64 32.51 44.11
C GLU H 3689 55.65 31.09 43.52
N GLU H 3690 56.09 30.15 44.35
CA GLU H 3690 56.13 28.76 43.92
C GLU H 3690 54.73 28.15 43.89
N VAL H 3691 53.78 28.74 44.61
CA VAL H 3691 52.41 28.26 44.56
C VAL H 3691 51.90 28.34 43.13
N GLU H 3692 51.03 27.39 42.76
CA GLU H 3692 50.56 27.33 41.38
C GLU H 3692 49.88 28.63 40.97
N GLU H 3693 49.14 29.25 41.88
CA GLU H 3693 48.43 30.49 41.58
C GLU H 3693 49.42 31.64 41.59
N LYS H 3694 49.94 31.98 40.41
CA LYS H 3694 50.79 33.15 40.27
C LYS H 3694 49.97 34.41 40.40
N LYS H 3695 50.54 35.39 41.10
CA LYS H 3695 49.89 36.68 41.19
C LYS H 3695 49.82 37.33 39.81
N PRO H 3696 48.68 37.92 39.43
CA PRO H 3696 48.60 38.53 38.10
C PRO H 3696 49.61 39.65 37.93
N ASP H 3697 50.15 39.76 36.73
CA ASP H 3697 51.05 40.84 36.37
C ASP H 3697 50.24 42.12 36.16
N PRO H 3698 50.92 43.26 35.98
CA PRO H 3698 50.16 44.53 35.89
C PRO H 3698 49.10 44.56 34.79
N LEU H 3699 49.40 44.04 33.61
CA LEU H 3699 48.40 44.03 32.55
C LEU H 3699 47.21 43.15 32.92
N HIS H 3700 47.50 41.99 33.52
CA HIS H 3700 46.43 41.12 34.00
C HIS H 3700 45.56 41.83 35.03
N GLN H 3701 46.19 42.57 35.94
CA GLN H 3701 45.43 43.29 36.96
C GLN H 3701 44.58 44.39 36.35
N LEU H 3702 45.08 45.07 35.33
CA LEU H 3702 44.28 46.09 34.65
C LEU H 3702 43.06 45.45 34.00
N VAL H 3703 43.27 44.34 33.28
CA VAL H 3703 42.14 43.65 32.65
C VAL H 3703 41.14 43.18 33.70
N LEU H 3704 41.64 42.69 34.83
CA LEU H 3704 40.76 42.25 35.92
C LEU H 3704 39.96 43.41 36.49
N HIS H 3705 40.59 44.58 36.63
CA HIS H 3705 39.87 45.75 37.12
C HIS H 3705 38.74 46.12 36.18
N PHE H 3706 39.00 46.13 34.88
CA PHE H 3706 37.94 46.46 33.94
C PHE H 3706 36.86 45.38 33.92
N SER H 3707 37.23 44.12 34.09
CA SER H 3707 36.24 43.06 34.19
C SER H 3707 35.34 43.25 35.40
N ARG H 3708 35.93 43.62 36.54
CA ARG H 3708 35.15 43.89 37.73
C ARG H 3708 34.19 45.05 37.49
N THR H 3709 34.68 46.12 36.86
CA THR H 3709 33.79 47.26 36.57
C THR H 3709 32.64 46.83 35.68
N ALA H 3710 32.91 46.00 34.67
CA ALA H 3710 31.84 45.53 33.79
C ALA H 3710 30.86 44.64 34.54
N LEU H 3711 31.34 43.80 35.45
CA LEU H 3711 30.49 42.86 36.16
C LEU H 3711 29.70 43.52 37.28
N THR H 3712 30.07 44.72 37.71
CA THR H 3712 29.29 45.40 38.75
C THR H 3712 27.86 45.58 38.29
N GLU H 3713 26.93 45.33 39.21
CA GLU H 3713 25.50 45.43 38.92
C GLU H 3713 25.08 46.89 38.92
N LYS H 3714 24.69 47.40 37.76
CA LYS H 3714 24.26 48.79 37.63
C LYS H 3714 23.17 48.88 36.58
N SER H 3715 22.43 49.99 36.62
CA SER H 3715 21.39 50.22 35.62
C SER H 3715 22.00 50.47 34.24
N LYS H 3716 23.07 51.25 34.18
CA LYS H 3716 23.71 51.60 32.91
C LYS H 3716 25.22 51.57 33.08
N LEU H 3717 25.91 51.41 31.96
CA LEU H 3717 27.37 51.41 31.94
C LEU H 3717 27.86 52.85 31.77
N ASP H 3718 28.45 53.40 32.82
CA ASP H 3718 28.93 54.77 32.77
C ASP H 3718 30.13 54.89 31.83
N GLU H 3719 30.21 56.02 31.13
CA GLU H 3719 31.31 56.27 30.22
C GLU H 3719 32.60 56.40 31.02
N ASP H 3720 33.58 55.55 30.72
CA ASP H 3720 34.84 55.50 31.45
C ASP H 3720 35.97 55.84 30.48
N TYR H 3721 36.51 57.06 30.60
CA TYR H 3721 37.58 57.47 29.72
C TYR H 3721 38.81 56.59 29.89
N LEU H 3722 39.11 56.18 31.13
CA LEU H 3722 40.26 55.31 31.36
C LEU H 3722 40.09 53.98 30.63
N TYR H 3723 38.90 53.38 30.74
CA TYR H 3723 38.66 52.12 30.04
C TYR H 3723 38.77 52.31 28.54
N MET H 3724 38.21 53.40 28.01
CA MET H 3724 38.28 53.61 26.57
C MET H 3724 39.73 53.77 26.12
N ALA H 3725 40.53 54.53 26.86
CA ALA H 3725 41.92 54.73 26.48
C ALA H 3725 42.70 53.41 26.52
N TYR H 3726 42.51 52.63 27.58
CA TYR H 3726 43.27 51.40 27.70
C TYR H 3726 42.79 50.35 26.69
N ALA H 3727 41.50 50.34 26.37
CA ALA H 3727 41.00 49.46 25.32
C ALA H 3727 41.61 49.84 23.98
N ASP H 3728 41.71 51.14 23.70
CA ASP H 3728 42.37 51.57 22.47
C ASP H 3728 43.82 51.12 22.45
N ILE H 3729 44.52 51.25 23.59
CA ILE H 3729 45.92 50.83 23.65
C ILE H 3729 46.04 49.33 23.37
N MET H 3730 45.20 48.53 24.02
CA MET H 3730 45.26 47.09 23.81
C MET H 3730 44.94 46.73 22.36
N ALA H 3731 43.93 47.39 21.78
CA ALA H 3731 43.57 47.10 20.39
C ALA H 3731 44.72 47.44 19.45
N LYS H 3732 45.38 48.59 19.67
CA LYS H 3732 46.50 48.97 18.82
C LYS H 3732 47.70 48.08 19.04
N SER H 3733 47.81 47.42 20.20
CA SER H 3733 48.94 46.54 20.44
C SER H 3733 48.92 45.33 19.51
N CYS H 3734 47.76 44.97 18.96
CA CYS H 3734 47.65 43.89 17.98
C CYS H 3734 47.56 44.52 16.61
N HIS H 3735 48.71 44.61 15.93
CA HIS H 3735 48.82 45.49 14.76
C HIS H 3735 47.95 45.00 13.60
N LEU H 3736 48.08 43.72 13.24
CA LEU H 3736 47.49 43.22 12.00
C LEU H 3736 48.03 44.00 10.80
N GLU H 3737 49.34 43.92 10.62
CA GLU H 3737 50.02 44.60 9.52
C GLU H 3737 49.65 43.97 8.18
N VAL H 3752 53.15 44.32 -3.89
CA VAL H 3752 54.28 43.43 -3.66
C VAL H 3752 53.78 42.04 -3.28
N GLU H 3753 54.66 41.05 -3.37
CA GLU H 3753 54.35 39.67 -3.02
C GLU H 3753 55.22 39.25 -1.85
N VAL H 3754 54.59 38.71 -0.81
CA VAL H 3754 55.27 38.25 0.39
C VAL H 3754 55.37 36.73 0.33
N SER H 3755 56.51 36.20 0.78
CA SER H 3755 56.74 34.77 0.72
C SER H 3755 55.85 34.03 1.71
N PHE H 3756 55.74 32.71 1.51
CA PHE H 3756 54.97 31.89 2.42
C PHE H 3756 55.53 31.96 3.84
N GLU H 3757 56.86 31.93 3.95
CA GLU H 3757 57.49 32.07 5.26
C GLU H 3757 57.14 33.40 5.91
N GLU H 3758 57.17 34.48 5.12
CA GLU H 3758 56.86 35.80 5.66
C GLU H 3758 55.42 35.87 6.13
N LYS H 3759 54.50 35.31 5.35
CA LYS H 3759 53.10 35.29 5.76
C LYS H 3759 52.92 34.51 7.07
N GLU H 3760 53.57 33.34 7.17
CA GLU H 3760 53.45 32.56 8.40
C GLU H 3760 54.03 33.32 9.58
N MET H 3761 55.16 33.99 9.39
CA MET H 3761 55.76 34.76 10.48
C MET H 3761 54.85 35.90 10.92
N GLU H 3762 54.22 36.58 9.96
CA GLU H 3762 53.28 37.63 10.33
C GLU H 3762 52.10 37.08 11.10
N LYS H 3763 51.57 35.93 10.67
CA LYS H 3763 50.47 35.32 11.40
C LYS H 3763 50.87 34.96 12.81
N GLN H 3764 52.07 34.39 12.98
CA GLN H 3764 52.53 34.01 14.32
C GLN H 3764 52.74 35.25 15.19
N ARG H 3765 53.27 36.32 14.61
CA ARG H 3765 53.45 37.56 15.36
C ARG H 3765 52.10 38.08 15.86
N LEU H 3766 51.10 38.11 14.98
CA LEU H 3766 49.78 38.56 15.38
C LEU H 3766 49.19 37.65 16.45
N LEU H 3767 49.40 36.34 16.31
CA LEU H 3767 48.90 35.40 17.30
C LEU H 3767 49.52 35.67 18.67
N TYR H 3768 50.84 35.92 18.70
CA TYR H 3768 51.49 36.21 19.98
C TYR H 3768 50.95 37.50 20.58
N GLN H 3769 50.79 38.54 19.75
CA GLN H 3769 50.26 39.79 20.28
C GLN H 3769 48.86 39.61 20.84
N GLN H 3770 48.03 38.83 20.16
CA GLN H 3770 46.67 38.59 20.65
C GLN H 3770 46.68 37.74 21.91
N SER H 3771 47.62 36.79 22.01
CA SER H 3771 47.71 35.95 23.19
C SER H 3771 48.14 36.76 24.41
N ARG H 3772 48.97 37.79 24.19
CA ARG H 3772 49.34 38.65 25.31
C ARG H 3772 48.11 39.18 26.02
N LEU H 3773 47.03 39.45 25.28
CA LEU H 3773 45.80 39.95 25.88
C LEU H 3773 44.86 38.84 26.31
N HIS H 3774 44.64 37.84 25.46
CA HIS H 3774 43.60 36.86 25.77
C HIS H 3774 44.06 35.87 26.83
N ASN H 3775 45.37 35.81 27.12
CA ASN H 3775 45.84 35.07 28.28
C ASN H 3775 45.62 35.83 29.58
N ARG H 3776 45.19 37.09 29.51
CA ARG H 3776 44.93 37.91 30.68
C ARG H 3776 43.44 38.18 30.88
N GLY H 3777 42.56 37.47 30.17
CA GLY H 3777 41.13 37.63 30.33
C GLY H 3777 40.50 38.71 29.47
N ALA H 3778 41.21 39.18 28.44
CA ALA H 3778 40.65 40.25 27.62
C ALA H 3778 39.39 39.82 26.88
N ALA H 3779 39.32 38.55 26.47
CA ALA H 3779 38.13 38.08 25.76
C ALA H 3779 36.90 38.13 26.65
N GLU H 3780 37.03 37.59 27.87
CA GLU H 3780 35.92 37.64 28.81
C GLU H 3780 35.58 39.08 29.16
N MET H 3781 36.59 39.95 29.27
CA MET H 3781 36.32 41.36 29.54
C MET H 3781 35.50 41.98 28.41
N VAL H 3782 35.85 41.65 27.16
CA VAL H 3782 35.12 42.19 26.02
C VAL H 3782 33.66 41.73 26.06
N LEU H 3783 33.45 40.43 26.30
CA LEU H 3783 32.07 39.93 26.36
C LEU H 3783 31.31 40.59 27.51
N GLN H 3784 31.94 40.73 28.67
CA GLN H 3784 31.27 41.34 29.81
C GLN H 3784 30.91 42.78 29.53
N MET H 3785 31.80 43.53 28.88
CA MET H 3785 31.50 44.93 28.57
C MET H 3785 30.38 45.04 27.55
N ILE H 3786 30.36 44.15 26.55
CA ILE H 3786 29.25 44.16 25.59
C ILE H 3786 27.94 43.90 26.32
N SER H 3787 27.93 42.92 27.22
CA SER H 3787 26.71 42.66 27.98
C SER H 3787 26.32 43.85 28.84
N ALA H 3788 27.30 44.50 29.47
CA ALA H 3788 27.01 45.59 30.39
C ALA H 3788 26.50 46.82 29.65
N CYS H 3789 26.87 46.99 28.38
CA CYS H 3789 26.37 48.13 27.62
C CYS H 3789 24.86 48.11 27.51
N LYS H 3790 24.24 46.93 27.64
CA LYS H 3790 22.79 46.78 27.64
C LYS H 3790 22.17 47.39 26.38
N GLY H 3791 22.82 47.17 25.24
CA GLY H 3791 22.27 47.58 23.97
C GLY H 3791 22.33 49.05 23.67
N GLU H 3792 23.05 49.83 24.46
CA GLU H 3792 23.17 51.27 24.25
C GLU H 3792 24.43 51.56 23.46
N THR H 3793 24.28 52.26 22.33
CA THR H 3793 25.43 52.64 21.54
C THR H 3793 26.22 53.74 22.23
N GLY H 3794 27.50 53.82 21.89
CA GLY H 3794 28.34 54.86 22.46
C GLY H 3794 29.81 54.50 22.35
N ALA H 3795 30.63 55.38 22.91
CA ALA H 3795 32.07 55.21 22.86
C ALA H 3795 32.51 53.93 23.57
N MET H 3796 31.87 53.60 24.68
CA MET H 3796 32.26 52.41 25.43
C MET H 3796 32.11 51.15 24.57
N VAL H 3797 30.93 50.97 23.98
CA VAL H 3797 30.70 49.77 23.17
C VAL H 3797 31.53 49.82 21.90
N SER H 3798 31.75 51.01 21.33
CA SER H 3798 32.60 51.11 20.15
C SER H 3798 34.02 50.63 20.46
N SER H 3799 34.59 51.10 21.58
CA SER H 3799 35.92 50.66 21.97
C SER H 3799 35.94 49.17 22.27
N THR H 3800 34.91 48.65 22.93
CA THR H 3800 34.86 47.23 23.24
C THR H 3800 34.85 46.40 21.96
N LEU H 3801 34.04 46.81 20.97
CA LEU H 3801 33.98 46.08 19.71
C LEU H 3801 35.30 46.16 18.97
N LYS H 3802 35.96 47.32 19.00
CA LYS H 3802 37.26 47.43 18.35
C LYS H 3802 38.28 46.51 19.01
N LEU H 3803 38.29 46.46 20.34
CA LEU H 3803 39.21 45.56 21.03
C LEU H 3803 38.92 44.11 20.70
N GLY H 3804 37.64 43.73 20.68
CA GLY H 3804 37.27 42.37 20.31
C GLY H 3804 37.74 42.01 18.91
N ILE H 3805 37.55 42.93 17.96
CA ILE H 3805 38.03 42.71 16.61
C ILE H 3805 39.55 42.55 16.60
N SER H 3806 40.24 43.39 17.37
CA SER H 3806 41.70 43.31 17.39
C SER H 3806 42.18 41.95 17.89
N ILE H 3807 41.54 41.42 18.94
CA ILE H 3807 41.98 40.13 19.47
C ILE H 3807 41.44 38.96 18.66
N LEU H 3808 40.41 39.15 17.84
CA LEU H 3808 39.87 38.08 17.02
C LEU H 3808 40.36 38.08 15.58
N ASN H 3809 41.13 39.09 15.17
CA ASN H 3809 41.53 39.22 13.78
C ASN H 3809 42.26 37.96 13.30
N GLY H 3810 41.97 37.56 12.07
CA GLY H 3810 42.53 36.36 11.50
C GLY H 3810 41.80 35.09 11.88
N GLY H 3811 40.71 35.19 12.63
CA GLY H 3811 39.99 34.01 13.07
C GLY H 3811 40.72 33.28 14.18
N ASN H 3812 41.02 33.98 15.27
CA ASN H 3812 41.76 33.39 16.38
C ASN H 3812 40.93 32.30 17.03
N ALA H 3813 41.31 31.04 16.80
CA ALA H 3813 40.53 29.92 17.32
C ALA H 3813 40.57 29.87 18.83
N GLU H 3814 41.70 30.20 19.46
CA GLU H 3814 41.79 30.17 20.91
C GLU H 3814 40.87 31.22 21.53
N VAL H 3815 40.84 32.43 20.96
CA VAL H 3815 39.95 33.47 21.46
C VAL H 3815 38.50 33.06 21.25
N GLN H 3816 38.19 32.49 20.09
CA GLN H 3816 36.83 32.02 19.85
C GLN H 3816 36.42 30.97 20.89
N GLN H 3817 37.31 30.03 21.18
CA GLN H 3817 37.03 29.00 22.17
C GLN H 3817 36.79 29.60 23.54
N LYS H 3818 37.64 30.55 23.95
CA LYS H 3818 37.48 31.17 25.25
C LYS H 3818 36.14 31.92 25.33
N MET H 3819 35.80 32.67 24.29
CA MET H 3819 34.54 33.40 24.31
C MET H 3819 33.35 32.45 24.37
N LEU H 3820 33.37 31.40 23.55
CA LEU H 3820 32.25 30.46 23.55
C LEU H 3820 32.12 29.76 24.88
N ASP H 3821 33.25 29.34 25.48
CA ASP H 3821 33.20 28.69 26.78
C ASP H 3821 32.64 29.63 27.83
N TYR H 3822 33.07 30.88 27.84
CA TYR H 3822 32.56 31.83 28.81
C TYR H 3822 31.06 32.03 28.65
N LEU H 3823 30.61 32.21 27.40
CA LEU H 3823 29.18 32.43 27.18
C LEU H 3823 28.37 31.23 27.62
N LYS H 3824 28.81 30.02 27.26
CA LYS H 3824 28.05 28.83 27.59
C LYS H 3824 28.12 28.49 29.07
N ASP H 3825 29.17 28.93 29.78
CA ASP H 3825 29.26 28.73 31.21
C ASP H 3825 28.37 29.70 31.97
N LYS H 3826 28.33 30.97 31.55
CA LYS H 3826 27.51 31.96 32.25
C LYS H 3826 26.04 31.79 31.91
N LYS H 3827 25.71 31.34 30.70
CA LYS H 3827 24.32 31.13 30.29
C LYS H 3827 23.50 32.40 30.53
N GLU H 3828 24.06 33.55 30.16
CA GLU H 3828 23.42 34.84 30.36
C GLU H 3828 22.84 35.34 29.04
N VAL H 3829 21.56 35.76 29.09
CA VAL H 3829 20.89 36.27 27.91
C VAL H 3829 21.25 37.71 27.60
N GLY H 3830 21.88 38.41 28.54
CA GLY H 3830 22.17 39.81 28.34
C GLY H 3830 23.09 40.10 27.17
N PHE H 3831 24.06 39.20 26.92
CA PHE H 3831 25.01 39.44 25.84
C PHE H 3831 24.30 39.53 24.50
N PHE H 3832 23.49 38.52 24.17
CA PHE H 3832 22.81 38.53 22.88
C PHE H 3832 21.66 39.53 22.86
N GLN H 3833 21.05 39.83 24.02
CA GLN H 3833 20.07 40.90 24.04
C GLN H 3833 20.72 42.23 23.66
N SER H 3834 21.92 42.50 24.21
CA SER H 3834 22.64 43.71 23.86
C SER H 3834 23.04 43.72 22.39
N ILE H 3835 23.47 42.57 21.88
CA ILE H 3835 23.86 42.49 20.47
C ILE H 3835 22.66 42.82 19.59
N GLN H 3836 21.50 42.24 19.89
CA GLN H 3836 20.30 42.49 19.11
C GLN H 3836 19.89 43.95 19.18
N ALA H 3837 19.96 44.54 20.38
CA ALA H 3837 19.60 45.95 20.52
C ALA H 3837 20.52 46.84 19.70
N LEU H 3838 21.83 46.59 19.75
CA LEU H 3838 22.76 47.37 18.95
C LEU H 3838 22.47 47.21 17.46
N MET H 3839 22.22 45.98 17.02
CA MET H 3839 21.93 45.74 15.62
C MET H 3839 20.69 46.50 15.19
N GLN H 3840 19.66 46.53 16.04
CA GLN H 3840 18.46 47.29 15.72
C GLN H 3840 18.71 48.79 15.70
N THR H 3841 19.63 49.28 16.54
CA THR H 3841 19.96 50.71 16.51
C THR H 3841 20.80 51.08 15.30
N CYS H 3842 21.48 50.13 14.68
CA CYS H 3842 22.26 50.44 13.48
C CYS H 3842 21.37 51.07 12.42
N SER H 3843 21.87 52.15 11.79
CA SER H 3843 21.08 52.95 10.88
C SER H 3843 21.36 52.59 9.42
N VAL H 3844 20.51 53.11 8.53
CA VAL H 3844 20.60 52.91 7.10
C VAL H 3844 20.53 54.27 6.42
N LEU H 3845 20.52 54.25 5.08
CA LEU H 3845 20.43 55.48 4.31
C LEU H 3845 19.10 56.18 4.60
N ASP H 3846 19.16 57.49 4.84
CA ASP H 3846 17.98 58.28 5.17
C ASP H 3846 17.86 59.44 4.18
N LEU H 3847 16.85 59.37 3.33
CA LEU H 3847 16.71 60.39 2.28
C LEU H 3847 16.30 61.75 2.84
N ASN H 3848 15.47 61.76 3.89
CA ASN H 3848 15.11 63.04 4.52
C ASN H 3848 16.34 63.71 5.11
N ALA H 3849 17.18 62.93 5.80
CA ALA H 3849 18.43 63.47 6.33
C ALA H 3849 19.33 63.95 5.20
N PHE H 3850 19.35 63.20 4.09
CA PHE H 3850 20.15 63.63 2.95
C PHE H 3850 19.68 64.97 2.42
N GLU H 3851 18.37 65.15 2.28
CA GLU H 3851 17.85 66.42 1.77
C GLU H 3851 18.14 67.57 2.74
N ARG H 3852 17.98 67.32 4.04
CA ARG H 3852 18.31 68.35 5.03
C ARG H 3852 19.78 68.74 4.95
N GLN H 3853 20.66 67.75 4.80
CA GLN H 3853 22.09 68.04 4.69
C GLN H 3853 22.39 68.81 3.42
N ASN H 3854 21.71 68.49 2.31
CA ASN H 3854 21.90 69.24 1.08
C ASN H 3854 21.51 70.69 1.27
N LYS H 3855 20.37 70.94 1.92
CA LYS H 3855 19.96 72.32 2.18
C LYS H 3855 20.97 73.03 3.08
N ALA H 3856 21.44 72.35 4.12
CA ALA H 3856 22.39 72.97 5.04
C ALA H 3856 23.67 73.35 4.31
N GLU H 3857 24.17 72.45 3.46
CA GLU H 3857 25.35 72.78 2.66
C GLU H 3857 25.07 73.93 1.70
N GLY H 3858 23.86 73.97 1.13
CA GLY H 3858 23.51 75.07 0.25
C GLY H 3858 23.60 76.40 0.96
N LEU H 3859 23.17 76.45 2.21
CA LEU H 3859 23.32 77.67 2.99
C LEU H 3859 24.79 78.11 3.00
N GLY H 3860 25.01 79.39 2.68
CA GLY H 3860 26.34 79.93 2.54
C GLY H 3860 26.74 80.81 3.71
N MET H 3861 28.02 81.19 3.70
CA MET H 3861 28.60 82.04 4.73
C MET H 3861 28.42 83.50 4.32
N VAL H 3862 28.34 84.38 5.30
CA VAL H 3862 28.40 85.82 5.07
C VAL H 3862 29.34 86.53 6.03
N ASN H 3863 29.87 85.82 7.02
CA ASN H 3863 30.76 86.40 8.03
C ASN H 3863 32.01 85.53 8.12
N GLU H 3864 32.83 85.80 9.14
CA GLU H 3864 34.07 85.07 9.33
C GLU H 3864 33.80 83.59 9.54
N ASP H 3865 34.72 82.75 9.06
CA ASP H 3865 34.58 81.31 9.20
C ASP H 3865 34.48 80.91 10.67
N GLY H 3866 35.22 81.57 11.54
CA GLY H 3866 35.11 81.28 12.96
C GLY H 3866 33.73 81.60 13.50
N THR H 3867 33.17 82.73 13.11
CA THR H 3867 31.84 83.10 13.57
C THR H 3867 30.79 82.12 13.06
N VAL H 3868 30.90 81.71 11.80
CA VAL H 3868 29.94 80.77 11.21
C VAL H 3868 30.38 79.35 11.57
N ILE H 3869 29.45 78.39 11.45
CA ILE H 3869 29.75 76.99 11.74
C ILE H 3869 30.40 76.29 10.56
N ASN H 3870 30.32 76.86 9.37
CA ASN H 3870 30.86 76.30 8.12
C ASN H 3870 30.10 75.05 7.68
N ARG H 3871 28.93 74.79 8.27
CA ARG H 3871 28.11 73.64 7.88
C ARG H 3871 28.92 72.34 7.89
N GLN H 3872 29.94 72.27 8.74
CA GLN H 3872 30.75 71.08 8.92
C GLN H 3872 30.13 70.11 9.93
N ASN H 3873 28.83 70.23 10.19
CA ASN H 3873 28.17 69.33 11.12
C ASN H 3873 28.39 67.89 10.70
N GLY H 3874 28.61 67.02 11.68
CA GLY H 3874 28.81 65.61 11.44
C GLY H 3874 27.80 65.06 10.46
N GLU H 3875 28.20 64.06 9.68
CA GLU H 3875 27.32 63.51 8.66
C GLU H 3875 26.01 63.05 9.28
N LYS H 3876 24.91 63.36 8.59
CA LYS H 3876 23.58 62.95 9.04
C LYS H 3876 23.11 61.64 8.41
N VAL H 3877 23.74 61.22 7.31
CA VAL H 3877 23.36 60.01 6.61
C VAL H 3877 24.34 58.90 6.99
N MET H 3878 23.84 57.84 7.60
CA MET H 3878 24.66 56.71 8.06
C MET H 3878 25.86 57.22 8.84
N ALA H 3879 25.57 58.02 9.87
CA ALA H 3879 26.61 58.58 10.71
C ALA H 3879 27.34 57.53 11.53
N ASP H 3880 26.71 56.39 11.77
CA ASP H 3880 27.29 55.31 12.56
C ASP H 3880 27.72 54.13 11.69
N ASP H 3881 28.11 54.40 10.44
CA ASP H 3881 28.49 53.33 9.54
C ASP H 3881 29.73 52.59 10.06
N GLU H 3882 30.66 53.33 10.67
CA GLU H 3882 31.83 52.69 11.25
C GLU H 3882 31.44 51.72 12.35
N PHE H 3883 30.52 52.13 13.24
CA PHE H 3883 30.08 51.24 14.30
C PHE H 3883 29.35 50.03 13.73
N THR H 3884 28.52 50.22 12.71
CA THR H 3884 27.82 49.10 12.11
C THR H 3884 28.81 48.10 11.52
N GLN H 3885 29.81 48.62 10.80
CA GLN H 3885 30.83 47.74 10.23
C GLN H 3885 31.58 47.01 11.34
N ASP H 3886 31.90 47.69 12.43
CA ASP H 3886 32.59 47.03 13.54
C ASP H 3886 31.74 45.93 14.15
N LEU H 3887 30.45 46.20 14.36
CA LEU H 3887 29.57 45.20 14.95
C LEU H 3887 29.50 43.95 14.09
N PHE H 3888 29.28 44.13 12.78
CA PHE H 3888 29.16 42.96 11.92
C PHE H 3888 30.51 42.30 11.68
N ARG H 3889 31.60 43.06 11.73
CA ARG H 3889 32.92 42.45 11.66
C ARG H 3889 33.20 41.59 12.88
N PHE H 3890 32.79 42.05 14.06
CA PHE H 3890 32.95 41.25 15.26
C PHE H 3890 32.13 39.96 15.17
N LEU H 3891 30.87 40.08 14.72
CA LEU H 3891 30.05 38.88 14.57
C LEU H 3891 30.64 37.93 13.54
N GLN H 3892 31.18 38.45 12.44
CA GLN H 3892 31.85 37.60 11.46
C GLN H 3892 33.06 36.90 12.07
N LEU H 3893 33.92 37.65 12.76
CA LEU H 3893 35.13 37.09 13.32
C LEU H 3893 34.84 36.04 14.38
N LEU H 3894 33.67 36.11 15.03
CA LEU H 3894 33.30 35.03 15.94
C LEU H 3894 33.22 33.69 15.21
N CYS H 3895 32.80 33.70 13.94
CA CYS H 3895 32.64 32.48 13.17
C CYS H 3895 33.77 32.23 12.17
N GLU H 3896 34.70 33.18 12.04
CA GLU H 3896 35.77 33.03 11.05
C GLU H 3896 36.51 31.72 11.26
N GLY H 3897 36.87 31.08 10.14
CA GLY H 3897 37.48 29.77 10.17
C GLY H 3897 36.50 28.62 10.18
N HIS H 3898 35.22 28.89 9.96
CA HIS H 3898 34.19 27.85 9.95
C HIS H 3898 34.07 27.19 11.33
N ASN H 3899 33.97 28.03 12.35
CA ASN H 3899 33.77 27.56 13.72
C ASN H 3899 32.33 27.08 13.85
N ASN H 3900 32.12 25.77 13.71
CA ASN H 3900 30.77 25.22 13.69
C ASN H 3900 30.06 25.48 15.01
N ASP H 3901 30.75 25.32 16.13
CA ASP H 3901 30.11 25.51 17.43
C ASP H 3901 29.59 26.93 17.58
N PHE H 3902 30.41 27.92 17.22
CA PHE H 3902 29.98 29.30 17.39
C PHE H 3902 28.95 29.70 16.34
N GLN H 3903 29.04 29.11 15.15
CA GLN H 3903 28.02 29.34 14.14
C GLN H 3903 26.66 28.86 14.63
N ASN H 3904 26.62 27.67 15.22
CA ASN H 3904 25.37 27.15 15.78
C ASN H 3904 24.91 28.00 16.97
N TYR H 3905 25.85 28.42 17.82
CA TYR H 3905 25.49 29.22 18.99
C TYR H 3905 24.87 30.55 18.59
N LEU H 3906 25.39 31.19 17.54
CA LEU H 3906 24.81 32.44 17.10
C LEU H 3906 23.35 32.27 16.69
N ARG H 3907 22.98 31.09 16.21
CA ARG H 3907 21.60 30.85 15.81
C ARG H 3907 20.74 30.49 17.00
N THR H 3908 21.20 29.59 17.86
CA THR H 3908 20.41 29.13 19.00
C THR H 3908 21.34 28.90 20.19
N GLN H 3909 20.98 29.49 21.32
CA GLN H 3909 21.69 29.29 22.59
C GLN H 3909 20.88 28.29 23.41
N THR H 3910 21.26 27.02 23.31
CA THR H 3910 20.43 25.94 23.87
C THR H 3910 20.27 26.07 25.38
N GLY H 3911 21.37 26.38 26.07
CA GLY H 3911 21.34 26.39 27.52
C GLY H 3911 20.62 27.58 28.13
N ASN H 3912 20.49 28.67 27.39
CA ASN H 3912 19.86 29.86 27.94
C ASN H 3912 18.35 29.68 28.04
N THR H 3913 17.74 30.47 28.94
CA THR H 3913 16.29 30.41 29.10
C THR H 3913 15.59 30.92 27.84
N THR H 3914 16.15 31.95 27.21
CA THR H 3914 15.63 32.47 25.95
C THR H 3914 16.78 32.58 24.96
N THR H 3915 16.45 32.43 23.68
CA THR H 3915 17.44 32.47 22.61
C THR H 3915 17.11 33.57 21.63
N ILE H 3916 18.15 34.09 20.98
CA ILE H 3916 18.02 35.11 19.95
C ILE H 3916 18.76 34.62 18.71
N ASN H 3917 18.09 34.69 17.56
CA ASN H 3917 18.67 34.23 16.31
C ASN H 3917 19.43 35.39 15.65
N ILE H 3918 20.73 35.47 15.94
CA ILE H 3918 21.55 36.55 15.39
C ILE H 3918 21.62 36.46 13.87
N ILE H 3919 21.49 35.27 13.30
CA ILE H 3919 21.49 35.14 11.85
C ILE H 3919 20.29 35.89 11.27
N ILE H 3920 19.10 35.67 11.84
CA ILE H 3920 17.92 36.35 11.36
C ILE H 3920 17.98 37.85 11.68
N CYS H 3921 18.60 38.23 12.80
CA CYS H 3921 18.79 39.65 13.06
C CYS H 3921 19.65 40.30 11.97
N THR H 3922 20.73 39.63 11.57
CA THR H 3922 21.56 40.13 10.49
C THR H 3922 20.76 40.23 9.19
N VAL H 3923 19.94 39.23 8.91
CA VAL H 3923 19.11 39.26 7.69
C VAL H 3923 18.16 40.45 7.74
N ASP H 3924 17.58 40.71 8.92
CA ASP H 3924 16.65 41.84 9.05
C ASP H 3924 17.36 43.16 8.79
N TYR H 3925 18.56 43.33 9.35
CA TYR H 3925 19.30 44.56 9.07
C TYR H 3925 19.63 44.67 7.59
N LEU H 3926 20.01 43.55 6.97
CA LEU H 3926 20.31 43.58 5.54
C LEU H 3926 19.09 43.99 4.73
N LEU H 3927 17.91 43.51 5.11
CA LEU H 3927 16.69 43.90 4.41
C LEU H 3927 16.42 45.39 4.57
N ARG H 3928 16.61 45.92 5.78
CA ARG H 3928 16.42 47.36 5.98
C ARG H 3928 17.39 48.16 5.11
N LEU H 3929 18.65 47.75 5.09
CA LEU H 3929 19.65 48.45 4.29
C LEU H 3929 19.34 48.36 2.80
N GLN H 3930 18.88 47.19 2.35
CA GLN H 3930 18.50 47.04 0.95
C GLN H 3930 17.36 47.97 0.57
N GLU H 3931 16.36 48.07 1.45
CA GLU H 3931 15.24 48.97 1.16
C GLU H 3931 15.72 50.42 1.13
N SER H 3932 16.61 50.81 2.03
CA SER H 3932 17.15 52.16 1.99
C SER H 3932 17.92 52.42 0.69
N ILE H 3933 18.70 51.44 0.25
CA ILE H 3933 19.47 51.61 -0.98
C ILE H 3933 18.55 51.70 -2.19
N SER H 3934 17.47 50.91 -2.19
CA SER H 3934 16.50 51.02 -3.28
C SER H 3934 15.84 52.40 -3.29
N ASP H 3935 15.52 52.92 -2.11
CA ASP H 3935 14.96 54.28 -2.04
C ASP H 3935 15.95 55.29 -2.61
N PHE H 3936 17.22 55.15 -2.27
CA PHE H 3936 18.24 56.07 -2.78
C PHE H 3936 18.34 55.97 -4.30
N TYR H 3937 18.29 54.75 -4.84
CA TYR H 3937 18.33 54.59 -6.28
C TYR H 3937 17.13 55.26 -6.94
N TRP H 3938 15.95 55.09 -6.37
CA TRP H 3938 14.77 55.73 -6.94
C TRP H 3938 14.88 57.24 -6.87
N TYR H 3939 15.47 57.76 -5.78
CA TYR H 3939 15.70 59.19 -5.69
C TYR H 3939 16.58 59.69 -6.82
N TYR H 3940 17.63 58.93 -7.14
CA TYR H 3940 18.60 59.37 -8.15
C TYR H 3940 18.29 58.86 -9.55
N SER H 3941 17.20 58.13 -9.76
CA SER H 3941 16.96 57.50 -11.05
C SER H 3941 16.74 58.54 -12.14
N GLY H 3942 15.97 59.58 -11.85
CA GLY H 3942 15.68 60.60 -12.83
C GLY H 3942 16.89 61.42 -13.22
N LYS H 3943 17.75 61.70 -12.24
CA LYS H 3943 18.90 62.57 -12.49
C LYS H 3943 19.89 61.92 -13.44
N ASP H 3944 20.47 62.74 -14.31
CA ASP H 3944 21.41 62.21 -15.30
C ASP H 3944 22.68 61.70 -14.64
N VAL H 3945 23.21 62.43 -13.66
CA VAL H 3945 24.46 62.09 -13.00
C VAL H 3945 24.29 62.24 -11.50
N ILE H 3946 24.90 61.34 -10.75
CA ILE H 3946 24.86 61.40 -9.29
C ILE H 3946 25.95 62.35 -8.79
N GLU H 3947 25.56 63.29 -7.95
CA GLU H 3947 26.52 64.26 -7.43
C GLU H 3947 27.48 63.59 -6.45
N GLU H 3948 28.48 64.36 -6.01
CA GLU H 3948 29.53 63.81 -5.17
C GLU H 3948 28.99 63.35 -3.82
N GLN H 3949 28.09 64.14 -3.23
CA GLN H 3949 27.53 63.77 -1.92
C GLN H 3949 26.73 62.48 -2.02
N GLY H 3950 25.88 62.37 -3.04
CA GLY H 3950 25.14 61.14 -3.24
C GLY H 3950 26.05 59.95 -3.50
N LYS H 3951 27.13 60.18 -4.26
CA LYS H 3951 28.09 59.11 -4.51
C LYS H 3951 28.73 58.65 -3.21
N ARG H 3952 29.10 59.59 -2.35
CA ARG H 3952 29.73 59.22 -1.08
C ARG H 3952 28.77 58.45 -0.20
N ASN H 3953 27.50 58.86 -0.15
CA ASN H 3953 26.52 58.12 0.64
C ASN H 3953 26.31 56.72 0.08
N PHE H 3954 26.22 56.61 -1.25
CA PHE H 3954 26.12 55.29 -1.88
C PHE H 3954 27.31 54.42 -1.49
N SER H 3955 28.51 55.00 -1.51
CA SER H 3955 29.71 54.23 -1.19
C SER H 3955 29.69 53.75 0.25
N LYS H 3956 29.26 54.60 1.17
CA LYS H 3956 29.17 54.18 2.57
C LYS H 3956 28.18 53.04 2.74
N ALA H 3957 27.00 53.17 2.12
CA ALA H 3957 26.01 52.11 2.20
C ALA H 3957 26.54 50.81 1.59
N MET H 3958 27.27 50.90 0.48
CA MET H 3958 27.80 49.71 -0.16
C MET H 3958 28.87 49.05 0.70
N SER H 3959 29.71 49.83 1.38
CA SER H 3959 30.69 49.24 2.29
C SER H 3959 30.00 48.50 3.43
N VAL H 3960 28.96 49.11 4.00
CA VAL H 3960 28.24 48.42 5.08
C VAL H 3960 27.61 47.13 4.55
N ALA H 3961 27.00 47.19 3.37
CA ALA H 3961 26.38 45.99 2.79
C ALA H 3961 27.42 44.92 2.51
N LYS H 3962 28.61 45.32 2.07
CA LYS H 3962 29.69 44.35 1.86
C LYS H 3962 30.04 43.65 3.17
N GLN H 3963 30.16 44.41 4.25
CA GLN H 3963 30.47 43.79 5.54
C GLN H 3963 29.36 42.83 5.95
N VAL H 3964 28.10 43.21 5.74
CA VAL H 3964 27.00 42.34 6.14
C VAL H 3964 26.99 41.06 5.33
N PHE H 3965 27.24 41.16 4.02
CA PHE H 3965 27.31 39.97 3.18
C PHE H 3965 28.45 39.05 3.64
N ASN H 3966 29.59 39.63 3.98
CA ASN H 3966 30.69 38.81 4.50
C ASN H 3966 30.30 38.13 5.79
N SER H 3967 29.56 38.83 6.65
CA SER H 3967 29.12 38.22 7.90
C SER H 3967 28.20 37.03 7.65
N LEU H 3968 27.24 37.17 6.74
CA LEU H 3968 26.35 36.06 6.43
C LEU H 3968 27.12 34.90 5.82
N THR H 3969 28.08 35.19 4.93
CA THR H 3969 28.91 34.15 4.36
C THR H 3969 29.66 33.39 5.44
N GLU H 3970 30.23 34.10 6.42
CA GLU H 3970 30.92 33.41 7.50
C GLU H 3970 29.95 32.64 8.38
N TYR H 3971 28.72 33.12 8.54
CA TYR H 3971 27.72 32.36 9.27
C TYR H 3971 27.47 31.00 8.64
N ILE H 3972 27.35 30.93 7.31
CA ILE H 3972 26.90 29.71 6.67
C ILE H 3972 28.03 28.83 6.14
N GLN H 3973 29.23 29.37 5.94
CA GLN H 3973 30.29 28.59 5.32
C GLN H 3973 30.79 27.49 6.25
N GLY H 3974 31.20 26.36 5.65
CA GLY H 3974 31.79 25.27 6.38
C GLY H 3974 31.32 23.89 5.95
N PRO H 3975 30.03 23.73 5.63
CA PRO H 3975 28.84 24.57 5.85
C PRO H 3975 28.22 24.33 7.22
N CYS H 3976 27.54 25.34 7.76
CA CYS H 3976 26.67 25.17 8.91
C CYS H 3976 25.26 24.92 8.38
N THR H 3977 24.84 23.66 8.40
CA THR H 3977 23.57 23.31 7.77
C THR H 3977 22.39 23.99 8.44
N GLY H 3978 22.42 24.12 9.76
CA GLY H 3978 21.35 24.81 10.46
C GLY H 3978 21.24 26.27 10.04
N ASN H 3979 22.39 26.95 9.93
CA ASN H 3979 22.37 28.34 9.48
C ASN H 3979 21.91 28.44 8.03
N GLN H 3980 22.31 27.48 7.19
CA GLN H 3980 21.83 27.47 5.82
C GLN H 3980 20.31 27.36 5.76
N GLN H 3981 19.74 26.45 6.57
CA GLN H 3981 18.29 26.29 6.59
C GLN H 3981 17.60 27.54 7.10
N SER H 3982 18.13 28.13 8.18
CA SER H 3982 17.52 29.34 8.72
C SER H 3982 17.54 30.47 7.70
N LEU H 3983 18.66 30.65 7.00
CA LEU H 3983 18.72 31.67 5.97
C LEU H 3983 17.76 31.35 4.83
N ALA H 3984 17.68 30.09 4.43
CA ALA H 3984 16.79 29.71 3.34
C ALA H 3984 15.34 30.02 3.67
N HIS H 3985 14.96 29.88 4.93
CA HIS H 3985 13.58 30.16 5.35
C HIS H 3985 13.39 31.60 5.80
N SER H 3986 14.46 32.39 5.88
CA SER H 3986 14.36 33.79 6.28
C SER H 3986 13.88 34.66 5.10
N ARG H 3987 13.94 35.98 5.29
CA ARG H 3987 13.62 36.94 4.25
C ARG H 3987 14.83 37.31 3.41
N LEU H 3988 15.85 36.45 3.39
CA LEU H 3988 17.06 36.77 2.64
C LEU H 3988 16.78 36.85 1.15
N TRP H 3989 15.86 36.01 0.65
CA TRP H 3989 15.57 36.00 -0.78
C TRP H 3989 14.99 37.34 -1.23
N ASP H 3990 14.12 37.94 -0.43
CA ASP H 3990 13.58 39.25 -0.78
C ASP H 3990 14.69 40.30 -0.86
N ALA H 3991 15.62 40.28 0.10
CA ALA H 3991 16.74 41.22 0.07
C ALA H 3991 17.58 41.00 -1.18
N VAL H 3992 17.80 39.74 -1.56
CA VAL H 3992 18.60 39.46 -2.74
C VAL H 3992 17.87 39.94 -4.00
N VAL H 3993 16.55 39.78 -4.04
CA VAL H 3993 15.78 40.27 -5.18
C VAL H 3993 15.90 41.77 -5.31
N GLY H 3994 15.74 42.49 -4.20
CA GLY H 3994 15.88 43.94 -4.25
C GLY H 3994 17.29 44.37 -4.64
N PHE H 3995 18.29 43.68 -4.10
CA PHE H 3995 19.68 43.98 -4.46
C PHE H 3995 19.92 43.73 -5.94
N LEU H 3996 19.35 42.66 -6.48
CA LEU H 3996 19.51 42.40 -7.91
C LEU H 3996 18.89 43.49 -8.75
N HIS H 3997 17.70 43.96 -8.37
CA HIS H 3997 17.09 45.07 -9.09
C HIS H 3997 17.99 46.30 -9.06
N VAL H 3998 18.47 46.66 -7.86
CA VAL H 3998 19.31 47.85 -7.73
C VAL H 3998 20.59 47.69 -8.53
N PHE H 3999 21.23 46.52 -8.45
CA PHE H 3999 22.46 46.28 -9.18
C PHE H 3999 22.24 46.42 -10.68
N ALA H 4000 21.19 45.76 -11.18
CA ALA H 4000 20.93 45.79 -12.62
C ALA H 4000 20.73 47.20 -13.11
N HIS H 4001 19.96 48.01 -12.38
CA HIS H 4001 19.69 49.35 -12.89
C HIS H 4001 20.86 50.31 -12.68
N MET H 4002 21.57 50.19 -11.54
CA MET H 4002 22.67 51.09 -11.28
C MET H 4002 23.86 50.80 -12.19
N MET H 4003 24.06 49.54 -12.58
CA MET H 4003 25.11 49.22 -13.53
C MET H 4003 24.92 50.02 -14.81
N MET H 4004 23.73 49.95 -15.39
CA MET H 4004 23.47 50.66 -16.65
C MET H 4004 23.52 52.16 -16.44
N LYS H 4005 23.00 52.66 -15.32
CA LYS H 4005 23.02 54.10 -15.09
C LYS H 4005 24.45 54.62 -14.99
N LEU H 4006 25.30 53.93 -14.22
CA LEU H 4006 26.66 54.40 -13.99
C LEU H 4006 27.58 54.16 -15.18
N ALA H 4007 27.28 53.16 -16.02
CA ALA H 4007 28.12 52.94 -17.19
C ALA H 4007 28.07 54.09 -18.17
N GLN H 4008 27.08 54.98 -18.06
CA GLN H 4008 26.89 56.04 -19.04
C GLN H 4008 27.67 57.31 -18.71
N ASP H 4009 28.43 57.33 -17.61
CA ASP H 4009 29.27 58.48 -17.28
C ASP H 4009 30.53 57.96 -16.61
N SER H 4010 31.68 58.19 -17.26
CA SER H 4010 32.95 57.70 -16.74
C SER H 4010 33.36 58.38 -15.43
N SER H 4011 32.70 59.47 -15.05
CA SER H 4011 33.00 60.11 -13.78
C SER H 4011 32.58 59.28 -12.58
N GLN H 4012 31.80 58.21 -12.80
CA GLN H 4012 31.32 57.34 -11.74
C GLN H 4012 31.92 55.94 -11.85
N ILE H 4013 33.09 55.84 -12.46
CA ILE H 4013 33.71 54.54 -12.68
C ILE H 4013 34.10 53.89 -11.36
N GLU H 4014 34.56 54.68 -10.40
CA GLU H 4014 34.91 54.12 -9.10
C GLU H 4014 33.68 53.55 -8.40
N LEU H 4015 32.57 54.28 -8.44
CA LEU H 4015 31.34 53.77 -7.85
C LEU H 4015 30.87 52.51 -8.56
N LEU H 4016 31.01 52.47 -9.89
CA LEU H 4016 30.65 51.25 -10.62
C LEU H 4016 31.51 50.07 -10.20
N LYS H 4017 32.81 50.30 -10.03
CA LYS H 4017 33.71 49.23 -9.59
C LYS H 4017 33.29 48.72 -8.22
N GLU H 4018 32.99 49.64 -7.30
CA GLU H 4018 32.57 49.23 -5.96
C GLU H 4018 31.27 48.44 -6.02
N LEU H 4019 30.32 48.89 -6.86
CA LEU H 4019 29.06 48.18 -6.99
C LEU H 4019 29.27 46.77 -7.52
N LEU H 4020 30.13 46.62 -8.53
CA LEU H 4020 30.39 45.30 -9.08
C LEU H 4020 31.05 44.38 -8.05
N ASP H 4021 31.98 44.93 -7.26
CA ASP H 4021 32.59 44.12 -6.20
C ASP H 4021 31.54 43.70 -5.16
N LEU H 4022 30.60 44.59 -4.85
CA LEU H 4022 29.53 44.22 -3.93
C LEU H 4022 28.66 43.10 -4.50
N GLN H 4023 28.37 43.16 -5.81
CA GLN H 4023 27.66 42.05 -6.44
C GLN H 4023 28.44 40.76 -6.30
N LYS H 4024 29.76 40.83 -6.46
CA LYS H 4024 30.57 39.64 -6.30
C LYS H 4024 30.44 39.08 -4.89
N ASP H 4025 30.44 39.96 -3.88
CA ASP H 4025 30.28 39.49 -2.51
C ASP H 4025 28.92 38.81 -2.30
N MET H 4026 27.86 39.39 -2.87
CA MET H 4026 26.54 38.78 -2.73
C MET H 4026 26.50 37.41 -3.41
N VAL H 4027 27.12 37.28 -4.58
CA VAL H 4027 27.15 35.99 -5.27
C VAL H 4027 27.97 34.99 -4.47
N VAL H 4028 29.02 35.44 -3.80
CA VAL H 4028 29.79 34.56 -2.94
C VAL H 4028 28.91 34.06 -1.80
N MET H 4029 28.08 34.93 -1.24
CA MET H 4029 27.14 34.49 -0.20
C MET H 4029 26.19 33.43 -0.75
N LEU H 4030 25.68 33.64 -1.96
CA LEU H 4030 24.79 32.64 -2.57
C LEU H 4030 25.49 31.30 -2.75
N LEU H 4031 26.73 31.32 -3.23
CA LEU H 4031 27.47 30.07 -3.39
C LEU H 4031 27.69 29.39 -2.04
N SER H 4032 27.98 30.17 -1.00
CA SER H 4032 28.09 29.60 0.33
C SER H 4032 26.78 28.94 0.74
N LEU H 4033 25.65 29.56 0.46
CA LEU H 4033 24.35 28.92 0.68
C LEU H 4033 24.25 27.61 -0.08
N LEU H 4034 24.85 27.52 -1.27
CA LEU H 4034 24.81 26.30 -2.05
C LEU H 4034 25.80 25.24 -1.58
N GLU H 4035 26.75 25.59 -0.71
CA GLU H 4035 27.69 24.60 -0.20
C GLU H 4035 26.97 23.39 0.35
N GLY H 4036 27.41 22.20 -0.04
CA GLY H 4036 26.83 20.97 0.44
C GLY H 4036 25.52 20.58 -0.22
N ASN H 4037 25.07 21.34 -1.22
CA ASN H 4037 23.79 21.10 -1.85
C ASN H 4037 23.82 19.78 -2.62
N VAL H 4038 22.71 19.06 -2.60
CA VAL H 4038 22.56 17.83 -3.36
C VAL H 4038 21.76 18.13 -4.62
N VAL H 4039 21.76 17.19 -5.56
CA VAL H 4039 21.00 17.36 -6.78
C VAL H 4039 19.53 17.53 -6.44
N ASN H 4040 18.88 18.51 -7.06
CA ASN H 4040 17.49 18.85 -6.78
C ASN H 4040 17.30 19.27 -5.32
N GLY H 4041 18.31 19.89 -4.73
CA GLY H 4041 18.22 20.30 -3.34
C GLY H 4041 17.23 21.43 -3.15
N MET H 4042 16.71 21.51 -1.92
CA MET H 4042 15.71 22.52 -1.60
C MET H 4042 16.27 23.92 -1.75
N ILE H 4043 17.50 24.15 -1.30
CA ILE H 4043 18.08 25.49 -1.39
C ILE H 4043 18.35 25.85 -2.84
N ALA H 4044 18.82 24.89 -3.64
CA ALA H 4044 19.03 25.15 -5.06
C ALA H 4044 17.72 25.51 -5.75
N ARG H 4045 16.64 24.77 -5.46
CA ARG H 4045 15.36 25.09 -6.07
C ARG H 4045 14.84 26.46 -5.61
N GLN H 4046 15.04 26.80 -4.34
CA GLN H 4046 14.67 28.12 -3.87
C GLN H 4046 15.47 29.20 -4.57
N MET H 4047 16.76 28.98 -4.81
CA MET H 4047 17.58 29.95 -5.51
C MET H 4047 17.10 30.11 -6.95
N VAL H 4048 16.72 29.02 -7.60
CA VAL H 4048 16.17 29.12 -8.95
C VAL H 4048 14.87 29.92 -8.93
N ASP H 4049 14.03 29.69 -7.93
CA ASP H 4049 12.80 30.47 -7.81
C ASP H 4049 13.10 31.95 -7.62
N MET H 4050 14.11 32.26 -6.79
CA MET H 4050 14.50 33.66 -6.59
C MET H 4050 14.98 34.30 -7.88
N LEU H 4051 15.81 33.58 -8.64
CA LEU H 4051 16.27 34.12 -9.91
C LEU H 4051 15.12 34.32 -10.89
N VAL H 4052 14.19 33.39 -10.94
CA VAL H 4052 13.02 33.53 -11.81
C VAL H 4052 12.19 34.74 -11.38
N GLU H 4053 12.08 34.97 -10.08
CA GLU H 4053 11.38 36.15 -9.60
C GLU H 4053 12.10 37.43 -9.98
N SER H 4054 13.43 37.40 -10.03
CA SER H 4054 14.23 38.54 -10.47
C SER H 4054 14.60 38.45 -11.94
N SER H 4055 13.84 37.70 -12.73
CA SER H 4055 14.18 37.42 -14.13
C SER H 4055 14.68 38.65 -14.89
N SER H 4056 13.89 39.72 -14.90
CA SER H 4056 14.23 40.87 -15.75
C SER H 4056 15.56 41.48 -15.34
N ASN H 4057 15.81 41.59 -14.04
CA ASN H 4057 17.07 42.19 -13.58
C ASN H 4057 18.25 41.27 -13.83
N VAL H 4058 18.06 39.96 -13.66
CA VAL H 4058 19.11 39.00 -14.00
C VAL H 4058 19.42 39.08 -15.48
N GLU H 4059 18.37 39.18 -16.31
CA GLU H 4059 18.58 39.34 -17.75
C GLU H 4059 19.34 40.62 -18.04
N MET H 4060 19.04 41.70 -17.32
CA MET H 4060 19.71 42.97 -17.56
C MET H 4060 21.19 42.89 -17.21
N ILE H 4061 21.52 42.23 -16.09
CA ILE H 4061 22.92 42.06 -15.71
C ILE H 4061 23.66 41.22 -16.74
N LEU H 4062 23.06 40.09 -17.13
CA LEU H 4062 23.69 39.24 -18.13
C LEU H 4062 23.86 39.98 -19.45
N LYS H 4063 22.89 40.83 -19.81
CA LYS H 4063 23.01 41.60 -21.04
C LYS H 4063 24.13 42.62 -20.94
N PHE H 4064 24.31 43.23 -19.78
CA PHE H 4064 25.45 44.13 -19.58
C PHE H 4064 26.75 43.40 -19.87
N PHE H 4065 26.95 42.26 -19.23
CA PHE H 4065 28.20 41.51 -19.43
C PHE H 4065 28.37 41.10 -20.89
N ASP H 4066 27.31 40.56 -21.50
CA ASP H 4066 27.39 40.09 -22.87
C ASP H 4066 27.65 41.24 -23.83
N MET H 4067 26.99 42.37 -23.61
CA MET H 4067 27.18 43.53 -24.49
C MET H 4067 28.62 43.99 -24.48
N PHE H 4068 29.22 44.08 -23.28
CA PHE H 4068 30.58 44.63 -23.27
C PHE H 4068 31.62 43.60 -23.73
N LEU H 4069 31.41 42.31 -23.46
CA LEU H 4069 32.29 41.31 -24.06
C LEU H 4069 32.21 41.36 -25.59
N LYS H 4070 31.00 41.45 -26.14
CA LYS H 4070 30.85 41.55 -27.59
C LYS H 4070 31.44 42.84 -28.13
N LEU H 4071 31.36 43.93 -27.37
CA LEU H 4071 31.99 45.17 -27.80
C LEU H 4071 33.50 45.00 -27.92
N LYS H 4072 34.12 44.39 -26.91
CA LYS H 4072 35.55 44.15 -26.99
C LYS H 4072 35.89 43.27 -28.20
N ASP H 4073 35.07 42.24 -28.45
CA ASP H 4073 35.33 41.38 -29.61
C ASP H 4073 35.21 42.16 -30.92
N ILE H 4074 34.19 43.01 -31.03
CA ILE H 4074 33.93 43.71 -32.28
C ILE H 4074 35.00 44.76 -32.55
N VAL H 4075 35.40 45.52 -31.52
CA VAL H 4075 36.29 46.65 -31.74
C VAL H 4075 37.59 46.18 -32.38
N GLY H 4076 38.01 44.94 -32.07
CA GLY H 4076 39.19 44.38 -32.70
C GLY H 4076 38.97 43.77 -34.06
N SER H 4077 37.73 43.74 -34.53
CA SER H 4077 37.43 43.07 -35.81
C SER H 4077 37.95 43.91 -36.99
N GLU H 4078 38.32 43.26 -38.08
CA GLU H 4078 38.81 43.99 -39.28
C GLU H 4078 37.68 44.86 -39.83
N ALA H 4079 36.46 44.34 -39.86
CA ALA H 4079 35.32 45.10 -40.43
C ALA H 4079 35.14 46.42 -39.67
N PHE H 4080 35.19 46.38 -38.34
CA PHE H 4080 34.99 47.61 -37.53
C PHE H 4080 36.16 48.53 -37.81
N GLN H 4081 37.37 47.99 -37.82
CA GLN H 4081 38.58 48.83 -38.00
C GLN H 4081 38.54 49.46 -39.40
N ASP H 4082 37.77 48.88 -40.33
CA ASP H 4082 37.60 49.51 -41.67
C ASP H 4082 36.87 50.83 -41.50
N TYR H 4083 35.87 50.83 -40.61
CA TYR H 4083 35.11 52.09 -40.35
C TYR H 4083 36.00 53.03 -39.57
N VAL H 4084 37.02 52.49 -38.89
CA VAL H 4084 37.90 53.47 -38.25
C VAL H 4084 38.91 53.96 -39.28
N THR H 4085 39.02 55.27 -39.44
CA THR H 4085 39.89 55.87 -40.43
C THR H 4085 40.76 57.00 -39.90
N ASP H 4086 40.35 57.66 -38.83
CA ASP H 4086 41.09 58.83 -38.35
C ASP H 4086 42.51 58.43 -37.98
N PRO H 4087 43.52 59.26 -38.29
CA PRO H 4087 44.90 58.87 -37.93
C PRO H 4087 45.11 58.61 -36.46
N ARG H 4088 44.45 59.38 -35.58
CA ARG H 4088 44.62 59.18 -34.15
C ARG H 4088 44.05 57.86 -33.68
N GLY H 4089 43.20 57.22 -34.47
CA GLY H 4089 42.54 56.00 -34.06
C GLY H 4089 41.19 56.21 -33.42
N LEU H 4090 40.64 57.42 -33.46
CA LEU H 4090 39.34 57.71 -32.91
C LEU H 4090 38.28 57.59 -33.98
N ILE H 4091 37.13 57.02 -33.61
CA ILE H 4091 36.00 56.86 -34.51
C ILE H 4091 34.89 57.79 -34.06
N SER H 4092 34.31 58.52 -35.01
CA SER H 4092 33.19 59.39 -34.69
C SER H 4092 31.99 58.56 -34.28
N LYS H 4093 31.05 59.22 -33.58
CA LYS H 4093 29.82 58.54 -33.17
C LYS H 4093 29.07 57.97 -34.37
N LYS H 4094 29.09 58.67 -35.49
CA LYS H 4094 28.32 58.24 -36.66
C LYS H 4094 28.99 57.04 -37.33
N ASP H 4095 30.31 57.06 -37.46
CA ASP H 4095 31.01 55.89 -37.98
C ASP H 4095 30.86 54.70 -37.05
N PHE H 4096 30.83 54.95 -35.73
CA PHE H 4096 30.59 53.88 -34.77
C PHE H 4096 29.22 53.27 -34.99
N GLN H 4097 28.21 54.11 -35.17
CA GLN H 4097 26.86 53.61 -35.45
C GLN H 4097 26.85 52.78 -36.72
N LYS H 4098 27.50 53.27 -37.78
CA LYS H 4098 27.51 52.54 -39.04
C LYS H 4098 28.21 51.19 -38.88
N ALA H 4099 29.34 51.20 -38.19
CA ALA H 4099 30.12 49.95 -37.98
C ALA H 4099 29.29 48.95 -37.20
N MET H 4100 28.68 49.38 -36.10
CA MET H 4100 27.88 48.48 -35.24
C MET H 4100 26.72 47.89 -36.05
N ASP H 4101 26.06 48.72 -36.85
CA ASP H 4101 24.92 48.24 -37.68
C ASP H 4101 25.42 47.12 -38.60
N SER H 4102 26.59 47.32 -39.22
CA SER H 4102 27.14 46.31 -40.17
C SER H 4102 27.36 44.97 -39.45
N GLN H 4103 27.95 45.00 -38.26
CA GLN H 4103 28.25 43.74 -37.52
C GLN H 4103 26.92 43.02 -37.23
N LYS H 4104 25.83 43.77 -37.10
CA LYS H 4104 24.49 43.15 -36.90
C LYS H 4104 24.51 42.21 -35.70
N GLN H 4105 25.12 42.63 -34.59
CA GLN H 4105 25.14 41.82 -33.36
C GLN H 4105 24.38 42.57 -32.25
N PHE H 4106 24.26 43.89 -32.39
CA PHE H 4106 23.57 44.72 -31.38
C PHE H 4106 22.29 45.28 -31.99
N THR H 4107 21.30 45.59 -31.16
CA THR H 4107 20.05 46.20 -31.65
C THR H 4107 20.18 47.70 -31.60
N GLY H 4108 19.20 48.43 -32.16
CA GLY H 4108 19.28 49.88 -32.20
C GLY H 4108 19.39 50.50 -30.83
N PRO H 4109 18.51 50.08 -29.92
CA PRO H 4109 18.63 50.56 -28.53
C PRO H 4109 19.96 50.21 -27.89
N GLU H 4110 20.48 49.02 -28.17
CA GLU H 4110 21.78 48.64 -27.60
C GLU H 4110 22.89 49.52 -28.15
N ILE H 4111 22.85 49.84 -29.44
CA ILE H 4111 23.86 50.72 -30.01
C ILE H 4111 23.73 52.12 -29.44
N GLN H 4112 22.51 52.58 -29.20
CA GLN H 4112 22.32 53.88 -28.57
C GLN H 4112 22.91 53.90 -27.16
N PHE H 4113 22.69 52.82 -26.39
CA PHE H 4113 23.26 52.75 -25.06
C PHE H 4113 24.78 52.73 -25.12
N LEU H 4114 25.35 51.99 -26.08
CA LEU H 4114 26.80 51.97 -26.23
C LEU H 4114 27.33 53.34 -26.58
N LEU H 4115 26.64 54.07 -27.46
CA LEU H 4115 27.05 55.43 -27.79
C LEU H 4115 26.98 56.33 -26.56
N SER H 4116 25.95 56.16 -25.73
CA SER H 4116 25.86 56.94 -24.50
C SER H 4116 27.01 56.65 -23.55
N CYS H 4117 27.45 55.40 -23.49
CA CYS H 4117 28.58 55.01 -22.65
C CYS H 4117 29.94 55.31 -23.28
N SER H 4118 29.97 55.62 -24.57
CA SER H 4118 31.24 55.75 -25.28
C SER H 4118 32.12 56.88 -24.76
N GLU H 4119 31.54 57.89 -24.10
CA GLU H 4119 32.30 59.04 -23.62
C GLU H 4119 32.97 59.78 -24.79
N ALA H 4120 32.17 60.11 -25.79
CA ALA H 4120 32.68 60.85 -26.93
C ALA H 4120 33.12 62.25 -26.50
N ASP H 4121 34.14 62.76 -27.19
CA ASP H 4121 34.71 64.05 -26.85
C ASP H 4121 33.85 65.17 -27.43
N GLU H 4122 34.35 66.41 -27.35
CA GLU H 4122 33.60 67.56 -27.84
C GLU H 4122 33.38 67.52 -29.35
N ASN H 4123 34.18 66.75 -30.09
CA ASN H 4123 34.01 66.60 -31.53
C ASN H 4123 33.31 65.28 -31.88
N GLU H 4124 32.68 64.64 -30.89
CA GLU H 4124 31.94 63.40 -31.12
C GLU H 4124 32.86 62.28 -31.59
N MET H 4125 34.08 62.25 -31.06
CA MET H 4125 35.07 61.23 -31.39
C MET H 4125 35.25 60.29 -30.20
N ILE H 4126 35.23 58.99 -30.48
CA ILE H 4126 35.31 57.96 -29.46
C ILE H 4126 36.66 57.28 -29.55
N ASN H 4127 37.28 57.03 -28.40
CA ASN H 4127 38.51 56.25 -28.32
C ASN H 4127 38.08 54.79 -28.12
N CYS H 4128 38.03 54.05 -29.23
CA CYS H 4128 37.44 52.72 -29.20
C CYS H 4128 38.21 51.77 -28.30
N GLU H 4129 39.54 51.88 -28.26
CA GLU H 4129 40.32 50.98 -27.41
C GLU H 4129 39.96 51.18 -25.95
N GLU H 4130 39.96 52.42 -25.49
CA GLU H 4130 39.60 52.71 -24.10
C GLU H 4130 38.17 52.30 -23.82
N PHE H 4131 37.26 52.58 -24.75
CA PHE H 4131 35.86 52.21 -24.54
C PHE H 4131 35.71 50.71 -24.38
N ALA H 4132 36.38 49.94 -25.24
CA ALA H 4132 36.27 48.49 -25.20
C ALA H 4132 36.96 47.87 -23.99
N ASN H 4133 38.00 48.51 -23.45
CA ASN H 4133 38.71 47.97 -22.30
C ASN H 4133 38.27 48.56 -20.97
N ARG H 4134 37.37 49.53 -20.96
CA ARG H 4134 37.02 50.20 -19.71
C ARG H 4134 36.42 49.24 -18.69
N PHE H 4135 35.42 48.46 -19.10
CA PHE H 4135 34.64 47.65 -18.16
C PHE H 4135 35.12 46.21 -18.05
N GLN H 4136 36.23 45.86 -18.71
CA GLN H 4136 36.65 44.47 -18.72
C GLN H 4136 37.16 44.03 -17.35
N GLU H 4137 38.23 44.67 -16.86
CA GLU H 4137 38.78 44.27 -15.56
C GLU H 4137 37.78 44.49 -14.43
N PRO H 4138 37.08 45.63 -14.34
CA PRO H 4138 36.15 45.82 -13.22
C PRO H 4138 35.08 44.75 -13.13
N ALA H 4139 34.60 44.22 -14.25
CA ALA H 4139 33.49 43.29 -14.28
C ALA H 4139 33.91 41.84 -14.35
N ARG H 4140 35.21 41.55 -14.27
CA ARG H 4140 35.66 40.17 -14.47
C ARG H 4140 35.29 39.30 -13.28
N ASP H 4141 35.49 39.80 -12.06
CA ASP H 4141 35.24 38.99 -10.88
C ASP H 4141 33.76 38.62 -10.77
N ILE H 4142 32.87 39.61 -10.87
CA ILE H 4142 31.45 39.33 -10.78
C ILE H 4142 31.01 38.48 -11.96
N GLY H 4143 31.59 38.71 -13.14
CA GLY H 4143 31.25 37.88 -14.29
C GLY H 4143 31.60 36.42 -14.06
N PHE H 4144 32.81 36.16 -13.57
CA PHE H 4144 33.22 34.80 -13.29
C PHE H 4144 32.33 34.17 -12.22
N ASN H 4145 31.99 34.94 -11.18
CA ASN H 4145 31.17 34.39 -10.11
C ASN H 4145 29.75 34.10 -10.59
N VAL H 4146 29.22 34.93 -11.48
CA VAL H 4146 27.92 34.66 -12.07
C VAL H 4146 27.96 33.40 -12.91
N ALA H 4147 29.03 33.24 -13.70
CA ALA H 4147 29.19 32.02 -14.48
C ALA H 4147 29.25 30.80 -13.57
N VAL H 4148 29.98 30.90 -12.46
CA VAL H 4148 30.08 29.78 -11.52
C VAL H 4148 28.73 29.47 -10.90
N LEU H 4149 27.98 30.51 -10.51
CA LEU H 4149 26.67 30.30 -9.90
C LEU H 4149 25.73 29.61 -10.88
N LEU H 4150 25.71 30.08 -12.13
CA LEU H 4150 24.83 29.48 -13.12
C LEU H 4150 25.24 28.04 -13.41
N THR H 4151 26.54 27.77 -13.51
CA THR H 4151 26.98 26.39 -13.75
C THR H 4151 26.60 25.48 -12.59
N ASN H 4152 26.82 25.94 -11.35
CA ASN H 4152 26.47 25.15 -10.17
C ASN H 4152 24.99 24.84 -10.15
N LEU H 4153 24.14 25.86 -10.32
CA LEU H 4153 22.71 25.65 -10.30
C LEU H 4153 22.27 24.75 -11.44
N SER H 4154 22.84 24.94 -12.63
CA SER H 4154 22.46 24.11 -13.77
C SER H 4154 22.81 22.65 -13.54
N GLU H 4155 23.97 22.37 -12.95
CA GLU H 4155 24.39 21.01 -12.71
C GLU H 4155 23.67 20.36 -11.54
N HIS H 4156 23.17 21.15 -10.59
CA HIS H 4156 22.47 20.57 -9.44
C HIS H 4156 20.94 20.65 -9.54
N VAL H 4157 20.41 21.30 -10.57
CA VAL H 4157 18.98 21.26 -10.87
C VAL H 4157 18.85 20.96 -12.36
N PRO H 4158 19.12 19.73 -12.79
CA PRO H 4158 19.25 19.47 -14.23
C PRO H 4158 18.00 19.76 -15.04
N HIS H 4159 16.84 19.26 -14.60
CA HIS H 4159 15.62 19.37 -15.39
C HIS H 4159 14.78 20.56 -14.93
N ASP H 4160 15.30 21.77 -15.10
CA ASP H 4160 14.57 22.99 -14.80
C ASP H 4160 14.53 23.86 -16.05
N PRO H 4161 13.42 23.90 -16.80
CA PRO H 4161 13.41 24.71 -18.02
C PRO H 4161 13.60 26.20 -17.76
N ARG H 4162 13.30 26.66 -16.55
CA ARG H 4162 13.45 28.09 -16.26
C ARG H 4162 14.92 28.49 -16.24
N LEU H 4163 15.79 27.58 -15.78
CA LEU H 4163 17.22 27.88 -15.75
C LEU H 4163 17.84 27.84 -17.13
N ARG H 4164 17.20 27.12 -18.07
CA ARG H 4164 17.75 27.02 -19.41
C ARG H 4164 17.78 28.37 -20.10
N ASN H 4165 16.76 29.19 -19.88
CA ASN H 4165 16.74 30.52 -20.49
C ASN H 4165 17.89 31.38 -19.97
N PHE H 4166 18.15 31.32 -18.67
CA PHE H 4166 19.26 32.07 -18.10
C PHE H 4166 20.58 31.57 -18.66
N LEU H 4167 20.75 30.25 -18.79
CA LEU H 4167 21.98 29.71 -19.35
C LEU H 4167 22.16 30.16 -20.81
N GLU H 4168 21.09 30.14 -21.60
CA GLU H 4168 21.19 30.60 -22.98
C GLU H 4168 21.58 32.07 -23.04
N LEU H 4169 20.99 32.89 -22.18
CA LEU H 4169 21.35 34.30 -22.12
C LEU H 4169 22.77 34.53 -21.64
N ALA H 4170 23.31 33.63 -20.84
CA ALA H 4170 24.68 33.73 -20.35
C ALA H 4170 25.67 32.93 -21.19
N GLU H 4171 25.24 32.40 -22.34
CA GLU H 4171 26.13 31.59 -23.17
C GLU H 4171 27.45 32.29 -23.42
N SER H 4172 27.42 33.57 -23.77
CA SER H 4172 28.66 34.28 -24.08
C SER H 4172 29.58 34.35 -22.87
N ILE H 4173 29.01 34.66 -21.70
CA ILE H 4173 29.81 34.72 -20.48
C ILE H 4173 30.38 33.34 -20.16
N LEU H 4174 29.56 32.30 -20.28
CA LEU H 4174 30.02 30.95 -20.00
C LEU H 4174 31.13 30.53 -20.95
N GLU H 4175 30.99 30.85 -22.24
CA GLU H 4175 32.03 30.53 -23.20
C GLU H 4175 33.31 31.29 -22.89
N TYR H 4176 33.18 32.57 -22.52
CA TYR H 4176 34.37 33.37 -22.23
C TYR H 4176 35.11 32.83 -21.02
N PHE H 4177 34.38 32.42 -19.98
CA PHE H 4177 35.00 31.96 -18.74
C PHE H 4177 35.21 30.45 -18.71
N ARG H 4178 34.91 29.75 -19.80
CA ARG H 4178 35.12 28.30 -19.82
C ARG H 4178 36.55 27.91 -19.51
N PRO H 4179 37.59 28.51 -20.11
CA PRO H 4179 38.97 28.08 -19.80
C PRO H 4179 39.37 28.35 -18.37
N TYR H 4180 38.66 29.22 -17.64
CA TYR H 4180 39.01 29.56 -16.28
C TYR H 4180 38.11 28.93 -15.23
N LEU H 4181 37.01 28.30 -15.62
CA LEU H 4181 36.10 27.68 -14.65
C LEU H 4181 36.58 26.27 -14.37
N GLY H 4182 37.51 26.13 -13.41
CA GLY H 4182 37.99 24.82 -13.03
C GLY H 4182 36.94 24.08 -12.21
N ARG H 4183 36.87 22.76 -12.43
CA ARG H 4183 35.87 21.92 -11.82
C ARG H 4183 36.53 20.63 -11.37
N ILE H 4184 36.31 20.23 -10.12
CA ILE H 4184 36.78 18.96 -9.61
C ILE H 4184 35.69 18.32 -8.77
N GLU H 4185 35.92 17.07 -8.40
CA GLU H 4185 35.03 16.34 -7.50
C GLU H 4185 35.83 15.78 -6.34
N ILE H 4186 35.26 15.83 -5.15
CA ILE H 4186 35.93 15.37 -3.94
C ILE H 4186 34.95 14.56 -3.10
N MET H 4187 35.50 13.75 -2.20
CA MET H 4187 34.70 13.10 -1.16
C MET H 4187 34.69 14.02 0.05
N GLY H 4188 33.58 14.73 0.23
CA GLY H 4188 33.51 15.77 1.24
C GLY H 4188 33.30 15.24 2.64
N ALA H 4189 33.18 16.18 3.58
CA ALA H 4189 32.97 15.82 4.97
C ALA H 4189 31.62 15.15 5.18
N SER H 4190 30.66 15.41 4.29
CA SER H 4190 29.33 14.82 4.41
C SER H 4190 29.29 13.37 3.95
N ARG H 4191 30.43 12.78 3.60
CA ARG H 4191 30.52 11.41 3.08
C ARG H 4191 29.90 11.27 1.71
N ARG H 4192 29.61 12.38 1.04
CA ARG H 4192 29.06 12.39 -0.31
C ARG H 4192 30.07 12.99 -1.26
N ILE H 4193 29.96 12.62 -2.54
CA ILE H 4193 30.76 13.25 -3.57
C ILE H 4193 30.21 14.64 -3.84
N GLU H 4194 31.09 15.64 -3.82
CA GLU H 4194 30.72 17.02 -4.05
C GLU H 4194 31.53 17.59 -5.20
N ARG H 4195 30.88 18.43 -6.00
CA ARG H 4195 31.54 19.12 -7.10
C ARG H 4195 31.99 20.49 -6.61
N ILE H 4196 33.24 20.84 -6.92
CA ILE H 4196 33.84 22.10 -6.49
C ILE H 4196 34.20 22.89 -7.74
N TYR H 4197 33.81 24.16 -7.76
CA TYR H 4197 34.09 25.09 -8.83
C TYR H 4197 35.04 26.16 -8.33
N PHE H 4198 36.07 26.47 -9.11
CA PHE H 4198 37.07 27.43 -8.70
C PHE H 4198 37.63 28.13 -9.95
N GLU H 4199 38.53 29.07 -9.72
CA GLU H 4199 39.11 29.86 -10.79
C GLU H 4199 40.52 29.38 -11.11
N ILE H 4200 40.76 29.09 -12.39
CA ILE H 4200 42.09 28.76 -12.88
C ILE H 4200 42.68 30.03 -13.49
N SER H 4201 43.85 30.43 -13.01
CA SER H 4201 44.47 31.63 -13.53
C SER H 4201 45.06 31.38 -14.92
N GLU H 4202 45.08 32.43 -15.74
CA GLU H 4202 45.62 32.31 -17.08
C GLU H 4202 47.09 31.92 -17.05
N THR H 4203 47.85 32.51 -16.13
CA THR H 4203 49.26 32.14 -16.01
C THR H 4203 49.42 30.68 -15.62
N ASN H 4204 48.58 30.21 -14.69
CA ASN H 4204 48.65 28.80 -14.30
C ASN H 4204 48.37 27.89 -15.49
N ARG H 4205 47.33 28.21 -16.27
CA ARG H 4205 47.02 27.36 -17.42
C ARG H 4205 48.16 27.38 -18.44
N ALA H 4206 48.73 28.56 -18.71
CA ALA H 4206 49.82 28.63 -19.68
C ALA H 4206 51.02 27.83 -19.20
N GLN H 4207 51.38 27.97 -17.92
CA GLN H 4207 52.51 27.22 -17.38
C GLN H 4207 52.26 25.72 -17.47
N TRP H 4208 51.02 25.30 -17.21
CA TRP H 4208 50.68 23.88 -17.36
C TRP H 4208 50.84 23.44 -18.81
N GLU H 4209 50.44 24.29 -19.76
CA GLU H 4209 50.49 23.94 -21.17
C GLU H 4209 51.90 24.04 -21.76
N MET H 4210 52.86 24.59 -21.03
CA MET H 4210 54.22 24.62 -21.54
C MET H 4210 54.68 23.20 -21.87
N PRO H 4211 55.37 23.00 -23.00
CA PRO H 4211 55.65 21.62 -23.44
C PRO H 4211 56.49 20.81 -22.46
N GLN H 4212 57.41 21.45 -21.72
CA GLN H 4212 58.21 20.70 -20.76
C GLN H 4212 57.33 20.08 -19.68
N VAL H 4213 56.33 20.84 -19.20
CA VAL H 4213 55.40 20.31 -18.22
C VAL H 4213 54.62 19.14 -18.82
N LYS H 4214 54.26 19.23 -20.10
CA LYS H 4214 53.56 18.14 -20.75
C LYS H 4214 54.41 16.88 -20.79
N GLU H 4215 55.69 17.03 -21.12
CA GLU H 4215 56.59 15.87 -21.12
C GLU H 4215 56.71 15.28 -19.73
N SER H 4216 56.83 16.13 -18.70
CA SER H 4216 56.89 15.63 -17.33
C SER H 4216 55.62 14.87 -16.98
N LYS H 4217 54.46 15.40 -17.39
CA LYS H 4217 53.19 14.73 -17.11
C LYS H 4217 53.13 13.37 -17.79
N ARG H 4218 53.58 13.29 -19.05
CA ARG H 4218 53.57 12.01 -19.75
C ARG H 4218 54.48 11.02 -19.05
N GLN H 4219 55.67 11.45 -18.64
CA GLN H 4219 56.58 10.55 -17.94
C GLN H 4219 55.97 10.06 -16.63
N PHE H 4220 55.35 10.98 -15.87
CA PHE H 4220 54.75 10.60 -14.60
C PHE H 4220 53.61 9.61 -14.80
N ILE H 4221 52.77 9.85 -15.82
CA ILE H 4221 51.66 8.94 -16.09
C ILE H 4221 52.19 7.57 -16.46
N PHE H 4222 53.19 7.52 -17.33
CA PHE H 4222 53.79 6.24 -17.67
C PHE H 4222 54.29 5.52 -16.43
N ASP H 4223 55.02 6.23 -15.57
CA ASP H 4223 55.57 5.60 -14.37
C ASP H 4223 54.45 5.04 -13.49
N VAL H 4224 53.44 5.85 -13.19
CA VAL H 4224 52.39 5.38 -12.27
C VAL H 4224 51.66 4.20 -12.88
N VAL H 4225 51.31 4.27 -14.17
CA VAL H 4225 50.52 3.20 -14.77
C VAL H 4225 51.34 1.93 -14.88
N ASN H 4226 52.65 2.04 -15.08
CA ASN H 4226 53.47 0.86 -15.32
C ASN H 4226 53.96 0.21 -14.01
N GLU H 4227 54.71 0.95 -13.19
CA GLU H 4227 55.35 0.37 -12.02
C GLU H 4227 54.67 0.75 -10.72
N GLY H 4228 53.93 1.85 -10.67
CA GLY H 4228 53.29 2.26 -9.44
C GLY H 4228 52.15 1.35 -9.04
N GLY H 4229 51.85 1.37 -7.74
CA GLY H 4229 50.74 0.62 -7.19
C GLY H 4229 49.52 1.48 -6.96
N GLU H 4230 48.37 0.82 -6.82
CA GLU H 4230 47.13 1.56 -6.65
C GLU H 4230 47.07 2.26 -5.30
N SER H 4231 47.65 1.66 -4.27
CA SER H 4231 47.55 2.23 -2.93
C SER H 4231 48.24 3.59 -2.84
N GLU H 4232 49.36 3.75 -3.54
CA GLU H 4232 50.15 4.98 -3.47
C GLU H 4232 49.95 5.89 -4.67
N LYS H 4233 48.92 5.62 -5.49
CA LYS H 4233 48.73 6.40 -6.71
C LYS H 4233 48.50 7.87 -6.40
N MET H 4234 47.63 8.16 -5.42
CA MET H 4234 47.31 9.55 -5.12
C MET H 4234 48.48 10.26 -4.45
N GLU H 4235 49.22 9.54 -3.60
CA GLU H 4235 50.41 10.14 -3.01
C GLU H 4235 51.42 10.50 -4.09
N MET H 4236 51.64 9.60 -5.05
CA MET H 4236 52.56 9.90 -6.14
C MET H 4236 52.05 11.05 -6.99
N PHE H 4237 50.74 11.12 -7.21
CA PHE H 4237 50.17 12.23 -7.97
C PHE H 4237 50.41 13.55 -7.26
N VAL H 4238 50.20 13.59 -5.94
CA VAL H 4238 50.41 14.83 -5.21
C VAL H 4238 51.88 15.21 -5.22
N SER H 4239 52.77 14.23 -5.12
CA SER H 4239 54.20 14.51 -5.21
C SER H 4239 54.54 15.09 -6.58
N PHE H 4240 53.95 14.55 -7.64
CA PHE H 4240 54.17 15.08 -8.97
C PHE H 4240 53.65 16.52 -9.08
N CYS H 4241 52.51 16.80 -8.44
CA CYS H 4241 51.99 18.16 -8.45
C CYS H 4241 52.93 19.12 -7.75
N GLU H 4242 53.50 18.71 -6.60
CA GLU H 4242 54.47 19.54 -5.91
C GLU H 4242 55.69 19.81 -6.78
N ASP H 4243 56.23 18.75 -7.39
CA ASP H 4243 57.39 18.92 -8.26
C ASP H 4243 57.07 19.84 -9.43
N THR H 4244 55.88 19.69 -10.00
CA THR H 4244 55.48 20.53 -11.13
C THR H 4244 55.36 21.99 -10.71
N ILE H 4245 54.84 22.24 -9.51
CA ILE H 4245 54.76 23.62 -9.02
C ILE H 4245 56.16 24.21 -8.89
N PHE H 4246 57.08 23.44 -8.31
CA PHE H 4246 58.45 23.95 -8.18
C PHE H 4246 59.08 24.21 -9.54
N GLU H 4247 58.88 23.30 -10.50
CA GLU H 4247 59.45 23.49 -11.83
C GLU H 4247 58.83 24.69 -12.53
N MET H 4248 57.54 24.93 -12.32
CA MET H 4248 56.91 26.13 -12.85
C MET H 4248 57.53 27.38 -12.27
N GLN H 4249 57.82 27.37 -10.97
CA GLN H 4249 58.50 28.51 -10.37
C GLN H 4249 59.87 28.72 -11.01
N ILE H 4250 60.61 27.64 -11.23
CA ILE H 4250 61.93 27.75 -11.85
C ILE H 4250 61.81 28.34 -13.25
N ALA H 4251 60.85 27.84 -14.03
CA ALA H 4251 60.66 28.34 -15.39
C ALA H 4251 60.30 29.81 -15.39
N ALA H 4252 59.40 30.22 -14.48
CA ALA H 4252 59.05 31.63 -14.39
C ALA H 4252 60.26 32.47 -14.03
N GLN H 4253 61.10 31.99 -13.11
CA GLN H 4253 62.29 32.73 -12.74
C GLN H 4253 63.24 32.90 -13.93
N ILE H 4254 63.45 31.86 -14.72
CA ILE H 4254 64.39 31.95 -15.84
C ILE H 4254 63.76 32.55 -17.09
N SER H 4255 62.46 32.81 -17.09
CA SER H 4255 61.82 33.39 -18.27
C SER H 4255 62.40 34.76 -18.58
N GLU H 4256 62.47 35.08 -19.87
CA GLU H 4256 63.02 36.37 -20.28
C GLU H 4256 62.16 37.50 -19.75
N PRO H 4257 62.75 38.61 -19.28
CA PRO H 4257 61.95 39.72 -18.75
C PRO H 4257 61.15 40.43 -19.83
N PHE H 4538 79.68 48.62 -8.75
CA PHE H 4538 79.93 47.62 -9.78
C PHE H 4538 79.23 46.32 -9.45
N TRP H 4539 79.02 46.07 -8.16
CA TRP H 4539 78.44 44.81 -7.72
C TRP H 4539 77.03 44.63 -8.28
N GLY H 4540 76.23 45.70 -8.27
CA GLY H 4540 74.87 45.58 -8.78
C GLY H 4540 74.81 45.21 -10.24
N GLU H 4541 75.59 45.91 -11.07
CA GLU H 4541 75.59 45.62 -12.50
C GLU H 4541 76.17 44.23 -12.77
N LEU H 4542 77.23 43.85 -12.04
CA LEU H 4542 77.80 42.52 -12.23
C LEU H 4542 76.80 41.44 -11.87
N GLU H 4543 76.05 41.63 -10.78
CA GLU H 4543 75.04 40.67 -10.39
C GLU H 4543 73.94 40.59 -11.44
N VAL H 4544 73.52 41.74 -11.98
CA VAL H 4544 72.48 41.74 -13.00
C VAL H 4544 72.93 40.95 -14.22
N GLN H 4545 74.17 41.21 -14.67
CA GLN H 4545 74.69 40.51 -15.83
C GLN H 4545 74.84 39.01 -15.55
N ARG H 4546 75.29 38.66 -14.34
CA ARG H 4546 75.43 37.25 -13.99
C ARG H 4546 74.08 36.54 -14.04
N VAL H 4547 73.05 37.18 -13.46
CA VAL H 4547 71.72 36.57 -13.46
C VAL H 4547 71.20 36.43 -14.87
N LYS H 4548 71.40 37.47 -15.71
CA LYS H 4548 70.93 37.38 -17.09
C LYS H 4548 71.63 36.25 -17.83
N PHE H 4549 72.94 36.12 -17.64
CA PHE H 4549 73.69 35.07 -18.33
C PHE H 4549 73.23 33.68 -17.88
N LEU H 4550 73.06 33.49 -16.57
CA LEU H 4550 72.63 32.20 -16.07
C LEU H 4550 71.22 31.87 -16.55
N ASN H 4551 70.34 32.86 -16.59
CA ASN H 4551 68.99 32.64 -17.09
C ASN H 4551 69.02 32.26 -18.56
N TYR H 4552 69.88 32.91 -19.35
CA TYR H 4552 70.02 32.55 -20.76
C TYR H 4552 70.48 31.11 -20.91
N LEU H 4553 71.49 30.72 -20.12
CA LEU H 4553 71.98 29.35 -20.18
C LEU H 4553 70.90 28.35 -19.82
N SER H 4554 70.15 28.62 -18.74
CA SER H 4554 69.08 27.72 -18.34
C SER H 4554 68.01 27.63 -19.41
N ARG H 4555 67.66 28.77 -20.02
CA ARG H 4555 66.65 28.78 -21.07
C ARG H 4555 67.09 27.99 -22.30
N ASN H 4556 68.38 28.05 -22.66
CA ASN H 4556 68.86 27.40 -23.87
C ASN H 4556 69.73 26.18 -23.55
N PHE H 4557 69.48 25.52 -22.42
CA PHE H 4557 70.25 24.34 -22.06
C PHE H 4557 70.19 23.28 -23.15
N TYR H 4558 68.99 22.93 -23.60
CA TYR H 4558 68.86 21.84 -24.58
C TYR H 4558 69.46 22.24 -25.93
N THR H 4559 69.28 23.50 -26.33
CA THR H 4559 69.93 23.96 -27.55
C THR H 4559 71.44 23.85 -27.44
N LEU H 4560 71.99 24.13 -26.26
CA LEU H 4560 73.42 24.00 -26.06
C LEU H 4560 73.87 22.54 -26.18
N ARG H 4561 73.05 21.61 -25.67
CA ARG H 4561 73.38 20.20 -25.81
C ARG H 4561 73.38 19.77 -27.28
N PHE H 4562 72.38 20.22 -28.04
CA PHE H 4562 72.35 19.91 -29.46
C PHE H 4562 73.56 20.51 -30.18
N LEU H 4563 73.94 21.73 -29.79
CA LEU H 4563 75.13 22.36 -30.37
C LEU H 4563 76.38 21.55 -30.06
N ALA H 4564 76.48 21.03 -28.83
CA ALA H 4564 77.62 20.19 -28.48
C ALA H 4564 77.65 18.94 -29.35
N LEU H 4565 76.50 18.31 -29.57
CA LEU H 4565 76.45 17.14 -30.44
C LEU H 4565 76.90 17.50 -31.85
N PHE H 4566 76.42 18.62 -32.38
CA PHE H 4566 76.79 19.04 -33.73
C PHE H 4566 78.29 19.30 -33.82
N LEU H 4567 78.86 19.96 -32.81
CA LEU H 4567 80.29 20.24 -32.81
C LEU H 4567 81.10 18.96 -32.74
N ALA H 4568 80.65 17.98 -31.94
CA ALA H 4568 81.33 16.70 -31.89
C ALA H 4568 81.32 16.02 -33.25
N PHE H 4569 80.17 16.04 -33.93
CA PHE H 4569 80.09 15.44 -35.25
C PHE H 4569 81.03 16.13 -36.23
N ALA H 4570 81.08 17.47 -36.19
CA ALA H 4570 81.97 18.20 -37.08
C ALA H 4570 83.43 17.87 -36.79
N ILE H 4571 83.80 17.80 -35.51
CA ILE H 4571 85.17 17.49 -35.15
C ILE H 4571 85.55 16.11 -35.65
N ASN H 4572 84.65 15.13 -35.50
CA ASN H 4572 84.98 13.78 -35.94
C ASN H 4572 85.00 13.68 -37.47
N PHE H 4573 84.15 14.44 -38.15
CA PHE H 4573 84.24 14.49 -39.60
C PHE H 4573 85.59 15.01 -40.04
N ILE H 4574 86.10 16.04 -39.37
CA ILE H 4574 87.45 16.52 -39.68
C ILE H 4574 88.48 15.45 -39.34
N LEU H 4575 88.34 14.78 -38.20
CA LEU H 4575 89.28 13.74 -37.81
C LEU H 4575 89.33 12.61 -38.82
N LEU H 4576 88.26 12.41 -39.59
CA LEU H 4576 88.27 11.37 -40.61
C LEU H 4576 89.35 11.60 -41.66
N PHE H 4577 89.90 12.80 -41.76
CA PHE H 4577 90.93 13.11 -42.74
C PHE H 4577 92.34 13.00 -42.17
N TYR H 4578 92.49 12.43 -40.98
CA TYR H 4578 93.81 12.27 -40.38
C TYR H 4578 94.62 11.23 -41.13
N LYS H 4579 95.94 11.33 -40.99
CA LYS H 4579 96.87 10.46 -41.69
C LYS H 4579 98.11 10.30 -40.84
N VAL H 4580 98.82 9.19 -41.05
CA VAL H 4580 100.04 8.87 -40.32
C VAL H 4580 101.16 8.68 -41.33
N SER H 4581 102.35 9.16 -40.94
CA SER H 4581 103.50 9.07 -41.83
C SER H 4581 104.77 8.92 -41.01
N ASP H 4582 105.84 8.49 -41.67
CA ASP H 4582 107.14 8.36 -41.02
C ASP H 4582 107.98 9.63 -41.14
N SER H 4583 107.63 10.53 -42.06
CA SER H 4583 108.31 11.80 -42.21
C SER H 4583 107.40 12.93 -41.74
N PRO H 4584 107.96 14.05 -41.26
CA PRO H 4584 107.12 15.15 -40.81
C PRO H 4584 106.33 15.73 -41.97
N PRO H 4585 105.15 16.32 -41.70
CA PRO H 4585 104.31 16.87 -42.76
C PRO H 4585 105.06 17.82 -43.69
N ASN H 4624 112.53 7.07 -35.49
CA ASN H 4624 111.50 6.27 -36.14
C ASN H 4624 110.11 6.66 -35.65
N MET H 4625 110.00 7.87 -35.10
CA MET H 4625 108.72 8.35 -34.60
C MET H 4625 107.76 8.58 -35.76
N VAL H 4626 106.46 8.46 -35.48
CA VAL H 4626 105.41 8.61 -36.47
C VAL H 4626 104.71 9.93 -36.24
N TYR H 4627 104.34 10.59 -37.34
CA TYR H 4627 103.67 11.89 -37.30
C TYR H 4627 102.23 11.71 -37.74
N TYR H 4628 101.30 12.25 -36.95
CA TYR H 4628 99.88 12.29 -37.29
C TYR H 4628 99.54 13.70 -37.74
N PHE H 4629 98.92 13.83 -38.91
CA PHE H 4629 98.55 15.14 -39.43
C PHE H 4629 97.38 15.00 -40.39
N LEU H 4630 96.66 16.10 -40.58
CA LEU H 4630 95.53 16.14 -41.50
C LEU H 4630 96.04 16.27 -42.94
N GLU H 4631 95.39 15.55 -43.84
CA GLU H 4631 95.72 15.58 -45.26
C GLU H 4631 94.48 16.10 -46.00
N GLU H 4632 94.43 17.41 -46.21
CA GLU H 4632 93.32 18.05 -46.91
C GLU H 4632 93.88 19.09 -47.86
N SER H 4633 93.22 19.24 -49.00
CA SER H 4633 93.71 20.17 -50.02
C SER H 4633 93.40 21.61 -49.66
N THR H 4634 92.24 21.86 -49.06
CA THR H 4634 91.83 23.24 -48.77
C THR H 4634 92.81 23.93 -47.84
N GLY H 4635 93.25 23.24 -46.79
CA GLY H 4635 94.12 23.82 -45.79
C GLY H 4635 93.39 24.59 -44.71
N TYR H 4636 92.06 24.66 -44.77
CA TYR H 4636 91.28 25.34 -43.74
C TYR H 4636 90.80 24.40 -42.64
N MET H 4637 91.02 23.09 -42.79
CA MET H 4637 90.47 22.14 -41.82
C MET H 4637 91.18 22.23 -40.47
N GLU H 4638 92.51 22.34 -40.49
CA GLU H 4638 93.26 22.34 -39.24
C GLU H 4638 92.90 23.53 -38.36
N PRO H 4639 92.92 24.77 -38.86
CA PRO H 4639 92.39 25.87 -38.03
C PRO H 4639 90.94 25.67 -37.64
N ALA H 4640 90.15 25.12 -38.56
CA ALA H 4640 88.77 24.80 -38.23
C ALA H 4640 88.70 23.77 -37.11
N LEU H 4641 89.60 22.78 -37.12
CA LEU H 4641 89.64 21.81 -36.05
C LEU H 4641 89.96 22.48 -34.72
N ARG H 4642 90.95 23.37 -34.70
CA ARG H 4642 91.28 24.06 -33.45
C ARG H 4642 90.08 24.86 -32.94
N CYS H 4643 89.45 25.63 -33.82
CA CYS H 4643 88.33 26.47 -33.41
C CYS H 4643 87.17 25.63 -32.91
N LEU H 4644 86.87 24.54 -33.61
CA LEU H 4644 85.76 23.68 -33.21
C LEU H 4644 86.05 23.01 -31.88
N SER H 4645 87.30 22.60 -31.63
CA SER H 4645 87.63 21.99 -30.36
C SER H 4645 87.45 22.98 -29.21
N LEU H 4646 87.94 24.21 -29.38
CA LEU H 4646 87.75 25.21 -28.34
C LEU H 4646 86.27 25.50 -28.11
N LEU H 4647 85.50 25.62 -29.19
CA LEU H 4647 84.07 25.87 -29.06
C LEU H 4647 83.38 24.72 -28.34
N HIS H 4648 83.78 23.48 -28.66
CA HIS H 4648 83.16 22.33 -28.02
C HIS H 4648 83.44 22.32 -26.52
N THR H 4649 84.68 22.61 -26.12
CA THR H 4649 84.98 22.67 -24.70
C THR H 4649 84.16 23.77 -24.02
N LEU H 4650 84.07 24.94 -24.65
CA LEU H 4650 83.29 26.02 -24.08
C LEU H 4650 81.83 25.62 -23.92
N VAL H 4651 81.27 24.98 -24.95
CA VAL H 4651 79.86 24.60 -24.92
C VAL H 4651 79.61 23.54 -23.86
N ALA H 4652 80.57 22.62 -23.67
CA ALA H 4652 80.42 21.63 -22.62
C ALA H 4652 80.38 22.29 -21.25
N PHE H 4653 81.27 23.25 -21.01
CA PHE H 4653 81.25 23.97 -19.74
C PHE H 4653 79.92 24.71 -19.56
N LEU H 4654 79.45 25.36 -20.62
CA LEU H 4654 78.18 26.07 -20.54
C LEU H 4654 77.03 25.12 -20.28
N CYS H 4655 77.08 23.91 -20.85
CA CYS H 4655 76.05 22.92 -20.58
C CYS H 4655 76.06 22.50 -19.12
N ILE H 4656 77.24 22.33 -18.54
CA ILE H 4656 77.32 22.00 -17.12
C ILE H 4656 76.67 23.11 -16.29
N ILE H 4657 77.02 24.37 -16.60
CA ILE H 4657 76.45 25.48 -15.85
C ILE H 4657 74.93 25.53 -16.01
N GLY H 4658 74.45 25.34 -17.23
CA GLY H 4658 73.02 25.38 -17.47
C GLY H 4658 72.29 24.28 -16.74
N TYR H 4659 72.85 23.07 -16.72
CA TYR H 4659 72.26 21.99 -15.93
C TYR H 4659 72.22 22.37 -14.46
N ASN H 4660 73.33 22.90 -13.93
CA ASN H 4660 73.36 23.27 -12.52
C ASN H 4660 72.29 24.31 -12.20
N CYS H 4661 72.02 25.23 -13.13
CA CYS H 4661 71.05 26.28 -12.90
C CYS H 4661 69.62 25.88 -13.21
N LEU H 4662 69.40 24.79 -13.94
CA LEU H 4662 68.06 24.42 -14.36
C LEU H 4662 67.53 23.17 -13.68
N LYS H 4663 68.30 22.08 -13.66
CA LYS H 4663 67.81 20.79 -13.18
C LYS H 4663 68.20 20.49 -11.75
N VAL H 4664 69.37 20.96 -11.31
CA VAL H 4664 69.80 20.70 -9.93
C VAL H 4664 68.77 21.18 -8.92
N PRO H 4665 68.14 22.35 -9.07
CA PRO H 4665 67.18 22.81 -8.07
C PRO H 4665 66.08 21.80 -7.79
N LEU H 4666 65.58 21.11 -8.83
CA LEU H 4666 64.54 20.11 -8.59
C LEU H 4666 65.10 18.90 -7.86
N VAL H 4667 66.33 18.52 -8.15
CA VAL H 4667 66.95 17.41 -7.42
C VAL H 4667 67.04 17.73 -5.94
N ILE H 4668 67.53 18.93 -5.62
CA ILE H 4668 67.63 19.34 -4.23
C ILE H 4668 66.25 19.45 -3.60
N PHE H 4669 65.27 19.94 -4.36
CA PHE H 4669 63.91 20.05 -3.85
C PHE H 4669 63.36 18.69 -3.47
N LYS H 4670 63.53 17.70 -4.35
CA LYS H 4670 63.04 16.36 -4.05
C LYS H 4670 63.75 15.77 -2.85
N ARG H 4671 65.08 15.92 -2.78
CA ARG H 4671 65.82 15.37 -1.66
C ARG H 4671 65.36 15.97 -0.35
N GLU H 4672 65.23 17.30 -0.30
CA GLU H 4672 64.80 17.97 0.92
C GLU H 4672 63.37 17.59 1.28
N LYS H 4673 62.48 17.49 0.29
CA LYS H 4673 61.11 17.11 0.56
C LYS H 4673 61.04 15.71 1.17
N GLU H 4674 61.75 14.76 0.58
CA GLU H 4674 61.75 13.40 1.12
C GLU H 4674 62.33 13.37 2.53
N LEU H 4675 63.42 14.11 2.75
CA LEU H 4675 64.02 14.15 4.09
C LEU H 4675 63.04 14.71 5.11
N ALA H 4676 62.35 15.80 4.75
CA ALA H 4676 61.39 16.41 5.67
C ALA H 4676 60.25 15.46 5.99
N ARG H 4677 59.72 14.79 4.96
CA ARG H 4677 58.61 13.87 5.19
C ARG H 4677 59.05 12.71 6.07
N LYS H 4678 60.23 12.16 5.83
CA LYS H 4678 60.72 11.06 6.65
C LYS H 4678 61.00 11.51 8.08
N LEU H 4679 61.49 12.73 8.27
CA LEU H 4679 61.71 13.25 9.61
C LEU H 4679 60.39 13.39 10.36
N GLU H 4680 59.38 13.95 9.72
CA GLU H 4680 58.15 14.28 10.44
C GLU H 4680 57.24 13.07 10.61
N PHE H 4681 56.89 12.38 9.52
CA PHE H 4681 55.90 11.32 9.57
C PHE H 4681 56.50 9.94 9.81
N ASP H 4682 57.84 9.82 9.85
CA ASP H 4682 58.46 8.54 10.13
C ASP H 4682 59.46 8.57 11.28
N GLY H 4683 59.91 9.74 11.72
CA GLY H 4683 60.92 9.79 12.77
C GLY H 4683 62.17 9.05 12.35
N LEU H 4684 62.65 9.33 11.13
CA LEU H 4684 63.75 8.54 10.57
C LEU H 4684 64.99 8.63 11.44
N TYR H 4685 65.33 9.83 11.89
CA TYR H 4685 66.50 10.04 12.74
C TYR H 4685 66.13 10.22 14.21
N ILE H 4686 64.87 9.98 14.56
CA ILE H 4686 64.39 10.17 15.93
C ILE H 4686 63.99 8.83 16.51
N THR H 4687 62.99 8.19 15.90
CA THR H 4687 62.52 6.90 16.40
C THR H 4687 63.30 5.75 15.77
N GLU H 4688 63.71 5.90 14.52
CA GLU H 4688 64.45 4.88 13.79
C GLU H 4688 65.82 5.41 13.42
N GLN H 4689 66.56 4.65 12.64
CA GLN H 4689 67.86 5.07 12.14
C GLN H 4689 68.04 4.50 10.73
N PRO H 4690 68.87 5.13 9.90
CA PRO H 4690 69.17 4.53 8.59
C PRO H 4690 69.81 3.16 8.74
N GLU H 4691 69.57 2.31 7.75
CA GLU H 4691 69.96 0.90 7.82
C GLU H 4691 71.47 0.69 7.75
N ASP H 4692 72.27 1.76 7.70
CA ASP H 4692 73.72 1.66 7.67
C ASP H 4692 74.22 1.21 6.30
N ASP H 4693 73.31 0.84 5.42
CA ASP H 4693 73.65 0.66 4.01
C ASP H 4693 72.97 1.70 3.14
N ASP H 4694 72.01 2.44 3.70
CA ASP H 4694 71.34 3.53 3.00
C ASP H 4694 72.28 4.73 2.99
N VAL H 4695 73.12 4.78 1.95
CA VAL H 4695 74.06 5.89 1.82
C VAL H 4695 73.31 7.21 1.76
N LYS H 4696 72.10 7.20 1.19
CA LYS H 4696 71.32 8.43 1.14
C LYS H 4696 71.02 8.94 2.54
N GLY H 4697 70.56 8.05 3.43
CA GLY H 4697 70.28 8.48 4.79
C GLY H 4697 71.54 8.87 5.55
N GLN H 4698 72.60 8.08 5.40
CA GLN H 4698 73.86 8.42 6.05
C GLN H 4698 74.34 9.81 5.64
N TRP H 4699 74.20 10.14 4.36
CA TRP H 4699 74.63 11.46 3.88
C TRP H 4699 73.67 12.54 4.33
N ASP H 4700 72.36 12.27 4.30
CA ASP H 4700 71.37 13.25 4.72
C ASP H 4700 71.49 13.58 6.19
N ARG H 4701 72.14 12.73 6.98
CA ARG H 4701 72.42 13.09 8.36
C ARG H 4701 73.25 14.37 8.47
N LEU H 4702 73.88 14.79 7.36
CA LEU H 4702 74.78 15.96 7.40
C LEU H 4702 74.01 17.29 7.31
N VAL H 4703 72.76 17.28 6.83
CA VAL H 4703 72.04 18.57 6.61
C VAL H 4703 71.03 18.85 7.74
N LEU H 4704 70.78 17.88 8.62
CA LEU H 4704 69.72 18.06 9.64
C LEU H 4704 69.97 19.31 10.50
N ASN H 4705 71.21 19.54 10.95
CA ASN H 4705 71.49 20.66 11.89
C ASN H 4705 71.83 21.93 11.11
N THR H 4706 71.93 21.85 9.79
CA THR H 4706 72.36 23.00 8.99
C THR H 4706 71.31 24.10 9.05
N PRO H 4707 71.73 25.38 9.20
CA PRO H 4707 70.79 26.49 9.26
C PRO H 4707 69.86 26.65 8.06
N SER H 4708 70.25 26.09 6.91
CA SER H 4708 69.46 26.27 5.66
C SER H 4708 68.86 24.94 5.19
N PHE H 4709 68.53 24.02 6.10
CA PHE H 4709 68.07 22.68 5.65
C PHE H 4709 67.00 22.86 4.59
N PRO H 4710 65.84 23.50 4.83
CA PRO H 4710 64.88 23.66 3.74
C PRO H 4710 65.22 24.89 2.92
N SER H 4711 66.08 24.74 1.90
CA SER H 4711 66.39 25.86 1.02
C SER H 4711 65.49 25.89 -0.20
N ASN H 4712 65.28 24.75 -0.86
CA ASN H 4712 64.40 24.67 -2.01
C ASN H 4712 63.00 24.20 -1.66
N TYR H 4713 62.89 23.21 -0.76
CA TYR H 4713 61.57 22.77 -0.31
C TYR H 4713 60.82 23.92 0.33
N TRP H 4714 59.53 24.00 0.05
CA TRP H 4714 58.76 25.18 0.43
C TRP H 4714 58.55 25.26 1.95
N ASP H 4715 58.39 24.11 2.60
CA ASP H 4715 58.05 24.09 4.03
C ASP H 4715 59.26 24.53 4.84
N LYS H 4716 59.25 25.78 5.30
CA LYS H 4716 60.34 26.33 6.11
C LYS H 4716 60.16 26.06 7.60
N PHE H 4717 59.09 25.37 8.00
CA PHE H 4717 58.83 25.08 9.40
C PHE H 4717 58.86 23.59 9.69
N VAL H 4718 59.56 22.84 8.85
CA VAL H 4718 59.70 21.37 9.06
C VAL H 4718 60.32 21.14 10.45
N LYS H 4719 61.36 21.90 10.80
CA LYS H 4719 62.07 21.67 12.07
C LYS H 4719 61.09 21.89 13.24
N ARG H 4720 60.33 22.98 13.22
CA ARG H 4720 59.32 23.23 14.27
C ARG H 4720 58.33 22.04 14.30
N LYS H 4721 57.80 21.63 13.15
CA LYS H 4721 56.83 20.54 13.18
C LYS H 4721 57.44 19.29 13.79
N VAL H 4722 58.64 18.93 13.34
CA VAL H 4722 59.29 17.69 13.82
C VAL H 4722 59.46 17.83 15.34
N LEU H 4723 59.96 18.97 15.79
CA LEU H 4723 60.22 19.08 17.24
C LEU H 4723 58.91 18.95 17.99
N ASP H 4724 57.84 19.59 17.51
CA ASP H 4724 56.62 19.48 18.34
C ASP H 4724 56.07 18.04 18.40
N LYS H 4725 55.97 17.32 17.28
CA LYS H 4725 55.47 15.93 17.44
C LYS H 4725 56.46 15.00 18.14
N HIS H 4726 57.72 15.00 17.70
CA HIS H 4726 58.80 14.14 18.25
C HIS H 4726 59.28 14.50 19.65
N GLY H 4727 59.32 15.79 20.00
CA GLY H 4727 60.03 16.21 21.22
C GLY H 4727 59.57 15.67 22.55
N ASP H 4728 58.28 15.56 22.82
CA ASP H 4728 57.96 15.10 24.20
C ASP H 4728 58.51 13.69 24.44
N ILE H 4729 58.42 12.80 23.47
CA ILE H 4729 58.85 11.39 23.68
C ILE H 4729 60.38 11.27 23.52
N PHE H 4730 61.02 12.13 22.73
CA PHE H 4730 62.47 11.97 22.47
C PHE H 4730 63.28 13.00 23.24
N GLY H 4731 62.63 14.08 23.70
CA GLY H 4731 63.35 15.15 24.41
C GLY H 4731 63.50 16.37 23.53
N ARG H 4732 62.98 17.51 23.97
CA ARG H 4732 63.01 18.74 23.14
C ARG H 4732 64.47 19.16 22.87
N GLU H 4733 65.31 19.11 23.89
CA GLU H 4733 66.73 19.54 23.75
C GLU H 4733 67.46 18.56 22.81
N ARG H 4734 67.16 17.27 22.90
CA ARG H 4734 67.79 16.28 21.99
C ARG H 4734 67.38 16.60 20.55
N ILE H 4735 66.08 16.86 20.32
CA ILE H 4735 65.59 17.18 18.94
C ILE H 4735 66.23 18.50 18.48
N ALA H 4736 66.28 19.50 19.37
CA ALA H 4736 66.85 20.81 18.99
C ALA H 4736 68.31 20.65 18.59
N GLU H 4737 69.03 19.75 19.26
CA GLU H 4737 70.46 19.51 18.93
C GLU H 4737 70.56 18.79 17.58
N LEU H 4738 69.68 17.82 17.34
CA LEU H 4738 69.70 17.07 16.06
C LEU H 4738 69.37 18.02 14.90
N LEU H 4739 68.47 18.98 15.14
CA LEU H 4739 68.03 19.87 14.03
C LEU H 4739 68.69 21.25 14.14
N GLY H 4740 69.67 21.42 15.03
CA GLY H 4740 70.37 22.69 15.07
C GLY H 4740 69.47 23.88 15.33
N MET H 4741 68.53 23.73 16.26
CA MET H 4741 67.58 24.78 16.60
C MET H 4741 67.99 25.45 17.91
N ASP H 4742 67.79 26.77 17.98
CA ASP H 4742 68.05 27.53 19.20
C ASP H 4742 66.70 27.78 19.88
N LEU H 4743 66.41 26.96 20.89
CA LEU H 4743 65.11 27.04 21.55
C LEU H 4743 64.88 28.43 22.15
N ALA H 4744 65.93 29.05 22.67
CA ALA H 4744 65.78 30.36 23.30
C ALA H 4744 65.29 31.39 22.30
N SER H 4745 65.99 31.52 21.16
CA SER H 4745 65.56 32.46 20.12
C SER H 4745 64.28 32.01 19.44
N LEU H 4746 63.88 30.75 19.62
CA LEU H 4746 62.70 30.24 18.95
C LEU H 4746 61.46 31.03 19.34
N GLU H 4747 61.31 31.36 20.62
CA GLU H 4747 60.15 32.11 21.06
C GLU H 4747 60.30 33.59 20.72
N ILE H 4748 61.53 34.11 20.79
CA ILE H 4748 61.76 35.53 20.54
C ILE H 4748 61.40 35.89 19.10
N THR H 4749 61.75 35.01 18.16
CA THR H 4749 61.43 35.28 16.76
C THR H 4749 59.94 35.53 16.58
N ALA H 4750 59.10 34.71 17.22
CA ALA H 4750 57.65 34.94 17.16
C ALA H 4750 57.25 36.17 17.96
N HIS H 4751 57.91 36.41 19.09
CA HIS H 4751 57.57 37.54 19.95
C HIS H 4751 57.66 38.85 19.19
N ASN H 4752 58.79 39.10 18.52
CA ASN H 4752 58.92 40.35 17.77
C ASN H 4752 59.60 40.12 16.43
N GLU H 4753 59.87 41.20 15.71
CA GLU H 4753 60.35 41.11 14.34
C GLU H 4753 61.74 41.74 14.24
N ARG H 4754 62.64 41.03 13.56
CA ARG H 4754 64.00 41.53 13.32
C ARG H 4754 64.21 41.63 11.81
N LYS H 4755 64.76 42.75 11.37
CA LYS H 4755 64.99 43.00 9.94
C LYS H 4755 66.41 43.48 9.74
N PRO H 4756 67.34 42.62 9.32
CA PRO H 4756 68.71 43.08 9.04
C PRO H 4756 68.85 43.68 7.65
N ASP H 4757 70.03 44.20 7.33
CA ASP H 4757 70.29 44.80 6.03
C ASP H 4757 71.79 44.77 5.77
N PRO H 4758 72.34 43.57 5.54
CA PRO H 4758 73.79 43.45 5.32
C PRO H 4758 74.17 43.96 3.94
N PRO H 4759 75.37 44.52 3.78
CA PRO H 4759 75.83 44.93 2.45
C PRO H 4759 76.05 43.73 1.56
N PRO H 4760 76.00 43.90 0.24
CA PRO H 4760 76.31 42.80 -0.69
C PRO H 4760 77.79 42.53 -0.86
N GLY H 4761 78.65 43.06 0.01
CA GLY H 4761 80.07 42.88 -0.16
C GLY H 4761 80.46 41.41 -0.10
N LEU H 4762 81.53 41.07 -0.83
CA LEU H 4762 81.98 39.68 -0.86
C LEU H 4762 82.36 39.19 0.53
N LEU H 4763 82.82 40.10 1.40
CA LEU H 4763 83.11 39.71 2.78
C LEU H 4763 81.86 39.19 3.48
N THR H 4764 80.77 39.96 3.39
CA THR H 4764 79.51 39.54 4.00
C THR H 4764 78.99 38.26 3.36
N TRP H 4765 79.10 38.17 2.03
CA TRP H 4765 78.64 36.97 1.34
C TRP H 4765 79.41 35.74 1.82
N ILE H 4766 80.73 35.86 1.94
CA ILE H 4766 81.56 34.75 2.40
C ILE H 4766 81.18 34.37 3.82
N MET H 4767 80.98 35.37 4.69
CA MET H 4767 80.58 35.07 6.06
C MET H 4767 79.25 34.33 6.08
N SER H 4768 78.32 34.71 5.20
CA SER H 4768 77.00 34.08 5.15
C SER H 4768 76.99 32.91 4.16
N ILE H 4769 77.83 31.91 4.44
CA ILE H 4769 77.84 30.68 3.59
C ILE H 4769 77.75 29.46 4.51
N ASP H 4770 76.72 28.63 4.34
CA ASP H 4770 76.56 27.40 5.17
C ASP H 4770 77.42 26.30 4.55
N VAL H 4771 78.66 26.18 5.01
CA VAL H 4771 79.61 25.19 4.41
C VAL H 4771 79.02 23.78 4.53
N LYS H 4772 78.47 23.42 5.69
CA LYS H 4772 77.96 22.04 5.89
C LYS H 4772 76.84 21.76 4.88
N TYR H 4773 75.94 22.73 4.67
CA TYR H 4773 74.84 22.55 3.68
C TYR H 4773 75.45 22.41 2.30
N GLN H 4774 76.39 23.29 1.97
CA GLN H 4774 77.00 23.28 0.61
C GLN H 4774 77.71 21.94 0.39
N ILE H 4775 78.36 21.39 1.42
CA ILE H 4775 79.00 20.10 1.26
C ILE H 4775 77.96 19.02 0.99
N TRP H 4776 76.86 19.04 1.75
CA TRP H 4776 75.79 18.07 1.52
C TRP H 4776 75.21 18.22 0.12
N LYS H 4777 74.97 19.46 -0.30
CA LYS H 4777 74.41 19.72 -1.62
C LYS H 4777 75.33 19.23 -2.71
N PHE H 4778 76.63 19.47 -2.58
CA PHE H 4778 77.57 19.01 -3.59
C PHE H 4778 77.67 17.50 -3.61
N GLY H 4779 77.56 16.85 -2.46
CA GLY H 4779 77.48 15.40 -2.46
C GLY H 4779 76.29 14.89 -3.25
N VAL H 4780 75.12 15.50 -3.03
CA VAL H 4780 73.93 15.11 -3.77
C VAL H 4780 74.15 15.33 -5.27
N ILE H 4781 74.69 16.49 -5.64
CA ILE H 4781 74.88 16.83 -7.04
C ILE H 4781 75.84 15.84 -7.71
N PHE H 4782 76.97 15.58 -7.05
CA PHE H 4782 77.96 14.68 -7.61
C PHE H 4782 77.53 13.24 -7.57
N THR H 4783 76.50 12.87 -6.80
CA THR H 4783 75.90 11.55 -6.93
C THR H 4783 74.74 11.53 -7.90
N ASP H 4784 74.31 12.69 -8.42
CA ASP H 4784 73.29 12.71 -9.47
C ASP H 4784 73.87 12.20 -10.77
N ASN H 4785 73.10 11.39 -11.50
CA ASN H 4785 73.64 10.69 -12.67
C ASN H 4785 73.86 11.65 -13.84
N SER H 4786 72.88 12.51 -14.13
CA SER H 4786 73.01 13.40 -15.28
C SER H 4786 74.16 14.38 -15.10
N PHE H 4787 74.34 14.90 -13.89
CA PHE H 4787 75.48 15.78 -13.64
C PHE H 4787 76.79 15.04 -13.86
N LEU H 4788 76.87 13.79 -13.42
CA LEU H 4788 78.08 13.00 -13.65
C LEU H 4788 78.32 12.80 -15.14
N TYR H 4789 77.26 12.55 -15.91
CA TYR H 4789 77.43 12.40 -17.35
C TYR H 4789 77.97 13.68 -17.97
N LEU H 4790 77.42 14.82 -17.56
CA LEU H 4790 77.90 16.10 -18.12
C LEU H 4790 79.34 16.37 -17.70
N GLY H 4791 79.70 16.01 -16.46
CA GLY H 4791 81.08 16.18 -16.04
C GLY H 4791 82.03 15.30 -16.83
N TRP H 4792 81.64 14.06 -17.11
CA TRP H 4792 82.46 13.20 -17.95
C TRP H 4792 82.57 13.77 -19.35
N TYR H 4793 81.48 14.32 -19.87
CA TYR H 4793 81.52 14.99 -21.17
C TYR H 4793 82.56 16.10 -21.17
N MET H 4794 82.56 16.93 -20.14
CA MET H 4794 83.52 18.04 -20.06
C MET H 4794 84.94 17.50 -19.95
N VAL H 4795 85.14 16.45 -19.15
CA VAL H 4795 86.48 15.89 -18.98
C VAL H 4795 87.01 15.35 -20.31
N MET H 4796 86.16 14.64 -21.05
CA MET H 4796 86.57 14.15 -22.36
C MET H 4796 86.84 15.29 -23.32
N SER H 4797 86.04 16.36 -23.26
CA SER H 4797 86.31 17.52 -24.09
C SER H 4797 87.68 18.11 -23.78
N LEU H 4798 88.02 18.22 -22.50
CA LEU H 4798 89.34 18.72 -22.12
C LEU H 4798 90.44 17.80 -22.62
N LEU H 4799 90.25 16.49 -22.48
CA LEU H 4799 91.25 15.54 -22.99
C LEU H 4799 91.39 15.64 -24.49
N GLY H 4800 90.33 16.05 -25.19
CA GLY H 4800 90.41 16.26 -26.62
C GLY H 4800 91.46 17.26 -27.05
N HIS H 4801 91.84 18.18 -26.17
CA HIS H 4801 92.92 19.10 -26.47
C HIS H 4801 94.29 18.49 -26.24
N TYR H 4802 94.39 17.52 -25.34
CA TYR H 4802 95.62 16.74 -25.22
C TYR H 4802 95.81 15.84 -26.44
N ASN H 4803 94.73 15.21 -26.90
CA ASN H 4803 94.73 14.42 -28.12
C ASN H 4803 93.36 14.53 -28.78
N ASN H 4804 93.35 15.01 -30.02
CA ASN H 4804 92.08 15.31 -30.68
C ASN H 4804 91.19 14.08 -30.81
N PHE H 4805 91.76 12.89 -30.86
CA PHE H 4805 90.95 11.69 -31.06
C PHE H 4805 90.09 11.36 -29.84
N PHE H 4806 90.33 12.00 -28.70
CA PHE H 4806 89.43 11.84 -27.56
C PHE H 4806 88.06 12.44 -27.81
N PHE H 4807 87.92 13.30 -28.81
CA PHE H 4807 86.63 13.86 -29.17
C PHE H 4807 85.69 12.82 -29.77
N ALA H 4808 86.21 11.64 -30.15
CA ALA H 4808 85.35 10.59 -30.65
C ALA H 4808 84.43 10.04 -29.56
N ALA H 4809 84.85 10.16 -28.29
CA ALA H 4809 84.00 9.69 -27.20
C ALA H 4809 82.68 10.44 -27.15
N HIS H 4810 82.66 11.68 -27.63
CA HIS H 4810 81.42 12.47 -27.59
C HIS H 4810 80.41 12.01 -28.62
N LEU H 4811 80.83 11.24 -29.63
CA LEU H 4811 79.88 10.67 -30.57
C LEU H 4811 78.93 9.71 -29.88
N LEU H 4812 79.31 9.15 -28.73
CA LEU H 4812 78.41 8.32 -27.95
C LEU H 4812 77.25 9.11 -27.36
N ASP H 4813 77.31 10.44 -27.44
CA ASP H 4813 76.22 11.26 -26.92
C ASP H 4813 74.94 11.11 -27.73
N ILE H 4814 75.02 10.46 -28.90
CA ILE H 4814 73.82 10.28 -29.71
C ILE H 4814 72.81 9.40 -28.98
N ALA H 4815 73.31 8.42 -28.21
CA ALA H 4815 72.41 7.55 -27.45
C ALA H 4815 71.55 8.35 -26.48
N MET H 4816 72.17 9.31 -25.79
CA MET H 4816 71.42 10.13 -24.85
C MET H 4816 70.59 11.19 -25.57
N GLY H 4817 71.07 11.69 -26.69
CA GLY H 4817 70.38 12.75 -27.40
C GLY H 4817 69.15 12.28 -28.15
N VAL H 4818 69.33 11.39 -29.12
CA VAL H 4818 68.22 10.95 -29.94
C VAL H 4818 67.33 10.02 -29.13
N LYS H 4819 66.04 10.33 -29.06
CA LYS H 4819 65.11 9.52 -28.30
C LYS H 4819 64.93 8.14 -28.94
N THR H 4820 64.91 8.08 -30.27
CA THR H 4820 64.76 6.80 -30.95
C THR H 4820 65.90 5.87 -30.60
N LEU H 4821 67.13 6.39 -30.61
CA LEU H 4821 68.29 5.57 -30.25
C LEU H 4821 68.22 5.13 -28.79
N ARG H 4822 67.75 6.01 -27.91
CA ARG H 4822 67.59 5.63 -26.52
C ARG H 4822 66.61 4.48 -26.37
N THR H 4823 65.48 4.56 -27.07
CA THR H 4823 64.50 3.47 -27.00
C THR H 4823 65.07 2.19 -27.58
N ILE H 4824 65.83 2.29 -28.67
CA ILE H 4824 66.42 1.09 -29.26
C ILE H 4824 67.40 0.44 -28.28
N LEU H 4825 68.25 1.26 -27.66
CA LEU H 4825 69.22 0.72 -26.70
C LEU H 4825 68.54 0.21 -25.45
N SER H 4826 67.33 0.70 -25.15
CA SER H 4826 66.57 0.13 -24.04
C SER H 4826 66.25 -1.33 -24.28
N SER H 4827 66.16 -1.74 -25.55
CA SER H 4827 65.96 -3.17 -25.84
C SER H 4827 67.16 -3.99 -25.40
N VAL H 4828 68.38 -3.47 -25.61
CA VAL H 4828 69.56 -4.19 -25.15
C VAL H 4828 69.69 -4.14 -23.64
N THR H 4829 69.42 -2.99 -23.03
CA THR H 4829 69.64 -2.83 -21.59
C THR H 4829 68.51 -3.38 -20.74
N HIS H 4830 67.36 -3.71 -21.33
CA HIS H 4830 66.24 -4.22 -20.54
C HIS H 4830 66.60 -5.55 -19.89
N ASN H 4831 67.26 -6.44 -20.63
CA ASN H 4831 67.72 -7.71 -20.14
C ASN H 4831 69.25 -7.75 -20.05
N GLY H 4832 69.85 -6.64 -19.64
CA GLY H 4832 71.30 -6.57 -19.58
C GLY H 4832 71.89 -7.57 -18.60
N LYS H 4833 71.25 -7.74 -17.44
CA LYS H 4833 71.74 -8.72 -16.47
C LYS H 4833 71.70 -10.13 -17.04
N GLN H 4834 70.61 -10.47 -17.72
CA GLN H 4834 70.51 -11.79 -18.33
C GLN H 4834 71.54 -11.96 -19.44
N LEU H 4835 71.81 -10.91 -20.21
CA LEU H 4835 72.84 -10.99 -21.23
C LEU H 4835 74.21 -11.24 -20.62
N VAL H 4836 74.53 -10.54 -19.54
CA VAL H 4836 75.81 -10.75 -18.87
C VAL H 4836 75.90 -12.16 -18.32
N MET H 4837 74.82 -12.65 -17.72
CA MET H 4837 74.83 -14.02 -17.20
C MET H 4837 74.99 -15.03 -18.33
N THR H 4838 74.38 -14.77 -19.48
CA THR H 4838 74.53 -15.65 -20.62
C THR H 4838 75.97 -15.67 -21.11
N VAL H 4839 76.63 -14.51 -21.12
CA VAL H 4839 78.04 -14.47 -21.51
C VAL H 4839 78.88 -15.26 -20.51
N GLY H 4840 78.58 -15.15 -19.23
CA GLY H 4840 79.29 -15.95 -18.23
C GLY H 4840 79.08 -17.44 -18.43
N LEU H 4841 77.84 -17.84 -18.75
CA LEU H 4841 77.57 -19.24 -19.02
C LEU H 4841 78.33 -19.72 -20.25
N LEU H 4842 78.40 -18.88 -21.28
CA LEU H 4842 79.20 -19.22 -22.45
C LEU H 4842 80.65 -19.42 -22.07
N ALA H 4843 81.19 -18.54 -21.22
CA ALA H 4843 82.58 -18.68 -20.78
C ALA H 4843 82.78 -20.00 -20.05
N VAL H 4844 81.84 -20.37 -19.18
CA VAL H 4844 81.98 -21.62 -18.43
C VAL H 4844 81.93 -22.83 -19.36
N VAL H 4845 80.99 -22.82 -20.31
CA VAL H 4845 80.88 -23.95 -21.24
C VAL H 4845 82.14 -24.07 -22.09
N VAL H 4846 82.66 -22.93 -22.57
CA VAL H 4846 83.88 -22.97 -23.35
C VAL H 4846 85.05 -23.45 -22.51
N TYR H 4847 85.05 -23.11 -21.21
CA TYR H 4847 86.10 -23.63 -20.34
C TYR H 4847 86.02 -25.15 -20.21
N LEU H 4848 84.81 -25.68 -20.10
CA LEU H 4848 84.65 -27.13 -20.05
C LEU H 4848 85.17 -27.78 -21.33
N TYR H 4849 84.83 -27.21 -22.47
CA TYR H 4849 85.34 -27.72 -23.73
C TYR H 4849 86.87 -27.63 -23.78
N THR H 4850 87.42 -26.54 -23.23
CA THR H 4850 88.87 -26.40 -23.18
C THR H 4850 89.49 -27.49 -22.33
N VAL H 4851 88.88 -27.82 -21.20
CA VAL H 4851 89.41 -28.89 -20.35
C VAL H 4851 89.43 -30.20 -21.13
N VAL H 4852 88.32 -30.52 -21.81
CA VAL H 4852 88.26 -31.76 -22.56
C VAL H 4852 89.33 -31.78 -23.65
N ALA H 4853 89.47 -30.68 -24.40
CA ALA H 4853 90.46 -30.64 -25.46
C ALA H 4853 91.87 -30.77 -24.92
N PHE H 4854 92.18 -30.07 -23.83
CA PHE H 4854 93.49 -30.14 -23.22
C PHE H 4854 93.82 -31.54 -22.72
N ASN H 4855 92.81 -32.28 -22.26
CA ASN H 4855 93.07 -33.62 -21.75
C ASN H 4855 93.10 -34.70 -22.83
N PHE H 4856 92.44 -34.48 -23.97
CA PHE H 4856 92.30 -35.55 -24.95
C PHE H 4856 92.65 -35.19 -26.39
N PHE H 4857 92.59 -33.92 -26.79
CA PHE H 4857 92.70 -33.56 -28.20
C PHE H 4857 93.82 -32.55 -28.45
N ARG H 4858 94.93 -32.66 -27.71
CA ARG H 4858 96.01 -31.68 -27.86
C ARG H 4858 96.65 -31.77 -29.24
N LYS H 4859 96.72 -32.99 -29.81
CA LYS H 4859 97.44 -33.18 -31.06
C LYS H 4859 96.84 -32.36 -32.20
N PHE H 4860 95.56 -32.03 -32.11
CA PHE H 4860 94.84 -31.37 -33.19
C PHE H 4860 94.97 -29.85 -33.17
N TYR H 4861 95.69 -29.30 -32.19
CA TYR H 4861 95.75 -27.85 -31.99
C TYR H 4861 97.08 -27.26 -32.43
N ASN H 4862 97.67 -27.80 -33.48
CA ASN H 4862 98.90 -27.24 -34.06
C ASN H 4862 98.51 -26.27 -35.17
N LYS H 4863 98.70 -24.98 -34.92
CA LYS H 4863 98.31 -23.93 -35.86
C LYS H 4863 99.49 -23.36 -36.63
N SER H 4864 100.48 -24.19 -36.93
CA SER H 4864 101.65 -23.76 -37.70
C SER H 4864 101.82 -24.66 -38.91
N GLU H 4865 102.11 -24.05 -40.05
CA GLU H 4865 102.36 -24.79 -41.28
C GLU H 4865 103.84 -25.17 -41.45
N ASP H 4866 104.71 -24.70 -40.57
CA ASP H 4866 106.12 -25.05 -40.62
C ASP H 4866 106.37 -26.22 -39.69
N GLU H 4867 106.83 -27.34 -40.24
CA GLU H 4867 107.03 -28.54 -39.43
C GLU H 4867 108.16 -28.35 -38.43
N ASP H 4868 109.12 -27.49 -38.75
CA ASP H 4868 110.24 -27.28 -37.83
C ASP H 4868 109.79 -26.57 -36.56
N GLU H 4869 108.84 -25.64 -36.68
CA GLU H 4869 108.41 -24.79 -35.56
C GLU H 4869 106.91 -25.00 -35.34
N PRO H 4870 106.52 -26.05 -34.62
CA PRO H 4870 105.09 -26.22 -34.31
C PRO H 4870 104.60 -25.13 -33.38
N ASP H 4871 103.32 -24.78 -33.53
CA ASP H 4871 102.67 -23.77 -32.69
C ASP H 4871 101.44 -24.41 -32.05
N MET H 4872 101.64 -25.03 -30.90
CA MET H 4872 100.55 -25.73 -30.23
C MET H 4872 99.74 -24.76 -29.39
N LYS H 4873 98.43 -24.72 -29.62
CA LYS H 4873 97.54 -23.82 -28.91
C LYS H 4873 96.88 -24.47 -27.70
N CYS H 4874 97.17 -25.75 -27.44
CA CYS H 4874 96.56 -26.44 -26.30
C CYS H 4874 97.59 -27.23 -25.52
N ASP H 4875 98.83 -26.76 -25.47
CA ASP H 4875 99.84 -27.35 -24.62
C ASP H 4875 99.84 -26.77 -23.21
N ASP H 4876 99.05 -25.72 -22.97
CA ASP H 4876 98.83 -25.19 -21.65
C ASP H 4876 97.39 -24.71 -21.56
N MET H 4877 96.79 -24.83 -20.36
CA MET H 4877 95.36 -24.59 -20.23
C MET H 4877 95.02 -23.13 -20.53
N MET H 4878 95.85 -22.19 -20.10
CA MET H 4878 95.56 -20.78 -20.36
C MET H 4878 95.53 -20.50 -21.86
N THR H 4879 96.53 -20.98 -22.59
CA THR H 4879 96.56 -20.78 -24.03
C THR H 4879 95.39 -21.48 -24.71
N CYS H 4880 95.06 -22.69 -24.27
CA CYS H 4880 93.94 -23.41 -24.90
C CYS H 4880 92.62 -22.67 -24.65
N TYR H 4881 92.42 -22.16 -23.43
CA TYR H 4881 91.19 -21.44 -23.14
C TYR H 4881 91.10 -20.15 -23.95
N LEU H 4882 92.22 -19.42 -24.06
CA LEU H 4882 92.23 -18.23 -24.89
C LEU H 4882 91.90 -18.59 -26.33
N PHE H 4883 92.53 -19.64 -26.86
CA PHE H 4883 92.27 -20.06 -28.23
C PHE H 4883 90.81 -20.38 -28.43
N HIS H 4884 90.22 -21.16 -27.53
CA HIS H 4884 88.81 -21.49 -27.66
C HIS H 4884 87.96 -20.24 -27.64
N MET H 4885 88.01 -19.47 -26.54
CA MET H 4885 87.13 -18.32 -26.40
C MET H 4885 87.32 -17.30 -27.52
N TYR H 4886 88.51 -17.24 -28.13
CA TYR H 4886 88.80 -16.22 -29.13
C TYR H 4886 88.45 -16.68 -30.54
N VAL H 4887 88.81 -17.90 -30.90
CA VAL H 4887 88.64 -18.37 -32.27
C VAL H 4887 87.39 -19.22 -32.42
N GLY H 4888 87.15 -20.18 -31.53
CA GLY H 4888 86.04 -21.09 -31.72
C GLY H 4888 84.69 -20.40 -31.62
N VAL H 4889 84.56 -19.45 -30.69
CA VAL H 4889 83.29 -18.75 -30.53
C VAL H 4889 82.99 -17.89 -31.75
N ARG H 4890 84.01 -17.26 -32.34
CA ARG H 4890 83.82 -16.44 -33.51
C ARG H 4890 83.76 -17.23 -34.81
N ALA H 4891 84.17 -18.49 -34.79
CA ALA H 4891 84.11 -19.31 -35.99
C ALA H 4891 82.67 -19.62 -36.35
N GLY H 4892 82.38 -19.66 -37.65
CA GLY H 4892 81.03 -19.94 -38.10
C GLY H 4892 80.55 -21.32 -37.69
N GLY H 4893 81.40 -22.32 -37.81
CA GLY H 4893 81.08 -23.68 -37.42
C GLY H 4893 81.69 -24.16 -36.13
N GLY H 4894 82.23 -23.28 -35.30
CA GLY H 4894 82.81 -23.69 -34.04
C GLY H 4894 84.29 -23.98 -34.14
N ILE H 4895 84.80 -24.66 -33.11
CA ILE H 4895 86.23 -24.92 -33.01
C ILE H 4895 86.69 -25.85 -34.12
N GLY H 4896 85.82 -26.79 -34.51
CA GLY H 4896 86.18 -27.72 -35.57
C GLY H 4896 86.59 -27.04 -36.85
N ASP H 4897 86.04 -25.86 -37.11
CA ASP H 4897 86.47 -25.08 -38.27
C ASP H 4897 87.93 -24.70 -38.19
N GLU H 4898 88.49 -24.60 -36.99
CA GLU H 4898 89.81 -24.02 -36.79
C GLU H 4898 90.85 -25.01 -36.32
N ILE H 4899 90.46 -26.21 -35.91
CA ILE H 4899 91.42 -27.22 -35.48
C ILE H 4899 91.55 -28.28 -36.58
N GLU H 4900 92.54 -29.16 -36.41
CA GLU H 4900 92.92 -30.10 -37.45
C GLU H 4900 91.79 -31.08 -37.75
N ASP H 4901 91.70 -31.48 -39.02
CA ASP H 4901 90.68 -32.43 -39.44
C ASP H 4901 90.94 -33.80 -38.79
N PRO H 4902 89.94 -34.43 -38.19
CA PRO H 4902 90.18 -35.69 -37.47
C PRO H 4902 89.98 -36.96 -38.26
N ALA H 4903 89.68 -36.89 -39.55
CA ALA H 4903 89.42 -38.10 -40.32
C ALA H 4903 90.60 -39.05 -40.24
N GLY H 4904 90.31 -40.32 -39.96
CA GLY H 4904 91.33 -41.35 -39.88
C GLY H 4904 91.95 -41.53 -38.51
N ASP H 4905 91.61 -40.69 -37.54
CA ASP H 4905 92.18 -40.80 -36.21
C ASP H 4905 91.39 -41.80 -35.37
N GLU H 4906 92.06 -42.34 -34.35
CA GLU H 4906 91.39 -43.28 -33.45
C GLU H 4906 90.28 -42.60 -32.66
N TYR H 4907 90.42 -41.31 -32.37
CA TYR H 4907 89.41 -40.53 -31.66
C TYR H 4907 88.51 -39.77 -32.62
N GLU H 4908 88.31 -40.28 -33.83
CA GLU H 4908 87.55 -39.54 -34.83
C GLU H 4908 86.12 -39.27 -34.36
N LEU H 4909 85.44 -40.30 -33.84
CA LEU H 4909 84.05 -40.12 -33.44
C LEU H 4909 83.94 -39.23 -32.19
N TYR H 4910 84.81 -39.45 -31.22
CA TYR H 4910 84.82 -38.57 -30.05
C TYR H 4910 85.02 -37.12 -30.47
N ARG H 4911 85.91 -36.89 -31.42
CA ARG H 4911 86.24 -35.52 -31.80
C ARG H 4911 85.15 -34.89 -32.66
N VAL H 4912 84.48 -35.67 -33.51
CA VAL H 4912 83.36 -35.11 -34.26
C VAL H 4912 82.21 -34.80 -33.32
N VAL H 4913 81.98 -35.64 -32.30
CA VAL H 4913 80.98 -35.31 -31.30
C VAL H 4913 81.36 -34.03 -30.57
N PHE H 4914 82.64 -33.91 -30.21
CA PHE H 4914 83.15 -32.69 -29.59
C PHE H 4914 82.80 -31.47 -30.44
N ASP H 4915 83.16 -31.51 -31.72
CA ASP H 4915 82.93 -30.35 -32.59
C ASP H 4915 81.44 -30.07 -32.76
N ILE H 4916 80.63 -31.09 -32.97
CA ILE H 4916 79.20 -30.88 -33.23
C ILE H 4916 78.51 -30.33 -31.99
N THR H 4917 78.84 -30.86 -30.81
CA THR H 4917 78.24 -30.35 -29.59
C THR H 4917 78.69 -28.92 -29.33
N PHE H 4918 79.97 -28.61 -29.58
CA PHE H 4918 80.41 -27.22 -29.47
C PHE H 4918 79.58 -26.32 -30.38
N PHE H 4919 79.41 -26.74 -31.63
CA PHE H 4919 78.66 -25.92 -32.59
C PHE H 4919 77.23 -25.71 -32.12
N PHE H 4920 76.58 -26.76 -31.63
CA PHE H 4920 75.17 -26.65 -31.30
C PHE H 4920 74.94 -25.90 -29.99
N PHE H 4921 75.81 -26.06 -29.01
CA PHE H 4921 75.62 -25.40 -27.73
C PHE H 4921 76.10 -23.96 -27.76
N VAL H 4922 77.33 -23.74 -28.23
CA VAL H 4922 77.94 -22.41 -28.17
C VAL H 4922 77.46 -21.53 -29.32
N ILE H 4923 77.49 -22.04 -30.55
CA ILE H 4923 77.19 -21.19 -31.69
C ILE H 4923 75.69 -21.06 -31.90
N VAL H 4924 74.94 -22.16 -31.78
CA VAL H 4924 73.54 -22.15 -32.16
C VAL H 4924 72.65 -21.72 -31.00
N ILE H 4925 72.84 -22.29 -29.82
CA ILE H 4925 71.89 -22.10 -28.73
C ILE H 4925 72.18 -20.80 -27.96
N LEU H 4926 73.41 -20.67 -27.46
CA LEU H 4926 73.72 -19.53 -26.59
C LEU H 4926 73.57 -18.21 -27.33
N LEU H 4927 74.09 -18.13 -28.56
CA LEU H 4927 73.88 -16.93 -29.35
C LEU H 4927 72.40 -16.72 -29.64
N ALA H 4928 71.67 -17.80 -29.88
CA ALA H 4928 70.22 -17.71 -30.01
C ALA H 4928 69.60 -17.19 -28.72
N ILE H 4929 70.15 -17.57 -27.57
CA ILE H 4929 69.64 -17.05 -26.30
C ILE H 4929 69.81 -15.54 -26.24
N ILE H 4930 70.98 -15.05 -26.66
CA ILE H 4930 71.21 -13.60 -26.64
C ILE H 4930 70.24 -12.89 -27.56
N GLN H 4931 70.08 -13.39 -28.79
CA GLN H 4931 69.18 -12.75 -29.74
C GLN H 4931 67.75 -12.78 -29.24
N GLY H 4932 67.33 -13.89 -28.65
CA GLY H 4932 66.00 -13.98 -28.10
C GLY H 4932 65.78 -13.05 -26.93
N LEU H 4933 66.82 -12.84 -26.12
CA LEU H 4933 66.71 -11.86 -25.04
C LEU H 4933 66.44 -10.48 -25.61
N ILE H 4934 67.16 -10.10 -26.67
CA ILE H 4934 66.94 -8.79 -27.28
C ILE H 4934 65.53 -8.69 -27.84
N ILE H 4935 65.08 -9.74 -28.55
CA ILE H 4935 63.75 -9.71 -29.15
C ILE H 4935 62.67 -9.60 -28.07
N ASP H 4936 62.82 -10.37 -26.99
CA ASP H 4936 61.86 -10.33 -25.90
C ASP H 4936 61.85 -8.96 -25.24
N ALA H 4937 63.01 -8.31 -25.16
CA ALA H 4937 63.04 -6.94 -24.64
C ALA H 4937 62.22 -6.01 -25.51
N PHE H 4938 62.39 -6.11 -26.84
CA PHE H 4938 61.56 -5.33 -27.75
C PHE H 4938 60.07 -5.55 -27.45
N GLY H 4939 59.67 -6.83 -27.40
CA GLY H 4939 58.27 -7.14 -27.18
C GLY H 4939 57.75 -6.61 -25.86
N GLU H 4940 58.55 -6.75 -24.80
CA GLU H 4940 58.13 -6.30 -23.48
C GLU H 4940 57.95 -4.79 -23.44
N LEU H 4941 58.87 -4.05 -24.04
CA LEU H 4941 58.73 -2.59 -24.06
C LEU H 4941 57.48 -2.18 -24.84
N ARG H 4942 57.23 -2.81 -25.99
CA ARG H 4942 56.02 -2.48 -26.73
C ARG H 4942 54.78 -2.80 -25.89
N ASP H 4943 54.80 -3.93 -25.18
CA ASP H 4943 53.67 -4.29 -24.34
C ASP H 4943 53.45 -3.27 -23.24
N GLN H 4944 54.52 -2.77 -22.64
CA GLN H 4944 54.38 -1.75 -21.60
C GLN H 4944 53.71 -0.49 -22.15
N GLN H 4945 54.18 -0.02 -23.32
CA GLN H 4945 53.58 1.16 -23.90
C GLN H 4945 52.09 0.94 -24.21
N GLU H 4946 51.77 -0.21 -24.80
CA GLU H 4946 50.38 -0.50 -25.14
C GLU H 4946 49.52 -0.59 -23.88
N GLN H 4947 50.06 -1.20 -22.82
CA GLN H 4947 49.31 -1.31 -21.57
C GLN H 4947 49.02 0.07 -20.98
N VAL H 4948 50.01 0.96 -21.01
CA VAL H 4948 49.77 2.31 -20.49
C VAL H 4948 48.68 3.00 -21.30
N LYS H 4949 48.76 2.90 -22.63
CA LYS H 4949 47.75 3.53 -23.46
C LYS H 4949 46.36 2.97 -23.17
N GLU H 4950 46.25 1.65 -23.08
CA GLU H 4950 44.95 1.02 -22.83
C GLU H 4950 44.39 1.44 -21.48
N ASP H 4951 45.25 1.44 -20.46
CA ASP H 4951 44.79 1.82 -19.12
C ASP H 4951 44.28 3.26 -19.12
N MET H 4952 45.00 4.16 -19.78
CA MET H 4952 44.55 5.54 -19.82
C MET H 4952 43.25 5.70 -20.59
N GLU H 4953 43.08 4.93 -21.67
CA GLU H 4953 41.91 5.07 -22.53
C GLU H 4953 40.69 4.30 -22.03
N THR H 4954 40.84 3.41 -21.06
CA THR H 4954 39.72 2.58 -20.60
C THR H 4954 39.31 2.81 -19.16
N LYS H 4955 40.05 3.62 -18.40
CA LYS H 4955 39.76 3.80 -16.98
C LYS H 4955 40.16 5.19 -16.55
N CYS H 4956 39.39 5.77 -15.63
CA CYS H 4956 39.68 7.10 -15.13
C CYS H 4956 40.90 7.06 -14.22
N PHE H 4957 41.81 8.02 -14.42
CA PHE H 4957 43.04 8.04 -13.64
C PHE H 4957 42.78 8.32 -12.17
N ILE H 4958 41.73 9.09 -11.85
CA ILE H 4958 41.48 9.53 -10.50
C ILE H 4958 40.65 8.50 -9.75
N CYS H 4959 39.42 8.26 -10.20
CA CYS H 4959 38.50 7.40 -9.46
C CYS H 4959 38.63 5.93 -9.82
N GLY H 4960 39.26 5.61 -10.95
CA GLY H 4960 39.46 4.23 -11.32
C GLY H 4960 38.25 3.55 -11.93
N ILE H 4961 37.13 4.24 -12.08
CA ILE H 4961 35.97 3.64 -12.72
C ILE H 4961 36.24 3.49 -14.21
N GLY H 4962 35.81 2.37 -14.78
CA GLY H 4962 36.08 2.09 -16.17
C GLY H 4962 35.23 2.92 -17.12
N SER H 4963 35.69 3.01 -18.36
CA SER H 4963 34.95 3.77 -19.36
C SER H 4963 33.56 3.20 -19.57
N ASP H 4964 33.44 1.87 -19.65
CA ASP H 4964 32.17 1.22 -19.90
C ASP H 4964 31.02 1.85 -19.12
N TYR H 4965 31.26 2.18 -17.84
CA TYR H 4965 30.20 2.77 -17.04
C TYR H 4965 29.84 4.16 -17.55
N PHE H 4966 30.83 5.02 -17.76
CA PHE H 4966 30.55 6.39 -18.16
C PHE H 4966 29.91 6.45 -19.55
N ASP H 4967 30.35 5.57 -20.45
CA ASP H 4967 29.87 5.58 -21.82
C ASP H 4967 28.39 5.21 -21.93
N THR H 4968 27.73 4.89 -20.83
CA THR H 4968 26.28 4.73 -20.87
C THR H 4968 25.60 6.02 -21.33
N THR H 4969 26.27 7.14 -21.14
CA THR H 4969 25.89 8.44 -21.67
C THR H 4969 26.74 8.76 -22.89
N PRO H 4970 26.21 9.45 -23.91
CA PRO H 4970 27.03 9.75 -25.08
C PRO H 4970 28.31 10.51 -24.74
N HIS H 4971 29.45 9.96 -25.14
CA HIS H 4971 30.75 10.58 -24.85
C HIS H 4971 30.94 10.75 -23.35
N GLY H 4972 30.38 9.82 -22.58
CA GLY H 4972 30.40 9.94 -21.13
C GLY H 4972 31.81 9.93 -20.56
N PHE H 4973 32.63 8.99 -21.03
CA PHE H 4973 34.00 8.91 -20.53
C PHE H 4973 34.78 10.17 -20.88
N GLU H 4974 34.62 10.67 -22.10
CA GLU H 4974 35.32 11.87 -22.51
C GLU H 4974 34.92 13.05 -21.63
N THR H 4975 33.62 13.22 -21.41
CA THR H 4975 33.17 14.31 -20.54
C THR H 4975 33.68 14.14 -19.12
N HIS H 4976 33.66 12.91 -18.61
CA HIS H 4976 34.12 12.66 -17.25
C HIS H 4976 35.59 13.00 -17.09
N THR H 4977 36.42 12.60 -18.05
CA THR H 4977 37.86 12.81 -17.93
C THR H 4977 38.30 14.21 -18.35
N LEU H 4978 37.44 14.98 -19.01
CA LEU H 4978 37.80 16.35 -19.37
C LEU H 4978 37.15 17.41 -18.50
N GLU H 4979 36.07 17.10 -17.79
CA GLU H 4979 35.34 18.10 -17.04
C GLU H 4979 35.15 17.71 -15.58
N GLU H 4980 34.96 16.42 -15.31
CA GLU H 4980 34.59 16.00 -13.97
C GLU H 4980 35.81 15.61 -13.13
N HIS H 4981 36.69 14.77 -13.66
CA HIS H 4981 37.81 14.23 -12.92
C HIS H 4981 39.13 14.51 -13.64
N ASN H 4982 39.22 15.66 -14.29
CA ASN H 4982 40.46 16.04 -14.96
C ASN H 4982 41.57 16.24 -13.93
N LEU H 4983 42.70 15.57 -14.13
CA LEU H 4983 43.80 15.67 -13.17
C LEU H 4983 44.50 17.03 -13.24
N ALA H 4984 44.54 17.62 -14.44
CA ALA H 4984 45.03 18.99 -14.54
C ALA H 4984 44.21 19.92 -13.64
N ASN H 4985 42.91 19.65 -13.51
CA ASN H 4985 42.08 20.47 -12.64
C ASN H 4985 42.43 20.27 -11.17
N TYR H 4986 42.83 19.07 -10.77
CA TYR H 4986 43.28 18.88 -9.39
C TYR H 4986 44.59 19.61 -9.14
N MET H 4987 45.50 19.57 -10.11
CA MET H 4987 46.71 20.39 -9.99
C MET H 4987 46.37 21.87 -9.84
N PHE H 4988 45.47 22.36 -10.69
CA PHE H 4988 45.08 23.76 -10.65
C PHE H 4988 44.42 24.10 -9.32
N PHE H 4989 43.63 23.18 -8.78
CA PHE H 4989 43.00 23.41 -7.49
C PHE H 4989 44.03 23.50 -6.38
N LEU H 4990 45.07 22.67 -6.43
CA LEU H 4990 46.13 22.78 -5.44
C LEU H 4990 46.80 24.15 -5.52
N MET H 4991 47.12 24.59 -6.73
CA MET H 4991 47.75 25.90 -6.87
C MET H 4991 46.81 27.01 -6.39
N TYR H 4992 45.53 26.90 -6.71
CA TYR H 4992 44.55 27.90 -6.30
C TYR H 4992 44.42 27.96 -4.78
N LEU H 4993 44.40 26.80 -4.13
CA LEU H 4993 44.35 26.78 -2.67
C LEU H 4993 45.61 27.39 -2.07
N ILE H 4994 46.77 27.11 -2.65
CA ILE H 4994 48.00 27.69 -2.14
C ILE H 4994 47.96 29.21 -2.25
N ASN H 4995 47.48 29.72 -3.40
CA ASN H 4995 47.50 31.16 -3.61
C ASN H 4995 46.41 31.90 -2.83
N LYS H 4996 45.28 31.25 -2.57
CA LYS H 4996 44.17 31.92 -1.93
C LYS H 4996 44.43 32.10 -0.43
N ASP H 4997 43.98 33.23 0.11
CA ASP H 4997 44.12 33.49 1.54
C ASP H 4997 43.29 32.50 2.34
N GLU H 4998 43.84 32.04 3.46
CA GLU H 4998 43.15 31.04 4.27
C GLU H 4998 41.84 31.57 4.82
N THR H 4999 41.80 32.83 5.23
CA THR H 4999 40.57 33.40 5.75
C THR H 4999 39.49 33.55 4.68
N GLU H 5000 39.84 33.43 3.40
CA GLU H 5000 38.87 33.47 2.32
C GLU H 5000 38.47 32.09 1.82
N HIS H 5001 39.06 31.03 2.37
CA HIS H 5001 38.70 29.69 1.95
C HIS H 5001 37.25 29.40 2.26
N THR H 5002 36.55 28.79 1.30
CA THR H 5002 35.21 28.29 1.54
C THR H 5002 35.28 27.04 2.43
N GLY H 5003 34.12 26.47 2.72
CA GLY H 5003 34.10 25.27 3.54
C GLY H 5003 34.83 24.11 2.90
N GLN H 5004 34.53 23.83 1.64
CA GLN H 5004 35.20 22.73 0.95
C GLN H 5004 36.66 23.04 0.69
N GLU H 5005 36.99 24.30 0.37
CA GLU H 5005 38.38 24.66 0.17
C GLU H 5005 39.18 24.46 1.45
N SER H 5006 38.63 24.88 2.59
CA SER H 5006 39.30 24.67 3.87
C SER H 5006 39.44 23.18 4.19
N TYR H 5007 38.40 22.40 3.90
CA TYR H 5007 38.46 20.97 4.15
C TYR H 5007 39.59 20.32 3.36
N VAL H 5008 39.66 20.62 2.06
CA VAL H 5008 40.70 20.04 1.21
C VAL H 5008 42.07 20.57 1.60
N TRP H 5009 42.15 21.84 2.00
CA TRP H 5009 43.42 22.41 2.42
C TRP H 5009 43.94 21.70 3.67
N LYS H 5010 43.05 21.44 4.63
CA LYS H 5010 43.46 20.74 5.84
C LYS H 5010 43.91 19.33 5.51
N MET H 5011 43.20 18.64 4.61
CA MET H 5011 43.68 17.33 4.19
C MET H 5011 45.04 17.40 3.50
N TYR H 5012 45.27 18.42 2.66
CA TYR H 5012 46.58 18.56 2.03
C TYR H 5012 47.67 18.76 3.08
N GLN H 5013 47.40 19.61 4.08
CA GLN H 5013 48.40 19.86 5.11
C GLN H 5013 48.67 18.63 5.97
N GLU H 5014 47.64 17.82 6.22
CA GLU H 5014 47.81 16.60 7.00
C GLU H 5014 48.24 15.41 6.15
N ARG H 5015 48.37 15.58 4.84
CA ARG H 5015 48.79 14.50 3.94
C ARG H 5015 47.78 13.35 3.95
N CYS H 5016 46.50 13.70 4.00
CA CYS H 5016 45.42 12.73 3.87
C CYS H 5016 44.81 12.86 2.49
N TRP H 5017 44.78 11.76 1.74
CA TRP H 5017 44.32 11.76 0.36
C TRP H 5017 42.93 11.17 0.22
N ASP H 5018 42.14 11.20 1.30
CA ASP H 5018 40.79 10.66 1.25
C ASP H 5018 39.82 11.53 0.47
N PHE H 5019 40.13 12.82 0.27
CA PHE H 5019 39.22 13.68 -0.48
C PHE H 5019 39.20 13.33 -1.96
N PHE H 5020 40.21 12.65 -2.46
CA PHE H 5020 40.21 12.23 -3.85
C PHE H 5020 39.12 11.18 -4.05
N PRO H 5021 38.22 11.34 -5.01
CA PRO H 5021 37.20 10.31 -5.25
C PRO H 5021 37.86 9.00 -5.68
N ALA H 5022 37.44 7.91 -5.06
CA ALA H 5022 37.99 6.58 -5.32
C ALA H 5022 36.83 5.61 -5.49
N GLY H 5023 36.65 5.13 -6.72
CA GLY H 5023 35.54 4.24 -7.00
C GLY H 5023 34.18 4.90 -6.87
N ASP H 5024 34.13 6.22 -6.94
CA ASP H 5024 32.88 6.94 -6.80
C ASP H 5024 32.96 8.22 -7.63
N CYS H 5025 31.79 8.77 -7.95
CA CYS H 5025 31.72 9.97 -8.77
C CYS H 5025 30.38 10.64 -8.54
N PHE H 5026 30.24 11.84 -9.08
CA PHE H 5026 28.99 12.58 -8.98
C PHE H 5026 27.85 11.81 -9.65
N ARG H 5027 28.11 11.23 -10.83
CA ARG H 5027 27.08 10.48 -11.54
C ARG H 5027 26.63 9.27 -10.73
N LYS H 5028 27.57 8.52 -10.16
CA LYS H 5028 27.19 7.38 -9.33
C LYS H 5028 26.43 7.83 -8.08
N GLN H 5029 26.86 8.95 -7.49
CA GLN H 5029 26.21 9.44 -6.28
C GLN H 5029 24.76 9.81 -6.55
N TYR H 5030 24.50 10.47 -7.68
CA TYR H 5030 23.17 10.96 -8.01
C TYR H 5030 22.62 10.28 -9.26
N GLU H 5031 22.83 8.96 -9.36
CA GLU H 5031 22.38 8.22 -10.54
C GLU H 5031 20.88 8.36 -10.77
N ASP H 5032 20.08 8.08 -9.73
CA ASP H 5032 18.64 8.12 -9.91
C ASP H 5032 18.15 9.53 -10.20
N GLN H 5033 18.62 10.51 -9.43
CA GLN H 5033 18.18 11.89 -9.65
C GLN H 5033 18.62 12.40 -11.02
N LEU H 5034 19.87 12.13 -11.41
CA LEU H 5034 20.37 12.64 -12.68
C LEU H 5034 19.74 11.94 -13.88
N SER H 5035 19.12 10.78 -13.68
CA SER H 5035 18.49 10.05 -14.76
C SER H 5035 17.13 10.64 -15.09
ZN ZN I . 24.53 -0.87 -31.66
N1 CFF J . 25.14 15.42 -47.76
C2 CFF J . 24.20 16.32 -48.16
C10 CFF J . 25.46 15.26 -46.36
C6 CFF J . 25.76 14.67 -48.66
N3 CFF J . 23.91 16.45 -49.47
O11 CFF J . 23.64 16.97 -47.34
C12 CFF J . 22.91 17.40 -49.92
C4 CFF J . 24.53 15.70 -50.38
C5 CFF J . 25.46 14.81 -50.00
N9 CFF J . 24.44 15.63 -51.71
O13 CFF J . 26.58 13.89 -48.33
N7 CFF J . 25.93 14.20 -51.09
C8 CFF J . 25.30 14.71 -52.15
C14 CFF J . 26.88 13.19 -51.48
PG ATP K . 32.30 -8.54 -46.21
O1G ATP K . 33.05 -8.89 -44.97
O2G ATP K . 32.94 -7.42 -47.03
O3G ATP K . 32.03 -9.73 -47.12
PB ATP K . 29.47 -8.48 -45.23
O1B ATP K . 28.34 -7.60 -45.60
O2B ATP K . 29.31 -9.95 -45.62
O3B ATP K . 30.85 -7.98 -45.84
PA ATP K . 31.03 -8.61 -42.72
O1A ATP K . 32.00 -7.50 -42.89
O2A ATP K . 31.60 -10.00 -42.99
O3A ATP K . 29.76 -8.44 -43.67
O5' ATP K . 30.38 -8.61 -41.28
C5' ATP K . 30.42 -7.44 -40.44
C4' ATP K . 31.12 -7.80 -39.16
O4' ATP K . 31.08 -6.62 -38.32
C3' ATP K . 30.34 -8.85 -38.38
O3' ATP K . 31.25 -9.44 -37.48
C2' ATP K . 29.40 -7.99 -37.52
O2' ATP K . 29.18 -8.72 -36.32
C1' ATP K . 30.38 -6.90 -37.13
N9 ATP K . 29.68 -5.67 -36.75
C8 ATP K . 29.73 -5.05 -35.53
N7 ATP K . 29.00 -3.96 -35.45
C5 ATP K . 28.42 -3.87 -36.71
C6 ATP K . 27.54 -2.94 -37.28
N6 ATP K . 27.05 -1.87 -36.62
N1 ATP K . 27.16 -3.14 -38.56
C2 ATP K . 27.63 -4.20 -39.21
N3 ATP K . 28.47 -5.15 -38.78
C4 ATP K . 28.82 -4.92 -37.52
CA CA L . 5.17 16.83 -46.55
PG ATP M . -23.77 149.95 -58.40
O1G ATP M . -24.69 148.78 -58.48
O2G ATP M . -24.05 151.02 -59.45
O3G ATP M . -22.28 149.57 -58.46
PB ATP M . -23.99 152.19 -56.41
O1B ATP M . -25.12 152.36 -55.48
O2B ATP M . -23.96 153.15 -57.59
O3B ATP M . -23.93 150.71 -57.00
PA ATP M . -21.90 151.67 -54.39
O1A ATP M . -20.44 151.92 -54.38
O2A ATP M . -22.65 152.17 -53.17
O3A ATP M . -22.59 152.30 -55.67
O5' ATP M . -22.19 150.13 -54.57
C5' ATP M . -23.36 149.51 -53.98
C4' ATP M . -23.08 149.23 -52.52
O4' ATP M . -23.84 148.05 -52.18
C3' ATP M . -21.63 148.77 -52.34
O3' ATP M . -20.92 149.92 -51.86
C2' ATP M . -21.75 147.82 -51.16
O2' ATP M . -22.15 148.62 -50.05
C1' ATP M . -23.01 147.07 -51.56
N9 ATP M . -22.73 146.07 -52.57
C8 ATP M . -23.26 145.99 -53.83
N7 ATP M . -22.82 144.97 -54.54
C5 ATP M . -21.94 144.33 -53.67
C6 ATP M . -21.14 143.18 -53.81
N6 ATP M . -21.09 142.43 -54.93
N1 ATP M . -20.38 142.82 -52.75
C2 ATP M . -20.42 143.55 -51.65
N3 ATP M . -21.13 144.66 -51.41
C4 ATP M . -21.88 144.99 -52.47
C1 PCW N . 100.89 2.96 -25.14
C2 PCW N . 99.52 2.63 -24.52
C3 PCW N . 99.48 1.14 -24.17
C4 PCW N . 100.45 6.62 -27.59
C5 PCW N . 100.59 7.55 -28.85
C6 PCW N . 98.39 6.65 -29.66
C7 PCW N . 99.55 8.32 -30.91
C8 PCW N . 100.43 6.09 -30.80
C11 PCW N . 97.55 0.36 -25.37
C12 PCW N . 96.90 -0.41 -26.53
C13 PCW N . 95.50 0.15 -26.85
C14 PCW N . 94.48 -0.47 -25.85
C15 PCW N . 93.05 0.08 -26.15
C16 PCW N . 92.01 -0.98 -25.68
C17 PCW N . 91.80 -2.04 -26.80
C18 PCW N . 90.56 -2.94 -26.54
C19 PCW N . 89.26 -2.08 -26.41
C20 PCW N . 88.25 -2.03 -27.30
C21 PCW N . 86.87 -1.51 -27.83
C22 PCW N . 86.98 0.04 -28.03
C23 PCW N . 86.28 0.48 -29.36
C24 PCW N . 85.04 1.36 -29.06
C25 PCW N . 84.04 0.61 -28.13
C26 PCW N . 82.59 0.86 -28.64
C27 PCW N . 81.59 0.62 -27.47
C28 PCW N . 80.18 0.34 -28.03
C31 PCW N . 98.50 4.52 -23.50
C32 PCW N . 97.30 4.75 -22.50
C33 PCW N . 95.99 4.27 -23.19
C34 PCW N . 95.36 5.44 -24.02
C35 PCW N . 94.15 6.07 -23.23
C36 PCW N . 92.85 5.19 -23.36
C37 PCW N . 92.35 5.08 -24.84
C38 PCW N . 91.99 3.59 -25.20
C39 PCW N . 90.47 3.37 -24.92
C40 PCW N . 89.83 2.30 -25.41
C41 PCW N . 88.31 2.13 -25.11
C42 PCW N . 88.10 2.15 -23.57
C43 PCW N . 86.89 1.27 -23.18
C44 PCW N . 87.29 -0.24 -23.12
C45 PCW N . 85.99 -1.08 -22.99
C46 PCW N . 85.86 -2.15 -24.10
C47 PCW N . 84.52 -1.99 -24.87
C48 PCW N . 83.32 -1.99 -23.89
N PCW N . 99.73 7.14 -30.06
O2 PCW N . 99.33 3.37 -23.35
O3 PCW N . 98.96 0.38 -25.26
O11 PCW N . 96.86 0.94 -24.58
O31 PCW N . 98.70 5.30 -24.36
O1P PCW N . 103.15 3.90 -26.69
O2P PCW N . 102.89 6.15 -25.70
O3P PCW N . 101.05 4.36 -25.23
O4P PCW N . 101.36 5.50 -27.71
P PCW N . 102.16 4.97 -26.32
C1 PCW O . 72.83 3.36 -70.96
C2 PCW O . 73.18 3.67 -69.49
C3 PCW O . 73.06 5.17 -69.22
C4 PCW O . 72.46 2.44 -75.37
C5 PCW O . 71.85 3.74 -76.04
C6 PCW O . 73.20 3.30 -78.08
C7 PCW O . 73.90 4.99 -76.51
C8 PCW O . 71.94 5.32 -77.87
C11 PCW O . 71.45 6.88 -68.75
C12 PCW O . 70.07 7.44 -69.09
C13 PCW O . 69.57 8.39 -67.97
C14 PCW O . 69.08 7.57 -66.75
C15 PCW O . 69.44 8.29 -65.42
C16 PCW O . 68.84 7.51 -64.21
C17 PCW O . 67.29 7.48 -64.26
C18 PCW O . 66.75 7.31 -62.80
C19 PCW O . 67.51 6.16 -62.07
C20 PCW O . 67.75 4.81 -62.01
C21 PCW O . 67.55 3.30 -62.39
C22 PCW O . 66.71 2.56 -61.30
C23 PCW O . 65.30 3.19 -61.12
C24 PCW O . 64.72 2.78 -59.72
C25 PCW O . 64.24 4.03 -58.92
C26 PCW O . 65.41 5.02 -58.65
C27 PCW O . 65.04 6.43 -59.16
C28 PCW O . 64.20 7.18 -58.09
C31 PCW O . 72.62 1.63 -68.42
C32 PCW O . 72.22 0.94 -67.07
C33 PCW O . 70.70 0.58 -67.07
C34 PCW O . 70.45 -0.66 -66.13
C35 PCW O . 70.44 -0.15 -64.63
C36 PCW O . 69.47 -1.02 -63.77
C37 PCW O . 68.04 -0.39 -63.82
C38 PCW O . 66.99 -1.24 -63.04
C39 PCW O . 67.66 -2.37 -62.19
C40 PCW O . 68.24 -2.13 -61.00
C41 PCW O . 68.28 -0.70 -60.40
C42 PCW O . 67.04 -0.47 -59.48
C43 PCW O . 67.44 0.33 -58.21
C44 PCW O . 66.54 -0.12 -57.03
C45 PCW O . 66.39 1.02 -55.98
C46 PCW O . 64.90 1.25 -55.60
C47 PCW O . 64.59 0.48 -54.29
C48 PCW O . 63.13 0.78 -53.84
N PCW O . 72.74 4.33 -77.13
O2 PCW O . 72.28 2.98 -68.66
O3 PCW O . 71.71 5.49 -68.90
O11 PCW O . 72.31 7.60 -68.34
O31 PCW O . 73.20 1.01 -69.25
O1P PCW O . 75.13 2.24 -73.87
O2P PCW O . 74.35 4.57 -73.62
O3P PCW O . 74.00 2.93 -71.63
O4P PCW O . 72.57 2.66 -73.94
P PCW O . 74.06 3.12 -73.29
ZN ZN P . 25.56 -23.23 -20.26
N1 CFF Q . 19.20 -37.86 -36.71
C2 CFF Q . 18.02 -38.48 -36.95
C10 CFF Q . 19.25 -36.43 -36.49
C6 CFF Q . 20.31 -38.56 -36.69
N3 CFF Q . 17.97 -39.81 -37.15
O11 CFF Q . 17.02 -37.83 -36.97
C12 CFF Q . 16.72 -40.49 -37.41
C4 CFF Q . 19.10 -40.53 -37.13
C5 CFF Q . 20.27 -39.92 -36.90
N9 CFF Q . 19.34 -41.83 -37.30
O13 CFF Q . 21.35 -38.03 -36.48
N7 CFF Q . 21.24 -40.85 -36.92
C8 CFF Q . 20.66 -42.03 -37.17
C14 CFF Q . 22.66 -40.98 -36.77
PG ATP R . 39.17 -35.18 -21.84
O1G ATP R . 39.72 -33.80 -21.76
O2G ATP R . 39.14 -35.74 -23.28
O3G ATP R . 39.90 -36.19 -20.95
PB ATP R . 36.80 -35.07 -20.03
O1B ATP R . 35.48 -35.71 -20.13
O2B ATP R . 37.68 -35.53 -18.86
O3B ATP R . 37.66 -35.23 -21.35
PA ATP R . 37.55 -32.21 -20.33
O1A ATP R . 37.62 -32.06 -21.79
O2A ATP R . 38.91 -32.36 -19.63
O3A ATP R . 36.68 -33.48 -19.91
O5' ATP R . 36.77 -31.02 -19.64
C5' ATP R . 35.90 -30.16 -20.41
C4' ATP R . 36.38 -28.75 -20.27
O4' ATP R . 35.45 -27.92 -21.00
C3' ATP R . 36.28 -28.28 -18.82
O3' ATP R . 37.17 -27.17 -18.72
C2' ATP R . 34.87 -27.69 -18.77
O2' ATP R . 34.91 -26.64 -17.82
C1' ATP R . 34.85 -27.00 -20.12
N9 ATP R . 33.49 -26.78 -20.59
C8 ATP R . 32.89 -25.58 -20.86
N7 ATP R . 31.64 -25.68 -21.26
C5 ATP R . 31.40 -27.04 -21.26
C6 ATP R . 30.27 -27.81 -21.58
N6 ATP R . 29.11 -27.28 -22.00
N1 ATP R . 30.37 -29.16 -21.47
C2 ATP R . 31.52 -29.68 -21.05
N3 ATP R . 32.65 -29.07 -20.72
C4 ATP R . 32.53 -27.74 -20.84
CA CA S . 2.96 -42.42 -25.84
PG ATP T . -99.21 -57.22 -115.51
O1G ATP T . -99.16 -57.60 -114.07
O2G ATP T . -99.88 -58.27 -116.41
O3G ATP T . -97.83 -56.86 -116.11
PB ATP T . -101.18 -55.30 -116.72
O1B ATP T . -102.33 -54.73 -115.99
O2B ATP T . -101.50 -56.39 -117.74
O3B ATP T . -100.09 -55.90 -115.72
PA ATP T . -99.68 -52.79 -117.12
O1A ATP T . -98.74 -52.33 -118.17
O2A ATP T . -100.82 -51.81 -116.81
O3A ATP T . -100.34 -54.19 -117.48
O5' ATP T . -98.91 -53.10 -115.77
C5' ATP T . -99.54 -52.89 -114.49
C4' ATP T . -99.44 -51.43 -114.13
O4' ATP T . -99.35 -51.37 -112.68
C3' ATP T . -98.11 -50.85 -114.59
O3' ATP T . -98.38 -50.14 -115.80
C2' ATP T . -97.85 -49.79 -113.53
O2' ATP T . -98.87 -48.82 -113.69
C1' ATP T . -98.25 -50.56 -112.28
N9 ATP T . -97.20 -51.48 -111.87
C8 ATP T . -97.30 -52.85 -111.76
N7 ATP T . -96.19 -53.43 -111.37
C5 ATP T . -95.31 -52.38 -111.21
C6 ATP T . -93.95 -52.32 -110.80
N6 ATP T . -93.23 -53.40 -110.48
N1 ATP T . -93.37 -51.10 -110.75
C2 ATP T . -94.09 -50.02 -111.07
N3 ATP T . -95.36 -49.96 -111.47
C4 ATP T . -95.91 -51.18 -111.51
C1 PCW U . 79.59 5.24 -66.73
C2 PCW U . 78.64 5.42 -65.53
C3 PCW U . 79.45 5.70 -64.27
C4 PCW U . 77.49 2.91 -69.83
C5 PCW U . 77.27 1.77 -70.91
C6 PCW U . 76.33 0.33 -69.09
C7 PCW U . 76.44 -0.48 -71.33
C8 PCW U . 78.46 -0.20 -70.08
C11 PCW U . 78.72 3.95 -62.79
C12 PCW U . 78.95 2.63 -62.04
C13 PCW U . 77.61 1.94 -61.72
C14 PCW U . 77.01 2.57 -60.42
C15 PCW U . 75.67 1.90 -60.08
C16 PCW U . 75.44 2.00 -58.54
C17 PCW U . 76.17 0.83 -57.82
C18 PCW U . 75.73 0.69 -56.34
C19 PCW U . 74.19 0.47 -56.21
C20 PCW U . 73.58 -0.68 -55.85
C21 PCW U . 72.31 -1.55 -55.57
C22 PCW U . 71.48 -1.66 -56.88
C23 PCW U . 70.95 -3.11 -57.09
C24 PCW U . 69.40 -3.16 -56.99
C25 PCW U . 68.92 -2.59 -55.63
C26 PCW U . 67.77 -3.48 -55.06
C27 PCW U . 66.93 -2.65 -54.06
C28 PCW U . 66.16 -3.62 -53.12
C31 PCW U . 76.48 6.18 -66.21
C32 PCW U . 75.23 6.79 -65.47
C33 PCW U . 74.67 5.73 -64.47
C34 PCW U . 73.64 4.79 -65.19
C35 PCW U . 72.18 5.23 -64.80
C36 PCW U . 71.76 4.70 -63.38
C37 PCW U . 71.75 3.12 -63.31
C38 PCW U . 72.47 2.63 -62.01
C39 PCW U . 71.41 2.44 -60.89
C40 PCW U . 71.69 1.75 -59.77
C41 PCW U . 70.59 1.60 -58.69
C42 PCW U . 70.10 3.00 -58.26
C43 PCW U . 69.66 2.99 -56.77
C44 PCW U . 70.89 3.12 -55.82
C45 PCW U . 70.40 2.84 -54.38
C46 PCW U . 71.20 1.69 -53.69
C47 PCW U . 70.23 0.58 -53.19
C48 PCW U . 69.13 1.17 -52.28
N PCW U . 77.12 0.36 -70.34
O2 PCW U . 77.79 6.51 -65.77
O3 PCW U . 79.76 4.47 -63.60
O11 PCW U . 77.69 4.54 -62.66
O31 PCW U . 76.33 5.44 -67.12
O1P PCW U . 81.03 4.44 -69.11
O2P PCW U . 79.24 5.39 -70.51
O3P PCW U . 78.85 5.25 -67.93
O4P PCW U . 78.89 3.01 -69.52
P PCW U . 79.55 4.54 -69.29
C1 PCW V . 67.51 -46.69 -60.08
C2 PCW V . 67.27 -45.18 -60.23
C3 PCW V . 66.20 -44.90 -61.28
C4 PCW V . 68.69 -51.05 -60.07
C5 PCW V . 67.57 -51.83 -60.86
C6 PCW V . 69.28 -53.40 -61.74
C7 PCW V . 68.44 -51.63 -63.14
C8 PCW V . 67.03 -53.49 -62.54
C11 PCW V . 63.83 -44.84 -61.57
C12 PCW V . 62.49 -45.55 -61.26
C13 PCW V . 61.31 -44.59 -61.50
C14 PCW V . 61.20 -43.60 -60.30
C15 PCW V . 60.74 -42.20 -60.81
C16 PCW V . 60.53 -41.23 -59.59
C17 PCW V . 59.39 -41.73 -58.67
C18 PCW V . 58.78 -40.50 -57.91
C19 PCW V . 59.93 -39.63 -57.31
C20 PCW V . 60.94 -39.56 -56.38
C21 PCW V . 61.80 -40.02 -55.16
C22 PCW V . 61.40 -39.25 -53.87
C23 PCW V . 59.90 -39.46 -53.49
C24 PCW V . 59.44 -38.32 -52.55
C25 PCW V . 58.13 -37.64 -53.07
C26 PCW V . 58.35 -37.00 -54.48
C27 PCW V . 57.28 -37.55 -55.47
C28 PCW V . 55.97 -36.74 -55.33
C31 PCW V . 67.90 -44.39 -58.08
C32 PCW V . 67.75 -43.24 -57.03
C33 PCW V . 66.83 -43.69 -55.85
C34 PCW V . 67.22 -42.91 -54.55
C35 PCW V . 66.59 -41.47 -54.63
C36 PCW V . 66.22 -40.94 -53.19
C37 PCW V . 64.75 -41.39 -52.86
C38 PCW V . 64.32 -40.98 -51.41
C39 PCW V . 65.36 -40.01 -50.74
C40 PCW V . 65.40 -38.70 -51.03
C41 PCW V . 64.43 -38.05 -52.04
C42 PCW V . 63.17 -37.53 -51.31
C43 PCW V . 62.71 -36.17 -51.90
C44 PCW V . 62.06 -35.31 -50.78
C45 PCW V . 61.02 -34.31 -51.36
C46 PCW V . 59.67 -34.38 -50.59
C47 PCW V . 59.64 -33.25 -49.54
C48 PCW V . 58.27 -33.22 -48.83
N PCW V . 68.10 -52.58 -62.08
O2 PCW V . 66.85 -44.67 -58.98
O3 PCW V . 64.91 -44.97 -60.66
O11 PCW V . 63.95 -44.18 -62.55
O31 PCW V . 68.90 -45.03 -58.11
O1P PCW V . 70.55 -48.84 -61.17
O2P PCW V . 68.45 -48.75 -62.47
O3P PCW V . 68.80 -47.02 -60.58
O4P PCW V . 68.35 -49.65 -60.00
P PCW V . 69.07 -48.58 -61.10
ZN ZN W . 37.92 -12.84 -1.03
N1 CFF X . 45.56 -30.96 10.73
C2 CFF X . 45.10 -31.55 11.86
C10 CFF X . 44.67 -30.67 9.63
C6 CFF X . 46.84 -30.64 10.64
N3 CFF X . 45.95 -31.80 12.89
O11 CFF X . 43.95 -31.84 11.95
C12 CFF X . 45.47 -32.43 14.12
C4 CFF X . 47.24 -31.47 12.79
C5 CFF X . 47.70 -30.90 11.68
N9 CFF X . 48.26 -31.62 13.63
O13 CFF X . 47.26 -30.12 9.66
N7 CFF X . 49.00 -30.67 11.84
C8 CFF X . 49.35 -31.12 13.05
C14 CFF X . 50.14 -30.12 11.14
PG ATP Y . 55.97 -10.86 -0.01
O1G ATP Y . 55.49 -10.57 -1.39
O2G ATP Y . 56.57 -12.26 0.15
O3G ATP Y . 56.95 -9.82 0.54
PB ATP Y . 53.72 -9.80 1.67
O1B ATP Y . 53.16 -10.31 2.94
O2B ATP Y . 54.44 -8.45 1.76
O3B ATP Y . 54.74 -10.84 1.02
PA ATP Y . 52.58 -9.77 -1.05
O1A ATP Y . 52.84 -11.14 -1.53
O2A ATP Y . 53.55 -8.72 -1.59
O3A ATP Y . 52.62 -9.67 0.53
O5' ATP Y . 51.11 -9.30 -1.39
C5' ATP Y . 50.07 -10.25 -1.71
C4' ATP Y . 49.54 -9.92 -3.08
O4' ATP Y . 48.46 -10.87 -3.33
C3' ATP Y . 48.87 -8.56 -3.09
O3' ATP Y . 48.82 -8.15 -4.44
C2' ATP Y . 47.43 -8.89 -2.70
O2' ATP Y . 46.61 -7.93 -3.36
C1' ATP Y . 47.25 -10.16 -3.52
N9 ATP Y . 46.18 -11.00 -2.98
C8 ATP Y . 45.04 -11.39 -3.62
N7 ATP Y . 44.25 -12.13 -2.90
C5 ATP Y . 44.91 -12.25 -1.69
C6 ATP Y . 44.59 -12.91 -0.49
N6 ATP Y . 43.47 -13.62 -0.30
N1 ATP Y . 45.48 -12.82 0.53
C2 ATP Y . 46.59 -12.11 0.36
N3 ATP Y . 47.00 -11.45 -0.73
C4 ATP Y . 46.11 -11.55 -1.72
CA CA Z . 33.91 -25.41 26.09
PG ATP AA . -15.81 -141.26 79.09
O1G ATP AA . -15.83 -139.88 79.66
O2G ATP AA . -15.48 -142.34 80.11
O3G ATP AA . -14.87 -141.42 77.88
PB ATP AA . -18.24 -142.91 78.49
O1B ATP AA . -19.62 -142.53 78.87
O2B ATP AA . -17.60 -144.02 79.32
O3B ATP AA . -17.25 -141.66 78.53
PA ATP AA . -18.59 -142.77 75.56
O1A ATP AA . -17.95 -143.48 74.44
O2A ATP AA . -20.12 -142.76 75.53
O3A ATP AA . -18.15 -143.36 76.97
O5' ATP AA . -18.09 -141.27 75.63
C5' ATP AA . -18.96 -140.22 76.10
C4' ATP AA . -19.87 -139.78 74.98
O4' ATP AA . -20.13 -138.38 75.18
C3' ATP AA . -19.13 -139.82 73.64
O3' ATP AA . -19.52 -141.02 73.00
C2' ATP AA . -19.80 -138.69 72.88
O2' ATP AA . -21.15 -139.10 72.69
C1' ATP AA . -19.88 -137.65 73.99
N9 ATP AA . -18.60 -136.98 74.18
C8 ATP AA . -17.85 -136.95 75.32
N7 ATP AA . -16.72 -136.28 75.21
C5 ATP AA . -16.75 -135.83 73.90
C6 ATP AA . -15.85 -135.06 73.14
N6 ATP AA . -14.69 -134.57 73.63
N1 ATP AA . -16.17 -134.78 71.86
C2 ATP AA . -17.32 -135.27 71.37
N3 ATP AA . -18.24 -136.01 71.98
C4 ATP AA . -17.89 -136.26 73.25
C1 PCW BA . 70.58 -40.64 -64.66
C2 PCW BA . 69.50 -39.77 -64.00
C3 PCW BA . 69.69 -38.32 -64.44
C4 PCW BA . 71.08 -44.32 -62.26
C5 PCW BA . 71.85 -45.44 -61.46
C6 PCW BA . 71.65 -44.02 -59.41
C7 PCW BA . 72.69 -46.17 -59.30
C8 PCW BA . 73.78 -44.38 -60.45
C11 PCW BA . 69.91 -37.17 -62.34
C12 PCW BA . 70.77 -36.44 -61.28
C13 PCW BA . 70.11 -36.55 -59.89
C14 PCW BA . 69.01 -35.45 -59.76
C15 PCW BA . 68.33 -35.55 -58.37
C16 PCW BA . 67.78 -34.13 -57.99
C17 PCW BA . 68.90 -33.28 -57.36
C18 PCW BA . 68.36 -31.98 -56.68
C19 PCW BA . 67.32 -32.32 -55.59
C20 PCW BA . 67.49 -32.20 -54.26
C21 PCW BA . 67.01 -32.31 -52.77
C22 PCW BA . 66.72 -33.81 -52.46
C23 PCW BA . 67.27 -34.22 -51.06
C24 PCW BA . 66.10 -34.57 -50.09
C25 PCW BA . 65.11 -33.39 -49.98
C26 PCW BA . 64.67 -33.22 -48.49
C27 PCW BA . 63.32 -32.47 -48.43
C28 PCW BA . 63.14 -31.83 -47.04
C31 PCW BA . 67.54 -41.01 -63.46
C32 PCW BA . 66.07 -40.65 -63.06
C33 PCW BA . 66.09 -39.88 -61.70
C34 PCW BA . 66.04 -40.91 -60.51
C35 PCW BA . 64.59 -40.94 -59.90
C36 PCW BA . 64.32 -39.73 -58.95
C37 PCW BA . 65.26 -39.71 -57.70
C38 PCW BA . 65.86 -38.28 -57.47
C39 PCW BA . 64.93 -37.52 -56.47
C40 PCW BA . 65.35 -36.41 -55.86
C41 PCW BA . 64.40 -35.69 -54.87
C42 PCW BA . 63.06 -35.37 -55.59
C43 PCW BA . 62.44 -34.07 -55.01
C44 PCW BA . 63.08 -32.80 -55.64
C45 PCW BA . 62.59 -31.57 -54.82
C46 PCW BA . 63.76 -30.73 -54.26
C47 PCW BA . 63.64 -30.57 -52.72
C48 PCW BA . 62.23 -30.00 -52.34
N PCW BA . 72.48 -44.99 -60.15
O2 PCW BA . 68.22 -40.20 -64.41
O3 PCW BA . 70.54 -37.64 -63.52
O11 PCW BA . 68.74 -37.33 -62.16
O31 PCW BA . 68.08 -41.95 -62.99
O1P PCW BA . 72.66 -42.53 -65.38
O2P PCW BA . 70.99 -44.35 -65.36
O3P PCW BA . 70.26 -42.02 -64.50
O4P PCW BA . 72.01 -43.60 -63.09
P PCW BA . 71.50 -43.14 -64.63
C1 PCW CA . 92.37 -39.68 -15.57
C2 PCW CA . 91.28 -39.83 -16.63
C3 PCW CA . 90.51 -41.13 -16.44
C4 PCW CA . 95.97 -39.48 -12.85
C5 PCW CA . 95.76 -40.59 -11.75
C6 PCW CA . 98.21 -41.00 -11.69
C7 PCW CA . 96.76 -42.52 -12.88
C8 PCW CA . 96.72 -42.41 -10.47
C11 PCW CA . 88.73 -42.09 -15.15
C12 PCW CA . 88.12 -42.21 -13.75
C13 PCW CA . 86.66 -42.75 -13.86
C14 PCW CA . 85.71 -41.59 -14.32
C15 PCW CA . 84.61 -42.16 -15.25
C16 PCW CA . 83.60 -41.02 -15.63
C17 PCW CA . 82.85 -40.49 -14.39
C18 PCW CA . 81.47 -39.89 -14.83
C19 PCW CA . 81.68 -38.96 -16.06
C20 PCW CA . 82.20 -37.78 -16.52
C21 PCW CA . 82.90 -36.37 -16.40
C22 PCW CA . 81.85 -35.22 -16.51
C23 PCW CA . 80.77 -35.30 -15.38
C24 PCW CA . 79.51 -34.50 -15.82
C25 PCW CA . 78.22 -35.34 -15.69
C26 PCW CA . 78.27 -36.60 -16.60
C27 PCW CA . 78.00 -37.89 -15.76
C28 PCW CA . 76.49 -38.10 -15.59
C31 PCW CA . 90.83 -37.56 -17.18
C32 PCW CA . 89.78 -36.57 -17.78
C33 PCW CA . 89.12 -35.72 -16.63
C34 PCW CA . 88.66 -34.33 -17.21
C35 PCW CA . 87.30 -34.54 -17.98
C36 PCW CA . 86.41 -33.26 -17.88
C37 PCW CA . 85.51 -33.37 -16.60
C38 PCW CA . 84.63 -32.09 -16.37
C39 PCW CA . 84.68 -31.12 -17.59
C40 PCW CA . 83.95 -31.33 -18.70
C41 PCW CA . 83.02 -32.57 -18.85
C42 PCW CA . 81.59 -32.21 -18.37
C43 PCW CA . 80.52 -32.85 -19.29
C44 PCW CA . 79.27 -31.93 -19.33
C45 PCW CA . 77.98 -32.76 -19.64
C46 PCW CA . 76.85 -32.42 -18.64
C47 PCW CA . 75.91 -31.37 -19.28
C48 PCW CA . 74.70 -31.08 -18.35
N PCW CA . 96.88 -41.64 -11.71
O2 PCW CA . 90.38 -38.75 -16.54
O3 PCW CA . 89.44 -40.92 -15.51
O11 PCW CA . 88.61 -42.97 -15.95
O31 PCW CA . 91.99 -37.32 -17.26
O1P PCW CA . 96.22 -39.92 -15.88
O2P PCW CA . 94.85 -41.76 -15.00
O3P PCW CA . 93.64 -39.78 -16.17
O4P PCW CA . 94.83 -39.47 -13.73
P PCW CA . 94.92 -40.27 -15.21
ZN ZN DA . 36.87 9.50 -12.42
N1 CFF EA . 51.50 22.31 -0.30
C2 CFF EA . 51.29 23.23 0.67
C10 CFF EA . 50.88 21.00 -0.23
C6 CFF EA . 52.28 22.60 -1.32
N3 CFF EA . 51.87 24.45 0.59
O11 CFF EA . 50.58 22.97 1.59
C12 CFF EA . 51.66 25.46 1.62
C4 CFF EA . 52.67 24.74 -0.45
C5 CFF EA . 52.87 23.83 -1.40
N9 CFF EA . 53.35 25.84 -0.77
O13 CFF EA . 52.48 21.80 -2.17
N7 CFF EA . 53.70 24.37 -2.31
C8 CFF EA . 53.99 25.61 -1.92
C14 CFF EA . 54.36 24.05 -3.56
PG ATP FA . 49.07 15.77 -24.35
O1G ATP FA . 48.82 14.32 -24.59
O2G ATP FA . 50.36 16.05 -23.58
O3G ATP FA . 49.07 16.61 -25.63
PB ATP FA . 46.38 16.77 -23.52
O1B ATP FA . 45.99 17.79 -22.52
O2B ATP FA . 46.06 17.11 -24.98
O3B ATP FA . 47.92 16.40 -23.45
PA ATP FA . 46.05 13.83 -23.45
O1A ATP FA . 47.19 13.41 -22.62
O2A ATP FA . 46.24 13.63 -24.95
O3A ATP FA . 45.69 15.36 -23.22
O5' ATP FA . 44.70 13.10 -23.02
C5' ATP FA . 44.59 12.46 -21.73
C4' ATP FA . 44.26 11.01 -21.94
O4' ATP FA . 44.07 10.42 -20.64
C3' ATP FA . 42.90 10.86 -22.63
O3' ATP FA . 42.90 9.55 -23.20
C2' ATP FA . 41.94 10.80 -21.45
O2' ATP FA . 40.86 9.97 -21.85
C1' ATP FA . 42.76 9.92 -20.51
N9 ATP FA . 42.36 10.10 -19.12
C8 ATP FA . 41.87 9.13 -18.28
N7 ATP FA . 41.59 9.57 -17.07
C5 ATP FA . 41.91 10.92 -17.13
C6 ATP FA . 41.85 11.95 -16.18
N6 ATP FA . 41.41 11.78 -14.93
N1 ATP FA . 42.25 13.18 -16.55
C2 ATP FA . 42.69 13.36 -17.80
N3 ATP FA . 42.79 12.47 -18.78
C4 ATP FA . 42.39 11.25 -18.38
CA CA GA . 36.09 33.83 5.39
PG ATP HA . 59.68 65.93 136.21
O1G ATP HA . 58.69 66.52 135.26
O2G ATP HA . 60.40 66.96 137.08
O3G ATP HA . 60.73 65.04 135.53
PB ATP HA . 58.99 64.60 138.81
O1B ATP HA . 57.63 64.58 139.40
O2B ATP HA . 59.98 65.54 139.48
O3B ATP HA . 58.96 64.96 137.26
PA ATP HA . 59.23 61.69 138.30
O1A ATP HA . 60.40 60.79 138.25
O2A ATP HA . 58.09 61.22 139.19
O3A ATP HA . 59.65 63.15 138.79
O5' ATP HA . 58.67 61.96 136.85
C5' ATP HA . 57.26 62.20 136.63
C4' ATP HA . 56.54 60.88 136.59
O4' ATP HA . 55.42 61.04 135.69
C3' ATP HA . 57.39 59.82 135.91
O3' ATP HA . 57.97 59.04 136.96
C2' ATP HA . 56.33 58.93 135.26
O2' ATP HA . 55.62 58.34 136.34
C1' ATP HA . 55.40 60.00 134.72
N9 ATP HA . 55.91 60.59 133.48
C8 ATP HA . 56.24 61.90 133.26
N7 ATP HA . 56.69 62.13 132.05
C5 ATP HA . 56.66 60.89 131.44
C6 ATP HA . 57.01 60.45 130.14
N6 ATP HA . 57.48 61.27 129.19
N1 ATP HA . 56.86 59.14 129.86
C2 ATP HA . 56.40 58.34 130.81
N3 ATP HA . 56.03 58.62 132.06
C4 ATP HA . 56.18 59.93 132.31
C1 PCW IA . 91.86 -42.96 -23.03
C2 PCW IA . 90.36 -42.60 -22.94
C3 PCW IA . 89.69 -42.91 -24.29
C4 PCW IA . 94.02 -40.64 -19.96
C5 PCW IA . 95.14 -39.70 -19.36
C6 PCW IA . 93.70 -37.74 -19.93
C7 PCW IA . 95.79 -37.41 -18.84
C8 PCW IA . 95.74 -38.13 -21.13
C11 PCW IA . 88.72 -40.79 -24.88
C12 PCW IA . 88.69 -39.52 -25.73
C13 PCW IA . 87.97 -38.36 -24.97
C14 PCW IA . 86.44 -38.53 -25.15
C15 PCW IA . 85.70 -37.39 -24.41
C16 PCW IA . 84.32 -37.15 -25.10
C17 PCW IA . 84.52 -36.18 -26.31
C18 PCW IA . 83.16 -35.65 -26.86
C19 PCW IA . 82.36 -34.91 -25.75
C20 PCW IA . 82.14 -33.58 -25.68
C21 PCW IA . 81.56 -32.30 -24.99
C22 PCW IA . 82.20 -32.15 -23.58
C23 PCW IA . 82.58 -30.66 -23.29
C24 PCW IA . 81.72 -30.09 -22.14
C25 PCW IA . 80.21 -30.22 -22.45
C26 PCW IA . 79.47 -28.91 -22.03
C27 PCW IA . 77.96 -29.22 -21.80
C28 PCW IA . 77.15 -27.91 -21.91
C31 PCW IA . 89.54 -42.70 -20.71
C32 PCW IA . 88.12 -42.73 -20.05
C33 PCW IA . 87.38 -41.38 -20.38
C34 PCW IA . 87.74 -40.30 -19.31
C35 PCW IA . 86.54 -40.14 -18.29
C36 PCW IA . 85.38 -39.27 -18.90
C37 PCW IA . 85.84 -37.80 -19.20
C38 PCW IA . 85.35 -37.35 -20.62
C39 PCW IA . 83.98 -36.63 -20.46
C40 PCW IA . 83.47 -35.88 -21.46
C41 PCW IA . 82.10 -35.19 -21.25
C42 PCW IA . 81.03 -36.25 -20.87
C43 PCW IA . 79.64 -35.84 -21.39
C44 PCW IA . 79.48 -36.19 -22.89
C45 PCW IA . 78.17 -35.52 -23.41
C46 PCW IA . 78.42 -34.61 -24.64
C47 PCW IA . 77.90 -33.17 -24.37
C48 PCW IA . 76.41 -33.18 -23.91
N PCW IA . 95.07 -38.24 -19.81
O2 PCW IA . 89.75 -43.37 -21.94
O3 PCW IA . 89.72 -41.76 -25.13
O11 PCW IA . 87.90 -40.97 -24.04
O31 PCW IA . 90.43 -42.13 -20.19
O1P PCW IA . 94.75 -43.11 -22.93
O2P PCW IA . 94.62 -43.64 -20.52
O3P PCW IA . 92.43 -42.93 -21.74
O4P PCW IA . 94.45 -41.14 -21.23
P PCW IA . 94.09 -42.75 -21.62
C1 PCW JA . 97.69 10.35 -26.41
C2 PCW JA . 97.18 9.00 -25.87
C3 PCW JA . 97.36 8.91 -24.36
C4 PCW JA . 99.73 14.00 -28.12
C5 PCW JA . 100.04 14.95 -26.90
C6 PCW JA . 102.14 15.69 -28.01
C7 PCW JA . 102.22 14.08 -26.21
C8 PCW JA . 101.65 16.38 -25.77
C11 PCW JA . 96.36 9.60 -22.30
C12 PCW JA . 95.68 10.76 -21.55
C13 PCW JA . 94.93 10.22 -20.31
C14 PCW JA . 93.60 9.55 -20.74
C15 PCW JA . 93.30 8.31 -19.84
C16 PCW JA . 91.90 7.70 -20.21
C17 PCW JA . 90.75 8.70 -19.93
C18 PCW JA . 89.44 7.89 -19.70
C19 PCW JA . 89.25 6.81 -20.80
C20 PCW JA . 89.02 6.57 -22.13
C21 PCW JA . 88.64 6.93 -23.62
C22 PCW JA . 87.16 6.57 -23.91
C23 PCW JA . 86.16 7.33 -22.98
C24 PCW JA . 84.79 6.59 -22.96
C25 PCW JA . 84.32 6.30 -21.51
C26 PCW JA . 85.32 5.39 -20.75
C27 PCW JA . 85.76 6.08 -19.42
C28 PCW JA . 84.71 5.79 -18.31
C31 PCW JA . 95.53 8.44 -27.50
C32 PCW JA . 94.24 7.60 -27.79
C33 PCW JA . 92.99 8.53 -27.83
C34 PCW JA . 91.90 7.90 -28.76
C35 PCW JA . 91.15 6.77 -27.96
C36 PCW JA . 89.66 6.65 -28.42
C37 PCW JA . 88.79 7.61 -27.53
C38 PCW JA . 87.29 7.62 -27.97
C39 PCW JA . 86.97 6.50 -29.01
C40 PCW JA . 86.78 5.22 -28.65
C41 PCW JA . 86.87 4.76 -27.17
C42 PCW JA . 85.46 4.83 -26.51
C43 PCW JA . 85.25 3.61 -25.56
C44 PCW JA . 83.75 3.24 -25.56
C45 PCW JA . 83.34 2.55 -24.22
C46 PCW JA . 82.06 3.20 -23.61
C47 PCW JA . 80.83 2.34 -24.02
C48 PCW JA . 79.55 2.90 -23.34
N PCW JA . 101.53 15.26 -26.73
O2 PCW JA . 95.81 8.88 -26.18
O3 PCW JA . 96.25 9.51 -23.71
O11 PCW JA . 96.98 8.78 -21.70
O31 PCW JA . 96.29 8.69 -28.38
O1P PCW JA . 100.82 11.14 -28.56
O2P PCW JA . 100.75 11.53 -26.11
O3P PCW JA . 98.85 10.12 -27.20
O4P PCW JA . 99.04 12.82 -27.63
P PCW JA . 99.92 11.40 -27.37
#